data_9GB2
#
_entry.id   9GB2
#
loop_
_entity.id
_entity.type
_entity.pdbx_description
1 polymer 'gp65 - Triplex 1a protein'
2 polymer 'gp66 - Triplex 2 protein'
3 polymer 'gp61 - Tail tube initiator'
4 polymer 'gp56 - Tail tube protein'
5 polymer 'gp55 - Tail sheath protein'
6 polymer 'gp64 - Sheath initiator'
#
loop_
_entity_poly.entity_id
_entity_poly.type
_entity_poly.pdbx_seq_one_letter_code
_entity_poly.pdbx_strand_id
1 'polypeptide(L)'
;MERELPIPVFLTEDEDSVHERMLSNFQDVSTLEGDFIYDATRPTAEQIAELKQLGLQNNLKIAFPQTSYGTYLEWLGECK
GVFKNQPTKATGVITFTGVQGTIITKGTIVTTIATDEKQSIEFELLETKTIGENETVDIKAESRIVGTIGNVSKGSISVL
LGSISGVKSITNKEDFRGGTDIEDEEHFRERVLVAEQEDKLSGASSDYIRWAKEVDGVGYAYVVSEWAGAGTVKVLILDK
NRKAATQELIDKVQEYIYPLNISEGENRDGKAPIGALVTVVTPDTLLINVKASFIFSNGFSEETVLNNLKTKIDKYLDKI
DLGGTVSYNAIQAIVGSMMLTDEGIEDFSNLTINDVKENIKLQDQVVGIGEIVNEVVG
;
A,B,C,D,E,F,G,H,I,J,K,L
2 'polypeptide(L)'
;MIASKKGKEMLLTLSPIYEQSIIMQSLYEAIGSEFDNLELLDEEIELQLFPQSATWGLGFWENRVGLITNLDEDMETRRR
KVIAKLQSKYIMTPKRMSMILQSYTGANIKINENISPYTFGVELTSTQGFPKDLEDLYKRVNVIKPSHLAVSYKLVSLLK
SKTYFAQTAIMSEEITIYPYTSKEVKASVKAKFALAHNMSSETLTVYPR
;
M,N,O,P,Q,R
3 'polypeptide(L)'
;MVIDIYLKNEKEKIDFHFPVNPQDSLSIKKEKRFETVDIVNLGEFDIKKEGEKIREISFKTFLPNLYDASYCRYSELKNP
IEVVAMLEKWVDQAEPLRLIITGFGYNGLVTISSFSNTQTAGREEDRDIEITFRTYRELKIETLKKDTKSNTKTDLKDNR
PNTQTKSKIYTVKASDTLYKIAKNLLGKGSRWPEIYNIPENKKVIGKNPNIIKKGQKLVIPSK
;
S,T,U,V,W,X
4 'polypeptide(L)'
;MYNDDYIEEASFLNGSDVVILIDGVEELYMEEIKADFEQDEQSIKLLGCQNEISRVGTTKGSFSLNGYKTDSKFAKLGFR
SFEIIYNLSNSETLGYESIRLKNCRLKKLPLINSKAGEIVKIEVEGSFRGYDLLNEL
;
Y,Z,a,b,c,d
5 'polypeptide(L)'
;MATGTWNEKERKEIPGFYNRFKTQAEKSTNTGLKGRLAMPIRANWGDVGKVVTIKNDLRQLKNLFGDDMNYSAFKLGKLA
LLGNVKELLLYRLVDGNQKKGTLTLKDTTENSAKDVIKLETKYPTARNFNVTIKSNLVDSDKKDFIFFENTKQLFSSSIK
GTIDEIVLEINSNLDNEYVIATKVADSDTILANVVNQALEGGNDGCTSITNESYLKALEEFERYSFDSFVLDGVADEALQ
ETTKAWVAKNKELGKDILLFLGGKTEDNIKQINDKSKSFNDENIVNVGSSAYYENIKYTPSEVAVYIAALSVSKGITGSI
CNAKTIFEEVEPRLSQSEVKECLKSGTLVLDFDDGDVIIVDDVNTFKKYVDDKNEAMGYISNIMFINTINKDTSLKRKEF
VGKIFNDATGQTTVICALKKYFEELMSQGIISEFNVDIDTELQATAKADEFYWKWDAVKVDVMKKIYGTGYLG
;
e,f,g,h,i,j
6 'polypeptide(L)'
;MPNLFPQSETFETVELKNNDENELDLKGSFLFDFEKGEFVKNADGTLKKCDKVQAYKQWCQKAILTPRYKKAAYTNIYGS
EIKDLIASNLSQSAKELEITRLIKETILVHPYTKEVGEFSFNWLENSRLVEYEFDVLTIDDENIVIDGNIKR
;
k,l,m,n,o,p
#
# COMPACT_ATOMS: atom_id res chain seq x y z
N GLU A 2 8.99 -22.87 -61.34
CA GLU A 2 8.20 -21.65 -61.65
C GLU A 2 8.74 -20.45 -60.88
N ARG A 3 8.61 -19.27 -61.46
CA ARG A 3 9.07 -18.03 -60.87
C ARG A 3 7.89 -17.13 -60.54
N GLU A 4 7.98 -16.44 -59.42
CA GLU A 4 6.96 -15.46 -59.07
C GLU A 4 6.97 -14.33 -60.10
N LEU A 5 5.81 -13.69 -60.26
CA LEU A 5 5.63 -12.67 -61.28
C LEU A 5 5.65 -11.30 -60.63
N PRO A 6 6.68 -10.48 -60.82
CA PRO A 6 6.55 -9.06 -60.45
C PRO A 6 5.43 -8.42 -61.25
N ILE A 7 4.71 -7.52 -60.60
CA ILE A 7 3.52 -6.89 -61.17
C ILE A 7 3.73 -5.38 -61.12
N PRO A 8 3.35 -4.60 -62.13
CA PRO A 8 3.45 -3.15 -62.00
C PRO A 8 2.52 -2.62 -60.91
N VAL A 9 2.93 -1.51 -60.31
CA VAL A 9 2.16 -0.93 -59.21
C VAL A 9 0.76 -0.54 -59.68
N PHE A 10 0.66 -0.04 -60.91
CA PHE A 10 -0.64 0.40 -61.41
C PHE A 10 -1.64 -0.74 -61.49
N LEU A 11 -1.19 -1.91 -61.93
CA LEU A 11 -2.10 -3.04 -62.09
C LEU A 11 -2.61 -3.58 -60.77
N THR A 12 -1.99 -3.22 -59.65
CA THR A 12 -2.37 -3.72 -58.33
C THR A 12 -3.01 -2.62 -57.48
N GLU A 13 -3.67 -1.66 -58.12
CA GLU A 13 -4.27 -0.56 -57.38
C GLU A 13 -5.44 -1.04 -56.54
N ASP A 14 -5.60 -0.43 -55.38
CA ASP A 14 -6.73 -0.75 -54.51
C ASP A 14 -8.02 -0.17 -55.10
N GLU A 15 -9.13 -0.85 -54.79
CA GLU A 15 -10.43 -0.39 -55.27
C GLU A 15 -10.75 1.00 -54.75
N ASP A 16 -10.51 1.24 -53.45
CA ASP A 16 -10.83 2.54 -52.87
C ASP A 16 -9.95 3.63 -53.46
N SER A 17 -8.69 3.33 -53.76
CA SER A 17 -7.82 4.32 -54.37
C SER A 17 -8.36 4.78 -55.71
N VAL A 18 -8.88 3.86 -56.51
CA VAL A 18 -9.53 4.23 -57.76
C VAL A 18 -10.73 5.11 -57.49
N HIS A 19 -11.59 4.68 -56.56
CA HIS A 19 -12.81 5.44 -56.27
C HIS A 19 -12.47 6.81 -55.70
N GLU A 20 -11.45 6.88 -54.84
CA GLU A 20 -11.08 8.15 -54.24
C GLU A 20 -10.63 9.15 -55.31
N ARG A 21 -9.85 8.70 -56.28
CA ARG A 21 -9.44 9.57 -57.37
C ARG A 21 -10.64 10.02 -58.19
N MET A 22 -11.59 9.11 -58.42
CA MET A 22 -12.77 9.46 -59.20
C MET A 22 -13.57 10.56 -58.53
N LEU A 23 -13.70 10.51 -57.21
CA LEU A 23 -14.48 11.50 -56.48
C LEU A 23 -13.68 12.76 -56.15
N SER A 24 -12.43 12.85 -56.60
CA SER A 24 -11.59 13.98 -56.21
C SER A 24 -12.14 15.29 -56.75
N ASN A 25 -12.67 15.29 -57.97
CA ASN A 25 -13.07 16.54 -58.59
C ASN A 25 -14.34 17.11 -57.97
N PHE A 26 -15.23 16.26 -57.46
CA PHE A 26 -16.46 16.75 -56.86
C PHE A 26 -16.17 17.48 -55.57
N GLN A 27 -16.70 18.70 -55.45
CA GLN A 27 -16.63 19.44 -54.19
C GLN A 27 -17.92 20.15 -53.82
N ASP A 28 -18.92 20.21 -54.71
CA ASP A 28 -20.21 20.82 -54.40
C ASP A 28 -21.24 19.81 -53.91
N VAL A 29 -21.34 18.66 -54.56
CA VAL A 29 -22.36 17.67 -54.26
C VAL A 29 -21.80 16.65 -53.28
N SER A 30 -22.67 16.15 -52.42
CA SER A 30 -22.26 15.16 -51.44
C SER A 30 -21.82 13.87 -52.13
N THR A 31 -20.82 13.22 -51.53
CA THR A 31 -20.28 11.97 -52.03
C THR A 31 -20.30 10.89 -50.95
N LEU A 32 -21.26 10.98 -50.03
CA LEU A 32 -21.37 9.97 -48.99
C LEU A 32 -21.76 8.63 -49.60
N GLU A 33 -21.37 7.56 -48.91
CA GLU A 33 -21.76 6.22 -49.33
C GLU A 33 -23.28 6.12 -49.34
N GLY A 34 -23.82 5.61 -50.43
CA GLY A 34 -25.24 5.57 -50.64
C GLY A 34 -25.82 6.79 -51.31
N ASP A 35 -25.04 7.86 -51.48
CA ASP A 35 -25.50 9.02 -52.20
C ASP A 35 -25.52 8.73 -53.70
N PHE A 36 -26.23 9.58 -54.44
CA PHE A 36 -26.40 9.35 -55.87
C PHE A 36 -25.07 9.44 -56.62
N ILE A 37 -24.22 10.40 -56.26
CA ILE A 37 -22.90 10.48 -56.88
C ILE A 37 -22.11 9.21 -56.55
N TYR A 38 -22.20 8.74 -55.32
CA TYR A 38 -21.54 7.50 -54.96
C TYR A 38 -22.10 6.34 -55.77
N ASP A 39 -23.41 6.32 -55.99
CA ASP A 39 -24.02 5.25 -56.77
C ASP A 39 -23.49 5.25 -58.19
N ALA A 40 -23.33 6.42 -58.79
CA ALA A 40 -22.86 6.49 -60.17
C ALA A 40 -21.42 6.03 -60.30
N THR A 41 -20.58 6.30 -59.30
CA THR A 41 -19.14 6.14 -59.42
C THR A 41 -18.62 4.83 -58.84
N ARG A 42 -19.17 4.35 -57.73
CA ARG A 42 -18.59 3.20 -57.05
C ARG A 42 -18.56 1.94 -57.90
N PRO A 43 -19.63 1.55 -58.60
CA PRO A 43 -19.53 0.34 -59.43
C PRO A 43 -18.46 0.42 -60.50
N THR A 44 -18.26 1.61 -61.07
CA THR A 44 -17.18 1.78 -62.03
C THR A 44 -15.83 1.53 -61.38
N ALA A 45 -15.61 2.13 -60.21
CA ALA A 45 -14.34 1.95 -59.52
C ALA A 45 -14.13 0.49 -59.13
N GLU A 46 -15.17 -0.16 -58.64
CA GLU A 46 -15.06 -1.57 -58.26
C GLU A 46 -14.79 -2.43 -59.49
N GLN A 47 -15.49 -2.17 -60.58
CA GLN A 47 -15.30 -2.97 -61.79
C GLN A 47 -13.89 -2.77 -62.35
N ILE A 48 -13.37 -1.55 -62.27
CA ILE A 48 -12.01 -1.30 -62.75
C ILE A 48 -11.01 -2.12 -61.95
N ALA A 49 -11.15 -2.13 -60.64
CA ALA A 49 -10.19 -2.83 -59.79
C ALA A 49 -10.21 -4.33 -60.08
N GLU A 50 -11.40 -4.91 -60.23
CA GLU A 50 -11.49 -6.33 -60.51
C GLU A 50 -10.86 -6.65 -61.85
N LEU A 51 -11.22 -5.89 -62.89
CA LEU A 51 -10.62 -6.12 -64.20
C LEU A 51 -9.12 -5.85 -64.17
N LYS A 52 -8.71 -4.77 -63.53
CA LYS A 52 -7.29 -4.43 -63.50
C LYS A 52 -6.48 -5.47 -62.75
N GLN A 53 -7.00 -5.97 -61.63
CA GLN A 53 -6.24 -6.92 -60.83
C GLN A 53 -6.26 -8.32 -61.41
N LEU A 54 -7.38 -8.76 -61.99
CA LEU A 54 -7.52 -10.11 -62.52
C LEU A 54 -7.19 -10.17 -64.01
N GLY A 55 -7.92 -9.43 -64.84
CA GLY A 55 -7.79 -9.59 -66.28
C GLY A 55 -6.42 -9.22 -66.80
N LEU A 56 -5.90 -8.07 -66.37
CA LEU A 56 -4.64 -7.59 -66.91
C LEU A 56 -3.46 -8.38 -66.36
N GLN A 57 -3.48 -8.68 -65.05
CA GLN A 57 -2.36 -9.41 -64.46
C GLN A 57 -2.25 -10.81 -65.04
N ASN A 58 -3.39 -11.47 -65.28
CA ASN A 58 -3.35 -12.78 -65.91
C ASN A 58 -2.75 -12.71 -67.30
N ASN A 59 -3.06 -11.64 -68.04
CA ASN A 59 -2.47 -11.46 -69.36
C ASN A 59 -0.96 -11.35 -69.27
N LEU A 60 -0.47 -10.59 -68.28
CA LEU A 60 0.96 -10.47 -68.09
C LEU A 60 1.59 -11.81 -67.73
N LYS A 61 0.88 -12.62 -66.95
CA LYS A 61 1.42 -13.91 -66.52
C LYS A 61 1.64 -14.83 -67.71
N ILE A 62 0.65 -14.91 -68.61
CA ILE A 62 0.76 -15.82 -69.74
C ILE A 62 1.75 -15.35 -70.80
N ALA A 63 2.26 -14.13 -70.69
CA ALA A 63 3.14 -13.59 -71.72
C ALA A 63 4.43 -14.40 -71.81
N PHE A 64 5.12 -14.57 -70.68
CA PHE A 64 6.46 -15.15 -70.69
C PHE A 64 6.40 -16.63 -70.36
N PRO A 65 7.36 -17.43 -70.84
CA PRO A 65 7.39 -18.85 -70.44
C PRO A 65 7.77 -19.06 -69.00
N GLN A 66 8.37 -18.05 -68.34
CA GLN A 66 8.71 -18.20 -66.93
C GLN A 66 7.46 -18.44 -66.08
N THR A 67 6.31 -17.93 -66.51
CA THR A 67 5.08 -18.01 -65.75
C THR A 67 3.87 -18.47 -66.58
N SER A 68 4.03 -18.67 -67.89
CA SER A 68 2.92 -19.11 -68.70
C SER A 68 2.50 -20.53 -68.32
N TYR A 69 1.41 -20.99 -68.92
CA TYR A 69 0.87 -22.30 -68.61
C TYR A 69 -0.05 -22.77 -69.72
N GLY A 70 -0.32 -24.07 -69.74
CA GLY A 70 -1.31 -24.63 -70.64
C GLY A 70 -0.98 -24.37 -72.09
N THR A 71 -2.02 -24.07 -72.87
CA THR A 71 -1.84 -23.76 -74.28
C THR A 71 -0.90 -22.57 -74.46
N TYR A 72 -0.95 -21.60 -73.56
CA TYR A 72 -0.09 -20.43 -73.66
C TYR A 72 1.38 -20.82 -73.55
N LEU A 73 1.71 -21.71 -72.62
CA LEU A 73 3.09 -22.15 -72.51
C LEU A 73 3.51 -22.96 -73.72
N GLU A 74 2.58 -23.71 -74.32
CA GLU A 74 2.92 -24.51 -75.50
C GLU A 74 3.37 -23.62 -76.65
N TRP A 75 2.64 -22.53 -76.89
CA TRP A 75 2.97 -21.67 -78.01
C TRP A 75 4.33 -21.02 -77.84
N LEU A 76 4.66 -20.61 -76.62
CA LEU A 76 6.00 -20.11 -76.36
C LEU A 76 7.04 -21.21 -76.57
N GLY A 77 6.65 -22.47 -76.34
CA GLY A 77 7.51 -23.57 -76.77
C GLY A 77 7.67 -23.60 -78.27
N GLU A 78 6.58 -23.29 -79.00
CA GLU A 78 6.65 -23.26 -80.45
C GLU A 78 7.44 -22.06 -80.97
N CYS A 79 7.59 -21.01 -80.16
CA CYS A 79 8.43 -19.89 -80.56
C CYS A 79 9.86 -20.37 -80.81
N LYS A 80 10.39 -21.17 -79.90
CA LYS A 80 11.72 -21.76 -80.03
C LYS A 80 11.66 -23.24 -80.41
N GLY A 81 10.54 -23.69 -80.97
CA GLY A 81 10.48 -25.01 -81.57
C GLY A 81 10.68 -26.15 -80.59
N VAL A 82 10.06 -26.07 -79.41
CA VAL A 82 10.10 -27.13 -78.42
C VAL A 82 8.66 -27.53 -78.13
N PHE A 83 8.35 -28.81 -78.30
CA PHE A 83 7.01 -29.33 -78.14
C PHE A 83 6.98 -30.24 -76.92
N LYS A 84 5.90 -30.17 -76.15
CA LYS A 84 5.73 -31.06 -75.03
C LYS A 84 5.25 -32.42 -75.51
N ASN A 85 5.63 -33.46 -74.77
CA ASN A 85 5.27 -34.82 -75.16
C ASN A 85 3.78 -35.04 -75.01
N GLN A 86 3.26 -35.98 -75.79
CA GLN A 86 1.85 -36.31 -75.84
C GLN A 86 1.59 -37.66 -75.18
N PRO A 87 0.39 -37.91 -74.68
CA PRO A 87 0.11 -39.19 -74.03
C PRO A 87 -0.16 -40.29 -75.04
N THR A 88 -0.28 -41.51 -74.53
CA THR A 88 -0.53 -42.69 -75.35
C THR A 88 -1.55 -43.58 -74.65
N LYS A 89 -2.21 -44.41 -75.45
CA LYS A 89 -3.20 -45.34 -74.94
C LYS A 89 -2.52 -46.61 -74.43
N ALA A 90 -3.07 -47.17 -73.36
CA ALA A 90 -2.60 -48.46 -72.88
C ALA A 90 -2.84 -49.53 -73.92
N THR A 91 -1.82 -50.36 -74.16
CA THR A 91 -1.87 -51.42 -75.16
C THR A 91 -1.55 -52.75 -74.49
N GLY A 92 -2.20 -53.80 -74.94
CA GLY A 92 -1.99 -55.11 -74.36
C GLY A 92 -2.82 -56.15 -75.06
N VAL A 93 -2.87 -57.34 -74.47
CA VAL A 93 -3.56 -58.49 -75.04
C VAL A 93 -4.60 -58.98 -74.04
N ILE A 94 -5.70 -59.50 -74.58
CA ILE A 94 -6.80 -60.02 -73.78
C ILE A 94 -7.08 -61.44 -74.25
N THR A 95 -7.21 -62.36 -73.30
CA THR A 95 -7.52 -63.75 -73.60
C THR A 95 -9.03 -63.95 -73.55
N PHE A 96 -9.55 -64.72 -74.50
CA PHE A 96 -10.97 -65.01 -74.62
C PHE A 96 -11.17 -66.52 -74.62
N THR A 97 -12.27 -66.96 -74.03
CA THR A 97 -12.63 -68.38 -73.99
C THR A 97 -14.12 -68.50 -74.27
N GLY A 98 -14.49 -69.52 -75.04
CA GLY A 98 -15.89 -69.71 -75.35
C GLY A 98 -16.09 -70.78 -76.41
N VAL A 99 -17.30 -70.79 -76.98
CA VAL A 99 -17.62 -71.73 -78.04
C VAL A 99 -16.72 -71.47 -79.23
N GLN A 100 -16.28 -72.55 -79.88
CA GLN A 100 -15.35 -72.41 -80.99
C GLN A 100 -16.00 -71.68 -82.15
N GLY A 101 -17.27 -71.94 -82.41
CA GLY A 101 -17.96 -71.24 -83.48
C GLY A 101 -18.07 -69.74 -83.27
N THR A 102 -17.90 -69.27 -82.04
CA THR A 102 -18.01 -67.85 -81.75
C THR A 102 -16.93 -67.06 -82.49
N ILE A 103 -17.30 -65.86 -82.92
CA ILE A 103 -16.41 -64.96 -83.64
C ILE A 103 -16.37 -63.62 -82.90
N ILE A 104 -15.16 -63.08 -82.72
CA ILE A 104 -14.96 -61.79 -82.06
C ILE A 104 -14.38 -60.83 -83.08
N THR A 105 -15.00 -59.67 -83.21
CA THR A 105 -14.65 -58.69 -84.23
C THR A 105 -13.83 -57.56 -83.64
N LYS A 106 -13.10 -56.87 -84.52
CA LYS A 106 -12.35 -55.70 -84.13
C LYS A 106 -13.29 -54.58 -83.69
N GLY A 107 -12.80 -53.72 -82.81
CA GLY A 107 -13.59 -52.62 -82.30
C GLY A 107 -14.50 -52.97 -81.16
N THR A 108 -14.57 -54.23 -80.75
CA THR A 108 -15.38 -54.62 -79.61
C THR A 108 -14.84 -53.96 -78.35
N ILE A 109 -15.74 -53.63 -77.43
CA ILE A 109 -15.42 -52.88 -76.22
C ILE A 109 -15.54 -53.81 -75.02
N VAL A 110 -14.46 -53.92 -74.26
CA VAL A 110 -14.45 -54.62 -72.97
C VAL A 110 -13.79 -53.70 -71.96
N THR A 111 -14.31 -53.71 -70.73
CA THR A 111 -13.92 -52.74 -69.71
C THR A 111 -13.51 -53.48 -68.44
N THR A 112 -13.15 -52.71 -67.43
CA THR A 112 -12.91 -53.22 -66.09
C THR A 112 -14.22 -53.18 -65.30
N ILE A 113 -14.16 -53.65 -64.06
CA ILE A 113 -15.33 -53.75 -63.20
C ILE A 113 -15.58 -52.38 -62.57
N ALA A 114 -16.58 -51.66 -63.07
CA ALA A 114 -16.99 -50.42 -62.43
C ALA A 114 -17.60 -50.72 -61.07
N THR A 115 -17.32 -49.86 -60.10
CA THR A 115 -17.79 -50.02 -58.74
C THR A 115 -18.15 -48.65 -58.18
N ASP A 116 -18.64 -48.64 -56.94
CA ASP A 116 -18.90 -47.37 -56.27
C ASP A 116 -17.61 -46.60 -56.05
N GLU A 117 -16.53 -47.29 -55.68
CA GLU A 117 -15.26 -46.61 -55.42
C GLU A 117 -14.59 -46.18 -56.72
N LYS A 118 -14.65 -47.02 -57.76
CA LYS A 118 -13.89 -46.83 -58.97
C LYS A 118 -14.78 -47.04 -60.19
N GLN A 119 -14.48 -46.30 -61.25
CA GLN A 119 -15.17 -46.41 -62.52
C GLN A 119 -14.41 -47.34 -63.45
N SER A 120 -15.13 -47.92 -64.40
CA SER A 120 -14.55 -48.88 -65.32
C SER A 120 -13.70 -48.17 -66.36
N ILE A 121 -12.60 -48.82 -66.75
CA ILE A 121 -11.69 -48.31 -67.76
C ILE A 121 -12.00 -49.03 -69.06
N GLU A 122 -12.30 -48.28 -70.11
CA GLU A 122 -12.75 -48.85 -71.37
C GLU A 122 -11.56 -49.22 -72.25
N PHE A 123 -11.65 -50.40 -72.87
CA PHE A 123 -10.64 -50.91 -73.78
C PHE A 123 -11.31 -51.39 -75.05
N GLU A 124 -10.59 -51.31 -76.16
CA GLU A 124 -11.09 -51.66 -77.48
C GLU A 124 -10.17 -52.70 -78.11
N LEU A 125 -10.77 -53.68 -78.78
CA LEU A 125 -10.00 -54.72 -79.45
C LEU A 125 -9.48 -54.20 -80.78
N LEU A 126 -8.22 -54.51 -81.06
CA LEU A 126 -7.55 -54.08 -82.28
C LEU A 126 -7.59 -55.12 -83.40
N GLU A 127 -8.23 -56.26 -83.18
CA GLU A 127 -8.18 -57.37 -84.12
C GLU A 127 -9.52 -58.09 -84.15
N THR A 128 -9.74 -58.80 -85.24
CA THR A 128 -10.88 -59.70 -85.40
C THR A 128 -10.36 -61.13 -85.46
N LYS A 129 -10.93 -61.99 -84.63
CA LYS A 129 -10.49 -63.38 -84.51
C LYS A 129 -11.71 -64.28 -84.41
N THR A 130 -11.44 -65.58 -84.54
CA THR A 130 -12.45 -66.62 -84.38
C THR A 130 -11.89 -67.71 -83.48
N ILE A 131 -12.79 -68.35 -82.73
CA ILE A 131 -12.41 -69.33 -81.73
C ILE A 131 -12.46 -70.73 -82.35
N GLY A 132 -12.53 -70.80 -83.68
CA GLY A 132 -12.90 -72.04 -84.35
C GLY A 132 -11.94 -73.19 -84.10
N GLU A 133 -10.64 -72.89 -83.98
CA GLU A 133 -9.65 -73.95 -83.81
C GLU A 133 -9.59 -74.44 -82.37
N ASN A 134 -9.25 -73.54 -81.45
CA ASN A 134 -9.15 -73.84 -80.03
C ASN A 134 -10.14 -72.97 -79.28
N GLU A 135 -10.57 -73.45 -78.11
CA GLU A 135 -11.50 -72.69 -77.29
C GLU A 135 -10.90 -71.37 -76.82
N THR A 136 -9.58 -71.27 -76.75
CA THR A 136 -8.89 -70.07 -76.28
C THR A 136 -8.35 -69.28 -77.47
N VAL A 137 -8.51 -67.96 -77.41
CA VAL A 137 -7.92 -67.05 -78.39
C VAL A 137 -7.48 -65.79 -77.66
N ASP A 138 -6.45 -65.15 -78.22
CA ASP A 138 -5.89 -63.91 -77.70
C ASP A 138 -6.05 -62.81 -78.74
N ILE A 139 -6.53 -61.66 -78.31
CA ILE A 139 -6.78 -60.52 -79.18
C ILE A 139 -6.04 -59.32 -78.62
N LYS A 140 -5.30 -58.63 -79.49
CA LYS A 140 -4.69 -57.37 -79.11
C LYS A 140 -5.76 -56.33 -78.88
N ALA A 141 -5.56 -55.50 -77.85
CA ALA A 141 -6.54 -54.49 -77.47
C ALA A 141 -5.79 -53.23 -77.07
N GLU A 142 -6.56 -52.14 -76.95
CA GLU A 142 -5.99 -50.85 -76.58
C GLU A 142 -7.01 -50.09 -75.74
N SER A 143 -6.51 -49.37 -74.73
CA SER A 143 -7.36 -48.47 -73.96
C SER A 143 -7.91 -47.38 -74.86
N ARG A 144 -9.21 -47.10 -74.72
CA ARG A 144 -9.82 -46.06 -75.54
C ARG A 144 -9.44 -44.65 -75.11
N ILE A 145 -8.77 -44.49 -73.96
CA ILE A 145 -8.38 -43.20 -73.42
C ILE A 145 -6.86 -43.18 -73.26
N VAL A 146 -6.24 -42.12 -73.75
CA VAL A 146 -4.80 -41.93 -73.60
C VAL A 146 -4.48 -41.76 -72.12
N GLY A 147 -3.20 -41.86 -71.78
CA GLY A 147 -2.74 -41.65 -70.42
C GLY A 147 -2.43 -42.96 -69.71
N THR A 148 -1.82 -42.81 -68.54
CA THR A 148 -1.52 -43.97 -67.70
C THR A 148 -2.77 -44.63 -67.16
N ILE A 149 -3.93 -43.97 -67.24
CA ILE A 149 -5.19 -44.68 -67.04
C ILE A 149 -5.22 -45.84 -68.00
N GLY A 150 -5.69 -46.98 -67.52
CA GLY A 150 -5.34 -48.25 -68.13
C GLY A 150 -4.05 -48.72 -67.50
N ASN A 151 -3.22 -49.45 -68.24
CA ASN A 151 -2.03 -50.08 -67.67
C ASN A 151 -2.42 -50.96 -66.49
N VAL A 152 -3.56 -51.62 -66.63
CA VAL A 152 -4.22 -52.33 -65.54
C VAL A 152 -3.44 -53.58 -65.17
N SER A 153 -3.82 -54.20 -64.07
CA SER A 153 -3.18 -55.43 -63.61
C SER A 153 -3.49 -56.58 -64.56
N LYS A 154 -3.02 -57.77 -64.20
CA LYS A 154 -3.13 -58.92 -65.09
C LYS A 154 -4.59 -59.28 -65.36
N GLY A 155 -5.38 -59.46 -64.31
CA GLY A 155 -6.72 -59.99 -64.45
C GLY A 155 -7.82 -58.94 -64.39
N SER A 156 -7.46 -57.68 -64.65
CA SER A 156 -8.43 -56.61 -64.45
C SER A 156 -9.54 -56.65 -65.50
N ILE A 157 -9.18 -56.80 -66.77
CA ILE A 157 -10.17 -56.75 -67.84
C ILE A 157 -11.05 -57.99 -67.72
N SER A 158 -12.31 -57.80 -67.29
CA SER A 158 -13.24 -58.90 -67.14
C SER A 158 -14.66 -58.57 -67.55
N VAL A 159 -14.93 -57.38 -68.10
CA VAL A 159 -16.27 -56.91 -68.37
C VAL A 159 -16.43 -56.68 -69.87
N LEU A 160 -17.53 -57.18 -70.42
CA LEU A 160 -17.95 -56.88 -71.78
C LEU A 160 -19.21 -56.02 -71.70
N LEU A 161 -19.20 -54.89 -72.41
CA LEU A 161 -20.36 -54.00 -72.37
C LEU A 161 -21.59 -54.70 -72.92
N GLY A 162 -21.46 -55.39 -74.05
CA GLY A 162 -22.56 -56.13 -74.63
C GLY A 162 -22.64 -57.54 -74.10
N SER A 163 -23.00 -58.48 -74.96
CA SER A 163 -23.01 -59.91 -74.60
C SER A 163 -22.88 -60.71 -75.88
N ILE A 164 -21.71 -61.30 -76.09
CA ILE A 164 -21.43 -62.05 -77.31
C ILE A 164 -21.79 -63.51 -77.06
N SER A 165 -22.52 -64.10 -77.99
CA SER A 165 -22.97 -65.47 -77.83
C SER A 165 -21.78 -66.43 -77.80
N GLY A 166 -21.81 -67.37 -76.86
CA GLY A 166 -20.84 -68.43 -76.79
C GLY A 166 -19.58 -68.10 -76.04
N VAL A 167 -19.35 -66.84 -75.69
CA VAL A 167 -18.12 -66.48 -74.98
C VAL A 167 -18.24 -66.91 -73.54
N LYS A 168 -17.28 -67.70 -73.06
CA LYS A 168 -17.33 -68.26 -71.72
C LYS A 168 -16.60 -67.39 -70.70
N SER A 169 -15.50 -66.74 -71.08
CA SER A 169 -14.78 -65.89 -70.15
C SER A 169 -13.82 -64.99 -70.91
N ILE A 170 -13.77 -63.72 -70.52
CA ILE A 170 -12.81 -62.76 -71.04
C ILE A 170 -11.93 -62.37 -69.87
N THR A 171 -10.62 -62.58 -70.01
CA THR A 171 -9.67 -62.21 -68.98
C THR A 171 -8.39 -61.73 -69.63
N ASN A 172 -7.93 -60.54 -69.22
CA ASN A 172 -6.59 -60.12 -69.57
C ASN A 172 -5.59 -61.05 -68.92
N LYS A 173 -4.51 -61.35 -69.62
CA LYS A 173 -3.48 -62.27 -69.15
C LYS A 173 -2.33 -61.57 -68.45
N GLU A 174 -1.93 -60.39 -68.94
CA GLU A 174 -0.81 -59.67 -68.40
C GLU A 174 -1.13 -58.19 -68.36
N ASP A 175 -0.46 -57.47 -67.45
CA ASP A 175 -0.74 -56.05 -67.27
C ASP A 175 -0.40 -55.27 -68.53
N PHE A 176 -1.21 -54.27 -68.83
CA PHE A 176 -0.99 -53.40 -69.98
C PHE A 176 0.13 -52.41 -69.66
N ARG A 177 0.81 -51.94 -70.71
CA ARG A 177 1.99 -51.10 -70.55
C ARG A 177 2.05 -49.90 -71.51
N GLY A 178 1.10 -49.75 -72.42
CA GLY A 178 1.20 -48.73 -73.44
C GLY A 178 0.85 -47.32 -73.02
N GLY A 179 0.41 -47.12 -71.78
CA GLY A 179 -0.08 -45.82 -71.36
C GLY A 179 1.02 -44.91 -70.88
N THR A 180 0.84 -43.61 -71.16
CA THR A 180 1.73 -42.59 -70.64
C THR A 180 0.97 -41.27 -70.65
N ASP A 181 1.18 -40.47 -69.62
CA ASP A 181 0.39 -39.25 -69.42
C ASP A 181 1.00 -38.07 -70.17
N ILE A 182 0.24 -36.97 -70.18
CA ILE A 182 0.74 -35.72 -70.71
C ILE A 182 1.95 -35.27 -69.91
N GLU A 183 2.93 -34.70 -70.60
CA GLU A 183 4.14 -34.23 -69.95
C GLU A 183 3.81 -33.12 -68.95
N ASP A 184 4.56 -33.10 -67.85
CA ASP A 184 4.32 -32.10 -66.81
C ASP A 184 4.61 -30.71 -67.33
N GLU A 185 3.78 -29.75 -66.92
CA GLU A 185 3.96 -28.37 -67.36
C GLU A 185 5.31 -27.82 -66.89
N GLU A 186 5.64 -28.05 -65.62
CA GLU A 186 6.90 -27.52 -65.10
C GLU A 186 8.09 -28.21 -65.75
N HIS A 187 7.99 -29.52 -65.98
CA HIS A 187 9.03 -30.20 -66.74
C HIS A 187 9.14 -29.64 -68.14
N PHE A 188 7.99 -29.41 -68.79
CA PHE A 188 8.02 -28.79 -70.11
C PHE A 188 8.51 -27.36 -70.04
N ARG A 189 8.13 -26.62 -69.00
CA ARG A 189 8.65 -25.26 -68.82
C ARG A 189 10.16 -25.29 -68.66
N GLU A 190 10.68 -26.29 -67.93
CA GLU A 190 12.12 -26.46 -67.85
C GLU A 190 12.72 -26.71 -69.23
N ARG A 191 12.09 -27.58 -70.01
CA ARG A 191 12.59 -27.87 -71.35
C ARG A 191 12.62 -26.61 -72.21
N VAL A 192 11.59 -25.77 -72.08
CA VAL A 192 11.55 -24.52 -72.84
C VAL A 192 12.71 -23.63 -72.44
N LEU A 193 12.99 -23.54 -71.14
CA LEU A 193 14.08 -22.70 -70.66
C LEU A 193 15.45 -23.37 -70.78
N VAL A 194 15.53 -24.69 -70.80
CA VAL A 194 16.81 -25.34 -71.04
C VAL A 194 17.29 -25.04 -72.45
N ALA A 195 16.39 -25.09 -73.43
CA ALA A 195 16.79 -24.87 -74.81
C ALA A 195 17.13 -23.42 -75.06
N GLU A 196 18.27 -22.97 -74.51
CA GLU A 196 18.72 -21.59 -74.63
C GLU A 196 20.22 -21.52 -74.85
N GLN A 197 20.80 -22.51 -75.52
CA GLN A 197 22.23 -22.48 -75.82
C GLN A 197 22.50 -21.48 -76.94
N GLU A 198 23.58 -20.72 -76.78
CA GLU A 198 23.89 -19.62 -77.70
C GLU A 198 24.68 -20.08 -78.91
N ASP A 199 25.73 -20.88 -78.71
CA ASP A 199 26.61 -21.30 -79.79
C ASP A 199 27.15 -22.69 -79.46
N LYS A 200 28.21 -23.09 -80.15
CA LYS A 200 28.75 -24.45 -80.04
C LYS A 200 27.67 -25.47 -80.41
N LEU A 201 27.25 -25.39 -81.67
CA LEU A 201 26.17 -26.22 -82.18
C LEU A 201 26.46 -26.74 -83.59
N SER A 202 27.68 -26.60 -84.09
CA SER A 202 27.98 -26.97 -85.47
C SER A 202 28.10 -28.47 -85.66
N GLY A 203 28.60 -29.18 -84.65
CA GLY A 203 28.88 -30.60 -84.80
C GLY A 203 30.32 -30.84 -85.20
N ALA A 204 31.23 -30.09 -84.61
CA ALA A 204 32.65 -30.35 -84.75
C ALA A 204 33.03 -31.52 -83.86
N SER A 205 34.34 -31.83 -83.83
CA SER A 205 34.80 -32.87 -82.92
C SER A 205 34.54 -32.50 -81.47
N SER A 206 34.78 -31.24 -81.11
CA SER A 206 34.49 -30.78 -79.76
C SER A 206 33.01 -30.88 -79.46
N ASP A 207 32.16 -30.47 -80.41
CA ASP A 207 30.72 -30.56 -80.20
C ASP A 207 30.27 -32.00 -80.02
N TYR A 208 30.77 -32.90 -80.87
CA TYR A 208 30.40 -34.30 -80.77
C TYR A 208 30.89 -34.91 -79.46
N ILE A 209 32.10 -34.55 -79.03
CA ILE A 209 32.61 -35.03 -77.76
C ILE A 209 31.72 -34.55 -76.62
N ARG A 210 31.32 -33.27 -76.66
CA ARG A 210 30.42 -32.75 -75.65
C ARG A 210 29.09 -33.48 -75.66
N TRP A 211 28.55 -33.74 -76.85
CA TRP A 211 27.28 -34.46 -76.95
C TRP A 211 27.42 -35.88 -76.43
N ALA A 212 28.53 -36.55 -76.75
CA ALA A 212 28.74 -37.90 -76.23
C ALA A 212 28.86 -37.90 -74.71
N LYS A 213 29.57 -36.91 -74.16
CA LYS A 213 29.74 -36.84 -72.72
C LYS A 213 28.43 -36.56 -72.00
N GLU A 214 27.48 -35.88 -72.67
CA GLU A 214 26.21 -35.56 -72.02
C GLU A 214 25.44 -36.81 -71.66
N VAL A 215 25.47 -37.82 -72.54
CA VAL A 215 24.83 -39.10 -72.23
C VAL A 215 25.56 -39.73 -71.05
N ASP A 216 24.79 -40.22 -70.08
CA ASP A 216 25.38 -40.85 -68.90
C ASP A 216 26.10 -42.13 -69.28
N GLY A 217 27.09 -42.48 -68.46
CA GLY A 217 27.90 -43.65 -68.71
C GLY A 217 29.01 -43.46 -69.72
N VAL A 218 29.17 -42.27 -70.27
CA VAL A 218 30.22 -41.96 -71.24
C VAL A 218 31.36 -41.31 -70.47
N GLY A 219 32.41 -42.09 -70.20
CA GLY A 219 33.57 -41.55 -69.50
C GLY A 219 34.46 -40.75 -70.43
N TYR A 220 34.73 -41.30 -71.61
CA TYR A 220 35.58 -40.65 -72.60
C TYR A 220 34.99 -40.90 -73.97
N ALA A 221 35.26 -39.97 -74.89
CA ALA A 221 34.77 -40.05 -76.26
C ALA A 221 35.83 -39.52 -77.20
N TYR A 222 35.90 -40.13 -78.39
CA TYR A 222 36.86 -39.74 -79.41
C TYR A 222 36.17 -39.74 -80.76
N VAL A 223 36.62 -38.85 -81.64
CA VAL A 223 35.96 -38.57 -82.91
C VAL A 223 36.94 -38.84 -84.05
N VAL A 224 36.44 -39.46 -85.11
CA VAL A 224 37.17 -39.64 -86.36
C VAL A 224 36.38 -38.94 -87.45
N SER A 225 37.02 -37.99 -88.13
CA SER A 225 36.38 -37.20 -89.17
C SER A 225 36.47 -37.92 -90.50
N GLU A 226 35.32 -38.15 -91.14
CA GLU A 226 35.25 -38.80 -92.44
C GLU A 226 35.95 -40.16 -92.42
N TRP A 227 35.63 -40.95 -91.38
CA TRP A 227 36.17 -42.31 -91.32
C TRP A 227 35.69 -43.15 -92.50
N ALA A 228 34.51 -42.84 -93.03
CA ALA A 228 33.98 -43.47 -94.24
C ALA A 228 33.66 -42.44 -95.32
N GLY A 229 34.29 -41.27 -95.27
CA GLY A 229 34.04 -40.23 -96.25
C GLY A 229 32.63 -39.66 -96.13
N ALA A 230 32.32 -38.74 -97.04
CA ALA A 230 31.00 -38.13 -97.12
C ALA A 230 30.60 -37.46 -95.81
N GLY A 231 31.57 -36.91 -95.09
CA GLY A 231 31.27 -36.29 -93.82
C GLY A 231 30.89 -37.25 -92.72
N THR A 232 31.20 -38.53 -92.87
CA THR A 232 30.89 -39.50 -91.82
C THR A 232 31.74 -39.21 -90.58
N VAL A 233 31.16 -39.53 -89.43
CA VAL A 233 31.80 -39.27 -88.14
C VAL A 233 31.71 -40.53 -87.29
N LYS A 234 32.87 -41.02 -86.85
CA LYS A 234 32.94 -42.10 -85.87
C LYS A 234 33.00 -41.49 -84.49
N VAL A 235 32.41 -42.16 -83.51
CA VAL A 235 32.38 -41.70 -82.12
C VAL A 235 32.86 -42.87 -81.27
N LEU A 236 34.16 -42.90 -81.00
CA LEU A 236 34.75 -43.94 -80.18
C LEU A 236 34.64 -43.56 -78.71
N ILE A 237 33.93 -44.38 -77.93
CA ILE A 237 33.55 -44.04 -76.57
C ILE A 237 34.09 -45.09 -75.61
N LEU A 238 34.60 -44.62 -74.47
CA LEU A 238 34.92 -45.46 -73.33
C LEU A 238 33.98 -45.09 -72.18
N ASP A 239 33.60 -46.09 -71.39
CA ASP A 239 32.67 -45.87 -70.30
C ASP A 239 33.39 -45.15 -69.16
N LYS A 240 32.71 -45.03 -68.02
CA LYS A 240 33.28 -44.29 -66.90
C LYS A 240 34.57 -44.93 -66.39
N ASN A 241 34.67 -46.25 -66.47
CA ASN A 241 35.81 -47.00 -65.95
C ASN A 241 36.82 -47.35 -67.04
N ARG A 242 36.92 -46.51 -68.08
CA ARG A 242 37.82 -46.69 -69.23
C ARG A 242 37.37 -47.80 -70.18
N LYS A 243 36.39 -48.60 -69.78
CA LYS A 243 36.10 -49.82 -70.51
C LYS A 243 35.30 -49.50 -71.77
N ALA A 244 35.22 -50.49 -72.65
CA ALA A 244 34.40 -50.37 -73.84
C ALA A 244 32.93 -50.19 -73.46
N ALA A 245 32.28 -49.21 -74.07
CA ALA A 245 30.87 -48.98 -73.79
C ALA A 245 30.05 -50.18 -74.24
N THR A 246 29.08 -50.56 -73.41
CA THR A 246 28.21 -51.67 -73.75
C THR A 246 27.34 -51.31 -74.96
N GLN A 247 26.69 -52.34 -75.52
CA GLN A 247 25.83 -52.11 -76.68
C GLN A 247 24.68 -51.19 -76.34
N GLU A 248 24.08 -51.36 -75.16
CA GLU A 248 22.99 -50.49 -74.75
C GLU A 248 23.47 -49.05 -74.63
N LEU A 249 24.64 -48.84 -74.03
CA LEU A 249 25.20 -47.50 -73.93
C LEU A 249 25.49 -46.95 -75.32
N ILE A 250 25.98 -47.80 -76.22
CA ILE A 250 26.25 -47.36 -77.59
C ILE A 250 24.96 -46.92 -78.26
N ASP A 251 23.88 -47.70 -78.09
CA ASP A 251 22.61 -47.35 -78.70
C ASP A 251 22.07 -46.05 -78.12
N LYS A 252 22.21 -45.84 -76.81
CA LYS A 252 21.75 -44.61 -76.20
C LYS A 252 22.50 -43.42 -76.75
N VAL A 253 23.83 -43.51 -76.82
CA VAL A 253 24.62 -42.42 -77.39
C VAL A 253 24.30 -42.28 -78.88
N GLN A 254 24.16 -43.41 -79.57
CA GLN A 254 23.79 -43.37 -80.98
C GLN A 254 22.44 -42.68 -81.17
N GLU A 255 21.43 -43.13 -80.42
CA GLU A 255 20.11 -42.53 -80.54
C GLU A 255 20.10 -41.08 -80.09
N TYR A 256 20.89 -40.75 -79.07
CA TYR A 256 20.90 -39.37 -78.59
C TYR A 256 21.45 -38.41 -79.65
N ILE A 257 22.50 -38.83 -80.35
CA ILE A 257 23.20 -37.95 -81.29
C ILE A 257 22.68 -38.17 -82.71
N TYR A 258 22.30 -39.41 -83.03
CA TYR A 258 21.96 -39.77 -84.39
C TYR A 258 20.96 -40.91 -84.40
N PRO A 259 19.66 -40.63 -84.24
CA PRO A 259 18.66 -41.70 -84.27
C PRO A 259 18.68 -42.47 -85.57
N LEU A 260 18.43 -43.78 -85.48
CA LEU A 260 18.39 -44.67 -86.61
C LEU A 260 17.02 -45.29 -86.86
N ASN A 261 16.04 -45.03 -85.99
CA ASN A 261 14.71 -45.62 -86.10
C ASN A 261 13.70 -44.67 -86.73
N ILE A 262 14.16 -43.62 -87.41
CA ILE A 262 13.25 -42.68 -88.03
C ILE A 262 12.46 -43.38 -89.12
N SER A 263 11.14 -43.17 -89.13
CA SER A 263 10.25 -43.76 -90.12
C SER A 263 10.15 -42.84 -91.34
N GLU A 264 9.20 -43.14 -92.23
CA GLU A 264 9.05 -42.34 -93.44
C GLU A 264 8.63 -40.91 -93.10
N GLY A 265 7.62 -40.75 -92.26
CA GLY A 265 7.17 -39.45 -91.84
C GLY A 265 7.89 -38.94 -90.62
N GLU A 266 9.23 -39.03 -90.63
CA GLU A 266 10.03 -38.64 -89.49
C GLU A 266 11.39 -38.17 -89.99
N ASN A 267 12.10 -37.44 -89.12
CA ASN A 267 13.44 -36.96 -89.40
C ASN A 267 14.23 -37.05 -88.11
N ARG A 268 15.56 -37.11 -88.24
CA ARG A 268 16.41 -37.23 -87.06
C ARG A 268 16.25 -36.01 -86.15
N ASP A 269 16.09 -36.28 -84.86
CA ASP A 269 16.08 -35.25 -83.83
C ASP A 269 17.36 -35.21 -83.02
N GLY A 270 18.32 -36.10 -83.31
CA GLY A 270 19.56 -36.11 -82.56
C GLY A 270 20.37 -34.85 -82.77
N LYS A 271 21.42 -34.72 -81.96
CA LYS A 271 22.27 -33.54 -82.05
C LYS A 271 23.03 -33.46 -83.37
N ALA A 272 23.13 -34.54 -84.11
CA ALA A 272 23.85 -34.52 -85.38
C ALA A 272 23.10 -33.63 -86.38
N PRO A 273 23.72 -32.59 -86.97
CA PRO A 273 22.98 -31.76 -87.92
C PRO A 273 22.65 -32.51 -89.21
N ILE A 274 21.96 -31.84 -90.13
CA ILE A 274 21.60 -32.47 -91.40
C ILE A 274 22.86 -32.82 -92.17
N GLY A 275 22.84 -33.98 -92.81
CA GLY A 275 23.91 -34.38 -93.71
C GLY A 275 25.18 -34.85 -93.04
N ALA A 276 25.26 -34.82 -91.72
CA ALA A 276 26.43 -35.29 -90.97
C ALA A 276 26.13 -36.70 -90.50
N LEU A 277 26.68 -37.69 -91.21
CA LEU A 277 26.48 -39.08 -90.84
C LEU A 277 27.35 -39.41 -89.64
N VAL A 278 26.75 -40.10 -88.66
CA VAL A 278 27.39 -40.38 -87.38
C VAL A 278 27.23 -41.85 -87.06
N THR A 279 28.23 -42.41 -86.39
CA THR A 279 28.18 -43.78 -85.91
C THR A 279 28.96 -43.87 -84.61
N VAL A 280 28.41 -44.61 -83.65
CA VAL A 280 29.02 -44.78 -82.33
C VAL A 280 29.72 -46.12 -82.31
N VAL A 281 30.99 -46.13 -81.86
CA VAL A 281 31.83 -47.30 -81.84
C VAL A 281 32.49 -47.38 -80.48
N THR A 282 32.97 -48.57 -80.13
CA THR A 282 33.77 -48.80 -78.94
C THR A 282 34.97 -49.65 -79.32
N PRO A 283 36.15 -49.42 -78.71
CA PRO A 283 37.33 -50.19 -79.13
C PRO A 283 37.25 -51.65 -78.73
N ASP A 284 38.30 -52.40 -79.04
CA ASP A 284 38.36 -53.85 -78.79
C ASP A 284 39.17 -54.12 -77.54
N THR A 285 38.64 -54.96 -76.66
CA THR A 285 39.29 -55.28 -75.39
C THR A 285 40.25 -56.44 -75.61
N LEU A 286 41.55 -56.14 -75.64
CA LEU A 286 42.55 -57.18 -75.78
C LEU A 286 42.65 -57.99 -74.49
N LEU A 287 42.62 -59.31 -74.62
CA LEU A 287 42.72 -60.21 -73.48
C LEU A 287 44.18 -60.63 -73.30
N ILE A 288 44.69 -60.48 -72.08
CA ILE A 288 46.08 -60.79 -71.77
C ILE A 288 46.07 -62.16 -71.11
N ASN A 289 46.25 -63.20 -71.93
CA ASN A 289 46.37 -64.57 -71.41
C ASN A 289 47.81 -64.79 -70.99
N VAL A 290 48.03 -64.94 -69.69
CA VAL A 290 49.37 -65.10 -69.13
C VAL A 290 49.69 -66.58 -69.07
N LYS A 291 50.87 -66.95 -69.56
CA LYS A 291 51.35 -68.32 -69.56
C LYS A 291 52.69 -68.37 -68.84
N ALA A 292 52.80 -69.29 -67.88
CA ALA A 292 54.05 -69.50 -67.15
C ALA A 292 53.96 -70.83 -66.42
N SER A 293 55.13 -71.40 -66.15
CA SER A 293 55.22 -72.67 -65.42
C SER A 293 55.17 -72.37 -63.92
N PHE A 294 53.95 -72.08 -63.45
CA PHE A 294 53.77 -71.71 -62.05
C PHE A 294 54.09 -72.88 -61.13
N ILE A 295 54.73 -72.56 -60.01
CA ILE A 295 54.99 -73.52 -58.93
C ILE A 295 54.44 -72.91 -57.66
N PHE A 296 53.60 -73.65 -56.95
CA PHE A 296 52.88 -73.17 -55.79
C PHE A 296 53.44 -73.78 -54.51
N SER A 297 53.14 -73.13 -53.40
CA SER A 297 53.70 -73.52 -52.11
C SER A 297 53.02 -74.79 -51.60
N ASN A 298 53.37 -75.20 -50.39
CA ASN A 298 52.94 -76.48 -49.87
C ASN A 298 51.45 -76.46 -49.54
N GLY A 299 50.70 -77.36 -50.16
CA GLY A 299 49.32 -77.61 -49.79
C GLY A 299 48.33 -76.52 -50.15
N PHE A 300 48.75 -75.49 -50.88
CA PHE A 300 47.84 -74.40 -51.20
C PHE A 300 47.05 -74.71 -52.46
N SER A 301 45.96 -73.98 -52.65
CA SER A 301 45.08 -74.18 -53.79
C SER A 301 45.64 -73.47 -55.01
N GLU A 302 45.93 -74.23 -56.07
CA GLU A 302 46.44 -73.63 -57.30
C GLU A 302 45.41 -72.68 -57.90
N GLU A 303 44.14 -73.07 -57.89
CA GLU A 303 43.10 -72.21 -58.43
C GLU A 303 43.00 -70.91 -57.64
N THR A 304 43.07 -71.01 -56.31
CA THR A 304 42.97 -69.81 -55.47
C THR A 304 44.11 -68.84 -55.76
N VAL A 305 45.34 -69.34 -55.83
CA VAL A 305 46.49 -68.47 -56.04
C VAL A 305 46.42 -67.82 -57.41
N LEU A 306 46.08 -68.61 -58.44
CA LEU A 306 45.99 -68.05 -59.79
C LEU A 306 44.90 -67.00 -59.88
N ASN A 307 43.75 -67.27 -59.24
CA ASN A 307 42.67 -66.29 -59.24
C ASN A 307 43.10 -65.00 -58.57
N ASN A 308 43.82 -65.10 -57.45
CA ASN A 308 44.34 -63.91 -56.79
C ASN A 308 45.34 -63.19 -57.68
N LEU A 309 46.21 -63.95 -58.37
CA LEU A 309 47.11 -63.33 -59.33
C LEU A 309 46.32 -62.71 -60.47
N LYS A 310 45.25 -63.37 -60.91
CA LYS A 310 44.40 -62.82 -61.95
C LYS A 310 43.81 -61.48 -61.51
N THR A 311 43.35 -61.41 -60.26
CA THR A 311 42.82 -60.15 -59.74
C THR A 311 43.91 -59.08 -59.70
N LYS A 312 45.11 -59.45 -59.25
CA LYS A 312 46.18 -58.47 -59.14
C LYS A 312 46.57 -57.90 -60.50
N ILE A 313 46.69 -58.77 -61.50
CA ILE A 313 47.04 -58.31 -62.84
C ILE A 313 45.94 -57.44 -63.40
N ASP A 314 44.68 -57.86 -63.22
CA ASP A 314 43.56 -57.12 -63.77
C ASP A 314 43.48 -55.71 -63.17
N LYS A 315 43.77 -55.58 -61.87
CA LYS A 315 43.82 -54.26 -61.27
C LYS A 315 44.87 -53.39 -61.93
N TYR A 316 46.04 -53.97 -62.21
CA TYR A 316 47.05 -53.23 -62.97
C TYR A 316 46.56 -52.91 -64.37
N LEU A 317 45.89 -53.87 -65.02
CA LEU A 317 45.39 -53.62 -66.37
C LEU A 317 44.35 -52.51 -66.39
N ASP A 318 43.61 -52.33 -65.29
CA ASP A 318 42.64 -51.25 -65.22
C ASP A 318 43.31 -49.88 -65.35
N LYS A 319 44.56 -49.77 -64.92
CA LYS A 319 45.27 -48.49 -65.01
C LYS A 319 45.56 -48.12 -66.46
N ILE A 320 45.77 -49.12 -67.32
CA ILE A 320 46.05 -48.85 -68.73
C ILE A 320 44.84 -48.19 -69.37
N ASP A 321 45.10 -47.38 -70.40
CA ASP A 321 44.08 -46.64 -71.13
C ASP A 321 43.93 -47.22 -72.54
N LEU A 322 43.03 -46.62 -73.31
CA LEU A 322 42.89 -46.99 -74.72
C LEU A 322 44.16 -46.63 -75.47
N GLY A 323 44.62 -47.55 -76.31
CA GLY A 323 45.84 -47.33 -77.05
C GLY A 323 47.08 -47.24 -76.17
N GLY A 324 47.02 -47.76 -74.96
CA GLY A 324 48.15 -47.73 -74.05
C GLY A 324 49.13 -48.85 -74.35
N THR A 325 50.18 -48.89 -73.53
CA THR A 325 51.25 -49.87 -73.65
C THR A 325 51.20 -50.81 -72.47
N VAL A 326 51.09 -52.11 -72.74
CA VAL A 326 51.15 -53.12 -71.69
C VAL A 326 52.61 -53.30 -71.30
N SER A 327 52.89 -53.20 -70.00
CA SER A 327 54.25 -53.33 -69.48
C SER A 327 54.48 -54.78 -69.11
N TYR A 328 55.08 -55.54 -70.03
CA TYR A 328 55.38 -56.94 -69.75
C TYR A 328 56.36 -57.07 -68.59
N ASN A 329 57.38 -56.21 -68.55
CA ASN A 329 58.39 -56.31 -67.51
C ASN A 329 57.82 -55.97 -66.14
N ALA A 330 56.89 -55.03 -66.07
CA ALA A 330 56.19 -54.78 -64.81
C ALA A 330 55.29 -55.94 -64.44
N ILE A 331 54.70 -56.61 -65.43
CA ILE A 331 53.84 -57.74 -65.16
C ILE A 331 54.63 -58.89 -64.54
N GLN A 332 55.94 -58.97 -64.82
CA GLN A 332 56.78 -59.96 -64.17
C GLN A 332 56.74 -59.79 -62.66
N ALA A 333 56.80 -58.55 -62.19
CA ALA A 333 56.75 -58.30 -60.76
C ALA A 333 55.36 -58.50 -60.17
N ILE A 334 54.31 -58.32 -60.96
CA ILE A 334 52.97 -58.63 -60.47
C ILE A 334 52.88 -60.09 -60.11
N VAL A 335 53.41 -60.96 -60.99
CA VAL A 335 53.55 -62.36 -60.62
C VAL A 335 54.54 -62.50 -59.48
N GLY A 336 55.65 -61.78 -59.55
CA GLY A 336 56.65 -61.83 -58.49
C GLY A 336 56.25 -61.13 -57.21
N SER A 337 55.17 -60.35 -57.22
CA SER A 337 54.70 -59.74 -55.99
C SER A 337 54.30 -60.79 -54.98
N MET A 338 53.61 -61.84 -55.42
CA MET A 338 53.21 -62.90 -54.52
C MET A 338 54.41 -63.68 -54.01
N MET A 339 55.49 -63.75 -54.79
CA MET A 339 56.70 -64.41 -54.33
C MET A 339 57.28 -63.69 -53.12
N LEU A 340 57.33 -62.35 -53.17
CA LEU A 340 57.87 -61.59 -52.05
C LEU A 340 57.00 -61.78 -50.81
N THR A 341 55.68 -61.72 -50.98
CA THR A 341 54.74 -61.91 -49.88
C THR A 341 54.45 -63.39 -49.60
N ASP A 342 55.03 -64.31 -50.39
CA ASP A 342 54.78 -65.74 -50.24
C ASP A 342 53.30 -66.05 -50.36
N GLU A 343 52.62 -65.34 -51.26
CA GLU A 343 51.20 -65.54 -51.51
C GLU A 343 51.00 -66.64 -52.55
N GLY A 344 51.41 -67.85 -52.17
CA GLY A 344 51.18 -69.02 -52.98
C GLY A 344 52.29 -69.39 -53.93
N ILE A 345 52.72 -68.44 -54.76
CA ILE A 345 53.67 -68.75 -55.83
C ILE A 345 55.00 -69.13 -55.21
N GLU A 346 55.43 -70.37 -55.45
CA GLU A 346 56.76 -70.82 -55.07
C GLU A 346 57.80 -70.46 -56.12
N ASP A 347 57.45 -70.57 -57.41
CA ASP A 347 58.31 -70.10 -58.48
C ASP A 347 57.51 -70.12 -59.77
N PHE A 348 58.08 -69.47 -60.80
CA PHE A 348 57.47 -69.40 -62.11
C PHE A 348 58.56 -69.27 -63.15
N SER A 349 58.23 -69.61 -64.40
CA SER A 349 59.16 -69.46 -65.50
C SER A 349 58.38 -69.37 -66.80
N ASN A 350 59.07 -68.93 -67.85
CA ASN A 350 58.46 -68.69 -69.15
C ASN A 350 57.27 -67.73 -69.03
N LEU A 351 57.47 -66.66 -68.27
CA LEU A 351 56.43 -65.66 -68.10
C LEU A 351 56.20 -64.94 -69.42
N THR A 352 54.98 -65.08 -69.96
CA THR A 352 54.62 -64.47 -71.23
C THR A 352 53.22 -63.90 -71.12
N ILE A 353 52.92 -62.96 -72.02
CA ILE A 353 51.59 -62.38 -72.15
C ILE A 353 51.10 -62.69 -73.56
N ASN A 354 50.13 -63.60 -73.66
CA ASN A 354 49.68 -64.12 -74.95
C ASN A 354 50.86 -64.67 -75.75
N ASP A 355 51.76 -65.36 -75.06
CA ASP A 355 52.98 -65.90 -75.66
C ASP A 355 53.85 -64.76 -76.24
N VAL A 356 54.02 -63.71 -75.45
CA VAL A 356 54.88 -62.59 -75.79
C VAL A 356 55.68 -62.21 -74.56
N LYS A 357 56.95 -61.85 -74.76
CA LYS A 357 57.86 -61.47 -73.69
C LYS A 357 58.38 -60.06 -73.90
N GLU A 358 57.48 -59.15 -74.26
CA GLU A 358 57.85 -57.75 -74.45
C GLU A 358 56.61 -56.90 -74.27
N ASN A 359 56.83 -55.61 -74.07
CA ASN A 359 55.72 -54.69 -73.86
C ASN A 359 54.91 -54.56 -75.13
N ILE A 360 53.58 -54.72 -75.01
CA ILE A 360 52.66 -54.69 -76.14
C ILE A 360 51.96 -53.35 -76.16
N LYS A 361 51.90 -52.73 -77.35
CA LYS A 361 51.28 -51.44 -77.54
C LYS A 361 49.89 -51.63 -78.12
N LEU A 362 48.88 -51.12 -77.43
CA LEU A 362 47.51 -51.16 -77.92
C LEU A 362 47.31 -50.16 -79.04
N GLN A 363 46.47 -50.52 -80.00
CA GLN A 363 46.12 -49.66 -81.13
C GLN A 363 44.62 -49.80 -81.38
N ASP A 364 43.87 -48.75 -81.06
CA ASP A 364 42.41 -48.79 -81.12
C ASP A 364 41.87 -49.90 -80.22
N GLN A 365 42.56 -50.14 -79.11
CA GLN A 365 42.28 -51.28 -78.25
C GLN A 365 42.42 -50.86 -76.79
N VAL A 366 41.53 -51.38 -75.95
CA VAL A 366 41.73 -51.41 -74.52
C VAL A 366 42.20 -52.81 -74.16
N VAL A 367 42.69 -52.98 -72.93
CA VAL A 367 43.27 -54.23 -72.47
C VAL A 367 42.47 -54.72 -71.28
N GLY A 368 42.12 -56.01 -71.30
CA GLY A 368 41.46 -56.64 -70.18
C GLY A 368 42.18 -57.93 -69.82
N ILE A 369 41.88 -58.42 -68.62
CA ILE A 369 42.50 -59.64 -68.14
C ILE A 369 42.03 -60.81 -69.00
N GLY A 370 42.99 -61.63 -69.44
CA GLY A 370 42.69 -62.81 -70.23
C GLY A 370 42.56 -64.04 -69.36
N GLU A 371 43.20 -65.13 -69.78
CA GLU A 371 43.16 -66.41 -69.07
C GLU A 371 44.54 -66.70 -68.50
N ILE A 372 44.61 -66.92 -67.20
CA ILE A 372 45.86 -67.32 -66.55
C ILE A 372 46.01 -68.82 -66.74
N VAL A 373 47.09 -69.23 -67.39
CA VAL A 373 47.33 -70.62 -67.76
C VAL A 373 48.66 -71.05 -67.17
N ASN A 374 48.62 -72.10 -66.34
CA ASN A 374 49.85 -72.74 -65.89
C ASN A 374 50.33 -73.68 -66.98
N GLU A 375 51.57 -73.48 -67.43
CA GLU A 375 52.08 -74.26 -68.55
C GLU A 375 52.13 -75.74 -68.22
N VAL A 376 52.74 -76.09 -67.09
CA VAL A 376 52.94 -77.47 -66.68
C VAL A 376 53.74 -78.16 -67.78
N VAL A 377 54.89 -77.58 -68.12
CA VAL A 377 55.71 -78.12 -69.20
C VAL A 377 56.28 -79.46 -68.79
N GLY A 378 56.21 -80.43 -69.70
CA GLY A 378 56.74 -81.76 -69.43
C GLY A 378 58.26 -81.77 -69.38
N GLU B 2 -11.00 36.59 -53.93
CA GLU B 2 -11.25 37.61 -52.88
C GLU B 2 -10.15 37.57 -51.84
N ARG B 3 -9.87 38.73 -51.24
CA ARG B 3 -8.83 38.89 -50.23
C ARG B 3 -9.46 39.24 -48.90
N GLU B 4 -8.91 38.69 -47.83
CA GLU B 4 -9.35 39.08 -46.50
C GLU B 4 -9.03 40.55 -46.26
N LEU B 5 -9.82 41.18 -45.38
CA LEU B 5 -9.71 42.61 -45.15
C LEU B 5 -9.02 42.85 -43.82
N PRO B 6 -7.78 43.34 -43.79
CA PRO B 6 -7.24 43.84 -42.52
C PRO B 6 -8.09 44.99 -42.00
N ILE B 7 -8.26 45.04 -40.69
CA ILE B 7 -9.14 46.00 -40.04
C ILE B 7 -8.31 46.77 -39.01
N PRO B 8 -8.48 48.09 -38.85
CA PRO B 8 -7.75 48.77 -37.77
C PRO B 8 -8.20 48.28 -36.41
N VAL B 9 -7.27 48.35 -35.46
CA VAL B 9 -7.54 47.86 -34.11
C VAL B 9 -8.69 48.63 -33.48
N PHE B 10 -8.77 49.94 -33.75
CA PHE B 10 -9.81 50.76 -33.15
C PHE B 10 -11.20 50.29 -33.59
N LEU B 11 -11.35 49.95 -34.87
CA LEU B 11 -12.67 49.56 -35.37
C LEU B 11 -13.15 48.22 -34.82
N THR B 12 -12.28 47.44 -34.20
CA THR B 12 -12.63 46.13 -33.66
C THR B 12 -12.61 46.11 -32.14
N GLU B 13 -12.90 47.26 -31.52
CA GLU B 13 -12.86 47.35 -30.07
C GLU B 13 -13.98 46.53 -29.45
N ASP B 14 -13.69 45.93 -28.30
CA ASP B 14 -14.70 45.19 -27.56
C ASP B 14 -15.69 46.14 -26.92
N GLU B 15 -16.92 45.66 -26.75
CA GLU B 15 -17.97 46.46 -26.13
C GLU B 15 -17.58 46.86 -24.71
N ASP B 16 -17.09 45.90 -23.93
CA ASP B 16 -16.72 46.19 -22.55
C ASP B 16 -15.57 47.17 -22.47
N SER B 17 -14.62 47.09 -23.41
CA SER B 17 -13.50 48.03 -23.41
C SER B 17 -14.00 49.46 -23.57
N VAL B 18 -14.99 49.67 -24.44
CA VAL B 18 -15.59 50.99 -24.58
C VAL B 18 -16.25 51.40 -23.26
N HIS B 19 -17.07 50.50 -22.70
CA HIS B 19 -17.78 50.82 -21.47
C HIS B 19 -16.81 51.07 -20.32
N GLU B 20 -15.74 50.27 -20.25
CA GLU B 20 -14.77 50.44 -19.18
C GLU B 20 -14.11 51.81 -19.25
N ARG B 21 -13.76 52.26 -20.45
CA ARG B 21 -13.19 53.59 -20.59
C ARG B 21 -14.20 54.66 -20.21
N MET B 22 -15.47 54.46 -20.56
CA MET B 22 -16.49 55.44 -20.23
C MET B 22 -16.64 55.61 -18.72
N LEU B 23 -16.59 54.51 -17.98
CA LEU B 23 -16.74 54.57 -16.53
C LEU B 23 -15.44 54.89 -15.80
N SER B 24 -14.35 55.14 -16.53
CA SER B 24 -13.07 55.36 -15.87
C SER B 24 -13.08 56.61 -14.99
N ASN B 25 -13.76 57.67 -15.45
CA ASN B 25 -13.69 58.93 -14.73
C ASN B 25 -14.49 58.90 -13.43
N PHE B 26 -15.57 58.12 -13.38
CA PHE B 26 -16.37 58.05 -12.16
C PHE B 26 -15.59 57.35 -11.06
N GLN B 27 -15.55 57.99 -9.89
CA GLN B 27 -14.98 57.37 -8.70
C GLN B 27 -15.77 57.61 -7.43
N ASP B 28 -16.77 58.49 -7.44
CA ASP B 28 -17.61 58.73 -6.27
C ASP B 28 -18.89 57.90 -6.27
N VAL B 29 -19.58 57.82 -7.41
CA VAL B 29 -20.87 57.15 -7.51
C VAL B 29 -20.63 55.72 -7.95
N SER B 30 -21.49 54.82 -7.46
CA SER B 30 -21.39 53.42 -7.80
C SER B 30 -21.64 53.21 -9.28
N THR B 31 -20.93 52.23 -9.86
CA THR B 31 -21.05 51.87 -11.27
C THR B 31 -21.37 50.40 -11.42
N LEU B 32 -22.05 49.80 -10.46
CA LEU B 32 -22.42 48.40 -10.55
C LEU B 32 -23.42 48.20 -11.68
N GLU B 33 -23.42 46.99 -12.24
CA GLU B 33 -24.41 46.65 -13.24
C GLU B 33 -25.80 46.78 -12.66
N GLY B 34 -26.68 47.46 -13.39
CA GLY B 34 -28.00 47.77 -12.90
C GLY B 34 -28.10 49.08 -12.14
N ASP B 35 -26.96 49.71 -11.83
CA ASP B 35 -27.00 51.02 -11.19
C ASP B 35 -27.37 52.08 -12.21
N PHE B 36 -27.75 53.26 -11.70
CA PHE B 36 -28.22 54.32 -12.59
C PHE B 36 -27.11 54.80 -13.52
N ILE B 37 -25.89 54.95 -13.00
CA ILE B 37 -24.78 55.34 -13.86
C ILE B 37 -24.55 54.29 -14.93
N TYR B 38 -24.63 53.01 -14.55
CA TYR B 38 -24.52 51.94 -15.54
C TYR B 38 -25.64 52.04 -16.56
N ASP B 39 -26.85 52.36 -16.13
CA ASP B 39 -27.96 52.48 -17.05
C ASP B 39 -27.71 53.60 -18.06
N ALA B 40 -27.16 54.73 -17.60
CA ALA B 40 -26.92 55.84 -18.50
C ALA B 40 -25.84 55.52 -19.52
N THR B 41 -24.84 54.75 -19.15
CA THR B 41 -23.64 54.58 -19.96
C THR B 41 -23.62 53.32 -20.80
N ARG B 42 -24.15 52.21 -20.30
CA ARG B 42 -24.00 50.94 -21.01
C ARG B 42 -24.65 50.94 -22.39
N PRO B 43 -25.87 51.42 -22.58
CA PRO B 43 -26.43 51.41 -23.95
C PRO B 43 -25.61 52.21 -24.93
N THR B 44 -25.00 53.32 -24.49
CA THR B 44 -24.11 54.07 -25.37
C THR B 44 -22.91 53.23 -25.76
N ALA B 45 -22.29 52.55 -24.79
CA ALA B 45 -21.13 51.73 -25.09
C ALA B 45 -21.49 50.59 -26.01
N GLU B 46 -22.63 49.93 -25.75
CA GLU B 46 -23.05 48.84 -26.61
C GLU B 46 -23.36 49.33 -28.01
N GLN B 47 -24.05 50.46 -28.13
CA GLN B 47 -24.40 50.97 -29.45
C GLN B 47 -23.16 51.37 -30.23
N ILE B 48 -22.16 51.93 -29.54
CA ILE B 48 -20.91 52.30 -30.21
C ILE B 48 -20.25 51.07 -30.80
N ALA B 49 -20.17 49.99 -30.03
CA ALA B 49 -19.48 48.80 -30.48
C ALA B 49 -20.16 48.20 -31.70
N GLU B 50 -21.49 48.13 -31.69
CA GLU B 50 -22.23 47.58 -32.82
C GLU B 50 -22.00 48.43 -34.06
N LEU B 51 -22.16 49.76 -33.92
CA LEU B 51 -21.93 50.64 -35.06
C LEU B 51 -20.47 50.58 -35.51
N LYS B 52 -19.54 50.59 -34.56
CA LYS B 52 -18.14 50.59 -34.92
C LYS B 52 -17.75 49.29 -35.62
N GLN B 53 -18.23 48.16 -35.12
CA GLN B 53 -17.83 46.87 -35.69
C GLN B 53 -18.54 46.57 -36.99
N LEU B 54 -19.81 46.94 -37.14
CA LEU B 54 -20.59 46.65 -38.34
C LEU B 54 -20.54 47.79 -39.34
N GLY B 55 -21.01 48.97 -38.95
CA GLY B 55 -21.18 50.05 -39.92
C GLY B 55 -19.87 50.51 -40.53
N LEU B 56 -18.86 50.73 -39.70
CA LEU B 56 -17.61 51.29 -40.20
C LEU B 56 -16.81 50.24 -40.96
N GLN B 57 -16.75 49.01 -40.46
CA GLN B 57 -15.97 47.98 -41.14
C GLN B 57 -16.55 47.66 -42.50
N ASN B 58 -17.87 47.64 -42.61
CA ASN B 58 -18.50 47.42 -43.92
C ASN B 58 -18.14 48.55 -44.88
N ASN B 59 -18.09 49.78 -44.38
CA ASN B 59 -17.67 50.90 -45.22
C ASN B 59 -16.26 50.70 -45.73
N LEU B 60 -15.36 50.24 -44.87
CA LEU B 60 -13.99 49.97 -45.29
C LEU B 60 -13.95 48.85 -46.33
N LYS B 61 -14.80 47.84 -46.16
CA LYS B 61 -14.79 46.72 -47.09
C LYS B 61 -15.17 47.16 -48.50
N ILE B 62 -16.22 47.98 -48.63
CA ILE B 62 -16.69 48.40 -49.94
C ILE B 62 -15.76 49.40 -50.61
N ALA B 63 -14.76 49.92 -49.89
CA ALA B 63 -13.90 50.96 -50.46
C ALA B 63 -13.10 50.43 -51.64
N PHE B 64 -12.40 49.32 -51.46
CA PHE B 64 -11.45 48.83 -52.45
C PHE B 64 -12.07 47.75 -53.32
N PRO B 65 -11.62 47.57 -54.57
CA PRO B 65 -12.14 46.46 -55.36
C PRO B 65 -11.66 45.10 -54.89
N GLN B 66 -10.61 45.05 -54.08
CA GLN B 66 -10.15 43.77 -53.54
C GLN B 66 -11.23 43.09 -52.71
N THR B 67 -12.11 43.88 -52.08
CA THR B 67 -13.14 43.36 -51.18
C THR B 67 -14.51 43.94 -51.44
N SER B 68 -14.67 44.88 -52.37
CA SER B 68 -15.98 45.44 -52.66
C SER B 68 -16.89 44.37 -53.28
N TYR B 69 -18.15 44.75 -53.47
CA TYR B 69 -19.13 43.83 -54.00
C TYR B 69 -20.31 44.61 -54.56
N GLY B 70 -21.11 43.92 -55.38
CA GLY B 70 -22.37 44.48 -55.85
C GLY B 70 -22.19 45.77 -56.60
N THR B 71 -23.12 46.71 -56.37
CA THR B 71 -23.03 48.03 -56.99
C THR B 71 -21.73 48.72 -56.65
N TYR B 72 -21.23 48.51 -55.43
CA TYR B 72 -19.98 49.15 -55.03
C TYR B 72 -18.81 48.66 -55.88
N LEU B 73 -18.75 47.37 -56.14
CA LEU B 73 -17.68 46.86 -56.99
C LEU B 73 -17.84 47.35 -58.43
N GLU B 74 -19.07 47.54 -58.88
CA GLU B 74 -19.30 48.02 -60.25
C GLU B 74 -18.69 49.40 -60.44
N TRP B 75 -18.92 50.30 -59.47
CA TRP B 75 -18.44 51.67 -59.63
C TRP B 75 -16.92 51.71 -59.66
N LEU B 76 -16.27 50.90 -58.82
CA LEU B 76 -14.82 50.79 -58.92
C LEU B 76 -14.39 50.22 -60.26
N GLY B 77 -15.24 49.39 -60.87
CA GLY B 77 -15.00 49.02 -62.26
C GLY B 77 -15.09 50.22 -63.17
N GLU B 78 -16.03 51.12 -62.89
CA GLU B 78 -16.18 52.32 -63.70
C GLU B 78 -15.05 53.31 -63.46
N CYS B 79 -14.36 53.21 -62.33
CA CYS B 79 -13.19 54.07 -62.12
C CYS B 79 -12.15 53.84 -63.20
N LYS B 80 -11.88 52.57 -63.51
CA LYS B 80 -10.97 52.19 -64.58
C LYS B 80 -11.70 51.68 -65.82
N GLY B 81 -12.97 52.05 -65.96
CA GLY B 81 -13.67 51.80 -67.21
C GLY B 81 -13.83 50.35 -67.58
N VAL B 82 -14.17 49.50 -66.61
CA VAL B 82 -14.44 48.09 -66.85
C VAL B 82 -15.85 47.81 -66.35
N PHE B 83 -16.69 47.27 -67.22
CA PHE B 83 -18.08 47.01 -66.93
C PHE B 83 -18.31 45.51 -66.90
N LYS B 84 -19.13 45.05 -65.96
CA LYS B 84 -19.47 43.64 -65.90
C LYS B 84 -20.54 43.33 -66.93
N ASN B 85 -20.53 42.10 -67.43
CA ASN B 85 -21.47 41.70 -68.46
C ASN B 85 -22.88 41.64 -67.90
N GLN B 86 -23.86 41.81 -68.77
CA GLN B 86 -25.27 41.83 -68.43
C GLN B 86 -25.96 40.58 -68.93
N PRO B 87 -27.09 40.18 -68.32
CA PRO B 87 -27.77 38.96 -68.75
C PRO B 87 -28.63 39.22 -69.97
N THR B 88 -29.18 38.13 -70.52
CA THR B 88 -30.03 38.19 -71.69
C THR B 88 -31.21 37.25 -71.50
N LYS B 89 -32.26 37.51 -72.26
CA LYS B 89 -33.48 36.70 -72.22
C LYS B 89 -33.32 35.50 -73.14
N ALA B 90 -33.87 34.36 -72.72
CA ALA B 90 -33.92 33.19 -73.57
C ALA B 90 -34.76 33.49 -74.80
N THR B 91 -34.24 33.10 -75.97
CA THR B 91 -34.88 33.32 -77.26
C THR B 91 -35.04 32.00 -77.98
N GLY B 92 -36.14 31.86 -78.70
CA GLY B 92 -36.41 30.63 -79.41
C GLY B 92 -37.71 30.73 -80.18
N VAL B 93 -38.16 29.58 -80.68
CA VAL B 93 -39.34 29.49 -81.52
C VAL B 93 -40.33 28.53 -80.88
N ILE B 94 -41.61 28.82 -81.07
CA ILE B 94 -42.70 28.00 -80.54
C ILE B 94 -43.63 27.64 -81.69
N THR B 95 -43.98 26.37 -81.77
CA THR B 95 -44.89 25.89 -82.79
C THR B 95 -46.32 25.91 -82.26
N PHE B 96 -47.25 26.33 -83.12
CA PHE B 96 -48.66 26.44 -82.78
C PHE B 96 -49.47 25.62 -83.77
N THR B 97 -50.53 24.99 -83.29
CA THR B 97 -51.45 24.23 -84.11
C THR B 97 -52.87 24.57 -83.71
N GLY B 98 -53.76 24.68 -84.70
CA GLY B 98 -55.14 25.01 -84.40
C GLY B 98 -55.92 25.30 -85.66
N VAL B 99 -57.10 25.91 -85.46
CA VAL B 99 -57.95 26.29 -86.58
C VAL B 99 -57.22 27.31 -87.43
N GLN B 100 -57.38 27.19 -88.75
CA GLN B 100 -56.66 28.07 -89.66
C GLN B 100 -57.10 29.52 -89.50
N GLY B 101 -58.40 29.74 -89.28
CA GLY B 101 -58.88 31.09 -89.06
C GLY B 101 -58.32 31.76 -87.83
N THR B 102 -57.77 30.99 -86.90
CA THR B 102 -57.23 31.57 -85.67
C THR B 102 -56.05 32.48 -85.98
N ILE B 103 -55.92 33.55 -85.19
CA ILE B 103 -54.86 34.53 -85.33
C ILE B 103 -54.16 34.66 -83.98
N ILE B 104 -52.83 34.67 -84.01
CA ILE B 104 -52.00 34.81 -82.81
C ILE B 104 -51.22 36.11 -82.93
N THR B 105 -51.32 36.94 -81.91
CA THR B 105 -50.75 38.28 -81.91
C THR B 105 -49.44 38.33 -81.14
N LYS B 106 -48.65 39.35 -81.44
CA LYS B 106 -47.41 39.58 -80.71
C LYS B 106 -47.71 39.98 -79.27
N GLY B 107 -46.77 39.66 -78.38
CA GLY B 107 -46.94 39.95 -76.97
C GLY B 107 -47.73 38.93 -76.20
N THR B 108 -48.26 37.90 -76.86
CA THR B 108 -48.97 36.85 -76.15
C THR B 108 -48.01 36.10 -75.23
N ILE B 109 -48.54 35.64 -74.10
CA ILE B 109 -47.75 35.02 -73.04
C ILE B 109 -48.07 33.55 -72.99
N VAL B 110 -47.04 32.71 -73.13
CA VAL B 110 -47.13 31.28 -72.93
C VAL B 110 -45.99 30.87 -72.00
N THR B 111 -46.28 29.92 -71.11
CA THR B 111 -45.36 29.57 -70.03
C THR B 111 -45.11 28.07 -70.04
N THR B 112 -44.31 27.63 -69.07
CA THR B 112 -44.11 26.21 -68.80
C THR B 112 -45.13 25.74 -67.78
N ILE B 113 -45.09 24.45 -67.46
CA ILE B 113 -46.05 23.85 -66.55
C ILE B 113 -45.59 24.11 -65.12
N ALA B 114 -46.26 25.04 -64.45
CA ALA B 114 -46.01 25.26 -63.03
C ALA B 114 -46.47 24.06 -62.23
N THR B 115 -45.71 23.71 -61.20
CA THR B 115 -45.99 22.55 -60.37
C THR B 115 -45.65 22.90 -58.93
N ASP B 116 -45.88 21.94 -58.03
CA ASP B 116 -45.49 22.13 -56.64
C ASP B 116 -43.97 22.23 -56.52
N GLU B 117 -43.25 21.40 -57.28
CA GLU B 117 -41.80 21.41 -57.20
C GLU B 117 -41.22 22.64 -57.89
N LYS B 118 -41.77 23.03 -59.03
CA LYS B 118 -41.19 24.05 -59.89
C LYS B 118 -42.26 25.04 -60.33
N GLN B 119 -41.85 26.29 -60.51
CA GLN B 119 -42.71 27.35 -61.00
C GLN B 119 -42.57 27.49 -62.51
N SER B 120 -43.59 28.06 -63.13
CA SER B 120 -43.63 28.21 -64.57
C SER B 120 -42.72 29.36 -65.01
N ILE B 121 -42.08 29.17 -66.16
CA ILE B 121 -41.20 30.17 -66.75
C ILE B 121 -41.98 30.88 -67.85
N GLU B 122 -42.10 32.20 -67.75
CA GLU B 122 -42.94 32.96 -68.66
C GLU B 122 -42.17 33.34 -69.92
N PHE B 123 -42.83 33.18 -71.07
CA PHE B 123 -42.28 33.53 -72.36
C PHE B 123 -43.29 34.38 -73.12
N GLU B 124 -42.76 35.27 -73.96
CA GLU B 124 -43.57 36.22 -74.73
C GLU B 124 -43.28 36.06 -76.21
N LEU B 125 -44.33 36.11 -77.02
CA LEU B 125 -44.18 36.01 -78.46
C LEU B 125 -43.70 37.33 -79.06
N LEU B 126 -42.75 37.23 -79.98
CA LEU B 126 -42.16 38.39 -80.63
C LEU B 126 -42.80 38.73 -81.96
N GLU B 127 -43.82 37.99 -82.39
CA GLU B 127 -44.39 38.14 -83.71
C GLU B 127 -45.90 37.94 -83.66
N THR B 128 -46.57 38.46 -84.68
CA THR B 128 -47.99 38.24 -84.91
C THR B 128 -48.14 37.42 -86.19
N LYS B 129 -48.88 36.32 -86.11
CA LYS B 129 -49.05 35.41 -87.23
C LYS B 129 -50.50 34.96 -87.29
N THR B 130 -50.84 34.31 -88.41
CA THR B 130 -52.15 33.73 -88.63
C THR B 130 -51.97 32.31 -89.16
N ILE B 131 -52.93 31.45 -88.83
CA ILE B 131 -52.85 30.02 -89.14
C ILE B 131 -53.57 29.77 -90.46
N GLY B 132 -53.88 30.84 -91.21
CA GLY B 132 -54.83 30.73 -92.31
C GLY B 132 -54.42 29.78 -93.41
N GLU B 133 -53.12 29.68 -93.69
CA GLU B 133 -52.64 28.84 -94.78
C GLU B 133 -52.57 27.37 -94.37
N ASN B 134 -51.74 27.07 -93.37
CA ASN B 134 -51.57 25.73 -92.84
C ASN B 134 -51.97 25.71 -91.38
N GLU B 135 -52.40 24.54 -90.91
CA GLU B 135 -52.77 24.40 -89.50
C GLU B 135 -51.62 24.67 -88.55
N THR B 136 -50.38 24.51 -89.02
CA THR B 136 -49.19 24.71 -88.21
C THR B 136 -48.55 26.06 -88.53
N VAL B 137 -48.13 26.77 -87.49
CA VAL B 137 -47.36 28.00 -87.63
C VAL B 137 -46.31 28.05 -86.53
N ASP B 138 -45.23 28.78 -86.80
CA ASP B 138 -44.13 28.97 -85.86
C ASP B 138 -43.98 30.45 -85.58
N ILE B 139 -43.84 30.79 -84.31
CA ILE B 139 -43.72 32.17 -83.86
C ILE B 139 -42.47 32.30 -83.01
N LYS B 140 -41.64 33.28 -83.32
CA LYS B 140 -40.50 33.58 -82.47
C LYS B 140 -40.98 34.11 -81.14
N ALA B 141 -40.31 33.70 -80.06
CA ALA B 141 -40.69 34.08 -78.72
C ALA B 141 -39.44 34.37 -77.90
N GLU B 142 -39.64 34.97 -76.74
CA GLU B 142 -38.54 35.31 -75.84
C GLU B 142 -38.99 35.17 -74.41
N SER B 143 -38.09 34.70 -73.55
CA SER B 143 -38.36 34.67 -72.12
C SER B 143 -38.53 36.08 -71.60
N ARG B 144 -39.54 36.28 -70.76
CA ARG B 144 -39.77 37.61 -70.21
C ARG B 144 -38.77 37.98 -69.12
N ILE B 145 -37.94 37.05 -68.67
CA ILE B 145 -36.95 37.27 -67.62
C ILE B 145 -35.57 36.98 -68.17
N VAL B 146 -34.63 37.89 -67.94
CA VAL B 146 -33.25 37.70 -68.35
C VAL B 146 -32.66 36.53 -67.55
N GLY B 147 -31.51 36.04 -67.99
CA GLY B 147 -30.80 34.98 -67.30
C GLY B 147 -30.95 33.64 -67.97
N THR B 148 -30.18 32.68 -67.48
CA THR B 148 -30.27 31.31 -67.97
C THR B 148 -31.58 30.65 -67.62
N ILE B 149 -32.35 31.22 -66.69
CA ILE B 149 -33.74 30.81 -66.54
C ILE B 149 -34.42 30.97 -67.90
N GLY B 150 -35.22 29.98 -68.25
CA GLY B 150 -35.54 29.75 -69.64
C GLY B 150 -34.50 28.79 -70.18
N ASN B 151 -34.17 28.90 -71.47
CA ASN B 151 -33.30 27.94 -72.13
C ASN B 151 -33.83 26.53 -71.95
N VAL B 152 -35.16 26.41 -72.01
CA VAL B 152 -35.88 25.21 -71.64
C VAL B 152 -35.64 24.11 -72.66
N SER B 153 -36.08 22.91 -72.34
CA SER B 153 -35.95 21.77 -73.24
C SER B 153 -36.87 21.95 -74.44
N LYS B 154 -36.89 20.93 -75.30
CA LYS B 154 -37.61 21.03 -76.57
C LYS B 154 -39.10 21.23 -76.34
N GLY B 155 -39.72 20.36 -75.56
CA GLY B 155 -41.17 20.33 -75.43
C GLY B 155 -41.69 21.01 -74.18
N SER B 156 -40.89 21.87 -73.56
CA SER B 156 -41.26 22.43 -72.27
C SER B 156 -42.43 23.40 -72.40
N ILE B 157 -42.38 24.32 -73.36
CA ILE B 157 -43.41 25.35 -73.48
C ILE B 157 -44.70 24.66 -73.91
N SER B 158 -45.67 24.57 -73.00
CA SER B 158 -46.95 23.94 -73.31
C SER B 158 -48.15 24.65 -72.69
N VAL B 159 -47.96 25.79 -72.03
CA VAL B 159 -49.02 26.44 -71.25
C VAL B 159 -49.28 27.81 -71.84
N LEU B 160 -50.56 28.13 -72.01
CA LEU B 160 -51.02 29.46 -72.36
C LEU B 160 -51.77 30.04 -71.17
N LEU B 161 -51.41 31.25 -70.75
CA LEU B 161 -52.05 31.85 -69.60
C LEU B 161 -53.54 32.06 -69.86
N GLY B 162 -53.89 32.57 -71.04
CA GLY B 162 -55.28 32.77 -71.41
C GLY B 162 -55.86 31.55 -72.10
N SER B 163 -56.71 31.78 -73.09
CA SER B 163 -57.26 30.69 -73.90
C SER B 163 -57.68 31.28 -75.24
N ILE B 164 -56.91 31.01 -76.28
CA ILE B 164 -57.16 31.55 -77.61
C ILE B 164 -58.06 30.58 -78.35
N SER B 165 -59.11 31.12 -78.98
CA SER B 165 -60.07 30.28 -79.68
C SER B 165 -59.41 29.58 -80.86
N GLY B 166 -59.68 28.28 -81.00
CA GLY B 166 -59.25 27.52 -82.15
C GLY B 166 -57.87 26.92 -82.05
N VAL B 167 -57.07 27.30 -81.04
CA VAL B 167 -55.72 26.78 -80.93
C VAL B 167 -55.79 25.37 -80.39
N LYS B 168 -55.18 24.43 -81.11
CA LYS B 168 -55.25 23.02 -80.74
C LYS B 168 -54.08 22.56 -79.88
N SER B 169 -52.89 23.10 -80.10
CA SER B 169 -51.73 22.72 -79.29
C SER B 169 -50.62 23.74 -79.48
N ILE B 170 -49.98 24.13 -78.37
CA ILE B 170 -48.80 24.97 -78.39
C ILE B 170 -47.67 24.12 -77.85
N THR B 171 -46.60 23.97 -78.64
CA THR B 171 -45.45 23.20 -78.23
C THR B 171 -44.19 23.86 -78.79
N ASN B 172 -43.23 24.11 -77.91
CA ASN B 172 -41.91 24.48 -78.39
C ASN B 172 -41.30 23.29 -79.13
N LYS B 173 -40.56 23.58 -80.20
CA LYS B 173 -39.97 22.54 -81.03
C LYS B 173 -38.53 22.22 -80.65
N GLU B 174 -37.75 23.22 -80.26
CA GLU B 174 -36.35 23.04 -79.92
C GLU B 174 -36.01 23.88 -78.70
N ASP B 175 -34.99 23.45 -77.98
CA ASP B 175 -34.60 24.12 -76.75
C ASP B 175 -34.15 25.55 -77.02
N PHE B 176 -34.51 26.45 -76.11
CA PHE B 176 -34.11 27.85 -76.21
C PHE B 176 -32.65 28.00 -75.82
N ARG B 177 -32.01 29.05 -76.35
CA ARG B 177 -30.58 29.25 -76.17
C ARG B 177 -30.17 30.69 -75.86
N GLY B 178 -31.09 31.64 -75.84
CA GLY B 178 -30.72 33.04 -75.71
C GLY B 178 -30.39 33.51 -74.33
N GLY B 179 -30.51 32.66 -73.32
CA GLY B 179 -30.33 33.09 -71.94
C GLY B 179 -28.87 33.09 -71.51
N THR B 180 -28.55 34.04 -70.64
CA THR B 180 -27.24 34.09 -70.01
C THR B 180 -27.36 34.93 -68.75
N ASP B 181 -26.68 34.50 -67.70
CA ASP B 181 -26.83 35.12 -66.39
C ASP B 181 -25.92 36.32 -66.22
N ILE B 182 -26.14 37.03 -65.11
CA ILE B 182 -25.24 38.11 -64.71
C ILE B 182 -23.85 37.56 -64.47
N GLU B 183 -22.84 38.33 -64.86
CA GLU B 183 -21.46 37.89 -64.69
C GLU B 183 -21.14 37.74 -63.21
N ASP B 184 -20.30 36.75 -62.91
CA ASP B 184 -19.93 36.48 -61.53
C ASP B 184 -19.15 37.65 -60.94
N GLU B 185 -19.43 37.95 -59.66
CA GLU B 185 -18.75 39.05 -59.01
C GLU B 185 -17.24 38.80 -58.93
N GLU B 186 -16.84 37.59 -58.53
CA GLU B 186 -15.41 37.30 -58.42
C GLU B 186 -14.75 37.31 -59.78
N HIS B 187 -15.43 36.78 -60.80
CA HIS B 187 -14.90 36.90 -62.15
C HIS B 187 -14.78 38.35 -62.57
N PHE B 188 -15.80 39.15 -62.26
CA PHE B 188 -15.72 40.58 -62.56
C PHE B 188 -14.66 41.26 -61.70
N ARG B 189 -14.53 40.85 -60.44
CA ARG B 189 -13.47 41.39 -59.60
C ARG B 189 -12.10 41.07 -60.20
N GLU B 190 -11.94 39.85 -60.74
CA GLU B 190 -10.72 39.52 -61.44
C GLU B 190 -10.50 40.44 -62.63
N ARG B 191 -11.56 40.68 -63.42
CA ARG B 191 -11.44 41.56 -64.57
C ARG B 191 -11.01 42.96 -64.15
N VAL B 192 -11.56 43.44 -63.04
CA VAL B 192 -11.18 44.77 -62.54
C VAL B 192 -9.69 44.79 -62.19
N LEU B 193 -9.22 43.73 -61.54
CA LEU B 193 -7.81 43.67 -61.15
C LEU B 193 -6.89 43.25 -62.27
N VAL B 194 -7.39 42.51 -63.27
CA VAL B 194 -6.55 42.19 -64.42
C VAL B 194 -6.21 43.45 -65.19
N ALA B 195 -7.18 44.34 -65.37
CA ALA B 195 -6.95 45.56 -66.14
C ALA B 195 -6.07 46.52 -65.38
N GLU B 196 -4.78 46.18 -65.25
CA GLU B 196 -3.82 46.99 -64.52
C GLU B 196 -2.47 47.03 -65.24
N GLN B 197 -2.47 46.96 -66.56
CA GLN B 197 -1.24 47.06 -67.32
C GLN B 197 -0.74 48.50 -67.33
N GLU B 198 0.57 48.66 -67.18
CA GLU B 198 1.17 49.99 -67.03
C GLU B 198 1.50 50.64 -68.37
N ASP B 199 2.13 49.91 -69.27
CA ASP B 199 2.57 50.46 -70.55
C ASP B 199 2.52 49.34 -71.59
N LYS B 200 3.19 49.54 -72.72
CA LYS B 200 3.12 48.65 -73.87
C LYS B 200 1.66 48.50 -74.33
N LEU B 201 1.13 49.64 -74.79
CA LEU B 201 -0.27 49.72 -75.20
C LEU B 201 -0.45 50.56 -76.46
N SER B 202 0.63 50.90 -77.17
CA SER B 202 0.53 51.79 -78.31
C SER B 202 -0.02 51.11 -79.55
N GLY B 203 0.27 49.82 -79.72
CA GLY B 203 -0.10 49.12 -80.94
C GLY B 203 1.03 49.14 -81.96
N ALA B 204 2.25 48.96 -81.48
CA ALA B 204 3.39 48.75 -82.36
C ALA B 204 3.38 47.32 -82.87
N SER B 205 4.41 46.96 -83.63
CA SER B 205 4.54 45.57 -84.09
C SER B 205 4.67 44.63 -82.90
N SER B 206 5.48 45.01 -81.90
CA SER B 206 5.61 44.19 -80.71
C SER B 206 4.29 44.07 -79.97
N ASP B 207 3.56 45.18 -79.84
CA ASP B 207 2.26 45.13 -79.17
C ASP B 207 1.29 44.24 -79.92
N TYR B 208 1.24 44.37 -81.24
CA TYR B 208 0.31 43.54 -82.02
C TYR B 208 0.71 42.08 -81.95
N ILE B 209 2.00 41.78 -81.98
CA ILE B 209 2.45 40.39 -81.86
C ILE B 209 2.04 39.84 -80.49
N ARG B 210 2.21 40.64 -79.44
CA ARG B 210 1.78 40.21 -78.11
C ARG B 210 0.28 39.97 -78.06
N TRP B 211 -0.49 40.87 -78.68
CA TRP B 211 -1.95 40.70 -78.70
C TRP B 211 -2.34 39.46 -79.49
N ALA B 212 -1.68 39.22 -80.62
CA ALA B 212 -1.99 38.02 -81.40
C ALA B 212 -1.64 36.77 -80.61
N LYS B 213 -0.51 36.78 -79.91
CA LYS B 213 -0.11 35.61 -79.14
C LYS B 213 -1.05 35.33 -77.98
N GLU B 214 -1.71 36.37 -77.45
CA GLU B 214 -2.61 36.17 -76.32
C GLU B 214 -3.77 35.27 -76.69
N VAL B 215 -4.31 35.42 -77.90
CA VAL B 215 -5.36 34.53 -78.37
C VAL B 215 -4.80 33.12 -78.48
N ASP B 216 -5.53 32.15 -77.97
CA ASP B 216 -5.09 30.76 -78.01
C ASP B 216 -5.03 30.27 -79.46
N GLY B 217 -4.18 29.29 -79.69
CA GLY B 217 -3.99 28.75 -81.02
C GLY B 217 -3.06 29.54 -81.91
N VAL B 218 -2.50 30.65 -81.43
CA VAL B 218 -1.59 31.48 -82.20
C VAL B 218 -0.17 31.08 -81.82
N GLY B 219 0.45 30.26 -82.64
CA GLY B 219 1.82 29.85 -82.40
C GLY B 219 2.82 30.94 -82.70
N TYR B 220 2.65 31.58 -83.86
CA TYR B 220 3.53 32.66 -84.30
C TYR B 220 2.70 33.72 -84.99
N ALA B 221 3.20 34.96 -84.96
CA ALA B 221 2.50 36.08 -85.56
C ALA B 221 3.53 37.05 -86.15
N TYR B 222 3.16 37.67 -87.26
CA TYR B 222 4.02 38.61 -87.96
C TYR B 222 3.18 39.81 -88.39
N VAL B 223 3.83 40.97 -88.45
CA VAL B 223 3.17 42.25 -88.66
C VAL B 223 3.76 42.91 -89.88
N VAL B 224 2.89 43.50 -90.70
CA VAL B 224 3.27 44.34 -91.83
C VAL B 224 2.69 45.73 -91.60
N SER B 225 3.56 46.73 -91.57
CA SER B 225 3.15 48.10 -91.29
C SER B 225 2.74 48.78 -92.58
N GLU B 226 1.52 49.32 -92.59
CA GLU B 226 0.98 50.04 -93.75
C GLU B 226 1.03 49.17 -95.01
N TRP B 227 0.59 47.92 -94.87
CA TRP B 227 0.50 47.05 -96.04
C TRP B 227 -0.46 47.61 -97.08
N ALA B 228 -1.47 48.36 -96.65
CA ALA B 228 -2.39 49.07 -97.53
C ALA B 228 -2.42 50.56 -97.24
N GLY B 229 -1.35 51.10 -96.66
CA GLY B 229 -1.29 52.52 -96.35
C GLY B 229 -2.29 52.90 -95.28
N ALA B 230 -2.32 54.20 -94.98
CA ALA B 230 -3.25 54.78 -94.01
C ALA B 230 -3.14 54.12 -92.65
N GLY B 231 -1.92 53.72 -92.27
CA GLY B 231 -1.73 53.06 -91.00
C GLY B 231 -2.32 51.67 -90.92
N THR B 232 -2.60 51.04 -92.05
CA THR B 232 -3.12 49.69 -92.04
C THR B 232 -2.06 48.71 -91.51
N VAL B 233 -2.53 47.66 -90.85
CA VAL B 233 -1.66 46.67 -90.24
C VAL B 233 -2.13 45.28 -90.65
N LYS B 234 -1.24 44.50 -91.22
CA LYS B 234 -1.48 43.09 -91.50
C LYS B 234 -0.95 42.29 -90.32
N VAL B 235 -1.61 41.18 -90.02
CA VAL B 235 -1.24 40.29 -88.92
C VAL B 235 -1.16 38.89 -89.50
N LEU B 236 0.02 38.49 -89.96
CA LEU B 236 0.23 37.15 -90.48
C LEU B 236 0.52 36.19 -89.35
N ILE B 237 -0.32 35.17 -89.20
CA ILE B 237 -0.31 34.28 -88.05
C ILE B 237 -0.11 32.84 -88.51
N LEU B 238 0.70 32.10 -87.77
CA LEU B 238 0.80 30.65 -87.86
C LEU B 238 0.29 30.04 -86.57
N ASP B 239 -0.34 28.87 -86.70
CA ASP B 239 -0.92 28.20 -85.54
C ASP B 239 0.21 27.58 -84.71
N LYS B 240 -0.17 26.80 -83.70
CA LYS B 240 0.81 26.21 -82.79
C LYS B 240 1.78 25.29 -83.54
N ASN B 241 1.30 24.61 -84.58
CA ASN B 241 2.09 23.63 -85.31
C ASN B 241 2.68 24.20 -86.59
N ARG B 242 2.95 25.52 -86.61
CA ARG B 242 3.51 26.25 -87.75
C ARG B 242 2.50 26.47 -88.87
N LYS B 243 1.34 25.81 -88.81
CA LYS B 243 0.46 25.76 -89.96
C LYS B 243 -0.32 27.08 -90.08
N ALA B 244 -0.95 27.25 -91.23
CA ALA B 244 -1.81 28.42 -91.44
C ALA B 244 -2.98 28.37 -90.48
N ALA B 245 -3.25 29.50 -89.83
CA ALA B 245 -4.37 29.57 -88.90
C ALA B 245 -5.68 29.37 -89.65
N THR B 246 -6.58 28.60 -89.05
CA THR B 246 -7.88 28.37 -89.66
C THR B 246 -8.69 29.67 -89.69
N GLN B 247 -9.78 29.63 -90.43
CA GLN B 247 -10.63 30.82 -90.55
C GLN B 247 -11.22 31.19 -89.20
N GLU B 248 -11.65 30.20 -88.42
CA GLU B 248 -12.19 30.48 -87.10
C GLU B 248 -11.14 31.13 -86.20
N LEU B 249 -9.91 30.60 -86.23
CA LEU B 249 -8.84 31.21 -85.46
C LEU B 249 -8.56 32.63 -85.95
N ILE B 250 -8.61 32.83 -87.27
CA ILE B 250 -8.40 34.16 -87.83
C ILE B 250 -9.47 35.12 -87.32
N ASP B 251 -10.74 34.67 -87.33
CA ASP B 251 -11.82 35.52 -86.86
C ASP B 251 -11.67 35.84 -85.38
N LYS B 252 -11.26 34.86 -84.58
CA LYS B 252 -11.05 35.10 -83.16
C LYS B 252 -9.96 36.13 -82.94
N VAL B 253 -8.82 35.97 -83.61
CA VAL B 253 -7.75 36.95 -83.49
C VAL B 253 -8.19 38.28 -84.06
N GLN B 254 -8.91 38.24 -85.19
CA GLN B 254 -9.43 39.48 -85.77
C GLN B 254 -10.38 40.17 -84.80
N GLU B 255 -11.35 39.42 -84.28
CA GLU B 255 -12.32 40.02 -83.35
C GLU B 255 -11.64 40.46 -82.06
N TYR B 256 -10.64 39.71 -81.60
CA TYR B 256 -9.97 40.07 -80.35
C TYR B 256 -9.25 41.41 -80.48
N ILE B 257 -8.60 41.65 -81.62
CA ILE B 257 -7.75 42.82 -81.80
C ILE B 257 -8.53 43.93 -82.50
N TYR B 258 -9.42 43.56 -83.42
CA TYR B 258 -10.07 44.53 -84.30
C TYR B 258 -11.44 43.99 -84.68
N PRO B 259 -12.44 44.18 -83.83
CA PRO B 259 -13.80 43.73 -84.17
C PRO B 259 -14.32 44.37 -85.45
N LEU B 260 -15.08 43.58 -86.21
CA LEU B 260 -15.66 44.03 -87.46
C LEU B 260 -17.19 44.05 -87.44
N ASN B 261 -17.83 43.60 -86.36
CA ASN B 261 -19.28 43.52 -86.27
C ASN B 261 -19.88 44.70 -85.50
N ILE B 262 -19.12 45.78 -85.32
CA ILE B 262 -19.65 46.94 -84.60
C ILE B 262 -20.82 47.54 -85.36
N SER B 263 -21.90 47.81 -84.64
CA SER B 263 -23.10 48.40 -85.23
C SER B 263 -22.99 49.93 -85.19
N GLU B 264 -24.10 50.61 -85.48
CA GLU B 264 -24.09 52.08 -85.51
C GLU B 264 -23.80 52.64 -84.12
N GLY B 265 -24.51 52.15 -83.11
CA GLY B 265 -24.30 52.61 -81.75
C GLY B 265 -23.25 51.79 -81.03
N GLU B 266 -22.11 51.59 -81.68
CA GLU B 266 -21.04 50.77 -81.12
C GLU B 266 -19.71 51.28 -81.65
N ASN B 267 -18.64 50.89 -80.96
CA ASN B 267 -17.27 51.22 -81.34
C ASN B 267 -16.40 50.01 -81.03
N ARG B 268 -15.26 49.93 -81.72
CA ARG B 268 -14.37 48.79 -81.52
C ARG B 268 -13.86 48.75 -80.09
N ASP B 269 -13.93 47.56 -79.49
CA ASP B 269 -13.34 47.29 -78.18
C ASP B 269 -12.06 46.47 -78.27
N GLY B 270 -11.61 46.10 -79.47
CA GLY B 270 -10.40 45.32 -79.60
C GLY B 270 -9.18 46.11 -79.18
N LYS B 271 -8.06 45.39 -79.10
CA LYS B 271 -6.81 46.01 -78.67
C LYS B 271 -6.31 47.05 -79.66
N ALA B 272 -6.79 47.05 -80.90
CA ALA B 272 -6.33 48.02 -81.88
C ALA B 272 -6.79 49.41 -81.48
N PRO B 273 -5.87 50.40 -81.32
CA PRO B 273 -6.33 51.74 -80.93
C PRO B 273 -7.14 52.42 -82.04
N ILE B 274 -7.62 53.64 -81.77
CA ILE B 274 -8.40 54.35 -82.76
C ILE B 274 -7.54 54.66 -83.98
N GLY B 275 -8.14 54.52 -85.16
CA GLY B 275 -7.49 54.91 -86.40
C GLY B 275 -6.45 53.94 -86.92
N ALA B 276 -6.15 52.87 -86.18
CA ALA B 276 -5.19 51.86 -86.62
C ALA B 276 -5.98 50.72 -87.25
N LEU B 277 -6.02 50.69 -88.57
CA LEU B 277 -6.73 49.64 -89.29
C LEU B 277 -5.92 48.36 -89.24
N VAL B 278 -6.58 47.25 -88.94
CA VAL B 278 -5.94 45.96 -88.72
C VAL B 278 -6.66 44.89 -89.52
N THR B 279 -5.89 43.91 -89.99
CA THR B 279 -6.45 42.76 -90.68
C THR B 279 -5.58 41.55 -90.36
N VAL B 280 -6.23 40.41 -90.14
CA VAL B 280 -5.55 39.16 -89.80
C VAL B 280 -5.50 38.30 -91.04
N VAL B 281 -4.30 37.78 -91.34
CA VAL B 281 -4.04 37.01 -92.55
C VAL B 281 -3.27 35.76 -92.12
N THR B 282 -3.31 34.75 -93.00
CA THR B 282 -2.50 33.56 -92.85
C THR B 282 -1.83 33.24 -94.19
N PRO B 283 -0.59 32.73 -94.19
CA PRO B 283 0.08 32.50 -95.49
C PRO B 283 -0.55 31.37 -96.28
N ASP B 284 0.03 31.07 -97.44
CA ASP B 284 -0.50 30.06 -98.35
C ASP B 284 0.31 28.78 -98.22
N THR B 285 -0.39 27.66 -98.12
CA THR B 285 0.25 26.36 -97.93
C THR B 285 0.59 25.77 -99.30
N LEU B 286 1.87 25.80 -99.65
CA LEU B 286 2.31 25.21 -100.91
C LEU B 286 2.26 23.69 -100.81
N LEU B 287 1.66 23.07 -101.81
CA LEU B 287 1.54 21.61 -101.88
C LEU B 287 2.69 21.06 -102.72
N ILE B 288 3.39 20.08 -102.16
CA ILE B 288 4.56 19.48 -102.80
C ILE B 288 4.08 18.18 -103.42
N ASN B 289 3.67 18.25 -104.69
CA ASN B 289 3.28 17.05 -105.44
C ASN B 289 4.54 16.40 -105.99
N VAL B 290 4.87 15.23 -105.46
CA VAL B 290 6.08 14.52 -105.86
C VAL B 290 5.76 13.60 -107.02
N LYS B 291 6.58 13.66 -108.07
CA LYS B 291 6.43 12.84 -109.26
C LYS B 291 7.72 12.04 -109.47
N ALA B 292 7.58 10.73 -109.66
CA ALA B 292 8.72 9.87 -109.94
C ALA B 292 8.18 8.55 -110.46
N SER B 293 9.04 7.85 -111.21
CA SER B 293 8.69 6.54 -111.76
C SER B 293 9.00 5.48 -110.70
N PHE B 294 8.11 5.39 -109.71
CA PHE B 294 8.32 4.48 -108.61
C PHE B 294 8.26 3.03 -109.08
N ILE B 295 9.13 2.20 -108.51
CA ILE B 295 9.13 0.76 -108.72
C ILE B 295 9.10 0.12 -107.35
N PHE B 296 8.13 -0.77 -107.13
CA PHE B 296 7.87 -1.37 -105.83
C PHE B 296 8.31 -2.82 -105.80
N SER B 297 8.48 -3.33 -104.59
CA SER B 297 9.02 -4.67 -104.40
C SER B 297 7.95 -5.71 -104.72
N ASN B 298 8.28 -6.98 -104.51
CA ASN B 298 7.44 -8.08 -104.96
C ASN B 298 6.17 -8.16 -104.11
N GLY B 299 5.01 -8.05 -104.77
CA GLY B 299 3.74 -8.33 -104.14
C GLY B 299 3.27 -7.31 -103.13
N PHE B 300 3.95 -6.17 -102.99
CA PHE B 300 3.55 -5.19 -101.99
C PHE B 300 2.52 -4.23 -102.57
N SER B 301 1.82 -3.54 -101.68
CA SER B 301 0.76 -2.61 -102.08
C SER B 301 1.39 -1.28 -102.48
N GLU B 302 1.16 -0.88 -103.74
CA GLU B 302 1.67 0.41 -104.20
C GLU B 302 1.07 1.55 -103.41
N GLU B 303 -0.23 1.49 -103.13
CA GLU B 303 -0.87 2.55 -102.37
C GLU B 303 -0.30 2.62 -100.96
N THR B 304 -0.07 1.47 -100.33
CA THR B 304 0.47 1.46 -98.98
C THR B 304 1.85 2.10 -98.93
N VAL B 305 2.73 1.72 -99.86
CA VAL B 305 4.09 2.24 -99.84
C VAL B 305 4.09 3.74 -100.10
N LEU B 306 3.31 4.19 -101.08
CA LEU B 306 3.25 5.61 -101.39
C LEU B 306 2.70 6.41 -100.21
N ASN B 307 1.66 5.88 -99.55
CA ASN B 307 1.12 6.56 -98.39
C ASN B 307 2.14 6.66 -97.28
N ASN B 308 2.90 5.58 -97.06
CA ASN B 308 3.98 5.65 -96.07
C ASN B 308 5.04 6.66 -96.47
N LEU B 309 5.40 6.69 -97.76
CA LEU B 309 6.31 7.72 -98.23
C LEU B 309 5.70 9.11 -98.07
N LYS B 310 4.39 9.22 -98.33
CA LYS B 310 3.71 10.49 -98.13
C LYS B 310 3.80 10.94 -96.69
N THR B 311 3.63 10.01 -95.75
CA THR B 311 3.76 10.34 -94.34
C THR B 311 5.19 10.77 -94.02
N LYS B 312 6.18 10.06 -94.55
CA LYS B 312 7.58 10.38 -94.25
C LYS B 312 7.94 11.76 -94.77
N ILE B 313 7.54 12.10 -96.00
CA ILE B 313 7.85 13.41 -96.54
C ILE B 313 7.13 14.49 -95.76
N ASP B 314 5.85 14.25 -95.42
CA ASP B 314 5.08 15.25 -94.70
C ASP B 314 5.69 15.56 -93.34
N LYS B 315 6.20 14.53 -92.66
CA LYS B 315 6.89 14.77 -91.40
C LYS B 315 8.10 15.67 -91.60
N TYR B 316 8.86 15.44 -92.67
CA TYR B 316 9.95 16.34 -93.00
C TYR B 316 9.44 17.74 -93.31
N LEU B 317 8.34 17.82 -94.07
CA LEU B 317 7.78 19.12 -94.42
C LEU B 317 7.32 19.89 -93.18
N ASP B 318 6.91 19.18 -92.13
CA ASP B 318 6.50 19.84 -90.90
C ASP B 318 7.65 20.62 -90.28
N LYS B 319 8.89 20.18 -90.51
CA LYS B 319 10.04 20.89 -89.95
C LYS B 319 10.24 22.25 -90.60
N ILE B 320 9.87 22.38 -91.88
CA ILE B 320 10.03 23.64 -92.59
C ILE B 320 9.12 24.69 -91.94
N ASP B 321 9.54 25.96 -92.04
CA ASP B 321 8.82 27.09 -91.47
C ASP B 321 8.23 27.93 -92.60
N LEU B 322 7.56 29.02 -92.20
CA LEU B 322 7.07 29.98 -93.18
C LEU B 322 8.24 30.65 -93.88
N GLY B 323 8.13 30.78 -95.19
CA GLY B 323 9.22 31.36 -95.96
C GLY B 323 10.49 30.55 -95.95
N GLY B 324 10.40 29.26 -95.63
CA GLY B 324 11.56 28.39 -95.61
C GLY B 324 11.92 27.89 -96.99
N THR B 325 12.97 27.07 -97.02
CA THR B 325 13.49 26.49 -98.26
C THR B 325 13.23 24.99 -98.26
N VAL B 326 12.54 24.51 -99.28
CA VAL B 326 12.33 23.08 -99.46
C VAL B 326 13.62 22.48 -100.00
N SER B 327 14.11 21.44 -99.34
CA SER B 327 15.35 20.78 -99.74
C SER B 327 14.99 19.63 -100.67
N TYR B 328 15.07 19.89 -101.99
CA TYR B 328 14.79 18.83 -102.96
C TYR B 328 15.80 17.70 -102.84
N ASN B 329 17.08 18.02 -102.64
CA ASN B 329 18.10 16.99 -102.58
C ASN B 329 17.94 16.12 -101.34
N ALA B 330 17.51 16.70 -100.22
CA ALA B 330 17.20 15.89 -99.05
C ALA B 330 15.95 15.05 -99.29
N ILE B 331 14.99 15.56 -100.06
CA ILE B 331 13.78 14.80 -100.35
C ILE B 331 14.11 13.56 -101.17
N GLN B 332 15.20 13.60 -101.94
CA GLN B 332 15.63 12.41 -102.66
C GLN B 332 15.90 11.26 -101.69
N ALA B 333 16.55 11.56 -100.57
CA ALA B 333 16.84 10.54 -99.58
C ALA B 333 15.60 10.11 -98.80
N ILE B 334 14.62 10.98 -98.65
CA ILE B 334 13.36 10.58 -98.02
C ILE B 334 12.72 9.47 -98.84
N VAL B 335 12.69 9.64 -100.17
CA VAL B 335 12.28 8.55 -101.04
C VAL B 335 13.28 7.41 -100.93
N GLY B 336 14.57 7.73 -100.92
CA GLY B 336 15.60 6.72 -100.82
C GLY B 336 15.73 6.10 -99.45
N SER B 337 15.10 6.67 -98.43
CA SER B 337 15.12 6.06 -97.11
C SER B 337 14.47 4.69 -97.14
N MET B 338 13.35 4.56 -97.84
CA MET B 338 12.69 3.26 -97.93
C MET B 338 13.50 2.26 -98.73
N MET B 339 14.31 2.74 -99.68
CA MET B 339 15.20 1.84 -100.42
C MET B 339 16.20 1.18 -99.49
N LEU B 340 16.81 1.97 -98.58
CA LEU B 340 17.77 1.40 -97.65
C LEU B 340 17.11 0.39 -96.73
N THR B 341 15.93 0.72 -96.21
CA THR B 341 15.18 -0.19 -95.35
C THR B 341 14.34 -1.19 -96.13
N ASP B 342 14.35 -1.13 -97.46
CA ASP B 342 13.55 -2.02 -98.30
C ASP B 342 12.07 -1.91 -97.96
N GLU B 343 11.64 -0.70 -97.63
CA GLU B 343 10.24 -0.44 -97.30
C GLU B 343 9.44 -0.17 -98.57
N GLY B 344 9.34 -1.21 -99.41
CA GLY B 344 8.52 -1.16 -100.59
C GLY B 344 9.22 -0.71 -101.86
N ILE B 345 9.87 0.44 -101.81
CA ILE B 345 10.42 1.04 -103.03
C ILE B 345 11.55 0.16 -103.54
N GLU B 346 11.38 -0.39 -104.74
CA GLU B 346 12.43 -1.13 -105.43
C GLU B 346 13.35 -0.19 -106.20
N ASP B 347 12.79 0.85 -106.82
CA ASP B 347 13.60 1.89 -107.45
C ASP B 347 12.68 3.04 -107.83
N PHE B 348 13.30 4.17 -108.16
CA PHE B 348 12.58 5.37 -108.58
C PHE B 348 13.46 6.16 -109.54
N SER B 349 12.82 7.04 -110.30
CA SER B 349 13.56 7.91 -111.21
C SER B 349 12.70 9.13 -111.52
N ASN B 350 13.34 10.15 -112.08
CA ASN B 350 12.70 11.44 -112.36
C ASN B 350 12.06 12.01 -111.10
N LEU B 351 12.80 11.96 -110.00
CA LEU B 351 12.31 12.50 -108.74
C LEU B 351 12.20 14.02 -108.86
N THR B 352 10.98 14.53 -108.73
CA THR B 352 10.71 15.96 -108.84
C THR B 352 9.71 16.35 -107.77
N ILE B 353 9.72 17.64 -107.44
CA ILE B 353 8.75 18.25 -106.53
C ILE B 353 7.97 19.29 -107.31
N ASN B 354 6.71 18.98 -107.60
CA ASN B 354 5.88 19.80 -108.50
C ASN B 354 6.58 20.02 -109.83
N ASP B 355 7.20 18.95 -110.34
CA ASP B 355 7.99 19.01 -111.58
C ASP B 355 9.13 20.00 -111.45
N VAL B 356 9.87 19.92 -110.34
CA VAL B 356 11.05 20.73 -110.11
C VAL B 356 12.11 19.82 -109.49
N LYS B 357 13.36 20.03 -109.90
CA LYS B 357 14.51 19.25 -109.43
C LYS B 357 15.54 20.16 -108.77
N GLU B 358 15.05 21.06 -107.92
CA GLU B 358 15.95 21.95 -107.18
C GLU B 358 15.22 22.43 -105.93
N ASN B 359 16.00 22.96 -104.99
CA ASN B 359 15.42 23.44 -103.75
C ASN B 359 14.55 24.66 -104.01
N ILE B 360 13.32 24.61 -103.49
CA ILE B 360 12.34 25.68 -103.69
C ILE B 360 12.27 26.53 -102.44
N LYS B 361 12.30 27.85 -102.61
CA LYS B 361 12.26 28.80 -101.52
C LYS B 361 10.84 29.35 -101.38
N LEU B 362 10.28 29.19 -100.19
CA LEU B 362 8.95 29.73 -99.91
C LEU B 362 9.03 31.24 -99.73
N GLN B 363 7.97 31.92 -100.15
CA GLN B 363 7.85 33.37 -100.00
C GLN B 363 6.42 33.68 -99.59
N ASP B 364 6.25 34.10 -98.33
CA ASP B 364 4.91 34.30 -97.75
C ASP B 364 4.10 33.02 -97.83
N GLN B 365 4.77 31.87 -97.70
CA GLN B 365 4.18 30.57 -97.92
C GLN B 365 4.70 29.58 -96.88
N VAL B 366 3.81 28.72 -96.41
CA VAL B 366 4.20 27.50 -95.73
C VAL B 366 4.09 26.36 -96.74
N VAL B 367 4.64 25.20 -96.39
CA VAL B 367 4.71 24.05 -97.28
C VAL B 367 3.97 22.89 -96.63
N GLY B 368 3.10 22.23 -97.40
CA GLY B 368 2.43 21.04 -96.95
C GLY B 368 2.58 19.95 -97.99
N ILE B 369 2.28 18.72 -97.55
CA ILE B 369 2.40 17.58 -98.44
C ILE B 369 1.36 17.68 -99.55
N GLY B 370 1.80 17.47 -100.79
CA GLY B 370 0.91 17.50 -101.94
C GLY B 370 0.40 16.12 -102.28
N GLU B 371 0.46 15.78 -103.57
CA GLU B 371 -0.01 14.49 -104.08
C GLU B 371 1.19 13.69 -104.57
N ILE B 372 1.36 12.48 -104.04
CA ILE B 372 2.40 11.59 -104.51
C ILE B 372 1.88 10.88 -105.75
N VAL B 373 2.58 11.06 -106.87
CA VAL B 373 2.15 10.56 -108.18
C VAL B 373 3.25 9.67 -108.73
N ASN B 374 2.90 8.42 -109.00
CA ASN B 374 3.79 7.54 -109.75
C ASN B 374 3.65 7.86 -111.23
N GLU B 375 4.78 8.18 -111.87
CA GLU B 375 4.73 8.61 -113.26
C GLU B 375 4.20 7.51 -114.16
N VAL B 376 4.77 6.31 -114.04
CA VAL B 376 4.43 5.18 -114.92
C VAL B 376 4.69 5.60 -116.36
N VAL B 377 5.91 6.07 -116.62
CA VAL B 377 6.25 6.57 -117.95
C VAL B 377 6.25 5.40 -118.93
N GLY B 378 5.65 5.62 -120.09
CA GLY B 378 5.61 4.60 -121.13
C GLY B 378 6.97 4.36 -121.75
N GLU C 2 -2.69 66.01 1.31
CA GLU C 2 -2.31 65.74 2.72
C GLU C 2 -1.17 64.74 2.79
N ARG C 3 -0.35 64.86 3.82
CA ARG C 3 0.79 63.99 4.03
C ARG C 3 0.59 63.17 5.30
N GLU C 4 1.01 61.91 5.26
CA GLU C 4 0.98 61.10 6.46
C GLU C 4 1.92 61.68 7.51
N LEU C 5 1.62 61.42 8.77
CA LEU C 5 2.36 62.00 9.88
C LEU C 5 3.27 60.96 10.49
N PRO C 6 4.60 61.04 10.32
CA PRO C 6 5.48 60.22 11.14
C PRO C 6 5.29 60.55 12.61
N ILE C 7 5.36 59.51 13.44
CA ILE C 7 5.08 59.63 14.88
C ILE C 7 6.30 59.13 15.63
N PRO C 8 6.73 59.74 16.73
CA PRO C 8 7.82 59.16 17.51
C PRO C 8 7.44 57.82 18.09
N VAL C 9 8.44 56.96 18.26
CA VAL C 9 8.20 55.62 18.77
C VAL C 9 7.60 55.67 20.16
N PHE C 10 8.03 56.63 20.98
CA PHE C 10 7.54 56.72 22.35
C PHE C 10 6.05 56.99 22.39
N LEU C 11 5.56 57.86 21.51
CA LEU C 11 4.14 58.22 21.52
C LEU C 11 3.23 57.08 21.09
N THR C 12 3.78 56.02 20.48
CA THR C 12 2.99 54.89 19.99
C THR C 12 3.24 53.63 20.81
N GLU C 13 3.56 53.79 22.08
CA GLU C 13 3.86 52.64 22.92
C GLU C 13 2.60 51.81 23.16
N ASP C 14 2.77 50.49 23.20
CA ASP C 14 1.67 49.60 23.50
C ASP C 14 1.29 49.72 24.98
N GLU C 15 0.01 49.47 25.26
CA GLU C 15 -0.48 49.53 26.64
C GLU C 15 0.25 48.54 27.52
N ASP C 16 0.40 47.31 27.05
CA ASP C 16 1.06 46.29 27.86
C ASP C 16 2.52 46.63 28.11
N SER C 17 3.20 47.24 27.13
CA SER C 17 4.58 47.64 27.33
C SER C 17 4.71 48.63 28.48
N VAL C 18 3.77 49.58 28.57
CA VAL C 18 3.76 50.50 29.70
C VAL C 18 3.54 49.73 30.99
N HIS C 19 2.54 48.87 31.01
CA HIS C 19 2.23 48.12 32.23
C HIS C 19 3.37 47.20 32.62
N GLU C 20 4.00 46.58 31.63
CA GLU C 20 5.10 45.66 31.92
C GLU C 20 6.25 46.39 32.60
N ARG C 21 6.59 47.58 32.10
CA ARG C 21 7.64 48.37 32.74
C ARG C 21 7.25 48.77 34.16
N MET C 22 5.97 49.09 34.36
CA MET C 22 5.53 49.51 35.69
C MET C 22 5.69 48.38 36.70
N LEU C 23 5.39 47.15 36.30
CA LEU C 23 5.50 46.00 37.19
C LEU C 23 6.91 45.43 37.27
N SER C 24 7.89 46.04 36.60
CA SER C 24 9.23 45.47 36.55
C SER C 24 9.86 45.44 37.93
N ASN C 25 9.63 46.48 38.74
CA ASN C 25 10.33 46.58 40.02
C ASN C 25 9.80 45.60 41.05
N PHE C 26 8.52 45.26 40.98
CA PHE C 26 7.95 44.32 41.94
C PHE C 26 8.53 42.93 41.72
N GLN C 27 9.03 42.32 42.80
CA GLN C 27 9.45 40.93 42.75
C GLN C 27 9.04 40.12 43.97
N ASP C 28 8.52 40.73 45.03
CA ASP C 28 8.06 40.01 46.20
C ASP C 28 6.57 39.70 46.16
N VAL C 29 5.75 40.67 45.74
CA VAL C 29 4.30 40.53 45.76
C VAL C 29 3.83 40.05 44.40
N SER C 30 2.76 39.25 44.41
CA SER C 30 2.21 38.75 43.16
C SER C 30 1.66 39.89 42.31
N THR C 31 1.80 39.74 40.99
CA THR C 31 1.32 40.71 40.02
C THR C 31 0.39 40.07 39.01
N LEU C 32 -0.32 39.02 39.42
CA LEU C 32 -1.25 38.36 38.52
C LEU C 32 -2.40 39.30 38.19
N GLU C 33 -2.99 39.08 37.01
CA GLU C 33 -4.18 39.84 36.63
C GLU C 33 -5.28 39.60 37.65
N GLY C 34 -5.89 40.69 38.11
CA GLY C 34 -6.86 40.64 39.18
C GLY C 34 -6.27 40.74 40.57
N ASP C 35 -4.96 40.71 40.71
CA ASP C 35 -4.34 40.91 42.01
C ASP C 35 -4.37 42.40 42.36
N PHE C 36 -4.15 42.67 43.65
CA PHE C 36 -4.26 44.04 44.13
C PHE C 36 -3.22 44.94 43.50
N ILE C 37 -1.98 44.46 43.37
CA ILE C 37 -0.95 45.26 42.69
C ILE C 37 -1.36 45.52 41.26
N TYR C 38 -1.90 44.50 40.59
CA TYR C 38 -2.40 44.70 39.23
C TYR C 38 -3.52 45.73 39.20
N ASP C 39 -4.40 45.70 40.21
CA ASP C 39 -5.49 46.66 40.27
C ASP C 39 -4.95 48.09 40.39
N ALA C 40 -3.91 48.27 41.22
CA ALA C 40 -3.38 49.60 41.42
C ALA C 40 -2.70 50.15 40.17
N THR C 41 -2.07 49.28 39.38
CA THR C 41 -1.20 49.70 38.30
C THR C 41 -1.84 49.68 36.93
N ARG C 42 -2.70 48.71 36.63
CA ARG C 42 -3.21 48.56 35.27
C ARG C 42 -4.01 49.76 34.78
N PRO C 43 -4.93 50.35 35.55
CA PRO C 43 -5.63 51.53 35.03
C PRO C 43 -4.71 52.68 34.71
N THR C 44 -3.64 52.86 35.47
CA THR C 44 -2.67 53.89 35.15
C THR C 44 -2.00 53.61 33.82
N ALA C 45 -1.57 52.36 33.60
CA ALA C 45 -0.92 52.01 32.35
C ALA C 45 -1.88 52.17 31.18
N GLU C 46 -3.13 51.72 31.35
CA GLU C 46 -4.10 51.86 30.27
C GLU C 46 -4.40 53.32 29.98
N GLN C 47 -4.54 54.14 31.03
CA GLN C 47 -4.84 55.55 30.82
C GLN C 47 -3.68 56.26 30.14
N ILE C 48 -2.45 55.88 30.48
CA ILE C 48 -1.28 56.48 29.85
C ILE C 48 -1.28 56.21 28.36
N ALA C 49 -1.56 54.96 27.98
CA ALA C 49 -1.52 54.58 26.58
C ALA C 49 -2.57 55.34 25.78
N GLU C 50 -3.78 55.45 26.31
CA GLU C 50 -4.83 56.18 25.62
C GLU C 50 -4.46 57.64 25.46
N LEU C 51 -4.03 58.28 26.55
CA LEU C 51 -3.62 59.67 26.47
C LEU C 51 -2.42 59.84 25.56
N LYS C 52 -1.43 58.95 25.69
CA LYS C 52 -0.22 59.07 24.88
C LYS C 52 -0.52 58.88 23.40
N GLN C 53 -1.38 57.91 23.07
CA GLN C 53 -1.64 57.61 21.67
C GLN C 53 -2.61 58.60 21.03
N LEU C 54 -3.61 59.07 21.77
CA LEU C 54 -4.61 59.98 21.23
C LEU C 54 -4.25 61.45 21.46
N GLY C 55 -4.10 61.85 22.72
CA GLY C 55 -3.95 63.26 23.01
C GLY C 55 -2.67 63.85 22.44
N LEU C 56 -1.56 63.16 22.64
CA LEU C 56 -0.27 63.72 22.22
C LEU C 56 -0.11 63.67 20.71
N GLN C 57 -0.50 62.56 20.09
CA GLN C 57 -0.34 62.44 18.64
C GLN C 57 -1.21 63.47 17.91
N ASN C 58 -2.42 63.71 18.41
CA ASN C 58 -3.26 64.73 17.81
C ASN C 58 -2.62 66.10 17.92
N ASN C 59 -1.97 66.38 19.05
CA ASN C 59 -1.26 67.65 19.21
C ASN C 59 -0.16 67.78 18.17
N LEU C 60 0.58 66.71 17.93
CA LEU C 60 1.63 66.74 16.92
C LEU C 60 1.03 66.96 15.54
N LYS C 61 -0.14 66.40 15.27
CA LYS C 61 -0.76 66.53 13.96
C LYS C 61 -1.12 67.98 13.66
N ILE C 62 -1.74 68.66 14.62
CA ILE C 62 -2.18 70.03 14.41
C ILE C 62 -1.02 71.02 14.37
N ALA C 63 0.19 70.59 14.71
CA ALA C 63 1.32 71.52 14.78
C ALA C 63 1.63 72.11 13.40
N PHE C 64 1.82 71.25 12.39
CA PHE C 64 2.31 71.69 11.10
C PHE C 64 1.16 71.86 10.11
N PRO C 65 1.30 72.74 9.11
CA PRO C 65 0.23 72.84 8.10
C PRO C 65 0.18 71.63 7.17
N GLN C 66 1.22 70.81 7.14
CA GLN C 66 1.17 69.60 6.31
C GLN C 66 0.06 68.68 6.75
N THR C 67 -0.31 68.70 8.03
CA THR C 67 -1.31 67.80 8.59
C THR C 67 -2.36 68.50 9.44
N SER C 68 -2.23 69.81 9.68
CA SER C 68 -3.21 70.50 10.50
C SER C 68 -4.56 70.55 9.79
N TYR C 69 -5.56 71.08 10.50
CA TYR C 69 -6.91 71.12 9.96
C TYR C 69 -7.72 72.15 10.72
N GLY C 70 -8.84 72.54 10.12
CA GLY C 70 -9.81 73.39 10.80
C GLY C 70 -9.21 74.71 11.24
N THR C 71 -9.61 75.15 12.44
CA THR C 71 -9.08 76.38 13.00
C THR C 71 -7.56 76.33 13.13
N TYR C 72 -7.02 75.15 13.42
CA TYR C 72 -5.58 75.02 13.56
C TYR C 72 -4.87 75.30 12.24
N LEU C 73 -5.40 74.78 11.14
CA LEU C 73 -4.79 75.07 9.86
C LEU C 73 -4.94 76.55 9.49
N GLU C 74 -6.04 77.17 9.90
CA GLU C 74 -6.24 78.58 9.60
C GLU C 74 -5.15 79.44 10.22
N TRP C 75 -4.83 79.19 11.48
CA TRP C 75 -3.85 80.01 12.17
C TRP C 75 -2.47 79.88 11.54
N LEU C 76 -2.11 78.66 11.14
CA LEU C 76 -0.87 78.49 10.39
C LEU C 76 -0.92 79.23 9.06
N GLY C 77 -2.11 79.36 8.48
CA GLY C 77 -2.27 80.27 7.36
C GLY C 77 -2.01 81.71 7.75
N GLU C 78 -2.44 82.08 8.96
CA GLU C 78 -2.19 83.44 9.44
C GLU C 78 -0.72 83.67 9.80
N CYS C 79 0.04 82.60 10.05
CA CYS C 79 1.47 82.77 10.28
C CYS C 79 2.13 83.40 9.07
N LYS C 80 1.80 82.91 7.89
CA LYS C 80 2.30 83.46 6.63
C LYS C 80 1.24 84.28 5.89
N GLY C 81 0.23 84.76 6.62
CA GLY C 81 -0.69 85.73 6.07
C GLY C 81 -1.50 85.24 4.88
N VAL C 82 -2.01 84.01 4.96
CA VAL C 82 -2.88 83.45 3.94
C VAL C 82 -4.18 83.06 4.62
N PHE C 83 -5.29 83.57 4.12
CA PHE C 83 -6.61 83.35 4.68
C PHE C 83 -7.44 82.52 3.72
N LYS C 84 -8.21 81.60 4.27
CA LYS C 84 -9.12 80.81 3.45
C LYS C 84 -10.37 81.63 3.12
N ASN C 85 -10.94 81.35 1.96
CA ASN C 85 -12.11 82.10 1.51
C ASN C 85 -13.32 81.76 2.38
N GLN C 86 -14.24 82.70 2.46
CA GLN C 86 -15.45 82.59 3.27
C GLN C 86 -16.67 82.39 2.39
N PRO C 87 -17.75 81.80 2.93
CA PRO C 87 -18.94 81.56 2.11
C PRO C 87 -19.79 82.82 2.00
N THR C 88 -20.82 82.72 1.15
CA THR C 88 -21.73 83.83 0.92
C THR C 88 -23.15 83.30 0.85
N LYS C 89 -24.11 84.19 1.09
CA LYS C 89 -25.52 83.85 1.05
C LYS C 89 -26.03 83.92 -0.38
N ALA C 90 -26.94 83.00 -0.71
CA ALA C 90 -27.61 83.06 -2.01
C ALA C 90 -28.43 84.33 -2.12
N THR C 91 -28.30 85.01 -3.26
CA THR C 91 -28.97 86.27 -3.53
C THR C 91 -29.77 86.14 -4.81
N GLY C 92 -30.93 86.80 -4.83
CA GLY C 92 -31.80 86.72 -5.99
C GLY C 92 -33.03 87.58 -5.80
N VAL C 93 -34.00 87.38 -6.68
CA VAL C 93 -35.23 88.18 -6.69
C VAL C 93 -36.41 87.23 -6.60
N ILE C 94 -37.48 87.71 -5.95
CA ILE C 94 -38.70 86.95 -5.76
C ILE C 94 -39.86 87.80 -6.25
N THR C 95 -40.73 87.20 -7.06
CA THR C 95 -41.91 87.88 -7.56
C THR C 95 -43.09 87.64 -6.64
N PHE C 96 -43.87 88.68 -6.41
CA PHE C 96 -45.03 88.65 -5.53
C PHE C 96 -46.25 89.11 -6.31
N THR C 97 -47.39 88.50 -6.02
CA THR C 97 -48.66 88.87 -6.63
C THR C 97 -49.74 88.89 -5.56
N GLY C 98 -50.63 89.87 -5.64
CA GLY C 98 -51.69 89.98 -4.65
C GLY C 98 -52.46 91.28 -4.79
N VAL C 99 -53.23 91.59 -3.74
CA VAL C 99 -53.99 92.82 -3.71
C VAL C 99 -53.03 94.01 -3.78
N GLN C 100 -53.43 95.04 -4.52
CA GLN C 100 -52.56 96.19 -4.70
C GLN C 100 -52.32 96.91 -3.38
N GLY C 101 -53.35 97.02 -2.54
CA GLY C 101 -53.18 97.65 -1.24
C GLY C 101 -52.20 96.95 -0.32
N THR C 102 -51.89 95.68 -0.60
CA THR C 102 -50.98 94.93 0.25
C THR C 102 -49.59 95.56 0.22
N ILE C 103 -48.91 95.49 1.36
CA ILE C 103 -47.56 96.01 1.53
C ILE C 103 -46.67 94.89 2.06
N ILE C 104 -45.48 94.77 1.48
CA ILE C 104 -44.50 93.76 1.87
C ILE C 104 -43.27 94.49 2.40
N THR C 105 -42.84 94.12 3.61
CA THR C 105 -41.77 94.80 4.32
C THR C 105 -40.46 94.03 4.21
N LYS C 106 -39.37 94.76 4.43
CA LYS C 106 -38.06 94.13 4.46
C LYS C 106 -37.95 93.21 5.66
N GLY C 107 -37.10 92.19 5.53
CA GLY C 107 -36.91 91.22 6.58
C GLY C 107 -37.94 90.11 6.62
N THR C 108 -38.94 90.15 5.75
CA THR C 108 -39.91 89.07 5.68
C THR C 108 -39.24 87.78 5.25
N ILE C 109 -39.74 86.66 5.76
CA ILE C 109 -39.13 85.34 5.56
C ILE C 109 -40.03 84.52 4.66
N VAL C 110 -39.47 84.04 3.55
CA VAL C 110 -40.13 83.07 2.67
C VAL C 110 -39.14 81.95 2.41
N THR C 111 -39.65 80.72 2.34
CA THR C 111 -38.82 79.53 2.29
C THR C 111 -39.23 78.67 1.10
N THR C 112 -38.55 77.54 0.95
CA THR C 112 -38.92 76.51 0.00
C THR C 112 -39.89 75.53 0.67
N ILE C 113 -40.34 74.54 -0.08
CA ILE C 113 -41.32 73.58 0.39
C ILE C 113 -40.58 72.50 1.17
N ALA C 114 -40.68 72.55 2.49
CA ALA C 114 -40.15 71.48 3.32
C ALA C 114 -40.95 70.21 3.09
N THR C 115 -40.25 69.07 3.09
CA THR C 115 -40.86 67.77 2.83
C THR C 115 -40.19 66.74 3.73
N ASP C 116 -40.67 65.50 3.64
CA ASP C 116 -40.02 64.41 4.37
C ASP C 116 -38.61 64.18 3.84
N GLU C 117 -38.43 64.24 2.53
CA GLU C 117 -37.11 64.02 1.95
C GLU C 117 -36.18 65.20 2.20
N LYS C 118 -36.69 66.42 2.08
CA LYS C 118 -35.87 67.62 2.10
C LYS C 118 -36.47 68.65 3.03
N GLN C 119 -35.60 69.45 3.64
CA GLN C 119 -36.00 70.55 4.50
C GLN C 119 -36.04 71.85 3.72
N SER C 120 -36.82 72.79 4.23
CA SER C 120 -37.01 74.07 3.55
C SER C 120 -35.78 74.96 3.74
N ILE C 121 -35.45 75.72 2.71
CA ILE C 121 -34.33 76.66 2.72
C ILE C 121 -34.91 78.04 2.95
N GLU C 122 -34.44 78.72 4.00
CA GLU C 122 -35.01 80.00 4.41
C GLU C 122 -34.36 81.15 3.65
N PHE C 123 -35.19 82.08 3.20
CA PHE C 123 -34.75 83.28 2.50
C PHE C 123 -35.41 84.50 3.13
N GLU C 124 -34.70 85.62 3.09
CA GLU C 124 -35.14 86.87 3.68
C GLU C 124 -35.17 87.97 2.63
N LEU C 125 -36.22 88.80 2.68
CA LEU C 125 -36.35 89.90 1.75
C LEU C 125 -35.45 91.06 2.16
N LEU C 126 -34.78 91.64 1.17
CA LEU C 126 -33.85 92.75 1.38
C LEU C 126 -34.49 94.12 1.17
N GLU C 127 -35.79 94.17 0.85
CA GLU C 127 -36.43 95.42 0.47
C GLU C 127 -37.85 95.45 1.01
N THR C 128 -38.39 96.66 1.11
CA THR C 128 -39.79 96.90 1.44
C THR C 128 -40.46 97.52 0.22
N LYS C 129 -41.58 96.93 -0.20
CA LYS C 129 -42.29 97.36 -1.39
C LYS C 129 -43.79 97.34 -1.13
N THR C 130 -44.52 97.93 -2.06
CA THR C 130 -45.98 97.95 -2.04
C THR C 130 -46.50 97.58 -3.41
N ILE C 131 -47.67 96.94 -3.43
CA ILE C 131 -48.25 96.40 -4.65
C ILE C 131 -49.21 97.42 -5.24
N GLY C 132 -49.14 98.66 -4.77
CA GLY C 132 -50.21 99.63 -5.03
C GLY C 132 -50.41 99.94 -6.50
N GLU C 133 -49.33 99.96 -7.28
CA GLU C 133 -49.44 100.34 -8.68
C GLU C 133 -49.92 99.17 -9.54
N ASN C 134 -49.15 98.08 -9.55
CA ASN C 134 -49.48 96.88 -10.31
C ASN C 134 -49.61 95.71 -9.34
N GLU C 135 -50.41 94.72 -9.73
CA GLU C 135 -50.59 93.54 -8.90
C GLU C 135 -49.30 92.78 -8.68
N THR C 136 -48.33 92.91 -9.60
CA THR C 136 -47.06 92.22 -9.51
C THR C 136 -45.98 93.15 -9.00
N VAL C 137 -45.13 92.64 -8.11
CA VAL C 137 -43.96 93.35 -7.63
C VAL C 137 -42.83 92.34 -7.43
N ASP C 138 -41.60 92.83 -7.56
CA ASP C 138 -40.39 92.03 -7.39
C ASP C 138 -39.58 92.61 -6.25
N ILE C 139 -39.13 91.74 -5.35
CA ILE C 139 -38.37 92.13 -4.16
C ILE C 139 -37.07 91.35 -4.15
N LYS C 140 -35.96 92.06 -3.98
CA LYS C 140 -34.68 91.38 -3.78
C LYS C 140 -34.69 90.65 -2.46
N ALA C 141 -34.09 89.46 -2.46
CA ALA C 141 -34.07 88.60 -1.28
C ALA C 141 -32.70 87.95 -1.17
N GLU C 142 -32.46 87.32 -0.01
CA GLU C 142 -31.20 86.65 0.24
C GLU C 142 -31.44 85.44 1.14
N SER C 143 -30.71 84.37 0.88
CA SER C 143 -30.73 83.21 1.75
C SER C 143 -30.20 83.60 3.12
N ARG C 144 -30.89 83.15 4.17
CA ARG C 144 -30.45 83.46 5.52
C ARG C 144 -29.24 82.66 5.96
N ILE C 145 -28.82 81.67 5.18
CA ILE C 145 -27.69 80.81 5.49
C ILE C 145 -26.66 80.93 4.38
N VAL C 146 -25.40 81.14 4.75
CA VAL C 146 -24.31 81.20 3.80
C VAL C 146 -24.15 79.83 3.15
N GLY C 147 -23.39 79.77 2.06
CA GLY C 147 -23.10 78.53 1.38
C GLY C 147 -23.91 78.36 0.11
N THR C 148 -23.55 77.31 -0.65
CA THR C 148 -24.28 76.97 -1.86
C THR C 148 -25.68 76.48 -1.57
N ILE C 149 -25.98 76.12 -0.31
CA ILE C 149 -27.38 75.94 0.08
C ILE C 149 -28.12 77.22 -0.28
N GLY C 150 -29.31 77.05 -0.82
CA GLY C 150 -29.91 78.10 -1.62
C GLY C 150 -29.46 77.89 -3.05
N ASN C 151 -29.32 78.97 -3.83
CA ASN C 151 -29.04 78.86 -5.25
C ASN C 151 -30.10 77.99 -5.93
N VAL C 152 -31.33 78.15 -5.47
CA VAL C 152 -32.43 77.27 -5.81
C VAL C 152 -32.83 77.45 -7.26
N SER C 153 -33.70 76.56 -7.76
CA SER C 153 -34.19 76.66 -9.12
C SER C 153 -35.11 77.86 -9.28
N LYS C 154 -35.70 78.01 -10.46
CA LYS C 154 -36.49 79.18 -10.77
C LYS C 154 -37.71 79.29 -9.86
N GLY C 155 -38.51 78.24 -9.78
CA GLY C 155 -39.79 78.30 -9.10
C GLY C 155 -39.79 77.72 -7.71
N SER C 156 -38.61 77.60 -7.09
CA SER C 156 -38.50 76.89 -5.83
C SER C 156 -39.18 77.68 -4.70
N ILE C 157 -38.88 78.97 -4.59
CA ILE C 157 -39.38 79.76 -3.47
C ILE C 157 -40.89 79.91 -3.64
N SER C 158 -41.65 79.23 -2.79
CA SER C 158 -43.11 79.29 -2.85
C SER C 158 -43.79 79.31 -1.50
N VAL C 159 -43.05 79.38 -0.39
CA VAL C 159 -43.59 79.24 0.94
C VAL C 159 -43.34 80.52 1.73
N LEU C 160 -44.37 81.00 2.40
CA LEU C 160 -44.28 82.08 3.37
C LEU C 160 -44.52 81.50 4.75
N LEU C 161 -43.62 81.80 5.68
CA LEU C 161 -43.78 81.26 7.03
C LEU C 161 -45.05 81.77 7.69
N GLY C 162 -45.32 83.08 7.56
CA GLY C 162 -46.52 83.66 8.11
C GLY C 162 -47.66 83.63 7.11
N SER C 163 -48.48 84.66 7.10
CA SER C 163 -49.56 84.79 6.12
C SER C 163 -49.90 86.27 5.99
N ILE C 164 -49.49 86.87 4.87
CA ILE C 164 -49.68 88.30 4.63
C ILE C 164 -51.01 88.48 3.91
N SER C 165 -51.83 89.41 4.41
CA SER C 165 -53.14 89.63 3.83
C SER C 165 -53.03 90.13 2.41
N GLY C 166 -53.84 89.56 1.52
CA GLY C 166 -53.96 90.02 0.16
C GLY C 166 -52.96 89.44 -0.81
N VAL C 167 -51.93 88.73 -0.34
CA VAL C 167 -50.92 88.19 -1.23
C VAL C 167 -51.50 86.96 -1.91
N LYS C 168 -51.47 86.96 -3.25
CA LYS C 168 -52.07 85.88 -4.02
C LYS C 168 -51.08 84.78 -4.38
N SER C 169 -49.81 85.12 -4.62
CA SER C 169 -48.82 84.10 -4.95
C SER C 169 -47.43 84.69 -4.80
N ILE C 170 -46.53 83.92 -4.20
CA ILE C 170 -45.11 84.26 -4.12
C ILE C 170 -44.37 83.20 -4.91
N THR C 171 -43.62 83.64 -5.92
CA THR C 171 -42.84 82.72 -6.74
C THR C 171 -41.53 83.39 -7.12
N ASN C 172 -40.42 82.68 -6.89
CA ASN C 172 -39.16 83.12 -7.46
C ASN C 172 -39.23 82.99 -8.97
N LYS C 173 -38.61 83.93 -9.67
CA LYS C 173 -38.64 83.97 -11.13
C LYS C 173 -37.43 83.31 -11.77
N GLU C 174 -36.25 83.46 -11.17
CA GLU C 174 -35.02 82.91 -11.72
C GLU C 174 -34.19 82.33 -10.59
N ASP C 175 -33.33 81.39 -10.94
CA ASP C 175 -32.51 80.70 -9.96
C ASP C 175 -31.56 81.68 -9.28
N PHE C 176 -31.35 81.47 -7.97
CA PHE C 176 -30.44 82.29 -7.20
C PHE C 176 -29.00 81.87 -7.50
N ARG C 177 -28.06 82.82 -7.32
CA ARG C 177 -26.68 82.60 -7.70
C ARG C 177 -25.66 83.10 -6.68
N GLY C 178 -26.07 83.72 -5.59
CA GLY C 178 -25.15 84.35 -4.68
C GLY C 178 -24.42 83.43 -3.72
N GLY C 179 -24.74 82.14 -3.73
CA GLY C 179 -24.20 81.22 -2.75
C GLY C 179 -22.84 80.68 -3.13
N THR C 180 -22.00 80.48 -2.12
CA THR C 180 -20.71 79.82 -2.30
C THR C 180 -20.27 79.27 -0.96
N ASP C 181 -19.68 78.08 -0.98
CA ASP C 181 -19.36 77.37 0.25
C ASP C 181 -18.01 77.79 0.81
N ILE C 182 -17.73 77.29 2.01
CA ILE C 182 -16.41 77.46 2.61
C ILE C 182 -15.36 76.79 1.73
N GLU C 183 -14.19 77.42 1.64
CA GLU C 183 -13.12 76.87 0.83
C GLU C 183 -12.66 75.53 1.40
N ASP C 184 -12.29 74.62 0.51
CA ASP C 184 -11.86 73.29 0.92
C ASP C 184 -10.59 73.36 1.75
N GLU C 185 -10.51 72.51 2.77
CA GLU C 185 -9.34 72.49 3.63
C GLU C 185 -8.09 72.11 2.84
N GLU C 186 -8.18 71.07 2.03
CA GLU C 186 -7.01 70.64 1.26
C GLU C 186 -6.61 71.69 0.23
N HIS C 187 -7.60 72.32 -0.42
CA HIS C 187 -7.29 73.43 -1.31
C HIS C 187 -6.63 74.56 -0.53
N PHE C 188 -7.16 74.88 0.65
CA PHE C 188 -6.54 75.90 1.48
C PHE C 188 -5.17 75.45 1.97
N ARG C 189 -5.03 74.17 2.32
CA ARG C 189 -3.72 73.64 2.71
C ARG C 189 -2.73 73.79 1.56
N GLU C 190 -3.18 73.54 0.33
CA GLU C 190 -2.33 73.78 -0.83
C GLU C 190 -1.94 75.25 -0.91
N ARG C 191 -2.89 76.16 -0.72
CA ARG C 191 -2.60 77.58 -0.77
C ARG C 191 -1.56 77.96 0.27
N VAL C 192 -1.68 77.39 1.47
CA VAL C 192 -0.71 77.67 2.53
C VAL C 192 0.68 77.22 2.10
N LEU C 193 0.77 76.04 1.49
CA LEU C 193 2.05 75.51 1.07
C LEU C 193 2.52 76.10 -0.26
N VAL C 194 1.62 76.55 -1.12
CA VAL C 194 2.05 77.23 -2.35
C VAL C 194 2.77 78.53 -2.00
N ALA C 195 2.25 79.28 -1.05
CA ALA C 195 2.85 80.57 -0.70
C ALA C 195 4.17 80.36 0.03
N GLU C 196 5.20 79.91 -0.70
CA GLU C 196 6.51 79.65 -0.14
C GLU C 196 7.62 80.09 -1.08
N GLN C 197 7.38 81.14 -1.86
CA GLN C 197 8.41 81.67 -2.75
C GLN C 197 9.46 82.42 -1.94
N GLU C 198 10.72 82.23 -2.31
CA GLU C 198 11.84 82.77 -1.55
C GLU C 198 12.21 84.19 -1.96
N ASP C 199 12.32 84.44 -3.25
CA ASP C 199 12.75 85.75 -3.75
C ASP C 199 12.07 85.98 -5.10
N LYS C 200 12.59 86.95 -5.86
CA LYS C 200 11.96 87.39 -7.11
C LYS C 200 10.54 87.87 -6.83
N LEU C 201 10.46 88.95 -6.04
CA LEU C 201 9.19 89.50 -5.60
C LEU C 201 9.19 91.03 -5.62
N SER C 202 10.18 91.67 -6.23
CA SER C 202 10.29 93.12 -6.18
C SER C 202 9.32 93.82 -7.11
N GLY C 203 9.02 93.20 -8.26
CA GLY C 203 8.21 93.85 -9.27
C GLY C 203 9.06 94.56 -10.30
N ALA C 204 10.16 93.92 -10.70
CA ALA C 204 10.95 94.39 -11.82
C ALA C 204 10.25 94.01 -13.13
N SER C 205 10.91 94.31 -14.24
CA SER C 205 10.36 93.91 -15.53
C SER C 205 10.27 92.40 -15.63
N SER C 206 11.30 91.69 -15.16
CA SER C 206 11.26 90.23 -15.16
C SER C 206 10.14 89.72 -14.26
N ASP C 207 9.98 90.31 -13.08
CA ASP C 207 8.91 89.89 -12.19
C ASP C 207 7.54 90.13 -12.81
N TYR C 208 7.34 91.30 -13.42
CA TYR C 208 6.07 91.60 -14.03
C TYR C 208 5.80 90.68 -15.21
N ILE C 209 6.82 90.38 -16.01
CA ILE C 209 6.67 89.44 -17.11
C ILE C 209 6.27 88.07 -16.59
N ARG C 210 6.92 87.62 -15.51
CA ARG C 210 6.56 86.34 -14.91
C ARG C 210 5.12 86.36 -14.40
N TRP C 211 4.72 87.46 -13.76
CA TRP C 211 3.34 87.56 -13.27
C TRP C 211 2.35 87.57 -14.41
N ALA C 212 2.66 88.28 -15.49
CA ALA C 212 1.78 88.30 -16.65
C ALA C 212 1.68 86.90 -17.26
N LYS C 213 2.80 86.19 -17.36
CA LYS C 213 2.79 84.86 -17.94
C LYS C 213 2.00 83.86 -17.08
N GLU C 214 1.93 84.10 -15.77
CA GLU C 214 1.22 83.17 -14.91
C GLU C 214 -0.26 83.10 -15.25
N VAL C 215 -0.86 84.25 -15.58
CA VAL C 215 -2.26 84.26 -16.01
C VAL C 215 -2.36 83.51 -17.32
N ASP C 216 -3.35 82.63 -17.42
CA ASP C 216 -3.55 81.85 -18.63
C ASP C 216 -3.93 82.75 -19.79
N GLY C 217 -3.61 82.29 -21.01
CA GLY C 217 -3.87 83.05 -22.20
C GLY C 217 -2.84 84.12 -22.51
N VAL C 218 -1.80 84.27 -21.70
CA VAL C 218 -0.75 85.26 -21.91
C VAL C 218 0.40 84.55 -22.61
N GLY C 219 0.49 84.69 -23.93
CA GLY C 219 1.58 84.09 -24.67
C GLY C 219 2.88 84.84 -24.48
N TYR C 220 2.83 86.16 -24.59
CA TYR C 220 3.98 87.02 -24.44
C TYR C 220 3.59 88.28 -23.70
N ALA C 221 4.56 88.87 -23.01
CA ALA C 221 4.33 90.09 -22.23
C ALA C 221 5.56 90.97 -22.33
N TYR C 222 5.31 92.29 -22.33
CA TYR C 222 6.37 93.28 -22.41
C TYR C 222 6.07 94.41 -21.45
N VAL C 223 7.13 95.02 -20.92
CA VAL C 223 7.05 95.98 -19.83
C VAL C 223 7.66 97.29 -20.28
N VAL C 224 7.01 98.40 -19.92
CA VAL C 224 7.53 99.75 -20.12
C VAL C 224 7.63 100.39 -18.75
N SER C 225 8.84 100.81 -18.39
CA SER C 225 9.10 101.40 -17.08
C SER C 225 8.81 102.90 -17.12
N GLU C 226 7.95 103.36 -16.22
CA GLU C 226 7.59 104.77 -16.11
C GLU C 226 7.09 105.32 -17.44
N TRP C 227 6.17 104.56 -18.07
CA TRP C 227 5.54 105.05 -19.29
C TRP C 227 4.76 106.33 -19.05
N ALA C 228 4.25 106.52 -17.83
CA ALA C 228 3.59 107.75 -17.42
C ALA C 228 4.24 108.35 -16.18
N GLY C 229 5.52 108.04 -15.93
CA GLY C 229 6.21 108.56 -14.78
C GLY C 229 5.65 108.01 -13.47
N ALA C 230 6.22 108.50 -12.37
CA ALA C 230 5.77 108.13 -11.03
C ALA C 230 5.80 106.63 -10.80
N GLY C 231 6.77 105.95 -11.40
CA GLY C 231 6.86 104.51 -11.26
C GLY C 231 5.77 103.75 -11.96
N THR C 232 5.07 104.37 -12.91
CA THR C 232 4.04 103.65 -13.65
C THR C 232 4.66 102.56 -14.51
N VAL C 233 3.90 101.49 -14.70
CA VAL C 233 4.36 100.32 -15.46
C VAL C 233 3.28 99.95 -16.46
N LYS C 234 3.66 99.88 -17.74
CA LYS C 234 2.81 99.35 -18.78
C LYS C 234 3.12 97.88 -18.94
N VAL C 235 2.11 97.09 -19.28
CA VAL C 235 2.25 95.64 -19.47
C VAL C 235 1.63 95.32 -20.82
N LEU C 236 2.45 95.32 -21.86
CA LEU C 236 2.00 95.00 -23.21
C LEU C 236 2.02 93.49 -23.40
N ILE C 237 0.86 92.91 -23.69
CA ILE C 237 0.67 91.46 -23.70
C ILE C 237 0.16 91.01 -25.06
N LEU C 238 0.70 89.90 -25.53
CA LEU C 238 0.16 89.16 -26.67
C LEU C 238 -0.36 87.82 -26.18
N ASP C 239 -1.43 87.35 -26.81
CA ASP C 239 -2.05 86.09 -26.41
C ASP C 239 -1.18 84.93 -26.87
N LYS C 240 -1.70 83.71 -26.71
CA LYS C 240 -0.92 82.52 -27.06
C LYS C 240 -0.55 82.49 -28.54
N ASN C 241 -1.43 83.03 -29.40
CA ASN C 241 -1.25 82.99 -30.85
C ASN C 241 -0.67 84.29 -31.39
N ARG C 242 0.12 85.00 -30.58
CA ARG C 242 0.75 86.28 -30.92
C ARG C 242 -0.24 87.45 -30.95
N LYS C 243 -1.53 87.17 -30.89
CA LYS C 243 -2.52 88.21 -31.16
C LYS C 243 -2.69 89.12 -29.96
N ALA C 244 -3.35 90.25 -30.19
CA ALA C 244 -3.65 91.16 -29.11
C ALA C 244 -4.57 90.49 -28.11
N ALA C 245 -4.24 90.62 -26.82
CA ALA C 245 -5.06 90.04 -25.77
C ALA C 245 -6.44 90.70 -25.77
N THR C 246 -7.47 89.88 -25.59
CA THR C 246 -8.82 90.40 -25.53
C THR C 246 -9.01 91.25 -24.27
N GLN C 247 -10.12 91.98 -24.24
CA GLN C 247 -10.39 92.84 -23.09
C GLN C 247 -10.56 92.01 -21.83
N GLU C 248 -11.24 90.87 -21.92
CA GLU C 248 -11.41 90.01 -20.76
C GLU C 248 -10.06 89.50 -20.26
N LEU C 249 -9.19 89.09 -21.18
CA LEU C 249 -7.85 88.66 -20.79
C LEU C 249 -7.08 89.82 -20.17
N ILE C 250 -7.24 91.02 -20.73
CA ILE C 250 -6.59 92.20 -20.17
C ILE C 250 -7.06 92.44 -18.74
N ASP C 251 -8.37 92.35 -18.52
CA ASP C 251 -8.92 92.57 -17.18
C ASP C 251 -8.41 91.52 -16.21
N LYS C 252 -8.34 90.27 -16.65
CA LYS C 252 -7.83 89.20 -15.79
C LYS C 252 -6.39 89.47 -15.39
N VAL C 253 -5.55 89.79 -16.37
CA VAL C 253 -4.15 90.11 -16.07
C VAL C 253 -4.08 91.38 -15.24
N GLN C 254 -4.91 92.38 -15.57
CA GLN C 254 -4.95 93.60 -14.78
C GLN C 254 -5.35 93.31 -13.35
N GLU C 255 -6.45 92.58 -13.17
CA GLU C 255 -6.91 92.26 -11.82
C GLU C 255 -5.92 91.37 -11.09
N TYR C 256 -5.28 90.45 -11.80
CA TYR C 256 -4.33 89.55 -11.14
C TYR C 256 -3.13 90.32 -10.58
N ILE C 257 -2.62 91.30 -11.33
CA ILE C 257 -1.41 92.00 -10.95
C ILE C 257 -1.74 93.29 -10.22
N TYR C 258 -2.85 93.93 -10.60
CA TYR C 258 -3.16 95.26 -10.08
C TYR C 258 -4.67 95.46 -10.07
N PRO C 259 -5.37 94.99 -9.03
CA PRO C 259 -6.82 95.19 -8.97
C PRO C 259 -7.21 96.66 -8.99
N LEU C 260 -8.32 96.95 -9.65
CA LEU C 260 -8.86 98.30 -9.76
C LEU C 260 -10.20 98.48 -9.07
N ASN C 261 -10.80 97.42 -8.54
CA ASN C 261 -12.12 97.47 -7.91
C ASN C 261 -12.04 97.56 -6.39
N ILE C 262 -10.88 97.93 -5.84
CA ILE C 262 -10.75 98.03 -4.39
C ILE C 262 -11.66 99.14 -3.87
N SER C 263 -12.40 98.83 -2.81
CA SER C 263 -13.31 99.79 -2.19
C SER C 263 -12.56 100.58 -1.13
N GLU C 264 -13.31 101.35 -0.33
CA GLU C 264 -12.70 102.18 0.71
C GLU C 264 -11.98 101.32 1.75
N GLY C 265 -12.66 100.30 2.27
CA GLY C 265 -12.08 99.41 3.25
C GLY C 265 -11.37 98.24 2.60
N GLU C 266 -10.53 98.52 1.61
CA GLU C 266 -9.83 97.47 0.87
C GLU C 266 -8.51 98.03 0.37
N ASN C 267 -7.63 97.11 0.01
CA ASN C 267 -6.33 97.45 -0.56
C ASN C 267 -6.01 96.42 -1.63
N ARG C 268 -5.13 96.81 -2.56
CA ARG C 268 -4.78 95.90 -3.66
C ARG C 268 -4.12 94.64 -3.13
N ASP C 269 -4.59 93.49 -3.62
CA ASP C 269 -3.97 92.20 -3.35
C ASP C 269 -3.18 91.67 -4.54
N GLY C 270 -3.13 92.39 -5.65
CA GLY C 270 -2.39 91.93 -6.80
C GLY C 270 -0.91 91.86 -6.53
N LYS C 271 -0.20 91.26 -7.49
CA LYS C 271 1.24 91.09 -7.34
C LYS C 271 1.99 92.42 -7.36
N ALA C 272 1.37 93.49 -7.84
CA ALA C 272 2.04 94.77 -7.88
C ALA C 272 2.28 95.28 -6.47
N PRO C 273 3.54 95.60 -6.07
CA PRO C 273 3.74 96.08 -4.69
C PRO C 273 3.14 97.46 -4.47
N ILE C 274 3.27 97.96 -3.23
CA ILE C 274 2.71 99.28 -2.93
C ILE C 274 3.42 100.35 -3.76
N GLY C 275 2.65 101.32 -4.23
CA GLY C 275 3.20 102.47 -4.90
C GLY C 275 3.64 102.24 -6.34
N ALA C 276 3.56 101.01 -6.84
CA ALA C 276 3.93 100.68 -8.22
C ALA C 276 2.64 100.66 -9.04
N LEU C 277 2.39 101.73 -9.78
CA LEU C 277 1.21 101.81 -10.61
C LEU C 277 1.41 100.97 -11.86
N VAL C 278 0.39 100.17 -12.20
CA VAL C 278 0.46 99.20 -13.27
C VAL C 278 -0.76 99.35 -14.17
N THR C 279 -0.56 99.09 -15.46
CA THR C 279 -1.64 99.09 -16.42
C THR C 279 -1.33 98.05 -17.49
N VAL C 280 -2.36 97.31 -17.90
CA VAL C 280 -2.23 96.25 -18.90
C VAL C 280 -2.73 96.79 -20.23
N VAL C 281 -1.93 96.60 -21.28
CA VAL C 281 -2.20 97.12 -22.61
C VAL C 281 -1.98 95.99 -23.60
N THR C 282 -2.56 96.15 -24.78
CA THR C 282 -2.32 95.26 -25.91
C THR C 282 -2.06 96.12 -27.15
N PRO C 283 -1.18 95.68 -28.06
CA PRO C 283 -0.87 96.54 -29.23
C PRO C 283 -2.04 96.63 -30.20
N ASP C 284 -1.82 97.35 -31.30
CA ASP C 284 -2.86 97.60 -32.29
C ASP C 284 -2.65 96.68 -33.49
N THR C 285 -3.73 96.05 -33.93
CA THR C 285 -3.68 95.10 -35.03
C THR C 285 -3.83 95.85 -36.35
N LEU C 286 -2.73 96.00 -37.08
CA LEU C 286 -2.77 96.66 -38.38
C LEU C 286 -3.46 95.74 -39.39
N LEU C 287 -4.41 96.29 -40.12
CA LEU C 287 -5.13 95.54 -41.15
C LEU C 287 -4.47 95.78 -42.50
N ILE C 288 -4.17 94.69 -43.20
CA ILE C 288 -3.48 94.75 -44.49
C ILE C 288 -4.56 94.60 -45.55
N ASN C 289 -5.09 95.72 -46.01
CA ASN C 289 -6.05 95.73 -47.11
C ASN C 289 -5.28 95.66 -48.42
N VAL C 290 -5.41 94.54 -49.12
CA VAL C 290 -4.68 94.32 -50.37
C VAL C 290 -5.54 94.81 -51.52
N LYS C 291 -4.93 95.59 -52.42
CA LYS C 291 -5.60 96.12 -53.60
C LYS C 291 -4.81 95.69 -54.84
N ALA C 292 -5.52 95.14 -55.82
CA ALA C 292 -4.92 94.76 -57.07
C ALA C 292 -6.03 94.51 -58.09
N SER C 293 -5.68 94.65 -59.37
CA SER C 293 -6.62 94.40 -60.46
C SER C 293 -6.62 92.90 -60.77
N PHE C 294 -7.30 92.15 -59.90
CA PHE C 294 -7.33 90.71 -60.04
C PHE C 294 -8.07 90.29 -61.30
N ILE C 295 -7.55 89.26 -61.96
CA ILE C 295 -8.18 88.62 -63.10
C ILE C 295 -8.27 87.13 -62.79
N PHE C 296 -9.49 86.59 -62.88
CA PHE C 296 -9.77 85.22 -62.49
C PHE C 296 -9.98 84.34 -63.71
N SER C 297 -9.87 83.03 -63.49
CA SER C 297 -9.92 82.07 -64.58
C SER C 297 -11.36 81.90 -65.04
N ASN C 298 -11.58 80.96 -65.96
CA ASN C 298 -12.86 80.83 -66.63
C ASN C 298 -13.90 80.26 -65.68
N GLY C 299 -14.98 81.00 -65.49
CA GLY C 299 -16.15 80.49 -64.79
C GLY C 299 -16.00 80.29 -63.30
N PHE C 300 -14.89 80.69 -62.70
CA PHE C 300 -14.68 80.47 -61.28
C PHE C 300 -15.29 81.61 -60.47
N SER C 301 -15.47 81.35 -59.18
CA SER C 301 -16.07 82.32 -58.28
C SER C 301 -15.02 83.32 -57.81
N GLU C 302 -15.24 84.60 -58.11
CA GLU C 302 -14.31 85.63 -57.67
C GLU C 302 -14.24 85.69 -56.14
N GLU C 303 -15.40 85.59 -55.48
CA GLU C 303 -15.42 85.61 -54.03
C GLU C 303 -14.65 84.44 -53.44
N THR C 304 -14.82 83.25 -54.03
CA THR C 304 -14.15 82.06 -53.53
C THR C 304 -12.63 82.21 -53.63
N VAL C 305 -12.15 82.65 -54.79
CA VAL C 305 -10.71 82.76 -55.00
C VAL C 305 -10.11 83.81 -54.07
N LEU C 306 -10.78 84.96 -53.95
CA LEU C 306 -10.27 86.01 -53.07
C LEU C 306 -10.25 85.56 -51.61
N ASN C 307 -11.30 84.85 -51.18
CA ASN C 307 -11.33 84.33 -49.82
C ASN C 307 -10.19 83.36 -49.58
N ASN C 308 -9.93 82.48 -50.55
CA ASN C 308 -8.79 81.58 -50.44
C ASN C 308 -7.48 82.35 -50.38
N LEU C 309 -7.34 83.38 -51.23
CA LEU C 309 -6.17 84.24 -51.15
C LEU C 309 -6.11 84.95 -49.80
N LYS C 310 -7.27 85.39 -49.30
CA LYS C 310 -7.32 86.02 -47.99
C LYS C 310 -6.81 85.07 -46.91
N THR C 311 -7.22 83.80 -46.98
CA THR C 311 -6.73 82.82 -46.02
C THR C 311 -5.23 82.61 -46.16
N LYS C 312 -4.73 82.54 -47.39
CA LYS C 312 -3.31 82.30 -47.61
C LYS C 312 -2.48 83.44 -47.05
N ILE C 313 -2.89 84.68 -47.32
CA ILE C 313 -2.14 85.83 -46.81
C ILE C 313 -2.21 85.87 -45.29
N ASP C 314 -3.39 85.62 -44.73
CA ASP C 314 -3.55 85.68 -43.28
C ASP C 314 -2.67 84.65 -42.58
N LYS C 315 -2.54 83.46 -43.17
CA LYS C 315 -1.63 82.46 -42.60
C LYS C 315 -0.20 82.99 -42.59
N TYR C 316 0.22 83.65 -43.67
CA TYR C 316 1.53 84.29 -43.68
C TYR C 316 1.60 85.38 -42.63
N LEU C 317 0.54 86.19 -42.51
CA LEU C 317 0.54 87.26 -41.53
C LEU C 317 0.65 86.74 -40.11
N ASP C 318 0.14 85.52 -39.86
CA ASP C 318 0.24 84.94 -38.54
C ASP C 318 1.70 84.72 -38.13
N LYS C 319 2.59 84.51 -39.10
CA LYS C 319 3.99 84.30 -38.78
C LYS C 319 4.64 85.57 -38.26
N ILE C 320 4.17 86.74 -38.71
CA ILE C 320 4.73 88.01 -38.26
C ILE C 320 4.47 88.17 -36.77
N ASP C 321 5.36 88.90 -36.09
CA ASP C 321 5.28 89.16 -34.66
C ASP C 321 4.94 90.63 -34.42
N LEU C 322 4.85 90.98 -33.14
CA LEU C 322 4.67 92.38 -32.77
C LEU C 322 5.89 93.19 -33.19
N GLY C 323 5.64 94.35 -33.78
CA GLY C 323 6.73 95.18 -34.25
C GLY C 323 7.52 94.57 -35.38
N GLY C 324 6.95 93.59 -36.08
CA GLY C 324 7.63 92.95 -37.19
C GLY C 324 7.54 93.76 -38.46
N THR C 325 8.12 93.21 -39.52
CA THR C 325 8.16 93.83 -40.84
C THR C 325 7.30 93.02 -41.79
N VAL C 326 6.32 93.69 -42.40
CA VAL C 326 5.50 93.05 -43.43
C VAL C 326 6.31 93.02 -44.72
N SER C 327 6.43 91.83 -45.31
CA SER C 327 7.19 91.63 -46.53
C SER C 327 6.25 91.81 -47.72
N TYR C 328 6.22 93.01 -48.28
CA TYR C 328 5.38 93.27 -49.45
C TYR C 328 5.81 92.41 -50.63
N ASN C 329 7.12 92.27 -50.84
CA ASN C 329 7.61 91.53 -51.99
C ASN C 329 7.28 90.04 -51.86
N ALA C 330 7.32 89.50 -50.65
CA ALA C 330 6.88 88.12 -50.46
C ALA C 330 5.37 87.99 -50.65
N ILE C 331 4.62 89.03 -50.29
CA ILE C 331 3.17 89.00 -50.47
C ILE C 331 2.81 88.95 -51.95
N GLN C 332 3.68 89.47 -52.82
CA GLN C 332 3.46 89.35 -54.26
C GLN C 332 3.37 87.88 -54.66
N ALA C 333 4.24 87.04 -54.10
CA ALA C 333 4.22 85.62 -54.43
C ALA C 333 3.04 84.90 -53.77
N ILE C 334 2.56 85.38 -52.63
CA ILE C 334 1.37 84.79 -52.04
C ILE C 334 0.19 84.93 -53.00
N VAL C 335 0.04 86.12 -53.59
CA VAL C 335 -0.92 86.27 -54.68
C VAL C 335 -0.49 85.42 -55.88
N GLY C 336 0.80 85.44 -56.19
CA GLY C 336 1.31 84.67 -57.30
C GLY C 336 1.38 83.18 -57.05
N SER C 337 1.21 82.75 -55.79
CA SER C 337 1.18 81.31 -55.52
C SER C 337 0.01 80.65 -56.25
N MET C 338 -1.16 81.28 -56.23
CA MET C 338 -2.30 80.71 -56.92
C MET C 338 -2.12 80.72 -58.43
N MET C 339 -1.33 81.66 -58.96
CA MET C 339 -1.04 81.67 -60.38
C MET C 339 -0.27 80.41 -60.78
N LEU C 340 0.73 80.03 -59.99
CA LEU C 340 1.50 78.83 -60.29
C LEU C 340 0.62 77.59 -60.23
N THR C 341 -0.21 77.49 -59.20
CA THR C 341 -1.12 76.38 -59.06
C THR C 341 -2.41 76.55 -59.84
N ASP C 342 -2.59 77.68 -60.53
CA ASP C 342 -3.81 77.97 -61.28
C ASP C 342 -5.04 77.92 -60.37
N GLU C 343 -4.86 78.39 -59.13
CA GLU C 343 -5.95 78.44 -58.16
C GLU C 343 -6.75 79.73 -58.33
N GLY C 344 -7.39 79.85 -59.49
CA GLY C 344 -8.29 80.95 -59.75
C GLY C 344 -7.68 82.14 -60.42
N ILE C 345 -6.60 82.68 -59.85
CA ILE C 345 -6.04 83.94 -60.34
C ILE C 345 -5.48 83.73 -61.74
N GLU C 346 -6.07 84.42 -62.71
CA GLU C 346 -5.53 84.46 -64.06
C GLU C 346 -4.43 85.51 -64.22
N ASP C 347 -4.59 86.66 -63.58
CA ASP C 347 -3.53 87.66 -63.53
C ASP C 347 -3.92 88.73 -62.51
N PHE C 348 -2.94 89.56 -62.18
CA PHE C 348 -3.15 90.66 -61.24
C PHE C 348 -2.17 91.77 -61.57
N SER C 349 -2.49 92.97 -61.08
CA SER C 349 -1.61 94.12 -61.27
C SER C 349 -1.91 95.15 -60.21
N ASN C 350 -0.99 96.11 -60.05
CA ASN C 350 -1.07 97.13 -59.01
C ASN C 350 -1.21 96.48 -57.63
N LEU C 351 -0.40 95.47 -57.38
CA LEU C 351 -0.40 94.79 -56.09
C LEU C 351 0.12 95.74 -55.02
N THR C 352 -0.74 96.08 -54.06
CA THR C 352 -0.39 96.99 -52.99
C THR C 352 -0.96 96.46 -51.67
N ILE C 353 -0.35 96.91 -50.58
CA ILE C 353 -0.82 96.60 -49.23
C ILE C 353 -1.21 97.93 -48.57
N ASN C 354 -2.50 98.15 -48.41
CA ASN C 354 -3.04 99.44 -47.95
C ASN C 354 -2.52 100.58 -48.83
N ASP C 355 -2.49 100.32 -50.14
CA ASP C 355 -1.97 101.27 -51.12
C ASP C 355 -0.50 101.59 -50.83
N VAL C 356 0.29 100.54 -50.62
CA VAL C 356 1.73 100.65 -50.41
C VAL C 356 2.40 99.51 -51.18
N LYS C 357 3.54 99.81 -51.80
CA LYS C 357 4.30 98.86 -52.60
C LYS C 357 5.70 98.70 -52.02
N GLU C 358 5.79 98.56 -50.71
CA GLU C 358 7.07 98.34 -50.05
C GLU C 358 6.81 97.67 -48.71
N ASN C 359 7.86 97.08 -48.15
CA ASN C 359 7.75 96.40 -46.88
C ASN C 359 7.43 97.40 -45.77
N ILE C 360 6.41 97.10 -44.97
CA ILE C 360 5.95 97.98 -43.90
C ILE C 360 6.45 97.42 -42.57
N LYS C 361 6.99 98.31 -41.75
CA LYS C 361 7.53 97.95 -40.44
C LYS C 361 6.52 98.30 -39.36
N LEU C 362 6.11 97.31 -38.58
CA LEU C 362 5.20 97.55 -37.47
C LEU C 362 5.93 98.22 -36.32
N GLN C 363 5.21 99.09 -35.61
CA GLN C 363 5.74 99.79 -34.44
C GLN C 363 4.66 99.80 -33.37
N ASP C 364 4.87 99.03 -32.30
CA ASP C 364 3.86 98.83 -31.28
C ASP C 364 2.57 98.26 -31.88
N GLN C 365 2.72 97.44 -32.90
CA GLN C 365 1.60 96.95 -33.69
C GLN C 365 1.81 95.49 -34.05
N VAL C 366 0.73 94.74 -34.04
CA VAL C 366 0.67 93.45 -34.71
C VAL C 366 -0.07 93.67 -36.03
N VAL C 367 -0.01 92.66 -36.90
CA VAL C 367 -0.57 92.74 -38.24
C VAL C 367 -1.62 91.65 -38.40
N GLY C 368 -2.79 92.03 -38.92
CA GLY C 368 -3.83 91.07 -39.24
C GLY C 368 -4.31 91.30 -40.66
N ILE C 369 -5.03 90.30 -41.17
CA ILE C 369 -5.55 90.37 -42.53
C ILE C 369 -6.59 91.47 -42.61
N GLY C 370 -6.48 92.32 -43.63
CA GLY C 370 -7.44 93.38 -43.85
C GLY C 370 -8.53 92.96 -44.82
N GLU C 371 -8.82 93.82 -45.79
CA GLU C 371 -9.86 93.57 -46.80
C GLU C 371 -9.20 93.39 -48.15
N ILE C 372 -9.46 92.25 -48.79
CA ILE C 372 -8.98 92.00 -50.15
C ILE C 372 -9.95 92.70 -51.10
N VAL C 373 -9.42 93.63 -51.89
CA VAL C 373 -10.21 94.49 -52.77
C VAL C 373 -9.69 94.31 -54.19
N ASN C 374 -10.58 93.89 -55.09
CA ASN C 374 -10.27 93.91 -56.52
C ASN C 374 -10.48 95.32 -57.04
N GLU C 375 -9.44 95.89 -57.65
CA GLU C 375 -9.52 97.28 -58.09
C GLU C 375 -10.59 97.47 -59.15
N VAL C 376 -10.57 96.63 -60.19
CA VAL C 376 -11.49 96.75 -61.31
C VAL C 376 -11.30 98.13 -61.93
N VAL C 377 -10.04 98.46 -62.26
CA VAL C 377 -9.73 99.78 -62.79
C VAL C 377 -10.37 99.93 -64.16
N GLY C 378 -11.00 101.08 -64.38
CA GLY C 378 -11.62 101.38 -65.67
C GLY C 378 -10.61 101.60 -66.76
N GLU D 2 25.61 36.04 49.11
CA GLU D 2 26.06 34.69 49.54
C GLU D 2 26.65 33.92 48.37
N ARG D 3 27.61 33.06 48.66
CA ARG D 3 28.29 32.25 47.66
C ARG D 3 27.97 30.78 47.87
N GLU D 4 27.81 30.06 46.77
CA GLU D 4 27.62 28.62 46.85
C GLU D 4 28.87 27.97 47.43
N LEU D 5 28.68 26.82 48.07
CA LEU D 5 29.75 26.14 48.77
C LEU D 5 30.23 24.95 47.95
N PRO D 6 31.41 24.98 47.35
CA PRO D 6 31.99 23.73 46.83
C PRO D 6 32.18 22.73 47.96
N ILE D 7 31.93 21.46 47.65
CA ILE D 7 31.95 20.39 48.64
C ILE D 7 32.94 19.34 48.16
N PRO D 8 33.75 18.72 49.02
CA PRO D 8 34.61 17.63 48.55
C PRO D 8 33.78 16.44 48.08
N VAL D 9 34.35 15.70 47.13
CA VAL D 9 33.65 14.55 46.56
C VAL D 9 33.34 13.52 47.63
N PHE D 10 34.26 13.33 48.57
CA PHE D 10 34.06 12.32 49.60
C PHE D 10 32.85 12.61 50.47
N LEU D 11 32.65 13.88 50.82
CA LEU D 11 31.53 14.24 51.68
C LEU D 11 30.18 14.07 51.03
N THR D 12 30.13 13.93 49.70
CA THR D 12 28.88 13.81 48.96
C THR D 12 28.69 12.40 48.40
N GLU D 13 29.25 11.40 49.08
CA GLU D 13 29.16 10.03 48.59
C GLU D 13 27.72 9.52 48.67
N ASP D 14 27.35 8.70 47.69
CA ASP D 14 26.03 8.09 47.69
C ASP D 14 25.95 7.00 48.76
N GLU D 15 24.74 6.79 49.28
CA GLU D 15 24.54 5.76 50.28
C GLU D 15 24.90 4.38 49.75
N ASP D 16 24.45 4.07 48.53
CA ASP D 16 24.73 2.75 47.96
C ASP D 16 26.22 2.56 47.72
N SER D 17 26.92 3.61 47.32
CA SER D 17 28.36 3.49 47.11
C SER D 17 29.08 3.10 48.39
N VAL D 18 28.66 3.67 49.52
CA VAL D 18 29.21 3.26 50.80
C VAL D 18 28.90 1.80 51.07
N HIS D 19 27.62 1.42 50.90
CA HIS D 19 27.22 0.05 51.18
C HIS D 19 27.92 -0.93 50.24
N GLU D 20 28.07 -0.55 48.97
CA GLU D 20 28.71 -1.44 48.01
C GLU D 20 30.16 -1.72 48.41
N ARG D 21 30.88 -0.69 48.85
CA ARG D 21 32.25 -0.89 49.31
C ARG D 21 32.28 -1.78 50.55
N MET D 22 31.32 -1.61 51.45
CA MET D 22 31.29 -2.41 52.66
C MET D 22 31.11 -3.88 52.33
N LEU D 23 30.27 -4.20 51.36
CA LEU D 23 30.01 -5.59 50.99
C LEU D 23 31.04 -6.15 50.01
N SER D 24 32.06 -5.37 49.66
CA SER D 24 33.00 -5.83 48.64
C SER D 24 33.78 -7.06 49.10
N ASN D 25 34.15 -7.11 50.37
CA ASN D 25 35.01 -8.19 50.84
C ASN D 25 34.28 -9.52 50.92
N PHE D 26 32.98 -9.50 51.19
CA PHE D 26 32.23 -10.74 51.29
C PHE D 26 32.11 -11.41 49.93
N GLN D 27 32.47 -12.70 49.88
CA GLN D 27 32.26 -13.49 48.67
C GLN D 27 31.74 -14.89 48.94
N ASP D 28 31.69 -15.35 50.19
CA ASP D 28 31.14 -16.66 50.53
C ASP D 28 29.67 -16.60 50.93
N VAL D 29 29.29 -15.64 51.74
CA VAL D 29 27.94 -15.55 52.29
C VAL D 29 27.11 -14.63 51.40
N SER D 30 25.83 -14.95 51.30
CA SER D 30 24.92 -14.15 50.50
C SER D 30 24.79 -12.74 51.08
N THR D 31 24.64 -11.76 50.18
CA THR D 31 24.47 -10.37 50.55
C THR D 31 23.22 -9.78 49.92
N LEU D 32 22.21 -10.62 49.70
CA LEU D 32 20.95 -10.13 49.13
C LEU D 32 20.27 -9.19 50.12
N GLU D 33 19.47 -8.28 49.58
CA GLU D 33 18.68 -7.40 50.42
C GLU D 33 17.75 -8.23 51.30
N GLY D 34 17.74 -7.93 52.58
CA GLY D 34 17.01 -8.72 53.55
C GLY D 34 17.79 -9.85 54.16
N ASP D 35 18.97 -10.17 53.62
CA ASP D 35 19.80 -11.19 54.22
C ASP D 35 20.45 -10.66 55.49
N PHE D 36 20.96 -11.58 56.30
CA PHE D 36 21.53 -11.21 57.59
C PHE D 36 22.75 -10.32 57.43
N ILE D 37 23.62 -10.63 56.47
CA ILE D 37 24.77 -9.77 56.21
C ILE D 37 24.29 -8.38 55.78
N TYR D 38 23.27 -8.34 54.93
CA TYR D 38 22.70 -7.05 54.55
C TYR D 38 22.14 -6.32 55.76
N ASP D 39 21.50 -7.05 56.67
CA ASP D 39 20.94 -6.42 57.86
C ASP D 39 22.04 -5.80 58.71
N ALA D 40 23.16 -6.49 58.85
CA ALA D 40 24.24 -5.97 59.68
C ALA D 40 24.86 -4.72 59.08
N THR D 41 24.95 -4.64 57.76
CA THR D 41 25.75 -3.62 57.08
C THR D 41 24.94 -2.42 56.61
N ARG D 42 23.72 -2.62 56.13
CA ARG D 42 22.99 -1.53 55.49
C ARG D 42 22.72 -0.35 56.43
N PRO D 43 22.26 -0.54 57.67
CA PRO D 43 22.05 0.62 58.53
C PRO D 43 23.31 1.42 58.78
N THR D 44 24.46 0.75 58.88
CA THR D 44 25.72 1.47 59.01
C THR D 44 25.99 2.33 57.79
N ALA D 45 25.82 1.76 56.60
CA ALA D 45 26.05 2.51 55.37
C ALA D 45 25.08 3.68 55.26
N GLU D 46 23.82 3.45 55.58
CA GLU D 46 22.83 4.53 55.52
C GLU D 46 23.15 5.61 56.53
N GLN D 47 23.52 5.23 57.75
CA GLN D 47 23.82 6.21 58.78
C GLN D 47 25.06 7.02 58.41
N ILE D 48 26.05 6.38 57.79
CA ILE D 48 27.25 7.09 57.37
C ILE D 48 26.88 8.16 56.34
N ALA D 49 26.07 7.80 55.37
CA ALA D 49 25.73 8.74 54.30
C ALA D 49 24.98 9.95 54.86
N GLU D 50 24.03 9.71 55.76
CA GLU D 50 23.28 10.82 56.35
C GLU D 50 24.20 11.73 57.14
N LEU D 51 25.03 11.15 58.01
CA LEU D 51 25.96 11.96 58.78
C LEU D 51 26.97 12.64 57.86
N LYS D 52 27.49 11.92 56.89
CA LYS D 52 28.50 12.50 56.00
C LYS D 52 27.93 13.63 55.17
N GLN D 53 26.70 13.47 54.67
CA GLN D 53 26.12 14.49 53.80
C GLN D 53 25.60 15.68 54.58
N LEU D 54 25.01 15.47 55.76
CA LEU D 54 24.42 16.54 56.55
C LEU D 54 25.40 17.10 57.58
N GLY D 55 25.89 16.27 58.48
CA GLY D 55 26.66 16.78 59.61
C GLY D 55 27.97 17.42 59.18
N LEU D 56 28.72 16.75 58.31
CA LEU D 56 30.03 17.25 57.94
C LEU D 56 29.92 18.46 57.00
N GLN D 57 29.01 18.40 56.03
CA GLN D 57 28.88 19.51 55.09
C GLN D 57 28.43 20.78 55.79
N ASN D 58 27.51 20.65 56.75
CA ASN D 58 27.10 21.82 57.51
C ASN D 58 28.26 22.42 58.29
N ASN D 59 29.14 21.56 58.83
CA ASN D 59 30.32 22.06 59.52
C ASN D 59 31.21 22.86 58.58
N LEU D 60 31.39 22.36 57.35
CA LEU D 60 32.18 23.09 56.38
C LEU D 60 31.54 24.42 56.02
N LYS D 61 30.20 24.45 55.95
CA LYS D 61 29.51 25.68 55.59
C LYS D 61 29.75 26.78 56.62
N ILE D 62 29.63 26.44 57.91
CA ILE D 62 29.78 27.44 58.95
C ILE D 62 31.21 27.90 59.15
N ALA D 63 32.18 27.23 58.52
CA ALA D 63 33.58 27.57 58.74
C ALA D 63 33.89 28.98 58.26
N PHE D 64 33.56 29.29 57.01
CA PHE D 64 33.98 30.54 56.40
C PHE D 64 32.88 31.58 56.48
N PRO D 65 33.22 32.88 56.50
CA PRO D 65 32.16 33.90 56.46
C PRO D 65 31.46 33.99 55.13
N GLN D 66 32.03 33.43 54.06
CA GLN D 66 31.36 33.45 52.77
C GLN D 66 30.03 32.71 52.83
N THR D 67 29.91 31.71 53.71
CA THR D 67 28.72 30.88 53.81
C THR D 67 28.22 30.68 55.23
N SER D 68 28.92 31.21 56.24
CA SER D 68 28.47 31.05 57.61
C SER D 68 27.16 31.82 57.84
N TYR D 69 26.60 31.65 59.02
CA TYR D 69 25.32 32.27 59.35
C TYR D 69 25.13 32.32 60.86
N GLY D 70 24.21 33.16 61.29
CA GLY D 70 23.80 33.19 62.69
C GLY D 70 24.96 33.50 63.61
N THR D 71 24.97 32.80 64.76
CA THR D 71 26.05 32.97 65.73
C THR D 71 27.40 32.66 65.09
N TYR D 72 27.45 31.69 64.19
CA TYR D 72 28.71 31.32 63.55
C TYR D 72 29.26 32.48 62.72
N LEU D 73 28.40 33.17 61.98
CA LEU D 73 28.86 34.31 61.21
C LEU D 73 29.29 35.45 62.13
N GLU D 74 28.64 35.60 63.28
CA GLU D 74 29.01 36.66 64.21
C GLU D 74 30.44 36.49 64.70
N TRP D 75 30.82 35.27 65.07
CA TRP D 75 32.14 35.03 65.61
C TRP D 75 33.22 35.31 64.57
N LEU D 76 32.98 34.93 63.32
CA LEU D 76 33.90 35.30 62.26
C LEU D 76 33.95 36.81 62.08
N GLY D 77 32.85 37.50 62.38
CA GLY D 77 32.93 38.96 62.48
C GLY D 77 33.83 39.40 63.61
N GLU D 78 33.80 38.66 64.73
CA GLU D 78 34.67 38.99 65.85
C GLU D 78 36.12 38.64 65.57
N CYS D 79 36.39 37.75 64.61
CA CYS D 79 37.77 37.48 64.23
C CYS D 79 38.44 38.75 63.74
N LYS D 80 37.75 39.50 62.88
CA LYS D 80 38.24 40.78 62.37
C LYS D 80 37.53 41.96 63.02
N GLY D 81 36.94 41.76 64.19
CA GLY D 81 36.43 42.87 64.98
C GLY D 81 35.33 43.66 64.33
N VAL D 82 34.37 42.98 63.71
CA VAL D 82 33.20 43.61 63.12
C VAL D 82 31.97 42.99 63.77
N PHE D 83 31.12 43.83 64.35
CA PHE D 83 29.94 43.40 65.07
C PHE D 83 28.70 43.83 64.31
N LYS D 84 27.70 42.96 64.28
CA LYS D 84 26.44 43.31 63.66
C LYS D 84 25.62 44.17 64.60
N ASN D 85 24.81 45.04 64.02
CA ASN D 85 24.01 45.96 64.81
C ASN D 85 22.92 45.21 65.57
N GLN D 86 22.50 45.79 66.69
CA GLN D 86 21.51 45.20 67.58
C GLN D 86 20.19 45.95 67.48
N PRO D 87 19.07 45.32 67.81
CA PRO D 87 17.78 46.00 67.69
C PRO D 87 17.53 46.90 68.91
N THR D 88 16.44 47.66 68.82
CA THR D 88 16.05 48.59 69.86
C THR D 88 14.54 48.52 70.06
N LYS D 89 14.10 48.94 71.24
CA LYS D 89 12.70 48.96 71.59
C LYS D 89 12.04 50.23 71.07
N ALA D 90 10.80 50.11 70.63
CA ALA D 90 10.02 51.28 70.25
C ALA D 90 9.82 52.19 71.46
N THR D 91 10.05 53.49 71.26
CA THR D 91 9.93 54.49 72.31
C THR D 91 8.95 55.57 71.87
N GLY D 92 8.20 56.08 72.82
CA GLY D 92 7.21 57.10 72.51
C GLY D 92 6.50 57.55 73.76
N VAL D 93 5.43 58.32 73.56
CA VAL D 93 4.66 58.91 74.65
C VAL D 93 3.22 58.46 74.53
N ILE D 94 2.57 58.31 75.69
CA ILE D 94 1.18 57.88 75.77
C ILE D 94 0.43 58.91 76.60
N THR D 95 -0.72 59.34 76.10
CA THR D 95 -1.58 60.29 76.81
C THR D 95 -2.59 59.52 77.65
N PHE D 96 -2.82 60.02 78.87
CA PHE D 96 -3.74 59.41 79.82
C PHE D 96 -4.76 60.45 80.25
N THR D 97 -5.99 60.01 80.48
CA THR D 97 -7.07 60.88 80.95
C THR D 97 -7.85 60.14 82.03
N GLY D 98 -8.24 60.87 83.07
CA GLY D 98 -8.98 60.24 84.15
C GLY D 98 -9.15 61.17 85.33
N VAL D 99 -9.54 60.58 86.46
CA VAL D 99 -9.69 61.34 87.69
C VAL D 99 -8.35 61.92 88.10
N GLN D 100 -8.39 63.16 88.59
CA GLN D 100 -7.15 63.85 88.95
C GLN D 100 -6.43 63.14 90.08
N GLY D 101 -7.18 62.63 91.06
CA GLY D 101 -6.56 61.90 92.15
C GLY D 101 -5.85 60.63 91.72
N THR D 102 -6.15 60.12 90.54
CA THR D 102 -5.52 58.90 90.07
C THR D 102 -4.02 59.09 89.90
N ILE D 103 -3.27 58.03 90.19
CA ILE D 103 -1.82 58.02 90.08
C ILE D 103 -1.41 56.86 89.18
N ILE D 104 -0.49 57.12 88.25
CA ILE D 104 0.03 56.11 87.33
C ILE D 104 1.51 55.93 87.62
N THR D 105 1.92 54.69 87.83
CA THR D 105 3.28 54.36 88.25
C THR D 105 4.10 53.86 87.08
N LYS D 106 5.42 53.95 87.24
CA LYS D 106 6.34 53.41 86.25
C LYS D 106 6.23 51.89 86.19
N GLY D 107 6.54 51.34 85.02
CA GLY D 107 6.45 49.91 84.82
C GLY D 107 5.08 49.39 84.49
N THR D 108 4.06 50.23 84.46
CA THR D 108 2.73 49.80 84.08
C THR D 108 2.74 49.35 82.63
N ILE D 109 1.90 48.36 82.32
CA ILE D 109 1.86 47.72 81.01
C ILE D 109 0.57 48.11 80.32
N VAL D 110 0.69 48.68 79.12
CA VAL D 110 -0.43 48.95 78.24
C VAL D 110 -0.07 48.42 76.85
N THR D 111 -1.05 47.86 76.17
CA THR D 111 -0.82 47.13 74.92
C THR D 111 -1.73 47.68 73.83
N THR D 112 -1.63 47.08 72.65
CA THR D 112 -2.54 47.34 71.55
C THR D 112 -3.71 46.36 71.63
N ILE D 113 -4.65 46.49 70.71
CA ILE D 113 -5.86 45.68 70.70
C ILE D 113 -5.53 44.36 70.03
N ALA D 114 -5.39 43.30 70.84
CA ALA D 114 -5.24 41.96 70.29
C ALA D 114 -6.53 41.54 69.60
N THR D 115 -6.39 40.83 68.49
CA THR D 115 -7.52 40.38 67.68
C THR D 115 -7.21 39.00 67.15
N ASP D 116 -8.18 38.43 66.42
CA ASP D 116 -7.94 37.16 65.75
C ASP D 116 -6.86 37.29 64.71
N GLU D 117 -6.86 38.39 63.95
CA GLU D 117 -5.87 38.57 62.90
C GLU D 117 -4.50 38.92 63.47
N LYS D 118 -4.46 39.75 64.51
CA LYS D 118 -3.23 40.31 65.03
C LYS D 118 -3.19 40.19 66.55
N GLN D 119 -1.98 40.02 67.07
CA GLN D 119 -1.74 39.96 68.50
C GLN D 119 -1.34 41.34 69.02
N SER D 120 -1.58 41.56 70.31
CA SER D 120 -1.31 42.84 70.93
C SER D 120 0.18 43.03 71.14
N ILE D 121 0.64 44.27 70.97
CA ILE D 121 2.04 44.63 71.17
C ILE D 121 2.15 45.28 72.54
N GLU D 122 3.01 44.74 73.39
CA GLU D 122 3.11 45.18 74.78
C GLU D 122 4.06 46.37 74.90
N PHE D 123 3.65 47.36 75.69
CA PHE D 123 4.43 48.54 75.97
C PHE D 123 4.47 48.78 77.47
N GLU D 124 5.55 49.39 77.94
CA GLU D 124 5.78 49.64 79.36
C GLU D 124 6.04 51.12 79.57
N LEU D 125 5.48 51.66 80.64
CA LEU D 125 5.68 53.07 80.98
C LEU D 125 7.03 53.27 81.65
N LEU D 126 7.72 54.32 81.24
CA LEU D 126 9.04 54.65 81.75
C LEU D 126 9.02 55.66 82.89
N GLU D 127 7.84 56.11 83.31
CA GLU D 127 7.73 57.20 84.28
C GLU D 127 6.54 56.95 85.20
N THR D 128 6.60 57.61 86.35
CA THR D 128 5.49 57.65 87.31
C THR D 128 4.97 59.08 87.36
N LYS D 129 3.66 59.22 87.20
CA LYS D 129 3.02 60.53 87.15
C LYS D 129 1.72 60.48 87.94
N THR D 130 1.17 61.67 88.17
CA THR D 130 -0.13 61.83 88.82
C THR D 130 -0.96 62.82 88.02
N ILE D 131 -2.28 62.62 88.06
CA ILE D 131 -3.21 63.39 87.24
C ILE D 131 -3.73 64.57 88.07
N GLY D 132 -3.07 64.87 89.19
CA GLY D 132 -3.65 65.74 90.20
C GLY D 132 -3.93 67.16 89.71
N GLU D 133 -3.07 67.67 88.82
CA GLU D 133 -3.23 69.05 88.37
C GLU D 133 -4.29 69.16 87.27
N ASN D 134 -4.06 68.48 86.16
CA ASN D 134 -4.98 68.46 85.02
C ASN D 134 -5.44 67.04 84.78
N GLU D 135 -6.63 66.91 84.19
CA GLU D 135 -7.16 65.58 83.89
C GLU D 135 -6.29 64.83 82.89
N THR D 136 -5.51 65.53 82.08
CA THR D 136 -4.65 64.92 81.07
C THR D 136 -3.22 64.88 81.56
N VAL D 137 -2.54 63.75 81.32
CA VAL D 137 -1.11 63.61 81.58
C VAL D 137 -0.50 62.75 80.49
N ASP D 138 0.78 62.99 80.23
CA ASP D 138 1.55 62.26 79.23
C ASP D 138 2.70 61.54 79.93
N ILE D 139 2.87 60.27 79.60
CA ILE D 139 3.90 59.42 80.20
C ILE D 139 4.73 58.82 79.09
N LYS D 140 6.05 58.92 79.23
CA LYS D 140 6.95 58.23 78.31
C LYS D 140 6.83 56.74 78.50
N ALA D 141 6.86 56.00 77.39
CA ALA D 141 6.70 54.55 77.41
C ALA D 141 7.66 53.94 76.41
N GLU D 142 7.80 52.62 76.51
CA GLU D 142 8.70 51.88 75.62
C GLU D 142 8.10 50.51 75.35
N SER D 143 8.26 50.03 74.11
CA SER D 143 7.88 48.67 73.78
C SER D 143 8.72 47.69 74.58
N ARG D 144 8.06 46.66 75.13
CA ARG D 144 8.79 45.67 75.91
C ARG D 144 9.62 44.71 75.04
N ILE D 145 9.45 44.75 73.72
CA ILE D 145 10.15 43.88 72.79
C ILE D 145 10.95 44.74 71.82
N VAL D 146 12.22 44.39 71.64
CA VAL D 146 13.08 45.08 70.68
C VAL D 146 12.54 44.83 69.27
N GLY D 147 13.02 45.60 68.31
CA GLY D 147 12.66 45.43 66.91
C GLY D 147 11.66 46.47 66.45
N THR D 148 11.44 46.47 65.14
CA THR D 148 10.46 47.37 64.55
C THR D 148 9.04 47.01 64.94
N ILE D 149 8.81 45.83 65.51
CA ILE D 149 7.55 45.58 66.21
C ILE D 149 7.37 46.66 67.24
N GLY D 150 6.15 47.16 67.36
CA GLY D 150 5.93 48.47 67.92
C GLY D 150 6.04 49.48 66.79
N ASN D 151 6.49 50.69 67.08
CA ASN D 151 6.48 51.77 66.10
C ASN D 151 5.07 51.96 65.55
N VAL D 152 4.10 51.82 66.44
CA VAL D 152 2.68 51.74 66.09
C VAL D 152 2.18 53.10 65.61
N SER D 153 0.97 53.12 65.08
CA SER D 153 0.36 54.36 64.61
C SER D 153 0.02 55.25 65.79
N LYS D 154 -0.63 56.38 65.49
CA LYS D 154 -0.89 57.39 66.51
C LYS D 154 -1.79 56.85 67.62
N GLY D 155 -2.94 56.30 67.25
CA GLY D 155 -3.96 55.93 68.21
C GLY D 155 -3.98 54.45 68.56
N SER D 156 -2.88 53.74 68.31
CA SER D 156 -2.91 52.29 68.46
C SER D 156 -2.99 51.89 69.92
N ILE D 157 -2.16 52.49 70.78
CA ILE D 157 -2.11 52.08 72.18
C ILE D 157 -3.43 52.48 72.84
N SER D 158 -4.27 51.49 73.15
CA SER D 158 -5.55 51.75 73.78
C SER D 158 -5.94 50.73 74.83
N VAL D 159 -5.07 49.77 75.17
CA VAL D 159 -5.41 48.66 76.04
C VAL D 159 -4.53 48.70 77.27
N LEU D 160 -5.15 48.55 78.44
CA LEU D 160 -4.46 48.35 79.70
C LEU D 160 -4.71 46.91 80.15
N LEU D 161 -3.64 46.20 80.48
CA LEU D 161 -3.79 44.81 80.91
C LEU D 161 -4.62 44.72 82.19
N GLY D 162 -4.33 45.58 83.16
CA GLY D 162 -5.09 45.61 84.40
C GLY D 162 -6.27 46.54 84.32
N SER D 163 -6.56 47.23 85.41
CA SER D 163 -7.62 48.24 85.42
C SER D 163 -7.32 49.22 86.55
N ILE D 164 -6.88 50.42 86.20
CA ILE D 164 -6.49 51.43 87.17
C ILE D 164 -7.71 52.29 87.48
N SER D 165 -7.97 52.50 88.77
CA SER D 165 -9.13 53.26 89.18
C SER D 165 -9.04 54.70 88.69
N GLY D 166 -10.15 55.20 88.15
CA GLY D 166 -10.27 56.59 87.78
C GLY D 166 -9.76 56.94 86.40
N VAL D 167 -9.06 56.02 85.73
CA VAL D 167 -8.53 56.33 84.40
C VAL D 167 -9.66 56.29 83.40
N LYS D 168 -9.85 57.37 82.66
CA LYS D 168 -10.96 57.49 81.72
C LYS D 168 -10.59 57.05 80.31
N SER D 169 -9.36 57.28 79.87
CA SER D 169 -8.95 56.86 78.53
C SER D 169 -7.44 56.90 78.43
N ILE D 170 -6.86 55.87 77.82
CA ILE D 170 -5.44 55.81 77.49
C ILE D 170 -5.36 55.80 75.98
N THR D 171 -4.65 56.77 75.41
CA THR D 171 -4.46 56.83 73.97
C THR D 171 -3.07 57.37 73.68
N ASN D 172 -2.32 56.64 72.84
CA ASN D 172 -1.11 57.19 72.29
C ASN D 172 -1.45 58.37 71.41
N LYS D 173 -0.61 59.40 71.43
CA LYS D 173 -0.84 60.63 70.68
C LYS D 173 -0.15 60.63 69.32
N GLU D 174 1.06 60.06 69.25
CA GLU D 174 1.84 60.06 68.03
C GLU D 174 2.52 58.72 67.87
N ASP D 175 2.83 58.37 66.62
CA ASP D 175 3.42 57.08 66.32
C ASP D 175 4.79 56.94 66.98
N PHE D 176 5.09 55.74 67.46
CA PHE D 176 6.37 55.45 68.07
C PHE D 176 7.44 55.29 66.99
N ARG D 177 8.69 55.55 67.35
CA ARG D 177 9.79 55.58 66.39
C ARG D 177 11.07 54.90 66.87
N GLY D 178 11.12 54.40 68.10
CA GLY D 178 12.36 53.89 68.65
C GLY D 178 12.77 52.50 68.21
N GLY D 179 11.95 51.82 67.41
CA GLY D 179 12.21 50.44 67.08
C GLY D 179 13.13 50.29 65.88
N THR D 180 13.95 49.24 65.93
CA THR D 180 14.78 48.87 64.80
C THR D 180 15.15 47.41 64.96
N ASP D 181 15.17 46.69 63.84
CA ASP D 181 15.34 45.24 63.86
C ASP D 181 16.81 44.85 63.88
N ILE D 182 17.04 43.55 64.06
CA ILE D 182 18.38 42.99 63.96
C ILE D 182 18.89 43.20 62.55
N GLU D 183 20.18 43.50 62.43
CA GLU D 183 20.80 43.73 61.13
C GLU D 183 20.72 42.46 60.28
N ASP D 184 20.54 42.65 58.98
CA ASP D 184 20.42 41.52 58.06
C ASP D 184 21.72 40.73 58.02
N GLU D 185 21.59 39.40 57.95
CA GLU D 185 22.77 38.55 57.91
C GLU D 185 23.60 38.82 56.67
N GLU D 186 22.96 38.93 55.51
CA GLU D 186 23.71 39.17 54.28
C GLU D 186 24.34 40.55 54.29
N HIS D 187 23.63 41.55 54.81
CA HIS D 187 24.24 42.87 54.98
C HIS D 187 25.42 42.79 55.92
N PHE D 188 25.26 42.06 57.04
CA PHE D 188 26.38 41.88 57.96
C PHE D 188 27.48 41.06 57.31
N ARG D 189 27.13 40.03 56.54
CA ARG D 189 28.13 39.27 55.82
C ARG D 189 28.91 40.16 54.86
N GLU D 190 28.19 41.09 54.19
CA GLU D 190 28.88 42.07 53.36
C GLU D 190 29.84 42.91 54.18
N ARG D 191 29.39 43.37 55.35
CA ARG D 191 30.26 44.18 56.21
C ARG D 191 31.50 43.40 56.61
N VAL D 192 31.34 42.11 56.90
CA VAL D 192 32.49 41.28 57.26
C VAL D 192 33.47 41.21 56.12
N LEU D 193 32.96 41.03 54.90
CA LEU D 193 33.82 40.94 53.73
C LEU D 193 34.28 42.30 53.21
N VAL D 194 33.54 43.37 53.46
CA VAL D 194 34.02 44.69 53.07
C VAL D 194 35.26 45.05 53.88
N ALA D 195 35.26 44.75 55.17
CA ALA D 195 36.39 45.11 56.02
C ALA D 195 37.59 44.24 55.72
N GLU D 196 38.21 44.47 54.55
CA GLU D 196 39.36 43.70 54.10
C GLU D 196 40.39 44.59 53.42
N GLN D 197 40.51 45.84 53.85
CA GLN D 197 41.51 46.74 53.29
C GLN D 197 42.89 46.37 53.83
N GLU D 198 43.88 46.40 52.94
CA GLU D 198 45.23 45.93 53.27
C GLU D 198 46.09 47.02 53.90
N ASP D 199 46.10 48.22 53.32
CA ASP D 199 46.95 49.30 53.80
C ASP D 199 46.25 50.62 53.52
N LYS D 200 47.00 51.72 53.57
CA LYS D 200 46.44 53.07 53.47
C LYS D 200 45.41 53.28 54.58
N LEU D 201 45.91 53.23 55.81
CA LEU D 201 45.08 53.33 57.00
C LEU D 201 45.71 54.21 58.08
N SER D 202 46.78 54.94 57.77
CA SER D 202 47.51 55.70 58.79
C SER D 202 46.78 56.97 59.20
N GLY D 203 46.08 57.60 58.26
CA GLY D 203 45.47 58.90 58.52
C GLY D 203 46.38 60.03 58.10
N ALA D 204 47.03 59.87 56.95
CA ALA D 204 47.76 60.95 56.33
C ALA D 204 46.79 61.90 55.65
N SER D 205 47.33 62.92 54.97
CA SER D 205 46.47 63.80 54.20
C SER D 205 45.73 63.05 53.10
N SER D 206 46.43 62.14 52.41
CA SER D 206 45.79 61.34 51.39
C SER D 206 44.70 60.46 52.00
N ASP D 207 44.98 59.83 53.14
CA ASP D 207 43.99 58.99 53.79
C ASP D 207 42.77 59.80 54.21
N TYR D 208 42.99 60.98 54.80
CA TYR D 208 41.88 61.81 55.22
C TYR D 208 41.07 62.30 54.03
N ILE D 209 41.74 62.65 52.93
CA ILE D 209 41.04 63.06 51.73
C ILE D 209 40.18 61.92 51.20
N ARG D 210 40.74 60.70 51.19
CA ARG D 210 39.97 59.54 50.77
C ARG D 210 38.77 59.31 51.67
N TRP D 211 38.97 59.44 52.99
CA TRP D 211 37.86 59.26 53.92
C TRP D 211 36.80 60.32 53.73
N ALA D 212 37.22 61.57 53.51
CA ALA D 212 36.24 62.64 53.27
C ALA D 212 35.47 62.38 51.98
N LYS D 213 36.16 61.93 50.93
CA LYS D 213 35.50 61.67 49.67
C LYS D 213 34.51 60.51 49.76
N GLU D 214 34.75 59.57 50.67
CA GLU D 214 33.85 58.42 50.79
C GLU D 214 32.46 58.85 51.20
N VAL D 215 32.36 59.83 52.10
CA VAL D 215 31.05 60.37 52.48
C VAL D 215 30.43 61.04 51.26
N ASP D 216 29.15 60.76 51.01
CA ASP D 216 28.46 61.33 49.87
C ASP D 216 28.32 62.84 50.04
N GLY D 217 28.22 63.53 48.92
CA GLY D 217 28.12 64.97 48.91
C GLY D 217 29.44 65.71 49.06
N VAL D 218 30.56 64.99 49.16
CA VAL D 218 31.87 65.60 49.29
C VAL D 218 32.50 65.62 47.90
N GLY D 219 32.48 66.79 47.26
CA GLY D 219 33.08 66.92 45.95
C GLY D 219 34.59 67.03 46.03
N TYR D 220 35.07 67.87 46.93
CA TYR D 220 36.50 68.08 47.12
C TYR D 220 36.78 68.22 48.60
N ALA D 221 38.01 67.85 48.99
CA ALA D 221 38.43 67.92 50.39
C ALA D 221 39.89 68.34 50.44
N TYR D 222 40.23 69.10 51.48
CA TYR D 222 41.58 69.60 51.69
C TYR D 222 41.92 69.46 53.16
N VAL D 223 43.22 69.24 53.42
CA VAL D 223 43.71 68.90 54.75
C VAL D 223 44.75 69.92 55.18
N VAL D 224 44.67 70.34 56.44
CA VAL D 224 45.69 71.18 57.08
C VAL D 224 46.26 70.40 58.24
N SER D 225 47.57 70.19 58.23
CA SER D 225 48.25 69.41 59.26
C SER D 225 48.62 70.31 60.42
N GLU D 226 48.18 69.93 61.63
CA GLU D 226 48.47 70.67 62.85
C GLU D 226 48.04 72.13 62.73
N TRP D 227 46.81 72.33 62.24
CA TRP D 227 46.26 73.69 62.18
C TRP D 227 46.15 74.30 63.57
N ALA D 228 45.95 73.47 64.61
CA ALA D 228 45.94 73.89 65.99
C ALA D 228 46.97 73.13 66.82
N GLY D 229 48.02 72.60 66.19
CA GLY D 229 49.04 71.85 66.89
C GLY D 229 48.50 70.54 67.45
N ALA D 230 49.38 69.84 68.16
CA ALA D 230 49.03 68.59 68.83
C ALA D 230 48.48 67.56 67.86
N GLY D 231 48.96 67.56 66.62
CA GLY D 231 48.46 66.64 65.64
C GLY D 231 47.04 66.91 65.18
N THR D 232 46.54 68.12 65.40
CA THR D 232 45.20 68.46 64.93
C THR D 232 45.17 68.48 63.41
N VAL D 233 44.01 68.14 62.86
CA VAL D 233 43.81 68.05 61.42
C VAL D 233 42.53 68.79 61.05
N LYS D 234 42.66 69.76 60.16
CA LYS D 234 41.51 70.43 59.57
C LYS D 234 41.14 69.71 58.28
N VAL D 235 39.85 69.67 57.98
CA VAL D 235 39.34 68.99 56.79
C VAL D 235 38.44 70.01 56.08
N LEU D 236 39.02 70.76 55.15
CA LEU D 236 38.27 71.74 54.37
C LEU D 236 37.63 71.06 53.18
N ILE D 237 36.30 71.11 53.11
CA ILE D 237 35.52 70.33 52.15
C ILE D 237 34.66 71.26 51.30
N LEU D 238 34.60 70.96 50.01
CA LEU D 238 33.65 71.56 49.09
C LEU D 238 32.68 70.47 48.62
N ASP D 239 31.43 70.85 48.41
CA ASP D 239 30.42 69.89 48.00
C ASP D 239 30.62 69.52 46.53
N LYS D 240 29.68 68.78 45.97
CA LYS D 240 29.82 68.31 44.59
C LYS D 240 29.90 69.47 43.60
N ASN D 241 29.21 70.57 43.89
CA ASN D 241 29.13 71.72 43.00
C ASN D 241 30.11 72.83 43.38
N ARG D 242 31.25 72.46 43.99
CA ARG D 242 32.30 73.37 44.45
C ARG D 242 31.90 74.17 45.70
N LYS D 243 30.63 74.11 46.09
CA LYS D 243 30.14 75.04 47.10
C LYS D 243 30.57 74.57 48.49
N ALA D 244 30.42 75.48 49.45
CA ALA D 244 30.69 75.14 50.84
C ALA D 244 29.74 74.05 51.31
N ALA D 245 30.29 73.03 51.96
CA ALA D 245 29.47 71.95 52.47
C ALA D 245 28.52 72.48 53.53
N THR D 246 27.28 72.00 53.50
CA THR D 246 26.30 72.41 54.49
C THR D 246 26.69 71.88 55.87
N GLN D 247 26.01 72.39 56.90
CA GLN D 247 26.30 71.95 58.25
C GLN D 247 26.00 70.48 58.43
N GLU D 248 24.89 70.00 57.85
CA GLU D 248 24.56 68.59 57.94
C GLU D 248 25.63 67.74 57.27
N LEU D 249 26.09 68.15 56.10
CA LEU D 249 27.17 67.43 55.42
C LEU D 249 28.44 67.47 56.26
N ILE D 250 28.72 68.62 56.89
CA ILE D 250 29.89 68.73 57.75
C ILE D 250 29.79 67.75 58.91
N ASP D 251 28.61 67.68 59.54
CA ASP D 251 28.42 66.77 60.66
C ASP D 251 28.57 65.32 60.22
N LYS D 252 28.05 64.97 59.05
CA LYS D 252 28.18 63.62 58.55
C LYS D 252 29.64 63.26 58.33
N VAL D 253 30.38 64.14 57.66
CA VAL D 253 31.81 63.90 57.45
C VAL D 253 32.54 63.91 58.79
N GLN D 254 32.16 64.85 59.66
CA GLN D 254 32.76 64.89 60.99
C GLN D 254 32.50 63.59 61.75
N GLU D 255 31.23 63.18 61.80
CA GLU D 255 30.90 61.95 62.51
C GLU D 255 31.52 60.73 61.85
N TYR D 256 31.60 60.73 60.52
CA TYR D 256 32.17 59.57 59.83
C TYR D 256 33.64 59.38 60.17
N ILE D 257 34.39 60.48 60.25
CA ILE D 257 35.84 60.42 60.43
C ILE D 257 36.20 60.58 61.90
N TYR D 258 35.42 61.38 62.63
CA TYR D 258 35.77 61.74 63.99
C TYR D 258 34.51 62.02 64.80
N PRO D 259 33.84 60.99 65.33
CA PRO D 259 32.64 61.23 66.14
C PRO D 259 32.92 62.11 67.34
N LEU D 260 31.94 62.95 67.67
CA LEU D 260 32.01 63.85 68.80
C LEU D 260 30.99 63.56 69.89
N ASN D 261 30.10 62.59 69.69
CA ASN D 261 29.04 62.27 70.63
C ASN D 261 29.38 61.06 71.50
N ILE D 262 30.66 60.68 71.57
CA ILE D 262 31.04 59.54 72.38
C ILE D 262 30.77 59.84 73.85
N SER D 263 30.15 58.88 74.54
CA SER D 263 29.83 59.02 75.96
C SER D 263 31.00 58.50 76.79
N GLU D 264 30.77 58.35 78.10
CA GLU D 264 31.83 57.90 78.99
C GLU D 264 32.27 56.48 78.65
N GLY D 265 31.31 55.57 78.50
CA GLY D 265 31.60 54.20 78.14
C GLY D 265 31.64 53.99 76.64
N GLU D 266 32.36 54.86 75.94
CA GLU D 266 32.43 54.80 74.49
C GLU D 266 33.76 55.36 74.03
N ASN D 267 34.12 55.04 72.79
CA ASN D 267 35.34 55.53 72.16
C ASN D 267 35.02 55.79 70.70
N ARG D 268 35.82 56.67 70.08
CA ARG D 268 35.58 57.01 68.68
C ARG D 268 35.72 55.79 67.79
N ASP D 269 34.75 55.63 66.90
CA ASP D 269 34.78 54.60 65.85
C ASP D 269 35.09 55.18 64.48
N GLY D 270 35.27 56.49 64.37
CA GLY D 270 35.56 57.08 63.08
C GLY D 270 36.90 56.65 62.53
N LYS D 271 37.13 57.00 61.27
CA LYS D 271 38.38 56.62 60.61
C LYS D 271 39.59 57.29 61.23
N ALA D 272 39.42 58.35 62.00
CA ALA D 272 40.55 59.03 62.62
C ALA D 272 41.21 58.10 63.65
N PRO D 273 42.52 57.80 63.55
CA PRO D 273 43.12 56.92 64.56
C PRO D 273 43.20 57.57 65.93
N ILE D 274 43.71 56.83 66.92
CA ILE D 274 43.83 57.38 68.26
C ILE D 274 44.78 58.57 68.27
N GLY D 275 44.43 59.59 69.03
CA GLY D 275 45.31 60.72 69.24
C GLY D 275 45.38 61.71 68.10
N ALA D 276 44.71 61.45 66.99
CA ALA D 276 44.69 62.36 65.84
C ALA D 276 43.41 63.17 65.92
N LEU D 277 43.52 64.41 66.40
CA LEU D 277 42.37 65.29 66.51
C LEU D 277 41.99 65.80 65.13
N VAL D 278 40.70 65.77 64.82
CA VAL D 278 40.19 66.10 63.50
C VAL D 278 39.03 67.07 63.64
N THR D 279 38.90 67.96 62.66
CA THR D 279 37.78 68.88 62.60
C THR D 279 37.46 69.15 61.13
N VAL D 280 36.17 69.19 60.82
CA VAL D 280 35.68 69.40 59.46
C VAL D 280 35.26 70.86 59.34
N VAL D 281 35.74 71.52 58.28
CA VAL D 281 35.51 72.94 58.05
C VAL D 281 35.08 73.10 56.59
N THR D 282 34.45 74.23 56.31
CA THR D 282 34.11 74.63 54.96
C THR D 282 34.50 76.09 54.77
N PRO D 283 34.98 76.49 53.57
CA PRO D 283 35.43 77.88 53.41
C PRO D 283 34.28 78.88 53.45
N ASP D 284 34.61 80.16 53.27
CA ASP D 284 33.64 81.25 53.34
C ASP D 284 33.25 81.68 51.94
N THR D 285 31.95 81.82 51.71
CA THR D 285 31.42 82.19 50.40
C THR D 285 31.40 83.72 50.29
N LEU D 286 32.34 84.26 49.52
CA LEU D 286 32.37 85.70 49.30
C LEU D 286 31.22 86.11 48.38
N LEU D 287 30.49 87.13 48.78
CA LEU D 287 29.38 87.65 48.00
C LEU D 287 29.86 88.81 47.13
N ILE D 288 29.57 88.75 45.84
CA ILE D 288 30.01 89.75 44.88
C ILE D 288 28.81 90.66 44.64
N ASN D 289 28.75 91.74 45.42
CA ASN D 289 27.71 92.76 45.23
C ASN D 289 28.17 93.71 44.14
N VAL D 290 27.48 93.68 43.00
CA VAL D 290 27.85 94.48 41.84
C VAL D 290 27.11 95.81 41.93
N LYS D 291 27.85 96.91 41.74
CA LYS D 291 27.30 98.26 41.77
C LYS D 291 27.63 98.94 40.45
N ALA D 292 26.61 99.52 39.81
CA ALA D 292 26.80 100.27 38.58
C ALA D 292 25.54 101.09 38.33
N SER D 293 25.72 102.17 37.57
CA SER D 293 24.60 103.05 37.21
C SER D 293 23.93 102.47 35.97
N PHE D 294 23.13 101.42 36.20
CA PHE D 294 22.48 100.73 35.10
C PHE D 294 21.45 101.63 34.43
N ILE D 295 21.38 101.53 33.11
CA ILE D 295 20.36 102.20 32.30
C ILE D 295 19.70 101.13 31.45
N PHE D 296 18.37 101.05 31.51
CA PHE D 296 17.60 100.00 30.88
C PHE D 296 16.85 100.53 29.67
N SER D 297 16.44 99.61 28.81
CA SER D 297 15.82 99.98 27.54
C SER D 297 14.38 100.43 27.78
N ASN D 298 13.66 100.71 26.70
CA ASN D 298 12.35 101.33 26.79
C ASN D 298 11.33 100.36 27.36
N GLY D 299 10.70 100.73 28.47
CA GLY D 299 9.56 100.02 28.99
C GLY D 299 9.84 98.66 29.59
N PHE D 300 11.11 98.27 29.73
CA PHE D 300 11.41 96.95 30.26
C PHE D 300 11.47 96.99 31.78
N SER D 301 11.39 95.80 32.38
CA SER D 301 11.40 95.68 33.83
C SER D 301 12.83 95.72 34.34
N GLU D 302 13.12 96.71 35.20
CA GLU D 302 14.46 96.81 35.78
C GLU D 302 14.78 95.59 36.62
N GLU D 303 13.80 95.13 37.41
CA GLU D 303 14.02 93.95 38.24
C GLU D 303 14.31 92.72 37.38
N THR D 304 13.55 92.56 36.30
CA THR D 304 13.74 91.40 35.42
C THR D 304 15.14 91.39 34.82
N VAL D 305 15.58 92.53 34.30
CA VAL D 305 16.88 92.59 33.64
C VAL D 305 17.99 92.34 34.64
N LEU D 306 17.91 92.96 35.83
CA LEU D 306 18.94 92.77 36.84
C LEU D 306 18.98 91.32 37.30
N ASN D 307 17.81 90.70 37.49
CA ASN D 307 17.77 89.29 37.88
C ASN D 307 18.42 88.41 36.82
N ASN D 308 18.15 88.69 35.55
CA ASN D 308 18.80 87.95 34.48
C ASN D 308 20.30 88.18 34.49
N LEU D 309 20.73 89.42 34.71
CA LEU D 309 22.15 89.69 34.85
C LEU D 309 22.71 88.98 36.08
N LYS D 310 21.94 88.94 37.17
CA LYS D 310 22.36 88.23 38.36
C LYS D 310 22.58 86.75 38.05
N THR D 311 21.66 86.15 37.28
CA THR D 311 21.82 84.75 36.90
C THR D 311 23.06 84.57 36.03
N LYS D 312 23.28 85.48 35.08
CA LYS D 312 24.43 85.34 34.18
C LYS D 312 25.75 85.42 34.94
N ILE D 313 25.85 86.38 35.87
CA ILE D 313 27.08 86.52 36.64
C ILE D 313 27.28 85.30 37.52
N ASP D 314 26.20 84.84 38.17
CA ASP D 314 26.30 83.71 39.07
C ASP D 314 26.77 82.45 38.35
N LYS D 315 26.29 82.25 37.11
CA LYS D 315 26.77 81.13 36.32
C LYS D 315 28.27 81.23 36.08
N TYR D 316 28.76 82.44 35.78
CA TYR D 316 30.20 82.64 35.67
C TYR D 316 30.89 82.38 37.00
N LEU D 317 30.29 82.86 38.10
CA LEU D 317 30.90 82.66 39.41
C LEU D 317 30.98 81.19 39.77
N ASP D 318 30.05 80.37 39.26
CA ASP D 318 30.10 78.94 39.51
C ASP D 318 31.38 78.31 38.95
N LYS D 319 31.93 78.88 37.89
CA LYS D 319 33.15 78.34 37.30
C LYS D 319 34.35 78.54 38.22
N ILE D 320 34.35 79.62 39.00
CA ILE D 320 35.45 79.88 39.92
C ILE D 320 35.52 78.77 40.97
N ASP D 321 36.72 78.52 41.47
CA ASP D 321 36.98 77.50 42.48
C ASP D 321 37.33 78.15 43.82
N LEU D 322 37.61 77.32 44.81
CA LEU D 322 38.09 77.81 46.10
C LEU D 322 39.45 78.45 45.91
N GLY D 323 39.64 79.62 46.53
CA GLY D 323 40.88 80.33 46.40
C GLY D 323 41.16 80.82 44.99
N GLY D 324 40.13 80.93 44.16
CA GLY D 324 40.30 81.40 42.80
C GLY D 324 40.36 82.91 42.72
N THR D 325 40.48 83.40 41.49
CA THR D 325 40.58 84.82 41.20
C THR D 325 39.32 85.27 40.47
N VAL D 326 38.63 86.26 41.03
CA VAL D 326 37.48 86.85 40.37
C VAL D 326 37.99 87.79 39.28
N SER D 327 37.49 87.60 38.06
CA SER D 327 37.91 88.40 36.91
C SER D 327 36.96 89.59 36.79
N TYR D 328 37.36 90.73 37.36
CA TYR D 328 36.54 91.93 37.26
C TYR D 328 36.38 92.36 35.81
N ASN D 329 37.46 92.31 35.03
CA ASN D 329 37.40 92.77 33.65
C ASN D 329 36.52 91.88 32.80
N ALA D 330 36.51 90.58 33.07
CA ALA D 330 35.55 89.70 32.39
C ALA D 330 34.13 89.98 32.84
N ILE D 331 33.94 90.35 34.11
CA ILE D 331 32.62 90.65 34.61
C ILE D 331 32.04 91.88 33.91
N GLN D 332 32.90 92.78 33.42
CA GLN D 332 32.43 93.91 32.64
C GLN D 332 31.67 93.44 31.41
N ALA D 333 32.18 92.41 30.74
CA ALA D 333 31.51 91.89 29.57
C ALA D 333 30.26 91.09 29.91
N ILE D 334 30.21 90.49 31.09
CA ILE D 334 28.98 89.82 31.51
C ILE D 334 27.85 90.82 31.58
N VAL D 335 28.12 91.99 32.17
CA VAL D 335 27.16 93.08 32.10
C VAL D 335 27.00 93.54 30.66
N GLY D 336 28.11 93.66 29.94
CA GLY D 336 28.07 94.07 28.55
C GLY D 336 27.55 93.03 27.60
N SER D 337 27.40 91.78 28.04
CA SER D 337 26.81 90.76 27.19
C SER D 337 25.39 91.12 26.81
N MET D 338 24.61 91.61 27.78
CA MET D 338 23.24 92.00 27.50
C MET D 338 23.18 93.21 26.59
N MET D 339 24.19 94.07 26.63
CA MET D 339 24.24 95.22 25.72
C MET D 339 24.33 94.75 24.27
N LEU D 340 25.19 93.76 24.01
CA LEU D 340 25.33 93.26 22.65
C LEU D 340 24.03 92.62 22.17
N THR D 341 23.40 91.81 23.04
CA THR D 341 22.13 91.17 22.71
C THR D 341 20.93 92.08 22.96
N ASP D 342 21.15 93.30 23.46
CA ASP D 342 20.06 94.22 23.79
C ASP D 342 19.09 93.60 24.78
N GLU D 343 19.62 92.83 25.72
CA GLU D 343 18.83 92.19 26.76
C GLU D 343 18.63 93.14 27.94
N GLY D 344 17.94 94.24 27.66
CA GLY D 344 17.55 95.18 28.69
C GLY D 344 18.50 96.33 28.91
N ILE D 345 19.77 96.03 29.14
CA ILE D 345 20.72 97.07 29.54
C ILE D 345 20.92 98.03 28.38
N GLU D 346 20.56 99.29 28.60
CA GLU D 346 20.84 100.35 27.65
C GLU D 346 22.24 100.93 27.83
N ASP D 347 22.69 101.07 29.08
CA ASP D 347 24.06 101.46 29.36
C ASP D 347 24.31 101.26 30.85
N PHE D 348 25.60 101.32 31.22
CA PHE D 348 26.02 101.18 32.60
C PHE D 348 27.31 101.95 32.80
N SER D 349 27.60 102.28 34.05
CA SER D 349 28.84 102.96 34.39
C SER D 349 29.17 102.70 35.85
N ASN D 350 30.42 102.99 36.22
CA ASN D 350 30.94 102.72 37.56
C ASN D 350 30.76 101.24 37.92
N LEU D 351 31.10 100.37 36.97
CA LEU D 351 31.00 98.94 37.20
C LEU D 351 32.03 98.52 38.23
N THR D 352 31.54 98.02 39.37
CA THR D 352 32.41 97.60 40.47
C THR D 352 31.89 96.29 41.04
N ILE D 353 32.78 95.57 41.73
CA ILE D 353 32.44 94.36 42.45
C ILE D 353 32.75 94.60 43.93
N ASN D 354 31.71 94.75 44.74
CA ASN D 354 31.86 95.16 46.13
C ASN D 354 32.65 96.45 46.24
N ASP D 355 32.37 97.39 45.33
CA ASP D 355 33.09 98.66 45.24
C ASP D 355 34.58 98.42 44.98
N VAL D 356 34.87 97.54 44.03
CA VAL D 356 36.23 97.27 43.59
C VAL D 356 36.23 97.19 42.07
N LYS D 357 37.29 97.72 41.46
CA LYS D 357 37.44 97.74 40.01
C LYS D 357 38.71 97.02 39.59
N GLU D 358 38.93 95.85 40.19
CA GLU D 358 40.09 95.03 39.84
C GLU D 358 39.79 93.59 40.20
N ASN D 359 40.58 92.68 39.64
CA ASN D 359 40.38 91.26 39.90
C ASN D 359 40.69 90.95 41.35
N ILE D 360 39.77 90.25 42.02
CA ILE D 360 39.88 89.91 43.43
C ILE D 360 40.30 88.46 43.55
N LYS D 361 41.29 88.20 44.41
CA LYS D 361 41.82 86.87 44.64
C LYS D 361 41.22 86.31 45.92
N LEU D 362 40.56 85.16 45.82
CA LEU D 362 40.03 84.48 46.98
C LEU D 362 41.14 83.82 47.78
N GLN D 363 40.97 83.80 49.10
CA GLN D 363 41.91 83.17 50.01
C GLN D 363 41.11 82.43 51.08
N ASP D 364 41.13 81.10 51.02
CA ASP D 364 40.30 80.27 51.88
C ASP D 364 38.82 80.60 51.70
N GLN D 365 38.45 80.97 50.48
CA GLN D 365 37.13 81.50 50.18
C GLN D 365 36.65 80.96 48.84
N VAL D 366 35.36 80.64 48.78
CA VAL D 366 34.66 80.49 47.52
C VAL D 366 33.89 81.78 47.27
N VAL D 367 33.39 81.94 46.05
CA VAL D 367 32.72 83.15 45.61
C VAL D 367 31.30 82.80 45.20
N GLY D 368 30.34 83.58 45.69
CA GLY D 368 28.95 83.44 45.29
C GLY D 368 28.39 84.79 44.88
N ILE D 369 27.26 84.74 44.19
CA ILE D 369 26.62 85.95 43.71
C ILE D 369 26.12 86.76 44.91
N GLY D 370 26.43 88.06 44.91
CA GLY D 370 25.99 88.95 45.95
C GLY D 370 24.69 89.64 45.59
N GLU D 371 24.64 90.95 45.80
CA GLU D 371 23.46 91.76 45.52
C GLU D 371 23.76 92.70 44.36
N ILE D 372 22.95 92.63 43.32
CA ILE D 372 23.06 93.55 42.19
C ILE D 372 22.35 94.84 42.58
N VAL D 373 23.09 95.95 42.58
CA VAL D 373 22.60 97.24 43.04
C VAL D 373 22.78 98.24 41.92
N ASN D 374 21.67 98.85 41.49
CA ASN D 374 21.74 99.99 40.59
C ASN D 374 22.06 101.23 41.40
N GLU D 375 23.14 101.92 41.03
CA GLU D 375 23.59 103.06 41.81
C GLU D 375 22.54 104.17 41.82
N VAL D 376 22.06 104.56 40.65
CA VAL D 376 21.12 105.66 40.51
C VAL D 376 21.78 106.91 41.09
N VAL D 377 22.98 107.22 40.60
CA VAL D 377 23.73 108.36 41.13
C VAL D 377 23.02 109.65 40.76
N GLY D 378 22.90 110.54 41.74
CA GLY D 378 22.26 111.83 41.50
C GLY D 378 23.11 112.74 40.62
N GLU E 2 45.63 -23.40 41.69
CA GLU E 2 45.51 -24.57 40.78
C GLU E 2 45.54 -24.10 39.33
N ARG E 3 46.07 -24.96 38.45
CA ARG E 3 46.20 -24.67 37.03
C ARG E 3 45.30 -25.60 36.23
N GLU E 4 44.70 -25.07 35.18
CA GLU E 4 43.93 -25.92 34.28
C GLU E 4 44.87 -26.91 33.59
N LEU E 5 44.31 -28.05 33.19
CA LEU E 5 45.09 -29.14 32.64
C LEU E 5 44.89 -29.19 31.14
N PRO E 6 45.89 -28.84 30.32
CA PRO E 6 45.79 -29.17 28.90
C PRO E 6 45.70 -30.68 28.71
N ILE E 7 44.90 -31.10 27.74
CA ILE E 7 44.61 -32.50 27.50
C ILE E 7 44.98 -32.81 26.05
N PRO E 8 45.58 -33.97 25.74
CA PRO E 8 45.81 -34.29 24.32
C PRO E 8 44.50 -34.47 23.57
N VAL E 9 44.54 -34.16 22.28
CA VAL E 9 43.34 -34.23 21.46
C VAL E 9 42.79 -35.65 21.43
N PHE E 10 43.68 -36.65 21.41
CA PHE E 10 43.24 -38.03 21.34
C PHE E 10 42.41 -38.42 22.56
N LEU E 11 42.83 -37.97 23.75
CA LEU E 11 42.12 -38.35 24.96
C LEU E 11 40.74 -37.73 25.07
N THR E 12 40.42 -36.73 24.26
CA THR E 12 39.13 -36.04 24.29
C THR E 12 38.28 -36.34 23.07
N GLU E 13 38.46 -37.53 22.49
CA GLU E 13 37.73 -37.89 21.28
C GLU E 13 36.24 -38.05 21.58
N ASP E 14 35.42 -37.66 20.62
CA ASP E 14 33.98 -37.85 20.75
C ASP E 14 33.62 -39.31 20.58
N GLU E 15 32.53 -39.72 21.23
CA GLU E 15 32.07 -41.10 21.15
C GLU E 15 31.73 -41.47 19.71
N ASP E 16 31.01 -40.60 19.01
CA ASP E 16 30.63 -40.90 17.63
C ASP E 16 31.83 -40.98 16.72
N SER E 17 32.85 -40.15 16.96
CA SER E 17 34.06 -40.21 16.14
C SER E 17 34.72 -41.57 16.25
N VAL E 18 34.77 -42.14 17.45
CA VAL E 18 35.28 -43.49 17.62
C VAL E 18 34.41 -44.48 16.85
N HIS E 19 33.09 -44.39 17.03
CA HIS E 19 32.20 -45.33 16.38
C HIS E 19 32.26 -45.19 14.86
N GLU E 20 32.36 -43.94 14.38
CA GLU E 20 32.42 -43.72 12.94
C GLU E 20 33.66 -44.37 12.34
N ARG E 21 34.80 -44.25 13.01
CA ARG E 21 36.01 -44.91 12.53
C ARG E 21 35.86 -46.42 12.55
N MET E 22 35.19 -46.95 13.59
CA MET E 22 35.01 -48.39 13.69
C MET E 22 34.19 -48.93 12.52
N LEU E 23 33.15 -48.20 12.13
CA LEU E 23 32.29 -48.65 11.03
C LEU E 23 32.82 -48.27 9.66
N SER E 24 34.00 -47.66 9.58
CA SER E 24 34.51 -47.20 8.30
C SER E 24 34.76 -48.36 7.33
N ASN E 25 35.26 -49.49 7.85
CA ASN E 25 35.65 -50.57 6.97
C ASN E 25 34.45 -51.30 6.38
N PHE E 26 33.33 -51.36 7.10
CA PHE E 26 32.16 -52.04 6.58
C PHE E 26 31.57 -51.27 5.41
N GLN E 27 31.33 -51.99 4.31
CA GLN E 27 30.62 -51.41 3.17
C GLN E 27 29.60 -52.34 2.54
N ASP E 28 29.56 -53.62 2.92
CA ASP E 28 28.57 -54.56 2.40
C ASP E 28 27.34 -54.68 3.29
N VAL E 29 27.53 -54.78 4.60
CA VAL E 29 26.45 -55.02 5.53
C VAL E 29 25.95 -53.69 6.07
N SER E 30 24.66 -53.62 6.34
CA SER E 30 24.07 -52.40 6.85
C SER E 30 24.62 -52.07 8.23
N THR E 31 24.77 -50.77 8.51
CA THR E 31 25.26 -50.27 9.78
C THR E 31 24.28 -49.29 10.39
N LEU E 32 23.00 -49.44 10.12
CA LEU E 32 22.00 -48.56 10.70
C LEU E 32 21.93 -48.77 12.21
N GLU E 33 21.52 -47.71 12.91
CA GLU E 33 21.30 -47.83 14.34
C GLU E 33 20.25 -48.89 14.62
N GLY E 34 20.56 -49.79 15.55
CA GLY E 34 19.72 -50.93 15.83
C GLY E 34 20.02 -52.15 14.99
N ASP E 35 20.87 -52.03 13.98
CA ASP E 35 21.29 -53.19 13.21
C ASP E 35 22.28 -54.02 14.01
N PHE E 36 22.48 -55.26 13.57
CA PHE E 36 23.34 -56.18 14.31
C PHE E 36 24.79 -55.69 14.34
N ILE E 37 25.29 -55.18 13.21
CA ILE E 37 26.64 -54.63 13.20
C ILE E 37 26.74 -53.46 14.15
N TYR E 38 25.71 -52.60 14.16
CA TYR E 38 25.69 -51.50 15.12
C TYR E 38 25.68 -52.02 16.55
N ASP E 39 24.92 -53.09 16.80
CA ASP E 39 24.88 -53.66 18.14
C ASP E 39 26.25 -54.16 18.57
N ALA E 40 26.98 -54.78 17.66
CA ALA E 40 28.29 -55.32 18.01
C ALA E 40 29.29 -54.21 18.31
N THR E 41 29.20 -53.08 17.60
CA THR E 41 30.24 -52.07 17.62
C THR E 41 29.96 -50.91 18.56
N ARG E 42 28.71 -50.47 18.68
CA ARG E 42 28.43 -49.25 19.44
C ARG E 42 28.82 -49.35 20.91
N PRO E 43 28.52 -50.42 21.65
CA PRO E 43 28.96 -50.46 23.05
C PRO E 43 30.46 -50.37 23.22
N THR E 44 31.22 -50.95 22.29
CA THR E 44 32.67 -50.81 22.34
C THR E 44 33.07 -49.36 22.17
N ALA E 45 32.49 -48.68 21.19
CA ALA E 45 32.83 -47.28 20.96
C ALA E 45 32.45 -46.42 22.14
N GLU E 46 31.26 -46.65 22.70
CA GLU E 46 30.83 -45.87 23.86
C GLU E 46 31.73 -46.14 25.06
N GLN E 47 32.08 -47.41 25.29
CA GLN E 47 32.92 -47.73 26.44
C GLN E 47 34.31 -47.13 26.29
N ILE E 48 34.83 -47.10 25.06
CA ILE E 48 36.15 -46.50 24.83
C ILE E 48 36.12 -45.03 25.19
N ALA E 49 35.09 -44.32 24.76
CA ALA E 49 35.02 -42.88 24.99
C ALA E 49 34.95 -42.57 26.48
N GLU E 50 34.13 -43.32 27.22
CA GLU E 50 34.01 -43.09 28.65
C GLU E 50 35.34 -43.36 29.34
N LEU E 51 35.97 -44.50 29.04
CA LEU E 51 37.27 -44.80 29.64
C LEU E 51 38.32 -43.79 29.20
N LYS E 52 38.33 -43.44 27.92
CA LYS E 52 39.33 -42.52 27.43
C LYS E 52 39.17 -41.14 28.05
N GLN E 53 37.94 -40.66 28.16
CA GLN E 53 37.71 -39.31 28.66
C GLN E 53 37.85 -39.22 30.17
N LEU E 54 37.42 -40.24 30.91
CA LEU E 54 37.47 -40.22 32.37
C LEU E 54 38.74 -40.87 32.91
N GLY E 55 38.96 -42.14 32.61
CA GLY E 55 40.05 -42.87 33.26
C GLY E 55 41.42 -42.31 32.92
N LEU E 56 41.67 -42.05 31.63
CA LEU E 56 43.00 -41.62 31.23
C LEU E 56 43.26 -40.18 31.61
N GLN E 57 42.27 -39.29 31.44
CA GLN E 57 42.48 -37.89 31.77
C GLN E 57 42.72 -37.70 33.25
N ASN E 58 42.00 -38.46 34.08
CA ASN E 58 42.24 -38.39 35.53
C ASN E 58 43.65 -38.84 35.86
N ASN E 59 44.15 -39.86 35.17
CA ASN E 59 45.52 -40.30 35.38
C ASN E 59 46.50 -39.19 35.04
N LEU E 60 46.26 -38.48 33.94
CA LEU E 60 47.13 -37.36 33.58
C LEU E 60 47.06 -36.25 34.63
N LYS E 61 45.87 -36.02 35.18
CA LYS E 61 45.72 -34.95 36.16
C LYS E 61 46.54 -35.22 37.41
N ILE E 62 46.50 -36.45 37.92
CA ILE E 62 47.22 -36.78 39.14
C ILE E 62 48.72 -36.85 38.96
N ALA E 63 49.21 -36.81 37.71
CA ALA E 63 50.64 -36.98 37.47
C ALA E 63 51.45 -35.84 38.09
N PHE E 64 51.08 -34.59 37.79
CA PHE E 64 51.89 -33.44 38.16
C PHE E 64 51.37 -32.79 39.43
N PRO E 65 52.21 -32.12 40.22
CA PRO E 65 51.69 -31.41 41.38
C PRO E 65 50.89 -30.17 41.03
N GLN E 66 51.01 -29.68 39.80
CA GLN E 66 50.21 -28.52 39.39
C GLN E 66 48.72 -28.82 39.46
N THR E 67 48.34 -30.09 39.28
CA THR E 67 46.93 -30.50 39.24
C THR E 67 46.63 -31.71 40.09
N SER E 68 47.62 -32.34 40.72
CA SER E 68 47.36 -33.49 41.56
C SER E 68 46.55 -33.08 42.79
N TYR E 69 46.16 -34.09 43.57
CA TYR E 69 45.33 -33.86 44.74
C TYR E 69 45.43 -35.05 45.68
N GLY E 70 45.02 -34.82 46.93
CA GLY E 70 44.89 -35.91 47.89
C GLY E 70 46.19 -36.64 48.12
N THR E 71 46.09 -37.96 48.25
CA THR E 71 47.27 -38.80 48.42
C THR E 71 48.25 -38.62 47.28
N TYR E 72 47.73 -38.42 46.06
CA TYR E 72 48.61 -38.25 44.91
C TYR E 72 49.46 -37.00 45.04
N LEU E 73 48.87 -35.90 45.50
CA LEU E 73 49.65 -34.69 45.69
C LEU E 73 50.66 -34.86 46.83
N GLU E 74 50.31 -35.64 47.84
CA GLU E 74 51.23 -35.86 48.96
C GLU E 74 52.51 -36.53 48.49
N TRP E 75 52.38 -37.56 47.65
CA TRP E 75 53.57 -38.30 47.21
C TRP E 75 54.48 -37.42 46.38
N LEU E 76 53.90 -36.57 45.52
CA LEU E 76 54.72 -35.60 44.81
C LEU E 76 55.38 -34.62 45.78
N GLY E 77 54.73 -34.36 46.91
CA GLY E 77 55.42 -33.63 47.97
C GLY E 77 56.59 -34.42 48.51
N GLU E 78 56.43 -35.74 48.61
CA GLU E 78 57.52 -36.58 49.09
C GLU E 78 58.63 -36.73 48.06
N CYS E 79 58.34 -36.47 46.78
CA CYS E 79 59.41 -36.47 45.79
C CYS E 79 60.47 -35.45 46.13
N LYS E 80 60.04 -34.24 46.49
CA LYS E 80 60.93 -33.18 46.92
C LYS E 80 60.90 -32.96 48.43
N GLY E 81 60.47 -33.97 49.18
CA GLY E 81 60.61 -33.94 50.62
C GLY E 81 59.85 -32.83 51.32
N VAL E 82 58.61 -32.59 50.91
CA VAL E 82 57.74 -31.61 51.55
C VAL E 82 56.48 -32.34 51.99
N PHE E 83 56.16 -32.25 53.27
CA PHE E 83 55.04 -32.94 53.87
C PHE E 83 53.99 -31.93 54.29
N LYS E 84 52.73 -32.26 54.08
CA LYS E 84 51.65 -31.39 54.53
C LYS E 84 51.43 -31.58 56.02
N ASN E 85 50.97 -30.51 56.67
CA ASN E 85 50.76 -30.55 58.11
C ASN E 85 49.60 -31.47 58.46
N GLN E 86 49.63 -32.00 59.66
CA GLN E 86 48.63 -32.94 60.17
C GLN E 86 47.76 -32.28 61.22
N PRO E 87 46.54 -32.77 61.44
CA PRO E 87 45.66 -32.15 62.43
C PRO E 87 46.00 -32.61 63.84
N THR E 88 45.34 -31.98 64.81
CA THR E 88 45.53 -32.29 66.21
C THR E 88 44.19 -32.31 66.92
N LYS E 89 44.16 -32.99 68.05
CA LYS E 89 42.96 -33.09 68.87
C LYS E 89 42.84 -31.88 69.77
N ALA E 90 41.60 -31.42 69.99
CA ALA E 90 41.35 -30.37 70.95
C ALA E 90 41.73 -30.83 72.34
N THR E 91 42.44 -29.97 73.07
CA THR E 91 42.92 -30.26 74.41
C THR E 91 42.44 -29.18 75.36
N GLY E 92 42.13 -29.58 76.59
CA GLY E 92 41.63 -28.65 77.57
C GLY E 92 41.37 -29.34 78.88
N VAL E 93 40.70 -28.61 79.79
CA VAL E 93 40.44 -29.07 81.13
C VAL E 93 38.94 -29.07 81.37
N ILE E 94 38.48 -30.01 82.18
CA ILE E 94 37.06 -30.15 82.53
C ILE E 94 36.96 -30.18 84.05
N THR E 95 36.03 -29.38 84.58
CA THR E 95 35.78 -29.35 86.02
C THR E 95 34.68 -30.34 86.37
N PHE E 96 34.88 -31.03 87.49
CA PHE E 96 33.95 -32.04 87.98
C PHE E 96 33.54 -31.68 89.40
N THR E 97 32.29 -31.94 89.73
CA THR E 97 31.76 -31.72 91.08
C THR E 97 30.92 -32.92 91.47
N GLY E 98 31.03 -33.33 92.73
CA GLY E 98 30.26 -34.48 93.19
C GLY E 98 30.69 -34.90 94.58
N VAL E 99 30.27 -36.13 94.94
CA VAL E 99 30.63 -36.69 96.23
C VAL E 99 32.14 -36.85 96.29
N GLN E 100 32.71 -36.58 97.47
CA GLN E 100 34.16 -36.63 97.62
C GLN E 100 34.67 -38.05 97.42
N GLY E 101 33.94 -39.05 97.92
CA GLY E 101 34.36 -40.42 97.73
C GLY E 101 34.40 -40.87 96.28
N THR E 102 33.72 -40.14 95.38
CA THR E 102 33.70 -40.52 93.98
C THR E 102 35.10 -40.46 93.38
N ILE E 103 35.38 -41.37 92.45
CA ILE E 103 36.65 -41.46 91.76
C ILE E 103 36.38 -41.43 90.26
N ILE E 104 37.16 -40.63 89.54
CA ILE E 104 37.06 -40.49 88.09
C ILE E 104 38.36 -41.00 87.48
N THR E 105 38.23 -41.93 86.53
CA THR E 105 39.36 -42.62 85.94
C THR E 105 39.71 -42.03 84.57
N LYS E 106 40.95 -42.28 84.16
CA LYS E 106 41.40 -41.87 82.84
C LYS E 106 40.65 -42.65 81.77
N GLY E 107 40.51 -42.04 80.59
CA GLY E 107 39.81 -42.67 79.49
C GLY E 107 38.31 -42.51 79.53
N THR E 108 37.75 -41.90 80.57
CA THR E 108 36.32 -41.66 80.62
C THR E 108 35.91 -40.71 79.51
N ILE E 109 34.70 -40.91 78.99
CA ILE E 109 34.20 -40.18 77.83
C ILE E 109 33.10 -39.25 78.29
N VAL E 110 33.27 -37.95 78.00
CA VAL E 110 32.24 -36.94 78.19
C VAL E 110 32.14 -36.14 76.90
N THR E 111 30.91 -35.77 76.54
CA THR E 111 30.62 -35.18 75.24
C THR E 111 29.87 -33.87 75.43
N THR E 112 29.53 -33.25 74.30
CA THR E 112 28.65 -32.10 74.27
C THR E 112 27.21 -32.56 74.11
N ILE E 113 26.28 -31.61 74.11
CA ILE E 113 24.86 -31.91 74.04
C ILE E 113 24.49 -32.14 72.58
N ALA E 114 24.29 -33.41 72.21
CA ALA E 114 23.77 -33.72 70.89
C ALA E 114 22.34 -33.24 70.76
N THR E 115 21.99 -32.74 69.58
CA THR E 115 20.68 -32.18 69.32
C THR E 115 20.28 -32.56 67.90
N ASP E 116 19.07 -32.15 67.50
CA ASP E 116 18.64 -32.35 66.13
C ASP E 116 19.50 -31.54 65.17
N GLU E 117 19.84 -30.30 65.55
CA GLU E 117 20.64 -29.46 64.68
C GLU E 117 22.09 -29.92 64.65
N LYS E 118 22.65 -30.31 65.79
CA LYS E 118 24.07 -30.58 65.94
C LYS E 118 24.29 -31.88 66.68
N GLN E 119 25.38 -32.55 66.33
CA GLN E 119 25.79 -33.79 66.98
C GLN E 119 26.80 -33.50 68.09
N SER E 120 26.89 -34.42 69.04
CA SER E 120 27.77 -34.25 70.18
C SER E 120 29.22 -34.50 69.79
N ILE E 121 30.12 -33.72 70.39
CA ILE E 121 31.55 -33.85 70.16
C ILE E 121 32.14 -34.63 71.33
N GLU E 122 32.81 -35.74 71.04
CA GLU E 122 33.29 -36.63 72.07
C GLU E 122 34.66 -36.20 72.57
N PHE E 123 34.83 -36.23 73.89
CA PHE E 123 36.07 -35.89 74.56
C PHE E 123 36.42 -37.00 75.55
N GLU E 124 37.73 -37.19 75.74
CA GLU E 124 38.25 -38.24 76.61
C GLU E 124 39.15 -37.63 77.67
N LEU E 125 39.03 -38.13 78.89
CA LEU E 125 39.86 -37.66 79.99
C LEU E 125 41.26 -38.26 79.92
N LEU E 126 42.26 -37.42 80.15
CA LEU E 126 43.65 -37.82 80.10
C LEU E 126 44.23 -38.19 81.46
N GLU E 127 43.44 -38.13 82.53
CA GLU E 127 43.94 -38.32 83.87
C GLU E 127 42.92 -39.07 84.72
N THR E 128 43.42 -39.66 85.80
CA THR E 128 42.59 -40.29 86.82
C THR E 128 42.73 -39.48 88.10
N LYS E 129 41.59 -39.09 88.69
CA LYS E 129 41.58 -38.26 89.87
C LYS E 129 40.51 -38.76 90.82
N THR E 130 40.55 -38.23 92.04
CA THR E 130 39.57 -38.52 93.07
C THR E 130 39.12 -37.20 93.70
N ILE E 131 37.86 -37.19 94.15
CA ILE E 131 37.23 -35.98 94.66
C ILE E 131 37.39 -35.93 96.17
N GLY E 132 38.28 -36.77 96.72
CA GLY E 132 38.27 -37.03 98.16
C GLY E 132 38.55 -35.81 99.01
N GLU E 133 39.40 -34.90 98.53
CA GLU E 133 39.78 -33.74 99.33
C GLU E 133 38.71 -32.65 99.27
N ASN E 134 38.45 -32.13 98.06
CA ASN E 134 37.45 -31.10 97.84
C ASN E 134 36.39 -31.64 96.89
N GLU E 135 35.18 -31.09 96.99
CA GLU E 135 34.11 -31.51 96.10
C GLU E 135 34.40 -31.22 94.64
N THR E 136 35.28 -30.25 94.36
CA THR E 136 35.63 -29.87 93.00
C THR E 136 36.98 -30.46 92.62
N VAL E 137 37.07 -30.97 91.39
CA VAL E 137 38.33 -31.44 90.82
C VAL E 137 38.35 -31.08 89.34
N ASP E 138 39.56 -30.94 88.81
CA ASP E 138 39.79 -30.62 87.41
C ASP E 138 40.61 -31.73 86.77
N ILE E 139 40.18 -32.18 85.60
CA ILE E 139 40.83 -33.27 84.88
C ILE E 139 41.14 -32.79 83.48
N LYS E 140 42.39 -33.00 83.05
CA LYS E 140 42.75 -32.72 81.67
C LYS E 140 42.05 -33.71 80.76
N ALA E 141 41.59 -33.22 79.61
CA ALA E 141 40.85 -34.02 78.66
C ALA E 141 41.29 -33.66 77.25
N GLU E 142 40.89 -34.49 76.30
CA GLU E 142 41.22 -34.29 74.89
C GLU E 142 40.08 -34.75 74.02
N SER E 143 39.84 -34.03 72.93
CA SER E 143 38.87 -34.47 71.94
C SER E 143 39.33 -35.78 71.32
N ARG E 144 38.41 -36.71 71.16
CA ARG E 144 38.76 -37.99 70.56
C ARG E 144 38.95 -37.91 69.05
N ILE E 145 38.62 -36.79 68.44
CA ILE E 145 38.73 -36.59 66.99
C ILE E 145 39.66 -35.42 66.73
N VAL E 146 40.62 -35.61 65.83
CA VAL E 146 41.53 -34.55 65.43
C VAL E 146 40.72 -33.46 64.71
N GLY E 147 41.33 -32.30 64.52
CA GLY E 147 40.72 -31.21 63.79
C GLY E 147 40.21 -30.12 64.70
N THR E 148 39.80 -29.02 64.08
CA THR E 148 39.20 -27.91 64.81
C THR E 148 37.85 -28.26 65.41
N ILE E 149 37.24 -29.37 64.96
CA ILE E 149 36.11 -29.91 65.70
C ILE E 149 36.57 -30.15 67.14
N GLY E 150 35.71 -29.80 68.08
CA GLY E 150 36.16 -29.51 69.42
C GLY E 150 36.49 -28.03 69.48
N ASN E 151 37.46 -27.65 70.31
CA ASN E 151 37.76 -26.25 70.56
C ASN E 151 36.50 -25.51 71.01
N VAL E 152 35.70 -26.21 71.82
CA VAL E 152 34.36 -25.79 72.18
C VAL E 152 34.40 -24.58 73.09
N SER E 153 33.25 -23.99 73.34
CA SER E 153 33.15 -22.84 74.23
C SER E 153 33.40 -23.26 75.67
N LYS E 154 33.25 -22.31 76.59
CA LYS E 154 33.60 -22.56 77.98
C LYS E 154 32.74 -23.65 78.59
N GLY E 155 31.42 -23.52 78.49
CA GLY E 155 30.50 -24.39 79.20
C GLY E 155 29.91 -25.49 78.34
N SER E 156 30.55 -25.81 77.22
CA SER E 156 29.96 -26.74 76.27
C SER E 156 29.92 -28.16 76.82
N ILE E 157 31.04 -28.64 77.36
CA ILE E 157 31.13 -30.02 77.82
C ILE E 157 30.22 -30.17 79.03
N SER E 158 29.10 -30.88 78.86
CA SER E 158 28.16 -31.09 79.95
C SER E 158 27.55 -32.49 79.97
N VAL E 159 27.98 -33.40 79.09
CA VAL E 159 27.33 -34.70 78.92
C VAL E 159 28.33 -35.79 79.25
N LEU E 160 27.88 -36.76 80.03
CA LEU E 160 28.61 -37.99 80.28
C LEU E 160 27.85 -39.14 79.62
N LEU E 161 28.55 -39.95 78.83
CA LEU E 161 27.90 -41.04 78.14
C LEU E 161 27.32 -42.04 79.13
N GLY E 162 28.08 -42.39 80.16
CA GLY E 162 27.61 -43.30 81.19
C GLY E 162 26.93 -42.56 82.33
N SER E 163 27.13 -43.04 83.55
CA SER E 163 26.61 -42.36 84.73
C SER E 163 27.46 -42.78 85.92
N ILE E 164 28.32 -41.89 86.38
CA ILE E 164 29.25 -42.18 87.47
C ILE E 164 28.56 -41.81 88.78
N SER E 165 28.62 -42.72 89.75
CA SER E 165 27.96 -42.49 91.03
C SER E 165 28.58 -41.31 91.75
N GLY E 166 27.72 -40.44 92.29
CA GLY E 166 28.15 -39.35 93.14
C GLY E 166 28.53 -38.08 92.41
N VAL E 167 28.66 -38.12 91.09
CA VAL E 167 29.06 -36.92 90.35
C VAL E 167 27.87 -35.99 90.26
N LYS E 168 28.06 -34.75 90.69
CA LYS E 168 26.98 -33.78 90.73
C LYS E 168 26.89 -32.91 89.49
N SER E 169 28.03 -32.57 88.88
CA SER E 169 28.01 -31.75 87.67
C SER E 169 29.36 -31.83 87.00
N ILE E 170 29.35 -31.98 85.67
CA ILE E 170 30.54 -31.92 84.84
C ILE E 170 30.38 -30.70 83.95
N THR E 171 31.35 -29.77 84.04
CA THR E 171 31.32 -28.58 83.22
C THR E 171 32.75 -28.21 82.83
N ASN E 172 32.97 -28.02 81.54
CA ASN E 172 34.21 -27.41 81.11
C ASN E 172 34.26 -25.97 81.61
N LYS E 173 35.44 -25.53 82.00
CA LYS E 173 35.63 -24.19 82.57
C LYS E 173 36.04 -23.16 81.53
N GLU E 174 36.89 -23.55 80.57
CA GLU E 174 37.39 -22.65 79.55
C GLU E 174 37.41 -23.35 78.21
N ASP E 175 37.35 -22.55 77.14
CA ASP E 175 37.29 -23.10 75.80
C ASP E 175 38.55 -23.88 75.47
N PHE E 176 38.38 -24.98 74.74
CA PHE E 176 39.50 -25.80 74.30
C PHE E 176 40.22 -25.12 73.15
N ARG E 177 41.51 -25.44 72.99
CA ARG E 177 42.35 -24.77 72.01
C ARG E 177 43.28 -25.70 71.23
N GLY E 178 43.31 -26.99 71.53
CA GLY E 178 44.29 -27.88 70.92
C GLY E 178 44.00 -28.33 69.51
N GLY E 179 42.85 -27.96 68.96
CA GLY E 179 42.44 -28.47 67.66
C GLY E 179 43.04 -27.70 66.50
N THR E 180 43.32 -28.42 65.42
CA THR E 180 43.75 -27.81 64.18
C THR E 180 43.48 -28.79 63.06
N ASP E 181 43.03 -28.28 61.92
CA ASP E 181 42.58 -29.13 60.82
C ASP E 181 43.73 -29.55 59.93
N ILE E 182 43.41 -30.45 59.00
CA ILE E 182 44.36 -30.84 57.96
C ILE E 182 44.69 -29.62 57.11
N GLU E 183 45.95 -29.53 56.69
CA GLU E 183 46.38 -28.40 55.88
C GLU E 183 45.65 -28.41 54.54
N ASP E 184 45.38 -27.20 54.04
CA ASP E 184 44.66 -27.06 52.79
C ASP E 184 45.48 -27.63 51.63
N GLU E 185 44.79 -28.29 50.70
CA GLU E 185 45.48 -28.88 49.56
C GLU E 185 46.15 -27.79 48.71
N GLU E 186 45.44 -26.71 48.42
CA GLU E 186 46.02 -25.66 47.60
C GLU E 186 47.16 -24.97 48.33
N HIS E 187 47.02 -24.75 49.63
CA HIS E 187 48.15 -24.24 50.40
C HIS E 187 49.32 -25.21 50.36
N PHE E 188 49.05 -26.50 50.51
CA PHE E 188 50.11 -27.49 50.41
C PHE E 188 50.65 -27.56 48.98
N ARG E 189 49.78 -27.43 47.98
CA ARG E 189 50.25 -27.39 46.60
C ARG E 189 51.17 -26.20 46.39
N GLU E 190 50.84 -25.05 46.99
CA GLU E 190 51.73 -23.91 46.95
C GLU E 190 53.07 -24.24 47.59
N ARG E 191 53.04 -24.89 48.75
CA ARG E 191 54.29 -25.25 49.43
C ARG E 191 55.14 -26.17 48.56
N VAL E 192 54.49 -27.10 47.87
CA VAL E 192 55.22 -28.00 46.97
C VAL E 192 55.90 -27.20 45.86
N LEU E 193 55.17 -26.24 45.29
CA LEU E 193 55.72 -25.43 44.21
C LEU E 193 56.63 -24.32 44.69
N VAL E 194 56.45 -23.83 45.93
CA VAL E 194 57.39 -22.84 46.46
C VAL E 194 58.77 -23.45 46.62
N ALA E 195 58.85 -24.68 47.11
CA ALA E 195 60.13 -25.32 47.35
C ALA E 195 60.79 -25.69 46.04
N GLU E 196 61.26 -24.69 45.29
CA GLU E 196 61.90 -24.89 44.00
C GLU E 196 63.09 -23.96 43.81
N GLN E 197 63.78 -23.62 44.89
CA GLN E 197 64.98 -22.80 44.79
C GLN E 197 66.13 -23.62 44.22
N GLU E 198 66.90 -22.99 43.34
CA GLU E 198 67.95 -23.68 42.60
C GLU E 198 69.28 -23.70 43.35
N ASP E 199 69.71 -22.57 43.89
CA ASP E 199 71.00 -22.45 44.55
C ASP E 199 70.88 -21.40 45.65
N LYS E 200 72.02 -20.92 46.14
CA LYS E 200 72.08 -20.02 47.29
C LYS E 200 71.41 -20.69 48.51
N LEU E 201 72.04 -21.79 48.93
CA LEU E 201 71.52 -22.60 50.02
C LEU E 201 72.62 -23.09 50.96
N SER E 202 73.83 -22.56 50.85
CA SER E 202 74.94 -23.06 51.64
C SER E 202 74.91 -22.60 53.08
N GLY E 203 74.40 -21.40 53.33
CA GLY E 203 74.45 -20.82 54.66
C GLY E 203 75.67 -19.95 54.85
N ALA E 204 76.00 -19.17 53.82
CA ALA E 204 77.02 -18.14 53.94
C ALA E 204 76.44 -16.94 54.66
N SER E 205 77.24 -15.88 54.78
CA SER E 205 76.74 -14.64 55.36
C SER E 205 75.59 -14.08 54.53
N SER E 206 75.73 -14.10 53.20
CA SER E 206 74.65 -13.64 52.34
C SER E 206 73.40 -14.50 52.51
N ASP E 207 73.58 -15.82 52.58
CA ASP E 207 72.43 -16.70 52.77
C ASP E 207 71.75 -16.44 54.11
N TYR E 208 72.53 -16.29 55.17
CA TYR E 208 71.95 -16.04 56.48
C TYR E 208 71.25 -14.69 56.52
N ILE E 209 71.84 -13.68 55.88
CA ILE E 209 71.19 -12.36 55.83
C ILE E 209 69.87 -12.48 55.08
N ARG E 210 69.85 -13.21 53.97
CA ARG E 210 68.61 -13.41 53.23
C ARG E 210 67.58 -14.14 54.08
N TRP E 211 68.01 -15.17 54.81
CA TRP E 211 67.09 -15.90 55.67
C TRP E 211 66.56 -15.02 56.79
N ALA E 212 67.43 -14.20 57.39
CA ALA E 212 66.97 -13.29 58.44
C ALA E 212 65.97 -12.28 57.88
N LYS E 213 66.24 -11.76 56.68
CA LYS E 213 65.34 -10.78 56.08
C LYS E 213 63.99 -11.37 55.74
N GLU E 214 63.94 -12.68 55.46
CA GLU E 214 62.67 -13.31 55.09
C GLU E 214 61.67 -13.24 56.23
N VAL E 215 62.12 -13.42 57.47
CA VAL E 215 61.24 -13.26 58.62
C VAL E 215 60.78 -11.81 58.69
N ASP E 216 59.49 -11.61 58.89
CA ASP E 216 58.94 -10.27 58.98
C ASP E 216 59.49 -9.54 60.22
N GLY E 217 59.52 -8.22 60.13
CA GLY E 217 60.04 -7.41 61.21
C GLY E 217 61.55 -7.28 61.24
N VAL E 218 62.26 -7.90 60.31
CA VAL E 218 63.71 -7.83 60.24
C VAL E 218 64.09 -6.75 59.23
N GLY E 219 64.41 -5.57 59.72
CA GLY E 219 64.81 -4.48 58.85
C GLY E 219 66.21 -4.67 58.31
N TYR E 220 67.14 -5.02 59.20
CA TYR E 220 68.54 -5.23 58.83
C TYR E 220 69.08 -6.40 59.62
N ALA E 221 70.09 -7.06 59.06
CA ALA E 221 70.70 -8.22 59.69
C ALA E 221 72.19 -8.23 59.38
N TYR E 222 72.97 -8.69 60.35
CA TYR E 222 74.42 -8.76 60.24
C TYR E 222 74.90 -10.09 60.80
N VAL E 223 76.00 -10.59 60.23
CA VAL E 223 76.51 -11.92 60.50
C VAL E 223 77.92 -11.82 61.01
N VAL E 224 78.23 -12.62 62.03
CA VAL E 224 79.58 -12.80 62.55
C VAL E 224 79.95 -14.27 62.39
N SER E 225 81.04 -14.53 61.67
CA SER E 225 81.46 -15.89 61.38
C SER E 225 82.36 -16.40 62.51
N GLU E 226 81.99 -17.54 63.08
CA GLU E 226 82.75 -18.17 64.16
C GLU E 226 82.96 -17.20 65.33
N TRP E 227 81.88 -16.54 65.73
CA TRP E 227 81.95 -15.67 66.90
C TRP E 227 82.32 -16.45 68.15
N ALA E 228 81.95 -17.73 68.21
CA ALA E 228 82.34 -18.64 69.28
C ALA E 228 83.06 -19.87 68.75
N GLY E 229 83.67 -19.77 67.56
CA GLY E 229 84.38 -20.90 66.98
C GLY E 229 83.44 -22.01 66.59
N ALA E 230 84.03 -23.10 66.10
CA ALA E 230 83.30 -24.31 65.72
C ALA E 230 82.21 -24.02 64.70
N GLY E 231 82.47 -23.06 63.80
CA GLY E 231 81.47 -22.70 62.82
C GLY E 231 80.26 -22.01 63.37
N THR E 232 80.34 -21.45 64.57
CA THR E 232 79.23 -20.72 65.14
C THR E 232 78.96 -19.44 64.33
N VAL E 233 77.70 -19.05 64.28
CA VAL E 233 77.26 -17.89 63.52
C VAL E 233 76.38 -17.02 64.41
N LYS E 234 76.75 -15.76 64.54
CA LYS E 234 75.92 -14.76 65.19
C LYS E 234 75.09 -14.07 64.12
N VAL E 235 73.87 -13.68 64.48
CA VAL E 235 72.95 -13.00 63.58
C VAL E 235 72.46 -11.75 64.30
N LEU E 236 73.16 -10.63 64.09
CA LEU E 236 72.77 -9.36 64.68
C LEU E 236 71.74 -8.68 63.81
N ILE E 237 70.56 -8.43 64.39
CA ILE E 237 69.39 -7.98 63.64
C ILE E 237 68.90 -6.66 64.20
N LEU E 238 68.50 -5.76 63.31
CA LEU E 238 67.75 -4.56 63.64
C LEU E 238 66.36 -4.67 63.02
N ASP E 239 65.37 -4.11 63.71
CA ASP E 239 64.00 -4.19 63.25
C ASP E 239 63.81 -3.21 62.08
N LYS E 240 62.56 -3.05 61.65
CA LYS E 240 62.27 -2.20 60.50
C LYS E 240 62.69 -0.75 60.75
N ASN E 241 62.58 -0.29 62.00
CA ASN E 241 62.86 1.09 62.36
C ASN E 241 64.25 1.28 62.94
N ARG E 242 65.21 0.43 62.52
CA ARG E 242 66.60 0.43 62.97
C ARG E 242 66.78 -0.10 64.39
N LYS E 243 65.68 -0.30 65.12
CA LYS E 243 65.79 -0.55 66.55
C LYS E 243 66.19 -2.01 66.80
N ALA E 244 66.58 -2.27 68.04
CA ALA E 244 66.90 -3.64 68.43
C ALA E 244 65.66 -4.51 68.33
N ALA E 245 65.82 -5.68 67.71
CA ALA E 245 64.70 -6.61 67.58
C ALA E 245 64.25 -7.07 68.95
N THR E 246 62.93 -7.15 69.13
CA THR E 246 62.39 -7.63 70.39
C THR E 246 62.72 -9.10 70.59
N GLN E 247 62.48 -9.58 71.81
CA GLN E 247 62.77 -10.98 72.12
C GLN E 247 61.90 -11.91 71.28
N GLU E 248 60.62 -11.56 71.11
CA GLU E 248 59.74 -12.38 70.29
C GLU E 248 60.24 -12.44 68.85
N LEU E 249 60.64 -11.29 68.30
CA LEU E 249 61.20 -11.28 66.95
C LEU E 249 62.48 -12.10 66.89
N ILE E 250 63.31 -12.01 67.94
CA ILE E 250 64.54 -12.79 67.99
C ILE E 250 64.21 -14.28 67.97
N ASP E 251 63.23 -14.69 68.78
CA ASP E 251 62.85 -16.10 68.82
C ASP E 251 62.31 -16.57 67.48
N LYS E 252 61.51 -15.74 66.82
CA LYS E 252 60.98 -16.09 65.51
C LYS E 252 62.11 -16.28 64.51
N VAL E 253 63.03 -15.34 64.45
CA VAL E 253 64.17 -15.47 63.55
C VAL E 253 65.04 -16.64 63.97
N GLN E 254 65.23 -16.80 65.29
CA GLN E 254 65.99 -17.95 65.78
C GLN E 254 65.32 -19.26 65.39
N GLU E 255 64.02 -19.38 65.67
CA GLU E 255 63.31 -20.61 65.33
C GLU E 255 63.24 -20.82 63.82
N TYR E 256 63.11 -19.74 63.05
CA TYR E 256 63.02 -19.88 61.60
C TYR E 256 64.31 -20.45 61.02
N ILE E 257 65.46 -20.01 61.52
CA ILE E 257 66.75 -20.37 60.95
C ILE E 257 67.35 -21.54 61.71
N TYR E 258 67.14 -21.59 63.02
CA TYR E 258 67.83 -22.54 63.88
C TYR E 258 66.93 -22.88 65.07
N PRO E 259 66.00 -23.80 64.90
CA PRO E 259 65.13 -24.19 66.02
C PRO E 259 65.93 -24.73 67.20
N LEU E 260 65.45 -24.41 68.41
CA LEU E 260 66.07 -24.84 69.64
C LEU E 260 65.20 -25.78 70.47
N ASN E 261 63.96 -26.04 70.05
CA ASN E 261 63.03 -26.87 70.81
C ASN E 261 62.96 -28.30 70.27
N ILE E 262 63.95 -28.73 69.48
CA ILE E 262 63.93 -30.08 68.94
C ILE E 262 64.04 -31.09 70.08
N SER E 263 63.19 -32.10 70.05
CA SER E 263 63.18 -33.15 71.06
C SER E 263 64.13 -34.27 70.65
N GLU E 264 64.07 -35.40 71.36
CA GLU E 264 64.96 -36.51 71.06
C GLU E 264 64.70 -37.07 69.67
N GLY E 265 63.44 -37.34 69.35
CA GLY E 265 63.07 -37.85 68.05
C GLY E 265 62.78 -36.74 67.06
N GLU E 266 63.69 -35.76 66.98
CA GLU E 266 63.50 -34.61 66.12
C GLU E 266 64.86 -34.10 65.69
N ASN E 267 64.86 -33.29 64.62
CA ASN E 267 66.05 -32.65 64.10
C ASN E 267 65.66 -31.26 63.62
N ARG E 268 66.65 -30.37 63.56
CA ARG E 268 66.36 -29.00 63.15
C ARG E 268 65.84 -28.96 61.72
N ASP E 269 64.75 -28.21 61.53
CA ASP E 269 64.20 -27.93 60.21
C ASP E 269 64.50 -26.52 59.74
N GLY E 270 65.20 -25.71 60.53
CA GLY E 270 65.50 -24.35 60.13
C GLY E 270 66.44 -24.31 58.94
N LYS E 271 66.61 -23.11 58.41
CA LYS E 271 67.46 -22.93 57.24
C LYS E 271 68.93 -23.22 57.53
N ALA E 272 69.34 -23.24 58.80
CA ALA E 272 70.73 -23.51 59.12
C ALA E 272 71.08 -24.94 58.76
N PRO E 273 72.11 -25.19 57.91
CA PRO E 273 72.43 -26.58 57.57
C PRO E 273 72.99 -27.35 58.76
N ILE E 274 73.29 -28.64 58.55
CA ILE E 274 73.82 -29.45 59.63
C ILE E 274 75.18 -28.91 60.07
N GLY E 275 75.41 -28.92 61.39
CA GLY E 275 76.70 -28.56 61.94
C GLY E 275 77.01 -27.08 61.98
N ALA E 276 76.13 -26.23 61.45
CA ALA E 276 76.33 -24.78 61.48
C ALA E 276 75.54 -24.24 62.66
N LEU E 277 76.23 -23.96 63.76
CA LEU E 277 75.60 -23.43 64.95
C LEU E 277 75.27 -21.96 64.73
N VAL E 278 74.05 -21.57 65.09
CA VAL E 278 73.53 -20.23 64.83
C VAL E 278 72.92 -19.67 66.10
N THR E 279 73.03 -18.36 66.25
CA THR E 279 72.40 -17.65 67.37
C THR E 279 72.00 -16.27 66.89
N VAL E 280 70.82 -15.83 67.31
CA VAL E 280 70.27 -14.53 66.92
C VAL E 280 70.48 -13.57 68.08
N VAL E 281 71.02 -12.39 67.76
CA VAL E 281 71.38 -11.38 68.75
C VAL E 281 70.84 -10.04 68.24
N THR E 282 70.70 -9.10 69.18
CA THR E 282 70.37 -7.72 68.87
C THR E 282 71.31 -6.80 69.63
N PRO E 283 71.71 -5.66 69.06
CA PRO E 283 72.68 -4.80 69.77
C PRO E 283 72.08 -4.14 70.99
N ASP E 284 72.89 -3.32 71.67
CA ASP E 284 72.49 -2.66 72.91
C ASP E 284 72.11 -1.21 72.63
N THR E 285 70.98 -0.79 73.17
CA THR E 285 70.46 0.56 72.94
C THR E 285 71.07 1.50 73.97
N LEU E 286 72.02 2.33 73.54
CA LEU E 286 72.61 3.30 74.43
C LEU E 286 71.62 4.42 74.70
N LEU E 287 71.46 4.76 75.97
CA LEU E 287 70.56 5.83 76.39
C LEU E 287 71.35 7.12 76.55
N ILE E 288 70.86 8.18 75.92
CA ILE E 288 71.53 9.48 75.92
C ILE E 288 70.81 10.33 76.95
N ASN E 289 71.33 10.29 78.19
CA ASN E 289 70.80 11.15 79.25
C ASN E 289 71.44 12.52 79.13
N VAL E 290 70.64 13.51 78.78
CA VAL E 290 71.13 14.88 78.57
C VAL E 290 71.04 15.64 79.88
N LYS E 291 72.13 16.30 80.24
CA LYS E 291 72.22 17.10 81.46
C LYS E 291 72.60 18.53 81.09
N ALA E 292 71.83 19.50 81.59
CA ALA E 292 72.13 20.90 81.37
C ALA E 292 71.33 21.72 82.36
N SER E 293 71.81 22.92 82.64
CA SER E 293 71.13 23.84 83.55
C SER E 293 70.09 24.62 82.75
N PHE E 294 68.97 23.95 82.47
CA PHE E 294 67.93 24.55 81.66
C PHE E 294 67.29 25.72 82.38
N ILE E 295 66.98 26.77 81.61
CA ILE E 295 66.23 27.92 82.08
C ILE E 295 65.06 28.11 81.14
N PHE E 296 63.85 28.16 81.69
CA PHE E 296 62.62 28.18 80.92
C PHE E 296 61.99 29.58 80.96
N SER E 297 61.10 29.82 80.00
CA SER E 297 60.50 31.13 79.82
C SER E 297 59.44 31.37 80.90
N ASN E 298 58.76 32.50 80.81
CA ASN E 298 57.87 32.93 81.88
C ASN E 298 56.61 32.05 81.92
N GLY E 299 56.38 31.42 83.07
CA GLY E 299 55.13 30.74 83.34
C GLY E 299 54.91 29.45 82.57
N PHE E 300 55.90 28.95 81.84
CA PHE E 300 55.70 27.74 81.05
C PHE E 300 56.02 26.51 81.88
N SER E 301 55.53 25.37 81.41
CA SER E 301 55.70 24.10 82.12
C SER E 301 57.08 23.53 81.81
N GLU E 302 57.89 23.35 82.86
CA GLU E 302 59.21 22.77 82.69
C GLU E 302 59.12 21.35 82.14
N GLU E 303 58.17 20.56 82.66
CA GLU E 303 58.01 19.20 82.18
C GLU E 303 57.60 19.18 80.71
N THR E 304 56.69 20.08 80.32
CA THR E 304 56.24 20.13 78.93
C THR E 304 57.40 20.45 77.99
N VAL E 305 58.19 21.46 78.32
CA VAL E 305 59.27 21.88 77.44
C VAL E 305 60.32 20.78 77.34
N LEU E 306 60.68 20.17 78.47
CA LEU E 306 61.68 19.10 78.44
C LEU E 306 61.18 17.91 77.63
N ASN E 307 59.90 17.55 77.80
CA ASN E 307 59.34 16.46 77.02
C ASN E 307 59.38 16.76 75.53
N ASN E 308 59.04 18.00 75.16
CA ASN E 308 59.15 18.38 73.76
C ASN E 308 60.60 18.32 73.28
N LEU E 309 61.54 18.79 74.11
CA LEU E 309 62.94 18.64 73.76
C LEU E 309 63.33 17.17 73.67
N LYS E 310 62.79 16.35 74.59
CA LYS E 310 63.05 14.92 74.54
C LYS E 310 62.57 14.33 73.23
N THR E 311 61.39 14.74 72.77
CA THR E 311 60.88 14.26 71.49
C THR E 311 61.78 14.72 70.35
N LYS E 312 62.22 15.97 70.37
CA LYS E 312 63.05 16.50 69.29
C LYS E 312 64.37 15.76 69.21
N ILE E 313 65.02 15.52 70.35
CA ILE E 313 66.29 14.81 70.34
C ILE E 313 66.09 13.38 69.88
N ASP E 314 65.02 12.73 70.37
CA ASP E 314 64.78 11.34 70.00
C ASP E 314 64.56 11.18 68.51
N LYS E 315 63.86 12.14 67.90
CA LYS E 315 63.70 12.10 66.45
C LYS E 315 65.05 12.17 65.75
N TYR E 316 65.94 13.03 66.23
CA TYR E 316 67.29 13.06 65.70
C TYR E 316 68.00 11.74 65.94
N LEU E 317 67.85 11.17 67.14
CA LEU E 317 68.50 9.91 67.46
C LEU E 317 68.01 8.78 66.56
N ASP E 318 66.76 8.86 66.10
CA ASP E 318 66.24 7.84 65.19
C ASP E 318 67.02 7.80 63.89
N LYS E 319 67.59 8.93 63.48
CA LYS E 319 68.37 8.96 62.24
C LYS E 319 69.67 8.16 62.37
N ILE E 320 70.24 8.11 63.57
CA ILE E 320 71.48 7.38 63.78
C ILE E 320 71.23 5.89 63.54
N ASP E 321 72.28 5.19 63.12
CA ASP E 321 72.24 3.76 62.82
C ASP E 321 73.03 2.99 63.88
N LEU E 322 73.07 1.67 63.70
CA LEU E 322 73.91 0.83 64.55
C LEU E 322 75.37 1.17 64.32
N GLY E 323 76.12 1.29 65.42
CA GLY E 323 77.52 1.66 65.30
C GLY E 323 77.76 3.04 64.76
N GLY E 324 76.75 3.91 64.83
CA GLY E 324 76.89 5.27 64.35
C GLY E 324 77.57 6.17 65.36
N THR E 325 77.70 7.44 64.98
CA THR E 325 78.34 8.46 65.80
C THR E 325 77.29 9.46 66.26
N VAL E 326 77.17 9.63 67.58
CA VAL E 326 76.30 10.65 68.14
C VAL E 326 76.98 12.00 67.98
N SER E 327 76.27 12.96 67.40
CA SER E 327 76.80 14.30 67.17
C SER E 327 76.43 15.17 68.36
N TYR E 328 77.37 15.29 69.32
CA TYR E 328 77.11 16.15 70.48
C TYR E 328 76.94 17.60 70.06
N ASN E 329 77.76 18.07 69.12
CA ASN E 329 77.70 19.47 68.72
C ASN E 329 76.39 19.79 68.00
N ALA E 330 75.87 18.84 67.21
CA ALA E 330 74.55 19.03 66.62
C ALA E 330 73.47 18.99 67.68
N ILE E 331 73.65 18.18 68.73
CA ILE E 331 72.66 18.10 69.79
C ILE E 331 72.56 19.43 70.54
N GLN E 332 73.64 20.21 70.54
CA GLN E 332 73.58 21.54 71.13
C GLN E 332 72.51 22.39 70.45
N ALA E 333 72.43 22.31 69.12
CA ALA E 333 71.43 23.06 68.38
C ALA E 333 70.03 22.48 68.54
N ILE E 334 69.91 21.19 68.78
CA ILE E 334 68.59 20.62 69.05
C ILE E 334 68.02 21.26 70.31
N VAL E 335 68.83 21.39 71.35
CA VAL E 335 68.43 22.17 72.51
C VAL E 335 68.26 23.63 72.11
N GLY E 336 69.20 24.16 71.32
CA GLY E 336 69.12 25.53 70.88
C GLY E 336 68.06 25.80 69.83
N SER E 337 67.48 24.76 69.25
CA SER E 337 66.39 24.96 68.30
C SER E 337 65.21 25.64 68.98
N MET E 338 64.87 25.22 70.19
CA MET E 338 63.76 25.84 70.91
C MET E 338 64.08 27.27 71.31
N MET E 339 65.36 27.59 71.51
CA MET E 339 65.75 28.96 71.80
C MET E 339 65.41 29.88 70.64
N LEU E 340 65.73 29.45 69.41
CA LEU E 340 65.42 30.26 68.25
C LEU E 340 63.92 30.45 68.10
N THR E 341 63.15 29.38 68.26
CA THR E 341 61.69 29.45 68.18
C THR E 341 61.04 29.89 69.49
N ASP E 342 61.83 30.13 70.54
CA ASP E 342 61.30 30.51 71.85
C ASP E 342 60.33 29.47 72.37
N GLU E 343 60.62 28.20 72.09
CA GLU E 343 59.79 27.09 72.55
C GLU E 343 60.20 26.67 73.96
N GLY E 344 59.99 27.60 74.90
CA GLY E 344 60.20 27.32 76.30
C GLY E 344 61.57 27.66 76.83
N ILE E 345 62.62 27.15 76.19
CA ILE E 345 63.97 27.27 76.74
C ILE E 345 64.38 28.74 76.70
N GLU E 346 64.60 29.31 77.89
CA GLU E 346 65.16 30.66 78.00
C GLU E 346 66.68 30.65 77.91
N ASP E 347 67.33 29.65 78.50
CA ASP E 347 68.76 29.46 78.34
C ASP E 347 69.14 28.10 78.91
N PHE E 348 70.37 27.68 78.60
CA PHE E 348 70.90 26.41 79.08
C PHE E 348 72.41 26.52 79.19
N SER E 349 73.00 25.62 79.96
CA SER E 349 74.45 25.57 80.10
C SER E 349 74.86 24.20 80.58
N ASN E 350 76.15 23.91 80.45
CA ASN E 350 76.71 22.59 80.77
C ASN E 350 75.98 21.50 79.99
N LEU E 351 75.77 21.75 78.69
CA LEU E 351 75.11 20.78 77.84
C LEU E 351 76.02 19.56 77.68
N THR E 352 75.55 18.40 78.15
CA THR E 352 76.31 17.17 78.07
C THR E 352 75.39 16.03 77.68
N ILE E 353 75.98 14.96 77.16
CA ILE E 353 75.27 13.72 76.83
C ILE E 353 75.88 12.62 77.68
N ASN E 354 75.14 12.17 78.69
CA ASN E 354 75.65 11.23 79.68
C ASN E 354 76.93 11.76 80.31
N ASP E 355 76.93 13.07 80.60
CA ASP E 355 78.10 13.76 81.15
C ASP E 355 79.29 13.65 80.21
N VAL E 356 79.03 13.92 78.92
CA VAL E 356 80.06 13.95 77.89
C VAL E 356 79.80 15.16 77.01
N LYS E 357 80.87 15.83 76.59
CA LYS E 357 80.80 17.02 75.75
C LYS E 357 81.56 16.80 74.45
N GLU E 358 81.36 15.63 73.84
CA GLU E 358 82.00 15.33 72.57
C GLU E 358 81.17 14.26 71.86
N ASN E 359 81.41 14.12 70.56
CA ASN E 359 80.67 13.14 69.78
C ASN E 359 81.05 11.73 70.22
N ILE E 360 80.02 10.91 70.50
CA ILE E 360 80.21 9.55 70.98
C ILE E 360 79.99 8.59 69.83
N LYS E 361 80.89 7.62 69.68
CA LYS E 361 80.84 6.63 68.62
C LYS E 361 80.27 5.33 69.18
N LEU E 362 79.18 4.86 68.57
CA LEU E 362 78.59 3.59 68.97
C LEU E 362 79.43 2.44 68.46
N GLN E 363 79.47 1.36 69.25
CA GLN E 363 80.19 0.14 68.89
C GLN E 363 79.32 -1.04 69.29
N ASP E 364 78.77 -1.74 68.28
CA ASP E 364 77.80 -2.81 68.52
C ASP E 364 76.61 -2.30 69.30
N GLN E 365 76.24 -1.04 69.07
CA GLN E 365 75.23 -0.34 69.85
C GLN E 365 74.37 0.51 68.93
N VAL E 366 73.08 0.55 69.23
CA VAL E 366 72.19 1.58 68.73
C VAL E 366 72.01 2.60 69.85
N VAL E 367 71.44 3.75 69.51
CA VAL E 367 71.28 4.87 70.43
C VAL E 367 69.80 5.19 70.56
N GLY E 368 69.33 5.34 71.80
CA GLY E 368 67.98 5.76 72.07
C GLY E 368 67.99 6.91 73.05
N ILE E 369 66.84 7.59 73.12
CA ILE E 369 66.72 8.73 74.01
C ILE E 369 66.80 8.26 75.46
N GLY E 370 67.62 8.95 76.25
CA GLY E 370 67.76 8.64 77.66
C GLY E 370 66.84 9.47 78.52
N GLU E 371 67.38 10.04 79.60
CA GLU E 371 66.62 10.86 80.53
C GLU E 371 67.11 12.30 80.43
N ILE E 372 66.18 13.22 80.17
CA ILE E 372 66.50 14.64 80.16
C ILE E 372 66.47 15.14 81.60
N VAL E 373 67.61 15.65 82.07
CA VAL E 373 67.79 16.05 83.46
C VAL E 373 68.20 17.52 83.48
N ASN E 374 67.40 18.34 84.15
CA ASN E 374 67.79 19.71 84.45
C ASN E 374 68.73 19.69 85.65
N GLU E 375 69.93 20.25 85.47
CA GLU E 375 70.93 20.19 86.52
C GLU E 375 70.47 20.91 87.77
N VAL E 376 70.01 22.16 87.61
CA VAL E 376 69.62 23.00 88.74
C VAL E 376 70.83 23.14 89.67
N VAL E 377 71.95 23.57 89.09
CA VAL E 377 73.19 23.67 89.87
C VAL E 377 73.04 24.78 90.91
N GLY E 378 73.47 24.50 92.13
CA GLY E 378 73.41 25.48 93.20
C GLY E 378 74.40 26.61 93.00
N GLU F 2 37.30 -52.84 -13.54
CA GLU F 2 36.57 -52.71 -14.83
C GLU F 2 36.59 -51.26 -15.30
N ARG F 3 36.56 -51.08 -16.62
CA ARG F 3 36.57 -49.77 -17.24
C ARG F 3 35.26 -49.53 -17.97
N GLU F 4 34.77 -48.29 -17.91
CA GLU F 4 33.60 -47.94 -18.68
C GLU F 4 33.90 -48.05 -20.17
N LEU F 5 32.87 -48.29 -20.96
CA LEU F 5 33.02 -48.54 -22.39
C LEU F 5 32.58 -47.31 -23.16
N PRO F 6 33.50 -46.55 -23.78
CA PRO F 6 33.05 -45.55 -24.76
C PRO F 6 32.32 -46.23 -25.90
N ILE F 7 31.28 -45.57 -26.39
CA ILE F 7 30.39 -46.14 -27.41
C ILE F 7 30.37 -45.17 -28.59
N PRO F 8 30.37 -45.62 -29.85
CA PRO F 8 30.22 -44.68 -30.95
C PRO F 8 28.87 -44.00 -30.92
N VAL F 9 28.84 -42.77 -31.44
CA VAL F 9 27.61 -41.99 -31.42
C VAL F 9 26.52 -42.68 -32.22
N PHE F 10 26.88 -43.34 -33.32
CA PHE F 10 25.90 -43.99 -34.17
C PHE F 10 25.18 -45.10 -33.43
N LEU F 11 25.91 -45.88 -32.63
CA LEU F 11 25.30 -47.01 -31.93
C LEU F 11 24.34 -46.58 -30.83
N THR F 12 24.36 -45.31 -30.42
CA THR F 12 23.50 -44.81 -29.35
C THR F 12 22.43 -43.86 -29.88
N GLU F 13 22.00 -44.06 -31.12
CA GLU F 13 21.01 -43.17 -31.71
C GLU F 13 19.66 -43.34 -31.03
N ASP F 14 18.95 -42.22 -30.88
CA ASP F 14 17.61 -42.26 -30.32
C ASP F 14 16.64 -42.89 -31.31
N GLU F 15 15.60 -43.53 -30.78
CA GLU F 15 14.59 -44.16 -31.62
C GLU F 15 13.92 -43.14 -32.53
N ASP F 16 13.53 -41.99 -31.98
CA ASP F 16 12.86 -40.99 -32.78
C ASP F 16 13.76 -40.43 -33.86
N SER F 17 15.05 -40.30 -33.58
CA SER F 17 15.98 -39.81 -34.60
C SER F 17 16.01 -40.74 -35.80
N VAL F 18 15.98 -42.06 -35.56
CA VAL F 18 15.91 -43.01 -36.65
C VAL F 18 14.60 -42.83 -37.40
N HIS F 19 13.49 -42.77 -36.68
CA HIS F 19 12.19 -42.64 -37.33
C HIS F 19 12.08 -41.32 -38.08
N GLU F 20 12.62 -40.25 -37.50
CA GLU F 20 12.53 -38.95 -38.15
C GLU F 20 13.26 -38.96 -39.49
N ARG F 21 14.45 -39.58 -39.53
CA ARG F 21 15.17 -39.69 -40.80
C ARG F 21 14.39 -40.53 -41.80
N MET F 22 13.74 -41.59 -41.32
CA MET F 22 12.99 -42.46 -42.24
C MET F 22 11.85 -41.70 -42.90
N LEU F 23 11.16 -40.85 -42.15
CA LEU F 23 10.04 -40.09 -42.68
C LEU F 23 10.46 -38.82 -43.41
N SER F 24 11.77 -38.56 -43.54
CA SER F 24 12.22 -37.31 -44.13
C SER F 24 11.80 -37.20 -45.59
N ASN F 25 11.83 -38.31 -46.33
CA ASN F 25 11.59 -38.23 -47.76
C ASN F 25 10.12 -38.02 -48.09
N PHE F 26 9.22 -38.51 -47.24
CA PHE F 26 7.80 -38.33 -47.50
C PHE F 26 7.42 -36.86 -47.35
N GLN F 27 6.74 -36.32 -48.37
CA GLN F 27 6.17 -34.99 -48.28
C GLN F 27 4.77 -34.86 -48.85
N ASP F 28 4.25 -35.87 -49.54
CA ASP F 28 2.90 -35.84 -50.07
C ASP F 28 1.88 -36.48 -49.14
N VAL F 29 2.22 -37.63 -48.56
CA VAL F 29 1.29 -38.40 -47.74
C VAL F 29 1.50 -38.02 -46.28
N SER F 30 0.40 -38.05 -45.52
CA SER F 30 0.48 -37.73 -44.11
C SER F 30 1.32 -38.76 -43.36
N THR F 31 2.04 -38.28 -42.35
CA THR F 31 2.89 -39.11 -41.51
C THR F 31 2.53 -38.96 -40.04
N LEU F 32 1.27 -38.66 -39.75
CA LEU F 32 0.84 -38.52 -38.37
C LEU F 32 0.93 -39.86 -37.67
N GLU F 33 1.11 -39.80 -36.35
CA GLU F 33 1.09 -41.02 -35.54
C GLU F 33 -0.25 -41.71 -35.70
N GLY F 34 -0.21 -43.02 -35.96
CA GLY F 34 -1.39 -43.77 -36.27
C GLY F 34 -1.76 -43.80 -37.73
N ASP F 35 -1.11 -43.01 -38.56
CA ASP F 35 -1.35 -43.08 -39.99
C ASP F 35 -0.68 -44.32 -40.57
N PHE F 36 -1.10 -44.67 -41.80
CA PHE F 36 -0.62 -45.90 -42.41
C PHE F 36 0.89 -45.83 -42.67
N ILE F 37 1.38 -44.69 -43.15
CA ILE F 37 2.82 -44.55 -43.35
C ILE F 37 3.54 -44.69 -42.03
N TYR F 38 2.99 -44.08 -40.97
CA TYR F 38 3.58 -44.25 -39.65
C TYR F 38 3.56 -45.71 -39.22
N ASP F 39 2.49 -46.43 -39.53
CA ASP F 39 2.41 -47.84 -39.18
C ASP F 39 3.50 -48.64 -39.88
N ALA F 40 3.74 -48.33 -41.16
CA ALA F 40 4.73 -49.09 -41.90
C ALA F 40 6.15 -48.84 -41.39
N THR F 41 6.43 -47.62 -40.92
CA THR F 41 7.79 -47.19 -40.63
C THR F 41 8.17 -47.28 -39.16
N ARG F 42 7.25 -46.97 -38.24
CA ARG F 42 7.63 -46.88 -36.84
C ARG F 42 8.16 -48.18 -36.25
N PRO F 43 7.56 -49.35 -36.48
CA PRO F 43 8.15 -50.57 -35.93
C PRO F 43 9.56 -50.84 -36.42
N THR F 44 9.85 -50.50 -37.67
CA THR F 44 11.21 -50.64 -38.17
C THR F 44 12.16 -49.74 -37.40
N ALA F 45 11.78 -48.48 -37.21
CA ALA F 45 12.64 -47.55 -36.49
C ALA F 45 12.84 -48.00 -35.05
N GLU F 46 11.76 -48.43 -34.40
CA GLU F 46 11.88 -48.90 -33.02
C GLU F 46 12.75 -50.15 -32.93
N GLN F 47 12.57 -51.09 -33.87
CA GLN F 47 13.36 -52.30 -33.83
C GLN F 47 14.83 -52.01 -34.08
N ILE F 48 15.12 -51.05 -34.96
CA ILE F 48 16.51 -50.69 -35.24
C ILE F 48 17.17 -50.16 -33.98
N ALA F 49 16.47 -49.28 -33.25
CA ALA F 49 17.05 -48.66 -32.06
C ALA F 49 17.34 -49.71 -31.00
N GLU F 50 16.42 -50.64 -30.78
CA GLU F 50 16.64 -51.68 -29.79
C GLU F 50 17.82 -52.56 -30.18
N LEU F 51 17.84 -53.02 -31.44
CA LEU F 51 18.96 -53.83 -31.89
C LEU F 51 20.26 -53.05 -31.87
N LYS F 52 20.21 -51.80 -32.33
CA LYS F 52 21.43 -50.99 -32.38
C LYS F 52 21.97 -50.72 -30.98
N GLN F 53 21.08 -50.41 -30.04
CA GLN F 53 21.53 -50.04 -28.70
C GLN F 53 21.92 -51.24 -27.86
N LEU F 54 21.22 -52.37 -28.00
CA LEU F 54 21.49 -53.55 -27.19
C LEU F 54 22.45 -54.52 -27.89
N GLY F 55 22.07 -55.01 -29.07
CA GLY F 55 22.84 -56.08 -29.69
C GLY F 55 24.24 -55.64 -30.07
N LEU F 56 24.37 -54.48 -30.70
CA LEU F 56 25.68 -54.05 -31.19
C LEU F 56 26.58 -53.60 -30.06
N GLN F 57 26.03 -52.84 -29.11
CA GLN F 57 26.86 -52.35 -28.01
C GLN F 57 27.38 -53.51 -27.16
N ASN F 58 26.55 -54.52 -26.94
CA ASN F 58 27.01 -55.69 -26.20
C ASN F 58 28.15 -56.38 -26.94
N ASN F 59 28.05 -56.45 -28.27
CA ASN F 59 29.13 -57.04 -29.06
C ASN F 59 30.43 -56.26 -28.87
N LEU F 60 30.34 -54.93 -28.86
CA LEU F 60 31.53 -54.12 -28.64
C LEU F 60 32.09 -54.35 -27.24
N LYS F 61 31.22 -54.57 -26.26
CA LYS F 61 31.68 -54.76 -24.89
C LYS F 61 32.50 -56.03 -24.75
N ILE F 62 32.02 -57.13 -25.33
CA ILE F 62 32.71 -58.41 -25.20
C ILE F 62 33.99 -58.47 -26.02
N ALA F 63 34.25 -57.48 -26.89
CA ALA F 63 35.41 -57.54 -27.76
C ALA F 63 36.71 -57.52 -26.95
N PHE F 64 36.86 -56.53 -26.06
CA PHE F 64 38.13 -56.30 -25.39
C PHE F 64 38.12 -56.91 -23.99
N PRO F 65 39.28 -57.29 -23.45
CA PRO F 65 39.30 -57.80 -22.07
C PRO F 65 39.05 -56.70 -21.04
N GLN F 66 39.18 -55.43 -21.42
CA GLN F 66 38.89 -54.35 -20.47
C GLN F 66 37.45 -54.40 -20.00
N THR F 67 36.54 -54.91 -20.83
CA THR F 67 35.11 -54.94 -20.53
C THR F 67 34.45 -56.29 -20.78
N SER F 68 35.18 -57.27 -21.33
CA SER F 68 34.58 -58.57 -21.59
C SER F 68 34.22 -59.26 -20.27
N TYR F 69 33.57 -60.41 -20.40
CA TYR F 69 33.11 -61.14 -19.22
C TYR F 69 32.84 -62.58 -19.60
N GLY F 70 32.77 -63.43 -18.58
CA GLY F 70 32.34 -64.82 -18.76
C GLY F 70 33.23 -65.57 -19.73
N THR F 71 32.60 -66.40 -20.56
CA THR F 71 33.33 -67.15 -21.57
C THR F 71 34.10 -66.23 -22.51
N TYR F 72 33.54 -65.06 -22.79
CA TYR F 72 34.22 -64.12 -23.68
C TYR F 72 35.53 -63.63 -23.08
N LEU F 73 35.53 -63.32 -21.79
CA LEU F 73 36.76 -62.90 -21.15
C LEU F 73 37.77 -64.05 -21.09
N GLU F 74 37.28 -65.28 -20.95
CA GLU F 74 38.18 -66.43 -20.89
C GLU F 74 38.98 -66.57 -22.18
N TRP F 75 38.31 -66.44 -23.31
CA TRP F 75 38.98 -66.64 -24.59
C TRP F 75 40.04 -65.58 -24.82
N LEU F 76 39.74 -64.34 -24.44
CA LEU F 76 40.77 -63.30 -24.49
C LEU F 76 41.93 -63.62 -23.55
N GLY F 77 41.64 -64.32 -22.45
CA GLY F 77 42.72 -64.87 -21.66
C GLY F 77 43.51 -65.91 -22.42
N GLU F 78 42.82 -66.71 -23.23
CA GLU F 78 43.51 -67.71 -24.05
C GLU F 78 44.28 -67.09 -25.20
N CYS F 79 43.95 -65.86 -25.59
CA CYS F 79 44.74 -65.18 -26.61
C CYS F 79 46.17 -65.02 -26.14
N LYS F 80 46.35 -64.59 -24.91
CA LYS F 80 47.67 -64.44 -24.29
C LYS F 80 47.96 -65.56 -23.28
N GLY F 81 47.27 -66.68 -23.40
CA GLY F 81 47.62 -67.87 -22.66
C GLY F 81 47.52 -67.72 -21.15
N VAL F 82 46.45 -67.11 -20.68
CA VAL F 82 46.18 -66.97 -19.24
C VAL F 82 44.81 -67.59 -18.99
N PHE F 83 44.77 -68.54 -18.07
CA PHE F 83 43.56 -69.29 -17.75
C PHE F 83 43.12 -68.94 -16.33
N LYS F 84 41.82 -68.81 -16.15
CA LYS F 84 41.29 -68.56 -14.81
C LYS F 84 41.24 -69.87 -14.04
N ASN F 85 41.38 -69.76 -12.72
CA ASN F 85 41.40 -70.94 -11.87
C ASN F 85 40.03 -71.59 -11.83
N GLN F 86 40.02 -72.89 -11.57
CA GLN F 86 38.81 -73.70 -11.53
C GLN F 86 38.47 -74.09 -10.09
N PRO F 87 37.20 -74.39 -9.80
CA PRO F 87 36.83 -74.75 -8.43
C PRO F 87 37.15 -76.21 -8.14
N THR F 88 36.98 -76.57 -6.86
CA THR F 88 37.25 -77.93 -6.41
C THR F 88 36.15 -78.35 -5.44
N LYS F 89 36.00 -79.67 -5.29
CA LYS F 89 35.01 -80.24 -4.40
C LYS F 89 35.55 -80.30 -2.98
N ALA F 90 34.66 -80.06 -2.02
CA ALA F 90 35.03 -80.23 -0.61
C ALA F 90 35.39 -81.68 -0.34
N THR F 91 36.51 -81.88 0.35
CA THR F 91 37.03 -83.20 0.68
C THR F 91 37.20 -83.32 2.18
N GLY F 92 36.93 -84.51 2.70
CA GLY F 92 37.04 -84.73 4.13
C GLY F 92 36.72 -86.16 4.48
N VAL F 93 36.56 -86.42 5.77
CA VAL F 93 36.33 -87.75 6.30
C VAL F 93 35.03 -87.75 7.08
N ILE F 94 34.35 -88.90 7.05
CA ILE F 94 33.08 -89.09 7.76
C ILE F 94 33.20 -90.33 8.61
N THR F 95 32.78 -90.22 9.86
CA THR F 95 32.79 -91.35 10.78
C THR F 95 31.45 -92.07 10.74
N PHE F 96 31.50 -93.39 10.78
CA PHE F 96 30.32 -94.25 10.73
C PHE F 96 30.34 -95.17 11.94
N THR F 97 29.15 -95.44 12.47
CA THR F 97 28.98 -96.36 13.59
C THR F 97 27.79 -97.25 13.32
N GLY F 98 27.90 -98.53 13.68
CA GLY F 98 26.81 -99.45 13.44
C GLY F 98 27.22 -100.89 13.71
N VAL F 99 26.39 -101.80 13.23
CA VAL F 99 26.67 -103.22 13.37
C VAL F 99 27.96 -103.55 12.63
N GLN F 100 28.76 -104.43 13.23
CA GLN F 100 30.06 -104.76 12.65
C GLN F 100 29.89 -105.46 11.30
N GLY F 101 28.90 -106.33 11.18
CA GLY F 101 28.65 -106.99 9.90
C GLY F 101 28.28 -106.05 8.78
N THR F 102 27.85 -104.83 9.10
CA THR F 102 27.45 -103.88 8.07
C THR F 102 28.65 -103.53 7.18
N ILE F 103 28.36 -103.31 5.90
CA ILE F 103 29.35 -102.94 4.90
C ILE F 103 28.89 -101.65 4.22
N ILE F 104 29.83 -100.73 4.05
CA ILE F 104 29.58 -99.44 3.41
C ILE F 104 30.43 -99.38 2.13
N THR F 105 29.78 -99.09 1.01
CA THR F 105 30.41 -99.13 -0.30
C THR F 105 30.76 -97.73 -0.78
N LYS F 106 31.70 -97.67 -1.72
CA LYS F 106 32.06 -96.41 -2.35
C LYS F 106 30.90 -95.89 -3.18
N GLY F 107 30.85 -94.57 -3.33
CA GLY F 107 29.79 -93.93 -4.07
C GLY F 107 28.52 -93.69 -3.29
N THR F 108 28.45 -94.14 -2.05
CA THR F 108 27.28 -93.88 -1.22
C THR F 108 27.14 -92.39 -0.97
N ILE F 109 25.90 -91.93 -0.86
CA ILE F 109 25.57 -90.50 -0.77
C ILE F 109 25.05 -90.22 0.63
N VAL F 110 25.70 -89.28 1.31
CA VAL F 110 25.24 -88.74 2.59
C VAL F 110 25.28 -87.22 2.49
N THR F 111 24.29 -86.57 3.09
CA THR F 111 24.08 -85.14 2.92
C THR F 111 23.99 -84.47 4.29
N THR F 112 23.78 -83.15 4.26
CA THR F 112 23.48 -82.39 5.46
C THR F 112 21.97 -82.35 5.66
N ILE F 113 21.53 -81.70 6.73
CA ILE F 113 20.13 -81.64 7.09
C ILE F 113 19.48 -80.54 6.28
N ALA F 114 18.71 -80.91 5.26
CA ALA F 114 17.91 -79.94 4.54
C ALA F 114 16.81 -79.39 5.43
N THR F 115 16.54 -78.10 5.29
CA THR F 115 15.55 -77.40 6.11
C THR F 115 14.83 -76.39 5.24
N ASP F 116 13.85 -75.70 5.83
CA ASP F 116 13.17 -74.63 5.12
C ASP F 116 14.14 -73.50 4.81
N GLU F 117 15.01 -73.16 5.75
CA GLU F 117 15.95 -72.07 5.53
C GLU F 117 17.05 -72.48 4.56
N LYS F 118 17.56 -73.70 4.68
CA LYS F 118 18.74 -74.14 3.95
C LYS F 118 18.50 -75.51 3.32
N GLN F 119 19.14 -75.72 2.18
CA GLN F 119 19.09 -76.99 1.47
C GLN F 119 20.28 -77.85 1.85
N SER F 120 20.11 -79.16 1.68
CA SER F 120 21.15 -80.12 2.05
C SER F 120 22.28 -80.10 1.03
N ILE F 121 23.50 -80.27 1.52
CA ILE F 121 24.70 -80.33 0.68
C ILE F 121 25.07 -81.79 0.53
N GLU F 122 25.16 -82.25 -0.72
CA GLU F 122 25.37 -83.66 -1.00
C GLU F 122 26.86 -84.00 -1.00
N PHE F 123 27.19 -85.13 -0.37
CA PHE F 123 28.55 -85.64 -0.30
C PHE F 123 28.55 -87.11 -0.70
N GLU F 124 29.66 -87.54 -1.31
CA GLU F 124 29.82 -88.90 -1.80
C GLU F 124 31.04 -89.54 -1.17
N LEU F 125 30.91 -90.81 -0.81
CA LEU F 125 32.02 -91.55 -0.22
C LEU F 125 33.00 -91.99 -1.29
N LEU F 126 34.29 -91.83 -1.00
CA LEU F 126 35.37 -92.17 -1.91
C LEU F 126 35.93 -93.57 -1.68
N GLU F 127 35.40 -94.32 -0.72
CA GLU F 127 35.99 -95.59 -0.31
C GLU F 127 34.89 -96.58 0.03
N THR F 128 35.25 -97.86 0.00
CA THR F 128 34.41 -98.95 0.46
C THR F 128 35.07 -99.57 1.69
N LYS F 129 34.31 -99.70 2.77
CA LYS F 129 34.82 -100.20 4.03
C LYS F 129 33.80 -101.14 4.65
N THR F 130 34.25 -101.85 5.69
CA THR F 130 33.42 -102.74 6.47
C THR F 130 33.65 -102.47 7.95
N ILE F 131 32.61 -102.67 8.75
CA ILE F 131 32.63 -102.34 10.17
C ILE F 131 33.03 -103.58 10.96
N GLY F 132 33.55 -104.61 10.28
CA GLY F 132 33.65 -105.93 10.88
C GLY F 132 34.54 -105.98 12.10
N GLU F 133 35.61 -105.18 12.13
CA GLU F 133 36.56 -105.24 13.24
C GLU F 133 36.05 -104.45 14.44
N ASN F 134 35.85 -103.14 14.25
CA ASN F 134 35.36 -102.25 15.30
C ASN F 134 34.05 -101.64 14.84
N GLU F 135 33.22 -101.27 15.81
CA GLU F 135 31.94 -100.64 15.49
C GLU F 135 32.10 -99.32 14.76
N THR F 136 33.25 -98.65 14.93
CA THR F 136 33.52 -97.37 14.30
C THR F 136 34.41 -97.55 13.09
N VAL F 137 34.09 -96.84 12.01
CA VAL F 137 34.93 -96.79 10.82
C VAL F 137 34.86 -95.37 10.24
N ASP F 138 35.94 -94.99 9.56
CA ASP F 138 36.06 -93.68 8.92
C ASP F 138 36.23 -93.89 7.43
N ILE F 139 35.47 -93.13 6.64
CA ILE F 139 35.48 -93.23 5.19
C ILE F 139 35.76 -91.85 4.61
N LYS F 140 36.73 -91.76 3.71
CA LYS F 140 36.94 -90.52 2.99
C LYS F 140 35.76 -90.24 2.08
N ALA F 141 35.39 -88.96 2.00
CA ALA F 141 34.23 -88.54 1.22
C ALA F 141 34.56 -87.24 0.51
N GLU F 142 33.69 -86.86 -0.42
CA GLU F 142 33.87 -85.63 -1.19
C GLU F 142 32.51 -85.04 -1.51
N SER F 143 32.43 -83.71 -1.49
CA SER F 143 31.23 -83.02 -1.93
C SER F 143 31.01 -83.29 -3.41
N ARG F 144 29.76 -83.58 -3.77
CA ARG F 144 29.45 -83.85 -5.17
C ARG F 144 29.42 -82.59 -6.02
N ILE F 145 29.50 -81.41 -5.42
CA ILE F 145 29.46 -80.13 -6.12
C ILE F 145 30.75 -79.38 -5.82
N VAL F 146 31.39 -78.86 -6.87
CA VAL F 146 32.58 -78.05 -6.72
C VAL F 146 32.22 -76.76 -6.00
N GLY F 147 33.22 -76.03 -5.53
CA GLY F 147 33.03 -74.75 -4.89
C GLY F 147 33.16 -74.84 -3.38
N THR F 148 33.17 -73.65 -2.75
CA THR F 148 33.21 -73.57 -1.29
C THR F 148 31.95 -74.09 -0.66
N ILE F 149 30.87 -74.26 -1.42
CA ILE F 149 29.74 -75.04 -0.91
C ILE F 149 30.27 -76.40 -0.49
N GLY F 150 29.79 -76.87 0.65
CA GLY F 150 30.52 -77.86 1.40
C GLY F 150 31.45 -77.13 2.34
N ASN F 151 32.61 -77.71 2.66
CA ASN F 151 33.50 -77.16 3.67
C ASN F 151 32.75 -76.99 4.99
N VAL F 152 31.88 -77.94 5.28
CA VAL F 152 30.91 -77.84 6.35
C VAL F 152 31.59 -77.92 7.70
N SER F 153 30.84 -77.65 8.77
CA SER F 153 31.37 -77.73 10.12
C SER F 153 31.65 -79.18 10.50
N LYS F 154 32.06 -79.39 11.75
CA LYS F 154 32.48 -80.71 12.18
C LYS F 154 31.34 -81.72 12.11
N GLY F 155 30.21 -81.40 12.72
CA GLY F 155 29.13 -82.36 12.87
C GLY F 155 28.01 -82.21 11.87
N SER F 156 28.27 -81.54 10.75
CA SER F 156 27.20 -81.20 9.82
C SER F 156 26.65 -82.44 9.12
N ILE F 157 27.54 -83.28 8.60
CA ILE F 157 27.10 -84.44 7.81
C ILE F 157 26.41 -85.42 8.75
N SER F 158 25.10 -85.53 8.64
CA SER F 158 24.33 -86.44 9.49
C SER F 158 23.20 -87.14 8.78
N VAL F 159 23.05 -86.99 7.46
CA VAL F 159 21.91 -87.49 6.72
C VAL F 159 22.38 -88.50 5.67
N LEU F 160 21.71 -89.63 5.61
CA LEU F 160 21.87 -90.61 4.55
C LEU F 160 20.62 -90.60 3.70
N LEU F 161 20.79 -90.49 2.39
CA LEU F 161 19.63 -90.45 1.50
C LEU F 161 18.84 -91.75 1.57
N GLY F 162 19.53 -92.89 1.55
CA GLY F 162 18.89 -94.18 1.66
C GLY F 162 18.77 -94.62 3.10
N SER F 163 18.92 -95.91 3.35
CA SER F 163 18.93 -96.45 4.71
C SER F 163 19.69 -97.76 4.69
N ILE F 164 20.90 -97.75 5.23
CA ILE F 164 21.79 -98.92 5.23
C ILE F 164 21.53 -99.70 6.51
N SER F 165 21.34 -101.01 6.37
CA SER F 165 21.04 -101.85 7.51
C SER F 165 22.20 -101.86 8.49
N GLY F 166 21.88 -101.73 9.78
CA GLY F 166 22.85 -101.86 10.84
C GLY F 166 23.62 -100.61 11.18
N VAL F 167 23.52 -99.55 10.38
CA VAL F 167 24.27 -98.34 10.65
C VAL F 167 23.58 -97.59 11.78
N LYS F 168 24.34 -97.28 12.84
CA LYS F 168 23.78 -96.65 14.02
C LYS F 168 23.89 -95.13 13.99
N SER F 169 24.95 -94.58 13.40
CA SER F 169 25.09 -93.13 13.33
C SER F 169 26.17 -92.78 12.31
N ILE F 170 25.89 -91.77 11.49
CA ILE F 170 26.86 -91.20 10.56
C ILE F 170 27.09 -89.77 11.02
N THR F 171 28.36 -89.45 11.32
CA THR F 171 28.71 -88.10 11.73
C THR F 171 30.07 -87.75 11.16
N ASN F 172 30.15 -86.59 10.52
CA ASN F 172 31.46 -86.05 10.18
C ASN F 172 32.19 -85.67 11.46
N LYS F 173 33.50 -85.88 11.48
CA LYS F 173 34.31 -85.62 12.65
C LYS F 173 34.97 -84.24 12.64
N GLU F 174 35.40 -83.78 11.47
CA GLU F 174 36.09 -82.51 11.34
C GLU F 174 35.59 -81.80 10.09
N ASP F 175 35.71 -80.48 10.10
CA ASP F 175 35.22 -79.67 9.00
C ASP F 175 35.98 -79.99 7.71
N PHE F 176 35.25 -79.99 6.60
CA PHE F 176 35.83 -80.23 5.29
C PHE F 176 36.58 -78.99 4.82
N ARG F 177 37.58 -79.20 3.95
CA ARG F 177 38.47 -78.11 3.53
C ARG F 177 38.78 -78.11 2.05
N GLY F 178 38.30 -79.07 1.27
CA GLY F 178 38.72 -79.19 -0.12
C GLY F 178 38.04 -78.25 -1.10
N GLY F 179 37.09 -77.44 -0.65
CA GLY F 179 36.31 -76.62 -1.54
C GLY F 179 36.98 -75.30 -1.87
N THR F 180 36.77 -74.85 -3.10
CA THR F 180 37.22 -73.54 -3.53
C THR F 180 36.39 -73.13 -4.74
N ASP F 181 36.03 -71.86 -4.80
CA ASP F 181 35.11 -71.37 -5.82
C ASP F 181 35.83 -71.00 -7.11
N ILE F 182 35.02 -70.71 -8.12
CA ILE F 182 35.55 -70.18 -9.37
C ILE F 182 36.23 -68.85 -9.12
N GLU F 183 37.34 -68.61 -9.82
CA GLU F 183 38.08 -67.37 -9.66
C GLU F 183 37.21 -66.18 -10.08
N ASP F 184 37.40 -65.06 -9.38
CA ASP F 184 36.61 -63.87 -9.66
C ASP F 184 36.92 -63.34 -11.06
N GLU F 185 35.88 -62.85 -11.74
CA GLU F 185 36.07 -62.32 -13.09
C GLU F 185 37.00 -61.11 -13.06
N GLU F 186 36.77 -60.19 -12.14
CA GLU F 186 37.61 -58.99 -12.08
C GLU F 186 39.05 -59.35 -11.69
N HIS F 187 39.21 -60.28 -10.76
CA HIS F 187 40.55 -60.77 -10.45
C HIS F 187 41.18 -61.41 -11.68
N PHE F 188 40.41 -62.22 -12.40
CA PHE F 188 40.92 -62.81 -13.63
C PHE F 188 41.16 -61.75 -14.69
N ARG F 189 40.28 -60.75 -14.78
CA ARG F 189 40.51 -59.64 -15.71
C ARG F 189 41.80 -58.92 -15.36
N GLU F 190 42.07 -58.74 -14.08
CA GLU F 190 43.35 -58.17 -13.67
C GLU F 190 44.50 -59.05 -14.13
N ARG F 191 44.39 -60.37 -13.95
CA ARG F 191 45.45 -61.27 -14.37
C ARG F 191 45.69 -61.17 -15.87
N VAL F 192 44.62 -61.05 -16.65
CA VAL F 192 44.75 -60.91 -18.10
C VAL F 192 45.52 -59.64 -18.43
N LEU F 193 45.20 -58.54 -17.74
CA LEU F 193 45.87 -57.28 -18.00
C LEU F 193 47.21 -57.16 -17.32
N VAL F 194 47.44 -57.88 -16.22
CA VAL F 194 48.78 -57.88 -15.62
C VAL F 194 49.79 -58.52 -16.56
N ALA F 195 49.41 -59.62 -17.21
CA ALA F 195 50.33 -60.33 -18.09
C ALA F 195 50.56 -59.53 -19.37
N GLU F 196 51.28 -58.41 -19.26
CA GLU F 196 51.57 -57.54 -20.39
C GLU F 196 53.00 -57.02 -20.34
N GLN F 197 53.93 -57.81 -19.80
CA GLN F 197 55.33 -57.41 -19.77
C GLN F 197 55.93 -57.53 -21.17
N GLU F 198 56.75 -56.55 -21.54
CA GLU F 198 57.29 -56.45 -22.89
C GLU F 198 58.58 -57.25 -23.06
N ASP F 199 59.52 -57.10 -22.13
CA ASP F 199 60.83 -57.75 -22.25
C ASP F 199 61.33 -58.05 -20.84
N LYS F 200 62.63 -58.32 -20.72
CA LYS F 200 63.23 -58.77 -19.47
C LYS F 200 62.54 -60.06 -19.00
N LEU F 201 62.70 -61.10 -19.82
CA LEU F 201 62.06 -62.39 -19.58
C LEU F 201 62.98 -63.56 -19.89
N SER F 202 64.28 -63.33 -20.09
CA SER F 202 65.18 -64.40 -20.50
C SER F 202 65.56 -65.31 -19.35
N GLY F 203 65.66 -64.78 -18.13
CA GLY F 203 66.14 -65.55 -17.01
C GLY F 203 67.63 -65.37 -16.81
N ALA F 204 68.10 -64.13 -16.96
CA ALA F 204 69.46 -63.78 -16.60
C ALA F 204 69.56 -63.64 -15.08
N SER F 205 70.74 -63.24 -14.61
CA SER F 205 70.90 -62.98 -13.19
C SER F 205 70.00 -61.85 -12.74
N SER F 206 69.91 -60.78 -13.54
CA SER F 206 69.00 -59.68 -13.21
C SER F 206 67.55 -60.15 -13.20
N ASP F 207 67.16 -60.95 -14.18
CA ASP F 207 65.80 -61.45 -14.22
C ASP F 207 65.50 -62.33 -13.01
N TYR F 208 66.42 -63.22 -12.66
CA TYR F 208 66.21 -64.09 -11.51
C TYR F 208 66.16 -63.29 -10.22
N ILE F 209 67.01 -62.27 -10.09
CA ILE F 209 66.98 -61.41 -8.92
C ILE F 209 65.64 -60.70 -8.82
N ARG F 210 65.14 -60.19 -9.96
CA ARG F 210 63.84 -59.55 -9.97
C ARG F 210 62.74 -60.54 -9.58
N TRP F 211 62.80 -61.76 -10.10
CA TRP F 211 61.80 -62.76 -9.75
C TRP F 211 61.87 -63.12 -8.29
N ALA F 212 63.08 -63.26 -7.74
CA ALA F 212 63.22 -63.56 -6.33
C ALA F 212 62.67 -62.41 -5.48
N LYS F 213 62.94 -61.17 -5.88
CA LYS F 213 62.46 -60.02 -5.12
C LYS F 213 60.94 -59.91 -5.16
N GLU F 214 60.30 -60.41 -6.22
CA GLU F 214 58.86 -60.30 -6.33
C GLU F 214 58.16 -61.07 -5.21
N VAL F 215 58.69 -62.24 -4.86
CA VAL F 215 58.13 -62.99 -3.73
C VAL F 215 58.35 -62.20 -2.46
N ASP F 216 57.31 -62.09 -1.65
CA ASP F 216 57.40 -61.35 -0.40
C ASP F 216 58.37 -62.03 0.55
N GLY F 217 58.95 -61.22 1.45
CA GLY F 217 59.92 -61.72 2.39
C GLY F 217 61.33 -61.86 1.84
N VAL F 218 61.56 -61.52 0.58
CA VAL F 218 62.88 -61.61 -0.04
C VAL F 218 63.50 -60.23 0.02
N GLY F 219 64.37 -60.01 1.00
CA GLY F 219 65.05 -58.73 1.12
C GLY F 219 66.15 -58.57 0.09
N TYR F 220 66.97 -59.60 -0.08
CA TYR F 220 68.06 -59.60 -1.02
C TYR F 220 68.18 -60.97 -1.67
N ALA F 221 68.71 -60.98 -2.89
CA ALA F 221 68.87 -62.23 -3.64
C ALA F 221 70.16 -62.15 -4.44
N TYR F 222 70.81 -63.31 -4.57
CA TYR F 222 72.06 -63.42 -5.31
C TYR F 222 72.03 -64.68 -6.15
N VAL F 223 72.71 -64.63 -7.30
CA VAL F 223 72.63 -65.66 -8.33
C VAL F 223 74.02 -66.20 -8.59
N VAL F 224 74.11 -67.52 -8.75
CA VAL F 224 75.33 -68.21 -9.16
C VAL F 224 75.01 -68.94 -10.46
N SER F 225 75.76 -68.62 -11.51
CA SER F 225 75.53 -69.18 -12.83
C SER F 225 76.28 -70.51 -12.95
N GLU F 226 75.56 -71.58 -13.30
CA GLU F 226 76.15 -72.90 -13.48
C GLU F 226 76.92 -73.34 -12.25
N TRP F 227 76.29 -73.18 -11.08
CA TRP F 227 76.90 -73.67 -9.85
C TRP F 227 77.09 -75.18 -9.88
N ALA F 228 76.23 -75.89 -10.61
CA ALA F 228 76.36 -77.32 -10.84
C ALA F 228 76.40 -77.66 -12.32
N GLY F 229 76.81 -76.70 -13.17
CA GLY F 229 76.88 -76.93 -14.58
C GLY F 229 75.50 -77.12 -15.21
N ALA F 230 75.51 -77.39 -16.51
CA ALA F 230 74.28 -77.67 -17.26
C ALA F 230 73.27 -76.53 -17.15
N GLY F 231 73.76 -75.30 -17.06
CA GLY F 231 72.87 -74.17 -16.92
C GLY F 231 72.17 -74.08 -15.59
N THR F 232 72.67 -74.78 -14.57
CA THR F 232 72.06 -74.69 -13.24
C THR F 232 72.24 -73.29 -12.67
N VAL F 233 71.27 -72.88 -11.86
CA VAL F 233 71.25 -71.54 -11.27
C VAL F 233 70.97 -71.69 -9.78
N LYS F 234 71.86 -71.14 -8.96
CA LYS F 234 71.63 -71.02 -7.53
C LYS F 234 71.02 -69.66 -7.26
N VAL F 235 70.15 -69.58 -6.26
CA VAL F 235 69.47 -68.34 -5.88
C VAL F 235 69.67 -68.18 -4.38
N LEU F 236 70.73 -67.47 -4.00
CA LEU F 236 71.02 -67.21 -2.60
C LEU F 236 70.24 -65.99 -2.14
N ILE F 237 69.38 -66.17 -1.14
CA ILE F 237 68.41 -65.17 -0.72
C ILE F 237 68.60 -64.84 0.76
N LEU F 238 68.51 -63.55 1.07
CA LEU F 238 68.39 -63.07 2.44
C LEU F 238 67.01 -62.45 2.63
N ASP F 239 66.47 -62.60 3.83
CA ASP F 239 65.13 -62.08 4.11
C ASP F 239 65.19 -60.57 4.25
N LYS F 240 64.07 -59.97 4.66
CA LYS F 240 64.01 -58.51 4.77
C LYS F 240 65.02 -57.95 5.76
N ASN F 241 65.32 -58.71 6.82
CA ASN F 241 66.20 -58.27 7.89
C ASN F 241 67.62 -58.81 7.73
N ARG F 242 68.05 -59.05 6.48
CA ARG F 242 69.36 -59.59 6.14
C ARG F 242 69.52 -61.08 6.46
N LYS F 243 68.57 -61.65 7.19
CA LYS F 243 68.78 -62.99 7.74
C LYS F 243 68.56 -64.05 6.68
N ALA F 244 68.99 -65.27 6.99
CA ALA F 244 68.76 -66.38 6.10
C ALA F 244 67.26 -66.63 5.94
N ALA F 245 66.82 -66.80 4.71
CA ALA F 245 65.41 -67.07 4.45
C ALA F 245 65.01 -68.40 5.07
N THR F 246 63.83 -68.43 5.67
CA THR F 246 63.33 -69.65 6.26
C THR F 246 63.04 -70.69 5.18
N GLN F 247 62.82 -71.92 5.61
CA GLN F 247 62.54 -73.00 4.66
C GLN F 247 61.24 -72.73 3.91
N GLU F 248 60.22 -72.24 4.61
CA GLU F 248 58.96 -71.91 3.96
C GLU F 248 59.15 -70.82 2.91
N LEU F 249 59.92 -69.78 3.25
CA LEU F 249 60.21 -68.73 2.28
C LEU F 249 61.01 -69.30 1.11
N ILE F 250 61.94 -70.20 1.39
CA ILE F 250 62.71 -70.83 0.33
C ILE F 250 61.79 -71.62 -0.60
N ASP F 251 60.86 -72.37 -0.03
CA ASP F 251 59.93 -73.16 -0.84
C ASP F 251 59.05 -72.25 -1.69
N LYS F 252 58.59 -71.14 -1.11
CA LYS F 252 57.76 -70.20 -1.86
C LYS F 252 58.52 -69.62 -3.04
N VAL F 253 59.75 -69.16 -2.79
CA VAL F 253 60.58 -68.63 -3.88
C VAL F 253 60.92 -69.75 -4.85
N GLN F 254 61.23 -70.94 -4.33
CA GLN F 254 61.50 -72.08 -5.20
C GLN F 254 60.29 -72.40 -6.06
N GLU F 255 59.12 -72.53 -5.44
CA GLU F 255 57.92 -72.85 -6.21
C GLU F 255 57.54 -71.72 -7.15
N TYR F 256 57.76 -70.47 -6.75
CA TYR F 256 57.40 -69.35 -7.61
C TYR F 256 58.23 -69.34 -8.89
N ILE F 257 59.53 -69.64 -8.78
CA ILE F 257 60.44 -69.53 -9.91
C ILE F 257 60.62 -70.88 -10.59
N TYR F 258 60.57 -71.96 -9.80
CA TYR F 258 60.90 -73.28 -10.32
C TYR F 258 60.14 -74.35 -9.54
N PRO F 259 58.89 -74.62 -9.88
CA PRO F 259 58.14 -75.66 -9.16
C PRO F 259 58.81 -77.02 -9.25
N LEU F 260 58.71 -77.77 -8.16
CA LEU F 260 59.27 -79.11 -8.06
C LEU F 260 58.22 -80.20 -7.90
N ASN F 261 56.95 -79.85 -7.77
CA ASN F 261 55.87 -80.82 -7.55
C ASN F 261 55.12 -81.16 -8.84
N ILE F 262 55.70 -80.87 -10.00
CA ILE F 262 55.03 -81.18 -11.26
C ILE F 262 54.88 -82.69 -11.40
N SER F 263 53.68 -83.11 -11.78
CA SER F 263 53.39 -84.53 -11.97
C SER F 263 53.70 -84.92 -13.41
N GLU F 264 53.29 -86.14 -13.80
CA GLU F 264 53.56 -86.63 -15.15
C GLU F 264 52.88 -85.75 -16.20
N GLY F 265 51.59 -85.49 -16.03
CA GLY F 265 50.84 -84.66 -16.95
C GLY F 265 50.90 -83.19 -16.57
N GLU F 266 52.11 -82.69 -16.30
CA GLU F 266 52.29 -81.31 -15.88
C GLU F 266 53.67 -80.84 -16.33
N ASN F 267 53.83 -79.53 -16.34
CA ASN F 267 55.09 -78.89 -16.67
C ASN F 267 55.26 -77.68 -15.77
N ARG F 268 56.51 -77.25 -15.60
CA ARG F 268 56.78 -76.11 -14.72
C ARG F 268 56.11 -74.85 -15.25
N ASP F 269 55.42 -74.14 -14.35
CA ASP F 269 54.86 -72.83 -14.63
C ASP F 269 55.65 -71.70 -14.01
N GLY F 270 56.73 -71.99 -13.30
CA GLY F 270 57.52 -70.95 -12.68
C GLY F 270 58.19 -70.06 -13.71
N LYS F 271 58.76 -68.97 -13.21
CA LYS F 271 59.41 -68.01 -14.09
C LYS F 271 60.65 -68.58 -14.78
N ALA F 272 61.20 -69.67 -14.27
CA ALA F 272 62.38 -70.26 -14.88
C ALA F 272 62.03 -70.80 -16.26
N PRO F 273 62.72 -70.38 -17.35
CA PRO F 273 62.36 -70.92 -18.67
C PRO F 273 62.71 -72.39 -18.82
N ILE F 274 62.41 -72.97 -19.98
CA ILE F 274 62.71 -74.38 -20.19
C ILE F 274 64.22 -74.60 -20.15
N GLY F 275 64.62 -75.71 -19.55
CA GLY F 275 66.00 -76.13 -19.56
C GLY F 275 66.91 -75.38 -18.59
N ALA F 276 66.41 -74.38 -17.89
CA ALA F 276 67.20 -73.61 -16.91
C ALA F 276 66.90 -74.19 -15.53
N LEU F 277 67.81 -75.01 -15.04
CA LEU F 277 67.64 -75.61 -13.72
C LEU F 277 67.94 -74.57 -12.65
N VAL F 278 67.06 -74.50 -11.64
CA VAL F 278 67.12 -73.48 -10.61
C VAL F 278 67.02 -74.13 -9.25
N THR F 279 67.69 -73.54 -8.27
CA THR F 279 67.60 -73.98 -6.89
C THR F 279 67.75 -72.77 -5.98
N VAL F 280 66.95 -72.73 -4.93
CA VAL F 280 66.94 -71.62 -3.97
C VAL F 280 67.72 -72.06 -2.74
N VAL F 281 68.64 -71.20 -2.31
CA VAL F 281 69.54 -71.49 -1.20
C VAL F 281 69.55 -70.27 -0.28
N THR F 282 69.97 -70.50 0.95
CA THR F 282 70.20 -69.43 1.92
C THR F 282 71.55 -69.67 2.59
N PRO F 283 72.30 -68.61 2.93
CA PRO F 283 73.64 -68.84 3.51
C PRO F 283 73.57 -69.40 4.92
N ASP F 284 74.74 -69.60 5.53
CA ASP F 284 74.84 -70.20 6.85
C ASP F 284 75.07 -69.11 7.89
N THR F 285 74.32 -69.18 8.98
CA THR F 285 74.40 -68.18 10.04
C THR F 285 75.49 -68.57 11.02
N LEU F 286 76.62 -67.87 10.96
CA LEU F 286 77.71 -68.13 11.89
C LEU F 286 77.33 -67.62 13.28
N LEU F 287 77.52 -68.46 14.28
CA LEU F 287 77.23 -68.10 15.67
C LEU F 287 78.51 -67.60 16.34
N ILE F 288 78.42 -66.43 16.96
CA ILE F 288 79.57 -65.79 17.60
C ILE F 288 79.45 -66.09 19.09
N ASN F 289 80.07 -67.19 19.51
CA ASN F 289 80.14 -67.53 20.93
C ASN F 289 81.27 -66.74 21.57
N VAL F 290 80.91 -65.80 22.43
CA VAL F 290 81.89 -64.93 23.08
C VAL F 290 82.34 -65.58 24.38
N LYS F 291 83.65 -65.63 24.60
CA LYS F 291 84.24 -66.18 25.81
C LYS F 291 85.13 -65.12 26.45
N ALA F 292 84.94 -64.92 27.75
CA ALA F 292 85.75 -63.99 28.51
C ALA F 292 85.53 -64.25 30.00
N SER F 293 86.53 -63.87 30.80
CA SER F 293 86.44 -64.02 32.25
C SER F 293 85.71 -62.80 32.81
N PHE F 294 84.39 -62.81 32.65
CA PHE F 294 83.58 -61.69 33.09
C PHE F 294 83.61 -61.54 34.60
N ILE F 295 83.66 -60.29 35.06
CA ILE F 295 83.55 -59.94 36.47
C ILE F 295 82.43 -58.91 36.58
N PHE F 296 81.46 -59.20 37.45
CA PHE F 296 80.25 -58.39 37.58
C PHE F 296 80.29 -57.58 38.86
N SER F 297 79.45 -56.55 38.90
CA SER F 297 79.45 -55.61 40.01
C SER F 297 78.77 -56.24 41.22
N ASN F 298 78.60 -55.45 42.27
CA ASN F 298 78.16 -55.98 43.55
C ASN F 298 76.68 -56.36 43.49
N GLY F 299 76.39 -57.62 43.78
CA GLY F 299 75.03 -58.08 43.98
C GLY F 299 74.17 -58.15 42.75
N PHE F 300 74.72 -57.92 41.55
CA PHE F 300 73.91 -57.93 40.35
C PHE F 300 73.79 -59.34 39.79
N SER F 301 72.82 -59.52 38.91
CA SER F 301 72.55 -60.83 38.32
C SER F 301 73.49 -61.07 37.15
N GLU F 302 74.30 -62.12 37.23
CA GLU F 302 75.21 -62.45 36.14
C GLU F 302 74.43 -62.78 34.87
N GLU F 303 73.34 -63.54 35.01
CA GLU F 303 72.54 -63.87 33.84
C GLU F 303 71.94 -62.63 33.19
N THR F 304 71.46 -61.69 34.01
CA THR F 304 70.86 -60.48 33.49
C THR F 304 71.88 -59.67 32.69
N VAL F 305 73.07 -59.47 33.26
CA VAL F 305 74.08 -58.64 32.61
C VAL F 305 74.53 -59.30 31.30
N LEU F 306 74.77 -60.61 31.33
CA LEU F 306 75.20 -61.30 30.12
C LEU F 306 74.13 -61.25 29.03
N ASN F 307 72.86 -61.42 29.43
CA ASN F 307 71.77 -61.33 28.46
C ASN F 307 71.72 -59.95 27.84
N ASN F 308 71.88 -58.91 28.65
CA ASN F 308 71.93 -57.55 28.12
C ASN F 308 73.12 -57.37 27.19
N LEU F 309 74.28 -57.90 27.57
CA LEU F 309 75.43 -57.87 26.67
C LEU F 309 75.14 -58.68 25.41
N LYS F 310 74.45 -59.82 25.55
CA LYS F 310 74.07 -60.61 24.39
C LYS F 310 73.19 -59.80 23.45
N THR F 311 72.24 -59.05 24.00
CA THR F 311 71.40 -58.21 23.17
C THR F 311 72.22 -57.12 22.48
N LYS F 312 73.14 -56.50 23.22
CA LYS F 312 73.94 -55.42 22.65
C LYS F 312 74.79 -55.92 21.50
N ILE F 313 75.45 -57.07 21.67
CA ILE F 313 76.28 -57.61 20.61
C ILE F 313 75.42 -58.00 19.42
N ASP F 314 74.28 -58.64 19.67
CA ASP F 314 73.42 -59.09 18.59
C ASP F 314 72.92 -57.91 17.75
N LYS F 315 72.60 -56.79 18.41
CA LYS F 315 72.22 -55.60 17.66
C LYS F 315 73.35 -55.15 16.74
N TYR F 316 74.58 -55.18 17.23
CA TYR F 316 75.72 -54.89 16.38
C TYR F 316 75.84 -55.91 15.26
N LEU F 317 75.64 -57.19 15.58
CA LEU F 317 75.75 -58.23 14.57
C LEU F 317 74.70 -58.06 13.48
N ASP F 318 73.54 -57.48 13.82
CA ASP F 318 72.51 -57.25 12.82
C ASP F 318 72.99 -56.30 11.73
N LYS F 319 73.92 -55.39 12.06
CA LYS F 319 74.42 -54.46 11.07
C LYS F 319 75.27 -55.16 10.02
N ILE F 320 75.95 -56.24 10.39
CA ILE F 320 76.78 -56.99 9.46
C ILE F 320 75.90 -57.58 8.36
N ASP F 321 76.47 -57.75 7.17
CA ASP F 321 75.78 -58.30 6.01
C ASP F 321 76.33 -59.69 5.70
N LEU F 322 75.78 -60.29 4.64
CA LEU F 322 76.31 -61.56 4.15
C LEU F 322 77.73 -61.37 3.63
N GLY F 323 78.61 -62.28 4.00
CA GLY F 323 79.99 -62.17 3.60
C GLY F 323 80.71 -60.98 4.19
N GLY F 324 80.20 -60.42 5.28
CA GLY F 324 80.81 -59.28 5.93
C GLY F 324 81.96 -59.70 6.83
N THR F 325 82.55 -58.70 7.48
CA THR F 325 83.68 -58.87 8.38
C THR F 325 83.23 -58.57 9.80
N VAL F 326 83.40 -59.54 10.69
CA VAL F 326 83.13 -59.32 12.12
C VAL F 326 84.29 -58.54 12.70
N SER F 327 83.97 -57.42 13.36
CA SER F 327 84.97 -56.55 13.96
C SER F 327 85.20 -57.00 15.40
N TYR F 328 86.22 -57.83 15.61
CA TYR F 328 86.54 -58.28 16.96
C TYR F 328 86.93 -57.11 17.86
N ASN F 329 87.72 -56.18 17.33
CA ASN F 329 88.19 -55.06 18.13
C ASN F 329 87.04 -54.14 18.53
N ALA F 330 86.06 -53.95 17.65
CA ALA F 330 84.87 -53.20 18.03
C ALA F 330 84.03 -53.97 19.05
N ILE F 331 84.03 -55.30 18.96
CA ILE F 331 83.27 -56.10 19.92
C ILE F 331 83.86 -55.96 21.32
N GLN F 332 85.16 -55.65 21.42
CA GLN F 332 85.76 -55.39 22.73
C GLN F 332 85.05 -54.23 23.41
N ALA F 333 84.74 -53.17 22.66
CA ALA F 333 84.05 -52.03 23.23
C ALA F 333 82.58 -52.31 23.51
N ILE F 334 81.96 -53.21 22.75
CA ILE F 334 80.58 -53.60 23.07
C ILE F 334 80.53 -54.20 24.47
N VAL F 335 81.48 -55.09 24.78
CA VAL F 335 81.63 -55.55 26.15
C VAL F 335 82.03 -54.39 27.06
N GLY F 336 82.96 -53.56 26.59
CA GLY F 336 83.41 -52.42 27.36
C GLY F 336 82.41 -51.28 27.43
N SER F 337 81.36 -51.32 26.61
CA SER F 337 80.33 -50.28 26.71
C SER F 337 79.67 -50.32 28.09
N MET F 338 79.36 -51.51 28.59
CA MET F 338 78.75 -51.61 29.90
C MET F 338 79.70 -51.19 31.01
N MET F 339 81.01 -51.33 30.80
CA MET F 339 81.97 -50.86 31.77
C MET F 339 81.89 -49.35 31.94
N LEU F 340 81.79 -48.62 30.82
CA LEU F 340 81.69 -47.17 30.89
C LEU F 340 80.40 -46.75 31.60
N THR F 341 79.29 -47.39 31.25
CA THR F 341 78.02 -47.11 31.88
C THR F 341 77.81 -47.85 33.19
N ASP F 342 78.77 -48.68 33.60
CA ASP F 342 78.66 -49.49 34.82
C ASP F 342 77.42 -50.37 34.79
N GLU F 343 77.12 -50.89 33.59
CA GLU F 343 75.98 -51.79 33.41
C GLU F 343 76.38 -53.23 33.72
N GLY F 344 76.74 -53.45 34.98
CA GLY F 344 77.02 -54.79 35.46
C GLY F 344 78.46 -55.20 35.40
N ILE F 345 79.09 -55.09 34.23
CA ILE F 345 80.43 -55.62 34.05
C ILE F 345 81.41 -54.83 34.90
N GLU F 346 82.03 -55.51 35.86
CA GLU F 346 83.12 -54.93 36.64
C GLU F 346 84.46 -55.04 35.93
N ASP F 347 84.71 -56.17 35.27
CA ASP F 347 85.89 -56.32 34.42
C ASP F 347 85.74 -57.59 33.59
N PHE F 348 86.61 -57.71 32.59
CA PHE F 348 86.63 -58.88 31.73
C PHE F 348 88.04 -59.09 31.22
N SER F 349 88.31 -60.31 30.75
CA SER F 349 89.61 -60.62 30.17
C SER F 349 89.46 -61.83 29.27
N ASN F 350 90.47 -62.05 28.42
CA ASN F 350 90.46 -63.11 27.42
C ASN F 350 89.23 -62.98 26.52
N LEU F 351 88.95 -61.76 26.09
CA LEU F 351 87.82 -61.52 25.20
C LEU F 351 88.09 -62.16 23.85
N THR F 352 87.27 -63.15 23.48
CA THR F 352 87.42 -63.87 22.24
C THR F 352 86.05 -64.08 21.60
N ILE F 353 86.05 -64.29 20.29
CA ILE F 353 84.85 -64.62 19.53
C ILE F 353 85.05 -66.02 18.94
N ASN F 354 84.35 -67.00 19.48
CA ASN F 354 84.56 -68.41 19.14
C ASN F 354 86.03 -68.79 19.32
N ASP F 355 86.62 -68.30 20.41
CA ASP F 355 88.04 -68.51 20.70
C ASP F 355 88.91 -67.94 19.58
N VAL F 356 88.62 -66.70 19.20
CA VAL F 356 89.40 -65.96 18.21
C VAL F 356 89.53 -64.53 18.70
N LYS F 357 90.70 -63.94 18.50
CA LYS F 357 91.02 -62.58 18.91
C LYS F 357 91.40 -61.73 17.71
N GLU F 358 90.64 -61.86 16.63
CA GLU F 358 90.88 -61.06 15.43
C GLU F 358 89.58 -60.98 14.64
N ASN F 359 89.53 -60.01 13.73
CA ASN F 359 88.35 -59.83 12.92
C ASN F 359 88.15 -61.02 11.99
N ILE F 360 86.93 -61.57 11.98
CA ILE F 360 86.60 -62.75 11.19
C ILE F 360 85.80 -62.31 9.97
N LYS F 361 86.19 -62.84 8.81
CA LYS F 361 85.56 -62.52 7.54
C LYS F 361 84.59 -63.63 7.16
N LEU F 362 83.33 -63.27 6.97
CA LEU F 362 82.33 -64.24 6.54
C LEU F 362 82.51 -64.56 5.06
N GLN F 363 82.21 -65.81 4.71
CA GLN F 363 82.30 -66.28 3.33
C GLN F 363 81.08 -67.16 3.07
N ASP F 364 80.15 -66.67 2.25
CA ASP F 364 78.87 -67.34 2.04
C ASP F 364 78.13 -67.54 3.35
N GLN F 365 78.29 -66.61 4.27
CA GLN F 365 77.80 -66.73 5.63
C GLN F 365 77.25 -65.40 6.11
N VAL F 366 76.16 -65.47 6.87
CA VAL F 366 75.73 -64.37 7.71
C VAL F 366 76.16 -64.70 9.13
N VAL F 367 76.09 -63.71 10.02
CA VAL F 367 76.56 -63.82 11.39
C VAL F 367 75.39 -63.57 12.33
N GLY F 368 75.23 -64.46 13.32
CA GLY F 368 74.24 -64.27 14.35
C GLY F 368 74.89 -64.44 15.72
N ILE F 369 74.16 -63.98 16.74
CA ILE F 369 74.66 -64.06 18.10
C ILE F 369 74.77 -65.52 18.51
N GLY F 370 75.90 -65.89 19.09
CA GLY F 370 76.12 -67.24 19.58
C GLY F 370 75.77 -67.37 21.05
N GLU F 371 76.66 -67.99 21.82
CA GLU F 371 76.47 -68.21 23.24
C GLU F 371 77.50 -67.39 24.01
N ILE F 372 77.02 -66.54 24.92
CA ILE F 372 77.91 -65.78 25.79
C ILE F 372 78.30 -66.69 26.95
N VAL F 373 79.60 -66.92 27.10
CA VAL F 373 80.15 -67.86 28.07
C VAL F 373 81.13 -67.12 28.95
N ASN F 374 80.87 -67.14 30.25
CA ASN F 374 81.86 -66.66 31.22
C ASN F 374 82.87 -67.77 31.47
N GLU F 375 84.15 -67.46 31.25
CA GLU F 375 85.18 -68.48 31.35
C GLU F 375 85.27 -69.05 32.76
N VAL F 376 85.35 -68.17 33.76
CA VAL F 376 85.53 -68.57 35.15
C VAL F 376 86.80 -69.39 35.24
N VAL F 377 87.91 -68.82 34.74
CA VAL F 377 89.17 -69.54 34.71
C VAL F 377 89.66 -69.76 36.14
N GLY F 378 90.12 -70.97 36.42
CA GLY F 378 90.64 -71.30 37.74
C GLY F 378 91.97 -70.63 38.01
N GLU G 2 46.90 -47.85 -44.52
CA GLU G 2 46.92 -48.91 -43.48
C GLU G 2 46.23 -50.17 -43.99
N ARG G 3 46.27 -51.23 -43.19
CA ARG G 3 45.64 -52.48 -43.58
C ARG G 3 44.13 -52.32 -43.67
N GLU G 4 43.53 -52.96 -44.67
CA GLU G 4 42.10 -52.97 -44.88
C GLU G 4 41.54 -54.35 -44.53
N LEU G 5 40.35 -54.36 -43.95
CA LEU G 5 39.73 -55.60 -43.50
C LEU G 5 38.85 -56.14 -44.64
N PRO G 6 39.14 -57.33 -45.21
CA PRO G 6 38.33 -57.79 -46.35
C PRO G 6 36.97 -58.29 -45.90
N ILE G 7 36.02 -57.36 -45.75
CA ILE G 7 34.68 -57.70 -45.25
C ILE G 7 33.96 -58.55 -46.27
N PRO G 8 33.16 -59.54 -45.88
CA PRO G 8 32.37 -60.29 -46.87
C PRO G 8 31.31 -59.42 -47.52
N VAL G 9 30.92 -59.82 -48.73
CA VAL G 9 29.98 -59.04 -49.51
C VAL G 9 28.62 -58.97 -48.83
N PHE G 10 28.14 -60.10 -48.31
CA PHE G 10 26.81 -60.12 -47.70
C PHE G 10 26.73 -59.18 -46.50
N LEU G 11 27.85 -58.92 -45.85
CA LEU G 11 27.91 -57.92 -44.80
C LEU G 11 27.95 -56.50 -45.34
N THR G 12 27.99 -56.32 -46.67
CA THR G 12 28.03 -55.01 -47.31
C THR G 12 27.05 -54.97 -48.48
N GLU G 13 25.82 -55.44 -48.24
CA GLU G 13 24.80 -55.41 -49.28
C GLU G 13 24.46 -53.97 -49.65
N ASP G 14 24.17 -53.76 -50.93
CA ASP G 14 23.70 -52.46 -51.38
C ASP G 14 22.31 -52.19 -50.86
N GLU G 15 22.01 -50.89 -50.68
CA GLU G 15 20.66 -50.48 -50.30
C GLU G 15 19.64 -50.97 -51.31
N ASP G 16 19.91 -50.76 -52.60
CA ASP G 16 18.97 -51.18 -53.63
C ASP G 16 18.82 -52.70 -53.66
N SER G 17 19.93 -53.43 -53.46
CA SER G 17 19.84 -54.88 -53.39
C SER G 17 18.97 -55.31 -52.23
N VAL G 18 19.10 -54.65 -51.08
CA VAL G 18 18.20 -54.90 -49.97
C VAL G 18 16.77 -54.55 -50.36
N HIS G 19 16.59 -53.38 -50.98
CA HIS G 19 15.26 -52.96 -51.39
C HIS G 19 14.68 -53.90 -52.42
N GLU G 20 15.50 -54.34 -53.38
CA GLU G 20 15.01 -55.26 -54.40
C GLU G 20 14.57 -56.56 -53.78
N ARG G 21 15.37 -57.12 -52.87
CA ARG G 21 14.95 -58.29 -52.14
C ARG G 21 13.72 -58.00 -51.28
N MET G 22 13.57 -56.75 -50.84
CA MET G 22 12.38 -56.36 -50.09
C MET G 22 11.14 -56.53 -50.94
N LEU G 23 11.18 -56.01 -52.17
CA LEU G 23 10.01 -56.03 -53.04
C LEU G 23 9.72 -57.40 -53.63
N SER G 24 10.63 -58.37 -53.46
CA SER G 24 10.44 -59.67 -54.08
C SER G 24 9.21 -60.39 -53.55
N ASN G 25 8.86 -60.15 -52.28
CA ASN G 25 7.77 -60.90 -51.67
C ASN G 25 6.43 -60.58 -52.32
N PHE G 26 6.20 -59.31 -52.67
CA PHE G 26 4.89 -58.89 -53.15
C PHE G 26 4.60 -59.48 -54.51
N GLN G 27 3.32 -59.74 -54.77
CA GLN G 27 2.88 -60.52 -55.92
C GLN G 27 1.78 -59.85 -56.72
N ASP G 28 0.82 -59.17 -56.07
CA ASP G 28 -0.35 -58.62 -56.75
C ASP G 28 -0.58 -57.16 -56.36
N VAL G 29 0.50 -56.41 -56.18
CA VAL G 29 0.42 -54.99 -55.84
C VAL G 29 1.53 -54.27 -56.59
N SER G 30 1.22 -53.06 -57.04
CA SER G 30 2.22 -52.25 -57.73
C SER G 30 3.38 -51.94 -56.78
N THR G 31 4.58 -52.36 -57.18
CA THR G 31 5.80 -52.13 -56.43
C THR G 31 6.64 -51.02 -57.05
N LEU G 32 6.02 -50.15 -57.83
CA LEU G 32 6.73 -49.09 -58.53
C LEU G 32 7.00 -47.93 -57.58
N GLU G 33 7.95 -47.09 -57.98
CA GLU G 33 8.25 -45.90 -57.19
C GLU G 33 7.03 -44.98 -57.14
N GLY G 34 6.84 -44.33 -55.99
CA GLY G 34 5.65 -43.56 -55.73
C GLY G 34 4.49 -44.36 -55.19
N ASP G 35 4.58 -45.70 -55.19
CA ASP G 35 3.58 -46.54 -54.58
C ASP G 35 3.80 -46.62 -53.08
N PHE G 36 2.77 -47.07 -52.37
CA PHE G 36 2.90 -47.26 -50.93
C PHE G 36 3.96 -48.29 -50.62
N ILE G 37 4.00 -49.39 -51.38
CA ILE G 37 4.94 -50.47 -51.11
C ILE G 37 6.37 -50.00 -51.30
N TYR G 38 6.64 -49.35 -52.45
CA TYR G 38 7.98 -48.85 -52.70
C TYR G 38 8.34 -47.74 -51.72
N ASP G 39 7.46 -46.76 -51.58
CA ASP G 39 7.78 -45.61 -50.74
C ASP G 39 7.93 -46.01 -49.28
N ALA G 40 7.05 -46.87 -48.78
CA ALA G 40 7.13 -47.26 -47.38
C ALA G 40 8.34 -48.14 -47.11
N THR G 41 8.73 -48.99 -48.07
CA THR G 41 9.81 -49.93 -47.84
C THR G 41 11.19 -49.34 -48.06
N ARG G 42 11.30 -48.27 -48.86
CA ARG G 42 12.63 -47.71 -49.14
C ARG G 42 13.33 -47.20 -47.88
N PRO G 43 12.69 -46.47 -46.96
CA PRO G 43 13.39 -46.08 -45.74
C PRO G 43 13.89 -47.26 -44.92
N THR G 44 13.13 -48.35 -44.88
CA THR G 44 13.60 -49.54 -44.18
C THR G 44 14.89 -50.07 -44.80
N ALA G 45 14.91 -50.17 -46.13
CA ALA G 45 16.13 -50.59 -46.80
C ALA G 45 17.27 -49.61 -46.54
N GLU G 46 16.96 -48.32 -46.49
CA GLU G 46 17.98 -47.32 -46.21
C GLU G 46 18.58 -47.55 -44.83
N GLN G 47 17.75 -47.79 -43.83
CA GLN G 47 18.26 -48.01 -42.48
C GLN G 47 18.96 -49.36 -42.37
N ILE G 48 18.40 -50.39 -42.99
CA ILE G 48 18.99 -51.73 -42.89
C ILE G 48 20.38 -51.72 -43.51
N ALA G 49 20.52 -51.12 -44.69
CA ALA G 49 21.83 -51.03 -45.31
C ALA G 49 22.76 -50.15 -44.48
N GLU G 50 22.26 -49.03 -43.96
CA GLU G 50 23.10 -48.14 -43.18
C GLU G 50 23.57 -48.81 -41.90
N LEU G 51 22.66 -49.50 -41.20
CA LEU G 51 23.05 -50.21 -40.00
C LEU G 51 24.05 -51.31 -40.32
N LYS G 52 23.85 -52.01 -41.44
CA LYS G 52 24.76 -53.07 -41.82
C LYS G 52 26.16 -52.53 -42.06
N GLN G 53 26.26 -51.39 -42.75
CA GLN G 53 27.55 -50.80 -43.04
C GLN G 53 28.12 -50.08 -41.82
N LEU G 54 27.43 -49.02 -41.38
CA LEU G 54 27.96 -48.22 -40.28
C LEU G 54 27.99 -49.01 -38.98
N GLY G 55 26.96 -49.81 -38.73
CA GLY G 55 26.93 -50.58 -37.49
C GLY G 55 27.91 -51.72 -37.46
N LEU G 56 27.66 -52.76 -38.26
CA LEU G 56 28.40 -54.00 -38.10
C LEU G 56 29.84 -53.86 -38.57
N GLN G 57 30.05 -53.31 -39.76
CA GLN G 57 31.41 -53.23 -40.30
C GLN G 57 32.30 -52.36 -39.43
N ASN G 58 31.80 -51.19 -39.02
CA ASN G 58 32.57 -50.34 -38.14
C ASN G 58 32.79 -51.01 -36.78
N ASN G 59 31.75 -51.66 -36.25
CA ASN G 59 31.89 -52.37 -34.98
C ASN G 59 32.92 -53.48 -35.10
N LEU G 60 32.86 -54.25 -36.18
CA LEU G 60 33.87 -55.27 -36.40
C LEU G 60 35.24 -54.65 -36.64
N LYS G 61 35.29 -53.52 -37.35
CA LYS G 61 36.56 -52.90 -37.67
C LYS G 61 37.30 -52.46 -36.42
N ILE G 62 36.60 -51.78 -35.51
CA ILE G 62 37.25 -51.27 -34.31
C ILE G 62 37.68 -52.39 -33.38
N ALA G 63 37.12 -53.59 -33.52
CA ALA G 63 37.53 -54.70 -32.69
C ALA G 63 38.99 -55.06 -32.92
N PHE G 64 39.43 -55.08 -34.19
CA PHE G 64 40.79 -55.47 -34.51
C PHE G 64 41.71 -54.25 -34.53
N PRO G 65 42.99 -54.39 -34.16
CA PRO G 65 43.89 -53.24 -34.23
C PRO G 65 44.16 -52.78 -35.64
N GLN G 66 43.95 -53.65 -36.64
CA GLN G 66 44.17 -53.27 -38.02
C GLN G 66 43.25 -52.15 -38.47
N THR G 67 42.08 -52.00 -37.85
CA THR G 67 41.10 -50.99 -38.23
C THR G 67 40.48 -50.34 -37.00
N SER G 68 41.32 -49.97 -36.03
CA SER G 68 40.89 -49.25 -34.84
C SER G 68 41.62 -47.92 -34.77
N TYR G 69 40.97 -46.92 -34.17
CA TYR G 69 41.44 -45.54 -34.20
C TYR G 69 41.54 -44.88 -32.83
N GLY G 70 40.58 -45.13 -31.95
CA GLY G 70 40.47 -44.34 -30.73
C GLY G 70 40.96 -45.04 -29.49
N THR G 71 40.22 -44.88 -28.40
CA THR G 71 40.53 -45.60 -27.16
C THR G 71 40.48 -47.10 -27.39
N TYR G 72 39.67 -47.56 -28.34
CA TYR G 72 39.64 -48.98 -28.67
C TYR G 72 41.00 -49.45 -29.15
N LEU G 73 41.65 -48.66 -29.99
CA LEU G 73 43.01 -48.99 -30.43
C LEU G 73 43.96 -49.01 -29.23
N GLU G 74 43.83 -48.02 -28.33
CA GLU G 74 44.70 -47.98 -27.17
C GLU G 74 44.49 -49.20 -26.28
N TRP G 75 43.23 -49.61 -26.11
CA TRP G 75 42.96 -50.82 -25.35
C TRP G 75 43.59 -52.03 -26.03
N LEU G 76 43.46 -52.13 -27.35
CA LEU G 76 44.09 -53.22 -28.07
C LEU G 76 45.60 -53.18 -27.93
N GLY G 77 46.19 -51.99 -28.02
CA GLY G 77 47.61 -51.86 -27.79
C GLY G 77 48.01 -52.23 -26.37
N GLU G 78 47.14 -51.95 -25.41
CA GLU G 78 47.43 -52.32 -24.03
C GLU G 78 47.51 -53.83 -23.87
N CYS G 79 46.57 -54.56 -24.47
CA CYS G 79 46.46 -56.00 -24.22
C CYS G 79 47.75 -56.73 -24.59
N LYS G 80 48.49 -56.22 -25.57
CA LYS G 80 49.78 -56.76 -25.97
C LYS G 80 50.94 -55.88 -25.49
N GLY G 81 50.71 -55.07 -24.46
CA GLY G 81 51.78 -54.35 -23.79
C GLY G 81 52.18 -53.03 -24.40
N VAL G 82 51.50 -52.59 -25.45
CA VAL G 82 51.87 -51.35 -26.13
C VAL G 82 51.14 -50.18 -25.48
N PHE G 83 51.83 -49.05 -25.36
CA PHE G 83 51.27 -47.85 -24.76
C PHE G 83 51.67 -46.65 -25.59
N LYS G 84 50.71 -45.77 -25.85
CA LYS G 84 50.97 -44.60 -26.67
C LYS G 84 51.86 -43.61 -25.92
N ASN G 85 52.82 -43.03 -26.65
CA ASN G 85 53.73 -42.08 -26.03
C ASN G 85 53.00 -40.77 -25.75
N GLN G 86 53.37 -40.13 -24.65
CA GLN G 86 52.71 -38.95 -24.15
C GLN G 86 53.43 -37.69 -24.62
N PRO G 87 52.74 -36.53 -24.63
CA PRO G 87 53.44 -35.29 -24.97
C PRO G 87 54.39 -34.89 -23.87
N THR G 88 55.27 -33.94 -24.19
CA THR G 88 56.24 -33.42 -23.24
C THR G 88 56.46 -31.94 -23.49
N LYS G 89 56.95 -31.26 -22.46
CA LYS G 89 57.26 -29.84 -22.54
C LYS G 89 58.59 -29.62 -23.23
N ALA G 90 58.66 -28.56 -24.02
CA ALA G 90 59.93 -28.09 -24.54
C ALA G 90 60.71 -27.44 -23.41
N THR G 91 62.02 -27.33 -23.60
CA THR G 91 62.91 -26.82 -22.56
C THR G 91 64.09 -26.09 -23.19
N GLY G 92 64.71 -25.25 -22.38
CA GLY G 92 65.91 -24.55 -22.82
C GLY G 92 66.26 -23.46 -21.83
N VAL G 93 67.17 -22.58 -22.27
CA VAL G 93 67.83 -21.62 -21.39
C VAL G 93 67.46 -20.21 -21.83
N ILE G 94 67.11 -19.37 -20.85
CA ILE G 94 66.87 -17.95 -21.05
C ILE G 94 68.08 -17.19 -20.52
N THR G 95 68.69 -16.38 -21.37
CA THR G 95 69.78 -15.50 -20.95
C THR G 95 69.16 -14.18 -20.49
N PHE G 96 69.07 -14.00 -19.18
CA PHE G 96 68.52 -12.77 -18.63
C PHE G 96 69.55 -11.65 -18.73
N THR G 97 69.06 -10.41 -18.60
CA THR G 97 69.92 -9.24 -18.59
C THR G 97 69.26 -8.14 -17.78
N GLY G 98 70.04 -7.50 -16.93
CA GLY G 98 69.52 -6.42 -16.12
C GLY G 98 70.47 -6.05 -15.01
N VAL G 99 69.97 -5.22 -14.10
CA VAL G 99 70.77 -4.75 -12.98
C VAL G 99 71.13 -5.95 -12.09
N GLN G 100 72.42 -6.09 -11.80
CA GLN G 100 72.86 -7.16 -10.91
C GLN G 100 72.21 -7.00 -9.54
N GLY G 101 71.69 -8.11 -9.01
CA GLY G 101 70.93 -8.10 -7.78
C GLY G 101 69.43 -8.13 -7.98
N THR G 102 68.95 -7.82 -9.18
CA THR G 102 67.51 -7.92 -9.45
C THR G 102 67.06 -9.36 -9.31
N ILE G 103 65.96 -9.56 -8.59
CA ILE G 103 65.48 -10.88 -8.23
C ILE G 103 64.44 -11.32 -9.25
N ILE G 104 64.57 -12.54 -9.75
CA ILE G 104 63.57 -13.18 -10.61
C ILE G 104 63.30 -14.55 -10.04
N THR G 105 62.03 -14.90 -9.91
CA THR G 105 61.60 -16.12 -9.25
C THR G 105 61.37 -17.24 -10.25
N LYS G 106 61.53 -18.47 -9.78
CA LYS G 106 61.11 -19.63 -10.56
C LYS G 106 59.61 -19.57 -10.79
N GLY G 107 59.18 -20.07 -11.94
CA GLY G 107 57.77 -20.10 -12.27
C GLY G 107 57.23 -18.85 -12.93
N THR G 108 58.05 -17.81 -13.09
CA THR G 108 57.57 -16.60 -13.73
C THR G 108 57.21 -16.86 -15.18
N ILE G 109 56.19 -16.15 -15.66
CA ILE G 109 55.63 -16.36 -16.99
C ILE G 109 56.34 -15.43 -17.96
N VAL G 110 57.12 -16.00 -18.88
CA VAL G 110 57.76 -15.27 -19.95
C VAL G 110 57.33 -15.90 -21.26
N THR G 111 56.95 -15.06 -22.23
CA THR G 111 56.34 -15.50 -23.47
C THR G 111 57.16 -15.04 -24.66
N THR G 112 56.74 -15.49 -25.83
CA THR G 112 57.26 -14.98 -27.09
C THR G 112 56.52 -13.68 -27.42
N ILE G 113 56.71 -13.17 -28.63
CA ILE G 113 56.06 -11.95 -29.08
C ILE G 113 54.70 -12.32 -29.66
N ALA G 114 53.63 -11.91 -28.99
CA ALA G 114 52.29 -12.12 -29.52
C ALA G 114 52.12 -11.29 -30.79
N THR G 115 51.41 -11.86 -31.76
CA THR G 115 51.16 -11.20 -33.04
C THR G 115 49.71 -11.43 -33.43
N ASP G 116 49.35 -10.90 -34.60
CA ASP G 116 48.01 -11.13 -35.13
C ASP G 116 47.78 -12.62 -35.40
N GLU G 117 48.79 -13.29 -35.94
CA GLU G 117 48.70 -14.69 -36.31
C GLU G 117 49.21 -15.65 -35.23
N LYS G 118 49.66 -15.13 -34.08
CA LYS G 118 50.19 -15.97 -33.02
C LYS G 118 49.90 -15.32 -31.67
N GLN G 119 49.41 -16.13 -30.74
CA GLN G 119 49.25 -15.69 -29.36
C GLN G 119 50.59 -15.76 -28.63
N SER G 120 50.60 -15.24 -27.41
CA SER G 120 51.82 -15.22 -26.61
C SER G 120 52.17 -16.64 -26.17
N ILE G 121 53.03 -17.31 -26.92
CA ILE G 121 53.45 -18.65 -26.55
C ILE G 121 54.24 -18.55 -25.26
N GLU G 122 53.66 -19.01 -24.16
CA GLU G 122 54.15 -18.75 -22.82
C GLU G 122 55.16 -19.80 -22.38
N PHE G 123 56.07 -19.38 -21.51
CA PHE G 123 57.06 -20.28 -20.92
C PHE G 123 57.18 -19.98 -19.44
N GLU G 124 57.61 -20.99 -18.70
CA GLU G 124 57.68 -20.95 -17.24
C GLU G 124 59.12 -21.17 -16.81
N LEU G 125 59.64 -20.26 -15.99
CA LEU G 125 61.01 -20.38 -15.51
C LEU G 125 61.12 -21.58 -14.57
N LEU G 126 62.16 -22.38 -14.78
CA LEU G 126 62.40 -23.57 -13.97
C LEU G 126 63.39 -23.33 -12.83
N GLU G 127 63.92 -22.13 -12.69
CA GLU G 127 64.96 -21.86 -11.69
C GLU G 127 64.83 -20.45 -11.16
N THR G 128 65.02 -20.31 -9.85
CA THR G 128 65.09 -19.00 -9.20
C THR G 128 66.56 -18.60 -9.09
N LYS G 129 66.90 -17.46 -9.68
CA LYS G 129 68.27 -16.99 -9.66
C LYS G 129 68.30 -15.47 -9.75
N THR G 130 69.40 -14.90 -9.29
CA THR G 130 69.64 -13.47 -9.33
C THR G 130 70.62 -13.16 -10.47
N ILE G 131 70.52 -11.95 -11.01
CA ILE G 131 71.38 -11.58 -12.13
C ILE G 131 72.83 -11.56 -11.66
N GLY G 132 73.72 -12.10 -12.50
CA GLY G 132 75.08 -12.39 -12.12
C GLY G 132 76.02 -11.21 -12.24
N GLU G 133 77.32 -11.51 -12.24
CA GLU G 133 78.34 -10.48 -12.21
C GLU G 133 78.29 -9.61 -13.45
N ASN G 134 78.09 -10.22 -14.62
CA ASN G 134 78.11 -9.51 -15.89
C ASN G 134 76.76 -8.95 -16.28
N GLU G 135 75.89 -8.67 -15.30
CA GLU G 135 74.53 -8.23 -15.55
C GLU G 135 73.76 -9.23 -16.42
N THR G 136 74.05 -10.52 -16.22
CA THR G 136 73.37 -11.58 -16.96
C THR G 136 73.29 -12.82 -16.07
N VAL G 137 72.33 -13.68 -16.40
CA VAL G 137 72.19 -14.97 -15.73
C VAL G 137 71.38 -15.88 -16.64
N ASP G 138 71.80 -17.14 -16.72
CA ASP G 138 71.14 -18.13 -17.56
C ASP G 138 70.20 -18.97 -16.68
N ILE G 139 68.91 -18.92 -17.00
CA ILE G 139 67.87 -19.64 -16.28
C ILE G 139 67.20 -20.60 -17.24
N LYS G 140 67.09 -21.86 -16.85
CA LYS G 140 66.35 -22.83 -17.63
C LYS G 140 64.86 -22.64 -17.45
N ALA G 141 64.10 -22.91 -18.51
CA ALA G 141 62.66 -22.72 -18.49
C ALA G 141 62.01 -23.80 -19.33
N GLU G 142 60.73 -24.05 -19.07
CA GLU G 142 59.93 -25.03 -19.78
C GLU G 142 58.84 -24.34 -20.58
N SER G 143 58.18 -25.12 -21.42
CA SER G 143 56.99 -24.69 -22.13
C SER G 143 55.77 -25.00 -21.29
N ARG G 144 54.91 -23.99 -21.09
CA ARG G 144 53.71 -24.21 -20.30
C ARG G 144 52.77 -25.20 -20.98
N ILE G 145 52.81 -25.27 -22.31
CA ILE G 145 51.97 -26.15 -23.10
C ILE G 145 52.83 -27.29 -23.63
N VAL G 146 52.50 -28.52 -23.25
CA VAL G 146 53.18 -29.68 -23.82
C VAL G 146 52.86 -29.76 -25.30
N GLY G 147 53.87 -30.06 -26.10
CA GLY G 147 53.73 -30.20 -27.53
C GLY G 147 54.76 -29.38 -28.27
N THR G 148 54.68 -29.46 -29.60
CA THR G 148 55.66 -28.79 -30.46
C THR G 148 55.56 -27.27 -30.36
N ILE G 149 54.47 -26.73 -29.82
CA ILE G 149 54.35 -25.29 -29.65
C ILE G 149 55.48 -24.76 -28.76
N GLY G 150 55.91 -25.57 -27.78
CA GLY G 150 57.00 -25.14 -26.92
C GLY G 150 58.30 -24.93 -27.66
N ASN G 151 58.56 -25.73 -28.69
CA ASN G 151 59.82 -25.70 -29.40
C ASN G 151 59.88 -24.46 -30.30
N VAL G 152 60.00 -23.30 -29.65
CA VAL G 152 60.13 -22.02 -30.36
C VAL G 152 61.59 -21.78 -30.68
N SER G 153 61.85 -20.84 -31.58
CA SER G 153 63.19 -20.55 -32.02
C SER G 153 63.94 -19.72 -30.97
N LYS G 154 65.18 -19.35 -31.30
CA LYS G 154 66.00 -18.54 -30.41
C LYS G 154 65.69 -17.06 -30.61
N GLY G 155 65.77 -16.31 -29.52
CA GLY G 155 65.45 -14.90 -29.54
C GLY G 155 63.97 -14.59 -29.52
N SER G 156 63.10 -15.60 -29.59
CA SER G 156 61.67 -15.33 -29.62
C SER G 156 61.15 -14.89 -28.26
N ILE G 157 61.67 -15.49 -27.18
CA ILE G 157 61.18 -15.21 -25.84
C ILE G 157 61.88 -13.96 -25.31
N SER G 158 61.29 -12.79 -25.60
CA SER G 158 61.78 -11.51 -25.11
C SER G 158 60.70 -10.75 -24.35
N VAL G 159 59.68 -11.45 -23.85
CA VAL G 159 58.53 -10.84 -23.20
C VAL G 159 58.40 -11.42 -21.80
N LEU G 160 58.34 -10.56 -20.80
CA LEU G 160 58.09 -10.92 -19.42
C LEU G 160 56.73 -10.38 -19.01
N LEU G 161 55.91 -11.23 -18.41
CA LEU G 161 54.56 -10.85 -17.97
C LEU G 161 54.59 -10.48 -16.50
N GLY G 162 54.00 -9.33 -16.18
CA GLY G 162 54.01 -8.78 -14.84
C GLY G 162 54.97 -7.61 -14.72
N SER G 163 54.76 -6.81 -13.68
CA SER G 163 55.54 -5.60 -13.45
C SER G 163 56.74 -5.96 -12.58
N ILE G 164 57.88 -6.19 -13.24
CA ILE G 164 59.15 -6.41 -12.57
C ILE G 164 60.17 -5.50 -13.24
N SER G 165 60.74 -4.57 -12.47
CA SER G 165 61.78 -3.68 -12.95
C SER G 165 63.14 -4.31 -12.68
N GLY G 166 64.20 -3.59 -13.05
CA GLY G 166 65.56 -4.06 -12.89
C GLY G 166 66.04 -4.94 -14.02
N VAL G 167 65.19 -5.88 -14.45
CA VAL G 167 65.52 -6.69 -15.62
C VAL G 167 65.49 -5.80 -16.85
N LYS G 168 66.59 -5.78 -17.59
CA LYS G 168 66.71 -4.96 -18.78
C LYS G 168 66.21 -5.67 -20.02
N SER G 169 66.57 -6.94 -20.19
CA SER G 169 66.11 -7.71 -21.33
C SER G 169 66.28 -9.19 -21.04
N ILE G 170 65.55 -10.01 -21.79
CA ILE G 170 65.62 -11.46 -21.69
C ILE G 170 65.57 -12.03 -23.10
N THR G 171 66.19 -13.18 -23.28
CA THR G 171 66.25 -13.80 -24.59
C THR G 171 66.56 -15.28 -24.45
N ASN G 172 66.16 -16.05 -25.46
CA ASN G 172 66.45 -17.48 -25.55
C ASN G 172 67.50 -17.66 -26.63
N LYS G 173 68.73 -17.97 -26.21
CA LYS G 173 69.81 -18.15 -27.19
C LYS G 173 69.59 -19.39 -28.06
N GLU G 174 68.88 -20.39 -27.56
CA GLU G 174 68.72 -21.67 -28.22
C GLU G 174 67.27 -21.87 -28.64
N ASP G 175 67.07 -22.37 -29.86
CA ASP G 175 65.77 -22.88 -30.23
C ASP G 175 65.44 -24.07 -29.35
N PHE G 176 64.33 -23.99 -28.63
CA PHE G 176 64.07 -25.00 -27.61
C PHE G 176 63.82 -26.36 -28.23
N ARG G 177 64.10 -27.39 -27.44
CA ARG G 177 64.12 -28.78 -27.87
C ARG G 177 63.16 -29.58 -27.01
N GLY G 178 62.91 -30.81 -27.42
CA GLY G 178 61.87 -31.61 -26.81
C GLY G 178 60.52 -31.17 -27.34
N GLY G 179 59.61 -30.83 -26.42
CA GLY G 179 58.31 -30.35 -26.82
C GLY G 179 57.56 -31.37 -27.65
N THR G 180 57.52 -32.60 -27.19
CA THR G 180 56.83 -33.66 -27.91
C THR G 180 55.33 -33.52 -27.72
N ASP G 181 54.59 -33.72 -28.79
CA ASP G 181 53.14 -33.82 -28.74
C ASP G 181 52.76 -35.28 -28.51
N ILE G 182 51.45 -35.55 -28.52
CA ILE G 182 50.99 -36.93 -28.40
C ILE G 182 51.43 -37.72 -29.62
N GLU G 183 51.76 -38.99 -29.39
CA GLU G 183 52.09 -39.88 -30.50
C GLU G 183 50.88 -40.01 -31.43
N ASP G 184 51.16 -40.03 -32.73
CA ASP G 184 50.09 -40.10 -33.71
C ASP G 184 49.46 -41.48 -33.72
N GLU G 185 48.25 -41.54 -34.28
CA GLU G 185 47.61 -42.83 -34.50
C GLU G 185 48.44 -43.71 -35.41
N GLU G 186 49.00 -43.12 -36.47
CA GLU G 186 49.76 -43.89 -37.45
C GLU G 186 50.96 -44.57 -36.81
N HIS G 187 51.75 -43.83 -36.04
CA HIS G 187 52.89 -44.44 -35.34
C HIS G 187 52.42 -45.48 -34.35
N PHE G 188 51.39 -45.16 -33.58
CA PHE G 188 50.90 -46.07 -32.55
C PHE G 188 50.38 -47.36 -33.17
N ARG G 189 49.71 -47.26 -34.32
CA ARG G 189 49.14 -48.45 -34.94
C ARG G 189 50.22 -49.43 -35.36
N GLU G 190 51.32 -48.94 -35.94
CA GLU G 190 52.41 -49.82 -36.30
C GLU G 190 53.02 -50.48 -35.08
N ARG G 191 53.20 -49.72 -34.00
CA ARG G 191 53.75 -50.31 -32.78
C ARG G 191 52.81 -51.39 -32.24
N VAL G 192 51.51 -51.14 -32.25
CA VAL G 192 50.56 -52.17 -31.86
C VAL G 192 50.60 -53.33 -32.84
N LEU G 193 50.62 -53.03 -34.14
CA LEU G 193 50.70 -54.10 -35.14
C LEU G 193 52.00 -54.87 -35.02
N VAL G 194 53.11 -54.19 -34.76
CA VAL G 194 54.39 -54.87 -34.61
C VAL G 194 54.34 -55.80 -33.40
N ALA G 195 53.82 -55.31 -32.28
CA ALA G 195 53.72 -56.14 -31.09
C ALA G 195 52.80 -57.33 -31.32
N GLU G 196 51.69 -57.10 -32.03
CA GLU G 196 50.77 -58.19 -32.31
C GLU G 196 51.43 -59.28 -33.15
N GLN G 197 52.18 -58.87 -34.17
CA GLN G 197 52.77 -59.85 -35.09
C GLN G 197 54.04 -60.46 -34.52
N GLU G 198 54.89 -59.65 -33.89
CA GLU G 198 56.14 -60.16 -33.33
C GLU G 198 55.86 -61.15 -32.24
N ASP G 199 56.57 -62.28 -32.26
CA ASP G 199 56.39 -63.29 -31.22
C ASP G 199 56.78 -62.74 -29.86
N LYS G 200 57.89 -62.01 -29.79
CA LYS G 200 58.36 -61.39 -28.55
C LYS G 200 58.59 -62.44 -27.47
N LEU G 201 59.34 -63.47 -27.83
CA LEU G 201 59.79 -64.48 -26.86
C LEU G 201 60.97 -63.91 -26.09
N SER G 202 61.67 -64.76 -25.34
CA SER G 202 62.89 -64.34 -24.67
C SER G 202 63.83 -65.53 -24.59
N GLY G 203 65.04 -65.36 -25.12
CA GLY G 203 66.01 -66.42 -25.23
C GLY G 203 66.11 -67.05 -26.60
N ALA G 204 65.11 -66.85 -27.45
CA ALA G 204 65.14 -67.39 -28.80
C ALA G 204 66.05 -66.53 -29.69
N SER G 205 66.28 -67.03 -30.91
CA SER G 205 67.22 -66.38 -31.82
C SER G 205 66.77 -64.98 -32.19
N SER G 206 65.45 -64.78 -32.33
CA SER G 206 64.94 -63.45 -32.69
C SER G 206 65.30 -62.43 -31.63
N ASP G 207 65.19 -62.79 -30.35
CA ASP G 207 65.55 -61.88 -29.28
C ASP G 207 67.03 -61.54 -29.33
N TYR G 208 67.86 -62.54 -29.63
CA TYR G 208 69.30 -62.28 -29.79
C TYR G 208 69.54 -61.30 -30.92
N ILE G 209 68.82 -61.45 -32.03
CA ILE G 209 68.89 -60.47 -33.11
C ILE G 209 68.39 -59.12 -32.63
N ARG G 210 67.29 -59.12 -31.87
CA ARG G 210 66.74 -57.88 -31.35
C ARG G 210 67.74 -57.18 -30.43
N TRP G 211 68.37 -57.94 -29.53
CA TRP G 211 69.37 -57.34 -28.64
C TRP G 211 70.57 -56.86 -29.44
N ALA G 212 70.98 -57.62 -30.45
CA ALA G 212 72.08 -57.17 -31.30
C ALA G 212 71.74 -55.87 -32.03
N LYS G 213 70.54 -55.81 -32.61
CA LYS G 213 70.13 -54.60 -33.30
C LYS G 213 69.90 -53.43 -32.36
N GLU G 214 69.62 -53.71 -31.08
CA GLU G 214 69.51 -52.62 -30.11
C GLU G 214 70.84 -51.89 -29.95
N VAL G 215 71.95 -52.59 -30.10
CA VAL G 215 73.26 -51.94 -30.06
C VAL G 215 73.41 -51.05 -31.27
N ASP G 216 73.83 -49.81 -31.04
CA ASP G 216 73.99 -48.86 -32.15
C ASP G 216 75.08 -49.32 -33.09
N GLY G 217 74.89 -49.05 -34.38
CA GLY G 217 75.79 -49.46 -35.42
C GLY G 217 75.49 -50.83 -36.01
N VAL G 218 74.69 -51.64 -35.33
CA VAL G 218 74.33 -52.96 -35.82
C VAL G 218 73.22 -52.80 -36.85
N GLY G 219 73.56 -52.89 -38.12
CA GLY G 219 72.56 -52.80 -39.16
C GLY G 219 71.70 -54.04 -39.21
N TYR G 220 72.34 -55.19 -39.40
CA TYR G 220 71.65 -56.47 -39.54
C TYR G 220 72.37 -57.51 -38.71
N ALA G 221 71.60 -58.38 -38.07
CA ALA G 221 72.12 -59.42 -37.19
C ALA G 221 71.48 -60.75 -37.54
N TYR G 222 72.27 -61.82 -37.45
CA TYR G 222 71.81 -63.18 -37.70
C TYR G 222 72.37 -64.08 -36.61
N VAL G 223 71.54 -65.02 -36.15
CA VAL G 223 71.85 -65.88 -35.02
C VAL G 223 71.75 -67.33 -35.47
N VAL G 224 72.72 -68.14 -35.06
CA VAL G 224 72.73 -69.58 -35.31
C VAL G 224 72.61 -70.28 -33.97
N SER G 225 71.52 -70.99 -33.77
CA SER G 225 71.37 -71.86 -32.61
C SER G 225 72.12 -73.16 -32.83
N GLU G 226 72.75 -73.66 -31.77
CA GLU G 226 73.39 -74.97 -31.78
C GLU G 226 74.54 -75.03 -32.79
N TRP G 227 75.22 -73.90 -33.02
CA TRP G 227 76.33 -73.89 -33.95
C TRP G 227 77.46 -74.82 -33.50
N ALA G 228 77.61 -75.01 -32.19
CA ALA G 228 78.63 -75.89 -31.62
C ALA G 228 78.01 -76.83 -30.59
N GLY G 229 76.78 -77.27 -30.83
CA GLY G 229 76.12 -78.21 -29.96
C GLY G 229 75.27 -77.53 -28.91
N ALA G 230 74.84 -78.36 -27.95
CA ALA G 230 73.95 -77.91 -26.89
C ALA G 230 74.61 -76.83 -26.06
N GLY G 231 73.85 -75.77 -25.77
CA GLY G 231 74.34 -74.66 -24.99
C GLY G 231 75.09 -73.60 -25.77
N THR G 232 75.32 -73.80 -27.07
CA THR G 232 76.17 -72.93 -27.87
C THR G 232 75.31 -72.08 -28.80
N VAL G 233 75.58 -70.78 -28.81
CA VAL G 233 74.86 -69.82 -29.65
C VAL G 233 75.88 -68.92 -30.33
N LYS G 234 75.59 -68.56 -31.58
CA LYS G 234 76.41 -67.64 -32.35
C LYS G 234 75.57 -66.46 -32.79
N VAL G 235 76.19 -65.28 -32.83
CA VAL G 235 75.57 -64.05 -33.30
C VAL G 235 76.45 -63.49 -34.41
N LEU G 236 75.82 -63.13 -35.52
CA LEU G 236 76.52 -62.69 -36.72
C LEU G 236 75.95 -61.34 -37.13
N ILE G 237 76.71 -60.28 -36.92
CA ILE G 237 76.23 -58.92 -37.06
C ILE G 237 76.92 -58.25 -38.24
N LEU G 238 76.28 -57.20 -38.74
CA LEU G 238 76.78 -56.43 -39.87
C LEU G 238 76.53 -54.96 -39.61
N ASP G 239 77.30 -54.12 -40.29
CA ASP G 239 77.13 -52.67 -40.17
C ASP G 239 75.86 -52.24 -40.89
N LYS G 240 75.65 -50.92 -40.93
CA LYS G 240 74.46 -50.38 -41.58
C LYS G 240 74.45 -50.68 -43.08
N ASN G 241 75.62 -50.85 -43.68
CA ASN G 241 75.74 -51.16 -45.10
C ASN G 241 75.70 -52.66 -45.38
N ARG G 242 75.42 -53.49 -44.37
CA ARG G 242 75.39 -54.94 -44.52
C ARG G 242 76.76 -55.51 -44.89
N LYS G 243 77.82 -54.80 -44.53
CA LYS G 243 79.18 -55.27 -44.70
C LYS G 243 79.67 -55.88 -43.39
N ALA G 244 80.93 -56.30 -43.37
CA ALA G 244 81.48 -56.92 -42.18
C ALA G 244 81.49 -55.94 -41.01
N ALA G 245 80.85 -56.32 -39.92
CA ALA G 245 80.76 -55.46 -38.75
C ALA G 245 82.14 -55.22 -38.15
N THR G 246 82.34 -54.00 -37.64
CA THR G 246 83.59 -53.68 -36.97
C THR G 246 83.73 -54.51 -35.71
N GLN G 247 84.98 -54.77 -35.31
CA GLN G 247 85.23 -55.58 -34.13
C GLN G 247 84.70 -54.91 -32.87
N GLU G 248 84.78 -53.57 -32.81
CA GLU G 248 84.23 -52.85 -31.66
C GLU G 248 82.73 -53.10 -31.56
N LEU G 249 82.04 -53.11 -32.70
CA LEU G 249 80.62 -53.45 -32.71
C LEU G 249 80.40 -54.86 -32.18
N ILE G 250 81.26 -55.80 -32.58
CA ILE G 250 81.18 -57.15 -32.01
C ILE G 250 81.45 -57.10 -30.51
N ASP G 251 82.43 -56.30 -30.09
CA ASP G 251 82.71 -56.15 -28.67
C ASP G 251 81.53 -55.51 -27.94
N LYS G 252 80.92 -54.49 -28.54
CA LYS G 252 79.76 -53.85 -27.94
C LYS G 252 78.62 -54.85 -27.81
N VAL G 253 78.34 -55.61 -28.87
CA VAL G 253 77.29 -56.61 -28.82
C VAL G 253 77.67 -57.71 -27.84
N GLN G 254 78.95 -58.07 -27.78
CA GLN G 254 79.40 -59.06 -26.82
C GLN G 254 79.12 -58.58 -25.39
N GLU G 255 79.57 -57.38 -25.06
CA GLU G 255 79.29 -56.84 -23.73
C GLU G 255 77.80 -56.66 -23.50
N TYR G 256 77.05 -56.35 -24.55
CA TYR G 256 75.61 -56.15 -24.39
C TYR G 256 74.91 -57.46 -24.04
N ILE G 257 75.27 -58.55 -24.73
CA ILE G 257 74.51 -59.79 -24.66
C ILE G 257 75.23 -60.88 -23.87
N TYR G 258 76.56 -60.94 -23.93
CA TYR G 258 77.29 -62.06 -23.33
C TYR G 258 78.72 -61.66 -23.02
N PRO G 259 78.95 -60.86 -21.98
CA PRO G 259 80.33 -60.47 -21.65
C PRO G 259 81.21 -61.69 -21.36
N LEU G 260 82.43 -61.65 -21.89
CA LEU G 260 83.38 -62.72 -21.63
C LEU G 260 83.98 -62.59 -20.23
N ASN G 261 84.23 -61.36 -19.79
CA ASN G 261 84.65 -61.15 -18.42
C ASN G 261 83.53 -61.52 -17.46
N ILE G 262 83.91 -61.97 -16.26
CA ILE G 262 82.98 -62.51 -15.29
C ILE G 262 83.27 -61.91 -13.93
N SER G 263 82.24 -61.95 -13.07
CA SER G 263 82.36 -61.52 -11.69
C SER G 263 81.46 -62.41 -10.84
N GLU G 264 81.76 -62.45 -9.54
CA GLU G 264 80.99 -63.31 -8.65
C GLU G 264 79.53 -62.87 -8.56
N GLY G 265 79.30 -61.57 -8.47
CA GLY G 265 77.95 -61.04 -8.48
C GLY G 265 77.41 -60.98 -9.90
N GLU G 266 78.14 -60.31 -10.77
CA GLU G 266 77.80 -60.26 -12.20
C GLU G 266 78.47 -61.45 -12.87
N ASN G 267 77.74 -62.56 -12.97
CA ASN G 267 78.23 -63.70 -13.73
C ASN G 267 78.52 -63.29 -15.16
N ARG G 268 77.49 -62.90 -15.90
CA ARG G 268 77.64 -62.16 -17.14
C ARG G 268 76.74 -60.94 -17.21
N ASP G 269 75.52 -61.03 -16.65
CA ASP G 269 74.55 -59.93 -16.65
C ASP G 269 74.23 -59.46 -18.07
N GLY G 270 74.35 -60.35 -19.05
CA GLY G 270 73.96 -60.04 -20.41
C GLY G 270 72.49 -60.33 -20.65
N LYS G 271 72.02 -59.90 -21.82
CA LYS G 271 70.63 -60.16 -22.17
C LYS G 271 70.34 -61.64 -22.36
N ALA G 272 71.35 -62.45 -22.66
CA ALA G 272 71.13 -63.87 -22.87
C ALA G 272 70.80 -64.55 -21.54
N PRO G 273 70.16 -65.73 -21.58
CA PRO G 273 69.87 -66.44 -20.34
C PRO G 273 71.14 -66.98 -19.70
N ILE G 274 71.00 -67.43 -18.46
CA ILE G 274 72.08 -68.16 -17.81
C ILE G 274 72.19 -69.54 -18.42
N GLY G 275 73.43 -70.04 -18.52
CA GLY G 275 73.70 -71.32 -19.13
C GLY G 275 73.98 -71.26 -20.62
N ALA G 276 73.62 -70.16 -21.28
CA ALA G 276 73.94 -70.03 -22.69
C ALA G 276 75.44 -69.82 -22.88
N LEU G 277 75.89 -70.12 -24.10
CA LEU G 277 77.29 -69.92 -24.50
C LEU G 277 77.22 -69.22 -25.85
N VAL G 278 77.18 -67.89 -25.80
CA VAL G 278 76.88 -67.06 -26.96
C VAL G 278 78.18 -66.56 -27.57
N THR G 279 78.28 -66.66 -28.89
CA THR G 279 79.42 -66.16 -29.65
C THR G 279 78.95 -65.00 -30.53
N VAL G 280 79.77 -63.97 -30.63
CA VAL G 280 79.47 -62.77 -31.41
C VAL G 280 80.59 -62.57 -32.41
N VAL G 281 80.23 -62.58 -33.70
CA VAL G 281 81.16 -62.40 -34.81
C VAL G 281 80.45 -61.61 -35.89
N THR G 282 81.15 -61.41 -37.03
CA THR G 282 80.55 -60.90 -38.25
C THR G 282 80.57 -61.99 -39.32
N PRO G 283 79.52 -62.16 -40.11
CA PRO G 283 79.47 -63.28 -41.05
C PRO G 283 80.27 -63.02 -42.32
N ASP G 284 80.28 -64.01 -43.19
CA ASP G 284 80.87 -63.87 -44.52
C ASP G 284 79.89 -63.14 -45.42
N THR G 285 80.29 -61.97 -45.91
CA THR G 285 79.42 -61.09 -46.69
C THR G 285 79.60 -61.42 -48.18
N LEU G 286 78.67 -62.22 -48.72
CA LEU G 286 78.68 -62.57 -50.13
C LEU G 286 77.85 -61.55 -50.89
N LEU G 287 78.52 -60.68 -51.64
CA LEU G 287 77.83 -59.66 -52.41
C LEU G 287 77.12 -60.28 -53.61
N ILE G 288 75.96 -59.73 -53.95
CA ILE G 288 75.19 -60.14 -55.13
C ILE G 288 74.89 -58.86 -55.90
N ASN G 289 75.74 -58.55 -56.87
CA ASN G 289 75.64 -57.31 -57.62
C ASN G 289 74.70 -57.50 -58.80
N VAL G 290 73.61 -56.74 -58.82
CA VAL G 290 72.60 -56.83 -59.87
C VAL G 290 73.00 -55.91 -61.00
N LYS G 291 72.76 -56.36 -62.23
CA LYS G 291 73.01 -55.57 -63.43
C LYS G 291 71.86 -55.76 -64.39
N ALA G 292 71.24 -54.65 -64.80
CA ALA G 292 70.09 -54.67 -65.68
C ALA G 292 70.12 -53.44 -66.57
N SER G 293 69.38 -53.52 -67.68
CA SER G 293 69.20 -52.39 -68.57
C SER G 293 68.04 -51.53 -68.07
N PHE G 294 68.30 -50.81 -66.99
CA PHE G 294 67.29 -49.96 -66.39
C PHE G 294 66.93 -48.80 -67.32
N ILE G 295 65.64 -48.47 -67.36
CA ILE G 295 65.15 -47.27 -68.03
C ILE G 295 64.38 -46.46 -67.00
N PHE G 296 64.73 -45.19 -66.88
CA PHE G 296 64.30 -44.37 -65.76
C PHE G 296 63.24 -43.36 -66.18
N SER G 297 62.42 -42.97 -65.21
CA SER G 297 61.27 -42.10 -65.43
C SER G 297 61.64 -40.65 -65.12
N ASN G 298 60.69 -39.76 -65.36
CA ASN G 298 60.87 -38.34 -65.09
C ASN G 298 60.74 -38.06 -63.60
N GLY G 299 61.23 -36.89 -63.20
CA GLY G 299 61.13 -36.48 -61.81
C GLY G 299 61.90 -37.34 -60.83
N PHE G 300 62.93 -38.02 -61.30
CA PHE G 300 63.73 -38.91 -60.45
C PHE G 300 65.18 -38.87 -60.90
N SER G 301 66.07 -39.11 -59.96
CA SER G 301 67.50 -39.22 -60.21
C SER G 301 67.89 -40.68 -60.24
N GLU G 302 68.66 -41.08 -61.26
CA GLU G 302 69.03 -42.48 -61.41
C GLU G 302 69.81 -42.99 -60.20
N GLU G 303 70.79 -42.20 -59.74
CA GLU G 303 71.56 -42.62 -58.58
C GLU G 303 70.68 -42.73 -57.33
N THR G 304 69.73 -41.81 -57.16
CA THR G 304 68.80 -41.91 -56.05
C THR G 304 67.91 -43.14 -56.20
N VAL G 305 67.42 -43.38 -57.41
CA VAL G 305 66.55 -44.54 -57.65
C VAL G 305 67.32 -45.82 -57.40
N LEU G 306 68.58 -45.87 -57.84
CA LEU G 306 69.40 -47.06 -57.59
C LEU G 306 69.59 -47.29 -56.10
N ASN G 307 69.85 -46.22 -55.34
CA ASN G 307 69.97 -46.36 -53.90
C ASN G 307 68.66 -46.82 -53.28
N ASN G 308 67.53 -46.31 -53.79
CA ASN G 308 66.25 -46.81 -53.33
C ASN G 308 66.08 -48.29 -53.65
N LEU G 309 66.46 -48.69 -54.87
CA LEU G 309 66.43 -50.10 -55.24
C LEU G 309 67.41 -50.89 -54.39
N LYS G 310 68.56 -50.28 -54.07
CA LYS G 310 69.49 -50.92 -53.14
C LYS G 310 68.84 -51.13 -51.77
N THR G 311 68.13 -50.12 -51.28
CA THR G 311 67.44 -50.27 -50.00
C THR G 311 66.35 -51.33 -50.09
N LYS G 312 65.60 -51.35 -51.19
CA LYS G 312 64.55 -52.34 -51.34
C LYS G 312 65.13 -53.75 -51.37
N ILE G 313 66.14 -53.96 -52.21
CA ILE G 313 66.78 -55.28 -52.27
C ILE G 313 67.46 -55.57 -50.94
N ASP G 314 68.02 -54.54 -50.30
CA ASP G 314 68.63 -54.73 -48.99
C ASP G 314 67.61 -55.25 -47.99
N LYS G 315 66.37 -54.75 -48.07
CA LYS G 315 65.31 -55.31 -47.24
C LYS G 315 65.04 -56.76 -47.62
N TYR G 316 65.07 -57.07 -48.92
CA TYR G 316 64.86 -58.45 -49.34
C TYR G 316 65.96 -59.37 -48.82
N LEU G 317 67.17 -58.85 -48.65
CA LEU G 317 68.23 -59.68 -48.08
C LEU G 317 67.92 -60.07 -46.64
N ASP G 318 67.25 -59.21 -45.88
CA ASP G 318 66.76 -59.62 -44.58
C ASP G 318 65.74 -60.73 -44.69
N LYS G 319 64.83 -60.63 -45.67
CA LYS G 319 63.91 -61.73 -45.94
C LYS G 319 64.66 -62.99 -46.32
N ILE G 320 65.80 -62.85 -47.00
CA ILE G 320 66.64 -64.00 -47.30
C ILE G 320 67.28 -64.49 -46.02
N ASP G 321 67.10 -65.78 -45.72
CA ASP G 321 67.64 -66.34 -44.50
C ASP G 321 69.15 -66.48 -44.58
N LEU G 322 69.77 -66.59 -43.41
CA LEU G 322 71.19 -66.92 -43.35
C LEU G 322 71.42 -68.28 -43.99
N GLY G 323 72.26 -68.32 -45.02
CA GLY G 323 72.42 -69.54 -45.78
C GLY G 323 71.25 -69.88 -46.66
N GLY G 324 70.41 -68.90 -47.00
CA GLY G 324 69.25 -69.13 -47.82
C GLY G 324 69.57 -69.08 -49.31
N THR G 325 68.51 -68.96 -50.10
CA THR G 325 68.61 -68.91 -51.56
C THR G 325 68.12 -67.55 -52.05
N VAL G 326 68.97 -66.86 -52.80
CA VAL G 326 68.60 -65.59 -53.42
C VAL G 326 67.86 -65.90 -54.71
N SER G 327 66.63 -65.39 -54.83
CA SER G 327 65.74 -65.71 -55.93
C SER G 327 65.82 -64.61 -56.98
N TYR G 328 66.17 -65.00 -58.22
CA TYR G 328 66.09 -64.07 -59.33
C TYR G 328 64.67 -63.59 -59.55
N ASN G 329 63.69 -64.49 -59.36
CA ASN G 329 62.30 -64.10 -59.52
C ASN G 329 61.89 -63.06 -58.50
N ALA G 330 62.36 -63.20 -57.25
CA ALA G 330 62.07 -62.20 -56.24
C ALA G 330 62.71 -60.86 -56.60
N ILE G 331 63.92 -60.90 -57.16
CA ILE G 331 64.58 -59.65 -57.54
C ILE G 331 63.84 -59.01 -58.70
N GLN G 332 63.28 -59.81 -59.60
CA GLN G 332 62.38 -59.26 -60.62
C GLN G 332 61.20 -58.55 -59.97
N ALA G 333 60.69 -59.11 -58.87
CA ALA G 333 59.56 -58.50 -58.18
C ALA G 333 59.95 -57.13 -57.62
N ILE G 334 61.12 -57.05 -56.98
CA ILE G 334 61.54 -55.79 -56.37
C ILE G 334 61.79 -54.74 -57.45
N VAL G 335 62.43 -55.14 -58.55
CA VAL G 335 62.74 -54.19 -59.61
C VAL G 335 61.46 -53.69 -60.28
N GLY G 336 60.58 -54.62 -60.65
CA GLY G 336 59.35 -54.22 -61.31
C GLY G 336 58.41 -53.44 -60.42
N SER G 337 58.38 -53.76 -59.11
CA SER G 337 57.55 -53.02 -58.19
C SER G 337 57.94 -51.54 -58.13
N MET G 338 59.23 -51.25 -58.31
CA MET G 338 59.65 -49.86 -58.43
C MET G 338 58.95 -49.18 -59.61
N MET G 339 58.74 -49.92 -60.69
CA MET G 339 58.03 -49.38 -61.84
C MET G 339 56.55 -49.25 -61.56
N LEU G 340 55.94 -50.28 -60.96
CA LEU G 340 54.52 -50.22 -60.64
C LEU G 340 54.23 -49.13 -59.62
N THR G 341 55.19 -48.82 -58.75
CA THR G 341 55.07 -47.70 -57.84
C THR G 341 55.47 -46.37 -58.46
N ASP G 342 55.86 -46.36 -59.74
CA ASP G 342 56.24 -45.14 -60.44
C ASP G 342 57.45 -44.47 -59.81
N GLU G 343 58.30 -45.26 -59.17
CA GLU G 343 59.41 -44.73 -58.38
C GLU G 343 60.68 -44.62 -59.21
N GLY G 344 60.58 -43.83 -60.28
CA GLY G 344 61.73 -43.45 -61.08
C GLY G 344 62.20 -44.44 -62.11
N ILE G 345 61.50 -45.58 -62.26
CA ILE G 345 61.83 -46.58 -63.27
C ILE G 345 60.60 -46.77 -64.15
N GLU G 346 60.79 -46.62 -65.46
CA GLU G 346 59.73 -46.81 -66.44
C GLU G 346 59.79 -48.18 -67.11
N ASP G 347 60.99 -48.68 -67.37
CA ASP G 347 61.17 -49.99 -67.98
C ASP G 347 62.50 -50.56 -67.52
N PHE G 348 62.62 -51.88 -67.60
CA PHE G 348 63.88 -52.54 -67.30
C PHE G 348 63.94 -53.85 -68.09
N SER G 349 65.15 -54.35 -68.26
CA SER G 349 65.37 -55.57 -69.03
C SER G 349 66.81 -56.02 -68.82
N ASN G 350 67.09 -57.25 -69.26
CA ASN G 350 68.43 -57.83 -69.21
C ASN G 350 68.97 -57.89 -67.79
N LEU G 351 68.08 -58.11 -66.81
CA LEU G 351 68.52 -58.15 -65.43
C LEU G 351 69.34 -59.41 -65.17
N THR G 352 70.51 -59.23 -64.59
CA THR G 352 71.41 -60.33 -64.28
C THR G 352 72.03 -60.08 -62.92
N ILE G 353 71.81 -61.00 -61.98
CA ILE G 353 72.36 -60.89 -60.64
C ILE G 353 73.70 -61.61 -60.62
N ASN G 354 74.76 -60.85 -60.32
CA ASN G 354 76.13 -61.31 -60.52
C ASN G 354 76.33 -61.82 -61.94
N ASP G 355 75.74 -61.09 -62.90
CA ASP G 355 75.87 -61.39 -64.33
C ASP G 355 75.35 -62.77 -64.68
N VAL G 356 74.36 -63.26 -63.94
CA VAL G 356 73.69 -64.52 -64.24
C VAL G 356 72.23 -64.40 -63.86
N LYS G 357 71.35 -64.94 -64.71
CA LYS G 357 69.92 -64.98 -64.45
C LYS G 357 69.52 -66.27 -63.75
N GLU G 358 70.16 -66.53 -62.60
CA GLU G 358 69.99 -67.77 -61.88
C GLU G 358 69.89 -67.48 -60.39
N ASN G 359 69.10 -68.30 -59.69
CA ASN G 359 68.95 -68.15 -58.25
C ASN G 359 70.21 -68.64 -57.55
N ILE G 360 70.72 -67.85 -56.61
CA ILE G 360 71.99 -68.11 -55.95
C ILE G 360 71.72 -68.63 -54.54
N LYS G 361 72.48 -69.66 -54.15
CA LYS G 361 72.32 -70.32 -52.86
C LYS G 361 73.48 -69.92 -51.96
N LEU G 362 73.16 -69.34 -50.81
CA LEU G 362 74.19 -69.03 -49.81
C LEU G 362 74.68 -70.31 -49.13
N GLN G 363 75.98 -70.38 -48.90
CA GLN G 363 76.59 -71.53 -48.24
C GLN G 363 76.80 -71.22 -46.76
N ASP G 364 75.67 -71.15 -46.05
CA ASP G 364 75.62 -70.78 -44.64
C ASP G 364 76.25 -69.40 -44.41
N GLN G 365 76.07 -68.50 -45.37
CA GLN G 365 76.51 -67.13 -45.30
C GLN G 365 75.30 -66.21 -45.34
N VAL G 366 75.56 -64.92 -45.14
CA VAL G 366 74.56 -63.87 -45.37
C VAL G 366 74.91 -63.19 -46.68
N VAL G 367 73.93 -63.06 -47.56
CA VAL G 367 74.11 -62.28 -48.77
C VAL G 367 74.31 -60.82 -48.39
N GLY G 368 75.36 -60.21 -48.95
CA GLY G 368 75.60 -58.80 -48.79
C GLY G 368 75.00 -58.02 -49.96
N ILE G 369 74.67 -56.76 -49.71
CA ILE G 369 74.08 -55.94 -50.75
C ILE G 369 75.15 -55.63 -51.79
N GLY G 370 74.85 -55.96 -53.04
CA GLY G 370 75.78 -55.73 -54.14
C GLY G 370 75.49 -54.42 -54.85
N GLU G 371 76.31 -54.14 -55.86
CA GLU G 371 76.18 -52.92 -56.62
C GLU G 371 75.16 -53.09 -57.73
N ILE G 372 74.21 -52.17 -57.82
CA ILE G 372 73.23 -52.16 -58.88
C ILE G 372 73.83 -51.42 -60.06
N VAL G 373 73.78 -52.04 -61.24
CA VAL G 373 74.41 -51.53 -62.44
C VAL G 373 73.35 -51.32 -63.51
N ASN G 374 73.32 -50.14 -64.11
CA ASN G 374 72.47 -49.85 -65.25
C ASN G 374 73.23 -50.23 -66.52
N GLU G 375 72.68 -51.15 -67.29
CA GLU G 375 73.35 -51.69 -68.46
C GLU G 375 72.99 -50.89 -69.71
N GLU H 2 14.93 4.21 -78.93
CA GLU H 2 14.66 2.75 -79.12
C GLU H 2 13.42 2.56 -80.00
N ARG H 3 13.13 1.31 -80.34
CA ARG H 3 11.99 1.01 -81.18
C ARG H 3 10.69 1.35 -80.46
N GLU H 4 9.74 1.89 -81.22
CA GLU H 4 8.42 2.23 -80.72
C GLU H 4 7.39 1.25 -81.28
N LEU H 5 6.41 0.91 -80.45
CA LEU H 5 5.40 -0.07 -80.83
C LEU H 5 4.21 0.67 -81.45
N PRO H 6 3.88 0.45 -82.75
CA PRO H 6 2.78 1.22 -83.34
C PRO H 6 1.42 0.75 -82.86
N ILE H 7 1.00 1.26 -81.72
CA ILE H 7 -0.26 0.82 -81.10
C ILE H 7 -1.43 1.28 -81.96
N PRO H 8 -2.50 0.49 -82.12
CA PRO H 8 -3.67 0.99 -82.85
C PRO H 8 -4.36 2.13 -82.12
N VAL H 9 -5.06 2.95 -82.91
CA VAL H 9 -5.68 4.15 -82.37
C VAL H 9 -6.78 3.79 -81.36
N PHE H 10 -7.60 2.77 -81.68
CA PHE H 10 -8.70 2.43 -80.79
C PHE H 10 -8.20 1.97 -79.43
N LEU H 11 -6.99 1.44 -79.37
CA LEU H 11 -6.34 1.14 -78.09
C LEU H 11 -5.79 2.38 -77.40
N THR H 12 -5.88 3.56 -78.02
CA THR H 12 -5.39 4.81 -77.46
C THR H 12 -6.44 5.90 -77.64
N GLU H 13 -7.68 5.61 -77.31
CA GLU H 13 -8.74 6.60 -77.41
C GLU H 13 -8.49 7.75 -76.44
N ASP H 14 -8.86 8.95 -76.87
CA ASP H 14 -8.79 10.11 -75.99
C ASP H 14 -9.84 10.00 -74.89
N GLU H 15 -9.55 10.63 -73.75
CA GLU H 15 -10.52 10.69 -72.67
C GLU H 15 -11.79 11.38 -73.12
N ASP H 16 -11.67 12.51 -73.81
CA ASP H 16 -12.84 13.24 -74.27
C ASP H 16 -13.62 12.44 -75.30
N SER H 17 -12.91 11.73 -76.19
CA SER H 17 -13.59 10.88 -77.15
C SER H 17 -14.38 9.78 -76.45
N VAL H 18 -13.80 9.21 -75.40
CA VAL H 18 -14.53 8.26 -74.58
C VAL H 18 -15.72 8.95 -73.92
N HIS H 19 -15.48 10.13 -73.34
CA HIS H 19 -16.57 10.85 -72.69
C HIS H 19 -17.65 11.25 -73.69
N GLU H 20 -17.24 11.71 -74.88
CA GLU H 20 -18.21 12.09 -75.89
C GLU H 20 -19.07 10.90 -76.29
N ARG H 21 -18.44 9.75 -76.53
CA ARG H 21 -19.20 8.54 -76.80
C ARG H 21 -20.04 8.14 -75.59
N MET H 22 -19.58 8.49 -74.38
CA MET H 22 -20.36 8.24 -73.19
C MET H 22 -21.68 9.00 -73.23
N LEU H 23 -21.61 10.29 -73.55
CA LEU H 23 -22.80 11.14 -73.54
C LEU H 23 -23.73 10.89 -74.72
N SER H 24 -23.29 10.11 -75.72
CA SER H 24 -24.11 9.92 -76.90
C SER H 24 -25.43 9.23 -76.59
N ASN H 25 -25.44 8.36 -75.58
CA ASN H 25 -26.64 7.57 -75.30
C ASN H 25 -27.80 8.46 -74.85
N PHE H 26 -27.52 9.46 -74.04
CA PHE H 26 -28.59 10.27 -73.43
C PHE H 26 -29.30 11.08 -74.49
N GLN H 27 -30.60 11.30 -74.26
CA GLN H 27 -31.50 11.88 -75.25
C GLN H 27 -32.32 13.05 -74.73
N ASP H 28 -32.79 13.01 -73.47
CA ASP H 28 -33.72 13.99 -72.94
C ASP H 28 -33.24 14.53 -71.58
N VAL H 29 -31.93 14.66 -71.41
CA VAL H 29 -31.35 15.19 -70.18
C VAL H 29 -30.17 16.07 -70.55
N SER H 30 -30.00 17.15 -69.79
CA SER H 30 -28.88 18.04 -70.03
C SER H 30 -27.57 17.31 -69.80
N THR H 31 -26.76 17.24 -70.85
CA THR H 31 -25.44 16.61 -70.82
C THR H 31 -24.32 17.64 -70.72
N LEU H 32 -24.64 18.83 -70.26
CA LEU H 32 -23.67 19.91 -70.18
C LEU H 32 -22.78 19.74 -68.95
N GLU H 33 -21.64 20.42 -68.97
CA GLU H 33 -20.76 20.40 -67.82
C GLU H 33 -21.45 21.03 -66.62
N GLY H 34 -21.16 20.48 -65.44
CA GLY H 34 -21.86 20.85 -64.24
C GLY H 34 -23.16 20.10 -64.00
N ASP H 35 -23.62 19.32 -64.97
CA ASP H 35 -24.78 18.48 -64.80
C ASP H 35 -24.39 17.17 -64.14
N PHE H 36 -25.39 16.46 -63.62
CA PHE H 36 -25.14 15.15 -63.04
C PHE H 36 -24.56 14.19 -64.07
N ILE H 37 -25.12 14.21 -65.29
CA ILE H 37 -24.70 13.26 -66.31
C ILE H 37 -23.26 13.52 -66.70
N TYR H 38 -22.92 14.78 -66.99
CA TYR H 38 -21.55 15.10 -67.36
C TYR H 38 -20.60 14.86 -66.18
N ASP H 39 -20.95 15.40 -65.02
CA ASP H 39 -20.05 15.31 -63.87
C ASP H 39 -19.86 13.87 -63.42
N ALA H 40 -20.94 13.08 -63.40
CA ALA H 40 -20.82 11.70 -62.93
C ALA H 40 -20.07 10.84 -63.92
N THR H 41 -20.21 11.10 -65.22
CA THR H 41 -19.59 10.24 -66.23
C THR H 41 -18.14 10.60 -66.53
N ARG H 42 -17.72 11.83 -66.27
CA ARG H 42 -16.35 12.22 -66.59
C ARG H 42 -15.31 11.40 -65.83
N PRO H 43 -15.45 11.14 -64.52
CA PRO H 43 -14.46 10.26 -63.87
C PRO H 43 -14.39 8.87 -64.49
N THR H 44 -15.52 8.31 -64.92
CA THR H 44 -15.49 7.02 -65.58
C THR H 44 -14.67 7.09 -66.85
N ALA H 45 -14.89 8.13 -67.66
CA ALA H 45 -14.09 8.31 -68.86
C ALA H 45 -12.62 8.50 -68.52
N GLU H 46 -12.34 9.20 -67.41
CA GLU H 46 -10.95 9.39 -66.99
C GLU H 46 -10.30 8.06 -66.66
N GLN H 47 -11.00 7.20 -65.93
CA GLN H 47 -10.43 5.91 -65.58
C GLN H 47 -10.35 4.99 -66.78
N ILE H 48 -11.39 4.98 -67.62
CA ILE H 48 -11.41 4.10 -68.77
C ILE H 48 -10.26 4.44 -69.71
N ALA H 49 -10.07 5.72 -70.00
CA ALA H 49 -8.95 6.13 -70.83
C ALA H 49 -7.62 5.82 -70.15
N GLU H 50 -7.52 6.10 -68.85
CA GLU H 50 -6.27 5.85 -68.14
C GLU H 50 -5.94 4.37 -68.11
N LEU H 51 -6.93 3.53 -67.83
CA LEU H 51 -6.71 2.09 -67.86
C LEU H 51 -6.31 1.62 -69.24
N LYS H 52 -6.97 2.17 -70.27
CA LYS H 52 -6.66 1.78 -71.64
C LYS H 52 -5.20 2.11 -71.99
N GLN H 53 -4.75 3.29 -71.59
CA GLN H 53 -3.37 3.70 -71.88
C GLN H 53 -2.39 3.04 -70.93
N LEU H 54 -2.49 3.35 -69.64
CA LEU H 54 -1.51 2.83 -68.69
C LEU H 54 -1.62 1.31 -68.55
N GLY H 55 -2.84 0.78 -68.55
CA GLY H 55 -3.00 -0.64 -68.40
C GLY H 55 -2.60 -1.44 -69.62
N LEU H 56 -3.38 -1.34 -70.70
CA LEU H 56 -3.20 -2.25 -71.82
C LEU H 56 -1.93 -1.96 -72.59
N GLN H 57 -1.69 -0.70 -72.94
CA GLN H 57 -0.53 -0.37 -73.78
C GLN H 57 0.76 -0.72 -73.05
N ASN H 58 0.86 -0.33 -71.78
CA ASN H 58 2.05 -0.68 -71.02
C ASN H 58 2.16 -2.18 -70.84
N ASN H 59 1.04 -2.86 -70.57
CA ASN H 59 1.05 -4.31 -70.45
C ASN H 59 1.50 -4.96 -71.75
N LEU H 60 0.95 -4.49 -72.87
CA LEU H 60 1.40 -5.00 -74.16
C LEU H 60 2.84 -4.62 -74.45
N LYS H 61 3.26 -3.42 -74.03
CA LYS H 61 4.60 -2.96 -74.31
C LYS H 61 5.65 -3.83 -73.63
N ILE H 62 5.45 -4.12 -72.33
CA ILE H 62 6.43 -4.91 -71.60
C ILE H 62 6.48 -6.35 -72.08
N ALA H 63 5.44 -6.82 -72.77
CA ALA H 63 5.46 -8.18 -73.29
C ALA H 63 6.58 -8.36 -74.30
N PHE H 64 6.77 -7.38 -75.21
CA PHE H 64 7.77 -7.50 -76.25
C PHE H 64 9.11 -6.93 -75.78
N PRO H 65 10.25 -7.47 -76.24
CA PRO H 65 11.53 -6.88 -75.84
C PRO H 65 11.75 -5.50 -76.41
N GLN H 66 11.05 -5.14 -77.48
CA GLN H 66 11.21 -3.82 -78.07
C GLN H 66 10.77 -2.71 -77.12
N THR H 67 9.89 -3.00 -76.16
CA THR H 67 9.39 -2.00 -75.22
C THR H 67 9.30 -2.58 -73.82
N SER H 68 10.35 -3.27 -73.38
CA SER H 68 10.45 -3.79 -72.02
C SER H 68 11.68 -3.20 -71.35
N TYR H 69 11.61 -3.06 -70.02
CA TYR H 69 12.62 -2.33 -69.25
C TYR H 69 13.19 -3.10 -68.08
N GLY H 70 12.37 -3.85 -67.36
CA GLY H 70 12.77 -4.40 -66.07
C GLY H 70 13.11 -5.88 -66.12
N THR H 71 12.69 -6.60 -65.07
CA THR H 71 12.84 -8.05 -65.05
C THR H 71 12.12 -8.69 -66.23
N TYR H 72 11.06 -8.05 -66.72
CA TYR H 72 10.37 -8.55 -67.90
C TYR H 72 11.32 -8.59 -69.09
N LEU H 73 12.11 -7.53 -69.27
CA LEU H 73 13.12 -7.54 -70.32
C LEU H 73 14.13 -8.65 -70.09
N GLU H 74 14.58 -8.82 -68.85
CA GLU H 74 15.56 -9.85 -68.55
C GLU H 74 14.99 -11.24 -68.84
N TRP H 75 13.73 -11.46 -68.49
CA TRP H 75 13.10 -12.72 -68.83
C TRP H 75 13.04 -12.92 -70.34
N LEU H 76 12.69 -11.87 -71.08
CA LEU H 76 12.67 -11.97 -72.53
C LEU H 76 14.06 -12.24 -73.08
N GLY H 77 15.07 -11.56 -72.54
CA GLY H 77 16.43 -11.86 -72.93
C GLY H 77 16.85 -13.28 -72.58
N GLU H 78 16.33 -13.80 -71.48
CA GLU H 78 16.66 -15.17 -71.10
C GLU H 78 16.12 -16.17 -72.12
N CYS H 79 14.87 -15.96 -72.58
CA CYS H 79 14.21 -16.95 -73.44
C CYS H 79 15.00 -17.22 -74.71
N LYS H 80 15.74 -16.22 -75.20
CA LYS H 80 16.60 -16.37 -76.36
C LYS H 80 18.07 -16.41 -75.97
N GLY H 81 18.37 -16.76 -74.72
CA GLY H 81 19.73 -17.04 -74.29
C GLY H 81 20.55 -15.85 -73.88
N VAL H 82 19.97 -14.65 -73.83
CA VAL H 82 20.72 -13.44 -73.49
C VAL H 82 20.64 -13.24 -71.98
N PHE H 83 21.75 -12.79 -71.41
CA PHE H 83 21.87 -12.55 -69.97
C PHE H 83 22.60 -11.24 -69.74
N LYS H 84 22.06 -10.42 -68.84
CA LYS H 84 22.66 -9.13 -68.56
C LYS H 84 23.99 -9.30 -67.84
N ASN H 85 24.98 -8.50 -68.23
CA ASN H 85 26.29 -8.59 -67.60
C ASN H 85 26.24 -8.01 -66.20
N GLN H 86 27.01 -8.60 -65.29
CA GLN H 86 26.99 -8.27 -63.88
C GLN H 86 28.08 -7.27 -63.55
N PRO H 87 27.96 -6.54 -62.44
CA PRO H 87 29.06 -5.66 -62.03
C PRO H 87 30.25 -6.45 -61.54
N THR H 88 31.39 -5.76 -61.43
CA THR H 88 32.63 -6.38 -60.97
C THR H 88 33.40 -5.38 -60.13
N LYS H 89 34.29 -5.91 -59.30
CA LYS H 89 35.14 -5.09 -58.46
C LYS H 89 36.32 -4.55 -59.25
N ALA H 90 36.70 -3.31 -58.96
CA ALA H 90 37.96 -2.78 -59.46
C ALA H 90 39.11 -3.43 -58.71
N THR H 91 40.30 -3.40 -59.30
CA THR H 91 41.46 -4.07 -58.74
C THR H 91 42.72 -3.29 -59.09
N GLY H 92 43.75 -3.55 -58.30
CA GLY H 92 45.06 -2.96 -58.55
C GLY H 92 45.98 -3.19 -57.38
N VAL H 93 47.09 -2.46 -57.37
CA VAL H 93 48.22 -2.73 -56.50
C VAL H 93 48.41 -1.54 -55.56
N ILE H 94 48.61 -1.83 -54.28
CA ILE H 94 48.97 -0.84 -53.27
C ILE H 94 50.44 -1.02 -52.96
N THR H 95 51.22 0.06 -53.11
CA THR H 95 52.62 0.06 -52.71
C THR H 95 52.70 0.51 -51.26
N PHE H 96 52.89 -0.45 -50.37
CA PHE H 96 53.01 -0.15 -48.95
C PHE H 96 54.39 0.41 -48.64
N THR H 97 54.48 1.07 -47.48
CA THR H 97 55.75 1.61 -47.02
C THR H 97 55.75 1.64 -45.49
N GLY H 98 56.84 1.20 -44.90
CA GLY H 98 56.96 1.21 -43.45
C GLY H 98 58.13 0.38 -43.00
N VAL H 99 58.17 0.15 -41.69
CA VAL H 99 59.26 -0.61 -41.09
C VAL H 99 59.22 -2.04 -41.60
N GLN H 100 60.36 -2.53 -42.09
CA GLN H 100 60.44 -3.91 -42.56
C GLN H 100 60.14 -4.86 -41.42
N GLY H 101 59.28 -5.85 -41.69
CA GLY H 101 58.79 -6.77 -40.69
C GLY H 101 57.41 -6.44 -40.18
N THR H 102 56.92 -5.22 -40.40
CA THR H 102 55.57 -4.87 -39.99
C THR H 102 54.57 -5.74 -40.76
N ILE H 103 53.61 -6.30 -40.02
CA ILE H 103 52.67 -7.27 -40.58
C ILE H 103 51.40 -6.55 -40.99
N ILE H 104 50.93 -6.83 -42.20
CA ILE H 104 49.64 -6.37 -42.69
C ILE H 104 48.90 -7.57 -43.25
N THR H 105 47.63 -7.69 -42.88
CA THR H 105 46.84 -8.87 -43.21
C THR H 105 46.00 -8.64 -44.46
N LYS H 106 45.70 -9.73 -45.15
CA LYS H 106 44.72 -9.69 -46.22
C LYS H 106 43.37 -9.30 -45.65
N GLY H 107 42.60 -8.58 -46.45
CA GLY H 107 41.27 -8.16 -46.04
C GLY H 107 41.22 -6.86 -45.28
N THR H 108 42.35 -6.23 -44.99
CA THR H 108 42.35 -4.97 -44.27
C THR H 108 41.68 -3.89 -45.10
N ILE H 109 41.01 -2.97 -44.42
CA ILE H 109 40.23 -1.93 -45.06
C ILE H 109 41.10 -0.70 -45.23
N VAL H 110 41.41 -0.36 -46.48
CA VAL H 110 42.13 0.86 -46.84
C VAL H 110 41.27 1.63 -47.81
N THR H 111 41.14 2.94 -47.57
CA THR H 111 40.22 3.79 -48.30
C THR H 111 40.97 4.93 -48.97
N THR H 112 40.22 5.69 -49.76
CA THR H 112 40.71 6.95 -50.31
C THR H 112 40.55 8.04 -49.25
N ILE H 113 40.76 9.29 -49.63
CA ILE H 113 40.61 10.42 -48.71
C ILE H 113 39.14 10.85 -48.73
N ALA H 114 38.46 10.66 -47.60
CA ALA H 114 37.10 11.15 -47.47
C ALA H 114 37.09 12.67 -47.49
N THR H 115 36.08 13.24 -48.13
CA THR H 115 35.93 14.67 -48.26
C THR H 115 34.48 15.05 -48.00
N ASP H 116 34.20 16.35 -48.11
CA ASP H 116 32.81 16.82 -47.99
C ASP H 116 31.96 16.24 -49.10
N GLU H 117 32.49 16.19 -50.32
CA GLU H 117 31.76 15.71 -51.50
C GLU H 117 31.98 14.23 -51.80
N LYS H 118 32.78 13.53 -50.99
CA LYS H 118 33.06 12.12 -51.23
C LYS H 118 33.28 11.40 -49.91
N GLN H 119 32.65 10.24 -49.77
CA GLN H 119 32.90 9.38 -48.63
C GLN H 119 34.18 8.58 -48.85
N SER H 120 34.59 7.87 -47.81
CA SER H 120 35.81 7.07 -47.89
C SER H 120 35.60 5.88 -48.80
N ILE H 121 35.98 6.01 -50.07
CA ILE H 121 35.85 4.90 -51.00
C ILE H 121 36.80 3.80 -50.57
N GLU H 122 36.24 2.73 -50.04
CA GLU H 122 37.00 1.71 -49.32
C GLU H 122 37.53 0.64 -50.27
N PHE H 123 38.64 0.03 -49.89
CA PHE H 123 39.24 -1.06 -50.63
C PHE H 123 39.70 -2.13 -49.66
N GLU H 124 39.78 -3.36 -50.16
CA GLU H 124 40.08 -4.53 -49.37
C GLU H 124 41.35 -5.19 -49.90
N LEU H 125 42.32 -5.41 -49.02
CA LEU H 125 43.56 -6.04 -49.44
C LEU H 125 43.30 -7.49 -49.82
N LEU H 126 43.86 -7.90 -50.96
CA LEU H 126 43.70 -9.25 -51.47
C LEU H 126 44.85 -10.18 -51.09
N GLU H 127 45.87 -9.70 -50.38
CA GLU H 127 47.06 -10.48 -50.11
C GLU H 127 47.62 -10.12 -48.75
N THR H 128 48.06 -11.14 -48.01
CA THR H 128 48.76 -10.96 -46.75
C THR H 128 50.26 -11.00 -47.02
N LYS H 129 50.95 -9.91 -46.69
CA LYS H 129 52.38 -9.84 -46.93
C LYS H 129 53.03 -8.93 -45.91
N THR H 130 54.33 -9.12 -45.72
CA THR H 130 55.15 -8.32 -44.83
C THR H 130 55.97 -7.34 -45.65
N ILE H 131 56.30 -6.20 -45.06
CA ILE H 131 57.06 -5.18 -45.77
C ILE H 131 58.44 -5.73 -46.13
N GLY H 132 58.87 -5.45 -47.35
CA GLY H 132 60.02 -6.08 -47.95
C GLY H 132 61.34 -5.45 -47.56
N GLU H 133 62.37 -5.78 -48.35
CA GLU H 133 63.73 -5.35 -48.04
C GLU H 133 63.87 -3.83 -48.07
N ASN H 134 63.25 -3.19 -49.06
CA ASN H 134 63.38 -1.75 -49.27
C ASN H 134 62.34 -0.97 -48.49
N GLU H 135 61.83 -1.51 -47.38
CA GLU H 135 60.76 -0.90 -46.60
C GLU H 135 59.53 -0.65 -47.47
N THR H 136 59.27 -1.56 -48.41
CA THR H 136 58.10 -1.46 -49.28
C THR H 136 57.65 -2.86 -49.65
N VAL H 137 56.37 -2.96 -50.03
CA VAL H 137 55.80 -4.21 -50.52
C VAL H 137 54.55 -3.87 -51.32
N ASP H 138 54.38 -4.56 -52.44
CA ASP H 138 53.24 -4.35 -53.33
C ASP H 138 52.18 -5.42 -53.04
N ILE H 139 51.00 -4.97 -52.62
CA ILE H 139 49.89 -5.85 -52.29
C ILE H 139 48.73 -5.50 -53.20
N LYS H 140 48.15 -6.52 -53.85
CA LYS H 140 46.98 -6.31 -54.66
C LYS H 140 45.74 -6.18 -53.77
N ALA H 141 44.79 -5.37 -54.23
CA ALA H 141 43.58 -5.09 -53.47
C ALA H 141 42.42 -4.92 -54.43
N GLU H 142 41.21 -5.14 -53.91
CA GLU H 142 39.98 -5.00 -54.66
C GLU H 142 39.16 -3.82 -54.13
N SER H 143 38.11 -3.50 -54.88
CA SER H 143 37.12 -2.53 -54.44
C SER H 143 36.03 -3.24 -53.66
N ARG H 144 35.73 -2.74 -52.46
CA ARG H 144 34.68 -3.34 -51.65
C ARG H 144 33.33 -3.22 -52.33
N ILE H 145 33.13 -2.17 -53.13
CA ILE H 145 31.87 -1.92 -53.83
C ILE H 145 32.10 -2.22 -55.30
N VAL H 146 31.34 -3.17 -55.83
CA VAL H 146 31.38 -3.44 -57.26
C VAL H 146 30.82 -2.24 -58.01
N GLY H 147 31.48 -1.87 -59.10
CA GLY H 147 31.07 -0.76 -59.93
C GLY H 147 32.22 0.20 -60.18
N THR H 148 31.92 1.25 -60.95
CA THR H 148 32.93 2.20 -61.35
C THR H 148 33.51 2.98 -60.18
N ILE H 149 32.85 2.97 -59.02
CA ILE H 149 33.37 3.65 -57.84
C ILE H 149 34.74 3.07 -57.46
N GLY H 150 34.93 1.77 -57.69
CA GLY H 150 36.22 1.17 -57.38
C GLY H 150 37.36 1.73 -58.20
N ASN H 151 37.09 2.11 -59.46
CA ASN H 151 38.13 2.56 -60.38
C ASN H 151 38.56 3.98 -60.00
N VAL H 152 39.26 4.07 -58.87
CA VAL H 152 39.80 5.34 -58.39
C VAL H 152 41.17 5.56 -59.02
N SER H 153 41.65 6.80 -58.95
CA SER H 153 42.92 7.16 -59.58
C SER H 153 44.08 6.67 -58.73
N LYS H 154 45.30 7.00 -59.17
CA LYS H 154 46.51 6.61 -58.47
C LYS H 154 46.82 7.64 -57.38
N GLY H 155 47.38 7.15 -56.28
CA GLY H 155 47.69 7.99 -55.14
C GLY H 155 46.50 8.33 -54.26
N SER H 156 45.29 7.93 -54.64
CA SER H 156 44.12 8.29 -53.86
C SER H 156 44.05 7.47 -52.57
N ILE H 157 44.42 6.19 -52.63
CA ILE H 157 44.31 5.31 -51.48
C ILE H 157 45.54 5.49 -50.59
N SER H 158 45.46 6.45 -49.66
CA SER H 158 46.51 6.71 -48.69
C SER H 158 45.99 6.62 -47.26
N VAL H 159 44.86 5.95 -47.05
CA VAL H 159 44.18 5.90 -45.76
C VAL H 159 44.03 4.44 -45.35
N LEU H 160 44.50 4.11 -44.15
CA LEU H 160 44.33 2.79 -43.55
C LEU H 160 43.42 2.93 -42.35
N LEU H 161 42.39 2.07 -42.28
CA LEU H 161 41.43 2.09 -41.20
C LEU H 161 41.83 1.08 -40.14
N GLY H 162 41.86 1.51 -38.89
CA GLY H 162 42.30 0.71 -37.77
C GLY H 162 43.67 1.16 -37.27
N SER H 163 43.96 0.77 -36.03
CA SER H 163 45.20 1.16 -35.38
C SER H 163 46.26 0.10 -35.67
N ILE H 164 47.08 0.37 -36.69
CA ILE H 164 48.24 -0.45 -37.02
C ILE H 164 49.43 0.50 -37.18
N SER H 165 50.45 0.31 -36.34
CA SER H 165 51.68 1.08 -36.42
C SER H 165 52.68 0.34 -37.30
N GLY H 166 53.86 0.91 -37.45
CA GLY H 166 54.92 0.36 -38.27
C GLY H 166 54.79 0.73 -39.74
N VAL H 167 53.57 0.67 -40.29
CA VAL H 167 53.34 1.14 -41.64
C VAL H 167 53.50 2.65 -41.67
N LYS H 168 54.38 3.13 -42.54
CA LYS H 168 54.66 4.55 -42.66
C LYS H 168 53.71 5.23 -43.64
N SER H 169 53.48 4.61 -44.79
CA SER H 169 52.56 5.18 -45.77
C SER H 169 52.14 4.08 -46.75
N ILE H 170 51.03 4.34 -47.43
CA ILE H 170 50.49 3.44 -48.44
C ILE H 170 50.00 4.29 -49.60
N THR H 171 50.04 3.72 -50.79
CA THR H 171 49.62 4.45 -51.98
C THR H 171 49.30 3.47 -53.09
N ASN H 172 48.45 3.91 -54.02
CA ASN H 172 48.11 3.15 -55.22
C ASN H 172 48.81 3.82 -56.40
N LYS H 173 49.83 3.15 -56.93
CA LYS H 173 50.57 3.72 -58.06
C LYS H 173 49.73 3.78 -59.32
N GLU H 174 48.75 2.90 -59.45
CA GLU H 174 47.95 2.75 -60.67
C GLU H 174 46.51 3.15 -60.41
N ASP H 175 45.94 3.90 -61.35
CA ASP H 175 44.50 4.09 -61.38
C ASP H 175 43.85 2.74 -61.60
N PHE H 176 42.99 2.32 -60.68
CA PHE H 176 42.49 0.96 -60.72
C PHE H 176 41.60 0.74 -61.93
N ARG H 177 41.54 -0.52 -62.35
CA ARG H 177 40.91 -0.94 -63.58
C ARG H 177 39.84 -1.98 -63.27
N GLY H 178 39.03 -2.28 -64.27
CA GLY H 178 37.86 -3.11 -64.05
C GLY H 178 36.76 -2.26 -63.45
N GLY H 179 36.22 -2.72 -62.31
CA GLY H 179 35.20 -1.97 -61.62
C GLY H 179 33.98 -1.75 -62.48
N THR H 180 33.50 -2.83 -63.10
CA THR H 180 32.32 -2.74 -63.95
C THR H 180 31.08 -2.65 -63.09
N ASP H 181 30.16 -1.78 -63.52
CA ASP H 181 28.83 -1.70 -62.92
C ASP H 181 27.90 -2.66 -63.68
N ILE H 182 26.63 -2.64 -63.31
CA ILE H 182 25.64 -3.45 -64.02
C ILE H 182 25.52 -2.95 -65.45
N GLU H 183 25.31 -3.88 -66.38
CA GLU H 183 25.06 -3.50 -67.76
C GLU H 183 23.79 -2.66 -67.85
N ASP H 184 23.82 -1.64 -68.69
CA ASP H 184 22.70 -0.74 -68.84
C ASP H 184 21.55 -1.42 -69.56
N GLU H 185 20.35 -0.84 -69.39
CA GLU H 185 19.20 -1.31 -70.16
C GLU H 185 19.44 -1.15 -71.65
N GLU H 186 20.03 -0.02 -72.05
CA GLU H 186 20.23 0.26 -73.47
C GLU H 186 21.11 -0.80 -74.12
N HIS H 187 22.25 -1.11 -73.50
CA HIS H 187 23.12 -2.15 -74.04
C HIS H 187 22.41 -3.50 -74.04
N PHE H 188 21.75 -3.82 -72.93
CA PHE H 188 21.08 -5.12 -72.83
C PHE H 188 19.98 -5.27 -73.86
N ARG H 189 19.24 -4.18 -74.12
CA ARG H 189 18.14 -4.26 -75.08
C ARG H 189 18.63 -4.59 -76.47
N GLU H 190 19.73 -3.98 -76.90
CA GLU H 190 20.28 -4.31 -78.21
C GLU H 190 20.72 -5.76 -78.28
N ARG H 191 21.37 -6.25 -77.22
CA ARG H 191 21.79 -7.64 -77.21
C ARG H 191 20.60 -8.57 -77.28
N VAL H 192 19.53 -8.26 -76.55
CA VAL H 192 18.31 -9.05 -76.66
C VAL H 192 17.71 -8.90 -78.05
N LEU H 193 17.66 -7.67 -78.56
CA LEU H 193 17.13 -7.45 -79.90
C LEU H 193 17.97 -8.14 -80.96
N VAL H 194 19.30 -8.10 -80.80
CA VAL H 194 20.18 -8.76 -81.75
C VAL H 194 19.93 -10.26 -81.75
N ALA H 195 19.85 -10.85 -80.55
CA ALA H 195 19.61 -12.28 -80.45
C ALA H 195 18.24 -12.65 -81.02
N GLU H 196 17.24 -11.81 -80.78
CA GLU H 196 15.91 -12.07 -81.32
C GLU H 196 15.91 -12.06 -82.84
N GLN H 197 16.58 -11.08 -83.43
CA GLN H 197 16.55 -10.95 -84.88
C GLN H 197 17.52 -11.91 -85.56
N GLU H 198 18.71 -12.07 -85.01
CA GLU H 198 19.71 -12.96 -85.60
C GLU H 198 19.20 -14.39 -85.58
N ASP H 199 19.36 -15.08 -86.71
CA ASP H 199 18.93 -16.48 -86.78
C ASP H 199 19.72 -17.34 -85.81
N LYS H 200 21.03 -17.12 -85.72
CA LYS H 200 21.91 -17.84 -84.81
C LYS H 200 21.84 -19.35 -85.06
N LEU H 201 22.02 -19.73 -86.32
CA LEU H 201 22.14 -21.12 -86.70
C LEU H 201 23.56 -21.60 -86.37
N SER H 202 23.94 -22.76 -86.88
CA SER H 202 25.31 -23.22 -86.75
C SER H 202 25.65 -24.07 -87.96
N GLY H 203 26.73 -23.70 -88.65
CA GLY H 203 27.13 -24.32 -89.88
C GLY H 203 26.74 -23.55 -91.13
N ALA H 204 25.80 -22.61 -91.03
CA ALA H 204 25.41 -21.81 -92.17
C ALA H 204 26.43 -20.72 -92.44
N SER H 205 26.24 -20.02 -93.56
CA SER H 205 27.22 -19.02 -94.00
C SER H 205 27.35 -17.87 -92.99
N SER H 206 26.24 -17.49 -92.36
CA SER H 206 26.29 -16.40 -91.40
C SER H 206 27.20 -16.74 -90.23
N ASP H 207 27.13 -17.99 -89.75
CA ASP H 207 28.01 -18.40 -88.66
C ASP H 207 29.47 -18.35 -89.09
N TYR H 208 29.75 -18.76 -90.32
CA TYR H 208 31.10 -18.66 -90.85
C TYR H 208 31.57 -17.21 -90.86
N ILE H 209 30.68 -16.30 -91.28
CA ILE H 209 30.99 -14.88 -91.20
C ILE H 209 31.20 -14.47 -89.75
N ARG H 210 30.33 -14.94 -88.86
CA ARG H 210 30.45 -14.61 -87.45
C ARG H 210 31.77 -15.10 -86.87
N TRP H 211 32.15 -16.34 -87.19
CA TRP H 211 33.43 -16.85 -86.71
C TRP H 211 34.59 -16.08 -87.31
N ALA H 212 34.49 -15.71 -88.59
CA ALA H 212 35.53 -14.91 -89.21
C ALA H 212 35.66 -13.55 -88.53
N LYS H 213 34.52 -12.88 -88.30
CA LYS H 213 34.56 -11.58 -87.64
C LYS H 213 34.99 -11.69 -86.17
N GLU H 214 34.82 -12.85 -85.55
CA GLU H 214 35.33 -13.04 -84.20
C GLU H 214 36.85 -12.92 -84.16
N VAL H 215 37.53 -13.33 -85.23
CA VAL H 215 38.97 -13.17 -85.30
C VAL H 215 39.30 -11.69 -85.40
N ASP H 216 40.23 -11.24 -84.57
CA ASP H 216 40.61 -9.83 -84.57
C ASP H 216 41.25 -9.44 -85.89
N GLY H 217 40.99 -8.20 -86.30
CA GLY H 217 41.46 -7.69 -87.57
C GLY H 217 40.53 -7.92 -88.73
N VAL H 218 39.57 -8.84 -88.59
CA VAL H 218 38.62 -9.13 -89.66
C VAL H 218 37.53 -8.08 -89.63
N GLY H 219 37.62 -7.10 -90.53
CA GLY H 219 36.61 -6.08 -90.61
C GLY H 219 35.31 -6.62 -91.15
N TYR H 220 35.36 -7.21 -92.35
CA TYR H 220 34.19 -7.71 -93.04
C TYR H 220 34.53 -9.07 -93.65
N ALA H 221 33.56 -9.98 -93.58
CA ALA H 221 33.72 -11.34 -94.07
C ALA H 221 32.53 -11.72 -94.93
N TYR H 222 32.80 -12.48 -95.98
CA TYR H 222 31.79 -12.97 -96.90
C TYR H 222 32.06 -14.44 -97.20
N VAL H 223 31.00 -15.23 -97.27
CA VAL H 223 31.09 -16.68 -97.40
C VAL H 223 30.32 -17.11 -98.64
N VAL H 224 30.91 -18.01 -99.41
CA VAL H 224 30.27 -18.61 -100.58
C VAL H 224 30.08 -20.09 -100.30
N SER H 225 28.82 -20.51 -100.23
CA SER H 225 28.50 -21.93 -100.15
C SER H 225 28.59 -22.56 -101.52
N GLU H 226 29.10 -23.78 -101.57
CA GLU H 226 29.11 -24.58 -102.79
C GLU H 226 29.96 -23.93 -103.88
N TRP H 227 31.01 -23.20 -103.49
CA TRP H 227 31.87 -22.56 -104.47
C TRP H 227 32.56 -23.59 -105.38
N ALA H 228 32.80 -24.80 -104.86
CA ALA H 228 33.43 -25.87 -105.61
C ALA H 228 32.64 -27.17 -105.46
N GLY H 229 31.32 -27.05 -105.36
CA GLY H 229 30.46 -28.21 -105.27
C GLY H 229 30.15 -28.60 -103.85
N ALA H 230 29.57 -29.80 -103.73
CA ALA H 230 29.12 -30.32 -102.45
C ALA H 230 30.30 -30.47 -101.49
N GLY H 231 30.11 -30.03 -100.25
CA GLY H 231 31.14 -30.11 -99.24
C GLY H 231 32.14 -28.96 -99.23
N THR H 232 32.06 -28.05 -100.19
CA THR H 232 33.06 -27.00 -100.38
C THR H 232 32.51 -25.67 -99.91
N VAL H 233 33.30 -24.95 -99.10
CA VAL H 233 32.93 -23.65 -98.57
C VAL H 233 34.11 -22.71 -98.74
N LYS H 234 33.83 -21.44 -99.05
CA LYS H 234 34.83 -20.40 -99.17
C LYS H 234 34.50 -19.28 -98.19
N VAL H 235 35.55 -18.68 -97.64
CA VAL H 235 35.45 -17.53 -96.75
C VAL H 235 36.29 -16.41 -97.34
N LEU H 236 35.72 -15.22 -97.42
CA LEU H 236 36.34 -14.07 -98.06
C LEU H 236 36.33 -12.92 -97.07
N ILE H 237 37.50 -12.60 -96.52
CA ILE H 237 37.62 -11.67 -95.42
C ILE H 237 38.34 -10.41 -95.89
N LEU H 238 38.14 -9.33 -95.13
CA LEU H 238 38.73 -8.03 -95.42
C LEU H 238 39.16 -7.39 -94.12
N ASP H 239 40.11 -6.46 -94.21
CA ASP H 239 40.58 -5.75 -93.05
C ASP H 239 39.52 -4.75 -92.58
N LYS H 240 39.88 -3.96 -91.57
CA LYS H 240 38.94 -2.98 -91.02
C LYS H 240 38.58 -1.92 -92.06
N ASN H 241 39.46 -1.65 -93.02
CA ASN H 241 39.21 -0.69 -94.07
C ASN H 241 38.51 -1.28 -95.28
N ARG H 242 38.06 -2.54 -95.19
CA ARG H 242 37.40 -3.22 -96.31
C ARG H 242 38.33 -3.39 -97.50
N LYS H 243 39.64 -3.42 -97.26
CA LYS H 243 40.63 -3.71 -98.27
C LYS H 243 41.00 -5.19 -98.20
N ALA H 244 41.95 -5.59 -99.03
CA ALA H 244 42.37 -6.99 -99.07
C ALA H 244 42.96 -7.39 -97.73
N ALA H 245 42.40 -8.43 -97.13
CA ALA H 245 42.87 -8.89 -95.82
C ALA H 245 44.28 -9.43 -95.93
N THR H 246 45.06 -9.19 -94.86
CA THR H 246 46.41 -9.71 -94.80
C THR H 246 46.39 -11.23 -94.76
N GLN H 247 47.46 -11.84 -95.26
CA GLN H 247 47.51 -13.30 -95.31
C GLN H 247 47.52 -13.89 -93.90
N GLU H 248 48.17 -13.22 -92.94
CA GLU H 248 48.15 -13.68 -91.56
C GLU H 248 46.73 -13.72 -91.04
N LEU H 249 45.92 -12.70 -91.38
CA LEU H 249 44.51 -12.71 -91.01
C LEU H 249 43.80 -13.91 -91.63
N ILE H 250 44.12 -14.22 -92.89
CA ILE H 250 43.57 -15.42 -93.52
C ILE H 250 44.05 -16.66 -92.77
N ASP H 251 45.33 -16.69 -92.40
CA ASP H 251 45.86 -17.80 -91.63
C ASP H 251 45.18 -17.90 -90.27
N LYS H 252 44.98 -16.76 -89.60
CA LYS H 252 44.30 -16.76 -88.32
C LYS H 252 42.88 -17.28 -88.46
N VAL H 253 42.15 -16.80 -89.47
CA VAL H 253 40.80 -17.28 -89.70
C VAL H 253 40.81 -18.74 -90.11
N GLN H 254 41.82 -19.14 -90.90
CA GLN H 254 41.96 -20.54 -91.27
C GLN H 254 42.13 -21.40 -90.04
N GLU H 255 43.09 -21.06 -89.17
CA GLU H 255 43.27 -21.82 -87.95
C GLU H 255 42.04 -21.73 -87.05
N TYR H 256 41.35 -20.60 -87.07
CA TYR H 256 40.17 -20.45 -86.21
C TYR H 256 39.05 -21.38 -86.66
N ILE H 257 38.80 -21.47 -87.97
CA ILE H 257 37.61 -22.12 -88.49
C ILE H 257 37.91 -23.47 -89.15
N TYR H 258 39.07 -23.62 -89.80
CA TYR H 258 39.33 -24.82 -90.58
C TYR H 258 40.84 -25.02 -90.75
N PRO H 259 41.54 -25.46 -89.71
CA PRO H 259 42.98 -25.68 -89.85
C PRO H 259 43.29 -26.70 -90.93
N LEU H 260 44.33 -26.39 -91.73
CA LEU H 260 44.77 -27.32 -92.76
C LEU H 260 45.57 -28.47 -92.17
N ASN H 261 46.38 -28.18 -91.15
CA ASN H 261 47.06 -29.24 -90.42
C ASN H 261 46.04 -30.10 -89.68
N ILE H 262 46.38 -31.37 -89.50
CA ILE H 262 45.47 -32.36 -88.96
C ILE H 262 46.19 -33.18 -87.89
N SER H 263 45.39 -33.78 -87.02
CA SER H 263 45.89 -34.70 -85.99
C SER H 263 44.84 -35.77 -85.78
N GLU H 264 45.29 -36.90 -85.22
CA GLU H 264 44.37 -38.02 -85.02
C GLU H 264 43.27 -37.66 -84.02
N GLY H 265 43.64 -36.98 -82.93
CA GLY H 265 42.65 -36.51 -81.98
C GLY H 265 41.97 -35.26 -82.48
N GLU H 266 42.77 -34.23 -82.81
CA GLU H 266 42.27 -33.01 -83.41
C GLU H 266 42.26 -33.21 -84.92
N ASN H 267 41.12 -33.66 -85.45
CA ASN H 267 40.97 -33.74 -86.89
C ASN H 267 41.18 -32.36 -87.52
N ARG H 268 40.31 -31.42 -87.20
CA ARG H 268 40.56 -30.00 -87.42
C ARG H 268 40.25 -29.16 -86.19
N ASP H 269 39.21 -29.52 -85.43
CA ASP H 269 38.81 -28.79 -84.22
C ASP H 269 38.50 -27.32 -84.52
N GLY H 270 38.09 -27.02 -85.75
CA GLY H 270 37.66 -25.68 -86.10
C GLY H 270 36.19 -25.47 -85.81
N LYS H 271 35.77 -24.21 -85.94
CA LYS H 271 34.37 -23.89 -85.71
C LYS H 271 33.45 -24.53 -86.75
N ALA H 272 33.97 -24.86 -87.93
CA ALA H 272 33.14 -25.44 -88.97
C ALA H 272 32.77 -26.88 -88.58
N PRO H 273 31.69 -27.42 -89.17
CA PRO H 273 31.32 -28.80 -88.87
C PRO H 273 32.34 -29.78 -89.46
N ILE H 274 32.21 -31.04 -89.04
CA ILE H 274 32.97 -32.11 -89.66
C ILE H 274 32.38 -32.39 -91.04
N GLY H 275 33.26 -32.73 -91.99
CA GLY H 275 32.87 -32.97 -93.35
C GLY H 275 32.92 -31.75 -94.25
N ALA H 276 32.96 -30.56 -93.68
CA ALA H 276 33.09 -29.36 -94.50
C ALA H 276 34.49 -29.27 -95.09
N LEU H 277 34.58 -28.50 -96.18
CA LEU H 277 35.84 -28.24 -96.86
C LEU H 277 35.88 -26.72 -97.07
N VAL H 278 36.42 -26.02 -96.08
CA VAL H 278 36.31 -24.56 -95.99
C VAL H 278 37.59 -23.95 -96.51
N THR H 279 37.45 -22.93 -97.36
CA THR H 279 38.55 -22.16 -97.91
C THR H 279 38.48 -20.74 -97.37
N VAL H 280 39.63 -20.18 -97.04
CA VAL H 280 39.75 -18.84 -96.48
C VAL H 280 40.69 -18.03 -97.36
N VAL H 281 40.16 -16.95 -97.93
CA VAL H 281 40.90 -16.05 -98.81
C VAL H 281 40.43 -14.63 -98.53
N THR H 282 40.97 -13.67 -99.31
CA THR H 282 40.46 -12.31 -99.36
C THR H 282 39.86 -12.04 -100.74
N PRO H 283 38.73 -11.35 -100.84
CA PRO H 283 38.06 -11.20 -102.14
C PRO H 283 38.69 -10.12 -102.99
N ASP H 284 38.15 -9.95 -104.19
CA ASP H 284 38.53 -8.86 -105.06
C ASP H 284 37.82 -7.59 -104.61
N THR H 285 38.61 -6.58 -104.23
CA THR H 285 38.08 -5.34 -103.66
C THR H 285 37.88 -4.33 -104.78
N LEU H 286 36.63 -4.22 -105.24
CA LEU H 286 36.26 -3.26 -106.27
C LEU H 286 35.84 -1.96 -105.60
N LEU H 287 36.68 -0.94 -105.68
CA LEU H 287 36.37 0.35 -105.08
C LEU H 287 35.30 1.07 -105.87
N ILE H 288 34.44 1.80 -105.17
CA ILE H 288 33.40 2.63 -105.78
C ILE H 288 33.55 4.02 -105.15
N ASN H 289 34.30 4.89 -105.83
CA ASN H 289 34.61 6.21 -105.31
C ASN H 289 33.51 7.18 -105.69
N VAL H 290 32.85 7.74 -104.69
CA VAL H 290 31.76 8.68 -104.89
C VAL H 290 32.32 10.08 -105.02
N LYS H 291 31.73 10.87 -105.92
CA LYS H 291 32.12 12.26 -106.11
C LYS H 291 30.85 13.09 -106.28
N ALA H 292 30.71 14.12 -105.44
CA ALA H 292 29.53 14.97 -105.44
C ALA H 292 29.93 16.38 -105.07
N SER H 293 29.08 17.33 -105.42
CA SER H 293 29.25 18.73 -105.02
C SER H 293 28.65 18.93 -103.63
N PHE H 294 29.35 18.42 -102.64
CA PHE H 294 28.90 18.53 -101.26
C PHE H 294 28.93 19.98 -100.79
N ILE H 295 27.91 20.34 -100.01
CA ILE H 295 27.87 21.62 -99.31
C ILE H 295 27.67 21.32 -97.84
N PHE H 296 28.54 21.88 -97.00
CA PHE H 296 28.68 21.47 -95.61
C PHE H 296 28.09 22.51 -94.67
N SER H 297 27.67 22.03 -93.50
CA SER H 297 26.98 22.84 -92.51
C SER H 297 27.97 23.34 -91.46
N ASN H 298 27.45 24.15 -90.54
CA ASN H 298 28.26 24.70 -89.46
C ASN H 298 28.49 23.65 -88.37
N GLY H 299 29.49 23.92 -87.53
CA GLY H 299 29.78 23.02 -86.44
C GLY H 299 30.26 21.65 -86.85
N PHE H 300 30.82 21.52 -88.05
CA PHE H 300 31.29 20.24 -88.54
C PHE H 300 32.53 20.45 -89.39
N SER H 301 33.38 19.42 -89.43
CA SER H 301 34.56 19.41 -90.27
C SER H 301 34.28 18.56 -91.50
N GLU H 302 34.66 19.08 -92.67
CA GLU H 302 34.37 18.38 -93.92
C GLU H 302 35.05 17.01 -93.96
N GLU H 303 36.32 16.95 -93.56
CA GLU H 303 37.02 15.67 -93.54
C GLU H 303 36.37 14.70 -92.56
N THR H 304 35.94 15.19 -91.40
CA THR H 304 35.23 14.33 -90.47
C THR H 304 33.89 13.88 -91.04
N VAL H 305 33.17 14.80 -91.67
CA VAL H 305 31.87 14.46 -92.25
C VAL H 305 32.06 13.44 -93.37
N LEU H 306 33.08 13.62 -94.20
CA LEU H 306 33.35 12.66 -95.26
C LEU H 306 33.66 11.27 -94.69
N ASN H 307 34.47 11.23 -93.62
CA ASN H 307 34.74 9.95 -92.97
C ASN H 307 33.47 9.34 -92.39
N ASN H 308 32.59 10.16 -91.83
CA ASN H 308 31.30 9.66 -91.38
C ASN H 308 30.48 9.13 -92.55
N LEU H 309 30.46 9.87 -93.66
CA LEU H 309 29.78 9.37 -94.86
C LEU H 309 30.46 8.12 -95.39
N LYS H 310 31.79 8.05 -95.27
CA LYS H 310 32.50 6.83 -95.61
C LYS H 310 32.04 5.67 -94.74
N THR H 311 31.90 5.91 -93.43
CA THR H 311 31.42 4.86 -92.54
C THR H 311 29.99 4.46 -92.87
N LYS H 312 29.14 5.45 -93.17
CA LYS H 312 27.75 5.15 -93.51
C LYS H 312 27.68 4.33 -94.79
N ILE H 313 28.36 4.78 -95.85
CA ILE H 313 28.37 4.01 -97.08
C ILE H 313 29.06 2.68 -96.86
N ASP H 314 30.10 2.65 -96.02
CA ASP H 314 30.76 1.40 -95.69
C ASP H 314 29.79 0.41 -95.07
N LYS H 315 28.88 0.90 -94.22
CA LYS H 315 27.82 0.04 -93.71
C LYS H 315 26.91 -0.42 -94.84
N TYR H 316 26.61 0.46 -95.79
CA TYR H 316 25.77 0.07 -96.92
C TYR H 316 26.44 -0.99 -97.77
N LEU H 317 27.77 -1.00 -97.82
CA LEU H 317 28.46 -2.06 -98.57
C LEU H 317 28.22 -3.43 -97.93
N ASP H 318 28.11 -3.49 -96.60
CA ASP H 318 27.70 -4.73 -95.96
C ASP H 318 26.30 -5.12 -96.39
N LYS H 319 25.39 -4.15 -96.46
CA LYS H 319 24.06 -4.43 -96.99
C LYS H 319 24.14 -4.92 -98.44
N ILE H 320 25.11 -4.41 -99.19
CA ILE H 320 25.32 -4.91 -100.54
C ILE H 320 25.89 -6.31 -100.46
N ASP H 321 25.24 -7.25 -101.15
CA ASP H 321 25.66 -8.64 -101.11
C ASP H 321 26.95 -8.83 -101.90
N LEU H 322 27.64 -9.93 -101.62
CA LEU H 322 28.78 -10.33 -102.42
C LEU H 322 28.30 -10.59 -103.85
N GLY H 323 28.89 -9.87 -104.80
CA GLY H 323 28.40 -9.94 -106.17
C GLY H 323 27.07 -9.26 -106.39
N GLY H 324 26.68 -8.34 -105.52
CA GLY H 324 25.42 -7.65 -105.63
C GLY H 324 25.50 -6.44 -106.54
N THR H 325 24.48 -5.59 -106.44
CA THR H 325 24.37 -4.38 -107.24
C THR H 325 24.43 -3.17 -106.33
N VAL H 326 25.37 -2.27 -106.61
CA VAL H 326 25.47 -1.00 -105.88
C VAL H 326 24.49 -0.02 -106.49
N SER H 327 23.58 0.50 -105.66
CA SER H 327 22.48 1.35 -106.12
C SER H 327 22.86 2.81 -105.94
N TYR H 328 22.81 3.56 -107.05
CA TYR H 328 22.97 5.01 -106.96
C TYR H 328 21.87 5.63 -106.13
N ASN H 329 20.64 5.10 -106.25
CA ASN H 329 19.53 5.60 -105.46
C ASN H 329 19.77 5.39 -103.96
N ALA H 330 20.31 4.23 -103.59
CA ALA H 330 20.63 4.00 -102.20
C ALA H 330 21.71 4.97 -101.71
N ILE H 331 22.70 5.26 -102.56
CA ILE H 331 23.75 6.18 -102.15
C ILE H 331 23.18 7.59 -102.02
N GLN H 332 22.20 7.94 -102.84
CA GLN H 332 21.48 9.19 -102.62
C GLN H 332 20.83 9.19 -101.25
N ALA H 333 20.30 8.04 -100.83
CA ALA H 333 19.66 7.95 -99.52
C ALA H 333 20.67 8.20 -98.40
N ILE H 334 21.85 7.58 -98.50
CA ILE H 334 22.85 7.74 -97.44
C ILE H 334 23.34 9.18 -97.40
N VAL H 335 23.58 9.79 -98.56
CA VAL H 335 24.10 11.15 -98.59
C VAL H 335 23.06 12.12 -98.05
N GLY H 336 21.82 12.02 -98.54
CA GLY H 336 20.79 12.94 -98.09
C GLY H 336 20.41 12.75 -96.64
N SER H 337 20.45 11.51 -96.14
CA SER H 337 20.17 11.26 -94.73
C SER H 337 21.15 11.99 -93.82
N MET H 338 22.39 12.15 -94.26
CA MET H 338 23.33 12.97 -93.52
C MET H 338 22.82 14.40 -93.38
N MET H 339 22.15 14.90 -94.42
CA MET H 339 21.57 16.24 -94.35
C MET H 339 20.34 16.26 -93.45
N LEU H 340 19.46 15.27 -93.61
CA LEU H 340 18.26 15.20 -92.78
C LEU H 340 18.62 15.02 -91.31
N THR H 341 19.74 14.35 -91.03
CA THR H 341 20.24 14.23 -89.67
C THR H 341 21.07 15.43 -89.24
N ASP H 342 21.23 16.44 -90.10
CA ASP H 342 21.97 17.67 -89.78
C ASP H 342 23.43 17.36 -89.47
N GLU H 343 23.96 16.29 -90.06
CA GLU H 343 25.29 15.80 -89.71
C GLU H 343 26.35 16.40 -90.64
N GLY H 344 26.42 17.73 -90.63
CA GLY H 344 27.49 18.45 -91.28
C GLY H 344 27.32 18.69 -92.75
N ILE H 345 26.21 18.27 -93.36
CA ILE H 345 25.92 18.50 -94.77
C ILE H 345 24.61 19.27 -94.85
N GLU H 346 24.63 20.39 -95.57
CA GLU H 346 23.45 21.22 -95.78
C GLU H 346 22.83 21.00 -97.15
N ASP H 347 23.66 20.80 -98.17
CA ASP H 347 23.17 20.55 -99.52
C ASP H 347 24.19 19.70 -100.25
N PHE H 348 23.73 19.01 -101.29
CA PHE H 348 24.62 18.24 -102.15
C PHE H 348 24.01 18.15 -103.53
N SER H 349 24.86 17.87 -104.52
CA SER H 349 24.42 17.78 -105.90
C SER H 349 25.55 17.20 -106.73
N ASN H 350 25.23 16.85 -107.97
CA ASN H 350 26.19 16.31 -108.94
C ASN H 350 26.86 15.04 -108.42
N LEU H 351 26.12 14.23 -107.67
CA LEU H 351 26.69 13.02 -107.12
C LEU H 351 26.92 12.00 -108.23
N THR H 352 28.15 11.48 -108.29
CA THR H 352 28.54 10.50 -109.29
C THR H 352 29.40 9.44 -108.63
N ILE H 353 28.97 8.19 -108.69
CA ILE H 353 29.69 7.08 -108.11
C ILE H 353 30.60 6.50 -109.19
N ASN H 354 31.92 6.54 -108.94
CA ASN H 354 32.92 6.29 -109.97
C ASN H 354 32.66 7.16 -111.20
N ASP H 355 32.30 8.42 -110.95
CA ASP H 355 32.08 9.41 -112.00
C ASP H 355 30.96 8.99 -112.96
N VAL H 356 29.99 8.24 -112.47
CA VAL H 356 28.82 7.86 -113.26
C VAL H 356 27.62 7.79 -112.34
N LYS H 357 26.48 8.30 -112.81
CA LYS H 357 25.22 8.24 -112.08
C LYS H 357 24.42 6.99 -112.44
N GLU H 358 25.06 5.83 -112.28
CA GLU H 358 24.49 4.56 -112.70
C GLU H 358 24.76 3.51 -111.63
N ASN H 359 23.82 2.58 -111.48
CA ASN H 359 23.97 1.50 -110.52
C ASN H 359 24.99 0.49 -111.04
N ILE H 360 25.92 0.09 -110.17
CA ILE H 360 27.06 -0.75 -110.55
C ILE H 360 26.81 -2.15 -110.03
N LYS H 361 27.11 -3.14 -110.87
CA LYS H 361 26.89 -4.55 -110.57
C LYS H 361 28.24 -5.20 -110.29
N LEU H 362 28.37 -5.80 -109.10
CA LEU H 362 29.56 -6.56 -108.78
C LEU H 362 29.56 -7.90 -109.52
N GLN H 363 30.73 -8.29 -110.01
CA GLN H 363 30.89 -9.55 -110.73
C GLN H 363 31.42 -10.62 -109.79
N ASP H 364 30.56 -11.00 -108.85
CA ASP H 364 30.90 -11.96 -107.79
C ASP H 364 32.08 -11.46 -106.95
N GLN H 365 32.16 -10.14 -106.77
CA GLN H 365 33.14 -9.49 -105.94
C GLN H 365 32.44 -8.78 -104.78
N VAL H 366 33.25 -8.27 -103.85
CA VAL H 366 32.76 -7.38 -102.80
C VAL H 366 33.16 -5.97 -103.18
N VAL H 367 32.20 -5.05 -103.15
CA VAL H 367 32.52 -3.64 -103.34
C VAL H 367 33.36 -3.17 -102.17
N GLY H 368 34.47 -2.50 -102.49
CA GLY H 368 35.32 -1.87 -101.50
C GLY H 368 34.92 -0.42 -101.34
N ILE H 369 35.19 0.12 -100.14
CA ILE H 369 34.85 1.50 -99.87
C ILE H 369 35.78 2.41 -100.69
N GLY H 370 35.18 3.29 -101.49
CA GLY H 370 35.94 4.21 -102.32
C GLY H 370 36.10 5.56 -101.66
N GLU H 371 36.82 6.43 -102.36
CA GLU H 371 37.11 7.76 -101.84
C GLU H 371 35.94 8.69 -102.14
N ILE H 372 35.47 9.39 -101.11
CA ILE H 372 34.43 10.39 -101.26
C ILE H 372 35.10 11.70 -101.64
N VAL H 373 34.61 12.33 -102.71
CA VAL H 373 35.21 13.53 -103.29
C VAL H 373 34.17 14.65 -103.26
N ASN H 374 34.57 15.80 -102.73
CA ASN H 374 33.76 17.01 -102.80
C ASN H 374 34.09 17.74 -104.09
N GLU H 375 33.08 17.94 -104.93
CA GLU H 375 33.28 18.50 -106.26
C GLU H 375 33.12 20.02 -106.22
N GLU I 2 3.01 65.38 -46.77
CA GLU I 2 2.12 64.77 -47.80
C GLU I 2 0.81 65.53 -47.90
N ARG I 3 -0.03 65.14 -48.85
CA ARG I 3 -1.31 65.81 -49.03
C ARG I 3 -2.22 65.57 -47.83
N GLU I 4 -2.96 66.60 -47.45
CA GLU I 4 -3.92 66.55 -46.36
C GLU I 4 -5.33 66.57 -46.93
N LEU I 5 -6.22 65.83 -46.29
CA LEU I 5 -7.59 65.71 -46.76
C LEU I 5 -8.44 66.78 -46.07
N PRO I 6 -9.03 67.76 -46.80
CA PRO I 6 -9.78 68.81 -46.10
C PRO I 6 -11.13 68.32 -45.59
N ILE I 7 -11.11 67.72 -44.41
CA ILE I 7 -12.33 67.11 -43.85
C ILE I 7 -13.32 68.22 -43.48
N PRO I 8 -14.62 68.04 -43.67
CA PRO I 8 -15.57 69.06 -43.22
C PRO I 8 -15.59 69.19 -41.70
N VAL I 9 -16.00 70.38 -41.25
CA VAL I 9 -15.97 70.68 -39.81
C VAL I 9 -16.94 69.78 -39.05
N PHE I 10 -18.15 69.57 -39.59
CA PHE I 10 -19.14 68.78 -38.88
C PHE I 10 -18.67 67.35 -38.66
N LEU I 11 -17.79 66.86 -39.54
CA LEU I 11 -17.16 65.57 -39.34
C LEU I 11 -16.03 65.62 -38.31
N THR I 12 -15.71 66.80 -37.77
CA THR I 12 -14.67 66.97 -36.76
C THR I 12 -15.16 67.86 -35.64
N GLU I 13 -16.37 67.58 -35.14
CA GLU I 13 -16.90 68.35 -34.02
C GLU I 13 -16.05 68.16 -32.77
N ASP I 14 -15.95 69.22 -31.99
CA ASP I 14 -15.26 69.14 -30.71
C ASP I 14 -16.08 68.30 -29.73
N GLU I 15 -15.38 67.67 -28.79
CA GLU I 15 -16.05 66.93 -27.73
C GLU I 15 -16.96 67.85 -26.93
N ASP I 16 -16.46 69.03 -26.55
CA ASP I 16 -17.28 69.95 -25.78
C ASP I 16 -18.47 70.44 -26.58
N SER I 17 -18.28 70.70 -27.87
CA SER I 17 -19.39 71.09 -28.73
C SER I 17 -20.44 69.99 -28.77
N VAL I 18 -20.01 68.74 -28.85
CA VAL I 18 -20.95 67.62 -28.76
C VAL I 18 -21.61 67.61 -27.40
N HIS I 19 -20.82 67.78 -26.34
CA HIS I 19 -21.38 67.78 -24.99
C HIS I 19 -22.32 68.95 -24.79
N GLU I 20 -21.96 70.13 -25.31
CA GLU I 20 -22.82 71.29 -25.17
C GLU I 20 -24.15 71.06 -25.87
N ARG I 21 -24.11 70.54 -27.10
CA ARG I 21 -25.34 70.17 -27.78
C ARG I 21 -26.07 69.06 -27.03
N MET I 22 -25.32 68.22 -26.31
CA MET I 22 -25.95 67.19 -25.49
C MET I 22 -26.81 67.82 -24.42
N LEU I 23 -26.25 68.78 -23.68
CA LEU I 23 -26.95 69.39 -22.56
C LEU I 23 -28.07 70.33 -22.98
N SER I 24 -28.16 70.66 -24.28
CA SER I 24 -29.16 71.64 -24.71
C SER I 24 -30.58 71.15 -24.47
N ASN I 25 -30.81 69.83 -24.53
CA ASN I 25 -32.16 69.33 -24.42
C ASN I 25 -32.75 69.59 -23.03
N PHE I 26 -31.95 69.44 -21.99
CA PHE I 26 -32.47 69.51 -20.63
C PHE I 26 -32.93 70.92 -20.30
N GLN I 27 -33.96 71.01 -19.47
CA GLN I 27 -34.69 72.26 -19.23
C GLN I 27 -34.85 72.59 -17.74
N ASP I 28 -35.10 71.59 -16.89
CA ASP I 28 -35.43 71.82 -15.48
C ASP I 28 -34.57 70.96 -14.57
N VAL I 29 -33.31 70.72 -14.95
CA VAL I 29 -32.38 69.94 -14.13
C VAL I 29 -31.01 70.60 -14.22
N SER I 30 -30.29 70.57 -13.10
CA SER I 30 -28.95 71.11 -13.08
C SER I 30 -28.06 70.35 -14.05
N THR I 31 -27.50 71.07 -15.02
CA THR I 31 -26.60 70.51 -16.02
C THR I 31 -25.15 70.87 -15.72
N LEU I 32 -24.85 71.19 -14.47
CA LEU I 32 -23.51 71.61 -14.09
C LEU I 32 -22.61 70.41 -13.91
N GLU I 33 -21.30 70.66 -13.93
CA GLU I 33 -20.34 69.60 -13.70
C GLU I 33 -20.51 69.04 -12.29
N GLY I 34 -20.31 67.73 -12.15
CA GLY I 34 -20.60 67.05 -10.92
C GLY I 34 -22.04 66.60 -10.76
N ASP I 35 -22.93 67.02 -11.66
CA ASP I 35 -24.30 66.55 -11.66
C ASP I 35 -24.40 65.23 -12.40
N PHE I 36 -25.51 64.53 -12.19
CA PHE I 36 -25.74 63.28 -12.92
C PHE I 36 -25.80 63.53 -14.41
N ILE I 37 -26.47 64.60 -14.83
CA ILE I 37 -26.64 64.86 -16.25
C ILE I 37 -25.30 65.15 -16.91
N TYR I 38 -24.51 66.04 -16.31
CA TYR I 38 -23.20 66.35 -16.88
C TYR I 38 -22.28 65.15 -16.79
N ASP I 39 -22.19 64.54 -15.62
CA ASP I 39 -21.25 63.44 -15.43
C ASP I 39 -21.61 62.24 -16.29
N ALA I 40 -22.89 61.90 -16.36
CA ALA I 40 -23.30 60.75 -17.15
C ALA I 40 -23.14 60.99 -18.65
N THR I 41 -23.37 62.23 -19.10
CA THR I 41 -23.34 62.51 -20.53
C THR I 41 -21.94 62.78 -21.07
N ARG I 42 -21.00 63.20 -20.23
CA ARG I 42 -19.66 63.50 -20.73
C ARG I 42 -18.96 62.30 -21.36
N PRO I 43 -18.99 61.10 -20.78
CA PRO I 43 -18.39 59.95 -21.49
C PRO I 43 -19.01 59.68 -22.84
N THR I 44 -20.32 59.87 -22.97
CA THR I 44 -20.94 59.69 -24.28
C THR I 44 -20.38 60.67 -25.29
N ALA I 45 -20.26 61.94 -24.90
CA ALA I 45 -19.65 62.93 -25.78
C ALA I 45 -18.22 62.57 -26.09
N GLU I 46 -17.49 62.04 -25.11
CA GLU I 46 -16.11 61.62 -25.34
C GLU I 46 -16.04 60.53 -26.40
N GLN I 47 -16.90 59.52 -26.29
CA GLN I 47 -16.89 58.43 -27.27
C GLN I 47 -17.39 58.90 -28.62
N ILE I 48 -18.45 59.71 -28.64
CA ILE I 48 -19.01 60.18 -29.90
C ILE I 48 -17.98 60.99 -30.67
N ALA I 49 -17.32 61.92 -29.99
CA ALA I 49 -16.27 62.69 -30.65
C ALA I 49 -15.11 61.80 -31.08
N GLU I 50 -14.70 60.87 -30.20
CA GLU I 50 -13.59 59.99 -30.53
C GLU I 50 -13.91 59.10 -31.72
N LEU I 51 -15.11 58.52 -31.74
CA LEU I 51 -15.52 57.72 -32.88
C LEU I 51 -15.58 58.56 -34.14
N LYS I 52 -16.08 59.79 -34.02
CA LYS I 52 -16.17 60.66 -35.18
C LYS I 52 -14.80 60.95 -35.76
N GLN I 53 -13.83 61.23 -34.89
CA GLN I 53 -12.47 61.53 -35.35
C GLN I 53 -11.73 60.26 -35.73
N LEU I 54 -11.49 59.38 -34.76
CA LEU I 54 -10.69 58.19 -35.04
C LEU I 54 -11.40 57.26 -36.00
N GLY I 55 -12.71 57.11 -35.85
CA GLY I 55 -13.44 56.21 -36.71
C GLY I 55 -13.60 56.71 -38.13
N LEU I 56 -14.42 57.74 -38.32
CA LEU I 56 -14.82 58.14 -39.67
C LEU I 56 -13.68 58.77 -40.43
N GLN I 57 -12.99 59.74 -39.82
CA GLN I 57 -11.94 60.45 -40.54
C GLN I 57 -10.81 59.52 -40.94
N ASN I 58 -10.37 58.66 -40.02
CA ASN I 58 -9.33 57.70 -40.36
C ASN I 58 -9.84 56.71 -41.40
N ASN I 59 -11.09 56.25 -41.24
CA ASN I 59 -11.68 55.34 -42.22
C ASN I 59 -11.75 56.00 -43.59
N LEU I 60 -12.21 57.25 -43.63
CA LEU I 60 -12.23 57.97 -44.89
C LEU I 60 -10.83 58.24 -45.40
N LYS I 61 -9.88 58.51 -44.50
CA LYS I 61 -8.53 58.84 -44.92
C LYS I 61 -7.86 57.67 -45.61
N ILE I 62 -7.96 56.47 -45.03
CA ILE I 62 -7.30 55.31 -45.61
C ILE I 62 -7.93 54.89 -46.93
N ALA I 63 -9.16 55.32 -47.20
CA ALA I 63 -9.79 54.99 -48.47
C ALA I 63 -9.02 55.58 -49.65
N PHE I 64 -8.57 56.84 -49.51
CA PHE I 64 -7.89 57.51 -50.61
C PHE I 64 -6.38 57.28 -50.53
N PRO I 65 -5.66 57.22 -51.65
CA PRO I 65 -4.21 57.07 -51.57
C PRO I 65 -3.52 58.28 -50.98
N GLN I 66 -4.16 59.45 -51.00
CA GLN I 66 -3.56 60.65 -50.44
C GLN I 66 -3.34 60.53 -48.94
N THR I 67 -4.10 59.69 -48.24
CA THR I 67 -3.99 59.53 -46.80
C THR I 67 -4.11 58.06 -46.41
N SER I 68 -3.38 57.19 -47.11
CA SER I 68 -3.29 55.77 -46.79
C SER I 68 -1.84 55.41 -46.52
N TYR I 69 -1.65 54.41 -45.65
CA TYR I 69 -0.32 54.07 -45.15
C TYR I 69 0.05 52.61 -45.29
N GLY I 70 -0.89 51.69 -45.09
CA GLY I 70 -0.56 50.28 -44.96
C GLY I 70 -0.90 49.45 -46.17
N THR I 71 -1.41 48.24 -45.92
CA THR I 71 -1.89 47.41 -47.01
C THR I 71 -2.98 48.09 -47.81
N TYR I 72 -3.74 48.99 -47.17
CA TYR I 72 -4.75 49.74 -47.90
C TYR I 72 -4.10 50.59 -48.99
N LEU I 73 -2.97 51.23 -48.67
CA LEU I 73 -2.24 51.97 -49.69
C LEU I 73 -1.75 51.04 -50.79
N GLU I 74 -1.24 49.86 -50.41
CA GLU I 74 -0.76 48.91 -51.41
C GLU I 74 -1.89 48.44 -52.31
N TRP I 75 -3.07 48.21 -51.73
CA TRP I 75 -4.22 47.86 -52.55
C TRP I 75 -4.59 49.00 -53.50
N LEU I 76 -4.57 50.24 -53.01
CA LEU I 76 -4.85 51.37 -53.87
C LEU I 76 -3.80 51.50 -54.97
N GLY I 77 -2.53 51.31 -54.62
CA GLY I 77 -1.49 51.30 -55.64
C GLY I 77 -1.67 50.18 -56.64
N GLU I 78 -2.18 49.03 -56.19
CA GLU I 78 -2.42 47.93 -57.10
C GLU I 78 -3.47 48.27 -58.14
N CYS I 79 -4.56 48.91 -57.71
CA CYS I 79 -5.70 49.15 -58.60
C CYS I 79 -5.31 49.95 -59.83
N LYS I 80 -4.31 50.83 -59.69
CA LYS I 80 -3.78 51.60 -60.80
C LYS I 80 -2.42 51.08 -61.26
N GLY I 81 -2.11 49.82 -60.95
CA GLY I 81 -0.95 49.15 -61.51
C GLY I 81 0.36 49.36 -60.78
N VAL I 82 0.35 50.05 -59.65
CA VAL I 82 1.58 50.35 -58.91
C VAL I 82 1.84 49.24 -57.91
N PHE I 83 3.11 48.88 -57.75
CA PHE I 83 3.52 47.81 -56.85
C PHE I 83 4.76 48.26 -56.10
N LYS I 84 4.77 48.03 -54.79
CA LYS I 84 5.89 48.46 -53.97
C LYS I 84 7.12 47.61 -54.27
N ASN I 85 8.28 48.27 -54.37
CA ASN I 85 9.52 47.54 -54.64
C ASN I 85 9.92 46.72 -53.43
N GLN I 86 10.50 45.56 -53.69
CA GLN I 86 10.83 44.59 -52.66
C GLN I 86 12.29 44.74 -52.23
N PRO I 87 12.66 44.26 -51.04
CA PRO I 87 14.07 44.28 -50.66
C PRO I 87 14.88 43.29 -51.49
N THR I 88 16.20 43.44 -51.41
CA THR I 88 17.11 42.56 -52.13
C THR I 88 18.36 42.34 -51.30
N LYS I 89 19.05 41.24 -51.59
CA LYS I 89 20.29 40.91 -50.91
C LYS I 89 21.45 41.72 -51.48
N ALA I 90 22.36 42.09 -50.59
CA ALA I 90 23.63 42.65 -51.04
C ALA I 90 24.50 41.53 -51.59
N THR I 91 25.49 41.92 -52.39
CA THR I 91 26.33 40.94 -53.07
C THR I 91 27.74 41.50 -53.24
N GLY I 92 28.68 40.58 -53.45
CA GLY I 92 30.05 40.96 -53.72
C GLY I 92 30.95 39.76 -53.64
N VAL I 93 32.26 40.04 -53.61
CA VAL I 93 33.30 39.02 -53.80
C VAL I 93 34.11 38.90 -52.53
N ILE I 94 34.36 37.66 -52.11
CA ILE I 94 35.24 37.34 -51.00
C ILE I 94 36.54 36.81 -51.59
N THR I 95 37.66 37.44 -51.22
CA THR I 95 38.98 36.94 -51.61
C THR I 95 39.45 35.98 -50.54
N PHE I 96 39.36 34.69 -50.81
CA PHE I 96 39.81 33.68 -49.87
C PHE I 96 41.33 33.57 -49.89
N THR I 97 41.86 32.97 -48.83
CA THR I 97 43.30 32.73 -48.74
C THR I 97 43.54 31.51 -47.87
N GLY I 98 44.43 30.63 -48.34
CA GLY I 98 44.76 29.44 -47.59
C GLY I 98 45.53 28.46 -48.44
N VAL I 99 45.67 27.25 -47.90
CA VAL I 99 46.41 26.20 -48.58
C VAL I 99 45.69 25.83 -49.87
N GLN I 100 46.43 25.82 -50.98
CA GLN I 100 45.84 25.43 -52.26
C GLN I 100 45.35 24.00 -52.19
N GLY I 101 44.13 23.78 -52.67
CA GLY I 101 43.45 22.51 -52.57
C GLY I 101 42.43 22.43 -51.45
N THR I 102 42.48 23.35 -50.50
CA THR I 102 41.48 23.38 -49.44
C THR I 102 40.11 23.64 -50.04
N ILE I 103 39.12 22.84 -49.64
CA ILE I 103 37.79 22.86 -50.23
C ILE I 103 36.90 23.76 -49.38
N ILE I 104 36.17 24.65 -50.05
CA ILE I 104 35.14 25.48 -49.43
C ILE I 104 33.88 25.36 -50.27
N THR I 105 32.75 25.14 -49.62
CA THR I 105 31.50 24.85 -50.30
C THR I 105 30.65 26.10 -50.45
N LYS I 106 29.82 26.10 -51.49
CA LYS I 106 28.81 27.14 -51.63
C LYS I 106 27.84 27.05 -50.46
N GLY I 107 27.34 28.20 -50.04
CA GLY I 107 26.40 28.26 -48.95
C GLY I 107 27.01 28.37 -47.57
N THR I 108 28.34 28.34 -47.46
CA THR I 108 28.97 28.44 -46.16
C THR I 108 28.71 29.81 -45.55
N ILE I 109 28.59 29.84 -44.23
CA ILE I 109 28.22 31.05 -43.49
C ILE I 109 29.50 31.77 -43.08
N VAL I 110 29.73 32.94 -43.66
CA VAL I 110 30.84 33.81 -43.30
C VAL I 110 30.25 35.16 -42.90
N THR I 111 30.71 35.71 -41.79
CA THR I 111 30.14 36.89 -41.19
C THR I 111 31.18 37.99 -41.06
N THR I 112 30.72 39.14 -40.61
CA THR I 112 31.60 40.23 -40.23
C THR I 112 32.08 39.98 -38.79
N ILE I 113 32.74 40.97 -38.20
CA ILE I 113 33.22 40.86 -36.83
C ILE I 113 32.09 41.28 -35.89
N ALA I 114 31.58 40.34 -35.11
CA ALA I 114 30.59 40.66 -34.11
C ALA I 114 31.22 41.54 -33.03
N THR I 115 30.45 42.50 -32.53
CA THR I 115 30.91 43.43 -31.51
C THR I 115 29.81 43.61 -30.47
N ASP I 116 30.09 44.45 -29.48
CA ASP I 116 29.06 44.78 -28.49
C ASP I 116 27.88 45.48 -29.14
N GLU I 117 28.15 46.38 -30.09
CA GLU I 117 27.12 47.17 -30.75
C GLU I 117 26.66 46.57 -32.07
N LYS I 118 27.19 45.42 -32.47
CA LYS I 118 26.81 44.80 -33.73
C LYS I 118 26.90 43.29 -33.62
N GLN I 119 25.87 42.61 -34.09
CA GLN I 119 25.90 41.15 -34.20
C GLN I 119 26.68 40.74 -35.45
N SER I 120 26.91 39.43 -35.57
CA SER I 120 27.65 38.91 -36.70
C SER I 120 26.82 39.03 -37.95
N ILE I 121 27.03 40.10 -38.72
CA ILE I 121 26.28 40.26 -39.98
C ILE I 121 26.74 39.18 -40.94
N GLU I 122 25.86 38.20 -41.18
CA GLU I 122 26.23 36.96 -41.84
C GLU I 122 26.10 37.08 -43.35
N PHE I 123 26.91 36.30 -44.06
CA PHE I 123 26.87 36.22 -45.51
C PHE I 123 26.96 34.77 -45.94
N GLU I 124 26.45 34.50 -47.13
CA GLU I 124 26.34 33.15 -47.67
C GLU I 124 27.11 33.08 -48.98
N LEU I 125 28.02 32.11 -49.06
CA LEU I 125 28.80 31.94 -50.28
C LEU I 125 27.90 31.49 -51.42
N LEU I 126 28.06 32.12 -52.58
CA LEU I 126 27.27 31.81 -53.77
C LEU I 126 27.96 30.84 -54.72
N GLU I 127 29.19 30.41 -54.42
CA GLU I 127 29.96 29.60 -55.35
C GLU I 127 30.82 28.61 -54.58
N THR I 128 30.89 27.39 -55.08
CA THR I 128 31.79 26.37 -54.56
C THR I 128 33.07 26.38 -55.39
N LYS I 129 34.20 26.62 -54.73
CA LYS I 129 35.48 26.70 -55.43
C LYS I 129 36.59 26.28 -54.49
N THR I 130 37.70 25.86 -55.09
CA THR I 130 38.91 25.48 -54.38
C THR I 130 39.93 26.61 -54.49
N ILE I 131 40.80 26.70 -53.48
CA ILE I 131 41.80 27.76 -53.47
C ILE I 131 42.73 27.58 -54.65
N GLY I 132 43.06 28.69 -55.32
CA GLY I 132 43.73 28.68 -56.59
C GLY I 132 45.24 28.56 -56.50
N GLU I 133 45.90 28.89 -57.62
CA GLU I 133 47.34 28.71 -57.72
C GLU I 133 48.09 29.57 -56.71
N ASN I 134 47.66 30.81 -56.53
CA ASN I 134 48.35 31.77 -55.67
C ASN I 134 47.87 31.71 -54.23
N GLU I 135 47.36 30.55 -53.80
CA GLU I 135 46.79 30.40 -52.47
C GLU I 135 45.66 31.39 -52.23
N THR I 136 44.89 31.69 -53.28
CA THR I 136 43.75 32.60 -53.19
C THR I 136 42.70 32.18 -54.19
N VAL I 137 41.46 32.58 -53.93
CA VAL I 137 40.35 32.37 -54.84
C VAL I 137 39.25 33.37 -54.51
N ASP I 138 38.64 33.93 -55.54
CA ASP I 138 37.57 34.91 -55.39
C ASP I 138 36.23 34.21 -55.54
N ILE I 139 35.42 34.25 -54.48
CA ILE I 139 34.11 33.64 -54.44
C ILE I 139 33.07 34.73 -54.20
N LYS I 140 32.04 34.76 -55.03
CA LYS I 140 30.94 35.67 -54.82
C LYS I 140 30.03 35.17 -53.69
N ALA I 141 29.45 36.11 -52.95
CA ALA I 141 28.61 35.78 -51.82
C ALA I 141 27.50 36.80 -51.72
N GLU I 142 26.40 36.39 -51.07
CA GLU I 142 25.25 37.24 -50.85
C GLU I 142 25.10 37.55 -49.37
N SER I 143 24.18 38.47 -49.09
CA SER I 143 23.77 38.78 -47.73
C SER I 143 22.61 37.88 -47.34
N ARG I 144 22.74 37.22 -46.19
CA ARG I 144 21.66 36.35 -45.73
C ARG I 144 20.40 37.14 -45.43
N ILE I 145 20.55 38.40 -45.04
CA ILE I 145 19.43 39.27 -44.69
C ILE I 145 19.27 40.30 -45.82
N VAL I 146 18.11 40.28 -46.46
CA VAL I 146 17.81 41.30 -47.46
C VAL I 146 17.71 42.65 -46.76
N GLY I 147 18.29 43.68 -47.38
CA GLY I 147 18.26 45.02 -46.86
C GLY I 147 19.65 45.62 -46.83
N THR I 148 19.71 46.87 -46.36
CA THR I 148 20.97 47.62 -46.33
C THR I 148 21.99 47.01 -45.38
N ILE I 149 21.56 46.13 -44.47
CA ILE I 149 22.50 45.48 -43.57
C ILE I 149 23.52 44.68 -44.36
N GLY I 150 23.12 44.12 -45.50
CA GLY I 150 24.05 43.37 -46.33
C GLY I 150 25.19 44.23 -46.87
N ASN I 151 24.92 45.50 -47.16
CA ASN I 151 25.89 46.38 -47.79
C ASN I 151 26.94 46.81 -46.75
N VAL I 152 27.77 45.84 -46.37
CA VAL I 152 28.86 46.09 -45.43
C VAL I 152 30.09 46.57 -46.21
N SER I 153 31.06 47.14 -45.49
CA SER I 153 32.24 47.70 -46.12
C SER I 153 33.21 46.59 -46.50
N LYS I 154 34.36 46.98 -47.04
CA LYS I 154 35.40 46.05 -47.44
C LYS I 154 36.28 45.69 -46.25
N GLY I 155 36.73 44.44 -46.24
CA GLY I 155 37.54 43.94 -45.14
C GLY I 155 36.76 43.56 -43.91
N SER I 156 35.45 43.80 -43.88
CA SER I 156 34.66 43.48 -42.69
C SER I 156 34.46 41.98 -42.54
N ILE I 157 34.24 41.28 -43.64
CA ILE I 157 33.95 39.84 -43.60
C ILE I 157 35.25 39.07 -43.52
N SER I 158 35.74 38.85 -42.29
CA SER I 158 36.93 38.07 -42.02
C SER I 158 36.65 36.91 -41.07
N VAL I 159 35.39 36.50 -40.94
CA VAL I 159 34.96 35.49 -39.98
C VAL I 159 34.28 34.37 -40.73
N LEU I 160 34.74 33.14 -40.51
CA LEU I 160 34.13 31.94 -41.06
C LEU I 160 33.55 31.14 -39.90
N LEU I 161 32.29 30.71 -40.04
CA LEU I 161 31.60 29.95 -39.02
C LEU I 161 31.70 28.46 -39.33
N GLY I 162 32.07 27.68 -38.33
CA GLY I 162 32.30 26.26 -38.47
C GLY I 162 33.79 25.93 -38.51
N SER I 163 34.10 24.68 -38.20
CA SER I 163 35.48 24.22 -38.11
C SER I 163 35.92 23.75 -39.49
N ILE I 164 36.61 24.64 -40.22
CA ILE I 164 37.25 24.31 -41.48
C ILE I 164 38.68 24.80 -41.41
N SER I 165 39.64 23.89 -41.53
CA SER I 165 41.05 24.22 -41.55
C SER I 165 41.50 24.42 -43.00
N GLY I 166 42.78 24.71 -43.18
CA GLY I 166 43.36 24.95 -44.49
C GLY I 166 43.18 26.38 -44.96
N VAL I 167 41.98 26.94 -44.78
CA VAL I 167 41.78 28.35 -45.09
C VAL I 167 42.55 29.19 -44.10
N LYS I 168 43.40 30.07 -44.60
CA LYS I 168 44.23 30.93 -43.76
C LYS I 168 43.53 32.22 -43.41
N SER I 169 42.87 32.85 -44.38
CA SER I 169 42.15 34.09 -44.12
C SER I 169 41.16 34.32 -45.25
N ILE I 170 40.16 35.16 -44.97
CA ILE I 170 39.15 35.56 -45.93
C ILE I 170 38.89 37.04 -45.75
N THR I 171 38.50 37.71 -46.84
CA THR I 171 38.25 39.14 -46.79
C THR I 171 37.38 39.54 -47.96
N ASN I 172 36.68 40.66 -47.78
CA ASN I 172 35.87 41.26 -48.83
C ASN I 172 36.59 42.51 -49.31
N LYS I 173 37.14 42.46 -50.52
CA LYS I 173 37.86 43.60 -51.05
C LYS I 173 36.94 44.78 -51.33
N GLU I 174 35.67 44.52 -51.63
CA GLU I 174 34.72 45.53 -52.05
C GLU I 174 33.64 45.73 -51.00
N ASP I 175 33.30 46.98 -50.74
CA ASP I 175 32.09 47.27 -49.99
C ASP I 175 30.91 46.79 -50.79
N PHE I 176 30.10 45.90 -50.22
CA PHE I 176 29.08 45.25 -51.00
C PHE I 176 28.00 46.22 -51.43
N ARG I 177 27.35 45.88 -52.53
CA ARG I 177 26.41 46.73 -53.24
C ARG I 177 25.07 46.03 -53.34
N GLY I 178 24.07 46.77 -53.80
CA GLY I 178 22.71 46.27 -53.76
C GLY I 178 22.18 46.37 -52.35
N GLY I 179 21.68 45.26 -51.82
CA GLY I 179 21.19 45.23 -50.46
C GLY I 179 20.05 46.21 -50.25
N THR I 180 19.07 46.17 -51.14
CA THR I 180 17.94 47.06 -51.04
C THR I 180 16.98 46.57 -49.96
N ASP I 181 16.47 47.52 -49.18
CA ASP I 181 15.40 47.24 -48.23
C ASP I 181 14.06 47.44 -48.92
N ILE I 182 12.98 47.30 -48.15
CA ILE I 182 11.65 47.55 -48.70
C ILE I 182 11.53 49.03 -49.07
N GLU I 183 10.81 49.29 -50.16
CA GLU I 183 10.53 50.67 -50.54
C GLU I 183 9.74 51.36 -49.43
N ASP I 184 10.07 52.63 -49.19
CA ASP I 184 9.42 53.37 -48.13
C ASP I 184 7.99 53.73 -48.53
N GLU I 185 7.18 54.04 -47.52
CA GLU I 185 5.85 54.56 -47.77
C GLU I 185 5.92 55.86 -48.57
N GLU I 186 6.86 56.74 -48.23
CA GLU I 186 6.94 58.04 -48.88
C GLU I 186 7.18 57.88 -50.38
N HIS I 187 8.15 57.04 -50.77
CA HIS I 187 8.39 56.81 -52.18
C HIS I 187 7.19 56.14 -52.84
N PHE I 188 6.62 55.13 -52.18
CA PHE I 188 5.51 54.41 -52.76
C PHE I 188 4.29 55.30 -52.94
N ARG I 189 4.06 56.22 -52.00
CA ARG I 189 2.91 57.10 -52.11
C ARG I 189 3.00 58.00 -53.35
N GLU I 190 4.18 58.56 -53.61
CA GLU I 190 4.32 59.38 -54.80
C GLU I 190 4.09 58.56 -56.07
N ARG I 191 4.63 57.35 -56.12
CA ARG I 191 4.42 56.51 -57.30
C ARG I 191 2.95 56.20 -57.48
N VAL I 192 2.25 55.90 -56.39
CA VAL I 192 0.80 55.71 -56.48
C VAL I 192 0.11 57.01 -56.87
N LEU I 193 0.52 58.12 -56.25
CA LEU I 193 -0.07 59.41 -56.59
C LEU I 193 0.23 59.79 -58.03
N VAL I 194 1.46 59.52 -58.49
CA VAL I 194 1.82 59.83 -59.86
C VAL I 194 0.97 59.01 -60.83
N ALA I 195 0.82 57.71 -60.54
CA ALA I 195 0.02 56.86 -61.40
C ALA I 195 -1.44 57.29 -61.40
N GLU I 196 -1.95 57.68 -60.22
CA GLU I 196 -3.33 58.14 -60.14
C GLU I 196 -3.56 59.39 -60.97
N GLN I 197 -2.64 60.34 -60.90
CA GLN I 197 -2.83 61.61 -61.60
C GLN I 197 -2.47 61.51 -63.07
N GLU I 198 -1.39 60.81 -63.40
CA GLU I 198 -0.98 60.69 -64.78
C GLU I 198 -2.03 59.95 -65.59
N ASP I 199 -2.35 60.47 -66.77
CA ASP I 199 -3.33 59.81 -67.62
C ASP I 199 -2.84 58.44 -68.05
N LYS I 200 -1.56 58.32 -68.41
CA LYS I 200 -0.95 57.06 -68.80
C LYS I 200 -1.68 56.44 -69.99
N LEU I 201 -1.87 57.25 -71.03
CA LEU I 201 -2.42 56.76 -72.29
C LEU I 201 -1.29 56.06 -73.06
N SER I 202 -1.52 55.77 -74.33
CA SER I 202 -0.47 55.23 -75.18
C SER I 202 -0.70 55.72 -76.61
N GLY I 203 0.32 56.36 -77.17
CA GLY I 203 0.22 56.98 -78.47
C GLY I 203 0.00 58.48 -78.44
N ALA I 204 -0.42 59.03 -77.31
CA ALA I 204 -0.61 60.47 -77.19
C ALA I 204 0.72 61.17 -76.99
N SER I 205 0.68 62.51 -77.03
CA SER I 205 1.90 63.30 -76.99
C SER I 205 2.65 63.10 -75.68
N SER I 206 1.93 62.93 -74.57
CA SER I 206 2.57 62.74 -73.28
C SER I 206 3.42 61.48 -73.27
N ASP I 207 2.92 60.41 -73.87
CA ASP I 207 3.69 59.17 -73.95
C ASP I 207 4.94 59.37 -74.78
N TYR I 208 4.83 60.12 -75.87
CA TYR I 208 6.00 60.44 -76.67
C TYR I 208 7.03 61.22 -75.84
N ILE I 209 6.56 62.17 -75.03
CA ILE I 209 7.44 62.86 -74.11
C ILE I 209 8.03 61.88 -73.10
N ARG I 210 7.18 60.98 -72.59
CA ARG I 210 7.64 60.00 -71.62
C ARG I 210 8.71 59.09 -72.23
N TRP I 211 8.48 58.61 -73.45
CA TRP I 211 9.48 57.77 -74.10
C TRP I 211 10.76 58.56 -74.38
N ALA I 212 10.62 59.83 -74.78
CA ALA I 212 11.80 60.66 -75.00
C ALA I 212 12.58 60.84 -73.72
N LYS I 213 11.89 61.15 -72.61
CA LYS I 213 12.58 61.33 -71.34
C LYS I 213 13.14 60.03 -70.80
N GLU I 214 12.58 58.88 -71.22
CA GLU I 214 13.18 57.60 -70.83
C GLU I 214 14.59 57.45 -71.36
N VAL I 215 14.86 58.01 -72.55
CA VAL I 215 16.20 57.98 -73.10
C VAL I 215 17.10 58.85 -72.24
N ASP I 216 18.26 58.31 -71.86
CA ASP I 216 19.19 59.04 -71.00
C ASP I 216 19.72 60.28 -71.72
N GLY I 217 19.94 61.34 -70.95
CA GLY I 217 20.40 62.60 -71.48
C GLY I 217 19.28 63.55 -71.89
N VAL I 218 18.06 63.04 -72.06
CA VAL I 218 16.93 63.87 -72.43
C VAL I 218 16.41 64.57 -71.19
N GLY I 219 16.74 65.84 -71.04
CA GLY I 219 16.25 66.60 -69.90
C GLY I 219 14.77 66.90 -70.03
N TYR I 220 14.40 67.56 -71.13
CA TYR I 220 13.03 67.98 -71.37
C TYR I 220 12.67 67.69 -72.82
N ALA I 221 11.43 67.25 -73.02
CA ALA I 221 10.94 66.86 -74.33
C ALA I 221 9.58 67.50 -74.56
N TYR I 222 9.34 67.91 -75.80
CA TYR I 222 8.09 68.51 -76.22
C TYR I 222 7.67 67.90 -77.55
N VAL I 223 6.37 67.65 -77.70
CA VAL I 223 5.82 66.93 -78.84
C VAL I 223 4.76 67.81 -79.49
N VAL I 224 4.78 67.85 -80.82
CA VAL I 224 3.79 68.57 -81.62
C VAL I 224 3.03 67.54 -82.44
N SER I 225 1.74 67.39 -82.17
CA SER I 225 0.87 66.58 -83.00
C SER I 225 0.48 67.35 -84.25
N GLU I 226 0.40 66.65 -85.37
CA GLU I 226 -0.10 67.21 -86.62
C GLU I 226 0.76 68.37 -87.12
N TRP I 227 2.07 68.32 -86.82
CA TRP I 227 2.96 69.38 -87.29
C TRP I 227 2.99 69.47 -88.80
N ALA I 228 2.79 68.34 -89.50
CA ALA I 228 2.79 68.28 -90.95
C ALA I 228 1.56 67.54 -91.46
N GLY I 229 0.44 67.68 -90.75
CA GLY I 229 -0.81 67.06 -91.17
C GLY I 229 -1.03 65.71 -90.52
N ALA I 230 -2.04 65.03 -91.06
CA ALA I 230 -2.45 63.73 -90.53
C ALA I 230 -1.33 62.71 -90.63
N GLY I 231 -1.11 61.98 -89.55
CA GLY I 231 -0.07 60.97 -89.50
C GLY I 231 1.30 61.47 -89.10
N THR I 232 1.48 62.78 -88.93
CA THR I 232 2.78 63.39 -88.72
C THR I 232 2.92 63.82 -87.27
N VAL I 233 4.05 63.45 -86.65
CA VAL I 233 4.36 63.77 -85.27
C VAL I 233 5.78 64.30 -85.21
N LYS I 234 6.00 65.29 -84.34
CA LYS I 234 7.32 65.85 -84.09
C LYS I 234 7.66 65.71 -82.61
N VAL I 235 8.93 65.48 -82.33
CA VAL I 235 9.46 65.40 -80.98
C VAL I 235 10.59 66.40 -80.87
N LEU I 236 10.57 67.20 -79.81
CA LEU I 236 11.51 68.30 -79.60
C LEU I 236 12.14 68.13 -78.23
N ILE I 237 13.40 67.71 -78.21
CA ILE I 237 14.08 67.31 -76.98
C ILE I 237 15.18 68.31 -76.65
N LEU I 238 15.56 68.32 -75.38
CA LEU I 238 16.59 69.21 -74.86
C LEU I 238 17.45 68.43 -73.88
N ASP I 239 18.67 68.92 -73.67
CA ASP I 239 19.58 68.30 -72.72
C ASP I 239 19.12 68.60 -71.29
N LYS I 240 19.94 68.18 -70.33
CA LYS I 240 19.59 68.39 -68.92
C LYS I 240 19.56 69.87 -68.57
N ASN I 241 20.31 70.69 -69.29
CA ASN I 241 20.34 72.14 -69.08
C ASN I 241 19.26 72.88 -69.87
N ARG I 242 18.35 72.17 -70.52
CA ARG I 242 17.30 72.78 -71.34
C ARG I 242 17.87 73.56 -72.52
N LYS I 243 19.07 73.17 -72.97
CA LYS I 243 19.67 73.72 -74.16
C LYS I 243 19.40 72.79 -75.34
N ALA I 244 19.95 73.13 -76.50
CA ALA I 244 19.73 72.34 -77.70
C ALA I 244 20.31 70.94 -77.51
N ALA I 245 19.45 69.94 -77.67
CA ALA I 245 19.87 68.55 -77.48
C ALA I 245 20.90 68.15 -78.53
N THR I 246 21.85 67.32 -78.13
CA THR I 246 22.85 66.82 -79.05
C THR I 246 22.19 65.94 -80.10
N GLN I 247 22.82 65.88 -81.28
CA GLN I 247 22.24 65.10 -82.37
C GLN I 247 22.22 63.61 -82.03
N GLU I 248 23.23 63.13 -81.29
CA GLU I 248 23.22 61.73 -80.86
C GLU I 248 22.02 61.45 -79.99
N LEU I 249 21.68 62.39 -79.10
CA LEU I 249 20.47 62.27 -78.29
C LEU I 249 19.23 62.20 -79.18
N ILE I 250 19.19 63.03 -80.23
CA ILE I 250 18.10 62.93 -81.20
C ILE I 250 18.13 61.57 -81.89
N ASP I 251 19.33 61.09 -82.25
CA ASP I 251 19.44 59.76 -82.86
C ASP I 251 19.00 58.68 -81.88
N LYS I 252 19.40 58.79 -80.61
CA LYS I 252 18.99 57.83 -79.61
C LYS I 252 17.48 57.82 -79.46
N VAL I 253 16.88 59.01 -79.36
CA VAL I 253 15.43 59.10 -79.23
C VAL I 253 14.77 58.63 -80.52
N GLN I 254 15.38 58.91 -81.66
CA GLN I 254 14.85 58.43 -82.93
C GLN I 254 14.82 56.90 -82.95
N GLU I 255 15.96 56.28 -82.65
CA GLU I 255 15.99 54.82 -82.60
C GLU I 255 15.07 54.28 -81.50
N TYR I 256 14.92 55.01 -80.41
CA TYR I 256 14.07 54.54 -79.32
C TYR I 256 12.60 54.53 -79.74
N ILE I 257 12.14 55.59 -80.42
CA ILE I 257 10.73 55.79 -80.66
C ILE I 257 10.32 55.56 -82.11
N TYR I 258 11.20 55.86 -83.08
CA TYR I 258 10.81 55.80 -84.49
C TYR I 258 12.04 55.64 -85.36
N PRO I 259 12.64 54.46 -85.42
CA PRO I 259 13.82 54.27 -86.27
C PRO I 259 13.51 54.56 -87.74
N LEU I 260 14.43 55.26 -88.39
CA LEU I 260 14.27 55.54 -89.81
C LEU I 260 14.60 54.31 -90.66
N ASN I 261 15.60 53.54 -90.24
CA ASN I 261 15.88 52.27 -90.89
C ASN I 261 14.71 51.31 -90.66
N ILE I 262 14.50 50.41 -91.62
CA ILE I 262 13.36 49.52 -91.63
C ILE I 262 13.82 48.10 -91.94
N SER I 263 12.99 47.14 -91.55
CA SER I 263 13.20 45.73 -91.86
C SER I 263 11.84 45.08 -92.07
N GLU I 264 11.85 43.95 -92.76
CA GLU I 264 10.59 43.26 -93.06
C GLU I 264 9.91 42.78 -91.77
N GLY I 265 10.69 42.22 -90.85
CA GLY I 265 10.16 41.81 -89.57
C GLY I 265 10.00 43.00 -88.65
N GLU I 266 11.09 43.74 -88.44
CA GLU I 266 11.07 44.99 -87.67
C GLU I 266 10.75 46.11 -88.64
N ASN I 267 9.45 46.44 -88.76
CA ASN I 267 9.06 47.60 -89.55
C ASN I 267 9.73 48.86 -89.00
N ARG I 268 9.41 49.22 -87.77
CA ARG I 268 10.19 50.16 -86.99
C ARG I 268 10.47 49.66 -85.58
N ASP I 269 9.51 48.96 -84.97
CA ASP I 269 9.64 48.43 -83.60
C ASP I 269 9.93 49.53 -82.58
N GLY I 270 9.50 50.75 -82.87
CA GLY I 270 9.63 51.84 -81.93
C GLY I 270 8.44 51.90 -80.99
N LYS I 271 8.58 52.75 -79.97
CA LYS I 271 7.50 52.92 -79.01
C LYS I 271 6.25 53.54 -79.64
N ALA I 272 6.40 54.26 -80.74
CA ALA I 272 5.25 54.88 -81.37
C ALA I 272 4.36 53.82 -82.02
N PRO I 273 3.08 54.12 -82.27
CA PRO I 273 2.22 53.15 -82.94
C PRO I 273 2.63 52.96 -84.39
N ILE I 274 2.05 51.93 -85.02
CA ILE I 274 2.18 51.77 -86.45
C ILE I 274 1.33 52.81 -87.16
N GLY I 275 1.82 53.29 -88.30
CA GLY I 275 1.16 54.33 -89.05
C GLY I 275 1.59 55.73 -88.70
N ALA I 276 2.21 55.92 -87.55
CA ALA I 276 2.71 57.24 -87.18
C ALA I 276 3.91 57.61 -88.05
N LEU I 277 4.16 58.92 -88.13
CA LEU I 277 5.29 59.48 -88.87
C LEU I 277 5.93 60.48 -87.91
N VAL I 278 6.85 60.00 -87.09
CA VAL I 278 7.39 60.75 -85.96
C VAL I 278 8.71 61.36 -86.35
N THR I 279 8.87 62.65 -86.04
CA THR I 279 10.10 63.38 -86.26
C THR I 279 10.72 63.74 -84.92
N VAL I 280 12.05 63.65 -84.84
CA VAL I 280 12.80 63.92 -83.62
C VAL I 280 13.84 64.99 -83.93
N VAL I 281 13.75 66.12 -83.24
CA VAL I 281 14.64 67.25 -83.40
C VAL I 281 14.86 67.87 -82.03
N THR I 282 15.62 68.97 -82.00
CA THR I 282 15.74 69.84 -80.84
C THR I 282 15.09 71.20 -81.14
N PRO I 283 14.36 71.81 -80.21
CA PRO I 283 13.62 73.03 -80.53
C PRO I 283 14.53 74.25 -80.49
N ASP I 284 13.93 75.41 -80.80
CA ASP I 284 14.59 76.68 -80.67
C ASP I 284 14.56 77.11 -79.20
N THR I 285 15.75 77.26 -78.61
CA THR I 285 15.89 77.54 -77.18
C THR I 285 15.95 79.05 -76.99
N LEU I 286 14.82 79.65 -76.63
CA LEU I 286 14.74 81.08 -76.35
C LEU I 286 15.01 81.30 -74.86
N LEU I 287 16.18 81.83 -74.55
CA LEU I 287 16.54 82.09 -73.16
C LEU I 287 15.76 83.28 -72.62
N ILE I 288 15.41 83.20 -71.33
CA ILE I 288 14.74 84.29 -70.62
C ILE I 288 15.55 84.54 -69.36
N ASN I 289 16.48 85.47 -69.43
CA ASN I 289 17.41 85.76 -68.33
C ASN I 289 16.76 86.74 -67.37
N VAL I 290 16.58 86.32 -66.12
CA VAL I 290 15.96 87.14 -65.09
C VAL I 290 17.04 87.96 -64.40
N LYS I 291 16.71 89.21 -64.09
CA LYS I 291 17.60 90.10 -63.35
C LYS I 291 16.80 90.85 -62.30
N ALA I 292 17.23 90.75 -61.05
CA ALA I 292 16.53 91.37 -59.94
C ALA I 292 17.55 91.80 -58.90
N SER I 293 17.13 92.72 -58.04
CA SER I 293 17.94 93.15 -56.90
C SER I 293 17.69 92.20 -55.73
N PHE I 294 18.26 91.01 -55.85
CA PHE I 294 18.10 89.99 -54.82
C PHE I 294 18.82 90.40 -53.55
N ILE I 295 18.19 90.10 -52.41
CA ILE I 295 18.79 90.25 -51.09
C ILE I 295 18.72 88.89 -50.42
N PHE I 296 19.86 88.41 -49.94
CA PHE I 296 20.03 87.02 -49.53
C PHE I 296 20.08 86.90 -48.01
N SER I 297 19.69 85.73 -47.52
CA SER I 297 19.57 85.44 -46.11
C SER I 297 20.81 84.74 -45.60
N ASN I 298 20.84 84.49 -44.29
CA ASN I 298 21.95 83.81 -43.65
C ASN I 298 21.87 82.31 -43.91
N GLY I 299 23.00 81.64 -43.69
CA GLY I 299 23.06 80.20 -43.86
C GLY I 299 22.85 79.71 -45.27
N PHE I 300 23.11 80.56 -46.27
CA PHE I 300 22.91 80.20 -47.66
C PHE I 300 23.98 80.87 -48.51
N SER I 301 24.30 80.23 -49.63
CA SER I 301 25.23 80.76 -50.61
C SER I 301 24.44 81.34 -51.78
N GLU I 302 24.81 82.55 -52.21
CA GLU I 302 24.07 83.21 -53.27
C GLU I 302 24.08 82.40 -54.55
N GLU I 303 25.26 81.88 -54.94
CA GLU I 303 25.34 81.07 -56.14
C GLU I 303 24.50 79.81 -56.03
N THR I 304 24.50 79.18 -54.84
CA THR I 304 23.65 78.02 -54.65
C THR I 304 22.18 78.40 -54.71
N VAL I 305 21.82 79.51 -54.07
CA VAL I 305 20.43 79.96 -54.08
C VAL I 305 20.00 80.29 -55.50
N LEU I 306 20.86 80.94 -56.27
CA LEU I 306 20.53 81.25 -57.67
C LEU I 306 20.33 79.97 -58.47
N ASN I 307 21.18 78.96 -58.27
CA ASN I 307 20.99 77.68 -58.94
C ASN I 307 19.68 77.03 -58.51
N ASN I 308 19.34 77.13 -57.23
CA ASN I 308 18.04 76.64 -56.78
C ASN I 308 16.90 77.40 -57.44
N LEU I 309 17.02 78.73 -57.52
CA LEU I 309 16.02 79.51 -58.24
C LEU I 309 16.02 79.17 -59.72
N LYS I 310 17.20 78.87 -60.28
CA LYS I 310 17.26 78.39 -61.65
C LYS I 310 16.50 77.09 -61.80
N THR I 311 16.68 76.16 -60.86
CA THR I 311 15.95 74.90 -60.90
C THR I 311 14.45 75.13 -60.76
N LYS I 312 14.05 76.03 -59.84
CA LYS I 312 12.64 76.31 -59.65
C LYS I 312 12.03 76.91 -60.91
N ILE I 313 12.66 77.95 -61.46
CA ILE I 313 12.16 78.54 -62.69
C ILE I 313 12.25 77.53 -63.82
N ASP I 314 13.29 76.70 -63.83
CA ASP I 314 13.41 75.65 -64.83
C ASP I 314 12.21 74.70 -64.77
N LYS I 315 11.74 74.40 -63.56
CA LYS I 315 10.51 73.63 -63.43
C LYS I 315 9.32 74.40 -63.99
N TYR I 316 9.29 75.72 -63.75
CA TYR I 316 8.20 76.53 -64.29
C TYR I 316 8.22 76.55 -65.82
N LEU I 317 9.40 76.43 -66.43
CA LEU I 317 9.45 76.37 -67.88
C LEU I 317 8.77 75.10 -68.41
N ASP I 318 8.85 74.00 -67.67
CA ASP I 318 8.05 72.83 -68.03
C ASP I 318 6.57 73.13 -67.95
N LYS I 319 6.15 73.84 -66.90
CA LYS I 319 4.76 74.29 -66.82
C LYS I 319 4.41 75.19 -67.99
N ILE I 320 5.37 75.97 -68.47
CA ILE I 320 5.15 76.79 -69.66
C ILE I 320 5.07 75.86 -70.88
N ASP I 321 4.00 75.99 -71.64
CA ASP I 321 3.79 75.13 -72.79
C ASP I 321 4.75 75.51 -73.91
N LEU I 322 4.93 74.59 -74.85
CA LEU I 322 5.66 74.88 -76.06
C LEU I 322 4.91 75.97 -76.84
N GLY I 323 5.59 77.09 -77.08
CA GLY I 323 4.91 78.22 -77.68
C GLY I 323 3.97 78.95 -76.75
N GLY I 324 4.15 78.78 -75.44
CA GLY I 324 3.30 79.41 -74.45
C GLY I 324 3.74 80.83 -74.13
N THR I 325 3.21 81.34 -73.02
CA THR I 325 3.49 82.69 -72.54
C THR I 325 4.20 82.61 -71.20
N VAL I 326 5.37 83.22 -71.11
CA VAL I 326 6.11 83.32 -69.87
C VAL I 326 5.55 84.49 -69.07
N SER I 327 5.09 84.21 -67.84
CA SER I 327 4.40 85.19 -67.02
C SER I 327 5.38 85.82 -66.04
N TYR I 328 5.48 87.15 -66.08
CA TYR I 328 6.24 87.87 -65.08
C TYR I 328 5.65 87.65 -63.69
N ASN I 329 4.31 87.61 -63.61
CA ASN I 329 3.65 87.38 -62.33
C ASN I 329 4.00 86.00 -61.77
N ALA I 330 4.05 84.99 -62.63
CA ALA I 330 4.46 83.66 -62.17
C ALA I 330 5.90 83.68 -61.68
N ILE I 331 6.77 84.41 -62.37
CA ILE I 331 8.16 84.48 -61.94
C ILE I 331 8.28 85.21 -60.61
N GLN I 332 7.42 86.21 -60.38
CA GLN I 332 7.33 86.81 -59.05
C GLN I 332 6.96 85.77 -58.02
N ALA I 333 6.07 84.84 -58.38
CA ALA I 333 5.66 83.79 -57.45
C ALA I 333 6.84 82.89 -57.10
N ILE I 334 7.62 82.48 -58.10
CA ILE I 334 8.74 81.59 -57.84
C ILE I 334 9.80 82.28 -57.00
N VAL I 335 10.08 83.55 -57.31
CA VAL I 335 11.11 84.27 -56.57
C VAL I 335 10.68 84.50 -55.13
N GLY I 336 9.46 85.00 -54.94
CA GLY I 336 8.99 85.26 -53.59
C GLY I 336 8.80 84.01 -52.76
N SER I 337 8.40 82.90 -53.40
CA SER I 337 8.24 81.65 -52.67
C SER I 337 9.56 81.18 -52.08
N MET I 338 10.68 81.48 -52.74
CA MET I 338 11.98 81.21 -52.15
C MET I 338 12.14 81.95 -50.82
N MET I 339 11.59 83.16 -50.74
CA MET I 339 11.65 83.92 -49.50
C MET I 339 10.69 83.34 -48.46
N LEU I 340 9.46 83.03 -48.88
CA LEU I 340 8.50 82.46 -47.95
C LEU I 340 8.96 81.10 -47.43
N THR I 341 9.73 80.37 -48.24
CA THR I 341 10.34 79.13 -47.80
C THR I 341 11.66 79.34 -47.05
N ASP I 342 12.09 80.59 -46.88
CA ASP I 342 13.31 80.91 -46.14
C ASP I 342 14.54 80.32 -46.82
N GLU I 343 14.47 80.15 -48.13
CA GLU I 343 15.51 79.43 -48.88
C GLU I 343 16.56 80.39 -49.41
N GLY I 344 17.19 81.11 -48.48
CA GLY I 344 18.35 81.93 -48.79
C GLY I 344 18.07 83.30 -49.36
N ILE I 345 16.81 83.68 -49.50
CA ILE I 345 16.44 85.01 -49.99
C ILE I 345 15.57 85.67 -48.93
N GLU I 346 15.97 86.86 -48.50
CA GLU I 346 15.24 87.65 -47.53
C GLU I 346 14.38 88.72 -48.16
N ASP I 347 14.86 89.35 -49.23
CA ASP I 347 14.12 90.38 -49.94
C ASP I 347 14.56 90.37 -51.40
N PHE I 348 13.70 90.90 -52.26
CA PHE I 348 14.04 91.07 -53.67
C PHE I 348 13.24 92.22 -54.23
N SER I 349 13.73 92.77 -55.33
CA SER I 349 13.09 93.92 -55.96
C SER I 349 13.72 94.13 -57.33
N ASN I 350 13.09 95.00 -58.12
CA ASN I 350 13.58 95.38 -59.45
C ASN I 350 13.71 94.17 -60.37
N LEU I 351 12.83 93.19 -60.22
CA LEU I 351 12.92 91.99 -61.04
C LEU I 351 12.54 92.32 -62.47
N THR I 352 13.39 91.93 -63.41
CA THR I 352 13.18 92.16 -64.83
C THR I 352 13.61 90.93 -65.59
N ILE I 353 12.69 90.33 -66.33
CA ILE I 353 12.96 89.14 -67.12
C ILE I 353 13.35 89.60 -68.52
N ASN I 354 14.58 89.26 -68.92
CA ASN I 354 15.21 89.84 -70.10
C ASN I 354 15.16 91.37 -70.04
N ASP I 355 15.41 91.91 -68.85
CA ASP I 355 15.46 93.35 -68.62
C ASP I 355 14.14 94.04 -68.97
N VAL I 356 13.03 93.33 -68.82
CA VAL I 356 11.70 93.91 -69.01
C VAL I 356 10.74 93.26 -68.04
N LYS I 357 9.87 94.07 -67.45
CA LYS I 357 8.83 93.59 -66.54
C LYS I 357 7.54 93.28 -67.29
N GLU I 358 7.64 92.42 -68.30
CA GLU I 358 6.53 92.13 -69.20
C GLU I 358 6.50 90.64 -69.48
N ASN I 359 5.28 90.12 -69.66
CA ASN I 359 5.11 88.71 -69.96
C ASN I 359 5.52 88.44 -71.42
N ILE I 360 6.32 87.40 -71.63
CA ILE I 360 6.92 87.11 -72.92
C ILE I 360 6.19 85.93 -73.54
N LYS I 361 5.91 86.03 -74.83
CA LYS I 361 5.16 85.02 -75.58
C LYS I 361 6.14 84.26 -76.48
N LEU I 362 6.19 82.94 -76.31
CA LEU I 362 6.98 82.10 -77.20
C LEU I 362 6.30 81.98 -78.56
N GLN I 363 7.10 82.01 -79.62
CA GLN I 363 6.60 81.89 -80.99
C GLN I 363 6.77 80.45 -81.46
N ASP I 364 5.98 79.57 -80.85
CA ASP I 364 6.05 78.13 -81.10
C ASP I 364 7.43 77.57 -80.78
N GLN I 365 8.08 78.15 -79.78
CA GLN I 365 9.38 77.70 -79.28
C GLN I 365 9.22 77.23 -77.84
N VAL I 366 10.30 76.66 -77.30
CA VAL I 366 10.40 76.36 -75.88
C VAL I 366 11.30 77.40 -75.25
N VAL I 367 10.83 78.01 -74.17
CA VAL I 367 11.68 78.91 -73.40
C VAL I 367 12.82 78.11 -72.79
N GLY I 368 14.04 78.61 -72.95
CA GLY I 368 15.20 78.04 -72.31
C GLY I 368 15.50 78.76 -71.01
N ILE I 369 16.15 78.06 -70.10
CA ILE I 369 16.47 78.65 -68.80
C ILE I 369 17.55 79.70 -69.01
N GLY I 370 17.27 80.92 -68.56
CA GLY I 370 18.19 82.02 -68.68
C GLY I 370 19.03 82.21 -67.43
N GLU I 371 19.92 83.19 -67.51
CA GLU I 371 20.82 83.47 -66.39
C GLU I 371 20.13 84.38 -65.39
N ILE I 372 20.15 83.98 -64.12
CA ILE I 372 19.62 84.79 -63.04
C ILE I 372 20.72 85.75 -62.60
N VAL I 373 20.38 87.04 -62.52
CA VAL I 373 21.33 88.10 -62.24
C VAL I 373 20.88 88.83 -60.98
N ASN I 374 21.80 88.98 -60.03
CA ASN I 374 21.57 89.80 -58.85
C ASN I 374 21.98 91.24 -59.17
N GLU I 375 21.03 92.17 -59.07
CA GLU I 375 21.26 93.54 -59.47
C GLU I 375 21.75 94.38 -58.29
N GLU J 2 23.07 74.48 19.79
CA GLU J 2 21.86 75.09 19.17
C GLU J 2 20.99 75.76 20.23
N ARG J 3 19.94 76.43 19.79
CA ARG J 3 19.04 77.10 20.72
C ARG J 3 18.32 76.09 21.60
N GLU J 4 18.15 76.44 22.87
CA GLU J 4 17.44 75.63 23.84
C GLU J 4 16.09 76.28 24.16
N LEU J 5 15.08 75.46 24.36
CA LEU J 5 13.74 75.94 24.61
C LEU J 5 13.53 76.08 26.12
N PRO J 6 13.31 77.29 26.67
CA PRO J 6 13.20 77.40 28.13
C PRO J 6 11.87 76.88 28.64
N ILE J 7 11.80 75.56 28.85
CA ILE J 7 10.54 74.91 29.26
C ILE J 7 10.19 75.35 30.67
N PRO J 8 8.91 75.56 31.01
CA PRO J 8 8.56 75.87 32.40
C PRO J 8 8.83 74.70 33.33
N VAL J 9 9.04 75.03 34.61
CA VAL J 9 9.41 74.03 35.59
C VAL J 9 8.29 73.02 35.79
N PHE J 10 7.04 73.49 35.87
CA PHE J 10 5.93 72.58 36.13
C PHE J 10 5.78 71.55 35.01
N LEU J 11 6.22 71.89 33.81
CA LEU J 11 6.26 70.92 32.72
C LEU J 11 7.44 69.97 32.83
N THR J 12 8.31 70.13 33.84
CA THR J 12 9.48 69.28 34.05
C THR J 12 9.59 68.92 35.53
N GLU J 13 8.47 68.49 36.12
CA GLU J 13 8.48 68.07 37.51
C GLU J 13 9.35 66.85 37.69
N ASP J 14 10.02 66.77 38.85
CA ASP J 14 10.79 65.59 39.19
C ASP J 14 9.86 64.43 39.49
N GLU J 15 10.36 63.21 39.24
CA GLU J 15 9.62 62.01 39.59
C GLU J 15 9.30 61.99 41.08
N ASP J 16 10.30 62.26 41.92
CA ASP J 16 10.08 62.24 43.36
C ASP J 16 9.10 63.32 43.79
N SER J 17 9.19 64.51 43.17
CA SER J 17 8.23 65.56 43.47
C SER J 17 6.83 65.13 43.11
N VAL J 18 6.66 64.45 41.98
CA VAL J 18 5.37 63.87 41.64
C VAL J 18 4.98 62.82 42.67
N HIS J 19 5.92 61.95 43.02
CA HIS J 19 5.64 60.91 44.00
C HIS J 19 5.31 61.51 45.36
N GLU J 20 6.05 62.54 45.76
CA GLU J 20 5.79 63.18 47.05
C GLU J 20 4.41 63.78 47.07
N ARG J 21 4.03 64.50 46.01
CA ARG J 21 2.68 65.00 45.91
C ARG J 21 1.67 63.86 45.84
N MET J 22 2.09 62.71 45.30
CA MET J 22 1.21 61.54 45.28
C MET J 22 0.88 61.10 46.70
N LEU J 23 1.89 60.98 47.55
CA LEU J 23 1.69 60.48 48.90
C LEU J 23 1.03 61.49 49.83
N SER J 24 0.88 62.75 49.40
CA SER J 24 0.34 63.77 50.28
C SER J 24 -1.09 63.48 50.69
N ASN J 25 -1.86 62.81 49.81
CA ASN J 25 -3.28 62.61 50.08
C ASN J 25 -3.49 61.69 51.29
N PHE J 26 -2.67 60.66 51.42
CA PHE J 26 -2.90 59.64 52.44
C PHE J 26 -2.67 60.22 53.83
N GLN J 27 -3.42 59.70 54.80
CA GLN J 27 -3.50 60.28 56.14
C GLN J 27 -3.28 59.28 57.26
N ASP J 28 -3.78 58.04 57.12
CA ASP J 28 -3.76 57.06 58.19
C ASP J 28 -3.23 55.71 57.71
N VAL J 29 -2.26 55.74 56.80
CA VAL J 29 -1.64 54.53 56.28
C VAL J 29 -0.16 54.79 56.10
N SER J 30 0.65 53.77 56.38
CA SER J 30 2.09 53.89 56.20
C SER J 30 2.41 54.15 54.74
N THR J 31 3.08 55.28 54.48
CA THR J 31 3.50 55.67 53.14
C THR J 31 4.99 55.45 52.93
N LEU J 32 5.59 54.57 53.72
CA LEU J 32 7.02 54.32 53.67
C LEU J 32 7.34 53.39 52.51
N GLU J 33 8.62 53.39 52.12
CA GLU J 33 9.06 52.49 51.07
C GLU J 33 8.88 51.04 51.51
N GLY J 34 8.53 50.18 50.56
CA GLY J 34 8.16 48.82 50.85
C GLY J 34 6.71 48.62 51.23
N ASP J 35 5.96 49.71 51.46
CA ASP J 35 4.54 49.63 51.71
C ASP J 35 3.78 49.51 50.39
N PHE J 36 2.53 49.07 50.49
CA PHE J 36 1.68 49.01 49.30
C PHE J 36 1.50 50.38 48.68
N ILE J 37 1.29 51.40 49.51
CA ILE J 37 1.03 52.74 49.00
C ILE J 37 2.25 53.27 48.26
N TYR J 38 3.43 53.18 48.89
CA TYR J 38 4.64 53.66 48.23
C TYR J 38 4.97 52.81 47.02
N ASP J 39 4.97 51.49 47.19
CA ASP J 39 5.38 50.62 46.09
C ASP J 39 4.41 50.71 44.92
N ALA J 40 3.11 50.73 45.19
CA ALA J 40 2.14 50.79 44.11
C ALA J 40 2.16 52.14 43.40
N THR J 41 2.41 53.23 44.13
CA THR J 41 2.34 54.56 43.55
C THR J 41 3.61 54.97 42.83
N ARG J 42 4.76 54.39 43.18
CA ARG J 42 6.01 54.81 42.55
C ARG J 42 6.02 54.57 41.05
N PRO J 43 5.58 53.42 40.50
CA PRO J 43 5.54 53.28 39.05
C PRO J 43 4.66 54.32 38.37
N THR J 44 3.54 54.70 38.99
CA THR J 44 2.72 55.75 38.41
C THR J 44 3.49 57.06 38.31
N ALA J 45 4.18 57.43 39.38
CA ALA J 45 5.00 58.64 39.34
C ALA J 45 6.10 58.50 38.29
N GLU J 46 6.67 57.31 38.14
CA GLU J 46 7.69 57.09 37.13
C GLU J 46 7.14 57.34 35.74
N GLN J 47 5.95 56.81 35.45
CA GLN J 47 5.37 57.01 34.13
C GLN J 47 4.90 58.44 33.93
N ILE J 48 4.30 59.04 34.96
CA ILE J 48 3.79 60.39 34.84
C ILE J 48 4.93 61.36 34.56
N ALA J 49 6.03 61.23 35.31
CA ALA J 49 7.19 62.07 35.05
C ALA J 49 7.79 61.78 33.68
N GLU J 50 7.88 60.51 33.31
CA GLU J 50 8.46 60.15 32.03
C GLU J 50 7.62 60.68 30.87
N LEU J 51 6.29 60.52 30.97
CA LEU J 51 5.42 61.05 29.93
C LEU J 51 5.52 62.56 29.87
N LYS J 52 5.60 63.22 31.03
CA LYS J 52 5.70 64.66 31.06
C LYS J 52 6.97 65.13 30.36
N GLN J 53 8.09 64.47 30.61
CA GLN J 53 9.35 64.85 30.00
C GLN J 53 9.43 64.37 28.55
N LEU J 54 9.42 63.04 28.35
CA LEU J 54 9.60 62.51 27.00
C LEU J 54 8.42 62.87 26.12
N GLY J 55 7.21 62.82 26.65
CA GLY J 55 6.04 63.12 25.84
C GLY J 55 5.89 64.59 25.51
N LEU J 56 5.57 65.41 26.51
CA LEU J 56 5.17 66.78 26.24
C LEU J 56 6.34 67.63 25.78
N GLN J 57 7.46 67.58 26.50
CA GLN J 57 8.58 68.46 26.16
C GLN J 57 9.13 68.13 24.79
N ASN J 58 9.31 66.84 24.49
CA ASN J 58 9.78 66.46 23.17
C ASN J 58 8.75 66.82 22.10
N ASN J 59 7.47 66.59 22.39
CA ASN J 59 6.42 66.95 21.44
C ASN J 59 6.41 68.45 21.20
N LEU J 60 6.51 69.23 22.27
CA LEU J 60 6.60 70.68 22.10
C LEU J 60 7.90 71.07 21.40
N LYS J 61 9.00 70.37 21.70
CA LYS J 61 10.28 70.73 21.12
C LYS J 61 10.27 70.56 19.61
N ILE J 62 9.78 69.43 19.12
CA ILE J 62 9.79 69.17 17.68
C ILE J 62 8.85 70.09 16.94
N ALA J 63 7.88 70.71 17.63
CA ALA J 63 6.99 71.65 16.95
C ALA J 63 7.75 72.84 16.41
N PHE J 64 8.69 73.39 17.19
CA PHE J 64 9.42 74.58 16.77
C PHE J 64 10.68 74.20 16.01
N PRO J 65 11.13 74.99 15.03
CA PRO J 65 12.38 74.66 14.34
C PRO J 65 13.60 74.76 15.23
N GLN J 66 13.51 75.52 16.34
CA GLN J 66 14.63 75.65 17.24
C GLN J 66 15.02 74.33 17.88
N THR J 67 14.10 73.38 18.00
CA THR J 67 14.35 72.09 18.63
C THR J 67 13.69 70.96 17.85
N SER J 68 13.86 70.97 16.53
CA SER J 68 13.39 69.91 15.65
C SER J 68 14.56 69.30 14.92
N TYR J 69 14.45 68.01 14.58
CA TYR J 69 15.57 67.24 14.05
C TYR J 69 15.26 66.50 12.76
N GLY J 70 14.07 65.93 12.63
CA GLY J 70 13.80 64.99 11.55
C GLY J 70 12.97 65.57 10.43
N THR J 71 12.03 64.77 9.93
CA THR J 71 11.09 65.25 8.92
C THR J 71 10.29 66.43 9.45
N TYR J 72 10.08 66.50 10.76
CA TYR J 72 9.39 67.64 11.34
C TYR J 72 10.16 68.93 11.07
N LEU J 73 11.48 68.88 11.22
CA LEU J 73 12.30 70.04 10.88
C LEU J 73 12.17 70.38 9.39
N GLU J 74 12.19 69.34 8.54
CA GLU J 74 12.07 69.58 7.11
C GLU J 74 10.72 70.21 6.77
N TRP J 75 9.65 69.73 7.42
CA TRP J 75 8.35 70.35 7.21
C TRP J 75 8.36 71.80 7.67
N LEU J 76 8.97 72.08 8.83
CA LEU J 76 9.07 73.46 9.29
C LEU J 76 9.89 74.30 8.32
N GLY J 77 11.00 73.76 7.81
CA GLY J 77 11.76 74.46 6.80
C GLY J 77 10.98 74.68 5.53
N GLU J 78 10.11 73.74 5.18
CA GLU J 78 9.29 73.90 3.99
C GLU J 78 8.34 75.08 4.13
N CYS J 79 7.69 75.21 5.29
CA CYS J 79 6.63 76.21 5.46
C CYS J 79 7.14 77.62 5.20
N LYS J 80 8.42 77.88 5.45
CA LYS J 80 9.06 79.15 5.17
C LYS J 80 9.98 79.07 3.96
N GLY J 81 9.76 78.09 3.09
CA GLY J 81 10.44 78.03 1.81
C GLY J 81 11.80 77.38 1.79
N VAL J 82 12.26 76.85 2.91
CA VAL J 82 13.59 76.27 3.00
C VAL J 82 13.51 74.79 2.64
N PHE J 83 14.52 74.30 1.91
CA PHE J 83 14.58 72.92 1.48
C PHE J 83 15.99 72.40 1.68
N LYS J 84 16.12 71.20 2.23
CA LYS J 84 17.42 70.63 2.50
C LYS J 84 18.11 70.24 1.19
N ASN J 85 19.41 70.52 1.12
CA ASN J 85 20.16 70.20 -0.09
C ASN J 85 20.37 68.70 -0.18
N GLN J 86 20.36 68.19 -1.41
CA GLN J 86 20.40 66.78 -1.69
C GLN J 86 21.83 66.33 -1.98
N PRO J 87 22.14 65.04 -1.84
CA PRO J 87 23.47 64.57 -2.21
C PRO J 87 23.65 64.59 -3.72
N THR J 88 24.91 64.45 -4.14
CA THR J 88 25.25 64.44 -5.56
C THR J 88 26.40 63.47 -5.79
N LYS J 89 26.51 63.03 -7.04
CA LYS J 89 27.59 62.13 -7.44
C LYS J 89 28.87 62.91 -7.67
N ALA J 90 29.98 62.30 -7.31
CA ALA J 90 31.29 62.81 -7.70
C ALA J 90 31.50 62.53 -9.18
N THR J 91 32.42 63.28 -9.78
CA THR J 91 32.66 63.19 -11.21
C THR J 91 34.12 63.47 -11.52
N GLY J 92 34.54 63.02 -12.69
CA GLY J 92 35.89 63.30 -13.16
C GLY J 92 36.19 62.45 -14.38
N VAL J 93 37.49 62.41 -14.72
CA VAL J 93 37.95 61.88 -16.00
C VAL J 93 38.83 60.67 -15.74
N ILE J 94 38.59 59.60 -16.50
CA ILE J 94 39.42 58.40 -16.51
C ILE J 94 40.26 58.43 -17.77
N THR J 95 41.58 58.35 -17.60
CA THR J 95 42.50 58.24 -18.74
C THR J 95 42.68 56.75 -19.03
N PHE J 96 42.01 56.28 -20.07
CA PHE J 96 42.12 54.88 -20.47
C PHE J 96 43.44 54.66 -21.21
N THR J 97 43.83 53.38 -21.30
CA THR J 97 45.02 52.99 -22.03
C THR J 97 44.85 51.57 -22.55
N GLY J 98 45.21 51.36 -23.80
CA GLY J 98 45.11 50.04 -24.39
C GLY J 98 45.25 50.10 -25.89
N VAL J 99 44.96 48.96 -26.52
CA VAL J 99 45.08 48.85 -27.96
C VAL J 99 44.08 49.80 -28.63
N GLN J 100 44.57 50.61 -29.55
CA GLN J 100 43.68 51.51 -30.28
C GLN J 100 42.64 50.71 -31.05
N GLY J 101 41.39 51.15 -30.95
CA GLY J 101 40.27 50.43 -31.52
C GLY J 101 39.50 49.59 -30.52
N THR J 102 40.07 49.32 -29.35
CA THR J 102 39.34 48.59 -28.32
C THR J 102 38.14 49.40 -27.87
N ILE J 103 36.98 48.74 -27.80
CA ILE J 103 35.71 49.40 -27.53
C ILE J 103 35.42 49.32 -26.04
N ILE J 104 35.04 50.45 -25.46
CA ILE J 104 34.56 50.53 -24.08
C ILE J 104 33.27 51.31 -24.09
N THR J 105 32.25 50.79 -23.41
CA THR J 105 30.91 51.33 -23.45
C THR J 105 30.66 52.27 -22.27
N LYS J 106 29.75 53.22 -22.49
CA LYS J 106 29.25 54.02 -21.38
C LYS J 106 28.55 53.12 -20.37
N GLY J 107 28.65 53.49 -19.10
CA GLY J 107 28.00 52.75 -18.04
C GLY J 107 28.80 51.60 -17.48
N THR J 108 29.99 51.32 -18.02
CA THR J 108 30.80 50.24 -17.51
C THR J 108 31.24 50.53 -16.08
N ILE J 109 31.35 49.47 -15.28
CA ILE J 109 31.64 49.58 -13.86
C ILE J 109 33.15 49.49 -13.67
N VAL J 110 33.76 50.59 -13.24
CA VAL J 110 35.17 50.64 -12.89
C VAL J 110 35.27 51.15 -11.46
N THR J 111 36.09 50.47 -10.66
CA THR J 111 36.17 50.71 -9.22
C THR J 111 37.58 51.10 -8.83
N THR J 112 37.72 51.44 -7.56
CA THR J 112 39.03 51.63 -6.94
C THR J 112 39.57 50.25 -6.54
N ILE J 113 40.66 50.23 -5.79
CA ILE J 113 41.26 48.99 -5.32
C ILE J 113 40.58 48.59 -4.02
N ALA J 114 39.84 47.49 -4.04
CA ALA J 114 39.24 46.96 -2.83
C ALA J 114 40.34 46.48 -1.89
N THR J 115 40.14 46.71 -0.59
CA THR J 115 41.10 46.32 0.43
C THR J 115 40.35 45.71 1.60
N ASP J 116 41.11 45.32 2.63
CA ASP J 116 40.49 44.82 3.85
C ASP J 116 39.62 45.89 4.51
N GLU J 117 40.10 47.13 4.52
CA GLU J 117 39.41 48.23 5.17
C GLU J 117 38.53 49.04 4.22
N LYS J 118 38.46 48.67 2.94
CA LYS J 118 37.67 49.41 1.97
C LYS J 118 37.14 48.45 0.91
N GLN J 119 35.86 48.59 0.60
CA GLN J 119 35.26 47.86 -0.51
C GLN J 119 35.58 48.56 -1.83
N SER J 120 35.22 47.91 -2.92
CA SER J 120 35.49 48.45 -4.25
C SER J 120 34.59 49.66 -4.50
N ILE J 121 35.11 50.86 -4.23
CA ILE J 121 34.34 52.07 -4.48
C ILE J 121 34.13 52.19 -5.98
N GLU J 122 32.91 51.96 -6.44
CA GLU J 122 32.61 51.77 -7.84
C GLU J 122 32.31 53.09 -8.53
N PHE J 123 32.60 53.13 -9.83
CA PHE J 123 32.31 54.29 -10.66
C PHE J 123 31.73 53.82 -11.98
N GLU J 124 30.96 54.70 -12.61
CA GLU J 124 30.21 54.41 -13.82
C GLU J 124 30.67 55.34 -14.93
N LEU J 125 31.06 54.78 -16.06
CA LEU J 125 31.50 55.59 -17.19
C LEU J 125 30.33 56.38 -17.74
N LEU J 126 30.56 57.67 -17.99
CA LEU J 126 29.54 58.56 -18.52
C LEU J 126 29.60 58.73 -20.04
N GLU J 127 30.56 58.09 -20.71
CA GLU J 127 30.76 58.30 -22.14
C GLU J 127 31.23 57.01 -22.79
N THR J 128 30.70 56.74 -23.98
CA THR J 128 31.16 55.64 -24.82
C THR J 128 32.18 56.18 -25.81
N LYS J 129 33.40 55.63 -25.77
CA LYS J 129 34.46 56.09 -26.64
C LYS J 129 35.43 54.95 -26.91
N THR J 130 36.15 55.07 -28.01
CA THR J 130 37.17 54.12 -28.42
C THR J 130 38.54 54.71 -28.11
N ILE J 131 39.52 53.83 -27.88
CA ILE J 131 40.86 54.30 -27.54
C ILE J 131 41.44 55.06 -28.73
N GLY J 132 42.10 56.18 -28.43
CA GLY J 132 42.50 57.14 -29.43
C GLY J 132 43.81 56.82 -30.11
N GLU J 133 44.37 57.83 -30.77
CA GLU J 133 45.57 57.64 -31.58
C GLU J 133 46.75 57.20 -30.74
N ASN J 134 46.92 57.80 -29.56
CA ASN J 134 48.06 57.54 -28.71
C ASN J 134 47.84 56.38 -27.76
N GLU J 135 46.97 55.43 -28.12
CA GLU J 135 46.58 54.33 -27.25
C GLU J 135 46.03 54.82 -25.92
N THR J 136 45.31 55.95 -25.97
CA THR J 136 44.69 56.52 -24.77
C THR J 136 43.41 57.24 -25.18
N VAL J 137 42.52 57.40 -24.20
CA VAL J 137 41.30 58.17 -24.38
C VAL J 137 40.79 58.58 -23.00
N ASP J 138 40.32 59.82 -22.90
CA ASP J 138 39.81 60.36 -21.66
C ASP J 138 38.28 60.26 -21.66
N ILE J 139 37.75 59.52 -20.70
CA ILE J 139 36.32 59.30 -20.55
C ILE J 139 35.89 59.84 -19.19
N LYS J 140 34.86 60.66 -19.19
CA LYS J 140 34.29 61.13 -17.94
C LYS J 140 33.44 60.05 -17.29
N ALA J 141 33.43 60.03 -15.96
CA ALA J 141 32.71 59.02 -15.21
C ALA J 141 32.15 59.64 -13.95
N GLU J 142 31.12 59.01 -13.40
CA GLU J 142 30.47 59.43 -12.17
C GLU J 142 30.71 58.42 -11.07
N SER J 143 30.32 58.80 -9.86
CA SER J 143 30.29 57.91 -8.72
C SER J 143 28.93 57.24 -8.65
N ARG J 144 28.94 55.90 -8.55
CA ARG J 144 27.67 55.18 -8.46
C ARG J 144 26.92 55.53 -7.19
N ILE J 145 27.64 55.89 -6.13
CA ILE J 145 27.07 56.23 -4.83
C ILE J 145 27.18 57.74 -4.64
N VAL J 146 26.04 58.41 -4.51
CA VAL J 146 26.05 59.84 -4.19
C VAL J 146 26.64 60.02 -2.80
N GLY J 147 27.49 61.02 -2.65
CA GLY J 147 28.13 61.35 -1.40
C GLY J 147 29.62 61.49 -1.55
N THR J 148 30.27 61.79 -0.42
CA THR J 148 31.71 62.04 -0.42
C THR J 148 32.51 60.79 -0.77
N ILE J 149 31.90 59.61 -0.70
CA ILE J 149 32.60 58.39 -1.09
C ILE J 149 33.07 58.46 -2.54
N GLY J 150 32.29 59.14 -3.39
CA GLY J 150 32.69 59.28 -4.77
C GLY J 150 33.98 60.06 -4.95
N ASN J 151 34.22 61.05 -4.10
CA ASN J 151 35.37 61.93 -4.24
C ASN J 151 36.64 61.20 -3.81
N VAL J 152 37.04 60.24 -4.64
CA VAL J 152 38.27 59.48 -4.42
C VAL J 152 39.44 60.23 -5.03
N SER J 153 40.65 59.85 -4.65
CA SER J 153 41.85 60.53 -5.11
C SER J 153 42.19 60.11 -6.54
N LYS J 154 43.31 60.64 -7.04
CA LYS J 154 43.77 60.32 -8.38
C LYS J 154 44.59 59.03 -8.36
N GLY J 155 44.48 58.27 -9.44
CA GLY J 155 45.15 57.00 -9.55
C GLY J 155 44.48 55.87 -8.81
N SER J 156 43.41 56.14 -8.06
CA SER J 156 42.77 55.08 -7.29
C SER J 156 41.97 54.14 -8.19
N ILE J 157 41.31 54.68 -9.21
CA ILE J 157 40.45 53.89 -10.08
C ILE J 157 41.31 53.23 -11.16
N SER J 158 41.83 52.04 -10.84
CA SER J 158 42.61 51.24 -11.78
C SER J 158 42.02 49.85 -11.95
N VAL J 159 40.73 49.67 -11.64
CA VAL J 159 40.07 48.37 -11.65
C VAL J 159 38.87 48.45 -12.58
N LEU J 160 38.80 47.53 -13.53
CA LEU J 160 37.67 47.37 -14.42
C LEU J 160 36.99 46.05 -14.12
N LEU J 161 35.66 46.08 -13.96
CA LEU J 161 34.88 44.89 -13.64
C LEU J 161 34.30 44.31 -14.92
N GLY J 162 34.47 43.01 -15.08
CA GLY J 162 34.06 42.30 -16.29
C GLY J 162 35.25 41.95 -17.16
N SER J 163 35.02 40.98 -18.05
CA SER J 163 36.07 40.47 -18.92
C SER J 163 36.06 41.28 -20.21
N ILE J 164 36.94 42.28 -20.27
CA ILE J 164 37.17 43.07 -21.48
C ILE J 164 38.68 43.12 -21.70
N SER J 165 39.14 42.58 -22.83
CA SER J 165 40.53 42.62 -23.21
C SER J 165 40.78 43.87 -24.05
N GLY J 166 42.03 44.02 -24.50
CA GLY J 166 42.44 45.16 -25.28
C GLY J 166 42.82 46.37 -24.46
N VAL J 167 42.01 46.68 -23.44
CA VAL J 167 42.36 47.75 -22.51
C VAL J 167 43.57 47.30 -21.69
N LYS J 168 44.62 48.11 -21.71
CA LYS J 168 45.84 47.79 -21.00
C LYS J 168 45.82 48.32 -19.57
N SER J 169 45.36 49.54 -19.37
CA SER J 169 45.27 50.10 -18.03
C SER J 169 44.32 51.29 -18.05
N ILE J 170 43.82 51.64 -16.87
CA ILE J 170 42.94 52.78 -16.67
C ILE J 170 43.36 53.49 -15.40
N THR J 171 43.12 54.79 -15.36
CA THR J 171 43.51 55.58 -14.20
C THR J 171 42.73 56.87 -14.17
N ASN J 172 42.59 57.44 -12.98
CA ASN J 172 41.96 58.74 -12.77
C ASN J 172 43.06 59.74 -12.44
N LYS J 173 43.34 60.63 -13.39
CA LYS J 173 44.39 61.62 -13.18
C LYS J 173 44.02 62.63 -12.09
N GLU J 174 42.73 62.87 -11.89
CA GLU J 174 42.23 63.90 -10.99
C GLU J 174 41.52 63.27 -9.81
N ASP J 175 41.78 63.80 -8.62
CA ASP J 175 40.94 63.49 -7.48
C ASP J 175 39.55 64.03 -7.76
N PHE J 176 38.55 63.15 -7.73
CA PHE J 176 37.23 63.56 -8.19
C PHE J 176 36.61 64.59 -7.26
N ARG J 177 35.72 65.39 -7.84
CA ARG J 177 35.14 66.56 -7.21
C ARG J 177 33.63 66.41 -7.19
N GLY J 178 32.97 67.30 -6.47
CA GLY J 178 31.55 67.17 -6.21
C GLY J 178 31.33 66.13 -5.13
N GLY J 179 30.50 65.13 -5.43
CA GLY J 179 30.26 64.06 -4.48
C GLY J 179 29.69 64.58 -3.18
N THR J 180 28.67 65.41 -3.28
CA THR J 180 28.03 65.96 -2.09
C THR J 180 27.15 64.92 -1.44
N ASP J 181 27.20 64.85 -0.12
CA ASP J 181 26.29 64.06 0.67
C ASP J 181 25.06 64.90 1.01
N ILE J 182 24.15 64.33 1.80
CA ILE J 182 22.99 65.09 2.25
C ILE J 182 23.45 66.23 3.15
N GLU J 183 22.75 67.35 3.06
CA GLU J 183 23.03 68.47 3.95
C GLU J 183 22.78 68.04 5.40
N ASP J 184 23.64 68.50 6.30
CA ASP J 184 23.53 68.12 7.69
C ASP J 184 22.35 68.82 8.34
N GLU J 185 21.93 68.26 9.48
CA GLU J 185 20.91 68.91 10.29
C GLU J 185 21.37 70.28 10.74
N GLU J 186 22.64 70.38 11.16
CA GLU J 186 23.15 71.65 11.68
C GLU J 186 23.07 72.75 10.65
N HIS J 187 23.55 72.49 9.43
CA HIS J 187 23.45 73.49 8.36
C HIS J 187 22.00 73.81 8.05
N PHE J 188 21.17 72.78 7.94
CA PHE J 188 19.78 72.98 7.57
C PHE J 188 19.04 73.78 8.63
N ARG J 189 19.36 73.55 9.91
CA ARG J 189 18.67 74.26 10.98
C ARG J 189 18.93 75.75 10.92
N GLU J 190 20.18 76.15 10.67
CA GLU J 190 20.48 77.57 10.54
C GLU J 190 19.76 78.18 9.36
N ARG J 191 19.71 77.48 8.23
CA ARG J 191 18.99 78.00 7.07
C ARG J 191 17.51 78.16 7.39
N VAL J 192 16.92 77.18 8.07
CA VAL J 192 15.54 77.33 8.50
C VAL J 192 15.41 78.46 9.51
N LEU J 193 16.33 78.51 10.48
CA LEU J 193 16.29 79.59 11.47
C LEU J 193 16.50 80.95 10.81
N VAL J 194 17.41 81.03 9.84
CA VAL J 194 17.65 82.29 9.15
C VAL J 194 16.39 82.72 8.40
N ALA J 195 15.76 81.79 7.69
CA ALA J 195 14.54 82.12 6.96
C ALA J 195 13.43 82.53 7.91
N GLU J 196 13.32 81.85 9.05
CA GLU J 196 12.30 82.19 10.02
C GLU J 196 12.49 83.60 10.56
N GLN J 197 13.74 83.96 10.87
CA GLN J 197 14.00 85.27 11.49
C GLN J 197 14.05 86.38 10.45
N GLU J 198 14.67 86.12 9.31
CA GLU J 198 14.77 87.15 8.27
C GLU J 198 13.40 87.52 7.76
N ASP J 199 13.15 88.82 7.62
CA ASP J 199 11.86 89.27 7.10
C ASP J 199 11.66 88.79 5.67
N LYS J 200 12.70 88.87 4.84
CA LYS J 200 12.65 88.42 3.45
C LYS J 200 11.55 89.14 2.68
N LEU J 201 11.57 90.46 2.77
CA LEU J 201 10.68 91.30 1.95
C LEU J 201 11.27 91.41 0.56
N SER J 202 10.75 92.33 -0.25
CA SER J 202 11.33 92.59 -1.56
C SER J 202 11.11 94.06 -1.89
N GLY J 203 12.20 94.76 -2.18
CA GLY J 203 12.19 96.19 -2.41
C GLY J 203 12.63 97.02 -1.23
N ALA J 204 12.65 96.45 -0.03
CA ALA J 204 13.10 97.17 1.15
C ALA J 204 14.62 97.24 1.18
N SER J 205 15.14 98.02 2.13
CA SER J 205 16.58 98.28 2.21
C SER J 205 17.36 97.00 2.45
N SER J 206 16.80 96.08 3.26
CA SER J 206 17.51 94.83 3.55
C SER J 206 17.73 94.03 2.28
N ASP J 207 16.74 93.98 1.40
CA ASP J 207 16.90 93.26 0.14
C ASP J 207 17.98 93.89 -0.71
N TYR J 208 18.03 95.23 -0.73
CA TYR J 208 19.10 95.93 -1.45
C TYR J 208 20.45 95.55 -0.88
N ILE J 209 20.57 95.47 0.44
CA ILE J 209 21.80 94.99 1.06
C ILE J 209 22.05 93.54 0.67
N ARG J 210 21.00 92.72 0.67
CA ARG J 210 21.14 91.32 0.29
C ARG J 210 21.62 91.18 -1.15
N TRP J 211 21.02 91.96 -2.06
CA TRP J 211 21.46 91.91 -3.46
C TRP J 211 22.88 92.43 -3.59
N ALA J 212 23.23 93.48 -2.84
CA ALA J 212 24.60 93.97 -2.87
C ALA J 212 25.58 92.92 -2.37
N LYS J 213 25.27 92.27 -1.25
CA LYS J 213 26.14 91.25 -0.72
C LYS J 213 26.18 90.00 -1.60
N GLU J 214 25.14 89.78 -2.41
CA GLU J 214 25.19 88.67 -3.36
C GLU J 214 26.30 88.86 -4.38
N VAL J 215 26.61 90.10 -4.73
CA VAL J 215 27.72 90.38 -5.63
C VAL J 215 29.02 90.04 -4.93
N ASP J 216 29.88 89.28 -5.61
CA ASP J 216 31.15 88.88 -5.02
C ASP J 216 32.03 90.09 -4.76
N GLY J 217 32.80 90.03 -3.68
CA GLY J 217 33.65 91.12 -3.26
C GLY J 217 32.99 92.12 -2.33
N VAL J 218 31.67 92.12 -2.25
CA VAL J 218 30.94 93.03 -1.38
C VAL J 218 30.97 92.45 0.03
N GLY J 219 31.82 93.00 0.88
CA GLY J 219 31.88 92.55 2.25
C GLY J 219 30.66 93.00 3.03
N TYR J 220 30.44 94.32 3.07
CA TYR J 220 29.36 94.91 3.84
C TYR J 220 28.69 95.98 2.99
N ALA J 221 27.37 96.05 3.09
CA ALA J 221 26.56 96.98 2.32
C ALA J 221 25.58 97.69 3.23
N TYR J 222 25.35 98.97 2.95
CA TYR J 222 24.41 99.80 3.69
C TYR J 222 23.58 100.60 2.70
N VAL J 223 22.28 100.73 2.99
CA VAL J 223 21.32 101.34 2.09
C VAL J 223 20.64 102.49 2.82
N VAL J 224 20.48 103.62 2.12
CA VAL J 224 19.77 104.78 2.62
C VAL J 224 18.53 104.97 1.75
N SER J 225 17.37 104.83 2.36
CA SER J 225 16.12 105.16 1.69
C SER J 225 15.90 106.66 1.72
N GLU J 226 15.36 107.20 0.63
CA GLU J 226 14.95 108.60 0.56
C GLU J 226 16.14 109.55 0.74
N TRP J 227 17.33 109.13 0.31
CA TRP J 227 18.50 109.98 0.43
C TRP J 227 18.34 111.28 -0.36
N ALA J 228 17.58 111.24 -1.45
CA ALA J 228 17.33 112.41 -2.29
C ALA J 228 15.83 112.55 -2.58
N GLY J 229 15.00 112.20 -1.60
CA GLY J 229 13.57 112.34 -1.73
C GLY J 229 12.90 111.09 -2.25
N ALA J 230 11.62 111.27 -2.60
CA ALA J 230 10.79 110.16 -3.06
C ALA J 230 11.35 109.54 -4.32
N GLY J 231 11.40 108.21 -4.36
CA GLY J 231 11.91 107.48 -5.49
C GLY J 231 13.41 107.28 -5.51
N THR J 232 14.14 107.85 -4.55
CA THR J 232 15.60 107.86 -4.56
C THR J 232 16.13 106.88 -3.52
N VAL J 233 17.07 106.04 -3.94
CA VAL J 233 17.70 105.05 -3.06
C VAL J 233 19.20 105.11 -3.27
N LYS J 234 19.95 104.93 -2.19
CA LYS J 234 21.40 104.87 -2.22
C LYS J 234 21.87 103.55 -1.65
N VAL J 235 22.95 103.02 -2.21
CA VAL J 235 23.60 101.79 -1.75
C VAL J 235 25.06 102.13 -1.47
N LEU J 236 25.53 101.70 -0.30
CA LEU J 236 26.87 102.04 0.18
C LEU J 236 27.57 100.74 0.55
N ILE J 237 28.53 100.34 -0.28
CA ILE J 237 29.15 99.03 -0.18
C ILE J 237 30.60 99.17 0.24
N LEU J 238 31.14 98.08 0.77
CA LEU J 238 32.52 98.03 1.24
C LEU J 238 33.11 96.69 0.87
N ASP J 239 34.44 96.64 0.80
CA ASP J 239 35.14 95.40 0.49
C ASP J 239 35.07 94.46 1.68
N LYS J 240 35.76 93.32 1.56
CA LYS J 240 35.76 92.33 2.63
C LYS J 240 36.41 92.88 3.90
N ASN J 241 37.32 93.84 3.77
CA ASN J 241 37.99 94.45 4.90
C ASN J 241 37.22 95.64 5.47
N ARG J 242 36.01 95.90 4.99
CA ARG J 242 35.20 97.03 5.44
C ARG J 242 35.86 98.37 5.09
N LYS J 243 36.69 98.38 4.06
CA LYS J 243 37.29 99.60 3.54
C LYS J 243 36.47 100.08 2.35
N ALA J 244 36.93 101.16 1.72
CA ALA J 244 36.21 101.72 0.58
C ALA J 244 36.16 100.72 -0.56
N ALA J 245 34.95 100.39 -1.01
CA ALA J 245 34.77 99.43 -2.08
C ALA J 245 35.37 99.94 -3.38
N THR J 246 35.93 99.02 -4.16
CA THR J 246 36.47 99.38 -5.46
C THR J 246 35.35 99.84 -6.38
N GLN J 247 35.70 100.70 -7.34
CA GLN J 247 34.69 101.22 -8.25
C GLN J 247 34.09 100.12 -9.11
N GLU J 248 34.90 99.12 -9.49
CA GLU J 248 34.38 98.00 -10.26
C GLU J 248 33.31 97.27 -9.46
N LEU J 249 33.54 97.10 -8.15
CA LEU J 249 32.53 96.51 -7.28
C LEU J 249 31.26 97.36 -7.29
N ILE J 250 31.41 98.69 -7.24
CA ILE J 250 30.25 99.56 -7.37
C ILE J 250 29.59 99.36 -8.73
N ASP J 251 30.40 99.25 -9.79
CA ASP J 251 29.86 99.00 -11.12
C ASP J 251 29.16 97.64 -11.18
N LYS J 252 29.76 96.62 -10.57
CA LYS J 252 29.14 95.30 -10.54
C LYS J 252 27.81 95.36 -9.80
N VAL J 253 27.78 96.00 -8.64
CA VAL J 253 26.55 96.13 -7.88
C VAL J 253 25.56 97.01 -8.65
N GLN J 254 26.06 98.04 -9.33
CA GLN J 254 25.18 98.87 -10.14
C GLN J 254 24.52 98.03 -11.23
N GLU J 255 25.31 97.30 -12.01
CA GLU J 255 24.74 96.44 -13.03
C GLU J 255 23.85 95.35 -12.43
N TYR J 256 24.20 94.88 -11.23
CA TYR J 256 23.40 93.84 -10.60
C TYR J 256 22.02 94.35 -10.21
N ILE J 257 21.95 95.55 -9.63
CA ILE J 257 20.73 96.04 -9.00
C ILE J 257 20.05 97.15 -9.80
N TYR J 258 20.81 98.01 -10.48
CA TYR J 258 20.23 99.18 -11.13
C TYR J 258 21.12 99.66 -12.27
N PRO J 259 21.15 98.96 -13.41
CA PRO J 259 22.00 99.42 -14.51
C PRO J 259 21.61 100.82 -14.98
N LEU J 260 22.63 101.63 -15.24
CA LEU J 260 22.39 102.98 -15.75
C LEU J 260 22.04 102.94 -17.24
N ASN J 261 22.67 102.05 -17.99
CA ASN J 261 22.27 101.85 -19.37
C ASN J 261 20.87 101.26 -19.44
N ILE J 262 20.15 101.58 -20.52
CA ILE J 262 18.76 101.23 -20.66
C ILE J 262 18.53 100.65 -22.05
N SER J 263 17.44 99.89 -22.16
CA SER J 263 16.99 99.33 -23.42
C SER J 263 15.47 99.30 -23.42
N GLU J 264 14.89 99.23 -24.62
CA GLU J 264 13.44 99.25 -24.72
C GLU J 264 12.82 98.02 -24.07
N GLY J 265 13.41 96.85 -24.30
CA GLY J 265 12.96 95.64 -23.65
C GLY J 265 13.47 95.57 -22.22
N GLU J 266 14.78 95.67 -22.07
CA GLU J 266 15.40 95.73 -20.74
C GLU J 266 15.45 97.19 -20.33
N ASN J 267 14.42 97.63 -19.60
CA ASN J 267 14.44 98.97 -19.03
C ASN J 267 15.66 99.13 -18.13
N ARG J 268 15.71 98.37 -17.04
CA ARG J 268 16.93 98.16 -16.28
C ARG J 268 17.18 96.69 -15.98
N ASP J 269 16.12 95.91 -15.74
CA ASP J 269 16.22 94.48 -15.43
C ASP J 269 17.10 94.22 -14.21
N GLY J 270 17.18 95.19 -13.30
CA GLY J 270 17.90 95.00 -12.06
C GLY J 270 17.02 94.40 -10.99
N LYS J 271 17.65 94.03 -9.87
CA LYS J 271 16.90 93.47 -8.76
C LYS J 271 15.94 94.48 -8.13
N ALA J 272 16.21 95.78 -8.29
CA ALA J 272 15.35 96.78 -7.70
C ALA J 272 14.01 96.83 -8.43
N PRO J 273 12.96 97.36 -7.79
CA PRO J 273 11.67 97.47 -8.48
C PRO J 273 11.73 98.52 -9.59
N ILE J 274 10.68 98.52 -10.41
CA ILE J 274 10.51 99.59 -11.38
C ILE J 274 10.08 100.85 -10.66
N GLY J 275 10.55 102.00 -11.16
CA GLY J 275 10.28 103.28 -10.55
C GLY J 275 11.30 103.72 -9.53
N ALA J 276 12.12 102.80 -9.03
CA ALA J 276 13.17 103.18 -8.09
C ALA J 276 14.27 103.96 -8.82
N LEU J 277 15.02 104.72 -8.04
CA LEU J 277 16.17 105.49 -8.53
C LEU J 277 17.30 105.19 -7.56
N VAL J 278 18.05 104.13 -7.85
CA VAL J 278 19.02 103.56 -6.93
C VAL J 278 20.40 104.08 -7.27
N THR J 279 21.14 104.50 -6.25
CA THR J 279 22.52 104.95 -6.38
C THR J 279 23.43 103.97 -5.65
N VAL J 280 24.58 103.69 -6.25
CA VAL J 280 25.56 102.74 -5.71
C VAL J 280 26.88 103.47 -5.57
N VAL J 281 27.38 103.54 -4.34
CA VAL J 281 28.64 104.20 -4.00
C VAL J 281 29.31 103.39 -2.90
N THR J 282 30.46 103.89 -2.42
CA THR J 282 31.11 103.40 -1.21
C THR J 282 31.06 104.48 -0.13
N PRO J 283 30.79 104.15 1.13
CA PRO J 283 30.61 105.18 2.14
C PRO J 283 31.94 105.73 2.66
N ASP J 284 31.84 106.69 3.57
CA ASP J 284 33.01 107.21 4.27
C ASP J 284 33.37 106.25 5.39
N THR J 285 34.58 105.69 5.31
CA THR J 285 35.04 104.66 6.24
C THR J 285 35.77 105.33 7.40
N LEU J 286 35.06 105.51 8.52
CA LEU J 286 35.64 106.09 9.72
C LEU J 286 36.20 104.96 10.58
N LEU J 287 37.52 104.85 10.63
CA LEU J 287 38.16 103.81 11.41
C LEU J 287 38.05 104.12 12.90
N ILE J 288 37.90 103.07 13.70
CA ILE J 288 37.87 103.18 15.17
C ILE J 288 38.90 102.18 15.68
N ASN J 289 40.11 102.64 15.93
CA ASN J 289 41.22 101.79 16.32
C ASN J 289 41.22 101.62 17.83
N VAL J 290 41.05 100.38 18.30
CA VAL J 290 41.01 100.08 19.72
C VAL J 290 42.42 99.84 20.21
N LYS J 291 42.70 100.31 21.43
CA LYS J 291 43.99 100.10 22.08
C LYS J 291 43.74 99.76 23.54
N ALA J 292 44.28 98.61 23.97
CA ALA J 292 44.09 98.13 25.33
C ALA J 292 45.34 97.39 25.77
N SER J 293 45.49 97.25 27.08
CA SER J 293 46.56 96.45 27.66
C SER J 293 46.13 94.99 27.72
N PHE J 294 46.11 94.36 26.56
CA PHE J 294 45.70 92.97 26.46
C PHE J 294 46.71 92.05 27.15
N ILE J 295 46.19 91.03 27.84
CA ILE J 295 47.00 89.96 28.40
C ILE J 295 46.47 88.65 27.83
N PHE J 296 47.36 87.85 27.26
CA PHE J 296 46.99 86.72 26.42
C PHE J 296 47.21 85.40 27.14
N SER J 297 46.44 84.40 26.74
CA SER J 297 46.42 83.09 27.37
C SER J 297 47.33 82.12 26.61
N ASN J 298 47.44 80.92 27.14
CA ASN J 298 48.25 79.88 26.52
C ASN J 298 47.51 79.26 25.35
N GLY J 299 48.28 78.57 24.49
CA GLY J 299 47.69 77.90 23.35
C GLY J 299 47.08 78.82 22.32
N PHE J 300 47.52 80.06 22.26
CA PHE J 300 46.97 81.04 21.32
C PHE J 300 48.08 81.98 20.88
N SER J 301 47.93 82.50 19.67
CA SER J 301 48.83 83.50 19.10
C SER J 301 48.19 84.87 19.22
N GLU J 302 48.96 85.85 19.69
CA GLU J 302 48.42 87.18 19.90
C GLU J 302 47.89 87.78 18.60
N GLU J 303 48.67 87.66 17.52
CA GLU J 303 48.21 88.21 16.24
C GLU J 303 46.94 87.50 15.76
N THR J 304 46.86 86.18 15.95
CA THR J 304 45.64 85.47 15.60
C THR J 304 44.48 85.91 16.48
N VAL J 305 44.72 86.06 17.78
CA VAL J 305 43.67 86.49 18.70
C VAL J 305 43.20 87.89 18.34
N LEU J 306 44.13 88.77 18.00
CA LEU J 306 43.76 90.13 17.60
C LEU J 306 42.90 90.11 16.34
N ASN J 307 43.27 89.27 15.37
CA ASN J 307 42.45 89.15 14.17
C ASN J 307 41.08 88.59 14.50
N ASN J 308 41.01 87.62 15.43
CA ASN J 308 39.72 87.15 15.88
C ASN J 308 38.92 88.26 16.54
N LEU J 309 39.58 89.05 17.40
CA LEU J 309 38.91 90.20 18.00
C LEU J 309 38.54 91.21 16.95
N LYS J 310 39.38 91.37 15.92
CA LYS J 310 39.01 92.22 14.79
C LYS J 310 37.76 91.71 14.10
N THR J 311 37.68 90.39 13.89
CA THR J 311 36.48 89.82 13.27
C THR J 311 35.26 90.01 14.17
N LYS J 312 35.43 89.80 15.48
CA LYS J 312 34.32 89.97 16.40
C LYS J 312 33.83 91.42 16.40
N ILE J 313 34.75 92.36 16.56
CA ILE J 313 34.36 93.77 16.52
C ILE J 313 33.84 94.13 15.14
N ASP J 314 34.43 93.54 14.10
CA ASP J 314 33.93 93.76 12.74
C ASP J 314 32.48 93.34 12.62
N LYS J 315 32.10 92.23 13.26
CA LYS J 315 30.70 91.85 13.31
C LYS J 315 29.88 92.89 14.08
N TYR J 316 30.44 93.42 15.16
CA TYR J 316 29.73 94.45 15.91
C TYR J 316 29.52 95.70 15.08
N LEU J 317 30.43 96.00 14.15
CA LEU J 317 30.22 97.16 13.28
C LEU J 317 29.01 96.97 12.38
N ASP J 318 28.72 95.74 11.96
CA ASP J 318 27.47 95.48 11.27
C ASP J 318 26.28 95.75 12.17
N LYS J 319 26.36 95.34 13.44
CA LYS J 319 25.32 95.69 14.40
C LYS J 319 25.21 97.20 14.56
N ILE J 320 26.32 97.91 14.44
CA ILE J 320 26.28 99.37 14.46
C ILE J 320 25.64 99.86 13.18
N ASP J 321 24.61 100.68 13.31
CA ASP J 321 23.90 101.18 12.15
C ASP J 321 24.73 102.21 11.40
N LEU J 322 24.37 102.42 10.14
CA LEU J 322 24.96 103.52 9.37
C LEU J 322 24.62 104.84 10.04
N GLY J 323 25.66 105.59 10.41
CA GLY J 323 25.45 106.79 11.19
C GLY J 323 25.06 106.54 12.62
N GLY J 324 25.35 105.35 13.16
CA GLY J 324 25.00 105.00 14.51
C GLY J 324 26.04 105.47 15.51
N THR J 325 25.95 104.92 16.72
CA THR J 325 26.85 105.24 17.82
C THR J 325 27.65 104.00 18.20
N VAL J 326 28.97 104.14 18.18
CA VAL J 326 29.87 103.07 18.62
C VAL J 326 29.97 103.14 20.13
N SER J 327 29.64 102.03 20.80
CA SER J 327 29.55 101.98 22.25
C SER J 327 30.84 101.40 22.82
N TYR J 328 31.49 102.17 23.70
CA TYR J 328 32.63 101.65 24.44
C TYR J 328 32.22 100.47 25.31
N ASN J 329 31.02 100.53 25.89
CA ASN J 329 30.53 99.44 26.71
C ASN J 329 30.35 98.17 25.89
N ALA J 330 29.84 98.29 24.66
CA ALA J 330 29.71 97.14 23.80
C ALA J 330 31.08 96.56 23.46
N ILE J 331 32.07 97.43 23.23
CA ILE J 331 33.40 96.95 22.91
C ILE J 331 34.02 96.25 24.12
N GLN J 332 33.71 96.73 25.32
CA GLN J 332 34.09 95.98 26.52
C GLN J 332 33.47 94.59 26.51
N ALA J 333 32.23 94.48 26.03
CA ALA J 333 31.57 93.18 25.97
C ALA J 333 32.30 92.24 25.01
N ILE J 334 32.67 92.75 23.83
CA ILE J 334 33.33 91.90 22.84
C ILE J 334 34.70 91.47 23.35
N VAL J 335 35.44 92.39 23.96
CA VAL J 335 36.78 92.07 24.44
C VAL J 335 36.71 91.06 25.58
N GLY J 336 35.86 91.32 26.57
CA GLY J 336 35.75 90.42 27.70
C GLY J 336 35.18 89.07 27.34
N SER J 337 34.25 89.02 26.37
CA SER J 337 33.70 87.75 25.94
C SER J 337 34.78 86.84 25.36
N MET J 338 35.80 87.42 24.73
CA MET J 338 36.94 86.62 24.29
C MET J 338 37.60 85.93 25.48
N MET J 339 37.64 86.61 26.63
CA MET J 339 38.19 86.00 27.83
C MET J 339 37.26 84.95 28.40
N LEU J 340 35.96 85.27 28.48
CA LEU J 340 35.00 84.30 29.00
C LEU J 340 34.93 83.06 28.11
N THR J 341 35.17 83.22 26.82
CA THR J 341 35.27 82.09 25.91
C THR J 341 36.65 81.43 25.90
N ASP J 342 37.59 81.93 26.71
CA ASP J 342 38.93 81.36 26.81
C ASP J 342 39.67 81.43 25.48
N GLU J 343 39.34 82.42 24.67
CA GLU J 343 39.85 82.51 23.30
C GLU J 343 41.11 83.36 23.24
N GLY J 344 42.12 82.92 23.99
CA GLY J 344 43.45 83.48 23.90
C GLY J 344 43.70 84.75 24.68
N ILE J 345 42.70 85.24 25.43
CA ILE J 345 42.85 86.43 26.27
C ILE J 345 42.52 86.02 27.70
N GLU J 346 43.45 86.30 28.62
CA GLU J 346 43.27 86.01 30.04
C GLU J 346 42.86 87.25 30.83
N ASP J 347 43.39 88.41 30.48
CA ASP J 347 43.05 89.66 31.14
C ASP J 347 43.21 90.80 30.15
N PHE J 348 42.54 91.91 30.43
CA PHE J 348 42.71 93.11 29.63
C PHE J 348 42.39 94.32 30.50
N SER J 349 42.89 95.47 30.08
CA SER J 349 42.70 96.71 30.83
C SER J 349 43.15 97.87 29.96
N ASN J 350 42.82 99.09 30.42
CA ASN J 350 43.21 100.32 29.75
C ASN J 350 42.69 100.39 28.32
N LEU J 351 41.51 99.82 28.08
CA LEU J 351 40.96 99.82 26.74
C LEU J 351 40.53 101.23 26.34
N THR J 352 40.99 101.67 25.18
CA THR J 352 40.68 103.00 24.66
C THR J 352 40.43 102.88 23.17
N ILE J 353 39.23 103.26 22.74
CA ILE J 353 38.86 103.22 21.33
C ILE J 353 39.20 104.58 20.72
N ASN J 354 40.09 104.57 19.73
CA ASN J 354 40.72 105.78 19.23
C ASN J 354 41.32 106.59 20.36
N ASP J 355 41.95 105.89 21.31
CA ASP J 355 42.64 106.50 22.45
C ASP J 355 41.71 107.32 23.31
N VAL J 356 40.43 106.95 23.37
CA VAL J 356 39.46 107.59 24.25
C VAL J 356 38.48 106.54 24.74
N LYS J 357 38.12 106.61 26.02
CA LYS J 357 37.13 105.72 26.62
C LYS J 357 35.74 106.33 26.55
N GLU J 358 35.31 106.68 25.33
CA GLU J 358 34.06 107.38 25.10
C GLU J 358 33.35 106.78 23.90
N ASN J 359 32.02 106.78 23.96
CA ASN J 359 31.22 106.28 22.84
C ASN J 359 31.26 107.26 21.69
N ILE J 360 31.50 106.76 20.48
CA ILE J 360 31.72 107.58 19.30
C ILE J 360 30.46 107.52 18.43
N LYS J 361 30.06 108.69 17.91
CA LYS J 361 28.85 108.83 17.10
C LYS J 361 29.27 109.03 15.64
N LEU J 362 28.79 108.14 14.77
CA LEU J 362 29.01 108.31 13.34
C LEU J 362 28.15 109.44 12.79
N GLN J 363 28.72 110.23 11.90
CA GLN J 363 28.02 111.35 11.26
C GLN J 363 27.50 110.92 9.90
N ASP J 364 26.50 110.04 9.94
CA ASP J 364 25.90 109.42 8.75
C ASP J 364 26.96 108.69 7.93
N GLN J 365 27.94 108.09 8.61
CA GLN J 365 28.97 107.28 8.01
C GLN J 365 28.85 105.85 8.53
N VAL J 366 29.66 104.97 7.96
CA VAL J 366 29.84 103.61 8.47
C VAL J 366 31.18 103.56 9.18
N VAL J 367 31.19 103.06 10.41
CA VAL J 367 32.44 102.83 11.11
C VAL J 367 33.21 101.75 10.39
N GLY J 368 34.49 102.02 10.13
CA GLY J 368 35.39 101.04 9.57
C GLY J 368 36.16 100.33 10.67
N ILE J 369 36.58 99.10 10.39
CA ILE J 369 37.32 98.33 11.38
C ILE J 369 38.70 98.96 11.56
N GLY J 370 39.03 99.31 12.80
CA GLY J 370 40.30 99.91 13.11
C GLY J 370 41.32 98.88 13.57
N GLU J 371 42.52 99.37 13.86
CA GLU J 371 43.61 98.51 14.28
C GLU J 371 43.53 98.28 15.78
N ILE J 372 43.59 97.01 16.18
CA ILE J 372 43.62 96.64 17.59
C ILE J 372 45.07 96.68 18.04
N VAL J 373 45.32 97.37 19.15
CA VAL J 373 46.66 97.61 19.65
C VAL J 373 46.76 97.04 21.06
N ASN J 374 47.80 96.24 21.30
CA ASN J 374 48.11 95.75 22.63
C ASN J 374 49.03 96.77 23.31
N GLU J 375 48.59 97.31 24.43
CA GLU J 375 49.30 98.37 25.11
C GLU J 375 50.27 97.81 26.14
N GLU K 2 55.04 22.42 54.20
CA GLU K 2 54.13 23.42 54.81
C GLU K 2 53.78 23.02 56.25
N ARG K 3 53.06 23.88 56.95
CA ARG K 3 52.69 23.61 58.32
C ARG K 3 51.75 22.42 58.39
N GLU K 4 51.95 21.58 59.42
CA GLU K 4 51.12 20.43 59.68
C GLU K 4 50.24 20.69 60.91
N LEU K 5 49.02 20.18 60.86
CA LEU K 5 48.06 20.42 61.93
C LEU K 5 48.17 19.27 62.94
N PRO K 6 48.57 19.51 64.21
CA PRO K 6 48.73 18.38 65.14
C PRO K 6 47.39 17.83 65.61
N ILE K 7 46.82 16.94 64.82
CA ILE K 7 45.49 16.40 65.11
C ILE K 7 45.57 15.52 66.35
N PRO K 8 44.57 15.52 67.25
CA PRO K 8 44.60 14.59 68.38
C PRO K 8 44.49 13.14 67.94
N VAL K 9 45.01 12.26 68.79
CA VAL K 9 45.07 10.84 68.45
C VAL K 9 43.67 10.25 68.33
N PHE K 10 42.76 10.61 69.25
CA PHE K 10 41.43 10.03 69.22
C PHE K 10 40.68 10.39 67.94
N LEU K 11 41.03 11.51 67.34
CA LEU K 11 40.51 11.87 66.02
C LEU K 11 41.18 11.09 64.89
N THR K 12 42.18 10.26 65.19
CA THR K 12 42.90 9.46 64.20
C THR K 12 43.06 8.03 64.70
N GLU K 13 41.98 7.45 65.19
CA GLU K 13 42.02 6.07 65.64
C GLU K 13 42.31 5.13 64.49
N ASP K 14 43.06 4.07 64.78
CA ASP K 14 43.30 3.03 63.79
C ASP K 14 42.03 2.24 63.52
N GLU K 15 41.93 1.70 62.31
CA GLU K 15 40.82 0.84 61.96
C GLU K 15 40.75 -0.36 62.89
N ASP K 16 41.88 -1.01 63.13
CA ASP K 16 41.90 -2.18 64.00
C ASP K 16 41.54 -1.81 65.43
N SER K 17 42.02 -0.65 65.90
CA SER K 17 41.65 -0.20 67.23
C SER K 17 40.15 0.03 67.34
N VAL K 18 39.56 0.60 66.30
CA VAL K 18 38.11 0.71 66.25
C VAL K 18 37.47 -0.67 66.23
N HIS K 19 37.99 -1.56 65.39
CA HIS K 19 37.44 -2.91 65.31
C HIS K 19 37.62 -3.65 66.63
N GLU K 20 38.79 -3.50 67.26
CA GLU K 20 39.02 -4.17 68.53
C GLU K 20 38.03 -3.68 69.59
N ARG K 21 37.84 -2.36 69.68
CA ARG K 21 36.83 -1.83 70.57
C ARG K 21 35.44 -2.29 70.15
N MET K 22 35.24 -2.53 68.85
CA MET K 22 33.97 -3.06 68.38
C MET K 22 33.70 -4.43 68.98
N LEU K 23 34.68 -5.31 68.93
CA LEU K 23 34.50 -6.69 69.40
C LEU K 23 34.47 -6.80 70.92
N SER K 24 34.82 -5.73 71.64
CA SER K 24 34.89 -5.81 73.09
C SER K 24 33.55 -6.14 73.72
N ASN K 25 32.46 -5.69 73.11
CA ASN K 25 31.14 -5.86 73.71
C ASN K 25 30.75 -7.34 73.81
N PHE K 26 31.06 -8.12 72.79
CA PHE K 26 30.60 -9.50 72.72
C PHE K 26 31.26 -10.34 73.80
N GLN K 27 30.52 -11.33 74.29
CA GLN K 27 30.90 -12.11 75.47
C GLN K 27 30.84 -13.62 75.26
N ASP K 28 29.84 -14.13 74.52
CA ASP K 28 29.60 -15.56 74.40
C ASP K 28 29.45 -15.97 72.92
N VAL K 29 30.18 -15.33 72.03
CA VAL K 29 30.15 -15.65 70.61
C VAL K 29 31.56 -15.55 70.06
N SER K 30 31.89 -16.44 69.13
CA SER K 30 33.19 -16.40 68.50
C SER K 30 33.39 -15.09 67.75
N THR K 31 34.39 -14.33 68.16
CA THR K 31 34.75 -13.07 67.53
C THR K 31 35.95 -13.20 66.61
N LEU K 32 36.23 -14.42 66.16
CA LEU K 32 37.39 -14.69 65.33
C LEU K 32 37.11 -14.29 63.88
N GLU K 33 38.19 -14.12 63.12
CA GLU K 33 38.05 -13.82 61.71
C GLU K 33 37.36 -14.97 61.00
N GLY K 34 36.54 -14.63 60.00
CA GLY K 34 35.69 -15.59 59.35
C GLY K 34 34.36 -15.84 60.04
N ASP K 35 34.17 -15.31 61.24
CA ASP K 35 32.90 -15.39 61.93
C ASP K 35 31.97 -14.28 61.46
N PHE K 36 30.68 -14.45 61.75
CA PHE K 36 29.72 -13.40 61.42
C PHE K 36 30.05 -12.10 62.13
N ILE K 37 30.42 -12.19 63.42
CA ILE K 37 30.65 -10.99 64.20
C ILE K 37 31.87 -10.25 63.66
N TYR K 38 32.97 -10.95 63.44
CA TYR K 38 34.15 -10.30 62.90
C TYR K 38 33.90 -9.80 61.48
N ASP K 39 33.38 -10.67 60.62
CA ASP K 39 33.20 -10.30 59.22
C ASP K 39 32.20 -9.17 59.06
N ALA K 40 31.09 -9.22 59.81
CA ALA K 40 30.07 -8.18 59.66
C ALA K 40 30.54 -6.85 60.22
N THR K 41 31.34 -6.86 61.29
CA THR K 41 31.74 -5.62 61.94
C THR K 41 32.95 -4.96 61.29
N ARG K 42 33.79 -5.72 60.59
CA ARG K 42 34.99 -5.12 60.00
C ARG K 42 34.67 -4.02 58.98
N PRO K 43 33.71 -4.19 58.07
CA PRO K 43 33.39 -3.05 57.18
C PRO K 43 32.94 -1.81 57.93
N THR K 44 32.19 -1.97 59.02
CA THR K 44 31.81 -0.81 59.82
C THR K 44 33.03 -0.10 60.36
N ALA K 45 33.97 -0.87 60.91
CA ALA K 45 35.21 -0.26 61.39
C ALA K 45 35.98 0.40 60.26
N GLU K 46 35.95 -0.21 59.07
CA GLU K 46 36.62 0.38 57.92
C GLU K 46 36.02 1.73 57.57
N GLN K 47 34.70 1.82 57.56
CA GLN K 47 34.05 3.08 57.22
C GLN K 47 34.21 4.09 58.34
N ILE K 48 34.08 3.65 59.60
CA ILE K 48 34.18 4.57 60.72
C ILE K 48 35.57 5.20 60.77
N ALA K 49 36.61 4.38 60.62
CA ALA K 49 37.96 4.91 60.58
C ALA K 49 38.15 5.80 59.36
N GLU K 50 37.66 5.37 58.20
CA GLU K 50 37.84 6.16 56.99
C GLU K 50 37.12 7.50 57.10
N LEU K 51 35.89 7.49 57.60
CA LEU K 51 35.17 8.75 57.80
C LEU K 51 35.90 9.64 58.80
N LYS K 52 36.43 9.03 59.86
CA LYS K 52 37.13 9.82 60.87
C LYS K 52 38.35 10.50 60.27
N GLN K 53 39.10 9.79 59.45
CA GLN K 53 40.29 10.35 58.83
C GLN K 53 39.93 11.25 57.67
N LEU K 54 39.34 10.68 56.61
CA LEU K 54 39.07 11.47 55.42
C LEU K 54 38.01 12.54 55.69
N GLY K 55 36.99 12.22 56.47
CA GLY K 55 35.96 13.18 56.75
C GLY K 55 36.40 14.30 57.67
N LEU K 56 36.61 13.99 58.96
CA LEU K 56 36.78 15.03 59.95
C LEU K 56 38.13 15.73 59.81
N GLN K 57 39.22 14.98 59.69
CA GLN K 57 40.53 15.60 59.64
C GLN K 57 40.68 16.48 58.41
N ASN K 58 40.25 15.98 57.25
CA ASN K 58 40.30 16.80 56.05
C ASN K 58 39.37 17.99 56.16
N ASN K 59 38.17 17.78 56.72
CA ASN K 59 37.24 18.88 56.92
C ASN K 59 37.83 19.93 57.85
N LEU K 60 38.43 19.48 58.95
CA LEU K 60 39.09 20.41 59.85
C LEU K 60 40.31 21.04 59.19
N LYS K 61 41.03 20.28 58.37
CA LYS K 61 42.24 20.79 57.76
C LYS K 61 41.94 21.94 56.81
N ILE K 62 40.93 21.77 55.94
CA ILE K 62 40.61 22.81 54.97
C ILE K 62 40.05 24.06 55.64
N ALA K 63 39.55 23.94 56.87
CA ALA K 63 39.04 25.12 57.56
C ALA K 63 40.14 26.14 57.79
N PHE K 64 41.34 25.69 58.21
CA PHE K 64 42.42 26.60 58.51
C PHE K 64 43.27 26.87 57.27
N PRO K 65 43.86 28.06 57.12
CA PRO K 65 44.72 28.29 55.96
C PRO K 65 45.99 27.48 56.00
N GLN K 66 46.40 27.01 57.17
CA GLN K 66 47.61 26.21 57.28
C GLN K 66 47.50 24.89 56.52
N THR K 67 46.28 24.39 56.30
CA THR K 67 46.07 23.12 55.62
C THR K 67 44.89 23.21 54.66
N SER K 68 44.84 24.27 53.87
CA SER K 68 43.83 24.45 52.84
C SER K 68 44.52 24.59 51.49
N TYR K 69 43.82 24.16 50.43
CA TYR K 69 44.41 24.04 49.10
C TYR K 69 43.63 24.73 48.00
N GLY K 70 42.29 24.67 48.03
CA GLY K 70 41.50 25.07 46.89
C GLY K 70 40.83 26.41 47.05
N THR K 71 39.56 26.49 46.60
CA THR K 71 38.77 27.70 46.81
C THR K 71 38.63 28.01 48.29
N TYR K 72 38.68 26.98 49.14
CA TYR K 72 38.64 27.21 50.58
C TYR K 72 39.82 28.05 51.02
N LEU K 73 41.01 27.75 50.50
CA LEU K 73 42.17 28.58 50.78
C LEU K 73 41.97 30.00 50.26
N GLU K 74 41.42 30.13 49.05
CA GLU K 74 41.20 31.45 48.48
C GLU K 74 40.21 32.25 49.33
N TRP K 75 39.15 31.58 49.80
CA TRP K 75 38.22 32.26 50.69
C TRP K 75 38.91 32.69 51.98
N LEU K 76 39.75 31.83 52.55
CA LEU K 76 40.49 32.20 53.74
C LEU K 76 41.43 33.36 53.47
N GLY K 77 42.12 33.33 52.33
CA GLY K 77 42.94 34.46 51.95
C GLY K 77 42.14 35.73 51.74
N GLU K 78 40.91 35.59 51.25
CA GLU K 78 40.07 36.77 51.05
C GLU K 78 39.73 37.42 52.39
N CYS K 79 39.39 36.62 53.41
CA CYS K 79 38.90 37.16 54.67
C CYS K 79 39.89 38.11 55.31
N LYS K 80 41.19 37.89 55.08
CA LYS K 80 42.24 38.77 55.56
C LYS K 80 42.85 39.60 54.44
N GLY K 81 42.11 39.78 53.34
CA GLY K 81 42.48 40.72 52.30
C GLY K 81 43.44 40.20 51.26
N VAL K 82 43.80 38.93 51.29
CA VAL K 82 44.76 38.37 50.35
C VAL K 82 44.01 37.84 49.14
N PHE K 83 44.59 38.04 47.96
CA PHE K 83 44.00 37.62 46.69
C PHE K 83 45.08 37.00 45.82
N LYS K 84 44.76 35.86 45.22
CA LYS K 84 45.73 35.16 44.39
C LYS K 84 45.98 35.93 43.11
N ASN K 85 47.25 35.99 42.70
CA ASN K 85 47.60 36.72 41.48
C ASN K 85 47.14 35.94 40.26
N GLN K 86 46.72 36.67 39.23
CA GLN K 86 46.12 36.10 38.04
C GLN K 86 47.16 35.91 36.95
N PRO K 87 46.92 35.04 35.98
CA PRO K 87 47.85 34.93 34.85
C PRO K 87 47.79 36.16 33.96
N THR K 88 48.80 36.28 33.09
CA THR K 88 48.88 37.40 32.16
C THR K 88 49.46 36.91 30.84
N LYS K 89 49.19 37.68 29.80
CA LYS K 89 49.70 37.38 28.47
C LYS K 89 51.14 37.85 28.34
N ALA K 90 51.94 37.05 27.64
CA ALA K 90 53.26 37.50 27.22
C ALA K 90 53.12 38.53 26.11
N THR K 91 54.15 39.34 25.93
CA THR K 91 54.10 40.44 24.97
C THR K 91 55.49 40.67 24.38
N GLY K 92 55.48 41.33 23.23
CA GLY K 92 56.72 41.70 22.58
C GLY K 92 56.47 42.19 21.17
N VAL K 93 57.54 42.29 20.39
CA VAL K 93 57.55 42.99 19.12
C VAL K 93 57.85 41.98 18.01
N ILE K 94 57.07 42.05 16.93
CA ILE K 94 57.31 41.29 15.71
C ILE K 94 57.88 42.25 14.67
N THR K 95 59.06 41.91 14.14
CA THR K 95 59.64 42.67 13.04
C THR K 95 59.14 42.06 11.73
N PHE K 96 58.18 42.73 11.11
CA PHE K 96 57.64 42.26 9.84
C PHE K 96 58.60 42.59 8.71
N THR K 97 58.40 41.90 7.59
CA THR K 97 59.20 42.14 6.39
C THR K 97 58.37 41.79 5.16
N GLY K 98 58.40 42.66 4.17
CA GLY K 98 57.67 42.42 2.94
C GLY K 98 57.59 43.67 2.10
N VAL K 99 56.75 43.59 1.07
CA VAL K 99 56.59 44.71 0.14
C VAL K 99 55.99 45.89 0.88
N GLN K 100 56.63 47.05 0.75
CA GLN K 100 56.11 48.27 1.37
C GLN K 100 54.73 48.58 0.82
N GLY K 101 53.80 48.89 1.73
CA GLY K 101 52.41 49.09 1.39
C GLY K 101 51.52 47.90 1.68
N THR K 102 52.10 46.71 1.87
CA THR K 102 51.30 45.55 2.22
C THR K 102 50.63 45.78 3.58
N ILE K 103 49.33 45.48 3.64
CA ILE K 103 48.52 45.79 4.82
C ILE K 103 48.45 44.56 5.70
N ILE K 104 48.68 44.75 6.99
CA ILE K 104 48.50 43.72 8.00
C ILE K 104 47.66 44.32 9.12
N THR K 105 46.65 43.58 9.56
CA THR K 105 45.67 44.08 10.51
C THR K 105 46.02 43.66 11.94
N LYS K 106 45.58 44.48 12.88
CA LYS K 106 45.64 44.08 14.29
C LYS K 106 44.78 42.85 14.50
N GLY K 107 45.21 42.00 15.42
CA GLY K 107 44.48 40.80 15.74
C GLY K 107 44.80 39.59 14.88
N THR K 108 45.67 39.74 13.88
CA THR K 108 46.01 38.60 13.04
C THR K 108 46.74 37.55 13.85
N ILE K 109 46.53 36.29 13.48
CA ILE K 109 47.06 35.15 14.21
C ILE K 109 48.39 34.76 13.60
N VAL K 110 49.47 34.95 14.36
CA VAL K 110 50.82 34.52 13.99
C VAL K 110 51.33 33.61 15.08
N THR K 111 51.90 32.47 14.69
CA THR K 111 52.29 31.42 15.60
C THR K 111 53.78 31.13 15.49
N THR K 112 54.24 30.26 16.38
CA THR K 112 55.58 29.70 16.28
C THR K 112 55.55 28.54 15.29
N ILE K 113 56.64 27.78 15.21
CA ILE K 113 56.71 26.63 14.32
C ILE K 113 56.14 25.42 15.05
N ALA K 114 55.00 24.92 14.56
CA ALA K 114 54.45 23.70 15.11
C ALA K 114 55.36 22.52 14.81
N THR K 115 55.48 21.61 15.77
CA THR K 115 56.33 20.44 15.65
C THR K 115 55.58 19.22 16.17
N ASP K 116 56.25 18.08 16.15
CA ASP K 116 55.67 16.86 16.72
C ASP K 116 55.44 17.03 18.21
N GLU K 117 56.40 17.65 18.91
CA GLU K 117 56.35 17.82 20.36
C GLU K 117 55.76 19.16 20.79
N LYS K 118 55.35 20.01 19.84
CA LYS K 118 54.80 21.32 20.18
C LYS K 118 53.76 21.73 19.15
N GLN K 119 52.62 22.21 19.63
CA GLN K 119 51.61 22.78 18.76
C GLN K 119 51.99 24.22 18.39
N SER K 120 51.23 24.80 17.48
CA SER K 120 51.50 26.16 17.03
C SER K 120 51.16 27.14 18.14
N ILE K 121 52.17 27.54 18.91
CA ILE K 121 51.94 28.51 19.97
C ILE K 121 51.59 29.84 19.33
N GLU K 122 50.33 30.22 19.44
CA GLU K 122 49.76 31.31 18.66
C GLU K 122 49.94 32.65 19.35
N PHE K 123 50.01 33.71 18.55
CA PHE K 123 50.12 35.07 19.05
C PHE K 123 49.19 35.96 18.24
N GLU K 124 48.79 37.07 18.86
CA GLU K 124 47.81 37.99 18.30
C GLU K 124 48.45 39.37 18.17
N LEU K 125 48.38 39.93 16.96
CA LEU K 125 48.94 41.26 16.73
C LEU K 125 48.15 42.30 17.50
N LEU K 126 48.86 43.19 18.19
CA LEU K 126 48.24 44.25 18.98
C LEU K 126 48.14 45.57 18.23
N GLU K 127 48.61 45.66 16.99
CA GLU K 127 48.68 46.92 16.28
C GLU K 127 48.46 46.69 14.79
N THR K 128 47.68 47.58 14.17
CA THR K 128 47.50 47.59 12.73
C THR K 128 48.48 48.58 12.12
N LYS K 129 49.35 48.09 11.24
CA LYS K 129 50.35 48.94 10.62
C LYS K 129 50.70 48.41 9.25
N THR K 130 51.23 49.30 8.41
CA THR K 130 51.68 48.99 7.08
C THR K 130 53.20 48.89 7.07
N ILE K 131 53.74 48.08 6.16
CA ILE K 131 55.19 47.91 6.10
C ILE K 131 55.85 49.23 5.74
N GLY K 132 56.95 49.53 6.42
CA GLY K 132 57.56 50.84 6.39
C GLY K 132 58.49 51.05 5.21
N GLU K 133 59.32 52.10 5.34
CA GLU K 133 60.18 52.51 4.24
C GLU K 133 61.19 51.43 3.87
N ASN K 134 61.77 50.78 4.88
CA ASN K 134 62.82 49.79 4.67
C ASN K 134 62.26 48.39 4.45
N GLU K 135 61.03 48.27 3.96
CA GLU K 135 60.35 46.99 3.80
C GLU K 135 60.28 46.25 5.13
N THR K 136 60.10 46.99 6.23
CA THR K 136 59.97 46.40 7.55
C THR K 136 59.07 47.29 8.40
N VAL K 137 58.49 46.67 9.43
CA VAL K 137 57.69 47.41 10.41
C VAL K 137 57.62 46.56 11.67
N ASP K 138 57.73 47.23 12.82
CA ASP K 138 57.69 46.57 14.13
C ASP K 138 56.29 46.69 14.70
N ILE K 139 55.64 45.56 14.93
CA ILE K 139 54.29 45.50 15.47
C ILE K 139 54.34 44.73 16.78
N LYS K 140 53.76 45.31 17.83
CA LYS K 140 53.65 44.60 19.09
C LYS K 140 52.54 43.57 19.04
N ALA K 141 52.73 42.48 19.77
CA ALA K 141 51.77 41.39 19.77
C ALA K 141 51.75 40.75 21.15
N GLU K 142 50.62 40.10 21.45
CA GLU K 142 50.41 39.41 22.72
C GLU K 142 50.37 37.91 22.49
N SER K 143 50.37 37.18 23.61
CA SER K 143 50.15 35.74 23.60
C SER K 143 48.65 35.48 23.73
N ARG K 144 48.12 34.65 22.83
CA ARG K 144 46.70 34.32 22.89
C ARG K 144 46.37 33.56 24.16
N ILE K 145 47.33 32.80 24.69
CA ILE K 145 47.16 32.00 25.90
C ILE K 145 47.93 32.68 27.02
N VAL K 146 47.20 33.07 28.07
CA VAL K 146 47.86 33.60 29.26
C VAL K 146 48.68 32.50 29.91
N GLY K 147 49.89 32.84 30.35
CA GLY K 147 50.77 31.91 31.00
C GLY K 147 52.15 31.91 30.36
N THR K 148 53.03 31.09 30.93
CA THR K 148 54.41 31.04 30.48
C THR K 148 54.56 30.54 29.05
N ILE K 149 53.52 29.91 28.49
CA ILE K 149 53.58 29.45 27.10
C ILE K 149 53.81 30.63 26.17
N GLY K 150 53.26 31.80 26.51
CA GLY K 150 53.47 32.97 25.69
C GLY K 150 54.92 33.39 25.59
N ASN K 151 55.69 33.21 26.67
CA ASN K 151 57.07 33.68 26.73
C ASN K 151 57.96 32.76 25.88
N VAL K 152 57.79 32.87 24.57
CA VAL K 152 58.60 32.11 23.61
C VAL K 152 59.86 32.89 23.32
N SER K 153 60.85 32.21 22.73
CA SER K 153 62.14 32.83 22.45
C SER K 153 62.04 33.72 21.22
N LYS K 154 63.18 34.30 20.84
CA LYS K 154 63.26 35.16 19.67
C LYS K 154 63.45 34.33 18.40
N GLY K 155 62.86 34.81 17.32
CA GLY K 155 62.91 34.10 16.05
C GLY K 155 61.94 32.95 15.94
N SER K 156 61.22 32.61 17.00
CA SER K 156 60.32 31.46 16.95
C SER K 156 59.08 31.78 16.12
N ILE K 157 58.56 33.00 16.24
CA ILE K 157 57.32 33.37 15.56
C ILE K 157 57.64 33.78 14.13
N SER K 158 57.65 32.79 13.22
CA SER K 158 57.87 33.03 11.79
C SER K 158 56.73 32.47 10.96
N VAL K 159 55.55 32.27 11.56
CA VAL K 159 54.42 31.63 10.91
C VAL K 159 53.23 32.58 10.98
N LEU K 160 52.63 32.85 9.82
CA LEU K 160 51.42 33.66 9.71
C LEU K 160 50.30 32.75 9.22
N LEU K 161 49.16 32.77 9.93
CA LEU K 161 48.01 31.94 9.59
C LEU K 161 47.05 32.75 8.73
N GLY K 162 46.63 32.16 7.62
CA GLY K 162 45.78 32.81 6.64
C GLY K 162 46.56 33.18 5.39
N SER K 163 45.80 33.40 4.31
CA SER K 163 46.38 33.70 3.01
C SER K 163 46.52 35.21 2.88
N ILE K 164 47.72 35.71 3.18
CA ILE K 164 48.08 37.11 2.97
C ILE K 164 49.42 37.13 2.24
N SER K 165 49.43 37.70 1.04
CA SER K 165 50.64 37.87 0.26
C SER K 165 51.26 39.22 0.57
N GLY K 166 52.37 39.52 -0.10
CA GLY K 166 53.10 40.76 0.10
C GLY K 166 54.07 40.70 1.26
N VAL K 167 53.63 40.14 2.40
CA VAL K 167 54.54 39.93 3.51
C VAL K 167 55.55 38.86 3.13
N LYS K 168 56.83 39.21 3.24
CA LYS K 168 57.91 38.29 2.87
C LYS K 168 58.32 37.41 4.04
N SER K 169 58.45 37.99 5.23
CA SER K 169 58.81 37.21 6.41
C SER K 169 58.46 38.01 7.66
N ILE K 170 58.34 37.29 8.77
CA ILE K 170 58.06 37.88 10.07
C ILE K 170 58.93 37.17 11.10
N THR K 171 59.28 37.89 12.16
CA THR K 171 60.14 37.33 13.19
C THR K 171 59.98 38.13 14.47
N ASN K 172 60.28 37.47 15.59
CA ASN K 172 60.30 38.11 16.91
C ASN K 172 61.75 38.27 17.33
N LYS K 173 62.24 39.50 17.32
CA LYS K 173 63.63 39.75 17.69
C LYS K 173 63.88 39.46 19.16
N GLU K 174 62.86 39.58 20.00
CA GLU K 174 63.00 39.48 21.46
C GLU K 174 62.27 38.25 21.97
N ASP K 175 62.92 37.53 22.88
CA ASP K 175 62.21 36.53 23.66
C ASP K 175 61.15 37.23 24.49
N PHE K 176 59.90 36.84 24.31
CA PHE K 176 58.82 37.60 24.92
C PHE K 176 58.85 37.48 26.43
N ARG K 177 58.29 38.51 27.07
CA ARG K 177 58.36 38.73 28.50
C ARG K 177 56.94 38.82 29.06
N GLY K 178 56.85 38.78 30.38
CA GLY K 178 55.56 38.67 31.03
C GLY K 178 55.10 37.23 30.98
N GLY K 179 53.89 37.02 30.47
CA GLY K 179 53.37 35.68 30.31
C GLY K 179 53.27 34.96 31.64
N THR K 180 52.69 35.64 32.63
CA THR K 180 52.54 35.04 33.95
C THR K 180 51.41 34.04 33.94
N ASP K 181 51.63 32.91 34.61
CA ASP K 181 50.58 31.93 34.86
C ASP K 181 49.90 32.27 36.18
N ILE K 182 48.97 31.42 36.59
CA ILE K 182 48.32 31.60 37.88
C ILE K 182 49.34 31.45 38.99
N GLU K 183 49.18 32.23 40.05
CA GLU K 183 50.04 32.08 41.22
C GLU K 183 49.86 30.69 41.82
N ASP K 184 50.96 30.10 42.27
CA ASP K 184 50.93 28.76 42.81
C ASP K 184 50.27 28.75 44.18
N GLU K 185 49.83 27.56 44.59
CA GLU K 185 49.31 27.38 45.95
C GLU K 185 50.37 27.72 46.98
N GLU K 186 51.61 27.29 46.73
CA GLU K 186 52.68 27.50 47.69
C GLU K 186 52.92 28.98 47.95
N HIS K 187 53.05 29.77 46.89
CA HIS K 187 53.22 31.21 47.06
C HIS K 187 52.01 31.82 47.74
N PHE K 188 50.82 31.44 47.29
CA PHE K 188 49.60 32.02 47.85
C PHE K 188 49.45 31.68 49.32
N ARG K 189 49.82 30.47 49.71
CA ARG K 189 49.67 30.07 51.11
C ARG K 189 50.53 30.92 52.03
N GLU K 190 51.77 31.19 51.63
CA GLU K 190 52.62 32.05 52.45
C GLU K 190 52.04 33.45 52.57
N ARG K 191 51.53 34.00 51.45
CA ARG K 191 50.93 35.32 51.51
C ARG K 191 49.73 35.34 52.43
N VAL K 192 48.89 34.31 52.37
CA VAL K 192 47.78 34.21 53.31
C VAL K 192 48.30 34.02 54.72
N LEU K 193 49.29 33.15 54.90
CA LEU K 193 49.86 32.95 56.23
C LEU K 193 50.52 34.21 56.75
N VAL K 194 51.22 34.95 55.88
CA VAL K 194 51.86 36.19 56.29
C VAL K 194 50.82 37.19 56.74
N ALA K 195 49.75 37.34 55.95
CA ALA K 195 48.70 38.28 56.31
C ALA K 195 48.01 37.86 57.61
N GLU K 196 47.80 36.56 57.79
CA GLU K 196 47.18 36.08 59.02
C GLU K 196 48.03 36.40 60.24
N GLN K 197 49.34 36.17 60.14
CA GLN K 197 50.21 36.36 61.29
C GLN K 197 50.57 37.83 61.49
N GLU K 198 50.85 38.54 60.42
CA GLU K 198 51.22 39.95 60.54
C GLU K 198 50.06 40.76 61.11
N ASP K 199 50.36 41.62 62.07
CA ASP K 199 49.32 42.45 62.66
C ASP K 199 48.72 43.39 61.62
N LYS K 200 49.56 43.98 60.78
CA LYS K 200 49.11 44.87 59.71
C LYS K 200 48.31 46.05 60.27
N LEU K 201 48.89 46.72 61.26
CA LEU K 201 48.33 47.94 61.80
C LEU K 201 48.68 49.09 60.84
N SER K 202 48.48 50.33 61.28
CA SER K 202 48.92 51.48 60.51
C SER K 202 49.29 52.59 61.47
N GLY K 203 50.51 53.10 61.35
CA GLY K 203 51.06 54.08 62.25
C GLY K 203 51.99 53.52 63.31
N ALA K 204 51.96 52.20 63.54
CA ALA K 204 52.85 51.60 64.52
C ALA K 204 54.24 51.42 63.93
N SER K 205 55.18 51.00 64.79
CA SER K 205 56.58 50.91 64.38
C SER K 205 56.78 49.90 63.26
N SER K 206 56.02 48.80 63.29
CA SER K 206 56.16 47.78 62.26
C SER K 206 55.83 48.35 60.88
N ASP K 207 54.78 49.17 60.80
CA ASP K 207 54.43 49.78 59.52
C ASP K 207 55.54 50.71 59.05
N TYR K 208 56.14 51.45 59.97
CA TYR K 208 57.27 52.30 59.61
C TYR K 208 58.42 51.46 59.06
N ILE K 209 58.68 50.31 59.69
CA ILE K 209 59.67 49.39 59.16
C ILE K 209 59.24 48.88 57.79
N ARG K 210 57.95 48.55 57.66
CA ARG K 210 57.43 48.06 56.39
C ARG K 210 57.58 49.11 55.30
N TRP K 211 57.23 50.36 55.59
CA TRP K 211 57.39 51.42 54.61
C TRP K 211 58.86 51.65 54.28
N ALA K 212 59.73 51.57 55.29
CA ALA K 212 61.15 51.71 55.04
C ALA K 212 61.66 50.59 54.14
N LYS K 213 61.29 49.35 54.44
CA LYS K 213 61.72 48.22 53.61
C LYS K 213 61.09 48.26 52.22
N GLU K 214 59.94 48.92 52.06
CA GLU K 214 59.38 49.08 50.73
C GLU K 214 60.29 49.89 49.82
N VAL K 215 61.03 50.84 50.39
CA VAL K 215 62.00 51.60 49.61
C VAL K 215 63.13 50.68 49.20
N ASP K 216 63.49 50.71 47.91
CA ASP K 216 64.54 49.85 47.40
C ASP K 216 65.88 50.21 48.03
N GLY K 217 66.70 49.19 48.24
CA GLY K 217 67.98 49.33 48.89
C GLY K 217 67.95 49.21 50.39
N VAL K 218 66.77 49.31 51.01
CA VAL K 218 66.65 49.20 52.45
C VAL K 218 66.64 47.72 52.81
N GLY K 219 67.77 47.22 53.28
CA GLY K 219 67.85 45.83 53.69
C GLY K 219 67.07 45.59 54.97
N TYR K 220 67.43 46.33 56.02
CA TYR K 220 66.83 46.16 57.34
C TYR K 220 66.55 47.53 57.92
N ALA K 221 65.41 47.65 58.60
CA ALA K 221 64.96 48.90 59.19
C ALA K 221 64.53 48.66 60.63
N TYR K 222 64.82 49.64 61.48
CA TYR K 222 64.45 49.61 62.89
C TYR K 222 63.89 50.96 63.29
N VAL K 223 62.84 50.96 64.09
CA VAL K 223 62.10 52.15 64.47
C VAL K 223 62.09 52.28 65.98
N VAL K 224 62.31 53.50 66.46
CA VAL K 224 62.24 53.82 67.89
C VAL K 224 61.09 54.79 68.08
N SER K 225 60.07 54.35 68.81
CA SER K 225 58.99 55.23 69.23
C SER K 225 59.43 56.06 70.41
N GLU K 226 59.01 57.33 70.43
CA GLU K 226 59.23 58.21 71.57
C GLU K 226 60.72 58.45 71.83
N TRP K 227 61.54 58.43 70.78
CA TRP K 227 62.96 58.66 70.95
C TRP K 227 63.24 60.05 71.52
N ALA K 228 62.37 61.02 71.23
CA ALA K 228 62.51 62.39 71.71
C ALA K 228 61.19 62.88 72.30
N GLY K 229 60.45 61.98 72.93
CA GLY K 229 59.21 62.34 73.58
C GLY K 229 58.00 62.16 72.70
N ALA K 230 56.89 62.70 73.18
CA ALA K 230 55.61 62.57 72.50
C ALA K 230 55.65 63.20 71.11
N GLY K 231 55.12 62.47 70.13
CA GLY K 231 55.10 62.94 68.76
C GLY K 231 56.36 62.65 67.96
N THR K 232 57.40 62.10 68.57
CA THR K 232 58.70 61.93 67.94
C THR K 232 58.92 60.46 67.59
N VAL K 233 59.35 60.22 66.35
CA VAL K 233 59.63 58.88 65.85
C VAL K 233 60.97 58.91 65.14
N LYS K 234 61.74 57.82 65.28
CA LYS K 234 63.00 57.64 64.59
C LYS K 234 62.94 56.38 63.75
N VAL K 235 63.60 56.41 62.60
CA VAL K 235 63.74 55.28 61.69
C VAL K 235 65.22 55.05 61.46
N LEU K 236 65.65 53.80 61.59
CA LEU K 236 67.05 53.42 61.51
C LEU K 236 67.18 52.32 60.48
N ILE K 237 67.74 52.66 59.33
CA ILE K 237 67.76 51.77 58.18
C ILE K 237 69.19 51.33 57.89
N LEU K 238 69.30 50.22 57.16
CA LEU K 238 70.57 49.63 56.79
C LEU K 238 70.48 49.12 55.36
N ASP K 239 71.64 48.99 54.72
CA ASP K 239 71.69 48.48 53.37
C ASP K 239 71.42 46.97 53.37
N LYS K 240 71.53 46.36 52.19
CA LYS K 240 71.29 44.92 52.07
C LYS K 240 72.28 44.11 52.88
N ASN K 241 73.48 44.64 53.09
CA ASN K 241 74.52 43.97 53.88
C ASN K 241 74.42 44.26 55.37
N ARG K 242 73.36 44.95 55.81
CA ARG K 242 73.19 45.31 57.22
C ARG K 242 74.29 46.25 57.70
N LYS K 243 74.88 47.01 56.78
CA LYS K 243 75.84 48.04 57.11
C LYS K 243 75.13 49.39 57.15
N ALA K 244 75.90 50.45 57.38
CA ALA K 244 75.32 51.79 57.47
C ALA K 244 74.68 52.17 56.15
N ALA K 245 73.40 52.50 56.20
CA ALA K 245 72.66 52.86 54.99
C ALA K 245 73.21 54.15 54.39
N THR K 246 73.21 54.20 53.06
CA THR K 246 73.64 55.41 52.37
C THR K 246 72.69 56.55 52.67
N GLN K 247 73.22 57.77 52.61
CA GLN K 247 72.40 58.94 52.92
C GLN K 247 71.27 59.11 51.92
N GLU K 248 71.52 58.77 50.64
CA GLU K 248 70.46 58.82 49.64
C GLU K 248 69.32 57.89 50.02
N LEU K 249 69.66 56.70 50.53
CA LEU K 249 68.64 55.79 51.02
C LEU K 249 67.86 56.41 52.16
N ILE K 250 68.56 57.10 53.07
CA ILE K 250 67.88 57.84 54.13
C ILE K 250 66.99 58.92 53.53
N ASP K 251 67.51 59.64 52.52
CA ASP K 251 66.70 60.66 51.85
C ASP K 251 65.50 60.03 51.15
N LYS K 252 65.70 58.89 50.48
CA LYS K 252 64.59 58.20 49.83
C LYS K 252 63.54 57.79 50.85
N VAL K 253 63.97 57.20 51.96
CA VAL K 253 63.04 56.80 53.00
C VAL K 253 62.40 58.03 53.64
N GLN K 254 63.18 59.11 53.79
CA GLN K 254 62.62 60.35 54.30
C GLN K 254 61.51 60.85 53.41
N GLU K 255 61.79 60.98 52.11
CA GLU K 255 60.76 61.42 51.18
C GLU K 255 59.61 60.42 51.12
N TYR K 256 59.90 59.14 51.29
CA TYR K 256 58.83 58.14 51.22
C TYR K 256 57.88 58.27 52.40
N ILE K 257 58.41 58.47 53.61
CA ILE K 257 57.63 58.37 54.83
C ILE K 257 57.37 59.73 55.48
N TYR K 258 58.30 60.68 55.39
CA TYR K 258 58.16 61.93 56.13
C TYR K 258 59.00 63.02 55.47
N PRO K 259 58.56 63.56 54.33
CA PRO K 259 59.34 64.63 53.69
C PRO K 259 59.51 65.83 54.60
N LEU K 260 60.73 66.38 54.60
CA LEU K 260 61.00 67.58 55.38
C LEU K 260 60.45 68.82 54.70
N ASN K 261 60.52 68.87 53.37
CA ASN K 261 59.86 69.94 52.63
C ASN K 261 58.36 69.83 52.79
N ILE K 262 57.69 70.98 52.72
CA ILE K 262 56.27 71.09 53.00
C ILE K 262 55.60 71.93 51.91
N SER K 263 54.29 71.72 51.79
CA SER K 263 53.46 72.51 50.88
C SER K 263 52.09 72.67 51.52
N GLU K 264 51.36 73.69 51.06
CA GLU K 264 50.05 73.96 51.64
C GLU K 264 49.08 72.81 51.38
N GLY K 265 49.09 72.28 50.16
CA GLY K 265 48.28 71.12 49.84
C GLY K 265 48.91 69.85 50.36
N GLU K 266 50.17 69.61 49.96
CA GLU K 266 50.95 68.49 50.46
C GLU K 266 51.67 68.96 51.72
N ASN K 267 51.03 68.74 52.88
CA ASN K 267 51.70 69.01 54.14
C ASN K 267 53.00 68.21 54.24
N ARG K 268 52.89 66.89 54.26
CA ARG K 268 54.01 66.00 54.00
C ARG K 268 53.65 64.90 53.01
N ASP K 269 52.41 64.39 53.05
CA ASP K 269 51.94 63.33 52.15
C ASP K 269 52.81 62.07 52.25
N GLY K 270 53.44 61.86 53.40
CA GLY K 270 54.19 60.64 53.64
C GLY K 270 53.32 59.53 54.18
N LYS K 271 53.90 58.35 54.25
CA LYS K 271 53.15 57.20 54.78
C LYS K 271 52.83 57.36 56.26
N ALA K 272 53.58 58.18 56.99
CA ALA K 272 53.33 58.35 58.40
C ALA K 272 52.04 59.16 58.61
N PRO K 273 51.43 59.05 59.79
CA PRO K 273 50.22 59.84 60.05
C PRO K 273 50.55 61.33 60.16
N ILE K 274 49.48 62.13 60.17
CA ILE K 274 49.62 63.54 60.48
C ILE K 274 49.89 63.70 61.97
N GLY K 275 50.71 64.69 62.31
CA GLY K 275 51.10 64.93 63.67
C GLY K 275 52.36 64.22 64.11
N ALA K 276 52.79 63.19 63.38
CA ALA K 276 54.03 62.52 63.71
C ALA K 276 55.22 63.42 63.39
N LEU K 277 56.34 63.11 64.05
CA LEU K 277 57.61 63.81 63.84
C LEU K 277 58.65 62.70 63.65
N VAL K 278 58.83 62.27 62.42
CA VAL K 278 59.59 61.06 62.10
C VAL K 278 60.99 61.47 61.67
N THR K 279 61.99 60.78 62.22
CA THR K 279 63.39 60.96 61.88
C THR K 279 63.90 59.71 61.18
N VAL K 280 64.71 59.89 60.16
CA VAL K 280 65.27 58.81 59.36
C VAL K 280 66.79 58.94 59.38
N VAL K 281 67.45 57.91 59.89
CA VAL K 281 68.90 57.84 60.00
C VAL K 281 69.33 56.40 59.74
N THR K 282 70.64 56.15 59.86
CA THR K 282 71.20 54.81 59.89
C THR K 282 71.78 54.53 61.28
N PRO K 283 71.60 53.34 61.84
CA PRO K 283 72.03 53.10 63.23
C PRO K 283 73.52 52.82 63.33
N ASP K 284 73.97 52.62 64.56
CA ASP K 284 75.33 52.19 64.82
C ASP K 284 75.43 50.70 64.58
N THR K 285 76.28 50.31 63.63
CA THR K 285 76.40 48.92 63.19
C THR K 285 77.50 48.24 64.00
N LEU K 286 77.12 47.52 65.03
CA LEU K 286 78.06 46.77 65.87
C LEU K 286 78.22 45.37 65.29
N LEU K 287 79.36 45.11 64.67
CA LEU K 287 79.62 43.80 64.09
C LEU K 287 79.88 42.77 65.17
N ILE K 288 79.43 41.54 64.92
CA ILE K 288 79.66 40.41 65.82
C ILE K 288 80.24 39.30 64.93
N ASN K 289 81.57 39.21 64.88
CA ASN K 289 82.25 38.27 64.00
C ASN K 289 82.41 36.94 64.72
N VAL K 290 81.81 35.90 64.16
CA VAL K 290 81.86 34.56 64.75
C VAL K 290 83.09 33.84 64.23
N LYS K 291 83.73 33.07 65.12
CA LYS K 291 84.89 32.27 64.76
C LYS K 291 84.75 30.91 65.42
N ALA K 292 84.82 29.85 64.61
CA ALA K 292 84.66 28.48 65.09
C ALA K 292 85.53 27.56 64.27
N SER K 293 85.80 26.39 64.83
CA SER K 293 86.52 25.33 64.11
C SER K 293 85.52 24.52 63.29
N PHE K 294 85.06 25.13 62.21
CA PHE K 294 84.09 24.48 61.34
C PHE K 294 84.71 23.27 60.63
N ILE K 295 83.92 22.22 60.49
CA ILE K 295 84.27 21.06 59.68
C ILE K 295 83.16 20.86 58.67
N PHE K 296 83.53 20.78 57.40
CA PHE K 296 82.59 20.88 56.29
C PHE K 296 82.36 19.53 55.64
N SER K 297 81.17 19.39 55.03
CA SER K 297 80.71 18.15 54.45
C SER K 297 80.99 18.13 52.95
N ASN K 298 80.66 17.00 52.33
CA ASN K 298 80.86 16.83 50.90
C ASN K 298 79.76 17.55 50.12
N GLY K 299 80.02 17.76 48.83
CA GLY K 299 79.04 18.40 47.98
C GLY K 299 78.72 19.83 48.33
N PHE K 300 79.64 20.52 49.01
CA PHE K 300 79.41 21.91 49.42
C PHE K 300 80.73 22.66 49.37
N SER K 301 80.62 23.97 49.14
CA SER K 301 81.77 24.87 49.16
C SER K 301 81.78 25.62 50.48
N GLU K 302 82.96 25.69 51.10
CA GLU K 302 83.07 26.32 52.41
C GLU K 302 82.65 27.79 52.36
N GLU K 303 83.13 28.52 51.34
CA GLU K 303 82.75 29.92 51.21
C GLU K 303 81.25 30.07 50.99
N THR K 304 80.65 29.19 50.19
CA THR K 304 79.20 29.23 50.02
C THR K 304 78.49 28.90 51.32
N VAL K 305 78.97 27.88 52.03
CA VAL K 305 78.35 27.50 53.30
C VAL K 305 78.47 28.63 54.31
N LEU K 306 79.62 29.28 54.36
CA LEU K 306 79.80 30.41 55.27
C LEU K 306 78.83 31.54 54.93
N ASN K 307 78.67 31.83 53.64
CA ASN K 307 77.70 32.85 53.23
C ASN K 307 76.28 32.43 53.61
N ASN K 308 75.96 31.15 53.47
CA ASN K 308 74.66 30.67 53.93
C ASN K 308 74.52 30.84 55.44
N LEU K 309 75.57 30.49 56.19
CA LEU K 309 75.55 30.72 57.63
C LEU K 309 75.48 32.21 57.94
N LYS K 310 76.14 33.04 57.13
CA LYS K 310 76.01 34.47 57.27
C LYS K 310 74.56 34.91 57.06
N THR K 311 73.90 34.36 56.04
CA THR K 311 72.50 34.70 55.81
C THR K 311 71.62 34.22 56.96
N LYS K 312 71.89 33.01 57.46
CA LYS K 312 71.10 32.48 58.57
C LYS K 312 71.28 33.34 59.82
N ILE K 313 72.53 33.62 60.19
CA ILE K 313 72.77 34.48 61.34
C ILE K 313 72.25 35.88 61.05
N ASP K 314 72.35 36.34 59.81
CA ASP K 314 71.80 37.64 59.44
C ASP K 314 70.30 37.68 59.69
N LYS K 315 69.60 36.58 59.42
CA LYS K 315 68.19 36.50 59.78
C LYS K 315 68.02 36.55 61.29
N TYR K 316 68.90 35.89 62.04
CA TYR K 316 68.82 35.93 63.49
C TYR K 316 69.04 37.33 64.03
N LEU K 317 69.83 38.15 63.33
CA LEU K 317 70.00 39.53 63.77
C LEU K 317 68.69 40.31 63.68
N ASP K 318 67.85 40.01 62.69
CA ASP K 318 66.51 40.59 62.66
C ASP K 318 65.71 40.15 63.87
N LYS K 319 65.81 38.86 64.23
CA LYS K 319 65.17 38.39 65.45
C LYS K 319 65.73 39.12 66.67
N ILE K 320 67.01 39.47 66.64
CA ILE K 320 67.59 40.27 67.71
C ILE K 320 67.03 41.68 67.62
N ASP K 321 66.47 42.16 68.74
CA ASP K 321 65.86 43.47 68.76
C ASP K 321 66.93 44.56 68.72
N LEU K 322 66.51 45.76 68.34
CA LEU K 322 67.37 46.92 68.44
C LEU K 322 67.74 47.14 69.90
N GLY K 323 69.04 47.14 70.19
CA GLY K 323 69.47 47.19 71.58
C GLY K 323 69.24 45.92 72.36
N GLY K 324 69.08 44.79 71.67
CA GLY K 324 68.83 43.53 72.32
C GLY K 324 70.11 42.84 72.75
N THR K 325 69.98 41.54 73.05
CA THR K 325 71.09 40.71 73.50
C THR K 325 71.34 39.62 72.48
N VAL K 326 72.58 39.54 71.99
CA VAL K 326 72.99 38.48 71.09
C VAL K 326 73.35 37.26 71.92
N SER K 327 72.68 36.14 71.64
CA SER K 327 72.81 34.92 72.44
C SER K 327 73.81 33.98 71.78
N TYR K 328 74.85 33.61 72.54
CA TYR K 328 75.76 32.56 72.07
C TYR K 328 75.03 31.25 71.88
N ASN K 329 74.07 30.95 72.77
CA ASN K 329 73.30 29.73 72.65
C ASN K 329 72.47 29.72 71.36
N ALA K 330 71.88 30.86 71.01
CA ALA K 330 71.15 30.94 69.76
C ALA K 330 72.08 30.73 68.56
N ILE K 331 73.29 31.28 68.63
CA ILE K 331 74.23 31.11 67.52
C ILE K 331 74.67 29.66 67.42
N GLN K 332 74.78 28.97 68.57
CA GLN K 332 74.99 27.52 68.53
C GLN K 332 73.85 26.84 67.79
N ALA K 333 72.62 27.32 67.99
CA ALA K 333 71.47 26.73 67.31
C ALA K 333 71.58 26.91 65.80
N ILE K 334 71.94 28.11 65.35
CA ILE K 334 72.02 28.37 63.91
C ILE K 334 73.14 27.55 63.30
N VAL K 335 74.29 27.46 63.97
CA VAL K 335 75.42 26.73 63.42
C VAL K 335 75.11 25.24 63.35
N GLY K 336 74.61 24.68 64.46
CA GLY K 336 74.32 23.26 64.48
C GLY K 336 73.18 22.87 63.56
N SER K 337 72.18 23.75 63.40
CA SER K 337 71.08 23.47 62.48
C SER K 337 71.58 23.31 61.05
N MET K 338 72.64 24.02 60.68
CA MET K 338 73.26 23.79 59.38
C MET K 338 73.74 22.35 59.26
N MET K 339 74.23 21.78 60.36
CA MET K 339 74.66 20.39 60.33
C MET K 339 73.47 19.45 60.30
N LEU K 340 72.45 19.72 61.13
CA LEU K 340 71.26 18.87 61.14
C LEU K 340 70.54 18.92 59.80
N THR K 341 70.63 20.04 59.09
CA THR K 341 70.09 20.15 57.75
C THR K 341 71.05 19.63 56.68
N ASP K 342 72.22 19.13 57.07
CA ASP K 342 73.20 18.56 56.14
C ASP K 342 73.68 19.60 55.15
N GLU K 343 73.68 20.87 55.55
CA GLU K 343 73.96 21.98 54.64
C GLU K 343 75.44 22.34 54.66
N GLY K 344 76.28 21.36 54.33
CA GLY K 344 77.69 21.58 54.11
C GLY K 344 78.56 21.61 55.34
N ILE K 345 78.00 21.39 56.53
CA ILE K 345 78.75 21.34 57.77
C ILE K 345 78.50 19.98 58.41
N GLU K 346 79.59 19.28 58.73
CA GLU K 346 79.53 17.97 59.39
C GLU K 346 79.80 18.06 60.89
N ASP K 347 80.73 18.92 61.29
CA ASP K 347 81.05 19.11 62.70
C ASP K 347 81.53 20.54 62.89
N PHE K 348 81.44 21.02 64.13
CA PHE K 348 81.96 22.32 64.48
C PHE K 348 82.32 22.33 65.95
N SER K 349 83.20 23.26 66.33
CA SER K 349 83.67 23.36 67.70
C SER K 349 84.41 24.67 67.86
N ASN K 350 84.72 25.01 69.12
CA ASN K 350 85.49 26.20 69.46
C ASN K 350 84.82 27.47 68.95
N LEU K 351 83.49 27.49 68.93
CA LEU K 351 82.78 28.66 68.43
C LEU K 351 82.93 29.81 69.40
N THR K 352 83.35 30.96 68.88
CA THR K 352 83.55 32.17 69.68
C THR K 352 83.04 33.36 68.89
N ILE K 353 82.07 34.07 69.44
CA ILE K 353 81.50 35.25 68.81
C ILE K 353 82.28 36.46 69.29
N ASN K 354 82.92 37.17 68.35
CA ASN K 354 83.92 38.18 68.67
C ASN K 354 84.98 37.61 69.63
N ASP K 355 85.38 36.37 69.35
CA ASP K 355 86.44 35.70 70.12
C ASP K 355 86.07 35.56 71.59
N VAL K 356 84.78 35.45 71.90
CA VAL K 356 84.33 35.21 73.27
C VAL K 356 83.09 34.34 73.21
N LYS K 357 83.00 33.37 74.12
CA LYS K 357 81.83 32.51 74.25
C LYS K 357 80.83 33.07 75.24
N GLU K 358 80.41 34.31 75.00
CA GLU K 358 79.55 35.04 75.92
C GLU K 358 78.49 35.79 75.14
N ASN K 359 77.30 35.91 75.74
CA ASN K 359 76.21 36.63 75.11
C ASN K 359 76.48 38.13 75.18
N ILE K 360 76.29 38.81 74.04
CA ILE K 360 76.65 40.22 73.89
C ILE K 360 75.38 41.04 73.91
N LYS K 361 75.43 42.17 74.63
CA LYS K 361 74.28 43.06 74.81
C LYS K 361 74.51 44.31 73.97
N LEU K 362 73.57 44.60 73.07
CA LEU K 362 73.62 45.83 72.31
C LEU K 362 73.23 47.02 73.20
N GLN K 363 73.94 48.13 73.01
CA GLN K 363 73.68 49.35 73.77
C GLN K 363 72.82 50.30 72.94
N ASP K 364 71.57 49.87 72.75
CA ASP K 364 70.60 50.60 71.91
C ASP K 364 71.11 50.74 70.48
N GLN K 365 71.85 49.73 70.01
CA GLN K 365 72.34 49.64 68.66
C GLN K 365 71.72 48.43 67.96
N VAL K 366 71.97 48.32 66.66
CA VAL K 366 71.64 47.12 65.90
C VAL K 366 72.93 46.35 65.68
N VAL K 367 72.91 45.06 66.00
CA VAL K 367 74.05 44.21 65.68
C VAL K 367 74.16 44.10 64.17
N GLY K 368 75.38 44.31 63.66
CA GLY K 368 75.69 44.12 62.26
C GLY K 368 76.24 42.73 62.05
N ILE K 369 76.06 42.23 60.82
CA ILE K 369 76.54 40.89 60.50
C ILE K 369 78.07 40.92 60.45
N GLY K 370 78.70 40.06 61.25
CA GLY K 370 80.15 39.98 61.29
C GLY K 370 80.69 38.89 60.38
N GLU K 371 82.01 38.80 60.36
CA GLU K 371 82.68 37.83 59.51
C GLU K 371 82.74 36.47 60.19
N ILE K 372 82.32 35.44 59.48
CA ILE K 372 82.40 34.07 59.97
C ILE K 372 83.78 33.55 59.62
N VAL K 373 84.48 32.99 60.63
CA VAL K 373 85.86 32.55 60.50
C VAL K 373 85.92 31.06 60.82
N ASN K 374 86.54 30.29 59.93
CA ASN K 374 86.84 28.89 60.19
C ASN K 374 88.19 28.80 60.88
N GLU K 375 88.20 28.23 62.08
CA GLU K 375 89.38 28.18 62.91
C GLU K 375 90.19 26.92 62.64
N GLU L 2 66.96 -38.75 22.05
CA GLU L 2 66.66 -38.59 23.49
C GLU L 2 66.41 -39.95 24.14
N ARG L 3 66.23 -39.94 25.45
CA ARG L 3 65.99 -41.19 26.17
C ARG L 3 64.66 -41.80 25.76
N GLU L 4 64.64 -43.13 25.65
CA GLU L 4 63.45 -43.89 25.32
C GLU L 4 62.97 -44.64 26.56
N LEU L 5 61.66 -44.73 26.70
CA LEU L 5 61.06 -45.36 27.86
C LEU L 5 60.83 -46.84 27.56
N PRO L 6 61.48 -47.79 28.26
CA PRO L 6 61.29 -49.20 27.90
C PRO L 6 59.94 -49.74 28.34
N ILE L 7 58.93 -49.52 27.51
CA ILE L 7 57.55 -49.90 27.86
C ILE L 7 57.44 -51.42 27.89
N PRO L 8 56.69 -52.03 28.80
CA PRO L 8 56.50 -53.48 28.75
C PRO L 8 55.73 -53.91 27.52
N VAL L 9 55.95 -55.17 27.12
CA VAL L 9 55.35 -55.69 25.89
C VAL L 9 53.83 -55.74 26.02
N PHE L 10 53.31 -56.19 27.16
CA PHE L 10 51.87 -56.32 27.31
C PHE L 10 51.16 -54.98 27.18
N LEU L 11 51.86 -53.90 27.50
CA LEU L 11 51.33 -52.56 27.26
C LEU L 11 51.44 -52.14 25.79
N THR L 12 52.03 -52.97 24.93
CA THR L 12 52.18 -52.70 23.51
C THR L 12 51.80 -53.92 22.69
N GLU L 13 50.66 -54.53 23.01
CA GLU L 13 50.20 -55.68 22.25
C GLU L 13 49.87 -55.28 20.82
N ASP L 14 50.13 -56.21 19.90
CA ASP L 14 49.77 -56.01 18.51
C ASP L 14 48.25 -56.06 18.36
N GLU L 15 47.75 -55.35 17.35
CA GLU L 15 46.33 -55.40 17.03
C GLU L 15 45.91 -56.83 16.70
N ASP L 16 46.69 -57.52 15.87
CA ASP L 16 46.35 -58.89 15.50
C ASP L 16 46.41 -59.81 16.71
N SER L 17 47.39 -59.62 17.59
CA SER L 17 47.46 -60.41 18.81
C SER L 17 46.22 -60.18 19.66
N VAL L 18 45.76 -58.93 19.75
CA VAL L 18 44.51 -58.66 20.44
C VAL L 18 43.36 -59.33 19.71
N HIS L 19 43.32 -59.21 18.38
CA HIS L 19 42.25 -59.83 17.61
C HIS L 19 42.30 -61.35 17.72
N GLU L 20 43.51 -61.93 17.69
CA GLU L 20 43.63 -63.37 17.82
C GLU L 20 43.11 -63.85 19.17
N ARG L 21 43.51 -63.15 20.24
CA ARG L 21 42.96 -63.47 21.56
C ARG L 21 41.46 -63.20 21.59
N MET L 22 40.99 -62.26 20.79
CA MET L 22 39.55 -62.01 20.69
C MET L 22 38.83 -63.24 20.17
N LEU L 23 39.32 -63.81 19.06
CA LEU L 23 38.66 -64.93 18.42
C LEU L 23 38.81 -66.24 19.19
N SER L 24 39.68 -66.27 20.21
CA SER L 24 39.94 -67.53 20.90
C SER L 24 38.69 -68.06 21.60
N ASN L 25 37.80 -67.17 22.06
CA ASN L 25 36.66 -67.62 22.83
C ASN L 25 35.70 -68.46 21.99
N PHE L 26 35.49 -68.09 20.74
CA PHE L 26 34.48 -68.75 19.92
C PHE L 26 34.89 -70.18 19.61
N GLN L 27 33.88 -71.04 19.50
CA GLN L 27 34.07 -72.49 19.43
C GLN L 27 33.35 -73.16 18.28
N ASP L 28 32.14 -72.71 17.94
CA ASP L 28 31.30 -73.39 16.94
C ASP L 28 30.77 -72.40 15.90
N VAL L 29 31.56 -71.39 15.57
CA VAL L 29 31.18 -70.40 14.56
C VAL L 29 32.40 -70.07 13.73
N SER L 30 32.18 -69.85 12.44
CA SER L 30 33.28 -69.47 11.55
C SER L 30 33.86 -68.14 11.99
N THR L 31 35.16 -68.16 12.33
CA THR L 31 35.90 -66.97 12.73
C THR L 31 36.77 -66.44 11.61
N LEU L 32 36.44 -66.78 10.37
CA LEU L 32 37.25 -66.38 9.23
C LEU L 32 36.95 -64.95 8.84
N GLU L 33 37.86 -64.35 8.08
CA GLU L 33 37.65 -63.01 7.58
C GLU L 33 36.44 -62.98 6.66
N GLY L 34 35.69 -61.88 6.72
CA GLY L 34 34.42 -61.79 6.03
C GLY L 34 33.24 -62.34 6.80
N ASP L 35 33.48 -63.00 7.93
CA ASP L 35 32.40 -63.46 8.79
C ASP L 35 31.97 -62.34 9.73
N PHE L 36 30.79 -62.52 10.32
CA PHE L 36 30.32 -61.54 11.30
C PHE L 36 31.27 -61.44 12.48
N ILE L 37 31.76 -62.59 12.96
CA ILE L 37 32.61 -62.59 14.14
C ILE L 37 33.92 -61.87 13.86
N TYR L 38 34.58 -62.21 12.76
CA TYR L 38 35.83 -61.55 12.42
C TYR L 38 35.60 -60.08 12.09
N ASP L 39 34.62 -59.81 11.23
CA ASP L 39 34.40 -58.43 10.78
C ASP L 39 33.95 -57.54 11.93
N ALA L 40 33.05 -58.03 12.77
CA ALA L 40 32.57 -57.22 13.87
C ALA L 40 33.64 -56.99 14.94
N THR L 41 34.51 -57.98 15.16
CA THR L 41 35.48 -57.89 16.24
C THR L 41 36.75 -57.14 15.84
N ARG L 42 37.07 -57.08 14.55
CA ARG L 42 38.30 -56.41 14.14
C ARG L 42 38.33 -54.93 14.51
N PRO L 43 37.28 -54.14 14.32
CA PRO L 43 37.33 -52.74 14.79
C PRO L 43 37.56 -52.62 16.28
N THR L 44 36.99 -53.52 17.08
CA THR L 44 37.26 -53.48 18.51
C THR L 44 38.73 -53.69 18.80
N ALA L 45 39.34 -54.68 18.15
CA ALA L 45 40.78 -54.89 18.31
C ALA L 45 41.56 -53.68 17.84
N GLU L 46 41.12 -53.05 16.76
CA GLU L 46 41.78 -51.85 16.27
C GLU L 46 41.76 -50.74 17.31
N GLN L 47 40.60 -50.50 17.91
CA GLN L 47 40.50 -49.44 18.92
C GLN L 47 41.25 -49.82 20.19
N ILE L 48 41.13 -51.08 20.62
CA ILE L 48 41.79 -51.51 21.85
C ILE L 48 43.30 -51.35 21.73
N ALA L 49 43.86 -51.82 20.61
CA ALA L 49 45.29 -51.64 20.39
C ALA L 49 45.66 -50.17 20.28
N GLU L 50 44.85 -49.40 19.55
CA GLU L 50 45.15 -47.98 19.38
C GLU L 50 45.09 -47.24 20.70
N LEU L 51 44.06 -47.50 21.50
CA LEU L 51 43.98 -46.89 22.83
C LEU L 51 45.15 -47.31 23.69
N LYS L 52 45.53 -48.58 23.61
CA LYS L 52 46.65 -49.06 24.41
C LYS L 52 47.94 -48.34 24.05
N GLN L 53 48.18 -48.15 22.75
CA GLN L 53 49.40 -47.48 22.30
C GLN L 53 49.27 -45.97 22.46
N LEU L 54 48.34 -45.35 21.74
CA LEU L 54 48.25 -43.90 21.76
C LEU L 54 47.81 -43.40 23.14
N GLY L 55 46.88 -44.10 23.78
CA GLY L 55 46.40 -43.66 25.06
C GLY L 55 47.40 -43.85 26.19
N LEU L 56 47.65 -45.09 26.57
CA LEU L 56 48.41 -45.35 27.80
C LEU L 56 49.87 -44.99 27.64
N GLN L 57 50.51 -45.46 26.56
CA GLN L 57 51.95 -45.22 26.40
C GLN L 57 52.26 -43.74 26.29
N ASN L 58 51.48 -43.02 25.49
CA ASN L 58 51.70 -41.58 25.39
C ASN L 58 51.38 -40.90 26.72
N ASN L 59 50.30 -41.33 27.38
CA ASN L 59 49.96 -40.76 28.69
C ASN L 59 51.08 -41.03 29.69
N LEU L 60 51.58 -42.26 29.71
CA LEU L 60 52.71 -42.57 30.59
C LEU L 60 53.96 -41.82 30.16
N LYS L 61 54.17 -41.66 28.84
CA LYS L 61 55.38 -41.01 28.37
C LYS L 61 55.45 -39.56 28.80
N ILE L 62 54.34 -38.82 28.63
CA ILE L 62 54.35 -37.40 28.97
C ILE L 62 54.47 -37.18 30.48
N ALA L 63 54.17 -38.19 31.29
CA ALA L 63 54.32 -38.04 32.73
C ALA L 63 55.77 -37.78 33.12
N PHE L 64 56.71 -38.52 32.50
CA PHE L 64 58.12 -38.39 32.86
C PHE L 64 58.80 -37.33 32.00
N PRO L 65 59.80 -36.62 32.52
CA PRO L 65 60.49 -35.64 31.67
C PRO L 65 61.29 -36.29 30.56
N GLN L 66 61.64 -37.57 30.69
CA GLN L 66 62.39 -38.26 29.65
C GLN L 66 61.61 -38.35 28.35
N THR L 67 60.28 -38.30 28.39
CA THR L 67 59.44 -38.42 27.20
C THR L 67 58.28 -37.44 27.26
N SER L 68 58.57 -36.18 27.61
CA SER L 68 57.59 -35.11 27.60
C SER L 68 58.05 -34.01 26.65
N TYR L 69 57.08 -33.31 26.06
CA TYR L 69 57.37 -32.36 24.99
C TYR L 69 56.78 -30.97 25.21
N GLY L 70 55.58 -30.87 25.76
CA GLY L 70 54.85 -29.62 25.77
C GLY L 70 54.83 -28.93 27.11
N THR L 71 53.67 -28.35 27.45
CA THR L 71 53.51 -27.76 28.77
C THR L 71 53.73 -28.78 29.88
N TYR L 72 53.48 -30.05 29.59
CA TYR L 72 53.76 -31.09 30.58
C TYR L 72 55.24 -31.13 30.92
N LEU L 73 56.10 -31.01 29.89
CA LEU L 73 57.53 -30.92 30.15
C LEU L 73 57.86 -29.68 30.96
N GLU L 74 57.24 -28.54 30.62
CA GLU L 74 57.50 -27.31 31.35
C GLU L 74 57.07 -27.44 32.81
N TRP L 75 55.93 -28.09 33.05
CA TRP L 75 55.52 -28.33 34.42
C TRP L 75 56.52 -29.23 35.15
N LEU L 76 57.00 -30.28 34.47
CA LEU L 76 58.00 -31.15 35.09
C LEU L 76 59.29 -30.38 35.36
N GLY L 77 59.71 -29.54 34.41
CA GLY L 77 60.87 -28.70 34.66
C GLY L 77 60.65 -27.73 35.80
N GLU L 78 59.42 -27.24 35.96
CA GLU L 78 59.13 -26.34 37.06
C GLU L 78 59.31 -27.02 38.41
N CYS L 79 58.82 -28.26 38.53
CA CYS L 79 58.81 -28.94 39.83
C CYS L 79 60.20 -29.06 40.43
N LYS L 80 61.22 -29.17 39.58
CA LYS L 80 62.61 -29.22 40.01
C LYS L 80 63.34 -27.89 39.73
N GLY L 81 62.58 -26.80 39.58
CA GLY L 81 63.16 -25.47 39.52
C GLY L 81 63.63 -25.01 38.17
N VAL L 82 63.41 -25.78 37.12
CA VAL L 82 63.89 -25.44 35.78
C VAL L 82 62.81 -24.63 35.06
N PHE L 83 63.24 -23.62 34.30
CA PHE L 83 62.33 -22.75 33.57
C PHE L 83 62.90 -22.51 32.19
N LYS L 84 62.04 -22.60 31.18
CA LYS L 84 62.48 -22.44 29.80
C LYS L 84 62.85 -20.98 29.54
N ASN L 85 63.97 -20.77 28.84
CA ASN L 85 64.39 -19.41 28.52
C ASN L 85 63.46 -18.79 27.50
N GLN L 86 63.24 -17.50 27.63
CA GLN L 86 62.28 -16.76 26.82
C GLN L 86 62.97 -16.10 25.63
N PRO L 87 62.23 -15.76 24.58
CA PRO L 87 62.84 -15.01 23.47
C PRO L 87 63.17 -13.58 23.90
N THR L 88 63.98 -12.93 23.08
CA THR L 88 64.38 -11.54 23.33
C THR L 88 64.49 -10.80 22.01
N LYS L 89 64.40 -9.48 22.10
CA LYS L 89 64.53 -8.62 20.93
C LYS L 89 66.00 -8.43 20.57
N ALA L 90 66.26 -8.36 19.27
CA ALA L 90 67.57 -7.94 18.81
C ALA L 90 67.71 -6.44 19.00
N THR L 91 68.95 -5.97 19.01
CA THR L 91 69.23 -4.57 19.30
C THR L 91 70.47 -4.12 18.53
N GLY L 92 70.58 -2.80 18.37
CA GLY L 92 71.74 -2.22 17.75
C GLY L 92 71.50 -0.77 17.43
N VAL L 93 72.39 -0.20 16.62
CA VAL L 93 72.49 1.24 16.41
C VAL L 93 72.17 1.56 14.96
N ILE L 94 71.34 2.57 14.75
CA ILE L 94 71.04 3.11 13.43
C ILE L 94 71.80 4.43 13.29
N THR L 95 72.62 4.54 12.25
CA THR L 95 73.30 5.79 11.93
C THR L 95 72.39 6.58 11.01
N PHE L 96 71.72 7.59 11.56
CA PHE L 96 70.84 8.44 10.76
C PHE L 96 71.67 9.44 9.96
N THR L 97 71.02 10.00 8.94
CA THR L 97 71.65 11.02 8.11
C THR L 97 70.57 11.93 7.54
N GLY L 98 70.82 13.24 7.61
CA GLY L 98 69.88 14.19 7.07
C GLY L 98 70.21 15.60 7.53
N VAL L 99 69.26 16.50 7.28
CA VAL L 99 69.44 17.90 7.64
C VAL L 99 69.52 18.02 9.16
N GLN L 100 70.56 18.70 9.63
CA GLN L 100 70.70 18.93 11.07
C GLN L 100 69.52 19.72 11.59
N GLY L 101 68.95 19.26 12.71
CA GLY L 101 67.75 19.82 13.27
C GLY L 101 66.49 19.03 12.95
N THR L 102 66.54 18.14 11.97
CA THR L 102 65.39 17.29 11.67
C THR L 102 65.09 16.40 12.86
N ILE L 103 63.83 16.34 13.26
CA ILE L 103 63.40 15.65 14.47
C ILE L 103 62.96 14.25 14.09
N ILE L 104 63.44 13.26 14.85
CA ILE L 104 63.00 11.88 14.74
C ILE L 104 62.67 11.39 16.15
N THR L 105 61.53 10.74 16.30
CA THR L 105 61.01 10.36 17.60
C THR L 105 61.36 8.92 17.93
N LYS L 106 61.46 8.64 19.23
CA LYS L 106 61.57 7.26 19.69
C LYS L 106 60.32 6.50 19.30
N GLY L 107 60.49 5.22 19.00
CA GLY L 107 59.37 4.38 18.63
C GLY L 107 59.02 4.37 17.16
N THR L 108 59.70 5.17 16.35
CA THR L 108 59.40 5.20 14.93
C THR L 108 59.74 3.85 14.29
N ILE L 109 58.95 3.48 13.29
CA ILE L 109 59.05 2.17 12.65
C ILE L 109 59.99 2.29 11.45
N VAL L 110 61.15 1.65 11.54
CA VAL L 110 62.11 1.57 10.45
C VAL L 110 62.35 0.09 10.17
N THR L 111 62.33 -0.29 8.90
CA THR L 111 62.37 -1.68 8.49
C THR L 111 63.56 -1.92 7.57
N THR L 112 63.74 -3.19 7.22
CA THR L 112 64.69 -3.58 6.20
C THR L 112 64.01 -3.40 4.83
N ILE L 113 64.65 -3.90 3.78
CA ILE L 113 64.10 -3.82 2.43
C ILE L 113 63.19 -5.02 2.22
N ALA L 114 61.89 -4.76 2.07
CA ALA L 114 60.96 -5.82 1.75
C ALA L 114 61.24 -6.35 0.35
N THR L 115 61.10 -7.65 0.18
CA THR L 115 61.35 -8.32 -1.09
C THR L 115 60.25 -9.33 -1.36
N ASP L 116 60.36 -10.02 -2.49
CA ASP L 116 59.42 -11.10 -2.78
C ASP L 116 59.52 -12.21 -1.75
N GLU L 117 60.74 -12.55 -1.33
CA GLU L 117 60.99 -13.64 -0.39
C GLU L 117 61.10 -13.17 1.05
N LYS L 118 60.94 -11.88 1.32
CA LYS L 118 61.05 -11.36 2.68
C LYS L 118 60.14 -10.16 2.86
N GLN L 119 59.40 -10.15 3.95
CA GLN L 119 58.60 -8.99 4.33
C GLN L 119 59.50 -7.94 4.99
N SER L 120 58.91 -6.77 5.23
CA SER L 120 59.66 -5.68 5.84
C SER L 120 59.94 -6.00 7.29
N ILE L 121 61.14 -6.54 7.56
CA ILE L 121 61.51 -6.85 8.95
C ILE L 121 61.65 -5.54 9.70
N GLU L 122 60.70 -5.26 10.59
CA GLU L 122 60.53 -3.94 11.18
C GLU L 122 61.37 -3.79 12.44
N PHE L 123 61.76 -2.55 12.72
CA PHE L 123 62.50 -2.21 13.92
C PHE L 123 61.93 -0.94 14.52
N GLU L 124 62.12 -0.78 15.82
CA GLU L 124 61.56 0.30 16.60
C GLU L 124 62.68 1.10 17.24
N LEU L 125 62.68 2.41 17.01
CA LEU L 125 63.71 3.27 17.59
C LEU L 125 63.55 3.31 19.10
N LEU L 126 64.66 3.17 19.81
CA LEU L 126 64.68 3.19 21.27
C LEU L 126 65.03 4.55 21.86
N GLU L 127 65.31 5.56 21.02
CA GLU L 127 65.78 6.84 21.51
C GLU L 127 65.26 7.96 20.63
N THR L 128 64.85 9.06 21.24
CA THR L 128 64.46 10.27 20.54
C THR L 128 65.67 11.20 20.49
N LYS L 129 66.10 11.56 19.28
CA LYS L 129 67.27 12.41 19.12
C LYS L 129 67.13 13.20 17.83
N THR L 130 67.85 14.31 17.78
CA THR L 130 67.92 15.18 16.62
C THR L 130 69.25 14.95 15.90
N ILE L 131 69.24 15.18 14.58
CA ILE L 131 70.45 14.96 13.80
C ILE L 131 71.54 15.91 14.27
N GLY L 132 72.76 15.39 14.39
CA GLY L 132 73.84 16.07 15.04
C GLY L 132 74.59 17.05 14.15
N GLU L 133 75.79 17.43 14.61
CA GLU L 133 76.57 18.46 13.93
C GLU L 133 76.95 18.02 12.52
N ASN L 134 77.35 16.77 12.35
CA ASN L 134 77.85 16.26 11.07
C ASN L 134 76.73 15.72 10.19
N GLU L 135 75.50 16.21 10.38
CA GLU L 135 74.34 15.70 9.66
C GLU L 135 74.15 14.21 9.89
N THR L 136 74.48 13.74 11.10
CA THR L 136 74.32 12.34 11.46
C THR L 136 74.02 12.25 12.94
N VAL L 137 73.40 11.13 13.34
CA VAL L 137 73.14 10.82 14.73
C VAL L 137 72.92 9.32 14.86
N ASP L 138 73.48 8.75 15.91
CA ASP L 138 73.36 7.32 16.18
C ASP L 138 72.26 7.08 17.20
N ILE L 139 71.23 6.34 16.78
CA ILE L 139 70.08 6.02 17.62
C ILE L 139 70.01 4.51 17.77
N LYS L 140 69.90 4.04 19.00
CA LYS L 140 69.70 2.63 19.25
C LYS L 140 68.24 2.24 18.96
N ALA L 141 68.06 1.01 18.49
CA ALA L 141 66.74 0.52 18.12
C ALA L 141 66.66 -0.96 18.44
N GLU L 142 65.43 -1.44 18.61
CA GLU L 142 65.15 -2.84 18.90
C GLU L 142 64.43 -3.48 17.73
N SER L 143 64.30 -4.79 17.82
CA SER L 143 63.49 -5.57 16.89
C SER L 143 62.07 -5.65 17.42
N ARG L 144 61.11 -5.31 16.56
CA ARG L 144 59.70 -5.38 16.97
C ARG L 144 59.28 -6.81 17.27
N ILE L 145 59.91 -7.78 16.60
CA ILE L 145 59.60 -9.20 16.76
C ILE L 145 60.75 -9.84 17.54
N VAL L 146 60.43 -10.39 18.70
CA VAL L 146 61.42 -11.15 19.46
C VAL L 146 61.79 -12.39 18.66
N GLY L 147 63.08 -12.71 18.62
CA GLY L 147 63.58 -13.87 17.93
C GLY L 147 64.72 -13.51 17.01
N THR L 148 65.24 -14.54 16.33
CA THR L 148 66.40 -14.37 15.46
C THR L 148 66.09 -13.49 14.25
N ILE L 149 64.81 -13.26 13.94
CA ILE L 149 64.46 -12.38 12.83
C ILE L 149 65.01 -10.98 13.07
N GLY L 150 65.08 -10.55 14.33
CA GLY L 150 65.62 -9.24 14.63
C GLY L 150 67.09 -9.10 14.25
N ASN L 151 67.86 -10.18 14.37
CA ASN L 151 69.30 -10.15 14.14
C ASN L 151 69.58 -10.07 12.64
N VAL L 152 69.26 -8.90 12.07
CA VAL L 152 69.52 -8.64 10.66
C VAL L 152 70.94 -8.11 10.50
N SER L 153 71.45 -8.13 9.26
CA SER L 153 72.81 -7.72 9.00
C SER L 153 72.91 -6.19 9.00
N LYS L 154 74.11 -5.70 8.71
CA LYS L 154 74.37 -4.27 8.65
C LYS L 154 74.00 -3.72 7.28
N GLY L 155 73.51 -2.48 7.28
CA GLY L 155 73.06 -1.84 6.06
C GLY L 155 71.69 -2.28 5.58
N SER L 156 71.07 -3.26 6.24
CA SER L 156 69.76 -3.74 5.79
C SER L 156 68.67 -2.73 6.09
N ILE L 157 68.73 -2.09 7.25
CA ILE L 157 67.68 -1.16 7.68
C ILE L 157 67.92 0.20 7.05
N SER L 158 67.38 0.40 5.84
CA SER L 158 67.45 1.66 5.12
C SER L 158 66.07 2.18 4.77
N VAL L 159 65.02 1.72 5.45
CA VAL L 159 63.64 2.04 5.13
C VAL L 159 62.99 2.65 6.36
N LEU L 160 62.40 3.83 6.18
CA LEU L 160 61.63 4.51 7.21
C LEU L 160 60.17 4.54 6.77
N LEU L 161 59.27 4.14 7.68
CA LEU L 161 57.84 4.09 7.41
C LEU L 161 57.19 5.37 7.91
N GLY L 162 56.38 5.98 7.07
CA GLY L 162 55.74 7.24 7.36
C GLY L 162 56.42 8.40 6.63
N SER L 163 55.67 9.49 6.47
CA SER L 163 56.14 10.66 5.73
C SER L 163 56.88 11.57 6.70
N ILE L 164 58.21 11.45 6.71
CA ILE L 164 59.08 12.36 7.43
C ILE L 164 60.17 12.82 6.48
N SER L 165 60.23 14.12 6.23
CA SER L 165 61.26 14.72 5.39
C SER L 165 62.44 15.14 6.26
N GLY L 166 63.45 15.73 5.63
CA GLY L 166 64.66 16.16 6.31
C GLY L 166 65.68 15.05 6.49
N VAL L 167 65.22 13.87 6.89
CA VAL L 167 66.12 12.72 6.96
C VAL L 167 66.52 12.32 5.55
N LYS L 168 67.82 12.26 5.30
CA LYS L 168 68.34 11.92 3.98
C LYS L 168 68.51 10.42 3.81
N SER L 169 69.06 9.75 4.83
CA SER L 169 69.23 8.31 4.76
C SER L 169 69.44 7.77 6.17
N ILE L 170 69.21 6.47 6.31
CA ILE L 170 69.40 5.76 7.56
C ILE L 170 70.04 4.42 7.25
N THR L 171 70.82 3.90 8.20
CA THR L 171 71.51 2.64 8.00
C THR L 171 71.90 2.05 9.33
N ASN L 172 72.07 0.74 9.35
CA ASN L 172 72.55 0.00 10.51
C ASN L 172 73.98 -0.43 10.23
N LYS L 173 74.93 0.20 10.91
CA LYS L 173 76.33 -0.14 10.69
C LYS L 173 76.67 -1.54 11.18
N GLU L 174 75.94 -2.04 12.18
CA GLU L 174 76.24 -3.30 12.84
C GLU L 174 75.15 -4.32 12.55
N ASP L 175 75.56 -5.54 12.26
CA ASP L 175 74.62 -6.66 12.27
C ASP L 175 74.10 -6.82 13.68
N PHE L 176 72.78 -6.74 13.86
CA PHE L 176 72.24 -6.68 15.19
C PHE L 176 72.44 -7.99 15.93
N ARG L 177 72.47 -7.88 17.25
CA ARG L 177 72.84 -8.95 18.17
C ARG L 177 71.70 -9.20 19.14
N GLY L 178 71.83 -10.27 19.91
CA GLY L 178 70.73 -10.71 20.74
C GLY L 178 69.70 -11.41 19.88
N GLY L 179 68.45 -10.95 19.97
CA GLY L 179 67.40 -11.52 19.15
C GLY L 179 67.21 -13.00 19.41
N THR L 180 67.12 -13.37 20.68
CA THR L 180 66.94 -14.75 21.04
C THR L 180 65.50 -15.18 20.81
N ASP L 181 65.34 -16.38 20.27
CA ASP L 181 64.03 -17.01 20.16
C ASP L 181 63.76 -17.82 21.42
N ILE L 182 62.62 -18.52 21.44
CA ILE L 182 62.32 -19.40 22.56
C ILE L 182 63.34 -20.53 22.61
N GLU L 183 63.69 -20.94 23.83
CA GLU L 183 64.57 -22.09 23.99
C GLU L 183 63.91 -23.33 23.41
N ASP L 184 64.73 -24.16 22.76
CA ASP L 184 64.21 -25.35 22.11
C ASP L 184 63.82 -26.40 23.15
N GLU L 185 62.98 -27.34 22.72
CA GLU L 185 62.67 -28.49 23.55
C GLU L 185 63.93 -29.27 23.88
N GLU L 186 64.81 -29.46 22.90
CA GLU L 186 65.99 -30.28 23.10
C GLU L 186 66.87 -29.69 24.21
N HIS L 187 67.14 -28.39 24.15
CA HIS L 187 67.93 -27.76 25.20
C HIS L 187 67.20 -27.83 26.54
N PHE L 188 65.90 -27.53 26.54
CA PHE L 188 65.15 -27.51 27.78
C PHE L 188 65.09 -28.89 28.42
N ARG L 189 64.99 -29.94 27.60
CA ARG L 189 64.91 -31.29 28.14
C ARG L 189 66.19 -31.66 28.88
N GLU L 190 67.35 -31.33 28.33
CA GLU L 190 68.59 -31.63 29.03
C GLU L 190 68.67 -30.87 30.36
N ARG L 191 68.28 -29.60 30.35
CA ARG L 191 68.32 -28.82 31.59
C ARG L 191 67.39 -29.43 32.62
N VAL L 192 66.20 -29.85 32.20
CA VAL L 192 65.30 -30.55 33.12
C VAL L 192 65.90 -31.88 33.54
N LEU L 193 66.45 -32.63 32.58
CA LEU L 193 67.08 -33.91 32.91
C LEU L 193 68.28 -33.71 33.82
N VAL L 194 69.08 -32.68 33.56
CA VAL L 194 70.24 -32.40 34.40
C VAL L 194 69.80 -32.07 35.82
N ALA L 195 68.77 -31.22 35.94
CA ALA L 195 68.28 -30.87 37.27
C ALA L 195 67.70 -32.07 37.98
N GLU L 196 66.99 -32.93 37.24
CA GLU L 196 66.41 -34.13 37.84
C GLU L 196 67.50 -35.05 38.38
N GLN L 197 68.56 -35.25 37.60
CA GLN L 197 69.60 -36.20 38.00
C GLN L 197 70.56 -35.59 39.01
N GLU L 198 70.95 -34.34 38.81
CA GLU L 198 71.89 -33.71 39.72
C GLU L 198 71.29 -33.59 41.11
N ASP L 199 72.07 -33.93 42.13
CA ASP L 199 71.58 -33.83 43.50
C ASP L 199 71.28 -32.39 43.86
N LYS L 200 72.15 -31.46 43.46
CA LYS L 200 71.96 -30.03 43.71
C LYS L 200 71.83 -29.74 45.20
N LEU L 201 72.78 -30.26 45.97
CA LEU L 201 72.88 -29.94 47.39
C LEU L 201 73.54 -28.57 47.53
N SER L 202 73.94 -28.21 48.74
CA SER L 202 74.70 -26.98 48.95
C SER L 202 75.64 -27.19 50.11
N GLY L 203 76.93 -26.96 49.87
CA GLY L 203 77.98 -27.22 50.84
C GLY L 203 78.72 -28.52 50.62
N ALA L 204 78.18 -29.43 49.82
CA ALA L 204 78.87 -30.68 49.53
C ALA L 204 79.95 -30.47 48.48
N SER L 205 80.74 -31.52 48.26
CA SER L 205 81.90 -31.41 47.37
C SER L 205 81.48 -31.08 45.94
N SER L 206 80.34 -31.62 45.49
CA SER L 206 79.88 -31.36 44.14
C SER L 206 79.61 -29.88 43.92
N ASP L 207 79.01 -29.22 44.91
CA ASP L 207 78.76 -27.79 44.80
C ASP L 207 80.06 -27.02 44.74
N TYR L 208 81.06 -27.43 45.52
CA TYR L 208 82.37 -26.80 45.43
C TYR L 208 82.96 -26.96 44.04
N ILE L 209 82.81 -28.15 43.45
CA ILE L 209 83.23 -28.35 42.07
C ILE L 209 82.41 -27.46 41.14
N ARG L 210 81.10 -27.38 41.39
CA ARG L 210 80.23 -26.55 40.57
C ARG L 210 80.64 -25.08 40.64
N TRP L 211 80.91 -24.59 41.86
CA TRP L 211 81.34 -23.20 42.00
C TRP L 211 82.70 -22.99 41.35
N ALA L 212 83.60 -23.97 41.48
CA ALA L 212 84.90 -23.85 40.82
C ALA L 212 84.74 -23.79 39.31
N LYS L 213 83.92 -24.68 38.75
CA LYS L 213 83.71 -24.68 37.31
C LYS L 213 82.96 -23.45 36.84
N GLU L 214 82.18 -22.81 37.73
CA GLU L 214 81.54 -21.55 37.35
C GLU L 214 82.56 -20.48 37.03
N VAL L 215 83.71 -20.50 37.72
CA VAL L 215 84.77 -19.55 37.41
C VAL L 215 85.33 -19.87 36.03
N ASP L 216 85.46 -18.83 35.20
CA ASP L 216 85.96 -19.02 33.84
C ASP L 216 87.40 -19.51 33.86
N GLY L 217 87.74 -20.35 32.89
CA GLY L 217 89.05 -20.95 32.81
C GLY L 217 89.20 -22.26 33.55
N VAL L 218 88.29 -22.56 34.46
CA VAL L 218 88.35 -23.80 35.23
C VAL L 218 87.77 -24.92 34.37
N GLY L 219 88.64 -25.74 33.79
CA GLY L 219 88.19 -26.85 32.99
C GLY L 219 87.59 -27.94 33.86
N TYR L 220 88.38 -28.44 34.80
CA TYR L 220 87.98 -29.55 35.67
C TYR L 220 88.40 -29.23 37.09
N ALA L 221 87.53 -29.57 38.04
CA ALA L 221 87.75 -29.30 39.45
C ALA L 221 87.48 -30.56 40.26
N TYR L 222 88.28 -30.75 41.30
CA TYR L 222 88.15 -31.88 42.21
C TYR L 222 88.28 -31.38 43.64
N VAL L 223 87.47 -31.92 44.53
CA VAL L 223 87.36 -31.46 45.91
C VAL L 223 87.64 -32.64 46.83
N VAL L 224 88.42 -32.38 47.88
CA VAL L 224 88.71 -33.36 48.92
C VAL L 224 88.13 -32.84 50.22
N SER L 225 87.15 -33.57 50.75
CA SER L 225 86.62 -33.28 52.08
C SER L 225 87.55 -33.84 53.13
N GLU L 226 87.71 -33.11 54.23
CA GLU L 226 88.46 -33.58 55.39
C GLU L 226 89.92 -33.85 55.07
N TRP L 227 90.48 -33.09 54.12
CA TRP L 227 91.89 -33.27 53.76
C TRP L 227 92.80 -33.01 54.95
N ALA L 228 92.40 -32.11 55.85
CA ALA L 228 93.17 -31.76 57.04
C ALA L 228 92.29 -31.80 58.28
N GLY L 229 91.34 -32.74 58.31
CA GLY L 229 90.49 -32.92 59.47
C GLY L 229 89.19 -32.15 59.36
N ALA L 230 88.50 -32.12 60.51
CA ALA L 230 87.19 -31.49 60.58
C ALA L 230 87.29 -30.00 60.25
N GLY L 231 86.36 -29.53 59.42
CA GLY L 231 86.33 -28.14 59.01
C GLY L 231 87.20 -27.79 57.82
N THR L 232 87.99 -28.72 57.31
CA THR L 232 88.99 -28.47 56.29
C THR L 232 88.52 -29.01 54.95
N VAL L 233 88.60 -28.18 53.91
CA VAL L 233 88.21 -28.54 52.55
C VAL L 233 89.30 -28.11 51.60
N LYS L 234 89.54 -28.93 50.57
CA LYS L 234 90.50 -28.62 49.52
C LYS L 234 89.79 -28.63 48.17
N VAL L 235 90.22 -27.74 47.29
CA VAL L 235 89.72 -27.65 45.92
C VAL L 235 90.92 -27.76 44.99
N LEU L 236 90.79 -28.62 43.98
CA LEU L 236 91.88 -28.94 43.06
C LEU L 236 91.37 -28.73 41.64
N ILE L 237 91.84 -27.66 41.02
CA ILE L 237 91.30 -27.20 39.74
C ILE L 237 92.35 -27.38 38.65
N LEU L 238 91.86 -27.43 37.41
CA LEU L 238 92.71 -27.61 36.23
C LEU L 238 92.19 -26.70 35.13
N ASP L 239 93.07 -26.40 34.19
CA ASP L 239 92.69 -25.57 33.05
C ASP L 239 91.81 -26.38 32.09
N LYS L 240 91.48 -25.77 30.95
CA LYS L 240 90.63 -26.43 29.97
C LYS L 240 91.31 -27.68 29.39
N ASN L 241 92.63 -27.71 29.38
CA ASN L 241 93.39 -28.85 28.88
C ASN L 241 93.66 -29.90 29.96
N ARG L 242 93.08 -29.75 31.14
CA ARG L 242 93.29 -30.68 32.25
C ARG L 242 94.75 -30.69 32.72
N LYS L 243 95.45 -29.58 32.50
CA LYS L 243 96.80 -29.39 33.00
C LYS L 243 96.74 -28.59 34.30
N ALA L 244 97.90 -28.27 34.84
CA ALA L 244 97.97 -27.54 36.10
C ALA L 244 97.35 -26.15 35.93
N ALA L 245 96.35 -25.86 36.75
CA ALA L 245 95.66 -24.58 36.65
C ALA L 245 96.60 -23.43 37.00
N THR L 246 96.41 -22.31 36.33
CA THR L 246 97.20 -21.12 36.62
C THR L 246 96.89 -20.61 38.02
N GLN L 247 97.86 -19.95 38.63
CA GLN L 247 97.67 -19.46 39.99
C GLN L 247 96.58 -18.40 40.04
N GLU L 248 96.46 -17.58 38.99
CA GLU L 248 95.38 -16.59 38.94
C GLU L 248 94.03 -17.28 38.97
N LEU L 249 93.91 -18.40 38.25
CA LEU L 249 92.68 -19.20 38.30
C LEU L 249 92.43 -19.70 39.72
N ILE L 250 93.48 -20.14 40.41
CA ILE L 250 93.34 -20.52 41.81
C ILE L 250 92.93 -19.30 42.64
N ASP L 251 93.52 -18.14 42.37
CA ASP L 251 93.13 -16.92 43.07
C ASP L 251 91.69 -16.55 42.76
N LYS L 252 91.28 -16.66 41.50
CA LYS L 252 89.90 -16.38 41.12
C LYS L 252 88.95 -17.31 41.84
N VAL L 253 89.26 -18.61 41.84
CA VAL L 253 88.41 -19.57 42.54
C VAL L 253 88.46 -19.34 44.04
N GLN L 254 89.62 -18.95 44.55
CA GLN L 254 89.73 -18.62 45.97
C GLN L 254 88.81 -17.45 46.32
N GLU L 255 88.92 -16.36 45.58
CA GLU L 255 88.04 -15.22 45.83
C GLU L 255 86.58 -15.59 45.58
N TYR L 256 86.32 -16.48 44.63
CA TYR L 256 84.94 -16.86 44.33
C TYR L 256 84.33 -17.64 45.48
N ILE L 257 85.07 -18.59 46.06
CA ILE L 257 84.52 -19.54 47.00
C ILE L 257 84.96 -19.30 48.44
N TYR L 258 86.18 -18.79 48.67
CA TYR L 258 86.70 -18.68 50.02
C TYR L 258 87.80 -17.64 50.08
N PRO L 259 87.47 -16.35 50.04
CA PRO L 259 88.50 -15.32 50.11
C PRO L 259 89.31 -15.42 51.40
N LEU L 260 90.63 -15.27 51.26
CA LEU L 260 91.50 -15.28 52.43
C LEU L 260 91.42 -13.96 53.19
N ASN L 261 91.30 -12.85 52.46
CA ASN L 261 91.06 -11.57 53.10
C ASN L 261 89.69 -11.57 53.76
N ILE L 262 89.56 -10.81 54.84
CA ILE L 262 88.38 -10.79 55.67
C ILE L 262 87.97 -9.36 55.97
N SER L 263 86.69 -9.20 56.32
CA SER L 263 86.14 -7.92 56.75
C SER L 263 85.09 -8.19 57.81
N GLU L 264 84.80 -7.16 58.60
CA GLU L 264 83.83 -7.32 59.69
C GLU L 264 82.44 -7.63 59.13
N GLY L 265 82.03 -6.93 58.08
CA GLY L 265 80.77 -7.20 57.43
C GLY L 265 80.88 -8.41 56.53
N GLU L 266 81.83 -8.37 55.60
CA GLU L 266 82.14 -9.51 54.73
C GLU L 266 83.17 -10.37 55.45
N ASN L 267 82.68 -11.37 56.19
CA ASN L 267 83.59 -12.33 56.80
C ASN L 267 84.43 -13.02 55.72
N ARG L 268 83.78 -13.75 54.84
CA ARG L 268 84.36 -14.18 53.57
C ARG L 268 83.43 -13.92 52.39
N ASP L 269 82.12 -14.09 52.59
CA ASP L 269 81.12 -13.89 51.53
C ASP L 269 81.38 -14.78 50.31
N GLY L 270 82.02 -15.92 50.53
CA GLY L 270 82.23 -16.88 49.47
C GLY L 270 81.05 -17.83 49.35
N LYS L 271 81.08 -18.63 48.29
CA LYS L 271 80.02 -19.61 48.08
C LYS L 271 80.03 -20.70 49.15
N ALA L 272 81.16 -20.94 49.80
CA ALA L 272 81.21 -21.97 50.81
C ALA L 272 80.43 -21.55 52.05
N PRO L 273 80.02 -22.49 52.90
CA PRO L 273 79.32 -22.12 54.12
C PRO L 273 80.24 -21.42 55.11
N ILE L 274 79.64 -20.84 56.15
CA ILE L 274 80.41 -20.33 57.26
C ILE L 274 80.94 -21.50 58.08
N GLY L 275 82.15 -21.33 58.62
CA GLY L 275 82.81 -22.36 59.38
C GLY L 275 83.70 -23.27 58.56
N ALA L 276 83.53 -23.29 57.24
CA ALA L 276 84.40 -24.08 56.39
C ALA L 276 85.80 -23.47 56.34
N LEU L 277 86.77 -24.31 56.00
CA LEU L 277 88.16 -23.91 55.84
C LEU L 277 88.61 -24.50 54.50
N VAL L 278 88.39 -23.75 53.43
CA VAL L 278 88.51 -24.25 52.06
C VAL L 278 89.87 -23.84 51.51
N THR L 279 90.56 -24.80 50.90
CA THR L 279 91.83 -24.59 50.24
C THR L 279 91.65 -24.77 48.74
N VAL L 280 92.32 -23.92 47.96
CA VAL L 280 92.23 -23.94 46.50
C VAL L 280 93.64 -24.08 45.94
N VAL L 281 93.88 -25.15 45.20
CA VAL L 281 95.17 -25.46 44.59
C VAL L 281 94.90 -26.09 43.24
N THR L 282 95.98 -26.49 42.56
CA THR L 282 95.92 -27.34 41.37
C THR L 282 96.53 -28.71 41.69
N PRO L 283 95.95 -29.82 41.22
CA PRO L 283 96.44 -31.13 41.63
C PRO L 283 97.68 -31.55 40.84
N ASP L 284 98.20 -32.73 41.18
CA ASP L 284 99.27 -33.35 40.42
C ASP L 284 98.69 -34.00 39.18
N THR L 285 99.14 -33.54 38.01
CA THR L 285 98.59 -33.97 36.72
C THR L 285 99.43 -35.14 36.21
N LEU L 286 98.93 -36.36 36.42
CA LEU L 286 99.58 -37.57 35.94
C LEU L 286 99.05 -37.89 34.55
N LEU L 287 99.86 -37.66 33.53
CA LEU L 287 99.45 -37.94 32.16
C LEU L 287 99.41 -39.44 31.91
N ILE L 288 98.45 -39.86 31.09
CA ILE L 288 98.32 -41.26 30.66
C ILE L 288 98.24 -41.22 29.14
N ASN L 289 99.37 -41.38 28.48
CA ASN L 289 99.46 -41.28 27.02
C ASN L 289 99.14 -42.63 26.40
N VAL L 290 98.09 -42.67 25.59
CA VAL L 290 97.65 -43.90 24.93
C VAL L 290 98.38 -44.03 23.61
N LYS L 291 98.77 -45.26 23.28
CA LYS L 291 99.40 -45.56 22.00
C LYS L 291 98.81 -46.85 21.45
N ALA L 292 98.30 -46.77 20.22
CA ALA L 292 97.65 -47.91 19.59
C ALA L 292 97.91 -47.85 18.10
N SER L 293 97.75 -49.00 17.44
CA SER L 293 97.84 -49.08 15.98
C SER L 293 96.47 -48.75 15.38
N PHE L 294 96.15 -47.46 15.42
CA PHE L 294 94.88 -46.99 14.90
C PHE L 294 94.83 -47.15 13.38
N ILE L 295 93.65 -47.54 12.88
CA ILE L 295 93.35 -47.56 11.46
C ILE L 295 92.12 -46.70 11.25
N PHE L 296 92.22 -45.75 10.32
CA PHE L 296 91.26 -44.66 10.20
C PHE L 296 90.37 -44.86 8.97
N SER L 297 89.17 -44.29 9.05
CA SER L 297 88.14 -44.45 8.04
C SER L 297 88.15 -43.27 7.09
N ASN L 298 87.29 -43.34 6.08
CA ASN L 298 87.17 -42.28 5.08
C ASN L 298 86.36 -41.10 5.66
N GLY L 299 86.49 -39.96 5.00
CA GLY L 299 85.76 -38.78 5.40
C GLY L 299 86.13 -38.23 6.76
N PHE L 300 87.34 -38.52 7.23
CA PHE L 300 87.79 -38.07 8.53
C PHE L 300 89.28 -37.76 8.48
N SER L 301 89.70 -36.84 9.34
CA SER L 301 91.10 -36.48 9.50
C SER L 301 91.64 -37.15 10.75
N GLU L 302 92.82 -37.78 10.64
CA GLU L 302 93.38 -38.51 11.76
C GLU L 302 93.61 -37.60 12.96
N GLU L 303 94.19 -36.41 12.72
CA GLU L 303 94.43 -35.49 13.81
C GLU L 303 93.13 -35.04 14.46
N THR L 304 92.09 -34.80 13.64
CA THR L 304 90.79 -34.46 14.20
C THR L 304 90.21 -35.62 14.98
N VAL L 305 90.32 -36.83 14.44
CA VAL L 305 89.79 -38.01 15.12
C VAL L 305 90.53 -38.22 16.44
N LEU L 306 91.85 -38.04 16.44
CA LEU L 306 92.62 -38.18 17.67
C LEU L 306 92.18 -37.14 18.71
N ASN L 307 91.95 -35.90 18.28
CA ASN L 307 91.45 -34.89 19.20
C ASN L 307 90.07 -35.26 19.72
N ASN L 308 89.22 -35.82 18.86
CA ASN L 308 87.93 -36.31 19.33
C ASN L 308 88.10 -37.44 20.33
N LEU L 309 89.01 -38.37 20.04
CA LEU L 309 89.30 -39.42 21.01
C LEU L 309 89.92 -38.84 22.28
N LYS L 310 90.73 -37.79 22.13
CA LYS L 310 91.24 -37.09 23.30
C LYS L 310 90.10 -36.50 24.13
N THR L 311 89.13 -35.89 23.46
CA THR L 311 87.98 -35.35 24.18
C THR L 311 87.17 -36.46 24.84
N LYS L 312 86.98 -37.58 24.14
CA LYS L 312 86.22 -38.68 24.71
C LYS L 312 86.93 -39.25 25.93
N ILE L 313 88.23 -39.55 25.80
CA ILE L 313 88.97 -40.04 26.94
C ILE L 313 89.05 -38.98 28.02
N ASP L 314 89.16 -37.71 27.62
CA ASP L 314 89.15 -36.61 28.59
C ASP L 314 87.86 -36.62 29.40
N LYS L 315 86.74 -36.92 28.76
CA LYS L 315 85.50 -37.09 29.50
C LYS L 315 85.59 -38.28 30.44
N TYR L 316 86.22 -39.37 30.00
CA TYR L 316 86.39 -40.53 30.86
C TYR L 316 87.26 -40.21 32.07
N LEU L 317 88.20 -39.28 31.94
CA LEU L 317 89.00 -38.90 33.09
C LEU L 317 88.15 -38.22 34.16
N ASP L 318 87.11 -37.47 33.75
CA ASP L 318 86.16 -36.97 34.74
C ASP L 318 85.44 -38.10 35.43
N LYS L 319 85.05 -39.13 34.67
CA LYS L 319 84.47 -40.32 35.29
C LYS L 319 85.46 -40.98 36.23
N ILE L 320 86.75 -40.91 35.91
CA ILE L 320 87.76 -41.43 36.83
C ILE L 320 87.85 -40.50 38.04
N ASP L 321 87.73 -41.08 39.22
CA ASP L 321 87.74 -40.29 40.44
C ASP L 321 89.15 -39.77 40.73
N LEU L 322 89.22 -38.75 41.58
CA LEU L 322 90.49 -38.29 42.08
C LEU L 322 91.14 -39.40 42.89
N GLY L 323 92.34 -39.82 42.48
CA GLY L 323 92.97 -40.97 43.08
C GLY L 323 92.34 -42.29 42.71
N GLY L 324 91.61 -42.34 41.59
CA GLY L 324 90.95 -43.54 41.14
C GLY L 324 91.87 -44.44 40.33
N THR L 325 91.26 -45.39 39.64
CA THR L 325 91.97 -46.36 38.81
C THR L 325 91.58 -46.16 37.35
N VAL L 326 92.57 -45.95 36.50
CA VAL L 326 92.36 -45.84 35.07
C VAL L 326 92.29 -47.26 34.49
N SER L 327 91.18 -47.57 33.82
CA SER L 327 90.91 -48.91 33.33
C SER L 327 91.30 -49.02 31.87
N TYR L 328 92.18 -49.98 31.57
CA TYR L 328 92.50 -50.29 30.18
C TYR L 328 91.25 -50.77 29.44
N ASN L 329 90.42 -51.56 30.13
CA ASN L 329 89.18 -52.05 29.52
C ASN L 329 88.25 -50.90 29.16
N ALA L 330 88.14 -49.90 30.05
CA ALA L 330 87.33 -48.73 29.73
C ALA L 330 87.89 -47.98 28.53
N ILE L 331 89.22 -47.87 28.44
CA ILE L 331 89.82 -47.19 27.31
C ILE L 331 89.58 -47.96 26.02
N GLN L 332 89.56 -49.30 26.11
CA GLN L 332 89.13 -50.09 24.96
C GLN L 332 87.72 -49.73 24.56
N ALA L 333 86.85 -49.47 25.54
CA ALA L 333 85.46 -49.10 25.24
C ALA L 333 85.41 -47.78 24.49
N ILE L 334 86.17 -46.79 24.95
CA ILE L 334 86.14 -45.48 24.31
C ILE L 334 86.69 -45.56 22.89
N VAL L 335 87.79 -46.30 22.72
CA VAL L 335 88.41 -46.39 21.40
C VAL L 335 87.49 -47.13 20.43
N GLY L 336 86.98 -48.29 20.85
CA GLY L 336 86.11 -49.06 19.98
C GLY L 336 84.79 -48.38 19.68
N SER L 337 84.26 -47.64 20.65
CA SER L 337 83.01 -46.92 20.42
C SER L 337 83.16 -45.89 19.31
N MET L 338 84.35 -45.31 19.16
CA MET L 338 84.61 -44.45 18.02
C MET L 338 84.40 -45.21 16.70
N MET L 339 84.77 -46.49 16.69
CA MET L 339 84.57 -47.30 15.50
C MET L 339 83.09 -47.65 15.32
N LEU L 340 82.43 -48.05 16.40
CA LEU L 340 81.01 -48.39 16.32
C LEU L 340 80.18 -47.17 15.93
N THR L 341 80.63 -45.98 16.31
CA THR L 341 79.99 -44.75 15.88
C THR L 341 80.46 -44.28 14.50
N ASP L 342 81.36 -45.03 13.85
CA ASP L 342 81.85 -44.70 12.51
C ASP L 342 82.57 -43.36 12.50
N GLU L 343 83.17 -42.99 13.62
CA GLU L 343 83.74 -41.65 13.80
C GLU L 343 85.23 -41.65 13.43
N GLY L 344 85.50 -42.03 12.18
CA GLY L 344 86.83 -41.89 11.61
C GLY L 344 87.80 -43.00 11.94
N ILE L 345 87.39 -44.02 12.67
CA ILE L 345 88.24 -45.16 12.99
C ILE L 345 87.55 -46.41 12.48
N GLU L 346 88.26 -47.19 11.67
CA GLU L 346 87.76 -48.44 11.12
C GLU L 346 88.27 -49.66 11.88
N ASP L 347 89.52 -49.62 12.34
CA ASP L 347 90.10 -50.71 13.11
C ASP L 347 91.16 -50.13 14.03
N PHE L 348 91.47 -50.87 15.09
CA PHE L 348 92.54 -50.50 16.00
C PHE L 348 93.09 -51.75 16.65
N SER L 349 94.31 -51.65 17.15
CA SER L 349 94.99 -52.79 17.77
C SER L 349 96.24 -52.28 18.47
N ASN L 350 96.84 -53.17 19.27
CA ASN L 350 98.08 -52.88 19.98
C ASN L 350 97.95 -51.67 20.90
N LEU L 351 96.77 -51.47 21.48
CA LEU L 351 96.56 -50.33 22.34
C LEU L 351 97.33 -50.50 23.64
N THR L 352 98.11 -49.49 24.00
CA THR L 352 98.92 -49.49 25.21
C THR L 352 98.85 -48.12 25.85
N ILE L 353 98.37 -48.06 27.08
CA ILE L 353 98.26 -46.81 27.82
C ILE L 353 99.53 -46.63 28.62
N ASN L 354 100.26 -45.55 28.33
CA ASN L 354 101.63 -45.37 28.81
C ASN L 354 102.48 -46.59 28.46
N ASP L 355 102.29 -47.11 27.25
CA ASP L 355 103.05 -48.24 26.74
C ASP L 355 102.90 -49.49 27.61
N VAL L 356 101.75 -49.64 28.25
CA VAL L 356 101.45 -50.85 29.02
C VAL L 356 99.96 -51.12 28.91
N LYS L 357 99.61 -52.40 28.75
CA LYS L 357 98.22 -52.84 28.70
C LYS L 357 97.72 -53.22 30.09
N GLU L 358 97.82 -52.28 31.03
CA GLU L 358 97.51 -52.53 32.42
C GLU L 358 96.74 -51.35 32.99
N ASN L 359 95.84 -51.63 33.92
CA ASN L 359 95.07 -50.58 34.56
C ASN L 359 95.95 -49.82 35.55
N ILE L 360 95.90 -48.50 35.50
CA ILE L 360 96.79 -47.64 36.27
C ILE L 360 96.01 -47.03 37.42
N LYS L 361 96.63 -47.00 38.59
CA LYS L 361 96.01 -46.51 39.82
C LYS L 361 96.62 -45.15 40.17
N LEU L 362 95.76 -44.14 40.28
CA LEU L 362 96.21 -42.82 40.73
C LEU L 362 96.50 -42.85 42.23
N GLN L 363 97.57 -42.17 42.62
CA GLN L 363 97.98 -42.08 44.03
C GLN L 363 97.47 -40.77 44.62
N ASP L 364 96.15 -40.70 44.75
CA ASP L 364 95.46 -39.50 45.22
C ASP L 364 95.75 -38.30 44.31
N GLN L 365 95.91 -38.56 43.01
CA GLN L 365 96.11 -37.55 42.00
C GLN L 365 94.94 -37.59 41.02
N VAL L 366 94.92 -36.62 40.11
CA VAL L 366 94.00 -36.62 38.98
C VAL L 366 94.80 -37.02 37.75
N VAL L 367 94.28 -38.00 37.02
CA VAL L 367 94.89 -38.35 35.74
C VAL L 367 94.71 -37.19 34.78
N GLY L 368 95.81 -36.79 34.13
CA GLY L 368 95.78 -35.79 33.09
C GLY L 368 95.66 -36.44 31.73
N ILE L 369 95.10 -35.71 30.78
CA ILE L 369 94.92 -36.24 29.44
C ILE L 369 96.29 -36.37 28.78
N GLY L 370 96.61 -37.58 28.33
CA GLY L 370 97.88 -37.85 27.67
C GLY L 370 97.77 -37.76 26.16
N GLU L 371 98.91 -37.96 25.51
CA GLU L 371 98.97 -37.88 24.06
C GLU L 371 98.55 -39.21 23.44
N ILE L 372 97.63 -39.15 22.49
CA ILE L 372 97.21 -40.33 21.75
C ILE L 372 98.17 -40.50 20.58
N VAL L 373 98.70 -41.72 20.43
CA VAL L 373 99.73 -42.02 19.45
C VAL L 373 99.21 -43.12 18.54
N ASN L 374 99.30 -42.89 17.23
CA ASN L 374 99.00 -43.91 16.24
C ASN L 374 100.28 -44.70 15.97
N GLU L 375 100.23 -46.01 16.21
CA GLU L 375 101.41 -46.86 16.12
C GLU L 375 101.53 -47.45 14.72
N MET M 1 -34.83 -0.52 -70.74
CA MET M 1 -33.99 -1.44 -69.91
C MET M 1 -32.56 -1.45 -70.46
N ILE M 2 -31.60 -1.70 -69.57
CA ILE M 2 -30.20 -1.76 -69.99
C ILE M 2 -30.03 -2.93 -70.94
N ALA M 3 -29.27 -2.69 -72.01
CA ALA M 3 -28.93 -3.72 -72.97
C ALA M 3 -27.60 -4.41 -72.65
N SER M 4 -26.64 -3.64 -72.15
CA SER M 4 -25.32 -4.20 -71.86
C SER M 4 -25.41 -5.22 -70.73
N LYS M 5 -24.74 -6.36 -70.92
CA LYS M 5 -24.68 -7.35 -69.86
C LYS M 5 -24.01 -6.78 -68.62
N LYS M 6 -22.87 -6.11 -68.80
CA LYS M 6 -22.17 -5.53 -67.67
C LYS M 6 -22.99 -4.42 -67.03
N GLY M 7 -23.74 -3.66 -67.84
CA GLY M 7 -24.57 -2.61 -67.29
C GLY M 7 -25.64 -3.14 -66.36
N LYS M 8 -26.29 -4.24 -66.74
CA LYS M 8 -27.30 -4.83 -65.88
C LYS M 8 -26.71 -5.25 -64.54
N GLU M 9 -25.55 -5.91 -64.58
CA GLU M 9 -24.92 -6.35 -63.34
C GLU M 9 -24.55 -5.18 -62.46
N MET M 10 -23.96 -4.14 -63.05
CA MET M 10 -23.53 -2.99 -62.27
C MET M 10 -24.74 -2.27 -61.67
N LEU M 11 -25.83 -2.14 -62.44
CA LEU M 11 -27.03 -1.52 -61.90
C LEU M 11 -27.59 -2.33 -60.74
N LEU M 12 -27.64 -3.66 -60.90
CA LEU M 12 -28.15 -4.51 -59.82
C LEU M 12 -27.28 -4.43 -58.58
N THR M 13 -26.00 -4.08 -58.74
CA THR M 13 -25.11 -3.95 -57.59
C THR M 13 -25.51 -2.80 -56.68
N LEU M 14 -26.26 -1.83 -57.19
CA LEU M 14 -26.70 -0.68 -56.41
C LEU M 14 -28.04 -0.99 -55.72
N SER M 15 -28.59 0.01 -55.04
CA SER M 15 -29.84 -0.17 -54.34
C SER M 15 -30.98 -0.40 -55.35
N PRO M 16 -32.06 -1.09 -54.96
CA PRO M 16 -33.06 -1.47 -55.95
C PRO M 16 -34.01 -0.37 -56.37
N ILE M 17 -33.77 0.90 -56.00
CA ILE M 17 -34.71 1.96 -56.31
C ILE M 17 -34.78 2.25 -57.81
N TYR M 18 -33.79 1.85 -58.60
CA TYR M 18 -33.64 2.31 -59.97
C TYR M 18 -34.39 1.45 -60.98
N GLU M 19 -35.47 0.78 -60.57
CA GLU M 19 -36.24 -0.02 -61.51
C GLU M 19 -36.83 0.86 -62.63
N GLN M 20 -37.40 1.99 -62.26
CA GLN M 20 -38.04 2.89 -63.21
C GLN M 20 -37.13 4.02 -63.68
N SER M 21 -35.93 4.15 -63.12
CA SER M 21 -35.05 5.27 -63.45
C SER M 21 -34.53 5.09 -64.87
N ILE M 22 -35.15 5.81 -65.81
CA ILE M 22 -34.62 5.81 -67.17
C ILE M 22 -33.24 6.44 -67.19
N ILE M 23 -33.03 7.46 -66.35
CA ILE M 23 -31.75 8.15 -66.33
C ILE M 23 -30.64 7.20 -65.87
N MET M 24 -30.85 6.53 -64.75
CA MET M 24 -29.83 5.63 -64.24
C MET M 24 -29.66 4.43 -65.16
N GLN M 25 -30.76 3.90 -65.67
CA GLN M 25 -30.68 2.79 -66.62
C GLN M 25 -29.90 3.19 -67.87
N SER M 26 -30.22 4.37 -68.40
CA SER M 26 -29.48 4.86 -69.56
C SER M 26 -28.02 5.10 -69.21
N LEU M 27 -27.76 5.60 -68.01
CA LEU M 27 -26.39 5.88 -67.59
C LEU M 27 -25.56 4.60 -67.56
N TYR M 28 -26.04 3.58 -66.86
CA TYR M 28 -25.26 2.36 -66.74
C TYR M 28 -25.30 1.52 -68.00
N GLU M 29 -26.26 1.77 -68.89
CA GLU M 29 -26.16 1.19 -70.23
C GLU M 29 -24.92 1.71 -70.94
N ALA M 30 -24.66 3.02 -70.81
CA ALA M 30 -23.45 3.57 -71.40
C ALA M 30 -22.20 3.04 -70.71
N ILE M 31 -22.22 2.98 -69.37
CA ILE M 31 -21.06 2.48 -68.64
C ILE M 31 -20.83 1.01 -68.97
N GLY M 32 -21.90 0.21 -69.00
CA GLY M 32 -21.74 -1.19 -69.34
C GLY M 32 -21.19 -1.40 -70.73
N SER M 33 -21.56 -0.52 -71.67
CA SER M 33 -21.06 -0.64 -73.03
C SER M 33 -19.54 -0.53 -73.06
N GLU M 34 -18.99 0.45 -72.35
CA GLU M 34 -17.54 0.64 -72.37
C GLU M 34 -16.82 -0.54 -71.73
N PHE M 35 -17.33 -1.02 -70.59
CA PHE M 35 -16.69 -2.17 -69.95
C PHE M 35 -16.80 -3.40 -70.82
N ASP M 36 -17.92 -3.56 -71.54
CA ASP M 36 -18.01 -4.64 -72.52
C ASP M 36 -16.93 -4.50 -73.58
N ASN M 37 -16.73 -3.28 -74.08
CA ASN M 37 -15.69 -3.06 -75.08
C ASN M 37 -14.32 -3.35 -74.50
N LEU M 38 -14.08 -2.93 -73.26
CA LEU M 38 -12.78 -3.18 -72.65
C LEU M 38 -12.51 -4.66 -72.48
N GLU M 39 -13.53 -5.43 -72.07
CA GLU M 39 -13.36 -6.87 -71.94
C GLU M 39 -13.01 -7.49 -73.29
N LEU M 40 -13.72 -7.09 -74.35
CA LEU M 40 -13.37 -7.55 -75.67
C LEU M 40 -11.97 -7.08 -76.07
N LEU M 41 -11.65 -5.83 -75.76
CA LEU M 41 -10.29 -5.33 -76.01
C LEU M 41 -9.27 -6.12 -75.21
N ASP M 42 -9.59 -6.43 -73.95
CA ASP M 42 -8.66 -7.17 -73.11
C ASP M 42 -8.37 -8.55 -73.71
N GLU M 43 -9.40 -9.24 -74.18
CA GLU M 43 -9.19 -10.51 -74.85
C GLU M 43 -8.36 -10.33 -76.12
N GLU M 44 -8.55 -9.20 -76.80
CA GLU M 44 -7.78 -8.94 -78.01
C GLU M 44 -6.30 -8.82 -77.70
N ILE M 45 -5.96 -8.17 -76.58
CA ILE M 45 -4.55 -8.03 -76.21
C ILE M 45 -3.92 -9.40 -75.97
N GLU M 46 -4.68 -10.34 -75.40
CA GLU M 46 -4.17 -11.68 -75.17
C GLU M 46 -3.71 -12.33 -76.46
N LEU M 47 -4.42 -12.08 -77.56
CA LEU M 47 -4.03 -12.68 -78.83
C LEU M 47 -2.72 -12.09 -79.32
N GLN M 48 -2.47 -10.81 -79.07
CA GLN M 48 -1.24 -10.18 -79.52
C GLN M 48 0.00 -10.74 -78.84
N LEU M 49 -0.16 -11.38 -77.68
CA LEU M 49 0.99 -11.80 -76.89
C LEU M 49 1.76 -12.96 -77.51
N PHE M 50 1.26 -13.57 -78.59
CA PHE M 50 1.86 -14.74 -79.20
C PHE M 50 1.98 -14.53 -80.70
N PRO M 51 2.99 -15.12 -81.35
CA PRO M 51 3.04 -15.01 -82.81
C PRO M 51 1.94 -15.78 -83.50
N GLN M 52 1.41 -16.83 -82.88
CA GLN M 52 0.42 -17.67 -83.54
C GLN M 52 -0.89 -16.92 -83.73
N SER M 53 -1.33 -16.21 -82.70
CA SER M 53 -2.60 -15.47 -82.73
C SER M 53 -2.37 -13.96 -82.74
N ALA M 54 -1.26 -13.52 -83.34
CA ALA M 54 -0.87 -12.12 -83.22
C ALA M 54 -1.90 -11.19 -83.86
N THR M 55 -2.43 -11.57 -85.02
CA THR M 55 -3.45 -10.78 -85.74
C THR M 55 -2.80 -9.44 -86.07
N TRP M 56 -3.48 -8.30 -85.83
CA TRP M 56 -2.89 -7.00 -86.16
C TRP M 56 -1.59 -6.74 -85.43
N GLY M 57 -1.35 -7.40 -84.30
CA GLY M 57 -0.05 -7.30 -83.65
C GLY M 57 1.05 -8.11 -84.31
N LEU M 58 0.72 -8.88 -85.35
CA LEU M 58 1.72 -9.68 -86.04
C LEU M 58 2.82 -8.81 -86.62
N GLY M 59 2.49 -7.57 -87.00
CA GLY M 59 3.53 -6.64 -87.40
C GLY M 59 4.54 -6.41 -86.30
N PHE M 60 4.09 -6.39 -85.05
CA PHE M 60 5.02 -6.26 -83.93
C PHE M 60 5.96 -7.46 -83.90
N TRP M 61 5.40 -8.66 -84.05
CA TRP M 61 6.23 -9.86 -84.07
C TRP M 61 7.18 -9.84 -85.26
N GLU M 62 6.69 -9.44 -86.43
CA GLU M 62 7.58 -9.26 -87.57
C GLU M 62 8.62 -8.19 -87.27
N ASN M 63 8.20 -7.10 -86.63
CA ASN M 63 9.16 -6.09 -86.19
C ASN M 63 10.14 -6.66 -85.18
N ARG M 64 9.65 -7.51 -84.27
CA ARG M 64 10.52 -8.09 -83.25
C ARG M 64 11.60 -8.95 -83.89
N VAL M 65 11.21 -9.79 -84.86
CA VAL M 65 12.15 -10.72 -85.47
C VAL M 65 12.86 -10.14 -86.69
N GLY M 66 12.61 -8.88 -87.04
CA GLY M 66 13.29 -8.25 -88.15
C GLY M 66 12.73 -8.58 -89.52
N LEU M 67 11.67 -9.38 -89.60
CA LEU M 67 11.04 -9.64 -90.89
C LEU M 67 10.44 -8.37 -91.45
N ILE M 68 10.37 -8.30 -92.78
CA ILE M 68 9.82 -7.12 -93.45
C ILE M 68 8.32 -7.08 -93.16
N THR M 69 7.89 -6.17 -92.31
CA THR M 69 6.48 -6.04 -92.01
C THR M 69 5.74 -5.52 -93.23
N ASN M 70 4.60 -6.15 -93.53
CA ASN M 70 3.82 -5.79 -94.71
C ASN M 70 2.39 -6.22 -94.49
N LEU M 71 1.46 -5.26 -94.57
CA LEU M 71 0.07 -5.56 -94.28
C LEU M 71 -0.60 -6.29 -95.43
N ASP M 72 -0.28 -5.92 -96.68
CA ASP M 72 -1.00 -6.48 -97.82
C ASP M 72 -0.79 -7.97 -97.99
N GLU M 73 0.31 -8.51 -97.46
CA GLU M 73 0.50 -9.95 -97.52
C GLU M 73 -0.54 -10.66 -96.67
N ASP M 74 -0.72 -11.95 -96.95
CA ASP M 74 -1.62 -12.76 -96.14
C ASP M 74 -1.12 -12.85 -94.72
N MET M 75 -2.05 -12.77 -93.76
CA MET M 75 -1.67 -12.88 -92.36
C MET M 75 -1.05 -14.24 -92.06
N GLU M 76 -1.61 -15.30 -92.63
CA GLU M 76 -1.07 -16.63 -92.41
C GLU M 76 0.34 -16.74 -92.95
N THR M 77 0.60 -16.11 -94.10
CA THR M 77 1.95 -16.07 -94.62
C THR M 77 2.88 -15.36 -93.65
N ARG M 78 2.43 -14.25 -93.08
CA ARG M 78 3.25 -13.53 -92.11
C ARG M 78 3.48 -14.38 -90.86
N ARG M 79 2.46 -15.12 -90.43
CA ARG M 79 2.63 -16.00 -89.28
C ARG M 79 3.68 -17.06 -89.56
N ARG M 80 3.58 -17.69 -90.74
CA ARG M 80 4.50 -18.76 -91.08
C ARG M 80 5.93 -18.25 -91.18
N LYS M 81 6.10 -17.06 -91.75
CA LYS M 81 7.44 -16.46 -91.80
C LYS M 81 7.99 -16.22 -90.40
N VAL M 82 7.14 -15.72 -89.50
CA VAL M 82 7.59 -15.38 -88.15
C VAL M 82 7.98 -16.64 -87.40
N ILE M 83 7.12 -17.67 -87.45
CA ILE M 83 7.36 -18.88 -86.69
C ILE M 83 8.64 -19.56 -87.16
N ALA M 84 8.84 -19.63 -88.47
CA ALA M 84 10.08 -20.18 -88.99
C ALA M 84 11.28 -19.34 -88.56
N LYS M 85 11.11 -18.01 -88.58
CA LYS M 85 12.20 -17.12 -88.21
C LYS M 85 12.64 -17.36 -86.76
N LEU M 86 11.68 -17.52 -85.85
CA LEU M 86 12.01 -17.69 -84.44
C LEU M 86 12.73 -19.01 -84.20
N GLN M 87 12.32 -20.06 -84.91
CA GLN M 87 12.80 -21.41 -84.62
C GLN M 87 14.19 -21.70 -85.18
N SER M 88 14.87 -20.71 -85.77
CA SER M 88 16.13 -20.94 -86.46
C SER M 88 17.34 -20.83 -85.54
N LYS M 89 17.16 -21.01 -84.23
CA LYS M 89 18.17 -20.65 -83.24
C LYS M 89 18.83 -21.85 -82.58
N TYR M 90 18.75 -23.04 -83.17
CA TYR M 90 19.32 -24.25 -82.59
C TYR M 90 19.95 -25.08 -83.71
N ILE M 91 20.33 -26.32 -83.38
CA ILE M 91 21.02 -27.17 -84.32
C ILE M 91 20.14 -27.45 -85.52
N MET M 92 20.75 -27.48 -86.70
CA MET M 92 20.04 -27.80 -87.94
C MET M 92 19.93 -29.32 -88.12
N THR M 93 19.36 -29.97 -87.12
CA THR M 93 19.09 -31.39 -87.24
C THR M 93 17.94 -31.59 -88.21
N PRO M 94 17.83 -32.77 -88.83
CA PRO M 94 16.73 -32.98 -89.80
C PRO M 94 15.33 -32.75 -89.22
N LYS M 95 15.12 -33.01 -87.93
CA LYS M 95 13.82 -32.71 -87.34
C LYS M 95 13.56 -31.21 -87.32
N ARG M 96 14.52 -30.43 -86.81
CA ARG M 96 14.31 -28.99 -86.68
C ARG M 96 14.23 -28.33 -88.05
N MET M 97 15.08 -28.74 -88.98
CA MET M 97 15.05 -28.16 -90.32
C MET M 97 13.73 -28.46 -91.01
N SER M 98 13.21 -29.68 -90.83
CA SER M 98 11.95 -30.05 -91.47
C SER M 98 10.80 -29.18 -90.98
N MET M 99 10.68 -29.01 -89.66
CA MET M 99 9.56 -28.24 -89.13
C MET M 99 9.69 -26.76 -89.48
N ILE M 100 10.91 -26.24 -89.51
CA ILE M 100 11.10 -24.82 -89.87
C ILE M 100 10.62 -24.58 -91.29
N LEU M 101 11.08 -25.41 -92.23
CA LEU M 101 10.61 -25.30 -93.60
C LEU M 101 9.14 -25.62 -93.70
N GLN M 102 8.68 -26.64 -92.97
CA GLN M 102 7.27 -26.98 -92.96
C GLN M 102 6.43 -25.83 -92.42
N SER M 103 6.89 -25.21 -91.32
CA SER M 103 6.15 -24.09 -90.75
C SER M 103 6.11 -22.92 -91.71
N TYR M 104 7.22 -22.63 -92.38
CA TYR M 104 7.24 -21.51 -93.31
C TYR M 104 6.31 -21.76 -94.49
N THR M 105 6.39 -22.95 -95.08
CA THR M 105 5.54 -23.26 -96.22
C THR M 105 4.12 -23.57 -95.78
N GLY M 106 3.96 -24.22 -94.62
CA GLY M 106 2.69 -24.75 -94.21
C GLY M 106 2.35 -26.11 -94.78
N ALA M 107 3.12 -26.59 -95.76
CA ALA M 107 2.92 -27.90 -96.36
C ALA M 107 3.91 -28.90 -95.77
N ASN M 108 3.46 -30.16 -95.68
CA ASN M 108 4.28 -31.20 -95.08
C ASN M 108 5.57 -31.38 -95.86
N ILE M 109 6.68 -31.56 -95.13
CA ILE M 109 8.01 -31.67 -95.69
C ILE M 109 8.72 -32.85 -95.06
N LYS M 110 9.43 -33.61 -95.88
CA LYS M 110 10.28 -34.71 -95.42
C LYS M 110 11.68 -34.49 -95.98
N ILE M 111 12.66 -34.38 -95.09
CA ILE M 111 14.06 -34.26 -95.50
C ILE M 111 14.59 -35.66 -95.77
N ASN M 112 15.20 -35.84 -96.95
CA ASN M 112 15.61 -37.16 -97.39
C ASN M 112 16.95 -37.60 -96.83
N GLU M 113 17.83 -36.65 -96.48
CA GLU M 113 19.22 -36.96 -96.16
C GLU M 113 19.88 -37.66 -97.36
N ASN M 114 19.99 -36.88 -98.43
CA ASN M 114 20.32 -37.38 -99.76
C ASN M 114 21.56 -38.27 -99.76
N ILE M 115 21.58 -39.19 -100.72
CA ILE M 115 22.66 -40.17 -100.81
C ILE M 115 23.99 -39.51 -101.16
N SER M 116 23.95 -38.40 -101.89
CA SER M 116 25.18 -37.77 -102.35
C SER M 116 25.99 -37.28 -101.15
N PRO M 117 27.33 -37.17 -101.31
CA PRO M 117 28.19 -37.04 -100.12
C PRO M 117 27.90 -35.83 -99.25
N TYR M 118 27.58 -34.69 -99.86
CA TYR M 118 27.36 -33.45 -99.11
C TYR M 118 26.17 -32.70 -99.69
N THR M 119 25.06 -33.41 -99.88
CA THR M 119 23.79 -32.79 -100.23
C THR M 119 22.69 -33.41 -99.37
N PHE M 120 21.63 -32.63 -99.15
CA PHE M 120 20.45 -33.10 -98.43
C PHE M 120 19.21 -32.82 -99.27
N GLY M 121 18.34 -33.80 -99.34
CA GLY M 121 17.14 -33.72 -100.17
C GLY M 121 15.94 -33.25 -99.38
N VAL M 122 15.04 -32.56 -100.06
CA VAL M 122 13.82 -32.03 -99.47
C VAL M 122 12.65 -32.47 -100.35
N GLU M 123 11.61 -33.01 -99.72
CA GLU M 123 10.42 -33.49 -100.42
C GLU M 123 9.20 -32.89 -99.73
N LEU M 124 8.35 -32.23 -100.51
CA LEU M 124 7.22 -31.49 -100.00
C LEU M 124 5.92 -32.12 -100.48
N THR M 125 4.88 -32.02 -99.65
CA THR M 125 3.59 -32.63 -99.95
C THR M 125 2.48 -31.70 -99.47
N SER M 126 1.48 -31.50 -100.33
CA SER M 126 0.32 -30.69 -99.99
C SER M 126 -0.87 -31.20 -100.80
N THR M 127 -2.00 -31.38 -100.11
CA THR M 127 -3.20 -31.82 -100.80
C THR M 127 -3.73 -30.76 -101.77
N GLN M 128 -3.57 -29.49 -101.42
CA GLN M 128 -4.14 -28.40 -102.22
C GLN M 128 -3.22 -27.92 -103.34
N GLY M 129 -1.99 -28.42 -103.42
CA GLY M 129 -1.06 -27.94 -104.40
C GLY M 129 -0.41 -26.63 -103.97
N PHE M 130 0.34 -26.06 -104.89
CA PHE M 130 1.14 -24.85 -104.67
C PHE M 130 0.90 -23.87 -105.81
N PRO M 131 1.24 -22.58 -105.61
CA PRO M 131 1.31 -21.67 -106.76
C PRO M 131 2.50 -21.99 -107.66
N LYS M 132 2.70 -21.20 -108.71
CA LYS M 132 3.84 -21.38 -109.60
C LYS M 132 5.11 -20.71 -109.08
N ASP M 133 5.04 -19.97 -107.97
CA ASP M 133 6.19 -19.27 -107.40
C ASP M 133 6.42 -19.74 -105.99
N LEU M 134 7.61 -20.30 -105.72
CA LEU M 134 8.02 -20.72 -104.39
C LEU M 134 9.48 -20.40 -104.15
N GLU M 135 10.00 -19.34 -104.79
CA GLU M 135 11.44 -19.09 -104.78
C GLU M 135 11.92 -18.72 -103.38
N ASP M 136 11.13 -17.95 -102.63
CA ASP M 136 11.58 -17.46 -101.33
C ASP M 136 11.87 -18.60 -100.36
N LEU M 137 11.19 -19.73 -100.52
CA LEU M 137 11.54 -20.92 -99.75
C LEU M 137 12.98 -21.33 -100.02
N TYR M 138 13.39 -21.30 -101.29
CA TYR M 138 14.76 -21.66 -101.63
C TYR M 138 15.74 -20.63 -101.11
N LYS M 139 15.33 -19.36 -101.07
CA LYS M 139 16.18 -18.32 -100.49
C LYS M 139 16.47 -18.62 -99.03
N ARG M 140 15.42 -18.95 -98.26
CA ARG M 140 15.61 -19.26 -96.85
C ARG M 140 16.43 -20.51 -96.66
N VAL M 141 16.19 -21.53 -97.49
CA VAL M 141 16.92 -22.78 -97.37
C VAL M 141 18.40 -22.55 -97.61
N ASN M 142 18.73 -21.76 -98.64
CA ASN M 142 20.12 -21.40 -98.88
C ASN M 142 20.70 -20.64 -97.70
N VAL M 143 19.92 -19.71 -97.13
CA VAL M 143 20.38 -18.96 -95.97
C VAL M 143 20.50 -19.86 -94.75
N ILE M 144 19.56 -20.79 -94.59
CA ILE M 144 19.45 -21.54 -93.36
C ILE M 144 20.31 -22.81 -93.36
N LYS M 145 20.59 -23.38 -94.52
CA LYS M 145 21.28 -24.65 -94.58
C LYS M 145 22.72 -24.52 -94.09
N PRO M 146 23.36 -25.63 -93.72
CA PRO M 146 24.82 -25.59 -93.52
C PRO M 146 25.51 -25.18 -94.81
N SER M 147 26.55 -24.35 -94.68
CA SER M 147 27.17 -23.74 -95.84
C SER M 147 27.84 -24.75 -96.76
N HIS M 148 28.17 -25.95 -96.26
CA HIS M 148 28.91 -26.94 -97.04
C HIS M 148 28.02 -28.01 -97.66
N LEU M 149 26.70 -27.84 -97.63
CA LEU M 149 25.77 -28.83 -98.18
C LEU M 149 24.92 -28.19 -99.26
N ALA M 150 24.77 -28.89 -100.39
CA ALA M 150 23.85 -28.51 -101.44
C ALA M 150 22.46 -29.05 -101.10
N VAL M 151 21.50 -28.75 -101.97
CA VAL M 151 20.10 -29.05 -101.71
C VAL M 151 19.40 -29.44 -103.00
N SER M 152 18.41 -30.33 -102.87
CA SER M 152 17.55 -30.73 -103.98
C SER M 152 16.11 -30.71 -103.49
N TYR M 153 15.19 -30.54 -104.45
CA TYR M 153 13.78 -30.38 -104.13
C TYR M 153 12.93 -31.23 -105.06
N LYS M 154 11.80 -31.70 -104.55
CA LYS M 154 10.72 -32.23 -105.37
C LYS M 154 9.40 -31.94 -104.66
N LEU M 155 8.40 -31.58 -105.45
CA LEU M 155 7.11 -31.13 -104.95
C LEU M 155 6.03 -32.12 -105.38
N VAL M 156 5.16 -32.48 -104.43
CA VAL M 156 4.14 -33.50 -104.66
C VAL M 156 2.80 -32.93 -104.19
N SER M 157 1.74 -33.30 -104.91
CA SER M 157 0.39 -32.87 -104.55
C SER M 157 -0.25 -33.87 -103.61
N MET N 1 -42.19 62.07 -24.17
CA MET N 1 -41.70 60.78 -24.73
C MET N 1 -40.52 61.05 -25.66
N ILE N 2 -39.62 60.07 -25.76
CA ILE N 2 -38.47 60.20 -26.65
C ILE N 2 -38.95 60.31 -28.08
N ALA N 3 -38.34 61.24 -28.83
CA ALA N 3 -38.62 61.40 -30.24
C ALA N 3 -37.68 60.59 -31.13
N SER N 4 -36.40 60.50 -30.74
CA SER N 4 -35.43 59.79 -31.55
C SER N 4 -35.75 58.31 -31.62
N LYS N 5 -35.67 57.74 -32.82
CA LYS N 5 -35.87 56.30 -32.96
C LYS N 5 -34.84 55.52 -32.17
N LYS N 6 -33.57 55.92 -32.28
CA LYS N 6 -32.52 55.22 -31.54
C LYS N 6 -32.69 55.41 -30.04
N GLY N 7 -33.17 56.59 -29.62
CA GLY N 7 -33.37 56.82 -28.20
C GLY N 7 -34.41 55.89 -27.61
N LYS N 8 -35.51 55.67 -28.32
CA LYS N 8 -36.54 54.77 -27.83
C LYS N 8 -35.99 53.36 -27.66
N GLU N 9 -35.24 52.88 -28.64
CA GLU N 9 -34.68 51.54 -28.56
C GLU N 9 -33.70 51.42 -27.40
N MET N 10 -32.83 52.41 -27.24
CA MET N 10 -31.84 52.36 -26.16
C MET N 10 -32.52 52.42 -24.80
N LEU N 11 -33.56 53.25 -24.66
CA LEU N 11 -34.29 53.30 -23.40
C LEU N 11 -34.96 51.97 -23.10
N LEU N 12 -35.60 51.37 -24.11
CA LEU N 12 -36.23 50.08 -23.91
C LEU N 12 -35.23 49.00 -23.55
N THR N 13 -33.96 49.16 -23.93
CA THR N 13 -32.94 48.18 -23.60
C THR N 13 -32.67 48.13 -22.09
N LEU N 14 -33.01 49.19 -21.36
CA LEU N 14 -32.80 49.24 -19.91
C LEU N 14 -34.01 48.67 -19.19
N SER N 15 -33.98 48.72 -17.86
CA SER N 15 -35.06 48.20 -17.05
C SER N 15 -36.33 49.02 -17.29
N PRO N 16 -37.53 48.44 -17.10
CA PRO N 16 -38.75 49.15 -17.48
C PRO N 16 -39.19 50.24 -16.52
N ILE N 17 -38.38 50.59 -15.51
CA ILE N 17 -38.82 51.56 -14.52
C ILE N 17 -38.99 52.97 -15.10
N TYR N 18 -38.40 53.26 -16.26
CA TYR N 18 -38.28 54.63 -16.75
C TYR N 18 -39.47 55.07 -17.59
N GLU N 19 -40.65 54.49 -17.37
CA GLU N 19 -41.82 54.91 -18.14
C GLU N 19 -42.14 56.39 -17.90
N GLN N 20 -42.12 56.80 -16.63
CA GLN N 20 -42.46 58.17 -16.24
C GLN N 20 -41.24 59.06 -16.07
N SER N 21 -40.04 58.53 -16.20
CA SER N 21 -38.84 59.32 -15.94
C SER N 21 -38.66 60.33 -17.06
N ILE N 22 -39.05 61.58 -16.80
CA ILE N 22 -38.80 62.65 -17.76
C ILE N 22 -37.29 62.84 -17.92
N ILE N 23 -36.54 62.69 -16.82
CA ILE N 23 -35.11 62.90 -16.87
C ILE N 23 -34.45 61.87 -17.77
N MET N 24 -34.74 60.59 -17.54
CA MET N 24 -34.13 59.55 -18.35
C MET N 24 -34.62 59.62 -19.79
N GLN N 25 -35.91 59.88 -19.98
CA GLN N 25 -36.43 60.02 -21.34
C GLN N 25 -35.77 61.17 -22.06
N SER N 26 -35.64 62.32 -21.39
CA SER N 26 -34.95 63.44 -22.00
C SER N 26 -33.49 63.11 -22.25
N LEU N 27 -32.86 62.35 -21.36
CA LEU N 27 -31.46 61.99 -21.54
C LEU N 27 -31.27 61.17 -22.79
N TYR N 28 -32.02 60.08 -22.93
CA TYR N 28 -31.82 59.21 -24.07
C TYR N 28 -32.40 59.79 -25.36
N GLU N 29 -33.28 60.78 -25.25
CA GLU N 29 -33.64 61.56 -26.43
C GLU N 29 -32.41 62.29 -26.96
N ALA N 30 -31.61 62.86 -26.07
CA ALA N 30 -30.38 63.51 -26.50
C ALA N 30 -29.39 62.50 -27.04
N ILE N 31 -29.23 61.37 -26.35
CA ILE N 31 -28.30 60.34 -26.82
C ILE N 31 -28.76 59.78 -28.16
N GLY N 32 -30.06 59.49 -28.28
CA GLY N 32 -30.57 58.98 -29.53
C GLY N 32 -30.38 59.94 -30.68
N SER N 33 -30.48 61.24 -30.41
CA SER N 33 -30.30 62.24 -31.46
C SER N 33 -28.89 62.14 -32.05
N GLU N 34 -27.88 62.02 -31.19
CA GLU N 34 -26.51 61.97 -31.70
C GLU N 34 -26.27 60.70 -32.50
N PHE N 35 -26.75 59.56 -32.00
CA PHE N 35 -26.56 58.31 -32.74
C PHE N 35 -27.31 58.34 -34.06
N ASP N 36 -28.48 58.99 -34.09
CA ASP N 36 -29.17 59.19 -35.36
C ASP N 36 -28.31 60.00 -36.32
N ASN N 37 -27.70 61.07 -35.83
CA ASN N 37 -26.83 61.88 -36.67
C ASN N 37 -25.63 61.07 -37.15
N LEU N 38 -25.05 60.27 -36.26
CA LEU N 38 -23.90 59.47 -36.65
C LEU N 38 -24.26 58.46 -37.73
N GLU N 39 -25.43 57.82 -37.61
CA GLU N 39 -25.86 56.89 -38.65
C GLU N 39 -26.02 57.61 -39.98
N LEU N 40 -26.65 58.79 -39.97
CA LEU N 40 -26.73 59.58 -41.19
C LEU N 40 -25.35 59.98 -41.67
N LEU N 41 -24.48 60.39 -40.74
CA LEU N 41 -23.10 60.71 -41.12
C LEU N 41 -22.40 59.49 -41.68
N ASP N 42 -22.62 58.32 -41.07
CA ASP N 42 -21.97 57.11 -41.54
C ASP N 42 -22.38 56.79 -42.98
N GLU N 43 -23.67 56.93 -43.28
CA GLU N 43 -24.12 56.75 -44.66
C GLU N 43 -23.49 57.78 -45.58
N GLU N 44 -23.30 59.01 -45.07
CA GLU N 44 -22.68 60.04 -45.88
C GLU N 44 -21.26 59.68 -46.26
N ILE N 45 -20.51 59.08 -45.33
CA ILE N 45 -19.14 58.69 -45.63
C ILE N 45 -19.12 57.66 -46.75
N GLU N 46 -20.10 56.76 -46.78
CA GLU N 46 -20.16 55.75 -47.84
C GLU N 46 -20.24 56.40 -49.21
N LEU N 47 -20.93 57.52 -49.32
CA LEU N 47 -21.04 58.19 -50.61
C LEU N 47 -19.69 58.77 -51.04
N GLN N 48 -18.89 59.24 -50.08
CA GLN N 48 -17.60 59.82 -50.42
C GLN N 48 -16.63 58.80 -50.98
N LEU N 49 -16.85 57.51 -50.73
CA LEU N 49 -15.87 56.50 -51.10
C LEU N 49 -15.78 56.26 -52.60
N PHE N 50 -16.65 56.88 -53.40
CA PHE N 50 -16.69 56.63 -54.83
C PHE N 50 -16.74 57.96 -55.56
N PRO N 51 -16.19 58.05 -56.78
CA PRO N 51 -16.31 59.30 -57.53
C PRO N 51 -17.72 59.58 -57.99
N GLN N 52 -18.54 58.54 -58.18
CA GLN N 52 -19.88 58.73 -58.71
C GLN N 52 -20.77 59.47 -57.71
N SER N 53 -20.71 59.08 -56.44
CA SER N 53 -21.53 59.65 -55.38
C SER N 53 -20.69 60.48 -54.41
N ALA N 54 -19.61 61.09 -54.90
CA ALA N 54 -18.65 61.72 -54.01
C ALA N 54 -19.28 62.89 -53.24
N THR N 55 -20.09 63.70 -53.92
CA THR N 55 -20.77 64.86 -53.30
C THR N 55 -19.68 65.80 -52.80
N TRP N 56 -19.75 66.31 -51.57
CA TRP N 56 -18.74 67.23 -51.06
C TRP N 56 -17.35 66.60 -51.05
N GLY N 57 -17.25 65.28 -51.01
CA GLY N 57 -15.96 64.64 -51.14
C GLY N 57 -15.42 64.60 -52.56
N LEU N 58 -16.20 65.07 -53.54
CA LEU N 58 -15.74 65.08 -54.92
C LEU N 58 -14.48 65.91 -55.09
N GLY N 59 -14.31 66.94 -54.27
CA GLY N 59 -13.05 67.67 -54.26
C GLY N 59 -11.87 66.77 -53.94
N PHE N 60 -12.08 65.81 -53.04
CA PHE N 60 -11.03 64.84 -52.73
C PHE N 60 -10.69 64.03 -53.97
N TRP N 61 -11.72 63.56 -54.69
CA TRP N 61 -11.48 62.81 -55.91
C TRP N 61 -10.81 63.68 -56.96
N GLU N 62 -11.25 64.92 -57.10
CA GLU N 62 -10.57 65.85 -57.98
C GLU N 62 -9.13 66.08 -57.51
N ASN N 63 -8.95 66.20 -56.20
CA ASN N 63 -7.60 66.31 -55.65
C ASN N 63 -6.81 65.03 -55.93
N ARG N 64 -7.46 63.87 -55.81
CA ARG N 64 -6.77 62.61 -56.04
C ARG N 64 -6.27 62.52 -57.48
N VAL N 65 -7.12 62.89 -58.44
CA VAL N 65 -6.77 62.76 -59.86
C VAL N 65 -6.07 63.99 -60.41
N GLY N 66 -5.81 65.01 -59.59
CA GLY N 66 -5.11 66.19 -60.05
C GLY N 66 -5.96 67.21 -60.77
N LEU N 67 -7.25 66.95 -60.95
CA LEU N 67 -8.12 67.94 -61.57
C LEU N 67 -8.22 69.18 -60.71
N ILE N 68 -8.45 70.32 -61.36
CA ILE N 68 -8.56 71.59 -60.65
C ILE N 68 -9.84 71.57 -59.83
N THR N 69 -9.70 71.44 -58.51
CA THR N 69 -10.87 71.43 -57.65
C THR N 69 -11.51 72.81 -57.64
N ASN N 70 -12.83 72.85 -57.76
CA ASN N 70 -13.55 74.12 -57.81
C ASN N 70 -14.98 73.87 -57.37
N LEU N 71 -15.41 74.58 -56.32
CA LEU N 71 -16.74 74.35 -55.77
C LEU N 71 -17.82 74.97 -56.64
N ASP N 72 -17.57 76.16 -57.19
CA ASP N 72 -18.62 76.88 -57.91
C ASP N 72 -19.08 76.16 -59.17
N GLU N 73 -18.24 75.28 -59.73
CA GLU N 73 -18.68 74.50 -60.88
C GLU N 73 -19.79 73.54 -60.47
N ASP N 74 -20.53 73.07 -61.48
CA ASP N 74 -21.56 72.07 -61.23
C ASP N 74 -20.93 70.78 -60.72
N MET N 75 -21.58 70.17 -59.74
CA MET N 75 -21.08 68.90 -59.20
C MET N 75 -21.06 67.83 -60.28
N GLU N 76 -22.10 67.78 -61.11
CA GLU N 76 -22.15 66.79 -62.17
C GLU N 76 -21.01 67.00 -63.16
N THR N 77 -20.69 68.26 -63.46
CA THR N 77 -19.54 68.54 -64.31
C THR N 77 -18.26 68.03 -63.66
N ARG N 78 -18.11 68.23 -62.35
CA ARG N 78 -16.93 67.73 -61.65
C ARG N 78 -16.88 66.22 -61.68
N ARG N 79 -18.04 65.57 -61.53
CA ARG N 79 -18.09 64.11 -61.60
C ARG N 79 -17.65 63.63 -62.97
N ARG N 80 -18.18 64.25 -64.02
CA ARG N 80 -17.87 63.84 -65.38
C ARG N 80 -16.38 64.01 -65.68
N LYS N 81 -15.80 65.13 -65.22
CA LYS N 81 -14.36 65.33 -65.40
C LYS N 81 -13.57 64.25 -64.69
N VAL N 82 -13.97 63.89 -63.47
CA VAL N 82 -13.21 62.92 -62.69
C VAL N 82 -13.28 61.55 -63.35
N ILE N 83 -14.49 61.13 -63.74
CA ILE N 83 -14.67 59.79 -64.29
C ILE N 83 -13.88 59.65 -65.59
N ALA N 84 -13.93 60.67 -66.45
CA ALA N 84 -13.13 60.64 -67.66
C ALA N 84 -11.64 60.62 -67.33
N LYS N 85 -11.23 61.38 -66.32
CA LYS N 85 -9.83 61.43 -65.95
C LYS N 85 -9.32 60.07 -65.51
N LEU N 86 -10.11 59.35 -64.72
CA LEU N 86 -9.66 58.05 -64.21
C LEU N 86 -9.54 57.03 -65.32
N GLN N 87 -10.45 57.08 -66.30
CA GLN N 87 -10.54 56.03 -67.31
C GLN N 87 -9.52 56.15 -68.43
N SER N 88 -8.58 57.10 -68.34
CA SER N 88 -7.66 57.38 -69.43
C SER N 88 -6.39 56.55 -69.37
N LYS N 89 -6.43 55.39 -68.69
CA LYS N 89 -5.22 54.65 -68.33
C LYS N 89 -5.04 53.36 -69.12
N TYR N 90 -5.70 53.21 -70.26
CA TYR N 90 -5.60 51.98 -71.05
C TYR N 90 -5.56 52.37 -72.53
N ILE N 91 -5.70 51.36 -73.39
CA ILE N 91 -5.59 51.57 -74.83
C ILE N 91 -6.69 52.52 -75.30
N MET N 92 -6.34 53.40 -76.23
CA MET N 92 -7.30 54.32 -76.83
C MET N 92 -8.05 53.64 -77.98
N THR N 93 -8.69 52.52 -77.65
CA THR N 93 -9.54 51.86 -78.61
C THR N 93 -10.81 52.69 -78.78
N PRO N 94 -11.50 52.55 -79.93
CA PRO N 94 -12.72 53.37 -80.13
C PRO N 94 -13.77 53.19 -79.05
N LYS N 95 -13.87 52.02 -78.43
CA LYS N 95 -14.81 51.85 -77.33
C LYS N 95 -14.42 52.70 -76.14
N ARG N 96 -13.16 52.60 -75.70
CA ARG N 96 -12.72 53.32 -74.52
C ARG N 96 -12.72 54.82 -74.75
N MET N 97 -12.28 55.26 -75.93
CA MET N 97 -12.28 56.69 -76.23
C MET N 97 -13.68 57.25 -76.26
N SER N 98 -14.63 56.48 -76.80
CA SER N 98 -16.01 56.95 -76.88
C SER N 98 -16.59 57.17 -75.49
N MET N 99 -16.42 56.20 -74.59
CA MET N 99 -17.02 56.33 -73.26
C MET N 99 -16.34 57.42 -72.45
N ILE N 100 -15.02 57.60 -72.62
CA ILE N 100 -14.32 58.66 -71.89
C ILE N 100 -14.87 60.02 -72.29
N LEU N 101 -14.95 60.27 -73.60
CA LEU N 101 -15.53 61.52 -74.07
C LEU N 101 -17.00 61.60 -73.72
N GLN N 102 -17.73 60.48 -73.86
CA GLN N 102 -19.13 60.46 -73.49
C GLN N 102 -19.30 60.75 -72.00
N SER N 103 -18.47 60.15 -71.15
CA SER N 103 -18.57 60.39 -69.72
C SER N 103 -18.27 61.84 -69.39
N TYR N 104 -17.25 62.42 -70.03
CA TYR N 104 -16.90 63.80 -69.75
C TYR N 104 -18.02 64.75 -70.17
N THR N 105 -18.54 64.55 -71.38
CA THR N 105 -19.61 65.42 -71.88
C THR N 105 -20.94 65.06 -71.24
N GLY N 106 -21.18 63.77 -71.00
CA GLY N 106 -22.48 63.29 -70.60
C GLY N 106 -23.44 63.05 -71.74
N ALA N 107 -23.10 63.48 -72.96
CA ALA N 107 -23.92 63.27 -74.14
C ALA N 107 -23.38 62.10 -74.95
N ASN N 108 -24.29 61.38 -75.60
CA ASN N 108 -23.90 60.21 -76.38
C ASN N 108 -22.94 60.59 -77.50
N ILE N 109 -21.92 59.76 -77.69
CA ILE N 109 -20.86 60.00 -78.66
C ILE N 109 -20.64 58.74 -79.47
N LYS N 110 -20.44 58.90 -80.77
CA LYS N 110 -20.07 57.82 -81.67
C LYS N 110 -18.81 58.22 -82.42
N ILE N 111 -17.76 57.42 -82.28
CA ILE N 111 -16.52 57.66 -83.02
C ILE N 111 -16.67 57.04 -84.40
N ASN N 112 -16.38 57.82 -85.44
CA ASN N 112 -16.64 57.40 -86.80
C ASN N 112 -15.54 56.53 -87.39
N GLU N 113 -14.30 56.66 -86.90
CA GLU N 113 -13.14 56.06 -87.54
C GLU N 113 -13.03 56.57 -88.98
N ASN N 114 -12.76 57.87 -89.06
CA ASN N 114 -12.89 58.65 -90.29
C ASN N 114 -12.15 58.01 -91.47
N ILE N 115 -12.67 58.27 -92.66
CA ILE N 115 -12.13 57.68 -93.88
C ILE N 115 -10.72 58.17 -94.17
N SER N 116 -10.40 59.40 -93.77
CA SER N 116 -9.11 59.98 -94.10
C SER N 116 -7.99 59.17 -93.45
N PRO N 117 -6.78 59.19 -94.03
CA PRO N 117 -5.77 58.18 -93.65
C PRO N 117 -5.38 58.18 -92.19
N TYR N 118 -5.29 59.34 -91.57
CA TYR N 118 -4.83 59.47 -90.18
C TYR N 118 -5.67 60.49 -89.44
N THR N 119 -7.00 60.40 -89.57
CA THR N 119 -7.93 61.17 -88.78
C THR N 119 -9.03 60.26 -88.27
N PHE N 120 -9.63 60.64 -87.15
CA PHE N 120 -10.76 59.94 -86.57
C PHE N 120 -11.87 60.94 -86.30
N GLY N 121 -13.09 60.54 -86.64
CA GLY N 121 -14.25 61.40 -86.53
C GLY N 121 -15.01 61.16 -85.24
N VAL N 122 -15.62 62.23 -84.74
CA VAL N 122 -16.42 62.20 -83.51
C VAL N 122 -17.77 62.81 -83.80
N GLU N 123 -18.83 62.14 -83.39
CA GLU N 123 -20.20 62.59 -83.60
C GLU N 123 -20.93 62.50 -82.27
N LEU N 124 -21.52 63.62 -81.85
CA LEU N 124 -22.15 63.76 -80.55
C LEU N 124 -23.66 63.96 -80.71
N THR N 125 -24.41 63.42 -79.75
CA THR N 125 -25.87 63.49 -79.79
C THR N 125 -26.40 63.75 -78.39
N SER N 126 -27.34 64.69 -78.28
CA SER N 126 -27.98 65.01 -77.02
C SER N 126 -29.38 65.52 -77.30
N THR N 127 -30.37 65.01 -76.57
CA THR N 127 -31.73 65.47 -76.74
C THR N 127 -31.89 66.92 -76.30
N GLN N 128 -31.17 67.33 -75.26
CA GLN N 128 -31.33 68.65 -74.67
C GLN N 128 -30.49 69.73 -75.34
N GLY N 129 -29.62 69.38 -76.28
CA GLY N 129 -28.72 70.34 -76.87
C GLY N 129 -27.53 70.63 -75.98
N PHE N 130 -26.76 71.62 -76.39
CA PHE N 130 -25.51 72.01 -75.76
C PHE N 130 -25.47 73.52 -75.57
N PRO N 131 -24.60 74.03 -74.69
CA PRO N 131 -24.33 75.47 -74.70
C PRO N 131 -23.55 75.89 -75.93
N LYS N 132 -23.19 77.18 -76.02
CA LYS N 132 -22.38 77.66 -77.13
C LYS N 132 -20.89 77.44 -76.93
N ASP N 133 -20.46 76.96 -75.76
CA ASP N 133 -19.05 76.75 -75.44
C ASP N 133 -18.83 75.29 -75.10
N LEU N 134 -17.97 74.62 -75.86
CA LEU N 134 -17.57 73.24 -75.61
C LEU N 134 -16.08 73.04 -75.88
N GLU N 135 -15.28 74.09 -75.71
CA GLU N 135 -13.89 74.04 -76.14
C GLU N 135 -13.08 73.04 -75.31
N ASP N 136 -13.35 72.95 -74.01
CA ASP N 136 -12.54 72.11 -73.14
C ASP N 136 -12.62 70.64 -73.55
N LEU N 137 -13.73 70.22 -74.15
CA LEU N 137 -13.80 68.89 -74.73
C LEU N 137 -12.73 68.71 -75.79
N TYR N 138 -12.55 69.72 -76.65
CA TYR N 138 -11.53 69.63 -77.69
C TYR N 138 -10.14 69.67 -77.08
N LYS N 139 -9.96 70.38 -75.98
CA LYS N 139 -8.68 70.39 -75.29
C LYS N 139 -8.32 68.98 -74.81
N ARG N 140 -9.27 68.31 -74.18
CA ARG N 140 -9.02 66.95 -73.70
C ARG N 140 -8.78 66.00 -74.86
N VAL N 141 -9.56 66.13 -75.94
CA VAL N 141 -9.41 65.24 -77.09
C VAL N 141 -8.03 65.39 -77.70
N ASN N 142 -7.56 66.63 -77.84
CA ASN N 142 -6.20 66.87 -78.31
C ASN N 142 -5.18 66.24 -77.36
N VAL N 143 -5.40 66.38 -76.06
CA VAL N 143 -4.49 65.80 -75.08
C VAL N 143 -4.58 64.28 -75.10
N ILE N 144 -5.79 63.75 -75.28
CA ILE N 144 -6.02 62.33 -75.09
C ILE N 144 -5.78 61.52 -76.36
N LYS N 145 -5.95 62.12 -77.53
CA LYS N 145 -5.88 61.37 -78.77
C LYS N 145 -4.46 60.87 -79.02
N PRO N 146 -4.29 59.87 -79.89
CA PRO N 146 -2.94 59.55 -80.37
C PRO N 146 -2.35 60.75 -81.09
N SER N 147 -1.04 60.96 -80.88
CA SER N 147 -0.42 62.19 -81.35
C SER N 147 -0.38 62.29 -82.87
N HIS N 148 -0.52 61.18 -83.59
CA HIS N 148 -0.38 61.17 -85.04
C HIS N 148 -1.72 61.20 -85.77
N LEU N 149 -2.83 61.44 -85.07
CA LEU N 149 -4.16 61.46 -85.66
C LEU N 149 -4.83 62.82 -85.44
N ALA N 150 -5.42 63.35 -86.50
CA ALA N 150 -6.24 64.54 -86.41
C ALA N 150 -7.66 64.14 -86.01
N VAL N 151 -8.53 65.14 -85.83
CA VAL N 151 -9.87 64.91 -85.30
C VAL N 151 -10.85 65.85 -85.99
N SER N 152 -12.08 65.38 -86.13
CA SER N 152 -13.20 66.16 -86.65
C SER N 152 -14.40 65.95 -85.76
N TYR N 153 -15.30 66.93 -85.75
CA TYR N 153 -16.46 66.94 -84.86
C TYR N 153 -17.71 67.33 -85.63
N LYS N 154 -18.84 66.77 -85.18
CA LYS N 154 -20.14 67.30 -85.54
C LYS N 154 -21.10 67.04 -84.38
N LEU N 155 -21.97 68.01 -84.13
CA LEU N 155 -22.86 68.01 -82.98
C LEU N 155 -24.30 67.93 -83.47
N VAL N 156 -25.09 67.07 -82.84
CA VAL N 156 -26.47 66.80 -83.23
C VAL N 156 -27.35 66.91 -82.00
N SER N 157 -28.57 67.42 -82.20
CA SER N 157 -29.53 67.53 -81.12
C SER N 157 -30.38 66.26 -81.03
N MET O 1 -15.26 59.57 49.35
CA MET O 1 -15.45 59.25 47.90
C MET O 1 -14.42 60.02 47.07
N ILE O 2 -14.04 59.44 45.92
CA ILE O 2 -13.10 60.10 45.04
C ILE O 2 -13.70 61.40 44.55
N ALA O 3 -12.87 62.45 44.53
CA ALA O 3 -13.27 63.74 44.00
C ALA O 3 -12.90 63.90 42.53
N SER O 4 -11.74 63.37 42.13
CA SER O 4 -11.28 63.52 40.75
C SER O 4 -12.22 62.79 39.80
N LYS O 5 -12.56 63.45 38.69
CA LYS O 5 -13.38 62.79 37.67
C LYS O 5 -12.66 61.58 37.10
N LYS O 6 -11.38 61.74 36.77
CA LYS O 6 -10.63 60.62 36.23
C LYS O 6 -10.47 59.51 37.27
N GLY O 7 -10.32 59.86 38.54
CA GLY O 7 -10.20 58.86 39.57
C GLY O 7 -11.42 57.98 39.67
N LYS O 8 -12.62 58.58 39.60
CA LYS O 8 -13.84 57.80 39.66
C LYS O 8 -13.92 56.81 38.50
N GLU O 9 -13.59 57.26 37.29
CA GLU O 9 -13.63 56.39 36.14
C GLU O 9 -12.64 55.25 36.29
N MET O 10 -11.41 55.56 36.71
CA MET O 10 -10.39 54.52 36.86
C MET O 10 -10.77 53.53 37.93
N LEU O 11 -11.34 54.00 39.05
CA LEU O 11 -11.78 53.10 40.10
C LEU O 11 -12.89 52.19 39.60
N LEU O 12 -13.86 52.75 38.88
CA LEU O 12 -14.95 51.95 38.34
C LEU O 12 -14.46 50.93 37.33
N THR O 13 -13.31 51.18 36.70
CA THR O 13 -12.76 50.23 35.75
C THR O 13 -12.30 48.94 36.42
N LEU O 14 -12.05 48.97 37.72
CA LEU O 14 -11.61 47.79 38.46
C LEU O 14 -12.83 47.02 38.98
N SER O 15 -12.56 45.94 39.73
CA SER O 15 -13.62 45.12 40.27
C SER O 15 -14.44 45.92 41.28
N PRO O 16 -15.72 45.58 41.48
CA PRO O 16 -16.57 46.45 42.30
C PRO O 16 -16.37 46.32 43.81
N ILE O 17 -15.34 45.60 44.27
CA ILE O 17 -15.17 45.39 45.70
C ILE O 17 -14.84 46.67 46.46
N TYR O 18 -14.36 47.70 45.77
CA TYR O 18 -13.76 48.86 46.43
C TYR O 18 -14.76 49.94 46.79
N GLU O 19 -16.03 49.59 47.01
CA GLU O 19 -17.01 50.58 47.40
C GLU O 19 -16.64 51.23 48.73
N GLN O 20 -16.25 50.43 49.71
CA GLN O 20 -15.91 50.90 51.04
C GLN O 20 -14.42 51.11 51.25
N SER O 21 -13.59 50.77 50.28
CA SER O 21 -12.14 50.86 50.46
C SER O 21 -11.72 52.32 50.49
N ILE O 22 -11.51 52.86 51.70
CA ILE O 22 -10.98 54.20 51.82
C ILE O 22 -9.58 54.26 51.21
N ILE O 23 -8.81 53.20 51.39
CA ILE O 23 -7.44 53.18 50.88
C ILE O 23 -7.44 53.27 49.36
N MET O 24 -8.20 52.40 48.71
CA MET O 24 -8.22 52.41 47.25
C MET O 24 -8.85 53.69 46.72
N GLN O 25 -9.93 54.14 47.37
CA GLN O 25 -10.55 55.40 46.95
C GLN O 25 -9.58 56.56 47.10
N SER O 26 -8.88 56.63 48.24
CA SER O 26 -7.88 57.67 48.41
C SER O 26 -6.75 57.54 47.40
N LEU O 27 -6.38 56.29 47.08
CA LEU O 27 -5.29 56.07 46.13
C LEU O 27 -5.66 56.62 44.76
N TYR O 28 -6.81 56.21 44.23
CA TYR O 28 -7.16 56.64 42.89
C TYR O 28 -7.65 58.08 42.85
N GLU O 29 -8.00 58.66 43.99
CA GLU O 29 -8.19 60.10 44.04
C GLU O 29 -6.87 60.81 43.74
N ALA O 30 -5.77 60.30 44.30
CA ALA O 30 -4.47 60.87 44.00
C ALA O 30 -4.08 60.62 42.55
N ILE O 31 -4.31 59.41 42.05
CA ILE O 31 -3.97 59.10 40.67
C ILE O 31 -4.82 59.93 39.72
N GLY O 32 -6.13 60.03 40.00
CA GLY O 32 -6.99 60.83 39.17
C GLY O 32 -6.58 62.29 39.14
N SER O 33 -6.09 62.80 40.26
CA SER O 33 -5.67 64.20 40.31
C SER O 33 -4.54 64.47 39.33
N GLU O 34 -3.55 63.58 39.28
CA GLU O 34 -2.43 63.79 38.37
C GLU O 34 -2.87 63.71 36.92
N PHE O 35 -3.71 62.72 36.60
CA PHE O 35 -4.18 62.61 35.22
C PHE O 35 -5.04 63.81 34.83
N ASP O 36 -5.82 64.33 35.78
CA ASP O 36 -6.55 65.56 35.53
C ASP O 36 -5.58 66.69 35.21
N ASN O 37 -4.50 66.81 35.99
CA ASN O 37 -3.52 67.86 35.73
C ASN O 37 -2.86 67.66 34.37
N LEU O 38 -2.55 66.41 34.03
CA LEU O 38 -1.91 66.14 32.74
C LEU O 38 -2.84 66.51 31.59
N GLU O 39 -4.12 66.21 31.70
CA GLU O 39 -5.06 66.60 30.65
C GLU O 39 -5.11 68.11 30.51
N LEU O 40 -5.17 68.83 31.63
CA LEU O 40 -5.10 70.29 31.56
C LEU O 40 -3.75 70.73 30.98
N LEU O 41 -2.67 70.09 31.41
CA LEU O 41 -1.37 70.41 30.84
C LEU O 41 -1.34 70.11 29.35
N ASP O 42 -1.94 68.99 28.95
CA ASP O 42 -1.95 68.61 27.53
C ASP O 42 -2.65 69.67 26.70
N GLU O 43 -3.80 70.16 27.18
CA GLU O 43 -4.49 71.24 26.48
C GLU O 43 -3.63 72.49 26.45
N GLU O 44 -2.87 72.73 27.51
CA GLU O 44 -2.00 73.91 27.55
C GLU O 44 -0.94 73.84 26.47
N ILE O 45 -0.38 72.64 26.23
CA ILE O 45 0.64 72.50 25.19
C ILE O 45 0.05 72.84 23.84
N GLU O 46 -1.21 72.48 23.60
CA GLU O 46 -1.85 72.80 22.33
C GLU O 46 -1.85 74.29 22.05
N LEU O 47 -2.03 75.10 23.10
CA LEU O 47 -2.03 76.54 22.91
C LEU O 47 -0.66 77.05 22.51
N GLN O 48 0.40 76.44 23.03
CA GLN O 48 1.75 76.88 22.70
C GLN O 48 2.11 76.66 21.24
N LEU O 49 1.40 75.76 20.55
CA LEU O 49 1.79 75.37 19.20
C LEU O 49 1.55 76.47 18.17
N PHE O 50 0.90 77.57 18.53
CA PHE O 50 0.54 78.62 17.60
C PHE O 50 0.96 79.97 18.17
N PRO O 51 1.29 80.95 17.32
CA PRO O 51 1.59 82.27 17.85
C PRO O 51 0.38 82.97 18.43
N GLN O 52 -0.82 82.64 17.94
CA GLN O 52 -2.01 83.36 18.37
C GLN O 52 -2.35 83.05 19.82
N SER O 53 -2.26 81.78 20.22
CA SER O 53 -2.59 81.33 21.56
C SER O 53 -1.34 80.90 22.32
N ALA O 54 -0.19 81.50 22.02
CA ALA O 54 1.06 81.01 22.55
C ALA O 54 1.11 81.12 24.08
N THR O 55 0.63 82.22 24.63
CA THR O 55 0.59 82.45 26.09
C THR O 55 2.04 82.44 26.58
N TRP O 56 2.37 81.71 27.65
CA TRP O 56 3.75 81.68 28.14
C TRP O 56 4.73 81.15 27.11
N GLY O 57 4.26 80.37 26.14
CA GLY O 57 5.13 79.96 25.05
C GLY O 57 5.39 81.04 24.01
N LEU O 58 4.73 82.20 24.14
CA LEU O 58 4.94 83.29 23.20
C LEU O 58 6.39 83.74 23.17
N GLY O 59 7.10 83.61 24.29
CA GLY O 59 8.53 83.86 24.26
C GLY O 59 9.25 82.96 23.29
N PHE O 60 8.79 81.70 23.18
CA PHE O 60 9.39 80.80 22.20
C PHE O 60 9.17 81.32 20.79
N TRP O 61 7.94 81.77 20.51
CA TRP O 61 7.63 82.33 19.20
C TRP O 61 8.45 83.59 18.95
N GLU O 62 8.55 84.45 19.96
CA GLU O 62 9.43 85.62 19.84
C GLU O 62 10.87 85.17 19.65
N ASN O 63 11.29 84.13 20.39
CA ASN O 63 12.62 83.58 20.18
C ASN O 63 12.75 83.01 18.77
N ARG O 64 11.69 82.35 18.28
CA ARG O 64 11.75 81.75 16.95
C ARG O 64 11.93 82.81 15.88
N VAL O 65 11.19 83.92 15.98
CA VAL O 65 11.23 84.96 14.96
C VAL O 65 12.29 86.03 15.24
N GLY O 66 13.07 85.88 16.30
CA GLY O 66 14.13 86.83 16.59
C GLY O 66 13.68 88.09 17.29
N LEU O 67 12.39 88.25 17.57
CA LEU O 67 11.94 89.43 18.30
C LEU O 67 12.51 89.42 19.72
N ILE O 68 12.68 90.62 20.27
CA ILE O 68 13.23 90.75 21.62
C ILE O 68 12.20 90.22 22.60
N THR O 69 12.47 89.05 23.17
CA THR O 69 11.56 88.47 24.15
C THR O 69 11.58 89.32 25.42
N ASN O 70 10.39 89.61 25.95
CA ASN O 70 10.27 90.44 27.13
C ASN O 70 8.95 90.11 27.82
N LEU O 71 9.03 89.69 29.09
CA LEU O 71 7.83 89.28 29.80
C LEU O 71 6.98 90.47 30.23
N ASP O 72 7.62 91.56 30.67
CA ASP O 72 6.87 92.67 31.24
C ASP O 72 5.96 93.35 30.23
N GLU O 73 6.25 93.24 28.94
CA GLU O 73 5.36 93.80 27.94
C GLU O 73 4.03 93.06 27.95
N ASP O 74 3.01 93.70 27.39
CA ASP O 74 1.71 93.06 27.25
C ASP O 74 1.82 91.85 26.34
N MET O 75 1.12 90.78 26.70
CA MET O 75 1.13 89.58 25.88
C MET O 75 0.53 89.86 24.51
N GLU O 76 -0.55 90.64 24.47
CA GLU O 76 -1.17 90.97 23.19
C GLU O 76 -0.22 91.77 22.32
N THR O 77 0.55 92.68 22.92
CA THR O 77 1.57 93.39 22.18
C THR O 77 2.59 92.42 21.60
N ARG O 78 3.01 91.45 22.41
CA ARG O 78 3.96 90.45 21.92
C ARG O 78 3.36 89.62 20.80
N ARG O 79 2.08 89.27 20.92
CA ARG O 79 1.42 88.53 19.86
C ARG O 79 1.40 89.33 18.57
N ARG O 80 1.03 90.61 18.66
CA ARG O 80 0.92 91.45 17.48
C ARG O 80 2.28 91.62 16.82
N LYS O 81 3.33 91.79 17.61
CA LYS O 81 4.67 91.88 17.05
C LYS O 81 5.04 90.60 16.31
N VAL O 82 4.72 89.45 16.90
CA VAL O 82 5.10 88.18 16.31
C VAL O 82 4.36 87.96 15.00
N ILE O 83 3.05 88.20 15.00
CA ILE O 83 2.23 87.93 13.82
C ILE O 83 2.68 88.81 12.66
N ALA O 84 2.93 90.09 12.94
CA ALA O 84 3.46 90.98 11.90
C ALA O 84 4.82 90.51 11.43
N LYS O 85 5.66 90.05 12.35
CA LYS O 85 7.01 89.60 11.99
C LYS O 85 6.95 88.42 11.03
N LEU O 86 6.05 87.46 11.29
CA LEU O 86 5.99 86.27 10.46
C LEU O 86 5.49 86.60 9.05
N GLN O 87 4.56 87.54 8.94
CA GLN O 87 3.86 87.80 7.69
C GLN O 87 4.67 88.66 6.72
N SER O 88 5.91 89.00 7.03
CA SER O 88 6.69 89.94 6.24
C SER O 88 7.48 89.26 5.13
N LYS O 89 7.07 88.08 4.69
CA LYS O 89 7.90 87.21 3.84
C LYS O 89 7.39 87.12 2.41
N TYR O 90 6.55 88.05 1.96
CA TYR O 90 6.00 88.00 0.60
C TYR O 90 5.97 89.42 0.04
N ILE O 91 5.29 89.59 -1.10
CA ILE O 91 5.26 90.88 -1.78
C ILE O 91 4.62 91.92 -0.89
N MET O 92 5.15 93.14 -0.92
CA MET O 92 4.59 94.26 -0.18
C MET O 92 3.46 94.92 -0.97
N THR O 93 2.46 94.10 -1.31
CA THR O 93 1.28 94.62 -1.94
C THR O 93 0.46 95.39 -0.90
N PRO O 94 -0.38 96.33 -1.32
CA PRO O 94 -1.15 97.10 -0.32
C PRO O 94 -2.01 96.25 0.60
N LYS O 95 -2.50 95.10 0.14
CA LYS O 95 -3.24 94.22 1.03
C LYS O 95 -2.35 93.66 2.12
N ARG O 96 -1.20 93.09 1.73
CA ARG O 96 -0.33 92.47 2.71
C ARG O 96 0.27 93.49 3.66
N MET O 97 0.67 94.65 3.13
CA MET O 97 1.24 95.69 3.99
C MET O 97 0.21 96.19 4.99
N SER O 98 -1.05 96.34 4.55
CA SER O 98 -2.08 96.84 5.44
C SER O 98 -2.30 95.89 6.61
N MET O 99 -2.42 94.58 6.34
CA MET O 99 -2.70 93.64 7.41
C MET O 99 -1.51 93.49 8.35
N ILE O 100 -0.28 93.58 7.82
CA ILE O 100 0.90 93.47 8.67
C ILE O 100 0.93 94.63 9.66
N LEU O 101 0.77 95.85 9.16
CA LEU O 101 0.70 97.01 10.05
C LEU O 101 -0.53 96.94 10.93
N GLN O 102 -1.67 96.53 10.37
CA GLN O 102 -2.88 96.37 11.16
C GLN O 102 -2.69 95.33 12.26
N SER O 103 -2.06 94.21 11.93
CA SER O 103 -1.83 93.17 12.94
C SER O 103 -0.90 93.67 14.03
N TYR O 104 0.16 94.40 13.65
CA TYR O 104 1.10 94.90 14.65
C TYR O 104 0.43 95.91 15.57
N THR O 105 -0.30 96.86 15.00
CA THR O 105 -0.98 97.87 15.81
C THR O 105 -2.23 97.31 16.47
N GLY O 106 -2.94 96.43 15.77
CA GLY O 106 -4.24 95.98 16.21
C GLY O 106 -5.38 96.90 15.82
N ALA O 107 -5.08 98.09 15.33
CA ALA O 107 -6.08 99.05 14.89
C ALA O 107 -6.22 99.01 13.37
N ASN O 108 -7.43 99.26 12.88
CA ASN O 108 -7.70 99.19 11.45
C ASN O 108 -6.85 100.21 10.70
N ILE O 109 -6.31 99.77 9.55
CA ILE O 109 -5.41 100.58 8.74
C ILE O 109 -5.86 100.50 7.30
N LYS O 110 -5.81 101.64 6.60
CA LYS O 110 -6.09 101.73 5.18
C LYS O 110 -4.91 102.42 4.52
N ILE O 111 -4.27 101.73 3.57
CA ILE O 111 -3.19 102.33 2.80
C ILE O 111 -3.79 103.14 1.66
N ASN O 112 -3.36 104.40 1.55
CA ASN O 112 -3.99 105.31 0.60
C ASN O 112 -3.45 105.17 -0.81
N GLU O 113 -2.22 104.69 -0.99
CA GLU O 113 -1.52 104.75 -2.27
C GLU O 113 -1.44 106.20 -2.75
N ASN O 114 -0.67 106.97 -1.98
CA ASN O 114 -0.65 108.42 -2.05
C ASN O 114 -0.44 108.94 -3.47
N ILE O 115 -0.97 110.13 -3.72
CA ILE O 115 -0.94 110.73 -5.05
C ILE O 115 0.49 111.07 -5.46
N SER O 116 1.36 111.37 -4.50
CA SER O 116 2.70 111.82 -4.83
C SER O 116 3.47 110.69 -5.53
N PRO O 117 4.46 111.04 -6.36
CA PRO O 117 5.00 110.05 -7.32
C PRO O 117 5.56 108.80 -6.68
N TYR O 118 6.24 108.92 -5.55
CA TYR O 118 6.91 107.79 -4.89
C TYR O 118 6.71 107.86 -3.39
N THR O 119 5.46 108.07 -2.96
CA THR O 119 5.09 107.96 -1.57
C THR O 119 3.79 107.18 -1.46
N PHE O 120 3.59 106.53 -0.32
CA PHE O 120 2.38 105.80 -0.01
C PHE O 120 1.84 106.28 1.33
N GLY O 121 0.53 106.50 1.38
CA GLY O 121 -0.12 107.03 2.56
C GLY O 121 -0.70 105.93 3.42
N VAL O 122 -0.73 106.17 4.73
CA VAL O 122 -1.26 105.24 5.71
C VAL O 122 -2.26 105.99 6.58
N GLU O 123 -3.43 105.40 6.78
CA GLU O 123 -4.50 105.99 7.58
C GLU O 123 -4.98 104.95 8.56
N LEU O 124 -4.99 105.30 9.85
CA LEU O 124 -5.29 104.38 10.93
C LEU O 124 -6.57 104.80 11.63
N THR O 125 -7.31 103.82 12.13
CA THR O 125 -8.59 104.05 12.79
C THR O 125 -8.73 103.11 13.97
N SER O 126 -9.17 103.66 15.10
CA SER O 126 -9.41 102.88 16.31
C SER O 126 -10.49 103.57 17.13
N THR O 127 -11.48 102.79 17.57
CA THR O 127 -12.54 103.36 18.40
C THR O 127 -12.02 103.82 19.76
N GLN O 128 -11.01 103.13 20.30
CA GLN O 128 -10.52 103.40 21.64
C GLN O 128 -9.42 104.45 21.68
N GLY O 129 -8.93 104.91 20.53
CA GLY O 129 -7.81 105.83 20.50
C GLY O 129 -6.49 105.12 20.70
N PHE O 130 -5.44 105.92 20.84
CA PHE O 130 -4.06 105.45 20.92
C PHE O 130 -3.37 106.14 22.09
N PRO O 131 -2.23 105.61 22.56
CA PRO O 131 -1.39 106.38 23.48
C PRO O 131 -0.70 107.53 22.76
N LYS O 132 0.14 108.28 23.48
CA LYS O 132 0.89 109.37 22.86
C LYS O 132 2.17 108.89 22.18
N ASP O 133 2.53 107.62 22.30
CA ASP O 133 3.75 107.07 21.71
C ASP O 133 3.39 105.93 20.77
N LEU O 134 3.77 106.08 19.49
CA LEU O 134 3.58 105.05 18.47
C LEU O 134 4.77 104.98 17.54
N GLU O 135 5.97 105.32 18.04
CA GLU O 135 7.12 105.47 17.17
C GLU O 135 7.54 104.15 16.55
N ASP O 136 7.47 103.06 17.32
CA ASP O 136 7.97 101.77 16.84
C ASP O 136 7.22 101.31 15.59
N LEU O 137 5.95 101.71 15.45
CA LEU O 137 5.24 101.44 14.20
C LEU O 137 5.96 102.08 13.03
N TYR O 138 6.42 103.32 13.20
CA TYR O 138 7.13 104.00 12.13
C TYR O 138 8.49 103.36 11.89
N LYS O 139 9.11 102.82 12.93
CA LYS O 139 10.37 102.11 12.76
C LYS O 139 10.17 100.89 11.86
N ARG O 140 9.12 100.10 12.13
CA ARG O 140 8.85 98.93 11.32
C ARG O 140 8.48 99.32 9.90
N VAL O 141 7.69 100.38 9.74
CA VAL O 141 7.27 100.81 8.40
C VAL O 141 8.48 101.22 7.59
N ASN O 142 9.40 101.97 8.20
CA ASN O 142 10.64 102.32 7.52
C ASN O 142 11.43 101.08 7.16
N VAL O 143 11.49 100.12 8.07
CA VAL O 143 12.21 98.87 7.80
C VAL O 143 11.48 98.06 6.74
N ILE O 144 10.15 98.05 6.78
CA ILE O 144 9.38 97.13 5.96
C ILE O 144 9.05 97.71 4.58
N LYS O 145 8.98 99.03 4.44
CA LYS O 145 8.54 99.62 3.20
C LYS O 145 9.56 99.37 2.09
N PRO O 146 9.15 99.50 0.82
CA PRO O 146 10.15 99.56 -0.25
C PRO O 146 11.08 100.74 -0.05
N SER O 147 12.36 100.53 -0.34
CA SER O 147 13.36 101.53 0.00
C SER O 147 13.20 102.84 -0.77
N HIS O 148 12.50 102.82 -1.90
CA HIS O 148 12.39 104.00 -2.76
C HIS O 148 11.09 104.77 -2.56
N LEU O 149 10.31 104.45 -1.53
CA LEU O 149 9.04 105.12 -1.27
C LEU O 149 9.05 105.76 0.11
N ALA O 150 8.59 107.01 0.17
CA ALA O 150 8.37 107.69 1.43
C ALA O 150 6.99 107.32 1.97
N VAL O 151 6.68 107.82 3.16
CA VAL O 151 5.47 107.43 3.87
C VAL O 151 4.87 108.64 4.58
N SER O 152 3.55 108.64 4.69
CA SER O 152 2.80 109.64 5.44
C SER O 152 1.76 108.94 6.30
N TYR O 153 1.37 109.60 7.39
CA TYR O 153 0.47 109.01 8.37
C TYR O 153 -0.60 110.01 8.77
N LYS O 154 -1.76 109.47 9.13
CA LYS O 154 -2.77 110.21 9.88
C LYS O 154 -3.55 109.24 10.74
N LEU O 155 -3.88 109.69 11.94
CA LEU O 155 -4.49 108.85 12.97
C LEU O 155 -5.88 109.38 13.26
N VAL O 156 -6.87 108.48 13.33
CA VAL O 156 -8.26 108.82 13.52
C VAL O 156 -8.83 107.97 14.65
N SER O 157 -9.73 108.55 15.44
CA SER O 157 -10.38 107.84 16.53
C SER O 157 -11.66 107.17 16.03
N MET P 1 19.04 -5.49 76.32
CA MET P 1 18.51 -4.45 75.38
C MET P 1 19.63 -3.47 75.03
N ILE P 2 19.54 -2.89 73.83
CA ILE P 2 20.54 -1.92 73.41
C ILE P 2 20.47 -0.71 74.32
N ALA P 3 21.64 -0.21 74.71
CA ALA P 3 21.75 0.99 75.51
C ALA P 3 21.93 2.25 74.65
N SER P 4 22.67 2.13 73.56
CA SER P 4 22.93 3.29 72.71
C SER P 4 21.63 3.78 72.07
N LYS P 5 21.44 5.10 72.08
CA LYS P 5 20.29 5.67 71.41
C LYS P 5 20.32 5.38 69.92
N LYS P 6 21.49 5.58 69.29
CA LYS P 6 21.61 5.31 67.87
C LYS P 6 21.44 3.83 67.58
N GLY P 7 21.92 2.97 68.48
CA GLY P 7 21.77 1.54 68.28
C GLY P 7 20.32 1.11 68.24
N LYS P 8 19.49 1.65 69.15
CA LYS P 8 18.08 1.32 69.14
C LYS P 8 17.42 1.71 67.83
N GLU P 9 17.71 2.93 67.35
CA GLU P 9 17.12 3.38 66.10
C GLU P 9 17.55 2.51 64.94
N MET P 10 18.84 2.19 64.86
CA MET P 10 19.33 1.40 63.75
C MET P 10 18.74 -0.01 63.79
N LEU P 11 18.62 -0.60 64.99
CA LEU P 11 18.00 -1.91 65.09
C LEU P 11 16.55 -1.87 64.64
N LEU P 12 15.81 -0.85 65.08
CA LEU P 12 14.41 -0.72 64.67
C LEU P 12 14.27 -0.52 63.18
N THR P 13 15.30 0.01 62.52
CA THR P 13 15.25 0.20 61.08
C THR P 13 15.20 -1.13 60.32
N LEU P 14 15.64 -2.22 60.94
CA LEU P 14 15.63 -3.53 60.32
C LEU P 14 14.30 -4.24 60.58
N SER P 15 14.20 -5.48 60.13
CA SER P 15 12.99 -6.25 60.30
C SER P 15 12.76 -6.54 61.79
N PRO P 16 11.51 -6.73 62.22
CA PRO P 16 11.25 -6.83 63.66
C PRO P 16 11.60 -8.16 64.30
N ILE P 17 12.29 -9.07 63.59
CA ILE P 17 12.56 -10.39 64.14
C ILE P 17 13.53 -10.34 65.32
N TYR P 18 14.29 -9.27 65.49
CA TYR P 18 15.42 -9.25 66.41
C TYR P 18 15.03 -8.82 67.82
N GLU P 19 13.79 -9.04 68.23
CA GLU P 19 13.39 -8.68 69.59
C GLU P 19 14.20 -9.47 70.62
N GLN P 20 14.35 -10.77 70.41
CA GLN P 20 15.04 -11.64 71.34
C GLN P 20 16.51 -11.87 70.96
N SER P 21 16.96 -11.37 69.83
CA SER P 21 18.32 -11.64 69.36
C SER P 21 19.31 -10.89 70.25
N ILE P 22 19.91 -11.61 71.20
CA ILE P 22 20.96 -11.01 72.00
C ILE P 22 22.15 -10.66 71.11
N ILE P 23 22.42 -11.50 70.10
CA ILE P 23 23.55 -11.27 69.23
C ILE P 23 23.37 -9.97 68.44
N MET P 24 22.21 -9.82 67.80
CA MET P 24 21.98 -8.61 67.01
C MET P 24 21.87 -7.39 67.91
N GLN P 25 21.20 -7.54 69.05
CA GLN P 25 21.11 -6.43 70.00
C GLN P 25 22.50 -6.01 70.48
N SER P 26 23.32 -7.00 70.84
CA SER P 26 24.69 -6.68 71.26
C SER P 26 25.47 -6.07 70.11
N LEU P 27 25.25 -6.55 68.89
CA LEU P 27 25.97 -6.04 67.74
C LEU P 27 25.67 -4.56 67.52
N TYR P 28 24.39 -4.21 67.44
CA TYR P 28 24.04 -2.82 67.17
C TYR P 28 24.22 -1.93 68.38
N GLU P 29 24.31 -2.51 69.58
CA GLU P 29 24.76 -1.72 70.72
C GLU P 29 26.19 -1.23 70.49
N ALA P 30 27.05 -2.11 69.97
CA ALA P 30 28.40 -1.69 69.64
C ALA P 30 28.42 -0.68 68.51
N ILE P 31 27.62 -0.92 67.46
CA ILE P 31 27.58 0.00 66.33
C ILE P 31 27.03 1.35 66.78
N GLY P 32 25.95 1.33 67.57
CA GLY P 32 25.38 2.57 68.05
C GLY P 32 26.35 3.36 68.91
N SER P 33 27.19 2.67 69.68
CA SER P 33 28.16 3.35 70.52
C SER P 33 29.12 4.17 69.68
N GLU P 34 29.62 3.60 68.59
CA GLU P 34 30.59 4.32 67.76
C GLU P 34 29.93 5.53 67.10
N PHE P 35 28.71 5.36 66.57
CA PHE P 35 28.04 6.49 65.94
C PHE P 35 27.72 7.56 66.96
N ASP P 36 27.38 7.16 68.19
CA ASP P 36 27.23 8.14 69.26
C ASP P 36 28.52 8.92 69.48
N ASN P 37 29.65 8.20 69.51
CA ASN P 37 30.94 8.87 69.69
C ASN P 37 31.23 9.79 68.52
N LEU P 38 30.93 9.34 67.30
CA LEU P 38 31.19 10.18 66.14
C LEU P 38 30.35 11.45 66.17
N GLU P 39 29.08 11.35 66.57
CA GLU P 39 28.25 12.54 66.68
C GLU P 39 28.83 13.51 67.70
N LEU P 40 29.25 13.00 68.86
CA LEU P 40 29.91 13.85 69.83
C LEU P 40 31.21 14.41 69.26
N LEU P 41 31.98 13.57 68.57
CA LEU P 41 33.19 14.05 67.91
C LEU P 41 32.86 15.10 66.87
N ASP P 42 31.80 14.88 66.10
CA ASP P 42 31.42 15.84 65.07
C ASP P 42 31.09 17.20 65.68
N GLU P 43 30.35 17.21 66.78
CA GLU P 43 30.08 18.46 67.47
C GLU P 43 31.37 19.08 67.98
N GLU P 44 32.32 18.25 68.40
CA GLU P 44 33.59 18.76 68.89
C GLU P 44 34.34 19.50 67.78
N ILE P 45 34.31 18.96 66.56
CA ILE P 45 34.99 19.62 65.45
C ILE P 45 34.40 21.00 65.20
N GLU P 46 33.08 21.15 65.36
CA GLU P 46 32.45 22.44 65.18
C GLU P 46 33.04 23.50 66.10
N LEU P 47 33.39 23.11 67.32
CA LEU P 47 33.96 24.07 68.25
C LEU P 47 35.34 24.51 67.79
N GLN P 48 36.11 23.61 67.18
CA GLN P 48 37.45 23.96 66.72
C GLN P 48 37.45 24.99 65.60
N LEU P 49 36.33 25.15 64.89
CA LEU P 49 36.30 25.99 63.71
C LEU P 49 36.39 27.48 64.03
N PHE P 50 36.34 27.88 65.30
CA PHE P 50 36.32 29.27 65.70
C PHE P 50 37.35 29.50 66.79
N PRO P 51 37.94 30.70 66.88
CA PRO P 51 38.85 30.96 68.01
C PRO P 51 38.14 31.03 69.34
N GLN P 52 36.86 31.40 69.35
CA GLN P 52 36.16 31.59 70.61
C GLN P 52 35.95 30.27 71.34
N SER P 53 35.56 29.23 70.61
CA SER P 53 35.28 27.90 71.18
C SER P 53 36.33 26.88 70.74
N ALA P 54 37.56 27.33 70.51
CA ALA P 54 38.56 26.46 69.90
C ALA P 54 38.88 25.26 70.79
N THR P 55 39.00 25.48 72.10
CA THR P 55 39.29 24.42 73.08
C THR P 55 40.65 23.84 72.70
N TRP P 56 40.81 22.51 72.64
CA TRP P 56 42.10 21.92 72.30
C TRP P 56 42.61 22.35 70.93
N GLY P 57 41.71 22.77 70.03
CA GLY P 57 42.16 23.32 68.77
C GLY P 57 42.67 24.75 68.86
N LEU P 58 42.60 25.37 70.04
CA LEU P 58 43.08 26.73 70.20
C LEU P 58 44.56 26.84 69.88
N GLY P 59 45.32 25.77 70.10
CA GLY P 59 46.70 25.76 69.65
C GLY P 59 46.81 25.96 68.15
N PHE P 60 45.86 25.40 67.40
CA PHE P 60 45.85 25.63 65.95
C PHE P 60 45.66 27.10 65.65
N TRP P 61 44.70 27.73 66.34
CA TRP P 61 44.47 29.16 66.15
C TRP P 61 45.69 29.97 66.57
N GLU P 62 46.30 29.61 67.70
CA GLU P 62 47.55 30.24 68.08
C GLU P 62 48.63 29.98 67.04
N ASN P 63 48.69 28.75 66.52
CA ASN P 63 49.59 28.46 65.43
C ASN P 63 49.25 29.27 64.19
N ARG P 64 47.96 29.44 63.91
CA ARG P 64 47.54 30.19 62.73
C ARG P 64 48.00 31.64 62.83
N VAL P 65 47.82 32.26 63.99
CA VAL P 65 48.14 33.67 64.16
C VAL P 65 49.58 33.91 64.63
N GLY P 66 50.38 32.86 64.78
CA GLY P 66 51.76 33.02 65.15
C GLY P 66 52.01 33.22 66.64
N LEU P 67 50.97 33.22 67.46
CA LEU P 67 51.17 33.32 68.90
C LEU P 67 51.90 32.09 69.42
N ILE P 68 52.64 32.28 70.51
CA ILE P 68 53.40 31.18 71.10
C ILE P 68 52.40 30.19 71.70
N THR P 69 52.23 29.05 71.06
CA THR P 69 51.33 28.04 71.57
C THR P 69 51.89 27.46 72.86
N ASN P 70 51.03 27.33 73.87
CA ASN P 70 51.45 26.83 75.18
C ASN P 70 50.24 26.26 75.89
N LEU P 71 50.33 24.98 76.26
CA LEU P 71 49.19 24.31 76.87
C LEU P 71 49.01 24.71 78.33
N ASP P 72 50.11 24.89 79.07
CA ASP P 72 49.99 25.12 80.50
C ASP P 72 49.32 26.44 80.84
N GLU P 73 49.33 27.41 79.92
CA GLU P 73 48.61 28.65 80.16
C GLU P 73 47.11 28.39 80.21
N ASP P 74 46.39 29.34 80.80
CA ASP P 74 44.94 29.25 80.84
C ASP P 74 44.38 29.31 79.43
N MET P 75 43.36 28.49 79.17
CA MET P 75 42.73 28.50 77.85
C MET P 75 42.11 29.87 77.55
N GLU P 76 41.46 30.47 78.55
CA GLU P 76 40.85 31.77 78.35
C GLU P 76 41.91 32.82 78.02
N THR P 77 43.07 32.73 78.67
CA THR P 77 44.16 33.62 78.33
C THR P 77 44.58 33.43 76.88
N ARG P 78 44.67 32.18 76.44
CA ARG P 78 45.03 31.91 75.05
C ARG P 78 43.96 32.44 74.09
N ARG P 79 42.69 32.31 74.47
CA ARG P 79 41.62 32.85 73.64
C ARG P 79 41.74 34.35 73.51
N ARG P 80 41.97 35.03 74.64
CA ARG P 80 42.04 36.48 74.63
C ARG P 80 43.22 36.96 73.81
N LYS P 81 44.36 36.26 73.92
CA LYS P 81 45.51 36.62 73.09
C LYS P 81 45.19 36.46 71.61
N VAL P 82 44.51 35.38 71.25
CA VAL P 82 44.22 35.10 69.84
C VAL P 82 43.27 36.14 69.29
N ILE P 83 42.19 36.43 70.02
CA ILE P 83 41.17 37.35 69.54
C ILE P 83 41.76 38.74 69.35
N ALA P 84 42.56 39.20 70.30
CA ALA P 84 43.24 40.47 70.14
C ALA P 84 44.19 40.45 68.96
N LYS P 85 44.91 39.33 68.78
CA LYS P 85 45.86 39.22 67.69
C LYS P 85 45.16 39.36 66.34
N LEU P 86 44.01 38.71 66.17
CA LEU P 86 43.31 38.75 64.89
C LEU P 86 42.79 40.14 64.57
N GLN P 87 42.33 40.86 65.60
CA GLN P 87 41.64 42.13 65.38
C GLN P 87 42.57 43.31 65.12
N SER P 88 43.88 43.07 65.01
CA SER P 88 44.86 44.15 64.91
C SER P 88 45.10 44.60 63.47
N LYS P 89 44.16 44.35 62.55
CA LYS P 89 44.40 44.46 61.12
C LYS P 89 43.70 45.65 60.48
N TYR P 90 43.27 46.64 61.25
CA TYR P 90 42.55 47.80 60.72
C TYR P 90 43.04 49.05 61.45
N ILE P 91 42.33 50.17 61.23
CA ILE P 91 42.74 51.44 61.78
C ILE P 91 42.73 51.38 63.30
N MET P 92 43.72 52.02 63.92
CA MET P 92 43.81 52.10 65.37
C MET P 92 42.94 53.25 65.90
N THR P 93 41.66 53.20 65.55
CA THR P 93 40.72 54.16 66.10
C THR P 93 40.48 53.83 67.56
N PRO P 94 40.06 54.80 68.38
CA PRO P 94 39.84 54.51 69.80
C PRO P 94 38.86 53.37 70.07
N LYS P 95 37.86 53.17 69.21
CA LYS P 95 36.96 52.04 69.40
C LYS P 95 37.70 50.72 69.20
N ARG P 96 38.43 50.59 68.10
CA ARG P 96 39.10 49.32 67.81
C ARG P 96 40.21 49.05 68.81
N MET P 97 40.97 50.08 69.17
CA MET P 97 42.05 49.89 70.13
C MET P 97 41.49 49.48 71.49
N SER P 98 40.36 50.07 71.90
CA SER P 98 39.78 49.73 73.19
C SER P 98 39.37 48.27 73.25
N MET P 99 38.67 47.79 72.22
CA MET P 99 38.18 46.42 72.25
C MET P 99 39.34 45.42 72.15
N ILE P 100 40.37 45.75 71.39
CA ILE P 100 41.53 44.86 71.27
C ILE P 100 42.19 44.68 72.63
N LEU P 101 42.48 45.80 73.30
CA LEU P 101 43.04 45.72 74.64
C LEU P 101 42.06 45.10 75.61
N GLN P 102 40.77 45.46 75.49
CA GLN P 102 39.75 44.88 76.35
C GLN P 102 39.66 43.37 76.13
N SER P 103 39.69 42.94 74.86
CA SER P 103 39.61 41.51 74.58
C SER P 103 40.82 40.78 75.12
N TYR P 104 42.02 41.37 74.98
CA TYR P 104 43.22 40.71 75.48
C TYR P 104 43.19 40.60 77.00
N THR P 105 42.85 41.69 77.68
CA THR P 105 42.81 41.66 79.13
C THR P 105 41.56 40.96 79.64
N GLY P 106 40.43 41.12 78.93
CA GLY P 106 39.15 40.67 79.43
C GLY P 106 38.46 41.64 80.36
N ALA P 107 39.16 42.68 80.81
CA ALA P 107 38.60 43.70 81.69
C ALA P 107 38.23 44.94 80.87
N ASN P 108 37.17 45.62 81.32
CA ASN P 108 36.68 46.80 80.60
C ASN P 108 37.76 47.87 80.55
N ILE P 109 37.88 48.51 79.38
CA ILE P 109 38.89 49.52 79.12
C ILE P 109 38.23 50.72 78.47
N LYS P 110 38.65 51.91 78.88
CA LYS P 110 38.23 53.17 78.28
C LYS P 110 39.47 53.96 77.90
N ILE P 111 39.60 54.27 76.62
CA ILE P 111 40.70 55.11 76.15
C ILE P 111 40.33 56.56 76.36
N ASN P 112 41.23 57.31 77.00
CA ASN P 112 40.91 58.67 77.41
C ASN P 112 41.11 59.70 76.31
N GLU P 113 41.99 59.42 75.34
CA GLU P 113 42.43 60.42 74.37
C GLU P 113 43.05 61.61 75.12
N ASN P 114 44.18 61.30 75.75
CA ASN P 114 44.81 62.16 76.74
C ASN P 114 45.00 63.60 76.24
N ILE P 115 44.98 64.52 77.20
CA ILE P 115 45.07 65.95 76.87
C ILE P 115 46.42 66.31 76.28
N SER P 116 47.47 65.58 76.65
CA SER P 116 48.81 65.93 76.19
C SER P 116 48.91 65.79 74.68
N PRO P 117 49.83 66.54 74.04
CA PRO P 117 49.73 66.70 72.58
C PRO P 117 49.81 65.41 71.79
N TYR P 118 50.65 64.46 72.21
CA TYR P 118 50.86 63.22 71.47
C TYR P 118 50.94 62.05 72.44
N THR P 119 49.98 61.98 73.36
CA THR P 119 49.82 60.80 74.21
C THR P 119 48.34 60.44 74.26
N PHE P 120 48.07 59.17 74.52
CA PHE P 120 46.71 58.66 74.69
C PHE P 120 46.64 57.88 76.00
N GLY P 121 45.58 58.13 76.75
CA GLY P 121 45.41 57.53 78.06
C GLY P 121 44.55 56.27 78.00
N VAL P 122 44.83 55.34 78.90
CA VAL P 122 44.12 54.08 79.00
C VAL P 122 43.67 53.91 80.45
N GLU P 123 42.40 53.57 80.63
CA GLU P 123 41.82 53.37 81.95
C GLU P 123 41.09 52.03 81.96
N LEU P 124 41.43 51.18 82.91
CA LEU P 124 40.94 49.81 82.98
C LEU P 124 40.09 49.63 84.22
N THR P 125 39.09 48.75 84.11
CA THR P 125 38.14 48.51 85.20
C THR P 125 37.80 47.03 85.24
N SER P 126 37.82 46.45 86.44
CA SER P 126 37.45 45.06 86.64
C SER P 126 36.91 44.91 88.06
N THR P 127 35.77 44.23 88.18
CA THR P 127 35.19 44.00 89.49
C THR P 127 36.07 43.07 90.34
N GLN P 128 36.73 42.11 89.70
CA GLN P 128 37.49 41.10 90.43
C GLN P 128 38.93 41.52 90.72
N GLY P 129 39.39 42.66 90.20
CA GLY P 129 40.76 43.05 90.37
C GLY P 129 41.68 42.33 89.38
N PHE P 130 42.97 42.54 89.58
CA PHE P 130 44.02 42.04 88.71
C PHE P 130 45.11 41.38 89.55
N PRO P 131 45.97 40.55 88.92
CA PRO P 131 47.20 40.13 89.62
C PRO P 131 48.18 41.28 89.75
N LYS P 132 49.36 41.01 90.31
CA LYS P 132 50.40 42.03 90.43
C LYS P 132 51.24 42.16 89.16
N ASP P 133 51.03 41.32 88.15
CA ASP P 133 51.80 41.34 86.91
C ASP P 133 50.86 41.54 85.74
N LEU P 134 51.06 42.63 84.99
CA LEU P 134 50.30 42.92 83.77
C LEU P 134 51.20 43.50 82.70
N GLU P 135 52.49 43.13 82.71
CA GLU P 135 53.46 43.79 81.84
C GLU P 135 53.18 43.50 80.37
N ASP P 136 52.77 42.28 80.04
CA ASP P 136 52.60 41.89 78.65
C ASP P 136 51.55 42.74 77.95
N LEU P 137 50.56 43.24 78.70
CA LEU P 137 49.62 44.20 78.13
C LEU P 137 50.35 45.44 77.63
N TYR P 138 51.31 45.93 78.42
CA TYR P 138 52.07 47.10 78.01
C TYR P 138 52.97 46.78 76.83
N LYS P 139 53.47 45.54 76.75
CA LYS P 139 54.27 45.13 75.59
C LYS P 139 53.43 45.22 74.32
N ARG P 140 52.21 44.69 74.36
CA ARG P 140 51.35 44.74 73.19
C ARG P 140 50.96 46.16 72.84
N VAL P 141 50.67 46.98 73.86
CA VAL P 141 50.28 48.36 73.62
C VAL P 141 51.41 49.12 72.94
N ASN P 142 52.64 48.92 73.41
CA ASN P 142 53.79 49.53 72.76
C ASN P 142 53.92 49.04 71.33
N VAL P 143 53.71 47.74 71.11
CA VAL P 143 53.78 47.19 69.76
C VAL P 143 52.63 47.70 68.91
N ILE P 144 51.44 47.81 69.50
CA ILE P 144 50.24 48.07 68.73
C ILE P 144 49.98 49.57 68.51
N LYS P 145 50.44 50.42 69.42
CA LYS P 145 50.11 51.83 69.35
C LYS P 145 50.75 52.48 68.13
N PRO P 146 50.24 53.64 67.71
CA PRO P 146 50.99 54.44 66.73
C PRO P 146 52.36 54.81 67.29
N SER P 147 53.38 54.77 66.43
CA SER P 147 54.74 54.92 66.89
C SER P 147 55.03 56.30 67.47
N HIS P 148 54.23 57.31 67.14
CA HIS P 148 54.49 58.69 67.56
C HIS P 148 53.68 59.11 68.78
N LEU P 149 53.01 58.19 69.46
CA LEU P 149 52.19 58.50 70.63
C LEU P 149 52.69 57.73 71.83
N ALA P 150 52.81 58.42 72.96
CA ALA P 150 53.09 57.79 74.24
C ALA P 150 51.78 57.31 74.86
N VAL P 151 51.89 56.68 76.03
CA VAL P 151 50.76 56.02 76.67
C VAL P 151 50.85 56.18 78.17
N SER P 152 49.68 56.24 78.81
CA SER P 152 49.56 56.27 80.26
C SER P 152 48.47 55.29 80.67
N TYR P 153 48.57 54.80 81.91
CA TYR P 153 47.67 53.77 82.41
C TYR P 153 47.19 54.12 83.81
N LYS P 154 45.98 53.69 84.13
CA LYS P 154 45.50 53.62 85.50
C LYS P 154 44.52 52.47 85.61
N LEU P 155 44.60 51.76 86.72
CA LEU P 155 43.85 50.53 86.94
C LEU P 155 42.87 50.73 88.09
N VAL P 156 41.63 50.29 87.90
CA VAL P 156 40.56 50.51 88.86
C VAL P 156 39.87 49.17 89.11
N SER P 157 39.44 48.97 90.35
CA SER P 157 38.72 47.75 90.73
C SER P 157 37.22 47.95 90.54
N MET Q 1 26.40 -68.08 29.75
CA MET Q 1 26.23 -66.67 30.20
C MET Q 1 27.58 -65.97 30.24
N ILE Q 2 27.57 -64.65 30.02
CA ILE Q 2 28.80 -63.88 30.07
C ILE Q 2 29.39 -63.95 31.46
N ALA Q 3 30.71 -64.14 31.52
CA ALA Q 3 31.44 -64.14 32.78
C ALA Q 3 31.99 -62.76 33.14
N SER Q 4 32.45 -62.01 32.14
CA SER Q 4 33.03 -60.70 32.39
C SER Q 4 32.00 -59.74 32.94
N LYS Q 5 32.37 -58.99 33.98
CA LYS Q 5 31.47 -57.98 34.51
C LYS Q 5 31.15 -56.92 33.47
N LYS Q 6 32.19 -56.45 32.77
CA LYS Q 6 31.96 -55.44 31.73
C LYS Q 6 31.14 -56.00 30.59
N GLY Q 7 31.34 -57.28 30.27
CA GLY Q 7 30.57 -57.89 29.19
C GLY Q 7 29.09 -57.91 29.49
N LYS Q 8 28.72 -58.26 30.72
CA LYS Q 8 27.31 -58.28 31.09
C LYS Q 8 26.69 -56.90 30.95
N GLU Q 9 27.38 -55.87 31.42
CA GLU Q 9 26.85 -54.52 31.33
C GLU Q 9 26.70 -54.09 29.87
N MET Q 10 27.70 -54.36 29.05
CA MET Q 10 27.64 -53.96 27.65
C MET Q 10 26.53 -54.70 26.92
N LEU Q 11 26.35 -55.99 27.21
CA LEU Q 11 25.26 -56.74 26.59
C LEU Q 11 23.91 -56.18 27.01
N LEU Q 12 23.75 -55.88 28.30
CA LEU Q 12 22.50 -55.31 28.76
C LEU Q 12 22.22 -53.95 28.15
N THR Q 13 23.26 -53.23 27.71
CA THR Q 13 23.07 -51.94 27.09
C THR Q 13 22.36 -52.05 25.74
N LEU Q 14 22.40 -53.22 25.11
CA LEU Q 14 21.73 -53.45 23.82
C LEU Q 14 20.30 -53.89 24.04
N SER Q 15 19.61 -54.19 22.94
CA SER Q 15 18.22 -54.61 23.00
C SER Q 15 18.12 -55.95 23.73
N PRO Q 16 16.98 -56.26 24.36
CA PRO Q 16 16.91 -57.46 25.20
C PRO Q 16 16.78 -58.77 24.44
N ILE Q 17 16.89 -58.77 23.11
CA ILE Q 17 16.67 -59.99 22.35
C ILE Q 17 17.73 -61.06 22.61
N TYR Q 18 18.90 -60.68 23.15
CA TYR Q 18 20.06 -61.57 23.19
C TYR Q 18 20.11 -62.43 24.43
N GLU Q 19 18.96 -62.75 25.04
CA GLU Q 19 18.98 -63.62 26.21
C GLU Q 19 19.53 -64.99 25.88
N GLN Q 20 19.08 -65.57 24.77
CA GLN Q 20 19.49 -66.91 24.36
C GLN Q 20 20.63 -66.91 23.36
N SER Q 21 21.08 -65.74 22.91
CA SER Q 21 22.11 -65.68 21.87
C SER Q 21 23.44 -66.13 22.45
N ILE Q 22 23.81 -67.38 22.19
CA ILE Q 22 25.13 -67.84 22.59
C ILE Q 22 26.20 -67.06 21.84
N ILE Q 23 25.94 -66.73 20.58
CA ILE Q 23 26.91 -66.01 19.77
C ILE Q 23 27.17 -64.64 20.34
N MET Q 24 26.10 -63.87 20.59
CA MET Q 24 26.29 -62.53 21.12
C MET Q 24 26.85 -62.57 22.53
N GLN Q 25 26.37 -63.51 23.36
CA GLN Q 25 26.91 -63.64 24.70
C GLN Q 25 28.39 -63.98 24.67
N SER Q 26 28.77 -64.93 23.82
CA SER Q 26 30.18 -65.26 23.68
C SER Q 26 30.97 -64.07 23.14
N LEU Q 27 30.37 -63.30 22.24
CA LEU Q 27 31.06 -62.15 21.67
C LEU Q 27 31.38 -61.13 22.75
N TYR Q 28 30.37 -60.71 23.51
CA TYR Q 28 30.60 -59.67 24.50
C TYR Q 28 31.33 -60.20 25.74
N GLU Q 29 31.35 -61.52 25.93
CA GLU Q 29 32.28 -62.08 26.92
C GLU Q 29 33.71 -61.79 26.50
N ALA Q 30 34.01 -61.95 25.22
CA ALA Q 30 35.36 -61.62 24.74
C ALA Q 30 35.62 -60.13 24.84
N ILE Q 31 34.65 -59.30 24.44
CA ILE Q 31 34.83 -57.85 24.51
C ILE Q 31 34.98 -57.42 25.96
N GLY Q 32 34.12 -57.94 26.84
CA GLY Q 32 34.22 -57.59 28.25
C GLY Q 32 35.54 -57.98 28.86
N SER Q 33 36.11 -59.10 28.42
CA SER Q 33 37.40 -59.54 28.95
C SER Q 33 38.48 -58.49 28.66
N GLU Q 34 38.51 -57.97 27.43
CA GLU Q 34 39.56 -57.00 27.09
C GLU Q 34 39.37 -55.71 27.87
N PHE Q 35 38.14 -55.23 27.98
CA PHE Q 35 37.91 -53.99 28.73
C PHE Q 35 38.23 -54.19 30.20
N ASP Q 36 37.96 -55.38 30.74
CA ASP Q 36 38.39 -55.68 32.10
C ASP Q 36 39.90 -55.58 32.22
N ASN Q 37 40.63 -56.15 31.26
CA ASN Q 37 42.08 -56.07 31.28
C ASN Q 37 42.55 -54.63 31.17
N LEU Q 38 41.91 -53.85 30.30
CA LEU Q 38 42.31 -52.46 30.14
C LEU Q 38 42.10 -51.67 31.42
N GLU Q 39 40.98 -51.90 32.12
CA GLU Q 39 40.75 -51.22 33.39
C GLU Q 39 41.82 -51.60 34.39
N LEU Q 40 42.17 -52.88 34.48
CA LEU Q 40 43.27 -53.28 35.34
C LEU Q 40 44.58 -52.66 34.87
N LEU Q 41 44.80 -52.65 33.55
CA LEU Q 41 46.00 -52.00 33.03
C LEU Q 41 45.99 -50.51 33.34
N ASP Q 42 44.82 -49.87 33.23
CA ASP Q 42 44.73 -48.45 33.50
C ASP Q 42 45.10 -48.14 34.94
N GLU Q 43 44.62 -48.96 35.88
CA GLU Q 43 45.01 -48.79 37.27
C GLU Q 43 46.50 -49.02 37.45
N GLU Q 44 47.07 -49.96 36.67
CA GLU Q 44 48.49 -50.22 36.76
C GLU Q 44 49.30 -49.00 36.35
N ILE Q 45 48.86 -48.29 35.31
CA ILE Q 45 49.58 -47.10 34.87
C ILE Q 45 49.59 -46.06 35.97
N GLU Q 46 48.51 -45.95 36.74
CA GLU Q 46 48.46 -44.98 37.84
C GLU Q 46 49.57 -45.24 38.85
N LEU Q 47 49.90 -46.50 39.08
CA LEU Q 47 50.97 -46.80 40.04
C LEU Q 47 52.32 -46.35 39.51
N GLN Q 48 52.53 -46.44 38.19
CA GLN Q 48 53.81 -46.04 37.62
C GLN Q 48 54.07 -44.55 37.75
N LEU Q 49 53.03 -43.74 37.94
CA LEU Q 49 53.19 -42.30 37.91
C LEU Q 49 53.93 -41.74 39.12
N PHE Q 50 54.25 -42.57 40.12
CA PHE Q 50 54.88 -42.10 41.34
C PHE Q 50 56.05 -43.00 41.66
N PRO Q 51 57.10 -42.47 42.32
CA PRO Q 51 58.20 -43.35 42.73
C PRO Q 51 57.80 -44.32 43.82
N GLN Q 52 56.81 -43.97 44.65
CA GLN Q 52 56.46 -44.81 45.78
C GLN Q 52 55.83 -46.12 45.32
N SER Q 53 54.93 -46.05 44.35
CA SER Q 53 54.22 -47.21 43.83
C SER Q 53 54.65 -47.55 42.41
N ALA Q 54 55.91 -47.27 42.07
CA ALA Q 54 56.34 -47.37 40.69
C ALA Q 54 56.25 -48.81 40.17
N THR Q 55 56.65 -49.78 41.00
CA THR Q 55 56.61 -51.22 40.64
C THR Q 55 57.52 -51.39 39.43
N TRP Q 56 57.10 -52.10 38.37
CA TRP Q 56 57.95 -52.30 37.20
C TRP Q 56 58.37 -50.99 36.55
N GLY Q 57 57.61 -49.92 36.74
CA GLY Q 57 58.04 -48.62 36.26
C GLY Q 57 59.12 -47.97 37.11
N LEU Q 58 59.49 -48.59 38.23
CA LEU Q 58 60.54 -48.03 39.08
C LEU Q 58 61.85 -47.88 38.34
N GLY Q 59 62.11 -48.74 37.36
CA GLY Q 59 63.27 -48.56 36.52
C GLY Q 59 63.23 -47.23 35.79
N PHE Q 60 62.02 -46.80 35.39
CA PHE Q 60 61.88 -45.48 34.76
C PHE Q 60 62.29 -44.39 35.74
N TRP Q 61 61.81 -44.49 36.98
CA TRP Q 61 62.18 -43.51 38.00
C TRP Q 61 63.67 -43.56 38.28
N GLU Q 62 64.24 -44.76 38.38
CA GLU Q 62 65.68 -44.87 38.50
C GLU Q 62 66.38 -44.30 37.28
N ASN Q 63 65.83 -44.56 36.09
CA ASN Q 63 66.36 -43.94 34.89
C ASN Q 63 66.20 -42.43 34.94
N ARG Q 64 65.07 -41.94 35.45
CA ARG Q 64 64.83 -40.51 35.52
C ARG Q 64 65.87 -39.83 36.41
N VAL Q 65 66.14 -40.42 37.58
CA VAL Q 65 67.05 -39.81 38.56
C VAL Q 65 68.50 -40.23 38.35
N GLY Q 66 68.80 -41.03 37.32
CA GLY Q 66 70.17 -41.43 37.05
C GLY Q 66 70.70 -42.57 37.89
N LEU Q 67 69.89 -43.11 38.81
CA LEU Q 67 70.34 -44.26 39.58
C LEU Q 67 70.54 -45.46 38.68
N ILE Q 68 71.46 -46.34 39.09
CA ILE Q 68 71.76 -47.53 38.31
C ILE Q 68 70.56 -48.46 38.37
N THR Q 69 69.82 -48.55 37.27
CA THR Q 69 68.66 -49.44 37.22
C THR Q 69 69.12 -50.88 37.28
N ASN Q 70 68.46 -51.68 38.10
CA ASN Q 70 68.83 -53.09 38.28
C ASN Q 70 67.61 -53.84 38.77
N LEU Q 71 67.20 -54.86 38.02
CA LEU Q 71 66.00 -55.60 38.36
C LEU Q 71 66.23 -56.55 39.53
N ASP Q 72 67.39 -57.20 39.58
CA ASP Q 72 67.62 -58.24 40.59
C ASP Q 72 67.62 -57.68 42.01
N GLU Q 73 67.89 -56.38 42.19
CA GLU Q 73 67.81 -55.80 43.52
C GLU Q 73 66.37 -55.81 44.01
N ASP Q 74 66.22 -55.68 45.33
CA ASP Q 74 64.89 -55.58 45.91
C ASP Q 74 64.20 -54.31 45.43
N MET Q 75 62.91 -54.44 45.13
CA MET Q 75 62.14 -53.28 44.69
C MET Q 75 62.11 -52.21 45.76
N GLU Q 76 61.95 -52.62 47.03
CA GLU Q 76 61.91 -51.66 48.12
C GLU Q 76 63.24 -50.93 48.23
N THR Q 77 64.36 -51.64 48.03
CA THR Q 77 65.65 -50.99 48.01
C THR Q 77 65.72 -49.96 46.89
N ARG Q 78 65.20 -50.31 45.71
CA ARG Q 78 65.19 -49.36 44.60
C ARG Q 78 64.33 -48.16 44.91
N ARG Q 79 63.18 -48.39 45.58
CA ARG Q 79 62.32 -47.28 45.96
C ARG Q 79 63.05 -46.35 46.92
N ARG Q 80 63.71 -46.92 47.93
CA ARG Q 80 64.39 -46.13 48.94
C ARG Q 80 65.52 -45.31 48.32
N LYS Q 81 66.26 -45.92 47.38
CA LYS Q 81 67.31 -45.18 46.68
C LYS Q 81 66.73 -44.02 45.90
N VAL Q 82 65.60 -44.24 45.22
CA VAL Q 82 65.02 -43.20 44.38
C VAL Q 82 64.53 -42.05 45.24
N ILE Q 83 63.80 -42.36 46.31
CA ILE Q 83 63.20 -41.32 47.14
C ILE Q 83 64.29 -40.46 47.77
N ALA Q 84 65.35 -41.10 48.28
CA ALA Q 84 66.47 -40.34 48.81
C ALA Q 84 67.13 -39.50 47.72
N LYS Q 85 67.26 -40.06 46.52
CA LYS Q 85 67.89 -39.34 45.43
C LYS Q 85 67.12 -38.07 45.08
N LEU Q 86 65.79 -38.16 45.04
CA LEU Q 86 64.99 -36.99 44.65
C LEU Q 86 65.07 -35.90 45.70
N GLN Q 87 65.12 -36.27 46.97
CA GLN Q 87 64.99 -35.31 48.07
C GLN Q 87 66.28 -34.54 48.36
N SER Q 88 67.34 -34.73 47.57
CA SER Q 88 68.65 -34.17 47.87
C SER Q 88 68.83 -32.78 47.29
N LYS Q 89 67.75 -32.05 47.02
CA LYS Q 89 67.80 -30.83 46.21
C LYS Q 89 67.57 -29.56 47.01
N TYR Q 90 67.74 -29.60 48.33
CA TYR Q 90 67.50 -28.43 49.18
C TYR Q 90 68.57 -28.39 50.26
N ILE Q 91 68.36 -27.51 51.24
CA ILE Q 91 69.36 -27.30 52.29
C ILE Q 91 69.56 -28.59 53.08
N MET Q 92 70.80 -28.86 53.44
CA MET Q 92 71.14 -30.02 54.27
C MET Q 92 70.94 -29.71 55.75
N THR Q 93 69.71 -29.29 56.08
CA THR Q 93 69.36 -29.09 57.47
C THR Q 93 69.23 -30.46 58.14
N PRO Q 94 69.38 -30.52 59.47
CA PRO Q 94 69.29 -31.83 60.14
C PRO Q 94 67.98 -32.56 59.89
N LYS Q 95 66.87 -31.85 59.70
CA LYS Q 95 65.62 -32.52 59.38
C LYS Q 95 65.69 -33.19 58.02
N ARG Q 96 66.11 -32.45 56.99
CA ARG Q 96 66.13 -32.99 55.65
C ARG Q 96 67.16 -34.10 55.51
N MET Q 97 68.33 -33.92 56.12
CA MET Q 97 69.36 -34.96 56.05
C MET Q 97 68.90 -36.23 56.74
N SER Q 98 68.20 -36.09 57.87
CA SER Q 98 67.73 -37.27 58.60
C SER Q 98 66.76 -38.08 57.76
N MET Q 99 65.77 -37.42 57.15
CA MET Q 99 64.77 -38.16 56.38
C MET Q 99 65.36 -38.76 55.12
N ILE Q 100 66.32 -38.08 54.49
CA ILE Q 100 66.95 -38.63 53.29
C ILE Q 100 67.68 -39.92 53.63
N LEU Q 101 68.50 -39.89 54.67
CA LEU Q 101 69.18 -41.09 55.10
C LEU Q 101 68.19 -42.12 55.63
N GLN Q 102 67.18 -41.66 56.38
CA GLN Q 102 66.15 -42.56 56.87
C GLN Q 102 65.40 -43.21 55.71
N SER Q 103 65.05 -42.42 54.69
CA SER Q 103 64.33 -42.97 53.55
C SER Q 103 65.20 -43.98 52.80
N TYR Q 104 66.48 -43.68 52.63
CA TYR Q 104 67.36 -44.59 51.92
C TYR Q 104 67.52 -45.91 52.68
N THR Q 105 67.77 -45.81 53.98
CA THR Q 105 67.96 -47.02 54.79
C THR Q 105 66.62 -47.67 55.10
N GLY Q 106 65.57 -46.87 55.31
CA GLY Q 106 64.32 -47.36 55.81
C GLY Q 106 64.25 -47.51 57.32
N ALA Q 107 65.39 -47.39 58.02
CA ALA Q 107 65.45 -47.46 59.46
C ALA Q 107 65.50 -46.07 60.06
N ASN Q 108 64.92 -45.92 61.24
CA ASN Q 108 64.87 -44.62 61.90
C ASN Q 108 66.27 -44.10 62.19
N ILE Q 109 66.47 -42.80 61.95
CA ILE Q 109 67.77 -42.15 62.08
C ILE Q 109 67.59 -40.87 62.88
N LYS Q 110 68.52 -40.60 63.78
CA LYS Q 110 68.58 -39.35 64.53
C LYS Q 110 69.97 -38.75 64.34
N ILE Q 111 70.02 -37.53 63.81
CA ILE Q 111 71.28 -36.82 63.67
C ILE Q 111 71.59 -36.14 64.99
N ASN Q 112 72.82 -36.34 65.49
CA ASN Q 112 73.16 -35.89 66.83
C ASN Q 112 73.60 -34.43 66.87
N GLU Q 113 74.12 -33.90 65.76
CA GLU Q 113 74.78 -32.60 65.76
C GLU Q 113 75.96 -32.62 66.75
N ASN Q 114 76.94 -33.44 66.38
CA ASN Q 114 78.01 -33.86 67.28
C ASN Q 114 78.71 -32.67 67.94
N ILE Q 115 79.23 -32.94 69.14
CA ILE Q 115 79.87 -31.90 69.95
C ILE Q 115 81.14 -31.37 69.30
N SER Q 116 81.83 -32.21 68.52
CA SER Q 116 83.10 -31.81 67.95
C SER Q 116 82.90 -30.66 66.97
N PRO Q 117 83.93 -29.82 66.76
CA PRO Q 117 83.69 -28.52 66.11
C PRO Q 117 83.10 -28.60 64.72
N TYR Q 118 83.51 -29.58 63.92
CA TYR Q 118 83.07 -29.69 62.53
C TYR Q 118 82.79 -31.14 62.19
N THR Q 119 82.05 -31.83 63.05
CA THR Q 119 81.53 -33.17 62.76
C THR Q 119 80.07 -33.22 63.16
N PHE Q 120 79.33 -34.12 62.51
CA PHE Q 120 77.93 -34.38 62.82
C PHE Q 120 77.73 -35.87 63.02
N GLY Q 121 77.00 -36.22 64.07
CA GLY Q 121 76.79 -37.61 64.43
C GLY Q 121 75.49 -38.15 63.86
N VAL Q 122 75.49 -39.45 63.58
CA VAL Q 122 74.33 -40.15 63.04
C VAL Q 122 74.09 -41.38 63.90
N GLU Q 123 72.84 -41.57 64.30
CA GLU Q 123 72.44 -42.70 65.13
C GLU Q 123 71.23 -43.35 64.49
N LEU Q 124 71.33 -44.67 64.24
CA LEU Q 124 70.32 -45.42 63.52
C LEU Q 124 69.66 -46.44 64.45
N THR Q 125 68.38 -46.69 64.21
CA THR Q 125 67.60 -47.61 65.04
C THR Q 125 66.67 -48.42 64.15
N SER Q 126 66.64 -49.73 64.39
CA SER Q 126 65.76 -50.64 63.67
C SER Q 126 65.42 -51.81 64.56
N THR Q 127 64.13 -52.15 64.64
CA THR Q 127 63.72 -53.29 65.44
C THR Q 127 64.25 -54.60 64.86
N GLN Q 128 64.33 -54.71 63.54
CA GLN Q 128 64.71 -55.95 62.88
C GLN Q 128 66.21 -56.14 62.72
N GLY Q 129 67.02 -55.14 63.06
CA GLY Q 129 68.44 -55.22 62.83
C GLY Q 129 68.80 -54.92 61.39
N PHE Q 130 70.07 -55.14 61.09
CA PHE Q 130 70.67 -54.82 59.80
C PHE Q 130 71.50 -56.00 59.31
N PRO Q 131 71.81 -56.06 58.01
CA PRO Q 131 72.84 -57.01 57.55
C PRO Q 131 74.22 -56.60 58.02
N LYS Q 132 75.25 -57.36 57.62
CA LYS Q 132 76.63 -57.01 57.96
C LYS Q 132 77.24 -55.99 57.01
N ASP Q 133 76.55 -55.61 55.93
CA ASP Q 133 77.05 -54.67 54.94
C ASP Q 133 76.11 -53.48 54.85
N LEU Q 134 76.64 -52.28 55.13
CA LEU Q 134 75.90 -51.04 55.00
C LEU Q 134 76.78 -49.93 54.43
N GLU Q 135 77.78 -50.31 53.62
CA GLU Q 135 78.78 -49.34 53.20
C GLU Q 135 78.19 -48.26 52.30
N ASP Q 136 77.25 -48.63 51.43
CA ASP Q 136 76.73 -47.68 50.45
C ASP Q 136 76.04 -46.50 51.14
N LEU Q 137 75.48 -46.72 52.33
CA LEU Q 137 74.96 -45.61 53.11
C LEU Q 137 76.06 -44.60 53.41
N TYR Q 138 77.25 -45.09 53.79
CA TYR Q 138 78.36 -44.19 54.07
C TYR Q 138 78.85 -43.52 52.80
N LYS Q 139 78.76 -44.20 51.66
CA LYS Q 139 79.12 -43.58 50.39
C LYS Q 139 78.22 -42.38 50.11
N ARG Q 140 76.91 -42.56 50.27
CA ARG Q 140 75.98 -41.47 50.04
C ARG Q 140 76.19 -40.34 51.04
N VAL Q 141 76.42 -40.68 52.31
CA VAL Q 141 76.61 -39.66 53.34
C VAL Q 141 77.84 -38.82 53.02
N ASN Q 142 78.93 -39.47 52.61
CA ASN Q 142 80.11 -38.74 52.19
C ASN Q 142 79.80 -37.84 50.99
N VAL Q 143 79.03 -38.36 50.04
CA VAL Q 143 78.66 -37.57 48.87
C VAL Q 143 77.71 -36.46 49.25
N ILE Q 144 76.79 -36.72 50.19
CA ILE Q 144 75.70 -35.80 50.46
C ILE Q 144 76.07 -34.76 51.52
N LYS Q 145 76.98 -35.08 52.43
CA LYS Q 145 77.26 -34.20 53.54
C LYS Q 145 77.92 -32.91 53.06
N PRO Q 146 77.90 -31.85 53.88
CA PRO Q 146 78.75 -30.70 53.58
C PRO Q 146 80.21 -31.12 53.57
N SER Q 147 80.97 -30.54 52.63
CA SER Q 147 82.33 -31.01 52.40
C SER Q 147 83.26 -30.75 53.58
N HIS Q 148 82.91 -29.82 54.47
CA HIS Q 148 83.79 -29.42 55.56
C HIS Q 148 83.44 -30.09 56.89
N LEU Q 149 82.56 -31.09 56.89
CA LEU Q 149 82.14 -31.78 58.11
C LEU Q 149 82.45 -33.27 58.00
N ALA Q 150 83.02 -33.81 59.07
CA ALA Q 150 83.20 -35.25 59.21
C ALA Q 150 81.92 -35.87 59.76
N VAL Q 151 81.92 -37.19 59.90
CA VAL Q 151 80.73 -37.94 60.26
C VAL Q 151 81.11 -39.11 61.16
N SER Q 152 80.19 -39.45 62.05
CA SER Q 152 80.31 -40.62 62.94
C SER Q 152 78.99 -41.36 62.93
N TYR Q 153 79.06 -42.66 63.22
CA TYR Q 153 77.91 -43.55 63.14
C TYR Q 153 77.85 -44.44 64.37
N LYS Q 154 76.61 -44.78 64.76
CA LYS Q 154 76.38 -45.89 65.66
C LYS Q 154 75.03 -46.51 65.32
N LEU Q 155 74.97 -47.83 65.40
CA LEU Q 155 73.82 -48.62 64.97
C LEU Q 155 73.22 -49.31 66.18
N VAL Q 156 71.90 -49.26 66.30
CA VAL Q 156 71.16 -49.79 67.43
C VAL Q 156 70.03 -50.66 66.92
N SER Q 157 69.75 -51.74 67.65
CA SER Q 157 68.66 -52.64 67.29
C SER Q 157 67.36 -52.19 67.96
N MET R 1 -0.53 -65.58 -43.77
CA MET R 1 -0.03 -65.14 -42.43
C MET R 1 1.49 -64.94 -42.50
N ILE R 2 2.00 -64.03 -41.67
CA ILE R 2 3.43 -63.78 -41.62
C ILE R 2 4.13 -65.04 -41.17
N ALA R 3 5.25 -65.35 -41.83
CA ALA R 3 6.09 -66.48 -41.46
C ALA R 3 7.22 -66.06 -40.52
N SER R 4 7.79 -64.87 -40.73
CA SER R 4 8.90 -64.42 -39.92
C SER R 4 8.46 -64.22 -38.47
N LYS R 5 9.28 -64.70 -37.53
CA LYS R 5 8.99 -64.46 -36.12
C LYS R 5 8.99 -62.98 -35.81
N LYS R 6 10.00 -62.26 -36.28
CA LYS R 6 10.06 -60.83 -36.03
C LYS R 6 8.91 -60.10 -36.72
N GLY R 7 8.50 -60.56 -37.89
CA GLY R 7 7.40 -59.92 -38.58
C GLY R 7 6.10 -60.00 -37.79
N LYS R 8 5.82 -61.17 -37.20
CA LYS R 8 4.62 -61.32 -36.40
C LYS R 8 4.62 -60.35 -35.22
N GLU R 9 5.75 -60.25 -34.52
CA GLU R 9 5.85 -59.35 -33.38
C GLU R 9 5.65 -57.91 -33.82
N MET R 10 6.31 -57.50 -34.91
CA MET R 10 6.20 -56.12 -35.36
C MET R 10 4.78 -55.81 -35.81
N LEU R 11 4.12 -56.75 -36.50
CA LEU R 11 2.73 -56.54 -36.90
C LEU R 11 1.84 -56.40 -35.69
N LEU R 12 2.01 -57.27 -34.69
CA LEU R 12 1.20 -57.18 -33.48
C LEU R 12 1.43 -55.88 -32.73
N THR R 13 2.60 -55.26 -32.91
CA THR R 13 2.88 -54.00 -32.25
C THR R 13 1.99 -52.87 -32.78
N LEU R 14 1.42 -53.01 -33.97
CA LEU R 14 0.55 -52.00 -34.55
C LEU R 14 -0.89 -52.24 -34.13
N SER R 15 -1.80 -51.41 -34.65
CA SER R 15 -3.20 -51.52 -34.33
C SER R 15 -3.76 -52.85 -34.85
N PRO R 16 -4.81 -53.40 -34.23
CA PRO R 16 -5.24 -54.75 -34.59
C PRO R 16 -6.03 -54.84 -35.89
N ILE R 17 -6.13 -53.77 -36.68
CA ILE R 17 -6.96 -53.81 -37.88
C ILE R 17 -6.42 -54.76 -38.94
N TYR R 18 -5.14 -55.13 -38.88
CA TYR R 18 -4.47 -55.80 -39.99
C TYR R 18 -4.60 -57.31 -39.95
N GLU R 19 -5.66 -57.84 -39.34
CA GLU R 19 -5.84 -59.28 -39.32
C GLU R 19 -5.97 -59.84 -40.73
N GLN R 20 -6.79 -59.19 -41.57
CA GLN R 20 -7.05 -59.64 -42.92
C GLN R 20 -6.18 -58.96 -43.97
N SER R 21 -5.37 -57.98 -43.58
CA SER R 21 -4.58 -57.23 -44.56
C SER R 21 -3.48 -58.10 -45.12
N ILE R 22 -3.71 -58.65 -46.32
CA ILE R 22 -2.66 -59.40 -46.99
C ILE R 22 -1.49 -58.47 -47.30
N ILE R 23 -1.78 -57.23 -47.64
CA ILE R 23 -0.72 -56.28 -48.00
C ILE R 23 0.18 -56.03 -46.80
N MET R 24 -0.42 -55.68 -45.66
CA MET R 24 0.39 -55.39 -44.48
C MET R 24 1.09 -56.64 -43.97
N GLN R 25 0.38 -57.78 -44.00
CA GLN R 25 1.01 -59.03 -43.58
C GLN R 25 2.18 -59.38 -44.48
N SER R 26 2.00 -59.25 -45.79
CA SER R 26 3.09 -59.49 -46.72
C SER R 26 4.22 -58.50 -46.51
N LEU R 27 3.87 -57.25 -46.19
CA LEU R 27 4.89 -56.23 -45.99
C LEU R 27 5.77 -56.57 -44.80
N TYR R 28 5.16 -56.84 -43.65
CA TYR R 28 5.96 -57.10 -42.46
C TYR R 28 6.57 -58.49 -42.47
N GLU R 29 6.07 -59.39 -43.31
CA GLU R 29 6.81 -60.63 -43.56
C GLU R 29 8.15 -60.32 -44.19
N ALA R 30 8.17 -59.39 -45.15
CA ALA R 30 9.43 -58.99 -45.75
C ALA R 30 10.31 -58.25 -44.75
N ILE R 31 9.73 -57.35 -43.97
CA ILE R 31 10.51 -56.61 -42.98
C ILE R 31 11.04 -57.57 -41.92
N GLY R 32 10.20 -58.47 -41.44
CA GLY R 32 10.65 -59.43 -40.46
C GLY R 32 11.77 -60.32 -40.97
N SER R 33 11.74 -60.65 -42.26
CA SER R 33 12.79 -61.49 -42.83
C SER R 33 14.14 -60.81 -42.72
N GLU R 34 14.21 -59.52 -43.04
CA GLU R 34 15.48 -58.82 -42.99
C GLU R 34 15.99 -58.71 -41.56
N PHE R 35 15.09 -58.39 -40.62
CA PHE R 35 15.53 -58.29 -39.23
C PHE R 35 15.96 -59.65 -38.69
N ASP R 36 15.30 -60.72 -39.13
CA ASP R 36 15.76 -62.05 -38.78
C ASP R 36 17.17 -62.28 -39.31
N ASN R 37 17.43 -61.89 -40.56
CA ASN R 37 18.77 -62.06 -41.12
C ASN R 37 19.78 -61.22 -40.35
N LEU R 38 19.40 -59.99 -39.98
CA LEU R 38 20.32 -59.13 -39.25
C LEU R 38 20.66 -59.73 -37.89
N GLU R 39 19.67 -60.29 -37.19
CA GLU R 39 19.95 -60.93 -35.91
C GLU R 39 20.91 -62.09 -36.09
N LEU R 40 20.68 -62.92 -37.11
CA LEU R 40 21.64 -63.99 -37.40
C LEU R 40 23.00 -63.40 -37.79
N LEU R 41 23.00 -62.35 -38.59
CA LEU R 41 24.25 -61.70 -38.92
C LEU R 41 24.92 -61.13 -37.68
N ASP R 42 24.13 -60.54 -36.79
CA ASP R 42 24.69 -59.96 -35.57
C ASP R 42 25.38 -61.02 -34.73
N GLU R 43 24.74 -62.18 -34.59
CA GLU R 43 25.38 -63.28 -33.86
C GLU R 43 26.64 -63.73 -34.59
N GLU R 44 26.64 -63.68 -35.92
CA GLU R 44 27.82 -64.08 -36.67
C GLU R 44 28.99 -63.16 -36.38
N ILE R 45 28.73 -61.85 -36.25
CA ILE R 45 29.80 -60.91 -35.95
C ILE R 45 30.43 -61.24 -34.61
N GLU R 46 29.61 -61.67 -33.64
CA GLU R 46 30.15 -62.03 -32.33
C GLU R 46 31.20 -63.12 -32.42
N LEU R 47 31.00 -64.07 -33.34
CA LEU R 47 31.96 -65.15 -33.49
C LEU R 47 33.29 -64.63 -34.04
N GLN R 48 33.24 -63.63 -34.92
CA GLN R 48 34.46 -63.10 -35.50
C GLN R 48 35.35 -62.40 -34.47
N LEU R 49 34.78 -61.99 -33.34
CA LEU R 49 35.52 -61.17 -32.39
C LEU R 49 36.62 -61.94 -31.65
N PHE R 50 36.70 -63.26 -31.82
CA PHE R 50 37.64 -64.09 -31.10
C PHE R 50 38.38 -65.00 -32.07
N PRO R 51 39.63 -65.37 -31.78
CA PRO R 51 40.30 -66.33 -32.66
C PRO R 51 39.70 -67.72 -32.59
N GLN R 52 39.09 -68.08 -31.47
CA GLN R 52 38.59 -69.44 -31.30
C GLN R 52 37.40 -69.71 -32.21
N SER R 53 36.47 -68.76 -32.31
CA SER R 53 35.27 -68.89 -33.11
C SER R 53 35.30 -67.97 -34.33
N ALA R 54 36.49 -67.69 -34.85
CA ALA R 54 36.62 -66.67 -35.87
C ALA R 54 35.86 -67.04 -37.15
N THR R 55 35.94 -68.30 -37.55
CA THR R 55 35.25 -68.81 -38.76
C THR R 55 35.80 -68.03 -39.95
N TRP R 56 34.96 -67.51 -40.84
CA TRP R 56 35.46 -66.76 -42.00
C TRP R 56 36.28 -65.54 -41.60
N GLY R 57 36.08 -65.01 -40.40
CA GLY R 57 36.94 -63.95 -39.92
C GLY R 57 38.31 -64.40 -39.46
N LEU R 58 38.56 -65.72 -39.44
CA LEU R 58 39.86 -66.24 -39.04
C LEU R 58 40.98 -65.71 -39.91
N GLY R 59 40.69 -65.42 -41.17
CA GLY R 59 41.67 -64.75 -42.00
C GLY R 59 42.08 -63.42 -41.44
N PHE R 60 41.14 -62.70 -40.83
CA PHE R 60 41.48 -61.44 -40.18
C PHE R 60 42.45 -61.68 -39.03
N TRP R 61 42.17 -62.69 -38.22
CA TRP R 61 43.06 -63.04 -37.12
C TRP R 61 44.42 -63.46 -37.64
N GLU R 62 44.43 -64.28 -38.69
CA GLU R 62 45.70 -64.63 -39.33
C GLU R 62 46.37 -63.39 -39.89
N ASN R 63 45.58 -62.49 -40.49
CA ASN R 63 46.13 -61.22 -40.94
C ASN R 63 46.64 -60.40 -39.77
N ARG R 64 45.92 -60.42 -38.64
CA ARG R 64 46.33 -59.65 -37.47
C ARG R 64 47.67 -60.13 -36.95
N VAL R 65 47.85 -61.45 -36.84
CA VAL R 65 49.07 -62.01 -36.27
C VAL R 65 50.16 -62.26 -37.31
N GLY R 66 49.92 -61.90 -38.57
CA GLY R 66 50.94 -62.06 -39.59
C GLY R 66 51.05 -63.45 -40.17
N LEU R 67 50.25 -64.41 -39.71
CA LEU R 67 50.29 -65.74 -40.30
C LEU R 67 49.83 -65.69 -41.75
N ILE R 68 50.34 -66.64 -42.54
CA ILE R 68 49.98 -66.70 -43.96
C ILE R 68 48.52 -67.11 -44.06
N THR R 69 47.65 -66.16 -44.42
CA THR R 69 46.25 -66.47 -44.58
C THR R 69 46.06 -67.39 -45.79
N ASN R 70 45.25 -68.43 -45.61
CA ASN R 70 45.02 -69.39 -46.67
C ASN R 70 43.68 -70.08 -46.42
N LEU R 71 42.77 -69.98 -47.39
CA LEU R 71 41.44 -70.53 -47.20
C LEU R 71 41.42 -72.04 -47.33
N ASP R 72 42.20 -72.60 -48.28
CA ASP R 72 42.12 -74.03 -48.56
C ASP R 72 42.57 -74.88 -47.38
N GLU R 73 43.38 -74.35 -46.48
CA GLU R 73 43.76 -75.10 -45.30
C GLU R 73 42.55 -75.33 -44.41
N ASP R 74 42.66 -76.32 -43.53
CA ASP R 74 41.60 -76.57 -42.56
C ASP R 74 41.45 -75.38 -41.63
N MET R 75 40.20 -75.05 -41.31
CA MET R 75 39.95 -73.95 -40.40
C MET R 75 40.53 -74.23 -39.02
N GLU R 76 40.40 -75.47 -38.56
CA GLU R 76 40.95 -75.83 -37.25
C GLU R 76 42.47 -75.69 -37.25
N THR R 77 43.12 -76.06 -38.35
CA THR R 77 44.54 -75.84 -38.48
C THR R 77 44.87 -74.35 -38.38
N ARG R 78 44.08 -73.52 -39.05
CA ARG R 78 44.30 -72.08 -38.98
C ARG R 78 44.08 -71.56 -37.57
N ARG R 79 43.07 -72.08 -36.88
CA ARG R 79 42.84 -71.69 -35.50
C ARG R 79 44.02 -72.05 -34.62
N ARG R 80 44.52 -73.27 -34.76
CA ARG R 80 45.62 -73.74 -33.93
C ARG R 80 46.87 -72.91 -34.19
N LYS R 81 47.14 -72.58 -35.45
CA LYS R 81 48.28 -71.73 -35.76
C LYS R 81 48.14 -70.36 -35.10
N VAL R 82 46.93 -69.79 -35.16
CA VAL R 82 46.71 -68.45 -34.62
C VAL R 82 46.89 -68.45 -33.11
N ILE R 83 46.28 -69.42 -32.43
CA ILE R 83 46.30 -69.45 -30.98
C ILE R 83 47.73 -69.62 -30.48
N ALA R 84 48.49 -70.52 -31.12
CA ALA R 84 49.90 -70.67 -30.76
C ALA R 84 50.67 -69.39 -31.04
N LYS R 85 50.36 -68.72 -32.15
CA LYS R 85 51.07 -67.49 -32.51
C LYS R 85 50.86 -66.41 -31.47
N LEU R 86 49.63 -66.27 -30.97
CA LEU R 86 49.34 -65.21 -30.01
C LEU R 86 50.03 -65.46 -28.68
N GLN R 87 50.13 -66.72 -28.26
CA GLN R 87 50.58 -67.08 -26.93
C GLN R 87 52.10 -67.06 -26.78
N SER R 88 52.84 -66.64 -27.80
CA SER R 88 54.29 -66.73 -27.80
C SER R 88 54.96 -65.50 -27.20
N LYS R 89 54.26 -64.73 -26.36
CA LYS R 89 54.69 -63.39 -25.96
C LYS R 89 55.14 -63.32 -24.51
N TYR R 90 55.46 -64.44 -23.88
CA TYR R 90 55.88 -64.45 -22.47
C TYR R 90 57.02 -65.45 -22.31
N ILE R 91 57.36 -65.74 -21.05
CA ILE R 91 58.50 -66.61 -20.75
C ILE R 91 58.25 -67.99 -21.33
N MET R 92 59.31 -68.60 -21.86
CA MET R 92 59.25 -69.95 -22.39
C MET R 92 59.43 -70.98 -21.26
N THR R 93 58.56 -70.88 -20.26
CA THR R 93 58.54 -71.86 -19.20
C THR R 93 57.95 -73.16 -19.74
N PRO R 94 58.27 -74.30 -19.13
CA PRO R 94 57.72 -75.57 -19.67
C PRO R 94 56.22 -75.62 -19.75
N LYS R 95 55.50 -74.93 -18.87
CA LYS R 95 54.05 -74.88 -18.98
C LYS R 95 53.61 -74.14 -20.24
N ARG R 96 54.15 -72.94 -20.45
CA ARG R 96 53.74 -72.14 -21.59
C ARG R 96 54.17 -72.77 -22.90
N MET R 97 55.39 -73.32 -22.94
CA MET R 97 55.86 -73.95 -24.17
C MET R 97 55.01 -75.18 -24.50
N SER R 98 54.62 -75.95 -23.48
CA SER R 98 53.82 -77.14 -23.73
C SER R 98 52.48 -76.79 -24.35
N MET R 99 51.78 -75.79 -23.79
CA MET R 99 50.46 -75.46 -24.30
C MET R 99 50.53 -74.83 -25.68
N ILE R 100 51.58 -74.05 -25.95
CA ILE R 100 51.73 -73.44 -27.27
C ILE R 100 51.89 -74.53 -28.33
N LEU R 101 52.80 -75.46 -28.09
CA LEU R 101 52.96 -76.58 -29.01
C LEU R 101 51.72 -77.46 -29.02
N GLN R 102 51.14 -77.70 -27.85
CA GLN R 102 49.90 -78.47 -27.78
C GLN R 102 48.78 -77.79 -28.55
N SER R 103 48.65 -76.47 -28.40
CA SER R 103 47.61 -75.75 -29.12
C SER R 103 47.83 -75.81 -30.62
N TYR R 104 49.08 -75.66 -31.05
CA TYR R 104 49.37 -75.69 -32.48
C TYR R 104 49.08 -77.07 -33.06
N THR R 105 49.54 -78.12 -32.40
CA THR R 105 49.31 -79.47 -32.90
C THR R 105 47.88 -79.93 -32.61
N GLY R 106 47.34 -79.53 -31.46
CA GLY R 106 46.08 -80.06 -30.99
C GLY R 106 46.19 -81.36 -30.25
N ALA R 107 47.35 -82.01 -30.27
CA ALA R 107 47.60 -83.25 -29.56
C ALA R 107 48.34 -82.98 -28.26
N ASN R 108 48.06 -83.80 -27.24
CA ASN R 108 48.67 -83.60 -25.93
C ASN R 108 50.18 -83.72 -26.01
N ILE R 109 50.87 -82.82 -25.30
CA ILE R 109 52.32 -82.72 -25.32
C ILE R 109 52.81 -82.63 -23.89
N LYS R 110 53.91 -83.33 -23.61
CA LYS R 110 54.60 -83.26 -22.33
C LYS R 110 56.07 -82.95 -22.60
N ILE R 111 56.55 -81.84 -22.04
CA ILE R 111 57.95 -81.49 -22.15
C ILE R 111 58.73 -82.23 -21.08
N ASN R 112 59.79 -82.92 -21.49
CA ASN R 112 60.51 -83.80 -20.57
C ASN R 112 61.51 -83.07 -19.71
N GLU R 113 62.04 -81.93 -20.16
CA GLU R 113 63.19 -81.28 -19.52
C GLU R 113 64.37 -82.25 -19.49
N ASN R 114 64.85 -82.54 -20.70
CA ASN R 114 65.77 -83.64 -20.96
C ASN R 114 66.99 -83.61 -20.05
N ILE R 115 67.54 -84.80 -19.80
CA ILE R 115 68.65 -84.95 -18.88
C ILE R 115 69.91 -84.28 -19.42
N SER R 116 70.06 -84.19 -20.74
CA SER R 116 71.28 -83.66 -21.31
C SER R 116 71.44 -82.18 -20.94
N PRO R 117 72.68 -81.68 -20.91
CA PRO R 117 72.92 -80.39 -20.22
C PRO R 117 72.14 -79.22 -20.78
N TYR R 118 71.98 -79.15 -22.10
CA TYR R 118 71.32 -78.02 -22.75
C TYR R 118 70.41 -78.51 -23.87
N THR R 119 69.58 -79.51 -23.56
CA THR R 119 68.52 -79.95 -24.45
C THR R 119 67.24 -80.13 -23.64
N PHE R 120 66.11 -80.00 -24.32
CA PHE R 120 64.80 -80.23 -23.73
C PHE R 120 64.03 -81.21 -24.61
N GLY R 121 63.39 -82.18 -23.97
CA GLY R 121 62.67 -83.23 -24.67
C GLY R 121 61.20 -82.90 -24.80
N VAL R 122 60.60 -83.38 -25.89
CA VAL R 122 59.19 -83.19 -26.19
C VAL R 122 58.58 -84.56 -26.48
N GLU R 123 57.44 -84.84 -25.87
CA GLU R 123 56.74 -86.11 -26.04
C GLU R 123 55.29 -85.80 -26.34
N LEU R 124 54.77 -86.35 -27.45
CA LEU R 124 53.44 -86.05 -27.95
C LEU R 124 52.58 -87.29 -27.89
N THR R 125 51.28 -87.08 -27.67
CA THR R 125 50.32 -88.17 -27.54
C THR R 125 49.01 -87.78 -28.21
N SER R 126 48.47 -88.70 -28.99
CA SER R 126 47.19 -88.50 -29.66
C SER R 126 46.52 -89.85 -29.86
N THR R 127 45.24 -89.94 -29.51
CA THR R 127 44.51 -91.19 -29.70
C THR R 127 44.33 -91.52 -31.18
N GLN R 128 44.19 -90.50 -32.03
CA GLN R 128 43.89 -90.70 -33.44
C GLN R 128 45.13 -90.86 -34.31
N GLY R 129 46.33 -90.67 -33.74
CA GLY R 129 47.54 -90.71 -34.54
C GLY R 129 47.76 -89.41 -35.28
N PHE R 130 48.77 -89.43 -36.15
CA PHE R 130 49.24 -88.26 -36.89
C PHE R 130 49.40 -88.62 -38.36
N PRO R 131 49.47 -87.63 -39.26
CA PRO R 131 49.90 -87.91 -40.62
C PRO R 131 51.40 -88.24 -40.67
N LYS R 132 51.92 -88.47 -41.88
CA LYS R 132 53.35 -88.72 -42.03
C LYS R 132 54.18 -87.44 -42.10
N ASP R 133 53.56 -86.27 -42.12
CA ASP R 133 54.26 -84.99 -42.21
C ASP R 133 53.89 -84.13 -41.01
N LEU R 134 54.91 -83.75 -40.23
CA LEU R 134 54.75 -82.85 -39.09
C LEU R 134 55.91 -81.88 -38.99
N GLU R 135 56.53 -81.53 -40.13
CA GLU R 135 57.77 -80.77 -40.10
C GLU R 135 57.56 -79.37 -39.56
N ASP R 136 56.43 -78.73 -39.91
CA ASP R 136 56.22 -77.34 -39.52
C ASP R 136 56.20 -77.17 -38.01
N LEU R 137 55.80 -78.20 -37.27
CA LEU R 137 55.92 -78.16 -35.82
C LEU R 137 57.37 -77.98 -35.41
N TYR R 138 58.28 -78.70 -36.06
CA TYR R 138 59.70 -78.57 -35.75
C TYR R 138 60.22 -77.20 -36.17
N LYS R 139 59.69 -76.64 -37.25
CA LYS R 139 60.08 -75.30 -37.66
C LYS R 139 59.73 -74.29 -36.57
N ARG R 140 58.50 -74.36 -36.04
CA ARG R 140 58.10 -73.45 -34.98
C ARG R 140 58.91 -73.67 -33.72
N VAL R 141 59.17 -74.93 -33.37
CA VAL R 141 59.93 -75.23 -32.15
C VAL R 141 61.33 -74.65 -32.26
N ASN R 142 61.97 -74.81 -33.42
CA ASN R 142 63.27 -74.19 -33.64
C ASN R 142 63.19 -72.68 -33.53
N VAL R 143 62.14 -72.09 -34.09
CA VAL R 143 61.95 -70.65 -34.01
C VAL R 143 61.63 -70.23 -32.58
N ILE R 144 60.85 -71.03 -31.87
CA ILE R 144 60.31 -70.61 -30.58
C ILE R 144 61.23 -70.95 -29.42
N LYS R 145 62.06 -71.99 -29.54
CA LYS R 145 62.85 -72.45 -28.43
C LYS R 145 63.91 -71.41 -28.05
N PRO R 146 64.46 -71.48 -26.84
CA PRO R 146 65.66 -70.70 -26.54
C PRO R 146 66.79 -71.10 -27.47
N SER R 147 67.57 -70.11 -27.91
CA SER R 147 68.55 -70.36 -28.95
C SER R 147 69.67 -71.30 -28.52
N HIS R 148 69.89 -71.46 -27.22
CA HIS R 148 71.01 -72.25 -26.71
C HIS R 148 70.61 -73.67 -26.32
N LEU R 149 69.40 -74.11 -26.65
CA LEU R 149 68.92 -75.45 -26.29
C LEU R 149 68.55 -76.22 -27.53
N ALA R 150 69.00 -77.48 -27.59
CA ALA R 150 68.58 -78.40 -28.62
C ALA R 150 67.26 -79.06 -28.21
N VAL R 151 66.72 -79.89 -29.10
CA VAL R 151 65.39 -80.46 -28.92
C VAL R 151 65.38 -81.90 -29.41
N SER R 152 64.56 -82.72 -28.76
CA SER R 152 64.31 -84.10 -29.16
C SER R 152 62.82 -84.36 -29.12
N TYR R 153 62.38 -85.33 -29.92
CA TYR R 153 60.96 -85.62 -30.09
C TYR R 153 60.72 -87.12 -30.02
N LYS R 154 59.54 -87.48 -29.55
CA LYS R 154 58.98 -88.82 -29.74
C LYS R 154 57.47 -88.72 -29.80
N LEU R 155 56.88 -89.51 -30.67
CA LEU R 155 55.45 -89.46 -30.98
C LEU R 155 54.80 -90.76 -30.55
N VAL R 156 53.66 -90.67 -29.87
CA VAL R 156 52.96 -91.80 -29.32
C VAL R 156 51.50 -91.73 -29.73
N SER R 157 50.89 -92.88 -29.98
CA SER R 157 49.48 -92.95 -30.35
C SER R 157 48.62 -93.10 -29.09
N VAL S 2 -46.58 -10.19 -21.97
CA VAL S 2 -45.78 -11.37 -22.38
C VAL S 2 -44.30 -11.04 -22.33
N ILE S 3 -43.50 -12.02 -21.91
CA ILE S 3 -42.06 -11.86 -21.78
C ILE S 3 -41.39 -13.10 -22.36
N ASP S 4 -40.34 -12.88 -23.15
CA ASP S 4 -39.50 -13.96 -23.65
C ASP S 4 -38.07 -13.47 -23.68
N ILE S 5 -37.14 -14.42 -23.69
CA ILE S 5 -35.71 -14.13 -23.78
C ILE S 5 -35.16 -14.94 -24.93
N TYR S 6 -34.39 -14.29 -25.80
CA TYR S 6 -33.76 -14.94 -26.95
C TYR S 6 -32.28 -14.62 -26.94
N LEU S 7 -31.46 -15.65 -27.08
CA LEU S 7 -30.02 -15.50 -27.24
C LEU S 7 -29.66 -16.00 -28.63
N LYS S 8 -29.30 -15.08 -29.52
CA LYS S 8 -29.02 -15.39 -30.92
C LYS S 8 -27.51 -15.42 -31.11
N ASN S 9 -26.91 -16.55 -30.77
CA ASN S 9 -25.50 -16.76 -31.08
C ASN S 9 -25.33 -16.81 -32.59
N GLU S 10 -24.19 -16.31 -33.06
CA GLU S 10 -23.93 -16.17 -34.49
C GLU S 10 -22.70 -16.93 -34.95
N LYS S 11 -21.59 -16.89 -34.18
CA LYS S 11 -20.46 -17.74 -34.54
C LYS S 11 -20.84 -19.21 -34.48
N GLU S 12 -21.80 -19.56 -33.64
CA GLU S 12 -22.58 -20.78 -33.77
C GLU S 12 -24.00 -20.33 -34.07
N LYS S 13 -24.49 -20.66 -35.27
CA LYS S 13 -25.79 -20.16 -35.72
C LYS S 13 -26.88 -20.88 -34.93
N ILE S 14 -27.05 -20.44 -33.69
CA ILE S 14 -28.03 -20.98 -32.76
C ILE S 14 -28.88 -19.82 -32.26
N ASP S 15 -30.19 -20.00 -32.27
CA ASP S 15 -31.15 -19.01 -31.78
C ASP S 15 -31.83 -19.64 -30.57
N PHE S 16 -31.20 -19.51 -29.42
CA PHE S 16 -31.72 -20.11 -28.20
C PHE S 16 -32.84 -19.25 -27.63
N HIS S 17 -33.93 -19.90 -27.24
CA HIS S 17 -35.05 -19.27 -26.57
C HIS S 17 -35.23 -19.90 -25.21
N PHE S 18 -35.24 -19.08 -24.17
CA PHE S 18 -35.28 -19.60 -22.81
C PHE S 18 -36.61 -20.29 -22.57
N PRO S 19 -36.64 -21.56 -22.14
CA PRO S 19 -37.94 -22.19 -21.86
C PRO S 19 -38.70 -21.53 -20.73
N VAL S 20 -38.01 -20.83 -19.83
CA VAL S 20 -38.60 -20.32 -18.59
C VAL S 20 -38.22 -18.86 -18.42
N ASN S 21 -39.20 -18.06 -18.00
CA ASN S 21 -39.00 -16.64 -17.80
C ASN S 21 -38.10 -16.40 -16.59
N PRO S 22 -37.50 -15.21 -16.48
CA PRO S 22 -36.40 -15.02 -15.52
C PRO S 22 -36.87 -14.82 -14.07
N GLN S 23 -37.58 -15.83 -13.56
CA GLN S 23 -37.95 -15.96 -12.15
C GLN S 23 -38.58 -14.69 -11.57
N ASP S 24 -37.89 -13.98 -10.68
CA ASP S 24 -38.57 -13.03 -9.82
C ASP S 24 -38.69 -11.65 -10.46
N SER S 25 -37.57 -11.07 -10.87
CA SER S 25 -37.60 -9.72 -11.40
C SER S 25 -36.30 -9.40 -12.10
N LEU S 26 -36.41 -8.79 -13.27
CA LEU S 26 -35.27 -8.24 -13.99
C LEU S 26 -35.00 -6.83 -13.51
N SER S 27 -33.78 -6.36 -13.78
CA SER S 27 -33.41 -5.00 -13.41
C SER S 27 -32.11 -4.65 -14.10
N ILE S 28 -32.04 -3.44 -14.62
CA ILE S 28 -30.84 -2.91 -15.26
C ILE S 28 -30.56 -1.54 -14.67
N LYS S 29 -29.31 -1.31 -14.28
CA LYS S 29 -28.87 -0.05 -13.73
C LYS S 29 -28.29 0.83 -14.83
N LYS S 30 -28.18 2.12 -14.53
CA LYS S 30 -27.45 3.04 -15.38
C LYS S 30 -26.81 4.10 -14.48
N GLU S 31 -25.52 4.34 -14.68
CA GLU S 31 -24.74 5.19 -13.80
C GLU S 31 -23.84 6.06 -14.67
N LYS S 32 -23.99 7.37 -14.57
CA LYS S 32 -23.21 8.26 -15.42
C LYS S 32 -21.74 8.19 -15.04
N ARG S 33 -20.89 8.13 -16.05
CA ARG S 33 -19.45 8.01 -15.84
C ARG S 33 -18.89 9.39 -15.53
N PHE S 34 -18.56 9.62 -14.26
CA PHE S 34 -18.13 10.93 -13.79
C PHE S 34 -17.14 10.76 -12.65
N GLU S 35 -16.43 11.83 -12.35
CA GLU S 35 -15.45 11.87 -11.27
C GLU S 35 -15.70 13.10 -10.42
N THR S 36 -15.35 13.00 -9.14
CA THR S 36 -15.51 14.08 -8.19
C THR S 36 -14.16 14.72 -7.93
N VAL S 37 -14.14 16.05 -7.88
CA VAL S 37 -12.92 16.81 -7.59
C VAL S 37 -13.28 17.93 -6.63
N ASP S 38 -12.43 18.13 -5.63
CA ASP S 38 -12.55 19.24 -4.70
C ASP S 38 -11.66 20.38 -5.14
N ILE S 39 -12.06 21.60 -4.79
CA ILE S 39 -11.30 22.80 -5.11
C ILE S 39 -11.19 23.63 -3.84
N VAL S 40 -10.00 24.18 -3.60
CA VAL S 40 -9.74 24.91 -2.37
C VAL S 40 -10.70 26.09 -2.24
N ASN S 41 -11.31 26.22 -1.07
CA ASN S 41 -12.24 27.28 -0.73
C ASN S 41 -13.53 27.25 -1.55
N LEU S 42 -13.80 26.15 -2.25
CA LEU S 42 -15.06 25.97 -2.98
C LEU S 42 -15.72 24.64 -2.68
N GLY S 43 -14.94 23.58 -2.47
CA GLY S 43 -15.49 22.29 -2.13
C GLY S 43 -15.61 21.36 -3.31
N GLU S 44 -16.51 20.39 -3.21
CA GLU S 44 -16.59 19.31 -4.19
C GLU S 44 -17.26 19.79 -5.48
N PHE S 45 -16.93 19.11 -6.57
CA PHE S 45 -17.57 19.32 -7.86
C PHE S 45 -17.58 18.00 -8.61
N ASP S 46 -18.56 17.86 -9.51
CA ASP S 46 -18.72 16.65 -10.32
C ASP S 46 -18.30 16.96 -11.74
N ILE S 47 -17.32 16.21 -12.25
CA ILE S 47 -16.86 16.32 -13.62
C ILE S 47 -17.33 15.08 -14.36
N LYS S 48 -18.16 15.27 -15.38
CA LYS S 48 -18.57 14.16 -16.21
C LYS S 48 -17.40 13.67 -17.05
N LYS S 49 -17.26 12.35 -17.14
CA LYS S 49 -16.31 11.72 -18.05
C LYS S 49 -17.07 11.30 -19.30
N GLU S 50 -16.48 11.58 -20.46
CA GLU S 50 -17.22 11.46 -21.71
C GLU S 50 -17.62 10.03 -22.01
N GLY S 51 -16.78 9.06 -21.68
CA GLY S 51 -17.07 7.69 -22.04
C GLY S 51 -18.29 7.14 -21.33
N GLU S 52 -18.83 6.06 -21.89
CA GLU S 52 -19.98 5.38 -21.32
C GLU S 52 -19.50 4.33 -20.33
N LYS S 53 -20.41 3.46 -19.89
CA LYS S 53 -20.12 2.48 -18.84
C LYS S 53 -20.74 1.14 -19.20
N ILE S 54 -19.98 0.08 -18.96
CA ILE S 54 -20.50 -1.28 -19.14
C ILE S 54 -21.46 -1.58 -18.00
N ARG S 55 -22.63 -2.07 -18.33
CA ARG S 55 -23.66 -2.40 -17.35
C ARG S 55 -24.12 -3.83 -17.54
N GLU S 56 -24.59 -4.44 -16.46
CA GLU S 56 -24.84 -5.86 -16.37
C GLU S 56 -26.34 -6.15 -16.26
N ILE S 57 -26.72 -7.31 -16.79
CA ILE S 57 -28.06 -7.86 -16.64
C ILE S 57 -27.91 -9.27 -16.09
N SER S 58 -28.61 -9.57 -15.01
CA SER S 58 -28.52 -10.85 -14.34
C SER S 58 -29.89 -11.30 -13.90
N PHE S 59 -30.07 -12.61 -13.84
CA PHE S 59 -31.32 -13.22 -13.39
C PHE S 59 -31.03 -14.69 -13.12
N LYS S 60 -32.10 -15.46 -12.87
CA LYS S 60 -31.96 -16.88 -12.61
C LYS S 60 -33.22 -17.59 -13.08
N THR S 61 -33.06 -18.85 -13.45
CA THR S 61 -34.14 -19.65 -14.02
C THR S 61 -33.95 -21.10 -13.60
N PHE S 62 -34.82 -21.96 -14.12
CA PHE S 62 -34.63 -23.40 -14.05
C PHE S 62 -35.00 -23.98 -15.40
N LEU S 63 -34.19 -24.92 -15.88
CA LEU S 63 -34.41 -25.54 -17.18
C LEU S 63 -35.25 -26.80 -16.98
N PRO S 64 -36.56 -26.77 -17.19
CA PRO S 64 -37.38 -27.92 -16.81
C PRO S 64 -37.16 -29.10 -17.75
N ASN S 65 -37.43 -30.29 -17.22
CA ASN S 65 -37.24 -31.50 -18.00
C ASN S 65 -38.34 -31.67 -19.04
N LEU S 66 -39.59 -31.41 -18.65
CA LEU S 66 -40.74 -31.59 -19.52
C LEU S 66 -41.71 -30.45 -19.31
N TYR S 67 -42.14 -29.81 -20.40
CA TYR S 67 -43.06 -28.70 -20.33
C TYR S 67 -44.47 -29.17 -20.03
N SER S 75 -42.69 -23.13 -26.34
CA SER S 75 -43.00 -24.55 -25.99
C SER S 75 -41.91 -25.50 -26.50
N GLU S 76 -41.09 -25.04 -27.43
CA GLU S 76 -39.95 -25.84 -27.87
C GLU S 76 -39.01 -26.08 -26.69
N LEU S 77 -38.43 -27.28 -26.65
CA LEU S 77 -37.72 -27.73 -25.46
C LEU S 77 -36.52 -28.58 -25.87
N LYS S 78 -35.58 -28.71 -24.93
CA LYS S 78 -34.37 -29.51 -25.10
C LYS S 78 -33.90 -29.94 -23.73
N ASN S 79 -33.00 -30.93 -23.71
CA ASN S 79 -32.55 -31.48 -22.44
C ASN S 79 -31.81 -30.40 -21.64
N PRO S 80 -32.02 -30.32 -20.32
CA PRO S 80 -31.29 -29.30 -19.56
C PRO S 80 -29.78 -29.50 -19.57
N ILE S 81 -29.32 -30.75 -19.60
CA ILE S 81 -27.88 -31.01 -19.58
C ILE S 81 -27.24 -30.44 -20.85
N GLU S 82 -27.86 -30.72 -22.00
CA GLU S 82 -27.33 -30.18 -23.25
C GLU S 82 -27.38 -28.66 -23.26
N VAL S 83 -28.46 -28.09 -22.71
CA VAL S 83 -28.59 -26.63 -22.67
C VAL S 83 -27.48 -26.03 -21.83
N VAL S 84 -27.19 -26.63 -20.68
CA VAL S 84 -26.09 -26.15 -19.86
C VAL S 84 -24.77 -26.27 -20.60
N ALA S 85 -24.57 -27.40 -21.27
CA ALA S 85 -23.36 -27.56 -22.09
C ALA S 85 -23.33 -26.52 -23.20
N MET S 86 -24.49 -26.19 -23.76
CA MET S 86 -24.55 -25.17 -24.79
C MET S 86 -24.11 -23.82 -24.24
N LEU S 87 -24.69 -23.40 -23.12
CA LEU S 87 -24.38 -22.09 -22.57
C LEU S 87 -22.95 -22.04 -22.05
N GLU S 88 -22.51 -23.09 -21.36
CA GLU S 88 -21.14 -23.11 -20.84
C GLU S 88 -20.13 -23.03 -21.98
N LYS S 89 -20.45 -23.62 -23.12
CA LYS S 89 -19.63 -23.43 -24.31
C LYS S 89 -19.65 -21.96 -24.74
N TRP S 90 -20.82 -21.32 -24.68
CA TRP S 90 -20.93 -19.95 -25.12
C TRP S 90 -20.21 -18.98 -24.19
N VAL S 91 -19.96 -19.37 -22.94
CA VAL S 91 -19.29 -18.47 -22.01
C VAL S 91 -17.90 -18.13 -22.52
N ASP S 92 -17.19 -19.10 -23.05
CA ASP S 92 -15.85 -18.89 -23.58
C ASP S 92 -15.84 -18.28 -24.97
N GLN S 93 -17.00 -18.08 -25.59
CA GLN S 93 -17.03 -17.54 -26.94
C GLN S 93 -16.58 -16.08 -26.92
N ALA S 94 -15.51 -15.79 -27.67
CA ALA S 94 -15.04 -14.42 -27.78
C ALA S 94 -16.07 -13.55 -28.50
N GLU S 95 -16.71 -14.10 -29.52
CA GLU S 95 -17.67 -13.32 -30.29
C GLU S 95 -18.89 -12.99 -29.44
N PRO S 96 -19.60 -11.92 -29.77
CA PRO S 96 -20.71 -11.48 -28.92
C PRO S 96 -22.01 -12.21 -29.24
N LEU S 97 -22.91 -12.19 -28.27
CA LEU S 97 -24.25 -12.74 -28.39
C LEU S 97 -25.27 -11.62 -28.41
N ARG S 98 -26.33 -11.83 -29.16
CA ARG S 98 -27.44 -10.88 -29.22
C ARG S 98 -28.51 -11.35 -28.25
N LEU S 99 -28.84 -10.49 -27.28
CA LEU S 99 -29.85 -10.77 -26.27
C LEU S 99 -31.05 -9.87 -26.51
N ILE S 100 -32.23 -10.47 -26.59
CA ILE S 100 -33.49 -9.77 -26.78
C ILE S 100 -34.43 -10.19 -25.67
N ILE S 101 -35.03 -9.22 -25.00
CA ILE S 101 -35.97 -9.47 -23.91
C ILE S 101 -37.23 -8.67 -24.26
N THR S 102 -38.30 -9.38 -24.60
CA THR S 102 -39.49 -8.75 -25.16
C THR S 102 -40.16 -7.78 -24.20
N GLY S 103 -40.69 -8.29 -23.09
CA GLY S 103 -41.45 -7.44 -22.19
C GLY S 103 -40.59 -6.37 -21.54
N PHE S 104 -39.37 -6.74 -21.15
CA PHE S 104 -38.46 -5.76 -20.58
C PHE S 104 -38.02 -4.71 -21.59
N GLY S 105 -38.16 -5.00 -22.88
CA GLY S 105 -37.75 -4.04 -23.89
C GLY S 105 -36.26 -3.82 -23.95
N TYR S 106 -35.47 -4.89 -23.85
CA TYR S 106 -34.02 -4.83 -24.00
C TYR S 106 -33.59 -5.54 -25.27
N ASN S 107 -32.64 -4.94 -25.97
CA ASN S 107 -32.16 -5.49 -27.23
C ASN S 107 -30.79 -4.92 -27.49
N GLY S 108 -29.77 -5.76 -27.45
CA GLY S 108 -28.42 -5.31 -27.71
C GLY S 108 -27.44 -6.45 -27.52
N LEU S 109 -26.28 -6.29 -28.15
CA LEU S 109 -25.25 -7.31 -28.07
C LEU S 109 -24.70 -7.40 -26.65
N VAL S 110 -24.58 -8.62 -26.14
CA VAL S 110 -24.06 -8.88 -24.81
C VAL S 110 -23.16 -10.10 -24.87
N THR S 111 -22.44 -10.33 -23.77
CA THR S 111 -21.60 -11.50 -23.61
C THR S 111 -21.78 -12.03 -22.20
N ILE S 112 -21.82 -13.34 -22.05
CA ILE S 112 -22.07 -13.96 -20.75
C ILE S 112 -20.82 -13.81 -19.90
N SER S 113 -20.96 -13.16 -18.74
CA SER S 113 -19.83 -13.02 -17.83
C SER S 113 -19.68 -14.27 -16.98
N SER S 114 -20.74 -14.65 -16.27
CA SER S 114 -20.73 -15.78 -15.36
C SER S 114 -21.96 -16.65 -15.62
N PHE S 115 -21.83 -17.92 -15.30
CA PHE S 115 -22.90 -18.88 -15.48
C PHE S 115 -22.76 -19.97 -14.43
N SER S 116 -23.89 -20.46 -13.95
CA SER S 116 -23.89 -21.49 -12.93
C SER S 116 -25.18 -22.28 -12.99
N ASN S 117 -25.07 -23.59 -12.85
CA ASN S 117 -26.21 -24.50 -12.80
C ASN S 117 -26.27 -25.10 -11.40
N THR S 118 -27.40 -25.76 -11.11
CA THR S 118 -27.57 -26.35 -9.79
C THR S 118 -28.66 -27.41 -9.87
N GLN S 119 -28.43 -28.53 -9.20
CA GLN S 119 -29.39 -29.60 -9.04
C GLN S 119 -29.90 -29.58 -7.60
N THR S 120 -31.17 -29.28 -7.42
CA THR S 120 -31.74 -29.28 -6.09
C THR S 120 -31.94 -30.72 -5.61
N ALA S 121 -32.26 -30.88 -4.33
CA ALA S 121 -32.41 -32.22 -3.75
C ALA S 121 -33.46 -33.03 -4.50
N GLY S 122 -34.70 -32.54 -4.52
CA GLY S 122 -35.68 -33.05 -5.45
C GLY S 122 -35.41 -32.50 -6.83
N ARG S 123 -36.37 -32.72 -7.72
CA ARG S 123 -36.39 -32.16 -9.07
C ARG S 123 -35.04 -32.35 -9.77
N GLU S 124 -34.52 -33.57 -9.65
CA GLU S 124 -33.14 -33.85 -10.07
C GLU S 124 -32.95 -33.64 -11.57
N GLU S 125 -34.03 -33.77 -12.36
CA GLU S 125 -33.89 -33.57 -13.80
C GLU S 125 -33.67 -32.10 -14.13
N ASP S 126 -34.38 -31.21 -13.45
CA ASP S 126 -34.24 -29.79 -13.74
C ASP S 126 -32.88 -29.27 -13.29
N ARG S 127 -32.52 -28.09 -13.78
CA ARG S 127 -31.26 -27.44 -13.44
C ARG S 127 -31.55 -25.97 -13.18
N ASP S 128 -31.44 -25.55 -11.92
CA ASP S 128 -31.57 -24.14 -11.60
C ASP S 128 -30.37 -23.38 -12.16
N ILE S 129 -30.65 -22.31 -12.90
CA ILE S 129 -29.63 -21.55 -13.60
C ILE S 129 -29.58 -20.15 -13.00
N GLU S 130 -28.36 -19.61 -12.88
CA GLU S 130 -28.14 -18.22 -12.54
C GLU S 130 -27.10 -17.68 -13.51
N ILE S 131 -27.50 -16.71 -14.33
CA ILE S 131 -26.69 -16.22 -15.43
C ILE S 131 -26.57 -14.71 -15.34
N THR S 132 -25.46 -14.19 -15.83
CA THR S 132 -25.18 -12.76 -15.85
C THR S 132 -24.61 -12.38 -17.20
N PHE S 133 -25.06 -11.23 -17.72
CA PHE S 133 -24.62 -10.71 -19.00
C PHE S 133 -23.94 -9.37 -18.82
N ARG S 134 -23.05 -9.05 -19.75
CA ARG S 134 -22.39 -7.76 -19.82
C ARG S 134 -22.70 -7.12 -21.16
N THR S 135 -23.00 -5.83 -21.15
CA THR S 135 -23.18 -5.10 -22.39
C THR S 135 -21.90 -5.18 -23.20
N TYR S 136 -22.05 -5.48 -24.49
CA TYR S 136 -20.90 -5.70 -25.37
C TYR S 136 -20.63 -4.45 -26.19
N ARG S 137 -19.36 -4.19 -26.45
CA ARG S 137 -18.94 -3.13 -27.33
C ARG S 137 -17.77 -3.65 -28.18
N GLU S 138 -17.46 -2.90 -29.23
CA GLU S 138 -16.45 -3.30 -30.20
C GLU S 138 -15.34 -2.24 -30.24
N LEU S 139 -14.13 -2.71 -30.49
CA LEU S 139 -12.95 -1.85 -30.61
C LEU S 139 -12.54 -1.80 -32.08
N LYS S 140 -12.80 -0.66 -32.72
CA LYS S 140 -12.49 -0.48 -34.14
C LYS S 140 -11.17 0.28 -34.24
N ILE S 141 -10.08 -0.44 -34.02
CA ILE S 141 -8.74 0.15 -34.05
C ILE S 141 -8.39 0.67 -35.43
N SER S 150 -6.31 9.06 -45.13
CA SER S 150 -5.88 10.09 -46.12
C SER S 150 -7.10 10.83 -46.68
N ASN S 151 -6.90 12.09 -47.06
CA ASN S 151 -7.95 12.93 -47.61
C ASN S 151 -9.11 13.06 -46.62
N THR S 152 -8.79 13.71 -45.50
CA THR S 152 -9.75 13.86 -44.41
C THR S 152 -11.00 14.60 -44.87
N LYS S 153 -12.15 14.04 -44.52
CA LYS S 153 -13.45 14.59 -44.92
C LYS S 153 -14.53 13.81 -44.18
N THR S 154 -15.67 14.45 -43.97
CA THR S 154 -16.76 13.81 -43.24
C THR S 154 -17.30 12.62 -44.03
N ASP S 155 -17.66 11.57 -43.29
CA ASP S 155 -18.16 10.34 -43.89
C ASP S 155 -19.04 9.64 -42.86
N LEU S 156 -19.68 8.55 -43.29
CA LEU S 156 -20.56 7.81 -42.40
C LEU S 156 -19.79 7.24 -41.22
N LYS S 157 -20.42 7.29 -40.05
CA LYS S 157 -19.80 6.72 -38.86
C LYS S 157 -19.81 5.20 -38.93
N ASP S 158 -18.84 4.58 -38.25
CA ASP S 158 -18.75 3.12 -38.19
C ASP S 158 -19.45 2.60 -36.93
N ASN S 159 -20.73 2.93 -36.83
CA ASN S 159 -21.52 2.54 -35.66
C ASN S 159 -22.12 1.15 -35.78
N ARG S 160 -22.31 0.64 -36.99
CA ARG S 160 -22.98 -0.63 -37.17
C ARG S 160 -22.14 -1.75 -36.57
N PRO S 161 -22.64 -2.54 -35.62
CA PRO S 161 -21.92 -3.76 -35.27
C PRO S 161 -21.85 -4.70 -36.45
N ASN S 162 -20.69 -5.33 -36.63
CA ASN S 162 -20.42 -6.18 -37.79
C ASN S 162 -20.68 -7.65 -37.49
N THR S 163 -21.66 -7.94 -36.64
CA THR S 163 -21.94 -9.31 -36.23
C THR S 163 -22.63 -10.07 -37.35
N GLN S 164 -21.84 -10.73 -38.20
CA GLN S 164 -22.37 -11.61 -39.22
C GLN S 164 -21.33 -12.69 -39.50
N THR S 165 -21.80 -13.91 -39.73
CA THR S 165 -20.94 -15.08 -39.85
C THR S 165 -21.29 -15.86 -41.11
N LYS S 166 -20.26 -16.47 -41.69
CA LYS S 166 -20.39 -17.27 -42.89
C LYS S 166 -19.56 -18.53 -42.74
N SER S 167 -19.92 -19.55 -43.52
CA SER S 167 -19.18 -20.81 -43.47
C SER S 167 -17.74 -20.60 -43.91
N LYS S 168 -16.84 -21.38 -43.29
CA LYS S 168 -15.43 -21.29 -43.63
C LYS S 168 -15.11 -21.89 -44.99
N ILE S 169 -16.05 -22.56 -45.64
CA ILE S 169 -15.87 -23.12 -46.97
C ILE S 169 -17.01 -22.63 -47.85
N TYR S 170 -16.67 -22.14 -49.04
CA TYR S 170 -17.61 -21.55 -49.97
C TYR S 170 -17.74 -22.42 -51.21
N THR S 171 -18.97 -22.60 -51.67
CA THR S 171 -19.27 -23.29 -52.91
C THR S 171 -19.55 -22.24 -53.99
N VAL S 172 -18.73 -22.25 -55.03
CA VAL S 172 -18.84 -21.21 -56.06
C VAL S 172 -20.13 -21.40 -56.83
N LYS S 173 -20.85 -20.29 -57.03
CA LYS S 173 -22.06 -20.26 -57.82
C LYS S 173 -21.75 -19.82 -59.25
N ALA S 174 -22.79 -19.83 -60.09
CA ALA S 174 -22.60 -19.65 -61.52
C ALA S 174 -22.06 -18.27 -61.85
N SER S 175 -22.70 -17.22 -61.33
CA SER S 175 -22.34 -15.86 -61.68
C SER S 175 -21.14 -15.33 -60.90
N ASP S 176 -20.60 -16.10 -59.96
CA ASP S 176 -19.58 -15.59 -59.06
C ASP S 176 -18.29 -15.30 -59.81
N THR S 177 -17.53 -14.35 -59.28
CA THR S 177 -16.16 -14.09 -59.68
C THR S 177 -15.33 -13.97 -58.41
N LEU S 178 -14.04 -14.25 -58.54
CA LEU S 178 -13.18 -14.33 -57.35
C LEU S 178 -13.16 -13.01 -56.60
N TYR S 179 -13.18 -11.89 -57.32
CA TYR S 179 -13.28 -10.61 -56.64
C TYR S 179 -14.60 -10.49 -55.88
N LYS S 180 -15.70 -10.93 -56.51
CA LYS S 180 -17.00 -10.81 -55.87
C LYS S 180 -17.05 -11.66 -54.60
N ILE S 181 -16.45 -12.85 -54.63
CA ILE S 181 -16.44 -13.71 -53.45
C ILE S 181 -15.67 -13.04 -52.33
N ALA S 182 -14.56 -12.38 -52.66
CA ALA S 182 -13.76 -11.71 -51.63
C ALA S 182 -14.56 -10.62 -50.95
N LYS S 183 -15.29 -9.82 -51.72
CA LYS S 183 -16.02 -8.72 -51.11
C LYS S 183 -17.19 -9.21 -50.29
N ASN S 184 -17.97 -10.14 -50.85
CA ASN S 184 -19.13 -10.67 -50.12
C ASN S 184 -18.72 -11.41 -48.87
N LEU S 185 -17.58 -12.11 -48.92
CA LEU S 185 -17.19 -13.06 -47.89
C LEU S 185 -15.95 -12.65 -47.12
N LEU S 186 -15.22 -11.62 -47.55
CA LEU S 186 -14.04 -11.16 -46.84
C LEU S 186 -13.91 -9.64 -46.79
N GLY S 187 -14.96 -8.89 -47.13
CA GLY S 187 -14.96 -7.46 -46.92
C GLY S 187 -14.53 -6.62 -48.10
N LYS S 188 -13.25 -6.23 -48.14
CA LYS S 188 -12.82 -5.18 -49.06
C LYS S 188 -12.94 -5.59 -50.51
N GLY S 189 -12.89 -6.89 -50.81
CA GLY S 189 -12.93 -7.37 -52.17
C GLY S 189 -11.57 -7.44 -52.84
N SER S 190 -10.69 -6.49 -52.56
CA SER S 190 -9.30 -6.60 -53.01
C SER S 190 -8.54 -7.70 -52.27
N ARG S 191 -9.13 -8.28 -51.22
CA ARG S 191 -8.59 -9.40 -50.46
C ARG S 191 -8.59 -10.70 -51.24
N TRP S 192 -8.98 -10.75 -52.52
CA TRP S 192 -9.03 -12.02 -53.23
C TRP S 192 -7.71 -12.80 -53.24
N PRO S 193 -6.51 -12.21 -53.33
CA PRO S 193 -5.31 -13.06 -53.36
C PRO S 193 -5.14 -13.87 -52.10
N GLU S 194 -5.70 -13.43 -50.98
CA GLU S 194 -5.67 -14.24 -49.77
C GLU S 194 -6.42 -15.55 -49.99
N ILE S 195 -7.55 -15.50 -50.69
CA ILE S 195 -8.27 -16.73 -51.02
C ILE S 195 -7.44 -17.56 -51.99
N TYR S 196 -6.88 -16.93 -53.01
CA TYR S 196 -6.19 -17.68 -54.06
C TYR S 196 -4.91 -18.31 -53.53
N ASN S 197 -4.12 -17.57 -52.75
CA ASN S 197 -2.81 -18.04 -52.34
C ASN S 197 -2.86 -19.26 -51.44
N ILE S 198 -4.02 -19.59 -50.87
CA ILE S 198 -4.11 -20.83 -50.11
C ILE S 198 -3.86 -22.01 -51.06
N PRO S 199 -2.94 -22.94 -50.77
CA PRO S 199 -2.63 -23.98 -51.75
C PRO S 199 -3.82 -24.86 -52.13
N GLU S 200 -4.73 -25.12 -51.19
CA GLU S 200 -5.92 -25.89 -51.53
C GLU S 200 -6.77 -25.13 -52.56
N ASN S 201 -6.92 -23.82 -52.36
CA ASN S 201 -7.63 -23.02 -53.35
C ASN S 201 -6.88 -22.98 -54.67
N LYS S 202 -5.54 -22.91 -54.61
CA LYS S 202 -4.76 -22.95 -55.84
C LYS S 202 -4.94 -24.26 -56.57
N LYS S 203 -5.01 -25.37 -55.83
CA LYS S 203 -5.17 -26.67 -56.48
C LYS S 203 -6.52 -26.78 -57.17
N VAL S 204 -7.60 -26.47 -56.46
CA VAL S 204 -8.92 -26.62 -57.05
C VAL S 204 -9.14 -25.58 -58.14
N ILE S 205 -8.74 -24.35 -57.90
CA ILE S 205 -8.89 -23.29 -58.90
C ILE S 205 -7.85 -23.51 -59.98
N GLY S 206 -8.17 -23.10 -61.20
CA GLY S 206 -7.18 -23.11 -62.25
C GLY S 206 -6.05 -22.15 -61.96
N LYS S 207 -5.00 -22.25 -62.78
CA LYS S 207 -3.88 -21.34 -62.60
C LYS S 207 -4.25 -19.90 -62.90
N ASN S 208 -5.34 -19.67 -63.65
CA ASN S 208 -5.85 -18.33 -63.88
C ASN S 208 -6.82 -17.99 -62.76
N PRO S 209 -6.55 -17.00 -61.90
CA PRO S 209 -7.56 -16.63 -60.91
C PRO S 209 -8.83 -16.09 -61.54
N ASN S 210 -8.73 -15.45 -62.70
CA ASN S 210 -9.90 -14.83 -63.30
C ASN S 210 -10.93 -15.85 -63.77
N ILE S 211 -10.55 -17.11 -63.91
CA ILE S 211 -11.45 -18.17 -64.37
C ILE S 211 -11.84 -19.02 -63.16
N ILE S 212 -13.13 -19.32 -63.05
CA ILE S 212 -13.65 -20.10 -61.94
C ILE S 212 -14.91 -20.81 -62.43
N LYS S 213 -15.31 -21.85 -61.69
CA LYS S 213 -16.42 -22.70 -62.09
C LYS S 213 -17.41 -22.86 -60.94
N LYS S 214 -18.67 -23.03 -61.31
CA LYS S 214 -19.70 -23.36 -60.34
C LYS S 214 -19.42 -24.73 -59.71
N GLY S 215 -19.78 -24.85 -58.44
CA GLY S 215 -19.63 -26.11 -57.72
C GLY S 215 -19.36 -25.90 -56.25
N LYS S 217 -16.70 -25.12 -57.66
CA LYS S 217 -15.50 -25.48 -56.91
C LYS S 217 -15.59 -25.02 -55.46
N LEU S 218 -15.32 -25.93 -54.53
CA LEU S 218 -15.24 -25.56 -53.13
C LEU S 218 -14.01 -24.68 -52.89
N VAL S 219 -14.19 -23.59 -52.15
CA VAL S 219 -13.16 -22.62 -51.89
C VAL S 219 -13.14 -22.30 -50.41
N ILE S 220 -11.95 -22.11 -49.85
CA ILE S 220 -11.77 -21.93 -48.42
C ILE S 220 -11.34 -20.50 -48.12
N PRO S 221 -12.25 -19.63 -47.67
CA PRO S 221 -11.80 -18.31 -47.19
C PRO S 221 -10.87 -18.45 -45.99
N SER S 222 -9.93 -17.52 -45.90
CA SER S 222 -8.97 -17.54 -44.80
C SER S 222 -9.67 -17.21 -43.49
N LYS S 223 -9.03 -17.61 -42.40
CA LYS S 223 -9.56 -17.41 -41.05
C LYS S 223 -10.95 -18.01 -40.89
N VAL T 2 -49.32 18.08 0.73
CA VAL T 2 -49.16 17.65 -0.69
C VAL T 2 -47.68 17.60 -1.05
N ILE T 3 -47.31 16.62 -1.87
CA ILE T 3 -45.94 16.42 -2.30
C ILE T 3 -45.95 16.13 -3.79
N ASP T 4 -45.02 16.75 -4.52
CA ASP T 4 -44.81 16.46 -5.93
C ASP T 4 -43.32 16.57 -6.21
N ILE T 5 -42.89 15.95 -7.30
CA ILE T 5 -41.51 16.00 -7.75
C ILE T 5 -41.52 16.41 -9.21
N TYR T 6 -40.72 17.41 -9.54
CA TYR T 6 -40.60 17.91 -10.91
C TYR T 6 -39.14 17.91 -11.31
N LEU T 7 -38.86 17.36 -12.48
CA LEU T 7 -37.53 17.39 -13.09
C LEU T 7 -37.64 18.21 -14.37
N LYS T 8 -37.08 19.41 -14.36
CA LYS T 8 -37.18 20.35 -15.46
C LYS T 8 -35.87 20.31 -16.24
N ASN T 9 -35.75 19.32 -17.12
CA ASN T 9 -34.62 19.29 -18.04
C ASN T 9 -34.72 20.49 -18.98
N GLU T 10 -33.56 21.02 -19.37
CA GLU T 10 -33.48 22.23 -20.16
C GLU T 10 -32.77 22.04 -21.49
N LYS T 11 -31.67 21.29 -21.53
CA LYS T 11 -31.07 20.98 -22.82
C LYS T 11 -32.02 20.17 -23.68
N GLU T 12 -32.89 19.40 -23.05
CA GLU T 12 -34.12 18.92 -23.67
C GLU T 12 -35.26 19.57 -22.90
N LYS T 13 -36.02 20.43 -23.57
CA LYS T 13 -37.03 21.24 -22.90
C LYS T 13 -38.19 20.33 -22.53
N ILE T 14 -37.97 19.57 -21.46
CA ILE T 14 -38.94 18.62 -20.92
C ILE T 14 -39.13 18.94 -19.45
N ASP T 15 -40.38 19.06 -19.03
CA ASP T 15 -40.73 19.33 -17.63
C ASP T 15 -41.42 18.07 -17.12
N PHE T 16 -40.63 17.12 -16.66
CA PHE T 16 -41.16 15.85 -16.20
C PHE T 16 -41.71 15.99 -14.78
N HIS T 17 -42.90 15.44 -14.55
CA HIS T 17 -43.52 15.39 -13.24
C HIS T 17 -43.73 13.93 -12.87
N PHE T 18 -43.22 13.53 -11.72
CA PHE T 18 -43.28 12.13 -11.33
C PHE T 18 -44.72 11.70 -11.12
N PRO T 19 -45.23 10.65 -11.77
CA PRO T 19 -46.61 10.24 -11.51
C PRO T 19 -46.84 9.77 -10.09
N VAL T 20 -45.80 9.35 -9.39
CA VAL T 20 -45.92 8.68 -8.09
C VAL T 20 -44.94 9.30 -7.11
N ASN T 21 -45.40 9.52 -5.90
CA ASN T 21 -44.60 10.11 -4.85
C ASN T 21 -43.50 9.14 -4.40
N PRO T 22 -42.44 9.64 -3.74
CA PRO T 22 -41.24 8.81 -3.55
C PRO T 22 -41.36 7.78 -2.42
N GLN T 23 -42.34 6.90 -2.55
CA GLN T 23 -42.51 5.71 -1.71
C GLN T 23 -42.45 6.02 -0.22
N ASP T 24 -41.39 5.59 0.49
CA ASP T 24 -41.47 5.50 1.94
C ASP T 24 -41.10 6.81 2.61
N SER T 25 -39.92 7.34 2.31
CA SER T 25 -39.46 8.53 3.00
C SER T 25 -38.26 9.14 2.28
N LEU T 26 -38.30 10.45 2.14
CA LEU T 26 -37.16 11.21 1.65
C LEU T 26 -36.25 11.57 2.81
N SER T 27 -35.01 11.90 2.48
CA SER T 27 -34.04 12.28 3.50
C SER T 27 -32.83 12.87 2.82
N ILE T 28 -32.33 13.98 3.35
CA ILE T 28 -31.13 14.65 2.86
C ILE T 28 -30.21 14.89 4.04
N LYS T 29 -28.95 14.53 3.88
CA LYS T 29 -27.94 14.74 4.89
C LYS T 29 -27.23 16.08 4.67
N LYS T 30 -26.54 16.53 5.70
CA LYS T 30 -25.61 17.65 5.57
C LYS T 30 -24.48 17.43 6.54
N GLU T 31 -23.24 17.58 6.05
CA GLU T 31 -22.05 17.24 6.81
C GLU T 31 -21.01 18.33 6.57
N LYS T 32 -20.58 18.99 7.62
CA LYS T 32 -19.64 20.08 7.44
C LYS T 32 -18.30 19.55 6.97
N ARG T 33 -17.70 20.26 6.02
CA ARG T 33 -16.44 19.84 5.43
C ARG T 33 -15.31 20.28 6.36
N PHE T 34 -14.70 19.33 7.05
CA PHE T 34 -13.69 19.62 8.05
C PHE T 34 -12.72 18.46 8.13
N GLU T 35 -11.57 18.73 8.75
CA GLU T 35 -10.52 17.74 8.95
C GLU T 35 -10.09 17.76 10.41
N THR T 36 -9.65 16.61 10.89
CA THR T 36 -9.18 16.46 12.27
C THR T 36 -7.67 16.44 12.28
N VAL T 37 -7.09 17.15 13.24
CA VAL T 37 -5.65 17.19 13.42
C VAL T 37 -5.34 17.07 14.91
N ASP T 38 -4.35 16.26 15.24
CA ASP T 38 -3.85 16.13 16.60
C ASP T 38 -2.62 17.00 16.78
N ILE T 39 -2.42 17.45 18.01
CA ILE T 39 -1.28 18.28 18.38
C ILE T 39 -0.64 17.66 19.62
N VAL T 40 0.70 17.63 19.62
CA VAL T 40 1.42 16.99 20.71
C VAL T 40 1.09 17.66 22.03
N ASN T 41 0.76 16.84 23.03
CA ASN T 41 0.43 17.27 24.38
C ASN T 41 -0.85 18.09 24.46
N LEU T 42 -1.67 18.08 23.42
CA LEU T 42 -2.97 18.73 23.42
C LEU T 42 -4.08 17.83 22.92
N GLY T 43 -3.80 16.97 21.95
CA GLY T 43 -4.78 16.02 21.45
C GLY T 43 -5.47 16.50 20.20
N GLU T 44 -6.65 15.96 19.94
CA GLU T 44 -7.34 16.18 18.67
C GLU T 44 -7.92 17.59 18.59
N PHE T 45 -8.08 18.07 17.37
CA PHE T 45 -8.74 19.33 17.09
C PHE T 45 -9.43 19.22 15.74
N ASP T 46 -10.50 19.99 15.57
CA ASP T 46 -11.28 20.02 14.34
C ASP T 46 -10.99 21.32 13.60
N ILE T 47 -10.52 21.21 12.36
CA ILE T 47 -10.27 22.34 11.49
C ILE T 47 -11.33 22.31 10.40
N LYS T 48 -12.15 23.35 10.34
CA LYS T 48 -13.12 23.45 9.27
C LYS T 48 -12.40 23.72 7.95
N LYS T 49 -12.85 23.07 6.90
CA LYS T 49 -12.41 23.34 5.54
C LYS T 49 -13.46 24.24 4.88
N GLU T 50 -12.99 25.26 4.18
CA GLU T 50 -13.88 26.31 3.71
C GLU T 50 -14.90 25.81 2.70
N GLY T 51 -14.50 24.89 1.83
CA GLY T 51 -15.39 24.45 0.77
C GLY T 51 -16.60 23.71 1.30
N GLU T 52 -17.63 23.68 0.46
CA GLU T 52 -18.86 22.96 0.78
C GLU T 52 -18.72 21.50 0.36
N LYS T 53 -19.83 20.76 0.38
CA LYS T 53 -19.83 19.33 0.12
C LYS T 53 -21.01 18.95 -0.76
N ILE T 54 -20.75 18.09 -1.73
CA ILE T 54 -21.80 17.55 -2.58
C ILE T 54 -22.61 16.56 -1.76
N ARG T 55 -23.93 16.66 -1.83
CA ARG T 55 -24.83 15.80 -1.08
C ARG T 55 -25.88 15.21 -2.01
N GLU T 56 -26.37 14.04 -1.64
CA GLU T 56 -27.20 13.22 -2.50
C GLU T 56 -28.63 13.15 -2.01
N ILE T 57 -29.55 13.00 -2.95
CA ILE T 57 -30.96 12.73 -2.67
C ILE T 57 -31.34 11.47 -3.43
N SER T 58 -31.92 10.51 -2.74
CA SER T 58 -32.27 9.22 -3.33
C SER T 58 -33.62 8.79 -2.82
N PHE T 59 -34.32 8.02 -3.64
CA PHE T 59 -35.63 7.45 -3.28
C PHE T 59 -35.94 6.38 -4.31
N LYS T 60 -37.17 5.87 -4.28
CA LYS T 60 -37.61 4.84 -5.20
C LYS T 60 -39.10 4.98 -5.43
N THR T 61 -39.55 4.57 -6.61
CA THR T 61 -40.94 4.73 -7.02
C THR T 61 -41.31 3.56 -7.91
N PHE T 62 -42.53 3.61 -8.44
CA PHE T 62 -42.96 2.73 -9.52
C PHE T 62 -43.75 3.55 -10.51
N LEU T 63 -43.50 3.33 -11.80
CA LEU T 63 -44.17 4.07 -12.85
C LEU T 63 -45.42 3.31 -13.27
N PRO T 64 -46.61 3.67 -12.81
CA PRO T 64 -47.77 2.84 -13.07
C PRO T 64 -48.22 2.92 -14.52
N ASN T 65 -48.87 1.85 -14.97
CA ASN T 65 -49.33 1.79 -16.34
C ASN T 65 -50.55 2.68 -16.56
N LEU T 66 -51.50 2.65 -15.63
CA LEU T 66 -52.74 3.41 -15.73
C LEU T 66 -53.09 3.99 -14.38
N TYR T 67 -53.37 5.29 -14.34
CA TYR T 67 -53.70 5.97 -13.11
C TYR T 67 -55.11 5.63 -12.66
N SER T 75 -51.94 13.95 -12.60
CA SER T 75 -52.76 12.92 -13.29
C SER T 75 -52.27 12.67 -14.72
N GLU T 76 -51.48 13.59 -15.26
CA GLU T 76 -50.86 13.37 -16.56
C GLU T 76 -49.95 12.15 -16.50
N LEU T 77 -49.93 11.37 -17.58
CA LEU T 77 -49.30 10.06 -17.56
C LEU T 77 -48.65 9.76 -18.90
N LYS T 78 -47.72 8.82 -18.87
CA LYS T 78 -47.00 8.37 -20.06
C LYS T 78 -46.54 6.95 -19.82
N ASN T 79 -46.15 6.27 -20.89
CA ASN T 79 -45.78 4.86 -20.79
C ASN T 79 -44.55 4.72 -19.91
N PRO T 80 -44.50 3.71 -19.03
CA PRO T 80 -43.30 3.55 -18.20
C PRO T 80 -42.05 3.25 -18.99
N ILE T 81 -42.17 2.52 -20.10
CA ILE T 81 -40.99 2.19 -20.90
C ILE T 81 -40.38 3.46 -21.48
N GLU T 82 -41.21 4.33 -22.04
CA GLU T 82 -40.71 5.59 -22.57
C GLU T 82 -40.12 6.46 -21.47
N VAL T 83 -40.76 6.47 -20.30
CA VAL T 83 -40.25 7.27 -19.19
C VAL T 83 -38.88 6.76 -18.76
N VAL T 84 -38.70 5.45 -18.68
CA VAL T 84 -37.40 4.90 -18.34
C VAL T 84 -36.38 5.28 -19.41
N ALA T 85 -36.77 5.16 -20.68
CA ALA T 85 -35.87 5.60 -21.75
C ALA T 85 -35.57 7.08 -21.63
N MET T 86 -36.56 7.88 -21.21
CA MET T 86 -36.32 9.30 -21.03
C MET T 86 -35.29 9.56 -19.94
N LEU T 87 -35.48 8.94 -18.78
CA LEU T 87 -34.56 9.17 -17.67
C LEU T 87 -33.17 8.61 -17.96
N GLU T 88 -33.12 7.40 -18.54
CA GLU T 88 -31.82 6.81 -18.86
C GLU T 88 -31.06 7.68 -19.84
N LYS T 89 -31.78 8.31 -20.77
CA LYS T 89 -31.14 9.30 -21.63
C LYS T 89 -30.61 10.47 -20.82
N TRP T 90 -31.38 10.92 -19.83
CA TRP T 90 -30.97 12.07 -19.04
C TRP T 90 -29.79 11.77 -18.15
N VAL T 91 -29.52 10.49 -17.85
CA VAL T 91 -28.41 10.15 -16.98
C VAL T 91 -27.10 10.59 -17.61
N ASP T 92 -26.95 10.39 -18.91
CA ASP T 92 -25.74 10.79 -19.61
C ASP T 92 -25.69 12.26 -19.96
N GLN T 93 -26.75 13.03 -19.67
CA GLN T 93 -26.76 14.43 -20.00
C GLN T 93 -25.73 15.18 -19.16
N ALA T 94 -24.76 15.81 -19.83
CA ALA T 94 -23.78 16.61 -19.12
C ALA T 94 -24.43 17.82 -18.45
N GLU T 95 -25.40 18.43 -19.12
CA GLU T 95 -26.03 19.61 -18.56
C GLU T 95 -26.87 19.23 -17.34
N PRO T 96 -27.11 20.17 -16.43
CA PRO T 96 -27.79 19.84 -15.19
C PRO T 96 -29.31 19.85 -15.32
N LEU T 97 -29.95 19.22 -14.35
CA LEU T 97 -31.40 19.18 -14.25
C LEU T 97 -31.84 19.94 -13.02
N ARG T 98 -33.01 20.56 -13.11
CA ARG T 98 -33.61 21.27 -11.99
C ARG T 98 -34.60 20.34 -11.32
N LEU T 99 -34.38 20.07 -10.03
CA LEU T 99 -35.24 19.21 -9.24
C LEU T 99 -35.97 20.04 -8.21
N ILE T 100 -37.29 19.92 -8.16
CA ILE T 100 -38.14 20.63 -7.21
C ILE T 100 -39.00 19.60 -6.50
N ILE T 101 -39.01 19.67 -5.17
CA ILE T 101 -39.81 18.76 -4.34
C ILE T 101 -40.65 19.65 -3.43
N THR T 102 -41.96 19.66 -3.66
CA THR T 102 -42.84 20.62 -3.00
C THR T 102 -42.87 20.44 -1.49
N GLY T 103 -43.39 19.31 -1.02
CA GLY T 103 -43.57 19.14 0.41
C GLY T 103 -42.25 19.10 1.17
N PHE T 104 -41.25 18.44 0.60
CA PHE T 104 -39.94 18.40 1.22
C PHE T 104 -39.26 19.76 1.21
N GLY T 105 -39.71 20.68 0.36
CA GLY T 105 -39.10 22.00 0.30
C GLY T 105 -37.68 21.98 -0.22
N TYR T 106 -37.42 21.23 -1.28
CA TYR T 106 -36.14 21.20 -1.95
C TYR T 106 -36.25 21.81 -3.34
N ASN T 107 -35.24 22.59 -3.72
CA ASN T 107 -35.25 23.25 -5.01
C ASN T 107 -33.81 23.62 -5.35
N GLY T 108 -33.25 22.97 -6.36
CA GLY T 108 -31.89 23.26 -6.76
C GLY T 108 -31.47 22.36 -7.91
N LEU T 109 -30.46 22.82 -8.62
CA LEU T 109 -29.95 22.06 -9.75
C LEU T 109 -29.28 20.78 -9.27
N VAL T 110 -29.62 19.67 -9.91
CA VAL T 110 -29.04 18.36 -9.60
C VAL T 110 -28.78 17.62 -10.89
N THR T 111 -28.06 16.51 -10.78
CA THR T 111 -27.79 15.62 -11.89
C THR T 111 -27.94 14.19 -11.41
N ILE T 112 -28.53 13.34 -12.25
CA ILE T 112 -28.81 11.97 -11.87
C ILE T 112 -27.50 11.19 -11.84
N SER T 113 -27.18 10.62 -10.69
CA SER T 113 -25.96 9.82 -10.57
C SER T 113 -26.21 8.40 -11.05
N SER T 114 -27.21 7.74 -10.47
CA SER T 114 -27.54 6.36 -10.78
C SER T 114 -29.03 6.24 -11.01
N PHE T 115 -29.40 5.25 -11.81
CA PHE T 115 -30.80 4.98 -12.12
C PHE T 115 -30.96 3.50 -12.37
N SER T 116 -32.12 2.97 -11.97
CA SER T 116 -32.40 1.55 -12.14
C SER T 116 -33.90 1.33 -12.19
N ASN T 117 -34.32 0.47 -13.11
CA ASN T 117 -35.71 0.05 -13.24
C ASN T 117 -35.82 -1.41 -12.86
N THR T 118 -37.05 -1.89 -12.73
CA THR T 118 -37.25 -3.27 -12.34
C THR T 118 -38.68 -3.68 -12.67
N GLN T 119 -38.83 -4.89 -13.19
CA GLN T 119 -40.13 -5.50 -13.45
C GLN T 119 -40.35 -6.61 -12.44
N THR T 120 -41.36 -6.45 -11.58
CA THR T 120 -41.65 -7.48 -10.60
C THR T 120 -42.38 -8.63 -11.29
N ALA T 121 -42.54 -9.74 -10.56
CA ALA T 121 -43.14 -10.95 -11.13
C ALA T 121 -44.54 -10.67 -11.65
N GLY T 122 -45.41 -10.16 -10.79
CA GLY T 122 -46.65 -9.57 -11.24
C GLY T 122 -46.39 -8.16 -11.73
N ARG T 123 -47.49 -7.44 -11.96
CA ARG T 123 -47.48 -6.00 -12.28
C ARG T 123 -46.47 -5.69 -13.39
N GLU T 124 -46.48 -6.55 -14.41
CA GLU T 124 -45.43 -6.52 -15.43
C GLU T 124 -45.40 -5.20 -16.18
N GLU T 125 -46.53 -4.50 -16.26
CA GLU T 125 -46.56 -3.23 -16.97
C GLU T 125 -45.80 -2.16 -16.21
N ASP T 126 -45.96 -2.11 -14.88
CA ASP T 126 -45.28 -1.10 -14.09
C ASP T 126 -43.78 -1.37 -14.05
N ARG T 127 -43.03 -0.35 -13.66
CA ARG T 127 -41.57 -0.44 -13.53
C ARG T 127 -41.17 0.20 -12.22
N ASP T 128 -40.69 -0.61 -11.28
CA ASP T 128 -40.18 -0.06 -10.03
C ASP T 128 -38.87 0.66 -10.31
N ILE T 129 -38.78 1.90 -9.83
CA ILE T 129 -37.65 2.79 -10.09
C ILE T 129 -36.93 3.07 -8.80
N GLU T 130 -35.60 3.12 -8.87
CA GLU T 130 -34.76 3.59 -7.78
C GLU T 130 -33.76 4.55 -8.36
N ILE T 131 -33.84 5.82 -7.95
CA ILE T 131 -33.08 6.90 -8.55
C ILE T 131 -32.30 7.65 -7.47
N THR T 132 -31.17 8.22 -7.87
CA THR T 132 -30.32 8.98 -6.97
C THR T 132 -29.83 10.22 -7.68
N PHE T 133 -29.88 11.35 -6.99
CA PHE T 133 -29.44 12.63 -7.52
C PHE T 133 -28.23 13.13 -6.75
N ARG T 134 -27.46 14.00 -7.40
CA ARG T 134 -26.34 14.69 -6.78
C ARG T 134 -26.55 16.19 -6.93
N THR T 135 -26.27 16.93 -5.87
CA THR T 135 -26.32 18.38 -5.96
C THR T 135 -25.32 18.85 -7.01
N TYR T 136 -25.77 19.75 -7.88
CA TYR T 136 -24.98 20.21 -9.00
C TYR T 136 -24.34 21.56 -8.69
N ARG T 137 -23.13 21.76 -9.18
CA ARG T 137 -22.44 23.03 -9.10
C ARG T 137 -21.76 23.30 -10.42
N GLU T 138 -21.33 24.54 -10.61
CA GLU T 138 -20.75 25.00 -11.85
C GLU T 138 -19.32 25.48 -11.62
N LEU T 139 -18.46 25.28 -12.62
CA LEU T 139 -17.07 25.71 -12.58
C LEU T 139 -16.91 26.90 -13.52
N LYS T 140 -16.74 28.09 -12.95
CA LYS T 140 -16.59 29.32 -13.71
C LYS T 140 -15.11 29.66 -13.80
N ILE T 141 -14.41 28.93 -14.67
CA ILE T 141 -12.98 29.11 -14.85
C ILE T 141 -12.65 30.50 -15.38
N SER T 150 -8.75 42.87 -15.57
CA SER T 150 -8.08 44.21 -15.57
C SER T 150 -8.94 45.23 -14.83
N ASN T 151 -8.29 46.22 -14.23
CA ASN T 151 -8.96 47.27 -13.47
C ASN T 151 -9.79 46.66 -12.32
N THR T 152 -9.06 46.07 -11.38
CA THR T 152 -9.67 45.37 -10.26
C THR T 152 -10.56 46.33 -9.46
N LYS T 153 -11.76 45.87 -9.15
CA LYS T 153 -12.76 46.66 -8.42
C LYS T 153 -13.95 45.75 -8.12
N THR T 154 -14.66 46.08 -7.05
CA THR T 154 -15.80 45.26 -6.64
C THR T 154 -16.90 45.31 -7.69
N ASP T 155 -17.56 44.17 -7.88
CA ASP T 155 -18.61 44.04 -8.88
C ASP T 155 -19.54 42.91 -8.44
N LEU T 156 -20.63 42.73 -9.18
CA LEU T 156 -21.59 41.69 -8.84
C LEU T 156 -20.95 40.31 -8.92
N LYS T 157 -21.31 39.45 -7.98
CA LYS T 157 -20.81 38.08 -8.00
C LYS T 157 -21.48 37.31 -9.12
N ASP T 158 -20.78 36.28 -9.60
CA ASP T 158 -21.29 35.40 -10.65
C ASP T 158 -21.94 34.15 -10.04
N ASN T 159 -22.95 34.41 -9.19
CA ASN T 159 -23.63 33.32 -8.50
C ASN T 159 -24.76 32.72 -9.30
N ARG T 160 -25.33 33.46 -10.25
CA ARG T 160 -26.50 32.97 -10.96
C ARG T 160 -26.12 31.75 -11.79
N PRO T 161 -26.77 30.59 -11.62
CA PRO T 161 -26.58 29.53 -12.61
C PRO T 161 -27.13 29.98 -13.96
N ASN T 162 -26.38 29.64 -15.01
CA ASN T 162 -26.68 30.10 -16.37
C ASN T 162 -27.48 29.07 -17.16
N THR T 163 -28.33 28.32 -16.48
CA THR T 163 -29.09 27.22 -17.09
C THR T 163 -30.21 27.82 -17.94
N GLN T 164 -29.91 28.06 -19.21
CA GLN T 164 -30.91 28.47 -20.18
C GLN T 164 -30.47 27.98 -21.55
N THR T 165 -31.44 27.56 -22.36
CA THR T 165 -31.18 26.92 -23.63
C THR T 165 -32.00 27.55 -24.73
N LYS T 166 -31.45 27.53 -25.93
CA LYS T 166 -32.09 28.09 -27.12
C LYS T 166 -31.86 27.15 -28.29
N SER T 167 -32.69 27.29 -29.31
CA SER T 167 -32.55 26.45 -30.49
C SER T 167 -31.23 26.74 -31.20
N LYS T 168 -30.68 25.69 -31.83
CA LYS T 168 -29.44 25.85 -32.57
C LYS T 168 -29.61 26.60 -33.88
N ILE T 169 -30.85 26.88 -34.30
CA ILE T 169 -31.13 27.65 -35.51
C ILE T 169 -32.07 28.78 -35.14
N TYR T 170 -31.74 29.99 -35.59
CA TYR T 170 -32.49 31.19 -35.27
C TYR T 170 -33.17 31.74 -36.52
N THR T 171 -34.42 32.16 -36.37
CA THR T 171 -35.16 32.84 -37.41
C THR T 171 -35.12 34.34 -37.13
N VAL T 172 -34.55 35.10 -38.05
CA VAL T 172 -34.37 36.53 -37.83
C VAL T 172 -35.72 37.22 -37.82
N LYS T 173 -35.93 38.09 -36.84
CA LYS T 173 -37.13 38.90 -36.72
C LYS T 173 -36.88 40.28 -37.33
N ALA T 174 -37.95 41.09 -37.34
CA ALA T 174 -37.91 42.34 -38.09
C ALA T 174 -36.90 43.32 -37.51
N SER T 175 -36.95 43.55 -36.21
CA SER T 175 -36.10 44.56 -35.58
C SER T 175 -34.69 44.06 -35.30
N ASP T 176 -34.40 42.80 -35.55
CA ASP T 176 -33.12 42.23 -35.14
C ASP T 176 -31.96 42.84 -35.90
N THR T 177 -30.80 42.85 -35.25
CA THR T 177 -29.53 43.15 -35.88
C THR T 177 -28.54 42.08 -35.44
N LEU T 178 -27.52 41.86 -36.28
CA LEU T 178 -26.61 40.74 -36.06
C LEU T 178 -25.92 40.84 -34.71
N TYR T 179 -25.58 42.06 -34.29
CA TYR T 179 -25.02 42.22 -32.95
C TYR T 179 -26.04 41.83 -31.89
N LYS T 180 -27.30 42.25 -32.06
CA LYS T 180 -28.32 41.94 -31.07
C LYS T 180 -28.54 40.44 -30.97
N ILE T 181 -28.52 39.74 -32.10
CA ILE T 181 -28.67 38.29 -32.06
C ILE T 181 -27.53 37.65 -31.30
N ALA T 182 -26.31 38.16 -31.49
CA ALA T 182 -25.16 37.60 -30.80
C ALA T 182 -25.31 37.73 -29.29
N LYS T 183 -25.75 38.89 -28.82
CA LYS T 183 -25.83 39.10 -27.38
C LYS T 183 -26.96 38.28 -26.78
N ASN T 184 -28.14 38.32 -27.40
CA ASN T 184 -29.28 37.57 -26.88
C ASN T 184 -29.02 36.08 -26.91
N LEU T 185 -28.32 35.59 -27.94
CA LEU T 185 -28.22 34.17 -28.23
C LEU T 185 -26.81 33.61 -28.04
N LEU T 186 -25.81 34.47 -27.85
CA LEU T 186 -24.44 33.99 -27.64
C LEU T 186 -23.68 34.78 -26.59
N GLY T 187 -24.35 35.60 -25.78
CA GLY T 187 -23.71 36.23 -24.64
C GLY T 187 -23.15 37.61 -24.89
N LYS T 188 -21.85 37.69 -25.16
CA LYS T 188 -21.15 38.98 -25.11
C LYS T 188 -21.66 39.96 -26.15
N GLY T 189 -22.21 39.47 -27.27
CA GLY T 189 -22.66 40.33 -28.34
C GLY T 189 -21.59 40.67 -29.35
N SER T 190 -20.35 40.88 -28.91
CA SER T 190 -19.23 41.00 -29.83
C SER T 190 -18.91 39.69 -30.53
N ARG T 191 -19.52 38.58 -30.12
CA ARG T 191 -19.38 37.26 -30.73
C ARG T 191 -20.06 37.17 -32.10
N TRP T 192 -20.62 38.25 -32.66
CA TRP T 192 -21.30 38.13 -33.95
C TRP T 192 -20.46 37.53 -35.08
N PRO T 193 -19.15 37.81 -35.21
CA PRO T 193 -18.43 37.21 -36.35
C PRO T 193 -18.43 35.69 -36.32
N GLU T 194 -18.56 35.09 -35.14
CA GLU T 194 -18.71 33.64 -35.07
C GLU T 194 -19.95 33.18 -35.82
N ILE T 195 -21.05 33.92 -35.66
CA ILE T 195 -22.26 33.60 -36.43
C ILE T 195 -22.02 33.83 -37.91
N TYR T 196 -21.42 34.97 -38.25
CA TYR T 196 -21.28 35.31 -39.67
C TYR T 196 -20.31 34.39 -40.38
N ASN T 197 -19.19 34.06 -39.75
CA ASN T 197 -18.14 33.30 -40.44
C ASN T 197 -18.56 31.89 -40.78
N ILE T 198 -19.64 31.37 -40.22
CA ILE T 198 -20.14 30.06 -40.65
C ILE T 198 -20.56 30.16 -42.11
N PRO T 199 -20.08 29.28 -43.02
CA PRO T 199 -20.40 29.48 -44.44
C PRO T 199 -21.88 29.45 -44.76
N GLU T 200 -22.67 28.64 -44.04
CA GLU T 200 -24.10 28.65 -44.27
C GLU T 200 -24.69 30.01 -43.92
N ASN T 201 -24.26 30.60 -42.81
CA ASN T 201 -24.70 31.94 -42.46
C ASN T 201 -24.21 32.95 -43.49
N LYS T 202 -22.98 32.78 -43.98
CA LYS T 202 -22.48 33.67 -45.02
C LYS T 202 -23.31 33.55 -46.29
N LYS T 203 -23.74 32.34 -46.64
CA LYS T 203 -24.52 32.17 -47.85
C LYS T 203 -25.88 32.84 -47.73
N VAL T 204 -26.61 32.56 -46.65
CA VAL T 204 -27.95 33.12 -46.51
C VAL T 204 -27.87 34.62 -46.28
N ILE T 205 -26.95 35.07 -45.44
CA ILE T 205 -26.80 36.49 -45.17
C ILE T 205 -26.11 37.13 -46.37
N GLY T 206 -26.42 38.40 -46.61
CA GLY T 206 -25.71 39.13 -47.62
C GLY T 206 -24.24 39.30 -47.27
N LYS T 207 -23.46 39.78 -48.24
CA LYS T 207 -22.06 39.99 -47.97
C LYS T 207 -21.83 41.10 -46.94
N ASN T 208 -22.81 41.98 -46.73
CA ASN T 208 -22.73 42.97 -45.67
C ASN T 208 -23.29 42.35 -44.39
N PRO T 209 -22.49 42.16 -43.34
CA PRO T 209 -23.08 41.68 -42.08
C PRO T 209 -24.10 42.64 -41.50
N ASN T 210 -23.92 43.95 -41.73
CA ASN T 210 -24.79 44.93 -41.12
C ASN T 210 -26.22 44.87 -41.65
N ILE T 211 -26.44 44.24 -42.80
CA ILE T 211 -27.75 44.13 -43.41
C ILE T 211 -28.27 42.72 -43.18
N ILE T 212 -29.53 42.61 -42.78
CA ILE T 212 -30.17 41.33 -42.50
C ILE T 212 -31.66 41.49 -42.74
N LYS T 213 -32.35 40.36 -42.91
CA LYS T 213 -33.76 40.35 -43.26
C LYS T 213 -34.54 39.44 -42.33
N LYS T 214 -35.80 39.80 -42.11
CA LYS T 214 -36.71 38.96 -41.36
C LYS T 214 -36.94 37.65 -42.10
N GLY T 215 -37.12 36.58 -41.34
CA GLY T 215 -37.42 35.27 -41.90
C GLY T 215 -36.87 34.14 -41.06
N LYS T 217 -34.35 35.42 -42.40
CA LYS T 217 -33.36 34.44 -42.79
C LYS T 217 -33.00 33.51 -41.63
N LEU T 218 -32.99 32.21 -41.90
CA LEU T 218 -32.55 31.25 -40.90
C LEU T 218 -31.05 31.39 -40.69
N VAL T 219 -30.64 31.41 -39.43
CA VAL T 219 -29.25 31.62 -39.03
C VAL T 219 -28.88 30.57 -38.00
N ILE T 220 -27.65 30.07 -38.08
CA ILE T 220 -27.19 28.96 -37.25
C ILE T 220 -26.16 29.47 -36.25
N PRO T 221 -26.53 29.70 -34.98
CA PRO T 221 -25.50 29.98 -33.98
C PRO T 221 -24.55 28.80 -33.80
N SER T 222 -23.30 29.13 -33.51
CA SER T 222 -22.29 28.10 -33.33
C SER T 222 -22.57 27.29 -32.06
N LYS T 223 -22.00 26.09 -32.02
CA LYS T 223 -22.19 25.17 -30.89
C LYS T 223 -23.65 24.88 -30.64
N VAL U 2 -36.33 15.47 34.62
CA VAL U 2 -36.59 16.38 33.46
C VAL U 2 -35.36 16.47 32.58
N ILE U 3 -35.57 16.54 31.28
CA ILE U 3 -34.49 16.62 30.30
C ILE U 3 -34.85 17.69 29.27
N ASP U 4 -33.89 18.53 28.93
CA ASP U 4 -34.03 19.50 27.85
C ASP U 4 -32.70 19.61 27.15
N ILE U 5 -32.75 20.10 25.92
CA ILE U 5 -31.55 20.33 25.12
C ILE U 5 -31.61 21.77 24.62
N TYR U 6 -30.51 22.50 24.81
CA TYR U 6 -30.40 23.89 24.37
C TYR U 6 -29.16 24.04 23.52
N LEU U 7 -29.33 24.66 22.35
CA LEU U 7 -28.22 25.02 21.48
C LEU U 7 -28.17 26.53 21.41
N LYS U 8 -27.15 27.12 22.02
CA LYS U 8 -27.01 28.58 22.12
C LYS U 8 -25.98 29.04 21.10
N ASN U 9 -26.44 29.22 19.87
CA ASN U 9 -25.59 29.82 18.85
C ASN U 9 -25.32 31.26 19.22
N GLU U 10 -24.12 31.73 18.88
CA GLU U 10 -23.64 33.05 19.28
C GLU U 10 -23.29 33.94 18.11
N LYS U 11 -22.63 33.42 17.07
CA LYS U 11 -22.42 34.22 15.88
C LYS U 11 -23.74 34.59 15.24
N GLU U 12 -24.76 33.76 15.42
CA GLU U 12 -26.16 34.14 15.26
C GLU U 12 -26.77 34.03 16.65
N LYS U 13 -27.20 35.15 17.21
CA LYS U 13 -27.66 35.17 18.60
C LYS U 13 -29.02 34.48 18.66
N ILE U 14 -28.97 33.16 18.63
CA ILE U 14 -30.14 32.30 18.67
C ILE U 14 -29.94 31.31 19.80
N ASP U 15 -30.96 31.15 20.65
CA ASP U 15 -30.95 30.21 21.76
C ASP U 15 -32.02 29.17 21.44
N PHE U 16 -31.64 28.16 20.67
CA PHE U 16 -32.58 27.15 20.25
C PHE U 16 -32.79 26.12 21.36
N HIS U 17 -34.05 25.79 21.62
CA HIS U 17 -34.43 24.75 22.55
C HIS U 17 -35.19 23.67 21.79
N PHE U 18 -34.73 22.43 21.92
CA PHE U 18 -35.32 21.35 21.15
C PHE U 18 -36.76 21.12 21.58
N PRO U 19 -37.75 21.13 20.68
CA PRO U 19 -39.11 20.84 21.13
C PRO U 19 -39.30 19.44 21.67
N VAL U 20 -38.43 18.51 21.31
CA VAL U 20 -38.63 17.09 21.60
C VAL U 20 -37.34 16.51 22.16
N ASN U 21 -37.48 15.69 23.20
CA ASN U 21 -36.35 15.07 23.85
C ASN U 21 -35.71 14.03 22.93
N PRO U 22 -34.46 13.63 23.19
CA PRO U 22 -33.69 12.87 22.18
C PRO U 22 -34.06 11.39 22.12
N GLN U 23 -35.34 11.12 21.82
CA GLN U 23 -35.85 9.79 21.50
C GLN U 23 -35.44 8.72 22.52
N ASP U 24 -34.57 7.78 22.15
CA ASP U 24 -34.45 6.54 22.91
C ASP U 24 -33.46 6.68 24.06
N SER U 25 -32.23 7.07 23.76
CA SER U 25 -31.22 7.10 24.81
C SER U 25 -30.01 7.87 24.31
N LEU U 26 -29.49 8.74 25.18
CA LEU U 26 -28.23 9.42 24.95
C LEU U 26 -27.09 8.56 25.45
N SER U 27 -25.89 8.85 24.96
CA SER U 27 -24.71 8.11 25.37
C SER U 27 -23.48 8.85 24.90
N ILE U 28 -22.49 8.97 25.78
CA ILE U 28 -21.22 9.61 25.47
C ILE U 28 -20.11 8.66 25.91
N LYS U 29 -19.14 8.45 25.04
CA LYS U 29 -17.99 7.61 25.31
C LYS U 29 -16.84 8.44 25.83
N LYS U 30 -15.86 7.77 26.42
CA LYS U 30 -14.59 8.37 26.76
C LYS U 30 -13.51 7.31 26.64
N GLU U 31 -12.43 7.65 25.95
CA GLU U 31 -11.38 6.70 25.60
C GLU U 31 -10.04 7.37 25.80
N LYS U 32 -9.21 6.80 26.67
CA LYS U 32 -7.93 7.44 26.96
C LYS U 32 -7.03 7.37 25.74
N ARG U 33 -6.36 8.49 25.45
CA ARG U 33 -5.49 8.59 24.29
C ARG U 33 -4.16 7.94 24.63
N PHE U 34 -3.91 6.76 24.07
CA PHE U 34 -2.74 5.97 24.39
C PHE U 34 -2.34 5.15 23.18
N GLU U 35 -1.10 4.65 23.22
CA GLU U 35 -0.56 3.81 22.17
C GLU U 35 0.06 2.57 22.80
N THR U 36 0.04 1.48 22.05
CA THR U 36 0.60 0.21 22.50
C THR U 36 1.96 0.00 21.83
N VAL U 37 2.93 -0.47 22.62
CA VAL U 37 4.26 -0.77 22.12
C VAL U 37 4.71 -2.10 22.71
N ASP U 38 5.31 -2.93 21.86
CA ASP U 38 5.89 -4.19 22.29
C ASP U 38 7.39 -4.00 22.51
N ILE U 39 7.94 -4.79 23.42
CA ILE U 39 9.36 -4.77 23.74
C ILE U 39 9.88 -6.20 23.69
N VAL U 40 11.06 -6.38 23.12
CA VAL U 40 11.62 -7.71 22.94
C VAL U 40 11.81 -8.38 24.28
N ASN U 41 11.33 -9.62 24.39
CA ASN U 41 11.42 -10.45 25.58
C ASN U 41 10.63 -9.91 26.76
N LEU U 42 9.74 -8.95 26.54
CA LEU U 42 8.85 -8.44 27.57
C LEU U 42 7.40 -8.40 27.12
N GLY U 43 7.14 -8.10 25.85
CA GLY U 43 5.79 -8.10 25.32
C GLY U 43 5.19 -6.72 25.26
N GLU U 44 3.86 -6.67 25.25
CA GLU U 44 3.14 -5.42 25.01
C GLU U 44 3.20 -4.50 26.23
N PHE U 45 3.06 -3.21 25.96
CA PHE U 45 2.96 -2.19 26.99
C PHE U 45 2.09 -1.06 26.47
N ASP U 46 1.43 -0.37 27.39
CA ASP U 46 0.55 0.75 27.07
C ASP U 46 1.24 2.04 27.47
N ILE U 47 1.42 2.94 26.50
CA ILE U 47 1.99 4.26 26.72
C ILE U 47 0.87 5.27 26.57
N LYS U 48 0.56 5.98 27.64
CA LYS U 48 -0.43 7.05 27.54
C LYS U 48 0.13 8.19 26.71
N LYS U 49 -0.71 8.74 25.85
CA LYS U 49 -0.40 9.96 25.12
C LYS U 49 -1.05 11.13 25.83
N GLU U 50 -0.31 12.22 25.98
CA GLU U 50 -0.73 13.29 26.87
C GLU U 50 -2.01 13.97 26.39
N GLY U 51 -2.17 14.14 25.08
CA GLY U 51 -3.32 14.87 24.57
C GLY U 51 -4.63 14.17 24.86
N GLU U 52 -5.71 14.95 24.79
CA GLU U 52 -7.05 14.44 24.99
C GLU U 52 -7.62 13.96 23.66
N LYS U 53 -8.92 13.68 23.63
CA LYS U 53 -9.56 13.09 22.46
C LYS U 53 -10.90 13.75 22.21
N ILE U 54 -11.19 14.04 20.95
CA ILE U 54 -12.49 14.56 20.54
C ILE U 54 -13.50 13.42 20.64
N ARG U 55 -14.64 13.68 21.26
CA ARG U 55 -15.69 12.69 21.44
C ARG U 55 -17.02 13.26 20.95
N GLU U 56 -17.90 12.35 20.52
CA GLU U 56 -19.12 12.70 19.81
C GLU U 56 -20.34 12.43 20.67
N ILE U 57 -21.37 13.24 20.46
CA ILE U 57 -22.70 13.04 21.01
C ILE U 57 -23.67 13.03 19.85
N SER U 58 -24.50 11.97 19.80
CA SER U 58 -25.45 11.80 18.70
C SER U 58 -26.77 11.31 19.26
N PHE U 59 -27.84 11.65 18.57
CA PHE U 59 -29.18 11.22 18.93
C PHE U 59 -30.09 11.50 17.73
N LYS U 60 -31.39 11.33 17.92
CA LYS U 60 -32.36 11.57 16.87
C LYS U 60 -33.67 12.02 17.49
N THR U 61 -34.43 12.80 16.73
CA THR U 61 -35.67 13.40 17.23
C THR U 61 -36.63 13.52 16.06
N PHE U 62 -37.79 14.12 16.32
CA PHE U 62 -38.70 14.57 15.29
C PHE U 62 -39.21 15.95 15.68
N LEU U 63 -39.28 16.85 14.70
CA LEU U 63 -39.72 18.21 14.94
C LEU U 63 -41.23 18.28 14.68
N PRO U 64 -42.08 18.24 15.70
CA PRO U 64 -43.51 18.13 15.45
C PRO U 64 -44.09 19.43 14.90
N ASN U 65 -45.20 19.28 14.18
CA ASN U 65 -45.84 20.46 13.60
C ASN U 65 -46.59 21.27 14.65
N LEU U 66 -47.30 20.59 15.54
CA LEU U 66 -48.11 21.25 16.57
C LEU U 66 -47.97 20.50 17.88
N TYR U 67 -47.68 21.23 18.95
CA TYR U 67 -47.50 20.63 20.26
C TYR U 67 -48.84 20.25 20.87
N SER U 75 -42.46 24.43 25.48
CA SER U 75 -43.74 24.51 24.72
C SER U 75 -43.64 25.48 23.54
N GLU U 76 -42.64 26.37 23.56
CA GLU U 76 -42.40 27.24 22.43
C GLU U 76 -42.06 26.40 21.20
N LEU U 77 -42.55 26.84 20.03
CA LEU U 77 -42.54 26.02 18.84
C LEU U 77 -42.28 26.88 17.60
N LYS U 78 -41.82 26.22 16.54
CA LYS U 78 -41.55 26.86 15.26
C LYS U 78 -41.71 25.81 14.17
N ASN U 79 -41.82 26.28 12.93
CA ASN U 79 -42.06 25.36 11.83
C ASN U 79 -40.88 24.40 11.68
N PRO U 80 -41.12 23.11 11.42
CA PRO U 80 -39.99 22.19 11.24
C PRO U 80 -39.12 22.53 10.06
N ILE U 81 -39.70 23.05 8.97
CA ILE U 81 -38.91 23.39 7.80
C ILE U 81 -37.92 24.49 8.13
N GLU U 82 -38.38 25.53 8.82
CA GLU U 82 -37.48 26.61 9.21
C GLU U 82 -36.42 26.11 10.18
N VAL U 83 -36.80 25.22 11.09
CA VAL U 83 -35.83 24.69 12.04
C VAL U 83 -34.75 23.91 11.33
N VAL U 84 -35.14 23.09 10.34
CA VAL U 84 -34.15 22.36 9.56
C VAL U 84 -33.25 23.33 8.80
N ALA U 85 -33.84 24.37 8.21
CA ALA U 85 -33.04 25.39 7.56
C ALA U 85 -32.12 26.07 8.55
N MET U 86 -32.61 26.31 9.77
CA MET U 86 -31.78 26.91 10.80
C MET U 86 -30.58 26.02 11.12
N LEU U 87 -30.83 24.74 11.36
CA LEU U 87 -29.74 23.85 11.74
C LEU U 87 -28.79 23.60 10.59
N GLU U 88 -29.33 23.38 9.39
CA GLU U 88 -28.47 23.15 8.23
C GLU U 88 -27.58 24.36 7.97
N LYS U 89 -28.09 25.56 8.24
CA LYS U 89 -27.23 26.74 8.21
C LYS U 89 -26.14 26.65 9.26
N TRP U 90 -26.50 26.20 10.47
CA TRP U 90 -25.52 26.13 11.55
C TRP U 90 -24.45 25.08 11.30
N VAL U 91 -24.71 24.09 10.45
CA VAL U 91 -23.71 23.05 10.20
C VAL U 91 -22.45 23.66 9.61
N ASP U 92 -22.61 24.60 8.69
CA ASP U 92 -21.46 25.24 8.05
C ASP U 92 -20.86 26.34 8.91
N GLN U 93 -21.43 26.65 10.07
CA GLN U 93 -20.89 27.71 10.90
C GLN U 93 -19.53 27.31 11.46
N ALA U 94 -18.51 28.10 11.13
CA ALA U 94 -17.18 27.83 11.68
C ALA U 94 -17.17 28.03 13.19
N GLU U 95 -17.88 29.04 13.68
CA GLU U 95 -17.86 29.33 15.10
C GLU U 95 -18.56 28.21 15.88
N PRO U 96 -18.23 28.05 17.16
CA PRO U 96 -18.78 26.92 17.91
C PRO U 96 -20.15 27.22 18.51
N LEU U 97 -20.86 26.15 18.80
CA LEU U 97 -22.16 26.20 19.46
C LEU U 97 -22.03 25.67 20.87
N ARG U 98 -22.83 26.24 21.77
CA ARG U 98 -22.90 25.78 23.16
C ARG U 98 -24.09 24.84 23.28
N LEU U 99 -23.81 23.60 23.70
CA LEU U 99 -24.83 22.57 23.88
C LEU U 99 -24.96 22.29 25.37
N ILE U 100 -26.19 22.35 25.86
CA ILE U 100 -26.51 22.07 27.26
C ILE U 100 -27.61 21.02 27.29
N ILE U 101 -27.38 19.96 28.05
CA ILE U 101 -28.34 18.87 28.21
C ILE U 101 -28.58 18.72 29.70
N THR U 102 -29.79 19.07 30.15
CA THR U 102 -30.06 19.17 31.58
C THR U 102 -29.94 17.84 32.30
N GLY U 103 -30.81 16.89 31.97
CA GLY U 103 -30.82 15.64 32.71
C GLY U 103 -29.54 14.84 32.53
N PHE U 104 -29.02 14.81 31.30
CA PHE U 104 -27.75 14.14 31.06
C PHE U 104 -26.58 14.82 31.76
N GLY U 105 -26.73 16.08 32.14
CA GLY U 105 -25.64 16.78 32.77
C GLY U 105 -24.46 17.03 31.87
N TYR U 106 -24.71 17.43 30.63
CA TYR U 106 -23.66 17.80 29.69
C TYR U 106 -23.72 19.29 29.41
N ASN U 107 -22.55 19.91 29.34
CA ASN U 107 -22.48 21.35 29.12
C ASN U 107 -21.08 21.67 28.58
N GLY U 108 -21.02 22.08 27.33
CA GLY U 108 -19.74 22.42 26.73
C GLY U 108 -19.92 22.79 25.27
N LEU U 109 -18.92 23.50 24.76
CA LEU U 109 -18.97 23.95 23.37
C LEU U 109 -18.84 22.76 22.44
N VAL U 110 -19.71 22.71 21.43
CA VAL U 110 -19.69 21.65 20.42
C VAL U 110 -19.96 22.27 19.06
N THR U 111 -19.80 21.45 18.03
CA THR U 111 -20.08 21.84 16.65
C THR U 111 -20.75 20.66 15.95
N ILE U 112 -21.75 20.96 15.13
CA ILE U 112 -22.52 19.92 14.48
C ILE U 112 -21.67 19.30 13.38
N SER U 113 -21.44 17.99 13.47
CA SER U 113 -20.69 17.31 12.42
C SER U 113 -21.58 16.96 11.25
N SER U 114 -22.66 16.21 11.52
CA SER U 114 -23.58 15.74 10.51
C SER U 114 -25.00 16.05 10.94
N PHE U 115 -25.88 16.19 9.95
CA PHE U 115 -27.28 16.48 10.21
C PHE U 115 -28.10 15.90 9.08
N SER U 116 -29.28 15.40 9.42
CA SER U 116 -30.15 14.79 8.43
C SER U 116 -31.60 14.87 8.89
N ASN U 117 -32.48 15.22 7.97
CA ASN U 117 -33.92 15.27 8.20
C ASN U 117 -34.57 14.16 7.40
N THR U 118 -35.86 13.93 7.66
CA THR U 118 -36.56 12.87 6.97
C THR U 118 -38.06 13.10 7.11
N GLN U 119 -38.78 12.89 6.01
CA GLN U 119 -40.24 12.91 5.99
C GLN U 119 -40.74 11.48 5.84
N THR U 120 -41.45 11.01 6.85
CA THR U 120 -42.00 9.65 6.78
C THR U 120 -43.24 9.67 5.89
N ALA U 121 -43.74 8.47 5.57
CA ALA U 121 -44.89 8.34 4.68
C ALA U 121 -46.09 9.12 5.20
N GLY U 122 -46.59 8.75 6.37
CA GLY U 122 -47.51 9.61 7.09
C GLY U 122 -46.74 10.75 7.73
N ARG U 123 -47.44 11.48 8.60
CA ARG U 123 -46.86 12.54 9.44
C ARG U 123 -45.99 13.50 8.61
N GLU U 124 -46.52 13.86 7.44
CA GLU U 124 -45.74 14.59 6.45
C GLU U 124 -45.27 15.93 6.97
N GLU U 125 -45.99 16.52 7.93
CA GLU U 125 -45.58 17.81 8.47
C GLU U 125 -44.32 17.67 9.32
N ASP U 126 -44.25 16.64 10.14
CA ASP U 126 -43.09 16.45 11.01
C ASP U 126 -41.86 16.10 10.19
N ARG U 127 -40.70 16.26 10.82
CA ARG U 127 -39.42 15.93 10.20
C ARG U 127 -38.59 15.16 11.21
N ASP U 128 -38.35 13.88 10.93
CA ASP U 128 -37.47 13.09 11.78
C ASP U 128 -36.04 13.57 11.60
N ILE U 129 -35.37 13.86 12.71
CA ILE U 129 -34.04 14.44 12.72
C ILE U 129 -33.07 13.43 13.32
N GLU U 130 -31.88 13.34 12.73
CA GLU U 130 -30.76 12.61 13.31
C GLU U 130 -29.54 13.51 13.22
N ILE U 131 -29.01 13.88 14.38
CA ILE U 131 -27.97 14.90 14.48
C ILE U 131 -26.80 14.34 15.29
N THR U 132 -25.61 14.86 15.00
CA THR U 132 -24.40 14.45 15.69
C THR U 132 -23.57 15.68 16.00
N PHE U 133 -22.98 15.70 17.18
CA PHE U 133 -22.15 16.80 17.65
C PHE U 133 -20.75 16.30 17.93
N ARG U 134 -19.78 17.21 17.81
CA ARG U 134 -18.39 16.95 18.16
C ARG U 134 -17.98 17.94 19.23
N THR U 135 -17.25 17.45 20.23
CA THR U 135 -16.69 18.33 21.23
C THR U 135 -15.78 19.35 20.57
N TYR U 136 -15.91 20.61 20.94
CA TYR U 136 -15.18 21.69 20.33
C TYR U 136 -13.99 22.10 21.18
N ARG U 137 -12.90 22.47 20.53
CA ARG U 137 -11.74 23.03 21.20
C ARG U 137 -11.22 24.18 20.36
N GLU U 138 -10.32 24.96 20.95
CA GLU U 138 -9.79 26.17 20.34
C GLU U 138 -8.28 26.05 20.20
N LEU U 139 -7.76 26.67 19.14
CA LEU U 139 -6.32 26.72 18.88
C LEU U 139 -5.83 28.13 19.13
N LYS U 140 -5.09 28.31 20.22
CA LYS U 140 -4.58 29.61 20.63
C LYS U 140 -3.12 29.70 20.18
N ILE U 141 -2.94 29.97 18.89
CA ILE U 141 -1.60 30.05 18.29
C ILE U 141 -0.83 31.24 18.84
N SER U 150 7.88 37.74 25.90
CA SER U 150 9.03 38.38 26.58
C SER U 150 8.80 38.45 28.08
N ASN U 151 9.90 38.44 28.84
CA ASN U 151 9.86 38.49 30.31
C ASN U 151 9.04 37.31 30.85
N THR U 152 9.59 36.12 30.63
CA THR U 152 8.91 34.89 31.02
C THR U 152 8.64 34.86 32.52
N LYS U 153 7.41 34.51 32.89
CA LYS U 153 6.97 34.46 34.28
C LYS U 153 5.57 33.86 34.30
N THR U 154 5.22 33.26 35.44
CA THR U 154 3.93 32.60 35.56
C THR U 154 2.81 33.63 35.48
N ASP U 155 1.70 33.23 34.85
CA ASP U 155 0.56 34.09 34.65
C ASP U 155 -0.68 33.22 34.49
N LEU U 156 -1.84 33.85 34.43
CA LEU U 156 -3.09 33.12 34.29
C LEU U 156 -3.11 32.34 32.99
N LYS U 157 -3.64 31.12 33.06
CA LYS U 157 -3.77 30.31 31.85
C LYS U 157 -4.86 30.87 30.96
N ASP U 158 -4.74 30.60 29.67
CA ASP U 158 -5.73 31.04 28.68
C ASP U 158 -6.75 29.92 28.42
N ASN U 159 -7.40 29.49 29.49
CA ASN U 159 -8.36 28.40 29.40
C ASN U 159 -9.76 28.86 29.03
N ARG U 160 -10.09 30.12 29.28
CA ARG U 160 -11.46 30.58 29.04
C ARG U 160 -11.76 30.53 27.55
N PRO U 161 -12.80 29.83 27.09
CA PRO U 161 -13.23 30.03 25.71
C PRO U 161 -13.72 31.45 25.52
N ASN U 162 -13.37 32.03 24.38
CA ASN U 162 -13.64 33.43 24.08
C ASN U 162 -14.90 33.61 23.26
N THR U 163 -15.89 32.75 23.48
CA THR U 163 -17.12 32.78 22.69
C THR U 163 -18.01 33.94 23.11
N GLN U 164 -17.84 35.08 22.45
CA GLN U 164 -18.72 36.22 22.64
C GLN U 164 -18.75 37.02 21.35
N THR U 165 -19.91 37.56 21.01
CA THR U 165 -20.15 38.21 19.74
C THR U 165 -20.80 39.56 19.95
N LYS U 166 -20.49 40.48 19.02
CA LYS U 166 -21.01 41.84 19.05
C LYS U 166 -21.38 42.26 17.64
N SER U 167 -22.24 43.26 17.55
CA SER U 167 -22.65 43.76 16.25
C SER U 167 -21.47 44.35 15.49
N LYS U 168 -21.49 44.21 14.18
CA LYS U 168 -20.42 44.74 13.34
C LYS U 168 -20.46 46.26 13.23
N ILE U 169 -21.51 46.91 13.72
CA ILE U 169 -21.62 48.37 13.73
C ILE U 169 -21.92 48.81 15.15
N TYR U 170 -21.19 49.81 15.62
CA TYR U 170 -21.30 50.31 16.98
C TYR U 170 -21.86 51.72 16.98
N THR U 171 -22.78 51.98 17.90
CA THR U 171 -23.33 53.31 18.13
C THR U 171 -22.63 53.91 19.34
N VAL U 172 -21.93 55.02 19.13
CA VAL U 172 -21.15 55.63 20.19
C VAL U 172 -22.05 56.17 21.27
N LYS U 173 -21.72 55.89 22.52
CA LYS U 173 -22.43 56.39 23.68
C LYS U 173 -21.73 57.63 24.24
N ALA U 174 -22.33 58.21 25.28
CA ALA U 174 -21.88 59.51 25.76
C ALA U 174 -20.47 59.45 26.34
N SER U 175 -20.22 58.50 27.23
CA SER U 175 -18.95 58.44 27.93
C SER U 175 -17.86 57.75 27.12
N ASP U 176 -18.16 57.23 25.94
CA ASP U 176 -17.21 56.42 25.20
C ASP U 176 -16.02 57.24 24.72
N THR U 177 -14.89 56.56 24.59
CA THR U 177 -13.72 57.10 23.91
C THR U 177 -13.22 56.02 22.96
N LEU U 178 -12.52 56.46 21.91
CA LEU U 178 -12.14 55.56 20.84
C LEU U 178 -11.27 54.42 21.35
N TYR U 179 -10.39 54.71 22.31
CA TYR U 179 -9.62 53.64 22.93
C TYR U 179 -10.53 52.67 23.67
N LYS U 180 -11.50 53.20 24.42
CA LYS U 180 -12.39 52.34 25.18
C LYS U 180 -13.21 51.44 24.26
N ILE U 181 -13.66 51.98 23.13
CA ILE U 181 -14.41 51.17 22.18
C ILE U 181 -13.54 50.05 21.65
N ALA U 182 -12.27 50.34 21.37
CA ALA U 182 -11.38 49.31 20.85
C ALA U 182 -11.21 48.17 21.84
N LYS U 183 -11.05 48.49 23.12
CA LYS U 183 -10.81 47.44 24.10
C LYS U 183 -12.07 46.63 24.34
N ASN U 184 -13.20 47.32 24.53
CA ASN U 184 -14.46 46.61 24.78
C ASN U 184 -14.87 45.76 23.58
N LEU U 185 -14.59 46.24 22.37
CA LEU U 185 -15.14 45.66 21.15
C LEU U 185 -14.10 45.03 20.24
N LEU U 186 -12.80 45.21 20.53
CA LEU U 186 -11.76 44.60 19.71
C LEU U 186 -10.58 44.08 20.53
N GLY U 187 -10.71 43.98 21.85
CA GLY U 187 -9.70 43.31 22.64
C GLY U 187 -8.65 44.22 23.26
N LYS U 188 -7.49 44.34 22.60
CA LYS U 188 -6.33 44.93 23.24
C LYS U 188 -6.52 46.39 23.58
N GLY U 189 -7.40 47.10 22.87
CA GLY U 189 -7.60 48.51 23.07
C GLY U 189 -6.65 49.40 22.30
N SER U 190 -5.39 49.00 22.16
CA SER U 190 -4.48 49.69 21.25
C SER U 190 -4.85 49.49 19.79
N ARG U 191 -5.80 48.60 19.49
CA ARG U 191 -6.34 48.37 18.15
C ARG U 191 -7.18 49.52 17.64
N TRP U 192 -7.31 50.65 18.33
CA TRP U 192 -8.17 51.73 17.84
C TRP U 192 -7.85 52.22 16.43
N PRO U 193 -6.58 52.32 15.98
CA PRO U 193 -6.38 52.84 14.62
C PRO U 193 -7.01 51.98 13.55
N GLU U 194 -7.21 50.69 13.81
CA GLU U 194 -7.93 49.84 12.89
C GLU U 194 -9.36 50.35 12.69
N ILE U 195 -10.00 50.76 13.77
CA ILE U 195 -11.33 51.36 13.65
C ILE U 195 -11.25 52.68 12.90
N TYR U 196 -10.27 53.52 13.25
CA TYR U 196 -10.21 54.85 12.67
C TYR U 196 -9.85 54.81 11.19
N ASN U 197 -8.88 53.97 10.83
CA ASN U 197 -8.37 53.97 9.46
C ASN U 197 -9.40 53.51 8.43
N ILE U 198 -10.49 52.89 8.85
CA ILE U 198 -11.55 52.58 7.89
C ILE U 198 -12.11 53.89 7.35
N PRO U 199 -12.19 54.09 6.02
CA PRO U 199 -12.60 55.42 5.52
C PRO U 199 -13.99 55.84 5.96
N GLU U 200 -14.93 54.90 6.10
CA GLU U 200 -16.25 55.27 6.60
C GLU U 200 -16.15 55.82 8.02
N ASN U 201 -15.35 55.17 8.87
CA ASN U 201 -15.13 55.70 10.21
C ASN U 201 -14.42 57.05 10.16
N LYS U 202 -13.47 57.20 9.24
CA LYS U 202 -12.81 58.49 9.09
C LYS U 202 -13.79 59.58 8.68
N LYS U 203 -14.73 59.24 7.79
CA LYS U 203 -15.70 60.24 7.34
C LYS U 203 -16.60 60.67 8.47
N VAL U 204 -17.21 59.72 9.18
CA VAL U 204 -18.14 60.09 10.25
C VAL U 204 -17.40 60.72 11.41
N ILE U 205 -16.27 60.16 11.79
CA ILE U 205 -15.49 60.70 12.90
C ILE U 205 -14.79 61.97 12.41
N GLY U 206 -14.56 62.91 13.31
CA GLY U 206 -13.78 64.07 12.97
C GLY U 206 -12.36 63.69 12.64
N LYS U 207 -11.60 64.66 12.13
CA LYS U 207 -10.20 64.40 11.81
C LYS U 207 -9.38 64.14 13.06
N ASN U 208 -9.85 64.57 14.24
CA ASN U 208 -9.21 64.24 15.50
C ASN U 208 -9.77 62.92 15.99
N PRO U 209 -8.97 61.84 16.08
CA PRO U 209 -9.52 60.61 16.68
C PRO U 209 -9.94 60.79 18.12
N ASN U 210 -9.25 61.66 18.86
CA ASN U 210 -9.52 61.81 20.29
C ASN U 210 -10.90 62.37 20.56
N ILE U 211 -11.53 63.03 19.58
CA ILE U 211 -12.84 63.63 19.74
C ILE U 211 -13.87 62.72 19.07
N ILE U 212 -14.98 62.47 19.77
CA ILE U 212 -16.05 61.61 19.27
C ILE U 212 -17.35 62.08 19.89
N LYS U 213 -18.47 61.67 19.29
CA LYS U 213 -19.79 62.12 19.69
C LYS U 213 -20.73 60.94 19.89
N LYS U 214 -21.66 61.11 20.81
CA LYS U 214 -22.72 60.13 21.01
C LYS U 214 -23.58 60.02 19.76
N GLY U 215 -24.07 58.82 19.49
CA GLY U 215 -24.97 58.60 18.37
C GLY U 215 -24.81 57.22 17.77
N LYS U 217 -22.22 58.75 16.96
CA LYS U 217 -21.85 58.41 15.59
C LYS U 217 -21.75 56.91 15.40
N LEU U 218 -22.32 56.41 14.31
CA LEU U 218 -22.18 55.00 13.98
C LEU U 218 -20.75 54.71 13.54
N VAL U 219 -20.19 53.63 14.07
CA VAL U 219 -18.81 53.24 13.84
C VAL U 219 -18.77 51.77 13.49
N ILE U 220 -17.87 51.41 12.57
CA ILE U 220 -17.81 50.05 12.02
C ILE U 220 -16.51 49.38 12.50
N PRO U 221 -16.56 48.52 13.52
CA PRO U 221 -15.37 47.72 13.83
C PRO U 221 -14.99 46.81 12.67
N SER U 222 -13.69 46.59 12.52
CA SER U 222 -13.19 45.75 11.45
C SER U 222 -13.59 44.30 11.68
N LYS U 223 -13.56 43.52 10.59
CA LYS U 223 -13.93 42.11 10.61
C LYS U 223 -15.34 41.92 11.16
N VAL V 2 -20.66 -15.41 45.74
CA VAL V 2 -20.68 -13.93 45.87
C VAL V 2 -19.66 -13.31 44.93
N ILE V 3 -20.02 -12.16 44.35
CA ILE V 3 -19.17 -11.44 43.42
C ILE V 3 -19.20 -9.96 43.78
N ASP V 4 -18.03 -9.33 43.78
CA ASP V 4 -17.91 -7.90 43.95
C ASP V 4 -16.79 -7.41 43.07
N ILE V 5 -16.81 -6.12 42.76
CA ILE V 5 -15.77 -5.46 41.97
C ILE V 5 -15.30 -4.26 42.76
N TYR V 6 -13.98 -4.13 42.90
CA TYR V 6 -13.37 -3.00 43.60
C TYR V 6 -12.33 -2.37 42.70
N LEU V 7 -12.39 -1.04 42.58
CA LEU V 7 -11.39 -0.26 41.88
C LEU V 7 -10.71 0.63 42.90
N LYS V 8 -9.46 0.33 43.22
CA LYS V 8 -8.71 1.03 44.25
C LYS V 8 -7.75 2.00 43.57
N ASN V 9 -8.27 3.16 43.20
CA ASN V 9 -7.41 4.23 42.71
C ASN V 9 -6.51 4.69 43.83
N GLU V 10 -5.28 5.09 43.48
CA GLU V 10 -4.25 5.44 44.45
C GLU V 10 -3.75 6.86 44.29
N LYS V 11 -3.52 7.34 43.06
CA LYS V 11 -3.18 8.74 42.89
C LYS V 11 -4.31 9.64 43.37
N GLU V 12 -5.53 9.15 43.30
CA GLU V 12 -6.65 9.66 44.10
C GLU V 12 -7.02 8.53 45.04
N LYS V 13 -6.83 8.74 46.34
CA LYS V 13 -7.04 7.67 47.32
C LYS V 13 -8.53 7.41 47.44
N ILE V 14 -9.06 6.70 46.45
CA ILE V 14 -10.46 6.33 46.36
C ILE V 14 -10.54 4.82 46.19
N ASP V 15 -11.38 4.17 46.98
CA ASP V 15 -11.62 2.74 46.90
C ASP V 15 -13.06 2.56 46.43
N PHE V 16 -13.26 2.59 45.13
CA PHE V 16 -14.60 2.48 44.57
C PHE V 16 -15.04 1.03 44.55
N HIS V 17 -16.28 0.80 44.99
CA HIS V 17 -16.91 -0.51 44.94
C HIS V 17 -18.16 -0.42 44.07
N PHE V 18 -18.25 -1.28 43.07
CA PHE V 18 -19.34 -1.19 42.11
C PHE V 18 -20.66 -1.50 42.81
N PRO V 19 -21.67 -0.64 42.75
CA PRO V 19 -22.95 -0.99 43.38
C PRO V 19 -23.63 -2.18 42.76
N VAL V 20 -23.30 -2.51 41.50
CA VAL V 20 -24.03 -3.51 40.73
C VAL V 20 -23.03 -4.45 40.07
N ASN V 21 -23.34 -5.74 40.12
CA ASN V 21 -22.49 -6.76 39.54
C ASN V 21 -22.51 -6.67 38.01
N PRO V 22 -21.51 -7.25 37.33
CA PRO V 22 -21.31 -6.95 35.91
C PRO V 22 -22.26 -7.68 34.97
N GLN V 23 -23.57 -7.44 35.17
CA GLN V 23 -24.63 -7.86 34.26
C GLN V 23 -24.56 -9.34 33.88
N ASP V 24 -24.23 -9.66 32.63
CA ASP V 24 -24.52 -10.99 32.11
C ASP V 24 -23.41 -11.98 32.41
N SER V 25 -22.19 -11.67 31.99
CA SER V 25 -21.10 -12.63 32.15
C SER V 25 -19.77 -11.93 31.92
N LEU V 26 -18.82 -12.23 32.79
CA LEU V 26 -17.43 -11.83 32.62
C LEU V 26 -16.70 -12.85 31.78
N SER V 27 -15.57 -12.43 31.22
CA SER V 27 -14.75 -13.33 30.43
C SER V 27 -13.41 -12.68 30.19
N ILE V 28 -12.35 -13.46 30.31
CA ILE V 28 -10.99 -13.00 30.04
C ILE V 28 -10.33 -14.02 29.12
N LYS V 29 -9.70 -13.53 28.06
CA LYS V 29 -8.99 -14.36 27.11
C LYS V 29 -7.52 -14.46 27.49
N LYS V 30 -6.85 -15.46 26.91
CA LYS V 30 -5.40 -15.55 26.99
C LYS V 30 -4.90 -16.17 25.69
N GLU V 31 -3.90 -15.54 25.08
CA GLU V 31 -3.43 -15.91 23.76
C GLU V 31 -1.91 -15.86 23.77
N LYS V 32 -1.26 -16.98 23.50
CA LYS V 32 0.19 -17.02 23.56
C LYS V 32 0.78 -16.17 22.44
N ARG V 33 1.79 -15.39 22.80
CA ARG V 33 2.44 -14.49 21.86
C ARG V 33 3.40 -15.28 21.00
N PHE V 34 3.03 -15.53 19.75
CA PHE V 34 3.81 -16.38 18.85
C PHE V 34 3.64 -15.90 17.42
N GLU V 35 4.52 -16.36 16.56
CA GLU V 35 4.50 -16.03 15.14
C GLU V 35 4.63 -17.31 14.34
N THR V 36 4.05 -17.30 13.14
CA THR V 36 4.08 -18.43 12.23
C THR V 36 5.09 -18.17 11.13
N VAL V 37 5.88 -19.20 10.81
CA VAL V 37 6.87 -19.11 9.73
C VAL V 37 6.80 -20.39 8.92
N ASP V 38 6.86 -20.25 7.60
CA ASP V 38 6.93 -21.38 6.69
C ASP V 38 8.38 -21.63 6.30
N ILE V 39 8.69 -22.88 5.98
CA ILE V 39 10.01 -23.29 5.57
C ILE V 39 9.86 -24.13 4.31
N VAL V 40 10.75 -23.90 3.34
CA VAL V 40 10.65 -24.56 2.05
C VAL V 40 10.74 -26.07 2.22
N ASN V 41 9.81 -26.79 1.60
CA ASN V 41 9.73 -28.24 1.62
C ASN V 41 9.43 -28.81 3.01
N LEU V 42 9.00 -27.98 3.95
CA LEU V 42 8.57 -28.44 5.27
C LEU V 42 7.22 -27.88 5.69
N GLY V 43 6.92 -26.63 5.30
CA GLY V 43 5.64 -26.03 5.61
C GLY V 43 5.67 -25.14 6.82
N GLU V 44 4.52 -24.95 7.45
CA GLU V 44 4.37 -23.97 8.51
C GLU V 44 4.98 -24.46 9.82
N PHE V 45 5.38 -23.51 10.65
CA PHE V 45 5.86 -23.77 12.00
C PHE V 45 5.48 -22.61 12.89
N ASP V 46 5.33 -22.89 14.18
CA ASP V 46 4.97 -21.89 15.18
C ASP V 46 6.19 -21.57 16.02
N ILE V 47 6.57 -20.30 16.05
CA ILE V 47 7.67 -19.81 16.87
C ILE V 47 7.06 -18.99 17.99
N LYS V 48 7.27 -19.41 19.23
CA LYS V 48 6.83 -18.63 20.36
C LYS V 48 7.68 -17.37 20.49
N LYS V 49 7.02 -16.25 20.75
CA LYS V 49 7.69 -15.00 21.10
C LYS V 49 7.70 -14.87 22.61
N GLU V 50 8.85 -14.49 23.15
CA GLU V 50 9.06 -14.57 24.59
C GLU V 50 8.13 -13.64 25.36
N GLY V 51 7.85 -12.46 24.83
CA GLY V 51 7.06 -11.50 25.58
C GLY V 51 5.64 -11.96 25.80
N GLU V 52 4.99 -11.33 26.78
CA GLU V 52 3.60 -11.62 27.11
C GLU V 52 2.70 -10.72 26.27
N LYS V 53 1.41 -10.69 26.60
CA LYS V 53 0.41 -9.99 25.81
C LYS V 53 -0.56 -9.25 26.72
N ILE V 54 -0.89 -8.02 26.34
CA ILE V 54 -1.90 -7.24 27.06
C ILE V 54 -3.26 -7.83 26.74
N ARG V 55 -4.06 -8.08 27.76
CA ARG V 55 -5.39 -8.66 27.62
C ARG V 55 -6.40 -7.79 28.33
N GLU V 56 -7.64 -7.83 27.85
CA GLU V 56 -8.68 -6.90 28.22
C GLU V 56 -9.78 -7.59 29.03
N ILE V 57 -10.40 -6.82 29.92
CA ILE V 57 -11.58 -7.23 30.65
C ILE V 57 -12.65 -6.17 30.42
N SER V 58 -13.84 -6.59 30.01
CA SER V 58 -14.93 -5.68 29.69
C SER V 58 -16.23 -6.25 30.20
N PHE V 59 -17.15 -5.36 30.53
CA PHE V 59 -18.48 -5.74 30.99
C PHE V 59 -19.35 -4.49 30.93
N LYS V 60 -20.56 -4.58 31.49
CA LYS V 60 -21.48 -3.46 31.49
C LYS V 60 -22.37 -3.57 32.72
N THR V 61 -22.83 -2.42 33.20
CA THR V 61 -23.61 -2.33 34.43
C THR V 61 -24.60 -1.19 34.30
N PHE V 62 -25.33 -0.93 35.37
CA PHE V 62 -26.12 0.28 35.52
C PHE V 62 -25.93 0.79 36.94
N LEU V 63 -25.76 2.11 37.07
CA LEU V 63 -25.54 2.72 38.36
C LEU V 63 -26.89 3.15 38.94
N PRO V 64 -27.51 2.39 39.83
CA PRO V 64 -28.88 2.70 40.22
C PRO V 64 -28.93 3.94 41.11
N ASN V 65 -30.10 4.59 41.08
CA ASN V 65 -30.28 5.81 41.86
C ASN V 65 -30.43 5.49 43.35
N LEU V 66 -31.22 4.46 43.67
CA LEU V 66 -31.51 4.09 45.05
C LEU V 66 -31.49 2.58 45.18
N TYR V 67 -30.75 2.07 46.16
CA TYR V 67 -30.65 0.64 46.38
C TYR V 67 -31.91 0.10 47.03
N SER V 75 -23.75 -2.16 49.82
CA SER V 75 -24.97 -1.33 50.02
C SER V 75 -24.64 0.16 50.02
N GLU V 76 -23.37 0.51 50.21
CA GLU V 76 -22.95 1.90 50.10
C GLU V 76 -23.21 2.40 48.69
N LEU V 77 -23.62 3.67 48.58
CA LEU V 77 -24.14 4.18 47.33
C LEU V 77 -23.73 5.64 47.16
N LYS V 78 -23.80 6.11 45.91
CA LYS V 78 -23.48 7.48 45.55
C LYS V 78 -24.24 7.81 44.28
N ASN V 79 -24.32 9.11 43.97
CA ASN V 79 -25.10 9.54 42.81
C ASN V 79 -24.47 8.98 41.53
N PRO V 80 -25.27 8.51 40.57
CA PRO V 80 -24.67 8.00 39.33
C PRO V 80 -23.92 9.06 38.55
N ILE V 81 -24.39 10.31 38.58
CA ILE V 81 -23.73 11.37 37.82
C ILE V 81 -22.31 11.58 38.36
N GLU V 82 -22.19 11.67 39.68
CA GLU V 82 -20.87 11.84 40.28
C GLU V 82 -19.98 10.63 40.00
N VAL V 83 -20.56 9.43 40.04
CA VAL V 83 -19.79 8.22 39.77
C VAL V 83 -19.25 8.24 38.35
N VAL V 84 -20.09 8.64 37.39
CA VAL V 84 -19.63 8.75 36.01
C VAL V 84 -18.53 9.79 35.90
N ALA V 85 -18.72 10.93 36.57
CA ALA V 85 -17.67 11.95 36.59
C ALA V 85 -16.40 11.40 37.24
N MET V 86 -16.56 10.57 38.27
CA MET V 86 -15.40 9.96 38.91
C MET V 86 -14.65 9.07 37.93
N LEU V 87 -15.36 8.16 37.27
CA LEU V 87 -14.70 7.22 36.38
C LEU V 87 -14.14 7.92 35.16
N GLU V 88 -14.90 8.86 34.58
CA GLU V 88 -14.41 9.58 33.40
C GLU V 88 -13.14 10.36 33.75
N LYS V 89 -13.05 10.87 34.97
CA LYS V 89 -11.80 11.47 35.42
C LYS V 89 -10.70 10.41 35.46
N TRP V 90 -11.02 9.21 35.93
CA TRP V 90 -10.02 8.17 36.06
C TRP V 90 -9.53 7.65 34.71
N VAL V 91 -10.32 7.84 33.64
CA VAL V 91 -9.91 7.35 32.34
C VAL V 91 -8.62 8.03 31.89
N ASP V 92 -8.51 9.33 32.13
CA ASP V 92 -7.32 10.08 31.75
C ASP V 92 -6.17 9.90 32.74
N GLN V 93 -6.37 9.19 33.85
CA GLN V 93 -5.31 9.03 34.83
C GLN V 93 -4.19 8.18 34.25
N ALA V 94 -2.98 8.76 34.20
CA ALA V 94 -1.83 8.00 33.74
C ALA V 94 -1.50 6.86 34.71
N GLU V 95 -1.63 7.12 36.00
CA GLU V 95 -1.29 6.11 36.99
C GLU V 95 -2.26 4.94 36.92
N PRO V 96 -1.85 3.76 37.35
CA PRO V 96 -2.69 2.57 37.20
C PRO V 96 -3.70 2.42 38.32
N LEU V 97 -4.74 1.67 38.05
CA LEU V 97 -5.78 1.32 39.00
C LEU V 97 -5.68 -0.16 39.34
N ARG V 98 -6.00 -0.48 40.59
CA ARG V 98 -6.04 -1.86 41.05
C ARG V 98 -7.48 -2.35 40.97
N LEU V 99 -7.68 -3.41 40.19
CA LEU V 99 -9.00 -4.01 40.00
C LEU V 99 -9.02 -5.38 40.67
N ILE V 100 -10.01 -5.60 41.52
CA ILE V 100 -10.20 -6.86 42.22
C ILE V 100 -11.62 -7.34 41.95
N ILE V 101 -11.75 -8.59 41.53
CA ILE V 101 -13.05 -9.19 41.24
C ILE V 101 -13.10 -10.48 42.05
N THR V 102 -13.96 -10.51 43.07
CA THR V 102 -13.95 -11.59 44.05
C THR V 102 -14.29 -12.94 43.44
N GLY V 103 -15.52 -13.10 42.96
CA GLY V 103 -15.94 -14.41 42.48
C GLY V 103 -15.17 -14.85 41.25
N PHE V 104 -14.91 -13.92 40.33
CA PHE V 104 -14.11 -14.25 39.16
C PHE V 104 -12.67 -14.58 39.51
N GLY V 105 -12.21 -14.17 40.68
CA GLY V 105 -10.83 -14.45 41.06
C GLY V 105 -9.81 -13.72 40.23
N TYR V 106 -10.05 -12.44 39.94
CA TYR V 106 -9.10 -11.59 39.24
C TYR V 106 -8.57 -10.51 40.17
N ASN V 107 -7.28 -10.25 40.07
CA ASN V 107 -6.63 -9.27 40.94
C ASN V 107 -5.35 -8.83 40.26
N GLY V 108 -5.29 -7.59 39.85
CA GLY V 108 -4.10 -7.07 39.20
C GLY V 108 -4.32 -5.65 38.75
N LEU V 109 -3.22 -4.93 38.57
CA LEU V 109 -3.27 -3.55 38.15
C LEU V 109 -3.81 -3.45 36.73
N VAL V 110 -4.75 -2.55 36.51
CA VAL V 110 -5.35 -2.31 35.20
C VAL V 110 -5.53 -0.82 35.01
N THR V 111 -5.86 -0.44 33.78
CA THR V 111 -6.17 0.93 33.43
C THR V 111 -7.38 0.93 32.50
N ILE V 112 -8.27 1.89 32.69
CA ILE V 112 -9.50 1.94 31.91
C ILE V 112 -9.17 2.39 30.50
N SER V 113 -9.51 1.56 29.51
CA SER V 113 -9.29 1.94 28.13
C SER V 113 -10.42 2.81 27.61
N SER V 114 -11.65 2.32 27.72
CA SER V 114 -12.83 3.00 27.22
C SER V 114 -13.91 2.99 28.30
N PHE V 115 -14.78 3.99 28.23
CA PHE V 115 -15.87 4.12 29.18
C PHE V 115 -17.03 4.82 28.49
N SER V 116 -18.24 4.43 28.84
CA SER V 116 -19.43 5.00 28.24
C SER V 116 -20.61 4.85 29.18
N ASN V 117 -21.41 5.90 29.28
CA ASN V 117 -22.63 5.91 30.06
C ASN V 117 -23.81 6.04 29.10
N THR V 118 -25.01 5.81 29.63
CA THR V 118 -26.20 5.88 28.80
C THR V 118 -27.42 6.06 29.69
N GLN V 119 -28.33 6.92 29.25
CA GLN V 119 -29.62 7.14 29.89
C GLN V 119 -30.69 6.52 29.02
N THR V 120 -31.35 5.48 29.52
CA THR V 120 -32.42 4.86 28.76
C THR V 120 -33.66 5.76 28.80
N ALA V 121 -34.65 5.42 27.98
CA ALA V 121 -35.86 6.23 27.88
C ALA V 121 -36.54 6.39 29.24
N GLY V 122 -36.95 5.27 29.85
CA GLY V 122 -37.30 5.28 31.24
C GLY V 122 -36.04 5.30 32.08
N ARG V 123 -36.24 5.09 33.38
CA ARG V 123 -35.15 4.93 34.36
C ARG V 123 -34.10 6.04 34.21
N GLU V 124 -34.61 7.26 34.08
CA GLU V 124 -33.75 8.39 33.71
C GLU V 124 -32.68 8.66 34.76
N GLU V 125 -32.93 8.29 36.02
CA GLU V 125 -31.93 8.51 37.06
C GLU V 125 -30.74 7.59 36.90
N ASP V 126 -30.99 6.33 36.56
CA ASP V 126 -29.90 5.38 36.41
C ASP V 126 -29.06 5.70 35.18
N ARG V 127 -27.87 5.10 35.13
CA ARG V 127 -26.95 5.29 34.01
C ARG V 127 -26.38 3.93 33.65
N ASP V 128 -26.76 3.40 32.49
CA ASP V 128 -26.16 2.16 32.01
C ASP V 128 -24.71 2.41 31.63
N ILE V 129 -23.82 1.58 32.15
CA ILE V 129 -22.38 1.75 31.99
C ILE V 129 -21.85 0.57 31.18
N GLU V 130 -20.90 0.86 30.29
CA GLU V 130 -20.13 -0.15 29.60
C GLU V 130 -18.67 0.26 29.68
N ILE V 131 -17.86 -0.55 30.36
CA ILE V 131 -16.48 -0.22 30.69
C ILE V 131 -15.56 -1.33 30.23
N THR V 132 -14.33 -0.95 29.90
CA THR V 132 -13.31 -1.89 29.45
C THR V 132 -12.00 -1.56 30.14
N PHE V 133 -11.28 -2.60 30.56
CA PHE V 133 -10.00 -2.46 31.24
C PHE V 133 -8.91 -3.13 30.43
N ARG V 134 -7.69 -2.65 30.61
CA ARG V 134 -6.50 -3.24 30.03
C ARG V 134 -5.55 -3.63 31.14
N THR V 135 -4.95 -4.81 31.03
CA THR V 135 -3.92 -5.22 31.97
C THR V 135 -2.79 -4.21 31.93
N TYR V 136 -2.33 -3.80 33.10
CA TYR V 136 -1.31 -2.76 33.22
C TYR V 136 0.05 -3.39 33.47
N ARG V 137 1.08 -2.77 32.91
CA ARG V 137 2.45 -3.15 33.16
C ARG V 137 3.28 -1.87 33.30
N GLU V 138 4.49 -2.03 33.82
CA GLU V 138 5.38 -0.92 34.11
C GLU V 138 6.67 -1.06 33.31
N LEU V 139 7.23 0.08 32.93
CA LEU V 139 8.49 0.15 32.19
C LEU V 139 9.56 0.67 33.13
N LYS V 140 10.46 -0.23 33.55
CA LYS V 140 11.53 0.12 34.48
C LYS V 140 12.81 0.34 33.66
N ILE V 141 12.87 1.51 33.03
CA ILE V 141 14.02 1.86 32.18
C ILE V 141 15.30 1.96 32.99
N SER V 150 26.92 -1.21 37.84
CA SER V 150 28.34 -1.54 38.18
C SER V 150 28.40 -2.72 39.15
N ASN V 151 29.48 -3.49 39.08
CA ASN V 151 29.68 -4.66 39.93
C ASN V 151 28.54 -5.66 39.75
N THR V 152 28.49 -6.21 38.53
CA THR V 152 27.43 -7.13 38.17
C THR V 152 27.40 -8.35 39.08
N LYS V 153 26.21 -8.69 39.55
CA LYS V 153 26.02 -9.81 40.47
C LYS V 153 24.51 -10.01 40.65
N THR V 154 24.13 -11.24 40.98
CA THR V 154 22.71 -11.55 41.14
C THR V 154 22.13 -10.78 42.32
N ASP V 155 20.88 -10.35 42.15
CA ASP V 155 20.19 -9.57 43.17
C ASP V 155 18.69 -9.77 42.99
N LEU V 156 17.91 -9.22 43.91
CA LEU V 156 16.46 -9.37 43.85
C LEU V 156 15.91 -8.72 42.59
N LYS V 157 14.92 -9.38 41.99
CA LYS V 157 14.28 -8.82 40.81
C LYS V 157 13.40 -7.64 41.20
N ASP V 158 13.20 -6.73 40.25
CA ASP V 158 12.35 -5.56 40.45
C ASP V 158 10.93 -5.84 39.94
N ASN V 159 10.34 -6.89 40.51
CA ASN V 159 9.00 -7.30 40.09
C ASN V 159 7.89 -6.57 40.81
N ARG V 160 8.15 -6.03 42.00
CA ARG V 160 7.10 -5.42 42.79
C ARG V 160 6.58 -4.18 42.07
N PRO V 161 5.29 -4.07 41.76
CA PRO V 161 4.78 -2.77 41.32
C PRO V 161 4.91 -1.75 42.44
N ASN V 162 5.29 -0.53 42.07
CA ASN V 162 5.59 0.53 43.03
C ASN V 162 4.39 1.45 43.24
N THR V 163 3.18 0.91 43.17
CA THR V 163 1.98 1.71 43.29
C THR V 163 1.74 2.12 44.73
N GLN V 164 2.27 3.28 45.11
CA GLN V 164 2.00 3.86 46.42
C GLN V 164 2.12 5.37 46.29
N THR V 165 1.24 6.09 47.00
CA THR V 165 1.10 7.53 46.86
C THR V 165 1.13 8.19 48.23
N LYS V 166 1.68 9.40 48.25
CA LYS V 166 1.80 10.19 49.47
C LYS V 166 1.43 11.63 49.15
N SER V 167 1.05 12.37 50.19
CA SER V 167 0.69 13.77 50.00
C SER V 167 1.89 14.57 49.51
N LYS V 168 1.60 15.57 48.67
CA LYS V 168 2.65 16.43 48.15
C LYS V 168 3.24 17.37 49.19
N ILE V 169 2.65 17.47 50.37
CA ILE V 169 3.16 18.28 51.46
C ILE V 169 3.29 17.41 52.69
N TYR V 170 4.44 17.49 53.36
CA TYR V 170 4.77 16.66 54.51
C TYR V 170 4.86 17.52 55.76
N THR V 171 4.29 17.01 56.86
CA THR V 171 4.41 17.64 58.17
C THR V 171 5.48 16.89 58.96
N VAL V 172 6.53 17.60 59.35
CA VAL V 172 7.66 16.96 60.01
C VAL V 172 7.23 16.49 61.39
N LYS V 173 7.60 15.24 61.72
CA LYS V 173 7.35 14.66 63.02
C LYS V 173 8.59 14.81 63.90
N ALA V 174 8.46 14.37 65.15
CA ALA V 174 9.48 14.66 66.16
C ALA V 174 10.79 13.98 65.83
N SER V 175 10.76 12.68 65.55
CA SER V 175 11.98 11.92 65.34
C SER V 175 12.55 12.06 63.93
N ASP V 176 11.88 12.78 63.04
CA ASP V 176 12.27 12.81 61.65
C ASP V 176 13.60 13.52 61.47
N THR V 177 14.32 13.13 60.42
CA THR V 177 15.49 13.84 59.92
C THR V 177 15.33 13.97 58.41
N LEU V 178 15.97 14.98 57.85
CA LEU V 178 15.76 15.31 56.44
C LEU V 178 16.14 14.15 55.54
N TYR V 179 17.20 13.41 55.90
CA TYR V 179 17.53 12.22 55.13
C TYR V 179 16.42 11.18 55.24
N LYS V 180 15.88 10.99 56.44
CA LYS V 180 14.84 9.99 56.63
C LYS V 180 13.60 10.35 55.82
N ILE V 181 13.25 11.63 55.77
CA ILE V 181 12.08 12.05 54.99
C ILE V 181 12.30 11.75 53.52
N ALA V 182 13.52 11.98 53.03
CA ALA V 182 13.80 11.73 51.62
C ALA V 182 13.62 10.26 51.28
N LYS V 183 14.11 9.37 52.13
CA LYS V 183 14.01 7.96 51.82
C LYS V 183 12.58 7.46 51.92
N ASN V 184 11.89 7.82 53.00
CA ASN V 184 10.51 7.39 53.17
C ASN V 184 9.60 7.94 52.09
N LEU V 185 9.87 9.17 51.65
CA LEU V 185 8.94 9.92 50.81
C LEU V 185 9.48 10.19 49.41
N LEU V 186 10.75 9.91 49.13
CA LEU V 186 11.31 10.12 47.80
C LEU V 186 12.27 9.01 47.37
N GLY V 187 12.30 7.88 48.07
CA GLY V 187 13.04 6.74 47.60
C GLY V 187 14.45 6.59 48.13
N LYS V 188 15.44 7.06 47.37
CA LYS V 188 16.83 6.70 47.64
C LYS V 188 17.33 7.26 48.96
N GLY V 189 16.75 8.35 49.45
CA GLY V 189 17.19 8.99 50.66
C GLY V 189 18.30 10.00 50.47
N SER V 190 19.23 9.74 49.55
CA SER V 190 20.20 10.75 49.16
C SER V 190 19.57 11.89 48.37
N ARG V 191 18.29 11.77 47.98
CA ARG V 191 17.52 12.80 47.30
C ARG V 191 17.17 13.97 48.21
N TRP V 192 17.63 14.04 49.46
CA TRP V 192 17.23 15.14 50.33
C TRP V 192 17.52 16.54 49.77
N PRO V 193 18.62 16.81 49.05
CA PRO V 193 18.82 18.20 48.58
C PRO V 193 17.73 18.67 47.65
N GLU V 194 17.05 17.75 46.97
CA GLU V 194 15.90 18.14 46.15
C GLU V 194 14.82 18.75 47.02
N ILE V 195 14.58 18.18 48.20
CA ILE V 195 13.62 18.77 49.13
C ILE V 195 14.14 20.11 49.63
N TYR V 196 15.41 20.17 50.00
CA TYR V 196 15.94 21.39 50.61
C TYR V 196 16.00 22.53 49.61
N ASN V 197 16.46 22.26 48.39
CA ASN V 197 16.71 23.33 47.43
C ASN V 197 15.44 24.05 46.99
N ILE V 198 14.27 23.50 47.24
CA ILE V 198 13.04 24.23 46.95
C ILE V 198 13.01 25.49 47.83
N PRO V 199 12.81 26.68 47.28
CA PRO V 199 12.91 27.90 48.12
C PRO V 199 11.92 27.94 49.26
N GLU V 200 10.71 27.40 49.07
CA GLU V 200 9.76 27.35 50.18
C GLU V 200 10.30 26.48 51.31
N ASN V 201 10.89 25.33 50.96
CA ASN V 201 11.51 24.49 51.98
C ASN V 201 12.70 25.20 52.61
N LYS V 202 13.48 25.93 51.81
CA LYS V 202 14.59 26.69 52.36
C LYS V 202 14.10 27.75 53.33
N LYS V 203 12.99 28.40 53.01
CA LYS V 203 12.48 29.45 53.88
C LYS V 203 12.02 28.87 55.22
N VAL V 204 11.19 27.83 55.19
CA VAL V 204 10.67 27.28 56.43
C VAL V 204 11.77 26.58 57.21
N ILE V 205 12.61 25.82 56.53
CA ILE V 205 13.71 25.12 57.19
C ILE V 205 14.78 26.14 57.53
N GLY V 206 15.52 25.90 58.60
CA GLY V 206 16.67 26.72 58.90
C GLY V 206 17.72 26.59 57.83
N LYS V 207 18.73 27.47 57.93
CA LYS V 207 19.82 27.40 56.96
C LYS V 207 20.64 26.13 57.11
N ASN V 208 20.57 25.47 58.27
CA ASN V 208 21.21 24.17 58.45
C ASN V 208 20.23 23.09 58.02
N PRO V 209 20.50 22.31 56.97
CA PRO V 209 19.59 21.21 56.65
C PRO V 209 19.53 20.17 57.76
N ASN V 210 20.62 19.98 58.50
CA ASN V 210 20.66 18.92 59.50
C ASN V 210 19.71 19.19 60.66
N ILE V 211 19.25 20.43 60.84
CA ILE V 211 18.36 20.80 61.93
C ILE V 211 16.95 20.97 61.35
N ILE V 212 15.97 20.40 62.04
CA ILE V 212 14.58 20.45 61.62
C ILE V 212 13.70 20.36 62.86
N LYS V 213 12.44 20.75 62.72
CA LYS V 213 11.51 20.83 63.83
C LYS V 213 10.20 20.12 63.48
N LYS V 214 9.59 19.57 64.52
CA LYS V 214 8.25 19.00 64.39
C LYS V 214 7.25 20.09 64.01
N GLY V 215 6.26 19.71 63.22
CA GLY V 215 5.18 20.60 62.83
C GLY V 215 4.65 20.31 61.45
N LYS V 217 7.44 21.59 60.93
CA LYS V 217 7.49 22.43 59.74
C LYS V 217 6.91 21.71 58.53
N LEU V 218 6.00 22.39 57.82
CA LEU V 218 5.50 21.85 56.58
C LEU V 218 6.59 21.86 55.51
N VAL V 219 6.72 20.75 54.79
CA VAL V 219 7.76 20.56 53.80
C VAL V 219 7.13 20.01 52.53
N ILE V 220 7.63 20.46 51.38
CA ILE V 220 7.03 20.13 50.09
C ILE V 220 7.98 19.22 49.31
N PRO V 221 7.73 17.91 49.27
CA PRO V 221 8.50 17.06 48.35
C PRO V 221 8.29 17.47 46.91
N SER V 222 9.33 17.30 46.11
CA SER V 222 9.26 17.65 44.70
C SER V 222 8.34 16.70 43.96
N LYS V 223 7.85 17.16 42.81
CA LYS V 223 6.92 16.40 41.98
C LYS V 223 5.67 16.00 42.76
N VAL W 2 -17.93 -43.67 23.04
CA VAL W 2 -17.31 -42.94 24.18
C VAL W 2 -16.28 -41.95 23.65
N ILE W 3 -16.21 -40.79 24.31
CA ILE W 3 -15.29 -39.73 23.94
C ILE W 3 -14.64 -39.19 25.21
N ASP W 4 -13.34 -38.96 25.15
CA ASP W 4 -12.60 -38.31 26.22
C ASP W 4 -11.52 -37.45 25.59
N ILE W 5 -11.04 -36.47 26.36
CA ILE W 5 -9.96 -35.59 25.94
C ILE W 5 -8.91 -35.61 27.04
N TYR W 6 -7.66 -35.83 26.64
CA TYR W 6 -6.53 -35.85 27.57
C TYR W 6 -5.47 -34.89 27.08
N LEU W 7 -4.99 -34.05 27.98
CA LEU W 7 -3.87 -33.15 27.72
C LEU W 7 -2.73 -33.58 28.64
N LYS W 8 -1.70 -34.17 28.05
CA LYS W 8 -0.57 -34.72 28.80
C LYS W 8 0.59 -33.73 28.71
N ASN W 9 0.55 -32.71 29.55
CA ASN W 9 1.69 -31.83 29.68
C ASN W 9 2.88 -32.60 30.23
N GLU W 10 4.07 -32.24 29.79
CA GLU W 10 5.29 -32.96 30.13
C GLU W 10 6.33 -32.11 30.84
N LYS W 11 6.54 -30.86 30.41
CA LYS W 11 7.41 -29.98 31.18
C LYS W 11 6.86 -29.75 32.58
N GLU W 12 5.54 -29.81 32.72
CA GLU W 12 4.89 -30.03 34.00
C GLU W 12 4.21 -31.39 33.88
N LYS W 13 4.66 -32.37 34.66
CA LYS W 13 4.19 -33.75 34.51
C LYS W 13 2.77 -33.81 35.04
N ILE W 14 1.84 -33.32 34.23
CA ILE W 14 0.41 -33.29 34.53
C ILE W 14 -0.32 -33.96 33.39
N ASP W 15 -1.20 -34.89 33.72
CA ASP W 15 -2.02 -35.60 32.74
C ASP W 15 -3.46 -35.16 32.98
N PHE W 16 -3.83 -34.04 32.37
CA PHE W 16 -5.16 -33.48 32.57
C PHE W 16 -6.17 -34.22 31.70
N HIS W 17 -7.31 -34.55 32.29
CA HIS W 17 -8.43 -35.16 31.60
C HIS W 17 -9.63 -34.24 31.73
N PHE W 18 -10.22 -33.87 30.61
CA PHE W 18 -11.31 -32.90 30.62
C PHE W 18 -12.51 -33.49 31.35
N PRO W 19 -13.07 -32.84 32.38
CA PRO W 19 -14.26 -33.41 33.02
C PRO W 19 -15.47 -33.48 32.11
N VAL W 20 -15.50 -32.68 31.06
CA VAL W 20 -16.69 -32.52 30.22
C VAL W 20 -16.31 -32.61 28.76
N ASN W 21 -17.12 -33.32 27.99
CA ASN W 21 -16.89 -33.52 26.58
C ASN W 21 -17.09 -32.20 25.82
N PRO W 22 -16.55 -32.09 24.59
CA PRO W 22 -16.46 -30.77 23.94
C PRO W 22 -17.77 -30.29 23.32
N GLN W 23 -18.80 -30.17 24.16
CA GLN W 23 -20.07 -29.52 23.83
C GLN W 23 -20.68 -30.05 22.53
N ASP W 24 -20.72 -29.23 21.47
CA ASP W 24 -21.63 -29.52 20.36
C ASP W 24 -21.00 -30.45 19.34
N SER W 25 -19.84 -30.08 18.81
CA SER W 25 -19.25 -30.88 17.75
C SER W 25 -17.80 -30.47 17.53
N LEU W 26 -16.95 -31.48 17.39
CA LEU W 26 -15.56 -31.29 16.98
C LEU W 26 -15.48 -31.26 15.47
N SER W 27 -14.38 -30.70 14.97
CA SER W 27 -14.16 -30.62 13.54
C SER W 27 -12.73 -30.21 13.29
N ILE W 28 -12.07 -30.88 12.34
CA ILE W 28 -10.71 -30.57 11.93
C ILE W 28 -10.69 -30.46 10.42
N LYS W 29 -10.10 -29.39 9.92
CA LYS W 29 -9.95 -29.16 8.50
C LYS W 29 -8.62 -29.72 8.00
N LYS W 30 -8.53 -29.88 6.69
CA LYS W 30 -7.25 -30.16 6.04
C LYS W 30 -7.27 -29.52 4.68
N GLU W 31 -6.20 -28.79 4.35
CA GLU W 31 -6.13 -27.96 3.15
C GLU W 31 -4.75 -28.14 2.55
N LYS W 32 -4.69 -28.61 1.31
CA LYS W 32 -3.40 -28.85 0.70
C LYS W 32 -2.68 -27.54 0.44
N ARG W 33 -1.39 -27.52 0.73
CA ARG W 33 -0.58 -26.32 0.59
C ARG W 33 -0.18 -26.18 -0.88
N PHE W 34 -0.79 -25.22 -1.57
CA PHE W 34 -0.59 -25.06 -3.00
C PHE W 34 -0.77 -23.60 -3.36
N GLU W 35 -0.30 -23.24 -4.55
CA GLU W 35 -0.39 -21.89 -5.09
C GLU W 35 -0.95 -21.96 -6.51
N THR W 36 -1.65 -20.91 -6.89
CA THR W 36 -2.24 -20.81 -8.23
C THR W 36 -1.39 -19.89 -9.08
N VAL W 37 -1.17 -20.29 -10.32
CA VAL W 37 -0.42 -19.50 -11.28
C VAL W 37 -1.14 -19.54 -12.63
N ASP W 38 -1.24 -18.39 -13.27
CA ASP W 38 -1.79 -18.27 -14.61
C ASP W 38 -0.66 -18.25 -15.62
N ILE W 39 -0.96 -18.74 -16.82
CA ILE W 39 -0.01 -18.77 -17.92
C ILE W 39 -0.70 -18.17 -19.14
N VAL W 40 0.05 -17.35 -19.89
CA VAL W 40 -0.53 -16.65 -21.03
C VAL W 40 -1.05 -17.65 -22.05
N ASN W 41 -2.29 -17.42 -22.50
CA ASN W 41 -2.97 -18.24 -23.48
C ASN W 41 -3.26 -19.66 -23.00
N LEU W 42 -3.15 -19.92 -21.71
CA LEU W 42 -3.52 -21.20 -21.13
C LEU W 42 -4.42 -21.06 -19.92
N GLY W 43 -4.23 -20.03 -19.11
CA GLY W 43 -5.08 -19.78 -17.96
C GLY W 43 -4.50 -20.30 -16.67
N GLU W 44 -5.36 -20.52 -15.69
CA GLU W 44 -4.92 -20.85 -14.34
C GLU W 44 -4.36 -22.26 -14.25
N PHE W 45 -3.48 -22.47 -13.28
CA PHE W 45 -2.95 -23.78 -12.95
C PHE W 45 -2.66 -23.83 -11.46
N ASP W 46 -2.72 -25.02 -10.90
CA ASP W 46 -2.47 -25.26 -9.48
C ASP W 46 -1.11 -25.93 -9.32
N ILE W 47 -0.22 -25.29 -8.57
CA ILE W 47 1.09 -25.83 -8.25
C ILE W 47 1.07 -26.22 -6.78
N LYS W 48 1.26 -27.50 -6.49
CA LYS W 48 1.35 -27.93 -5.11
C LYS W 48 2.66 -27.43 -4.51
N LYS W 49 2.60 -26.97 -3.28
CA LYS W 49 3.77 -26.63 -2.49
C LYS W 49 4.07 -27.81 -1.56
N GLU W 50 5.35 -28.17 -1.48
CA GLU W 50 5.72 -29.42 -0.83
C GLU W 50 5.40 -29.42 0.66
N GLY W 51 5.56 -28.29 1.33
CA GLY W 51 5.38 -28.25 2.77
C GLY W 51 3.94 -28.53 3.18
N GLU W 52 3.79 -28.93 4.43
CA GLU W 52 2.49 -29.19 5.02
C GLU W 52 1.92 -27.89 5.58
N LYS W 53 0.83 -28.00 6.34
CA LYS W 53 0.12 -26.83 6.85
C LYS W 53 -0.30 -27.06 8.29
N ILE W 54 -0.12 -26.03 9.11
CA ILE W 54 -0.58 -26.06 10.49
C ILE W 54 -2.10 -25.95 10.49
N ARG W 55 -2.76 -26.82 11.26
CA ARG W 55 -4.21 -26.85 11.33
C ARG W 55 -4.65 -26.83 12.80
N GLU W 56 -5.84 -26.30 13.02
CA GLU W 56 -6.32 -25.97 14.35
C GLU W 56 -7.46 -26.89 14.76
N ILE W 57 -7.56 -27.12 16.07
CA ILE W 57 -8.69 -27.82 16.68
C ILE W 57 -9.22 -26.91 17.77
N SER W 58 -10.53 -26.66 17.74
CA SER W 58 -11.18 -25.76 18.68
C SER W 58 -12.50 -26.34 19.12
N PHE W 59 -12.90 -25.99 20.33
CA PHE W 59 -14.19 -26.41 20.89
C PHE W 59 -14.44 -25.56 22.12
N LYS W 60 -15.47 -25.91 22.88
CA LYS W 60 -15.83 -25.18 24.09
C LYS W 60 -16.48 -26.14 25.07
N THR W 61 -16.33 -25.84 26.36
CA THR W 61 -16.80 -26.70 27.43
C THR W 61 -17.22 -25.84 28.60
N PHE W 62 -17.60 -26.49 29.70
CA PHE W 62 -17.77 -25.84 30.98
C PHE W 62 -17.18 -26.74 32.05
N LEU W 63 -16.45 -26.14 32.99
CA LEU W 63 -15.80 -26.90 34.05
C LEU W 63 -16.75 -26.97 35.24
N PRO W 64 -17.47 -28.06 35.46
CA PRO W 64 -18.50 -28.07 36.49
C PRO W 64 -17.89 -28.08 37.89
N ASN W 65 -18.66 -27.55 38.83
CA ASN W 65 -18.20 -27.49 40.21
C ASN W 65 -18.24 -28.86 40.87
N LEU W 66 -19.33 -29.61 40.66
CA LEU W 66 -19.53 -30.92 41.27
C LEU W 66 -20.13 -31.86 40.26
N TYR W 67 -19.54 -33.04 40.11
CA TYR W 67 -20.01 -34.02 39.16
C TYR W 67 -21.27 -34.70 39.65
N SER W 75 -14.49 -39.24 36.08
CA SER W 75 -15.20 -38.79 37.31
C SER W 75 -14.27 -37.99 38.23
N GLU W 76 -12.96 -38.12 38.04
CA GLU W 76 -12.02 -37.30 38.78
C GLU W 76 -12.26 -35.83 38.48
N LEU W 77 -12.11 -34.99 39.51
CA LEU W 77 -12.55 -33.60 39.42
C LEU W 77 -11.60 -32.70 40.20
N LYS W 78 -11.65 -31.41 39.85
CA LYS W 78 -10.84 -30.39 40.50
C LYS W 78 -11.57 -29.06 40.36
N ASN W 79 -11.15 -28.08 41.15
CA ASN W 79 -11.84 -26.79 41.16
C ASN W 79 -11.71 -26.13 39.79
N PRO W 80 -12.77 -25.50 39.27
CA PRO W 80 -12.64 -24.84 37.97
C PRO W 80 -11.66 -23.69 37.98
N ILE W 81 -11.55 -22.97 39.09
CA ILE W 81 -10.62 -21.84 39.15
C ILE W 81 -9.19 -22.32 39.00
N GLU W 82 -8.84 -23.38 39.72
CA GLU W 82 -7.49 -23.93 39.61
C GLU W 82 -7.25 -24.49 38.21
N VAL W 83 -8.26 -25.12 37.63
CA VAL W 83 -8.11 -25.67 36.28
C VAL W 83 -7.86 -24.56 35.28
N VAL W 84 -8.59 -23.45 35.40
CA VAL W 84 -8.36 -22.32 34.51
C VAL W 84 -6.96 -21.77 34.72
N ALA W 85 -6.54 -21.65 35.98
CA ALA W 85 -5.16 -21.22 36.25
C ALA W 85 -4.17 -22.21 35.68
N MET W 86 -4.49 -23.50 35.72
CA MET W 86 -3.61 -24.50 35.14
C MET W 86 -3.47 -24.31 33.64
N LEU W 87 -4.59 -24.19 32.94
CA LEU W 87 -4.54 -24.05 31.49
C LEU W 87 -3.92 -22.73 31.07
N GLU W 88 -4.29 -21.64 31.76
CA GLU W 88 -3.72 -20.34 31.42
C GLU W 88 -2.21 -20.34 31.60
N LYS W 89 -1.73 -21.07 32.61
CA LYS W 89 -0.29 -21.26 32.74
C LYS W 89 0.26 -22.02 31.54
N TRP W 90 -0.46 -23.04 31.08
CA TRP W 90 0.02 -23.85 29.97
C TRP W 90 0.03 -23.09 28.66
N VAL W 91 -0.75 -22.01 28.55
CA VAL W 91 -0.80 -21.26 27.30
C VAL W 91 0.57 -20.69 26.99
N ASP W 92 1.26 -20.17 27.99
CA ASP W 92 2.58 -19.60 27.80
C ASP W 92 3.69 -20.64 27.74
N GLN W 93 3.38 -21.92 27.93
CA GLN W 93 4.40 -22.94 27.90
C GLN W 93 4.97 -23.08 26.50
N ALA W 94 6.27 -22.85 26.36
CA ALA W 94 6.92 -23.03 25.08
C ALA W 94 6.90 -24.49 24.65
N GLU W 95 7.09 -25.40 25.59
CA GLU W 95 7.12 -26.81 25.25
C GLU W 95 5.73 -27.27 24.81
N PRO W 96 5.65 -28.34 24.01
CA PRO W 96 4.37 -28.76 23.47
C PRO W 96 3.58 -29.65 24.42
N LEU W 97 2.29 -29.75 24.13
CA LEU W 97 1.37 -30.59 24.87
C LEU W 97 0.89 -31.72 23.95
N ARG W 98 0.64 -32.88 24.55
CA ARG W 98 0.10 -34.02 23.83
C ARG W 98 -1.40 -34.05 24.05
N LEU W 99 -2.16 -33.98 22.95
CA LEU W 99 -3.61 -34.00 22.97
C LEU W 99 -4.10 -35.30 22.37
N ILE W 100 -4.96 -36.00 23.09
CA ILE W 100 -5.55 -37.26 22.65
C ILE W 100 -7.06 -37.13 22.78
N ILE W 101 -7.77 -37.47 21.70
CA ILE W 101 -9.23 -37.43 21.67
C ILE W 101 -9.68 -38.81 21.22
N THR W 102 -10.31 -39.55 22.13
CA THR W 102 -10.60 -40.96 21.89
C THR W 102 -11.57 -41.16 20.73
N GLY W 103 -12.81 -40.71 20.88
CA GLY W 103 -13.81 -40.98 19.87
C GLY W 103 -13.49 -40.32 18.54
N PHE W 104 -13.00 -39.09 18.58
CA PHE W 104 -12.61 -38.40 17.35
C PHE W 104 -11.41 -39.04 16.70
N GLY W 105 -10.64 -39.84 17.43
CA GLY W 105 -9.47 -40.48 16.86
C GLY W 105 -8.37 -39.51 16.49
N TYR W 106 -8.08 -38.55 17.37
CA TYR W 106 -6.99 -37.61 17.19
C TYR W 106 -5.91 -37.86 18.25
N ASN W 107 -4.66 -37.77 17.83
CA ASN W 107 -3.54 -38.02 18.72
C ASN W 107 -2.31 -37.36 18.11
N GLY W 108 -1.81 -36.32 18.75
CA GLY W 108 -0.64 -35.64 18.26
C GLY W 108 -0.29 -34.45 19.14
N LEU W 109 0.96 -34.04 19.04
CA LEU W 109 1.43 -32.92 19.83
C LEU W 109 0.78 -31.63 19.34
N VAL W 110 0.27 -30.84 20.29
CA VAL W 110 -0.35 -29.55 19.98
C VAL W 110 0.07 -28.55 21.04
N THR W 111 -0.24 -27.29 20.78
CA THR W 111 0.00 -26.20 21.71
C THR W 111 -1.21 -25.29 21.71
N ILE W 112 -1.59 -24.81 22.90
CA ILE W 112 -2.78 -23.99 23.04
C ILE W 112 -2.51 -22.61 22.45
N SER W 113 -3.31 -22.22 21.47
CA SER W 113 -3.16 -20.90 20.87
C SER W 113 -3.89 -19.84 21.69
N SER W 114 -5.18 -20.06 21.92
CA SER W 114 -6.02 -19.13 22.64
C SER W 114 -6.83 -19.89 23.68
N PHE W 115 -7.19 -19.18 24.74
CA PHE W 115 -7.98 -19.74 25.82
C PHE W 115 -8.82 -18.64 26.43
N SER W 116 -10.03 -19.02 26.87
CA SER W 116 -10.94 -18.05 27.46
C SER W 116 -11.91 -18.77 28.38
N ASN W 117 -12.16 -18.16 29.53
CA ASN W 117 -13.13 -18.64 30.50
C ASN W 117 -14.28 -17.66 30.57
N THR W 118 -15.36 -18.06 31.25
CA THR W 118 -16.52 -17.20 31.34
C THR W 118 -17.40 -17.67 32.49
N GLN W 119 -17.92 -16.71 33.25
CA GLN W 119 -18.88 -16.96 34.31
C GLN W 119 -20.24 -16.45 33.85
N THR W 120 -21.20 -17.36 33.69
CA THR W 120 -22.53 -16.95 33.28
C THR W 120 -23.27 -16.35 34.49
N ALA W 121 -24.42 -15.75 34.22
CA ALA W 121 -25.17 -15.05 35.27
C ALA W 121 -25.53 -16.00 36.41
N GLY W 122 -26.20 -17.10 36.10
CA GLY W 122 -26.31 -18.20 37.03
C GLY W 122 -25.04 -19.03 36.98
N ARG W 123 -25.11 -20.19 37.62
CA ARG W 123 -24.06 -21.22 37.57
C ARG W 123 -22.68 -20.63 37.83
N GLU W 124 -22.63 -19.76 38.84
CA GLU W 124 -21.44 -18.93 39.07
C GLU W 124 -20.21 -19.78 39.37
N GLU W 125 -20.41 -20.98 39.92
CA GLU W 125 -19.26 -21.83 40.23
C GLU W 125 -18.61 -22.36 38.97
N ASP W 126 -19.41 -22.77 37.99
CA ASP W 126 -18.86 -23.31 36.76
C ASP W 126 -18.18 -22.21 35.95
N ARG W 127 -17.35 -22.63 35.00
CA ARG W 127 -16.64 -21.71 34.11
C ARG W 127 -16.76 -22.25 32.69
N ASP W 128 -17.48 -21.54 31.84
CA ASP W 128 -17.56 -21.91 30.44
C ASP W 128 -16.22 -21.63 29.78
N ILE W 129 -15.69 -22.63 29.08
CA ILE W 129 -14.36 -22.59 28.48
C ILE W 129 -14.50 -22.64 26.97
N GLU W 130 -13.67 -21.87 26.28
CA GLU W 130 -13.51 -21.96 24.84
C GLU W 130 -12.03 -21.98 24.54
N ILE W 131 -11.54 -23.09 23.99
CA ILE W 131 -10.12 -23.34 23.82
C ILE W 131 -9.83 -23.68 22.36
N THR W 132 -8.62 -23.36 21.93
CA THR W 132 -8.18 -23.63 20.57
C THR W 132 -6.75 -24.14 20.61
N PHE W 133 -6.49 -25.19 19.84
CA PHE W 133 -5.17 -25.80 19.76
C PHE W 133 -4.60 -25.63 18.35
N ARG W 134 -3.28 -25.70 18.26
CA ARG W 134 -2.57 -25.69 17.00
C ARG W 134 -1.70 -26.94 16.92
N THR W 135 -1.69 -27.57 15.75
CA THR W 135 -0.80 -28.70 15.54
C THR W 135 0.64 -28.24 15.74
N TYR W 136 1.40 -29.02 16.49
CA TYR W 136 2.76 -28.67 16.85
C TYR W 136 3.76 -29.39 15.96
N ARG W 137 4.85 -28.72 15.64
CA ARG W 137 5.97 -29.30 14.92
C ARG W 137 7.26 -28.82 15.55
N GLU W 138 8.36 -29.48 15.20
CA GLU W 138 9.66 -29.22 15.77
C GLU W 138 10.63 -28.79 14.69
N LEU W 139 11.56 -27.91 15.06
CA LEU W 139 12.60 -27.41 14.16
C LEU W 139 13.93 -28.03 14.57
N LYS W 140 14.42 -28.97 13.77
CA LYS W 140 15.67 -29.67 14.04
C LYS W 140 16.77 -29.03 13.21
N ILE W 141 17.22 -27.86 13.68
CA ILE W 141 18.25 -27.10 12.98
C ILE W 141 19.57 -27.86 12.93
N SER W 150 29.34 -35.03 8.30
CA SER W 150 30.52 -35.67 7.64
C SER W 150 30.23 -37.13 7.30
N ASN W 151 30.87 -37.63 6.25
CA ASN W 151 30.68 -39.00 5.79
C ASN W 151 29.21 -39.27 5.46
N THR W 152 28.75 -38.57 4.42
CA THR W 152 27.35 -38.64 4.01
C THR W 152 26.96 -40.08 3.66
N LYS W 153 25.82 -40.51 4.18
CA LYS W 153 25.33 -41.87 3.98
C LYS W 153 23.93 -41.95 4.59
N THR W 154 23.11 -42.86 4.06
CA THR W 154 21.75 -42.99 4.54
C THR W 154 21.73 -43.47 5.98
N ASP W 155 20.76 -42.95 6.75
CA ASP W 155 20.64 -43.27 8.16
C ASP W 155 19.19 -43.05 8.56
N LEU W 156 18.86 -43.41 9.81
CA LEU W 156 17.50 -43.25 10.29
C LEU W 156 17.09 -41.78 10.29
N LYS W 157 15.83 -41.54 9.91
CA LYS W 157 15.32 -40.18 9.94
C LYS W 157 15.09 -39.74 11.38
N ASP W 158 15.14 -38.42 11.59
CA ASP W 158 14.91 -37.83 12.91
C ASP W 158 13.45 -37.40 13.04
N ASN W 159 12.55 -38.36 12.86
CA ASN W 159 11.12 -38.09 12.91
C ASN W 159 10.54 -38.14 14.32
N ARG W 160 11.18 -38.85 15.24
CA ARG W 160 10.62 -39.02 16.56
C ARG W 160 10.56 -37.67 17.28
N PRO W 161 9.41 -37.20 17.74
CA PRO W 161 9.43 -36.05 18.66
C PRO W 161 10.14 -36.43 19.94
N ASN W 162 10.96 -35.51 20.44
CA ASN W 162 11.82 -35.76 21.59
C ASN W 162 11.19 -35.28 22.89
N THR W 163 9.86 -35.35 22.98
CA THR W 163 9.15 -34.84 24.13
C THR W 163 9.32 -35.77 25.33
N GLN W 164 10.34 -35.51 26.15
CA GLN W 164 10.54 -36.23 27.40
C GLN W 164 11.26 -35.31 28.36
N THR W 165 10.88 -35.38 29.63
CA THR W 165 11.36 -34.45 30.64
C THR W 165 11.88 -35.20 31.85
N LYS W 166 12.87 -34.60 32.51
CA LYS W 166 13.49 -35.17 33.69
C LYS W 166 13.72 -34.06 34.71
N SER W 167 13.87 -34.44 35.97
CA SER W 167 14.11 -33.47 37.02
C SER W 167 15.43 -32.75 36.79
N LYS W 168 15.48 -31.48 37.20
CA LYS W 168 16.69 -30.70 37.08
C LYS W 168 17.78 -31.11 38.06
N ILE W 169 17.47 -31.97 39.03
CA ILE W 169 18.44 -32.48 39.99
C ILE W 169 18.37 -34.00 39.98
N TYR W 170 19.54 -34.64 39.91
CA TYR W 170 19.65 -36.08 39.81
C TYR W 170 20.29 -36.64 41.07
N THR W 171 19.74 -37.75 41.55
CA THR W 171 20.30 -38.50 42.66
C THR W 171 21.05 -39.69 42.10
N VAL W 172 22.36 -39.74 42.36
CA VAL W 172 23.20 -40.79 41.78
C VAL W 172 22.82 -42.13 42.38
N LYS W 173 22.68 -43.13 41.52
CA LYS W 173 22.41 -44.50 41.93
C LYS W 173 23.72 -45.29 41.98
N ALA W 174 23.60 -46.55 42.42
CA ALA W 174 24.79 -47.34 42.73
C ALA W 174 25.63 -47.60 41.50
N SER W 175 25.01 -48.09 40.43
CA SER W 175 25.76 -48.50 39.24
C SER W 175 26.12 -47.33 38.33
N ASP W 176 25.67 -46.12 38.64
CA ASP W 176 25.83 -45.00 37.71
C ASP W 176 27.29 -44.61 37.55
N THR W 177 27.60 -44.07 36.38
CA THR W 177 28.86 -43.41 36.11
C THR W 177 28.54 -42.07 35.44
N LEU W 178 29.46 -41.13 35.59
CA LEU W 178 29.19 -39.76 35.14
C LEU W 178 28.90 -39.71 33.65
N TYR W 179 29.59 -40.53 32.87
CA TYR W 179 29.27 -40.61 31.45
C TYR W 179 27.85 -41.14 31.25
N LYS W 180 27.48 -42.18 32.00
CA LYS W 180 26.16 -42.76 31.84
C LYS W 180 25.07 -41.76 32.20
N ILE W 181 25.29 -40.96 33.24
CA ILE W 181 24.31 -39.95 33.60
C ILE W 181 24.16 -38.93 32.49
N ALA W 182 25.27 -38.55 31.86
CA ALA W 182 25.22 -37.58 30.78
C ALA W 182 24.37 -38.09 29.62
N LYS W 183 24.55 -39.35 29.24
CA LYS W 183 23.83 -39.86 28.08
C LYS W 183 22.35 -40.04 28.41
N ASN W 184 22.04 -40.65 29.56
CA ASN W 184 20.65 -40.86 29.93
C ASN W 184 19.92 -39.54 30.13
N LEU W 185 20.60 -38.53 30.67
CA LEU W 185 19.97 -37.31 31.14
C LEU W 185 20.34 -36.08 30.33
N LEU W 186 21.32 -36.17 29.42
CA LEU W 186 21.71 -35.03 28.60
C LEU W 186 22.03 -35.41 27.17
N GLY W 187 21.69 -36.61 26.72
CA GLY W 187 21.80 -36.96 25.32
C GLY W 187 23.08 -37.63 24.90
N LYS W 188 24.04 -36.86 24.39
CA LYS W 188 25.18 -37.44 23.69
C LYS W 188 26.06 -38.29 24.60
N GLY W 189 26.07 -38.00 25.90
CA GLY W 189 26.92 -38.71 26.83
C GLY W 189 28.30 -38.12 26.97
N SER W 190 28.89 -37.62 25.89
CA SER W 190 30.13 -36.85 25.98
C SER W 190 29.92 -35.50 26.64
N ARG W 191 28.67 -35.10 26.89
CA ARG W 191 28.30 -33.87 27.58
C ARG W 191 28.62 -33.92 29.08
N TRP W 192 29.25 -34.96 29.61
CA TRP W 192 29.51 -35.00 31.05
C TRP W 192 30.26 -33.80 31.61
N PRO W 193 31.26 -33.20 30.93
CA PRO W 193 31.94 -32.07 31.58
C PRO W 193 31.02 -30.90 31.87
N GLU W 194 29.92 -30.76 31.13
CA GLU W 194 28.93 -29.74 31.46
C GLU W 194 28.36 -29.98 32.84
N ILE W 195 28.08 -31.24 33.18
CA ILE W 195 27.62 -31.56 34.53
C ILE W 195 28.72 -31.28 35.55
N TYR W 196 29.94 -31.72 35.24
CA TYR W 196 31.01 -31.62 36.22
C TYR W 196 31.42 -30.16 36.45
N ASN W 197 31.51 -29.37 35.39
CA ASN W 197 32.04 -28.01 35.52
C ASN W 197 31.15 -27.09 36.34
N ILE W 198 29.90 -27.47 36.59
CA ILE W 198 29.07 -26.66 37.49
C ILE W 198 29.70 -26.68 38.88
N PRO W 199 29.95 -25.53 39.53
CA PRO W 199 30.68 -25.56 40.81
C PRO W 199 29.99 -26.36 41.89
N GLU W 200 28.65 -26.36 41.92
CA GLU W 200 27.96 -27.19 42.91
C GLU W 200 28.25 -28.66 42.67
N ASN W 201 28.22 -29.09 41.41
CA ASN W 201 28.58 -30.46 41.10
C ASN W 201 30.04 -30.73 41.43
N LYS W 202 30.92 -29.76 41.18
CA LYS W 202 32.32 -29.92 41.55
C LYS W 202 32.48 -30.07 43.05
N LYS W 203 31.70 -29.31 43.83
CA LYS W 203 31.82 -29.39 45.27
C LYS W 203 31.37 -30.75 45.79
N VAL W 204 30.18 -31.20 45.39
CA VAL W 204 29.67 -32.47 45.89
C VAL W 204 30.50 -33.63 45.35
N ILE W 205 30.82 -33.59 44.07
CA ILE W 205 31.61 -34.66 43.47
C ILE W 205 33.06 -34.49 43.91
N GLY W 206 33.77 -35.60 44.01
CA GLY W 206 35.19 -35.52 44.27
C GLY W 206 35.93 -34.85 43.14
N LYS W 207 37.21 -34.55 43.38
CA LYS W 207 38.00 -33.93 42.34
C LYS W 207 38.21 -34.86 41.15
N ASN W 208 38.06 -36.17 41.34
CA ASN W 208 38.11 -37.11 40.23
C ASN W 208 36.71 -37.24 39.65
N PRO W 209 36.46 -36.84 38.40
CA PRO W 209 35.14 -37.09 37.82
C PRO W 209 34.81 -38.56 37.72
N ASN W 210 35.83 -39.42 37.52
CA ASN W 210 35.57 -40.83 37.31
C ASN W 210 35.01 -41.52 38.54
N ILE W 211 35.14 -40.93 39.72
CA ILE W 211 34.66 -41.50 40.97
C ILE W 211 33.39 -40.77 41.38
N ILE W 212 32.37 -41.53 41.76
CA ILE W 212 31.08 -40.98 42.17
C ILE W 212 30.46 -41.95 43.17
N LYS W 213 29.48 -41.45 43.92
CA LYS W 213 28.85 -42.21 45.00
C LYS W 213 27.34 -42.17 44.88
N LYS W 214 26.72 -43.26 45.32
CA LYS W 214 25.27 -43.32 45.41
C LYS W 214 24.77 -42.28 46.40
N GLY W 215 23.60 -41.72 46.12
CA GLY W 215 22.95 -40.78 47.01
C GLY W 215 22.12 -39.75 46.27
N LYS W 217 25.09 -38.95 45.67
CA LYS W 217 25.28 -37.51 45.64
C LYS W 217 24.29 -36.83 44.71
N LEU W 218 23.66 -35.76 45.20
CA LEU W 218 22.79 -34.96 44.35
C LEU W 218 23.61 -34.22 43.32
N VAL W 219 23.16 -34.26 42.07
CA VAL W 219 23.86 -33.67 40.94
C VAL W 219 22.87 -32.85 40.13
N ILE W 220 23.32 -31.72 39.61
CA ILE W 220 22.46 -30.76 38.92
C ILE W 220 22.80 -30.75 37.44
N PRO W 221 22.03 -31.42 36.57
CA PRO W 221 22.22 -31.22 35.14
C PRO W 221 21.97 -29.79 34.72
N SER W 222 22.72 -29.35 33.71
CA SER W 222 22.58 -27.99 33.22
C SER W 222 21.23 -27.80 32.54
N LYS W 223 20.82 -26.55 32.44
CA LYS W 223 19.53 -26.18 31.83
C LYS W 223 18.37 -26.89 32.51
N VAL X 2 -30.89 -41.05 -10.86
CA VAL X 2 -29.85 -41.67 -9.98
C VAL X 2 -28.60 -40.81 -9.98
N ILE X 3 -27.95 -40.72 -8.83
CA ILE X 3 -26.74 -39.93 -8.66
C ILE X 3 -25.74 -40.75 -7.86
N ASP X 4 -24.48 -40.74 -8.30
CA ASP X 4 -23.39 -41.35 -7.56
C ASP X 4 -22.16 -40.49 -7.76
N ILE X 5 -21.21 -40.64 -6.85
CA ILE X 5 -19.94 -39.93 -6.92
C ILE X 5 -18.83 -40.97 -6.79
N TYR X 6 -17.87 -40.92 -7.71
CA TYR X 6 -16.73 -41.83 -7.71
C TYR X 6 -15.45 -41.02 -7.75
N LEU X 7 -14.53 -41.35 -6.86
CA LEU X 7 -13.18 -40.78 -6.84
C LEU X 7 -12.21 -41.90 -7.14
N LYS X 8 -11.61 -41.88 -8.32
CA LYS X 8 -10.72 -42.94 -8.79
C LYS X 8 -9.28 -42.46 -8.64
N ASN X 9 -8.75 -42.61 -7.43
CA ASN X 9 -7.33 -42.35 -7.22
C ASN X 9 -6.52 -43.38 -7.97
N GLU X 10 -5.36 -42.95 -8.47
CA GLU X 10 -4.52 -43.77 -9.33
C GLU X 10 -3.13 -44.00 -8.77
N LYS X 11 -2.48 -42.98 -8.20
CA LYS X 11 -1.22 -43.22 -7.53
C LYS X 11 -1.40 -44.16 -6.35
N GLU X 12 -2.59 -44.16 -5.75
CA GLU X 12 -3.07 -45.26 -4.93
C GLU X 12 -4.27 -45.84 -5.68
N LYS X 13 -4.15 -47.07 -6.13
CA LYS X 13 -5.17 -47.67 -6.99
C LYS X 13 -6.40 -47.96 -6.14
N ILE X 14 -7.15 -46.90 -5.86
CA ILE X 14 -8.37 -46.96 -5.06
C ILE X 14 -9.47 -46.31 -5.87
N ASP X 15 -10.62 -46.98 -5.96
CA ASP X 15 -11.80 -46.48 -6.65
C ASP X 15 -12.86 -46.26 -5.58
N PHE X 16 -12.82 -45.08 -4.95
CA PHE X 16 -13.73 -44.78 -3.88
C PHE X 16 -15.09 -44.34 -4.43
N HIS X 17 -16.15 -44.90 -3.87
CA HIS X 17 -17.52 -44.52 -4.19
C HIS X 17 -18.18 -43.98 -2.93
N PHE X 18 -18.72 -42.78 -3.02
CA PHE X 18 -19.29 -42.14 -1.85
C PHE X 18 -20.49 -42.92 -1.35
N PRO X 19 -20.55 -43.32 -0.07
CA PRO X 19 -21.76 -44.01 0.39
C PRO X 19 -23.01 -43.16 0.36
N VAL X 20 -22.87 -41.84 0.36
CA VAL X 20 -23.99 -40.93 0.53
C VAL X 20 -23.91 -39.82 -0.51
N ASN X 21 -25.06 -39.50 -1.09
CA ASN X 21 -25.15 -38.47 -2.11
C ASN X 21 -24.89 -37.09 -1.51
N PRO X 22 -24.55 -36.09 -2.34
CA PRO X 22 -24.01 -34.83 -1.79
C PRO X 22 -25.07 -33.90 -1.22
N GLN X 23 -25.80 -34.39 -0.21
CA GLN X 23 -26.71 -33.60 0.61
C GLN X 23 -27.69 -32.75 -0.20
N ASP X 24 -27.54 -31.42 -0.19
CA ASP X 24 -28.64 -30.56 -0.61
C ASP X 24 -28.63 -30.31 -2.10
N SER X 25 -27.53 -29.81 -2.65
CA SER X 25 -27.51 -29.45 -4.05
C SER X 25 -26.07 -29.21 -4.49
N LEU X 26 -25.74 -29.76 -5.66
CA LEU X 26 -24.48 -29.48 -6.32
C LEU X 26 -24.62 -28.24 -7.17
N SER X 27 -23.48 -27.64 -7.51
CA SER X 27 -23.47 -26.45 -8.34
C SER X 27 -22.06 -26.18 -8.80
N ILE X 28 -21.91 -25.87 -10.08
CA ILE X 28 -20.62 -25.54 -10.68
C ILE X 28 -20.80 -24.23 -11.45
N LYS X 29 -19.88 -23.30 -11.24
CA LYS X 29 -19.88 -22.02 -11.93
C LYS X 29 -19.00 -22.09 -13.16
N LYS X 30 -19.17 -21.10 -14.04
CA LYS X 30 -18.26 -20.88 -15.15
C LYS X 30 -18.22 -19.39 -15.42
N GLU X 31 -17.01 -18.86 -15.55
CA GLU X 31 -16.78 -17.41 -15.65
C GLU X 31 -15.72 -17.17 -16.70
N LYS X 32 -16.06 -16.42 -17.74
CA LYS X 32 -15.10 -16.21 -18.82
C LYS X 32 -13.95 -15.36 -18.32
N ARG X 33 -12.74 -15.75 -18.70
CA ARG X 33 -11.53 -15.07 -18.28
C ARG X 33 -11.35 -13.84 -19.15
N PHE X 34 -11.59 -12.66 -18.59
CA PHE X 34 -11.58 -11.42 -19.33
C PHE X 34 -11.16 -10.29 -18.41
N GLU X 35 -10.77 -9.17 -19.03
CA GLU X 35 -10.37 -7.97 -18.31
C GLU X 35 -11.12 -6.78 -18.90
N THR X 36 -11.36 -5.79 -18.05
CA THR X 36 -12.05 -4.57 -18.45
C THR X 36 -11.03 -3.45 -18.63
N VAL X 37 -11.19 -2.67 -19.70
CA VAL X 37 -10.33 -1.54 -19.98
C VAL X 37 -11.19 -0.37 -20.42
N ASP X 38 -10.88 0.81 -19.90
CA ASP X 38 -11.53 2.04 -20.30
C ASP X 38 -10.68 2.75 -21.34
N ILE X 39 -11.34 3.49 -22.22
CA ILE X 39 -10.69 4.26 -23.27
C ILE X 39 -11.22 5.69 -23.22
N VAL X 40 -10.33 6.66 -23.38
CA VAL X 40 -10.71 8.06 -23.26
C VAL X 40 -11.75 8.40 -24.30
N ASN X 41 -12.83 9.05 -23.86
CA ASN X 41 -13.94 9.49 -24.69
C ASN X 41 -14.72 8.35 -25.31
N LEU X 42 -14.54 7.12 -24.85
CA LEU X 42 -15.32 5.97 -25.28
C LEU X 42 -15.88 5.17 -24.12
N GLY X 43 -15.14 5.06 -23.02
CA GLY X 43 -15.62 4.36 -21.85
C GLY X 43 -15.11 2.95 -21.76
N GLU X 44 -15.83 2.11 -21.02
CA GLU X 44 -15.37 0.77 -20.69
C GLU X 44 -15.46 -0.17 -21.89
N PHE X 45 -14.61 -1.19 -21.88
CA PHE X 45 -14.64 -2.25 -22.87
C PHE X 45 -14.17 -3.54 -22.20
N ASP X 46 -14.65 -4.66 -22.72
CA ASP X 46 -14.30 -5.99 -22.21
C ASP X 46 -13.35 -6.65 -23.18
N ILE X 47 -12.17 -7.03 -22.70
CA ILE X 47 -11.18 -7.76 -23.47
C ILE X 47 -11.14 -9.18 -22.94
N LYS X 48 -11.48 -10.14 -23.78
CA LYS X 48 -11.35 -11.53 -23.38
C LYS X 48 -9.89 -11.91 -23.26
N LYS X 49 -9.56 -12.65 -22.22
CA LYS X 49 -8.24 -13.25 -22.07
C LYS X 49 -8.31 -14.69 -22.52
N GLU X 50 -7.31 -15.13 -23.28
CA GLU X 50 -7.41 -16.39 -23.99
C GLU X 50 -7.47 -17.58 -23.04
N GLY X 51 -6.73 -17.53 -21.93
CA GLY X 51 -6.67 -18.67 -21.04
C GLY X 51 -8.00 -18.98 -20.39
N GLU X 52 -8.12 -20.21 -19.90
CA GLU X 52 -9.31 -20.67 -19.21
C GLU X 52 -9.18 -20.36 -17.72
N LYS X 53 -10.08 -20.91 -16.91
CA LYS X 53 -10.15 -20.59 -15.49
C LYS X 53 -10.39 -21.85 -14.68
N ILE X 54 -9.68 -21.98 -13.57
CA ILE X 54 -9.89 -23.07 -12.64
C ILE X 54 -11.20 -22.82 -11.91
N ARG X 55 -12.05 -23.84 -11.82
CA ARG X 55 -13.35 -23.74 -11.18
C ARG X 55 -13.50 -24.88 -10.17
N GLU X 56 -14.31 -24.61 -9.14
CA GLU X 56 -14.41 -25.46 -7.97
C GLU X 56 -15.75 -26.17 -7.91
N ILE X 57 -15.74 -27.37 -7.35
CA ILE X 57 -16.93 -28.12 -7.01
C ILE X 57 -16.86 -28.45 -5.53
N SER X 58 -17.93 -28.12 -4.80
CA SER X 58 -17.97 -28.33 -3.35
C SER X 58 -19.34 -28.86 -2.96
N PHE X 59 -19.36 -29.62 -1.89
CA PHE X 59 -20.60 -30.16 -1.33
C PHE X 59 -20.28 -30.67 0.07
N LYS X 60 -21.23 -31.36 0.68
CA LYS X 60 -21.06 -31.90 2.01
C LYS X 60 -21.90 -33.17 2.15
N THR X 61 -21.44 -34.07 3.01
CA THR X 61 -22.07 -35.38 3.18
C THR X 61 -21.90 -35.80 4.63
N PHE X 62 -22.36 -37.01 4.93
CA PHE X 62 -22.03 -37.69 6.18
C PHE X 62 -21.71 -39.14 5.85
N LEU X 63 -20.67 -39.67 6.49
CA LEU X 63 -20.24 -41.04 6.25
C LEU X 63 -20.92 -41.93 7.29
N PRO X 64 -22.00 -42.63 6.95
CA PRO X 64 -22.75 -43.36 7.97
C PRO X 64 -22.00 -44.59 8.45
N ASN X 65 -22.33 -44.99 9.69
CA ASN X 65 -21.67 -46.15 10.26
C ASN X 65 -22.20 -47.45 9.66
N LEU X 66 -23.51 -47.54 9.48
CA LEU X 66 -24.15 -48.76 8.97
C LEU X 66 -25.25 -48.37 8.00
N TYR X 67 -25.24 -48.98 6.83
CA TYR X 67 -26.23 -48.69 5.80
C TYR X 67 -27.56 -49.33 6.13
N SER X 75 -23.95 -49.71 -2.00
CA SER X 75 -24.22 -50.38 -0.70
C SER X 75 -22.93 -50.82 -0.01
N GLU X 76 -21.83 -50.91 -0.77
CA GLU X 76 -20.53 -51.20 -0.19
C GLU X 76 -20.16 -50.08 0.79
N LEU X 77 -19.53 -50.47 1.91
CA LEU X 77 -19.35 -49.57 3.03
C LEU X 77 -17.99 -49.82 3.70
N LYS X 78 -17.54 -48.81 4.44
CA LYS X 78 -16.29 -48.87 5.17
C LYS X 78 -16.40 -47.93 6.37
N ASN X 79 -15.49 -48.09 7.32
CA ASN X 79 -15.57 -47.29 8.54
C ASN X 79 -15.38 -45.81 8.21
N PRO X 80 -16.15 -44.91 8.83
CA PRO X 80 -15.95 -43.48 8.53
C PRO X 80 -14.59 -42.97 8.92
N ILE X 81 -14.01 -43.49 10.01
CA ILE X 81 -12.70 -43.04 10.44
C ILE X 81 -11.65 -43.36 9.39
N GLU X 82 -11.67 -44.58 8.87
CA GLU X 82 -10.72 -44.95 7.83
C GLU X 82 -10.95 -44.14 6.56
N VAL X 83 -12.22 -43.88 6.23
CA VAL X 83 -12.52 -43.09 5.05
C VAL X 83 -11.96 -41.68 5.18
N VAL X 84 -12.12 -41.08 6.36
CA VAL X 84 -11.55 -39.76 6.59
C VAL X 84 -10.03 -39.81 6.50
N ALA X 85 -9.43 -40.84 7.08
CA ALA X 85 -7.99 -41.01 6.94
C ALA X 85 -7.60 -41.19 5.49
N MET X 86 -8.42 -41.92 4.73
CA MET X 86 -8.15 -42.11 3.31
C MET X 86 -8.18 -40.77 2.58
N LEU X 87 -9.22 -39.98 2.79
CA LEU X 87 -9.34 -38.72 2.07
C LEU X 87 -8.30 -37.72 2.52
N GLU X 88 -8.08 -37.62 3.83
CA GLU X 88 -7.07 -36.68 4.34
C GLU X 88 -5.70 -37.02 3.79
N LYS X 89 -5.42 -38.31 3.60
CA LYS X 89 -4.20 -38.70 2.90
C LYS X 89 -4.21 -38.20 1.46
N TRP X 90 -5.36 -38.32 0.79
CA TRP X 90 -5.44 -37.92 -0.61
C TRP X 90 -5.31 -36.41 -0.78
N VAL X 91 -5.58 -35.62 0.26
CA VAL X 91 -5.50 -34.17 0.12
C VAL X 91 -4.08 -33.75 -0.23
N ASP X 92 -3.09 -34.38 0.39
CA ASP X 92 -1.69 -34.05 0.13
C ASP X 92 -1.17 -34.72 -1.13
N GLN X 93 -1.96 -35.55 -1.80
CA GLN X 93 -1.47 -36.22 -3.00
C GLN X 93 -1.24 -35.22 -4.12
N ALA X 94 0.00 -35.14 -4.59
CA ALA X 94 0.30 -34.25 -5.71
C ALA X 94 -0.41 -34.72 -6.98
N GLU X 95 -0.49 -36.03 -7.19
CA GLU X 95 -1.09 -36.54 -8.40
C GLU X 95 -2.60 -36.26 -8.40
N PRO X 96 -3.22 -36.21 -9.57
CA PRO X 96 -4.63 -35.82 -9.64
C PRO X 96 -5.57 -37.01 -9.42
N LEU X 97 -6.79 -36.67 -9.03
CA LEU X 97 -7.87 -37.63 -8.84
C LEU X 97 -8.90 -37.44 -9.94
N ARG X 98 -9.52 -38.55 -10.34
CA ARG X 98 -10.60 -38.53 -11.31
C ARG X 98 -11.92 -38.54 -10.55
N LEU X 99 -12.73 -37.51 -10.78
CA LEU X 99 -14.04 -37.36 -10.15
C LEU X 99 -15.11 -37.54 -11.20
N ILE X 100 -16.06 -38.43 -10.93
CA ILE X 100 -17.18 -38.70 -11.82
C ILE X 100 -18.47 -38.55 -11.00
N ILE X 101 -19.40 -37.76 -11.52
CA ILE X 101 -20.69 -37.53 -10.88
C ILE X 101 -21.75 -37.88 -11.91
N THR X 102 -22.48 -38.96 -11.67
CA THR X 102 -23.37 -39.51 -12.69
C THR X 102 -24.50 -38.56 -13.05
N GLY X 103 -25.39 -38.28 -12.11
CA GLY X 103 -26.56 -37.47 -12.43
C GLY X 103 -26.20 -36.06 -12.83
N PHE X 104 -25.24 -35.46 -12.13
CA PHE X 104 -24.78 -34.13 -12.49
C PHE X 104 -24.08 -34.10 -13.85
N GLY X 105 -23.62 -35.25 -14.34
CA GLY X 105 -22.93 -35.27 -15.61
C GLY X 105 -21.60 -34.56 -15.59
N TYR X 106 -20.81 -34.75 -14.54
CA TYR X 106 -19.46 -34.21 -14.45
C TYR X 106 -18.45 -35.34 -14.51
N ASN X 107 -17.36 -35.11 -15.24
CA ASN X 107 -16.33 -36.13 -15.40
C ASN X 107 -15.05 -35.42 -15.81
N GLY X 108 -14.07 -35.43 -14.93
CA GLY X 108 -12.79 -34.80 -15.23
C GLY X 108 -11.86 -34.89 -14.04
N LEU X 109 -10.57 -34.73 -14.33
CA LEU X 109 -9.56 -34.81 -13.29
C LEU X 109 -9.68 -33.62 -12.36
N VAL X 110 -9.65 -33.88 -11.05
CA VAL X 110 -9.71 -32.84 -10.03
C VAL X 110 -8.73 -33.19 -8.91
N THR X 111 -8.56 -32.25 -8.01
CA THR X 111 -7.73 -32.42 -6.83
C THR X 111 -8.42 -31.77 -5.64
N ILE X 112 -8.37 -32.43 -4.49
CA ILE X 112 -9.07 -31.94 -3.32
C ILE X 112 -8.34 -30.72 -2.77
N SER X 113 -9.04 -29.59 -2.70
CA SER X 113 -8.43 -28.39 -2.13
C SER X 113 -8.51 -28.41 -0.62
N SER X 114 -9.73 -28.54 -0.08
CA SER X 114 -9.98 -28.51 1.35
C SER X 114 -10.85 -29.69 1.73
N PHE X 115 -10.71 -30.12 2.98
CA PHE X 115 -11.49 -31.24 3.49
C PHE X 115 -11.68 -31.04 4.99
N SER X 116 -12.85 -31.44 5.47
CA SER X 116 -13.17 -31.28 6.88
C SER X 116 -14.21 -32.31 7.29
N ASN X 117 -14.00 -32.91 8.45
CA ASN X 117 -14.92 -33.86 9.06
C ASN X 117 -15.51 -33.22 10.30
N THR X 118 -16.53 -33.87 10.86
CA THR X 118 -17.19 -33.33 12.03
C THR X 118 -17.99 -34.43 12.70
N GLN X 119 -17.92 -34.47 14.03
CA GLN X 119 -18.73 -35.35 14.86
C GLN X 119 -19.80 -34.52 15.55
N THR X 120 -21.06 -34.79 15.24
CA THR X 120 -22.14 -34.07 15.89
C THR X 120 -22.35 -34.63 17.29
N ALA X 121 -23.18 -33.94 18.08
CA ALA X 121 -23.42 -34.34 19.46
C ALA X 121 -23.93 -35.77 19.55
N GLY X 122 -25.09 -36.04 18.97
CA GLY X 122 -25.51 -37.40 18.71
C GLY X 122 -24.73 -37.95 17.53
N ARG X 123 -25.18 -39.12 17.07
CA ARG X 123 -24.68 -39.77 15.84
C ARG X 123 -23.15 -39.81 15.83
N GLU X 124 -22.59 -40.17 16.99
CA GLU X 124 -21.15 -40.05 17.19
C GLU X 124 -20.36 -40.91 16.22
N GLU X 125 -20.96 -42.00 15.73
CA GLU X 125 -20.25 -42.86 14.79
C GLU X 125 -20.08 -42.18 13.44
N ASP X 126 -21.12 -41.52 12.96
CA ASP X 126 -21.05 -40.87 11.66
C ASP X 126 -20.10 -39.68 11.70
N ARG X 127 -19.68 -39.24 10.52
CA ARG X 127 -18.80 -38.09 10.37
C ARG X 127 -19.34 -37.20 9.27
N ASP X 128 -19.81 -36.02 9.63
CA ASP X 128 -20.26 -35.07 8.62
C ASP X 128 -19.05 -34.54 7.87
N ILE X 129 -19.11 -34.59 6.55
CA ILE X 129 -18.00 -34.24 5.67
C ILE X 129 -18.38 -33.01 4.86
N GLU X 130 -17.42 -32.10 4.70
CA GLU X 130 -17.54 -30.99 3.77
C GLU X 130 -16.25 -30.94 2.97
N ILE X 131 -16.37 -31.16 1.66
CA ILE X 131 -15.21 -31.34 0.78
C ILE X 131 -15.33 -30.38 -0.40
N THR X 132 -14.18 -30.00 -0.94
CA THR X 132 -14.11 -29.10 -2.08
C THR X 132 -13.06 -29.62 -3.05
N PHE X 133 -13.37 -29.54 -4.34
CA PHE X 133 -12.49 -29.99 -5.41
C PHE X 133 -12.14 -28.82 -6.31
N ARG X 134 -10.97 -28.91 -6.94
CA ARG X 134 -10.52 -27.96 -7.94
C ARG X 134 -10.29 -28.70 -9.24
N THR X 135 -10.72 -28.09 -10.35
CA THR X 135 -10.43 -28.65 -11.65
C THR X 135 -8.92 -28.75 -11.84
N TYR X 136 -8.45 -29.88 -12.33
CA TYR X 136 -7.04 -30.15 -12.47
C TYR X 136 -6.59 -29.93 -13.91
N ARG X 137 -5.38 -29.42 -14.07
CA ARG X 137 -4.75 -29.31 -15.38
C ARG X 137 -3.29 -29.70 -15.23
N GLU X 138 -2.63 -29.89 -16.38
CA GLU X 138 -1.26 -30.38 -16.43
C GLU X 138 -0.39 -29.35 -17.13
N LEU X 139 0.87 -29.29 -16.71
CA LEU X 139 1.87 -28.41 -17.30
C LEU X 139 2.87 -29.26 -18.08
N LYS X 140 2.79 -29.19 -19.41
CA LYS X 140 3.64 -29.97 -20.29
C LYS X 140 4.78 -29.07 -20.76
N ILE X 141 5.76 -28.90 -19.89
CA ILE X 141 6.91 -28.03 -20.17
C ILE X 141 7.77 -28.60 -21.29
N SER X 150 12.73 -29.89 -33.19
CA SER X 150 13.42 -29.84 -34.51
C SER X 150 12.49 -30.35 -35.61
N ASN X 151 12.68 -29.84 -36.83
CA ASN X 151 11.87 -30.22 -37.99
C ASN X 151 10.39 -29.91 -37.72
N THR X 152 10.12 -28.62 -37.60
CA THR X 152 8.77 -28.16 -37.27
C THR X 152 7.76 -28.62 -38.32
N LYS X 153 6.64 -29.16 -37.85
CA LYS X 153 5.59 -29.69 -38.71
C LYS X 153 4.41 -30.06 -37.83
N THR X 154 3.21 -30.05 -38.42
CA THR X 154 2.01 -30.34 -37.66
C THR X 154 2.02 -31.79 -37.18
N ASP X 155 1.50 -32.01 -35.98
CA ASP X 155 1.47 -33.32 -35.36
C ASP X 155 0.32 -33.35 -34.37
N LEU X 156 0.07 -34.53 -33.80
CA LEU X 156 -1.01 -34.68 -32.84
C LEU X 156 -0.77 -33.81 -31.62
N LYS X 157 -1.84 -33.20 -31.12
CA LYS X 157 -1.74 -32.41 -29.91
C LYS X 157 -1.53 -33.31 -28.70
N ASP X 158 -0.88 -32.75 -27.68
CA ASP X 158 -0.65 -33.48 -26.42
C ASP X 158 -1.75 -33.16 -25.41
N ASN X 159 -3.00 -33.44 -25.82
CA ASN X 159 -4.15 -33.17 -24.98
C ASN X 159 -4.47 -34.28 -24.00
N ARG X 160 -4.05 -35.50 -24.28
CA ARG X 160 -4.42 -36.63 -23.43
C ARG X 160 -3.80 -36.45 -22.05
N PRO X 161 -4.56 -36.43 -20.96
CA PRO X 161 -3.91 -36.56 -19.65
C PRO X 161 -3.24 -37.90 -19.52
N ASN X 162 -2.05 -37.90 -18.93
CA ASN X 162 -1.21 -39.08 -18.83
C ASN X 162 -1.37 -39.81 -17.51
N THR X 163 -2.58 -39.78 -16.95
CA THR X 163 -2.83 -40.37 -15.65
C THR X 163 -2.88 -41.89 -15.73
N GLN X 164 -1.73 -42.53 -15.53
CA GLN X 164 -1.65 -43.98 -15.44
C GLN X 164 -0.47 -44.33 -14.56
N THR X 165 -0.63 -45.38 -13.75
CA THR X 165 0.33 -45.75 -12.73
C THR X 165 0.66 -47.23 -12.83
N LYS X 166 1.89 -47.55 -12.45
CA LYS X 166 2.39 -48.92 -12.48
C LYS X 166 3.22 -49.17 -11.23
N SER X 167 3.38 -50.44 -10.88
CA SER X 167 4.16 -50.80 -9.72
C SER X 167 5.62 -50.38 -9.89
N LYS X 168 6.25 -50.01 -8.79
CA LYS X 168 7.65 -49.60 -8.82
C LYS X 168 8.60 -50.77 -9.04
N ILE X 169 8.11 -52.01 -8.99
CA ILE X 169 8.92 -53.20 -9.24
C ILE X 169 8.22 -54.02 -10.31
N TYR X 170 8.98 -54.46 -11.30
CA TYR X 170 8.46 -55.20 -12.44
C TYR X 170 8.98 -56.62 -12.43
N THR X 171 8.09 -57.57 -12.71
CA THR X 171 8.45 -58.98 -12.87
C THR X 171 8.54 -59.27 -14.36
N VAL X 172 9.72 -59.67 -14.82
CA VAL X 172 9.95 -59.89 -16.23
C VAL X 172 9.15 -61.08 -16.71
N LYS X 173 8.48 -60.93 -17.84
CA LYS X 173 7.72 -61.99 -18.49
C LYS X 173 8.56 -62.64 -19.59
N ALA X 174 7.98 -63.67 -20.21
CA ALA X 174 8.75 -64.51 -21.12
C ALA X 174 9.21 -63.73 -22.35
N SER X 175 8.28 -63.04 -23.01
CA SER X 175 8.59 -62.38 -24.27
C SER X 175 9.25 -61.02 -24.08
N ASP X 176 9.43 -60.55 -22.85
CA ASP X 176 9.90 -59.20 -22.62
C ASP X 176 11.34 -59.02 -23.07
N THR X 177 11.66 -57.79 -23.45
CA THR X 177 13.03 -57.36 -23.67
C THR X 177 13.20 -56.03 -22.95
N LEU X 178 14.46 -55.72 -22.59
CA LEU X 178 14.72 -54.57 -21.75
C LEU X 178 14.25 -53.28 -22.41
N TYR X 179 14.40 -53.18 -23.73
CA TYR X 179 13.86 -52.02 -24.43
C TYR X 179 12.35 -51.98 -24.31
N LYS X 180 11.68 -53.13 -24.48
CA LYS X 180 10.23 -53.16 -24.42
C LYS X 180 9.74 -52.76 -23.03
N ILE X 181 10.43 -53.21 -21.99
CA ILE X 181 10.05 -52.83 -20.64
C ILE X 181 10.17 -51.33 -20.46
N ALA X 182 11.23 -50.73 -20.99
CA ALA X 182 11.41 -49.30 -20.86
C ALA X 182 10.27 -48.53 -21.51
N LYS X 183 9.85 -48.95 -22.69
CA LYS X 183 8.81 -48.20 -23.39
C LYS X 183 7.46 -48.39 -22.71
N ASN X 184 7.12 -49.63 -22.38
CA ASN X 184 5.84 -49.89 -21.73
C ASN X 184 5.75 -49.23 -20.36
N LEU X 185 6.88 -49.17 -19.64
CA LEU X 185 6.89 -48.80 -18.24
C LEU X 185 7.62 -47.49 -17.95
N LEU X 186 8.31 -46.92 -18.94
CA LEU X 186 9.01 -45.65 -18.74
C LEU X 186 8.92 -44.72 -19.94
N GLY X 187 8.05 -44.99 -20.91
CA GLY X 187 7.78 -44.04 -21.97
C GLY X 187 8.59 -44.25 -23.24
N LYS X 188 9.70 -43.50 -23.38
CA LYS X 188 10.36 -43.39 -24.66
C LYS X 188 10.94 -44.71 -25.14
N GLY X 189 11.25 -45.63 -24.23
CA GLY X 189 11.87 -46.89 -24.58
C GLY X 189 13.38 -46.84 -24.68
N SER X 190 13.94 -45.75 -25.18
CA SER X 190 15.38 -45.54 -25.10
C SER X 190 15.86 -45.30 -23.68
N ARG X 191 14.96 -45.12 -22.72
CA ARG X 191 15.25 -44.97 -21.30
C ARG X 191 15.74 -46.26 -20.66
N TRP X 192 15.96 -47.36 -21.39
CA TRP X 192 16.38 -48.60 -20.74
C TRP X 192 17.65 -48.49 -19.90
N PRO X 193 18.69 -47.71 -20.26
CA PRO X 193 19.87 -47.70 -19.39
C PRO X 193 19.58 -47.19 -17.99
N GLU X 194 18.55 -46.37 -17.82
CA GLU X 194 18.14 -45.96 -16.49
C GLU X 194 17.74 -47.16 -15.65
N ILE X 195 17.02 -48.09 -16.25
CA ILE X 195 16.68 -49.33 -15.54
C ILE X 195 17.93 -50.14 -15.26
N TYR X 196 18.80 -50.27 -16.27
CA TYR X 196 19.96 -51.14 -16.11
C TYR X 196 20.96 -50.58 -15.12
N ASN X 197 21.22 -49.27 -15.19
CA ASN X 197 22.27 -48.68 -14.37
C ASN X 197 21.99 -48.72 -12.88
N ILE X 198 20.75 -48.98 -12.48
CA ILE X 198 20.48 -49.18 -11.05
C ILE X 198 21.25 -50.41 -10.58
N PRO X 199 22.07 -50.33 -9.51
CA PRO X 199 22.90 -51.50 -9.16
C PRO X 199 22.11 -52.75 -8.83
N GLU X 200 20.93 -52.62 -8.23
CA GLU X 200 20.12 -53.80 -7.97
C GLU X 200 19.71 -54.47 -9.27
N ASN X 201 19.31 -53.67 -10.27
CA ASN X 201 19.01 -54.23 -11.58
C ASN X 201 20.25 -54.83 -12.22
N LYS X 202 21.41 -54.18 -12.04
CA LYS X 202 22.64 -54.75 -12.57
C LYS X 202 22.95 -56.09 -11.92
N LYS X 203 22.70 -56.20 -10.61
CA LYS X 203 23.00 -57.46 -9.92
C LYS X 203 22.11 -58.58 -10.42
N VAL X 204 20.80 -58.35 -10.45
CA VAL X 204 19.89 -59.43 -10.85
C VAL X 204 20.04 -59.71 -12.34
N ILE X 205 20.14 -58.68 -13.16
CA ILE X 205 20.30 -58.87 -14.60
C ILE X 205 21.74 -59.32 -14.85
N GLY X 206 21.93 -60.10 -15.91
CA GLY X 206 23.26 -60.46 -16.32
C GLY X 206 24.04 -59.24 -16.77
N LYS X 207 25.34 -59.43 -16.99
CA LYS X 207 26.16 -58.32 -17.45
C LYS X 207 25.78 -57.89 -18.86
N ASN X 208 25.12 -58.76 -19.63
CA ASN X 208 24.59 -58.39 -20.93
C ASN X 208 23.20 -57.81 -20.74
N PRO X 209 22.95 -56.52 -21.02
CA PRO X 209 21.58 -56.02 -20.94
C PRO X 209 20.64 -56.71 -21.90
N ASN X 210 21.14 -57.13 -23.07
CA ASN X 210 20.28 -57.71 -24.09
C ASN X 210 19.68 -59.04 -23.66
N ILE X 211 20.25 -59.71 -22.66
CA ILE X 211 19.77 -60.99 -22.18
C ILE X 211 19.01 -60.77 -20.89
N ILE X 212 17.83 -61.39 -20.78
CA ILE X 212 16.98 -61.26 -19.60
C ILE X 212 16.17 -62.53 -19.47
N LYS X 213 15.61 -62.76 -18.28
CA LYS X 213 14.90 -63.98 -17.96
C LYS X 213 13.54 -63.66 -17.35
N LYS X 214 12.59 -64.56 -17.61
CA LYS X 214 11.29 -64.48 -16.97
C LYS X 214 11.43 -64.66 -15.46
N GLY X 215 10.57 -63.96 -14.72
CA GLY X 215 10.53 -64.09 -13.27
C GLY X 215 10.13 -62.79 -12.59
N LYS X 217 13.00 -62.26 -13.69
CA LYS X 217 13.78 -61.48 -12.73
C LYS X 217 13.04 -60.23 -12.32
N LEU X 218 13.01 -59.95 -11.02
CA LEU X 218 12.44 -58.71 -10.53
C LEU X 218 13.33 -57.54 -10.92
N VAL X 219 12.70 -56.48 -11.43
CA VAL X 219 13.40 -55.30 -11.93
C VAL X 219 12.74 -54.06 -11.35
N ILE X 220 13.55 -53.06 -11.04
CA ILE X 220 13.07 -51.85 -10.34
C ILE X 220 13.15 -50.66 -11.31
N PRO X 221 12.04 -50.24 -11.93
CA PRO X 221 12.07 -48.97 -12.66
C PRO X 221 12.39 -47.80 -11.75
N SER X 222 13.09 -46.82 -12.31
CA SER X 222 13.46 -45.65 -11.55
C SER X 222 12.24 -44.81 -11.20
N LYS X 223 12.40 -43.97 -10.18
CA LYS X 223 11.33 -43.10 -9.69
C LYS X 223 10.09 -43.91 -9.31
N GLU Y 8 -87.65 -10.96 -3.60
CA GLU Y 8 -86.86 -11.98 -2.91
C GLU Y 8 -87.35 -13.37 -3.28
N GLU Y 9 -86.42 -14.27 -3.58
CA GLU Y 9 -86.76 -15.62 -4.00
C GLU Y 9 -85.65 -16.57 -3.61
N ALA Y 10 -86.00 -17.86 -3.52
CA ALA Y 10 -85.05 -18.91 -3.18
C ALA Y 10 -84.39 -19.39 -4.45
N SER Y 11 -83.11 -19.07 -4.61
CA SER Y 11 -82.31 -19.54 -5.74
C SER Y 11 -80.91 -19.93 -5.27
N PHE Y 12 -80.78 -20.42 -4.05
CA PHE Y 12 -79.49 -20.80 -3.51
C PHE Y 12 -79.03 -22.11 -4.14
N LEU Y 13 -77.93 -22.64 -3.65
CA LEU Y 13 -77.39 -23.92 -4.09
C LEU Y 13 -76.94 -24.70 -2.88
N ASN Y 14 -76.97 -26.03 -3.02
CA ASN Y 14 -76.63 -26.94 -1.93
C ASN Y 14 -75.53 -27.89 -2.39
N GLY Y 15 -74.73 -28.35 -1.43
CA GLY Y 15 -73.65 -29.25 -1.74
C GLY Y 15 -74.10 -30.60 -2.29
N SER Y 16 -75.39 -30.93 -2.14
CA SER Y 16 -75.92 -32.11 -2.81
C SER Y 16 -75.78 -32.00 -4.31
N ASP Y 17 -75.84 -30.78 -4.85
CA ASP Y 17 -75.71 -30.56 -6.28
C ASP Y 17 -74.27 -30.62 -6.77
N VAL Y 18 -73.29 -30.69 -5.87
CA VAL Y 18 -71.90 -30.67 -6.28
C VAL Y 18 -71.58 -31.92 -7.08
N VAL Y 19 -70.88 -31.73 -8.20
CA VAL Y 19 -70.38 -32.83 -9.01
C VAL Y 19 -68.90 -32.56 -9.27
N ILE Y 20 -68.05 -33.52 -8.91
CA ILE Y 20 -66.60 -33.36 -8.98
C ILE Y 20 -66.04 -34.47 -9.84
N LEU Y 21 -65.24 -34.11 -10.83
CA LEU Y 21 -64.54 -35.06 -11.69
C LEU Y 21 -63.05 -34.91 -11.40
N ILE Y 22 -62.51 -35.81 -10.58
CA ILE Y 22 -61.08 -35.84 -10.30
C ILE Y 22 -60.40 -36.50 -11.49
N ASP Y 23 -59.71 -35.70 -12.31
CA ASP Y 23 -59.05 -36.21 -13.50
C ASP Y 23 -60.06 -36.85 -14.44
N GLY Y 24 -61.25 -36.26 -14.53
CA GLY Y 24 -62.28 -36.79 -15.39
C GLY Y 24 -62.98 -38.02 -14.88
N VAL Y 25 -62.93 -38.28 -13.57
CA VAL Y 25 -63.57 -39.43 -12.96
C VAL Y 25 -64.40 -38.94 -11.78
N GLU Y 26 -65.66 -39.35 -11.73
CA GLU Y 26 -66.58 -38.86 -10.72
C GLU Y 26 -66.20 -39.43 -9.36
N GLU Y 27 -65.47 -38.64 -8.57
CA GLU Y 27 -65.18 -39.00 -7.18
C GLU Y 27 -66.34 -38.52 -6.31
N LEU Y 28 -67.46 -39.24 -6.44
CA LEU Y 28 -68.69 -38.86 -5.76
C LEU Y 28 -68.62 -39.02 -4.25
N TYR Y 29 -67.58 -39.67 -3.72
CA TYR Y 29 -67.49 -39.91 -2.29
C TYR Y 29 -66.92 -38.73 -1.51
N MET Y 30 -66.52 -37.65 -2.17
CA MET Y 30 -65.97 -36.50 -1.48
C MET Y 30 -67.11 -35.62 -0.98
N GLU Y 31 -67.26 -35.54 0.35
CA GLU Y 31 -68.31 -34.76 0.99
C GLU Y 31 -67.79 -33.43 1.51
N GLU Y 32 -66.72 -32.90 0.95
CA GLU Y 32 -66.27 -31.54 1.24
C GLU Y 32 -65.20 -31.14 0.25
N ILE Y 33 -65.26 -29.90 -0.21
CA ILE Y 33 -64.28 -29.37 -1.14
C ILE Y 33 -64.25 -27.85 -0.99
N LYS Y 34 -63.06 -27.28 -1.15
CA LYS Y 34 -62.93 -25.83 -1.22
C LYS Y 34 -61.62 -25.50 -1.91
N ALA Y 35 -61.65 -24.48 -2.76
CA ALA Y 35 -60.47 -24.01 -3.46
C ALA Y 35 -60.49 -22.50 -3.52
N ASP Y 36 -59.34 -21.90 -3.23
CA ASP Y 36 -59.20 -20.45 -3.23
C ASP Y 36 -58.02 -20.07 -4.12
N PHE Y 37 -58.10 -18.88 -4.69
CA PHE Y 37 -57.14 -18.36 -5.65
C PHE Y 37 -56.66 -17.00 -5.14
N GLU Y 38 -55.63 -17.03 -4.31
CA GLU Y 38 -55.18 -15.84 -3.60
C GLU Y 38 -54.05 -15.14 -4.35
N GLN Y 39 -53.86 -13.88 -4.02
CA GLN Y 39 -52.88 -13.00 -4.65
C GLN Y 39 -52.03 -12.36 -3.57
N ASP Y 40 -50.71 -12.32 -3.80
CA ASP Y 40 -49.78 -11.72 -2.85
C ASP Y 40 -49.75 -10.21 -3.07
N GLU Y 41 -50.86 -9.57 -2.72
CA GLU Y 41 -51.03 -8.14 -2.92
C GLU Y 41 -50.01 -7.37 -2.10
N GLN Y 42 -49.03 -6.76 -2.78
CA GLN Y 42 -48.08 -5.90 -2.09
C GLN Y 42 -48.78 -4.63 -1.62
N SER Y 43 -48.39 -4.15 -0.44
CA SER Y 43 -48.91 -2.91 0.11
C SER Y 43 -47.71 -2.03 0.47
N ILE Y 44 -47.63 -0.87 -0.18
CA ILE Y 44 -46.54 0.07 0.04
C ILE Y 44 -47.14 1.43 0.34
N LYS Y 45 -46.41 2.21 1.11
CA LYS Y 45 -46.88 3.51 1.61
C LYS Y 45 -46.16 4.62 0.88
N LEU Y 46 -46.93 5.56 0.35
CA LEU Y 46 -46.42 6.66 -0.45
C LEU Y 46 -46.24 7.89 0.43
N LEU Y 47 -45.33 8.76 -0.01
CA LEU Y 47 -44.99 9.91 0.83
C LEU Y 47 -46.15 10.87 0.96
N GLY Y 48 -46.76 11.26 -0.17
CA GLY Y 48 -47.80 12.28 -0.14
C GLY Y 48 -49.19 11.76 0.16
N CYS Y 49 -49.45 10.49 -0.10
CA CYS Y 49 -50.78 9.93 0.09
C CYS Y 49 -50.90 9.38 1.51
N GLN Y 50 -51.96 9.81 2.20
CA GLN Y 50 -52.17 9.37 3.58
C GLN Y 50 -52.36 7.86 3.65
N ASN Y 51 -53.17 7.31 2.77
CA ASN Y 51 -53.54 5.90 2.82
C ASN Y 51 -52.60 5.08 1.96
N GLU Y 52 -52.31 3.86 2.42
CA GLU Y 52 -51.37 2.99 1.74
C GLU Y 52 -51.90 2.59 0.37
N ILE Y 53 -50.98 2.37 -0.56
CA ILE Y 53 -51.30 1.91 -1.90
C ILE Y 53 -51.02 0.42 -1.98
N SER Y 54 -52.01 -0.34 -2.44
CA SER Y 54 -51.92 -1.79 -2.58
C SER Y 54 -51.69 -2.11 -4.04
N ARG Y 55 -50.62 -2.86 -4.33
CA ARG Y 55 -50.24 -3.25 -5.67
C ARG Y 55 -50.41 -4.75 -5.84
N VAL Y 56 -51.05 -5.15 -6.94
CA VAL Y 56 -51.32 -6.55 -7.21
C VAL Y 56 -50.02 -7.31 -7.37
N GLY Y 57 -50.09 -8.64 -7.24
CA GLY Y 57 -48.93 -9.49 -7.41
C GLY Y 57 -49.31 -10.83 -8.02
N THR Y 58 -48.39 -11.79 -7.99
CA THR Y 58 -48.65 -13.08 -8.61
C THR Y 58 -49.64 -13.88 -7.79
N THR Y 59 -50.45 -14.68 -8.48
CA THR Y 59 -51.52 -15.45 -7.87
C THR Y 59 -51.04 -16.86 -7.55
N LYS Y 60 -51.59 -17.43 -6.48
CA LYS Y 60 -51.27 -18.77 -6.05
C LYS Y 60 -52.58 -19.50 -5.74
N GLY Y 61 -52.75 -20.69 -6.32
CA GLY Y 61 -53.96 -21.47 -6.16
C GLY Y 61 -53.77 -22.60 -5.17
N SER Y 62 -54.62 -22.63 -4.16
CA SER Y 62 -54.63 -23.67 -3.14
C SER Y 62 -56.00 -24.31 -3.09
N PHE Y 63 -56.04 -25.59 -2.76
CA PHE Y 63 -57.31 -26.32 -2.66
C PHE Y 63 -57.21 -27.37 -1.58
N SER Y 64 -58.32 -27.56 -0.88
CA SER Y 64 -58.47 -28.61 0.11
C SER Y 64 -59.64 -29.49 -0.31
N LEU Y 65 -59.49 -30.79 -0.10
CA LEU Y 65 -60.48 -31.75 -0.55
C LEU Y 65 -60.41 -32.96 0.37
N ASN Y 66 -61.51 -33.26 1.05
CA ASN Y 66 -61.57 -34.38 1.97
C ASN Y 66 -62.88 -35.12 1.82
N GLY Y 67 -62.82 -36.42 2.03
CA GLY Y 67 -63.98 -37.27 1.89
C GLY Y 67 -63.80 -38.54 2.65
N TYR Y 68 -64.57 -39.56 2.25
CA TYR Y 68 -64.50 -40.88 2.86
C TYR Y 68 -63.74 -41.81 1.94
N LYS Y 69 -62.78 -42.53 2.49
CA LYS Y 69 -61.97 -43.44 1.70
C LYS Y 69 -62.82 -44.57 1.16
N THR Y 70 -62.59 -44.91 -0.10
CA THR Y 70 -63.20 -46.09 -0.71
C THR Y 70 -62.21 -46.89 -1.55
N ASP Y 71 -60.96 -46.46 -1.64
CA ASP Y 71 -59.96 -47.13 -2.46
C ASP Y 71 -58.64 -46.42 -2.22
N SER Y 72 -57.58 -46.94 -2.85
CA SER Y 72 -56.24 -46.36 -2.76
C SER Y 72 -55.96 -45.39 -3.89
N LYS Y 73 -56.97 -44.67 -4.37
CA LYS Y 73 -56.82 -43.82 -5.54
C LYS Y 73 -55.76 -42.75 -5.30
N PHE Y 74 -55.86 -42.02 -4.20
CA PHE Y 74 -54.93 -40.91 -3.98
C PHE Y 74 -53.53 -41.41 -3.68
N ALA Y 75 -53.42 -42.46 -2.86
CA ALA Y 75 -52.09 -43.02 -2.58
C ALA Y 75 -51.44 -43.53 -3.86
N LYS Y 76 -52.22 -44.21 -4.71
CA LYS Y 76 -51.70 -44.63 -5.99
C LYS Y 76 -51.40 -43.45 -6.90
N LEU Y 77 -52.19 -42.38 -6.79
CA LEU Y 77 -51.97 -41.21 -7.64
C LEU Y 77 -50.61 -40.58 -7.38
N GLY Y 78 -50.21 -40.48 -6.11
CA GLY Y 78 -48.96 -39.83 -5.81
C GLY Y 78 -49.02 -38.35 -6.12
N PHE Y 79 -47.85 -37.77 -6.34
CA PHE Y 79 -47.72 -36.34 -6.61
C PHE Y 79 -47.82 -36.01 -8.10
N ARG Y 80 -48.42 -36.88 -8.89
CA ARG Y 80 -48.58 -36.59 -10.31
C ARG Y 80 -49.54 -35.43 -10.51
N SER Y 81 -49.26 -34.59 -11.50
CA SER Y 81 -50.18 -33.53 -11.85
C SER Y 81 -51.46 -34.12 -12.40
N PHE Y 82 -52.57 -33.41 -12.21
CA PHE Y 82 -53.88 -33.88 -12.65
C PHE Y 82 -54.81 -32.68 -12.69
N GLU Y 83 -56.09 -32.95 -12.93
CA GLU Y 83 -57.10 -31.91 -13.07
C GLU Y 83 -58.30 -32.23 -12.19
N ILE Y 84 -58.97 -31.18 -11.75
CA ILE Y 84 -60.17 -31.29 -10.93
C ILE Y 84 -61.23 -30.40 -11.55
N ILE Y 85 -62.32 -31.00 -12.00
CA ILE Y 85 -63.44 -30.29 -12.60
C ILE Y 85 -64.58 -30.27 -11.59
N TYR Y 86 -65.03 -29.08 -11.24
CA TYR Y 86 -66.08 -28.87 -10.24
C TYR Y 86 -67.29 -28.31 -10.95
N ASN Y 87 -68.45 -28.95 -10.74
CA ASN Y 87 -69.71 -28.54 -11.36
C ASN Y 87 -70.77 -28.42 -10.28
N LEU Y 88 -71.31 -27.21 -10.13
CA LEU Y 88 -72.40 -26.93 -9.21
C LEU Y 88 -73.61 -26.54 -10.04
N SER Y 89 -74.72 -27.24 -9.84
CA SER Y 89 -75.90 -27.11 -10.68
C SER Y 89 -77.08 -26.66 -9.85
N ASN Y 90 -77.70 -25.56 -10.28
CA ASN Y 90 -78.97 -25.15 -9.68
C ASN Y 90 -80.08 -26.08 -10.16
N SER Y 91 -80.84 -26.61 -9.22
CA SER Y 91 -81.96 -27.50 -9.51
C SER Y 91 -83.30 -26.80 -9.47
N GLU Y 92 -83.46 -25.82 -8.58
CA GLU Y 92 -84.71 -25.05 -8.54
C GLU Y 92 -84.97 -24.36 -9.86
N THR Y 93 -83.92 -23.78 -10.46
CA THR Y 93 -83.95 -23.27 -11.81
C THR Y 93 -82.76 -23.83 -12.55
N LEU Y 94 -82.89 -23.92 -13.87
CA LEU Y 94 -81.79 -24.44 -14.66
C LEU Y 94 -80.61 -23.48 -14.63
N GLY Y 95 -79.46 -23.99 -15.01
CA GLY Y 95 -78.20 -23.26 -14.97
C GLY Y 95 -77.24 -23.88 -13.98
N TYR Y 96 -75.96 -23.76 -14.27
CA TYR Y 96 -74.94 -24.45 -13.48
C TYR Y 96 -73.60 -23.78 -13.67
N GLU Y 97 -72.83 -23.76 -12.58
CA GLU Y 97 -71.45 -23.31 -12.61
C GLU Y 97 -70.54 -24.49 -12.91
N SER Y 98 -69.45 -24.23 -13.60
CA SER Y 98 -68.49 -25.27 -13.97
C SER Y 98 -67.09 -24.69 -13.94
N ILE Y 99 -66.25 -25.22 -13.06
CA ILE Y 99 -64.88 -24.77 -12.88
C ILE Y 99 -63.97 -25.96 -13.10
N ARG Y 100 -62.76 -25.68 -13.57
CA ARG Y 100 -61.73 -26.70 -13.65
C ARG Y 100 -60.41 -26.10 -13.21
N LEU Y 101 -59.72 -26.77 -12.29
CA LEU Y 101 -58.40 -26.35 -11.86
C LEU Y 101 -57.39 -26.84 -12.88
N LYS Y 102 -56.70 -25.90 -13.53
CA LYS Y 102 -56.00 -26.21 -14.77
C LYS Y 102 -54.87 -27.21 -14.57
N ASN Y 103 -54.14 -27.09 -13.47
CA ASN Y 103 -53.00 -27.97 -13.22
C ASN Y 103 -52.78 -28.01 -11.72
N CYS Y 104 -53.13 -29.14 -11.08
CA CYS Y 104 -53.11 -29.26 -9.63
C CYS Y 104 -52.30 -30.48 -9.22
N ARG Y 105 -51.65 -30.35 -8.07
CA ARG Y 105 -50.80 -31.39 -7.51
C ARG Y 105 -51.08 -31.49 -6.01
N LEU Y 106 -50.90 -32.70 -5.49
CA LEU Y 106 -51.09 -32.92 -4.06
C LEU Y 106 -49.90 -32.40 -3.28
N LYS Y 107 -50.19 -31.78 -2.13
CA LYS Y 107 -49.13 -31.36 -1.21
C LYS Y 107 -48.77 -32.44 -0.22
N LYS Y 108 -49.64 -33.42 0.01
CA LYS Y 108 -49.31 -34.53 0.91
C LYS Y 108 -50.30 -35.66 0.69
N LEU Y 109 -49.77 -36.86 0.59
CA LEU Y 109 -50.63 -38.03 0.45
C LEU Y 109 -51.19 -38.41 1.81
N PRO Y 110 -52.51 -38.45 2.01
CA PRO Y 110 -53.03 -39.00 3.25
C PRO Y 110 -52.87 -40.51 3.26
N LEU Y 111 -51.65 -40.96 3.58
CA LEU Y 111 -51.30 -42.35 3.36
C LEU Y 111 -52.12 -43.28 4.24
N ILE Y 112 -52.21 -42.99 5.53
CA ILE Y 112 -52.99 -43.78 6.47
C ILE Y 112 -53.76 -42.83 7.38
N ASN Y 113 -55.00 -43.19 7.68
CA ASN Y 113 -55.79 -42.46 8.67
C ASN Y 113 -57.00 -43.27 9.09
N SER Y 114 -57.19 -43.44 10.39
CA SER Y 114 -58.31 -44.21 10.92
C SER Y 114 -58.30 -44.09 12.43
N LYS Y 115 -59.46 -44.29 13.04
CA LYS Y 115 -59.57 -44.14 14.48
C LYS Y 115 -60.83 -44.83 14.99
N ALA Y 116 -60.67 -45.75 15.93
CA ALA Y 116 -61.78 -46.35 16.70
C ALA Y 116 -62.76 -47.00 15.71
N GLY Y 117 -64.06 -46.90 15.95
CA GLY Y 117 -65.06 -47.41 15.04
C GLY Y 117 -65.49 -46.45 13.97
N GLU Y 118 -64.84 -45.29 13.85
CA GLU Y 118 -65.27 -44.30 12.90
C GLU Y 118 -64.98 -44.75 11.47
N ILE Y 119 -65.70 -44.14 10.53
CA ILE Y 119 -65.48 -44.42 9.12
C ILE Y 119 -64.12 -43.86 8.72
N VAL Y 120 -63.48 -44.51 7.74
CA VAL Y 120 -62.14 -44.13 7.33
C VAL Y 120 -62.20 -42.90 6.44
N LYS Y 121 -62.09 -41.73 7.05
CA LYS Y 121 -62.10 -40.47 6.31
C LYS Y 121 -60.73 -40.25 5.67
N ILE Y 122 -60.73 -39.48 4.58
CA ILE Y 122 -59.52 -39.14 3.84
C ILE Y 122 -59.52 -37.65 3.56
N GLU Y 123 -58.37 -37.02 3.76
CA GLU Y 123 -58.21 -35.57 3.61
C GLU Y 123 -57.05 -35.29 2.68
N VAL Y 124 -57.29 -34.46 1.66
CA VAL Y 124 -56.31 -34.16 0.64
C VAL Y 124 -56.15 -32.65 0.56
N GLU Y 125 -54.90 -32.20 0.51
CA GLU Y 125 -54.56 -30.78 0.38
C GLU Y 125 -53.51 -30.63 -0.69
N GLY Y 126 -53.63 -29.57 -1.48
CA GLY Y 126 -52.70 -29.35 -2.56
C GLY Y 126 -52.77 -27.93 -3.09
N SER Y 127 -52.14 -27.74 -4.23
CA SER Y 127 -52.09 -26.44 -4.90
C SER Y 127 -52.40 -26.64 -6.38
N PHE Y 128 -52.84 -25.55 -7.02
CA PHE Y 128 -53.14 -25.58 -8.44
C PHE Y 128 -52.63 -24.31 -9.10
N ARG Y 129 -52.05 -24.48 -10.30
CA ARG Y 129 -51.42 -23.37 -10.98
C ARG Y 129 -52.43 -22.34 -11.44
N GLY Y 130 -53.51 -22.79 -12.10
CA GLY Y 130 -54.49 -21.90 -12.66
C GLY Y 130 -55.83 -22.58 -12.75
N TYR Y 131 -56.81 -21.84 -13.30
CA TYR Y 131 -58.18 -22.31 -13.34
C TYR Y 131 -58.86 -21.75 -14.59
N ASP Y 132 -60.03 -22.31 -14.89
CA ASP Y 132 -60.88 -21.84 -15.98
C ASP Y 132 -62.32 -21.85 -15.51
N LEU Y 133 -63.03 -20.75 -15.78
CA LEU Y 133 -64.44 -20.63 -15.46
C LEU Y 133 -65.24 -21.02 -16.70
N LEU Y 134 -65.86 -22.19 -16.67
CA LEU Y 134 -66.54 -22.71 -17.85
C LEU Y 134 -68.00 -22.29 -17.92
N ASN Y 135 -68.66 -22.06 -16.78
CA ASN Y 135 -70.01 -21.54 -16.77
C ASN Y 135 -70.22 -20.74 -15.50
N GLU Y 136 -71.06 -19.72 -15.58
CA GLU Y 136 -71.07 -18.63 -14.62
C GLU Y 136 -72.37 -18.56 -13.84
N LEU Y 137 -72.87 -19.71 -13.38
CA LEU Y 137 -74.02 -19.73 -12.49
C LEU Y 137 -74.14 -21.07 -11.79
N GLU Z 8 -83.51 7.51 28.02
CA GLU Z 8 -83.12 6.28 27.34
C GLU Z 8 -84.21 5.88 26.35
N GLU Z 9 -83.80 5.52 25.13
CA GLU Z 9 -84.74 5.15 24.09
C GLU Z 9 -84.10 4.17 23.13
N ALA Z 10 -84.94 3.43 22.42
CA ALA Z 10 -84.48 2.45 21.44
C ALA Z 10 -84.29 3.14 20.10
N SER Z 11 -83.04 3.30 19.69
CA SER Z 11 -82.69 3.85 18.38
C SER Z 11 -81.53 3.09 17.76
N PHE Z 12 -81.44 1.80 18.03
CA PHE Z 12 -80.35 0.98 17.51
C PHE Z 12 -80.59 0.72 16.03
N LEU Z 13 -79.75 -0.12 15.44
CA LEU Z 13 -79.87 -0.52 14.05
C LEU Z 13 -79.62 -2.02 13.95
N ASN Z 14 -80.23 -2.64 12.94
CA ASN Z 14 -80.16 -4.08 12.74
C ASN Z 14 -79.64 -4.37 11.34
N GLY Z 15 -78.98 -5.52 11.20
CA GLY Z 15 -78.44 -5.91 9.90
C GLY Z 15 -79.48 -6.12 8.84
N SER Z 16 -80.75 -6.29 9.22
CA SER Z 16 -81.82 -6.33 8.24
C SER Z 16 -81.88 -5.03 7.44
N ASP Z 17 -81.51 -3.91 8.06
CA ASP Z 17 -81.52 -2.63 7.38
C ASP Z 17 -80.34 -2.43 6.45
N VAL Z 18 -79.36 -3.34 6.46
CA VAL Z 18 -78.17 -3.16 5.64
C VAL Z 18 -78.53 -3.23 4.17
N VAL Z 19 -77.98 -2.31 3.39
CA VAL Z 19 -78.10 -2.31 1.94
C VAL Z 19 -76.72 -2.14 1.36
N ILE Z 20 -76.31 -3.07 0.49
CA ILE Z 20 -74.96 -3.12 -0.05
C ILE Z 20 -75.06 -3.09 -1.57
N LEU Z 21 -74.33 -2.16 -2.20
CA LEU Z 21 -74.24 -2.07 -3.65
C LEU Z 21 -72.81 -2.40 -4.04
N ILE Z 22 -72.60 -3.65 -4.46
CA ILE Z 22 -71.28 -4.06 -4.95
C ILE Z 22 -71.15 -3.55 -6.37
N ASP Z 23 -70.32 -2.52 -6.55
CA ASP Z 23 -70.11 -1.90 -7.85
C ASP Z 23 -71.44 -1.35 -8.39
N GLY Z 24 -72.25 -0.81 -7.50
CA GLY Z 24 -73.54 -0.26 -7.90
C GLY Z 24 -74.60 -1.28 -8.19
N VAL Z 25 -74.45 -2.51 -7.70
CA VAL Z 25 -75.42 -3.58 -7.90
C VAL Z 25 -75.77 -4.17 -6.54
N GLU Z 26 -77.06 -4.28 -6.27
CA GLU Z 26 -77.52 -4.72 -4.96
C GLU Z 26 -77.22 -6.21 -4.80
N GLU Z 27 -76.12 -6.51 -4.11
CA GLU Z 27 -75.81 -7.88 -3.72
C GLU Z 27 -76.51 -8.18 -2.40
N LEU Z 28 -77.83 -8.34 -2.51
CA LEU Z 28 -78.66 -8.52 -1.33
C LEU Z 28 -78.42 -9.86 -0.63
N TYR Z 29 -77.71 -10.79 -1.27
CA TYR Z 29 -77.52 -12.11 -0.69
C TYR Z 29 -76.40 -12.17 0.34
N MET Z 30 -75.67 -11.08 0.56
CA MET Z 30 -74.58 -11.08 1.54
C MET Z 30 -75.15 -10.87 2.92
N GLU Z 31 -75.04 -11.89 3.77
CA GLU Z 31 -75.56 -11.85 5.13
C GLU Z 31 -74.46 -11.60 6.17
N GLU Z 32 -73.35 -10.97 5.77
CA GLU Z 32 -72.34 -10.52 6.72
C GLU Z 32 -71.36 -9.61 6.00
N ILE Z 33 -70.97 -8.53 6.66
CA ILE Z 33 -70.01 -7.58 6.11
C ILE Z 33 -69.32 -6.87 7.26
N LYS Z 34 -68.04 -6.57 7.07
CA LYS Z 34 -67.32 -5.73 8.02
C LYS Z 34 -66.11 -5.13 7.31
N ALA Z 35 -65.84 -3.86 7.60
CA ALA Z 35 -64.70 -3.17 7.04
C ALA Z 35 -64.10 -2.25 8.10
N ASP Z 36 -62.79 -2.28 8.19
CA ASP Z 36 -62.04 -1.48 9.16
C ASP Z 36 -60.97 -0.69 8.43
N PHE Z 37 -60.62 0.45 9.01
CA PHE Z 37 -59.68 1.41 8.43
C PHE Z 37 -58.61 1.67 9.48
N GLU Z 38 -57.57 0.85 9.47
CA GLU Z 38 -56.55 0.87 10.51
C GLU Z 38 -55.37 1.75 10.10
N GLN Z 39 -54.60 2.13 11.12
CA GLN Z 39 -53.45 3.02 10.96
C GLN Z 39 -52.24 2.39 11.64
N ASP Z 40 -51.09 2.44 10.97
CA ASP Z 40 -49.86 1.88 11.51
C ASP Z 40 -49.22 2.90 12.46
N GLU Z 41 -49.89 3.10 13.59
CA GLU Z 41 -49.46 4.09 14.57
C GLU Z 41 -48.09 3.73 15.12
N GLN Z 42 -47.07 4.48 14.74
CA GLN Z 42 -45.74 4.30 15.33
C GLN Z 42 -45.77 4.74 16.79
N SER Z 43 -45.07 3.99 17.63
CA SER Z 43 -44.95 4.30 19.05
C SER Z 43 -43.47 4.32 19.39
N ILE Z 44 -42.98 5.48 19.84
CA ILE Z 44 -41.58 5.69 20.13
C ILE Z 44 -41.46 6.30 21.52
N LYS Z 45 -40.39 5.95 22.21
CA LYS Z 45 -40.20 6.31 23.60
C LYS Z 45 -39.18 7.44 23.71
N LEU Z 46 -39.58 8.51 24.39
CA LEU Z 46 -38.77 9.71 24.53
C LEU Z 46 -37.95 9.64 25.81
N LEU Z 47 -36.83 10.37 25.81
CA LEU Z 47 -35.91 10.28 26.94
C LEU Z 47 -36.53 10.87 28.20
N GLY Z 48 -37.08 12.08 28.11
CA GLY Z 48 -37.56 12.75 29.30
C GLY Z 48 -38.98 12.40 29.71
N CYS Z 49 -39.80 11.93 28.77
CA CYS Z 49 -41.19 11.62 29.05
C CYS Z 49 -41.33 10.19 29.52
N GLN Z 50 -41.99 10.01 30.67
CA GLN Z 50 -42.17 8.67 31.21
C GLN Z 50 -43.00 7.80 30.28
N ASN Z 51 -44.07 8.35 29.73
CA ASN Z 51 -45.01 7.57 28.93
C ASN Z 51 -44.67 7.70 27.45
N GLU Z 52 -44.76 6.59 26.75
CA GLU Z 52 -44.31 6.50 25.37
C GLU Z 52 -45.21 7.32 24.46
N ILE Z 53 -44.61 7.91 23.43
CA ILE Z 53 -45.31 8.79 22.50
C ILE Z 53 -45.72 7.99 21.28
N SER Z 54 -46.98 8.13 20.88
CA SER Z 54 -47.53 7.46 19.72
C SER Z 54 -47.68 8.48 18.59
N ARG Z 55 -47.11 8.15 17.43
CA ARG Z 55 -47.16 8.99 16.25
C ARG Z 55 -47.97 8.31 15.16
N VAL Z 56 -48.87 9.06 14.54
CA VAL Z 56 -49.75 8.53 13.51
C VAL Z 56 -48.92 8.06 12.31
N GLY Z 57 -49.53 7.23 11.47
CA GLY Z 57 -48.88 6.75 10.26
C GLY Z 57 -49.87 6.55 9.13
N THR Z 58 -49.45 5.88 8.07
CA THR Z 58 -50.31 5.71 6.91
C THR Z 58 -51.41 4.70 7.20
N THR Z 59 -52.58 4.96 6.63
CA THR Z 59 -53.77 4.16 6.88
C THR Z 59 -53.88 3.05 5.84
N LYS Z 60 -54.46 1.93 6.25
CA LYS Z 60 -54.69 0.78 5.38
C LYS Z 60 -56.10 0.27 5.59
N GLY Z 61 -56.83 0.10 4.49
CA GLY Z 61 -58.23 -0.32 4.55
C GLY Z 61 -58.37 -1.78 4.21
N SER Z 62 -58.99 -2.52 5.11
CA SER Z 62 -59.29 -3.94 4.93
C SER Z 62 -60.77 -4.17 5.11
N PHE Z 63 -61.30 -5.14 4.38
CA PHE Z 63 -62.71 -5.47 4.46
C PHE Z 63 -62.91 -6.95 4.24
N SER Z 64 -63.87 -7.51 4.97
CA SER Z 64 -64.30 -8.88 4.82
C SER Z 64 -65.79 -8.90 4.47
N LEU Z 65 -66.16 -9.81 3.58
CA LEU Z 65 -67.53 -9.86 3.09
C LEU Z 65 -67.83 -11.29 2.69
N ASN Z 66 -68.84 -11.89 3.32
CA ASN Z 66 -69.21 -13.27 3.06
C ASN Z 66 -70.72 -13.39 3.01
N GLY Z 67 -71.19 -14.30 2.17
CA GLY Z 67 -72.60 -14.51 1.98
C GLY Z 67 -72.86 -15.87 1.41
N TYR Z 68 -74.04 -16.03 0.82
CA TYR Z 68 -74.45 -17.27 0.18
C TYR Z 68 -74.29 -17.12 -1.33
N LYS Z 69 -73.65 -18.09 -1.95
CA LYS Z 69 -73.44 -18.03 -3.39
C LYS Z 69 -74.76 -18.11 -4.13
N THR Z 70 -74.88 -17.30 -5.16
CA THR Z 70 -76.02 -17.38 -6.07
C THR Z 70 -75.61 -17.24 -7.53
N ASP Z 71 -74.33 -17.09 -7.83
CA ASP Z 71 -73.84 -16.91 -9.18
C ASP Z 71 -72.32 -16.88 -9.12
N SER Z 72 -71.69 -16.78 -10.29
CA SER Z 72 -70.24 -16.69 -10.40
C SER Z 72 -69.75 -15.26 -10.46
N LYS Z 73 -70.44 -14.35 -9.77
CA LYS Z 73 -70.11 -12.93 -9.86
C LYS Z 73 -68.68 -12.65 -9.44
N PHE Z 74 -68.28 -13.15 -8.26
CA PHE Z 74 -66.95 -12.82 -7.75
C PHE Z 74 -65.86 -13.53 -8.54
N ALA Z 75 -66.08 -14.78 -8.91
CA ALA Z 75 -65.08 -15.49 -9.72
C ALA Z 75 -64.93 -14.81 -11.07
N LYS Z 76 -66.03 -14.39 -11.68
CA LYS Z 76 -65.95 -13.64 -12.92
C LYS Z 76 -65.32 -12.28 -12.69
N LEU Z 77 -65.55 -11.67 -11.53
CA LEU Z 77 -65.00 -10.35 -11.26
C LEU Z 77 -63.47 -10.38 -11.25
N GLY Z 78 -62.89 -11.41 -10.65
CA GLY Z 78 -61.45 -11.45 -10.56
C GLY Z 78 -60.92 -10.38 -9.64
N PHE Z 79 -59.66 -10.00 -9.85
CA PHE Z 79 -58.99 -9.00 -9.03
C PHE Z 79 -59.16 -7.58 -9.57
N ARG Z 80 -60.20 -7.34 -10.37
CA ARG Z 80 -60.43 -6.00 -10.87
C ARG Z 80 -60.83 -5.07 -9.73
N SER Z 81 -60.37 -3.83 -9.80
CA SER Z 81 -60.81 -2.83 -8.84
C SER Z 81 -62.30 -2.55 -9.02
N PHE Z 82 -62.94 -2.18 -7.92
CA PHE Z 82 -64.38 -1.92 -7.92
C PHE Z 82 -64.72 -1.11 -6.69
N GLU Z 83 -66.01 -0.89 -6.46
CA GLU Z 83 -66.50 -0.07 -5.37
C GLU Z 83 -67.58 -0.82 -4.60
N ILE Z 84 -67.64 -0.55 -3.31
CA ILE Z 84 -68.64 -1.13 -2.41
C ILE Z 84 -69.30 0.01 -1.66
N ILE Z 85 -70.60 0.18 -1.87
CA ILE Z 85 -71.39 1.21 -1.21
C ILE Z 85 -72.25 0.52 -0.16
N TYR Z 86 -72.09 0.95 1.09
CA TYR Z 86 -72.80 0.37 2.23
C TYR Z 86 -73.76 1.42 2.78
N ASN Z 87 -75.02 1.04 2.90
CA ASN Z 87 -76.06 1.94 3.41
C ASN Z 87 -76.79 1.24 4.55
N LEU Z 88 -76.76 1.87 5.72
CA LEU Z 88 -77.48 1.40 6.90
C LEU Z 88 -78.51 2.46 7.27
N SER Z 89 -79.77 2.03 7.37
CA SER Z 89 -80.89 2.95 7.52
C SER Z 89 -81.63 2.66 8.81
N ASN Z 90 -81.80 3.68 9.63
CA ASN Z 90 -82.67 3.57 10.80
C ASN Z 90 -84.11 3.58 10.33
N SER Z 91 -84.88 2.59 10.79
CA SER Z 91 -86.30 2.49 10.46
C SER Z 91 -87.21 2.99 11.57
N GLU Z 92 -86.79 2.84 12.83
CA GLU Z 92 -87.58 3.38 13.93
C GLU Z 92 -87.72 4.89 13.81
N THR Z 93 -86.64 5.57 13.45
CA THR Z 93 -86.66 6.97 13.10
C THR Z 93 -85.94 7.13 11.77
N LEU Z 94 -86.30 8.18 11.04
CA LEU Z 94 -85.66 8.41 9.76
C LEU Z 94 -84.20 8.79 9.96
N GLY Z 95 -83.43 8.67 8.89
CA GLY Z 95 -82.00 8.88 8.91
C GLY Z 95 -81.27 7.61 8.57
N TYR Z 96 -80.09 7.76 7.95
CA TYR Z 96 -79.36 6.61 7.46
C TYR Z 96 -77.91 6.97 7.24
N GLU Z 97 -77.04 5.99 7.52
CA GLU Z 97 -75.63 6.09 7.23
C GLU Z 97 -75.37 5.55 5.83
N SER Z 98 -74.39 6.15 5.16
CA SER Z 98 -74.03 5.73 3.81
C SER Z 98 -72.53 5.86 3.64
N ILE Z 99 -71.87 4.75 3.36
CA ILE Z 99 -70.42 4.70 3.20
C ILE Z 99 -70.13 4.09 1.84
N ARG Z 100 -69.00 4.49 1.26
CA ARG Z 100 -68.51 3.85 0.04
C ARG Z 100 -67.00 3.67 0.15
N LEU Z 101 -66.54 2.46 -0.11
CA LEU Z 101 -65.11 2.18 -0.15
C LEU Z 101 -64.58 2.62 -1.50
N LYS Z 102 -63.66 3.59 -1.48
CA LYS Z 102 -63.37 4.37 -2.68
C LYS Z 102 -62.74 3.49 -3.77
N ASN Z 103 -61.87 2.57 -3.40
CA ASN Z 103 -61.21 1.73 -4.39
C ASN Z 103 -60.79 0.44 -3.69
N CYS Z 104 -61.49 -0.65 -3.99
CA CYS Z 104 -61.30 -1.92 -3.30
C CYS Z 104 -61.02 -3.03 -4.29
N ARG Z 105 -60.20 -3.98 -3.85
CA ARG Z 105 -59.79 -5.12 -4.65
C ARG Z 105 -59.84 -6.36 -3.78
N LEU Z 106 -60.12 -7.50 -4.42
CA LEU Z 106 -60.15 -8.77 -3.72
C LEU Z 106 -58.75 -9.26 -3.42
N LYS Z 107 -58.58 -9.85 -2.24
CA LYS Z 107 -57.32 -10.49 -1.89
C LYS Z 107 -57.29 -11.96 -2.29
N LYS Z 108 -58.44 -12.59 -2.46
CA LYS Z 108 -58.48 -13.98 -2.91
C LYS Z 108 -59.88 -14.30 -3.42
N LEU Z 109 -59.92 -15.00 -4.55
CA LEU Z 109 -61.20 -15.42 -5.10
C LEU Z 109 -61.66 -16.68 -4.38
N PRO Z 110 -62.84 -16.69 -3.74
CA PRO Z 110 -63.35 -17.97 -3.23
C PRO Z 110 -63.83 -18.82 -4.38
N LEU Z 111 -62.89 -19.48 -5.04
CA LEU Z 111 -63.19 -20.12 -6.32
C LEU Z 111 -64.18 -21.26 -6.15
N ILE Z 112 -63.93 -22.15 -5.18
CA ILE Z 112 -64.82 -23.28 -4.90
C ILE Z 112 -64.96 -23.39 -3.39
N ASN Z 113 -66.19 -23.69 -2.94
CA ASN Z 113 -66.43 -23.98 -1.54
C ASN Z 113 -67.79 -24.63 -1.36
N SER Z 114 -67.83 -25.79 -0.69
CA SER Z 114 -69.08 -26.51 -0.48
C SER Z 114 -68.78 -27.69 0.43
N LYS Z 115 -69.82 -28.16 1.13
CA LYS Z 115 -69.64 -29.24 2.08
C LYS Z 115 -70.98 -29.88 2.41
N ALA Z 116 -71.09 -31.18 2.17
CA ALA Z 116 -72.20 -32.02 2.64
C ALA Z 116 -73.51 -31.42 2.08
N GLY Z 117 -74.59 -31.42 2.86
CA GLY Z 117 -75.85 -30.83 2.44
C GLY Z 117 -75.98 -29.35 2.71
N GLU Z 118 -74.93 -28.70 3.20
CA GLU Z 118 -75.04 -27.30 3.56
C GLU Z 118 -75.19 -26.42 2.33
N ILE Z 119 -75.73 -25.22 2.55
CA ILE Z 119 -75.86 -24.25 1.48
C ILE Z 119 -74.46 -23.78 1.08
N VAL Z 120 -74.31 -23.42 -0.19
CA VAL Z 120 -73.02 -23.03 -0.74
C VAL Z 120 -72.69 -21.62 -0.32
N LYS Z 121 -72.00 -21.47 0.80
CA LYS Z 121 -71.59 -20.17 1.29
C LYS Z 121 -70.36 -19.68 0.54
N ILE Z 122 -70.22 -18.36 0.47
CA ILE Z 122 -69.11 -17.71 -0.21
C ILE Z 122 -68.53 -16.65 0.70
N GLU Z 123 -67.20 -16.62 0.78
CA GLU Z 123 -66.47 -15.69 1.65
C GLU Z 123 -65.45 -14.92 0.83
N VAL Z 124 -65.48 -13.59 0.98
CA VAL Z 124 -64.63 -12.70 0.20
C VAL Z 124 -63.87 -11.80 1.17
N GLU Z 125 -62.58 -11.65 0.93
CA GLU Z 125 -61.70 -10.81 1.73
C GLU Z 125 -60.85 -9.96 0.79
N GLY Z 126 -60.63 -8.72 1.19
CA GLY Z 126 -59.87 -7.82 0.35
C GLY Z 126 -59.41 -6.60 1.10
N SER Z 127 -58.93 -5.62 0.34
CA SER Z 127 -58.44 -4.36 0.88
C SER Z 127 -59.03 -3.22 0.06
N PHE Z 128 -59.06 -2.03 0.67
CA PHE Z 128 -59.56 -0.85 -0.01
C PHE Z 128 -58.67 0.35 0.31
N ARG Z 129 -58.41 1.16 -0.71
CA ARG Z 129 -57.47 2.27 -0.57
C ARG Z 129 -58.03 3.34 0.36
N GLY Z 130 -59.27 3.75 0.14
CA GLY Z 130 -59.86 4.84 0.89
C GLY Z 130 -61.36 4.70 0.96
N TYR Z 131 -62.01 5.66 1.59
CA TYR Z 131 -63.44 5.61 1.83
C TYR Z 131 -64.01 7.02 1.84
N ASP Z 132 -65.33 7.10 1.79
CA ASP Z 132 -66.05 8.36 1.89
C ASP Z 132 -67.27 8.15 2.77
N LEU Z 133 -67.51 9.08 3.69
CA LEU Z 133 -68.66 9.05 4.57
C LEU Z 133 -69.73 9.95 3.97
N LEU Z 134 -70.76 9.35 3.38
CA LEU Z 134 -71.78 10.11 2.66
C LEU Z 134 -72.92 10.57 3.55
N ASN Z 135 -73.22 9.83 4.62
CA ASN Z 135 -74.22 10.27 5.59
C ASN Z 135 -73.87 9.70 6.94
N GLU Z 136 -74.22 10.45 7.99
CA GLU Z 136 -73.62 10.27 9.31
C GLU Z 136 -74.65 9.82 10.34
N LEU Z 137 -75.50 8.87 9.99
CA LEU Z 137 -76.39 8.28 10.98
C LEU Z 137 -76.95 6.95 10.48
N GLU AA 8 -67.17 -8.65 56.81
CA GLU AA 8 -67.45 -8.83 55.39
C GLU AA 8 -68.75 -8.11 55.03
N GLU AA 9 -68.72 -7.37 53.92
CA GLU AA 9 -69.87 -6.61 53.49
C GLU AA 9 -69.85 -6.46 51.98
N ALA AA 10 -71.03 -6.19 51.41
CA ALA AA 10 -71.17 -5.98 49.98
C ALA AA 10 -70.92 -4.51 49.67
N SER AA 11 -69.80 -4.23 49.01
CA SER AA 11 -69.47 -2.89 48.54
C SER AA 11 -68.85 -2.94 47.15
N PHE AA 12 -69.27 -3.89 46.33
CA PHE AA 12 -68.71 -4.05 44.99
C PHE AA 12 -69.28 -2.95 44.10
N LEU AA 13 -68.96 -3.03 42.80
CA LEU AA 13 -69.47 -2.10 41.81
C LEU AA 13 -69.87 -2.88 40.57
N ASN AA 14 -70.83 -2.34 39.84
CA ASN AA 14 -71.40 -2.98 38.67
C ASN AA 14 -71.30 -2.06 37.47
N GLY AA 15 -71.20 -2.67 36.28
CA GLY AA 15 -71.08 -1.89 35.07
C GLY AA 15 -72.28 -1.00 34.78
N SER AA 16 -73.42 -1.26 35.42
CA SER AA 16 -74.54 -0.34 35.31
C SER AA 16 -74.17 1.04 35.83
N ASP AA 17 -73.27 1.11 36.81
CA ASP AA 17 -72.83 2.38 37.36
C ASP AA 17 -71.84 3.11 36.47
N VAL AA 18 -71.33 2.48 35.42
CA VAL AA 18 -70.31 3.10 34.58
C VAL AA 18 -70.91 4.32 33.88
N VAL AA 19 -70.15 5.41 33.87
CA VAL AA 19 -70.48 6.61 33.13
C VAL AA 19 -69.26 7.02 32.33
N ILE AA 20 -69.42 7.18 31.03
CA ILE AA 20 -68.32 7.44 30.11
C ILE AA 20 -68.63 8.71 29.34
N LEU AA 21 -67.69 9.65 29.35
CA LEU AA 21 -67.79 10.89 28.58
C LEU AA 21 -66.72 10.85 27.50
N ILE AA 22 -67.10 10.47 26.29
CA ILE AA 22 -66.17 10.47 25.16
C ILE AA 22 -66.05 11.92 24.70
N ASP AA 23 -64.91 12.54 24.97
CA ASP AA 23 -64.68 13.93 24.60
C ASP AA 23 -65.71 14.84 25.25
N GLY AA 24 -66.08 14.53 26.49
CA GLY AA 24 -67.06 15.32 27.20
C GLY AA 24 -68.49 15.11 26.76
N VAL AA 25 -68.80 13.99 26.12
CA VAL AA 25 -70.14 13.68 25.64
C VAL AA 25 -70.48 12.28 26.12
N GLU AA 26 -71.65 12.14 26.75
CA GLU AA 26 -72.05 10.87 27.35
C GLU AA 26 -72.36 9.87 26.26
N GLU AA 27 -71.40 9.00 25.93
CA GLU AA 27 -71.64 7.88 25.03
C GLU AA 27 -72.20 6.72 25.84
N LEU AA 28 -73.46 6.87 26.24
CA LEU AA 28 -74.10 5.90 27.11
C LEU AA 28 -74.35 4.56 26.43
N TYR AA 29 -74.21 4.48 25.11
CA TYR AA 29 -74.50 3.24 24.40
C TYR AA 29 -73.37 2.23 24.43
N MET AA 30 -72.22 2.57 25.03
CA MET AA 30 -71.10 1.64 25.09
C MET AA 30 -71.30 0.69 26.26
N GLU AA 31 -71.50 -0.59 25.95
CA GLU AA 31 -71.73 -1.62 26.96
C GLU AA 31 -70.49 -2.46 27.23
N GLU AA 32 -69.30 -1.91 26.98
CA GLU AA 32 -68.05 -2.55 27.40
C GLU AA 32 -66.91 -1.57 27.22
N ILE AA 33 -66.01 -1.56 28.19
CA ILE AA 33 -64.84 -0.69 28.14
C ILE AA 33 -63.74 -1.33 28.98
N LYS AA 34 -62.50 -1.16 28.56
CA LYS AA 34 -61.35 -1.54 29.37
C LYS AA 34 -60.13 -0.78 28.89
N ALA AA 35 -59.32 -0.34 29.84
CA ALA AA 35 -58.09 0.37 29.53
C ALA AA 35 -57.01 -0.07 30.51
N ASP AA 36 -55.83 -0.34 29.97
CA ASP AA 36 -54.68 -0.79 30.74
C ASP AA 36 -53.50 0.12 30.46
N PHE AA 37 -52.60 0.19 31.42
CA PHE AA 37 -51.44 1.09 31.39
C PHE AA 37 -50.21 0.24 31.69
N GLU AA 38 -49.63 -0.34 30.64
CA GLU AA 38 -48.55 -1.30 30.77
C GLU AA 38 -47.19 -0.63 30.66
N GLN AA 39 -46.19 -1.32 31.20
CA GLN AA 39 -44.82 -0.84 31.25
C GLN AA 39 -43.90 -1.89 30.66
N ASP AA 40 -42.95 -1.46 29.84
CA ASP AA 40 -42.00 -2.37 29.20
C ASP AA 40 -40.87 -2.65 30.18
N GLU AA 41 -41.21 -3.38 31.23
CA GLU AA 41 -40.26 -3.70 32.29
C GLU AA 41 -39.11 -4.53 31.76
N GLN AA 42 -37.93 -3.93 31.66
CA GLN AA 42 -36.74 -4.68 31.29
C GLN AA 42 -36.36 -5.64 32.40
N SER AA 43 -35.92 -6.84 32.00
CA SER AA 43 -35.45 -7.85 32.94
C SER AA 43 -34.05 -8.25 32.49
N ILE AA 44 -33.06 -8.01 33.35
CA ILE AA 44 -31.67 -8.33 33.08
C ILE AA 44 -31.14 -9.17 34.22
N LYS AA 45 -30.18 -10.03 33.90
CA LYS AA 45 -29.63 -10.99 34.84
C LYS AA 45 -28.24 -10.55 35.26
N LEU AA 46 -28.02 -10.52 36.57
CA LEU AA 46 -26.78 -10.04 37.16
C LEU AA 46 -25.87 -11.22 37.46
N LEU AA 47 -24.57 -10.95 37.50
CA LEU AA 47 -23.61 -12.03 37.66
C LEU AA 47 -23.73 -12.67 39.03
N GLY AA 48 -23.72 -11.86 40.09
CA GLY AA 48 -23.70 -12.40 41.44
C GLY AA 48 -25.06 -12.77 42.01
N CYS AA 49 -26.13 -12.14 41.51
CA CYS AA 49 -27.47 -12.36 42.05
C CYS AA 49 -28.11 -13.53 41.32
N GLN AA 50 -28.61 -14.50 42.10
CA GLN AA 50 -29.24 -15.67 41.50
C GLN AA 50 -30.47 -15.28 40.69
N ASN AA 51 -31.30 -14.41 41.23
CA ASN AA 51 -32.58 -14.07 40.62
C ASN AA 51 -32.43 -12.83 39.75
N GLU AA 52 -33.16 -12.82 38.65
CA GLU AA 52 -33.06 -11.73 37.69
C GLU AA 52 -33.54 -10.43 38.29
N ILE AA 53 -32.95 -9.32 37.83
CA ILE AA 53 -33.33 -7.98 38.27
C ILE AA 53 -34.20 -7.36 37.20
N SER AA 54 -35.37 -6.85 37.61
CA SER AA 54 -36.33 -6.23 36.71
C SER AA 54 -36.22 -4.71 36.86
N ARG AA 55 -36.00 -4.03 35.75
CA ARG AA 55 -35.87 -2.58 35.72
C ARG AA 55 -37.04 -1.97 34.97
N VAL AA 56 -37.64 -0.93 35.56
CA VAL AA 56 -38.80 -0.27 34.99
C VAL AA 56 -38.45 0.35 33.66
N GLY AA 57 -39.46 0.66 32.85
CA GLY AA 57 -39.27 1.30 31.56
C GLY AA 57 -40.41 2.23 31.23
N THR AA 58 -40.47 2.68 29.97
CA THR AA 58 -41.50 3.63 29.58
C THR AA 58 -42.86 2.95 29.50
N THR AA 59 -43.89 3.70 29.87
CA THR AA 59 -45.25 3.19 29.93
C THR AA 59 -45.96 3.43 28.62
N LYS AA 60 -46.90 2.54 28.30
CA LYS AA 60 -47.72 2.65 27.10
C LYS AA 60 -49.17 2.37 27.46
N GLY AA 61 -50.06 3.26 27.07
CA GLY AA 61 -51.47 3.16 27.41
C GLY AA 61 -52.28 2.65 26.23
N SER AA 62 -53.01 1.57 26.47
CA SER AA 62 -53.90 0.97 25.48
C SER AA 62 -55.30 0.89 26.06
N PHE AA 63 -56.29 1.04 25.19
CA PHE AA 63 -57.68 0.96 25.61
C PHE AA 63 -58.52 0.31 24.52
N SER AA 64 -59.50 -0.47 24.94
CA SER AA 64 -60.48 -1.07 24.05
C SER AA 64 -61.86 -0.62 24.48
N LEU AA 65 -62.71 -0.33 23.50
CA LEU AA 65 -64.03 0.22 23.77
C LEU AA 65 -64.96 -0.24 22.67
N ASN AA 66 -66.01 -0.97 23.02
CA ASN AA 66 -66.96 -1.49 22.06
C ASN AA 66 -68.38 -1.33 22.60
N GLY AA 67 -69.30 -1.09 21.69
CA GLY AA 67 -70.67 -0.87 22.04
C GLY AA 67 -71.58 -1.13 20.86
N TYR AA 68 -72.79 -0.58 20.96
CA TYR AA 68 -73.78 -0.69 19.90
C TYR AA 68 -73.82 0.60 19.10
N LYS AA 69 -73.75 0.48 17.79
CA LYS AA 69 -73.76 1.66 16.94
C LYS AA 69 -75.09 2.38 17.04
N THR AA 70 -75.02 3.71 17.10
CA THR AA 70 -76.20 4.56 17.03
C THR AA 70 -76.01 5.77 16.14
N ASP AA 71 -74.83 5.95 15.56
CA ASP AA 71 -74.53 7.12 14.73
C ASP AA 71 -73.15 6.90 14.15
N SER AA 72 -72.72 7.85 13.31
CA SER AA 72 -71.41 7.81 12.67
C SER AA 72 -70.38 8.60 13.45
N LYS AA 73 -70.49 8.63 14.78
CA LYS AA 73 -69.61 9.46 15.60
C LYS AA 73 -68.15 9.07 15.42
N PHE AA 74 -67.84 7.79 15.53
CA PHE AA 74 -66.44 7.37 15.46
C PHE AA 74 -65.88 7.51 14.06
N ALA AA 75 -66.66 7.12 13.05
CA ALA AA 75 -66.20 7.29 11.68
C ALA AA 75 -65.97 8.75 11.34
N LYS AA 76 -66.89 9.62 11.78
CA LYS AA 76 -66.67 11.04 11.61
C LYS AA 76 -65.50 11.54 12.43
N LEU AA 77 -65.28 10.96 13.61
CA LEU AA 77 -64.19 11.40 14.46
C LEU AA 77 -62.84 11.19 13.79
N GLY AA 78 -62.66 10.05 13.13
CA GLY AA 78 -61.37 9.78 12.53
C GLY AA 78 -60.30 9.57 13.59
N PHE AA 79 -59.05 9.79 13.19
CA PHE AA 79 -57.90 9.59 14.07
C PHE AA 79 -57.55 10.84 14.86
N ARG AA 80 -58.48 11.77 15.03
CA ARG AA 80 -58.21 12.96 15.83
C ARG AA 80 -58.01 12.58 17.29
N SER AA 81 -57.08 13.28 17.94
CA SER AA 81 -56.90 13.09 19.37
C SER AA 81 -58.14 13.57 20.11
N PHE AA 82 -58.38 12.95 21.26
CA PHE AA 82 -59.56 13.28 22.06
C PHE AA 82 -59.32 12.75 23.47
N GLU AA 83 -60.36 12.83 24.32
CA GLU AA 83 -60.27 12.45 25.71
C GLU AA 83 -61.43 11.54 26.07
N ILE AA 84 -61.19 10.63 27.01
CA ILE AA 84 -62.19 9.70 27.51
C ILE AA 84 -62.19 9.80 29.02
N ILE AA 85 -63.31 10.23 29.59
CA ILE AA 85 -63.48 10.36 31.03
C ILE AA 85 -64.37 9.23 31.49
N TYR AA 86 -63.86 8.42 32.41
CA TYR AA 86 -64.55 7.25 32.93
C TYR AA 86 -64.90 7.49 34.38
N ASN AA 87 -66.17 7.31 34.73
CA ASN AA 87 -66.66 7.54 36.09
C ASN AA 87 -67.44 6.32 36.55
N LEU AA 88 -66.95 5.68 37.60
CA LEU AA 88 -67.61 4.53 38.23
C LEU AA 88 -68.03 4.96 39.62
N SER AA 89 -69.32 4.80 39.93
CA SER AA 89 -69.92 5.32 41.14
C SER AA 89 -70.51 4.19 41.97
N ASN AA 90 -70.09 4.11 43.22
CA ASN AA 90 -70.73 3.20 44.16
C ASN AA 90 -72.09 3.76 44.54
N SER AA 91 -73.12 2.93 44.42
CA SER AA 91 -74.49 3.31 44.78
C SER AA 91 -74.91 2.80 46.14
N GLU AA 92 -74.42 1.62 46.56
CA GLU AA 92 -74.73 1.12 47.88
C GLU AA 92 -74.23 2.09 48.96
N THR AA 93 -73.03 2.61 48.78
CA THR AA 93 -72.50 3.69 49.59
C THR AA 93 -72.00 4.77 48.66
N LEU AA 94 -71.99 6.00 49.15
CA LEU AA 94 -71.53 7.10 48.34
C LEU AA 94 -70.03 6.96 48.09
N GLY AA 95 -69.56 7.69 47.09
CA GLY AA 95 -68.19 7.64 46.64
C GLY AA 95 -68.11 7.10 45.23
N TYR AA 96 -67.10 7.56 44.48
CA TYR AA 96 -67.01 7.22 43.07
C TYR AA 96 -65.59 7.41 42.59
N GLU AA 97 -65.19 6.55 41.66
CA GLU AA 97 -63.93 6.66 40.96
C GLU AA 97 -64.13 7.50 39.70
N SER AA 98 -63.09 8.25 39.34
CA SER AA 98 -63.15 9.11 38.15
C SER AA 98 -61.78 9.12 37.51
N ILE AA 99 -61.70 8.62 36.28
CA ILE AA 99 -60.47 8.54 35.52
C ILE AA 99 -60.67 9.29 34.22
N ARG AA 100 -59.59 9.86 33.69
CA ARG AA 100 -59.60 10.45 32.37
C ARG AA 100 -58.32 10.07 31.65
N LEU AA 101 -58.45 9.56 30.43
CA LEU AA 101 -57.29 9.27 29.60
C LEU AA 101 -56.85 10.56 28.94
N LYS AA 102 -55.61 10.97 29.24
CA LYS AA 102 -55.21 12.35 29.01
C LYS AA 102 -55.18 12.68 27.52
N ASN AA 103 -54.73 11.75 26.69
CA ASN AA 103 -54.64 12.01 25.25
C ASN AA 103 -54.71 10.66 24.54
N CYS AA 104 -55.84 10.39 23.90
CA CYS AA 104 -56.09 9.09 23.28
C CYS AA 104 -56.47 9.26 21.81
N ARG AA 105 -56.07 8.27 21.02
CA ARG AA 105 -56.31 8.24 19.59
C ARG AA 105 -56.75 6.85 19.19
N LEU AA 106 -57.58 6.79 18.15
CA LEU AA 106 -58.05 5.50 17.64
C LEU AA 106 -56.95 4.81 16.84
N LYS AA 107 -56.86 3.50 17.01
CA LYS AA 107 -55.95 2.70 16.19
C LYS AA 107 -56.60 2.19 14.92
N LYS AA 108 -57.93 2.14 14.87
CA LYS AA 108 -58.61 1.73 13.65
C LYS AA 108 -60.07 2.13 13.73
N LEU AA 109 -60.58 2.68 12.66
CA LEU AA 109 -61.99 3.06 12.60
C LEU AA 109 -62.82 1.81 12.28
N PRO AA 110 -63.78 1.43 13.14
CA PRO AA 110 -64.70 0.37 12.71
C PRO AA 110 -65.65 0.91 11.67
N LEU AA 111 -65.19 0.96 10.43
CA LEU AA 111 -65.92 1.69 9.41
C LEU AA 111 -67.26 1.04 9.11
N ILE AA 112 -67.27 -0.27 8.90
CA ILE AA 112 -68.50 -1.02 8.63
C ILE AA 112 -68.46 -2.30 9.44
N ASN AA 113 -69.60 -2.69 10.00
CA ASN AA 113 -69.73 -3.98 10.66
C ASN AA 113 -71.20 -4.31 10.88
N SER AA 114 -71.62 -5.51 10.46
CA SER AA 114 -73.00 -5.93 10.58
C SER AA 114 -73.08 -7.38 10.13
N LYS AA 115 -74.10 -8.10 10.63
CA LYS AA 115 -74.23 -9.51 10.29
C LYS AA 115 -75.66 -9.96 10.59
N ALA AA 116 -76.33 -10.50 9.57
CA ALA AA 116 -77.61 -11.21 9.71
C ALA AA 116 -78.62 -10.27 10.36
N GLY AA 117 -79.47 -10.75 11.27
CA GLY AA 117 -80.41 -9.92 11.98
C GLY AA 117 -79.87 -9.30 13.26
N GLU AA 118 -78.58 -9.47 13.54
CA GLU AA 118 -78.04 -8.98 14.80
C GLU AA 118 -77.99 -7.46 14.82
N ILE AA 119 -77.94 -6.92 16.04
CA ILE AA 119 -77.80 -5.48 16.22
C ILE AA 119 -76.42 -5.06 15.74
N VAL AA 120 -76.33 -3.83 15.24
CA VAL AA 120 -75.09 -3.34 14.65
C VAL AA 120 -74.13 -2.94 15.76
N LYS AA 121 -73.28 -3.87 16.18
CA LYS AA 121 -72.30 -3.59 17.20
C LYS AA 121 -71.11 -2.84 16.61
N ILE AA 122 -70.44 -2.06 17.44
CA ILE AA 122 -69.28 -1.27 17.04
C ILE AA 122 -68.16 -1.51 18.05
N GLU AA 123 -66.94 -1.71 17.54
CA GLU AA 123 -65.78 -2.02 18.35
C GLU AA 123 -64.66 -1.03 18.02
N VAL AA 124 -64.11 -0.40 19.05
CA VAL AA 124 -63.10 0.63 18.90
C VAL AA 124 -61.90 0.24 19.74
N GLU AA 125 -60.71 0.39 19.16
CA GLU AA 125 -59.45 0.08 19.83
C GLU AA 125 -58.48 1.23 19.56
N GLY AA 126 -57.69 1.57 20.57
CA GLY AA 126 -56.76 2.66 20.43
C GLY AA 126 -55.72 2.66 21.53
N SER AA 127 -54.98 3.76 21.60
CA SER AA 127 -53.94 3.95 22.59
C SER AA 127 -54.09 5.33 23.20
N PHE AA 128 -53.57 5.49 24.41
CA PHE AA 128 -53.60 6.76 25.11
C PHE AA 128 -52.26 7.05 25.75
N ARG AA 129 -51.82 8.31 25.66
CA ARG AA 129 -50.50 8.69 26.13
C ARG AA 129 -50.41 8.61 27.64
N GLY AA 130 -51.38 9.19 28.35
CA GLY AA 130 -51.34 9.26 29.80
C GLY AA 130 -52.73 9.31 30.37
N TYR AA 131 -52.80 9.43 31.69
CA TYR AA 131 -54.07 9.37 32.40
C TYR AA 131 -53.96 10.22 33.67
N ASP AA 132 -55.13 10.49 34.26
CA ASP AA 132 -55.23 11.19 35.53
C ASP AA 132 -56.28 10.50 36.39
N LEU AA 133 -55.95 10.29 37.65
CA LEU AA 133 -56.86 9.70 38.62
C LEU AA 133 -57.53 10.82 39.39
N LEU AA 134 -58.80 11.07 39.10
CA LEU AA 134 -59.51 12.20 39.69
C LEU AA 134 -60.20 11.87 41.01
N ASN AA 135 -60.60 10.62 41.22
CA ASN AA 135 -61.13 10.19 42.50
C ASN AA 135 -60.86 8.71 42.67
N GLU AA 136 -60.70 8.30 43.92
CA GLU AA 136 -60.04 7.05 44.27
C GLU AA 136 -60.99 6.07 44.95
N LEU AA 137 -62.20 5.93 44.43
CA LEU AA 137 -63.10 4.90 44.93
C LEU AA 137 -64.23 4.65 43.94
N GLU BA 8 -54.98 -43.32 54.00
CA GLU BA 8 -55.51 -42.21 53.23
C GLU BA 8 -56.42 -41.36 54.09
N GLU BA 9 -56.26 -40.03 54.01
CA GLU BA 9 -57.03 -39.11 54.82
C GLU BA 9 -57.18 -37.79 54.09
N ALA BA 10 -58.20 -37.03 54.48
CA ALA BA 10 -58.48 -35.72 53.90
C ALA BA 10 -57.68 -34.68 54.67
N SER BA 11 -56.66 -34.13 54.01
CA SER BA 11 -55.86 -33.05 54.57
C SER BA 11 -55.54 -32.01 53.50
N PHE BA 12 -56.44 -31.81 52.55
CA PHE BA 12 -56.23 -30.86 51.47
C PHE BA 12 -56.40 -29.44 52.01
N LEU BA 13 -56.36 -28.47 51.11
CA LEU BA 13 -56.57 -27.07 51.44
C LEU BA 13 -57.45 -26.45 50.38
N ASN BA 14 -58.19 -25.41 50.78
CA ASN BA 14 -59.14 -24.74 49.92
C ASN BA 14 -58.82 -23.25 49.88
N GLY BA 15 -59.18 -22.62 48.76
CA GLY BA 15 -58.93 -21.21 48.60
C GLY BA 15 -59.68 -20.33 49.58
N SER BA 16 -60.70 -20.87 50.24
CA SER BA 16 -61.35 -20.14 51.32
C SER BA 16 -60.36 -19.82 52.43
N ASP BA 17 -59.36 -20.69 52.64
CA ASP BA 17 -58.36 -20.47 53.66
C ASP BA 17 -57.30 -19.46 53.27
N VAL BA 18 -57.28 -19.01 52.02
CA VAL BA 18 -56.24 -18.10 51.57
C VAL BA 18 -56.36 -16.78 52.30
N VAL BA 19 -55.22 -16.26 52.76
CA VAL BA 19 -55.13 -14.95 53.38
C VAL BA 19 -53.98 -14.22 52.70
N ILE BA 20 -54.27 -13.04 52.14
CA ILE BA 20 -53.31 -12.27 51.35
C ILE BA 20 -53.17 -10.90 51.97
N LEU BA 21 -51.93 -10.49 52.25
CA LEU BA 21 -51.62 -9.16 52.75
C LEU BA 21 -50.84 -8.44 51.65
N ILE BA 22 -51.52 -7.59 50.88
CA ILE BA 22 -50.87 -6.77 49.87
C ILE BA 22 -50.22 -5.61 50.59
N ASP BA 23 -48.89 -5.63 50.69
CA ASP BA 23 -48.15 -4.60 51.39
C ASP BA 23 -48.59 -4.50 52.84
N GLY BA 24 -48.87 -5.65 53.45
CA GLY BA 24 -49.30 -5.68 54.83
C GLY BA 24 -50.73 -5.26 55.06
N VAL BA 25 -51.58 -5.30 54.04
CA VAL BA 25 -52.98 -4.93 54.15
C VAL BA 25 -53.82 -6.06 53.56
N GLU BA 26 -54.82 -6.50 54.31
CA GLU BA 26 -55.62 -7.65 53.90
C GLU BA 26 -56.50 -7.27 52.72
N GLU BA 27 -56.05 -7.61 51.52
CA GLU BA 27 -56.87 -7.45 50.32
C GLU BA 27 -57.73 -8.71 50.16
N LEU BA 28 -58.73 -8.79 51.04
CA LEU BA 28 -59.59 -9.97 51.10
C LEU BA 28 -60.48 -10.12 49.88
N TYR BA 29 -60.58 -9.11 49.02
CA TYR BA 29 -61.47 -9.17 47.87
C TYR BA 29 -60.86 -9.90 46.68
N MET BA 30 -59.62 -10.35 46.75
CA MET BA 30 -59.00 -11.06 45.64
C MET BA 30 -59.40 -12.53 45.69
N GLU BA 31 -60.18 -12.96 44.69
CA GLU BA 31 -60.67 -14.33 44.60
C GLU BA 31 -59.87 -15.16 43.61
N GLU BA 32 -58.62 -14.81 43.35
CA GLU BA 32 -57.71 -15.65 42.58
C GLU BA 32 -56.30 -15.10 42.69
N ILE BA 33 -55.34 -16.00 42.83
CA ILE BA 33 -53.94 -15.63 42.93
C ILE BA 33 -53.10 -16.81 42.47
N LYS BA 34 -51.98 -16.50 41.81
CA LYS BA 34 -51.00 -17.53 41.48
C LYS BA 34 -49.66 -16.85 41.24
N ALA BA 35 -48.60 -17.48 41.72
CA ALA BA 35 -47.24 -16.98 41.53
C ALA BA 35 -46.32 -18.15 41.27
N ASP BA 36 -45.46 -17.99 40.27
CA ASP BA 36 -44.51 -19.02 39.88
C ASP BA 36 -43.11 -18.42 39.86
N PHE BA 37 -42.12 -19.27 40.11
CA PHE BA 37 -40.72 -18.88 40.24
C PHE BA 37 -39.92 -19.76 39.27
N GLU BA 38 -39.80 -19.29 38.04
CA GLU BA 38 -39.22 -20.10 36.96
C GLU BA 38 -37.74 -19.79 36.80
N GLN BA 39 -37.06 -20.73 36.15
CA GLN BA 39 -35.61 -20.68 35.93
C GLN BA 39 -35.34 -20.89 34.45
N ASP BA 40 -34.43 -20.09 33.89
CA ASP BA 40 -34.06 -20.19 32.48
C ASP BA 40 -33.02 -21.30 32.32
N GLU BA 41 -33.47 -22.53 32.53
CA GLU BA 41 -32.60 -23.69 32.47
C GLU BA 41 -32.00 -23.85 31.09
N GLN BA 42 -30.71 -23.59 30.96
CA GLN BA 42 -30.03 -23.83 29.69
C GLN BA 42 -29.93 -25.33 29.44
N SER BA 43 -30.07 -25.71 28.17
CA SER BA 43 -29.93 -27.10 27.76
C SER BA 43 -28.92 -27.14 26.61
N ILE BA 44 -27.82 -27.84 26.84
CA ILE BA 44 -26.74 -27.96 25.86
C ILE BA 44 -26.44 -29.43 25.67
N LYS BA 45 -25.98 -29.77 24.47
CA LYS BA 45 -25.76 -31.15 24.06
C LYS BA 45 -24.26 -31.42 24.01
N LEU BA 46 -23.85 -32.50 24.66
CA LEU BA 46 -22.46 -32.87 24.79
C LEU BA 46 -22.10 -33.90 23.72
N LEU BA 47 -20.81 -33.94 23.38
CA LEU BA 47 -20.39 -34.80 22.28
C LEU BA 47 -20.56 -36.26 22.62
N GLY BA 48 -20.05 -36.68 23.78
CA GLY BA 48 -20.05 -38.10 24.12
C GLY BA 48 -21.32 -38.60 24.76
N CYS BA 49 -22.09 -37.72 25.38
CA CYS BA 49 -23.30 -38.12 26.09
C CYS BA 49 -24.49 -38.08 25.14
N GLN BA 50 -25.23 -39.19 25.08
CA GLN BA 50 -26.38 -39.26 24.19
C GLN BA 50 -27.43 -38.23 24.55
N ASN BA 51 -27.74 -38.10 25.83
CA ASN BA 51 -28.83 -37.25 26.29
C ASN BA 51 -28.30 -35.86 26.63
N GLU BA 52 -29.11 -34.86 26.36
CA GLU BA 52 -28.71 -33.48 26.56
C GLU BA 52 -28.50 -33.19 28.04
N ILE BA 53 -27.59 -32.27 28.33
CA ILE BA 53 -27.30 -31.82 29.69
C ILE BA 53 -27.99 -30.49 29.90
N SER BA 54 -28.76 -30.40 30.99
CA SER BA 54 -29.49 -29.20 31.35
C SER BA 54 -28.74 -28.50 32.47
N ARG BA 55 -28.41 -27.23 32.26
CA ARG BA 55 -27.69 -26.41 33.21
C ARG BA 55 -28.59 -25.32 33.76
N VAL BA 56 -28.59 -25.16 35.07
CA VAL BA 56 -29.43 -24.18 35.74
C VAL BA 56 -29.05 -22.78 35.31
N GLY BA 57 -29.95 -21.82 35.53
CA GLY BA 57 -29.71 -20.44 35.21
C GLY BA 57 -30.38 -19.50 36.18
N THR BA 58 -30.45 -18.21 35.85
CA THR BA 58 -31.02 -17.24 36.77
C THR BA 58 -32.54 -17.40 36.83
N THR BA 59 -33.09 -17.12 38.01
CA THR BA 59 -34.51 -17.29 38.27
C THR BA 59 -35.25 -15.99 38.04
N LYS BA 60 -36.51 -16.10 37.61
CA LYS BA 60 -37.39 -14.97 37.38
C LYS BA 60 -38.73 -15.25 38.01
N GLY BA 61 -39.22 -14.32 38.82
CA GLY BA 61 -40.47 -14.48 39.53
C GLY BA 61 -41.59 -13.69 38.88
N SER BA 62 -42.67 -14.40 38.54
CA SER BA 62 -43.86 -13.82 37.95
C SER BA 62 -45.05 -14.16 38.81
N PHE BA 63 -46.03 -13.26 38.84
CA PHE BA 63 -47.25 -13.48 39.62
C PHE BA 63 -48.42 -12.84 38.92
N SER BA 64 -49.57 -13.51 39.01
CA SER BA 64 -50.84 -12.99 38.53
C SER BA 64 -51.80 -12.93 39.70
N LEU BA 65 -52.61 -11.87 39.72
CA LEU BA 65 -53.51 -11.64 40.84
C LEU BA 65 -54.70 -10.85 40.32
N ASN BA 66 -55.89 -11.43 40.45
CA ASN BA 66 -57.11 -10.79 39.97
C ASN BA 66 -58.23 -10.98 40.99
N GLY BA 67 -59.09 -9.98 41.06
CA GLY BA 67 -60.19 -9.99 42.00
C GLY BA 67 -61.27 -9.06 41.55
N TYR BA 68 -62.10 -8.66 42.52
CA TYR BA 68 -63.19 -7.72 42.27
C TYR BA 68 -62.80 -6.36 42.79
N LYS BA 69 -62.98 -5.34 41.95
CA LYS BA 69 -62.62 -3.98 42.34
C LYS BA 69 -63.49 -3.51 43.48
N THR BA 70 -62.87 -2.84 44.44
CA THR BA 70 -63.58 -2.16 45.52
C THR BA 70 -63.02 -0.78 45.81
N ASP BA 71 -62.00 -0.34 45.10
CA ASP BA 71 -61.36 0.95 45.34
C ASP BA 71 -60.31 1.15 44.26
N SER BA 72 -59.67 2.31 44.29
CA SER BA 72 -58.60 2.65 43.35
C SER BA 72 -57.22 2.31 43.89
N LYS BA 73 -57.11 1.25 44.69
CA LYS BA 73 -55.86 0.93 45.36
C LYS BA 73 -54.74 0.70 44.36
N PHE BA 74 -54.98 -0.16 43.37
CA PHE BA 74 -53.90 -0.51 42.44
C PHE BA 74 -53.56 0.65 41.53
N ALA BA 75 -54.57 1.36 41.03
CA ALA BA 75 -54.31 2.52 40.19
C ALA BA 75 -53.53 3.58 40.96
N LYS BA 76 -53.91 3.81 42.22
CA LYS BA 76 -53.15 4.73 43.05
C LYS BA 76 -51.76 4.17 43.36
N LEU BA 77 -51.64 2.85 43.48
CA LEU BA 77 -50.34 2.27 43.80
C LEU BA 77 -49.33 2.54 42.70
N GLY BA 78 -49.74 2.44 41.44
CA GLY BA 78 -48.80 2.62 40.36
C GLY BA 78 -47.77 1.50 40.33
N PHE BA 79 -46.62 1.81 39.73
CA PHE BA 79 -45.55 0.84 39.57
C PHE BA 79 -44.58 0.84 40.75
N ARG BA 80 -45.00 1.32 41.91
CA ARG BA 80 -44.13 1.30 43.08
C ARG BA 80 -43.88 -0.13 43.52
N SER BA 81 -42.66 -0.40 43.98
CA SER BA 81 -42.36 -1.70 44.56
C SER BA 81 -43.15 -1.89 45.84
N PHE BA 82 -43.47 -3.14 46.15
CA PHE BA 82 -44.25 -3.47 47.33
C PHE BA 82 -44.05 -4.95 47.63
N GLU BA 83 -44.81 -5.46 48.59
CA GLU BA 83 -44.69 -6.83 49.05
C GLU BA 83 -46.06 -7.49 49.08
N ILE BA 84 -46.06 -8.80 48.87
CA ILE BA 84 -47.28 -9.61 48.90
C ILE BA 84 -47.00 -10.80 49.81
N ILE BA 85 -47.75 -10.89 50.90
CA ILE BA 85 -47.63 -11.99 51.85
C ILE BA 85 -48.83 -12.89 51.68
N TYR BA 86 -48.57 -14.16 51.39
CA TYR BA 86 -49.61 -15.16 51.13
C TYR BA 86 -49.58 -16.17 52.25
N ASN BA 87 -50.74 -16.42 52.87
CA ASN BA 87 -50.87 -17.35 53.98
C ASN BA 87 -52.01 -18.31 53.68
N LEU BA 88 -51.68 -19.60 53.60
CA LEU BA 88 -52.65 -20.67 53.40
C LEU BA 88 -52.65 -21.52 54.67
N SER BA 89 -53.82 -21.69 55.27
CA SER BA 89 -53.96 -22.32 56.58
C SER BA 89 -54.82 -23.55 56.47
N ASN BA 90 -54.29 -24.68 56.93
CA ASN BA 90 -55.10 -25.88 57.06
C ASN BA 90 -56.03 -25.73 58.26
N SER BA 91 -57.31 -25.97 58.04
CA SER BA 91 -58.32 -25.89 59.09
C SER BA 91 -58.70 -27.25 59.66
N GLU BA 92 -58.70 -28.29 58.82
CA GLU BA 92 -58.98 -29.64 59.32
C GLU BA 92 -57.98 -30.04 60.38
N THR BA 93 -56.70 -29.74 60.15
CA THR BA 93 -55.65 -29.87 61.15
C THR BA 93 -54.89 -28.56 61.20
N LEU BA 94 -54.29 -28.29 62.35
CA LEU BA 94 -53.53 -27.06 62.48
C LEU BA 94 -52.29 -27.11 61.60
N GLY BA 95 -51.72 -25.94 61.37
CA GLY BA 95 -50.58 -25.76 60.49
C GLY BA 95 -50.95 -24.91 59.29
N TYR BA 96 -49.98 -24.17 58.79
CA TYR BA 96 -50.25 -23.20 57.73
C TYR BA 96 -48.97 -22.87 56.99
N GLU BA 97 -49.12 -22.65 55.68
CA GLU BA 97 -48.04 -22.17 54.85
C GLU BA 97 -48.07 -20.65 54.83
N SER BA 98 -46.89 -20.05 54.72
CA SER BA 98 -46.76 -18.60 54.70
C SER BA 98 -45.62 -18.22 53.78
N ILE BA 99 -45.95 -17.49 52.72
CA ILE BA 99 -44.99 -17.05 51.71
C ILE BA 99 -45.06 -15.54 51.63
N ARG BA 100 -43.94 -14.93 51.28
CA ARG BA 100 -43.91 -13.50 50.98
C ARG BA 100 -43.03 -13.27 49.77
N LEU BA 101 -43.55 -12.54 48.79
CA LEU BA 101 -42.78 -12.16 47.62
C LEU BA 101 -41.93 -10.96 47.98
N LYS BA 102 -40.61 -11.14 47.92
CA LYS BA 102 -39.70 -10.21 48.59
C LYS BA 102 -39.76 -8.81 48.01
N ASN BA 103 -39.87 -8.69 46.69
CA ASN BA 103 -39.89 -7.39 46.05
C ASN BA 103 -40.63 -7.54 44.73
N CYS BA 104 -41.85 -7.02 44.65
CA CYS BA 104 -42.73 -7.22 43.50
C CYS BA 104 -43.22 -5.88 42.98
N ARG BA 105 -43.41 -5.83 41.66
CA ARG BA 105 -43.85 -4.64 40.96
C ARG BA 105 -44.90 -5.04 39.94
N LEU BA 106 -45.82 -4.12 39.67
CA LEU BA 106 -46.86 -4.36 38.68
C LEU BA 106 -46.29 -4.22 37.27
N LYS BA 107 -46.73 -5.10 36.38
CA LYS BA 107 -46.38 -5.00 34.96
C LYS BA 107 -47.37 -4.15 34.20
N LYS BA 108 -48.59 -3.97 34.70
CA LYS BA 108 -49.56 -3.11 34.04
C LYS BA 108 -50.69 -2.78 35.01
N LEU BA 109 -51.05 -1.51 35.04
CA LEU BA 109 -52.17 -1.09 35.88
C LEU BA 109 -53.47 -1.42 35.17
N PRO BA 110 -54.36 -2.23 35.77
CA PRO BA 110 -55.69 -2.38 35.17
C PRO BA 110 -56.50 -1.12 35.40
N LEU BA 111 -56.25 -0.12 34.55
CA LEU BA 111 -56.76 1.22 34.83
C LEU BA 111 -58.29 1.26 34.78
N ILE BA 112 -58.88 0.71 33.73
CA ILE BA 112 -60.32 0.65 33.57
C ILE BA 112 -60.70 -0.74 33.07
N ASN BA 113 -61.80 -1.26 33.60
CA ASN BA 113 -62.36 -2.51 33.09
C ASN BA 113 -63.78 -2.70 33.60
N SER BA 114 -64.72 -2.96 32.69
CA SER BA 114 -66.12 -3.15 33.06
C SER BA 114 -66.88 -3.56 31.81
N LYS BA 115 -68.00 -4.23 32.01
CA LYS BA 115 -68.78 -4.71 30.88
C LYS BA 115 -70.20 -5.04 31.32
N ALA BA 116 -71.18 -4.44 30.67
CA ALA BA 116 -72.61 -4.80 30.80
C ALA BA 116 -73.01 -4.67 32.27
N GLY BA 117 -73.84 -5.58 32.79
CA GLY BA 117 -74.21 -5.59 34.18
C GLY BA 117 -73.28 -6.37 35.08
N GLU BA 118 -72.15 -6.85 34.57
CA GLU BA 118 -71.27 -7.67 35.36
C GLU BA 118 -70.58 -6.85 36.44
N ILE BA 119 -70.11 -7.55 37.47
CA ILE BA 119 -69.36 -6.90 38.54
C ILE BA 119 -68.02 -6.44 37.98
N VAL BA 120 -67.50 -5.35 38.55
CA VAL BA 120 -66.27 -4.74 38.05
C VAL BA 120 -65.07 -5.54 38.54
N LYS BA 121 -64.65 -6.51 37.74
CA LYS BA 121 -63.49 -7.33 38.07
C LYS BA 121 -62.21 -6.55 37.78
N ILE BA 122 -61.14 -6.91 38.50
CA ILE BA 122 -59.83 -6.29 38.34
C ILE BA 122 -58.78 -7.38 38.25
N GLU BA 123 -57.85 -7.22 37.32
CA GLU BA 123 -56.81 -8.21 37.05
C GLU BA 123 -55.46 -7.53 37.08
N VAL BA 124 -54.53 -8.10 37.85
CA VAL BA 124 -53.22 -7.53 38.06
C VAL BA 124 -52.17 -8.58 37.73
N GLU BA 125 -51.16 -8.17 36.98
CA GLU BA 125 -50.04 -9.04 36.59
C GLU BA 125 -48.75 -8.29 36.84
N GLY BA 126 -47.74 -9.02 37.31
CA GLY BA 126 -46.48 -8.40 37.61
C GLY BA 126 -45.37 -9.42 37.78
N SER BA 127 -44.25 -8.95 38.30
CA SER BA 127 -43.08 -9.78 38.54
C SER BA 127 -42.55 -9.50 39.94
N PHE BA 128 -41.79 -10.47 40.47
CA PHE BA 128 -41.19 -10.32 41.78
C PHE BA 128 -39.77 -10.86 41.76
N ARG BA 129 -38.88 -10.12 42.43
CA ARG BA 129 -37.46 -10.46 42.39
C ARG BA 129 -37.18 -11.77 43.11
N GLY BA 130 -37.70 -11.92 44.33
CA GLY BA 130 -37.41 -13.08 45.14
C GLY BA 130 -38.55 -13.35 46.10
N TYR BA 131 -38.36 -14.38 46.93
CA TYR BA 131 -39.41 -14.84 47.83
C TYR BA 131 -38.77 -15.41 49.09
N ASP BA 132 -39.61 -15.61 50.10
CA ASP BA 132 -39.20 -16.26 51.35
C ASP BA 132 -40.30 -17.21 51.78
N LEU BA 133 -39.90 -18.43 52.17
CA LEU BA 133 -40.82 -19.44 52.66
C LEU BA 133 -40.82 -19.35 54.18
N LEU BA 134 -41.89 -18.82 54.75
CA LEU BA 134 -41.95 -18.58 56.19
C LEU BA 134 -42.50 -19.76 56.97
N ASN BA 135 -43.37 -20.57 56.38
CA ASN BA 135 -43.84 -21.79 57.01
C ASN BA 135 -44.19 -22.80 55.93
N GLU BA 136 -44.02 -24.08 56.25
CA GLU BA 136 -43.90 -25.13 55.26
C GLU BA 136 -45.05 -26.13 55.34
N LEU BA 137 -46.27 -25.63 55.49
CA LEU BA 137 -47.44 -26.50 55.42
C LEU BA 137 -48.71 -25.69 55.21
N GLU CA 8 -59.12 -61.80 22.39
CA GLU CA 8 -59.25 -60.47 22.98
C GLU CA 8 -59.57 -60.60 24.47
N GLU CA 9 -58.88 -59.82 25.29
CA GLU CA 9 -59.05 -59.88 26.73
C GLU CA 9 -58.73 -58.53 27.34
N ALA CA 10 -59.26 -58.31 28.54
CA ALA CA 10 -59.05 -57.08 29.29
C ALA CA 10 -57.78 -57.22 30.12
N SER CA 11 -56.73 -56.50 29.71
CA SER CA 11 -55.48 -56.44 30.45
C SER CA 11 -54.92 -55.03 30.46
N PHE CA 12 -55.80 -54.03 30.46
CA PHE CA 12 -55.37 -52.64 30.45
C PHE CA 12 -54.84 -52.26 31.83
N LEU CA 13 -54.53 -50.99 32.02
CA LEU CA 13 -54.07 -50.46 33.29
C LEU CA 13 -54.77 -49.13 33.54
N ASN CA 14 -54.92 -48.80 34.83
CA ASN CA 14 -55.63 -47.60 35.25
C ASN CA 14 -54.73 -46.77 36.15
N GLY CA 15 -54.97 -45.46 36.14
CA GLY CA 15 -54.16 -44.56 36.96
C GLY CA 15 -54.30 -44.80 38.44
N SER CA 16 -55.34 -45.51 38.87
CA SER CA 16 -55.44 -45.91 40.27
C SER CA 16 -54.25 -46.78 40.67
N ASP CA 17 -53.71 -47.55 39.73
CA ASP CA 17 -52.56 -48.41 40.01
C ASP CA 17 -51.25 -47.65 40.06
N VAL CA 18 -51.23 -46.36 39.69
CA VAL CA 18 -49.99 -45.62 39.65
C VAL CA 18 -49.42 -45.47 41.05
N VAL CA 19 -48.12 -45.68 41.18
CA VAL CA 19 -47.38 -45.45 42.41
C VAL CA 19 -46.15 -44.63 42.07
N ILE CA 20 -45.99 -43.48 42.73
CA ILE CA 20 -44.95 -42.52 42.43
C ILE CA 20 -44.14 -42.28 43.70
N LEU CA 21 -42.82 -42.43 43.60
CA LEU CA 21 -41.90 -42.13 44.70
C LEU CA 21 -41.06 -40.94 44.29
N ILE CA 22 -41.45 -39.76 44.77
CA ILE CA 22 -40.67 -38.55 44.52
C ILE CA 22 -39.49 -38.56 45.47
N ASP CA 23 -38.29 -38.82 44.93
CA ASP CA 23 -37.09 -38.90 45.74
C ASP CA 23 -37.22 -40.00 46.80
N GLY CA 24 -37.86 -41.10 46.42
CA GLY CA 24 -38.05 -42.21 47.33
C GLY CA 24 -39.11 -42.01 48.38
N VAL CA 25 -40.04 -41.06 48.16
CA VAL CA 25 -41.12 -40.78 49.09
C VAL CA 25 -42.43 -40.82 48.32
N GLU CA 26 -43.39 -41.57 48.84
CA GLU CA 26 -44.65 -41.78 48.14
C GLU CA 26 -45.46 -40.49 48.15
N GLU CA 27 -45.39 -39.74 47.05
CA GLU CA 27 -46.25 -38.58 46.86
C GLU CA 27 -47.57 -39.04 46.25
N LEU CA 28 -48.36 -39.69 47.11
CA LEU CA 28 -49.61 -40.30 46.66
C LEU CA 28 -50.66 -39.27 46.25
N TYR CA 29 -50.45 -37.99 46.56
CA TYR CA 29 -51.46 -36.98 46.27
C TYR CA 29 -51.42 -36.48 44.83
N MET CA 30 -50.47 -36.93 44.02
CA MET CA 30 -50.39 -36.48 42.63
C MET CA 30 -51.36 -37.28 41.79
N GLU CA 31 -52.38 -36.61 41.26
CA GLU CA 31 -53.41 -37.24 40.45
C GLU CA 31 -53.21 -36.99 38.95
N GLU CA 32 -51.97 -36.73 38.52
CA GLU CA 32 -51.65 -36.67 37.10
C GLU CA 32 -50.14 -36.64 36.94
N ILE CA 33 -49.63 -37.38 35.96
CA ILE CA 33 -48.21 -37.41 35.67
C ILE CA 33 -48.03 -37.79 34.21
N LYS CA 34 -47.00 -37.22 33.58
CA LYS CA 34 -46.61 -37.63 32.25
C LYS CA 34 -45.17 -37.22 32.02
N ALA CA 35 -44.41 -38.10 31.36
CA ALA CA 35 -43.03 -37.84 31.03
C ALA CA 35 -42.72 -38.41 29.66
N ASP CA 36 -42.03 -37.62 28.85
CA ASP CA 36 -41.66 -37.99 27.49
C ASP CA 36 -40.17 -37.80 27.32
N PHE CA 37 -39.60 -38.60 26.41
CA PHE CA 37 -38.17 -38.65 26.15
C PHE CA 37 -37.98 -38.43 24.66
N GLU CA 38 -37.87 -37.17 24.26
CA GLU CA 38 -37.85 -36.80 22.86
C GLU CA 38 -36.42 -36.68 22.34
N GLN CA 39 -36.31 -36.73 21.01
CA GLN CA 39 -35.04 -36.70 20.31
C GLN CA 39 -35.09 -35.63 19.23
N ASP CA 40 -34.02 -34.84 19.12
CA ASP CA 40 -33.96 -33.78 18.11
C ASP CA 40 -33.50 -34.39 16.78
N GLU CA 41 -34.40 -35.18 16.20
CA GLU CA 41 -34.10 -35.89 14.96
C GLU CA 41 -33.84 -34.91 13.83
N GLN CA 42 -32.59 -34.80 13.41
CA GLN CA 42 -32.26 -33.99 12.24
C GLN CA 42 -32.82 -34.65 10.99
N SER CA 43 -33.34 -33.84 10.09
CA SER CA 43 -33.88 -34.30 8.81
C SER CA 43 -33.20 -33.51 7.71
N ILE CA 44 -32.48 -34.20 6.84
CA ILE CA 44 -31.70 -33.59 5.77
C ILE CA 44 -32.05 -34.28 4.46
N LYS CA 45 -32.02 -33.51 3.38
CA LYS CA 45 -32.48 -33.97 2.08
C LYS CA 45 -31.28 -34.25 1.19
N LEU CA 46 -31.23 -35.46 0.64
CA LEU CA 46 -30.13 -35.93 -0.18
C LEU CA 46 -30.41 -35.66 -1.65
N LEU CA 47 -29.33 -35.55 -2.43
CA LEU CA 47 -29.49 -35.18 -3.83
C LEU CA 47 -30.20 -36.26 -4.62
N GLY CA 48 -29.73 -37.51 -4.50
CA GLY CA 48 -30.27 -38.57 -5.33
C GLY CA 48 -31.52 -39.23 -4.79
N CYS CA 49 -31.76 -39.16 -3.48
CA CYS CA 49 -32.89 -39.82 -2.87
C CYS CA 49 -34.10 -38.90 -2.86
N GLN CA 50 -35.22 -39.39 -3.38
CA GLN CA 50 -36.43 -38.59 -3.43
C GLN CA 50 -36.91 -38.21 -2.04
N ASN CA 51 -36.89 -39.17 -1.12
CA ASN CA 51 -37.45 -38.96 0.21
C ASN CA 51 -36.35 -38.54 1.18
N GLU CA 52 -36.68 -37.59 2.03
CA GLU CA 52 -35.71 -36.96 2.90
C GLU CA 52 -35.23 -37.94 3.96
N ILE CA 53 -33.96 -37.81 4.34
CA ILE CA 53 -33.31 -38.71 5.29
C ILE CA 53 -33.35 -38.09 6.66
N SER CA 54 -33.77 -38.87 7.66
CA SER CA 54 -33.84 -38.43 9.04
C SER CA 54 -32.68 -39.06 9.82
N ARG CA 55 -31.91 -38.23 10.50
CA ARG CA 55 -30.77 -38.66 11.29
C ARG CA 55 -31.04 -38.38 12.77
N VAL CA 56 -30.76 -39.37 13.61
CA VAL CA 56 -31.02 -39.27 15.04
C VAL CA 56 -30.16 -38.16 15.64
N GLY CA 57 -30.53 -37.70 16.83
CA GLY CA 57 -29.78 -36.69 17.54
C GLY CA 57 -29.84 -36.89 19.04
N THR CA 58 -29.40 -35.90 19.80
CA THR CA 58 -29.36 -36.03 21.25
C THR CA 58 -30.76 -35.98 21.84
N THR CA 59 -30.96 -36.76 22.89
CA THR CA 59 -32.26 -36.90 23.53
C THR CA 59 -32.41 -35.89 24.66
N LYS CA 60 -33.64 -35.46 24.89
CA LYS CA 60 -33.98 -34.53 25.96
C LYS CA 60 -35.21 -35.03 26.68
N GLY CA 61 -35.12 -35.10 28.01
CA GLY CA 61 -36.21 -35.63 28.83
C GLY CA 61 -36.98 -34.51 29.49
N SER CA 62 -38.28 -34.50 29.27
CA SER CA 62 -39.20 -33.55 29.88
C SER CA 62 -40.29 -34.30 30.61
N PHE CA 63 -40.77 -33.71 31.70
CA PHE CA 63 -41.82 -34.32 32.49
C PHE CA 63 -42.71 -33.25 33.09
N SER CA 64 -44.00 -33.55 33.16
CA SER CA 64 -44.99 -32.71 33.81
C SER CA 64 -45.65 -33.52 34.92
N LEU CA 65 -45.92 -32.85 36.03
CA LEU CA 65 -46.46 -33.53 37.20
C LEU CA 65 -47.28 -32.52 37.99
N ASN CA 66 -48.56 -32.80 38.17
CA ASN CA 66 -49.45 -31.90 38.88
C ASN CA 66 -50.37 -32.70 39.79
N GLY CA 67 -50.72 -32.10 40.91
CA GLY CA 67 -51.55 -32.75 41.90
C GLY CA 67 -52.20 -31.72 42.79
N TYR CA 68 -52.65 -32.19 43.95
CA TYR CA 68 -53.27 -31.34 44.96
C TYR CA 68 -52.25 -31.04 46.05
N LYS CA 69 -52.11 -29.77 46.40
CA LYS CA 69 -51.16 -29.39 47.42
C LYS CA 69 -51.55 -29.96 48.77
N THR CA 70 -50.56 -30.45 49.50
CA THR CA 70 -50.76 -30.87 50.88
C THR CA 70 -49.62 -30.42 51.79
N ASP CA 71 -48.63 -29.71 51.28
CA ASP CA 71 -47.49 -29.27 52.06
C ASP CA 71 -46.63 -28.39 51.16
N SER CA 72 -45.56 -27.85 51.72
CA SER CA 72 -44.61 -27.02 51.00
C SER CA 72 -43.43 -27.82 50.47
N LYS CA 73 -43.67 -29.08 50.10
CA LYS CA 73 -42.58 -29.96 49.69
C LYS CA 73 -41.82 -29.41 48.49
N PHE CA 74 -42.55 -29.04 47.43
CA PHE CA 74 -41.88 -28.60 46.21
C PHE CA 74 -41.23 -27.23 46.39
N ALA CA 75 -41.90 -26.31 47.07
CA ALA CA 75 -41.30 -25.00 47.32
C ALA CA 75 -40.05 -25.14 48.18
N LYS CA 76 -40.10 -26.00 49.19
CA LYS CA 76 -38.91 -26.27 49.97
C LYS CA 76 -37.85 -26.99 49.16
N LEU CA 77 -38.28 -27.84 48.22
CA LEU CA 77 -37.32 -28.59 47.42
C LEU CA 77 -36.46 -27.66 46.57
N GLY CA 78 -37.08 -26.64 45.98
CA GLY CA 78 -36.33 -25.75 45.12
C GLY CA 78 -35.89 -26.47 43.86
N PHE CA 79 -34.82 -25.96 43.24
CA PHE CA 79 -34.29 -26.50 42.00
C PHE CA 79 -33.24 -27.58 42.23
N ARG CA 80 -33.25 -28.22 43.40
CA ARG CA 80 -32.30 -29.30 43.64
C ARG CA 80 -32.61 -30.49 42.76
N SER CA 81 -31.56 -31.16 42.29
CA SER CA 81 -31.75 -32.40 41.55
C SER CA 81 -32.34 -33.47 42.46
N PHE CA 82 -33.09 -34.37 41.86
CA PHE CA 82 -33.77 -35.43 42.61
C PHE CA 82 -34.17 -36.53 41.64
N GLU CA 83 -34.90 -37.52 42.13
CA GLU CA 83 -35.30 -38.68 41.35
C GLU CA 83 -36.80 -38.90 41.49
N ILE CA 84 -37.39 -39.43 40.43
CA ILE CA 84 -38.81 -39.77 40.38
C ILE CA 84 -38.92 -41.20 39.91
N ILE CA 85 -39.45 -42.07 40.77
CA ILE CA 85 -39.66 -43.47 40.45
C ILE CA 85 -41.15 -43.68 40.24
N TYR CA 86 -41.50 -44.18 39.06
CA TYR CA 86 -42.88 -44.40 38.66
C TYR CA 86 -43.12 -45.89 38.53
N ASN CA 87 -44.14 -46.39 39.21
CA ASN CA 87 -44.48 -47.82 39.19
C ASN CA 87 -45.95 -47.96 38.83
N LEU CA 88 -46.21 -48.67 37.74
CA LEU CA 88 -47.56 -48.99 37.29
C LEU CA 88 -47.72 -50.50 37.34
N SER CA 89 -48.76 -50.95 38.05
CA SER CA 89 -48.93 -52.37 38.37
C SER CA 89 -50.26 -52.86 37.80
N ASN CA 90 -50.20 -53.92 37.02
CA ASN CA 90 -51.42 -54.60 36.59
C ASN CA 90 -51.98 -55.37 37.77
N SER CA 91 -53.27 -55.17 38.03
CA SER CA 91 -53.96 -55.87 39.11
C SER CA 91 -54.80 -57.04 38.62
N GLU CA 92 -55.35 -56.94 37.41
CA GLU CA 92 -56.09 -58.06 36.84
C GLU CA 92 -55.20 -59.29 36.71
N THR CA 93 -53.98 -59.09 36.25
CA THR CA 93 -52.95 -60.11 36.24
C THR CA 93 -51.70 -59.52 36.88
N LEU CA 94 -50.87 -60.39 37.44
CA LEU CA 94 -49.65 -59.92 38.06
C LEU CA 94 -48.70 -59.37 37.01
N GLY CA 95 -47.73 -58.59 37.46
CA GLY CA 95 -46.79 -57.90 36.61
C GLY CA 95 -46.95 -56.40 36.74
N TYR CA 96 -45.83 -55.69 36.55
CA TYR CA 96 -45.83 -54.26 36.79
C TYR CA 96 -44.66 -53.62 36.08
N GLU CA 97 -44.90 -52.41 35.58
CA GLU CA 97 -43.87 -51.57 35.00
C GLU CA 97 -43.26 -50.70 36.10
N SER CA 98 -41.96 -50.44 35.97
CA SER CA 98 -41.26 -49.61 36.94
C SER CA 98 -40.22 -48.78 36.21
N ILE CA 99 -40.35 -47.46 36.30
CA ILE CA 99 -39.46 -46.52 35.64
C ILE CA 99 -38.90 -45.59 36.70
N ARG CA 100 -37.69 -45.09 36.45
CA ARG CA 100 -37.11 -44.05 37.29
C ARG CA 100 -36.42 -43.04 36.40
N LEU CA 101 -36.73 -41.77 36.61
CA LEU CA 101 -36.05 -40.68 35.90
C LEU CA 101 -34.73 -40.42 36.60
N LYS CA 102 -33.63 -40.62 35.87
CA LYS CA 102 -32.33 -40.79 36.50
C LYS CA 102 -31.89 -39.51 37.21
N ASN CA 103 -32.14 -38.36 36.62
CA ASN CA 103 -31.72 -37.10 37.23
C ASN CA 103 -32.64 -36.00 36.71
N CYS CA 104 -33.53 -35.52 37.57
CA CYS CA 104 -34.56 -34.57 37.18
C CYS CA 104 -34.52 -33.33 38.06
N ARG CA 105 -34.86 -32.20 37.45
CA ARG CA 105 -34.86 -30.90 38.10
C ARG CA 105 -36.12 -30.16 37.70
N LEU CA 106 -36.61 -29.32 38.61
CA LEU CA 106 -37.78 -28.51 38.33
C LEU CA 106 -37.43 -27.35 37.41
N LYS CA 107 -38.34 -27.04 36.50
CA LYS CA 107 -38.20 -25.86 35.65
C LYS CA 107 -38.84 -24.63 36.25
N LYS CA 108 -39.79 -24.80 37.18
CA LYS CA 108 -40.39 -23.65 37.85
C LYS CA 108 -41.11 -24.13 39.11
N LEU CA 109 -40.92 -23.39 40.19
CA LEU CA 109 -41.60 -23.71 41.43
C LEU CA 109 -43.02 -23.16 41.37
N PRO CA 110 -44.06 -24.00 41.52
CA PRO CA 110 -45.41 -23.43 41.67
C PRO CA 110 -45.55 -22.81 43.04
N LEU CA 111 -45.04 -21.59 43.18
CA LEU CA 111 -44.88 -21.02 44.51
C LEU CA 111 -46.23 -20.76 45.17
N ILE CA 112 -47.16 -20.13 44.44
CA ILE CA 112 -48.50 -19.86 44.95
C ILE CA 112 -49.49 -20.17 43.84
N ASN CA 113 -50.63 -20.77 44.23
CA ASN CA 113 -51.72 -20.99 43.30
C ASN CA 113 -53.00 -21.34 44.05
N SER CA 114 -54.08 -20.62 43.78
CA SER CA 114 -55.35 -20.85 44.46
C SER CA 114 -56.39 -19.96 43.81
N LYS CA 115 -57.66 -20.37 43.92
CA LYS CA 115 -58.74 -19.62 43.29
C LYS CA 115 -60.07 -20.00 43.91
N ALA CA 116 -60.78 -19.01 44.43
CA ALA CA 116 -62.19 -19.13 44.86
C ALA CA 116 -62.27 -20.26 45.90
N GLY CA 117 -63.32 -21.07 45.88
CA GLY CA 117 -63.46 -22.19 46.80
C GLY CA 117 -62.81 -23.47 46.34
N GLU CA 118 -62.08 -23.45 45.22
CA GLU CA 118 -61.50 -24.67 44.69
C GLU CA 118 -60.37 -25.18 45.58
N ILE CA 119 -60.09 -26.48 45.45
CA ILE CA 119 -58.99 -27.08 46.18
C ILE CA 119 -57.68 -26.51 45.62
N VAL CA 120 -56.67 -26.44 46.49
CA VAL CA 120 -55.39 -25.84 46.12
C VAL CA 120 -54.58 -26.83 45.30
N LYS CA 121 -54.72 -26.76 43.98
CA LYS CA 121 -53.98 -27.62 43.09
C LYS CA 121 -52.56 -27.10 42.91
N ILE CA 122 -51.65 -28.02 42.60
CA ILE CA 122 -50.24 -27.72 42.40
C ILE CA 122 -49.78 -28.38 41.11
N GLU CA 123 -49.04 -27.62 40.30
CA GLU CA 123 -48.55 -28.09 39.00
C GLU CA 123 -47.05 -27.90 38.93
N VAL CA 124 -46.35 -28.97 38.54
CA VAL CA 124 -44.89 -28.99 38.51
C VAL CA 124 -44.46 -29.43 37.12
N GLU CA 125 -43.49 -28.72 36.56
CA GLU CA 125 -42.92 -29.01 35.25
C GLU CA 125 -41.41 -28.96 35.35
N GLY CA 126 -40.75 -29.87 34.64
CA GLY CA 126 -39.31 -29.92 34.71
C GLY CA 126 -38.73 -30.76 33.59
N SER CA 127 -37.44 -31.06 33.72
CA SER CA 127 -36.71 -31.86 32.75
C SER CA 127 -35.91 -32.91 33.49
N PHE CA 128 -35.56 -33.98 32.77
CA PHE CA 128 -34.75 -35.05 33.34
C PHE CA 128 -33.71 -35.51 32.34
N ARG CA 129 -32.50 -35.75 32.84
CA ARG CA 129 -31.37 -36.09 31.97
C ARG CA 129 -31.57 -37.44 31.31
N GLY CA 130 -31.91 -38.46 32.09
CA GLY CA 130 -32.02 -39.81 31.58
C GLY CA 130 -33.00 -40.61 32.40
N TYR CA 131 -33.15 -41.88 32.04
CA TYR CA 131 -34.14 -42.75 32.65
C TYR CA 131 -33.62 -44.18 32.66
N ASP CA 132 -34.31 -45.03 33.43
CA ASP CA 132 -34.03 -46.46 33.48
C ASP CA 132 -35.34 -47.21 33.50
N LEU CA 133 -35.43 -48.26 32.69
CA LEU CA 133 -36.60 -49.12 32.63
C LEU CA 133 -36.35 -50.33 33.52
N LEU CA 134 -36.97 -50.36 34.70
CA LEU CA 134 -36.70 -51.39 35.68
C LEU CA 134 -37.58 -52.62 35.51
N ASN CA 135 -38.79 -52.46 34.96
CA ASN CA 135 -39.63 -53.61 34.65
C ASN CA 135 -40.53 -53.24 33.49
N GLU CA 136 -40.87 -54.25 32.68
CA GLU CA 136 -41.37 -54.04 31.33
C GLU CA 136 -42.79 -54.52 31.16
N LEU CA 137 -43.66 -54.23 32.12
CA LEU CA 137 -45.08 -54.51 31.95
C LEU CA 137 -45.92 -53.72 32.94
N GLU DA 8 -75.44 -45.62 -6.41
CA GLU DA 8 -74.92 -45.36 -5.07
C GLU DA 8 -75.03 -46.62 -4.21
N GLU DA 9 -73.95 -46.94 -3.49
CA GLU DA 9 -73.92 -48.12 -2.67
C GLU DA 9 -72.97 -47.90 -1.50
N ALA DA 10 -73.18 -48.70 -0.45
CA ALA DA 10 -72.34 -48.64 0.74
C ALA DA 10 -71.14 -49.56 0.54
N SER DA 11 -69.96 -48.96 0.39
CA SER DA 11 -68.70 -49.70 0.29
C SER DA 11 -67.60 -48.99 1.07
N PHE DA 12 -67.96 -48.34 2.17
CA PHE DA 12 -66.99 -47.60 2.97
C PHE DA 12 -66.16 -48.60 3.77
N LEU DA 13 -65.30 -48.07 4.65
CA LEU DA 13 -64.48 -48.88 5.53
C LEU DA 13 -64.50 -48.26 6.92
N ASN DA 14 -64.32 -49.10 7.93
CA ASN DA 14 -64.37 -48.69 9.32
C ASN DA 14 -63.09 -49.09 10.03
N GLY DA 15 -62.74 -48.32 11.06
CA GLY DA 15 -61.53 -48.59 11.80
C GLY DA 15 -61.53 -49.93 12.51
N SER DA 16 -62.69 -50.54 12.68
CA SER DA 16 -62.73 -51.91 13.20
C SER DA 16 -61.97 -52.86 12.29
N ASP DA 17 -61.96 -52.58 10.98
CA ASP DA 17 -61.25 -53.42 10.03
C ASP DA 17 -59.75 -53.20 10.04
N VAL DA 18 -59.26 -52.18 10.74
CA VAL DA 18 -57.83 -51.88 10.71
C VAL DA 18 -57.05 -53.02 11.35
N VAL DA 19 -55.95 -53.41 10.70
CA VAL DA 19 -55.01 -54.38 11.22
C VAL DA 19 -53.61 -53.79 11.09
N ILE DA 20 -52.89 -53.73 12.20
CA ILE DA 20 -51.59 -53.08 12.27
C ILE DA 20 -50.58 -54.09 12.79
N LEU DA 21 -49.48 -54.25 12.07
CA LEU DA 21 -48.37 -55.10 12.48
C LEU DA 21 -47.17 -54.20 12.75
N ILE DA 22 -46.95 -53.87 14.02
CA ILE DA 22 -45.78 -53.09 14.41
C ILE DA 22 -44.59 -54.03 14.41
N ASP DA 23 -43.71 -53.88 13.42
CA ASP DA 23 -42.54 -54.74 13.29
C ASP DA 23 -42.95 -56.20 13.15
N GLY DA 24 -44.04 -56.44 12.43
CA GLY DA 24 -44.52 -57.79 12.23
C GLY DA 24 -45.23 -58.39 13.43
N VAL DA 25 -45.71 -57.58 14.35
CA VAL DA 25 -46.41 -58.04 15.55
C VAL DA 25 -47.72 -57.27 15.65
N GLU DA 26 -48.82 -58.00 15.83
CA GLU DA 26 -50.14 -57.38 15.84
C GLU DA 26 -50.31 -56.57 17.10
N GLU DA 27 -50.10 -55.25 17.01
CA GLU DA 27 -50.41 -54.34 18.10
C GLU DA 27 -51.88 -53.94 18.01
N LEU DA 28 -52.73 -54.90 18.36
CA LEU DA 28 -54.17 -54.71 18.23
C LEU DA 28 -54.73 -53.69 19.19
N TYR DA 29 -53.97 -53.27 20.19
CA TYR DA 29 -54.48 -52.33 21.19
C TYR DA 29 -54.46 -50.88 20.74
N MET DA 30 -53.92 -50.58 19.55
CA MET DA 30 -53.87 -49.21 19.08
C MET DA 30 -55.21 -48.84 18.45
N GLU DA 31 -55.92 -47.91 19.08
CA GLU DA 31 -57.24 -47.47 18.62
C GLU DA 31 -57.17 -46.13 17.89
N GLU DA 32 -56.02 -45.78 17.31
CA GLU DA 32 -55.92 -44.64 16.41
C GLU DA 32 -54.57 -44.67 15.71
N ILE DA 33 -54.59 -44.34 14.43
CA ILE DA 33 -53.37 -44.30 13.63
C ILE DA 33 -53.59 -43.33 12.48
N LYS DA 34 -52.53 -42.62 12.10
CA LYS DA 34 -52.56 -41.81 10.89
C LYS DA 34 -51.13 -41.57 10.43
N ALA DA 35 -50.93 -41.62 9.13
CA ALA DA 35 -49.62 -41.37 8.53
C ALA DA 35 -49.81 -40.58 7.25
N ASP DA 36 -48.99 -39.55 7.08
CA ASP DA 36 -49.03 -38.68 5.92
C ASP DA 36 -47.65 -38.61 5.29
N PHE DA 37 -47.62 -38.33 4.00
CA PHE DA 37 -46.40 -38.33 3.19
C PHE DA 37 -46.37 -37.00 2.45
N GLU DA 38 -45.80 -35.99 3.09
CA GLU DA 38 -45.83 -34.62 2.58
C GLU DA 38 -44.58 -34.30 1.77
N GLN DA 39 -44.71 -33.29 0.93
CA GLN DA 39 -43.67 -32.84 0.02
C GLN DA 39 -43.45 -31.36 0.21
N ASP DA 40 -42.18 -30.95 0.25
CA ASP DA 40 -41.82 -29.54 0.43
C ASP DA 40 -41.89 -28.85 -0.93
N GLU DA 41 -43.11 -28.71 -1.43
CA GLU DA 41 -43.35 -28.13 -2.74
C GLU DA 41 -42.89 -26.68 -2.78
N GLN DA 42 -41.79 -26.41 -3.49
CA GLN DA 42 -41.35 -25.04 -3.69
C GLN DA 42 -42.33 -24.31 -4.59
N SER DA 43 -42.58 -23.04 -4.26
CA SER DA 43 -43.42 -22.17 -5.06
C SER DA 43 -42.62 -20.93 -5.39
N ILE DA 44 -42.38 -20.71 -6.69
CA ILE DA 44 -41.62 -19.57 -7.17
C ILE DA 44 -42.45 -18.84 -8.21
N LYS DA 45 -42.24 -17.53 -8.30
CA LYS DA 45 -43.03 -16.67 -9.16
C LYS DA 45 -42.20 -16.26 -10.37
N LEU DA 46 -42.78 -16.43 -11.55
CA LEU DA 46 -42.10 -16.18 -12.81
C LEU DA 46 -42.47 -14.79 -13.31
N LEU DA 47 -41.57 -14.23 -14.12
CA LEU DA 47 -41.75 -12.85 -14.56
C LEU DA 47 -42.97 -12.72 -15.46
N GLY DA 48 -43.07 -13.56 -16.49
CA GLY DA 48 -44.13 -13.42 -17.47
C GLY DA 48 -45.45 -14.07 -17.09
N CYS DA 49 -45.41 -15.09 -16.23
CA CYS DA 49 -46.61 -15.83 -15.86
C CYS DA 49 -47.28 -15.16 -14.68
N GLN DA 50 -48.58 -14.88 -14.82
CA GLN DA 50 -49.31 -14.23 -13.74
C GLN DA 50 -49.34 -15.09 -12.49
N ASN DA 51 -49.59 -16.38 -12.64
CA ASN DA 51 -49.79 -17.28 -11.51
C ASN DA 51 -48.48 -17.96 -11.16
N GLU DA 52 -48.27 -18.18 -9.87
CA GLU DA 52 -47.02 -18.75 -9.38
C GLU DA 52 -46.85 -20.17 -9.87
N ILE DA 53 -45.61 -20.58 -10.06
CA ILE DA 53 -45.26 -21.93 -10.49
C ILE DA 53 -44.80 -22.71 -9.27
N SER DA 54 -45.38 -23.88 -9.07
CA SER DA 54 -45.06 -24.75 -7.94
C SER DA 54 -44.18 -25.89 -8.44
N ARG DA 55 -43.02 -26.05 -7.83
CA ARG DA 55 -42.06 -27.08 -8.18
C ARG DA 55 -41.95 -28.10 -7.05
N VAL DA 56 -42.00 -29.38 -7.42
CA VAL DA 56 -41.95 -30.47 -6.45
C VAL DA 56 -40.64 -30.45 -5.71
N GLY DA 57 -40.58 -31.13 -4.56
CA GLY DA 57 -39.37 -31.23 -3.77
C GLY DA 57 -39.28 -32.56 -3.06
N THR DA 58 -38.35 -32.69 -2.12
CA THR DA 58 -38.15 -33.95 -1.43
C THR DA 58 -39.30 -34.22 -0.46
N THR DA 59 -39.65 -35.50 -0.34
CA THR DA 59 -40.78 -35.93 0.47
C THR DA 59 -40.31 -36.26 1.88
N LYS DA 60 -41.20 -36.07 2.85
CA LYS DA 60 -40.94 -36.39 4.25
C LYS DA 60 -42.14 -37.12 4.81
N GLY DA 61 -41.90 -38.26 5.44
CA GLY DA 61 -42.96 -39.10 5.97
C GLY DA 61 -43.08 -38.95 7.47
N SER DA 62 -44.28 -38.60 7.92
CA SER DA 62 -44.60 -38.46 9.33
C SER DA 62 -45.77 -39.36 9.66
N PHE DA 63 -45.77 -39.89 10.88
CA PHE DA 63 -46.85 -40.75 11.34
C PHE DA 63 -47.11 -40.52 12.82
N SER DA 64 -48.39 -40.59 13.19
CA SER DA 64 -48.81 -40.53 14.57
C SER DA 64 -49.58 -41.80 14.90
N LEU DA 65 -49.35 -42.32 16.10
CA LEU DA 65 -49.93 -43.59 16.50
C LEU DA 65 -50.12 -43.57 18.01
N ASN DA 66 -51.36 -43.70 18.46
CA ASN DA 66 -51.68 -43.67 19.88
C ASN DA 66 -52.70 -44.75 20.20
N GLY DA 67 -52.58 -45.30 21.39
CA GLY DA 67 -53.44 -46.37 21.82
C GLY DA 67 -53.46 -46.46 23.33
N TYR DA 68 -53.88 -47.63 23.81
CA TYR DA 68 -53.92 -47.91 25.23
C TYR DA 68 -52.72 -48.77 25.62
N LYS DA 69 -52.03 -48.36 26.67
CA LYS DA 69 -50.85 -49.09 27.10
C LYS DA 69 -51.24 -50.47 27.61
N THR DA 70 -50.44 -51.46 27.24
CA THR DA 70 -50.57 -52.81 27.77
C THR DA 70 -49.24 -53.45 28.12
N ASP DA 71 -48.13 -52.75 27.90
CA ASP DA 71 -46.79 -53.30 28.15
C ASP DA 71 -45.80 -52.17 27.89
N SER DA 72 -44.52 -52.47 28.13
CA SER DA 72 -43.44 -51.52 27.92
C SER DA 72 -42.80 -51.68 26.55
N LYS DA 73 -43.59 -52.05 25.54
CA LYS DA 73 -43.05 -52.34 24.21
C LYS DA 73 -42.33 -51.12 23.63
N PHE DA 74 -42.99 -49.98 23.64
CA PHE DA 74 -42.40 -48.79 22.99
C PHE DA 74 -41.21 -48.27 23.79
N ALA DA 75 -41.33 -48.23 25.12
CA ALA DA 75 -40.20 -47.78 25.93
C ALA DA 75 -39.01 -48.71 25.76
N LYS DA 76 -39.26 -50.02 25.73
CA LYS DA 76 -38.18 -50.95 25.45
C LYS DA 76 -37.67 -50.81 24.03
N LEU DA 77 -38.55 -50.47 23.09
CA LEU DA 77 -38.13 -50.34 21.70
C LEU DA 77 -37.10 -49.23 21.53
N GLY DA 78 -37.32 -48.10 22.20
CA GLY DA 78 -36.40 -47.00 22.03
C GLY DA 78 -36.51 -46.42 20.63
N PHE DA 79 -35.44 -45.75 20.20
CA PHE DA 79 -35.38 -45.09 18.90
C PHE DA 79 -34.86 -46.02 17.81
N ARG DA 80 -34.94 -47.33 17.99
CA ARG DA 80 -34.52 -48.25 16.94
C ARG DA 80 -35.44 -48.15 15.74
N SER DA 81 -34.85 -48.27 14.55
CA SER DA 81 -35.66 -48.31 13.34
C SER DA 81 -36.50 -49.58 13.33
N PHE DA 82 -37.65 -49.50 12.68
CA PHE DA 82 -38.57 -50.63 12.62
C PHE DA 82 -39.54 -50.37 11.47
N GLU DA 83 -40.56 -51.24 11.35
CA GLU DA 83 -41.51 -51.19 10.26
C GLU DA 83 -42.92 -51.26 10.82
N ILE DA 84 -43.85 -50.61 10.11
CA ILE DA 84 -45.26 -50.60 10.47
C ILE DA 84 -46.04 -50.99 9.23
N ILE DA 85 -46.74 -52.12 9.31
CA ILE DA 85 -47.57 -52.63 8.22
C ILE DA 85 -49.02 -52.39 8.59
N TYR DA 86 -49.72 -51.66 7.73
CA TYR DA 86 -51.11 -51.27 7.95
C TYR DA 86 -51.97 -51.98 6.92
N ASN DA 87 -53.00 -52.68 7.39
CA ASN DA 87 -53.90 -53.43 6.52
C ASN DA 87 -55.34 -53.05 6.85
N LEU DA 88 -56.03 -52.48 5.86
CA LEU DA 88 -57.45 -52.13 5.96
C LEU DA 88 -58.21 -53.01 4.99
N SER DA 89 -59.21 -53.72 5.50
CA SER DA 89 -59.92 -54.74 4.75
C SER DA 89 -61.40 -54.39 4.65
N ASN DA 90 -61.90 -54.35 3.43
CA ASN DA 90 -63.34 -54.22 3.22
C ASN DA 90 -64.00 -55.56 3.56
N SER DA 91 -65.03 -55.51 4.40
CA SER DA 91 -65.78 -56.69 4.80
C SER DA 91 -67.09 -56.84 4.05
N GLU DA 92 -67.74 -55.73 3.69
CA GLU DA 92 -68.96 -55.81 2.90
C GLU DA 92 -68.69 -56.49 1.56
N THR DA 93 -67.59 -56.13 0.92
CA THR DA 93 -67.09 -56.82 -0.26
C THR DA 93 -65.63 -57.16 -0.01
N LEU DA 94 -65.17 -58.21 -0.68
CA LEU DA 94 -63.78 -58.61 -0.52
C LEU DA 94 -62.87 -57.54 -1.12
N GLY DA 95 -61.60 -57.62 -0.74
CA GLY DA 95 -60.59 -56.66 -1.12
C GLY DA 95 -60.09 -55.89 0.08
N TYR DA 96 -58.82 -55.49 0.02
CA TYR DA 96 -58.18 -54.87 1.17
C TYR DA 96 -56.98 -54.06 0.73
N GLU DA 97 -56.76 -52.96 1.44
CA GLU DA 97 -55.57 -52.14 1.28
C GLU DA 97 -54.48 -52.64 2.22
N SER DA 98 -53.23 -52.52 1.77
CA SER DA 98 -52.09 -52.97 2.58
C SER DA 98 -50.94 -52.03 2.32
N ILE DA 99 -50.51 -51.33 3.37
CA ILE DA 99 -49.43 -50.37 3.32
C ILE DA 99 -48.37 -50.80 4.32
N ARG DA 100 -47.11 -50.47 4.02
CA ARG DA 100 -46.03 -50.65 4.97
C ARG DA 100 -45.12 -49.44 4.90
N LEU DA 101 -44.82 -48.87 6.07
CA LEU DA 101 -43.87 -47.77 6.16
C LEU DA 101 -42.47 -48.36 6.16
N LYS DA 102 -41.68 -48.01 5.14
CA LYS DA 102 -40.49 -48.78 4.82
C LYS DA 102 -39.45 -48.70 5.93
N ASN DA 103 -39.28 -47.53 6.54
CA ASN DA 103 -38.28 -47.38 7.59
C ASN DA 103 -38.73 -46.22 8.48
N CYS DA 104 -39.19 -46.55 9.69
CA CYS DA 104 -39.77 -45.57 10.60
C CYS DA 104 -39.07 -45.62 11.95
N ARG DA 105 -38.99 -44.45 12.58
CA ARG DA 105 -38.34 -44.27 13.86
C ARG DA 105 -39.21 -43.38 14.73
N LEU DA 106 -39.15 -43.60 16.04
CA LEU DA 106 -39.90 -42.78 16.98
C LEU DA 106 -39.24 -41.43 17.15
N LYS DA 107 -40.07 -40.39 17.25
CA LYS DA 107 -39.57 -39.05 17.56
C LYS DA 107 -39.54 -38.78 19.06
N LYS DA 108 -40.31 -39.52 19.85
CA LYS DA 108 -40.27 -39.36 21.29
C LYS DA 108 -40.91 -40.57 21.96
N LEU DA 109 -40.28 -41.07 22.99
CA LEU DA 109 -40.83 -42.19 23.74
C LEU DA 109 -41.87 -41.66 24.72
N PRO DA 110 -43.14 -42.12 24.65
CA PRO DA 110 -44.06 -41.76 25.73
C PRO DA 110 -43.71 -42.53 26.98
N LEU DA 111 -42.72 -42.03 27.71
CA LEU DA 111 -42.13 -42.82 28.78
C LEU DA 111 -43.13 -43.06 29.90
N ILE DA 112 -43.80 -42.01 30.36
CA ILE DA 112 -44.81 -42.11 31.41
C ILE DA 112 -46.00 -41.26 31.01
N ASN DA 113 -47.20 -41.76 31.28
CA ASN DA 113 -48.42 -40.99 31.09
C ASN DA 113 -49.59 -41.66 31.81
N SER DA 114 -50.31 -40.90 32.63
CA SER DA 114 -51.43 -41.43 33.39
C SER DA 114 -52.09 -40.26 34.11
N LYS DA 115 -53.38 -40.43 34.43
CA LYS DA 115 -54.12 -39.35 35.07
C LYS DA 115 -55.38 -39.91 35.72
N ALA DA 116 -55.52 -39.68 37.03
CA ALA DA 116 -56.76 -39.93 37.78
C ALA DA 116 -57.13 -41.40 37.62
N GLY DA 117 -58.42 -41.73 37.47
CA GLY DA 117 -58.86 -43.09 37.24
C GLY DA 117 -58.89 -43.51 35.78
N GLU DA 118 -58.40 -42.68 34.87
CA GLU DA 118 -58.50 -42.99 33.46
C GLU DA 118 -57.57 -44.14 33.09
N ILE DA 119 -57.90 -44.79 31.97
CA ILE DA 119 -57.05 -45.84 31.44
C ILE DA 119 -55.74 -45.24 30.97
N VAL DA 120 -54.67 -46.03 31.06
CA VAL DA 120 -53.34 -45.54 30.74
C VAL DA 120 -53.16 -45.51 29.23
N LYS DA 121 -53.47 -44.37 28.62
CA LYS DA 121 -53.31 -44.21 27.19
C LYS DA 121 -51.84 -43.96 26.85
N ILE DA 122 -51.45 -44.33 25.64
CA ILE DA 122 -50.09 -44.16 25.15
C ILE DA 122 -50.15 -43.52 23.77
N GLU DA 123 -49.29 -42.53 23.54
CA GLU DA 123 -49.26 -41.77 22.30
C GLU DA 123 -47.84 -41.79 21.74
N VAL DA 124 -47.72 -42.16 20.47
CA VAL DA 124 -46.43 -42.31 19.81
C VAL DA 124 -46.44 -41.47 18.55
N GLU DA 125 -45.35 -40.76 18.32
CA GLU DA 125 -45.17 -39.91 17.15
C GLU DA 125 -43.79 -40.15 16.58
N GLY DA 126 -43.69 -40.15 15.26
CA GLY DA 126 -42.42 -40.40 14.62
C GLY DA 126 -42.44 -40.02 13.16
N SER DA 127 -41.39 -40.44 12.46
CA SER DA 127 -41.23 -40.17 11.04
C SER DA 127 -40.82 -41.46 10.34
N PHE DA 128 -41.10 -41.52 9.04
CA PHE DA 128 -40.75 -42.67 8.23
C PHE DA 128 -40.16 -42.22 6.91
N ARG DA 129 -39.10 -42.92 6.48
CA ARG DA 129 -38.38 -42.52 5.28
C ARG DA 129 -39.22 -42.73 4.03
N GLY DA 130 -39.82 -43.90 3.89
CA GLY DA 130 -40.56 -44.24 2.68
C GLY DA 130 -41.65 -45.23 2.99
N TYR DA 131 -42.35 -45.64 1.94
CA TYR DA 131 -43.51 -46.51 2.08
C TYR DA 131 -43.65 -47.37 0.83
N ASP DA 132 -44.49 -48.41 0.95
CA ASP DA 132 -44.83 -49.27 -0.17
C ASP DA 132 -46.32 -49.55 -0.12
N LEU DA 133 -46.97 -49.46 -1.29
CA LEU DA 133 -48.39 -49.75 -1.42
C LEU DA 133 -48.53 -51.19 -1.91
N LEU DA 134 -48.95 -52.08 -1.02
CA LEU DA 134 -49.00 -53.50 -1.34
C LEU DA 134 -50.32 -53.94 -1.95
N ASN DA 135 -51.42 -53.26 -1.63
CA ASN DA 135 -52.70 -53.52 -2.26
C ASN DA 135 -53.53 -52.25 -2.25
N GLU DA 136 -54.38 -52.10 -3.25
CA GLU DA 136 -54.95 -50.82 -3.63
C GLU DA 136 -56.45 -50.77 -3.44
N LEU DA 137 -56.94 -51.28 -2.32
CA LEU DA 137 -58.36 -51.13 -2.00
C LEU DA 137 -58.61 -51.41 -0.52
N GLU EA 13 -23.10 -61.14 -32.68
CA GLU EA 13 -21.67 -60.70 -32.64
C GLU EA 13 -21.03 -61.09 -31.31
N ILE EA 14 -19.70 -61.16 -31.30
CA ILE EA 14 -18.94 -61.51 -30.10
C ILE EA 14 -19.05 -60.34 -29.13
N PRO EA 15 -19.03 -60.56 -27.81
CA PRO EA 15 -18.92 -59.41 -26.90
C PRO EA 15 -17.62 -58.65 -27.14
N GLY EA 16 -17.70 -57.34 -27.03
CA GLY EA 16 -16.56 -56.49 -27.24
C GLY EA 16 -17.01 -55.14 -27.75
N PHE EA 17 -16.03 -54.33 -28.15
CA PHE EA 17 -16.27 -52.97 -28.60
C PHE EA 17 -16.26 -52.94 -30.13
N TYR EA 18 -17.30 -52.35 -30.70
CA TYR EA 18 -17.43 -52.19 -32.14
C TYR EA 18 -17.82 -50.75 -32.44
N ASN EA 19 -17.37 -50.26 -33.60
CA ASN EA 19 -17.63 -48.87 -33.96
C ASN EA 19 -17.68 -48.74 -35.47
N ARG EA 20 -18.44 -47.75 -35.93
CA ARG EA 20 -18.57 -47.43 -37.34
C ARG EA 20 -18.62 -45.92 -37.49
N PHE EA 21 -18.53 -45.46 -38.73
CA PHE EA 21 -18.57 -44.04 -39.06
C PHE EA 21 -19.52 -43.83 -40.22
N LYS EA 22 -20.20 -42.68 -40.20
CA LYS EA 22 -21.21 -42.36 -41.20
C LYS EA 22 -21.13 -40.87 -41.52
N THR EA 23 -21.46 -40.52 -42.75
CA THR EA 23 -21.56 -39.11 -43.12
C THR EA 23 -22.75 -38.47 -42.42
N GLN EA 24 -22.60 -37.18 -42.11
CA GLN EA 24 -23.65 -36.48 -41.37
C GLN EA 24 -24.96 -36.45 -42.13
N ALA EA 25 -24.91 -36.52 -43.47
CA ALA EA 25 -26.12 -36.66 -44.24
C ALA EA 25 -26.88 -37.94 -43.91
N GLU EA 26 -26.18 -38.96 -43.42
CA GLU EA 26 -26.82 -40.20 -43.02
C GLU EA 26 -27.51 -40.11 -41.66
N LYS EA 27 -27.50 -38.95 -41.03
CA LYS EA 27 -28.17 -38.80 -39.74
C LYS EA 27 -29.66 -39.07 -39.87
N SER EA 28 -30.24 -39.60 -38.79
CA SER EA 28 -31.67 -39.81 -38.74
C SER EA 28 -32.39 -38.48 -38.54
N THR EA 29 -32.40 -37.65 -39.58
CA THR EA 29 -33.00 -36.32 -39.49
C THR EA 29 -34.51 -36.33 -39.72
N ASN EA 30 -35.11 -37.49 -39.94
CA ASN EA 30 -36.55 -37.55 -40.19
C ASN EA 30 -37.37 -37.07 -39.00
N THR EA 31 -36.79 -37.02 -37.80
CA THR EA 31 -37.52 -36.54 -36.64
C THR EA 31 -37.89 -35.07 -36.80
N GLY EA 32 -39.11 -34.73 -36.38
CA GLY EA 32 -39.57 -33.36 -36.36
C GLY EA 32 -40.24 -32.87 -37.62
N LEU EA 33 -40.28 -33.67 -38.68
CA LEU EA 33 -40.94 -33.23 -39.91
C LEU EA 33 -42.45 -33.35 -39.76
N LYS EA 34 -43.16 -32.77 -40.74
CA LYS EA 34 -44.62 -32.74 -40.72
C LYS EA 34 -45.15 -32.97 -42.12
N GLY EA 35 -46.42 -33.35 -42.19
CA GLY EA 35 -47.17 -33.30 -43.43
C GLY EA 35 -47.10 -34.60 -44.23
N ARG EA 36 -48.10 -34.77 -45.10
CA ARG EA 36 -48.22 -35.95 -45.96
C ARG EA 36 -48.55 -35.52 -47.37
N LEU EA 37 -47.86 -36.12 -48.34
CA LEU EA 37 -48.00 -35.78 -49.75
C LEU EA 37 -48.15 -37.05 -50.58
N ALA EA 38 -48.81 -36.91 -51.73
CA ALA EA 38 -49.07 -38.01 -52.64
C ALA EA 38 -48.56 -37.66 -54.03
N MET EA 39 -48.18 -38.70 -54.79
CA MET EA 39 -47.61 -38.51 -56.12
C MET EA 39 -47.85 -39.74 -56.99
N PRO EA 40 -48.40 -39.60 -58.22
CA PRO EA 40 -48.45 -40.75 -59.15
C PRO EA 40 -47.20 -40.83 -60.02
N ILE EA 41 -46.11 -41.32 -59.43
CA ILE EA 41 -44.79 -41.22 -60.05
C ILE EA 41 -44.65 -42.23 -61.18
N ARG EA 42 -43.95 -41.81 -62.23
CA ARG EA 42 -43.37 -42.75 -63.18
C ARG EA 42 -42.01 -43.19 -62.65
N ALA EA 43 -41.76 -44.49 -62.63
CA ALA EA 43 -40.55 -45.04 -62.03
C ALA EA 43 -40.00 -46.17 -62.88
N ASN EA 44 -38.67 -46.19 -63.02
CA ASN EA 44 -38.01 -47.28 -63.71
C ASN EA 44 -37.93 -48.56 -62.87
N TRP EA 45 -38.05 -48.44 -61.55
CA TRP EA 45 -37.77 -49.55 -60.64
C TRP EA 45 -38.75 -49.48 -59.49
N GLY EA 46 -39.05 -50.64 -58.92
CA GLY EA 46 -39.85 -50.75 -57.71
C GLY EA 46 -41.23 -51.34 -58.00
N ASP EA 47 -42.01 -51.42 -56.92
CA ASP EA 47 -43.34 -51.99 -57.00
C ASP EA 47 -44.21 -51.18 -57.95
N VAL EA 48 -45.10 -51.89 -58.66
CA VAL EA 48 -45.94 -51.32 -59.71
C VAL EA 48 -47.39 -51.33 -59.24
N GLY EA 49 -48.09 -50.22 -59.50
CA GLY EA 49 -49.52 -50.19 -59.30
C GLY EA 49 -49.99 -50.15 -57.87
N LYS EA 50 -49.15 -49.68 -56.95
CA LYS EA 50 -49.52 -49.64 -55.54
C LYS EA 50 -48.91 -48.40 -54.89
N VAL EA 51 -49.56 -47.96 -53.82
CA VAL EA 51 -49.06 -46.85 -53.03
C VAL EA 51 -48.02 -47.36 -52.05
N VAL EA 52 -46.96 -46.58 -51.85
CA VAL EA 52 -45.91 -46.89 -50.88
C VAL EA 52 -45.58 -45.63 -50.12
N THR EA 53 -45.35 -45.77 -48.81
CA THR EA 53 -45.01 -44.66 -47.93
C THR EA 53 -43.51 -44.65 -47.71
N ILE EA 54 -42.92 -43.46 -47.78
CA ILE EA 54 -41.51 -43.24 -47.48
C ILE EA 54 -41.42 -42.24 -46.34
N LYS EA 55 -40.49 -42.49 -45.42
CA LYS EA 55 -40.35 -41.71 -44.20
C LYS EA 55 -39.36 -40.57 -44.34
N ASN EA 56 -39.26 -39.98 -45.53
CA ASN EA 56 -38.34 -38.88 -45.80
C ASN EA 56 -36.89 -39.33 -45.63
N ASP EA 57 -36.50 -40.30 -46.46
CA ASP EA 57 -35.13 -40.78 -46.53
C ASP EA 57 -34.73 -40.94 -47.98
N LEU EA 58 -33.63 -40.28 -48.37
CA LEU EA 58 -33.18 -40.35 -49.77
C LEU EA 58 -32.82 -41.77 -50.16
N ARG EA 59 -32.09 -42.47 -49.30
CA ARG EA 59 -31.68 -43.84 -49.62
C ARG EA 59 -32.90 -44.74 -49.77
N GLN EA 60 -33.89 -44.56 -48.92
CA GLN EA 60 -35.12 -45.34 -49.03
C GLN EA 60 -35.78 -45.10 -50.38
N LEU EA 61 -35.85 -43.85 -50.81
CA LEU EA 61 -36.34 -43.56 -52.15
C LEU EA 61 -35.43 -44.18 -53.20
N LYS EA 62 -34.12 -44.11 -52.98
CA LYS EA 62 -33.18 -44.66 -53.95
C LYS EA 62 -33.36 -46.17 -54.09
N ASN EA 63 -33.45 -46.87 -52.96
CA ASN EA 63 -33.61 -48.32 -53.02
C ASN EA 63 -34.95 -48.71 -53.61
N LEU EA 64 -36.01 -47.99 -53.23
CA LEU EA 64 -37.36 -48.38 -53.64
C LEU EA 64 -37.63 -48.06 -55.10
N PHE EA 65 -36.97 -47.03 -55.66
CA PHE EA 65 -37.28 -46.61 -57.02
C PHE EA 65 -36.03 -46.24 -57.82
N GLY EA 66 -34.85 -46.67 -57.41
CA GLY EA 66 -33.67 -46.35 -58.17
C GLY EA 66 -33.32 -44.87 -58.05
N ASP EA 67 -32.41 -44.44 -58.93
CA ASP EA 67 -31.89 -43.08 -58.90
C ASP EA 67 -31.74 -42.50 -60.30
N ASP EA 68 -32.61 -42.87 -61.22
CA ASP EA 68 -32.56 -42.36 -62.59
C ASP EA 68 -33.27 -41.01 -62.63
N MET EA 69 -32.50 -39.93 -62.83
CA MET EA 69 -33.09 -38.61 -62.91
C MET EA 69 -33.96 -38.44 -64.14
N ASN EA 70 -33.76 -39.27 -65.18
CA ASN EA 70 -34.63 -39.19 -66.35
C ASN EA 70 -36.07 -39.54 -66.01
N TYR EA 71 -36.26 -40.38 -65.00
CA TYR EA 71 -37.60 -40.80 -64.59
C TYR EA 71 -38.13 -39.88 -63.51
N SER EA 72 -39.44 -39.60 -63.56
CA SER EA 72 -40.03 -38.65 -62.65
C SER EA 72 -39.98 -39.08 -61.20
N ALA EA 73 -39.78 -40.38 -60.93
CA ALA EA 73 -39.76 -40.88 -59.57
C ALA EA 73 -38.65 -40.25 -58.75
N PHE EA 74 -37.40 -40.51 -59.13
CA PHE EA 74 -36.28 -39.99 -58.36
C PHE EA 74 -36.19 -38.47 -58.46
N LYS EA 75 -36.46 -37.92 -59.65
CA LYS EA 75 -36.34 -36.49 -59.86
C LYS EA 75 -37.31 -35.73 -58.96
N LEU EA 76 -38.61 -35.93 -59.17
CA LEU EA 76 -39.59 -35.22 -58.36
C LEU EA 76 -39.58 -35.69 -56.92
N GLY EA 77 -39.32 -36.97 -56.70
CA GLY EA 77 -39.23 -37.48 -55.34
C GLY EA 77 -38.14 -36.79 -54.54
N LYS EA 78 -37.00 -36.52 -55.18
CA LYS EA 78 -35.95 -35.79 -54.50
C LYS EA 78 -36.41 -34.39 -54.13
N LEU EA 79 -37.11 -33.71 -55.03
CA LEU EA 79 -37.60 -32.37 -54.73
C LEU EA 79 -38.59 -32.39 -53.58
N ALA EA 80 -39.55 -33.32 -53.61
CA ALA EA 80 -40.49 -33.43 -52.51
C ALA EA 80 -39.77 -33.80 -51.22
N LEU EA 81 -38.76 -34.67 -51.32
CA LEU EA 81 -37.97 -34.99 -50.14
C LEU EA 81 -37.27 -33.76 -49.59
N LEU EA 82 -36.74 -32.91 -50.48
CA LEU EA 82 -36.13 -31.66 -50.03
C LEU EA 82 -37.14 -30.72 -49.41
N GLY EA 83 -38.42 -30.90 -49.70
CA GLY EA 83 -39.45 -30.08 -49.08
C GLY EA 83 -39.77 -30.42 -47.64
N ASN EA 84 -39.11 -31.43 -47.07
CA ASN EA 84 -39.21 -31.74 -45.65
C ASN EA 84 -40.59 -32.25 -45.27
N VAL EA 85 -41.16 -33.09 -46.12
CA VAL EA 85 -42.45 -33.73 -45.83
C VAL EA 85 -42.19 -34.93 -44.93
N LYS EA 86 -43.06 -35.12 -43.93
CA LYS EA 86 -42.88 -36.22 -43.00
C LYS EA 86 -43.03 -37.57 -43.70
N GLU EA 87 -44.02 -37.69 -44.58
CA GLU EA 87 -44.32 -38.95 -45.24
C GLU EA 87 -44.76 -38.68 -46.67
N LEU EA 88 -44.17 -39.40 -47.62
CA LEU EA 88 -44.46 -39.25 -49.03
C LEU EA 88 -45.10 -40.55 -49.53
N LEU EA 89 -46.30 -40.43 -50.08
CA LEU EA 89 -47.08 -41.59 -50.54
C LEU EA 89 -46.93 -41.68 -52.05
N LEU EA 90 -45.98 -42.51 -52.49
CA LEU EA 90 -45.64 -42.63 -53.89
C LEU EA 90 -46.41 -43.79 -54.51
N TYR EA 91 -46.89 -43.57 -55.73
CA TYR EA 91 -47.55 -44.59 -56.54
C TYR EA 91 -46.82 -44.70 -57.86
N ARG EA 92 -46.37 -45.92 -58.20
CA ARG EA 92 -45.68 -46.14 -59.47
C ARG EA 92 -46.73 -46.23 -60.57
N LEU EA 93 -47.03 -45.09 -61.18
CA LEU EA 93 -47.85 -45.09 -62.38
C LEU EA 93 -47.14 -45.87 -63.48
N VAL EA 94 -47.91 -46.58 -64.28
CA VAL EA 94 -47.37 -47.42 -65.34
C VAL EA 94 -48.30 -47.39 -66.55
N ASP EA 95 -47.71 -47.63 -67.72
CA ASP EA 95 -48.47 -47.68 -68.97
C ASP EA 95 -49.13 -49.04 -69.20
N GLY EA 96 -48.74 -50.06 -68.45
CA GLY EA 96 -48.96 -51.42 -68.87
C GLY EA 96 -47.73 -51.93 -69.61
N ASN EA 97 -47.92 -53.05 -70.31
CA ASN EA 97 -46.81 -53.72 -71.01
C ASN EA 97 -45.69 -54.06 -70.04
N GLN EA 98 -46.05 -54.33 -68.79
CA GLN EA 98 -45.07 -54.46 -67.72
C GLN EA 98 -44.36 -55.79 -67.81
N LYS EA 99 -43.04 -55.77 -67.57
CA LYS EA 99 -42.25 -56.98 -67.55
C LYS EA 99 -41.09 -56.80 -66.60
N LYS EA 100 -40.56 -57.93 -66.13
CA LYS EA 100 -39.39 -57.97 -65.27
C LYS EA 100 -38.21 -58.51 -66.05
N GLY EA 101 -37.03 -57.93 -65.79
CA GLY EA 101 -35.81 -58.45 -66.37
C GLY EA 101 -35.63 -59.89 -65.93
N THR EA 102 -35.32 -60.77 -66.88
CA THR EA 102 -35.26 -62.20 -66.62
C THR EA 102 -34.14 -62.82 -67.44
N LEU EA 103 -33.66 -63.96 -66.96
CA LEU EA 103 -32.61 -64.70 -67.64
C LEU EA 103 -32.66 -66.14 -67.16
N THR EA 104 -32.16 -67.03 -68.01
CA THR EA 104 -32.10 -68.46 -67.71
C THR EA 104 -30.69 -68.96 -67.96
N LEU EA 105 -30.13 -69.66 -66.96
CA LEU EA 105 -28.76 -70.15 -67.00
C LEU EA 105 -28.77 -71.66 -67.11
N LYS EA 106 -27.76 -72.19 -67.81
CA LYS EA 106 -27.75 -73.55 -68.30
C LYS EA 106 -26.54 -74.33 -67.77
N ASP EA 107 -26.69 -75.65 -67.81
CA ASP EA 107 -25.71 -76.58 -67.26
C ASP EA 107 -24.70 -77.00 -68.33
N THR EA 108 -23.49 -77.32 -67.88
CA THR EA 108 -22.39 -77.65 -68.78
C THR EA 108 -22.40 -79.12 -69.21
N THR EA 109 -22.46 -80.03 -68.25
CA THR EA 109 -22.20 -81.45 -68.54
C THR EA 109 -23.22 -82.01 -69.54
N GLU EA 110 -24.46 -81.55 -69.49
CA GLU EA 110 -25.44 -81.98 -70.47
C GLU EA 110 -25.11 -81.36 -71.82
N ASN EA 111 -24.85 -82.21 -72.82
CA ASN EA 111 -24.54 -81.70 -74.15
C ASN EA 111 -25.71 -80.93 -74.75
N SER EA 112 -26.94 -81.20 -74.30
CA SER EA 112 -28.07 -80.36 -74.66
C SER EA 112 -28.08 -79.03 -73.90
N ALA EA 113 -27.19 -78.83 -72.94
CA ALA EA 113 -27.10 -77.60 -72.16
C ALA EA 113 -28.42 -77.33 -71.44
N LYS EA 114 -28.72 -78.22 -70.50
CA LYS EA 114 -29.99 -78.16 -69.79
C LYS EA 114 -30.13 -76.85 -69.02
N ASP EA 115 -31.27 -76.20 -69.19
CA ASP EA 115 -31.59 -75.00 -68.41
C ASP EA 115 -32.07 -75.41 -67.02
N VAL EA 116 -31.41 -74.87 -65.99
CA VAL EA 116 -31.59 -75.35 -64.63
C VAL EA 116 -32.01 -74.21 -63.69
N ILE EA 117 -31.62 -72.98 -64.00
CA ILE EA 117 -31.88 -71.83 -63.14
C ILE EA 117 -32.42 -70.68 -63.98
N LYS EA 118 -33.47 -70.04 -63.47
CA LYS EA 118 -34.00 -68.81 -64.02
C LYS EA 118 -33.84 -67.70 -63.00
N LEU EA 119 -33.21 -66.60 -63.42
CA LEU EA 119 -33.06 -65.41 -62.60
C LEU EA 119 -34.07 -64.36 -63.06
N GLU EA 120 -34.46 -63.50 -62.12
CA GLU EA 120 -35.44 -62.47 -62.42
C GLU EA 120 -35.21 -61.27 -61.50
N THR EA 121 -35.45 -60.08 -62.04
CA THR EA 121 -35.36 -58.87 -61.24
C THR EA 121 -36.44 -58.88 -60.17
N LYS EA 122 -36.15 -58.22 -59.05
CA LYS EA 122 -37.10 -58.19 -57.94
C LYS EA 122 -38.38 -57.47 -58.33
N TYR EA 123 -38.27 -56.38 -59.09
CA TYR EA 123 -39.38 -55.57 -59.55
C TYR EA 123 -39.31 -55.41 -61.05
N PRO EA 124 -40.43 -55.06 -61.69
CA PRO EA 124 -40.37 -54.74 -63.12
C PRO EA 124 -39.49 -53.53 -63.38
N THR EA 125 -38.78 -53.56 -64.50
CA THR EA 125 -37.89 -52.47 -64.89
C THR EA 125 -37.41 -52.73 -66.32
N ALA EA 126 -36.56 -51.83 -66.80
CA ALA EA 126 -35.88 -51.99 -68.08
C ALA EA 126 -34.38 -51.72 -67.98
N ARG EA 127 -33.85 -51.50 -66.77
CA ARG EA 127 -32.44 -51.21 -66.60
C ARG EA 127 -31.60 -52.45 -66.93
N ASN EA 128 -30.32 -52.21 -67.20
CA ASN EA 128 -29.43 -53.24 -67.74
C ASN EA 128 -28.79 -54.02 -66.59
N PHE EA 129 -29.55 -54.96 -66.04
CA PHE EA 129 -28.97 -55.96 -65.16
C PHE EA 129 -28.28 -57.03 -65.98
N ASN EA 130 -27.06 -57.38 -65.59
CA ASN EA 130 -26.24 -58.33 -66.32
C ASN EA 130 -25.63 -59.34 -65.36
N VAL EA 131 -25.34 -60.53 -65.88
CA VAL EA 131 -24.77 -61.63 -65.11
C VAL EA 131 -23.46 -62.06 -65.76
N THR EA 132 -22.45 -62.27 -64.94
CA THR EA 132 -21.17 -62.81 -65.38
C THR EA 132 -20.80 -63.95 -64.45
N ILE EA 133 -20.65 -65.15 -65.01
CA ILE EA 133 -20.21 -66.32 -64.28
C ILE EA 133 -18.90 -66.80 -64.89
N LYS EA 134 -17.88 -66.96 -64.05
CA LYS EA 134 -16.58 -67.43 -64.48
C LYS EA 134 -16.15 -68.57 -63.57
N SER EA 135 -15.25 -69.40 -64.09
CA SER EA 135 -14.70 -70.49 -63.28
C SER EA 135 -13.97 -69.91 -62.08
N ASN EA 136 -14.29 -70.42 -60.90
CA ASN EA 136 -13.61 -70.00 -59.68
C ASN EA 136 -12.17 -70.48 -59.77
N LEU EA 137 -11.23 -69.53 -59.81
CA LEU EA 137 -9.84 -69.87 -60.09
C LEU EA 137 -9.25 -70.74 -58.99
N VAL EA 138 -9.66 -70.54 -57.74
CA VAL EA 138 -9.16 -71.36 -56.65
C VAL EA 138 -9.59 -72.81 -56.84
N ASP EA 139 -10.85 -73.03 -57.23
CA ASP EA 139 -11.42 -74.37 -57.29
C ASP EA 139 -12.44 -74.42 -58.41
N SER EA 140 -12.19 -75.28 -59.40
CA SER EA 140 -13.14 -75.45 -60.49
C SER EA 140 -14.48 -76.04 -60.02
N ASP EA 141 -14.48 -76.76 -58.89
CA ASP EA 141 -15.71 -77.34 -58.38
C ASP EA 141 -16.70 -76.27 -57.93
N LYS EA 142 -16.24 -75.04 -57.69
CA LYS EA 142 -17.10 -73.90 -57.44
C LYS EA 142 -16.97 -72.92 -58.60
N LYS EA 143 -17.80 -71.88 -58.56
CA LYS EA 143 -17.73 -70.83 -59.57
C LYS EA 143 -18.22 -69.52 -58.95
N ASP EA 144 -17.62 -68.43 -59.40
CA ASP EA 144 -17.91 -67.10 -58.88
C ASP EA 144 -19.08 -66.51 -59.65
N PHE EA 145 -20.16 -66.22 -58.93
CA PHE EA 145 -21.36 -65.61 -59.51
C PHE EA 145 -21.32 -64.11 -59.19
N ILE EA 146 -21.04 -63.30 -60.21
CA ILE EA 146 -20.95 -61.86 -60.07
C ILE EA 146 -22.14 -61.25 -60.80
N PHE EA 147 -22.95 -60.50 -60.08
CA PHE EA 147 -24.13 -59.84 -60.61
C PHE EA 147 -23.80 -58.39 -60.95
N PHE EA 148 -24.23 -57.96 -62.13
CA PHE EA 148 -23.89 -56.66 -62.68
C PHE EA 148 -25.14 -55.86 -63.00
N GLU EA 149 -25.03 -54.55 -62.85
CA GLU EA 149 -25.97 -53.59 -63.42
C GLU EA 149 -25.17 -52.76 -64.42
N ASN EA 150 -25.35 -53.04 -65.70
CA ASN EA 150 -24.56 -52.40 -66.75
C ASN EA 150 -23.09 -52.78 -66.49
N THR EA 151 -22.13 -51.91 -66.77
CA THR EA 151 -20.74 -52.24 -66.51
C THR EA 151 -20.40 -52.27 -65.03
N LYS EA 152 -21.28 -51.82 -64.16
CA LYS EA 152 -20.98 -51.76 -62.74
C LYS EA 152 -21.25 -53.10 -62.07
N GLN EA 153 -20.29 -53.56 -61.28
CA GLN EA 153 -20.54 -54.71 -60.41
C GLN EA 153 -21.58 -54.33 -59.38
N LEU EA 154 -22.44 -55.29 -59.05
CA LEU EA 154 -23.52 -55.09 -58.08
C LEU EA 154 -23.52 -56.11 -56.96
N PHE EA 155 -22.96 -57.30 -57.16
CA PHE EA 155 -22.89 -58.31 -56.11
C PHE EA 155 -22.04 -59.46 -56.62
N SER EA 156 -21.24 -60.04 -55.73
CA SER EA 156 -20.39 -61.18 -56.06
C SER EA 156 -20.51 -62.25 -54.99
N SER EA 157 -20.35 -63.50 -55.40
CA SER EA 157 -20.36 -64.63 -54.47
C SER EA 157 -19.96 -65.89 -55.21
N SER EA 158 -19.19 -66.74 -54.54
CA SER EA 158 -18.93 -68.10 -55.00
C SER EA 158 -20.03 -69.01 -54.49
N ILE EA 159 -20.19 -70.16 -55.16
CA ILE EA 159 -21.34 -71.03 -54.91
C ILE EA 159 -20.98 -72.48 -55.23
N LYS EA 160 -21.67 -73.39 -54.55
CA LYS EA 160 -21.58 -74.82 -54.83
C LYS EA 160 -22.28 -75.13 -56.16
N GLY EA 161 -21.92 -76.26 -56.76
CA GLY EA 161 -22.46 -76.62 -58.06
C GLY EA 161 -23.90 -77.10 -58.06
N THR EA 162 -24.39 -77.59 -56.93
CA THR EA 162 -25.76 -78.08 -56.88
C THR EA 162 -26.74 -76.94 -57.09
N ILE EA 163 -27.82 -77.23 -57.83
CA ILE EA 163 -28.71 -76.18 -58.31
C ILE EA 163 -29.44 -75.52 -57.15
N ASP EA 164 -29.92 -76.32 -56.19
CA ASP EA 164 -30.75 -75.78 -55.12
C ASP EA 164 -29.98 -74.77 -54.28
N GLU EA 165 -28.72 -75.07 -53.97
CA GLU EA 165 -27.91 -74.11 -53.23
C GLU EA 165 -27.68 -72.84 -54.03
N ILE EA 166 -27.47 -72.97 -55.35
CA ILE EA 166 -27.17 -71.80 -56.17
C ILE EA 166 -28.33 -70.81 -56.13
N VAL EA 167 -29.56 -71.31 -56.31
CA VAL EA 167 -30.72 -70.45 -56.21
C VAL EA 167 -30.84 -69.90 -54.79
N LEU EA 168 -30.53 -70.73 -53.79
CA LEU EA 168 -30.59 -70.28 -52.41
C LEU EA 168 -29.52 -69.22 -52.13
N GLU EA 169 -28.28 -69.47 -52.56
CA GLU EA 169 -27.20 -68.53 -52.30
C GLU EA 169 -27.46 -67.19 -52.96
N ILE EA 170 -27.98 -67.19 -54.18
CA ILE EA 170 -28.32 -65.93 -54.83
C ILE EA 170 -29.41 -65.21 -54.03
N ASN EA 171 -30.45 -65.94 -53.65
CA ASN EA 171 -31.50 -65.37 -52.82
C ASN EA 171 -31.09 -65.16 -51.37
N SER EA 172 -29.93 -65.67 -50.96
CA SER EA 172 -29.48 -65.60 -49.58
C SER EA 172 -28.75 -64.30 -49.25
N ASN EA 173 -27.79 -63.91 -50.09
CA ASN EA 173 -26.89 -62.82 -49.73
C ASN EA 173 -27.64 -61.50 -49.66
N LEU EA 174 -27.06 -60.57 -48.89
CA LEU EA 174 -27.72 -59.30 -48.60
C LEU EA 174 -27.88 -58.45 -49.86
N ASP EA 175 -26.90 -58.45 -50.74
CA ASP EA 175 -26.85 -57.50 -51.86
C ASP EA 175 -27.72 -57.93 -53.05
N ASN EA 176 -28.64 -58.88 -52.88
CA ASN EA 176 -29.53 -59.32 -53.94
C ASN EA 176 -30.94 -58.76 -53.77
N GLU EA 177 -31.04 -57.50 -53.36
CA GLU EA 177 -32.33 -56.80 -53.39
C GLU EA 177 -32.83 -56.55 -54.80
N TYR EA 178 -31.99 -56.75 -55.81
CA TYR EA 178 -32.33 -56.45 -57.20
C TYR EA 178 -32.84 -57.66 -57.96
N VAL EA 179 -32.34 -58.85 -57.64
CA VAL EA 179 -32.60 -60.05 -58.43
C VAL EA 179 -32.88 -61.21 -57.49
N ILE EA 180 -33.77 -62.10 -57.94
CA ILE EA 180 -34.15 -63.30 -57.20
C ILE EA 180 -33.96 -64.49 -58.13
N ALA EA 181 -33.21 -65.49 -57.66
CA ALA EA 181 -32.97 -66.69 -58.44
C ALA EA 181 -34.14 -67.66 -58.31
N THR EA 182 -34.28 -68.53 -59.31
CA THR EA 182 -35.33 -69.53 -59.34
C THR EA 182 -34.81 -70.76 -60.07
N LYS EA 183 -35.15 -71.94 -59.56
CA LYS EA 183 -34.69 -73.19 -60.17
C LYS EA 183 -35.67 -73.64 -61.24
N VAL EA 184 -35.15 -73.91 -62.43
CA VAL EA 184 -35.94 -74.55 -63.49
C VAL EA 184 -35.83 -76.06 -63.42
N ALA EA 185 -34.63 -76.59 -63.18
CA ALA EA 185 -34.42 -78.03 -63.14
C ALA EA 185 -33.17 -78.31 -62.32
N ASP EA 186 -33.00 -79.59 -61.97
CA ASP EA 186 -31.84 -80.05 -61.21
C ASP EA 186 -30.73 -80.47 -62.15
N SER EA 187 -29.50 -80.42 -61.65
CA SER EA 187 -28.34 -80.93 -62.37
C SER EA 187 -27.19 -81.03 -61.38
N ASP EA 188 -26.16 -81.76 -61.80
CA ASP EA 188 -25.01 -82.03 -60.93
C ASP EA 188 -23.85 -81.06 -61.15
N THR EA 189 -23.63 -80.62 -62.39
CA THR EA 189 -22.47 -79.83 -62.74
C THR EA 189 -22.82 -78.35 -62.74
N ILE EA 190 -21.80 -77.51 -62.53
CA ILE EA 190 -22.02 -76.08 -62.34
C ILE EA 190 -22.52 -75.47 -63.64
N LEU EA 191 -23.12 -74.28 -63.52
CA LEU EA 191 -23.59 -73.54 -64.67
C LEU EA 191 -22.43 -73.22 -65.61
N ALA EA 192 -22.79 -72.90 -66.85
CA ALA EA 192 -21.79 -72.53 -67.86
C ALA EA 192 -21.25 -71.14 -67.58
N ASN EA 193 -19.95 -70.99 -67.82
CA ASN EA 193 -19.34 -69.67 -67.68
C ASN EA 193 -19.91 -68.73 -68.72
N VAL EA 194 -20.29 -67.53 -68.30
CA VAL EA 194 -20.79 -66.50 -69.19
C VAL EA 194 -20.37 -65.15 -68.61
N VAL EA 195 -20.39 -64.13 -69.46
CA VAL EA 195 -19.93 -62.79 -69.09
C VAL EA 195 -21.02 -61.79 -69.48
N ASN EA 196 -21.58 -61.11 -68.49
CA ASN EA 196 -22.42 -59.94 -68.71
C ASN EA 196 -23.65 -60.26 -69.55
N GLN EA 197 -24.33 -61.34 -69.19
CA GLN EA 197 -25.56 -61.72 -69.87
C GLN EA 197 -26.71 -60.88 -69.33
N ALA EA 198 -27.29 -60.05 -70.19
CA ALA EA 198 -28.33 -59.13 -69.76
C ALA EA 198 -29.61 -59.89 -69.42
N LEU EA 199 -30.30 -59.42 -68.38
CA LEU EA 199 -31.60 -59.97 -67.99
C LEU EA 199 -32.68 -59.36 -68.89
N GLU EA 200 -32.67 -59.82 -70.14
CA GLU EA 200 -33.54 -59.23 -71.14
C GLU EA 200 -35.00 -59.56 -70.85
N GLY EA 201 -35.89 -58.91 -71.61
CA GLY EA 201 -37.32 -59.13 -71.48
C GLY EA 201 -38.02 -58.22 -70.51
N GLY EA 202 -37.29 -57.43 -69.72
CA GLY EA 202 -37.93 -56.54 -68.77
C GLY EA 202 -38.49 -55.29 -69.43
N ASN EA 203 -39.27 -54.55 -68.64
CA ASN EA 203 -39.87 -53.31 -69.11
C ASN EA 203 -40.39 -52.53 -67.90
N ASP EA 204 -40.07 -51.24 -67.86
CA ASP EA 204 -40.54 -50.38 -66.78
C ASP EA 204 -41.92 -49.80 -67.02
N GLY EA 205 -42.41 -49.84 -68.26
CA GLY EA 205 -43.71 -49.29 -68.56
C GLY EA 205 -43.79 -47.79 -68.61
N CYS EA 206 -42.66 -47.09 -68.52
CA CYS EA 206 -42.67 -45.64 -68.64
C CYS EA 206 -43.05 -45.17 -70.03
N THR EA 207 -42.93 -46.04 -71.03
CA THR EA 207 -43.17 -45.64 -72.41
C THR EA 207 -44.66 -45.40 -72.64
N SER EA 208 -45.00 -44.21 -73.12
CA SER EA 208 -46.33 -43.89 -73.62
C SER EA 208 -47.40 -44.07 -72.53
N ILE EA 209 -47.17 -43.41 -71.40
CA ILE EA 209 -48.13 -43.44 -70.30
C ILE EA 209 -49.44 -42.84 -70.79
N THR EA 210 -50.53 -43.55 -70.55
CA THR EA 210 -51.84 -43.08 -71.00
C THR EA 210 -52.40 -42.05 -70.03
N ASN EA 211 -53.24 -41.18 -70.56
CA ASN EA 211 -53.97 -40.26 -69.69
C ASN EA 211 -54.84 -41.02 -68.71
N GLU EA 212 -55.47 -42.11 -69.15
CA GLU EA 212 -56.38 -42.86 -68.30
C GLU EA 212 -55.64 -43.51 -67.13
N SER EA 213 -54.39 -43.93 -67.33
CA SER EA 213 -53.69 -44.71 -66.32
C SER EA 213 -53.53 -43.93 -65.01
N TYR EA 214 -53.50 -42.60 -65.08
CA TYR EA 214 -53.45 -41.80 -63.85
C TYR EA 214 -54.64 -42.08 -62.95
N LEU EA 215 -55.81 -42.35 -63.54
CA LEU EA 215 -57.01 -42.54 -62.74
C LEU EA 215 -56.89 -43.74 -61.81
N LYS EA 216 -56.15 -44.77 -62.21
CA LYS EA 216 -55.94 -45.92 -61.34
C LYS EA 216 -55.25 -45.51 -60.06
N ALA EA 217 -54.24 -44.66 -60.16
CA ALA EA 217 -53.55 -44.18 -58.97
C ALA EA 217 -54.50 -43.39 -58.08
N LEU EA 218 -55.39 -42.60 -58.68
CA LEU EA 218 -56.31 -41.78 -57.90
C LEU EA 218 -57.19 -42.65 -57.00
N GLU EA 219 -57.81 -43.67 -57.58
CA GLU EA 219 -58.68 -44.54 -56.79
C GLU EA 219 -57.90 -45.28 -55.72
N GLU EA 220 -56.68 -45.73 -56.05
CA GLU EA 220 -55.84 -46.37 -55.05
C GLU EA 220 -55.50 -45.41 -53.92
N PHE EA 221 -55.21 -44.16 -54.26
CA PHE EA 221 -54.88 -43.17 -53.24
C PHE EA 221 -56.06 -42.87 -52.33
N GLU EA 222 -57.29 -43.07 -52.80
CA GLU EA 222 -58.46 -42.66 -52.03
C GLU EA 222 -58.55 -43.41 -50.71
N ARG EA 223 -58.27 -44.72 -50.73
CA ARG EA 223 -58.33 -45.50 -49.49
C ARG EA 223 -57.33 -44.99 -48.47
N TYR EA 224 -56.21 -44.41 -48.93
CA TYR EA 224 -55.25 -43.80 -48.03
C TYR EA 224 -55.70 -42.39 -47.67
N SER EA 225 -54.95 -41.75 -46.77
CA SER EA 225 -55.19 -40.39 -46.34
C SER EA 225 -53.91 -39.59 -46.45
N PHE EA 226 -54.02 -38.37 -46.94
CA PHE EA 226 -52.86 -37.51 -47.14
C PHE EA 226 -53.32 -36.07 -47.13
N ASP EA 227 -52.39 -35.17 -46.82
CA ASP EA 227 -52.74 -33.76 -46.67
C ASP EA 227 -52.89 -33.07 -48.02
N SER EA 228 -52.13 -33.48 -49.03
CA SER EA 228 -52.22 -32.84 -50.33
C SER EA 228 -51.80 -33.83 -51.41
N PHE EA 229 -52.16 -33.50 -52.64
CA PHE EA 229 -51.86 -34.30 -53.82
C PHE EA 229 -51.31 -33.40 -54.90
N VAL EA 230 -50.31 -33.89 -55.62
CA VAL EA 230 -49.67 -33.13 -56.69
C VAL EA 230 -49.41 -34.08 -57.86
N LEU EA 231 -49.61 -33.56 -59.07
CA LEU EA 231 -49.46 -34.39 -60.25
C LEU EA 231 -47.98 -34.72 -60.47
N ASP EA 232 -47.74 -35.60 -61.44
CA ASP EA 232 -46.39 -36.10 -61.71
C ASP EA 232 -45.63 -35.23 -62.70
N GLY EA 233 -45.60 -33.92 -62.43
CA GLY EA 233 -44.91 -33.00 -63.33
C GLY EA 233 -45.47 -33.00 -64.73
N VAL EA 234 -46.80 -32.95 -64.85
CA VAL EA 234 -47.48 -32.98 -66.13
C VAL EA 234 -48.55 -31.89 -66.12
N ALA EA 235 -48.64 -31.13 -67.21
CA ALA EA 235 -49.55 -30.00 -67.33
C ALA EA 235 -50.68 -30.28 -68.31
N ASP EA 236 -51.00 -31.56 -68.53
CA ASP EA 236 -52.10 -31.90 -69.42
C ASP EA 236 -53.42 -31.40 -68.85
N GLU EA 237 -54.18 -30.69 -69.68
CA GLU EA 237 -55.42 -30.08 -69.19
C GLU EA 237 -56.42 -31.12 -68.74
N ALA EA 238 -56.51 -32.23 -69.48
CA ALA EA 238 -57.48 -33.27 -69.13
C ALA EA 238 -57.21 -33.84 -67.74
N LEU EA 239 -55.94 -34.11 -67.43
CA LEU EA 239 -55.62 -34.62 -66.09
C LEU EA 239 -55.97 -33.61 -65.02
N GLN EA 240 -55.66 -32.33 -65.26
CA GLN EA 240 -55.95 -31.31 -64.26
C GLN EA 240 -57.45 -31.21 -64.00
N GLU EA 241 -58.25 -31.20 -65.06
CA GLU EA 241 -59.70 -31.21 -64.89
C GLU EA 241 -60.16 -32.50 -64.24
N THR EA 242 -59.59 -33.63 -64.65
CA THR EA 242 -59.92 -34.90 -64.02
C THR EA 242 -59.56 -34.90 -62.54
N THR EA 243 -58.36 -34.44 -62.22
CA THR EA 243 -57.95 -34.35 -60.82
C THR EA 243 -58.80 -33.31 -60.08
N LYS EA 244 -59.17 -32.23 -60.74
CA LYS EA 244 -60.03 -31.23 -60.12
C LYS EA 244 -61.35 -31.87 -59.67
N ALA EA 245 -61.99 -32.60 -60.58
CA ALA EA 245 -63.22 -33.29 -60.20
C ALA EA 245 -62.96 -34.34 -59.13
N TRP EA 246 -61.84 -35.05 -59.25
CA TRP EA 246 -61.55 -36.12 -58.30
C TRP EA 246 -61.36 -35.57 -56.89
N VAL EA 247 -60.60 -34.49 -56.75
CA VAL EA 247 -60.42 -33.89 -55.44
C VAL EA 247 -61.74 -33.32 -54.93
N ALA EA 248 -62.51 -32.69 -55.81
CA ALA EA 248 -63.81 -32.16 -55.41
C ALA EA 248 -64.72 -33.27 -54.92
N LYS EA 249 -64.68 -34.42 -55.59
CA LYS EA 249 -65.47 -35.56 -55.14
C LYS EA 249 -65.05 -36.00 -53.75
N ASN EA 250 -63.74 -36.06 -53.50
CA ASN EA 250 -63.26 -36.54 -52.21
C ASN EA 250 -63.62 -35.57 -51.09
N LYS EA 251 -63.76 -34.28 -51.40
CA LYS EA 251 -64.23 -33.33 -50.40
C LYS EA 251 -65.62 -33.69 -49.93
N GLU EA 252 -66.50 -34.06 -50.86
CA GLU EA 252 -67.86 -34.43 -50.49
C GLU EA 252 -67.88 -35.68 -49.62
N LEU EA 253 -66.89 -36.55 -49.79
CA LEU EA 253 -66.72 -37.69 -48.91
C LEU EA 253 -66.05 -37.34 -47.59
N GLY EA 254 -65.74 -36.06 -47.36
CA GLY EA 254 -65.08 -35.63 -46.15
C GLY EA 254 -63.57 -35.58 -46.24
N LYS EA 255 -62.97 -36.12 -47.29
CA LYS EA 255 -61.53 -36.10 -47.46
C LYS EA 255 -61.14 -34.77 -48.10
N ASP EA 256 -60.52 -33.89 -47.31
CA ASP EA 256 -60.11 -32.57 -47.76
C ASP EA 256 -58.69 -32.66 -48.29
N ILE EA 257 -58.56 -32.79 -49.61
CA ILE EA 257 -57.28 -32.92 -50.29
C ILE EA 257 -56.95 -31.59 -50.93
N LEU EA 258 -55.73 -31.11 -50.72
CA LEU EA 258 -55.24 -29.89 -51.33
C LEU EA 258 -54.46 -30.25 -52.59
N LEU EA 259 -54.84 -29.65 -53.72
CA LEU EA 259 -54.26 -29.96 -55.01
C LEU EA 259 -53.28 -28.88 -55.42
N PHE EA 260 -52.14 -29.30 -55.95
CA PHE EA 260 -51.12 -28.41 -56.48
C PHE EA 260 -50.92 -28.72 -57.96
N LEU EA 261 -50.94 -27.69 -58.79
CA LEU EA 261 -50.77 -27.83 -60.22
C LEU EA 261 -49.79 -26.79 -60.72
N GLY EA 262 -49.32 -26.99 -61.95
CA GLY EA 262 -48.46 -26.03 -62.60
C GLY EA 262 -48.71 -26.00 -64.09
N GLY EA 263 -48.81 -24.80 -64.65
CA GLY EA 263 -49.14 -24.67 -66.06
C GLY EA 263 -48.05 -25.21 -66.96
N LYS EA 264 -48.40 -25.31 -68.25
CA LYS EA 264 -47.49 -25.88 -69.22
C LYS EA 264 -46.28 -24.97 -69.41
N THR EA 265 -45.20 -25.56 -69.91
CA THR EA 265 -43.93 -24.84 -70.05
C THR EA 265 -44.08 -23.62 -70.95
N GLU EA 266 -44.82 -23.76 -72.05
CA GLU EA 266 -44.94 -22.70 -73.04
C GLU EA 266 -46.01 -21.67 -72.69
N ASP EA 267 -46.77 -21.88 -71.62
CA ASP EA 267 -47.74 -20.88 -71.21
C ASP EA 267 -47.04 -19.60 -70.80
N ASN EA 268 -47.55 -18.47 -71.29
CA ASN EA 268 -47.04 -17.17 -70.89
C ASN EA 268 -47.76 -16.73 -69.62
N ILE EA 269 -47.51 -15.51 -69.18
CA ILE EA 269 -48.21 -14.98 -68.02
C ILE EA 269 -49.70 -14.90 -68.30
N LYS EA 270 -50.07 -14.55 -69.52
CA LYS EA 270 -51.48 -14.46 -69.87
C LYS EA 270 -52.17 -15.82 -69.74
N GLN EA 271 -51.55 -16.86 -70.29
CA GLN EA 271 -52.15 -18.20 -70.21
C GLN EA 271 -52.26 -18.67 -68.78
N ILE EA 272 -51.20 -18.47 -68.00
CA ILE EA 272 -51.18 -18.97 -66.63
C ILE EA 272 -52.27 -18.29 -65.80
N ASN EA 273 -52.34 -16.97 -65.88
CA ASN EA 273 -53.33 -16.24 -65.08
C ASN EA 273 -54.74 -16.63 -65.49
N ASP EA 274 -54.99 -16.79 -66.78
CA ASP EA 274 -56.30 -17.24 -67.22
C ASP EA 274 -56.62 -18.63 -66.69
N LYS EA 275 -55.62 -19.52 -66.69
CA LYS EA 275 -55.83 -20.85 -66.14
C LYS EA 275 -56.19 -20.78 -64.66
N SER EA 276 -55.49 -19.95 -63.89
CA SER EA 276 -55.82 -19.78 -62.49
C SER EA 276 -57.20 -19.17 -62.32
N LYS EA 277 -57.52 -18.16 -63.13
CA LYS EA 277 -58.85 -17.57 -63.06
C LYS EA 277 -59.92 -18.56 -63.49
N SER EA 278 -59.60 -19.44 -64.43
CA SER EA 278 -60.61 -20.35 -64.97
C SER EA 278 -61.15 -21.28 -63.89
N PHE EA 279 -60.28 -21.82 -63.04
CA PHE EA 279 -60.67 -22.59 -61.87
C PHE EA 279 -60.07 -21.91 -60.65
N ASN EA 280 -60.93 -21.32 -59.82
CA ASN EA 280 -60.51 -20.56 -58.65
C ASN EA 280 -60.88 -21.29 -57.36
N ASP EA 281 -60.77 -22.61 -57.36
CA ASP EA 281 -60.98 -23.36 -56.14
C ASP EA 281 -59.85 -23.08 -55.16
N GLU EA 282 -60.22 -22.95 -53.88
CA GLU EA 282 -59.19 -22.75 -52.86
C GLU EA 282 -58.35 -23.99 -52.64
N ASN EA 283 -58.79 -25.16 -53.12
CA ASN EA 283 -58.02 -26.39 -53.02
C ASN EA 283 -57.06 -26.59 -54.18
N ILE EA 284 -56.94 -25.62 -55.08
CA ILE EA 284 -56.11 -25.73 -56.27
C ILE EA 284 -55.10 -24.60 -56.27
N VAL EA 285 -53.87 -24.91 -56.69
CA VAL EA 285 -52.77 -23.96 -56.73
C VAL EA 285 -52.07 -24.09 -58.08
N ASN EA 286 -51.82 -22.96 -58.73
CA ASN EA 286 -51.08 -22.91 -59.99
C ASN EA 286 -49.72 -22.29 -59.76
N VAL EA 287 -48.68 -23.00 -60.19
CA VAL EA 287 -47.33 -22.46 -60.23
C VAL EA 287 -47.11 -21.78 -61.57
N GLY EA 288 -46.70 -20.52 -61.55
CA GLY EA 288 -46.53 -19.74 -62.75
C GLY EA 288 -45.09 -19.42 -63.08
N SER EA 289 -44.17 -20.35 -62.80
CA SER EA 289 -42.77 -20.09 -63.09
C SER EA 289 -41.99 -21.40 -63.02
N SER EA 290 -41.16 -21.63 -64.03
CA SER EA 290 -40.17 -22.69 -63.97
C SER EA 290 -39.07 -22.29 -63.01
N ALA EA 291 -38.12 -23.20 -62.79
CA ALA EA 291 -37.05 -22.92 -61.83
C ALA EA 291 -35.83 -23.77 -62.18
N TYR EA 292 -34.70 -23.34 -61.65
CA TYR EA 292 -33.42 -24.03 -61.84
C TYR EA 292 -32.90 -24.74 -60.59
N TYR EA 293 -32.18 -25.84 -60.82
CA TYR EA 293 -31.58 -26.58 -59.71
C TYR EA 293 -30.48 -27.43 -60.31
N GLU EA 294 -29.22 -27.09 -59.95
CA GLU EA 294 -27.97 -27.52 -60.60
C GLU EA 294 -28.07 -27.69 -62.12
N ASN EA 295 -28.45 -26.61 -62.81
CA ASN EA 295 -28.51 -26.52 -64.26
C ASN EA 295 -29.63 -27.36 -64.87
N ILE EA 296 -30.50 -27.97 -64.07
CA ILE EA 296 -31.60 -28.78 -64.56
C ILE EA 296 -32.87 -27.97 -64.44
N LYS EA 297 -33.53 -27.72 -65.57
CA LYS EA 297 -34.76 -26.96 -65.54
C LYS EA 297 -35.89 -27.79 -64.97
N TYR EA 298 -36.83 -27.11 -64.31
CA TYR EA 298 -38.02 -27.72 -63.77
C TYR EA 298 -39.22 -26.91 -64.23
N THR EA 299 -40.11 -27.54 -64.99
CA THR EA 299 -41.27 -26.85 -65.49
C THR EA 299 -42.19 -26.48 -64.33
N PRO EA 300 -43.13 -25.56 -64.54
CA PRO EA 300 -44.04 -25.18 -63.45
C PRO EA 300 -44.80 -26.36 -62.88
N SER EA 301 -45.16 -27.34 -63.71
CA SER EA 301 -45.74 -28.57 -63.20
C SER EA 301 -44.76 -29.30 -62.30
N GLU EA 302 -43.50 -29.38 -62.71
CA GLU EA 302 -42.49 -30.04 -61.88
C GLU EA 302 -42.26 -29.27 -60.59
N VAL EA 303 -42.19 -27.94 -60.67
CA VAL EA 303 -41.92 -27.13 -59.48
C VAL EA 303 -43.04 -27.28 -58.46
N ALA EA 304 -44.27 -27.53 -58.92
CA ALA EA 304 -45.40 -27.65 -58.00
C ALA EA 304 -45.18 -28.78 -56.99
N VAL EA 305 -44.40 -29.80 -57.36
CA VAL EA 305 -44.07 -30.85 -56.41
C VAL EA 305 -43.33 -30.26 -55.21
N TYR EA 306 -42.29 -29.48 -55.48
CA TYR EA 306 -41.55 -28.86 -54.39
C TYR EA 306 -42.42 -27.87 -53.62
N ILE EA 307 -43.25 -27.11 -54.34
CA ILE EA 307 -44.13 -26.16 -53.69
C ILE EA 307 -45.12 -26.90 -52.80
N ALA EA 308 -45.69 -27.98 -53.31
CA ALA EA 308 -46.63 -28.77 -52.50
C ALA EA 308 -45.93 -29.33 -51.27
N ALA EA 309 -44.71 -29.82 -51.43
CA ALA EA 309 -43.99 -30.39 -50.30
C ALA EA 309 -43.72 -29.34 -49.23
N LEU EA 310 -43.29 -28.15 -49.63
CA LEU EA 310 -43.03 -27.10 -48.65
C LEU EA 310 -44.30 -26.70 -47.93
N SER EA 311 -45.40 -26.51 -48.66
CA SER EA 311 -46.65 -26.13 -48.03
C SER EA 311 -47.12 -27.20 -47.07
N VAL EA 312 -47.02 -28.46 -47.48
CA VAL EA 312 -47.42 -29.57 -46.62
C VAL EA 312 -46.50 -29.65 -45.41
N SER EA 313 -45.20 -29.47 -45.62
CA SER EA 313 -44.25 -29.59 -44.52
C SER EA 313 -44.45 -28.51 -43.48
N LYS EA 314 -44.78 -27.29 -43.91
CA LYS EA 314 -45.00 -26.21 -42.95
C LYS EA 314 -46.16 -26.52 -42.02
N GLY EA 315 -47.12 -27.32 -42.46
CA GLY EA 315 -48.21 -27.70 -41.60
C GLY EA 315 -49.08 -26.52 -41.24
N ILE EA 316 -49.35 -26.37 -39.94
CA ILE EA 316 -50.29 -25.36 -39.46
C ILE EA 316 -49.57 -24.07 -39.12
N THR EA 317 -48.53 -24.16 -38.29
CA THR EA 317 -47.89 -22.96 -37.76
C THR EA 317 -47.21 -22.16 -38.86
N GLY EA 318 -46.39 -22.83 -39.67
CA GLY EA 318 -45.60 -22.13 -40.66
C GLY EA 318 -46.39 -21.78 -41.91
N SER EA 319 -45.73 -21.00 -42.77
CA SER EA 319 -46.27 -20.63 -44.07
C SER EA 319 -45.11 -20.33 -44.99
N ILE EA 320 -45.41 -20.24 -46.29
CA ILE EA 320 -44.39 -20.05 -47.32
C ILE EA 320 -44.56 -18.67 -47.93
N CYS EA 321 -45.01 -17.70 -47.12
CA CYS EA 321 -45.24 -16.35 -47.64
C CYS EA 321 -43.97 -15.75 -48.21
N ASN EA 322 -42.82 -16.01 -47.58
CA ASN EA 322 -41.54 -15.53 -48.08
C ASN EA 322 -40.46 -16.59 -47.90
N ALA EA 323 -40.83 -17.87 -47.99
CA ALA EA 323 -39.86 -18.93 -47.79
C ALA EA 323 -38.81 -18.93 -48.89
N LYS EA 324 -37.55 -19.11 -48.49
CA LYS EA 324 -36.45 -19.18 -49.44
C LYS EA 324 -36.39 -20.59 -50.02
N THR EA 325 -36.72 -20.73 -51.30
CA THR EA 325 -36.77 -22.04 -51.91
C THR EA 325 -35.37 -22.57 -52.18
N ILE EA 326 -35.29 -23.89 -52.39
CA ILE EA 326 -34.03 -24.52 -52.72
C ILE EA 326 -33.55 -24.13 -54.12
N PHE EA 327 -34.43 -23.62 -54.97
CA PHE EA 327 -34.08 -23.36 -56.35
C PHE EA 327 -33.01 -22.29 -56.47
N GLU EA 328 -32.32 -22.30 -57.61
CA GLU EA 328 -31.18 -21.44 -57.85
C GLU EA 328 -31.47 -20.29 -58.82
N GLU EA 329 -32.51 -20.41 -59.65
CA GLU EA 329 -32.83 -19.37 -60.61
C GLU EA 329 -34.18 -19.69 -61.23
N VAL EA 330 -34.98 -18.65 -61.46
CA VAL EA 330 -36.31 -18.78 -62.06
C VAL EA 330 -36.26 -18.11 -63.43
N GLU EA 331 -36.63 -18.86 -64.47
CA GLU EA 331 -36.55 -18.32 -65.82
C GLU EA 331 -37.46 -17.13 -66.04
N PRO EA 332 -38.77 -17.18 -65.75
CA PRO EA 332 -39.61 -15.98 -65.91
C PRO EA 332 -39.44 -15.06 -64.71
N ARG EA 333 -38.75 -13.95 -64.91
CA ARG EA 333 -38.58 -12.91 -63.90
C ARG EA 333 -39.59 -11.81 -64.17
N LEU EA 334 -40.41 -11.50 -63.17
CA LEU EA 334 -41.56 -10.62 -63.33
C LEU EA 334 -41.33 -9.30 -62.60
N SER EA 335 -41.79 -8.21 -63.21
CA SER EA 335 -41.81 -6.93 -62.53
C SER EA 335 -42.87 -6.94 -61.45
N GLN EA 336 -42.90 -5.86 -60.66
CA GLN EA 336 -43.89 -5.75 -59.61
C GLN EA 336 -45.30 -5.72 -60.19
N SER EA 337 -45.49 -5.01 -61.30
CA SER EA 337 -46.79 -5.00 -61.96
C SER EA 337 -47.17 -6.39 -62.45
N GLU EA 338 -46.23 -7.09 -63.10
CA GLU EA 338 -46.49 -8.45 -63.55
C GLU EA 338 -46.73 -9.36 -62.36
N VAL EA 339 -45.98 -9.17 -61.27
CA VAL EA 339 -46.22 -9.94 -60.07
C VAL EA 339 -47.62 -9.65 -59.53
N LYS EA 340 -48.02 -8.38 -59.52
CA LYS EA 340 -49.32 -8.02 -59.00
C LYS EA 340 -50.44 -8.69 -59.79
N GLU EA 341 -50.31 -8.73 -61.11
CA GLU EA 341 -51.31 -9.39 -61.92
C GLU EA 341 -51.35 -10.88 -61.63
N CYS EA 342 -50.18 -11.53 -61.61
CA CYS EA 342 -50.15 -12.97 -61.33
C CYS EA 342 -50.68 -13.27 -59.94
N LEU EA 343 -50.28 -12.47 -58.95
CA LEU EA 343 -50.79 -12.68 -57.60
C LEU EA 343 -52.29 -12.42 -57.52
N LYS EA 344 -52.76 -11.39 -58.20
CA LYS EA 344 -54.20 -11.13 -58.22
C LYS EA 344 -54.96 -12.26 -58.90
N SER EA 345 -54.35 -12.90 -59.88
CA SER EA 345 -55.00 -13.98 -60.61
C SER EA 345 -54.97 -15.31 -59.86
N GLY EA 346 -54.44 -15.34 -58.64
CA GLY EA 346 -54.28 -16.58 -57.93
C GLY EA 346 -53.06 -17.39 -58.32
N THR EA 347 -52.28 -16.93 -59.29
CA THR EA 347 -51.05 -17.62 -59.66
C THR EA 347 -50.05 -17.52 -58.53
N LEU EA 348 -49.47 -18.66 -58.17
CA LEU EA 348 -48.35 -18.69 -57.22
C LEU EA 348 -47.06 -18.56 -58.00
N VAL EA 349 -46.27 -17.53 -57.67
CA VAL EA 349 -45.10 -17.16 -58.45
C VAL EA 349 -43.89 -17.10 -57.53
N LEU EA 350 -42.80 -17.71 -57.98
CA LEU EA 350 -41.51 -17.60 -57.31
C LEU EA 350 -40.75 -16.42 -57.90
N ASP EA 351 -40.11 -15.64 -57.04
CA ASP EA 351 -39.40 -14.43 -57.44
C ASP EA 351 -37.95 -14.52 -57.02
N PHE EA 352 -37.08 -13.96 -57.85
CA PHE EA 352 -35.64 -13.95 -57.63
C PHE EA 352 -35.26 -12.68 -56.90
N ASP EA 353 -34.60 -12.81 -55.75
CA ASP EA 353 -34.25 -11.66 -54.91
C ASP EA 353 -32.85 -11.89 -54.34
N ASP EA 354 -31.85 -11.22 -54.91
CA ASP EA 354 -30.51 -11.19 -54.34
C ASP EA 354 -29.90 -12.59 -54.24
N GLY EA 355 -30.01 -13.34 -55.33
CA GLY EA 355 -29.52 -14.69 -55.36
C GLY EA 355 -30.44 -15.72 -54.72
N ASP EA 356 -31.63 -15.32 -54.28
CA ASP EA 356 -32.56 -16.19 -53.58
C ASP EA 356 -33.87 -16.25 -54.32
N VAL EA 357 -34.35 -17.46 -54.57
CA VAL EA 357 -35.68 -17.68 -55.15
C VAL EA 357 -36.65 -17.83 -53.98
N ILE EA 358 -37.65 -16.95 -53.92
CA ILE EA 358 -38.55 -16.85 -52.78
C ILE EA 358 -39.99 -16.91 -53.28
N ILE EA 359 -40.77 -17.81 -52.68
CA ILE EA 359 -42.22 -17.83 -52.92
C ILE EA 359 -42.83 -16.58 -52.31
N VAL EA 360 -43.88 -16.08 -52.95
CA VAL EA 360 -44.49 -14.80 -52.58
C VAL EA 360 -45.95 -15.03 -52.23
N ASP EA 361 -46.32 -14.70 -50.98
CA ASP EA 361 -47.66 -14.41 -50.53
C ASP EA 361 -48.56 -15.64 -50.30
N ASP EA 362 -48.11 -16.85 -50.57
CA ASP EA 362 -48.82 -18.06 -50.14
C ASP EA 362 -50.18 -18.22 -50.82
N VAL EA 363 -50.40 -17.60 -51.97
CA VAL EA 363 -51.73 -17.56 -52.57
C VAL EA 363 -52.13 -18.92 -53.13
N ASN EA 364 -53.42 -19.07 -53.43
CA ASN EA 364 -53.94 -20.20 -54.18
C ASN EA 364 -54.77 -19.65 -55.34
N THR EA 365 -55.49 -20.53 -56.05
CA THR EA 365 -56.28 -20.07 -57.18
C THR EA 365 -57.51 -19.28 -56.75
N PHE EA 366 -57.98 -19.45 -55.52
CA PHE EA 366 -59.17 -18.73 -55.08
C PHE EA 366 -58.84 -17.27 -54.85
N LYS EA 367 -59.04 -16.44 -55.86
CA LYS EA 367 -58.92 -14.99 -55.71
C LYS EA 367 -60.03 -14.21 -56.41
N LYS EA 368 -60.88 -14.85 -57.22
CA LYS EA 368 -61.89 -14.12 -57.96
C LYS EA 368 -62.91 -13.47 -57.02
N TYR EA 369 -63.31 -14.19 -55.97
CA TYR EA 369 -64.41 -13.74 -55.12
C TYR EA 369 -63.90 -12.94 -53.91
N VAL EA 370 -63.09 -13.59 -53.06
CA VAL EA 370 -62.63 -13.08 -51.77
C VAL EA 370 -63.69 -12.25 -51.08
N ASP EA 371 -64.91 -12.80 -50.97
CA ASP EA 371 -66.07 -12.06 -50.47
C ASP EA 371 -65.93 -11.91 -48.96
N ASP EA 372 -65.22 -10.86 -48.55
CA ASP EA 372 -65.10 -10.49 -47.16
C ASP EA 372 -64.43 -11.59 -46.34
N LYS EA 373 -65.21 -12.45 -45.69
CA LYS EA 373 -64.62 -13.53 -44.89
C LYS EA 373 -63.82 -14.50 -45.76
N ASN EA 374 -64.16 -14.60 -47.04
CA ASN EA 374 -63.45 -15.50 -47.95
C ASN EA 374 -62.13 -14.93 -48.44
N GLU EA 375 -61.74 -13.73 -48.00
CA GLU EA 375 -60.43 -13.21 -48.33
C GLU EA 375 -59.33 -14.13 -47.80
N ALA EA 376 -59.49 -14.61 -46.57
CA ALA EA 376 -58.50 -15.51 -45.98
C ALA EA 376 -58.40 -16.81 -46.77
N MET EA 377 -59.49 -17.22 -47.41
CA MET EA 377 -59.49 -18.49 -48.14
C MET EA 377 -58.57 -18.48 -49.36
N GLY EA 378 -58.06 -17.32 -49.78
CA GLY EA 378 -57.17 -17.26 -50.90
C GLY EA 378 -55.74 -17.65 -50.62
N TYR EA 379 -55.40 -18.01 -49.38
CA TYR EA 379 -54.04 -18.33 -48.98
C TYR EA 379 -53.95 -19.79 -48.58
N ILE EA 380 -52.85 -20.43 -48.96
CA ILE EA 380 -52.69 -21.86 -48.75
C ILE EA 380 -52.69 -22.19 -47.26
N SER EA 381 -51.99 -21.39 -46.46
CA SER EA 381 -51.88 -21.67 -45.04
C SER EA 381 -53.25 -21.66 -44.36
N ASN EA 382 -54.11 -20.73 -44.76
CA ASN EA 382 -55.45 -20.69 -44.19
C ASN EA 382 -56.23 -21.94 -44.52
N ILE EA 383 -56.14 -22.41 -45.77
CA ILE EA 383 -56.87 -23.61 -46.17
C ILE EA 383 -56.32 -24.83 -45.45
N MET EA 384 -54.99 -24.94 -45.37
CA MET EA 384 -54.38 -26.05 -44.66
C MET EA 384 -54.82 -26.08 -43.20
N PHE EA 385 -54.91 -24.90 -42.58
CA PHE EA 385 -55.40 -24.82 -41.21
C PHE EA 385 -56.83 -25.32 -41.11
N ILE EA 386 -57.67 -24.96 -42.09
CA ILE EA 386 -59.08 -25.37 -42.05
C ILE EA 386 -59.19 -26.88 -42.25
N ASN EA 387 -58.49 -27.42 -43.25
CA ASN EA 387 -58.64 -28.82 -43.57
C ASN EA 387 -58.21 -29.72 -42.42
N THR EA 388 -57.12 -29.36 -41.75
CA THR EA 388 -56.60 -30.19 -40.67
C THR EA 388 -57.60 -30.29 -39.52
N ILE EA 389 -58.25 -29.18 -39.19
CA ILE EA 389 -59.24 -29.21 -38.12
C ILE EA 389 -60.39 -30.14 -38.51
N ASN EA 390 -60.82 -30.08 -39.76
CA ASN EA 390 -61.88 -30.97 -40.21
C ASN EA 390 -61.46 -32.43 -40.11
N LYS EA 391 -60.22 -32.73 -40.47
CA LYS EA 391 -59.72 -34.09 -40.35
C LYS EA 391 -59.70 -34.54 -38.90
N ASP EA 392 -59.21 -33.68 -37.99
CA ASP EA 392 -59.15 -34.06 -36.59
C ASP EA 392 -60.53 -34.29 -36.01
N THR EA 393 -61.49 -33.41 -36.33
CA THR EA 393 -62.85 -33.62 -35.88
C THR EA 393 -63.45 -34.88 -36.51
N SER EA 394 -63.12 -35.14 -37.78
CA SER EA 394 -63.62 -36.35 -38.43
C SER EA 394 -63.09 -37.60 -37.75
N LEU EA 395 -61.83 -37.57 -37.31
CA LEU EA 395 -61.29 -38.70 -36.57
C LEU EA 395 -62.04 -38.91 -35.26
N LYS EA 396 -62.22 -37.83 -34.49
CA LYS EA 396 -62.99 -37.95 -33.26
C LYS EA 396 -64.44 -38.34 -33.53
N ARG EA 397 -64.98 -37.92 -34.68
CA ARG EA 397 -66.35 -38.28 -35.02
C ARG EA 397 -66.51 -39.79 -35.13
N LYS EA 398 -65.64 -40.44 -35.89
CA LYS EA 398 -65.80 -41.86 -36.17
C LYS EA 398 -65.62 -42.72 -34.93
N GLU EA 399 -65.04 -42.18 -33.85
CA GLU EA 399 -64.97 -42.93 -32.59
C GLU EA 399 -66.31 -43.00 -31.88
N PHE EA 400 -67.28 -42.15 -32.25
CA PHE EA 400 -68.51 -42.00 -31.50
C PHE EA 400 -69.79 -42.14 -32.33
N VAL EA 401 -69.70 -42.15 -33.66
CA VAL EA 401 -70.91 -42.30 -34.49
C VAL EA 401 -71.55 -43.65 -34.20
N GLY EA 402 -72.73 -43.63 -33.61
CA GLY EA 402 -73.43 -44.86 -33.27
C GLY EA 402 -72.68 -45.74 -32.31
N LYS EA 403 -71.77 -45.18 -31.51
CA LYS EA 403 -70.96 -45.93 -30.56
C LYS EA 403 -70.89 -45.29 -29.19
N ILE EA 404 -71.61 -44.19 -28.96
CA ILE EA 404 -71.80 -43.62 -27.63
C ILE EA 404 -73.26 -43.21 -27.53
N PHE EA 405 -73.86 -43.44 -26.36
CA PHE EA 405 -75.26 -43.09 -26.16
C PHE EA 405 -75.45 -41.59 -26.30
N ASN EA 406 -76.42 -41.20 -27.14
CA ASN EA 406 -76.67 -39.80 -27.43
C ASN EA 406 -77.49 -39.15 -26.31
N ASP EA 407 -76.83 -38.99 -25.16
CA ASP EA 407 -77.40 -38.35 -23.99
C ASP EA 407 -76.62 -37.07 -23.70
N ALA EA 408 -77.19 -36.27 -22.79
CA ALA EA 408 -76.57 -34.98 -22.45
C ALA EA 408 -75.17 -35.18 -21.89
N THR EA 409 -75.00 -36.19 -21.04
CA THR EA 409 -73.67 -36.51 -20.53
C THR EA 409 -72.74 -36.93 -21.66
N GLY EA 410 -73.22 -37.79 -22.56
CA GLY EA 410 -72.40 -38.18 -23.69
C GLY EA 410 -72.07 -37.02 -24.61
N GLN EA 411 -73.07 -36.17 -24.88
CA GLN EA 411 -72.82 -34.98 -25.69
C GLN EA 411 -71.82 -34.06 -25.00
N THR EA 412 -71.96 -33.90 -23.69
CA THR EA 412 -70.98 -33.10 -22.94
C THR EA 412 -69.60 -33.73 -23.02
N THR EA 413 -69.53 -35.06 -23.07
CA THR EA 413 -68.25 -35.72 -23.25
C THR EA 413 -67.63 -35.35 -24.59
N VAL EA 414 -68.45 -35.34 -25.65
CA VAL EA 414 -67.95 -34.98 -26.97
C VAL EA 414 -67.45 -33.55 -26.99
N ILE EA 415 -68.23 -32.63 -26.40
CA ILE EA 415 -67.82 -31.23 -26.37
C ILE EA 415 -66.53 -31.07 -25.57
N CYS EA 416 -66.40 -31.82 -24.47
CA CYS EA 416 -65.16 -31.78 -23.71
C CYS EA 416 -63.99 -32.25 -24.56
N ALA EA 417 -64.20 -33.29 -25.36
CA ALA EA 417 -63.14 -33.77 -26.25
C ALA EA 417 -62.75 -32.71 -27.26
N LEU EA 418 -63.75 -32.15 -27.97
CA LEU EA 418 -63.46 -31.13 -28.96
C LEU EA 418 -62.85 -29.89 -28.32
N LYS EA 419 -63.40 -29.46 -27.19
CA LYS EA 419 -62.91 -28.25 -26.54
C LYS EA 419 -61.47 -28.42 -26.11
N LYS EA 420 -61.13 -29.58 -25.55
CA LYS EA 420 -59.75 -29.83 -25.17
C LYS EA 420 -58.84 -29.89 -26.38
N TYR EA 421 -59.32 -30.44 -27.49
CA TYR EA 421 -58.51 -30.52 -28.70
C TYR EA 421 -58.15 -29.14 -29.21
N PHE EA 422 -59.14 -28.23 -29.24
CA PHE EA 422 -58.85 -26.86 -29.61
C PHE EA 422 -57.89 -26.22 -28.62
N GLU EA 423 -58.04 -26.54 -27.33
CA GLU EA 423 -57.16 -25.97 -26.33
C GLU EA 423 -55.70 -26.35 -26.57
N GLU EA 424 -55.47 -27.51 -27.19
CA GLU EA 424 -54.11 -27.83 -27.61
C GLU EA 424 -53.63 -26.84 -28.66
N LEU EA 425 -54.50 -26.48 -29.60
CA LEU EA 425 -54.13 -25.50 -30.62
C LEU EA 425 -53.84 -24.15 -29.99
N MET EA 426 -54.53 -23.81 -28.90
CA MET EA 426 -54.17 -22.63 -28.14
C MET EA 426 -52.76 -22.76 -27.59
N SER EA 427 -52.41 -23.96 -27.09
CA SER EA 427 -51.08 -24.17 -26.54
C SER EA 427 -50.00 -23.98 -27.60
N GLN EA 428 -50.31 -24.31 -28.85
CA GLN EA 428 -49.36 -24.08 -29.93
C GLN EA 428 -49.23 -22.62 -30.32
N GLY EA 429 -50.11 -21.76 -29.83
CA GLY EA 429 -50.13 -20.38 -30.29
C GLY EA 429 -50.73 -20.19 -31.66
N ILE EA 430 -51.34 -21.23 -32.23
CA ILE EA 430 -51.94 -21.12 -33.56
C ILE EA 430 -53.12 -20.16 -33.54
N ILE EA 431 -53.92 -20.21 -32.48
CA ILE EA 431 -55.22 -19.55 -32.42
C ILE EA 431 -55.20 -18.57 -31.26
N SER EA 432 -55.76 -17.38 -31.50
CA SER EA 432 -55.89 -16.38 -30.46
C SER EA 432 -57.14 -16.58 -29.61
N GLU EA 433 -58.27 -16.90 -30.24
CA GLU EA 433 -59.50 -17.17 -29.51
C GLU EA 433 -60.28 -18.26 -30.23
N PHE EA 434 -61.02 -19.04 -29.45
CA PHE EA 434 -61.83 -20.12 -29.99
C PHE EA 434 -63.05 -20.33 -29.11
N ASN EA 435 -64.09 -20.88 -29.72
CA ASN EA 435 -65.30 -21.28 -29.00
C ASN EA 435 -65.89 -22.50 -29.68
N VAL EA 436 -66.34 -23.45 -28.88
CA VAL EA 436 -67.09 -24.61 -29.37
C VAL EA 436 -68.26 -24.84 -28.42
N ASP EA 437 -69.45 -24.99 -28.98
CA ASP EA 437 -70.67 -25.06 -28.18
C ASP EA 437 -71.67 -25.98 -28.86
N ILE EA 438 -72.77 -26.23 -28.16
CA ILE EA 438 -73.86 -27.04 -28.71
C ILE EA 438 -74.58 -26.23 -29.79
N ASP EA 439 -74.79 -26.86 -30.94
CA ASP EA 439 -75.57 -26.26 -32.01
C ASP EA 439 -77.05 -26.49 -31.67
N THR EA 440 -77.62 -25.53 -30.93
CA THR EA 440 -78.98 -25.69 -30.46
C THR EA 440 -79.98 -25.84 -31.59
N GLU EA 441 -79.70 -25.22 -32.74
CA GLU EA 441 -80.62 -25.30 -33.87
C GLU EA 441 -80.69 -26.73 -34.42
N LEU EA 442 -79.56 -27.25 -34.88
CA LEU EA 442 -79.53 -28.62 -35.39
C LEU EA 442 -79.70 -29.67 -34.29
N GLN EA 443 -79.62 -29.28 -33.02
CA GLN EA 443 -79.85 -30.22 -31.93
C GLN EA 443 -81.33 -30.55 -31.75
N ALA EA 444 -82.24 -29.80 -32.39
CA ALA EA 444 -83.66 -30.05 -32.23
C ALA EA 444 -84.11 -31.39 -32.79
N THR EA 445 -83.30 -32.02 -33.65
CA THR EA 445 -83.68 -33.26 -34.35
C THR EA 445 -82.54 -34.27 -34.27
N ALA EA 446 -82.00 -34.47 -33.07
CA ALA EA 446 -80.81 -35.31 -32.92
C ALA EA 446 -81.16 -36.78 -33.09
N LYS EA 447 -80.13 -37.57 -33.42
CA LYS EA 447 -80.22 -39.02 -33.51
C LYS EA 447 -78.93 -39.60 -32.96
N ALA EA 448 -78.70 -40.90 -33.20
CA ALA EA 448 -77.61 -41.61 -32.55
C ALA EA 448 -76.26 -41.03 -32.94
N ASP EA 449 -76.06 -40.79 -34.25
CA ASP EA 449 -74.84 -40.17 -34.77
C ASP EA 449 -75.11 -38.82 -35.41
N GLU EA 450 -76.24 -38.19 -35.09
CA GLU EA 450 -76.63 -36.91 -35.67
C GLU EA 450 -76.71 -35.82 -34.60
N PHE EA 451 -75.91 -35.94 -33.54
CA PHE EA 451 -75.67 -34.80 -32.67
C PHE EA 451 -74.85 -33.77 -33.42
N TYR EA 452 -75.23 -32.49 -33.26
CA TYR EA 452 -74.66 -31.41 -34.05
C TYR EA 452 -74.11 -30.32 -33.14
N TRP EA 453 -73.02 -29.71 -33.61
CA TRP EA 453 -72.22 -28.80 -32.82
C TRP EA 453 -71.68 -27.72 -33.74
N LYS EA 454 -71.30 -26.59 -33.15
CA LYS EA 454 -70.77 -25.46 -33.89
C LYS EA 454 -69.58 -24.88 -33.15
N TRP EA 455 -68.75 -24.16 -33.89
CA TRP EA 455 -67.53 -23.59 -33.34
C TRP EA 455 -67.04 -22.49 -34.26
N ASP EA 456 -66.13 -21.68 -33.74
CA ASP EA 456 -65.41 -20.73 -34.56
C ASP EA 456 -64.12 -20.35 -33.84
N ALA EA 457 -63.10 -20.02 -34.61
CA ALA EA 457 -61.77 -19.78 -34.07
C ALA EA 457 -61.13 -18.62 -34.83
N VAL EA 458 -60.07 -18.08 -34.23
CA VAL EA 458 -59.34 -16.94 -34.76
C VAL EA 458 -57.90 -17.38 -34.96
N LYS EA 459 -57.57 -17.78 -36.18
CA LYS EA 459 -56.22 -18.23 -36.49
C LYS EA 459 -55.25 -17.06 -36.42
N VAL EA 460 -54.06 -17.34 -35.87
CA VAL EA 460 -52.98 -16.36 -35.85
C VAL EA 460 -52.21 -16.48 -37.16
N ASP EA 461 -52.04 -15.35 -37.84
CA ASP EA 461 -51.40 -15.32 -39.15
C ASP EA 461 -49.92 -14.95 -39.01
N VAL EA 462 -49.16 -15.28 -40.05
CA VAL EA 462 -47.73 -14.96 -40.09
C VAL EA 462 -47.56 -13.55 -40.64
N MET EA 463 -46.61 -12.81 -40.06
CA MET EA 463 -46.37 -11.44 -40.49
C MET EA 463 -45.93 -11.41 -41.95
N LYS EA 464 -46.56 -10.53 -42.73
CA LYS EA 464 -46.40 -10.50 -44.18
C LYS EA 464 -45.89 -9.18 -44.72
N LYS EA 465 -46.33 -8.05 -44.17
CA LYS EA 465 -45.92 -6.75 -44.69
C LYS EA 465 -45.77 -5.76 -43.55
N ILE EA 466 -44.92 -4.76 -43.78
CA ILE EA 466 -44.60 -3.73 -42.81
C ILE EA 466 -44.67 -2.38 -43.52
N TYR EA 467 -45.28 -1.40 -42.85
CA TYR EA 467 -45.32 -0.02 -43.34
C TYR EA 467 -44.66 0.87 -42.30
N GLY EA 468 -43.66 1.63 -42.74
CA GLY EA 468 -42.96 2.57 -41.89
C GLY EA 468 -43.16 3.98 -42.39
N THR EA 469 -43.19 4.93 -41.44
CA THR EA 469 -43.37 6.34 -41.76
C THR EA 469 -42.32 7.13 -40.98
N GLY EA 470 -41.32 7.65 -41.68
CA GLY EA 470 -40.27 8.40 -41.05
C GLY EA 470 -40.62 9.87 -40.87
N TYR EA 471 -41.02 10.25 -39.66
CA TYR EA 471 -41.29 11.65 -39.36
C TYR EA 471 -39.98 12.39 -39.21
N LEU EA 472 -39.90 13.56 -39.83
CA LEU EA 472 -38.66 14.31 -39.88
C LEU EA 472 -38.93 15.81 -39.95
N GLU FA 13 -51.41 -4.42 -51.74
CA GLU FA 13 -49.95 -4.38 -52.00
C GLU FA 13 -49.33 -5.76 -51.83
N ILE FA 14 -48.17 -5.97 -52.44
CA ILE FA 14 -47.46 -7.24 -52.36
C ILE FA 14 -46.90 -7.37 -50.94
N PRO FA 15 -46.78 -8.58 -50.38
CA PRO FA 15 -46.06 -8.70 -49.11
C PRO FA 15 -44.63 -8.24 -49.25
N GLY FA 16 -44.12 -7.61 -48.20
CA GLY FA 16 -42.77 -7.10 -48.19
C GLY FA 16 -42.69 -5.86 -47.33
N PHE FA 17 -41.54 -5.19 -47.42
CA PHE FA 17 -41.25 -4.02 -46.60
C PHE FA 17 -41.47 -2.77 -47.42
N TYR FA 18 -42.23 -1.83 -46.85
CA TYR FA 18 -42.50 -0.54 -47.47
C TYR FA 18 -42.28 0.56 -46.45
N ASN FA 19 -41.86 1.72 -46.91
CA ASN FA 19 -41.57 2.83 -46.01
C ASN FA 19 -41.78 4.15 -46.74
N ARG FA 20 -42.15 5.16 -45.95
CA ARG FA 20 -42.32 6.52 -46.45
C ARG FA 20 -41.75 7.48 -45.42
N PHE FA 21 -41.66 8.74 -45.81
CA PHE FA 21 -41.15 9.81 -44.96
C PHE FA 21 -42.09 11.00 -45.02
N LYS FA 22 -42.21 11.71 -43.90
CA LYS FA 22 -43.12 12.83 -43.79
C LYS FA 22 -42.47 13.91 -42.93
N THR FA 23 -42.81 15.17 -43.20
CA THR FA 23 -42.36 16.26 -42.37
C THR FA 23 -43.05 16.19 -41.01
N GLN FA 24 -42.33 16.62 -39.98
CA GLN FA 24 -42.85 16.54 -38.62
C GLN FA 24 -44.13 17.34 -38.45
N ALA FA 25 -44.32 18.39 -39.25
CA ALA FA 25 -45.59 19.10 -39.24
C ALA FA 25 -46.74 18.22 -39.67
N GLU FA 26 -46.48 17.15 -40.42
CA GLU FA 26 -47.51 16.21 -40.82
C GLU FA 26 -47.89 15.23 -39.72
N LYS FA 27 -47.29 15.35 -38.53
CA LYS FA 27 -47.62 14.47 -37.43
C LYS FA 27 -49.09 14.61 -37.05
N SER FA 28 -49.68 13.51 -36.60
CA SER FA 28 -51.05 13.52 -36.11
C SER FA 28 -51.10 14.17 -34.73
N THR FA 29 -50.90 15.49 -34.69
CA THR FA 29 -50.86 16.23 -33.43
C THR FA 29 -52.25 16.60 -32.91
N ASN FA 30 -53.32 16.19 -33.60
CA ASN FA 30 -54.66 16.55 -33.16
C ASN FA 30 -55.02 15.93 -31.81
N THR FA 31 -54.29 14.92 -31.37
CA THR FA 31 -54.55 14.31 -30.07
C THR FA 31 -54.29 15.31 -28.96
N GLY FA 32 -55.17 15.30 -27.95
CA GLY FA 32 -55.00 16.10 -26.76
C GLY FA 32 -55.59 17.49 -26.80
N LEU FA 33 -56.12 17.92 -27.94
CA LEU FA 33 -56.71 19.25 -28.02
C LEU FA 33 -58.09 19.25 -27.37
N LYS FA 34 -58.63 20.46 -27.18
CA LYS FA 34 -59.92 20.64 -26.53
C LYS FA 34 -60.71 21.73 -27.23
N GLY FA 35 -62.01 21.73 -26.99
CA GLY FA 35 -62.86 22.87 -27.32
C GLY FA 35 -63.45 22.79 -28.71
N ARG FA 36 -64.57 23.51 -28.88
CA ARG FA 36 -65.30 23.59 -30.14
C ARG FA 36 -65.63 25.03 -30.47
N LEU FA 37 -65.41 25.42 -31.73
CA LEU FA 37 -65.61 26.77 -32.20
C LEU FA 37 -66.39 26.77 -33.51
N ALA FA 38 -67.10 27.87 -33.75
CA ALA FA 38 -67.94 28.05 -34.92
C ALA FA 38 -67.55 29.31 -35.66
N MET FA 39 -67.78 29.31 -36.98
CA MET FA 39 -67.39 30.43 -37.84
C MET FA 39 -68.27 30.49 -39.08
N PRO FA 40 -68.88 31.66 -39.42
CA PRO FA 40 -69.54 31.80 -40.74
C PRO FA 40 -68.58 32.30 -41.81
N ILE FA 41 -67.74 31.41 -42.30
CA ILE FA 41 -66.61 31.81 -43.14
C ILE FA 41 -67.08 32.16 -44.55
N ARG FA 42 -66.44 33.17 -45.12
CA ARG FA 42 -66.45 33.37 -46.57
C ARG FA 42 -65.35 32.52 -47.18
N ALA FA 43 -65.68 31.75 -48.21
CA ALA FA 43 -64.73 30.81 -48.79
C ALA FA 43 -64.85 30.81 -50.31
N ASN FA 44 -63.70 30.75 -50.98
CA ASN FA 44 -63.67 30.62 -52.43
C ASN FA 44 -64.01 29.21 -52.90
N TRP FA 45 -63.87 28.21 -52.04
CA TRP FA 45 -63.94 26.82 -52.46
C TRP FA 45 -64.60 26.01 -51.36
N GLY FA 46 -65.28 24.93 -51.74
CA GLY FA 46 -65.85 23.99 -50.81
C GLY FA 46 -67.37 24.06 -50.79
N ASP FA 47 -67.94 23.22 -49.92
CA ASP FA 47 -69.39 23.13 -49.79
C ASP FA 47 -69.96 24.48 -49.36
N VAL FA 48 -71.17 24.77 -49.87
CA VAL FA 48 -71.83 26.05 -49.68
C VAL FA 48 -73.06 25.84 -48.81
N GLY FA 49 -73.26 26.75 -47.86
CA GLY FA 49 -74.50 26.80 -47.11
C GLY FA 49 -74.68 25.69 -46.09
N LYS FA 50 -73.59 25.09 -45.60
CA LYS FA 50 -73.68 24.00 -44.65
C LYS FA 50 -72.53 24.09 -43.67
N VAL FA 51 -72.75 23.53 -42.48
CA VAL FA 51 -71.71 23.44 -41.47
C VAL FA 51 -70.85 22.22 -41.75
N VAL FA 52 -69.55 22.36 -41.53
CA VAL FA 52 -68.60 21.26 -41.68
C VAL FA 52 -67.65 21.29 -40.50
N THR FA 53 -67.31 20.11 -39.99
CA THR FA 53 -66.40 19.96 -38.86
C THR FA 53 -65.02 19.61 -39.37
N ILE FA 54 -64.01 20.27 -38.82
CA ILE FA 54 -62.61 19.98 -39.11
C ILE FA 54 -61.93 19.59 -37.80
N LYS FA 55 -61.07 18.57 -37.86
CA LYS FA 55 -60.44 17.99 -36.70
C LYS FA 55 -59.08 18.63 -36.39
N ASN FA 56 -58.93 19.92 -36.66
CA ASN FA 56 -57.68 20.64 -36.41
C ASN FA 56 -56.54 20.07 -37.28
N ASP FA 57 -56.73 20.17 -38.59
CA ASP FA 57 -55.71 19.79 -39.56
C ASP FA 57 -55.64 20.85 -40.66
N LEU FA 58 -54.45 21.40 -40.87
CA LEU FA 58 -54.28 22.45 -41.86
C LEU FA 58 -54.61 21.94 -43.26
N ARG FA 59 -54.14 20.75 -43.61
CA ARG FA 59 -54.39 20.19 -44.93
C ARG FA 59 -55.88 19.97 -45.14
N GLN FA 60 -56.57 19.49 -44.11
CA GLN FA 60 -58.01 19.30 -44.20
C GLN FA 60 -58.71 20.61 -44.49
N LEU FA 61 -58.31 21.68 -43.79
CA LEU FA 61 -58.84 23.00 -44.12
C LEU FA 61 -58.44 23.41 -45.53
N LYS FA 62 -57.20 23.12 -45.92
CA LYS FA 62 -56.75 23.47 -47.26
C LYS FA 62 -57.57 22.77 -48.33
N ASN FA 63 -57.77 21.47 -48.17
CA ASN FA 63 -58.53 20.73 -49.17
C ASN FA 63 -59.99 21.15 -49.18
N LEU FA 64 -60.57 21.38 -48.00
CA LEU FA 64 -62.00 21.66 -47.93
C LEU FA 64 -62.34 23.07 -48.39
N PHE FA 65 -61.40 24.03 -48.25
CA PHE FA 65 -61.70 25.43 -48.57
C PHE FA 65 -60.54 26.14 -49.26
N GLY FA 66 -59.60 25.42 -49.84
CA GLY FA 66 -58.53 26.07 -50.55
C GLY FA 66 -57.58 26.75 -49.58
N ASP FA 67 -56.71 27.60 -50.15
CA ASP FA 67 -55.67 28.27 -49.40
C ASP FA 67 -55.50 29.73 -49.81
N ASP FA 68 -56.59 30.38 -50.21
CA ASP FA 68 -56.54 31.79 -50.61
C ASP FA 68 -56.63 32.66 -49.36
N MET FA 69 -55.51 33.33 -49.04
CA MET FA 69 -55.50 34.22 -47.89
C MET FA 69 -56.40 35.43 -48.08
N ASN FA 70 -56.72 35.78 -49.33
CA ASN FA 70 -57.65 36.89 -49.55
C ASN FA 70 -59.03 36.59 -48.99
N TYR FA 71 -59.40 35.31 -48.94
CA TYR FA 71 -60.70 34.90 -48.44
C TYR FA 71 -60.62 34.59 -46.95
N SER FA 72 -61.69 34.96 -46.22
CA SER FA 72 -61.68 34.81 -44.77
C SER FA 72 -61.58 33.37 -44.32
N ALA FA 73 -61.90 32.41 -45.17
CA ALA FA 73 -61.89 31.00 -44.78
C ALA FA 73 -60.50 30.54 -44.36
N PHE FA 74 -59.55 30.55 -45.30
CA PHE FA 74 -58.21 30.08 -44.98
C PHE FA 74 -57.52 31.00 -43.99
N LYS FA 75 -57.70 32.31 -44.15
CA LYS FA 75 -57.03 33.27 -43.27
C LYS FA 75 -57.44 33.07 -41.82
N LEU FA 76 -58.71 33.29 -41.52
CA LEU FA 76 -59.18 33.14 -40.15
C LEU FA 76 -59.14 31.69 -39.71
N GLY FA 77 -59.42 30.76 -40.62
CA GLY FA 77 -59.34 29.35 -40.27
C GLY FA 77 -57.96 28.94 -39.81
N LYS FA 78 -56.92 29.48 -40.45
CA LYS FA 78 -55.57 29.21 -40.01
C LYS FA 78 -55.34 29.73 -38.60
N LEU FA 79 -55.82 30.94 -38.31
CA LEU FA 79 -55.64 31.51 -36.98
C LEU FA 79 -56.36 30.66 -35.93
N ALA FA 80 -57.60 30.29 -36.20
CA ALA FA 80 -58.32 29.42 -35.27
C ALA FA 80 -57.63 28.08 -35.13
N LEU FA 81 -57.11 27.56 -36.24
CA LEU FA 81 -56.36 26.31 -36.18
C LEU FA 81 -55.12 26.46 -35.29
N LEU FA 82 -54.43 27.60 -35.41
CA LEU FA 82 -53.30 27.86 -34.54
C LEU FA 82 -53.71 27.99 -33.08
N GLY FA 83 -54.98 28.28 -32.81
CA GLY FA 83 -55.47 28.35 -31.45
C GLY FA 83 -55.67 27.02 -30.76
N ASN FA 84 -55.40 25.90 -31.45
CA ASN FA 84 -55.39 24.57 -30.84
C ASN FA 84 -56.81 24.15 -30.41
N VAL FA 85 -57.80 24.47 -31.23
CA VAL FA 85 -59.17 24.02 -30.97
C VAL FA 85 -59.32 22.58 -31.44
N LYS FA 86 -60.01 21.77 -30.65
CA LYS FA 86 -60.18 20.37 -31.01
C LYS FA 86 -60.98 20.21 -32.30
N GLU FA 87 -62.06 20.99 -32.44
CA GLU FA 87 -62.96 20.86 -33.58
C GLU FA 87 -63.46 22.24 -33.98
N LEU FA 88 -63.38 22.55 -35.27
CA LEU FA 88 -63.80 23.83 -35.82
C LEU FA 88 -64.99 23.59 -36.74
N LEU FA 89 -66.10 24.25 -36.45
CA LEU FA 89 -67.36 24.08 -37.18
C LEU FA 89 -67.48 25.26 -38.16
N LEU FA 90 -67.06 25.03 -39.40
CA LEU FA 90 -67.03 26.08 -40.41
C LEU FA 90 -68.30 26.04 -41.26
N TYR FA 91 -68.84 27.22 -41.53
CA TYR FA 91 -69.98 27.40 -42.42
C TYR FA 91 -69.57 28.33 -43.55
N ARG FA 92 -69.73 27.88 -44.78
CA ARG FA 92 -69.40 28.70 -45.94
C ARG FA 92 -70.53 29.69 -46.17
N LEU FA 93 -70.43 30.86 -45.55
CA LEU FA 93 -71.34 31.94 -45.86
C LEU FA 93 -71.19 32.33 -47.33
N VAL FA 94 -72.31 32.69 -47.96
CA VAL FA 94 -72.33 33.03 -49.37
C VAL FA 94 -73.33 34.14 -49.61
N ASP FA 95 -73.10 34.91 -50.67
CA ASP FA 95 -73.99 35.99 -51.07
C ASP FA 95 -75.19 35.51 -51.88
N GLY FA 96 -75.15 34.28 -52.37
CA GLY FA 96 -75.99 33.89 -53.48
C GLY FA 96 -75.22 34.07 -54.78
N ASN FA 97 -75.97 34.04 -55.88
CA ASN FA 97 -75.37 34.11 -57.21
C ASN FA 97 -74.36 32.98 -57.43
N GLN FA 98 -74.60 31.85 -56.78
CA GLN FA 98 -73.62 30.79 -56.71
C GLN FA 98 -73.56 30.02 -58.02
N LYS FA 99 -72.33 29.68 -58.43
CA LYS FA 99 -72.14 28.89 -59.63
C LYS FA 99 -70.87 28.07 -59.48
N LYS FA 100 -70.80 26.99 -60.26
CA LYS FA 100 -69.66 26.11 -60.32
C LYS FA 100 -68.93 26.31 -61.65
N GLY FA 101 -67.61 26.28 -61.60
CA GLY FA 101 -66.82 26.31 -62.82
C GLY FA 101 -67.19 25.13 -63.68
N THR FA 102 -67.43 25.39 -64.97
CA THR FA 102 -67.94 24.36 -65.88
C THR FA 102 -67.33 24.55 -67.25
N LEU FA 103 -67.30 23.47 -68.01
CA LEU FA 103 -66.78 23.49 -69.37
C LEU FA 103 -67.36 22.31 -70.12
N THR FA 104 -67.42 22.44 -71.43
CA THR FA 104 -67.93 21.40 -72.31
C THR FA 104 -66.91 21.13 -73.41
N LEU FA 105 -66.56 19.87 -73.61
CA LEU FA 105 -65.55 19.44 -74.56
C LEU FA 105 -66.20 18.70 -75.72
N LYS FA 106 -65.62 18.86 -76.91
CA LYS FA 106 -66.28 18.49 -78.16
C LYS FA 106 -65.45 17.48 -78.95
N ASP FA 107 -66.14 16.79 -79.85
CA ASP FA 107 -65.58 15.71 -80.63
C ASP FA 107 -65.01 16.24 -81.95
N THR FA 108 -64.00 15.55 -82.46
CA THR FA 108 -63.29 15.97 -83.67
C THR FA 108 -63.98 15.51 -84.95
N THR FA 109 -64.28 14.21 -85.06
CA THR FA 109 -64.69 13.63 -86.34
C THR FA 109 -65.98 14.27 -86.85
N GLU FA 110 -66.89 14.63 -85.96
CA GLU FA 110 -68.10 15.32 -86.38
C GLU FA 110 -67.76 16.73 -86.82
N ASN FA 111 -68.03 17.05 -88.09
CA ASN FA 111 -67.75 18.38 -88.59
C ASN FA 111 -68.57 19.45 -87.87
N SER FA 112 -69.70 19.08 -87.27
CA SER FA 112 -70.41 19.98 -86.38
C SER FA 112 -69.75 20.10 -85.02
N ALA FA 113 -68.71 19.31 -84.73
CA ALA FA 113 -67.99 19.35 -83.46
C ALA FA 113 -68.95 19.07 -82.29
N LYS FA 114 -69.46 17.84 -82.29
CA LYS FA 114 -70.45 17.44 -81.31
C LYS FA 114 -69.90 17.55 -79.90
N ASP FA 115 -70.67 18.19 -79.02
CA ASP FA 115 -70.33 18.25 -77.61
C ASP FA 115 -70.72 16.95 -76.93
N VAL FA 116 -69.75 16.32 -76.25
CA VAL FA 116 -69.90 14.95 -75.77
C VAL FA 116 -69.65 14.86 -74.26
N ILE FA 117 -68.84 15.77 -73.71
CA ILE FA 117 -68.45 15.74 -72.31
C ILE FA 117 -68.57 17.12 -71.72
N LYS FA 118 -69.17 17.20 -70.53
CA LYS FA 118 -69.21 18.40 -69.72
C LYS FA 118 -68.44 18.16 -68.44
N LEU FA 119 -67.48 19.03 -68.15
CA LEU FA 119 -66.71 19.00 -66.91
C LEU FA 119 -67.23 20.08 -65.98
N GLU FA 120 -67.08 19.85 -64.68
CA GLU FA 120 -67.58 20.78 -63.68
C GLU FA 120 -66.73 20.68 -62.42
N THR FA 121 -66.52 21.81 -61.76
CA THR FA 121 -65.81 21.81 -60.49
C THR FA 121 -66.61 21.06 -59.44
N LYS FA 122 -65.90 20.47 -58.48
CA LYS FA 122 -66.57 19.70 -57.44
C LYS FA 122 -67.48 20.59 -56.59
N TYR FA 123 -67.03 21.80 -56.28
CA TYR FA 123 -67.76 22.75 -55.47
C TYR FA 123 -67.86 24.08 -56.22
N PRO FA 124 -68.80 24.94 -55.83
CA PRO FA 124 -68.84 26.28 -56.42
C PRO FA 124 -67.58 27.06 -56.07
N THR FA 125 -67.13 27.88 -57.02
CA THR FA 125 -65.94 28.69 -56.83
C THR FA 125 -65.84 29.65 -58.00
N ALA FA 126 -64.76 30.45 -57.99
CA ALA FA 126 -64.41 31.33 -59.09
C ALA FA 126 -62.94 31.21 -59.48
N ARG FA 127 -62.20 30.28 -58.89
CA ARG FA 127 -60.78 30.13 -59.20
C ARG FA 127 -60.60 29.61 -60.62
N ASN FA 128 -59.41 29.81 -61.16
CA ASN FA 128 -59.13 29.57 -62.58
C ASN FA 128 -58.70 28.11 -62.77
N PHE FA 129 -59.70 27.24 -62.83
CA PHE FA 129 -59.46 25.88 -63.31
C PHE FA 129 -59.42 25.88 -64.83
N ASN FA 130 -58.43 25.20 -65.39
CA ASN FA 130 -58.21 25.18 -66.83
C ASN FA 130 -57.93 23.75 -67.28
N VAL FA 131 -58.26 23.49 -68.54
CA VAL FA 131 -58.10 22.17 -69.15
C VAL FA 131 -57.22 22.31 -70.38
N THR FA 132 -56.27 21.39 -70.52
CA THR FA 132 -55.42 21.30 -71.71
C THR FA 132 -55.42 19.85 -72.16
N ILE FA 133 -55.86 19.62 -73.39
CA ILE FA 133 -55.87 18.31 -74.03
C ILE FA 133 -55.00 18.40 -75.27
N LYS FA 134 -54.03 17.48 -75.37
CA LYS FA 134 -53.12 17.41 -76.50
C LYS FA 134 -53.08 15.97 -77.00
N SER FA 135 -52.70 15.82 -78.26
CA SER FA 135 -52.55 14.50 -78.83
C SER FA 135 -51.46 13.74 -78.09
N ASN FA 136 -51.80 12.53 -77.66
CA ASN FA 136 -50.81 11.68 -76.99
C ASN FA 136 -49.74 11.30 -78.00
N LEU FA 137 -48.51 11.76 -77.76
CA LEU FA 137 -47.45 11.64 -78.75
C LEU FA 137 -47.13 10.17 -79.03
N VAL FA 138 -47.22 9.31 -78.01
CA VAL FA 138 -46.95 7.89 -78.21
C VAL FA 138 -47.97 7.29 -79.17
N ASP FA 139 -49.25 7.64 -78.99
CA ASP FA 139 -50.33 7.01 -79.75
C ASP FA 139 -51.44 8.03 -79.96
N SER FA 140 -51.73 8.33 -81.22
CA SER FA 140 -52.82 9.25 -81.53
C SER FA 140 -54.18 8.70 -81.12
N ASP FA 141 -54.31 7.37 -81.02
CA ASP FA 141 -55.58 6.78 -80.61
C ASP FA 141 -55.96 7.13 -79.17
N LYS FA 142 -54.99 7.55 -78.37
CA LYS FA 142 -55.23 8.10 -77.04
C LYS FA 142 -54.88 9.58 -77.03
N LYS FA 143 -55.19 10.23 -75.91
CA LYS FA 143 -54.84 11.63 -75.73
C LYS FA 143 -54.62 11.91 -74.25
N ASP FA 144 -53.71 12.83 -73.98
CA ASP FA 144 -53.34 13.17 -72.61
C ASP FA 144 -54.25 14.28 -72.10
N PHE FA 145 -54.98 13.99 -71.04
CA PHE FA 145 -55.87 14.95 -70.39
C PHE FA 145 -55.16 15.51 -69.17
N ILE FA 146 -54.72 16.75 -69.26
CA ILE FA 146 -54.02 17.44 -68.19
C ILE FA 146 -54.93 18.53 -67.65
N PHE FA 147 -55.22 18.45 -66.36
CA PHE FA 147 -56.08 19.39 -65.66
C PHE FA 147 -55.23 20.44 -64.95
N PHE FA 148 -55.60 21.70 -65.13
CA PHE FA 148 -54.82 22.83 -64.64
C PHE FA 148 -55.66 23.69 -63.71
N GLU FA 149 -54.99 24.29 -62.74
CA GLU FA 149 -55.52 25.40 -61.96
C GLU FA 149 -54.60 26.59 -62.25
N ASN FA 150 -55.08 27.51 -63.08
CA ASN FA 150 -54.27 28.63 -63.55
C ASN FA 150 -53.09 28.04 -64.31
N THR FA 151 -51.89 28.64 -64.25
CA THR FA 151 -50.75 28.08 -64.95
C THR FA 151 -50.22 26.79 -64.32
N LYS FA 152 -50.71 26.43 -63.13
CA LYS FA 152 -50.19 25.25 -62.44
C LYS FA 152 -50.89 23.99 -62.91
N GLN FA 153 -50.11 22.97 -63.23
CA GLN FA 153 -50.67 21.64 -63.46
C GLN FA 153 -51.29 21.14 -62.16
N LEU FA 154 -52.41 20.43 -62.30
CA LEU FA 154 -53.14 19.88 -61.16
C LEU FA 154 -53.40 18.40 -61.27
N PHE FA 155 -53.43 17.83 -62.47
CA PHE FA 155 -53.63 16.40 -62.65
C PHE FA 155 -53.44 16.06 -64.12
N SER FA 156 -52.83 14.91 -64.40
CA SER FA 156 -52.60 14.45 -65.76
C SER FA 156 -52.99 12.98 -65.88
N SER FA 157 -53.44 12.61 -67.08
CA SER FA 157 -53.79 11.23 -67.36
C SER FA 157 -54.08 11.07 -68.85
N SER FA 158 -53.64 9.95 -69.41
CA SER FA 158 -54.05 9.55 -70.75
C SER FA 158 -55.34 8.75 -70.66
N ILE FA 159 -56.07 8.68 -71.77
CA ILE FA 159 -57.42 8.13 -71.77
C ILE FA 159 -57.76 7.55 -73.14
N LYS FA 160 -58.66 6.56 -73.12
CA LYS FA 160 -59.22 6.00 -74.33
C LYS FA 160 -60.18 7.00 -74.98
N GLY FA 161 -60.43 6.81 -76.27
CA GLY FA 161 -61.27 7.75 -77.02
C GLY FA 161 -62.75 7.65 -76.73
N THR FA 162 -63.23 6.51 -76.25
CA THR FA 162 -64.65 6.36 -75.97
C THR FA 162 -65.08 7.29 -74.85
N ILE FA 163 -66.28 7.87 -75.00
CA ILE FA 163 -66.70 8.95 -74.12
C ILE FA 163 -66.90 8.46 -72.70
N ASP FA 164 -67.53 7.30 -72.54
CA ASP FA 164 -67.87 6.81 -71.21
C ASP FA 164 -66.64 6.57 -70.36
N GLU FA 165 -65.58 6.01 -70.95
CA GLU FA 165 -64.35 5.84 -70.21
C GLU FA 165 -63.72 7.18 -69.85
N ILE FA 166 -63.80 8.16 -70.75
CA ILE FA 166 -63.16 9.45 -70.50
C ILE FA 166 -63.77 10.11 -69.26
N VAL FA 167 -65.10 10.12 -69.19
CA VAL FA 167 -65.77 10.66 -68.01
C VAL FA 167 -65.43 9.82 -66.79
N LEU FA 168 -65.35 8.49 -66.97
CA LEU FA 168 -64.99 7.63 -65.85
C LEU FA 168 -63.55 7.86 -65.41
N GLU FA 169 -62.62 7.91 -66.37
CA GLU FA 169 -61.21 8.10 -66.02
C GLU FA 169 -60.97 9.41 -65.31
N ILE FA 170 -61.62 10.48 -65.76
CA ILE FA 170 -61.50 11.76 -65.06
C ILE FA 170 -62.05 11.62 -63.65
N ASN FA 171 -63.23 11.02 -63.51
CA ASN FA 171 -63.80 10.80 -62.20
C ASN FA 171 -63.12 9.67 -61.43
N SER FA 172 -62.23 8.91 -62.06
CA SER FA 172 -61.58 7.76 -61.45
C SER FA 172 -60.34 8.13 -60.65
N ASN FA 173 -59.44 8.93 -61.24
CA ASN FA 173 -58.14 9.12 -60.65
C ASN FA 173 -58.23 9.90 -59.34
N LEU FA 174 -57.21 9.72 -58.51
CA LEU FA 174 -57.23 10.27 -57.15
C LEU FA 174 -57.20 11.79 -57.17
N ASP FA 175 -56.46 12.40 -58.09
CA ASP FA 175 -56.19 13.83 -58.05
C ASP FA 175 -57.33 14.69 -58.63
N ASN FA 176 -58.52 14.13 -58.81
CA ASN FA 176 -59.68 14.86 -59.33
C ASN FA 176 -60.66 15.21 -58.22
N GLU FA 177 -60.16 15.58 -57.04
CA GLU FA 177 -61.02 16.15 -56.02
C GLU FA 177 -61.57 17.52 -56.39
N TYR FA 178 -61.07 18.13 -57.46
CA TYR FA 178 -61.45 19.48 -57.86
C TYR FA 178 -62.54 19.49 -58.92
N VAL FA 179 -62.55 18.51 -59.81
CA VAL FA 179 -63.41 18.51 -60.99
C VAL FA 179 -64.00 17.13 -61.19
N ILE FA 180 -65.24 17.11 -61.67
CA ILE FA 180 -65.98 15.89 -61.97
C ILE FA 180 -66.44 15.95 -63.41
N ALA FA 181 -66.13 14.92 -64.18
CA ALA FA 181 -66.54 14.87 -65.58
C ALA FA 181 -67.97 14.36 -65.69
N THR FA 182 -68.61 14.71 -66.81
CA THR FA 182 -69.98 14.31 -67.09
C THR FA 182 -70.14 14.17 -68.59
N LYS FA 183 -70.87 13.14 -69.02
CA LYS FA 183 -71.08 12.88 -70.44
C LYS FA 183 -72.31 13.63 -70.93
N VAL FA 184 -72.14 14.38 -72.00
CA VAL FA 184 -73.26 15.00 -72.70
C VAL FA 184 -73.81 14.08 -73.79
N ALA FA 185 -72.92 13.45 -74.55
CA ALA FA 185 -73.33 12.59 -75.65
C ALA FA 185 -72.20 11.60 -75.95
N ASP FA 186 -72.54 10.58 -76.72
CA ASP FA 186 -71.59 9.56 -77.15
C ASP FA 186 -70.92 9.96 -78.46
N SER FA 187 -69.71 9.45 -78.66
CA SER FA 187 -69.01 9.60 -79.93
C SER FA 187 -67.87 8.60 -79.97
N ASP FA 188 -67.33 8.40 -81.17
CA ASP FA 188 -66.28 7.41 -81.38
C ASP FA 188 -64.88 8.00 -81.29
N THR FA 189 -64.68 9.21 -81.77
CA THR FA 189 -63.35 9.79 -81.90
C THR FA 189 -63.04 10.67 -80.68
N ILE FA 190 -61.75 10.84 -80.41
CA ILE FA 190 -61.31 11.49 -79.18
C ILE FA 190 -61.70 12.97 -79.24
N LEU FA 191 -61.71 13.60 -78.07
CA LEU FA 191 -61.98 15.03 -77.95
C LEU FA 191 -60.95 15.84 -78.74
N ALA FA 192 -61.32 17.06 -79.06
CA ALA FA 192 -60.43 17.97 -79.77
C ALA FA 192 -59.32 18.45 -78.86
N ASN FA 193 -58.13 18.58 -79.42
CA ASN FA 193 -57.01 19.13 -78.67
C ASN FA 193 -57.29 20.58 -78.33
N VAL FA 194 -57.07 20.95 -77.06
CA VAL FA 194 -57.21 22.32 -76.60
C VAL FA 194 -56.19 22.55 -75.50
N VAL FA 195 -55.90 23.81 -75.23
CA VAL FA 195 -54.87 24.20 -74.26
C VAL FA 195 -55.47 25.21 -73.30
N ASN FA 196 -55.54 24.84 -72.03
CA ASN FA 196 -55.83 25.77 -70.95
C ASN FA 196 -57.20 26.44 -71.11
N GLN FA 197 -58.21 25.62 -71.40
CA GLN FA 197 -59.57 26.11 -71.50
C GLN FA 197 -60.16 26.29 -70.10
N ALA FA 198 -60.46 27.52 -69.74
CA ALA FA 198 -60.95 27.81 -68.39
C ALA FA 198 -62.35 27.25 -68.20
N LEU FA 199 -62.62 26.76 -66.99
CA LEU FA 199 -63.95 26.29 -66.61
C LEU FA 199 -64.79 27.50 -66.20
N GLU FA 200 -65.15 28.28 -67.21
CA GLU FA 200 -65.84 29.53 -66.98
C GLU FA 200 -67.25 29.28 -66.42
N GLY FA 201 -67.88 30.36 -66.00
CA GLY FA 201 -69.23 30.31 -65.46
C GLY FA 201 -69.33 30.11 -63.97
N GLY FA 202 -68.22 29.81 -63.29
CA GLY FA 202 -68.26 29.61 -61.86
C GLY FA 202 -68.34 30.91 -61.08
N ASN FA 203 -68.61 30.77 -59.78
CA ASN FA 203 -68.71 31.92 -58.89
C ASN FA 203 -68.65 31.44 -57.46
N ASP FA 204 -67.81 32.08 -56.64
CA ASP FA 204 -67.71 31.72 -55.24
C ASP FA 204 -68.73 32.42 -54.36
N GLY FA 205 -69.37 33.48 -54.86
CA GLY FA 205 -70.36 34.18 -54.07
C GLY FA 205 -69.80 35.07 -52.99
N CYS FA 206 -68.48 35.25 -52.92
CA CYS FA 206 -67.90 36.15 -51.94
C CYS FA 206 -68.26 37.61 -52.21
N THR FA 207 -68.67 37.93 -53.43
CA THR FA 207 -68.94 39.31 -53.80
C THR FA 207 -70.19 39.81 -53.10
N SER FA 208 -70.06 40.92 -52.38
CA SER FA 208 -71.20 41.66 -51.84
C SER FA 208 -72.05 40.79 -50.90
N ILE FA 209 -71.39 40.20 -49.91
CA ILE FA 209 -72.11 39.42 -48.91
C ILE FA 209 -73.09 40.31 -48.19
N THR FA 210 -74.34 39.85 -48.08
CA THR FA 210 -75.37 40.63 -47.43
C THR FA 210 -75.29 40.48 -45.92
N ASN FA 211 -75.76 41.50 -45.22
CA ASN FA 211 -75.88 41.40 -43.77
C ASN FA 211 -76.83 40.28 -43.39
N GLU FA 212 -77.92 40.11 -44.15
CA GLU FA 212 -78.92 39.11 -43.83
C GLU FA 212 -78.36 37.70 -43.96
N SER FA 213 -77.45 37.47 -44.92
CA SER FA 213 -77.00 36.12 -45.23
C SER FA 213 -76.33 35.45 -44.03
N TYR FA 214 -75.75 36.25 -43.12
CA TYR FA 214 -75.19 35.68 -41.91
C TYR FA 214 -76.22 34.92 -41.09
N LEU FA 215 -77.47 35.40 -41.11
CA LEU FA 215 -78.50 34.78 -40.27
C LEU FA 215 -78.77 33.34 -40.68
N LYS FA 216 -78.59 33.01 -41.96
CA LYS FA 216 -78.77 31.63 -42.40
C LYS FA 216 -77.77 30.71 -41.70
N ALA FA 217 -76.52 31.15 -41.58
CA ALA FA 217 -75.52 30.36 -40.87
C ALA FA 217 -75.90 30.18 -39.42
N LEU FA 218 -76.46 31.22 -38.79
CA LEU FA 218 -76.82 31.14 -37.38
C LEU FA 218 -77.83 30.03 -37.14
N GLU FA 219 -78.91 30.00 -37.92
CA GLU FA 219 -79.93 28.98 -37.73
C GLU FA 219 -79.37 27.59 -38.01
N GLU FA 220 -78.53 27.47 -39.04
CA GLU FA 220 -77.89 26.19 -39.32
C GLU FA 220 -77.01 25.75 -38.16
N PHE FA 221 -76.27 26.70 -37.57
CA PHE FA 221 -75.41 26.36 -36.44
C PHE FA 221 -76.20 25.93 -35.22
N GLU FA 222 -77.46 26.36 -35.09
CA GLU FA 222 -78.21 26.09 -33.87
C GLU FA 222 -78.41 24.60 -33.65
N ARG FA 223 -78.71 23.85 -34.72
CA ARG FA 223 -78.90 22.41 -34.57
C ARG FA 223 -77.63 21.74 -34.06
N TYR FA 224 -76.47 22.30 -34.38
CA TYR FA 224 -75.20 21.78 -33.86
C TYR FA 224 -74.96 22.33 -32.46
N SER FA 225 -73.89 21.85 -31.83
CA SER FA 225 -73.47 22.29 -30.52
C SER FA 225 -71.99 22.67 -30.56
N PHE FA 226 -71.65 23.77 -29.90
CA PHE FA 226 -70.29 24.27 -29.91
C PHE FA 226 -70.09 25.13 -28.67
N ASP FA 227 -68.83 25.24 -28.25
CA ASP FA 227 -68.52 25.95 -27.02
C ASP FA 227 -68.57 27.46 -27.20
N SER FA 228 -68.23 27.97 -28.38
CA SER FA 228 -68.23 29.40 -28.62
C SER FA 228 -68.45 29.68 -30.10
N PHE FA 229 -68.82 30.93 -30.37
CA PHE FA 229 -69.06 31.40 -31.73
C PHE FA 229 -68.36 32.74 -31.91
N VAL FA 230 -67.78 32.93 -33.09
CA VAL FA 230 -67.05 34.14 -33.42
C VAL FA 230 -67.40 34.55 -34.84
N LEU FA 231 -67.54 35.85 -35.05
CA LEU FA 231 -67.94 36.35 -36.36
C LEU FA 231 -66.79 36.17 -37.35
N ASP FA 232 -67.08 36.45 -38.62
CA ASP FA 232 -66.13 36.23 -39.72
C ASP FA 232 -65.25 37.44 -39.95
N GLY FA 233 -64.63 37.95 -38.89
CA GLY FA 233 -63.76 39.10 -39.02
C GLY FA 233 -64.48 40.33 -39.54
N VAL FA 234 -65.67 40.60 -39.01
CA VAL FA 234 -66.48 41.73 -39.43
C VAL FA 234 -66.98 42.45 -38.18
N ALA FA 235 -66.89 43.78 -38.19
CA ALA FA 235 -67.25 44.62 -37.05
C ALA FA 235 -68.54 45.39 -37.29
N ASP FA 236 -69.40 44.91 -38.19
CA ASP FA 236 -70.66 45.60 -38.46
C ASP FA 236 -71.53 45.57 -37.22
N GLU FA 237 -72.05 46.74 -36.84
CA GLU FA 237 -72.81 46.84 -35.60
C GLU FA 237 -74.08 46.01 -35.67
N ALA FA 238 -74.75 46.00 -36.82
CA ALA FA 238 -76.00 45.25 -36.95
C ALA FA 238 -75.79 43.76 -36.72
N LEU FA 239 -74.71 43.20 -37.28
CA LEU FA 239 -74.43 41.79 -37.07
C LEU FA 239 -74.16 41.50 -35.59
N GLN FA 240 -73.38 42.37 -34.94
CA GLN FA 240 -73.06 42.16 -33.53
C GLN FA 240 -74.32 42.19 -32.68
N GLU FA 241 -75.19 43.18 -32.92
CA GLU FA 241 -76.46 43.21 -32.20
C GLU FA 241 -77.33 42.01 -32.57
N THR FA 242 -77.35 41.64 -33.85
CA THR FA 242 -78.09 40.46 -34.26
C THR FA 242 -77.54 39.21 -33.61
N THR FA 243 -76.22 39.05 -33.62
CA THR FA 243 -75.62 37.89 -32.97
C THR FA 243 -75.81 37.96 -31.46
N LYS FA 244 -75.79 39.15 -30.88
CA LYS FA 244 -76.05 39.30 -29.45
C LYS FA 244 -77.41 38.74 -29.09
N ALA FA 245 -78.45 39.15 -29.84
CA ALA FA 245 -79.77 38.61 -29.60
C ALA FA 245 -79.82 37.12 -29.87
N TRP FA 246 -79.14 36.67 -30.93
CA TRP FA 246 -79.18 35.26 -31.29
C TRP FA 246 -78.56 34.39 -30.21
N VAL FA 247 -77.40 34.79 -29.68
CA VAL FA 247 -76.78 34.03 -28.61
C VAL FA 247 -77.64 34.09 -27.35
N ALA FA 248 -78.21 35.25 -27.06
CA ALA FA 248 -79.08 35.38 -25.89
C ALA FA 248 -80.29 34.47 -26.02
N LYS FA 249 -80.84 34.37 -27.24
CA LYS FA 249 -81.95 33.47 -27.48
C LYS FA 249 -81.55 32.03 -27.19
N ASN FA 250 -80.38 31.63 -27.67
CA ASN FA 250 -79.95 30.24 -27.51
C ASN FA 250 -79.69 29.91 -26.05
N LYS FA 251 -79.31 30.90 -25.24
CA LYS FA 251 -79.18 30.65 -23.80
C LYS FA 251 -80.51 30.24 -23.20
N GLU FA 252 -81.59 30.91 -23.60
CA GLU FA 252 -82.91 30.56 -23.07
C GLU FA 252 -83.30 29.14 -23.47
N LEU FA 253 -82.82 28.69 -24.62
CA LEU FA 253 -83.01 27.30 -25.03
C LEU FA 253 -82.06 26.34 -24.34
N GLY FA 254 -81.21 26.81 -23.42
CA GLY FA 254 -80.26 25.99 -22.74
C GLY FA 254 -78.90 25.88 -23.40
N LYS FA 255 -78.75 26.39 -24.63
CA LYS FA 255 -77.47 26.37 -25.32
C LYS FA 255 -76.67 27.58 -24.88
N ASP FA 256 -75.62 27.34 -24.09
CA ASP FA 256 -74.77 28.41 -23.57
C ASP FA 256 -73.61 28.60 -24.54
N ILE FA 257 -73.76 29.60 -25.41
CA ILE FA 257 -72.77 29.92 -26.43
C ILE FA 257 -72.02 31.17 -25.98
N LEU FA 258 -70.70 31.11 -26.06
CA LEU FA 258 -69.84 32.24 -25.73
C LEU FA 258 -69.49 32.97 -27.02
N LEU FA 259 -69.74 34.28 -27.04
CA LEU FA 259 -69.55 35.10 -28.23
C LEU FA 259 -68.28 35.93 -28.10
N PHE FA 260 -67.50 35.98 -29.18
CA PHE FA 260 -66.30 36.80 -29.28
C PHE FA 260 -66.48 37.81 -30.39
N LEU FA 261 -66.21 39.07 -30.09
CA LEU FA 261 -66.34 40.15 -31.06
C LEU FA 261 -65.10 41.03 -31.01
N GLY FA 262 -64.94 41.85 -32.03
CA GLY FA 262 -63.87 42.82 -32.08
C GLY FA 262 -64.32 44.10 -32.76
N GLY FA 263 -64.01 45.23 -32.15
CA GLY FA 263 -64.46 46.50 -32.68
C GLY FA 263 -63.84 46.83 -34.03
N LYS FA 264 -64.37 47.88 -34.64
CA LYS FA 264 -63.95 48.24 -35.98
C LYS FA 264 -62.51 48.74 -35.98
N THR FA 265 -61.91 48.72 -37.17
CA THR FA 265 -60.50 49.07 -37.30
C THR FA 265 -60.23 50.51 -36.87
N GLU FA 266 -61.12 51.42 -37.24
CA GLU FA 266 -60.92 52.84 -36.97
C GLU FA 266 -61.37 53.25 -35.58
N ASP FA 267 -62.00 52.35 -34.82
CA ASP FA 267 -62.42 52.69 -33.47
C ASP FA 267 -61.19 52.96 -32.60
N ASN FA 268 -61.23 54.05 -31.85
CA ASN FA 268 -60.17 54.38 -30.92
C ASN FA 268 -60.44 53.67 -29.59
N ILE FA 269 -59.62 53.97 -28.58
CA ILE FA 269 -59.84 53.40 -27.26
C ILE FA 269 -61.18 53.85 -26.71
N LYS FA 270 -61.56 55.10 -26.97
CA LYS FA 270 -62.83 55.60 -26.50
C LYS FA 270 -63.99 54.83 -27.10
N GLN FA 271 -63.96 54.63 -28.42
CA GLN FA 271 -65.05 53.91 -29.08
C GLN FA 271 -65.13 52.46 -28.59
N ILE FA 272 -63.97 51.81 -28.45
CA ILE FA 272 -63.96 50.40 -28.07
C ILE FA 272 -64.52 50.23 -26.67
N ASN FA 273 -64.05 51.06 -25.73
CA ASN FA 273 -64.49 50.92 -24.35
C ASN FA 273 -65.98 51.21 -24.22
N ASP FA 274 -66.47 52.21 -24.95
CA ASP FA 274 -67.91 52.49 -24.95
C ASP FA 274 -68.70 51.31 -25.52
N LYS FA 275 -68.17 50.69 -26.59
CA LYS FA 275 -68.83 49.52 -27.14
C LYS FA 275 -68.90 48.39 -26.12
N SER FA 276 -67.79 48.14 -25.42
CA SER FA 276 -67.80 47.11 -24.39
C SER FA 276 -68.76 47.47 -23.26
N LYS FA 277 -68.74 48.73 -22.84
CA LYS FA 277 -69.67 49.16 -21.79
C LYS FA 277 -71.11 49.09 -22.28
N SER FA 278 -71.35 49.35 -23.57
CA SER FA 278 -72.72 49.40 -24.07
C SER FA 278 -73.43 48.06 -23.91
N PHE FA 279 -72.74 46.97 -24.22
CA PHE FA 279 -73.24 45.62 -23.96
C PHE FA 279 -72.22 44.92 -23.06
N ASN FA 280 -72.62 44.69 -21.81
CA ASN FA 280 -71.74 44.10 -20.80
C ASN FA 280 -72.19 42.68 -20.46
N ASP FA 281 -72.64 41.93 -21.45
CA ASP FA 281 -72.96 40.52 -21.22
C ASP FA 281 -71.69 39.74 -20.97
N GLU FA 282 -71.75 38.81 -20.01
CA GLU FA 282 -70.60 37.95 -19.76
C GLU FA 282 -70.33 36.97 -20.89
N ASN FA 283 -71.29 36.78 -21.80
CA ASN FA 283 -71.12 35.91 -22.95
C ASN FA 283 -70.53 36.64 -24.15
N ILE FA 284 -70.12 37.91 -24.00
CA ILE FA 284 -69.62 38.72 -25.09
C ILE FA 284 -68.24 39.23 -24.72
N VAL FA 285 -67.34 39.25 -25.71
CA VAL FA 285 -65.96 39.69 -25.52
C VAL FA 285 -65.60 40.63 -26.66
N ASN FA 286 -65.00 41.77 -26.32
CA ASN FA 286 -64.51 42.73 -27.29
C ASN FA 286 -62.99 42.73 -27.31
N VAL FA 287 -62.42 42.57 -28.50
CA VAL FA 287 -61.00 42.73 -28.72
C VAL FA 287 -60.73 44.19 -29.05
N GLY FA 288 -59.82 44.82 -28.31
CA GLY FA 288 -59.52 46.22 -28.48
C GLY FA 288 -58.16 46.48 -29.05
N SER FA 289 -57.70 45.64 -29.97
CA SER FA 289 -56.39 45.86 -30.56
C SER FA 289 -56.23 44.97 -31.79
N SER FA 290 -55.69 45.56 -32.85
CA SER FA 290 -55.26 44.80 -34.01
C SER FA 290 -53.95 44.08 -33.67
N ALA FA 291 -53.45 43.29 -34.61
CA ALA FA 291 -52.24 42.53 -34.36
C ALA FA 291 -51.56 42.19 -35.68
N TYR FA 292 -50.28 41.85 -35.58
CA TYR FA 292 -49.47 41.47 -36.73
C TYR FA 292 -49.12 39.99 -36.78
N TYR FA 293 -48.98 39.47 -37.99
CA TYR FA 293 -48.58 38.08 -38.18
C TYR FA 293 -48.04 37.96 -39.59
N GLU FA 294 -46.72 37.70 -39.69
CA GLU FA 294 -45.88 37.86 -40.89
C GLU FA 294 -46.27 39.01 -41.80
N ASN FA 295 -46.28 40.22 -41.25
CA ASN FA 295 -46.52 41.47 -41.95
C ASN FA 295 -47.96 41.66 -42.38
N ILE FA 296 -48.86 40.74 -42.03
CA ILE FA 296 -50.27 40.82 -42.41
C ILE FA 296 -51.04 41.33 -41.21
N LYS FA 297 -51.69 42.48 -41.37
CA LYS FA 297 -52.48 43.04 -40.28
C LYS FA 297 -53.75 42.24 -40.07
N TYR FA 298 -54.21 42.22 -38.82
CA TYR FA 298 -55.46 41.57 -38.43
C TYR FA 298 -56.25 42.56 -37.60
N THR FA 299 -57.42 42.94 -38.09
CA THR FA 299 -58.25 43.88 -37.36
C THR FA 299 -58.74 43.24 -36.07
N PRO FA 300 -59.22 44.04 -35.11
CA PRO FA 300 -59.71 43.44 -33.85
C PRO FA 300 -60.79 42.42 -34.06
N SER FA 301 -61.66 42.61 -35.07
CA SER FA 301 -62.62 41.58 -35.42
C SER FA 301 -61.91 40.31 -35.87
N GLU FA 302 -60.89 40.45 -36.70
CA GLU FA 302 -60.13 39.29 -37.16
C GLU FA 302 -59.40 38.62 -36.00
N VAL FA 303 -58.79 39.41 -35.12
CA VAL FA 303 -58.03 38.85 -34.01
C VAL FA 303 -58.93 38.08 -33.06
N ALA FA 304 -60.21 38.46 -32.98
CA ALA FA 304 -61.13 37.77 -32.06
C ALA FA 304 -61.27 36.30 -32.40
N VAL FA 305 -61.04 35.93 -33.66
CA VAL FA 305 -61.04 34.52 -34.04
C VAL FA 305 -59.96 33.78 -33.27
N TYR FA 306 -58.74 34.30 -33.30
CA TYR FA 306 -57.64 33.67 -32.57
C TYR FA 306 -57.89 33.71 -31.08
N ILE FA 307 -58.41 34.82 -30.57
CA ILE FA 307 -58.72 34.93 -29.15
C ILE FA 307 -59.77 33.91 -28.76
N ALA FA 308 -60.81 33.78 -29.59
CA ALA FA 308 -61.85 32.80 -29.31
C ALA FA 308 -61.28 31.39 -29.32
N ALA FA 309 -60.42 31.09 -30.28
CA ALA FA 309 -59.84 29.75 -30.37
C ALA FA 309 -59.00 29.43 -29.15
N LEU FA 310 -58.17 30.37 -28.69
CA LEU FA 310 -57.34 30.11 -27.52
C LEU FA 310 -58.20 29.89 -26.29
N SER FA 311 -59.21 30.74 -26.09
CA SER FA 311 -60.09 30.58 -24.93
C SER FA 311 -60.80 29.24 -24.98
N VAL FA 312 -61.30 28.87 -26.15
CA VAL FA 312 -62.00 27.60 -26.30
C VAL FA 312 -61.02 26.44 -26.09
N SER FA 313 -59.81 26.56 -26.64
CA SER FA 313 -58.85 25.47 -26.54
C SER FA 313 -58.40 25.24 -25.10
N LYS FA 314 -58.26 26.32 -24.31
CA LYS FA 314 -57.85 26.15 -22.92
C LYS FA 314 -58.87 25.34 -22.13
N GLY FA 315 -60.13 25.41 -22.52
CA GLY FA 315 -61.14 24.59 -21.86
C GLY FA 315 -61.36 25.06 -20.44
N ILE FA 316 -61.35 24.12 -19.50
CA ILE FA 316 -61.68 24.40 -18.12
C ILE FA 316 -60.44 24.75 -17.31
N THR FA 317 -59.42 23.89 -17.36
CA THR FA 317 -58.27 24.06 -16.49
C THR FA 317 -57.50 25.33 -16.84
N GLY FA 318 -57.17 25.51 -18.11
CA GLY FA 318 -56.33 26.61 -18.51
C GLY FA 318 -57.07 27.93 -18.60
N SER FA 319 -56.28 28.98 -18.81
CA SER FA 319 -56.81 30.32 -19.01
C SER FA 319 -55.78 31.11 -19.81
N ILE FA 320 -56.22 32.27 -20.31
CA ILE FA 320 -55.37 33.11 -21.16
C ILE FA 320 -55.04 34.40 -20.43
N CYS FA 321 -54.90 34.31 -19.10
CA CYS FA 321 -54.62 35.50 -18.31
C CYS FA 321 -53.32 36.16 -18.73
N ASN FA 322 -52.30 35.37 -19.07
CA ASN FA 322 -51.04 35.89 -19.56
C ASN FA 322 -50.49 35.03 -20.69
N ALA FA 323 -51.37 34.43 -21.49
CA ALA FA 323 -50.93 33.55 -22.56
C ALA FA 323 -50.16 34.34 -23.62
N LYS FA 324 -49.05 33.76 -24.08
CA LYS FA 324 -48.25 34.37 -25.13
C LYS FA 324 -48.88 34.04 -26.48
N THR FA 325 -49.41 35.06 -27.15
CA THR FA 325 -50.10 34.84 -28.40
C THR FA 325 -49.11 34.59 -29.53
N ILE FA 326 -49.64 34.02 -30.62
CA ILE FA 326 -48.83 33.78 -31.81
C ILE FA 326 -48.44 35.08 -32.50
N PHE FA 327 -49.14 36.18 -32.22
CA PHE FA 327 -48.93 37.42 -32.95
C PHE FA 327 -47.53 37.97 -32.71
N GLU FA 328 -47.12 38.84 -33.63
CA GLU FA 328 -45.77 39.39 -33.66
C GLU FA 328 -45.70 40.85 -33.24
N GLU FA 329 -46.80 41.59 -33.31
CA GLU FA 329 -46.80 43.00 -32.97
C GLU FA 329 -48.23 43.49 -32.96
N VAL FA 330 -48.55 44.36 -31.99
CA VAL FA 330 -49.88 44.94 -31.84
C VAL FA 330 -49.77 46.44 -32.12
N GLU FA 331 -50.58 46.91 -33.07
CA GLU FA 331 -50.47 48.32 -33.46
C GLU FA 331 -50.82 49.27 -32.34
N PRO FA 332 -51.98 49.17 -31.66
CA PRO FA 332 -52.24 50.07 -30.52
C PRO FA 332 -51.53 49.59 -29.28
N ARG FA 333 -50.47 50.29 -28.89
CA ARG FA 333 -49.73 50.02 -27.67
C ARG FA 333 -50.20 50.98 -26.59
N LEU FA 334 -50.64 50.44 -25.47
CA LEU FA 334 -51.33 51.19 -24.43
C LEU FA 334 -50.46 51.30 -23.19
N SER FA 335 -50.49 52.45 -22.55
CA SER FA 335 -49.87 52.61 -21.26
C SER FA 335 -50.66 51.85 -20.20
N GLN FA 336 -50.11 51.79 -18.99
CA GLN FA 336 -50.79 51.12 -17.90
C GLN FA 336 -52.13 51.77 -17.59
N SER FA 337 -52.17 53.11 -17.61
CA SER FA 337 -53.43 53.81 -17.40
C SER FA 337 -54.43 53.49 -18.51
N GLU FA 338 -53.97 53.52 -19.77
CA GLU FA 338 -54.85 53.16 -20.87
C GLU FA 338 -55.27 51.71 -20.77
N VAL FA 339 -54.34 50.83 -20.37
CA VAL FA 339 -54.69 49.44 -20.14
C VAL FA 339 -55.74 49.33 -19.05
N LYS FA 340 -55.56 50.08 -17.96
CA LYS FA 340 -56.50 50.00 -16.85
C LYS FA 340 -57.90 50.41 -17.28
N GLU FA 341 -58.01 51.47 -18.10
CA GLU FA 341 -59.31 51.89 -18.59
C GLU FA 341 -59.93 50.81 -19.47
N CYS FA 342 -59.17 50.29 -20.42
CA CYS FA 342 -59.69 49.27 -21.31
C CYS FA 342 -60.09 48.02 -20.53
N LEU FA 343 -59.25 47.59 -19.59
CA LEU FA 343 -59.58 46.43 -18.78
C LEU FA 343 -60.79 46.70 -17.90
N LYS FA 344 -60.88 47.91 -17.33
CA LYS FA 344 -62.06 48.24 -16.54
C LYS FA 344 -63.31 48.26 -17.39
N SER FA 345 -63.19 48.64 -18.66
CA SER FA 345 -64.34 48.71 -19.54
C SER FA 345 -64.78 47.36 -20.08
N GLY FA 346 -64.13 46.27 -19.68
CA GLY FA 346 -64.41 44.98 -20.25
C GLY FA 346 -63.72 44.70 -21.57
N THR FA 347 -62.97 45.66 -22.09
CA THR FA 347 -62.21 45.42 -23.31
C THR FA 347 -61.09 44.43 -23.05
N LEU FA 348 -60.98 43.43 -23.90
CA LEU FA 348 -59.85 42.51 -23.88
C LEU FA 348 -58.75 43.04 -24.78
N VAL FA 349 -57.57 43.26 -24.22
CA VAL FA 349 -56.49 43.96 -24.89
C VAL FA 349 -55.24 43.09 -24.87
N LEU FA 350 -54.60 42.97 -26.01
CA LEU FA 350 -53.30 42.33 -26.13
C LEU FA 350 -52.22 43.37 -25.93
N ASP FA 351 -51.19 43.03 -25.16
CA ASP FA 351 -50.11 43.93 -24.81
C ASP FA 351 -48.79 43.36 -25.29
N PHE FA 352 -47.90 44.26 -25.69
CA PHE FA 352 -46.58 43.91 -26.20
C PHE FA 352 -45.58 43.97 -25.05
N ASP FA 353 -44.86 42.88 -24.81
CA ASP FA 353 -43.92 42.77 -23.70
C ASP FA 353 -42.69 42.01 -24.17
N ASP FA 354 -41.61 42.73 -24.43
CA ASP FA 354 -40.30 42.13 -24.70
C ASP FA 354 -40.35 41.20 -25.90
N GLY FA 355 -40.93 41.70 -26.99
CA GLY FA 355 -41.08 40.91 -28.20
C GLY FA 355 -42.22 39.92 -28.17
N ASP FA 356 -43.04 39.92 -27.12
CA ASP FA 356 -44.12 38.96 -26.97
C ASP FA 356 -45.44 39.70 -26.84
N VAL FA 357 -46.43 39.28 -27.62
CA VAL FA 357 -47.79 39.78 -27.53
C VAL FA 357 -48.54 38.88 -26.57
N ILE FA 358 -49.05 39.44 -25.49
CA ILE FA 358 -49.64 38.66 -24.39
C ILE FA 358 -51.03 39.20 -24.09
N ILE FA 359 -52.02 38.31 -24.07
CA ILE FA 359 -53.35 38.67 -23.60
C ILE FA 359 -53.28 38.95 -22.10
N VAL FA 360 -54.10 39.87 -21.63
CA VAL FA 360 -54.06 40.34 -20.25
C VAL FA 360 -55.42 40.09 -19.60
N ASP FA 361 -55.41 39.32 -18.52
CA ASP FA 361 -56.44 39.28 -17.48
C ASP FA 361 -57.71 38.52 -17.84
N ASP FA 362 -57.87 38.00 -19.07
CA ASP FA 362 -58.94 37.07 -19.38
C ASP FA 362 -60.34 37.70 -19.27
N VAL FA 363 -60.44 39.02 -19.39
CA VAL FA 363 -61.71 39.70 -19.11
C VAL FA 363 -62.72 39.46 -20.21
N ASN FA 364 -63.99 39.78 -19.93
CA ASN FA 364 -65.04 39.83 -20.92
C ASN FA 364 -65.72 41.18 -20.82
N THR FA 365 -66.84 41.37 -21.52
CA THR FA 365 -67.53 42.64 -21.48
C THR FA 365 -68.23 42.89 -20.15
N PHE FA 366 -68.54 41.84 -19.38
CA PHE FA 366 -69.23 42.03 -18.12
C PHE FA 366 -68.28 42.61 -17.08
N LYS FA 367 -68.27 43.93 -16.96
CA LYS FA 367 -67.52 44.60 -15.90
C LYS FA 367 -68.28 45.75 -15.25
N LYS FA 368 -69.45 46.14 -15.77
CA LYS FA 368 -70.17 47.28 -15.22
C LYS FA 368 -70.65 47.00 -13.80
N TYR FA 369 -71.14 45.79 -13.55
CA TYR FA 369 -71.80 45.47 -12.29
C TYR FA 369 -70.83 44.87 -11.27
N VAL FA 370 -70.25 43.71 -11.62
CA VAL FA 370 -69.41 42.88 -10.74
C VAL FA 370 -69.92 42.90 -9.31
N ASP FA 371 -71.21 42.65 -9.13
CA ASP FA 371 -71.87 42.78 -7.83
C ASP FA 371 -71.45 41.61 -6.95
N ASP FA 372 -70.31 41.77 -6.28
CA ASP FA 372 -69.84 40.82 -5.30
C ASP FA 372 -69.58 39.45 -5.92
N LYS FA 373 -70.55 38.53 -5.86
CA LYS FA 373 -70.35 37.21 -6.44
C LYS FA 373 -70.17 37.30 -7.95
N ASN FA 374 -70.72 38.33 -8.59
CA ASN FA 374 -70.60 38.49 -10.03
C ASN FA 374 -69.25 39.05 -10.46
N GLU FA 375 -68.33 39.30 -9.52
CA GLU FA 375 -66.99 39.71 -9.90
C GLU FA 375 -66.31 38.63 -10.74
N ALA FA 376 -66.48 37.37 -10.34
CA ALA FA 376 -65.87 36.28 -11.09
C ALA FA 376 -66.46 36.17 -12.50
N MET FA 377 -67.71 36.62 -12.68
CA MET FA 377 -68.35 36.50 -13.98
C MET FA 377 -67.72 37.40 -15.04
N GLY FA 378 -66.84 38.32 -14.65
CA GLY FA 378 -66.18 39.18 -15.62
C GLY FA 378 -65.02 38.56 -16.37
N TYR FA 379 -64.68 37.30 -16.08
CA TYR FA 379 -63.54 36.62 -16.66
C TYR FA 379 -64.01 35.46 -17.53
N ILE FA 380 -63.35 35.27 -18.67
CA ILE FA 380 -63.79 34.29 -19.65
C ILE FA 380 -63.70 32.89 -19.08
N SER FA 381 -62.61 32.58 -18.37
CA SER FA 381 -62.41 31.24 -17.84
C SER FA 381 -63.53 30.86 -16.88
N ASN FA 382 -63.97 31.81 -16.05
CA ASN FA 382 -65.06 31.53 -15.13
C ASN FA 382 -66.33 31.20 -15.87
N ILE FA 383 -66.64 31.96 -16.93
CA ILE FA 383 -67.87 31.69 -17.68
C ILE FA 383 -67.78 30.37 -18.41
N MET FA 384 -66.62 30.08 -19.02
CA MET FA 384 -66.44 28.80 -19.69
C MET FA 384 -66.62 27.65 -18.72
N PHE FA 385 -66.11 27.80 -17.50
CA PHE FA 385 -66.29 26.78 -16.48
C PHE FA 385 -67.77 26.59 -16.16
N ILE FA 386 -68.52 27.69 -16.08
CA ILE FA 386 -69.93 27.60 -15.75
C ILE FA 386 -70.71 26.94 -16.88
N ASN FA 387 -70.46 27.37 -18.11
CA ASN FA 387 -71.24 26.87 -19.24
C ASN FA 387 -71.05 25.38 -19.43
N THR FA 388 -69.82 24.89 -19.27
CA THR FA 388 -69.54 23.49 -19.50
C THR FA 388 -70.30 22.60 -18.51
N ILE FA 389 -70.36 23.02 -17.25
CA ILE FA 389 -71.11 22.25 -16.26
C ILE FA 389 -72.58 22.19 -16.64
N ASN FA 390 -73.14 23.31 -17.10
CA ASN FA 390 -74.53 23.31 -17.52
C ASN FA 390 -74.75 22.37 -18.69
N LYS FA 391 -73.82 22.34 -19.65
CA LYS FA 391 -73.93 21.43 -20.77
C LYS FA 391 -73.88 19.98 -20.30
N ASP FA 392 -72.95 19.66 -19.41
CA ASP FA 392 -72.83 18.28 -18.93
C ASP FA 392 -74.08 17.86 -18.18
N THR FA 393 -74.61 18.73 -17.33
CA THR FA 393 -75.85 18.41 -16.64
C THR FA 393 -77.00 18.29 -17.62
N SER FA 394 -77.02 19.15 -18.64
CA SER FA 394 -78.07 19.08 -19.65
C SER FA 394 -78.02 17.75 -20.39
N LEU FA 395 -76.82 17.25 -20.69
CA LEU FA 395 -76.69 15.95 -21.32
C LEU FA 395 -77.26 14.85 -20.43
N LYS FA 396 -76.85 14.83 -19.15
CA LYS FA 396 -77.38 13.84 -18.23
C LYS FA 396 -78.88 14.04 -18.02
N ARG FA 397 -79.37 15.27 -18.13
CA ARG FA 397 -80.79 15.53 -17.97
C ARG FA 397 -81.59 14.79 -19.04
N LYS FA 398 -81.20 14.96 -20.31
CA LYS FA 398 -82.00 14.41 -21.40
C LYS FA 398 -82.01 12.88 -21.43
N GLU FA 399 -81.10 12.23 -20.70
CA GLU FA 399 -81.16 10.78 -20.58
C GLU FA 399 -82.26 10.31 -19.65
N PHE FA 400 -82.83 11.21 -18.83
CA PHE FA 400 -83.76 10.81 -17.77
C PHE FA 400 -85.08 11.57 -17.77
N VAL FA 401 -85.22 12.65 -18.54
CA VAL FA 401 -86.47 13.40 -18.57
C VAL FA 401 -87.57 12.49 -19.12
N GLY FA 402 -88.54 12.17 -18.27
CA GLY FA 402 -89.63 11.29 -18.68
C GLY FA 402 -89.19 9.91 -19.11
N LYS FA 403 -88.02 9.46 -18.64
CA LYS FA 403 -87.47 8.17 -19.02
C LYS FA 403 -86.93 7.37 -17.83
N ILE FA 404 -87.05 7.89 -16.61
CA ILE FA 404 -86.80 7.13 -15.39
C ILE FA 404 -87.91 7.46 -14.41
N PHE FA 405 -88.36 6.45 -13.68
CA PHE FA 405 -89.44 6.65 -12.72
C PHE FA 405 -89.01 7.62 -11.64
N ASN FA 406 -89.84 8.64 -11.40
CA ASN FA 406 -89.50 9.69 -10.45
C ASN FA 406 -89.79 9.24 -9.01
N ASP FA 407 -88.96 8.30 -8.56
CA ASP FA 407 -89.02 7.76 -7.21
C ASP FA 407 -87.74 8.14 -6.46
N ALA FA 408 -87.77 7.92 -5.15
CA ALA FA 408 -86.63 8.28 -4.31
C ALA FA 408 -85.37 7.54 -4.74
N THR FA 409 -85.52 6.25 -5.07
CA THR FA 409 -84.37 5.50 -5.58
C THR FA 409 -83.89 6.08 -6.90
N GLY FA 410 -84.82 6.39 -7.81
CA GLY FA 410 -84.43 7.01 -9.07
C GLY FA 410 -83.80 8.36 -8.88
N GLN FA 411 -84.37 9.19 -8.00
CA GLN FA 411 -83.76 10.48 -7.71
C GLN FA 411 -82.38 10.31 -7.10
N THR FA 412 -82.23 9.33 -6.20
CA THR FA 412 -80.91 9.05 -5.64
C THR FA 412 -79.95 8.61 -6.73
N THR FA 413 -80.45 7.89 -7.74
CA THR FA 413 -79.61 7.52 -8.87
C THR FA 413 -79.12 8.77 -9.61
N VAL FA 414 -80.00 9.73 -9.82
CA VAL FA 414 -79.62 10.96 -10.52
C VAL FA 414 -78.57 11.71 -9.71
N ILE FA 415 -78.79 11.84 -8.40
CA ILE FA 415 -77.83 12.54 -7.55
C ILE FA 415 -76.50 11.83 -7.55
N CYS FA 416 -76.53 10.50 -7.54
CA CYS FA 416 -75.29 9.73 -7.62
C CYS FA 416 -74.56 10.02 -8.92
N ALA FA 417 -75.31 10.11 -10.03
CA ALA FA 417 -74.70 10.43 -11.31
C ALA FA 417 -74.06 11.81 -11.28
N LEU FA 418 -74.81 12.82 -10.85
CA LEU FA 418 -74.27 14.17 -10.79
C LEU FA 418 -73.12 14.27 -9.82
N LYS FA 419 -73.26 13.66 -8.64
CA LYS FA 419 -72.20 13.74 -7.63
C LYS FA 419 -70.91 13.10 -8.13
N LYS FA 420 -71.03 11.96 -8.82
CA LYS FA 420 -69.84 11.33 -9.37
C LYS FA 420 -69.23 12.18 -10.47
N TYR FA 421 -70.08 12.84 -11.28
CA TYR FA 421 -69.57 13.69 -12.35
C TYR FA 421 -68.74 14.84 -11.79
N PHE FA 422 -69.24 15.49 -10.74
CA PHE FA 422 -68.46 16.52 -10.08
C PHE FA 422 -67.18 15.95 -9.48
N GLU FA 423 -67.25 14.73 -8.95
CA GLU FA 423 -66.06 14.12 -8.36
C GLU FA 423 -64.97 13.93 -9.40
N GLU FA 424 -65.33 13.75 -10.67
CA GLU FA 424 -64.32 13.76 -11.72
C GLU FA 424 -63.63 15.11 -11.79
N LEU FA 425 -64.41 16.19 -11.68
CA LEU FA 425 -63.82 17.52 -11.70
C LEU FA 425 -62.88 17.73 -10.51
N MET FA 426 -63.20 17.10 -9.38
CA MET FA 426 -62.26 17.09 -8.26
C MET FA 426 -60.97 16.38 -8.66
N SER FA 427 -61.09 15.28 -9.39
CA SER FA 427 -59.91 14.54 -9.83
C SER FA 427 -59.04 15.38 -10.74
N GLN FA 428 -59.63 16.28 -11.52
CA GLN FA 428 -58.85 17.18 -12.37
C GLN FA 428 -58.19 18.30 -11.58
N GLY FA 429 -58.54 18.47 -10.31
CA GLY FA 429 -58.05 19.62 -9.57
C GLY FA 429 -58.70 20.92 -9.92
N ILE FA 430 -59.79 20.89 -10.72
CA ILE FA 430 -60.46 22.12 -11.10
C ILE FA 430 -61.11 22.79 -9.90
N ILE FA 431 -61.68 21.99 -9.01
CA ILE FA 431 -62.55 22.46 -7.95
C ILE FA 431 -61.95 22.07 -6.62
N SER FA 432 -61.99 22.99 -5.66
CA SER FA 432 -61.52 22.71 -4.31
C SER FA 432 -62.58 22.05 -3.46
N GLU FA 433 -63.83 22.52 -3.53
CA GLU FA 433 -64.93 21.93 -2.80
C GLU FA 433 -66.20 21.99 -3.63
N PHE FA 434 -67.07 21.02 -3.43
CA PHE FA 434 -68.34 20.97 -4.16
C PHE FA 434 -69.38 20.26 -3.30
N ASN FA 435 -70.64 20.57 -3.58
CA ASN FA 435 -71.77 19.90 -2.96
C ASN FA 435 -72.91 19.86 -3.95
N VAL FA 436 -73.61 18.72 -3.99
CA VAL FA 436 -74.84 18.57 -4.76
C VAL FA 436 -75.83 17.82 -3.90
N ASP FA 437 -77.06 18.34 -3.80
CA ASP FA 437 -78.05 17.79 -2.89
C ASP FA 437 -79.43 17.97 -3.48
N ILE FA 438 -80.42 17.38 -2.80
CA ILE FA 438 -81.81 17.52 -3.21
C ILE FA 438 -82.28 18.94 -2.93
N ASP FA 439 -82.91 19.56 -3.93
CA ASP FA 439 -83.53 20.88 -3.75
C ASP FA 439 -84.88 20.65 -3.09
N THR FA 440 -84.88 20.64 -1.76
CA THR FA 440 -86.09 20.33 -1.01
C THR FA 440 -87.22 21.31 -1.32
N GLU FA 441 -86.88 22.56 -1.64
CA GLU FA 441 -87.91 23.55 -1.92
C GLU FA 441 -88.66 23.22 -3.19
N LEU FA 442 -87.95 23.16 -4.33
CA LEU FA 442 -88.58 22.82 -5.59
C LEU FA 442 -89.00 21.36 -5.65
N GLN FA 443 -88.56 20.51 -4.72
CA GLN FA 443 -89.01 19.12 -4.69
C GLN FA 443 -90.43 18.98 -4.19
N ALA FA 444 -91.02 20.02 -3.62
CA ALA FA 444 -92.38 19.92 -3.09
C ALA FA 444 -93.44 19.69 -4.17
N THR FA 445 -93.11 19.95 -5.44
CA THR FA 445 -94.08 19.87 -6.55
C THR FA 445 -93.47 19.12 -7.73
N ALA FA 446 -92.89 17.95 -7.43
CA ALA FA 446 -92.15 17.21 -8.45
C ALA FA 446 -93.11 16.57 -9.45
N LYS FA 447 -92.58 16.28 -10.65
CA LYS FA 447 -93.28 15.56 -11.69
C LYS FA 447 -92.30 14.62 -12.37
N ALA FA 448 -92.68 14.07 -13.53
CA ALA FA 448 -91.90 13.01 -14.16
C ALA FA 448 -90.50 13.49 -14.54
N ASP FA 449 -90.42 14.68 -15.16
CA ASP FA 449 -89.15 15.29 -15.53
C ASP FA 449 -88.91 16.62 -14.80
N GLU FA 450 -89.61 16.84 -13.68
CA GLU FA 450 -89.51 18.07 -12.90
C GLU FA 450 -88.96 17.81 -11.51
N PHE FA 451 -88.14 16.77 -11.36
CA PHE FA 451 -87.30 16.66 -10.17
C PHE FA 451 -86.25 17.76 -10.19
N TYR FA 452 -86.04 18.39 -9.04
CA TYR FA 452 -85.19 19.56 -8.94
C TYR FA 452 -84.10 19.36 -7.90
N TRP FA 453 -82.94 19.95 -8.19
CA TRP FA 453 -81.72 19.71 -7.44
C TRP FA 453 -80.92 21.00 -7.42
N LYS FA 454 -80.00 21.09 -6.45
CA LYS FA 454 -79.17 22.27 -6.28
C LYS FA 454 -77.75 21.84 -5.97
N TRP FA 455 -76.82 22.75 -6.21
CA TRP FA 455 -75.40 22.46 -6.03
C TRP FA 455 -74.65 23.77 -5.95
N ASP FA 456 -73.41 23.68 -5.48
CA ASP FA 456 -72.49 24.81 -5.56
C ASP FA 456 -71.07 24.26 -5.44
N ALA FA 457 -70.14 24.94 -6.10
CA ALA FA 457 -68.76 24.48 -6.21
C ALA FA 457 -67.82 25.67 -6.08
N VAL FA 458 -66.56 25.35 -5.81
CA VAL FA 458 -65.51 26.34 -5.59
C VAL FA 458 -64.44 26.10 -6.64
N LYS FA 459 -64.50 26.84 -7.74
CA LYS FA 459 -63.53 26.67 -8.81
C LYS FA 459 -62.16 27.15 -8.36
N VAL FA 460 -61.13 26.42 -8.75
CA VAL FA 460 -59.74 26.80 -8.52
C VAL FA 460 -59.31 27.72 -9.66
N ASP FA 461 -58.78 28.89 -9.31
CA ASP FA 461 -58.39 29.89 -10.28
C ASP FA 461 -56.91 29.80 -10.58
N VAL FA 462 -56.51 30.37 -11.71
CA VAL FA 462 -55.10 30.41 -12.11
C VAL FA 462 -54.45 31.62 -11.47
N MET FA 463 -53.19 31.45 -11.05
CA MET FA 463 -52.47 32.53 -10.40
C MET FA 463 -52.28 33.69 -11.36
N LYS FA 464 -52.59 34.91 -10.90
CA LYS FA 464 -52.66 36.09 -11.75
C LYS FA 464 -51.73 37.21 -11.32
N LYS FA 465 -51.57 37.45 -10.03
CA LYS FA 465 -50.74 38.55 -9.55
C LYS FA 465 -50.01 38.15 -8.28
N ILE FA 466 -48.86 38.79 -8.06
CA ILE FA 466 -47.99 38.54 -6.92
C ILE FA 466 -47.60 39.88 -6.31
N TYR FA 467 -47.62 39.93 -4.98
CA TYR FA 467 -47.16 41.10 -4.24
C TYR FA 467 -46.03 40.67 -3.32
N GLY FA 468 -44.87 41.33 -3.46
CA GLY FA 468 -43.73 41.08 -2.62
C GLY FA 468 -43.38 42.30 -1.80
N THR FA 469 -42.90 42.07 -0.58
CA THR FA 469 -42.51 43.14 0.33
C THR FA 469 -41.12 42.81 0.86
N GLY FA 470 -40.12 43.58 0.42
CA GLY FA 470 -38.77 43.35 0.85
C GLY FA 470 -38.43 44.05 2.15
N TYR FA 471 -38.44 43.31 3.25
CA TYR FA 471 -38.05 43.87 4.54
C TYR FA 471 -36.54 43.99 4.59
N LEU FA 472 -36.07 45.12 5.08
CA LEU FA 472 -34.64 45.44 5.04
C LEU FA 472 -34.28 46.38 6.20
N GLU GA 13 -55.74 46.32 -9.37
CA GLU GA 13 -54.45 46.37 -10.12
C GLU GA 13 -54.47 45.38 -11.28
N ILE GA 14 -53.61 45.62 -12.26
CA ILE GA 14 -53.50 44.76 -13.43
C ILE GA 14 -52.86 43.44 -12.99
N PRO GA 15 -53.16 42.31 -13.62
CA PRO GA 15 -52.39 41.10 -13.32
C PRO GA 15 -50.92 41.30 -13.69
N GLY GA 16 -50.05 40.75 -12.87
CA GLY GA 16 -48.63 40.87 -13.08
C GLY GA 16 -47.90 40.84 -11.75
N PHE GA 17 -46.61 41.13 -11.82
CA PHE GA 17 -45.73 41.07 -10.66
C PHE GA 17 -45.52 42.48 -10.11
N TYR GA 18 -45.73 42.63 -8.81
CA TYR GA 18 -45.51 43.89 -8.11
C TYR GA 18 -44.69 43.62 -6.86
N ASN GA 19 -43.88 44.61 -6.46
CA ASN GA 19 -43.02 44.44 -5.31
C ASN GA 19 -42.77 45.79 -4.65
N ARG GA 20 -42.52 45.75 -3.36
CA ARG GA 20 -42.20 46.93 -2.57
C ARG GA 20 -41.12 46.56 -1.56
N PHE GA 21 -40.57 47.59 -0.91
CA PHE GA 21 -39.55 47.41 0.11
C PHE GA 21 -39.90 48.25 1.33
N LYS GA 22 -39.54 47.73 2.50
CA LYS GA 22 -39.85 48.38 3.77
C LYS GA 22 -38.69 48.19 4.73
N THR GA 23 -38.51 49.17 5.61
CA THR GA 23 -37.51 49.03 6.66
C THR GA 23 -37.94 47.96 7.65
N GLN GA 24 -36.95 47.26 8.22
CA GLN GA 24 -37.25 46.16 9.13
C GLN GA 24 -38.03 46.62 10.35
N ALA GA 25 -37.87 47.88 10.75
CA ALA GA 25 -38.70 48.43 11.81
C ALA GA 25 -40.18 48.43 11.45
N GLU GA 26 -40.51 48.42 10.16
CA GLU GA 26 -41.89 48.35 9.71
C GLU GA 26 -42.46 46.94 9.78
N LYS GA 27 -41.70 45.97 10.27
CA LYS GA 27 -42.20 44.60 10.38
C LYS GA 27 -43.40 44.56 11.31
N SER GA 28 -44.31 43.63 11.03
CA SER GA 28 -45.45 43.40 11.90
C SER GA 28 -45.02 42.63 13.14
N THR GA 29 -44.28 43.31 14.02
CA THR GA 29 -43.75 42.69 15.22
C THR GA 29 -44.75 42.63 16.37
N ASN GA 30 -45.98 43.11 16.16
CA ASN GA 30 -46.97 43.11 17.23
C ASN GA 30 -47.33 41.71 17.69
N THR GA 31 -47.04 40.68 16.89
CA THR GA 31 -47.33 39.31 17.28
C THR GA 31 -46.50 38.92 18.50
N GLY GA 32 -47.14 38.20 19.42
CA GLY GA 32 -46.47 37.64 20.58
C GLY GA 32 -46.42 38.53 21.81
N LEU GA 33 -46.89 39.77 21.72
CA LEU GA 33 -46.88 40.65 22.87
C LEU GA 33 -48.00 40.28 23.83
N LYS GA 34 -47.95 40.86 25.02
CA LYS GA 34 -48.92 40.58 26.09
C LYS GA 34 -49.27 41.87 26.81
N GLY GA 35 -50.40 41.84 27.51
CA GLY GA 35 -50.72 42.83 28.50
C GLY GA 35 -51.51 44.01 27.94
N ARG GA 36 -52.21 44.69 28.84
CA ARG GA 36 -53.03 45.85 28.52
C ARG GA 36 -52.78 46.97 29.52
N LEU GA 37 -52.61 48.19 29.00
CA LEU GA 37 -52.29 49.37 29.81
C LEU GA 37 -53.19 50.52 29.42
N ALA GA 38 -53.41 51.42 30.38
CA ALA GA 38 -54.26 52.59 30.22
C ALA GA 38 -53.49 53.86 30.55
N MET GA 39 -53.90 54.97 29.92
CA MET GA 39 -53.20 56.24 30.10
C MET GA 39 -54.15 57.42 29.82
N PRO GA 40 -54.26 58.41 30.74
CA PRO GA 40 -55.00 59.65 30.39
C PRO GA 40 -54.10 60.70 29.77
N ILE GA 41 -53.80 60.50 28.49
CA ILE GA 41 -52.74 61.28 27.83
C ILE GA 41 -53.23 62.68 27.51
N ARG GA 42 -52.32 63.65 27.63
CA ARG GA 42 -52.48 64.94 26.99
C ARG GA 42 -51.94 64.84 25.57
N ALA GA 43 -52.72 65.29 24.59
CA ALA GA 43 -52.36 65.13 23.19
C ALA GA 43 -52.69 66.39 22.42
N ASN GA 44 -51.79 66.76 21.51
CA ASN GA 44 -52.04 67.88 20.61
C ASN GA 44 -53.00 67.53 19.48
N TRP GA 45 -53.17 66.24 19.18
CA TRP GA 45 -53.88 65.81 17.99
C TRP GA 45 -54.65 64.55 18.30
N GLY GA 46 -55.77 64.34 17.60
CA GLY GA 46 -56.54 63.13 17.69
C GLY GA 46 -57.86 63.34 18.40
N ASP GA 47 -58.59 62.23 18.53
CA ASP GA 47 -59.91 62.24 19.16
C ASP GA 47 -59.80 62.71 20.60
N VAL GA 48 -60.82 63.43 21.05
CA VAL GA 48 -60.84 64.07 22.36
C VAL GA 48 -61.89 63.39 23.22
N GLY GA 49 -61.55 63.14 24.48
CA GLY GA 49 -62.52 62.70 25.45
C GLY GA 49 -62.98 61.27 25.31
N LYS GA 50 -62.19 60.41 24.67
CA LYS GA 50 -62.59 59.01 24.47
C LYS GA 50 -61.37 58.12 24.58
N VAL GA 51 -61.62 56.86 24.92
CA VAL GA 51 -60.58 55.85 24.97
C VAL GA 51 -60.37 55.30 23.57
N VAL GA 52 -59.11 55.05 23.23
CA VAL GA 52 -58.75 54.43 21.95
C VAL GA 52 -57.69 53.37 22.21
N THR GA 53 -57.81 52.25 21.50
CA THR GA 53 -56.89 51.13 21.63
C THR GA 53 -55.87 51.19 20.49
N ILE GA 54 -54.60 50.96 20.83
CA ILE GA 54 -53.53 50.87 19.86
C ILE GA 54 -52.88 49.51 20.00
N LYS GA 55 -52.55 48.90 18.86
CA LYS GA 55 -52.05 47.52 18.82
C LYS GA 55 -50.53 47.46 18.85
N ASN GA 56 -49.89 48.38 19.56
CA ASN GA 56 -48.43 48.44 19.66
C ASN GA 56 -47.78 48.69 18.30
N ASP GA 57 -48.12 49.84 17.73
CA ASP GA 57 -47.52 50.30 16.48
C ASP GA 57 -47.18 51.78 16.62
N LEU GA 58 -45.91 52.11 16.38
CA LEU GA 58 -45.48 53.50 16.51
C LEU GA 58 -46.20 54.41 15.52
N ARG GA 59 -46.32 53.97 14.27
CA ARG GA 59 -46.99 54.78 13.26
C ARG GA 59 -48.45 55.01 13.63
N GLN GA 60 -49.11 53.97 14.15
CA GLN GA 60 -50.48 54.12 14.59
C GLN GA 60 -50.60 55.18 15.68
N LEU GA 61 -49.68 55.16 16.64
CA LEU GA 61 -49.64 56.23 17.64
C LEU GA 61 -49.35 57.56 16.98
N LYS GA 62 -48.42 57.57 16.02
CA LYS GA 62 -48.07 58.82 15.35
C LYS GA 62 -49.27 59.41 14.61
N ASN GA 63 -49.97 58.57 13.85
CA ASN GA 63 -51.12 59.07 13.10
C ASN GA 63 -52.25 59.50 14.03
N LEU GA 64 -52.49 58.72 15.08
CA LEU GA 64 -53.63 59.00 15.95
C LEU GA 64 -53.41 60.20 16.85
N PHE GA 65 -52.16 60.50 17.21
CA PHE GA 65 -51.88 61.57 18.16
C PHE GA 65 -50.66 62.41 17.79
N GLY GA 66 -50.22 62.37 16.54
CA GLY GA 66 -49.08 63.18 16.17
C GLY GA 66 -47.80 62.65 16.78
N ASP GA 67 -46.76 63.50 16.70
CA ASP GA 67 -45.42 63.12 17.14
C ASP GA 67 -44.73 64.25 17.90
N ASP GA 68 -45.48 65.07 18.61
CA ASP GA 68 -44.90 66.17 19.38
C ASP GA 68 -44.41 65.64 20.72
N MET GA 69 -43.09 65.61 20.90
CA MET GA 69 -42.52 65.14 22.15
C MET GA 69 -42.84 66.08 23.30
N ASN GA 70 -43.17 67.35 23.03
CA ASN GA 70 -43.56 68.25 24.09
C ASN GA 70 -44.84 67.79 24.78
N TYR GA 71 -45.71 67.10 24.05
CA TYR GA 71 -46.97 66.62 24.59
C TYR GA 71 -46.81 65.22 25.15
N SER GA 72 -47.47 64.95 26.27
CA SER GA 72 -47.32 63.69 26.97
C SER GA 72 -47.77 62.49 26.14
N ALA GA 73 -48.60 62.71 25.13
CA ALA GA 73 -49.12 61.60 24.33
C ALA GA 73 -48.01 60.83 23.63
N PHE GA 74 -47.30 61.50 22.72
CA PHE GA 74 -46.26 60.81 21.96
C PHE GA 74 -45.09 60.43 22.87
N LYS GA 75 -44.73 61.30 23.81
CA LYS GA 75 -43.59 61.04 24.68
C LYS GA 75 -43.81 59.78 25.50
N LEU GA 76 -44.82 59.80 26.38
CA LEU GA 76 -45.07 58.65 27.22
C LEU GA 76 -45.59 57.47 26.40
N GLY GA 77 -46.36 57.75 25.35
CA GLY GA 77 -46.85 56.68 24.50
C GLY GA 77 -45.71 55.91 23.86
N LYS GA 78 -44.65 56.62 23.45
CA LYS GA 78 -43.49 55.93 22.90
C LYS GA 78 -42.84 55.03 23.96
N LEU GA 79 -42.73 55.53 25.19
CA LEU GA 79 -42.13 54.73 26.25
C LEU GA 79 -42.96 53.48 26.52
N ALA GA 80 -44.28 53.64 26.66
CA ALA GA 80 -45.14 52.49 26.88
C ALA GA 80 -45.07 51.54 25.69
N LEU GA 81 -44.99 52.09 24.47
CA LEU GA 81 -44.83 51.26 23.29
C LEU GA 81 -43.53 50.46 23.37
N LEU GA 82 -42.45 51.10 23.82
CA LEU GA 82 -41.19 50.39 23.99
C LEU GA 82 -41.27 49.32 25.07
N GLY GA 83 -42.26 49.40 25.96
CA GLY GA 83 -42.45 48.38 26.97
C GLY GA 83 -43.07 47.10 26.48
N ASN GA 84 -43.41 47.01 25.19
CA ASN GA 84 -43.89 45.78 24.56
C ASN GA 84 -45.25 45.36 25.10
N VAL GA 85 -46.13 46.32 25.30
CA VAL GA 85 -47.50 46.04 25.71
C VAL GA 85 -48.32 45.64 24.50
N LYS GA 86 -49.16 44.62 24.65
CA LYS GA 86 -49.97 44.15 23.52
C LYS GA 86 -50.94 45.23 23.06
N GLU GA 87 -51.59 45.90 24.00
CA GLU GA 87 -52.63 46.88 23.69
C GLU GA 87 -52.56 48.04 24.66
N LEU GA 88 -52.55 49.26 24.14
CA LEU GA 88 -52.48 50.47 24.94
C LEU GA 88 -53.78 51.24 24.77
N LEU GA 89 -54.46 51.51 25.89
CA LEU GA 89 -55.75 52.17 25.90
C LEU GA 89 -55.53 53.64 26.26
N LEU GA 90 -55.42 54.48 25.23
CA LEU GA 90 -55.12 55.89 25.42
C LEU GA 90 -56.39 56.71 25.47
N TYR GA 91 -56.43 57.66 26.40
CA TYR GA 91 -57.51 58.63 26.53
C TYR GA 91 -56.91 60.02 26.39
N ARG GA 92 -57.45 60.81 25.46
CA ARG GA 92 -56.98 62.18 25.27
C ARG GA 92 -57.62 63.04 26.34
N LEU GA 93 -56.92 63.19 27.46
CA LEU GA 93 -57.33 64.15 28.46
C LEU GA 93 -57.26 65.55 27.88
N VAL GA 94 -58.21 66.40 28.28
CA VAL GA 94 -58.31 67.76 27.75
C VAL GA 94 -58.77 68.70 28.84
N ASP GA 95 -58.40 69.97 28.70
CA ASP GA 95 -58.79 71.01 29.64
C ASP GA 95 -60.18 71.55 29.38
N GLY GA 96 -60.75 71.27 28.21
CA GLY GA 96 -61.84 72.06 27.68
C GLY GA 96 -61.27 73.14 26.77
N ASN GA 97 -62.12 74.12 26.46
CA ASN GA 97 -61.76 75.19 25.53
C ASN GA 97 -61.36 74.60 24.17
N GLN GA 98 -61.96 73.48 23.82
CA GLN GA 98 -61.52 72.70 22.68
C GLN GA 98 -61.99 73.36 21.38
N LYS GA 99 -61.11 73.35 20.38
CA LYS GA 99 -61.45 73.87 19.07
C LYS GA 99 -60.63 73.13 18.02
N LYS GA 100 -61.15 73.17 16.79
CA LYS GA 100 -60.50 72.58 15.63
C LYS GA 100 -59.98 73.70 14.74
N GLY GA 101 -58.79 73.48 14.17
CA GLY GA 101 -58.27 74.41 13.19
C GLY GA 101 -59.23 74.51 12.03
N THR GA 102 -59.54 75.74 11.60
CA THR GA 102 -60.56 75.96 10.60
C THR GA 102 -60.13 77.14 9.72
N LEU GA 103 -60.68 77.14 8.50
CA LEU GA 103 -60.42 78.20 7.55
C LEU GA 103 -61.54 78.22 6.53
N THR GA 104 -61.76 79.40 5.94
CA THR GA 104 -62.79 79.60 4.92
C THR GA 104 -62.15 80.23 3.71
N LEU GA 105 -62.40 79.64 2.53
CA LEU GA 105 -61.81 80.08 1.28
C LEU GA 105 -62.89 80.68 0.39
N LYS GA 106 -62.49 81.68 -0.41
CA LYS GA 106 -63.41 82.58 -1.06
C LYS GA 106 -63.22 82.56 -2.58
N ASP GA 107 -64.26 83.00 -3.27
CA ASP GA 107 -64.34 82.97 -4.72
C ASP GA 107 -63.83 84.29 -5.32
N THR GA 108 -63.28 84.20 -6.53
CA THR GA 108 -62.66 85.35 -7.19
C THR GA 108 -63.67 86.22 -7.92
N THR GA 109 -64.50 85.61 -8.78
CA THR GA 109 -65.31 86.39 -9.72
C THR GA 109 -66.28 87.33 -9.00
N GLU GA 110 -66.80 86.91 -7.85
CA GLU GA 110 -67.65 87.79 -7.07
C GLU GA 110 -66.81 88.89 -6.46
N ASN GA 111 -67.13 90.14 -6.80
CA ASN GA 111 -66.38 91.27 -6.25
C ASN GA 111 -66.53 91.37 -4.73
N SER GA 112 -67.62 90.83 -4.18
CA SER GA 112 -67.75 90.68 -2.74
C SER GA 112 -66.90 89.55 -2.18
N ALA GA 113 -66.26 88.74 -3.05
CA ALA GA 113 -65.41 87.63 -2.63
C ALA GA 113 -66.21 86.63 -1.78
N LYS GA 114 -67.17 86.00 -2.44
CA LYS GA 114 -68.09 85.09 -1.76
C LYS GA 114 -67.32 83.93 -1.14
N ASP GA 115 -67.61 83.66 0.14
CA ASP GA 115 -67.05 82.49 0.81
C ASP GA 115 -67.85 81.26 0.41
N VAL GA 116 -67.15 80.24 -0.08
CA VAL GA 116 -67.79 79.09 -0.72
C VAL GA 116 -67.38 77.78 -0.07
N ILE GA 117 -66.18 77.74 0.52
CA ILE GA 117 -65.63 76.51 1.10
C ILE GA 117 -65.07 76.82 2.48
N LYS GA 118 -65.39 75.95 3.44
CA LYS GA 118 -64.79 75.96 4.77
C LYS GA 118 -64.01 74.67 4.96
N LEU GA 119 -62.73 74.81 5.33
CA LEU GA 119 -61.88 73.69 5.66
C LEU GA 119 -61.74 73.58 7.17
N GLU GA 120 -61.50 72.37 7.66
CA GLU GA 120 -61.39 72.13 9.08
C GLU GA 120 -60.50 70.92 9.33
N THR GA 121 -59.72 70.99 10.42
CA THR GA 121 -58.90 69.86 10.80
C THR GA 121 -59.77 68.68 11.19
N LYS GA 122 -59.24 67.47 10.98
CA LYS GA 122 -60.01 66.27 11.29
C LYS GA 122 -60.31 66.17 12.78
N TYR GA 123 -59.36 66.55 13.61
CA TYR GA 123 -59.48 66.50 15.07
C TYR GA 123 -59.13 67.86 15.64
N PRO GA 124 -59.55 68.14 16.88
CA PRO GA 124 -59.10 69.36 17.53
C PRO GA 124 -57.60 69.36 17.74
N THR GA 125 -57.01 70.54 17.62
CA THR GA 125 -55.56 70.69 17.78
C THR GA 125 -55.24 72.18 17.78
N ALA GA 126 -53.94 72.48 17.91
CA ALA GA 126 -53.43 73.84 17.78
C ALA GA 126 -52.23 73.92 16.84
N ARG GA 127 -51.86 72.82 16.19
CA ARG GA 127 -50.71 72.83 15.30
C ARG GA 127 -50.99 73.68 14.06
N ASN GA 128 -49.91 74.09 13.40
CA ASN GA 128 -49.98 75.08 12.32
C ASN GA 128 -50.24 74.39 10.99
N PHE GA 129 -51.52 74.06 10.76
CA PHE GA 129 -51.95 73.68 9.42
C PHE GA 129 -52.15 74.93 8.58
N ASN GA 130 -51.63 74.88 7.35
CA ASN GA 130 -51.66 76.02 6.45
C ASN GA 130 -52.08 75.57 5.06
N VAL GA 131 -52.66 76.49 4.31
CA VAL GA 131 -53.17 76.23 2.97
C VAL GA 131 -52.53 77.21 2.01
N THR GA 132 -52.08 76.71 0.86
CA THR GA 132 -51.56 77.53 -0.22
C THR GA 132 -52.24 77.11 -1.51
N ILE GA 133 -52.92 78.05 -2.15
CA ILE GA 133 -53.57 77.83 -3.44
C ILE GA 133 -52.95 78.79 -4.44
N LYS GA 134 -52.49 78.25 -5.56
CA LYS GA 134 -51.87 79.02 -6.62
C LYS GA 134 -52.52 78.63 -7.94
N SER GA 135 -52.44 79.54 -8.90
CA SER GA 135 -52.96 79.24 -10.24
C SER GA 135 -52.18 78.08 -10.84
N ASN GA 136 -52.91 77.09 -11.33
CA ASN GA 136 -52.29 75.95 -11.98
C ASN GA 136 -51.65 76.44 -13.26
N LEU GA 137 -50.32 76.35 -13.33
CA LEU GA 137 -49.58 76.96 -14.43
C LEU GA 137 -49.94 76.34 -15.77
N VAL GA 138 -50.24 75.04 -15.78
CA VAL GA 138 -50.63 74.38 -17.03
C VAL GA 138 -51.94 74.96 -17.54
N ASP GA 139 -52.92 75.17 -16.65
CA ASP GA 139 -54.26 75.57 -17.04
C ASP GA 139 -54.86 76.44 -15.96
N SER GA 140 -55.18 77.69 -16.30
CA SER GA 140 -55.81 78.58 -15.34
C SER GA 140 -57.20 78.10 -14.93
N ASP GA 141 -57.86 77.29 -15.76
CA ASP GA 141 -59.18 76.79 -15.42
C ASP GA 141 -59.15 75.84 -14.22
N LYS GA 142 -57.98 75.30 -13.89
CA LYS GA 142 -57.77 74.53 -12.68
C LYS GA 142 -56.83 75.31 -11.76
N LYS GA 143 -56.65 74.78 -10.55
CA LYS GA 143 -55.73 75.37 -9.59
C LYS GA 143 -55.19 74.29 -8.69
N ASP GA 144 -53.94 74.47 -8.25
CA ASP GA 144 -53.25 73.49 -7.42
C ASP GA 144 -53.53 73.80 -5.95
N PHE GA 145 -54.15 72.86 -5.26
CA PHE GA 145 -54.43 72.97 -3.83
C PHE GA 145 -53.37 72.19 -3.07
N ILE GA 146 -52.46 72.91 -2.43
CA ILE GA 146 -51.38 72.32 -1.65
C ILE GA 146 -51.65 72.59 -0.18
N PHE GA 147 -51.75 71.52 0.60
CA PHE GA 147 -52.02 71.59 2.02
C PHE GA 147 -50.71 71.49 2.79
N PHE GA 148 -50.53 72.38 3.76
CA PHE GA 148 -49.29 72.51 4.51
C PHE GA 148 -49.54 72.32 5.99
N GLU GA 149 -48.53 71.77 6.66
CA GLU GA 149 -48.42 71.82 8.13
C GLU GA 149 -47.15 72.61 8.41
N ASN GA 150 -47.31 73.86 8.82
CA ASN GA 150 -46.18 74.77 9.03
C ASN GA 150 -45.50 74.92 7.67
N THR GA 151 -44.18 75.06 7.61
CA THR GA 151 -43.49 75.18 6.34
C THR GA 151 -43.47 73.88 5.54
N LYS GA 152 -43.86 72.76 6.13
CA LYS GA 152 -43.79 71.47 5.45
C LYS GA 152 -45.02 71.25 4.60
N GLN GA 153 -44.80 70.85 3.35
CA GLN GA 153 -45.91 70.38 2.52
C GLN GA 153 -46.47 69.10 3.13
N LEU GA 154 -47.79 68.96 3.04
CA LEU GA 154 -48.50 67.81 3.58
C LEU GA 154 -49.37 67.09 2.58
N PHE GA 155 -49.82 67.77 1.52
CA PHE GA 155 -50.62 67.14 0.48
C PHE GA 155 -50.82 68.15 -0.65
N SER GA 156 -50.80 67.65 -1.89
CA SER GA 156 -51.00 68.49 -3.06
C SER GA 156 -51.98 67.81 -4.01
N SER GA 157 -52.74 68.64 -4.74
CA SER GA 157 -53.67 68.15 -5.74
C SER GA 157 -54.22 69.31 -6.54
N SER GA 158 -54.39 69.11 -7.84
CA SER GA 158 -55.13 70.03 -8.69
C SER GA 158 -56.61 69.66 -8.64
N ILE GA 159 -57.46 70.63 -8.99
CA ILE GA 159 -58.90 70.48 -8.79
C ILE GA 159 -59.66 71.32 -9.81
N LYS GA 160 -60.87 70.87 -10.12
CA LYS GA 160 -61.81 71.62 -10.94
C LYS GA 160 -62.35 72.83 -10.17
N GLY GA 161 -62.84 73.82 -10.92
CA GLY GA 161 -63.30 75.05 -10.29
C GLY GA 161 -64.63 74.95 -9.56
N THR GA 162 -65.46 73.98 -9.91
CA THR GA 162 -66.75 73.83 -9.25
C THR GA 162 -66.57 73.48 -7.79
N ILE GA 163 -67.42 74.07 -6.94
CA ILE GA 163 -67.21 74.01 -5.50
C ILE GA 163 -67.37 72.59 -4.98
N ASP GA 164 -68.40 71.89 -5.47
CA ASP GA 164 -68.71 70.57 -4.92
C ASP GA 164 -67.58 69.59 -5.15
N GLU GA 165 -66.96 69.63 -6.34
CA GLU GA 165 -65.81 68.77 -6.60
C GLU GA 165 -64.64 69.14 -5.71
N ILE GA 166 -64.43 70.44 -5.47
CA ILE GA 166 -63.27 70.88 -4.67
C ILE GA 166 -63.36 70.29 -3.27
N VAL GA 167 -64.53 70.41 -2.63
CA VAL GA 167 -64.72 69.82 -1.31
C VAL GA 167 -64.59 68.31 -1.39
N LEU GA 168 -65.09 67.71 -2.48
CA LEU GA 168 -64.97 66.27 -2.65
C LEU GA 168 -63.52 65.86 -2.85
N GLU GA 169 -62.81 66.57 -3.74
CA GLU GA 169 -61.42 66.21 -4.03
C GLU GA 169 -60.54 66.32 -2.80
N ILE GA 170 -60.74 67.38 -2.00
CA ILE GA 170 -59.99 67.50 -0.76
C ILE GA 170 -60.31 66.34 0.16
N ASN GA 171 -61.60 66.03 0.32
CA ASN GA 171 -62.00 64.89 1.13
C ASN GA 171 -61.75 63.55 0.46
N SER GA 172 -61.38 63.54 -0.82
CA SER GA 172 -61.20 62.31 -1.58
C SER GA 172 -59.80 61.71 -1.43
N ASN GA 173 -58.76 62.53 -1.56
CA ASN GA 173 -57.41 62.00 -1.67
C ASN GA 173 -56.97 61.36 -0.36
N LEU GA 174 -56.00 60.45 -0.47
CA LEU GA 174 -55.57 59.65 0.66
C LEU GA 174 -54.91 60.49 1.75
N ASP GA 175 -54.14 61.50 1.36
CA ASP GA 175 -53.29 62.23 2.29
C ASP GA 175 -54.03 63.31 3.07
N ASN GA 176 -55.36 63.30 3.08
CA ASN GA 176 -56.17 64.27 3.82
C ASN GA 176 -56.74 63.69 5.10
N GLU GA 177 -55.95 62.87 5.80
CA GLU GA 177 -56.33 62.44 7.15
C GLU GA 177 -56.30 63.59 8.15
N TYR GA 178 -55.74 64.74 7.79
CA TYR GA 178 -55.59 65.87 8.69
C TYR GA 178 -56.71 66.88 8.58
N VAL GA 179 -57.28 67.06 7.40
CA VAL GA 179 -58.21 68.15 7.13
C VAL GA 179 -59.37 67.60 6.29
N ILE GA 180 -60.55 68.16 6.54
CA ILE GA 180 -61.78 67.80 5.83
C ILE GA 180 -62.39 69.09 5.28
N ALA GA 181 -62.65 69.11 3.99
CA ALA GA 181 -63.26 70.28 3.36
C ALA GA 181 -64.77 70.26 3.55
N THR GA 182 -65.37 71.45 3.47
CA THR GA 182 -66.80 71.61 3.61
C THR GA 182 -67.24 72.80 2.75
N LYS GA 183 -68.38 72.65 2.09
CA LYS GA 183 -68.89 73.70 1.22
C LYS GA 183 -69.76 74.67 2.02
N VAL GA 184 -69.46 75.96 1.89
CA VAL GA 184 -70.31 77.01 2.44
C VAL GA 184 -71.34 77.46 1.41
N ALA GA 185 -70.94 77.61 0.16
CA ALA GA 185 -71.84 78.07 -0.89
C ALA GA 185 -71.30 77.64 -2.24
N ASP GA 186 -72.14 77.75 -3.26
CA ASP GA 186 -71.78 77.42 -4.63
C ASP GA 186 -71.21 78.64 -5.35
N SER GA 187 -70.38 78.37 -6.34
CA SER GA 187 -69.89 79.42 -7.23
C SER GA 187 -69.29 78.74 -8.46
N ASP GA 188 -69.08 79.55 -9.50
CA ASP GA 188 -68.59 79.04 -10.78
C ASP GA 188 -67.08 79.13 -10.92
N THR GA 189 -66.46 80.18 -10.39
CA THR GA 189 -65.04 80.45 -10.62
C THR GA 189 -64.22 79.90 -9.46
N ILE GA 190 -62.95 79.61 -9.74
CA ILE GA 190 -62.10 78.92 -8.79
C ILE GA 190 -61.82 79.83 -7.59
N LEU GA 191 -61.39 79.23 -6.49
CA LEU GA 191 -61.02 79.97 -5.30
C LEU GA 191 -59.88 80.94 -5.59
N ALA GA 192 -59.74 81.93 -4.71
CA ALA GA 192 -58.68 82.90 -4.85
C ALA GA 192 -57.33 82.29 -4.49
N ASN GA 193 -56.30 82.68 -5.22
CA ASN GA 193 -54.95 82.23 -4.89
C ASN GA 193 -54.54 82.80 -3.55
N VAL GA 194 -53.99 81.93 -2.69
CA VAL GA 194 -53.46 82.34 -1.39
C VAL GA 194 -52.30 81.44 -1.07
N VAL GA 195 -51.46 81.88 -0.13
CA VAL GA 195 -50.23 81.19 0.23
C VAL GA 195 -50.19 81.03 1.74
N ASN GA 196 -50.21 79.78 2.21
CA ASN GA 196 -49.91 79.44 3.59
C ASN GA 196 -50.88 80.11 4.57
N GLN GA 197 -52.17 80.02 4.26
CA GLN GA 197 -53.20 80.55 5.14
C GLN GA 197 -53.45 79.56 6.28
N ALA GA 198 -53.15 79.99 7.50
CA ALA GA 198 -53.25 79.10 8.65
C ALA GA 198 -54.71 78.80 8.97
N LEU GA 199 -54.96 77.55 9.40
CA LEU GA 199 -56.30 77.16 9.85
C LEU GA 199 -56.46 77.60 11.30
N GLU GA 200 -56.61 78.91 11.46
CA GLU GA 200 -56.66 79.49 12.79
C GLU GA 200 -57.94 79.07 13.51
N GLY GA 201 -57.99 79.40 14.81
CA GLY GA 201 -59.14 79.10 15.63
C GLY GA 201 -59.08 77.77 16.35
N GLY GA 202 -58.11 76.91 16.03
CA GLY GA 202 -58.02 75.62 16.69
C GLY GA 202 -57.42 75.72 18.08
N ASN GA 203 -57.52 74.61 18.81
CA ASN GA 203 -56.98 74.53 20.16
C ASN GA 203 -56.93 73.08 20.58
N ASP GA 204 -55.78 72.66 21.11
CA ASP GA 204 -55.61 71.29 21.59
C ASP GA 204 -56.10 71.08 23.01
N GLY GA 205 -56.30 72.16 23.77
CA GLY GA 205 -56.77 72.02 25.13
C GLY GA 205 -55.73 71.57 26.13
N CYS GA 206 -54.46 71.45 25.72
CA CYS GA 206 -53.41 71.07 26.66
C CYS GA 206 -53.16 72.15 27.70
N THR GA 207 -53.58 73.38 27.44
CA THR GA 207 -53.29 74.48 28.34
C THR GA 207 -54.10 74.35 29.62
N SER GA 208 -53.40 74.35 30.76
CA SER GA 208 -54.02 74.47 32.08
C SER GA 208 -55.02 73.33 32.34
N ILE GA 209 -54.52 72.10 32.18
CA ILE GA 209 -55.34 70.93 32.47
C ILE GA 209 -55.73 70.95 33.93
N THR GA 210 -57.03 70.78 34.19
CA THR GA 210 -57.52 70.80 35.56
C THR GA 210 -57.28 69.46 36.24
N ASN GA 211 -57.16 69.51 37.57
CA ASN GA 211 -57.09 68.28 38.34
C ASN GA 211 -58.35 67.45 38.15
N GLU GA 212 -59.51 68.12 38.09
CA GLU GA 212 -60.78 67.40 37.97
C GLU GA 212 -60.89 66.67 36.65
N SER GA 213 -60.31 67.21 35.57
CA SER GA 213 -60.52 66.65 34.25
C SER GA 213 -60.03 65.21 34.13
N TYR GA 214 -59.04 64.83 34.96
CA TYR GA 214 -58.59 63.45 34.97
C TYR GA 214 -59.71 62.50 35.32
N LEU GA 215 -60.63 62.92 36.19
CA LEU GA 215 -61.68 62.02 36.65
C LEU GA 215 -62.60 61.58 35.51
N LYS GA 216 -62.77 62.43 34.50
CA LYS GA 216 -63.57 62.04 33.35
C LYS GA 216 -62.96 60.83 32.65
N ALA GA 217 -61.64 60.83 32.49
CA ALA GA 217 -60.97 59.69 31.88
C ALA GA 217 -61.16 58.43 32.71
N LEU GA 218 -61.13 58.57 34.04
CA LEU GA 218 -61.26 57.41 34.92
C LEU GA 218 -62.60 56.71 34.70
N GLU GA 219 -63.68 57.48 34.71
CA GLU GA 219 -65.01 56.87 34.52
C GLU GA 219 -65.13 56.26 33.13
N GLU GA 220 -64.59 56.92 32.12
CA GLU GA 220 -64.61 56.36 30.77
C GLU GA 220 -63.82 55.06 30.72
N PHE GA 221 -62.68 55.02 31.41
CA PHE GA 221 -61.87 53.80 31.42
C PHE GA 221 -62.57 52.65 32.11
N GLU GA 222 -63.50 52.94 33.03
CA GLU GA 222 -64.09 51.88 33.84
C GLU GA 222 -64.87 50.88 32.98
N ARG GA 223 -65.62 51.38 31.98
CA ARG GA 223 -66.37 50.48 31.12
C ARG GA 223 -65.44 49.53 30.36
N TYR GA 224 -64.21 49.96 30.09
CA TYR GA 224 -63.23 49.10 29.46
C TYR GA 224 -62.56 48.22 30.52
N SER GA 225 -61.71 47.31 30.05
CA SER GA 225 -60.94 46.42 30.90
C SER GA 225 -59.48 46.49 30.51
N PHE GA 226 -58.61 46.53 31.52
CA PHE GA 226 -57.18 46.65 31.29
C PHE GA 226 -56.45 46.08 32.49
N ASP GA 227 -55.21 45.65 32.26
CA ASP GA 227 -54.44 45.00 33.32
C ASP GA 227 -53.89 45.99 34.33
N SER GA 228 -53.53 47.20 33.90
CA SER GA 228 -52.97 48.18 34.80
C SER GA 228 -53.26 49.58 34.28
N PHE GA 229 -53.12 50.55 35.17
CA PHE GA 229 -53.35 51.96 34.87
C PHE GA 229 -52.19 52.77 35.41
N VAL GA 230 -51.77 53.77 34.65
CA VAL GA 230 -50.65 54.63 35.03
C VAL GA 230 -51.02 56.07 34.69
N LEU GA 231 -50.63 56.99 35.57
CA LEU GA 231 -50.97 58.39 35.37
C LEU GA 231 -50.17 58.96 34.20
N ASP GA 232 -50.53 60.18 33.82
CA ASP GA 232 -49.94 60.84 32.66
C ASP GA 232 -48.66 61.60 33.03
N GLY GA 233 -47.73 60.93 33.70
CA GLY GA 233 -46.49 61.58 34.08
C GLY GA 233 -46.69 62.77 34.99
N VAL GA 234 -47.55 62.64 35.99
CA VAL GA 234 -47.88 63.72 36.92
C VAL GA 234 -47.82 63.16 38.33
N ALA GA 235 -47.18 63.90 39.24
CA ALA GA 235 -46.98 63.48 40.62
C ALA GA 235 -47.84 64.28 41.60
N ASP GA 236 -48.95 64.84 41.13
CA ASP GA 236 -49.83 65.59 42.01
C ASP GA 236 -50.44 64.67 43.05
N GLU GA 237 -50.35 65.07 44.32
CA GLU GA 237 -50.80 64.21 45.40
C GLU GA 237 -52.30 63.95 45.32
N ALA GA 238 -53.07 64.98 44.95
CA ALA GA 238 -54.52 64.83 44.89
C ALA GA 238 -54.92 63.78 43.87
N LEU GA 239 -54.29 63.79 42.69
CA LEU GA 239 -54.60 62.80 41.68
C LEU GA 239 -54.25 61.39 42.16
N GLN GA 240 -53.10 61.26 42.81
CA GLN GA 240 -52.68 59.95 43.30
C GLN GA 240 -53.65 59.40 44.33
N GLU GA 241 -54.06 60.24 45.28
CA GLU GA 241 -55.07 59.82 46.24
C GLU GA 241 -56.39 59.56 45.56
N THR GA 242 -56.77 60.42 44.61
CA THR GA 242 -58.00 60.18 43.86
C THR GA 242 -57.94 58.88 43.08
N THR GA 243 -56.82 58.65 42.38
CA THR GA 243 -56.67 57.39 41.66
C THR GA 243 -56.58 56.21 42.60
N LYS GA 244 -55.97 56.40 43.77
CA LYS GA 244 -55.92 55.34 44.77
C LYS GA 244 -57.32 54.91 45.16
N ALA GA 245 -58.18 55.87 45.49
CA ALA GA 245 -59.57 55.55 45.81
C ALA GA 245 -60.27 54.94 44.60
N TRP GA 246 -60.02 55.49 43.41
CA TRP GA 246 -60.70 55.00 42.21
C TRP GA 246 -60.36 53.54 41.92
N VAL GA 247 -59.07 53.20 42.00
CA VAL GA 247 -58.67 51.81 41.77
C VAL GA 247 -59.23 50.92 42.87
N ALA GA 248 -59.18 51.39 44.12
CA ALA GA 248 -59.73 50.61 45.22
C ALA GA 248 -61.22 50.37 45.02
N LYS GA 249 -61.94 51.37 44.53
CA LYS GA 249 -63.36 51.20 44.24
C LYS GA 249 -63.56 50.11 43.18
N ASN GA 250 -62.75 50.13 42.13
CA ASN GA 250 -62.93 49.17 41.05
C ASN GA 250 -62.61 47.76 41.49
N LYS GA 251 -61.74 47.60 42.49
CA LYS GA 251 -61.50 46.27 43.05
C LYS GA 251 -62.77 45.71 43.66
N GLU GA 252 -63.51 46.53 44.38
CA GLU GA 252 -64.75 46.05 45.00
C GLU GA 252 -65.77 45.66 43.93
N LEU GA 253 -65.70 46.28 42.76
CA LEU GA 253 -66.53 45.87 41.64
C LEU GA 253 -65.98 44.65 40.91
N GLY GA 254 -64.88 44.07 41.39
CA GLY GA 254 -64.27 42.93 40.76
C GLY GA 254 -63.19 43.26 39.74
N LYS GA 255 -63.05 44.52 39.36
CA LYS GA 255 -62.02 44.94 38.40
C LYS GA 255 -60.72 45.15 39.17
N ASP GA 256 -59.76 44.25 38.97
CA ASP GA 256 -58.47 44.31 39.65
C ASP GA 256 -57.51 45.07 38.76
N ILE GA 257 -57.34 46.36 39.07
CA ILE GA 257 -56.46 47.25 38.32
C ILE GA 257 -55.21 47.49 39.14
N LEU GA 258 -54.06 47.35 38.48
CA LEU GA 258 -52.76 47.61 39.10
C LEU GA 258 -52.33 49.03 38.77
N LEU GA 259 -52.01 49.80 39.80
CA LEU GA 259 -51.69 51.21 39.65
C LEU GA 259 -50.18 51.42 39.78
N PHE GA 260 -49.63 52.23 38.87
CA PHE GA 260 -48.23 52.62 38.89
C PHE GA 260 -48.14 54.12 39.08
N LEU GA 261 -47.30 54.55 40.01
CA LEU GA 261 -47.11 55.97 40.31
C LEU GA 261 -45.62 56.25 40.43
N GLY GA 262 -45.31 57.54 40.41
CA GLY GA 262 -43.95 57.99 40.61
C GLY GA 262 -43.91 59.33 41.34
N GLY GA 263 -43.06 59.44 42.34
CA GLY GA 263 -43.03 60.64 43.15
C GLY GA 263 -42.55 61.85 42.37
N LYS GA 264 -42.70 63.01 43.00
CA LYS GA 264 -42.37 64.27 42.35
C LYS GA 264 -40.87 64.36 42.12
N THR GA 265 -40.49 65.21 41.17
CA THR GA 265 -39.09 65.32 40.75
C THR GA 265 -38.19 65.74 41.92
N GLU GA 266 -38.66 66.67 42.74
CA GLU GA 266 -37.85 67.21 43.82
C GLU GA 266 -37.88 66.35 45.09
N ASP GA 267 -38.69 65.31 45.12
CA ASP GA 267 -38.69 64.42 46.27
C ASP GA 267 -37.33 63.74 46.42
N ASN GA 268 -36.80 63.72 47.64
CA ASN GA 268 -35.56 63.01 47.92
C ASN GA 268 -35.91 61.56 48.25
N ILE GA 269 -34.91 60.79 48.67
CA ILE GA 269 -35.15 59.42 49.08
C ILE GA 269 -36.08 59.39 50.28
N LYS GA 270 -35.92 60.35 51.19
CA LYS GA 270 -36.78 60.39 52.37
C LYS GA 270 -38.24 60.60 51.98
N GLN GA 271 -38.51 61.56 51.11
CA GLN GA 271 -39.88 61.83 50.70
C GLN GA 271 -40.48 60.63 49.97
N ILE GA 272 -39.71 60.02 49.07
CA ILE GA 272 -40.23 58.92 48.27
C ILE GA 272 -40.59 57.75 49.17
N ASN GA 273 -39.67 57.37 50.06
CA ASN GA 273 -39.91 56.22 50.91
C ASN GA 273 -41.11 56.45 51.83
N ASP GA 274 -41.24 57.68 52.36
CA ASP GA 274 -42.40 58.00 53.17
C ASP GA 274 -43.68 57.91 52.35
N LYS GA 275 -43.65 58.37 51.11
CA LYS GA 275 -44.81 58.26 50.24
C LYS GA 275 -45.19 56.80 50.02
N SER GA 276 -44.20 55.95 49.76
CA SER GA 276 -44.49 54.52 49.58
C SER GA 276 -45.01 53.93 50.88
N LYS GA 277 -44.41 54.28 52.02
CA LYS GA 277 -44.90 53.77 53.29
C LYS GA 277 -46.29 54.30 53.60
N SER GA 278 -46.59 55.54 53.17
CA SER GA 278 -47.87 56.15 53.52
C SER GA 278 -49.04 55.36 52.95
N PHE GA 279 -48.93 54.92 51.70
CA PHE GA 279 -49.90 54.01 51.10
C PHE GA 279 -49.16 52.77 50.65
N ASN GA 280 -49.41 51.65 51.34
CA ASN GA 280 -48.72 50.39 51.11
C ASN GA 280 -49.66 49.37 50.47
N ASP GA 281 -50.55 49.82 49.58
CA ASP GA 281 -51.38 48.89 48.85
C ASP GA 281 -50.54 48.10 47.87
N GLU GA 282 -50.84 46.80 47.77
CA GLU GA 282 -50.13 45.97 46.81
C GLU GA 282 -50.48 46.31 45.36
N ASN GA 283 -51.55 47.07 45.14
CA ASN GA 283 -51.93 47.52 43.81
C ASN GA 283 -51.28 48.84 43.41
N ILE GA 284 -50.38 49.38 44.24
CA ILE GA 284 -49.75 50.67 43.99
C ILE GA 284 -48.25 50.47 43.96
N VAL GA 285 -47.59 51.17 43.04
CA VAL GA 285 -46.14 51.09 42.86
C VAL GA 285 -45.60 52.51 42.76
N ASN GA 286 -44.52 52.79 43.49
CA ASN GA 286 -43.83 54.07 43.44
C ASN GA 286 -42.48 53.91 42.77
N VAL GA 287 -42.22 54.74 41.77
CA VAL GA 287 -40.91 54.84 41.15
C VAL GA 287 -40.12 55.90 41.91
N GLY GA 288 -38.92 55.52 42.35
CA GLY GA 288 -38.09 56.41 43.15
C GLY GA 288 -36.84 56.88 42.42
N SER GA 289 -36.93 57.08 41.11
CA SER GA 289 -35.77 57.53 40.37
C SER GA 289 -36.18 58.03 38.99
N SER GA 290 -35.64 59.18 38.61
CA SER GA 290 -35.74 59.66 37.24
C SER GA 290 -34.83 58.82 36.36
N ALA GA 291 -34.85 59.09 35.06
CA ALA GA 291 -34.05 58.30 34.13
C ALA GA 291 -33.78 59.10 32.87
N TYR GA 292 -32.76 58.67 32.14
CA TYR GA 292 -32.37 59.30 30.88
C TYR GA 292 -32.68 58.47 29.65
N TYR GA 293 -32.96 59.16 28.55
CA TYR GA 293 -33.22 58.50 27.28
C TYR GA 293 -33.01 59.52 26.18
N GLU GA 294 -31.95 59.32 25.37
CA GLU GA 294 -31.33 60.28 24.46
C GLU GA 294 -31.34 61.72 24.95
N ASN GA 295 -30.73 61.95 26.12
CA ASN GA 295 -30.53 63.26 26.72
C ASN GA 295 -31.82 63.90 27.23
N ILE GA 296 -32.94 63.19 27.19
CA ILE GA 296 -34.23 63.71 27.64
C ILE GA 296 -34.52 63.11 29.01
N LYS GA 297 -34.65 63.97 30.02
CA LYS GA 297 -34.94 63.48 31.36
C LYS GA 297 -36.38 63.01 31.44
N TYR GA 298 -36.61 62.02 32.30
CA TYR GA 298 -37.94 61.49 32.59
C TYR GA 298 -38.09 61.44 34.10
N THR GA 299 -39.06 62.20 34.61
CA THR GA 299 -39.30 62.24 36.03
C THR GA 299 -39.80 60.87 36.49
N PRO GA 300 -39.75 60.60 37.81
CA PRO GA 300 -40.24 59.28 38.29
C PRO GA 300 -41.68 59.01 37.88
N SER GA 301 -42.52 60.04 37.85
CA SER GA 301 -43.87 59.85 37.33
C SER GA 301 -43.84 59.44 35.87
N GLU GA 302 -42.99 60.08 35.07
CA GLU GA 302 -42.87 59.71 33.67
C GLU GA 302 -42.31 58.30 33.51
N VAL GA 303 -41.31 57.95 34.31
CA VAL GA 303 -40.69 56.64 34.18
C VAL GA 303 -41.68 55.54 34.53
N ALA GA 304 -42.65 55.83 35.41
CA ALA GA 304 -43.62 54.82 35.82
C ALA GA 304 -44.41 54.28 34.63
N VAL GA 305 -44.57 55.10 33.59
CA VAL GA 305 -45.22 54.61 32.37
C VAL GA 305 -44.45 53.44 31.79
N TYR GA 306 -43.13 53.61 31.62
CA TYR GA 306 -42.33 52.53 31.09
C TYR GA 306 -42.28 51.35 32.04
N ILE GA 307 -42.21 51.62 33.35
CA ILE GA 307 -42.22 50.55 34.33
C ILE GA 307 -43.53 49.78 34.26
N ALA GA 308 -44.65 50.52 34.18
CA ALA GA 308 -45.95 49.87 34.07
C ALA GA 308 -46.04 49.02 32.81
N ALA GA 309 -45.54 49.56 31.70
CA ALA GA 309 -45.60 48.82 30.44
C ALA GA 309 -44.80 47.53 30.51
N LEU GA 310 -43.59 47.59 31.07
CA LEU GA 310 -42.77 46.39 31.18
C LEU GA 310 -43.44 45.35 32.07
N SER GA 311 -43.96 45.78 33.22
CA SER GA 311 -44.63 44.85 34.12
C SER GA 311 -45.84 44.21 33.46
N VAL GA 312 -46.63 45.04 32.76
CA VAL GA 312 -47.80 44.53 32.08
C VAL GA 312 -47.39 43.59 30.94
N SER GA 313 -46.34 43.97 30.21
CA SER GA 313 -45.91 43.15 29.06
C SER GA 313 -45.40 41.79 29.50
N LYS GA 314 -44.70 41.72 30.64
CA LYS GA 314 -44.19 40.43 31.11
C LYS GA 314 -45.33 39.47 31.42
N GLY GA 315 -46.49 39.98 31.77
CA GLY GA 315 -47.63 39.10 32.00
C GLY GA 315 -47.41 38.22 33.21
N ILE GA 316 -47.65 36.93 33.04
CA ILE GA 316 -47.62 35.98 34.15
C ILE GA 316 -46.24 35.37 34.30
N THR GA 317 -45.70 34.82 33.22
CA THR GA 317 -44.47 34.04 33.32
C THR GA 317 -43.30 34.92 33.70
N GLY GA 318 -43.11 36.03 33.00
CA GLY GA 318 -41.95 36.86 33.22
C GLY GA 318 -42.07 37.77 34.43
N SER GA 319 -40.96 38.44 34.72
CA SER GA 319 -40.91 39.43 35.78
C SER GA 319 -39.78 40.40 35.46
N ILE GA 320 -39.76 41.51 36.20
CA ILE GA 320 -38.78 42.58 35.97
C ILE GA 320 -37.82 42.66 37.15
N CYS GA 321 -37.54 41.50 37.76
CA CYS GA 321 -36.66 41.48 38.93
C CYS GA 321 -35.28 42.05 38.61
N ASN GA 322 -34.77 41.75 37.41
CA ASN GA 322 -33.49 42.29 36.96
C ASN GA 322 -33.54 42.66 35.48
N ALA GA 323 -34.70 43.10 35.00
CA ALA GA 323 -34.84 43.45 33.60
C ALA GA 323 -33.98 44.65 33.25
N LYS GA 324 -33.30 44.58 32.11
CA LYS GA 324 -32.49 45.68 31.61
C LYS GA 324 -33.39 46.69 30.92
N THR GA 325 -33.56 47.86 31.53
CA THR GA 325 -34.46 48.85 30.97
C THR GA 325 -33.85 49.52 29.76
N ILE GA 326 -34.73 50.17 28.97
CA ILE GA 326 -34.27 50.91 27.81
C ILE GA 326 -33.49 52.15 28.20
N PHE GA 327 -33.61 52.62 29.44
CA PHE GA 327 -33.02 53.88 29.83
C PHE GA 327 -31.50 53.82 29.77
N GLU GA 328 -30.90 55.01 29.67
CA GLU GA 328 -29.46 55.16 29.47
C GLU GA 328 -28.73 55.62 30.72
N GLU GA 329 -29.41 56.24 31.67
CA GLU GA 329 -28.76 56.75 32.88
C GLU GA 329 -29.84 57.20 33.86
N VAL GA 330 -29.60 56.92 35.14
CA VAL GA 330 -30.53 57.29 36.21
C VAL GA 330 -29.85 58.34 37.07
N GLU GA 331 -30.50 59.48 37.25
CA GLU GA 331 -29.88 60.57 38.00
C GLU GA 331 -29.62 60.22 39.45
N PRO GA 332 -30.60 59.74 40.25
CA PRO GA 332 -30.28 59.34 41.62
C PRO GA 332 -29.65 57.95 41.64
N ARG GA 333 -28.34 57.90 41.90
CA ARG GA 333 -27.61 56.65 42.06
C ARG GA 333 -27.46 56.36 43.54
N LEU GA 334 -27.91 55.18 43.96
CA LEU GA 334 -28.05 54.83 45.36
C LEU GA 334 -27.03 53.76 45.74
N SER GA 335 -26.49 53.90 46.95
CA SER GA 335 -25.65 52.84 47.50
C SER GA 335 -26.52 51.65 47.88
N GLN GA 336 -25.87 50.56 48.27
CA GLN GA 336 -26.59 49.36 48.69
C GLN GA 336 -27.47 49.65 49.90
N SER GA 337 -26.95 50.41 50.86
CA SER GA 337 -27.74 50.79 52.02
C SER GA 337 -28.94 51.64 51.61
N GLU GA 338 -28.71 52.63 50.75
CA GLU GA 338 -29.80 53.45 50.25
C GLU GA 338 -30.78 52.60 49.45
N VAL GA 339 -30.27 51.67 48.66
CA VAL GA 339 -31.13 50.74 47.93
C VAL GA 339 -31.95 49.91 48.91
N LYS GA 340 -31.31 49.41 49.96
CA LYS GA 340 -32.01 48.57 50.93
C LYS GA 340 -33.16 49.34 51.58
N GLU GA 341 -32.92 50.60 51.94
CA GLU GA 341 -34.00 51.39 52.53
C GLU GA 341 -35.13 51.60 51.55
N CYS GA 342 -34.82 51.99 50.32
CA CYS GA 342 -35.85 52.21 49.32
C CYS GA 342 -36.61 50.92 49.04
N LEU GA 343 -35.89 49.81 48.88
CA LEU GA 343 -36.55 48.53 48.65
C LEU GA 343 -37.39 48.12 49.84
N LYS GA 344 -36.88 48.33 51.06
CA LYS GA 344 -37.66 48.01 52.23
C LYS GA 344 -38.92 48.87 52.33
N SER GA 345 -38.85 50.11 51.84
CA SER GA 345 -39.98 51.02 51.90
C SER GA 345 -41.01 50.76 50.81
N GLY GA 346 -40.82 49.74 49.99
CA GLY GA 346 -41.70 49.51 48.85
C GLY GA 346 -41.40 50.35 47.65
N THR GA 347 -40.41 51.24 47.71
CA THR GA 347 -40.02 52.03 46.56
C THR GA 347 -39.40 51.12 45.51
N LEU GA 348 -39.86 51.26 44.27
CA LEU GA 348 -39.24 50.59 43.13
C LEU GA 348 -38.17 51.50 42.55
N VAL GA 349 -36.94 51.01 42.52
CA VAL GA 349 -35.78 51.82 42.18
C VAL GA 349 -35.02 51.16 41.04
N LEU GA 350 -34.66 51.95 40.05
CA LEU GA 350 -33.78 51.52 38.96
C LEU GA 350 -32.34 51.82 39.34
N ASP GA 351 -31.46 50.86 39.08
CA ASP GA 351 -30.05 50.96 39.44
C ASP GA 351 -29.18 50.87 38.21
N PHE GA 352 -28.09 51.63 38.22
CA PHE GA 352 -27.14 51.68 37.13
C PHE GA 352 -26.04 50.65 37.37
N ASP GA 353 -25.84 49.75 36.42
CA ASP GA 353 -24.87 48.65 36.57
C ASP GA 353 -24.16 48.45 35.23
N ASP GA 354 -22.93 48.94 35.13
CA ASP GA 354 -22.06 48.64 33.99
C ASP GA 354 -22.68 49.13 32.69
N GLY GA 355 -23.13 50.38 32.68
CA GLY GA 355 -23.77 50.95 31.51
C GLY GA 355 -25.19 50.50 31.30
N ASP GA 356 -25.80 49.81 32.26
CA ASP GA 356 -27.15 49.26 32.13
C ASP GA 356 -27.99 49.73 33.30
N VAL GA 357 -29.19 50.24 32.99
CA VAL GA 357 -30.17 50.60 34.00
C VAL GA 357 -31.08 49.41 34.19
N ILE GA 358 -31.14 48.88 35.41
CA ILE GA 358 -31.83 47.62 35.71
C ILE GA 358 -32.78 47.84 36.86
N ILE GA 359 -34.04 47.44 36.67
CA ILE GA 359 -35.00 47.42 37.76
C ILE GA 359 -34.59 46.33 38.74
N VAL GA 360 -34.87 46.56 40.02
CA VAL GA 360 -34.42 45.70 41.11
C VAL GA 360 -35.63 45.19 41.87
N ASP GA 361 -35.78 43.86 41.89
CA ASP GA 361 -36.56 43.11 42.87
C ASP GA 361 -38.07 43.14 42.67
N ASP GA 362 -38.61 43.88 41.71
CA ASP GA 362 -40.02 43.75 41.33
C ASP GA 362 -40.98 44.17 42.43
N VAL GA 363 -40.55 45.02 43.36
CA VAL GA 363 -41.34 45.32 44.56
C VAL GA 363 -42.52 46.22 44.21
N ASN GA 364 -43.48 46.31 45.14
CA ASN GA 364 -44.55 47.28 45.09
C ASN GA 364 -44.57 48.04 46.41
N THR GA 365 -45.60 48.85 46.64
CA THR GA 365 -45.67 49.61 47.88
C THR GA 365 -45.99 48.74 49.09
N PHE GA 366 -46.59 47.57 48.90
CA PHE GA 366 -46.94 46.71 50.02
C PHE GA 366 -45.69 46.06 50.60
N LYS GA 367 -45.10 46.70 51.61
CA LYS GA 367 -43.99 46.12 52.35
C LYS GA 367 -44.09 46.31 53.86
N LYS GA 368 -45.03 47.11 54.35
CA LYS GA 368 -45.11 47.37 55.78
C LYS GA 368 -45.45 46.11 56.57
N TYR GA 369 -46.37 45.30 56.05
CA TYR GA 369 -46.89 44.17 56.80
C TYR GA 369 -46.13 42.88 56.50
N VAL GA 370 -46.14 42.44 55.23
CA VAL GA 370 -45.62 41.16 54.75
C VAL GA 370 -45.84 40.06 55.78
N ASP GA 371 -47.08 39.93 56.26
CA ASP GA 371 -47.41 39.01 57.34
C ASP GA 371 -47.40 37.58 56.82
N ASP GA 372 -46.19 36.99 56.81
CA ASP GA 372 -46.02 35.59 56.46
C ASP GA 372 -46.47 35.32 55.03
N LYS GA 373 -47.71 34.87 54.82
CA LYS GA 373 -48.18 34.59 53.47
C LYS GA 373 -48.21 35.85 52.62
N ASN GA 374 -48.37 37.01 53.25
CA ASN GA 374 -48.42 38.28 52.51
C ASN GA 374 -47.04 38.78 52.11
N GLU GA 375 -45.97 38.04 52.41
CA GLU GA 375 -44.66 38.41 51.91
C GLU GA 375 -44.63 38.42 50.39
N ALA GA 376 -45.24 37.40 49.77
CA ALA GA 376 -45.28 37.34 48.31
C ALA GA 376 -46.06 38.50 47.72
N MET GA 377 -47.02 39.05 48.46
CA MET GA 377 -47.84 40.14 47.94
C MET GA 377 -47.07 41.42 47.73
N GLY GA 378 -45.83 41.52 48.22
CA GLY GA 378 -45.03 42.71 48.02
C GLY GA 378 -44.39 42.84 46.67
N TYR GA 379 -44.56 41.86 45.78
CA TYR GA 379 -43.91 41.84 44.47
C TYR GA 379 -44.96 41.96 43.37
N ILE GA 380 -44.61 42.72 42.33
CA ILE GA 380 -45.57 43.02 41.27
C ILE GA 380 -46.00 41.75 40.55
N SER GA 381 -45.03 40.87 40.26
CA SER GA 381 -45.35 39.66 39.50
C SER GA 381 -46.36 38.80 40.25
N ASN GA 382 -46.22 38.70 41.56
CA ASN GA 382 -47.18 37.92 42.34
C ASN GA 382 -48.57 38.50 42.24
N ILE GA 383 -48.69 39.83 42.34
CA ILE GA 383 -50.00 40.46 42.27
C ILE GA 383 -50.59 40.31 40.88
N MET GA 384 -49.77 40.50 39.85
CA MET GA 384 -50.25 40.32 38.48
C MET GA 384 -50.76 38.90 38.27
N PHE GA 385 -50.05 37.92 38.84
CA PHE GA 385 -50.49 36.54 38.74
C PHE GA 385 -51.83 36.35 39.43
N ILE GA 386 -52.03 36.99 40.57
CA ILE GA 386 -53.29 36.83 41.31
C ILE GA 386 -54.43 37.49 40.54
N ASN GA 387 -54.22 38.72 40.06
CA ASN GA 387 -55.29 39.46 39.42
C ASN GA 387 -55.78 38.76 38.16
N THR GA 388 -54.86 38.20 37.38
CA THR GA 388 -55.25 37.58 36.12
C THR GA 388 -56.14 36.37 36.36
N ILE GA 389 -55.84 35.57 37.37
CA ILE GA 389 -56.67 34.42 37.68
C ILE GA 389 -58.07 34.87 38.06
N ASN GA 390 -58.17 35.93 38.86
CA ASN GA 390 -59.48 36.45 39.23
C ASN GA 390 -60.25 36.92 38.00
N LYS GA 391 -59.57 37.58 37.07
CA LYS GA 391 -60.23 38.00 35.84
C LYS GA 391 -60.72 36.80 35.04
N ASP GA 392 -59.89 35.77 34.90
CA ASP GA 392 -60.28 34.60 34.13
C ASP GA 392 -61.46 33.90 34.76
N THR GA 393 -61.44 33.74 36.08
CA THR GA 393 -62.59 33.15 36.77
C THR GA 393 -63.83 34.03 36.64
N SER GA 394 -63.63 35.36 36.71
CA SER GA 394 -64.75 36.27 36.55
C SER GA 394 -65.38 36.15 35.17
N LEU GA 395 -64.56 35.96 34.14
CA LEU GA 395 -65.10 35.74 32.81
C LEU GA 395 -65.92 34.46 32.76
N LYS GA 396 -65.36 33.36 33.26
CA LYS GA 396 -66.12 32.11 33.31
C LYS GA 396 -67.34 32.22 34.20
N ARG GA 397 -67.27 33.05 35.25
CA ARG GA 397 -68.42 33.24 36.13
C ARG GA 397 -69.60 33.81 35.36
N LYS GA 398 -69.38 34.89 34.61
CA LYS GA 398 -70.50 35.57 33.96
C LYS GA 398 -71.15 34.74 32.86
N GLU GA 399 -70.50 33.68 32.40
CA GLU GA 399 -71.14 32.77 31.45
C GLU GA 399 -72.18 31.88 32.10
N PHE GA 400 -72.19 31.78 33.44
CA PHE GA 400 -73.03 30.82 34.14
C PHE GA 400 -73.89 31.41 35.25
N VAL GA 401 -73.68 32.67 35.65
CA VAL GA 401 -74.50 33.25 36.71
C VAL GA 401 -75.94 33.34 36.24
N GLY GA 402 -76.82 32.57 36.88
CA GLY GA 402 -78.21 32.54 36.51
C GLY GA 402 -78.48 32.07 35.10
N LYS GA 403 -77.54 31.30 34.52
CA LYS GA 403 -77.65 30.82 33.15
C LYS GA 403 -77.33 29.35 33.00
N ILE GA 404 -77.04 28.64 34.10
CA ILE GA 404 -76.94 27.20 34.11
C ILE GA 404 -77.64 26.70 35.37
N PHE GA 405 -78.36 25.59 35.24
CA PHE GA 405 -79.09 25.04 36.38
C PHE GA 405 -78.12 24.65 37.47
N ASN GA 406 -78.40 25.12 38.69
CA ASN GA 406 -77.51 24.89 39.83
C ASN GA 406 -77.74 23.50 40.41
N ASP GA 407 -77.33 22.49 39.64
CA ASP GA 407 -77.39 21.09 40.02
C ASP GA 407 -75.98 20.54 40.15
N ALA GA 408 -75.91 19.33 40.73
CA ALA GA 408 -74.60 18.71 40.95
C ALA GA 408 -73.86 18.49 39.65
N THR GA 409 -74.57 18.06 38.60
CA THR GA 409 -73.95 17.93 37.29
C THR GA 409 -73.48 19.28 36.77
N GLY GA 410 -74.31 20.31 36.91
CA GLY GA 410 -73.90 21.63 36.49
C GLY GA 410 -72.72 22.16 37.29
N GLN GA 411 -72.75 21.95 38.61
CA GLN GA 411 -71.62 22.36 39.44
C GLN GA 411 -70.37 21.60 39.05
N THR GA 412 -70.50 20.30 38.78
CA THR GA 412 -69.36 19.52 38.31
C THR GA 412 -68.85 20.06 36.98
N THR GA 413 -69.76 20.55 36.13
CA THR GA 413 -69.34 21.17 34.88
C THR GA 413 -68.49 22.41 35.14
N VAL GA 414 -68.91 23.23 36.10
CA VAL GA 414 -68.16 24.43 36.43
C VAL GA 414 -66.78 24.06 36.97
N ILE GA 415 -66.72 23.08 37.86
CA ILE GA 415 -65.44 22.67 38.42
C ILE GA 415 -64.54 22.11 37.33
N CYS GA 416 -65.13 21.35 36.40
CA CYS GA 416 -64.36 20.85 35.27
C CYS GA 416 -63.79 21.98 34.44
N ALA GA 417 -64.58 23.04 34.23
CA ALA GA 417 -64.10 24.19 33.49
C ALA GA 417 -62.95 24.87 34.22
N LEU GA 418 -63.14 25.16 35.51
CA LEU GA 418 -62.07 25.80 36.28
C LEU GA 418 -60.84 24.91 36.37
N LYS GA 419 -61.05 23.62 36.63
CA LYS GA 419 -59.92 22.72 36.79
C LYS GA 419 -59.11 22.61 35.51
N LYS GA 420 -59.79 22.54 34.37
CA LYS GA 420 -59.08 22.51 33.10
C LYS GA 420 -58.35 23.81 32.84
N TYR GA 421 -58.95 24.94 33.23
CA TYR GA 421 -58.30 26.23 33.03
C TYR GA 421 -56.99 26.31 33.81
N PHE GA 422 -57.01 25.87 35.06
CA PHE GA 422 -55.76 25.81 35.83
C PHE GA 422 -54.78 24.85 35.21
N GLU GA 423 -55.27 23.74 34.65
CA GLU GA 423 -54.38 22.77 34.02
C GLU GA 423 -53.64 23.39 32.84
N GLU GA 424 -54.23 24.39 32.18
CA GLU GA 424 -53.48 25.13 31.17
C GLU GA 424 -52.30 25.86 31.81
N LEU GA 425 -52.53 26.46 32.99
CA LEU GA 425 -51.44 27.14 33.68
C LEU GA 425 -50.35 26.17 34.07
N MET GA 426 -50.71 24.93 34.38
CA MET GA 426 -49.71 23.90 34.58
C MET GA 426 -48.91 23.67 33.30
N SER GA 427 -49.60 23.68 32.16
CA SER GA 427 -48.92 23.47 30.88
C SER GA 427 -47.92 24.60 30.60
N GLN GA 428 -48.21 25.81 31.07
CA GLN GA 428 -47.27 26.91 30.90
C GLN GA 428 -46.08 26.81 31.85
N GLY GA 429 -46.11 25.91 32.82
CA GLY GA 429 -45.07 25.88 33.83
C GLY GA 429 -45.17 26.97 34.86
N ILE GA 430 -46.27 27.73 34.87
CA ILE GA 430 -46.42 28.81 35.82
C ILE GA 430 -46.53 28.27 37.24
N ILE GA 431 -47.25 27.17 37.41
CA ILE GA 431 -47.67 26.66 38.70
C ILE GA 431 -47.09 25.27 38.89
N SER GA 432 -46.58 25.00 40.08
CA SER GA 432 -46.07 23.68 40.43
C SER GA 432 -47.19 22.74 40.88
N GLU GA 433 -48.10 23.22 41.72
CA GLU GA 433 -49.23 22.41 42.18
C GLU GA 433 -50.46 23.30 42.31
N PHE GA 434 -51.63 22.70 42.09
CA PHE GA 434 -52.88 23.42 42.20
C PHE GA 434 -53.97 22.45 42.62
N ASN GA 435 -55.02 23.01 43.23
CA ASN GA 435 -56.21 22.26 43.59
C ASN GA 435 -57.41 23.20 43.51
N VAL GA 436 -58.51 22.68 42.97
CA VAL GA 436 -59.79 23.38 42.96
C VAL GA 436 -60.87 22.38 43.33
N ASP GA 437 -61.73 22.73 44.28
CA ASP GA 437 -62.70 21.80 44.82
C ASP GA 437 -63.96 22.55 45.22
N ILE GA 438 -64.98 21.78 45.60
CA ILE GA 438 -66.24 22.36 46.07
C ILE GA 438 -66.01 22.98 47.45
N ASP GA 439 -66.47 24.21 47.63
CA ASP GA 439 -66.43 24.87 48.93
C ASP GA 439 -67.64 24.36 49.71
N THR GA 440 -67.44 23.27 50.45
CA THR GA 440 -68.53 22.64 51.15
C THR GA 440 -69.17 23.56 52.17
N GLU GA 441 -68.39 24.48 52.75
CA GLU GA 441 -68.93 25.39 53.75
C GLU GA 441 -69.95 26.34 53.13
N LEU GA 442 -69.50 27.16 52.16
CA LEU GA 442 -70.40 28.08 51.50
C LEU GA 442 -71.41 27.37 50.60
N GLN GA 443 -71.23 26.08 50.32
CA GLN GA 443 -72.21 25.34 49.54
C GLN GA 443 -73.48 25.02 50.32
N ALA GA 444 -73.48 25.22 51.63
CA ALA GA 444 -74.65 24.89 52.43
C ALA GA 444 -75.85 25.79 52.14
N THR GA 445 -75.65 26.93 51.49
CA THR GA 445 -76.70 27.92 51.24
C THR GA 445 -76.66 28.39 49.78
N ALA GA 446 -76.59 27.43 48.86
CA ALA GA 446 -76.40 27.76 47.45
C ALA GA 446 -77.68 28.35 46.85
N LYS GA 447 -77.51 29.09 45.76
CA LYS GA 447 -78.61 29.64 44.98
C LYS GA 447 -78.22 29.55 43.50
N ALA GA 448 -78.98 30.24 42.64
CA ALA GA 448 -78.82 30.07 41.21
C ALA GA 448 -77.43 30.50 40.73
N ASP GA 449 -76.95 31.66 41.22
CA ASP GA 449 -75.62 32.15 40.91
C ASP GA 449 -74.75 32.26 42.15
N GLU GA 450 -75.10 31.54 43.22
CA GLU GA 450 -74.37 31.58 44.49
C GLU GA 450 -73.76 30.23 44.82
N PHE GA 451 -73.44 29.43 43.81
CA PHE GA 451 -72.57 28.28 44.02
C PHE GA 451 -71.17 28.79 44.35
N TYR GA 452 -70.53 28.14 45.33
CA TYR GA 452 -69.26 28.61 45.87
C TYR GA 452 -68.22 27.52 45.82
N TRP GA 453 -66.98 27.94 45.58
CA TRP GA 453 -65.87 27.05 45.30
C TRP GA 453 -64.60 27.64 45.89
N LYS GA 454 -63.61 26.79 46.09
CA LYS GA 454 -62.33 27.19 46.67
C LYS GA 454 -61.20 26.54 45.91
N TRP GA 455 -60.02 27.13 46.02
CA TRP GA 455 -58.86 26.65 45.30
C TRP GA 455 -57.61 27.24 45.95
N ASP GA 456 -56.47 26.64 45.62
CA ASP GA 456 -55.19 27.22 45.99
C ASP GA 456 -54.13 26.64 45.05
N ALA GA 457 -53.11 27.44 44.77
CA ALA GA 457 -52.10 27.11 43.79
C ALA GA 457 -50.73 27.55 44.29
N VAL GA 458 -49.69 26.99 43.68
CA VAL GA 458 -48.31 27.24 44.05
C VAL GA 458 -47.62 27.84 42.82
N LYS GA 459 -47.53 29.16 42.78
CA LYS GA 459 -46.90 29.84 41.67
C LYS GA 459 -45.40 29.57 41.66
N VAL GA 460 -44.85 29.35 40.47
CA VAL GA 460 -43.42 29.21 40.28
C VAL GA 460 -42.81 30.59 40.13
N ASP GA 461 -41.80 30.88 40.93
CA ASP GA 461 -41.16 32.20 40.95
C ASP GA 461 -39.92 32.20 40.08
N VAL GA 462 -39.49 33.41 39.71
CA VAL GA 462 -38.29 33.59 38.91
C VAL GA 462 -37.08 33.66 39.84
N MET GA 463 -35.97 33.06 39.41
CA MET GA 463 -34.77 33.05 40.24
C MET GA 463 -34.27 34.46 40.45
N LYS GA 464 -33.96 34.79 41.70
CA LYS GA 464 -33.65 36.16 42.12
C LYS GA 464 -32.28 36.32 42.75
N LYS GA 465 -31.83 35.37 43.57
CA LYS GA 465 -30.56 35.49 44.25
C LYS GA 465 -29.88 34.13 44.35
N ILE GA 466 -28.55 34.17 44.42
CA ILE GA 466 -27.71 32.99 44.48
C ILE GA 466 -26.71 33.18 45.61
N TYR GA 467 -26.49 32.13 46.39
CA TYR GA 467 -25.48 32.11 47.45
C TYR GA 467 -24.50 30.98 47.15
N GLY GA 468 -23.22 31.33 47.03
CA GLY GA 468 -22.17 30.36 46.80
C GLY GA 468 -21.23 30.31 47.98
N THR GA 469 -20.71 29.12 48.26
CA THR GA 469 -19.76 28.91 49.34
C THR GA 469 -18.58 28.11 48.78
N GLY GA 470 -17.43 28.77 48.67
CA GLY GA 470 -16.25 28.12 48.15
C GLY GA 470 -15.46 27.42 49.24
N TYR GA 471 -15.62 26.10 49.34
CA TYR GA 471 -14.84 25.33 50.29
C TYR GA 471 -13.42 25.17 49.76
N LEU GA 472 -12.45 25.37 50.64
CA LEU GA 472 -11.05 25.40 50.23
C LEU GA 472 -10.14 24.94 51.36
N GLU HA 13 -31.74 40.27 52.07
CA GLU HA 13 -30.68 40.77 51.14
C GLU HA 13 -31.29 41.18 49.80
N ILE HA 14 -30.57 42.02 49.07
CA ILE HA 14 -31.01 42.49 47.75
C ILE HA 14 -30.91 41.32 46.78
N PRO HA 15 -31.77 41.22 45.76
CA PRO HA 15 -31.52 40.22 44.73
C PRO HA 15 -30.19 40.46 44.04
N GLY HA 16 -29.51 39.38 43.71
CA GLY HA 16 -28.22 39.44 43.07
C GLY HA 16 -27.39 38.24 43.44
N PHE HA 17 -26.13 38.29 43.05
CA PHE HA 17 -25.19 37.19 43.26
C PHE HA 17 -24.32 37.50 44.47
N TYR HA 18 -24.24 36.54 45.39
CA TYR HA 18 -23.42 36.64 46.58
C TYR HA 18 -22.61 35.36 46.73
N ASN HA 19 -21.42 35.50 47.31
CA ASN HA 19 -20.53 34.35 47.44
C ASN HA 19 -19.64 34.54 48.66
N ARG HA 20 -19.24 33.41 49.24
CA ARG HA 20 -18.33 33.39 50.38
C ARG HA 20 -17.37 32.22 50.21
N PHE HA 21 -16.35 32.19 51.06
CA PHE HA 21 -15.34 31.13 51.04
C PHE HA 21 -15.12 30.65 52.46
N LYS HA 22 -14.83 29.35 52.58
CA LYS HA 22 -14.66 28.71 53.87
C LYS HA 22 -13.54 27.67 53.77
N THR HA 23 -12.84 27.46 54.87
CA THR HA 23 -11.84 26.40 54.92
C THR HA 23 -12.53 25.04 54.89
N GLN HA 24 -11.84 24.07 54.28
CA GLN HA 24 -12.43 22.75 54.13
C GLN HA 24 -12.75 22.10 55.46
N ALA HA 25 -12.02 22.46 56.52
CA ALA HA 25 -12.37 22.00 57.85
C ALA HA 25 -13.76 22.47 58.28
N GLU HA 26 -14.24 23.57 57.71
CA GLU HA 26 -15.58 24.06 58.00
C GLU HA 26 -16.68 23.29 57.28
N LYS HA 27 -16.33 22.27 56.52
CA LYS HA 27 -17.34 21.48 55.82
C LYS HA 27 -18.29 20.82 56.81
N SER HA 28 -19.54 20.65 56.38
CA SER HA 28 -20.52 19.95 57.19
C SER HA 28 -20.24 18.44 57.14
N THR HA 29 -19.17 18.02 57.80
CA THR HA 29 -18.77 16.62 57.79
C THR HA 29 -19.51 15.77 58.81
N ASN HA 30 -20.44 16.35 59.57
CA ASN HA 30 -21.16 15.58 60.58
C ASN HA 30 -22.01 14.47 59.98
N THR HA 31 -22.31 14.52 58.69
CA THR HA 31 -23.09 13.47 58.06
C THR HA 31 -22.33 12.15 58.08
N GLY HA 32 -23.06 11.07 58.35
CA GLY HA 32 -22.51 9.73 58.30
C GLY HA 32 -21.91 9.22 59.58
N LEU HA 33 -21.82 10.03 60.62
CA LEU HA 33 -21.25 9.57 61.89
C LEU HA 33 -22.27 8.71 62.64
N LYS HA 34 -21.80 8.05 63.68
CA LYS HA 34 -22.62 7.15 64.48
C LYS HA 34 -22.28 7.31 65.95
N GLY HA 35 -23.20 6.85 66.80
CA GLY HA 35 -22.92 6.63 68.20
C GLY HA 35 -23.20 7.84 69.08
N ARG HA 36 -23.41 7.57 70.36
CA ARG HA 36 -23.70 8.58 71.36
C ARG HA 36 -22.84 8.34 72.61
N LEU HA 37 -22.26 9.43 73.13
CA LEU HA 37 -21.36 9.38 74.27
C LEU HA 37 -21.75 10.45 75.27
N ALA HA 38 -21.40 10.19 76.54
CA ALA HA 38 -21.70 11.07 77.66
C ALA HA 38 -20.43 11.40 78.40
N MET HA 39 -20.41 12.59 79.03
CA MET HA 39 -19.23 13.07 79.74
C MET HA 39 -19.62 14.06 80.84
N PRO HA 40 -19.16 13.88 82.11
CA PRO HA 40 -19.36 14.94 83.12
C PRO HA 40 -18.20 15.94 83.14
N ILE HA 41 -18.20 16.84 82.16
CA ILE HA 41 -17.04 17.68 81.90
C ILE HA 41 -16.94 18.79 82.94
N ARG HA 42 -15.70 19.11 83.31
CA ARG HA 42 -15.40 20.39 83.95
C ARG HA 42 -15.17 21.42 82.86
N ALA HA 43 -15.83 22.57 82.98
CA ALA HA 43 -15.79 23.60 81.94
C ALA HA 43 -15.67 24.98 82.56
N ASN HA 44 -14.85 25.82 81.94
CA ASN HA 44 -14.74 27.21 82.35
C ASN HA 44 -15.92 28.06 81.90
N TRP HA 45 -16.66 27.62 80.89
CA TRP HA 45 -17.66 28.45 80.23
C TRP HA 45 -18.84 27.56 79.84
N GLY HA 46 -20.02 28.16 79.79
CA GLY HA 46 -21.22 27.51 79.30
C GLY HA 46 -22.20 27.20 80.41
N ASP HA 47 -23.30 26.56 80.00
CA ASP HA 47 -24.36 26.21 80.93
C ASP HA 47 -23.85 25.27 82.01
N VAL HA 48 -24.40 25.44 83.22
CA VAL HA 48 -23.95 24.72 84.41
C VAL HA 48 -25.04 23.76 84.84
N GLY HA 49 -24.64 22.54 85.20
CA GLY HA 49 -25.55 21.61 85.84
C GLY HA 49 -26.60 21.00 84.93
N LYS HA 50 -26.35 20.94 83.63
CA LYS HA 50 -27.31 20.39 82.70
C LYS HA 50 -26.59 19.67 81.58
N VAL HA 51 -27.29 18.71 80.98
CA VAL HA 51 -26.78 17.98 79.83
C VAL HA 51 -27.03 18.79 78.57
N VAL HA 52 -26.07 18.78 77.66
CA VAL HA 52 -26.19 19.45 76.36
C VAL HA 52 -25.66 18.51 75.29
N THR HA 53 -26.35 18.48 74.15
CA THR HA 53 -25.98 17.64 73.02
C THR HA 53 -25.23 18.48 72.01
N ILE HA 54 -24.14 17.94 71.48
CA ILE HA 54 -23.36 18.55 70.41
C ILE HA 54 -23.34 17.59 69.24
N LYS HA 55 -23.47 18.15 68.03
CA LYS HA 55 -23.61 17.37 66.81
C LYS HA 55 -22.28 17.11 66.12
N ASN HA 56 -21.20 16.96 66.90
CA ASN HA 56 -19.86 16.73 66.37
C ASN HA 56 -19.39 17.91 65.53
N ASP HA 57 -19.28 19.06 66.18
CA ASP HA 57 -18.75 20.27 65.57
C ASP HA 57 -17.80 20.94 66.55
N LEU HA 58 -16.56 21.18 66.11
CA LEU HA 58 -15.57 21.79 67.00
C LEU HA 58 -15.99 23.19 67.41
N ARG HA 59 -16.47 23.99 66.46
CA ARG HA 59 -16.88 25.36 66.78
C ARG HA 59 -18.03 25.36 67.78
N GLN HA 60 -18.98 24.44 67.60
CA GLN HA 60 -20.09 24.33 68.54
C GLN HA 60 -19.57 24.04 69.94
N LEU HA 61 -18.62 23.12 70.06
CA LEU HA 61 -17.98 22.88 71.35
C LEU HA 61 -17.24 24.13 71.82
N LYS HA 62 -16.57 24.81 70.90
CA LYS HA 62 -15.82 26.01 71.27
C LYS HA 62 -16.75 27.09 71.80
N ASN HA 63 -17.85 27.35 71.10
CA ASN HA 63 -18.78 28.38 71.54
C ASN HA 63 -19.46 28.00 72.84
N LEU HA 64 -19.84 26.73 72.97
CA LEU HA 64 -20.62 26.31 74.13
C LEU HA 64 -19.78 26.20 75.39
N PHE HA 65 -18.47 25.93 75.26
CA PHE HA 65 -17.63 25.71 76.43
C PHE HA 65 -16.25 26.34 76.30
N GLY HA 66 -16.06 27.29 75.41
CA GLY HA 66 -14.76 27.91 75.29
C GLY HA 66 -13.75 26.96 74.69
N ASP HA 67 -12.47 27.36 74.79
CA ASP HA 67 -11.38 26.62 74.19
C ASP HA 67 -10.16 26.55 75.11
N ASP HA 68 -10.37 26.51 76.41
CA ASP HA 68 -9.28 26.43 77.38
C ASP HA 68 -8.86 24.98 77.52
N MET HA 69 -7.66 24.65 77.02
CA MET HA 69 -7.16 23.29 77.13
C MET HA 69 -6.87 22.90 78.58
N ASN HA 70 -6.67 23.88 79.46
CA ASN HA 70 -6.47 23.55 80.87
C ASN HA 70 -7.70 22.88 81.47
N TYR HA 71 -8.88 23.20 80.96
CA TYR HA 71 -10.13 22.64 81.46
C TYR HA 71 -10.48 21.38 80.69
N SER HA 72 -11.04 20.39 81.40
CA SER HA 72 -11.31 19.10 80.81
C SER HA 72 -12.36 19.16 79.69
N ALA HA 73 -13.16 20.23 79.64
CA ALA HA 73 -14.21 20.34 78.65
C ALA HA 73 -13.64 20.34 77.23
N PHE HA 74 -12.88 21.37 76.90
CA PHE HA 74 -12.35 21.48 75.55
C PHE HA 74 -11.33 20.38 75.26
N LYS HA 75 -10.50 20.05 76.25
CA LYS HA 75 -9.45 19.06 76.05
C LYS HA 75 -10.05 17.70 75.71
N LEU HA 76 -10.80 17.12 76.64
CA LEU HA 76 -11.39 15.81 76.38
C LEU HA 76 -12.47 15.87 75.32
N GLY HA 77 -13.21 16.98 75.27
CA GLY HA 77 -14.22 17.13 74.23
C GLY HA 77 -13.63 17.09 72.84
N LYS HA 78 -12.46 17.70 72.67
CA LYS HA 78 -11.79 17.62 71.37
C LYS HA 78 -11.42 16.18 71.03
N LEU HA 79 -10.91 15.43 72.01
CA LEU HA 79 -10.56 14.04 71.75
C LEU HA 79 -11.78 13.22 71.39
N ALA HA 80 -12.87 13.37 72.14
CA ALA HA 80 -14.10 12.66 71.80
C ALA HA 80 -14.62 13.09 70.44
N LEU HA 81 -14.50 14.39 70.14
CA LEU HA 81 -14.90 14.87 68.83
C LEU HA 81 -14.07 14.22 67.74
N LEU HA 82 -12.76 14.07 67.97
CA LEU HA 82 -11.91 13.38 67.01
C LEU HA 82 -12.27 11.92 66.87
N GLY HA 83 -12.95 11.34 67.86
CA GLY HA 83 -13.40 9.97 67.76
C GLY HA 83 -14.59 9.73 66.85
N ASN HA 84 -15.13 10.78 66.24
CA ASN HA 84 -16.17 10.67 65.22
C ASN HA 84 -17.48 10.15 65.80
N VAL HA 85 -17.83 10.64 66.97
CA VAL HA 85 -19.11 10.31 67.59
C VAL HA 85 -20.19 11.19 66.98
N LYS HA 86 -21.35 10.60 66.70
CA LYS HA 86 -22.43 11.36 66.09
C LYS HA 86 -22.94 12.46 67.02
N GLU HA 87 -23.09 12.14 68.31
CA GLU HA 87 -23.65 13.08 69.27
C GLU HA 87 -22.95 12.91 70.60
N LEU HA 88 -22.51 14.02 71.18
CA LEU HA 88 -21.81 14.03 72.45
C LEU HA 88 -22.68 14.75 73.48
N LEU HA 89 -22.98 14.06 74.58
CA LEU HA 89 -23.87 14.58 75.62
C LEU HA 89 -23.00 15.07 76.76
N LEU HA 90 -22.70 16.37 76.76
CA LEU HA 90 -21.80 16.96 77.74
C LEU HA 90 -22.59 17.53 78.91
N TYR HA 91 -22.06 17.34 80.11
CA TYR HA 91 -22.60 17.89 81.34
C TYR HA 91 -21.51 18.70 82.01
N ARG HA 92 -21.80 19.97 82.29
CA ARG HA 92 -20.83 20.83 82.97
C ARG HA 92 -20.86 20.51 84.46
N LEU HA 93 -20.02 19.57 84.87
CA LEU HA 93 -19.83 19.33 86.28
C LEU HA 93 -19.27 20.59 86.95
N VAL HA 94 -19.69 20.85 88.18
CA VAL HA 94 -19.29 22.05 88.90
C VAL HA 94 -19.14 21.72 90.38
N ASP HA 95 -18.29 22.51 91.05
CA ASP HA 95 -18.07 22.36 92.48
C ASP HA 95 -19.13 23.06 93.32
N GLY HA 96 -19.93 23.92 92.72
CA GLY HA 96 -20.64 24.93 93.47
C GLY HA 96 -19.83 26.21 93.49
N ASN HA 97 -20.22 27.11 94.39
CA ASN HA 97 -19.60 28.44 94.48
C ASN HA 97 -19.69 29.18 93.15
N GLN HA 98 -20.77 28.90 92.40
CA GLN HA 98 -20.86 29.36 91.03
C GLN HA 98 -21.20 30.84 90.98
N LYS HA 99 -20.56 31.56 90.06
CA LYS HA 99 -20.86 32.96 89.86
C LYS HA 99 -20.60 33.32 88.40
N LYS HA 100 -21.24 34.41 87.98
CA LYS HA 100 -21.07 34.95 86.64
C LYS HA 100 -20.28 36.25 86.72
N GLY HA 101 -19.40 36.45 85.74
CA GLY HA 101 -18.69 37.70 85.63
C GLY HA 101 -19.69 38.83 85.48
N THR HA 102 -19.52 39.90 86.26
CA THR HA 102 -20.48 40.97 86.32
C THR HA 102 -19.75 42.30 86.50
N LEU HA 103 -20.43 43.37 86.08
CA LEU HA 103 -19.89 44.72 86.19
C LEU HA 103 -21.04 45.70 86.14
N THR HA 104 -20.82 46.87 86.73
CA THR HA 104 -21.81 47.94 86.77
C THR HA 104 -21.16 49.22 86.28
N LEU HA 105 -21.81 49.88 85.33
CA LEU HA 105 -21.30 51.09 84.69
C LEU HA 105 -22.15 52.29 85.11
N LYS HA 106 -21.49 53.45 85.21
CA LYS HA 106 -22.03 54.61 85.89
C LYS HA 106 -22.10 55.82 84.97
N ASP HA 107 -22.95 56.76 85.35
CA ASP HA 107 -23.25 57.94 84.57
C ASP HA 107 -22.33 59.10 84.96
N THR HA 108 -22.07 59.98 83.99
CA THR HA 108 -21.14 61.08 84.18
C THR HA 108 -21.79 62.30 84.83
N THR HA 109 -22.90 62.77 84.28
CA THR HA 109 -23.44 64.08 84.68
C THR HA 109 -23.81 64.11 86.16
N GLU HA 110 -24.27 63.00 86.72
CA GLU HA 110 -24.55 62.95 88.14
C GLU HA 110 -23.24 62.96 88.90
N ASN HA 111 -23.04 63.98 89.74
CA ASN HA 111 -21.81 64.05 90.54
C ASN HA 111 -21.69 62.89 91.51
N SER HA 112 -22.81 62.27 91.88
CA SER HA 112 -22.76 61.01 92.62
C SER HA 112 -22.39 59.82 91.74
N ALA HA 113 -22.29 60.00 90.42
CA ALA HA 113 -21.93 58.93 89.49
C ALA HA 113 -22.94 57.78 89.59
N LYS HA 114 -24.16 58.09 89.20
CA LYS HA 114 -25.26 57.13 89.31
C LYS HA 114 -24.98 55.88 88.50
N ASP HA 115 -25.15 54.72 89.13
CA ASP HA 115 -25.04 53.44 88.42
C ASP HA 115 -26.34 53.18 87.67
N VAL HA 116 -26.21 52.94 86.36
CA VAL HA 116 -27.36 52.91 85.46
C VAL HA 116 -27.45 51.58 84.70
N ILE HA 117 -26.30 50.93 84.49
CA ILE HA 117 -26.24 49.70 83.69
C ILE HA 117 -25.40 48.67 84.41
N LYS HA 118 -25.91 47.44 84.45
CA LYS HA 118 -25.16 46.28 84.94
C LYS HA 118 -24.97 45.31 83.79
N LEU HA 119 -23.72 44.93 83.54
CA LEU HA 119 -23.37 43.92 82.55
C LEU HA 119 -23.08 42.61 83.25
N GLU HA 120 -23.30 41.51 82.54
CA GLU HA 120 -23.09 40.19 83.10
C GLU HA 120 -22.75 39.21 81.99
N THR HA 121 -21.87 38.26 82.30
CA THR HA 121 -21.54 37.22 81.35
C THR HA 121 -22.76 36.35 81.09
N LYS HA 122 -22.82 35.78 79.89
CA LYS HA 122 -23.97 34.95 79.52
C LYS HA 122 -24.05 33.70 80.41
N TYR HA 123 -22.91 33.10 80.72
CA TYR HA 123 -22.81 31.90 81.53
C TYR HA 123 -21.84 32.13 82.67
N PRO HA 124 -21.91 31.33 83.74
CA PRO HA 124 -20.88 31.43 84.78
C PRO HA 124 -19.51 31.08 84.23
N THR HA 125 -18.50 31.75 84.76
CA THR HA 125 -17.12 31.53 84.35
C THR HA 125 -16.21 32.32 85.27
N ALA HA 126 -14.90 32.24 85.00
CA ALA HA 126 -13.90 33.04 85.67
C ALA HA 126 -12.94 33.71 84.70
N ARG HA 127 -13.17 33.60 83.39
CA ARG HA 127 -12.28 34.19 82.41
C ARG HA 127 -12.36 35.72 82.46
N ASN HA 128 -11.33 36.36 81.93
CA ASN HA 128 -11.14 37.80 82.08
C ASN HA 128 -11.87 38.54 80.96
N PHE HA 129 -13.18 38.70 81.14
CA PHE HA 129 -13.94 39.63 80.32
C PHE HA 129 -13.72 41.04 80.84
N ASN HA 130 -13.45 41.96 79.91
CA ASN HA 130 -13.14 43.34 80.24
C ASN HA 130 -13.93 44.28 79.34
N VAL HA 131 -14.18 45.48 79.85
CA VAL HA 131 -14.95 46.51 79.15
C VAL HA 131 -14.08 47.76 79.05
N THR HA 132 -14.09 48.36 77.86
CA THR HA 132 -13.43 49.63 77.61
C THR HA 132 -14.42 50.53 76.89
N ILE HA 133 -14.74 51.68 77.51
CA ILE HA 133 -15.60 52.69 76.93
C ILE HA 133 -14.80 53.98 76.80
N LYS HA 134 -14.77 54.53 75.60
CA LYS HA 134 -14.07 55.77 75.31
C LYS HA 134 -15.01 56.71 74.58
N SER HA 135 -14.70 58.00 74.68
CA SER HA 135 -15.48 59.00 73.95
C SER HA 135 -15.39 58.74 72.45
N ASN HA 136 -16.54 58.69 71.79
CA ASN HA 136 -16.56 58.51 70.35
C ASN HA 136 -15.98 59.76 69.71
N LEU HA 137 -14.84 59.60 69.02
CA LEU HA 137 -14.10 60.76 68.55
C LEU HA 137 -14.89 61.56 67.52
N VAL HA 138 -15.69 60.88 66.72
CA VAL HA 138 -16.51 61.59 65.73
C VAL HA 138 -17.53 62.49 66.42
N ASP HA 139 -18.16 61.99 67.48
CA ASP HA 139 -19.26 62.69 68.13
C ASP HA 139 -19.25 62.36 69.62
N SER HA 140 -19.08 63.38 70.45
CA SER HA 140 -19.13 63.17 71.89
C SER HA 140 -20.50 62.73 72.38
N ASP HA 141 -21.56 63.04 71.63
CA ASP HA 141 -22.90 62.64 72.03
C ASP HA 141 -23.08 61.13 72.00
N LYS HA 142 -22.21 60.40 71.29
CA LYS HA 142 -22.15 58.95 71.32
C LYS HA 142 -20.85 58.53 71.96
N LYS HA 143 -20.73 57.21 72.18
CA LYS HA 143 -19.50 56.66 72.73
C LYS HA 143 -19.34 55.23 72.22
N ASP HA 144 -18.08 54.84 72.02
CA ASP HA 144 -17.75 53.53 71.48
C ASP HA 144 -17.63 52.53 72.62
N PHE HA 145 -18.49 51.51 72.60
CA PHE HA 145 -18.49 50.44 73.59
C PHE HA 145 -17.74 49.25 73.00
N ILE HA 146 -16.53 49.00 73.49
CA ILE HA 146 -15.69 47.91 73.02
C ILE HA 146 -15.61 46.89 74.14
N PHE HA 147 -16.02 45.66 73.85
CA PHE HA 147 -16.01 44.56 74.79
C PHE HA 147 -14.76 43.71 74.58
N PHE HA 148 -14.09 43.37 75.67
CA PHE HA 148 -12.81 42.69 75.65
C PHE HA 148 -12.87 41.39 76.44
N GLU HA 149 -12.11 40.41 75.97
CA GLU HA 149 -11.76 39.23 76.76
C GLU HA 149 -10.25 39.28 76.93
N ASN HA 150 -9.80 39.66 78.12
CA ASN HA 150 -8.38 39.86 78.39
C ASN HA 150 -7.91 40.98 77.45
N THR HA 151 -6.67 40.94 76.95
CA THR HA 151 -6.22 41.98 76.04
C THR HA 151 -6.86 41.90 74.67
N LYS HA 152 -7.59 40.83 74.36
CA LYS HA 152 -8.17 40.66 73.04
C LYS HA 152 -9.51 41.39 72.94
N GLN HA 153 -9.66 42.17 71.88
CA GLN HA 153 -10.98 42.72 71.56
C GLN HA 153 -11.93 41.58 71.22
N LEU HA 154 -13.18 41.73 71.64
CA LEU HA 154 -14.22 40.74 71.42
C LEU HA 154 -15.45 41.28 70.73
N PHE HA 155 -15.73 42.57 70.84
CA PHE HA 155 -16.88 43.17 70.17
C PHE HA 155 -16.81 44.68 70.35
N SER HA 156 -17.19 45.42 69.31
CA SER HA 156 -17.19 46.88 69.34
C SER HA 156 -18.50 47.40 68.77
N SER HA 157 -18.93 48.55 69.28
CA SER HA 157 -20.13 49.22 68.79
C SER HA 157 -20.25 50.59 69.42
N SER HA 158 -20.69 51.56 68.63
CA SER HA 158 -21.09 52.87 69.14
C SER HA 158 -22.56 52.80 69.54
N ILE HA 159 -22.97 53.74 70.41
CA ILE HA 159 -24.29 53.67 71.04
C ILE HA 159 -24.77 55.06 71.40
N LYS HA 160 -26.09 55.22 71.43
CA LYS HA 160 -26.74 56.43 71.92
C LYS HA 160 -26.59 56.52 73.44
N GLY HA 161 -26.73 57.75 73.95
CA GLY HA 161 -26.53 57.97 75.37
C GLY HA 161 -27.64 57.48 76.28
N THR HA 162 -28.85 57.33 75.75
CA THR HA 162 -29.96 56.87 76.57
C THR HA 162 -29.72 55.45 77.05
N ILE HA 163 -30.11 55.18 78.30
CA ILE HA 163 -29.72 53.94 78.96
C ILE HA 163 -30.39 52.74 78.29
N ASP HA 164 -31.68 52.87 77.96
CA ASP HA 164 -32.43 51.73 77.45
C ASP HA 164 -31.85 51.24 76.13
N GLU HA 165 -31.48 52.16 75.24
CA GLU HA 165 -30.85 51.75 74.00
C GLU HA 165 -29.51 51.08 74.24
N ILE HA 166 -28.73 51.58 75.22
CA ILE HA 166 -27.40 51.03 75.46
C ILE HA 166 -27.50 49.56 75.86
N VAL HA 167 -28.41 49.25 76.79
CA VAL HA 167 -28.61 47.86 77.18
C VAL HA 167 -29.14 47.07 75.99
N LEU HA 168 -30.02 47.69 75.19
CA LEU HA 168 -30.55 47.00 74.02
C LEU HA 168 -29.45 46.77 72.98
N GLU HA 169 -28.65 47.81 72.69
CA GLU HA 169 -27.62 47.67 71.67
C GLU HA 169 -26.59 46.61 72.06
N ILE HA 170 -26.21 46.57 73.33
CA ILE HA 170 -25.29 45.52 73.78
C ILE HA 170 -25.93 44.15 73.59
N ASN HA 171 -27.18 44.01 74.01
CA ASN HA 171 -27.90 42.76 73.82
C ASN HA 171 -28.34 42.54 72.38
N SER HA 172 -28.20 43.54 71.50
CA SER HA 172 -28.68 43.46 70.13
C SER HA 172 -27.67 42.83 69.19
N ASN HA 173 -26.41 43.28 69.24
CA ASN HA 173 -25.45 42.90 68.22
C ASN HA 173 -25.12 41.41 68.30
N LEU HA 174 -24.66 40.88 67.16
CA LEU HA 174 -24.44 39.45 67.03
C LEU HA 174 -23.32 38.96 67.95
N ASP HA 175 -22.26 39.74 68.12
CA ASP HA 175 -21.05 39.27 68.79
C ASP HA 175 -21.14 39.33 70.32
N ASN HA 176 -22.33 39.48 70.89
CA ASN HA 176 -22.52 39.51 72.34
C ASN HA 176 -23.08 38.20 72.86
N GLU HA 177 -22.61 37.08 72.33
CA GLU HA 177 -22.92 35.77 72.92
C GLU HA 177 -22.27 35.58 74.28
N TYR HA 178 -21.34 36.45 74.66
CA TYR HA 178 -20.59 36.31 75.91
C TYR HA 178 -21.18 37.10 77.06
N VAL HA 179 -21.79 38.25 76.78
CA VAL HA 179 -22.22 39.18 77.81
C VAL HA 179 -23.61 39.71 77.45
N ILE HA 180 -24.39 39.96 78.49
CA ILE HA 180 -25.75 40.51 78.37
C ILE HA 180 -25.83 41.74 79.26
N ALA HA 181 -26.26 42.85 78.68
CA ALA HA 181 -26.41 44.09 79.43
C ALA HA 181 -27.74 44.11 80.19
N THR HA 182 -27.78 44.91 81.25
CA THR HA 182 -28.97 45.06 82.06
C THR HA 182 -28.99 46.47 82.62
N LYS HA 183 -30.18 47.07 82.65
CA LYS HA 183 -30.33 48.43 83.15
C LYS HA 183 -30.56 48.43 84.65
N VAL HA 184 -29.77 49.20 85.37
CA VAL HA 184 -30.01 49.45 86.80
C VAL HA 184 -30.90 50.66 87.00
N ALA HA 185 -30.66 51.73 86.26
CA ALA HA 185 -31.43 52.97 86.41
C ALA HA 185 -31.33 53.77 85.12
N ASP HA 186 -32.19 54.78 85.01
CA ASP HA 186 -32.23 55.67 83.86
C ASP HA 186 -31.31 56.85 84.08
N SER HA 187 -30.86 57.45 82.98
CA SER HA 187 -30.10 58.68 83.02
C SER HA 187 -30.05 59.25 81.61
N ASP HA 188 -29.66 60.52 81.53
CA ASP HA 188 -29.64 61.23 80.26
C ASP HA 188 -28.27 61.23 79.58
N THR HA 189 -27.20 61.28 80.35
CA THR HA 189 -25.86 61.44 79.82
C THR HA 189 -25.17 60.08 79.70
N ILE HA 190 -24.20 60.01 78.79
CA ILE HA 190 -23.57 58.73 78.45
C ILE HA 190 -22.77 58.23 79.65
N LEU HA 191 -22.47 56.93 79.63
CA LEU HA 191 -21.65 56.32 80.66
C LEU HA 191 -20.27 56.97 80.70
N ALA HA 192 -19.59 56.77 81.83
CA ALA HA 192 -18.24 57.29 82.01
C ALA HA 192 -17.25 56.49 81.19
N ASN HA 193 -16.27 57.20 80.62
CA ASN HA 193 -15.21 56.52 79.89
C ASN HA 193 -14.40 55.67 80.85
N VAL HA 194 -14.14 54.43 80.47
CA VAL HA 194 -13.30 53.52 81.25
C VAL HA 194 -12.58 52.61 80.27
N VAL HA 195 -11.50 51.99 80.73
CA VAL HA 195 -10.65 51.15 79.91
C VAL HA 195 -10.45 49.81 80.60
N ASN HA 196 -10.92 48.74 79.97
CA ASN HA 196 -10.57 47.38 80.37
C ASN HA 196 -11.01 47.06 81.79
N GLN HA 197 -12.25 47.41 82.12
CA GLN HA 197 -12.80 47.11 83.43
C GLN HA 197 -13.26 45.67 83.45
N ALA HA 198 -12.62 44.86 84.29
CA ALA HA 198 -12.91 43.43 84.34
C ALA HA 198 -14.29 43.18 84.94
N LEU HA 199 -14.99 42.18 84.39
CA LEU HA 199 -16.28 41.75 84.92
C LEU HA 199 -16.03 40.82 86.11
N GLU HA 200 -15.60 41.44 87.21
CA GLU HA 200 -15.19 40.68 88.37
C GLU HA 200 -16.39 39.99 89.01
N GLY HA 201 -16.09 39.13 89.98
CA GLY HA 201 -17.11 38.41 90.72
C GLY HA 201 -17.51 37.08 90.15
N GLY HA 202 -17.07 36.74 88.93
CA GLY HA 202 -17.42 35.47 88.34
C GLY HA 202 -16.63 34.31 88.91
N ASN HA 203 -17.09 33.10 88.56
CA ASN HA 203 -16.43 31.88 89.01
C ASN HA 203 -16.92 30.72 88.16
N ASP HA 204 -15.99 29.90 87.67
CA ASP HA 204 -16.34 28.74 86.88
C ASP HA 204 -16.65 27.51 87.72
N GLY HA 205 -16.26 27.50 89.00
CA GLY HA 205 -16.52 26.37 89.85
C GLY HA 205 -15.64 25.17 89.62
N CYS HA 206 -14.62 25.29 88.76
CA CYS HA 206 -13.69 24.19 88.56
C CYS HA 206 -12.85 23.89 89.80
N THR HA 207 -12.75 24.85 90.71
CA THR HA 207 -11.88 24.69 91.87
C THR HA 207 -12.47 23.66 92.83
N SER HA 208 -11.67 22.64 93.15
CA SER HA 208 -11.97 21.70 94.22
C SER HA 208 -13.30 20.97 93.99
N ILE HA 209 -13.40 20.36 92.80
CA ILE HA 209 -14.59 19.57 92.47
C ILE HA 209 -14.70 18.43 93.46
N THR HA 210 -15.89 18.27 94.04
CA THR HA 210 -16.11 17.22 95.02
C THR HA 210 -16.36 15.88 94.33
N ASN HA 211 -16.03 14.81 95.04
CA ASN HA 211 -16.37 13.48 94.57
C ASN HA 211 -17.88 13.33 94.41
N GLU HA 212 -18.65 13.90 95.35
CA GLU HA 212 -20.09 13.75 95.33
C GLU HA 212 -20.71 14.45 94.12
N SER HA 213 -20.13 15.56 93.67
CA SER HA 213 -20.76 16.36 92.63
C SER HA 213 -20.93 15.59 91.32
N TYR HA 214 -20.08 14.59 91.09
CA TYR HA 214 -20.25 13.75 89.90
C TYR HA 214 -21.61 13.06 89.90
N LEU HA 215 -22.12 12.69 91.08
CA LEU HA 215 -23.37 11.95 91.15
C LEU HA 215 -24.53 12.74 90.59
N LYS HA 216 -24.50 14.07 90.72
CA LYS HA 216 -25.55 14.90 90.16
C LYS HA 216 -25.63 14.73 88.64
N ALA HA 217 -24.47 14.70 87.99
CA ALA HA 217 -24.45 14.49 86.54
C ALA HA 217 -25.03 13.13 86.18
N LEU HA 218 -24.73 12.11 86.99
CA LEU HA 218 -25.20 10.76 86.71
C LEU HA 218 -26.72 10.71 86.66
N GLU HA 219 -27.38 11.25 87.68
CA GLU HA 219 -28.83 11.23 87.72
C GLU HA 219 -29.42 12.05 86.58
N GLU HA 220 -28.81 13.19 86.27
CA GLU HA 220 -29.26 13.98 85.13
C GLU HA 220 -29.12 13.20 83.83
N PHE HA 221 -28.01 12.48 83.67
CA PHE HA 221 -27.81 11.70 82.46
C PHE HA 221 -28.81 10.57 82.32
N GLU HA 222 -29.37 10.08 83.43
CA GLU HA 222 -30.23 8.90 83.37
C GLU HA 222 -31.47 9.15 82.52
N ARG HA 223 -32.08 10.33 82.66
CA ARG HA 223 -33.27 10.64 81.87
C ARG HA 223 -32.96 10.62 80.38
N TYR HA 224 -31.71 10.95 80.01
CA TYR HA 224 -31.29 10.87 78.62
C TYR HA 224 -30.91 9.42 78.28
N SER HA 225 -30.60 9.19 77.00
CA SER HA 225 -30.16 7.90 76.51
C SER HA 225 -28.88 8.08 75.71
N PHE HA 226 -27.94 7.17 75.90
CA PHE HA 226 -26.65 7.24 75.24
C PHE HA 226 -26.05 5.86 75.19
N ASP HA 227 -25.16 5.65 74.22
CA ASP HA 227 -24.59 4.33 74.00
C ASP HA 227 -23.51 3.99 75.02
N SER HA 228 -22.76 4.98 75.50
CA SER HA 228 -21.70 4.71 76.46
C SER HA 228 -21.46 5.95 77.30
N PHE HA 229 -20.77 5.74 78.42
CA PHE HA 229 -20.43 6.79 79.37
C PHE HA 229 -18.96 6.65 79.73
N VAL HA 230 -18.28 7.78 79.86
CA VAL HA 230 -16.86 7.81 80.20
C VAL HA 230 -16.64 8.94 81.20
N LEU HA 231 -15.77 8.68 82.17
CA LEU HA 231 -15.52 9.66 83.21
C LEU HA 231 -14.74 10.84 82.64
N ASP HA 232 -14.60 11.88 83.46
CA ASP HA 232 -13.97 13.13 83.04
C ASP HA 232 -12.46 13.11 83.24
N GLY HA 233 -11.81 12.07 82.72
CA GLY HA 233 -10.37 11.97 82.85
C GLY HA 233 -9.90 11.92 84.29
N VAL HA 234 -10.57 11.12 85.13
CA VAL HA 234 -10.27 11.00 86.54
C VAL HA 234 -10.23 9.52 86.89
N ALA HA 235 -9.22 9.10 87.66
CA ALA HA 235 -9.00 7.71 88.02
C ALA HA 235 -9.28 7.46 89.50
N ASP HA 236 -10.10 8.30 90.12
CA ASP HA 236 -10.44 8.09 91.53
C ASP HA 236 -11.22 6.80 91.70
N GLU HA 237 -10.77 5.97 92.63
CA GLU HA 237 -11.38 4.65 92.80
C GLU HA 237 -12.83 4.76 93.22
N ALA HA 238 -13.15 5.72 94.10
CA ALA HA 238 -14.52 5.86 94.57
C ALA HA 238 -15.48 6.17 93.43
N LEU HA 239 -15.08 7.07 92.53
CA LEU HA 239 -15.94 7.38 91.38
C LEU HA 239 -16.14 6.16 90.51
N GLN HA 240 -15.07 5.42 90.25
CA GLN HA 240 -15.18 4.24 89.40
C GLN HA 240 -16.13 3.21 90.00
N GLU HA 241 -15.98 2.94 91.30
CA GLU HA 241 -16.92 2.05 91.97
C GLU HA 241 -18.32 2.63 91.98
N THR HA 242 -18.45 3.93 92.23
CA THR HA 242 -19.74 4.57 92.18
C THR HA 242 -20.35 4.47 90.79
N THR HA 243 -19.57 4.77 89.76
CA THR HA 243 -20.07 4.65 88.39
C THR HA 243 -20.34 3.19 88.04
N LYS HA 244 -19.54 2.27 88.56
CA LYS HA 244 -19.78 0.85 88.33
C LYS HA 244 -21.16 0.46 88.83
N ALA HA 245 -21.47 0.83 90.08
CA ALA HA 245 -22.80 0.54 90.61
C ALA HA 245 -23.88 1.29 89.83
N TRP HA 246 -23.60 2.53 89.45
CA TRP HA 246 -24.59 3.33 88.75
C TRP HA 246 -24.94 2.72 87.40
N VAL HA 247 -23.93 2.31 86.63
CA VAL HA 247 -24.20 1.68 85.35
C VAL HA 247 -24.90 0.34 85.55
N ALA HA 248 -24.47 -0.42 86.55
CA ALA HA 248 -25.13 -1.69 86.84
C ALA HA 248 -26.59 -1.49 87.19
N LYS HA 249 -26.88 -0.43 87.95
CA LYS HA 249 -28.27 -0.12 88.28
C LYS HA 249 -29.07 0.17 87.02
N ASN HA 250 -28.50 0.96 86.10
CA ASN HA 250 -29.22 1.34 84.90
C ASN HA 250 -29.47 0.14 83.99
N LYS HA 251 -28.60 -0.87 84.05
CA LYS HA 251 -28.86 -2.10 83.30
C LYS HA 251 -30.14 -2.76 83.77
N GLU HA 252 -30.35 -2.80 85.09
CA GLU HA 252 -31.56 -3.42 85.63
C GLU HA 252 -32.80 -2.64 85.20
N LEU HA 253 -32.66 -1.34 84.97
CA LEU HA 253 -33.74 -0.54 84.42
C LEU HA 253 -33.87 -0.69 82.91
N GLY HA 254 -33.06 -1.54 82.28
CA GLY HA 254 -33.10 -1.74 80.85
C GLY HA 254 -32.15 -0.86 80.07
N LYS HA 255 -31.55 0.15 80.70
CA LYS HA 255 -30.60 1.03 80.02
C LYS HA 255 -29.23 0.37 80.04
N ASP HA 256 -28.79 -0.10 78.87
CA ASP HA 256 -27.51 -0.78 78.73
C ASP HA 256 -26.45 0.26 78.38
N ILE HA 257 -25.73 0.71 79.40
CA ILE HA 257 -24.68 1.72 79.24
C ILE HA 257 -23.34 1.03 79.31
N LEU HA 258 -22.47 1.35 78.36
CA LEU HA 258 -21.11 0.83 78.32
C LEU HA 258 -20.17 1.84 78.97
N LEU HA 259 -19.42 1.39 79.96
CA LEU HA 259 -18.54 2.25 80.74
C LEU HA 259 -17.10 2.09 80.30
N PHE HA 260 -16.40 3.21 80.17
CA PHE HA 260 -14.98 3.25 79.85
C PHE HA 260 -14.24 3.93 80.99
N LEU HA 261 -13.17 3.29 81.44
CA LEU HA 261 -12.36 3.80 82.54
C LEU HA 261 -10.89 3.69 82.17
N GLY HA 262 -10.06 4.38 82.93
CA GLY HA 262 -8.62 4.31 82.78
C GLY HA 262 -7.92 4.44 84.11
N GLY HA 263 -6.95 3.58 84.37
CA GLY HA 263 -6.28 3.58 85.64
C GLY HA 263 -5.47 4.84 85.88
N LYS HA 264 -5.02 4.97 87.13
CA LYS HA 264 -4.29 6.17 87.53
C LYS HA 264 -2.95 6.23 86.81
N THR HA 265 -2.40 7.44 86.74
CA THR HA 265 -1.16 7.67 85.98
C THR HA 265 -0.01 6.84 86.54
N GLU HA 266 0.09 6.74 87.86
CA GLU HA 266 1.21 6.06 88.49
C GLU HA 266 1.02 4.55 88.59
N ASP HA 267 -0.14 4.02 88.21
CA ASP HA 267 -0.33 2.58 88.20
C ASP HA 267 0.61 1.93 87.21
N ASN HA 268 1.27 0.85 87.65
CA ASN HA 268 2.12 0.07 86.76
C ASN HA 268 1.26 -0.97 86.06
N ILE HA 269 1.90 -1.85 85.30
CA ILE HA 269 1.16 -2.93 84.65
C ILE HA 269 0.50 -3.82 85.68
N LYS HA 270 1.18 -4.06 86.80
CA LYS HA 270 0.62 -4.90 87.85
C LYS HA 270 -0.67 -4.29 88.41
N GLN HA 271 -0.63 -3.00 88.73
CA GLN HA 271 -1.81 -2.35 89.29
C GLN HA 271 -2.96 -2.34 88.29
N ILE HA 272 -2.66 -2.03 87.03
CA ILE HA 272 -3.71 -1.92 86.03
C ILE HA 272 -4.40 -3.27 85.83
N ASN HA 273 -3.60 -4.33 85.65
CA ASN HA 273 -4.17 -5.64 85.41
C ASN HA 273 -4.99 -6.12 86.60
N ASP HA 274 -4.52 -5.86 87.81
CA ASP HA 274 -5.29 -6.21 89.00
C ASP HA 274 -6.60 -5.43 89.04
N LYS HA 275 -6.56 -4.15 88.67
CA LYS HA 275 -7.79 -3.37 88.62
C LYS HA 275 -8.78 -3.95 87.62
N SER HA 276 -8.30 -4.33 86.44
CA SER HA 276 -9.17 -4.96 85.46
C SER HA 276 -9.69 -6.29 85.97
N LYS HA 277 -8.82 -7.09 86.57
CA LYS HA 277 -9.27 -8.36 87.14
C LYS HA 277 -10.25 -8.15 88.29
N SER HA 278 -10.06 -7.07 89.05
CA SER HA 278 -10.89 -6.86 90.24
C SER HA 278 -12.36 -6.70 89.87
N PHE HA 279 -12.65 -5.94 88.82
CA PHE HA 279 -13.99 -5.83 88.26
C PHE HA 279 -13.92 -6.25 86.80
N ASN HA 280 -14.52 -7.40 86.49
CA ASN HA 280 -14.47 -7.99 85.15
C ASN HA 280 -15.84 -7.92 84.47
N ASP HA 281 -16.56 -6.83 84.69
CA ASP HA 281 -17.82 -6.63 83.99
C ASP HA 281 -17.55 -6.38 82.51
N GLU HA 282 -18.39 -6.97 81.66
CA GLU HA 282 -18.26 -6.73 80.23
C GLU HA 282 -18.64 -5.31 79.85
N ASN HA 283 -19.32 -4.58 80.72
CA ASN HA 283 -19.67 -3.19 80.48
C ASN HA 283 -18.60 -2.20 80.92
N ILE HA 284 -17.44 -2.69 81.37
CA ILE HA 284 -16.37 -1.85 81.89
C ILE HA 284 -15.11 -2.12 81.08
N VAL HA 285 -14.36 -1.05 80.80
CA VAL HA 285 -13.13 -1.12 80.02
C VAL HA 285 -12.06 -0.32 80.74
N ASN HA 286 -10.87 -0.90 80.89
CA ASN HA 286 -9.72 -0.23 81.48
C ASN HA 286 -8.69 0.06 80.40
N VAL HA 287 -8.27 1.32 80.33
CA VAL HA 287 -7.15 1.72 79.48
C VAL HA 287 -5.88 1.61 80.31
N GLY HA 288 -4.89 0.89 79.78
CA GLY HA 288 -3.66 0.64 80.49
C GLY HA 288 -2.46 1.32 79.88
N SER HA 289 -2.64 2.52 79.34
CA SER HA 289 -1.52 3.23 78.75
C SER HA 289 -1.90 4.69 78.53
N SER HA 290 -0.99 5.58 78.92
CA SER HA 290 -1.09 6.99 78.56
C SER HA 290 -0.76 7.14 77.08
N ALA HA 291 -0.87 8.36 76.57
CA ALA HA 291 -0.63 8.58 75.15
C ALA HA 291 -0.24 10.04 74.93
N TYR HA 292 0.37 10.27 73.78
CA TYR HA 292 0.80 11.62 73.37
C TYR HA 292 -0.02 12.21 72.23
N TYR HA 293 -0.14 13.54 72.24
CA TYR HA 293 -0.86 14.24 71.18
C TYR HA 293 -0.40 15.68 71.22
N GLU HA 294 0.33 16.09 70.16
CA GLU HA 294 1.16 17.31 70.09
C GLU HA 294 1.84 17.70 71.39
N ASN HA 295 2.65 16.79 71.93
CA ASN HA 295 3.48 16.99 73.11
C ASN HA 295 2.68 17.10 74.41
N ILE HA 296 1.36 16.87 74.37
CA ILE HA 296 0.51 16.95 75.55
C ILE HA 296 0.20 15.54 75.98
N LYS HA 297 0.61 15.19 77.20
CA LYS HA 297 0.33 13.85 77.71
C LYS HA 297 -1.13 13.70 78.06
N TYR HA 298 -1.63 12.47 77.91
CA TYR HA 298 -2.99 12.11 78.27
C TYR HA 298 -2.93 10.86 79.13
N THR HA 299 -3.40 10.98 80.37
CA THR HA 299 -3.38 9.86 81.27
C THR HA 299 -4.33 8.78 80.77
N PRO HA 300 -4.20 7.54 81.27
CA PRO HA 300 -5.10 6.48 80.82
C PRO HA 300 -6.56 6.81 81.03
N SER HA 301 -6.89 7.53 82.11
CA SER HA 301 -8.25 8.01 82.28
C SER HA 301 -8.62 8.98 81.17
N GLU HA 302 -7.72 9.89 80.82
CA GLU HA 302 -8.00 10.82 79.73
C GLU HA 302 -8.12 10.09 78.40
N VAL HA 303 -7.24 9.13 78.14
CA VAL HA 303 -7.26 8.42 76.87
C VAL HA 303 -8.56 7.64 76.70
N ALA HA 304 -9.16 7.19 77.81
CA ALA HA 304 -10.40 6.42 77.72
C ALA HA 304 -11.51 7.20 77.03
N VAL HA 305 -11.47 8.53 77.11
CA VAL HA 305 -12.44 9.35 76.38
C VAL HA 305 -12.33 9.08 74.89
N TYR HA 306 -11.11 9.15 74.35
CA TYR HA 306 -10.92 8.89 72.93
C TYR HA 306 -11.25 7.45 72.59
N ILE HA 307 -10.87 6.51 73.47
CA ILE HA 307 -11.17 5.11 73.23
C ILE HA 307 -12.68 4.90 73.23
N ALA HA 308 -13.37 5.50 74.18
CA ALA HA 308 -14.83 5.38 74.23
C ALA HA 308 -15.46 5.96 72.97
N ALA HA 309 -14.96 7.11 72.52
CA ALA HA 309 -15.52 7.74 71.33
C ALA HA 309 -15.33 6.87 70.09
N LEU HA 310 -14.14 6.29 69.93
CA LEU HA 310 -13.91 5.43 68.77
C LEU HA 310 -14.80 4.20 68.81
N SER HA 311 -14.91 3.56 69.98
CA SER HA 311 -15.75 2.38 70.09
C SER HA 311 -17.20 2.73 69.80
N VAL HA 312 -17.67 3.84 70.34
CA VAL HA 312 -19.05 4.27 70.11
C VAL HA 312 -19.24 4.64 68.65
N SER HA 313 -18.27 5.32 68.05
CA SER HA 313 -18.40 5.75 66.66
C SER HA 313 -18.45 4.57 65.71
N LYS HA 314 -17.67 3.52 65.98
CA LYS HA 314 -17.68 2.35 65.10
C LYS HA 314 -19.06 1.69 65.07
N GLY HA 315 -19.84 1.83 66.13
CA GLY HA 315 -21.18 1.29 66.12
C GLY HA 315 -21.17 -0.21 66.07
N ILE HA 316 -21.96 -0.77 65.15
CA ILE HA 316 -22.16 -2.21 65.07
C ILE HA 316 -21.16 -2.85 64.12
N THR HA 317 -21.08 -2.33 62.89
CA THR HA 317 -20.28 -2.98 61.85
C THR HA 317 -18.80 -2.96 62.19
N GLY HA 318 -18.28 -1.79 62.53
CA GLY HA 318 -16.85 -1.64 62.74
C GLY HA 318 -16.40 -2.12 64.11
N SER HA 319 -15.08 -2.14 64.26
CA SER HA 319 -14.44 -2.48 65.53
C SER HA 319 -13.09 -1.81 65.56
N ILE HA 320 -12.48 -1.79 66.75
CA ILE HA 320 -11.21 -1.11 66.97
C ILE HA 320 -10.14 -2.15 67.26
N CYS HA 321 -10.26 -3.34 66.65
CA CYS HA 321 -9.30 -4.41 66.91
C CYS HA 321 -7.89 -3.99 66.54
N ASN HA 322 -7.74 -3.23 65.45
CA ASN HA 322 -6.43 -2.72 65.04
C ASN HA 322 -6.55 -1.30 64.51
N ALA HA 323 -7.48 -0.52 65.06
CA ALA HA 323 -7.67 0.84 64.59
C ALA HA 323 -6.45 1.70 64.89
N LYS HA 324 -6.06 2.52 63.90
CA LYS HA 324 -4.94 3.43 64.07
C LYS HA 324 -5.43 4.68 64.80
N THR HA 325 -4.99 4.86 66.04
CA THR HA 325 -5.46 5.97 66.84
C THR HA 325 -4.83 7.27 66.39
N ILE HA 326 -5.45 8.38 66.79
CA ILE HA 326 -4.92 9.69 66.49
C ILE HA 326 -3.63 9.98 67.26
N PHE HA 327 -3.35 9.24 68.33
CA PHE HA 327 -2.23 9.54 69.19
C PHE HA 327 -0.91 9.38 68.46
N GLU HA 328 0.11 10.04 68.99
CA GLU HA 328 1.43 10.11 68.38
C GLU HA 328 2.48 9.26 69.07
N GLU HA 329 2.27 8.90 70.33
CA GLU HA 329 3.25 8.11 71.07
C GLU HA 329 2.63 7.68 72.38
N VAL HA 330 2.91 6.45 72.80
CA VAL HA 330 2.41 5.88 74.04
C VAL HA 330 3.59 5.68 74.97
N GLU HA 331 3.51 6.25 76.17
CA GLU HA 331 4.64 6.17 77.10
C GLU HA 331 4.95 4.75 77.54
N PRO HA 332 4.01 3.95 78.04
CA PRO HA 332 4.33 2.56 78.37
C PRO HA 332 4.31 1.69 77.12
N ARG HA 333 5.49 1.29 76.67
CA ARG HA 333 5.65 0.38 75.55
C ARG HA 333 5.88 -1.02 76.09
N LEU HA 334 5.04 -1.97 75.67
CA LEU HA 334 4.98 -3.30 76.25
C LEU HA 334 5.50 -4.33 75.26
N SER HA 335 6.23 -5.32 75.78
CA SER HA 335 6.61 -6.46 74.97
C SER HA 335 5.39 -7.33 74.70
N GLN HA 336 5.59 -8.34 73.85
CA GLN HA 336 4.50 -9.25 73.54
C GLN HA 336 4.02 -9.99 74.78
N SER HA 337 4.96 -10.41 75.63
CA SER HA 337 4.59 -11.06 76.88
C SER HA 337 3.81 -10.11 77.78
N GLU HA 338 4.29 -8.87 77.92
CA GLU HA 338 3.58 -7.89 78.71
C GLU HA 338 2.22 -7.58 78.09
N VAL HA 339 2.17 -7.50 76.76
CA VAL HA 339 0.89 -7.31 76.08
C VAL HA 339 -0.03 -8.49 76.37
N LYS HA 340 0.49 -9.71 76.31
CA LYS HA 340 -0.33 -10.88 76.55
C LYS HA 340 -0.94 -10.86 77.94
N GLU HA 341 -0.15 -10.48 78.94
CA GLU HA 341 -0.67 -10.39 80.29
C GLU HA 341 -1.75 -9.33 80.39
N CYS HA 342 -1.48 -8.13 79.87
CA CYS HA 342 -2.47 -7.06 79.93
C CYS HA 342 -3.74 -7.45 79.17
N LEU HA 343 -3.58 -8.03 77.98
CA LEU HA 343 -4.75 -8.46 77.22
C LEU HA 343 -5.50 -9.57 77.94
N LYS HA 344 -4.77 -10.51 78.53
CA LYS HA 344 -5.43 -11.57 79.30
C LYS HA 344 -6.17 -11.01 80.50
N SER HA 345 -5.66 -9.93 81.09
CA SER HA 345 -6.27 -9.34 82.26
C SER HA 345 -7.46 -8.46 81.92
N GLY HA 346 -7.86 -8.37 80.66
CA GLY HA 346 -8.91 -7.47 80.26
C GLY HA 346 -8.47 -6.03 80.07
N THR HA 347 -7.21 -5.71 80.32
CA THR HA 347 -6.71 -4.37 80.07
C THR HA 347 -6.70 -4.09 78.58
N LEU HA 348 -7.25 -2.93 78.21
CA LEU HA 348 -7.16 -2.44 76.84
C LEU HA 348 -5.90 -1.60 76.71
N VAL HA 349 -5.02 -1.99 75.79
CA VAL HA 349 -3.69 -1.41 75.69
C VAL HA 349 -3.46 -0.92 74.26
N LEU HA 350 -2.95 0.29 74.15
CA LEU HA 350 -2.52 0.84 72.87
C LEU HA 350 -1.05 0.51 72.67
N ASP HA 351 -0.69 0.11 71.46
CA ASP HA 351 0.66 -0.31 71.13
C ASP HA 351 1.21 0.54 70.00
N PHE HA 352 2.51 0.80 70.08
CA PHE HA 352 3.22 1.61 69.09
C PHE HA 352 3.80 0.70 68.02
N ASP HA 353 3.46 0.95 66.76
CA ASP HA 353 3.88 0.10 65.64
C ASP HA 353 4.23 1.00 64.45
N ASP HA 354 5.52 1.20 64.22
CA ASP HA 354 6.00 1.86 63.00
C ASP HA 354 5.45 3.28 62.88
N GLY HA 355 5.54 4.03 63.98
CA GLY HA 355 5.03 5.37 64.02
C GLY HA 355 3.53 5.48 64.23
N ASP HA 356 2.84 4.37 64.46
CA ASP HA 356 1.40 4.33 64.59
C ASP HA 356 1.02 3.74 65.93
N VAL HA 357 0.15 4.44 66.65
CA VAL HA 357 -0.42 3.94 67.90
C VAL HA 357 -1.72 3.22 67.54
N ILE HA 358 -1.80 1.94 67.87
CA ILE HA 358 -2.89 1.08 67.43
C ILE HA 358 -3.48 0.37 68.64
N ILE HA 359 -4.80 0.47 68.79
CA ILE HA 359 -5.51 -0.33 69.79
C ILE HA 359 -5.45 -1.80 69.37
N VAL HA 360 -5.40 -2.68 70.36
CA VAL HA 360 -5.19 -4.10 70.14
C VAL HA 360 -6.36 -4.88 70.72
N ASP HA 361 -7.07 -5.61 69.85
CA ASP HA 361 -7.92 -6.74 70.17
C ASP HA 361 -9.30 -6.39 70.75
N ASP HA 362 -9.62 -5.11 70.98
CA ASP HA 362 -10.99 -4.71 71.28
C ASP HA 362 -11.49 -5.25 72.61
N VAL HA 363 -10.60 -5.62 73.53
CA VAL HA 363 -11.01 -6.32 74.74
C VAL HA 363 -11.74 -5.39 75.71
N ASN HA 364 -12.41 -5.99 76.69
CA ASN HA 364 -12.97 -5.27 77.83
C ASN HA 364 -12.47 -5.94 79.10
N THR HA 365 -13.01 -5.54 80.26
CA THR HA 365 -12.57 -6.14 81.51
C THR HA 365 -13.03 -7.57 81.68
N PHE HA 366 -14.09 -7.98 81.00
CA PHE HA 366 -14.59 -9.35 81.15
C PHE HA 366 -13.66 -10.33 80.47
N LYS HA 367 -12.71 -10.88 81.22
CA LYS HA 367 -11.86 -11.95 80.73
C LYS HA 367 -11.64 -13.06 81.74
N LYS HA 368 -12.06 -12.91 83.00
CA LYS HA 368 -11.79 -13.93 84.00
C LYS HA 368 -12.51 -15.23 83.68
N TYR HA 369 -13.75 -15.14 83.21
CA TYR HA 369 -14.59 -16.33 83.04
C TYR HA 369 -14.49 -16.90 81.62
N VAL HA 370 -14.89 -16.10 80.62
CA VAL HA 370 -15.04 -16.48 79.22
C VAL HA 370 -15.54 -17.91 79.08
N ASP HA 371 -16.63 -18.23 79.79
CA ASP HA 371 -17.13 -19.60 79.87
C ASP HA 371 -17.80 -19.96 78.55
N ASP HA 372 -16.99 -20.43 77.61
CA ASP HA 372 -17.48 -20.94 76.33
C ASP HA 372 -18.20 -19.86 75.54
N LYS HA 373 -19.53 -19.80 75.64
CA LYS HA 373 -20.28 -18.78 74.90
C LYS HA 373 -19.92 -17.37 75.35
N ASN HA 374 -19.47 -17.23 76.60
CA ASN HA 374 -19.09 -15.92 77.12
C ASN HA 374 -17.72 -15.47 76.66
N GLU HA 375 -17.02 -16.25 75.84
CA GLU HA 375 -15.77 -15.79 75.26
C GLU HA 375 -15.98 -14.53 74.42
N ALA HA 376 -17.04 -14.52 73.62
CA ALA HA 376 -17.34 -13.36 72.79
C ALA HA 376 -17.63 -12.13 73.64
N MET HA 377 -18.14 -12.32 74.85
CA MET HA 377 -18.49 -11.20 75.70
C MET HA 377 -17.28 -10.39 76.17
N GLY HA 378 -16.07 -10.89 75.98
CA GLY HA 378 -14.89 -10.16 76.37
C GLY HA 378 -14.46 -9.06 75.43
N TYR HA 379 -15.17 -8.85 74.32
CA TYR HA 379 -14.80 -7.88 73.31
C TYR HA 379 -15.85 -6.77 73.25
N ILE HA 380 -15.39 -5.54 73.07
CA ILE HA 380 -16.27 -4.39 73.12
C ILE HA 380 -17.29 -4.44 71.99
N SER HA 381 -16.86 -4.81 70.79
CA SER HA 381 -17.76 -4.83 69.65
C SER HA 381 -18.91 -5.80 69.87
N ASN HA 382 -18.63 -6.96 70.47
CA ASN HA 382 -19.69 -7.91 70.75
C ASN HA 382 -20.71 -7.33 71.72
N ILE HA 383 -20.24 -6.67 72.77
CA ILE HA 383 -21.16 -6.09 73.75
C ILE HA 383 -21.97 -4.96 73.12
N MET HA 384 -21.31 -4.10 72.34
CA MET HA 384 -22.03 -3.03 71.67
C MET HA 384 -23.11 -3.58 70.76
N PHE HA 385 -22.80 -4.68 70.05
CA PHE HA 385 -23.79 -5.32 69.20
C PHE HA 385 -24.97 -5.82 70.02
N ILE HA 386 -24.70 -6.39 71.20
CA ILE HA 386 -25.78 -6.92 72.04
C ILE HA 386 -26.64 -5.79 72.58
N ASN HA 387 -25.99 -4.74 73.11
CA ASN HA 387 -26.75 -3.67 73.75
C ASN HA 387 -27.67 -2.97 72.77
N THR HA 388 -27.20 -2.74 71.55
CA THR HA 388 -28.01 -2.01 70.57
C THR HA 388 -29.28 -2.78 70.22
N ILE HA 389 -29.17 -4.10 70.09
CA ILE HA 389 -30.36 -4.89 69.79
C ILE HA 389 -31.37 -4.78 70.94
N ASN HA 390 -30.88 -4.82 72.17
CA ASN HA 390 -31.77 -4.67 73.31
C ASN HA 390 -32.46 -3.32 73.31
N LYS HA 391 -31.72 -2.27 72.96
CA LYS HA 391 -32.32 -0.94 72.88
C LYS HA 391 -33.38 -0.89 71.80
N ASP HA 392 -33.09 -1.45 70.62
CA ASP HA 392 -34.06 -1.42 69.54
C ASP HA 392 -35.32 -2.19 69.89
N THR HA 393 -35.17 -3.37 70.49
CA THR HA 393 -36.33 -4.12 70.93
C THR HA 393 -37.08 -3.38 72.04
N SER HA 394 -36.34 -2.71 72.93
CA SER HA 394 -36.99 -1.95 73.99
C SER HA 394 -37.81 -0.81 73.41
N LEU HA 395 -37.31 -0.17 72.35
CA LEU HA 395 -38.08 0.88 71.69
C LEU HA 395 -39.37 0.31 71.10
N LYS HA 396 -39.26 -0.79 70.36
CA LYS HA 396 -40.46 -1.42 69.82
C LYS HA 396 -41.38 -1.94 70.93
N ARG HA 397 -40.80 -2.34 72.06
CA ARG HA 397 -41.61 -2.81 73.18
C ARG HA 397 -42.55 -1.72 73.67
N LYS HA 398 -42.01 -0.53 73.94
CA LYS HA 398 -42.80 0.53 74.55
C LYS HA 398 -43.91 1.04 73.63
N GLU HA 399 -43.85 0.74 72.33
CA GLU HA 399 -44.96 1.10 71.45
C GLU HA 399 -46.16 0.19 71.63
N PHE HA 400 -46.01 -0.97 72.29
CA PHE HA 400 -47.04 -1.98 72.34
C PHE HA 400 -47.40 -2.47 73.75
N VAL HA 401 -46.62 -2.12 74.77
CA VAL HA 401 -46.94 -2.56 76.14
C VAL HA 401 -48.27 -1.96 76.55
N GLY HA 402 -49.27 -2.81 76.73
CA GLY HA 402 -50.60 -2.35 77.10
C GLY HA 402 -51.23 -1.42 76.11
N LYS HA 403 -50.82 -1.48 74.83
CA LYS HA 403 -51.33 -0.62 73.78
C LYS HA 403 -51.67 -1.36 72.51
N ILE HA 404 -51.55 -2.69 72.48
CA ILE HA 404 -52.06 -3.52 71.41
C ILE HA 404 -52.71 -4.74 72.05
N PHE HA 405 -53.84 -5.16 71.49
CA PHE HA 405 -54.55 -6.31 72.04
C PHE HA 405 -53.68 -7.56 71.94
N ASN HA 406 -53.54 -8.26 73.07
CA ASN HA 406 -52.68 -9.43 73.14
C ASN HA 406 -53.38 -10.66 72.56
N ASP HA 407 -53.55 -10.63 71.24
CA ASP HA 407 -54.15 -11.72 70.48
C ASP HA 407 -53.10 -12.30 69.54
N ALA HA 408 -53.44 -13.45 68.96
CA ALA HA 408 -52.51 -14.15 68.08
C ALA HA 408 -52.14 -13.28 66.88
N THR HA 409 -53.12 -12.57 66.32
CA THR HA 409 -52.82 -11.63 65.24
C THR HA 409 -51.91 -10.51 65.71
N GLY HA 410 -52.20 -9.95 66.89
CA GLY HA 410 -51.34 -8.92 67.43
C GLY HA 410 -49.94 -9.42 67.73
N GLN HA 411 -49.85 -10.62 68.33
CA GLN HA 411 -48.54 -11.21 68.58
C GLN HA 411 -47.80 -11.47 67.28
N THR HA 412 -48.52 -11.96 66.27
CA THR HA 412 -47.89 -12.14 64.96
C THR HA 412 -47.43 -10.81 64.38
N THR HA 413 -48.16 -9.73 64.66
CA THR HA 413 -47.72 -8.42 64.24
C THR HA 413 -46.40 -8.05 64.89
N VAL HA 414 -46.27 -8.33 66.20
CA VAL HA 414 -45.04 -8.02 66.90
C VAL HA 414 -43.88 -8.83 66.33
N ILE HA 415 -44.10 -10.13 66.10
CA ILE HA 415 -43.05 -10.97 65.56
C ILE HA 415 -42.65 -10.49 64.16
N CYS HA 416 -43.64 -10.06 63.36
CA CYS HA 416 -43.33 -9.50 62.05
C CYS HA 416 -42.46 -8.26 62.18
N ALA HA 417 -42.77 -7.41 63.17
CA ALA HA 417 -41.95 -6.22 63.39
C ALA HA 417 -40.52 -6.60 63.76
N LEU HA 418 -40.36 -7.48 64.77
CA LEU HA 418 -39.03 -7.88 65.18
C LEU HA 418 -38.30 -8.61 64.07
N LYS HA 419 -38.98 -9.51 63.38
CA LYS HA 419 -38.34 -10.29 62.33
C LYS HA 419 -37.85 -9.39 61.21
N LYS HA 420 -38.67 -8.40 60.82
CA LYS HA 420 -38.23 -7.47 59.80
C LYS HA 420 -37.07 -6.62 60.28
N TYR HA 421 -37.07 -6.24 61.55
CA TYR HA 421 -35.98 -5.44 62.09
C TYR HA 421 -34.66 -6.18 62.01
N PHE HA 422 -34.66 -7.47 62.39
CA PHE HA 422 -33.46 -8.27 62.24
C PHE HA 422 -33.08 -8.41 60.77
N GLU HA 423 -34.07 -8.52 59.88
CA GLU HA 423 -33.78 -8.64 58.47
C GLU HA 423 -33.04 -7.42 57.94
N GLU HA 424 -33.26 -6.26 58.54
CA GLU HA 424 -32.43 -5.10 58.19
C GLU HA 424 -30.98 -5.36 58.56
N LEU HA 425 -30.74 -5.96 59.73
CA LEU HA 425 -29.37 -6.28 60.13
C LEU HA 425 -28.74 -7.28 59.18
N MET HA 426 -29.54 -8.19 58.62
CA MET HA 426 -29.05 -9.05 57.55
C MET HA 426 -28.63 -8.22 56.35
N SER HA 427 -29.42 -7.19 56.02
CA SER HA 427 -29.09 -6.35 54.88
C SER HA 427 -27.77 -5.62 55.08
N GLN HA 428 -27.44 -5.28 56.33
CA GLN HA 428 -26.16 -4.66 56.62
C GLN HA 428 -24.99 -5.63 56.55
N GLY HA 429 -25.26 -6.93 56.47
CA GLY HA 429 -24.18 -7.90 56.55
C GLY HA 429 -23.65 -8.12 57.95
N ILE HA 430 -24.32 -7.57 58.96
CA ILE HA 430 -23.85 -7.72 60.34
C ILE HA 430 -23.96 -9.18 60.78
N ILE HA 431 -25.04 -9.84 60.39
CA ILE HA 431 -25.43 -11.14 60.92
C ILE HA 431 -25.48 -12.14 59.77
N SER HA 432 -24.96 -13.34 60.02
CA SER HA 432 -25.00 -14.41 59.05
C SER HA 432 -26.31 -15.18 59.10
N GLU HA 433 -26.81 -15.48 60.31
CA GLU HA 433 -28.08 -16.17 60.47
C GLU HA 433 -28.78 -15.64 61.71
N PHE HA 434 -30.11 -15.65 61.66
CA PHE HA 434 -30.92 -15.18 62.78
C PHE HA 434 -32.24 -15.94 62.79
N ASN HA 435 -32.83 -16.01 63.97
CA ASN HA 435 -34.16 -16.58 64.15
C ASN HA 435 -34.85 -15.85 65.29
N VAL HA 436 -36.14 -15.55 65.10
CA VAL HA 436 -36.98 -15.00 66.16
C VAL HA 436 -38.32 -15.73 66.09
N ASP HA 437 -38.79 -16.21 67.24
CA ASP HA 437 -39.97 -17.05 67.29
C ASP HA 437 -40.72 -16.80 68.59
N ILE HA 438 -41.90 -17.41 68.69
CA ILE HA 438 -42.71 -17.33 69.91
C ILE HA 438 -42.03 -18.15 71.00
N ASP HA 439 -41.89 -17.55 72.18
CA ASP HA 439 -41.39 -18.25 73.35
C ASP HA 439 -42.56 -19.04 73.94
N THR HA 440 -42.73 -20.27 73.47
CA THR HA 440 -43.87 -21.07 73.87
C THR HA 440 -43.90 -21.31 75.38
N GLU HA 441 -42.73 -21.37 76.00
CA GLU HA 441 -42.68 -21.63 77.45
C GLU HA 441 -43.26 -20.45 78.23
N LEU HA 442 -42.67 -19.27 78.08
CA LEU HA 442 -43.19 -18.09 78.77
C LEU HA 442 -44.53 -17.62 78.20
N GLN HA 443 -44.96 -18.14 77.05
CA GLN HA 443 -46.26 -17.78 76.51
C GLN HA 443 -47.41 -18.46 77.25
N ALA HA 444 -47.13 -19.44 78.11
CA ALA HA 444 -48.19 -20.13 78.83
C ALA HA 444 -48.93 -19.25 79.81
N THR HA 445 -48.37 -18.09 80.19
CA THR HA 445 -48.94 -17.21 81.22
C THR HA 445 -48.93 -15.77 80.74
N ALA HA 446 -49.41 -15.55 79.52
CA ALA HA 446 -49.32 -14.23 78.91
C ALA HA 446 -50.30 -13.26 79.56
N LYS HA 447 -50.00 -11.96 79.41
CA LYS HA 447 -50.88 -10.88 79.85
C LYS HA 447 -50.79 -9.77 78.81
N ALA HA 448 -51.30 -8.58 79.15
CA ALA HA 448 -51.45 -7.52 78.17
C ALA HA 448 -50.11 -7.07 77.61
N ASP HA 449 -49.12 -6.86 78.50
CA ASP HA 449 -47.76 -6.49 78.10
C ASP HA 449 -46.75 -7.57 78.47
N GLU HA 450 -47.20 -8.80 78.72
CA GLU HA 450 -46.34 -9.90 79.13
C GLU HA 450 -46.32 -11.01 78.09
N PHE HA 451 -46.53 -10.66 76.81
CA PHE HA 451 -46.19 -11.58 75.74
C PHE HA 451 -44.68 -11.73 75.67
N TYR HA 452 -44.23 -12.98 75.48
CA TYR HA 452 -42.81 -13.30 75.56
C TYR HA 452 -42.35 -14.01 74.30
N TRP HA 453 -41.10 -13.72 73.94
CA TRP HA 453 -40.53 -14.11 72.66
C TRP HA 453 -39.05 -14.42 72.88
N LYS HA 454 -38.49 -15.19 71.95
CA LYS HA 454 -37.10 -15.60 72.01
C LYS HA 454 -36.48 -15.49 70.64
N TRP HA 455 -35.15 -15.38 70.61
CA TRP HA 455 -34.42 -15.21 69.37
C TRP HA 455 -32.97 -15.57 69.61
N ASP HA 456 -32.25 -15.76 68.51
CA ASP HA 456 -30.80 -15.89 68.57
C ASP HA 456 -30.24 -15.56 67.19
N ALA HA 457 -29.03 -15.04 67.17
CA ALA HA 457 -28.41 -14.54 65.94
C ALA HA 457 -26.93 -14.90 65.95
N VAL HA 458 -26.33 -14.81 64.76
CA VAL HA 458 -24.93 -15.14 64.54
C VAL HA 458 -24.25 -13.89 64.00
N LYS HA 459 -23.62 -13.13 64.88
CA LYS HA 459 -22.95 -11.90 64.47
C LYS HA 459 -21.73 -12.23 63.62
N VAL HA 460 -21.51 -11.43 62.58
CA VAL HA 460 -20.32 -11.53 61.76
C VAL HA 460 -19.22 -10.70 62.41
N ASP HA 461 -18.07 -11.33 62.61
CA ASP HA 461 -16.95 -10.70 63.30
C ASP HA 461 -15.96 -10.12 62.29
N VAL HA 462 -15.14 -9.19 62.77
CA VAL HA 462 -14.10 -8.57 61.95
C VAL HA 462 -12.85 -9.44 61.99
N MET HA 463 -12.19 -9.57 60.84
CA MET HA 463 -10.99 -10.39 60.77
C MET HA 463 -9.90 -9.84 61.68
N LYS HA 464 -9.30 -10.74 62.47
CA LYS HA 464 -8.38 -10.35 63.54
C LYS HA 464 -7.00 -10.95 63.41
N LYS HA 465 -6.88 -12.20 62.98
CA LYS HA 465 -5.58 -12.85 62.89
C LYS HA 465 -5.53 -13.77 61.68
N ILE HA 466 -4.31 -13.97 61.18
CA ILE HA 466 -4.05 -14.79 60.01
C ILE HA 466 -2.89 -15.72 60.33
N TYR HA 467 -3.02 -16.99 59.92
CA TYR HA 467 -1.95 -17.97 60.04
C TYR HA 467 -1.61 -18.48 58.65
N GLY HA 468 -0.34 -18.38 58.29
CA GLY HA 468 0.15 -18.85 57.02
C GLY HA 468 1.17 -19.96 57.23
N THR HA 469 1.19 -20.92 56.29
CA THR HA 469 2.11 -22.05 56.34
C THR HA 469 2.74 -22.19 54.96
N GLY HA 470 4.02 -21.84 54.86
CA GLY HA 470 4.73 -21.93 53.61
C GLY HA 470 5.31 -23.31 53.35
N TYR HA 471 4.63 -24.10 52.52
CA TYR HA 471 5.14 -25.40 52.13
C TYR HA 471 6.26 -25.22 51.13
N LEU HA 472 7.35 -25.95 51.33
CA LEU HA 472 8.55 -25.77 50.52
C LEU HA 472 9.33 -27.07 50.41
N GLU IA 13 -3.41 -16.45 71.11
CA GLU IA 13 -2.40 -15.55 70.50
C GLU IA 13 -2.97 -14.14 70.31
N ILE IA 14 -2.09 -13.16 70.21
CA ILE IA 14 -2.48 -11.77 70.01
C ILE IA 14 -3.04 -11.64 68.59
N PRO IA 15 -4.00 -10.75 68.33
CA PRO IA 15 -4.36 -10.49 66.93
C PRO IA 15 -3.19 -9.96 66.15
N GLY IA 16 -3.10 -10.37 64.89
CA GLY IA 16 -2.02 -9.95 64.02
C GLY IA 16 -1.71 -11.04 63.02
N PHE IA 17 -0.60 -10.85 62.32
CA PHE IA 17 -0.19 -11.75 61.25
C PHE IA 17 0.89 -12.68 61.76
N TYR IA 18 0.70 -13.97 61.53
CA TYR IA 18 1.66 -15.00 61.91
C TYR IA 18 1.87 -15.94 60.73
N ASN IA 19 3.07 -16.48 60.62
CA ASN IA 19 3.40 -17.36 59.50
C ASN IA 19 4.48 -18.35 59.92
N ARG IA 20 4.44 -19.52 59.28
CA ARG IA 20 5.43 -20.56 59.49
C ARG IA 20 5.76 -21.18 58.14
N PHE IA 21 6.79 -22.02 58.13
CA PHE IA 21 7.24 -22.72 56.94
C PHE IA 21 7.45 -24.19 57.27
N LYS IA 22 7.18 -25.05 56.28
CA LYS IA 22 7.27 -26.48 56.46
C LYS IA 22 7.81 -27.10 55.17
N THR IA 23 8.52 -28.22 55.32
CA THR IA 23 8.98 -28.96 54.17
C THR IA 23 7.78 -29.62 53.48
N GLN IA 24 7.88 -29.73 52.15
CA GLN IA 24 6.77 -30.27 51.37
C GLN IA 24 6.42 -31.70 51.78
N ALA IA 25 7.39 -32.45 52.30
CA ALA IA 25 7.08 -33.76 52.85
C ALA IA 25 6.12 -33.68 54.02
N GLU IA 26 6.05 -32.53 54.71
CA GLU IA 26 5.12 -32.34 55.81
C GLU IA 26 3.70 -32.05 55.33
N LYS IA 27 3.45 -32.03 54.02
CA LYS IA 27 2.12 -31.79 53.51
C LYS IA 27 1.15 -32.86 53.99
N SER IA 28 -0.10 -32.46 54.20
CA SER IA 28 -1.15 -33.39 54.56
C SER IA 28 -1.56 -34.21 53.34
N THR IA 29 -0.67 -35.12 52.92
CA THR IA 29 -0.91 -35.93 51.73
C THR IA 29 -1.78 -37.16 52.00
N ASN IA 30 -2.25 -37.34 53.24
CA ASN IA 30 -3.05 -38.52 53.56
C ASN IA 30 -4.38 -38.54 52.80
N THR IA 31 -4.81 -37.41 52.26
CA THR IA 31 -6.05 -37.38 51.49
C THR IA 31 -5.92 -38.23 50.24
N GLY IA 32 -7.00 -38.96 49.92
CA GLY IA 32 -7.08 -39.73 48.70
C GLY IA 32 -6.56 -41.15 48.77
N LEU IA 33 -5.98 -41.56 49.89
CA LEU IA 33 -5.47 -42.92 50.00
C LEU IA 33 -6.63 -43.89 50.24
N LYS IA 34 -6.32 -45.18 50.14
CA LYS IA 34 -7.32 -46.23 50.29
C LYS IA 34 -6.73 -47.40 51.07
N GLY IA 35 -7.61 -48.23 51.60
CA GLY IA 35 -7.23 -49.54 52.09
C GLY IA 35 -6.85 -49.55 53.56
N ARG IA 36 -6.96 -50.74 54.16
CA ARG IA 36 -6.63 -50.97 55.56
C ARG IA 36 -5.77 -52.21 55.71
N LEU IA 37 -4.71 -52.10 56.51
CA LEU IA 37 -3.75 -53.17 56.72
C LEU IA 37 -3.48 -53.36 58.20
N ALA IA 38 -3.09 -54.58 58.55
CA ALA IA 38 -2.82 -54.98 59.93
C ALA IA 38 -1.42 -55.56 60.04
N MET IA 39 -0.82 -55.42 61.23
CA MET IA 39 0.55 -55.87 61.46
C MET IA 39 0.78 -56.18 62.94
N PRO IA 40 1.31 -57.37 63.30
CA PRO IA 40 1.75 -57.60 64.70
C PRO IA 40 3.20 -57.19 64.92
N ILE IA 41 3.42 -55.89 65.04
CA ILE IA 41 4.78 -55.34 64.99
C ILE IA 41 5.50 -55.60 66.31
N ARG IA 42 6.80 -55.88 66.20
CA ARG IA 42 7.71 -55.72 67.33
C ARG IA 42 8.18 -54.28 67.38
N ALA IA 43 8.10 -53.66 68.56
CA ALA IA 43 8.40 -52.25 68.70
C ALA IA 43 9.18 -52.00 69.98
N ASN IA 44 10.18 -51.12 69.89
CA ASN IA 44 10.93 -50.70 71.07
C ASN IA 44 10.15 -49.72 71.94
N TRP IA 45 9.15 -49.04 71.38
CA TRP IA 45 8.51 -47.92 72.04
C TRP IA 45 7.03 -47.93 71.70
N GLY IA 46 6.21 -47.41 72.62
CA GLY IA 46 4.80 -47.23 72.39
C GLY IA 46 3.95 -48.19 73.20
N ASP IA 47 2.64 -48.07 72.99
CA ASP IA 47 1.69 -48.90 73.71
C ASP IA 47 1.92 -50.37 73.41
N VAL IA 48 1.68 -51.21 74.43
CA VAL IA 48 1.96 -52.64 74.37
C VAL IA 48 0.65 -53.40 74.40
N GLY IA 49 0.55 -54.42 73.56
CA GLY IA 49 -0.56 -55.36 73.63
C GLY IA 49 -1.88 -54.84 73.15
N LYS IA 50 -1.89 -53.82 72.28
CA LYS IA 50 -3.13 -53.24 71.80
C LYS IA 50 -2.96 -52.82 70.35
N VAL IA 51 -4.08 -52.77 69.63
CA VAL IA 51 -4.11 -52.29 68.26
C VAL IA 51 -4.18 -50.78 68.27
N VAL IA 52 -3.47 -50.15 67.34
CA VAL IA 52 -3.51 -48.70 67.17
C VAL IA 52 -3.59 -48.40 65.68
N THR IA 53 -4.39 -47.40 65.33
CA THR IA 53 -4.59 -46.98 63.95
C THR IA 53 -3.72 -45.77 63.66
N ILE IA 54 -3.05 -45.79 62.51
CA ILE IA 54 -2.26 -44.67 62.03
C ILE IA 54 -2.83 -44.24 60.69
N LYS IA 55 -2.91 -42.92 60.48
CA LYS IA 55 -3.54 -42.34 59.31
C LYS IA 55 -2.55 -42.09 58.17
N ASN IA 56 -1.54 -42.94 58.03
CA ASN IA 56 -0.53 -42.80 56.99
C ASN IA 56 0.27 -41.49 57.17
N ASP IA 57 0.95 -41.40 58.30
CA ASP IA 57 1.85 -40.29 58.60
C ASP IA 57 3.13 -40.84 59.22
N LEU IA 58 4.26 -40.50 58.61
CA LEU IA 58 5.55 -41.00 59.09
C LEU IA 58 5.83 -40.51 60.51
N ARG IA 59 5.58 -39.23 60.77
CA ARG IA 59 5.84 -38.67 62.09
C ARG IA 59 4.96 -39.35 63.13
N GLN IA 60 3.70 -39.61 62.79
CA GLN IA 60 2.82 -40.31 63.71
C GLN IA 60 3.36 -41.68 64.05
N LEU IA 61 3.84 -42.41 63.04
CA LEU IA 61 4.51 -43.68 63.32
C LEU IA 61 5.77 -43.46 64.14
N LYS IA 62 6.53 -42.41 63.83
CA LYS IA 62 7.75 -42.12 64.58
C LYS IA 62 7.45 -41.85 66.04
N ASN IA 63 6.46 -40.99 66.30
CA ASN IA 63 6.14 -40.67 67.69
C ASN IA 63 5.56 -41.87 68.42
N LEU IA 64 4.71 -42.64 67.75
CA LEU IA 64 4.02 -43.73 68.43
C LEU IA 64 4.92 -44.93 68.68
N PHE IA 65 5.96 -45.13 67.84
CA PHE IA 65 6.79 -46.32 67.97
C PHE IA 65 8.28 -46.03 67.73
N GLY IA 66 8.71 -44.79 67.83
CA GLY IA 66 10.11 -44.50 67.65
C GLY IA 66 10.53 -44.66 66.21
N ASP IA 67 11.85 -44.68 66.01
CA ASP IA 67 12.44 -44.73 64.68
C ASP IA 67 13.64 -45.67 64.61
N ASP IA 68 13.62 -46.74 65.39
CA ASP IA 68 14.71 -47.71 65.40
C ASP IA 68 14.49 -48.69 64.25
N MET IA 69 15.35 -48.61 63.23
CA MET IA 69 15.25 -49.54 62.11
C MET IA 69 15.57 -50.97 62.51
N ASN IA 70 16.29 -51.17 63.62
CA ASN IA 70 16.55 -52.53 64.08
C ASN IA 70 15.26 -53.25 64.46
N TYR IA 71 14.25 -52.50 64.89
CA TYR IA 71 12.98 -53.07 65.31
C TYR IA 71 12.01 -53.09 64.13
N SER IA 72 11.21 -54.17 64.06
CA SER IA 72 10.32 -54.36 62.93
C SER IA 72 9.26 -53.28 62.81
N ALA IA 73 8.98 -52.55 63.88
CA ALA IA 73 7.92 -51.55 63.85
C ALA IA 73 8.22 -50.44 62.84
N PHE IA 74 9.29 -49.68 63.06
CA PHE IA 74 9.60 -48.58 62.16
C PHE IA 74 9.99 -49.08 60.78
N LYS IA 75 10.76 -50.18 60.74
CA LYS IA 75 11.24 -50.70 59.45
C LYS IA 75 10.07 -51.09 58.57
N LEU IA 76 9.31 -52.10 58.98
CA LEU IA 76 8.19 -52.55 58.17
C LEU IA 76 7.09 -51.50 58.11
N GLY IA 77 6.88 -50.75 59.18
CA GLY IA 77 5.89 -49.70 59.16
C GLY IA 77 6.19 -48.65 58.11
N LYS IA 78 7.46 -48.31 57.93
CA LYS IA 78 7.83 -47.38 56.88
C LYS IA 78 7.49 -47.94 55.51
N LEU IA 79 7.78 -49.23 55.29
CA LEU IA 79 7.48 -49.84 54.00
C LEU IA 79 5.97 -49.84 53.74
N ALA IA 80 5.18 -50.24 54.73
CA ALA IA 80 3.73 -50.20 54.57
C ALA IA 80 3.25 -48.78 54.35
N LEU IA 81 3.85 -47.83 55.07
CA LEU IA 81 3.50 -46.42 54.86
C LEU IA 81 3.81 -45.99 53.43
N LEU IA 82 4.95 -46.43 52.89
CA LEU IA 82 5.28 -46.14 51.51
C LEU IA 82 4.31 -46.80 50.54
N GLY IA 83 3.59 -47.84 50.97
CA GLY IA 83 2.60 -48.47 50.14
C GLY IA 83 1.31 -47.71 49.97
N ASN IA 84 1.18 -46.54 50.61
CA ASN IA 84 0.04 -45.64 50.40
C ASN IA 84 -1.26 -46.25 50.94
N VAL IA 85 -1.19 -46.92 52.08
CA VAL IA 85 -2.38 -47.45 52.73
C VAL IA 85 -3.07 -46.33 53.49
N LYS IA 86 -4.39 -46.29 53.42
CA LYS IA 86 -5.13 -45.23 54.10
C LYS IA 86 -4.97 -45.32 55.61
N GLU IA 87 -5.05 -46.53 56.16
CA GLU IA 87 -5.00 -46.73 57.60
C GLU IA 87 -4.25 -48.01 57.91
N LEU IA 88 -3.30 -47.93 58.84
CA LEU IA 88 -2.47 -49.05 59.24
C LEU IA 88 -2.78 -49.39 60.70
N LEU IA 89 -3.18 -50.62 60.94
CA LEU IA 89 -3.60 -51.09 62.26
C LEU IA 89 -2.43 -51.86 62.87
N LEU IA 90 -1.63 -51.17 63.67
CA LEU IA 90 -0.42 -51.75 64.25
C LEU IA 90 -0.70 -52.30 65.64
N TYR IA 91 -0.15 -53.47 65.92
CA TYR IA 91 -0.21 -54.11 67.22
C TYR IA 91 1.22 -54.34 67.70
N ARG IA 92 1.54 -53.83 68.88
CA ARG IA 92 2.87 -54.03 69.46
C ARG IA 92 2.93 -55.41 70.06
N LEU IA 93 3.36 -56.39 69.26
CA LEU IA 93 3.65 -57.70 69.79
C LEU IA 93 4.78 -57.60 70.80
N VAL IA 94 4.71 -58.42 71.85
CA VAL IA 94 5.69 -58.39 72.92
C VAL IA 94 5.91 -59.81 73.44
N ASP IA 95 7.10 -60.03 74.00
CA ASP IA 95 7.46 -61.32 74.59
C ASP IA 95 6.93 -61.49 76.00
N GLY IA 96 6.49 -60.42 76.64
CA GLY IA 96 6.39 -60.38 78.08
C GLY IA 96 7.66 -59.78 78.66
N ASN IA 97 7.83 -59.98 79.96
CA ASN IA 97 8.96 -59.39 80.69
C ASN IA 97 8.98 -57.87 80.53
N GLN IA 98 7.80 -57.27 80.39
CA GLN IA 98 7.69 -55.88 80.01
C GLN IA 98 8.00 -54.98 81.19
N LYS IA 99 8.72 -53.89 80.91
CA LYS IA 99 9.03 -52.91 81.93
C LYS IA 99 9.18 -51.55 81.28
N LYS IA 100 9.01 -50.51 82.10
CA LYS IA 100 9.18 -49.13 81.70
C LYS IA 100 10.45 -48.56 82.31
N GLY IA 101 11.17 -47.76 81.54
CA GLY IA 101 12.31 -47.05 82.08
C GLY IA 101 11.87 -46.19 83.23
N THR IA 102 12.61 -46.25 84.34
CA THR IA 102 12.21 -45.57 85.57
C THR IA 102 13.43 -45.07 86.30
N LEU IA 103 13.23 -44.05 87.13
CA LEU IA 103 14.30 -43.47 87.91
C LEU IA 103 13.67 -42.74 89.09
N THR IA 104 14.44 -42.60 90.16
CA THR IA 104 14.02 -41.92 91.37
C THR IA 104 15.06 -40.87 91.74
N LEU IA 105 14.61 -39.64 91.97
CA LEU IA 105 15.47 -38.50 92.26
C LEU IA 105 15.29 -38.08 93.71
N LYS IA 106 16.38 -37.60 94.31
CA LYS IA 106 16.48 -37.44 95.76
C LYS IA 106 16.79 -36.00 96.14
N ASP IA 107 16.48 -35.69 97.40
CA ASP IA 107 16.59 -34.35 97.95
C ASP IA 107 17.97 -34.14 98.58
N THR IA 108 18.42 -32.89 98.57
CA THR IA 108 19.76 -32.54 99.05
C THR IA 108 19.79 -32.33 100.57
N THR IA 109 18.90 -31.48 101.09
CA THR IA 109 19.03 -31.01 102.48
C THR IA 109 18.95 -32.17 103.47
N GLU IA 110 18.16 -33.18 103.18
CA GLU IA 110 18.11 -34.35 104.05
C GLU IA 110 19.40 -35.14 103.91
N ASN IA 111 20.13 -35.28 105.02
CA ASN IA 111 21.38 -36.03 104.98
C ASN IA 111 21.15 -37.50 104.63
N SER IA 112 19.94 -38.02 104.86
CA SER IA 112 19.57 -39.33 104.35
C SER IA 112 19.26 -39.32 102.86
N ALA IA 113 19.23 -38.15 102.22
CA ALA IA 113 18.96 -38.01 100.79
C ALA IA 113 17.59 -38.62 100.45
N LYS IA 114 16.55 -37.97 100.98
CA LYS IA 114 15.20 -38.47 100.83
C LYS IA 114 14.80 -38.53 99.37
N ASP IA 115 14.25 -39.66 98.96
CA ASP IA 115 13.70 -39.81 97.62
C ASP IA 115 12.31 -39.18 97.57
N VAL IA 116 12.12 -38.25 96.62
CA VAL IA 116 10.94 -37.39 96.60
C VAL IA 116 10.20 -37.49 95.27
N ILE IA 117 10.90 -37.83 94.19
CA ILE IA 117 10.33 -37.86 92.86
C ILE IA 117 10.75 -39.13 92.15
N LYS IA 118 9.79 -39.80 91.52
CA LYS IA 118 10.04 -40.92 90.63
C LYS IA 118 9.62 -40.54 89.22
N LEU IA 119 10.54 -40.70 88.27
CA LEU IA 119 10.28 -40.48 86.86
C LEU IA 119 10.10 -41.83 86.17
N GLU IA 120 9.33 -41.83 85.09
CA GLU IA 120 9.05 -43.06 84.37
C GLU IA 120 8.77 -42.74 82.90
N THR IA 121 9.20 -43.62 82.02
CA THR IA 121 8.90 -43.47 80.61
C THR IA 121 7.41 -43.60 80.37
N LYS IA 122 6.93 -42.92 79.33
CA LYS IA 122 5.50 -42.95 79.02
C LYS IA 122 5.04 -44.35 78.66
N TYR IA 123 5.85 -45.08 77.91
CA TYR IA 123 5.55 -46.43 77.45
C TYR IA 123 6.70 -47.35 77.82
N PRO IA 124 6.46 -48.67 77.86
CA PRO IA 124 7.57 -49.59 78.07
C PRO IA 124 8.57 -49.52 76.92
N THR IA 125 9.85 -49.68 77.27
CA THR IA 125 10.91 -49.64 76.28
C THR IA 125 12.20 -50.06 76.96
N ALA IA 126 13.30 -50.04 76.18
CA ALA IA 126 14.63 -50.27 76.68
C ALA IA 126 15.63 -49.22 76.21
N ARG IA 127 15.17 -48.18 75.51
CA ARG IA 127 16.06 -47.15 75.00
C ARG IA 127 16.65 -46.34 76.16
N ASN IA 128 17.75 -45.67 75.88
CA ASN IA 128 18.56 -45.01 76.91
C ASN IA 128 18.04 -43.59 77.14
N PHE IA 129 16.98 -43.50 77.93
CA PHE IA 129 16.57 -42.21 78.48
C PHE IA 129 17.43 -41.87 79.67
N ASN IA 130 17.91 -40.62 79.71
CA ASN IA 130 18.83 -40.17 80.75
C ASN IA 130 18.38 -38.81 81.26
N VAL IA 131 18.73 -38.53 82.51
CA VAL IA 131 18.38 -37.29 83.19
C VAL IA 131 19.65 -36.60 83.66
N THR IA 132 19.73 -35.30 83.44
CA THR IA 132 20.81 -34.47 83.94
C THR IA 132 20.20 -33.25 84.61
N ILE IA 133 20.49 -33.08 85.89
CA ILE IA 133 20.06 -31.94 86.68
C ILE IA 133 21.30 -31.22 87.18
N LYS IA 134 21.36 -29.92 86.92
CA LYS IA 134 22.47 -29.08 87.33
C LYS IA 134 21.92 -27.84 88.02
N SER IA 135 22.75 -27.23 88.85
CA SER IA 135 22.35 -26.00 89.50
C SER IA 135 22.11 -24.91 88.46
N ASN IA 136 20.95 -24.27 88.56
CA ASN IA 136 20.64 -23.16 87.65
C ASN IA 136 21.59 -22.02 87.94
N LEU IA 137 22.44 -21.68 86.97
CA LEU IA 137 23.53 -20.74 87.20
C LEU IA 137 22.99 -19.36 87.56
N VAL IA 138 21.86 -18.96 86.98
CA VAL IA 138 21.27 -17.67 87.29
C VAL IA 138 20.85 -17.61 88.75
N ASP IA 139 20.23 -18.68 89.25
CA ASP IA 139 19.65 -18.69 90.58
C ASP IA 139 19.74 -20.09 91.16
N SER IA 140 20.46 -20.24 92.27
CA SER IA 140 20.56 -21.53 92.93
C SER IA 140 19.22 -22.01 93.47
N ASP IA 141 18.29 -21.08 93.76
CA ASP IA 141 16.98 -21.47 94.26
C ASP IA 141 16.17 -22.28 93.24
N LYS IA 142 16.53 -22.19 91.96
CA LYS IA 142 15.98 -23.04 90.91
C LYS IA 142 17.06 -23.98 90.39
N LYS IA 143 16.66 -24.90 89.53
CA LYS IA 143 17.59 -25.81 88.90
C LYS IA 143 17.06 -26.20 87.53
N ASP IA 144 17.99 -26.44 86.60
CA ASP IA 144 17.65 -26.76 85.23
C ASP IA 144 17.50 -28.27 85.09
N PHE IA 145 16.31 -28.71 84.71
CA PHE IA 145 16.01 -30.12 84.48
C PHE IA 145 16.08 -30.37 82.98
N ILE IA 146 17.13 -31.06 82.55
CA ILE IA 146 17.35 -31.39 81.14
C ILE IA 146 17.18 -32.89 80.99
N PHE IA 147 16.24 -33.28 80.13
CA PHE IA 147 15.93 -34.67 79.85
C PHE IA 147 16.66 -35.12 78.58
N PHE IA 148 17.30 -36.28 78.67
CA PHE IA 148 18.14 -36.79 77.60
C PHE IA 148 17.66 -38.16 77.14
N GLU IA 149 17.86 -38.42 75.86
CA GLU IA 149 17.79 -39.76 75.29
C GLU IA 149 19.19 -40.07 74.77
N ASN IA 150 19.93 -40.89 75.50
CA ASN IA 150 21.33 -41.17 75.19
C ASN IA 150 22.08 -39.84 75.27
N THR IA 151 23.08 -39.60 74.43
CA THR IA 151 23.81 -38.33 74.47
C THR IA 151 22.97 -37.16 73.95
N LYS IA 152 21.82 -37.42 73.34
CA LYS IA 152 21.03 -36.35 72.74
C LYS IA 152 20.14 -35.70 73.78
N GLN IA 153 20.15 -34.36 73.81
CA GLN IA 153 19.16 -33.64 74.60
C GLN IA 153 17.77 -33.88 74.01
N LEU IA 154 16.79 -33.97 74.89
CA LEU IA 154 15.41 -34.24 74.50
C LEU IA 154 14.41 -33.24 75.05
N PHE IA 155 14.72 -32.56 76.16
CA PHE IA 155 13.85 -31.54 76.72
C PHE IA 155 14.59 -30.85 77.85
N SER IA 156 14.40 -29.53 77.98
CA SER IA 156 15.02 -28.75 79.04
C SER IA 156 13.99 -27.83 79.67
N SER IA 157 14.17 -27.54 80.96
CA SER IA 157 13.32 -26.61 81.68
C SER IA 157 13.90 -26.35 83.06
N SER IA 158 13.78 -25.11 83.51
CA SER IA 158 14.04 -24.77 84.90
C SER IA 158 12.76 -24.96 85.72
N ILE IA 159 12.92 -25.10 87.03
CA ILE IA 159 11.81 -25.49 87.89
C ILE IA 159 12.02 -24.95 89.30
N LYS IA 160 10.91 -24.74 90.00
CA LYS IA 160 10.91 -24.38 91.40
C LYS IA 160 11.32 -25.59 92.25
N GLY IA 161 11.79 -25.33 93.47
CA GLY IA 161 12.29 -26.39 94.33
C GLY IA 161 11.21 -27.27 94.94
N THR IA 162 9.99 -26.78 95.06
CA THR IA 162 8.93 -27.57 95.67
C THR IA 162 8.61 -28.79 94.81
N ILE IA 163 8.35 -29.92 95.48
CA ILE IA 163 8.27 -31.19 94.77
C ILE IA 163 7.07 -31.23 93.85
N ASP IA 164 5.92 -30.74 94.32
CA ASP IA 164 4.69 -30.86 93.54
C ASP IA 164 4.79 -30.11 92.22
N GLU IA 165 5.38 -28.92 92.22
CA GLU IA 165 5.58 -28.21 90.98
C GLU IA 165 6.54 -28.95 90.06
N ILE IA 166 7.59 -29.56 90.61
CA ILE IA 166 8.59 -30.22 89.78
C ILE IA 166 7.94 -31.36 88.99
N VAL IA 167 7.14 -32.18 89.67
CA VAL IA 167 6.42 -33.25 88.98
C VAL IA 167 5.44 -32.65 87.99
N LEU IA 168 4.79 -31.54 88.37
CA LEU IA 168 3.85 -30.90 87.46
C LEU IA 168 4.57 -30.30 86.26
N GLU IA 169 5.68 -29.58 86.49
CA GLU IA 169 6.40 -28.95 85.39
C GLU IA 169 6.94 -29.98 84.41
N ILE IA 170 7.46 -31.10 84.91
CA ILE IA 170 7.90 -32.16 84.01
C ILE IA 170 6.72 -32.69 83.21
N ASN IA 171 5.61 -32.95 83.87
CA ASN IA 171 4.41 -33.39 83.18
C ASN IA 171 3.71 -32.28 82.43
N SER IA 172 4.12 -31.03 82.59
CA SER IA 172 3.46 -29.88 81.98
C SER IA 172 3.96 -29.57 80.58
N ASN IA 173 5.27 -29.49 80.40
CA ASN IA 173 5.81 -28.99 79.15
C ASN IA 173 5.52 -29.94 78.00
N LEU IA 174 5.50 -29.37 76.79
CA LEU IA 174 5.07 -30.11 75.61
C LEU IA 174 5.98 -31.27 75.28
N ASP IA 175 7.28 -31.13 75.49
CA ASP IA 175 8.26 -32.09 74.99
C ASP IA 175 8.43 -33.30 75.88
N ASN IA 176 7.52 -33.57 76.82
CA ASN IA 176 7.60 -34.72 77.70
C ASN IA 176 6.63 -35.82 77.29
N GLU IA 177 6.49 -36.06 75.98
CA GLU IA 177 5.77 -37.23 75.51
C GLU IA 177 6.49 -38.53 75.83
N TYR IA 178 7.74 -38.47 76.28
CA TYR IA 178 8.55 -39.64 76.55
C TYR IA 178 8.53 -40.07 78.00
N VAL IA 179 8.42 -39.13 78.93
CA VAL IA 179 8.59 -39.38 80.35
C VAL IA 179 7.51 -38.64 81.13
N ILE IA 180 7.08 -39.26 82.22
CA ILE IA 180 6.08 -38.68 83.12
C ILE IA 180 6.66 -38.72 84.53
N ALA IA 181 6.66 -37.57 85.20
CA ALA IA 181 7.15 -37.47 86.56
C ALA IA 181 6.09 -37.91 87.56
N THR IA 182 6.55 -38.34 88.74
CA THR IA 182 5.68 -38.78 89.81
C THR IA 182 6.34 -38.46 91.14
N LYS IA 183 5.55 -38.00 92.10
CA LYS IA 183 6.06 -37.62 93.41
C LYS IA 183 6.07 -38.84 94.34
N VAL IA 184 7.22 -39.09 94.95
CA VAL IA 184 7.33 -40.09 96.01
C VAL IA 184 7.08 -39.48 97.38
N ALA IA 185 7.63 -38.30 97.63
CA ALA IA 185 7.49 -37.65 98.92
C ALA IA 185 7.71 -36.14 98.75
N ASP IA 186 7.34 -35.40 99.77
CA ASP IA 186 7.51 -33.95 99.80
C ASP IA 186 8.86 -33.58 100.40
N SER IA 187 9.37 -32.42 99.99
CA SER IA 187 10.56 -31.84 100.58
C SER IA 187 10.64 -30.38 100.20
N ASP IA 188 11.50 -29.65 100.90
CA ASP IA 188 11.62 -28.21 100.70
C ASP IA 188 12.74 -27.84 99.72
N THR IA 189 13.85 -28.56 99.73
CA THR IA 189 15.03 -28.19 98.98
C THR IA 189 15.05 -28.93 97.64
N ILE IA 190 15.75 -28.35 96.66
CA ILE IA 190 15.71 -28.85 95.29
C ILE IA 190 16.40 -30.21 95.24
N LEU IA 191 16.12 -30.95 94.18
CA LEU IA 191 16.76 -32.24 93.93
C LEU IA 191 18.27 -32.08 93.82
N ALA IA 192 18.98 -33.18 94.03
CA ALA IA 192 20.42 -33.20 93.91
C ALA IA 192 20.85 -33.10 92.46
N ASN IA 193 21.92 -32.36 92.22
CA ASN IA 193 22.48 -32.28 90.88
C ASN IA 193 23.00 -33.63 90.45
N VAL IA 194 22.64 -34.05 89.23
CA VAL IA 194 23.12 -35.30 88.65
C VAL IA 194 23.23 -35.09 87.15
N VAL IA 195 24.01 -35.95 86.50
CA VAL IA 195 24.29 -35.84 85.07
C VAL IA 195 24.02 -37.18 84.41
N ASN IA 196 23.05 -37.20 83.51
CA ASN IA 196 22.84 -38.33 82.61
C ASN IA 196 22.54 -39.63 83.36
N GLN IA 197 21.63 -39.55 84.32
CA GLN IA 197 21.20 -40.72 85.06
C GLN IA 197 20.19 -41.50 84.23
N ALA IA 198 20.55 -42.71 83.84
CA ALA IA 198 19.69 -43.51 82.97
C ALA IA 198 18.45 -43.97 83.72
N LEU IA 199 17.33 -44.00 83.00
CA LEU IA 199 16.07 -44.52 83.53
C LEU IA 199 16.08 -46.04 83.42
N GLU IA 200 16.90 -46.64 84.27
CA GLU IA 200 17.13 -48.07 84.20
C GLU IA 200 15.85 -48.84 84.58
N GLY IA 201 15.90 -50.14 84.37
CA GLY IA 201 14.80 -51.03 84.70
C GLY IA 201 13.80 -51.25 83.60
N GLY IA 202 13.87 -50.50 82.49
CA GLY IA 202 12.94 -50.67 81.42
C GLY IA 202 13.23 -51.89 80.55
N ASN IA 203 12.28 -52.21 79.69
CA ASN IA 203 12.41 -53.35 78.79
C ASN IA 203 11.35 -53.25 77.71
N ASP IA 204 11.77 -53.41 76.45
CA ASP IA 204 10.83 -53.37 75.34
C ASP IA 204 10.17 -54.71 75.05
N GLY IA 205 10.71 -55.80 75.59
CA GLY IA 205 10.13 -57.10 75.36
C GLY IA 205 10.38 -57.69 73.99
N CYS IA 206 11.21 -57.05 73.16
CA CYS IA 206 11.54 -57.61 71.86
C CYS IA 206 12.35 -58.89 71.96
N THR IA 207 12.99 -59.12 73.11
CA THR IA 207 13.87 -60.27 73.26
C THR IA 207 13.06 -61.56 73.29
N SER IA 208 13.40 -62.49 72.40
CA SER IA 208 12.89 -63.86 72.45
C SER IA 208 11.36 -63.90 72.35
N ILE IA 209 10.82 -63.25 71.32
CA ILE IA 209 9.39 -63.29 71.08
C ILE IA 209 8.95 -64.72 70.86
N THR IA 210 7.91 -65.13 71.56
CA THR IA 210 7.42 -66.50 71.45
C THR IA 210 6.53 -66.65 70.22
N ASN IA 211 6.49 -67.87 69.70
CA ASN IA 211 5.55 -68.17 68.63
C ASN IA 211 4.12 -67.95 69.09
N GLU IA 212 3.82 -68.31 70.34
CA GLU IA 212 2.46 -68.21 70.85
C GLU IA 212 2.01 -66.76 70.95
N SER IA 213 2.93 -65.84 71.26
CA SER IA 213 2.55 -64.45 71.54
C SER IA 213 1.87 -63.80 70.35
N TYR IA 214 2.17 -64.25 69.13
CA TYR IA 214 1.48 -63.73 67.96
C TYR IA 214 -0.02 -63.94 68.04
N LEU IA 215 -0.44 -65.05 68.65
CA LEU IA 215 -1.88 -65.37 68.68
C LEU IA 215 -2.67 -64.33 69.46
N LYS IA 216 -2.05 -63.71 70.46
CA LYS IA 216 -2.74 -62.65 71.21
C LYS IA 216 -3.10 -61.49 70.28
N ALA IA 217 -2.19 -61.11 69.40
CA ALA IA 217 -2.48 -60.04 68.44
C ALA IA 217 -3.61 -60.44 67.52
N LEU IA 218 -3.66 -61.71 67.10
CA LEU IA 218 -4.70 -62.17 66.19
C LEU IA 218 -6.08 -61.96 66.79
N GLU IA 219 -6.28 -62.43 68.03
CA GLU IA 219 -7.59 -62.29 68.66
C GLU IA 219 -7.95 -60.82 68.87
N GLU IA 220 -6.96 -60.01 69.26
CA GLU IA 220 -7.21 -58.58 69.40
C GLU IA 220 -7.61 -57.96 68.07
N PHE IA 221 -6.94 -58.37 66.98
CA PHE IA 221 -7.28 -57.83 65.67
C PHE IA 221 -8.67 -58.23 65.21
N GLU IA 222 -9.21 -59.34 65.72
CA GLU IA 222 -10.48 -59.84 65.21
C GLU IA 222 -11.61 -58.86 65.47
N ARG IA 223 -11.64 -58.24 66.65
CA ARG IA 223 -12.70 -57.27 66.94
C ARG IA 223 -12.65 -56.10 65.97
N TYR IA 224 -11.47 -55.77 65.46
CA TYR IA 224 -11.34 -54.72 64.45
C TYR IA 224 -11.65 -55.29 63.07
N SER IA 225 -11.67 -54.41 62.07
CA SER IA 225 -11.90 -54.78 60.69
C SER IA 225 -10.80 -54.18 59.82
N PHE IA 226 -10.31 -54.96 58.87
CA PHE IA 226 -9.22 -54.54 58.01
C PHE IA 226 -9.28 -55.34 56.72
N ASP IA 227 -8.72 -54.76 55.67
CA ASP IA 227 -8.80 -55.39 54.35
C ASP IA 227 -7.83 -56.54 54.20
N SER IA 228 -6.67 -56.48 54.85
CA SER IA 228 -5.67 -57.53 54.74
C SER IA 228 -4.82 -57.56 55.99
N PHE IA 229 -4.12 -58.69 56.15
CA PHE IA 229 -3.23 -58.92 57.27
C PHE IA 229 -1.92 -59.49 56.75
N VAL IA 230 -0.82 -59.03 57.34
CA VAL IA 230 0.51 -59.47 56.93
C VAL IA 230 1.35 -59.69 58.19
N LEU IA 231 2.16 -60.73 58.16
CA LEU IA 231 2.96 -61.08 59.32
C LEU IA 231 4.07 -60.04 59.52
N ASP IA 232 4.77 -60.16 60.64
CA ASP IA 232 5.79 -59.19 61.04
C ASP IA 232 7.16 -59.55 60.48
N GLY IA 233 7.23 -59.79 59.17
CA GLY IA 233 8.49 -60.13 58.55
C GLY IA 233 9.11 -61.40 59.11
N VAL IA 234 8.29 -62.44 59.29
CA VAL IA 234 8.73 -63.71 59.84
C VAL IA 234 8.19 -64.83 58.96
N ALA IA 235 9.04 -65.80 58.64
CA ALA IA 235 8.70 -66.90 57.74
C ALA IA 235 8.55 -68.23 58.49
N ASP IA 236 8.28 -68.18 59.79
CA ASP IA 236 8.11 -69.40 60.56
C ASP IA 236 6.90 -70.17 60.06
N GLU IA 237 7.09 -71.46 59.80
CA GLU IA 237 6.03 -72.26 59.20
C GLU IA 237 4.83 -72.36 60.14
N ALA IA 238 5.09 -72.51 61.44
CA ALA IA 238 3.99 -72.65 62.40
C ALA IA 238 3.09 -71.43 62.41
N LEU IA 239 3.69 -70.23 62.38
CA LEU IA 239 2.88 -69.02 62.35
C LEU IA 239 2.05 -68.94 61.08
N GLN IA 240 2.66 -69.29 59.94
CA GLN IA 240 1.93 -69.24 58.67
C GLN IA 240 0.75 -70.19 58.68
N GLU IA 241 0.96 -71.43 59.14
CA GLU IA 241 -0.14 -72.36 59.27
C GLU IA 241 -1.16 -71.87 60.31
N THR IA 242 -0.67 -71.33 61.42
CA THR IA 242 -1.57 -70.79 62.43
C THR IA 242 -2.38 -69.62 61.85
N THR IA 243 -1.71 -68.71 61.16
CA THR IA 243 -2.42 -67.59 60.55
C THR IA 243 -3.33 -68.08 59.43
N LYS IA 244 -2.92 -69.11 58.70
CA LYS IA 244 -3.78 -69.68 57.66
C LYS IA 244 -5.10 -70.15 58.25
N ALA IA 245 -5.04 -70.92 59.34
CA ALA IA 245 -6.25 -71.36 60.00
C ALA IA 245 -7.02 -70.17 60.56
N TRP IA 246 -6.31 -69.19 61.13
CA TRP IA 246 -6.97 -68.05 61.74
C TRP IA 246 -7.74 -67.24 60.72
N VAL IA 247 -7.13 -66.97 59.56
CA VAL IA 247 -7.82 -66.23 58.52
C VAL IA 247 -8.99 -67.06 57.97
N ALA IA 248 -8.78 -68.36 57.80
CA ALA IA 248 -9.85 -69.23 57.32
C ALA IA 248 -11.02 -69.23 58.30
N LYS IA 249 -10.72 -69.22 59.60
CA LYS IA 249 -11.77 -69.14 60.60
C LYS IA 249 -12.56 -67.85 60.45
N ASN IA 250 -11.86 -66.73 60.27
CA ASN IA 250 -12.54 -65.44 60.19
C ASN IA 250 -13.40 -65.34 58.95
N LYS IA 251 -13.03 -66.05 57.88
CA LYS IA 251 -13.91 -66.08 56.70
C LYS IA 251 -15.26 -66.69 57.05
N GLU IA 252 -15.26 -67.77 57.83
CA GLU IA 252 -16.52 -68.40 58.21
C GLU IA 252 -17.37 -67.46 59.05
N LEU IA 253 -16.73 -66.57 59.80
CA LEU IA 253 -17.44 -65.53 60.53
C LEU IA 253 -17.85 -64.37 59.65
N GLY IA 254 -17.59 -64.42 58.34
CA GLY IA 254 -17.92 -63.36 57.44
C GLY IA 254 -16.83 -62.32 57.23
N LYS IA 255 -15.76 -62.36 58.03
CA LYS IA 255 -14.64 -61.43 57.88
C LYS IA 255 -13.70 -61.98 56.82
N ASP IA 256 -13.69 -61.33 55.66
CA ASP IA 256 -12.85 -61.76 54.53
C ASP IA 256 -11.52 -61.01 54.63
N ILE IA 257 -10.53 -61.68 55.20
CA ILE IA 257 -9.19 -61.11 55.40
C ILE IA 257 -8.27 -61.73 54.36
N LEU IA 258 -7.50 -60.87 53.69
CA LEU IA 258 -6.51 -61.30 52.71
C LEU IA 258 -5.15 -61.38 53.40
N LEU IA 259 -4.50 -62.53 53.28
CA LEU IA 259 -3.23 -62.81 53.96
C LEU IA 259 -2.08 -62.72 52.97
N PHE IA 260 -1.00 -62.06 53.39
CA PHE IA 260 0.23 -61.94 52.63
C PHE IA 260 1.35 -62.60 53.41
N LEU IA 261 2.10 -63.47 52.75
CA LEU IA 261 3.21 -64.18 53.37
C LEU IA 261 4.42 -64.12 52.45
N GLY IA 262 5.58 -64.46 53.00
CA GLY IA 262 6.80 -64.54 52.25
C GLY IA 262 7.68 -65.65 52.77
N GLY IA 263 8.21 -66.47 51.87
CA GLY IA 263 9.00 -67.61 52.28
C GLY IA 263 10.30 -67.21 52.95
N LYS IA 264 10.97 -68.20 53.51
CA LYS IA 264 12.17 -67.95 54.28
C LYS IA 264 13.30 -67.47 53.37
N THR IA 265 14.30 -66.84 54.00
CA THR IA 265 15.39 -66.24 53.24
C THR IA 265 16.17 -67.28 52.45
N GLU IA 266 16.41 -68.44 53.04
CA GLU IA 266 17.22 -69.47 52.41
C GLU IA 266 16.43 -70.35 51.46
N ASP IA 267 15.11 -70.20 51.39
CA ASP IA 267 14.32 -70.99 50.46
C ASP IA 267 14.71 -70.65 49.03
N ASN IA 268 14.91 -71.68 48.22
CA ASN IA 268 15.21 -71.49 46.81
C ASN IA 268 13.89 -71.39 46.04
N ILE IA 269 13.99 -71.34 44.71
CA ILE IA 269 12.77 -71.31 43.89
C ILE IA 269 11.97 -72.59 44.10
N LYS IA 270 12.65 -73.71 44.26
CA LYS IA 270 11.95 -74.98 44.48
C LYS IA 270 11.16 -74.94 45.78
N GLN IA 271 11.79 -74.48 46.86
CA GLN IA 271 11.10 -74.44 48.15
C GLN IA 271 9.92 -73.48 48.11
N ILE IA 272 10.11 -72.31 47.49
CA ILE IA 272 9.06 -71.29 47.47
C ILE IA 272 7.86 -71.80 46.70
N ASN IA 273 8.09 -72.35 45.50
CA ASN IA 273 6.99 -72.81 44.67
C ASN IA 273 6.24 -73.94 45.33
N ASP IA 274 6.96 -74.86 45.98
CA ASP IA 274 6.31 -75.94 46.72
C ASP IA 274 5.46 -75.38 47.87
N LYS IA 275 5.99 -74.36 48.57
CA LYS IA 275 5.21 -73.73 49.63
C LYS IA 275 3.93 -73.12 49.09
N SER IA 276 4.03 -72.41 47.96
CA SER IA 276 2.83 -71.84 47.36
C SER IA 276 1.87 -72.93 46.90
N LYS IA 277 2.40 -73.98 46.29
CA LYS IA 277 1.54 -75.10 45.87
C LYS IA 277 0.94 -75.80 47.08
N SER IA 278 1.67 -75.87 48.19
CA SER IA 278 1.20 -76.62 49.35
C SER IA 278 -0.10 -76.05 49.91
N PHE IA 279 -0.19 -74.72 49.99
CA PHE IA 279 -1.43 -74.04 50.35
C PHE IA 279 -1.77 -73.08 49.21
N ASN IA 280 -2.83 -73.40 48.48
CA ASN IA 280 -3.24 -72.64 47.30
C ASN IA 280 -4.54 -71.88 47.57
N ASP IA 281 -4.70 -71.37 48.78
CA ASP IA 281 -5.85 -70.52 49.07
C ASP IA 281 -5.73 -69.21 48.33
N GLU IA 282 -6.85 -68.73 47.79
CA GLU IA 282 -6.85 -67.43 47.13
C GLU IA 282 -6.65 -66.28 48.10
N ASN IA 283 -6.81 -66.51 49.40
CA ASN IA 283 -6.59 -65.50 50.42
C ASN IA 283 -5.15 -65.44 50.90
N ILE IA 284 -4.24 -66.21 50.28
CA ILE IA 284 -2.86 -66.30 50.71
C ILE IA 284 -1.97 -65.95 49.54
N VAL IA 285 -0.88 -65.21 49.82
CA VAL IA 285 0.07 -64.77 48.81
C VAL IA 285 1.48 -65.03 49.32
N ASN IA 286 2.31 -65.62 48.47
CA ASN IA 286 3.71 -65.88 48.78
C ASN IA 286 4.60 -64.96 47.95
N VAL IA 287 5.49 -64.24 48.62
CA VAL IA 287 6.53 -63.47 47.97
C VAL IA 287 7.74 -64.36 47.78
N GLY IA 288 8.23 -64.45 46.54
CA GLY IA 288 9.33 -65.32 46.21
C GLY IA 288 10.59 -64.59 45.86
N SER IA 289 10.86 -63.47 46.52
CA SER IA 289 12.08 -62.73 46.22
C SER IA 289 12.32 -61.69 47.31
N SER IA 290 13.58 -61.59 47.74
CA SER IA 290 14.01 -60.50 48.59
C SER IA 290 14.14 -59.23 47.74
N ALA IA 291 14.48 -58.12 48.38
CA ALA IA 291 14.58 -56.86 47.67
C ALA IA 291 15.50 -55.92 48.42
N TYR IA 292 15.98 -54.91 47.70
CA TYR IA 292 16.86 -53.89 48.26
C TYR IA 292 16.20 -52.52 48.41
N TYR IA 293 16.64 -51.78 49.42
CA TYR IA 293 16.14 -50.42 49.64
C TYR IA 293 17.16 -49.71 50.50
N GLU IA 294 17.83 -48.70 49.90
CA GLU IA 294 19.07 -48.06 50.36
C GLU IA 294 20.05 -48.99 51.07
N ASN IA 295 20.46 -50.05 50.37
CA ASN IA 295 21.46 -51.01 50.80
C ASN IA 295 20.99 -51.92 51.92
N ILE IA 296 19.72 -51.83 52.33
CA ILE IA 296 19.17 -52.66 53.40
C ILE IA 296 18.37 -53.77 52.76
N LYS IA 297 18.77 -55.01 53.00
CA LYS IA 297 18.05 -56.14 52.45
C LYS IA 297 16.71 -56.33 53.16
N TYR IA 298 15.75 -56.86 52.41
CA TYR IA 298 14.43 -57.19 52.94
C TYR IA 298 14.10 -58.60 52.50
N THR IA 299 13.92 -59.50 53.46
CA THR IA 299 13.60 -60.87 53.14
C THR IA 299 12.22 -60.94 52.51
N PRO IA 300 11.89 -62.06 51.84
CA PRO IA 300 10.55 -62.15 51.23
C PRO IA 300 9.43 -61.97 52.21
N SER IA 301 9.61 -62.43 53.46
CA SER IA 301 8.63 -62.12 54.50
C SER IA 301 8.53 -60.63 54.74
N GLU IA 302 9.67 -59.95 54.80
CA GLU IA 302 9.66 -58.50 54.99
C GLU IA 302 9.03 -57.79 53.80
N VAL IA 303 9.37 -58.22 52.58
CA VAL IA 303 8.85 -57.57 51.39
C VAL IA 303 7.34 -57.71 51.30
N ALA IA 304 6.79 -58.79 51.85
CA ALA IA 304 5.34 -59.01 51.78
C ALA IA 304 4.56 -57.88 52.44
N VAL IA 305 5.18 -57.20 53.41
CA VAL IA 305 4.54 -56.02 54.01
C VAL IA 305 4.29 -54.97 52.95
N TYR IA 306 5.32 -54.64 52.18
CA TYR IA 306 5.17 -53.64 51.12
C TYR IA 306 4.22 -54.14 50.04
N ILE IA 307 4.30 -55.42 49.70
CA ILE IA 307 3.40 -55.99 48.70
C ILE IA 307 1.97 -55.91 49.19
N ALA IA 308 1.75 -56.26 50.46
CA ALA IA 308 0.41 -56.18 51.03
C ALA IA 308 -0.11 -54.75 51.01
N ALA IA 309 0.75 -53.80 51.36
CA ALA IA 309 0.33 -52.40 51.41
C ALA IA 309 -0.06 -51.91 50.02
N LEU IA 310 0.72 -52.22 49.00
CA LEU IA 310 0.39 -51.78 47.65
C LEU IA 310 -0.92 -52.39 47.18
N SER IA 311 -1.10 -53.69 47.41
CA SER IA 311 -2.34 -54.35 47.00
C SER IA 311 -3.53 -53.73 47.71
N VAL IA 312 -3.39 -53.49 49.01
CA VAL IA 312 -4.47 -52.90 49.79
C VAL IA 312 -4.72 -51.46 49.33
N SER IA 313 -3.64 -50.71 49.07
CA SER IA 313 -3.80 -49.31 48.68
C SER IA 313 -4.48 -49.18 47.32
N LYS IA 314 -4.19 -50.09 46.38
CA LYS IA 314 -4.83 -50.01 45.08
C LYS IA 314 -6.34 -50.16 45.18
N GLY IA 315 -6.81 -50.89 46.18
CA GLY IA 315 -8.25 -51.00 46.38
C GLY IA 315 -8.88 -51.79 45.27
N ILE IA 316 -9.96 -51.26 44.71
CA ILE IA 316 -10.76 -51.97 43.72
C ILE IA 316 -10.28 -51.67 42.31
N THR IA 317 -10.18 -50.38 41.96
CA THR IA 317 -9.90 -50.01 40.59
C THR IA 317 -8.51 -50.45 40.17
N GLY IA 318 -7.50 -50.12 40.97
CA GLY IA 318 -6.14 -50.39 40.59
C GLY IA 318 -5.71 -51.83 40.79
N SER IA 319 -4.52 -52.13 40.29
CA SER IA 319 -3.91 -53.43 40.47
C SER IA 319 -2.40 -53.25 40.37
N ILE IA 320 -1.68 -54.30 40.77
CA ILE IA 320 -0.21 -54.26 40.81
C ILE IA 320 0.34 -55.22 39.76
N CYS IA 321 -0.37 -55.34 38.64
CA CYS IA 321 0.06 -56.26 37.59
C CYS IA 321 1.44 -55.91 37.07
N ASN IA 322 1.74 -54.61 36.94
CA ASN IA 322 3.05 -54.16 36.52
C ASN IA 322 3.48 -52.92 37.31
N ALA IA 323 3.06 -52.82 38.57
CA ALA IA 323 3.39 -51.65 39.37
C ALA IA 323 4.89 -51.57 39.62
N LYS IA 324 5.43 -50.37 39.49
CA LYS IA 324 6.86 -50.13 39.76
C LYS IA 324 7.04 -49.97 41.27
N THR IA 325 7.72 -50.93 41.88
CA THR IA 325 7.88 -50.90 43.32
C THR IA 325 8.93 -49.88 43.73
N ILE IA 326 8.90 -49.53 45.02
CA ILE IA 326 9.88 -48.61 45.58
C ILE IA 326 11.26 -49.23 45.64
N PHE IA 327 11.36 -50.56 45.57
CA PHE IA 327 12.64 -51.23 45.78
C PHE IA 327 13.64 -50.87 44.69
N GLU IA 328 14.91 -51.10 45.02
CA GLU IA 328 16.03 -50.71 44.17
C GLU IA 328 16.72 -51.88 43.48
N GLU IA 329 16.56 -53.10 44.00
CA GLU IA 329 17.22 -54.26 43.43
C GLU IA 329 16.68 -55.50 44.11
N VAL IA 330 16.48 -56.56 43.33
CA VAL IA 330 15.98 -57.84 43.81
C VAL IA 330 17.10 -58.87 43.67
N GLU IA 331 17.45 -59.52 44.78
CA GLU IA 331 18.57 -60.46 44.74
C GLU IA 331 18.31 -61.64 43.83
N PRO IA 332 17.21 -62.40 43.95
CA PRO IA 332 16.96 -63.50 42.99
C PRO IA 332 16.39 -62.96 41.70
N ARG IA 333 17.21 -62.95 40.65
CA ARG IA 333 16.79 -62.55 39.32
C ARG IA 333 16.50 -63.81 38.51
N LEU IA 334 15.29 -63.88 37.96
CA LEU IA 334 14.76 -65.09 37.35
C LEU IA 334 14.64 -64.92 35.85
N SER IA 335 14.95 -65.98 35.11
CA SER IA 335 14.69 -66.00 33.68
C SER IA 335 13.19 -66.11 33.45
N GLN IA 336 12.80 -65.99 32.17
CA GLN IA 336 11.39 -66.11 31.83
C GLN IA 336 10.85 -67.49 32.18
N SER IA 337 11.64 -68.53 31.93
CA SER IA 337 11.22 -69.88 32.32
C SER IA 337 11.07 -69.98 33.83
N GLU IA 338 12.05 -69.48 34.57
CA GLU IA 338 11.95 -69.49 36.03
C GLU IA 338 10.78 -68.64 36.50
N VAL IA 339 10.55 -67.50 35.85
CA VAL IA 339 9.39 -66.68 36.16
C VAL IA 339 8.12 -67.46 35.88
N LYS IA 340 8.06 -68.15 34.75
CA LYS IA 340 6.85 -68.90 34.39
C LYS IA 340 6.55 -69.96 35.44
N GLU IA 341 7.57 -70.66 35.92
CA GLU IA 341 7.34 -71.68 36.95
C GLU IA 341 6.84 -71.03 38.23
N CYS IA 342 7.50 -69.97 38.68
CA CYS IA 342 7.07 -69.30 39.91
C CYS IA 342 5.66 -68.74 39.77
N LEU IA 343 5.38 -68.11 38.63
CA LEU IA 343 4.04 -67.58 38.40
C LEU IA 343 3.01 -68.70 38.33
N LYS IA 344 3.36 -69.80 37.67
CA LYS IA 344 2.44 -70.93 37.61
C LYS IA 344 2.20 -71.52 38.99
N SER IA 345 3.21 -71.47 39.86
CA SER IA 345 3.08 -72.03 41.20
C SER IA 345 2.32 -71.13 42.16
N GLY IA 346 1.81 -69.98 41.70
CA GLY IA 346 1.19 -69.04 42.59
C GLY IA 346 2.15 -68.13 43.32
N THR IA 347 3.46 -68.31 43.12
CA THR IA 347 4.44 -67.41 43.73
C THR IA 347 4.33 -66.04 43.10
N LEU IA 348 4.28 -65.01 43.94
CA LEU IA 348 4.36 -63.62 43.50
C LEU IA 348 5.81 -63.19 43.49
N VAL IA 349 6.30 -62.77 42.34
CA VAL IA 349 7.72 -62.52 42.12
C VAL IA 349 7.91 -61.11 41.60
N LEU IA 350 8.85 -60.39 42.19
CA LEU IA 350 9.27 -59.09 41.69
C LEU IA 350 10.42 -59.29 40.71
N ASP IA 351 10.36 -58.57 39.59
CA ASP IA 351 11.33 -58.69 38.51
C ASP IA 351 12.02 -57.36 38.29
N PHE IA 352 13.29 -57.43 37.92
CA PHE IA 352 14.12 -56.26 37.67
C PHE IA 352 14.10 -55.95 36.18
N ASP IA 353 13.72 -54.73 35.82
CA ASP IA 353 13.58 -54.32 34.42
C ASP IA 353 14.09 -52.89 34.28
N ASP IA 354 15.29 -52.75 33.73
CA ASP IA 354 15.83 -51.44 33.35
C ASP IA 354 15.92 -50.50 34.55
N GLY IA 355 16.48 -51.01 35.63
CA GLY IA 355 16.60 -50.23 36.85
C GLY IA 355 15.34 -50.15 37.68
N ASP IA 356 14.28 -50.87 37.29
CA ASP IA 356 12.99 -50.80 37.96
C ASP IA 356 12.61 -52.20 38.44
N VAL IA 357 12.23 -52.30 39.71
CA VAL IA 357 11.69 -53.52 40.28
C VAL IA 357 10.19 -53.47 40.13
N ILE IA 358 9.62 -54.44 39.42
CA ILE IA 358 8.20 -54.43 39.04
C ILE IA 358 7.57 -55.75 39.45
N ILE IA 359 6.45 -55.66 40.17
CA ILE IA 359 5.64 -56.83 40.46
C ILE IA 359 5.01 -57.31 39.16
N VAL IA 360 4.83 -58.63 39.05
CA VAL IA 360 4.37 -59.25 37.81
C VAL IA 360 3.07 -60.00 38.09
N ASP IA 361 2.01 -59.64 37.39
CA ASP IA 361 0.83 -60.44 37.13
C ASP IA 361 -0.17 -60.54 38.29
N ASP IA 362 0.12 -59.99 39.47
CA ASP IA 362 -0.88 -59.85 40.52
C ASP IA 362 -1.36 -61.19 41.08
N VAL IA 363 -0.57 -62.25 40.95
CA VAL IA 363 -1.04 -63.59 41.28
C VAL IA 363 -1.16 -63.78 42.78
N ASN IA 364 -1.85 -64.84 43.19
CA ASN IA 364 -1.87 -65.30 44.57
C ASN IA 364 -1.52 -66.78 44.58
N THR IA 365 -1.66 -67.44 45.74
CA THR IA 365 -1.31 -68.85 45.81
C THR IA 365 -2.31 -69.75 45.08
N PHE IA 366 -3.54 -69.28 44.86
CA PHE IA 366 -4.53 -70.10 44.19
C PHE IA 366 -4.22 -70.20 42.70
N LYS IA 367 -3.48 -71.24 42.32
CA LYS IA 367 -3.24 -71.54 40.92
C LYS IA 367 -3.35 -73.01 40.57
N LYS IA 368 -3.50 -73.90 41.55
CA LYS IA 368 -3.54 -75.33 41.27
C LYS IA 368 -4.78 -75.70 40.46
N TYR IA 369 -5.92 -75.12 40.79
CA TYR IA 369 -7.19 -75.54 40.21
C TYR IA 369 -7.56 -74.71 38.98
N VAL IA 370 -7.73 -73.39 39.18
CA VAL IA 370 -8.23 -72.43 38.19
C VAL IA 370 -9.31 -73.06 37.31
N ASP IA 371 -10.30 -73.68 37.94
CA ASP IA 371 -11.33 -74.45 37.23
C ASP IA 371 -12.28 -73.48 36.54
N ASP IA 372 -11.90 -73.06 35.33
CA ASP IA 372 -12.74 -72.25 34.48
C ASP IA 372 -13.07 -70.91 35.13
N LYS IA 373 -14.21 -70.79 35.82
CA LYS IA 373 -14.57 -69.53 36.46
C LYS IA 373 -13.57 -69.17 37.55
N ASN IA 374 -12.91 -70.16 38.15
CA ASN IA 374 -11.94 -69.91 39.20
C ASN IA 374 -10.59 -69.45 38.68
N GLU IA 375 -10.43 -69.28 37.36
CA GLU IA 375 -9.20 -68.71 36.83
C GLU IA 375 -8.99 -67.30 37.35
N ALA IA 376 -10.07 -66.50 37.39
CA ALA IA 376 -9.96 -65.14 37.89
C ALA IA 376 -9.57 -65.11 39.37
N MET IA 377 -9.92 -66.16 40.12
CA MET IA 377 -9.64 -66.18 41.54
C MET IA 377 -8.14 -66.28 41.85
N GLY IA 378 -7.30 -66.54 40.85
CA GLY IA 378 -5.88 -66.60 41.08
C GLY IA 378 -5.17 -65.27 41.17
N TYR IA 379 -5.89 -64.15 41.01
CA TYR IA 379 -5.31 -62.82 41.00
C TYR IA 379 -5.79 -62.03 42.20
N ILE IA 380 -4.89 -61.26 42.79
CA ILE IA 380 -5.19 -60.55 44.03
C ILE IA 380 -6.30 -59.53 43.82
N SER IA 381 -6.25 -58.79 42.70
CA SER IA 381 -7.23 -57.75 42.46
C SER IA 381 -8.64 -58.32 42.39
N ASN IA 382 -8.77 -59.49 41.76
CA ASN IA 382 -10.09 -60.13 41.68
C ASN IA 382 -10.60 -60.49 43.07
N ILE IA 383 -9.74 -61.03 43.93
CA ILE IA 383 -10.19 -61.40 45.27
C ILE IA 383 -10.52 -60.17 46.09
N MET IA 384 -9.69 -59.13 45.99
CA MET IA 384 -9.98 -57.89 46.70
C MET IA 384 -11.32 -57.31 46.26
N PHE IA 385 -11.61 -57.38 44.97
CA PHE IA 385 -12.90 -56.92 44.46
C PHE IA 385 -14.03 -57.72 45.07
N ILE IA 386 -13.85 -59.04 45.19
CA ILE IA 386 -14.90 -59.89 45.73
C ILE IA 386 -15.12 -59.61 47.22
N ASN IA 387 -14.02 -59.53 47.97
CA ASN IA 387 -14.15 -59.37 49.42
C ASN IA 387 -14.83 -58.07 49.79
N THR IA 388 -14.50 -56.99 49.07
CA THR IA 388 -15.06 -55.69 49.40
C THR IA 388 -16.57 -55.67 49.22
N ILE IA 389 -17.06 -56.30 48.15
CA ILE IA 389 -18.50 -56.36 47.93
C ILE IA 389 -19.18 -57.11 49.07
N ASN IA 390 -18.57 -58.22 49.51
CA ASN IA 390 -19.13 -58.96 50.62
C ASN IA 390 -19.17 -58.11 51.89
N LYS IA 391 -18.12 -57.34 52.14
CA LYS IA 391 -18.11 -56.46 53.30
C LYS IA 391 -19.21 -55.41 53.20
N ASP IA 392 -19.36 -54.80 52.03
CA ASP IA 392 -20.38 -53.76 51.88
C ASP IA 392 -21.78 -54.34 52.06
N THR IA 393 -22.03 -55.51 51.48
CA THR IA 393 -23.32 -56.16 51.69
C THR IA 393 -23.51 -56.54 53.15
N SER IA 394 -22.44 -57.01 53.79
CA SER IA 394 -22.52 -57.37 55.20
C SER IA 394 -22.88 -56.15 56.05
N LEU IA 395 -22.32 -54.99 55.72
CA LEU IA 395 -22.68 -53.77 56.44
C LEU IA 395 -24.15 -53.45 56.27
N LYS IA 396 -24.64 -53.46 55.02
CA LYS IA 396 -26.05 -53.21 54.79
C LYS IA 396 -26.91 -54.31 55.41
N ARG IA 397 -26.39 -55.53 55.51
CA ARG IA 397 -27.15 -56.61 56.12
C ARG IA 397 -27.45 -56.30 57.58
N LYS IA 398 -26.42 -55.92 58.35
CA LYS IA 398 -26.60 -55.75 59.78
C LYS IA 398 -27.51 -54.57 60.13
N GLU IA 399 -27.79 -53.67 59.18
CA GLU IA 399 -28.75 -52.62 59.43
C GLU IA 399 -30.19 -53.11 59.39
N PHE IA 400 -30.44 -54.32 58.86
CA PHE IA 400 -31.80 -54.79 58.61
C PHE IA 400 -32.10 -56.17 59.19
N VAL IA 401 -31.10 -56.93 59.65
CA VAL IA 401 -31.36 -58.25 60.21
C VAL IA 401 -32.23 -58.09 61.46
N GLY IA 402 -33.46 -58.60 61.39
CA GLY IA 402 -34.38 -58.49 62.50
C GLY IA 402 -34.71 -57.07 62.90
N LYS IA 403 -34.57 -56.11 61.97
CA LYS IA 403 -34.82 -54.71 62.23
C LYS IA 403 -35.65 -54.03 61.15
N ILE IA 404 -36.08 -54.76 60.13
CA ILE IA 404 -37.07 -54.28 59.17
C ILE IA 404 -38.06 -55.41 58.93
N PHE IA 405 -39.34 -55.05 58.81
CA PHE IA 405 -40.37 -56.06 58.60
C PHE IA 405 -40.14 -56.78 57.28
N ASN IA 406 -40.13 -58.11 57.34
CA ASN IA 406 -39.84 -58.93 56.17
C ASN IA 406 -41.08 -59.05 55.27
N ASP IA 407 -41.42 -57.93 54.64
CA ASP IA 407 -42.53 -57.83 53.70
C ASP IA 407 -41.98 -57.51 52.31
N ALA IA 408 -42.86 -57.64 51.32
CA ALA IA 408 -42.45 -57.41 49.93
C ALA IA 408 -41.94 -55.99 49.73
N THR IA 409 -42.61 -55.01 50.35
CA THR IA 409 -42.12 -53.64 50.29
C THR IA 409 -40.75 -53.52 50.96
N GLY IA 410 -40.60 -54.13 52.14
CA GLY IA 410 -39.31 -54.10 52.80
C GLY IA 410 -38.23 -54.81 52.01
N GLN IA 411 -38.56 -55.97 51.44
CA GLN IA 411 -37.60 -56.67 50.60
C GLN IA 411 -37.24 -55.84 49.38
N THR IA 412 -38.24 -55.19 48.78
CA THR IA 412 -37.96 -54.30 47.66
C THR IA 412 -37.06 -53.15 48.09
N THR IA 413 -37.22 -52.68 49.33
CA THR IA 413 -36.34 -51.65 49.85
C THR IA 413 -34.90 -52.15 49.90
N VAL IA 414 -34.70 -53.39 50.36
CA VAL IA 414 -33.37 -53.95 50.45
C VAL IA 414 -32.76 -54.09 49.06
N ILE IA 415 -33.54 -54.59 48.10
CA ILE IA 415 -33.04 -54.74 46.73
C ILE IA 415 -32.70 -53.39 46.15
N CYS IA 416 -33.52 -52.38 46.43
CA CYS IA 416 -33.22 -51.03 45.96
C CYS IA 416 -31.91 -50.54 46.55
N ALA IA 417 -31.67 -50.83 47.84
CA ALA IA 417 -30.41 -50.43 48.46
C ALA IA 417 -29.23 -51.12 47.79
N LEU IA 418 -29.30 -52.45 47.64
CA LEU IA 418 -28.21 -53.18 47.01
C LEU IA 418 -28.03 -52.76 45.57
N LYS IA 419 -29.13 -52.63 44.83
CA LYS IA 419 -29.03 -52.27 43.41
C LYS IA 419 -28.40 -50.90 43.23
N LYS IA 420 -28.77 -49.95 44.09
CA LYS IA 420 -28.15 -48.63 44.00
C LYS IA 420 -26.68 -48.69 44.37
N TYR IA 421 -26.33 -49.53 45.35
CA TYR IA 421 -24.92 -49.65 45.75
C TYR IA 421 -24.08 -50.16 44.59
N PHE IA 422 -24.56 -51.19 43.89
CA PHE IA 422 -23.85 -51.66 42.70
C PHE IA 422 -23.80 -50.58 41.63
N GLU IA 423 -24.86 -49.78 41.51
CA GLU IA 423 -24.88 -48.73 40.50
C GLU IA 423 -23.78 -47.71 40.77
N GLU IA 424 -23.39 -47.52 42.03
CA GLU IA 424 -22.22 -46.70 42.31
C GLU IA 424 -20.97 -47.31 41.69
N LEU IA 425 -20.83 -48.63 41.80
CA LEU IA 425 -19.68 -49.31 41.21
C LEU IA 425 -19.68 -49.16 39.69
N MET IA 426 -20.87 -49.09 39.09
CA MET IA 426 -20.96 -48.76 37.67
C MET IA 426 -20.42 -47.36 37.43
N SER IA 427 -20.74 -46.43 38.31
CA SER IA 427 -20.26 -45.06 38.16
C SER IA 427 -18.75 -44.99 38.23
N GLN IA 428 -18.12 -45.87 39.00
CA GLN IA 428 -16.66 -45.92 39.06
C GLN IA 428 -16.05 -46.55 37.82
N GLY IA 429 -16.85 -47.17 36.95
CA GLY IA 429 -16.30 -47.91 35.84
C GLY IA 429 -15.69 -49.24 36.22
N ILE IA 430 -15.89 -49.70 37.46
CA ILE IA 430 -15.32 -50.97 37.89
C ILE IA 430 -15.97 -52.12 37.14
N ILE IA 431 -17.28 -52.04 36.91
CA ILE IA 431 -18.08 -53.15 36.45
C ILE IA 431 -18.71 -52.77 35.12
N SER IA 432 -18.71 -53.71 34.18
CA SER IA 432 -19.36 -53.50 32.90
C SER IA 432 -20.85 -53.80 32.95
N GLU IA 433 -21.24 -54.90 33.60
CA GLU IA 433 -22.64 -55.26 33.75
C GLU IA 433 -22.86 -55.89 35.11
N PHE IA 434 -24.06 -55.71 35.64
CA PHE IA 434 -24.41 -56.27 36.94
C PHE IA 434 -25.91 -56.53 36.98
N ASN IA 435 -26.30 -57.46 37.84
CA ASN IA 435 -27.69 -57.76 38.11
C ASN IA 435 -27.82 -58.20 39.56
N VAL IA 436 -28.89 -57.73 40.21
CA VAL IA 436 -29.25 -58.19 41.55
C VAL IA 436 -30.76 -58.39 41.57
N ASP IA 437 -31.21 -59.54 42.06
CA ASP IA 437 -32.61 -59.90 42.00
C ASP IA 437 -32.97 -60.75 43.21
N ILE IA 438 -34.27 -61.04 43.34
CA ILE IA 438 -34.76 -61.89 44.41
C ILE IA 438 -34.33 -63.32 44.14
N ASP IA 439 -33.77 -63.97 45.16
CA ASP IA 439 -33.43 -65.39 45.09
C ASP IA 439 -34.71 -66.17 45.36
N THR IA 440 -35.46 -66.44 44.29
CA THR IA 440 -36.76 -67.09 44.43
C THR IA 440 -36.65 -68.45 45.09
N GLU IA 441 -35.53 -69.15 44.90
CA GLU IA 441 -35.37 -70.47 45.49
C GLU IA 441 -35.29 -70.40 47.00
N LEU IA 442 -34.28 -69.69 47.53
CA LEU IA 442 -34.15 -69.53 48.96
C LEU IA 442 -35.23 -68.65 49.56
N GLN IA 443 -36.01 -67.93 48.75
CA GLN IA 443 -37.11 -67.12 49.27
C GLN IA 443 -38.30 -67.97 49.69
N ALA IA 444 -38.32 -69.25 49.34
CA ALA IA 444 -39.47 -70.10 49.69
C ALA IA 444 -39.60 -70.33 51.19
N THR IA 445 -38.56 -70.07 51.98
CA THR IA 445 -38.54 -70.35 53.42
C THR IA 445 -37.99 -69.15 54.19
N ALA IA 446 -38.52 -67.96 53.88
CA ALA IA 446 -37.98 -66.73 54.44
C ALA IA 446 -38.35 -66.61 55.92
N LYS IA 447 -37.55 -65.81 56.64
CA LYS IA 447 -37.80 -65.46 58.02
C LYS IA 447 -37.42 -63.99 58.22
N ALA IA 448 -37.33 -63.55 59.48
CA ALA IA 448 -37.17 -62.13 59.77
C ALA IA 448 -35.86 -61.59 59.21
N ASP IA 449 -34.76 -62.32 59.40
CA ASP IA 449 -33.45 -61.96 58.87
C ASP IA 449 -32.93 -62.99 57.86
N GLU IA 450 -33.82 -63.82 57.31
CA GLU IA 450 -33.46 -64.88 56.37
C GLU IA 450 -34.07 -64.63 54.99
N PHE IA 451 -34.30 -63.38 54.64
CA PHE IA 451 -34.55 -63.04 53.24
C PHE IA 451 -33.28 -63.25 52.44
N TYR IA 452 -33.42 -63.85 51.26
CA TYR IA 452 -32.29 -64.27 50.46
C TYR IA 452 -32.36 -63.69 49.06
N TRP IA 453 -31.18 -63.39 48.52
CA TRP IA 453 -31.03 -62.63 47.29
C TRP IA 453 -29.81 -63.15 46.56
N LYS IA 454 -29.77 -62.87 45.25
CA LYS IA 454 -28.68 -63.32 44.40
C LYS IA 454 -28.30 -62.20 43.45
N TRP IA 455 -27.08 -62.29 42.93
CA TRP IA 455 -26.54 -61.26 42.06
C TRP IA 455 -25.36 -61.84 41.30
N ASP IA 456 -24.97 -61.13 40.25
CA ASP IA 456 -23.72 -61.43 39.56
C ASP IA 456 -23.30 -60.18 38.80
N ALA IA 457 -21.99 -60.01 38.66
CA ALA IA 457 -21.41 -58.80 38.08
C ALA IA 457 -20.23 -59.18 37.20
N VAL IA 458 -19.84 -58.24 36.34
CA VAL IA 458 -18.77 -58.42 35.37
C VAL IA 458 -17.72 -57.36 35.68
N LYS IA 459 -16.69 -57.74 36.44
CA LYS IA 459 -15.64 -56.81 36.79
C LYS IA 459 -14.82 -56.45 35.56
N VAL IA 460 -14.44 -55.18 35.46
CA VAL IA 460 -13.54 -54.70 34.42
C VAL IA 460 -12.11 -54.90 34.90
N ASP IA 461 -11.30 -55.57 34.08
CA ASP IA 461 -9.94 -55.90 34.43
C ASP IA 461 -8.97 -54.87 33.86
N VAL IA 462 -7.77 -54.84 34.43
CA VAL IA 462 -6.71 -53.94 33.96
C VAL IA 462 -5.97 -54.61 32.82
N MET IA 463 -5.59 -53.82 31.82
CA MET IA 463 -4.88 -54.37 30.67
C MET IA 463 -3.54 -54.94 31.09
N LYS IA 464 -3.24 -56.16 30.63
CA LYS IA 464 -2.11 -56.94 31.10
C LYS IA 464 -1.14 -57.33 30.00
N LYS IA 465 -1.62 -57.70 28.82
CA LYS IA 465 -0.75 -58.15 27.75
C LYS IA 465 -1.28 -57.68 26.40
N ILE IA 466 -0.35 -57.53 25.45
CA ILE IA 466 -0.64 -57.04 24.11
C ILE IA 466 0.04 -57.98 23.12
N TYR IA 467 -0.67 -58.31 22.05
CA TYR IA 467 -0.12 -59.09 20.95
C TYR IA 467 -0.24 -58.28 19.67
N GLY IA 468 0.90 -58.07 19.00
CA GLY IA 468 0.94 -57.36 17.74
C GLY IA 468 1.41 -58.27 16.63
N THR IA 469 0.87 -58.06 15.43
CA THR IA 469 1.23 -58.85 14.26
C THR IA 469 1.54 -57.88 13.12
N GLY IA 470 2.82 -57.78 12.76
CA GLY IA 470 3.22 -56.88 11.71
C GLY IA 470 3.11 -57.49 10.33
N TYR IA 471 2.05 -57.16 9.61
CA TYR IA 471 1.89 -57.63 8.24
C TYR IA 471 2.80 -56.83 7.33
N LEU IA 472 3.48 -57.53 6.44
CA LEU IA 472 4.51 -56.91 5.61
C LEU IA 472 4.64 -57.66 4.28
N GLU JA 13 0.93 -67.18 28.74
CA GLU JA 13 2.12 -66.29 28.62
C GLU JA 13 2.16 -65.29 29.77
N ILE JA 14 3.35 -64.75 30.02
CA ILE JA 14 3.54 -63.77 31.09
C ILE JA 14 2.88 -62.46 30.65
N PRO JA 15 2.37 -61.64 31.56
CA PRO JA 15 1.93 -60.30 31.14
C PRO JA 15 3.10 -59.50 30.59
N GLY JA 16 2.81 -58.73 29.57
CA GLY JA 16 3.83 -57.92 28.91
C GLY JA 16 3.48 -57.75 27.45
N PHE JA 17 4.44 -57.18 26.72
CA PHE JA 17 4.26 -56.86 25.32
C PHE JA 17 4.91 -57.93 24.46
N TYR JA 18 4.17 -58.46 23.50
CA TYR JA 18 4.65 -59.44 22.55
C TYR JA 18 4.26 -59.00 21.14
N ASN JA 19 5.11 -59.37 20.18
CA ASN JA 19 4.86 -58.96 18.80
C ASN JA 19 5.45 -60.00 17.85
N ARG JA 20 4.85 -60.09 16.67
CA ARG JA 20 5.30 -60.98 15.61
C ARG JA 20 5.13 -60.26 14.28
N PHE JA 21 5.70 -60.86 13.23
CA PHE JA 21 5.62 -60.33 11.88
C PHE JA 21 5.24 -61.44 10.92
N LYS JA 22 4.49 -61.08 9.89
CA LYS JA 22 3.99 -62.03 8.91
C LYS JA 22 4.01 -61.39 7.53
N THR JA 23 4.21 -62.22 6.51
CA THR JA 23 4.11 -61.74 5.15
C THR JA 23 2.67 -61.38 4.81
N GLN JA 24 2.50 -60.37 3.95
CA GLN JA 24 1.17 -59.89 3.62
C GLN JA 24 0.32 -60.97 2.98
N ALA JA 25 0.94 -61.94 2.30
CA ALA JA 25 0.21 -63.08 1.80
C ALA JA 25 -0.45 -63.89 2.91
N GLU JA 26 0.08 -63.81 4.13
CA GLU JA 26 -0.51 -64.48 5.28
C GLU JA 26 -1.73 -63.76 5.84
N LYS JA 27 -2.14 -62.65 5.23
CA LYS JA 27 -3.31 -61.92 5.70
C LYS JA 27 -4.54 -62.80 5.64
N SER JA 28 -5.47 -62.58 6.56
CA SER JA 28 -6.74 -63.27 6.55
C SER JA 28 -7.64 -62.68 5.47
N THR JA 29 -7.31 -62.95 4.21
CA THR JA 29 -8.04 -62.40 3.08
C THR JA 29 -9.29 -63.20 2.73
N ASN JA 30 -9.59 -64.26 3.48
CA ASN JA 30 -10.76 -65.08 3.17
C ASN JA 30 -12.07 -64.32 3.30
N THR JA 31 -12.06 -63.17 4.00
CA THR JA 31 -13.27 -62.38 4.14
C THR JA 31 -13.71 -61.84 2.78
N GLY JA 32 -15.03 -61.86 2.55
CA GLY JA 32 -15.61 -61.27 1.37
C GLY JA 32 -15.73 -62.19 0.16
N LEU JA 33 -15.21 -63.41 0.23
CA LEU JA 33 -15.32 -64.32 -0.88
C LEU JA 33 -16.72 -64.92 -0.95
N LYS JA 34 -17.01 -65.59 -2.07
CA LYS JA 34 -18.33 -66.18 -2.32
C LYS JA 34 -18.16 -67.53 -2.98
N GLY JA 35 -19.22 -68.34 -2.90
CA GLY JA 35 -19.35 -69.50 -3.73
C GLY JA 35 -18.79 -70.77 -3.10
N ARG JA 36 -19.29 -71.91 -3.57
CA ARG JA 36 -18.89 -73.22 -3.11
C ARG JA 36 -18.62 -74.15 -4.29
N LEU JA 37 -17.51 -74.88 -4.22
CA LEU JA 37 -17.07 -75.76 -5.30
C LEU JA 37 -16.68 -77.11 -4.72
N ALA JA 38 -16.80 -78.15 -5.56
CA ALA JA 38 -16.50 -79.52 -5.21
C ALA JA 38 -15.48 -80.11 -6.18
N MET JA 39 -14.70 -81.08 -5.68
CA MET JA 39 -13.63 -81.68 -6.47
C MET JA 39 -13.32 -83.10 -5.98
N PRO JA 40 -13.30 -84.12 -6.86
CA PRO JA 40 -12.79 -85.45 -6.43
C PRO JA 40 -11.29 -85.59 -6.66
N ILE JA 41 -10.52 -84.98 -5.76
CA ILE JA 41 -9.09 -84.81 -5.98
C ILE JA 41 -8.35 -86.12 -5.74
N ARG JA 42 -7.31 -86.35 -6.55
CA ARG JA 42 -6.27 -87.30 -6.22
C ARG JA 42 -5.23 -86.60 -5.36
N ALA JA 43 -4.87 -87.21 -4.23
CA ALA JA 43 -3.97 -86.57 -3.28
C ALA JA 43 -2.98 -87.58 -2.74
N ASN JA 44 -1.74 -87.13 -2.59
CA ASN JA 44 -0.71 -87.95 -1.96
C ASN JA 44 -0.84 -88.02 -0.45
N TRP JA 45 -1.54 -87.07 0.16
CA TRP JA 45 -1.54 -86.91 1.60
C TRP JA 45 -2.92 -86.46 2.05
N GLY JA 46 -3.30 -86.82 3.27
CA GLY JA 46 -4.51 -86.37 3.89
C GLY JA 46 -5.55 -87.47 4.01
N ASP JA 47 -6.70 -87.08 4.55
CA ASP JA 47 -7.80 -88.01 4.77
C ASP JA 47 -8.26 -88.62 3.45
N VAL JA 48 -8.67 -89.87 3.51
CA VAL JA 48 -9.03 -90.67 2.33
C VAL JA 48 -10.52 -90.95 2.37
N GLY JA 49 -11.17 -90.82 1.22
CA GLY JA 49 -12.54 -91.26 1.07
C GLY JA 49 -13.58 -90.41 1.75
N LYS JA 50 -13.29 -89.13 2.00
CA LYS JA 50 -14.24 -88.25 2.68
C LYS JA 50 -14.13 -86.86 2.11
N VAL JA 51 -15.22 -86.11 2.24
CA VAL JA 51 -15.26 -84.71 1.83
C VAL JA 51 -14.69 -83.87 2.95
N VAL JA 52 -13.92 -82.84 2.59
CA VAL JA 52 -13.38 -81.89 3.54
C VAL JA 52 -13.55 -80.48 2.97
N THR JA 53 -13.89 -79.54 3.84
CA THR JA 53 -14.10 -78.15 3.46
C THR JA 53 -12.85 -77.35 3.80
N ILE JA 54 -12.45 -76.48 2.87
CA ILE JA 54 -11.34 -75.56 3.07
C ILE JA 54 -11.86 -74.15 2.88
N LYS JA 55 -11.41 -73.24 3.75
CA LYS JA 55 -11.92 -71.87 3.79
C LYS JA 55 -11.10 -70.92 2.93
N ASN JA 56 -10.58 -71.39 1.81
CA ASN JA 56 -9.76 -70.58 0.90
C ASN JA 56 -8.48 -70.10 1.58
N ASP JA 57 -7.66 -71.07 1.99
CA ASP JA 57 -6.35 -70.80 2.56
C ASP JA 57 -5.34 -71.77 1.94
N LEU JA 58 -4.28 -71.21 1.36
CA LEU JA 58 -3.27 -72.06 0.72
C LEU JA 58 -2.59 -72.98 1.72
N ARG JA 59 -2.22 -72.45 2.88
CA ARG JA 59 -1.56 -73.26 3.90
C ARG JA 59 -2.47 -74.39 4.36
N GLN JA 60 -3.76 -74.10 4.54
CA GLN JA 60 -4.71 -75.12 4.92
C GLN JA 60 -4.75 -76.25 3.88
N LEU JA 61 -4.77 -75.88 2.60
CA LEU JA 61 -4.66 -76.90 1.55
C LEU JA 61 -3.33 -77.61 1.63
N LYS JA 62 -2.25 -76.86 1.89
CA LYS JA 62 -0.93 -77.47 1.97
C LYS JA 62 -0.85 -78.48 3.10
N ASN JA 63 -1.34 -78.10 4.29
CA ASN JA 63 -1.27 -79.01 5.42
C ASN JA 63 -2.18 -80.22 5.21
N LEU JA 64 -3.38 -79.99 4.66
CA LEU JA 64 -4.35 -81.06 4.54
C LEU JA 64 -4.01 -82.05 3.43
N PHE JA 65 -3.30 -81.61 2.39
CA PHE JA 65 -3.03 -82.47 1.25
C PHE JA 65 -1.62 -82.31 0.69
N GLY JA 66 -0.70 -81.75 1.45
CA GLY JA 66 0.65 -81.62 0.95
C GLY JA 66 0.73 -80.56 -0.15
N ASP JA 67 1.88 -80.58 -0.84
CA ASP JA 67 2.17 -79.58 -1.87
C ASP JA 67 2.84 -80.19 -3.09
N ASP JA 68 2.49 -81.43 -3.43
CA ASP JA 68 3.06 -82.11 -4.59
C ASP JA 68 2.28 -81.69 -5.83
N MET JA 69 2.92 -80.90 -6.69
CA MET JA 69 2.26 -80.47 -7.92
C MET JA 69 2.00 -81.62 -8.87
N ASN JA 70 2.73 -82.73 -8.73
CA ASN JA 70 2.46 -83.90 -9.57
C ASN JA 70 1.06 -84.45 -9.31
N TYR JA 71 0.56 -84.29 -8.09
CA TYR JA 71 -0.76 -84.78 -7.72
C TYR JA 71 -1.81 -83.72 -7.97
N SER JA 72 -2.98 -84.16 -8.43
CA SER JA 72 -4.05 -83.23 -8.82
C SER JA 72 -4.56 -82.40 -7.65
N ALA JA 73 -4.34 -82.86 -6.42
CA ALA JA 73 -4.86 -82.15 -5.25
C ALA JA 73 -4.29 -80.74 -5.15
N PHE JA 74 -2.98 -80.63 -4.95
CA PHE JA 74 -2.37 -79.32 -4.78
C PHE JA 74 -2.43 -78.52 -6.07
N LYS JA 75 -2.23 -79.18 -7.21
CA LYS JA 75 -2.21 -78.48 -8.49
C LYS JA 75 -3.55 -77.81 -8.76
N LEU JA 76 -4.61 -78.62 -8.91
CA LEU JA 76 -5.91 -78.06 -9.20
C LEU JA 76 -6.46 -77.29 -8.00
N GLY JA 77 -6.15 -77.74 -6.79
CA GLY JA 77 -6.60 -77.02 -5.60
C GLY JA 77 -6.05 -75.61 -5.56
N LYS JA 78 -4.79 -75.44 -5.97
CA LYS JA 78 -4.23 -74.09 -6.04
C LYS JA 78 -4.98 -73.24 -7.05
N LEU JA 79 -5.31 -73.81 -8.21
CA LEU JA 79 -6.03 -73.06 -9.22
C LEU JA 79 -7.41 -72.65 -8.72
N ALA JA 80 -8.14 -73.60 -8.13
CA ALA JA 80 -9.45 -73.27 -7.59
C ALA JA 80 -9.32 -72.25 -6.47
N LEU JA 81 -8.27 -72.36 -5.65
CA LEU JA 81 -8.02 -71.37 -4.61
C LEU JA 81 -7.79 -69.99 -5.23
N LEU JA 82 -7.04 -69.94 -6.33
CA LEU JA 82 -6.83 -68.67 -7.02
C LEU JA 82 -8.12 -68.12 -7.62
N GLY JA 83 -9.14 -68.96 -7.80
CA GLY JA 83 -10.42 -68.51 -8.28
C GLY JA 83 -11.27 -67.78 -7.27
N ASN JA 84 -10.81 -67.65 -6.03
CA ASN JA 84 -11.47 -66.84 -5.00
C ASN JA 84 -12.80 -67.46 -4.59
N VAL JA 85 -12.84 -68.77 -4.45
CA VAL JA 85 -14.03 -69.46 -3.97
C VAL JA 85 -14.07 -69.38 -2.45
N LYS JA 86 -15.25 -69.13 -1.89
CA LYS JA 86 -15.36 -69.02 -0.43
C LYS JA 86 -15.02 -70.33 0.25
N GLU JA 87 -15.51 -71.44 -0.29
CA GLU JA 87 -15.34 -72.75 0.34
C GLU JA 87 -15.15 -73.81 -0.73
N LEU JA 88 -14.13 -74.63 -0.57
CA LEU JA 88 -13.81 -75.70 -1.51
C LEU JA 88 -14.00 -77.04 -0.82
N LEU JA 89 -14.85 -77.88 -1.39
CA LEU JA 89 -15.20 -79.18 -0.83
C LEU JA 89 -14.40 -80.25 -1.55
N LEU JA 90 -13.26 -80.62 -0.96
CA LEU JA 90 -12.34 -81.57 -1.58
C LEU JA 90 -12.61 -82.97 -1.08
N TYR JA 91 -12.58 -83.93 -2.01
CA TYR JA 91 -12.70 -85.35 -1.72
C TYR JA 91 -11.44 -86.03 -2.23
N ARG JA 92 -10.76 -86.77 -1.36
CA ARG JA 92 -9.56 -87.51 -1.76
C ARG JA 92 -10.00 -88.78 -2.44
N LEU JA 93 -10.14 -88.71 -3.76
CA LEU JA 93 -10.36 -89.92 -4.54
C LEU JA 93 -9.15 -90.83 -4.40
N VAL JA 94 -9.41 -92.14 -4.38
CA VAL JA 94 -8.35 -93.13 -4.19
C VAL JA 94 -8.67 -94.37 -5.01
N ASP JA 95 -7.62 -95.09 -5.37
CA ASP JA 95 -7.74 -96.33 -6.13
C ASP JA 95 -8.07 -97.53 -5.25
N GLY JA 96 -7.91 -97.41 -3.94
CA GLY JA 96 -7.77 -98.56 -3.08
C GLY JA 96 -6.29 -98.86 -2.89
N ASN JA 97 -6.02 -100.06 -2.38
CA ASN JA 97 -4.65 -100.47 -2.06
C ASN JA 97 -4.02 -99.49 -1.06
N GLN JA 98 -4.84 -98.90 -0.21
CA GLN JA 98 -4.42 -97.80 0.62
C GLN JA 98 -3.57 -98.31 1.79
N LYS JA 99 -2.52 -97.57 2.10
CA LYS JA 99 -1.66 -97.89 3.24
C LYS JA 99 -1.06 -96.61 3.78
N LYS JA 100 -0.65 -96.70 5.05
CA LYS JA 100 0.02 -95.61 5.74
C LYS JA 100 1.49 -95.97 5.94
N GLY JA 101 2.36 -94.96 5.78
CA GLY JA 101 3.75 -95.16 6.08
C GLY JA 101 3.91 -95.56 7.52
N THR JA 102 4.70 -96.61 7.78
CA THR JA 102 4.81 -97.18 9.10
C THR JA 102 6.25 -97.64 9.33
N LEU JA 103 6.62 -97.72 10.60
CA LEU JA 103 7.94 -98.18 11.00
C LEU JA 103 7.87 -98.65 12.44
N THR JA 104 8.78 -99.56 12.79
CA THR JA 104 8.87 -100.12 14.13
C THR JA 104 10.29 -99.97 14.62
N LEU JA 105 10.45 -99.41 15.83
CA LEU JA 105 11.75 -99.13 16.42
C LEU JA 105 11.99 -100.06 17.60
N LYS JA 106 13.26 -100.42 17.81
CA LYS JA 106 13.63 -101.53 18.66
C LYS JA 106 14.57 -101.08 19.77
N ASP JA 107 14.62 -101.89 20.82
CA ASP JA 107 15.37 -101.61 22.03
C ASP JA 107 16.78 -102.19 21.94
N THR JA 108 17.72 -101.54 22.63
CA THR JA 108 19.13 -101.92 22.58
C THR JA 108 19.48 -103.04 23.54
N THR JA 109 19.12 -102.88 24.82
CA THR JA 109 19.65 -103.77 25.86
C THR JA 109 19.25 -105.23 25.63
N GLU JA 110 18.06 -105.46 25.07
CA GLU JA 110 17.66 -106.81 24.74
C GLU JA 110 18.47 -107.30 23.54
N ASN JA 111 19.23 -108.38 23.73
CA ASN JA 111 20.02 -108.92 22.63
C ASN JA 111 19.15 -109.40 21.48
N SER JA 112 17.89 -109.75 21.76
CA SER JA 112 16.92 -110.03 20.70
C SER JA 112 16.42 -108.76 20.02
N ALA JA 113 16.79 -107.57 20.53
CA ALA JA 113 16.38 -106.29 19.96
C ALA JA 113 14.85 -106.18 19.93
N LYS JA 114 14.29 -106.13 21.13
CA LYS JA 114 12.84 -106.12 21.28
C LYS JA 114 12.23 -104.90 20.61
N ASP JA 115 11.19 -105.13 19.80
CA ASP JA 115 10.44 -104.04 19.20
C ASP JA 115 9.46 -103.48 20.22
N VAL JA 116 9.52 -102.17 20.44
CA VAL JA 116 8.83 -101.53 21.56
C VAL JA 116 7.92 -100.41 21.09
N ILE JA 117 8.25 -99.79 19.95
CA ILE JA 117 7.51 -98.63 19.44
C ILE JA 117 7.25 -98.83 17.95
N LYS JA 118 6.01 -98.55 17.55
CA LYS JA 118 5.62 -98.48 16.15
C LYS JA 118 5.19 -97.06 15.83
N LEU JA 119 5.80 -96.48 14.79
CA LEU JA 119 5.44 -95.17 14.29
C LEU JA 119 4.61 -95.32 13.02
N GLU JA 120 3.75 -94.35 12.75
CA GLU JA 120 2.88 -94.40 11.60
C GLU JA 120 2.53 -92.98 11.16
N THR JA 121 2.42 -92.80 9.84
CA THR JA 121 2.00 -91.51 9.31
C THR JA 121 0.57 -91.21 9.74
N LYS JA 122 0.27 -89.92 9.86
CA LYS JA 122 -1.06 -89.52 10.30
C LYS JA 122 -2.13 -89.93 9.29
N TYR JA 123 -1.82 -89.83 8.01
CA TYR JA 123 -2.73 -90.17 6.92
C TYR JA 123 -2.03 -91.14 5.97
N PRO JA 124 -2.79 -91.87 5.16
CA PRO JA 124 -2.16 -92.68 4.12
C PRO JA 124 -1.41 -91.82 3.12
N THR JA 125 -0.30 -92.35 2.64
CA THR JA 125 0.53 -91.64 1.67
C THR JA 125 1.61 -92.59 1.17
N ALA JA 126 2.46 -92.08 0.29
CA ALA JA 126 3.65 -92.79 -0.18
C ALA JA 126 4.90 -91.93 -0.12
N ARG JA 127 4.82 -90.72 0.44
CA ARG JA 127 5.98 -89.85 0.51
C ARG JA 127 7.02 -90.42 1.48
N ASN JA 128 8.26 -89.94 1.32
CA ASN JA 128 9.41 -90.52 2.02
C ASN JA 128 9.58 -89.86 3.38
N PHE JA 129 8.78 -90.33 4.34
CA PHE JA 129 9.05 -90.00 5.74
C PHE JA 129 10.16 -90.91 6.26
N ASN JA 130 11.11 -90.31 6.97
CA ASN JA 130 12.28 -91.01 7.47
C ASN JA 130 12.54 -90.62 8.92
N VAL JA 131 13.17 -91.52 9.65
CA VAL JA 131 13.47 -91.34 11.06
C VAL JA 131 14.96 -91.51 11.27
N THR JA 132 15.56 -90.61 12.04
CA THR JA 132 16.95 -90.70 12.45
C THR JA 132 17.03 -90.51 13.95
N ILE JA 133 17.55 -91.51 14.65
CA ILE JA 133 17.76 -91.46 16.09
C ILE JA 133 19.25 -91.61 16.35
N LYS JA 134 19.82 -90.69 17.10
CA LYS JA 134 21.23 -90.69 17.46
C LYS JA 134 21.36 -90.49 18.95
N SER JA 135 22.48 -90.94 19.49
CA SER JA 135 22.75 -90.74 20.91
C SER JA 135 22.83 -89.25 21.21
N ASN JA 136 22.09 -88.82 22.22
CA ASN JA 136 22.13 -87.43 22.64
C ASN JA 136 23.50 -87.15 23.21
N LEU JA 137 24.25 -86.27 22.54
CA LEU JA 137 25.66 -86.06 22.89
C LEU JA 137 25.82 -85.51 24.30
N VAL JA 138 24.88 -84.69 24.75
CA VAL JA 138 24.95 -84.16 26.11
C VAL JA 138 24.83 -85.28 27.13
N ASP JA 139 23.90 -86.21 26.91
CA ASP JA 139 23.59 -87.24 27.88
C ASP JA 139 23.16 -88.50 27.16
N SER JA 140 23.91 -89.59 27.35
CA SER JA 140 23.55 -90.86 26.75
C SER JA 140 22.24 -91.41 27.28
N ASP JA 141 21.84 -91.01 28.50
CA ASP JA 141 20.58 -91.48 29.06
C ASP JA 141 19.37 -90.99 28.28
N LYS JA 142 19.53 -89.93 27.48
CA LYS JA 142 18.51 -89.47 26.55
C LYS JA 142 19.01 -89.70 25.12
N LYS JA 143 18.13 -89.45 24.17
CA LYS JA 143 18.48 -89.55 22.76
C LYS JA 143 17.64 -88.58 21.96
N ASP JA 144 18.22 -88.07 20.88
CA ASP JA 144 17.57 -87.08 20.04
C ASP JA 144 16.78 -87.79 18.94
N PHE JA 145 15.47 -87.58 18.94
CA PHE JA 145 14.57 -88.14 17.92
C PHE JA 145 14.29 -87.06 16.88
N ILE JA 146 14.89 -87.21 15.71
CA ILE JA 146 14.73 -86.27 14.61
C ILE JA 146 13.92 -86.95 13.52
N PHE JA 147 12.78 -86.35 13.18
CA PHE JA 147 11.88 -86.87 12.17
C PHE JA 147 12.15 -86.17 10.84
N PHE JA 148 12.24 -86.96 9.77
CA PHE JA 148 12.61 -86.47 8.46
C PHE JA 148 11.53 -86.79 7.44
N GLU JA 149 11.41 -85.90 6.46
CA GLU JA 149 10.69 -86.18 5.21
C GLU JA 149 11.73 -86.09 4.10
N ASN JA 150 12.16 -87.24 3.60
CA ASN JA 150 13.24 -87.31 2.61
C ASN JA 150 14.48 -86.72 3.30
N THR JA 151 15.36 -86.03 2.58
CA THR JA 151 16.54 -85.44 3.19
C THR JA 151 16.21 -84.26 4.09
N LYS JA 152 14.98 -83.75 4.07
CA LYS JA 152 14.63 -82.57 4.85
C LYS JA 152 14.26 -82.95 6.27
N GLN JA 153 14.85 -82.25 7.24
CA GLN JA 153 14.39 -82.37 8.62
C GLN JA 153 12.96 -81.86 8.71
N LEU JA 154 12.17 -82.51 9.55
CA LEU JA 154 10.77 -82.17 9.75
C LEU JA 154 10.40 -81.93 11.20
N PHE JA 155 11.13 -82.50 12.16
CA PHE JA 155 10.87 -82.27 13.57
C PHE JA 155 11.99 -82.93 14.37
N SER JA 156 12.40 -82.27 15.46
CA SER JA 156 13.43 -82.79 16.34
C SER JA 156 12.99 -82.65 17.79
N SER JA 157 13.46 -83.59 18.62
CA SER JA 157 13.19 -83.55 20.05
C SER JA 157 14.01 -84.62 20.75
N SER JA 158 14.51 -84.29 21.93
CA SER JA 158 15.11 -85.26 22.83
C SER JA 158 14.02 -85.87 23.69
N ILE JA 159 14.30 -87.06 24.24
CA ILE JA 159 13.28 -87.85 24.92
C ILE JA 159 13.91 -88.73 25.98
N LYS JA 160 13.12 -89.05 27.00
CA LYS JA 160 13.48 -90.02 28.02
C LYS JA 160 13.47 -91.43 27.45
N GLY JA 161 14.19 -92.33 28.11
CA GLY JA 161 14.32 -93.69 27.60
C GLY JA 161 13.09 -94.56 27.78
N THR JA 162 12.22 -94.24 28.73
CA THR JA 162 11.03 -95.04 28.95
C THR JA 162 10.10 -94.97 27.74
N ILE JA 163 9.50 -96.13 27.41
CA ILE JA 163 8.78 -96.25 26.15
C ILE JA 163 7.55 -95.36 26.13
N ASP JA 164 6.80 -95.33 27.24
CA ASP JA 164 5.53 -94.62 27.25
C ASP JA 164 5.73 -93.13 27.01
N GLU JA 165 6.76 -92.54 27.62
CA GLU JA 165 7.05 -91.14 27.37
C GLU JA 165 7.46 -90.91 25.92
N ILE JA 166 8.22 -91.83 25.33
CA ILE JA 166 8.70 -91.65 23.95
C ILE JA 166 7.52 -91.54 23.00
N VAL JA 167 6.57 -92.48 23.12
CA VAL JA 167 5.37 -92.41 22.29
C VAL JA 167 4.58 -91.14 22.60
N LEU JA 168 4.54 -90.76 23.88
CA LEU JA 168 3.84 -89.54 24.25
C LEU JA 168 4.54 -88.30 23.70
N GLU JA 169 5.87 -88.24 23.86
CA GLU JA 169 6.61 -87.07 23.40
C GLU JA 169 6.50 -86.89 21.90
N ILE JA 170 6.58 -88.00 21.14
CA ILE JA 170 6.39 -87.90 19.70
C ILE JA 170 4.99 -87.39 19.39
N ASN JA 171 3.99 -87.96 20.04
CA ASN JA 171 2.62 -87.50 19.86
C ASN JA 171 2.33 -86.17 20.54
N SER JA 172 3.26 -85.67 21.37
CA SER JA 172 3.04 -84.44 22.13
C SER JA 172 3.40 -83.18 21.36
N ASN JA 173 4.56 -83.16 20.72
CA ASN JA 173 5.08 -81.92 20.17
C ASN JA 173 4.22 -81.43 19.00
N LEU JA 174 4.30 -80.12 18.75
CA LEU JA 174 3.43 -79.50 17.77
C LEU JA 174 3.71 -79.98 16.35
N ASP JA 175 4.98 -80.21 16.01
CA ASP JA 175 5.39 -80.46 14.64
C ASP JA 175 5.17 -81.91 14.19
N ASN JA 176 4.39 -82.70 14.93
CA ASN JA 176 4.10 -84.09 14.58
C ASN JA 176 2.71 -84.25 13.99
N GLU JA 177 2.28 -83.30 13.16
CA GLU JA 177 1.06 -83.48 12.38
C GLU JA 177 1.21 -84.56 11.32
N TYR JA 178 2.43 -85.04 11.06
CA TYR JA 178 2.68 -86.00 10.01
C TYR JA 178 2.70 -87.43 10.50
N VAL JA 179 3.15 -87.67 11.74
CA VAL JA 179 3.41 -89.01 12.24
C VAL JA 179 2.88 -89.10 13.67
N ILE JA 180 2.40 -90.29 14.01
CA ILE JA 180 1.88 -90.60 15.34
C ILE JA 180 2.60 -91.85 15.85
N ALA JA 181 3.18 -91.75 17.03
CA ALA JA 181 3.88 -92.88 17.63
C ALA JA 181 2.89 -93.81 18.32
N THR JA 182 3.31 -95.07 18.47
CA THR JA 182 2.50 -96.09 19.11
C THR JA 182 3.44 -97.08 19.80
N LYS JA 183 3.07 -97.51 21.00
CA LYS JA 183 3.89 -98.44 21.76
C LYS JA 183 3.53 -99.88 21.39
N VAL JA 184 4.54 -100.67 21.05
CA VAL JA 184 4.37 -102.10 20.86
C VAL JA 184 4.63 -102.85 22.17
N ALA JA 185 5.64 -102.46 22.92
CA ALA JA 185 5.98 -103.14 24.17
C ALA JA 185 6.79 -102.19 25.04
N ASP JA 186 6.94 -102.57 26.30
CA ASP JA 186 7.71 -101.81 27.28
C ASP JA 186 9.17 -102.26 27.28
N SER JA 187 10.04 -101.34 27.67
CA SER JA 187 11.44 -101.66 27.89
C SER JA 187 12.07 -100.52 28.69
N ASP JA 188 13.25 -100.80 29.24
CA ASP JA 188 13.94 -99.84 30.09
C ASP JA 188 14.94 -98.98 29.34
N THR JA 189 15.63 -99.53 28.36
CA THR JA 189 16.74 -98.84 27.69
C THR JA 189 16.23 -98.17 26.42
N ILE JA 190 16.95 -97.12 26.00
CA ILE JA 190 16.49 -96.28 24.91
C ILE JA 190 16.53 -97.07 23.60
N LEU JA 191 15.80 -96.58 22.60
CA LEU JA 191 15.80 -97.18 21.28
C LEU JA 191 17.20 -97.19 20.68
N ALA JA 192 17.38 -98.05 19.68
CA ALA JA 192 18.66 -98.14 18.99
C ALA JA 192 18.86 -96.94 18.08
N ASN JA 193 20.10 -96.46 18.02
CA ASN JA 193 20.42 -95.38 17.10
C ASN JA 193 20.25 -95.85 15.67
N VAL JA 194 19.57 -95.04 14.86
CA VAL JA 194 19.39 -95.31 13.44
C VAL JA 194 19.34 -93.98 12.72
N VAL JA 195 19.57 -94.02 11.41
CA VAL JA 195 19.66 -92.82 10.58
C VAL JA 195 18.75 -93.00 9.38
N ASN JA 196 17.72 -92.15 9.28
CA ASN JA 196 16.92 -92.00 8.07
C ASN JA 196 16.22 -93.30 7.68
N GLN JA 197 15.60 -93.94 8.67
CA GLN JA 197 14.83 -95.15 8.42
C GLN JA 197 13.46 -94.78 7.85
N ALA JA 198 13.22 -95.19 6.61
CA ALA JA 198 11.98 -94.80 5.93
C ALA JA 198 10.78 -95.51 6.55
N LEU JA 199 9.65 -94.80 6.62
CA LEU JA 199 8.40 -95.39 7.08
C LEU JA 199 7.76 -96.14 5.91
N GLU JA 200 8.37 -97.27 5.59
CA GLU JA 200 7.95 -98.03 4.43
C GLU JA 200 6.56 -98.62 4.65
N GLY JA 201 6.01 -99.18 3.57
CA GLY JA 201 4.71 -99.82 3.60
C GLY JA 201 3.55 -98.91 3.27
N GLY JA 202 3.77 -97.59 3.18
CA GLY JA 202 2.68 -96.69 2.87
C GLY JA 202 2.31 -96.69 1.40
N ASN JA 203 1.19 -96.05 1.10
CA ASN JA 203 0.69 -95.96 -0.26
C ASN JA 203 -0.38 -94.89 -0.33
N ASP JA 204 -0.27 -93.99 -1.30
CA ASP JA 204 -1.26 -92.94 -1.49
C ASP JA 204 -2.45 -93.37 -2.31
N GLY JA 205 -2.35 -94.48 -3.04
CA GLY JA 205 -3.46 -94.94 -3.85
C GLY JA 205 -3.69 -94.18 -5.13
N CYS JA 206 -2.81 -93.25 -5.48
CA CYS JA 206 -2.95 -92.52 -6.74
C CYS JA 206 -2.74 -93.43 -7.95
N THR JA 207 -2.09 -94.57 -7.76
CA THR JA 207 -1.77 -95.44 -8.88
C THR JA 207 -3.03 -96.10 -9.43
N SER JA 208 -3.26 -95.92 -10.74
CA SER JA 208 -4.28 -96.66 -11.48
C SER JA 208 -5.68 -96.43 -10.89
N ILE JA 209 -6.04 -95.15 -10.78
CA ILE JA 209 -7.38 -94.81 -10.30
C ILE JA 209 -8.40 -95.37 -11.26
N THR JA 210 -9.40 -96.06 -10.72
CA THR JA 210 -10.43 -96.67 -11.54
C THR JA 210 -11.47 -95.63 -11.94
N ASN JA 211 -12.11 -95.88 -13.08
CA ASN JA 211 -13.24 -95.05 -13.48
C ASN JA 211 -14.36 -95.13 -12.45
N GLU JA 212 -14.59 -96.32 -11.90
CA GLU JA 212 -15.68 -96.50 -10.95
C GLU JA 212 -15.45 -95.72 -9.67
N SER JA 213 -14.19 -95.57 -9.24
CA SER JA 213 -13.91 -94.98 -7.94
C SER JA 213 -14.43 -93.55 -7.82
N TYR JA 214 -14.54 -92.84 -8.95
CA TYR JA 214 -15.12 -91.50 -8.92
C TYR JA 214 -16.53 -91.52 -8.37
N LEU JA 215 -17.30 -92.58 -8.65
CA LEU JA 215 -18.69 -92.61 -8.24
C LEU JA 215 -18.85 -92.58 -6.73
N LYS JA 216 -17.88 -93.12 -6.00
CA LYS JA 216 -17.93 -93.05 -4.54
C LYS JA 216 -17.91 -91.62 -4.06
N ALA JA 217 -17.07 -90.79 -4.67
CA ALA JA 217 -17.03 -89.38 -4.31
C ALA JA 217 -18.35 -88.69 -4.61
N LEU JA 218 -18.99 -89.07 -5.73
CA LEU JA 218 -20.25 -88.44 -6.11
C LEU JA 218 -21.32 -88.65 -5.04
N GLU JA 219 -21.49 -89.89 -4.61
CA GLU JA 219 -22.51 -90.18 -3.59
C GLU JA 219 -22.17 -89.49 -2.28
N GLU JA 220 -20.90 -89.46 -1.91
CA GLU JA 220 -20.49 -88.75 -0.69
C GLU JA 220 -20.80 -87.27 -0.82
N PHE JA 221 -20.54 -86.69 -1.99
CA PHE JA 221 -20.82 -85.27 -2.19
C PHE JA 221 -22.30 -84.95 -2.11
N GLU JA 222 -23.17 -85.92 -2.40
CA GLU JA 222 -24.59 -85.63 -2.49
C GLU JA 222 -25.16 -85.15 -1.16
N ARG JA 223 -24.74 -85.77 -0.05
CA ARG JA 223 -25.23 -85.34 1.25
C ARG JA 223 -24.84 -83.90 1.55
N TYR JA 224 -23.73 -83.43 0.99
CA TYR JA 224 -23.33 -82.04 1.13
C TYR JA 224 -24.05 -81.19 0.09
N SER JA 225 -23.85 -79.88 0.19
CA SER JA 225 -24.42 -78.91 -0.73
C SER JA 225 -23.32 -78.01 -1.25
N PHE JA 226 -23.35 -77.72 -2.55
CA PHE JA 226 -22.33 -76.91 -3.19
C PHE JA 226 -22.92 -76.29 -4.44
N ASP JA 227 -22.34 -75.17 -4.85
CA ASP JA 227 -22.88 -74.43 -5.99
C ASP JA 227 -22.53 -75.08 -7.32
N SER JA 228 -21.36 -75.70 -7.43
CA SER JA 228 -20.95 -76.32 -8.67
C SER JA 228 -19.98 -77.46 -8.39
N PHE JA 229 -19.82 -78.32 -9.39
CA PHE JA 229 -18.94 -79.47 -9.32
C PHE JA 229 -18.09 -79.52 -10.57
N VAL JA 230 -16.83 -79.88 -10.41
CA VAL JA 230 -15.88 -79.95 -11.52
C VAL JA 230 -15.04 -81.21 -11.34
N LEU JA 231 -14.75 -81.87 -12.46
CA LEU JA 231 -14.00 -83.12 -12.41
C LEU JA 231 -12.55 -82.83 -12.04
N ASP JA 232 -11.80 -83.91 -11.79
CA ASP JA 232 -10.42 -83.82 -11.32
C ASP JA 232 -9.44 -83.72 -12.49
N GLY JA 233 -9.68 -82.78 -13.41
CA GLY JA 233 -8.79 -82.62 -14.54
C GLY JA 233 -8.70 -83.86 -15.41
N VAL JA 234 -9.83 -84.48 -15.71
CA VAL JA 234 -9.89 -85.71 -16.50
C VAL JA 234 -10.97 -85.54 -17.55
N ALA JA 235 -10.66 -85.92 -18.80
CA ALA JA 235 -11.57 -85.77 -19.93
C ALA JA 235 -12.13 -87.11 -20.41
N ASP JA 236 -12.18 -88.10 -19.53
CA ASP JA 236 -12.71 -89.40 -19.90
C ASP JA 236 -14.20 -89.27 -20.21
N GLU JA 237 -14.62 -89.80 -21.36
CA GLU JA 237 -16.00 -89.63 -21.79
C GLU JA 237 -16.97 -90.31 -20.84
N ALA JA 238 -16.59 -91.49 -20.33
CA ALA JA 238 -17.48 -92.23 -19.44
C ALA JA 238 -17.77 -91.45 -18.17
N LEU JA 239 -16.74 -90.82 -17.58
CA LEU JA 239 -16.96 -90.03 -16.39
C LEU JA 239 -17.86 -88.84 -16.68
N GLN JA 240 -17.64 -88.18 -17.81
CA GLN JA 240 -18.46 -87.02 -18.16
C GLN JA 240 -19.92 -87.40 -18.33
N GLU JA 241 -20.18 -88.50 -19.04
CA GLU JA 241 -21.55 -88.99 -19.16
C GLU JA 241 -22.09 -89.43 -17.82
N THR JA 242 -21.26 -90.12 -17.03
CA THR JA 242 -21.69 -90.51 -15.69
C THR JA 242 -22.00 -89.30 -14.83
N THR JA 243 -21.11 -88.31 -14.84
CA THR JA 243 -21.37 -87.09 -14.07
C THR JA 243 -22.56 -86.33 -14.63
N LYS JA 244 -22.74 -86.36 -15.95
CA LYS JA 244 -23.91 -85.72 -16.56
C LYS JA 244 -25.19 -86.31 -16.00
N ALA JA 245 -25.29 -87.64 -15.99
CA ALA JA 245 -26.46 -88.29 -15.41
C ALA JA 245 -26.55 -87.99 -13.91
N TRP JA 246 -25.42 -88.01 -13.21
CA TRP JA 246 -25.43 -87.78 -11.77
C TRP JA 246 -25.95 -86.39 -11.42
N VAL JA 247 -25.46 -85.38 -12.12
CA VAL JA 247 -25.93 -84.01 -11.87
C VAL JA 247 -27.40 -83.89 -12.26
N ALA JA 248 -27.78 -84.49 -13.38
CA ALA JA 248 -29.18 -84.45 -13.80
C ALA JA 248 -30.07 -85.12 -12.75
N LYS JA 249 -29.62 -86.22 -12.17
CA LYS JA 249 -30.37 -86.87 -11.11
C LYS JA 249 -30.55 -85.93 -9.92
N ASN JA 250 -29.49 -85.23 -9.53
CA ASN JA 250 -29.56 -84.37 -8.36
C ASN JA 250 -30.47 -83.19 -8.59
N LYS JA 251 -30.62 -82.75 -9.84
CA LYS JA 251 -31.59 -81.70 -10.15
C LYS JA 251 -33.00 -82.16 -9.81
N GLU JA 252 -33.34 -83.39 -10.15
CA GLU JA 252 -34.67 -83.90 -9.86
C GLU JA 252 -34.90 -83.98 -8.35
N LEU JA 253 -33.84 -84.17 -7.58
CA LEU JA 253 -33.94 -84.11 -6.13
C LEU JA 253 -33.95 -82.68 -5.60
N GLY JA 254 -33.93 -81.68 -6.47
CA GLY JA 254 -33.91 -80.30 -6.06
C GLY JA 254 -32.52 -79.69 -5.91
N LYS JA 255 -31.48 -80.50 -5.95
CA LYS JA 255 -30.11 -80.00 -5.84
C LYS JA 255 -29.65 -79.55 -7.23
N ASP JA 256 -29.53 -78.24 -7.40
CA ASP JA 256 -29.14 -77.65 -8.69
C ASP JA 256 -27.63 -77.47 -8.67
N ILE JA 257 -26.93 -78.43 -9.29
CA ILE JA 257 -25.48 -78.44 -9.36
C ILE JA 257 -25.07 -78.04 -10.77
N LEU JA 258 -24.12 -77.11 -10.85
CA LEU JA 258 -23.57 -76.66 -12.12
C LEU JA 258 -22.28 -77.43 -12.40
N LEU JA 259 -22.21 -78.05 -13.57
CA LEU JA 259 -21.10 -78.91 -13.93
C LEU JA 259 -20.17 -78.20 -14.91
N PHE JA 260 -18.87 -78.30 -14.66
CA PHE JA 260 -17.84 -77.77 -15.54
C PHE JA 260 -16.99 -78.92 -16.06
N LEU JA 261 -16.77 -78.94 -17.37
CA LEU JA 261 -15.98 -79.98 -18.01
C LEU JA 261 -15.02 -79.33 -19.00
N GLY JA 262 -14.06 -80.13 -19.43
CA GLY JA 262 -13.11 -79.71 -20.44
C GLY JA 262 -12.70 -80.88 -21.33
N GLY JA 263 -12.70 -80.67 -22.63
CA GLY JA 263 -12.41 -81.74 -23.56
C GLY JA 263 -10.98 -82.23 -23.45
N LYS JA 264 -10.72 -83.34 -24.12
CA LYS JA 264 -9.41 -83.98 -24.05
C LYS JA 264 -8.36 -83.10 -24.72
N THR JA 265 -7.11 -83.33 -24.34
CA THR JA 265 -6.01 -82.48 -24.82
C THR JA 265 -5.89 -82.52 -26.33
N GLU JA 266 -6.06 -83.69 -26.93
CA GLU JA 266 -5.87 -83.85 -28.37
C GLU JA 266 -7.11 -83.48 -29.19
N ASP JA 267 -8.22 -83.16 -28.55
CA ASP JA 267 -9.39 -82.71 -29.28
C ASP JA 267 -9.10 -81.41 -30.01
N ASN JA 268 -9.48 -81.34 -31.28
CA ASN JA 268 -9.35 -80.11 -32.04
C ASN JA 268 -10.60 -79.28 -31.82
N ILE JA 269 -10.71 -78.17 -32.55
CA ILE JA 269 -11.91 -77.33 -32.45
C ILE JA 269 -13.13 -78.12 -32.89
N LYS JA 270 -12.97 -78.96 -33.91
CA LYS JA 270 -14.10 -79.76 -34.39
C LYS JA 270 -14.60 -80.71 -33.31
N GLN JA 271 -13.69 -81.43 -32.66
CA GLN JA 271 -14.09 -82.38 -31.63
C GLN JA 271 -14.75 -81.65 -30.45
N ILE JA 272 -14.17 -80.53 -30.03
CA ILE JA 272 -14.68 -79.81 -28.87
C ILE JA 272 -16.08 -79.32 -29.14
N ASN JA 273 -16.29 -78.66 -30.28
CA ASN JA 273 -17.59 -78.11 -30.59
C ASN JA 273 -18.65 -79.20 -30.71
N ASP JA 274 -18.29 -80.33 -31.32
CA ASP JA 274 -19.21 -81.45 -31.40
C ASP JA 274 -19.55 -81.98 -30.01
N LYS JA 275 -18.56 -82.05 -29.12
CA LYS JA 275 -18.81 -82.48 -27.75
C LYS JA 275 -19.79 -81.53 -27.07
N SER JA 276 -19.58 -80.22 -27.21
CA SER JA 276 -20.50 -79.26 -26.61
C SER JA 276 -21.88 -79.39 -27.24
N LYS JA 277 -21.95 -79.53 -28.56
CA LYS JA 277 -23.25 -79.71 -29.20
C LYS JA 277 -23.90 -81.02 -28.79
N SER JA 278 -23.09 -82.06 -28.54
CA SER JA 278 -23.66 -83.37 -28.24
C SER JA 278 -24.49 -83.35 -26.96
N PHE JA 279 -24.00 -82.67 -25.93
CA PHE JA 279 -24.76 -82.43 -24.71
C PHE JA 279 -24.83 -80.93 -24.50
N ASN JA 280 -26.03 -80.37 -24.68
CA ASN JA 280 -26.26 -78.93 -24.61
C ASN JA 280 -27.06 -78.57 -23.35
N ASP JA 281 -26.80 -79.26 -22.25
CA ASP JA 281 -27.43 -78.89 -20.99
C ASP JA 281 -26.88 -77.56 -20.51
N GLU JA 282 -27.77 -76.72 -19.99
CA GLU JA 282 -27.33 -75.44 -19.43
C GLU JA 282 -26.51 -75.62 -18.15
N ASN JA 283 -26.56 -76.79 -17.53
CA ASN JA 283 -25.77 -77.09 -16.35
C ASN JA 283 -24.38 -77.63 -16.67
N ILE JA 284 -24.00 -77.69 -17.95
CA ILE JA 284 -22.73 -78.25 -18.38
C ILE JA 284 -21.96 -77.19 -19.15
N VAL JA 285 -20.65 -77.14 -18.93
CA VAL JA 285 -19.76 -76.18 -19.57
C VAL JA 285 -18.53 -76.92 -20.09
N ASN JA 286 -18.16 -76.65 -21.33
CA ASN JA 286 -16.97 -77.21 -21.96
C ASN JA 286 -15.92 -76.13 -22.13
N VAL JA 287 -14.71 -76.41 -21.64
CA VAL JA 287 -13.56 -75.57 -21.90
C VAL JA 287 -12.89 -76.07 -23.16
N GLY JA 288 -12.67 -75.17 -24.12
CA GLY JA 288 -12.10 -75.52 -25.41
C GLY JA 288 -10.71 -74.97 -25.61
N SER JA 289 -9.90 -74.91 -24.56
CA SER JA 289 -8.55 -74.40 -24.72
C SER JA 289 -7.73 -74.75 -23.49
N SER JA 290 -6.51 -75.22 -23.72
CA SER JA 290 -5.53 -75.37 -22.66
C SER JA 290 -5.01 -73.98 -22.28
N ALA JA 291 -4.14 -73.93 -21.28
CA ALA JA 291 -3.64 -72.64 -20.81
C ALA JA 291 -2.30 -72.84 -20.12
N TYR JA 292 -1.56 -71.74 -20.01
CA TYR JA 292 -0.26 -71.72 -19.35
C TYR JA 292 -0.24 -71.00 -18.01
N TYR JA 293 0.62 -71.47 -17.12
CA TYR JA 293 0.78 -70.84 -15.81
C TYR JA 293 2.13 -71.27 -15.27
N GLU JA 294 3.06 -70.31 -15.16
CA GLU JA 294 4.51 -70.50 -14.97
C GLU JA 294 5.09 -71.71 -15.68
N ASN JA 295 4.93 -71.77 -17.00
CA ASN JA 295 5.49 -72.79 -17.87
C ASN JA 295 4.85 -74.17 -17.69
N ILE JA 296 3.80 -74.28 -16.89
CA ILE JA 296 3.12 -75.56 -16.65
C ILE JA 296 1.84 -75.56 -17.45
N LYS JA 297 1.71 -76.50 -18.38
CA LYS JA 297 0.51 -76.59 -19.19
C LYS JA 297 -0.65 -77.10 -18.35
N TYR JA 298 -1.85 -76.65 -18.71
CA TYR JA 298 -3.10 -77.11 -18.09
C TYR JA 298 -4.05 -77.48 -19.20
N THR JA 299 -4.44 -78.76 -19.23
CA THR JA 299 -5.35 -79.23 -20.25
C THR JA 299 -6.71 -78.58 -20.06
N PRO JA 300 -7.58 -78.61 -21.08
CA PRO JA 300 -8.90 -77.99 -20.91
C PRO JA 300 -9.68 -78.56 -19.73
N SER JA 301 -9.53 -79.85 -19.46
CA SER JA 301 -10.13 -80.41 -18.24
C SER JA 301 -9.55 -79.76 -17.00
N GLU JA 302 -8.23 -79.57 -16.97
CA GLU JA 302 -7.60 -78.92 -15.83
C GLU JA 302 -8.04 -77.47 -15.72
N VAL JA 303 -8.11 -76.76 -16.84
CA VAL JA 303 -8.47 -75.35 -16.81
C VAL JA 303 -9.91 -75.17 -16.30
N ALA JA 304 -10.77 -76.16 -16.53
CA ALA JA 304 -12.16 -76.05 -16.11
C ALA JA 304 -12.28 -75.85 -14.60
N VAL JA 305 -11.30 -76.36 -13.84
CA VAL JA 305 -11.29 -76.12 -12.40
C VAL JA 305 -11.22 -74.63 -12.11
N TYR JA 306 -10.27 -73.94 -12.75
CA TYR JA 306 -10.15 -72.51 -12.54
C TYR JA 306 -11.37 -71.77 -13.08
N ILE JA 307 -11.89 -72.21 -14.23
CA ILE JA 307 -13.08 -71.59 -14.78
C ILE JA 307 -14.27 -71.78 -13.83
N ALA JA 308 -14.42 -73.00 -13.30
CA ALA JA 308 -15.49 -73.25 -12.36
C ALA JA 308 -15.35 -72.39 -11.11
N ALA JA 309 -14.13 -72.27 -10.61
CA ALA JA 309 -13.91 -71.47 -9.41
C ALA JA 309 -14.25 -70.01 -9.64
N LEU JA 310 -13.83 -69.45 -10.78
CA LEU JA 310 -14.14 -68.05 -11.06
C LEU JA 310 -15.64 -67.84 -11.19
N SER JA 311 -16.33 -68.73 -11.91
CA SER JA 311 -17.77 -68.60 -12.07
C SER JA 311 -18.48 -68.69 -10.73
N VAL JA 312 -18.06 -69.66 -9.90
CA VAL JA 312 -18.65 -69.82 -8.59
C VAL JA 312 -18.34 -68.61 -7.71
N SER JA 313 -17.11 -68.12 -7.78
CA SER JA 313 -16.72 -66.99 -6.93
C SER JA 313 -17.48 -65.73 -7.28
N LYS JA 314 -17.75 -65.49 -8.57
CA LYS JA 314 -18.49 -64.29 -8.95
C LYS JA 314 -19.90 -64.29 -8.37
N GLY JA 315 -20.45 -65.46 -8.11
CA GLY JA 315 -21.76 -65.51 -7.47
C GLY JA 315 -22.84 -64.96 -8.38
N ILE JA 316 -23.66 -64.07 -7.84
CA ILE JA 316 -24.82 -63.56 -8.54
C ILE JA 316 -24.48 -62.29 -9.30
N THR JA 317 -23.90 -61.31 -8.62
CA THR JA 317 -23.72 -59.99 -9.22
C THR JA 317 -22.72 -60.05 -10.37
N GLY JA 318 -21.56 -60.65 -10.15
CA GLY JA 318 -20.52 -60.64 -11.14
C GLY JA 318 -20.72 -61.66 -12.23
N SER JA 319 -19.84 -61.59 -13.23
CA SER JA 319 -19.80 -62.54 -14.32
C SER JA 319 -18.40 -62.54 -14.90
N ILE JA 320 -18.12 -63.54 -15.74
CA ILE JA 320 -16.80 -63.73 -16.32
C ILE JA 320 -16.86 -63.47 -17.82
N CYS JA 321 -17.73 -62.54 -18.23
CA CYS JA 321 -17.89 -62.24 -19.65
C CYS JA 321 -16.57 -61.79 -20.28
N ASN JA 322 -15.79 -61.00 -19.54
CA ASN JA 322 -14.48 -60.55 -20.00
C ASN JA 322 -13.47 -60.55 -18.87
N ALA JA 323 -13.60 -61.49 -17.93
CA ALA JA 323 -12.69 -61.54 -16.80
C ALA JA 323 -11.28 -61.88 -17.26
N LYS JA 324 -10.30 -61.18 -16.70
CA LYS JA 324 -8.90 -61.44 -16.99
C LYS JA 324 -8.42 -62.60 -16.14
N THR JA 325 -8.16 -63.74 -16.78
CA THR JA 325 -7.77 -64.93 -16.04
C THR JA 325 -6.35 -64.82 -15.55
N ILE JA 326 -6.02 -65.68 -14.57
CA ILE JA 326 -4.67 -65.73 -14.04
C ILE JA 326 -3.69 -66.30 -15.06
N PHE JA 327 -4.17 -67.00 -16.08
CA PHE JA 327 -3.29 -67.70 -16.99
C PHE JA 327 -2.42 -66.73 -17.78
N GLU JA 328 -1.31 -67.27 -18.29
CA GLU JA 328 -0.28 -66.48 -18.96
C GLU JA 328 -0.27 -66.66 -20.47
N GLU JA 329 -0.83 -67.75 -20.99
CA GLU JA 329 -0.82 -68.01 -22.43
C GLU JA 329 -1.72 -69.21 -22.70
N VAL JA 330 -2.46 -69.13 -23.81
CA VAL JA 330 -3.37 -70.19 -24.22
C VAL JA 330 -2.82 -70.78 -25.52
N GLU JA 331 -2.62 -72.10 -25.53
CA GLU JA 331 -2.02 -72.73 -26.71
C GLU JA 331 -2.89 -72.60 -27.95
N PRO JA 332 -4.18 -72.97 -27.95
CA PRO JA 332 -5.00 -72.75 -29.15
C PRO JA 332 -5.48 -71.31 -29.22
N ARG JA 333 -4.92 -70.56 -30.16
CA ARG JA 333 -5.33 -69.19 -30.42
C ARG JA 333 -6.25 -69.18 -31.63
N LEU JA 334 -7.45 -68.64 -31.46
CA LEU JA 334 -8.52 -68.75 -32.44
C LEU JA 334 -8.79 -67.40 -33.08
N SER JA 335 -9.06 -67.42 -34.39
CA SER JA 335 -9.53 -66.22 -35.06
C SER JA 335 -10.95 -65.90 -34.63
N GLN JA 336 -11.44 -64.75 -35.08
CA GLN JA 336 -12.80 -64.36 -34.76
C GLN JA 336 -13.81 -65.36 -35.31
N SER JA 337 -13.59 -65.83 -36.53
CA SER JA 337 -14.47 -66.85 -37.10
C SER JA 337 -14.42 -68.13 -36.28
N GLU JA 338 -13.21 -68.58 -35.93
CA GLU JA 338 -13.08 -69.77 -35.10
C GLU JA 338 -13.70 -69.53 -33.73
N VAL JA 339 -13.52 -68.34 -33.17
CA VAL JA 339 -14.17 -68.00 -31.91
C VAL JA 339 -15.68 -68.06 -32.06
N LYS JA 340 -16.20 -67.50 -33.16
CA LYS JA 340 -17.64 -67.48 -33.37
C LYS JA 340 -18.21 -68.89 -33.42
N GLU JA 341 -17.52 -69.80 -34.11
CA GLU JA 341 -17.98 -71.19 -34.16
C GLU JA 341 -17.97 -71.82 -32.79
N CYS JA 342 -16.85 -71.67 -32.06
CA CYS JA 342 -16.77 -72.24 -30.72
C CYS JA 342 -17.82 -71.64 -29.80
N LEU JA 343 -17.98 -70.32 -29.85
CA LEU JA 343 -18.99 -69.67 -29.02
C LEU JA 343 -20.40 -70.11 -29.42
N LYS JA 344 -20.66 -70.23 -30.72
CA LYS JA 344 -21.96 -70.71 -31.16
C LYS JA 344 -22.21 -72.14 -30.72
N SER JA 345 -21.16 -72.95 -30.64
CA SER JA 345 -21.30 -74.34 -30.24
C SER JA 345 -21.44 -74.53 -28.74
N GLY JA 346 -21.48 -73.45 -27.97
CA GLY JA 346 -21.50 -73.56 -26.52
C GLY JA 346 -20.14 -73.77 -25.90
N THR JA 347 -19.08 -73.88 -26.69
CA THR JA 347 -17.74 -74.01 -26.14
C THR JA 347 -17.34 -72.72 -25.45
N LEU JA 348 -16.83 -72.84 -24.23
CA LEU JA 348 -16.25 -71.71 -23.52
C LEU JA 348 -14.77 -71.65 -23.84
N VAL JA 349 -14.33 -70.52 -24.40
CA VAL JA 349 -12.99 -70.38 -24.94
C VAL JA 349 -12.31 -69.17 -24.31
N LEU JA 350 -11.07 -69.36 -23.87
CA LEU JA 350 -10.23 -68.27 -23.41
C LEU JA 350 -9.43 -67.72 -24.58
N ASP JA 351 -9.36 -66.39 -24.66
CA ASP JA 351 -8.69 -65.71 -25.75
C ASP JA 351 -7.55 -64.86 -25.21
N PHE JA 352 -6.48 -64.79 -26.01
CA PHE JA 352 -5.30 -64.02 -25.67
C PHE JA 352 -5.42 -62.62 -26.25
N ASP JA 353 -5.31 -61.60 -25.41
CA ASP JA 353 -5.49 -60.21 -25.83
C ASP JA 353 -4.46 -59.34 -25.11
N ASP JA 354 -3.40 -58.96 -25.82
CA ASP JA 354 -2.45 -57.97 -25.33
C ASP JA 354 -1.79 -58.44 -24.04
N GLY JA 355 -1.29 -59.67 -24.05
CA GLY JA 355 -0.67 -60.25 -22.88
C GLY JA 355 -1.64 -60.71 -21.82
N ASP JA 356 -2.93 -60.74 -22.10
CA ASP JA 356 -3.96 -61.10 -21.14
C ASP JA 356 -4.82 -62.23 -21.70
N VAL JA 357 -5.03 -63.26 -20.90
CA VAL JA 357 -5.94 -64.34 -21.24
C VAL JA 357 -7.29 -64.01 -20.63
N ILE JA 358 -8.32 -63.89 -21.47
CA ILE JA 358 -9.63 -63.40 -21.05
C ILE JA 358 -10.70 -64.39 -21.50
N ILE JA 359 -11.55 -64.79 -20.54
CA ILE JA 359 -12.72 -65.58 -20.88
C ILE JA 359 -13.68 -64.70 -21.67
N VAL JA 360 -14.41 -65.32 -22.60
CA VAL JA 360 -15.28 -64.61 -23.53
C VAL JA 360 -16.71 -65.09 -23.35
N ASP JA 361 -17.61 -64.17 -23.03
CA ASP JA 361 -19.05 -64.26 -23.23
C ASP JA 361 -19.79 -65.15 -22.22
N ASP JA 362 -19.13 -65.84 -21.31
CA ASP JA 362 -19.80 -66.51 -20.20
C ASP JA 362 -20.70 -67.65 -20.64
N VAL JA 363 -20.46 -68.24 -21.81
CA VAL JA 363 -21.40 -69.20 -22.38
C VAL JA 363 -21.35 -70.53 -21.65
N ASN JA 364 -22.36 -71.37 -21.88
CA ASN JA 364 -22.37 -72.75 -21.44
C ASN JA 364 -22.68 -73.63 -22.66
N THR JA 365 -22.91 -74.92 -22.43
CA THR JA 365 -23.18 -75.81 -23.56
C THR JA 365 -24.56 -75.59 -24.16
N PHE JA 366 -25.50 -75.01 -23.42
CA PHE JA 366 -26.84 -74.79 -23.95
C PHE JA 366 -26.83 -73.66 -24.97
N LYS JA 367 -26.67 -74.01 -26.24
CA LYS JA 367 -26.79 -73.05 -27.34
C LYS JA 367 -27.58 -73.58 -28.53
N LYS JA 368 -27.91 -74.87 -28.57
CA LYS JA 368 -28.59 -75.43 -29.73
C LYS JA 368 -29.98 -74.82 -29.91
N TYR JA 369 -30.71 -74.64 -28.80
CA TYR JA 369 -32.11 -74.23 -28.88
C TYR JA 369 -32.27 -72.72 -28.79
N VAL JA 370 -31.84 -72.13 -27.67
CA VAL JA 370 -32.04 -70.72 -27.30
C VAL JA 370 -33.40 -70.22 -27.77
N ASP JA 371 -34.45 -70.96 -27.44
CA ASP JA 371 -35.80 -70.68 -27.94
C ASP JA 371 -36.36 -69.46 -27.22
N ASP JA 372 -36.01 -68.28 -27.76
CA ASP JA 372 -36.56 -67.02 -27.28
C ASP JA 372 -36.18 -66.77 -25.82
N LYS JA 373 -37.05 -67.13 -24.86
CA LYS JA 373 -36.74 -66.91 -23.46
C LYS JA 373 -35.53 -67.72 -23.03
N ASN JA 374 -35.27 -68.85 -23.69
CA ASN JA 374 -34.13 -69.70 -23.34
C ASN JA 374 -32.81 -69.17 -23.89
N GLU JA 375 -32.81 -68.03 -24.57
CA GLU JA 375 -31.55 -67.42 -24.98
C GLU JA 375 -30.69 -67.09 -23.77
N ALA JA 376 -31.30 -66.53 -22.72
CA ALA JA 376 -30.55 -66.20 -21.51
C ALA JA 376 -29.97 -67.43 -20.85
N MET JA 377 -30.61 -68.59 -21.03
CA MET JA 377 -30.14 -69.82 -20.38
C MET JA 377 -28.79 -70.30 -20.92
N GLY JA 378 -28.30 -69.74 -22.02
CA GLY JA 378 -27.03 -70.13 -22.55
C GLY JA 378 -25.81 -69.56 -21.86
N TYR JA 379 -26.02 -68.73 -20.84
CA TYR JA 379 -24.93 -68.04 -20.14
C TYR JA 379 -24.84 -68.53 -18.70
N ILE JA 380 -23.62 -68.69 -18.22
CA ILE JA 380 -23.39 -69.27 -16.90
C ILE JA 380 -24.00 -68.39 -15.81
N SER JA 381 -23.80 -67.08 -15.92
CA SER JA 381 -24.29 -66.17 -14.89
C SER JA 381 -25.80 -66.26 -14.74
N ASN JA 382 -26.52 -66.38 -15.85
CA ASN JA 382 -27.97 -66.52 -15.78
C ASN JA 382 -28.37 -67.79 -15.05
N ILE JA 383 -27.69 -68.90 -15.34
CA ILE JA 383 -28.03 -70.16 -14.69
C ILE JA 383 -27.69 -70.10 -13.21
N MET JA 384 -26.53 -69.54 -12.88
CA MET JA 384 -26.15 -69.40 -11.48
C MET JA 384 -27.17 -68.56 -10.72
N PHE JA 385 -27.67 -67.50 -11.37
CA PHE JA 385 -28.70 -66.68 -10.76
C PHE JA 385 -29.96 -67.48 -10.52
N ILE JA 386 -30.33 -68.34 -11.46
CA ILE JA 386 -31.56 -69.13 -11.32
C ILE JA 386 -31.40 -70.16 -10.21
N ASN JA 387 -30.26 -70.88 -10.20
CA ASN JA 387 -30.08 -71.95 -9.25
C ASN JA 387 -30.09 -71.44 -7.81
N THR JA 388 -29.46 -70.30 -7.58
CA THR JA 388 -29.35 -69.78 -6.21
C THR JA 388 -30.72 -69.43 -5.66
N ILE JA 389 -31.59 -68.85 -6.48
CA ILE JA 389 -32.93 -68.52 -6.01
C ILE JA 389 -33.68 -69.79 -5.64
N ASN JA 390 -33.54 -70.84 -6.45
CA ASN JA 390 -34.19 -72.11 -6.12
C ASN JA 390 -33.67 -72.66 -4.81
N LYS JA 391 -32.37 -72.57 -4.58
CA LYS JA 391 -31.81 -73.03 -3.31
C LYS JA 391 -32.36 -72.23 -2.14
N ASP JA 392 -32.42 -70.90 -2.27
CA ASP JA 392 -32.92 -70.07 -1.19
C ASP JA 392 -34.38 -70.38 -0.89
N THR JA 393 -35.19 -70.52 -1.93
CA THR JA 393 -36.59 -70.90 -1.72
C THR JA 393 -36.70 -72.29 -1.11
N SER JA 394 -35.83 -73.21 -1.55
CA SER JA 394 -35.84 -74.56 -1.00
C SER JA 394 -35.51 -74.55 0.49
N LEU JA 395 -34.58 -73.69 0.90
CA LEU JA 395 -34.27 -73.56 2.31
C LEU JA 395 -35.49 -73.06 3.08
N LYS JA 396 -36.11 -71.98 2.60
CA LYS JA 396 -37.32 -71.48 3.25
C LYS JA 396 -38.44 -72.49 3.19
N ARG JA 397 -38.49 -73.30 2.13
CA ARG JA 397 -39.53 -74.33 2.02
C ARG JA 397 -39.44 -75.31 3.18
N LYS JA 398 -38.25 -75.85 3.43
CA LYS JA 398 -38.12 -76.92 4.43
C LYS JA 398 -38.38 -76.43 5.85
N GLU JA 399 -38.39 -75.12 6.08
CA GLU JA 399 -38.77 -74.62 7.39
C GLU JA 399 -40.27 -74.68 7.64
N PHE JA 400 -41.08 -74.89 6.59
CA PHE JA 400 -42.53 -74.80 6.71
C PHE JA 400 -43.28 -76.01 6.16
N VAL JA 401 -42.64 -76.94 5.46
CA VAL JA 401 -43.35 -78.11 4.94
C VAL JA 401 -43.86 -78.94 6.10
N GLY JA 402 -45.19 -79.00 6.23
CA GLY JA 402 -45.79 -79.74 7.32
C GLY JA 402 -45.43 -79.23 8.70
N LYS JA 403 -45.04 -77.96 8.81
CA LYS JA 403 -44.63 -77.37 10.07
C LYS JA 403 -45.25 -76.00 10.32
N ILE JA 404 -46.11 -75.51 9.43
CA ILE JA 404 -46.93 -74.34 9.67
C ILE JA 404 -48.33 -74.64 9.15
N PHE JA 405 -49.34 -74.18 9.90
CA PHE JA 405 -50.72 -74.45 9.50
C PHE JA 405 -51.01 -73.80 8.17
N ASN JA 406 -51.57 -74.59 7.24
CA ASN JA 406 -51.82 -74.11 5.88
C ASN JA 406 -53.12 -73.30 5.83
N ASP JA 407 -53.05 -72.12 6.44
CA ASP JA 407 -54.14 -71.15 6.46
C ASP JA 407 -53.74 -69.91 5.70
N ALA JA 408 -54.74 -69.05 5.44
CA ALA JA 408 -54.48 -67.84 4.67
C ALA JA 408 -53.46 -66.96 5.35
N THR JA 409 -53.55 -66.82 6.68
CA THR JA 409 -52.54 -66.07 7.41
C THR JA 409 -51.17 -66.72 7.28
N GLY JA 410 -51.10 -68.04 7.41
CA GLY JA 410 -49.84 -68.73 7.25
C GLY JA 410 -49.30 -68.60 5.84
N GLN JA 411 -50.17 -68.74 4.83
CA GLN JA 411 -49.74 -68.55 3.45
C GLN JA 411 -49.26 -67.13 3.22
N THR JA 412 -49.96 -66.15 3.79
CA THR JA 412 -49.51 -64.77 3.70
C THR JA 412 -48.16 -64.60 4.37
N THR JA 413 -47.91 -65.33 5.46
CA THR JA 413 -46.61 -65.30 6.10
C THR JA 413 -45.52 -65.80 5.15
N VAL JA 414 -45.79 -66.89 4.44
CA VAL JA 414 -44.83 -67.43 3.50
C VAL JA 414 -44.55 -66.44 2.38
N ILE JA 415 -45.61 -65.84 1.83
CA ILE JA 415 -45.43 -64.87 0.76
C ILE JA 415 -44.64 -63.66 1.26
N CYS JA 416 -44.92 -63.24 2.49
CA CYS JA 416 -44.15 -62.15 3.08
C CYS JA 416 -42.68 -62.51 3.19
N ALA JA 417 -42.38 -63.75 3.57
CA ALA JA 417 -41.00 -64.20 3.66
C ALA JA 417 -40.34 -64.18 2.29
N LEU JA 418 -40.99 -64.79 1.29
CA LEU JA 418 -40.42 -64.81 -0.05
C LEU JA 418 -40.30 -63.41 -0.63
N LYS JA 419 -41.34 -62.59 -0.45
CA LYS JA 419 -41.32 -61.25 -1.01
C LYS JA 419 -40.20 -60.42 -0.40
N LYS JA 420 -40.00 -60.53 0.90
CA LYS JA 420 -38.91 -59.80 1.53
C LYS JA 420 -37.56 -60.32 1.06
N TYR JA 421 -37.44 -61.63 0.84
CA TYR JA 421 -36.19 -62.20 0.36
C TYR JA 421 -35.82 -61.63 -1.01
N PHE JA 422 -36.79 -61.57 -1.91
CA PHE JA 422 -36.54 -60.95 -3.21
C PHE JA 422 -36.20 -59.48 -3.05
N GLU JA 423 -36.84 -58.80 -2.09
CA GLU JA 423 -36.56 -57.38 -1.88
C GLU JA 423 -35.10 -57.17 -1.48
N GLU JA 424 -34.48 -58.15 -0.83
CA GLU JA 424 -33.04 -58.06 -0.59
C GLU JA 424 -32.28 -58.05 -1.91
N LEU JA 425 -32.71 -58.90 -2.86
CA LEU JA 425 -32.06 -58.93 -4.16
C LEU JA 425 -32.23 -57.60 -4.88
N MET JA 426 -33.36 -56.93 -4.67
CA MET JA 426 -33.51 -55.57 -5.17
C MET JA 426 -32.48 -54.65 -4.54
N SER JA 427 -32.23 -54.83 -3.24
CA SER JA 427 -31.25 -53.99 -2.55
C SER JA 427 -29.85 -54.20 -3.12
N GLN JA 428 -29.54 -55.40 -3.59
CA GLN JA 428 -28.25 -55.65 -4.21
C GLN JA 428 -28.16 -55.07 -5.61
N GLY JA 429 -29.25 -54.59 -6.18
CA GLY JA 429 -29.24 -54.16 -7.56
C GLY JA 429 -29.21 -55.28 -8.57
N ILE JA 430 -29.39 -56.53 -8.13
CA ILE JA 430 -29.36 -57.66 -9.04
C ILE JA 430 -30.54 -57.61 -10.00
N ILE JA 431 -31.71 -57.22 -9.50
CA ILE JA 431 -32.98 -57.36 -10.20
C ILE JA 431 -33.58 -55.97 -10.38
N SER JA 432 -34.12 -55.71 -11.56
CA SER JA 432 -34.80 -54.46 -11.84
C SER JA 432 -36.26 -54.50 -11.39
N GLU JA 433 -36.96 -55.60 -11.66
CA GLU JA 433 -38.35 -55.75 -11.22
C GLU JA 433 -38.60 -57.19 -10.84
N PHE JA 434 -39.51 -57.39 -9.88
CA PHE JA 434 -39.87 -58.72 -9.42
C PHE JA 434 -41.30 -58.71 -8.95
N ASN JA 435 -41.91 -59.90 -8.97
CA ASN JA 435 -43.25 -60.12 -8.44
C ASN JA 435 -43.33 -61.54 -7.90
N VAL JA 436 -43.97 -61.69 -6.75
CA VAL JA 436 -44.28 -63.00 -6.18
C VAL JA 436 -45.71 -62.94 -5.66
N ASP JA 437 -46.52 -63.93 -6.02
CA ASP JA 437 -47.94 -63.91 -5.71
C ASP JA 437 -48.44 -65.33 -5.50
N ILE JA 438 -49.69 -65.43 -5.07
CA ILE JA 438 -50.33 -66.73 -4.87
C ILE JA 438 -50.60 -67.36 -6.23
N ASP JA 439 -50.22 -68.63 -6.38
CA ASP JA 439 -50.53 -69.39 -7.59
C ASP JA 439 -51.96 -69.89 -7.44
N THR JA 440 -52.91 -69.08 -7.91
CA THR JA 440 -54.32 -69.39 -7.73
C THR JA 440 -54.69 -70.71 -8.39
N GLU JA 441 -54.02 -71.07 -9.48
CA GLU JA 441 -54.34 -72.31 -10.18
C GLU JA 441 -54.01 -73.52 -9.32
N LEU JA 442 -52.73 -73.68 -8.96
CA LEU JA 442 -52.32 -74.79 -8.13
C LEU JA 442 -52.82 -74.66 -6.69
N GLN JA 443 -53.34 -73.49 -6.29
CA GLN JA 443 -53.91 -73.34 -4.96
C GLN JA 443 -55.27 -74.02 -4.82
N ALA JA 444 -55.88 -74.46 -5.91
CA ALA JA 444 -57.20 -75.08 -5.83
C ALA JA 444 -57.19 -76.42 -5.12
N THR JA 445 -56.02 -77.05 -4.95
CA THR JA 445 -55.89 -78.39 -4.37
C THR JA 445 -54.78 -78.41 -3.33
N ALA JA 446 -54.80 -77.44 -2.42
CA ALA JA 446 -53.71 -77.29 -1.47
C ALA JA 446 -53.76 -78.38 -0.40
N LYS JA 447 -52.61 -78.61 0.22
CA LYS JA 447 -52.48 -79.54 1.35
C LYS JA 447 -51.48 -78.92 2.34
N ALA JA 448 -51.03 -79.73 3.31
CA ALA JA 448 -50.24 -79.20 4.41
C ALA JA 448 -48.92 -78.59 3.92
N ASP JA 449 -48.22 -79.30 3.02
CA ASP JA 449 -46.99 -78.81 2.42
C ASP JA 449 -47.11 -78.64 0.92
N GLU JA 450 -48.34 -78.52 0.40
CA GLU JA 450 -48.60 -78.39 -1.03
C GLU JA 450 -49.25 -77.05 -1.35
N PHE JA 451 -48.98 -76.03 -0.54
CA PHE JA 451 -49.29 -74.66 -0.95
C PHE JA 451 -48.36 -74.28 -2.10
N TYR JA 452 -48.93 -73.61 -3.11
CA TYR JA 452 -48.21 -73.33 -4.35
C TYR JA 452 -48.24 -71.84 -4.66
N TRP JA 453 -47.14 -71.37 -5.25
CA TRP JA 453 -46.88 -69.96 -5.45
C TRP JA 453 -46.13 -69.79 -6.75
N LYS JA 454 -46.18 -68.57 -7.28
CA LYS JA 454 -45.52 -68.24 -8.55
C LYS JA 454 -44.84 -66.90 -8.43
N TRP JA 455 -43.87 -66.67 -9.30
CA TRP JA 455 -43.09 -65.46 -9.27
C TRP JA 455 -42.38 -65.30 -10.61
N ASP JA 456 -41.91 -64.08 -10.85
CA ASP JA 456 -41.02 -63.84 -11.98
C ASP JA 456 -40.24 -62.55 -11.70
N ALA JA 457 -39.02 -62.51 -12.21
CA ALA JA 457 -38.08 -61.43 -11.91
C ALA JA 457 -37.32 -61.06 -13.17
N VAL JA 458 -36.71 -59.88 -13.14
CA VAL JA 458 -35.97 -59.32 -14.27
C VAL JA 458 -34.53 -59.11 -13.79
N LYS JA 459 -33.67 -60.07 -14.08
CA LYS JA 459 -32.27 -59.97 -13.68
C LYS JA 459 -31.57 -58.86 -14.45
N VAL JA 460 -30.73 -58.12 -13.76
CA VAL JA 460 -29.89 -57.10 -14.39
C VAL JA 460 -28.62 -57.78 -14.88
N ASP JA 461 -28.29 -57.56 -16.15
CA ASP JA 461 -27.16 -58.21 -16.79
C ASP JA 461 -25.96 -57.28 -16.79
N VAL JA 462 -24.79 -57.87 -16.99
CA VAL JA 462 -23.53 -57.12 -17.06
C VAL JA 462 -23.32 -56.65 -18.48
N MET JA 463 -22.81 -55.43 -18.64
CA MET JA 463 -22.58 -54.88 -19.97
C MET JA 463 -21.57 -55.71 -20.72
N LYS JA 464 -21.89 -56.05 -21.96
CA LYS JA 464 -21.13 -57.01 -22.76
C LYS JA 464 -20.59 -56.44 -24.06
N LYS JA 465 -21.36 -55.61 -24.77
CA LYS JA 465 -20.93 -55.09 -26.06
C LYS JA 465 -21.41 -53.66 -26.22
N ILE JA 466 -20.66 -52.90 -27.02
CA ILE JA 466 -20.92 -51.49 -27.30
C ILE JA 466 -20.86 -51.29 -28.80
N TYR JA 467 -21.80 -50.51 -29.33
CA TYR JA 467 -21.82 -50.11 -30.74
C TYR JA 467 -21.76 -48.59 -30.80
N GLY JA 468 -20.75 -48.07 -31.49
CA GLY JA 468 -20.61 -46.64 -31.68
C GLY JA 468 -20.74 -46.29 -33.14
N THR JA 469 -21.32 -45.11 -33.40
CA THR JA 469 -21.49 -44.61 -34.76
C THR JA 469 -20.98 -43.17 -34.80
N GLY JA 470 -19.87 -42.97 -35.47
CA GLY JA 470 -19.29 -41.64 -35.59
C GLY JA 470 -19.87 -40.87 -36.75
N TYR JA 471 -20.80 -39.96 -36.47
CA TYR JA 471 -21.33 -39.10 -37.50
C TYR JA 471 -20.33 -38.02 -37.83
N LEU JA 472 -20.14 -37.77 -39.12
CA LEU JA 472 -19.09 -36.87 -39.58
C LEU JA 472 -19.48 -36.21 -40.90
N LEU KA 24 -17.90 20.22 -40.32
CA LEU KA 24 -18.89 19.21 -40.75
C LEU KA 24 -19.11 19.28 -42.26
N ASP KA 25 -19.62 20.43 -42.70
CA ASP KA 25 -19.80 20.80 -44.12
C ASP KA 25 -20.37 19.66 -44.95
N LEU KA 26 -21.54 19.18 -44.54
CA LEU KA 26 -22.29 18.29 -45.39
C LEU KA 26 -22.77 19.04 -46.63
N LYS KA 27 -22.94 18.29 -47.73
CA LYS KA 27 -23.20 18.87 -49.03
C LYS KA 27 -24.54 18.38 -49.56
N GLY KA 28 -25.10 19.16 -50.49
CA GLY KA 28 -26.38 18.83 -51.06
C GLY KA 28 -26.31 17.71 -52.06
N SER KA 29 -27.48 17.28 -52.50
CA SER KA 29 -27.61 16.18 -53.45
C SER KA 29 -28.83 16.46 -54.32
N PHE KA 30 -29.18 15.48 -55.15
CA PHE KA 30 -30.13 15.67 -56.23
C PHE KA 30 -31.41 14.92 -55.92
N LEU KA 31 -32.55 15.53 -56.22
CA LEU KA 31 -33.83 14.93 -55.86
C LEU KA 31 -34.08 13.66 -56.67
N PHE KA 32 -34.89 12.78 -56.09
CA PHE KA 32 -35.28 11.53 -56.74
C PHE KA 32 -36.65 11.15 -56.20
N ASP KA 33 -37.69 11.36 -57.00
CA ASP KA 33 -39.05 11.06 -56.57
C ASP KA 33 -39.19 9.55 -56.41
N PHE KA 34 -39.22 9.08 -55.16
CA PHE KA 34 -39.38 7.66 -54.91
C PHE KA 34 -40.74 7.15 -55.38
N GLU KA 35 -41.75 8.04 -55.40
CA GLU KA 35 -43.05 7.64 -55.91
C GLU KA 35 -42.96 7.23 -57.37
N LYS KA 36 -42.29 8.05 -58.19
CA LYS KA 36 -42.13 7.77 -59.60
C LYS KA 36 -40.87 6.97 -59.91
N GLY KA 37 -39.92 6.89 -58.99
CA GLY KA 37 -38.68 6.21 -59.27
C GLY KA 37 -37.88 6.87 -60.37
N GLU KA 38 -37.83 8.19 -60.38
CA GLU KA 38 -37.07 8.94 -61.37
C GLU KA 38 -36.59 10.24 -60.76
N PHE KA 39 -35.52 10.77 -61.34
CA PHE KA 39 -35.00 12.06 -60.90
C PHE KA 39 -35.89 13.18 -61.42
N VAL KA 40 -36.14 14.16 -60.56
CA VAL KA 40 -36.87 15.36 -60.97
C VAL KA 40 -35.88 16.29 -61.64
N LYS KA 41 -36.23 16.74 -62.86
CA LYS KA 41 -35.38 17.61 -63.65
C LYS KA 41 -36.16 18.86 -64.03
N ASN KA 42 -35.43 19.97 -64.12
CA ASN KA 42 -36.06 21.24 -64.45
C ASN KA 42 -36.43 21.28 -65.92
N ALA KA 43 -37.18 22.33 -66.30
CA ALA KA 43 -37.46 22.54 -67.70
C ALA KA 43 -36.19 22.74 -68.51
N ASP KA 44 -35.14 23.26 -67.87
CA ASP KA 44 -33.82 23.34 -68.51
C ASP KA 44 -33.28 21.96 -68.87
N GLY KA 45 -33.75 20.90 -68.21
CA GLY KA 45 -33.25 19.56 -68.40
C GLY KA 45 -32.24 19.13 -67.36
N THR KA 46 -31.62 20.08 -66.65
CA THR KA 46 -30.74 19.72 -65.56
C THR KA 46 -31.54 19.14 -64.41
N LEU KA 47 -30.93 18.18 -63.72
CA LEU KA 47 -31.59 17.54 -62.59
C LEU KA 47 -31.80 18.54 -61.47
N LYS KA 48 -32.93 18.43 -60.79
CA LYS KA 48 -33.30 19.38 -59.74
C LYS KA 48 -32.40 19.17 -58.53
N LYS KA 49 -31.50 20.12 -58.29
CA LYS KA 49 -30.71 20.11 -57.07
C LYS KA 49 -31.63 20.38 -55.88
N CYS KA 50 -31.10 20.13 -54.68
CA CYS KA 50 -31.87 20.38 -53.47
C CYS KA 50 -30.92 20.53 -52.28
N ASP KA 51 -31.51 20.90 -51.15
CA ASP KA 51 -30.75 21.33 -49.99
C ASP KA 51 -30.03 20.15 -49.34
N LYS KA 52 -29.06 20.50 -48.50
CA LYS KA 52 -28.41 19.52 -47.63
C LYS KA 52 -29.44 18.72 -46.85
N VAL KA 53 -30.35 19.42 -46.17
CA VAL KA 53 -31.35 18.73 -45.36
C VAL KA 53 -32.27 17.89 -46.25
N GLN KA 54 -32.64 18.41 -47.42
CA GLN KA 54 -33.42 17.61 -48.35
C GLN KA 54 -32.62 16.40 -48.81
N ALA KA 55 -31.34 16.59 -49.09
CA ALA KA 55 -30.48 15.48 -49.50
C ALA KA 55 -30.41 14.43 -48.40
N TYR KA 56 -30.28 14.88 -47.15
CA TYR KA 56 -30.22 13.95 -46.04
C TYR KA 56 -31.51 13.14 -45.93
N LYS KA 57 -32.66 13.79 -46.10
CA LYS KA 57 -33.92 13.04 -46.09
C LYS KA 57 -33.99 12.08 -47.26
N GLN KA 58 -33.51 12.51 -48.44
CA GLN KA 58 -33.43 11.60 -49.57
C GLN KA 58 -32.55 10.41 -49.24
N TRP KA 59 -31.41 10.67 -48.60
CA TRP KA 59 -30.49 9.58 -48.26
C TRP KA 59 -31.13 8.60 -47.29
N CYS KA 60 -31.86 9.11 -46.29
CA CYS KA 60 -32.40 8.25 -45.24
C CYS KA 60 -33.38 7.23 -45.82
N GLN KA 61 -34.28 7.69 -46.69
CA GLN KA 61 -35.24 6.76 -47.27
C GLN KA 61 -34.54 5.73 -48.13
N LYS KA 62 -33.51 6.14 -48.88
CA LYS KA 62 -32.77 5.20 -49.71
C LYS KA 62 -32.08 4.15 -48.86
N ALA KA 63 -31.44 4.57 -47.78
CA ALA KA 63 -30.70 3.63 -46.95
C ALA KA 63 -31.65 2.62 -46.31
N ILE KA 64 -32.84 3.06 -45.92
CA ILE KA 64 -33.82 2.16 -45.34
C ILE KA 64 -34.23 1.11 -46.36
N LEU KA 65 -34.43 1.52 -47.60
CA LEU KA 65 -34.86 0.60 -48.65
C LEU KA 65 -33.75 -0.27 -49.20
N THR KA 66 -32.48 0.01 -48.86
CA THR KA 66 -31.37 -0.77 -49.36
C THR KA 66 -31.08 -1.92 -48.39
N PRO KA 67 -31.27 -3.18 -48.77
CA PRO KA 67 -30.90 -4.26 -47.85
C PRO KA 67 -29.40 -4.33 -47.63
N ARG KA 68 -29.02 -4.76 -46.44
CA ARG KA 68 -27.62 -4.77 -46.03
C ARG KA 68 -26.93 -6.02 -46.53
N TYR KA 69 -25.62 -5.89 -46.77
CA TYR KA 69 -24.73 -7.00 -47.12
C TYR KA 69 -24.98 -7.61 -48.49
N LYS KA 70 -26.00 -7.15 -49.22
CA LYS KA 70 -26.43 -7.79 -50.44
C LYS KA 70 -26.09 -6.99 -51.69
N LYS KA 71 -26.23 -5.67 -51.64
CA LYS KA 71 -25.91 -4.82 -52.79
C LYS KA 71 -24.43 -4.50 -52.69
N ALA KA 72 -23.63 -5.14 -53.56
CA ALA KA 72 -22.19 -5.19 -53.36
C ALA KA 72 -21.50 -3.83 -53.52
N ALA KA 73 -22.19 -2.82 -54.05
CA ALA KA 73 -21.55 -1.51 -54.22
C ALA KA 73 -21.17 -0.90 -52.87
N TYR KA 74 -21.98 -1.10 -51.85
CA TYR KA 74 -21.82 -0.45 -50.57
C TYR KA 74 -21.16 -1.39 -49.57
N THR KA 75 -20.57 -0.79 -48.53
CA THR KA 75 -19.86 -1.54 -47.51
C THR KA 75 -20.87 -2.12 -46.52
N ASN KA 76 -20.38 -2.61 -45.39
CA ASN KA 76 -21.26 -3.19 -44.38
C ASN KA 76 -22.01 -2.13 -43.61
N ILE KA 77 -21.52 -0.89 -43.59
CA ILE KA 77 -22.17 0.17 -42.82
C ILE KA 77 -23.53 0.49 -43.43
N TYR KA 78 -23.59 0.61 -44.75
CA TYR KA 78 -24.80 1.04 -45.42
C TYR KA 78 -25.85 -0.06 -45.42
N GLY KA 79 -27.11 0.34 -45.54
CA GLY KA 79 -28.20 -0.59 -45.71
C GLY KA 79 -28.84 -1.00 -44.39
N SER KA 80 -29.95 -1.72 -44.51
CA SER KA 80 -30.71 -2.24 -43.39
C SER KA 80 -30.98 -3.72 -43.63
N GLU KA 81 -31.75 -4.32 -42.72
CA GLU KA 81 -32.04 -5.75 -42.75
C GLU KA 81 -33.52 -6.00 -42.46
N ILE KA 82 -34.38 -5.01 -42.73
CA ILE KA 82 -35.78 -5.14 -42.35
C ILE KA 82 -36.45 -6.26 -43.13
N LYS KA 83 -36.08 -6.43 -44.40
CA LYS KA 83 -36.71 -7.46 -45.21
C LYS KA 83 -36.46 -8.85 -44.66
N ASP KA 84 -35.23 -9.11 -44.20
CA ASP KA 84 -34.91 -10.42 -43.67
C ASP KA 84 -35.71 -10.74 -42.41
N LEU KA 85 -36.12 -9.71 -41.67
CA LEU KA 85 -36.88 -9.93 -40.46
C LEU KA 85 -38.26 -10.53 -40.72
N ILE KA 86 -38.77 -10.40 -41.94
CA ILE KA 86 -40.12 -10.89 -42.23
C ILE KA 86 -40.20 -12.39 -42.06
N ALA KA 87 -39.18 -13.11 -42.53
CA ALA KA 87 -39.17 -14.56 -42.42
C ALA KA 87 -38.85 -15.05 -41.01
N SER KA 88 -38.44 -14.16 -40.10
CA SER KA 88 -38.05 -14.59 -38.78
C SER KA 88 -39.24 -15.14 -38.00
N ASN KA 89 -38.95 -16.04 -37.06
CA ASN KA 89 -39.95 -16.69 -36.23
C ASN KA 89 -40.15 -15.99 -34.89
N LEU KA 90 -39.53 -14.82 -34.69
CA LEU KA 90 -39.65 -14.14 -33.42
C LEU KA 90 -41.08 -13.67 -33.18
N SER KA 91 -41.44 -13.52 -31.91
CA SER KA 91 -42.78 -13.08 -31.54
C SER KA 91 -43.00 -11.64 -32.00
N GLN KA 92 -44.24 -11.17 -31.80
CA GLN KA 92 -44.57 -9.80 -32.20
C GLN KA 92 -43.72 -8.79 -31.46
N SER KA 93 -43.66 -8.89 -30.13
CA SER KA 93 -42.89 -7.92 -29.35
C SER KA 93 -41.42 -7.97 -29.70
N ALA KA 94 -40.88 -9.17 -29.88
CA ALA KA 94 -39.48 -9.30 -30.28
C ALA KA 94 -39.25 -8.64 -31.64
N LYS KA 95 -40.17 -8.83 -32.57
CA LYS KA 95 -40.03 -8.20 -33.88
C LYS KA 95 -40.10 -6.70 -33.78
N GLU KA 96 -40.90 -6.17 -32.85
CA GLU KA 96 -40.97 -4.72 -32.67
C GLU KA 96 -39.63 -4.16 -32.25
N LEU KA 97 -38.97 -4.81 -31.29
CA LEU KA 97 -37.66 -4.34 -30.85
C LEU KA 97 -36.65 -4.46 -31.99
N GLU KA 98 -36.69 -5.55 -32.74
CA GLU KA 98 -35.77 -5.70 -33.86
C GLU KA 98 -35.97 -4.63 -34.91
N ILE KA 99 -37.23 -4.26 -35.17
CA ILE KA 99 -37.50 -3.17 -36.10
C ILE KA 99 -36.88 -1.88 -35.58
N THR KA 100 -37.04 -1.63 -34.27
CA THR KA 100 -36.45 -0.44 -33.69
C THR KA 100 -34.93 -0.46 -33.79
N ARG KA 101 -34.33 -1.61 -33.48
CA ARG KA 101 -32.88 -1.72 -33.58
C ARG KA 101 -32.40 -1.54 -35.00
N LEU KA 102 -33.09 -2.18 -35.95
CA LEU KA 102 -32.62 -2.16 -37.34
C LEU KA 102 -32.74 -0.77 -37.94
N ILE KA 103 -33.91 -0.14 -37.79
CA ILE KA 103 -34.10 1.21 -38.33
C ILE KA 103 -33.14 2.17 -37.65
N LYS KA 104 -33.03 2.07 -36.33
CA LYS KA 104 -32.17 2.99 -35.59
C LYS KA 104 -30.72 2.85 -36.00
N GLU KA 105 -30.26 1.61 -36.14
CA GLU KA 105 -28.86 1.40 -36.52
C GLU KA 105 -28.59 1.92 -37.92
N THR KA 106 -29.50 1.67 -38.87
CA THR KA 106 -29.26 2.07 -40.25
C THR KA 106 -29.17 3.59 -40.38
N ILE KA 107 -30.08 4.32 -39.73
CA ILE KA 107 -30.12 5.77 -39.90
C ILE KA 107 -28.92 6.41 -39.22
N LEU KA 108 -28.57 5.95 -38.03
CA LEU KA 108 -27.61 6.67 -37.19
C LEU KA 108 -26.21 6.73 -37.78
N VAL KA 109 -25.91 5.94 -38.81
CA VAL KA 109 -24.58 5.99 -39.42
C VAL KA 109 -24.33 7.37 -40.03
N HIS KA 110 -25.38 8.04 -40.48
CA HIS KA 110 -25.20 9.35 -41.09
C HIS KA 110 -24.70 10.35 -40.04
N PRO KA 111 -23.74 11.22 -40.38
CA PRO KA 111 -23.30 12.20 -39.37
C PRO KA 111 -24.40 13.14 -38.92
N TYR KA 112 -25.29 13.51 -39.82
CA TYR KA 112 -26.29 14.53 -39.53
C TYR KA 112 -27.30 14.06 -38.49
N THR KA 113 -27.48 12.76 -38.32
CA THR KA 113 -28.43 12.26 -37.33
C THR KA 113 -27.98 12.63 -35.93
N LYS KA 114 -28.92 13.09 -35.11
CA LYS KA 114 -28.71 13.28 -33.69
C LYS KA 114 -29.29 12.12 -32.89
N GLU KA 115 -30.53 11.74 -33.19
CA GLU KA 115 -31.21 10.70 -32.44
C GLU KA 115 -32.44 10.30 -33.23
N VAL KA 116 -32.80 9.02 -33.13
CA VAL KA 116 -34.02 8.49 -33.71
C VAL KA 116 -34.69 7.65 -32.64
N GLY KA 117 -36.00 7.79 -32.53
CA GLY KA 117 -36.72 7.10 -31.48
C GLY KA 117 -38.21 7.40 -31.49
N GLU KA 118 -38.85 7.27 -30.33
CA GLU KA 118 -40.29 7.44 -30.21
C GLU KA 118 -41.03 6.49 -31.14
N PHE KA 119 -40.51 5.27 -31.26
CA PHE KA 119 -41.11 4.29 -32.15
C PHE KA 119 -42.50 3.93 -31.68
N SER KA 120 -43.40 3.69 -32.63
CA SER KA 120 -44.75 3.24 -32.36
C SER KA 120 -45.09 2.12 -33.33
N PHE KA 121 -46.01 1.26 -32.91
CA PHE KA 121 -46.42 0.11 -33.71
C PHE KA 121 -47.92 -0.04 -33.65
N ASN KA 122 -48.49 -0.52 -34.76
CA ASN KA 122 -49.93 -0.76 -34.85
C ASN KA 122 -50.13 -1.97 -35.75
N TRP KA 123 -50.45 -3.11 -35.14
CA TRP KA 123 -50.75 -4.33 -35.89
C TRP KA 123 -52.21 -4.22 -36.34
N LEU KA 124 -52.40 -3.48 -37.44
CA LEU KA 124 -53.75 -3.10 -37.84
C LEU KA 124 -54.61 -4.31 -38.19
N GLU KA 125 -53.99 -5.37 -38.69
CA GLU KA 125 -54.65 -6.64 -38.93
C GLU KA 125 -54.00 -7.68 -38.03
N ASN KA 126 -54.37 -8.94 -38.24
CA ASN KA 126 -53.84 -10.00 -37.41
C ASN KA 126 -52.31 -10.07 -37.49
N SER KA 127 -51.76 -10.00 -38.70
CA SER KA 127 -50.33 -10.11 -38.91
C SER KA 127 -49.86 -9.17 -40.01
N ARG KA 128 -50.32 -7.92 -39.99
CA ARG KA 128 -49.89 -6.92 -40.96
C ARG KA 128 -49.76 -5.59 -40.25
N LEU KA 129 -48.56 -5.02 -40.30
CA LEU KA 129 -48.10 -4.04 -39.33
C LEU KA 129 -47.89 -2.67 -39.96
N VAL KA 130 -48.13 -1.64 -39.15
CA VAL KA 130 -47.79 -0.26 -39.47
C VAL KA 130 -47.06 0.31 -38.27
N GLU KA 131 -45.96 1.01 -38.50
CA GLU KA 131 -45.13 1.53 -37.43
C GLU KA 131 -44.65 2.94 -37.78
N TYR KA 132 -44.45 3.75 -36.74
CA TYR KA 132 -43.97 5.11 -36.86
C TYR KA 132 -42.65 5.24 -36.11
N GLU KA 133 -41.82 6.18 -36.53
CA GLU KA 133 -40.64 6.55 -35.76
C GLU KA 133 -40.30 7.99 -36.10
N PHE KA 134 -39.62 8.66 -35.16
CA PHE KA 134 -39.28 10.06 -35.28
C PHE KA 134 -37.77 10.23 -35.31
N ASP KA 135 -37.30 11.00 -36.28
CA ASP KA 135 -35.88 11.28 -36.47
C ASP KA 135 -35.56 12.68 -35.96
N VAL KA 136 -34.37 12.85 -35.42
CA VAL KA 136 -33.91 14.12 -34.87
C VAL KA 136 -32.56 14.46 -35.49
N LEU KA 137 -32.46 15.66 -36.05
CA LEU KA 137 -31.26 16.10 -36.74
C LEU KA 137 -30.24 16.66 -35.75
N THR KA 138 -29.02 16.84 -36.23
CA THR KA 138 -28.01 17.55 -35.46
C THR KA 138 -28.44 18.98 -35.18
N ILE KA 139 -29.07 19.63 -36.16
CA ILE KA 139 -29.51 21.00 -35.98
C ILE KA 139 -30.65 21.12 -34.97
N ASP KA 140 -31.36 20.02 -34.68
CA ASP KA 140 -32.44 20.09 -33.71
C ASP KA 140 -31.95 20.27 -32.28
N ASP KA 141 -30.65 20.16 -32.03
CA ASP KA 141 -30.13 20.30 -30.68
C ASP KA 141 -30.43 21.69 -30.13
N GLU KA 142 -30.49 21.78 -28.80
CA GLU KA 142 -30.67 23.03 -28.09
C GLU KA 142 -29.33 23.46 -27.50
N ASN KA 143 -29.02 24.74 -27.66
CA ASN KA 143 -27.72 25.29 -27.31
C ASN KA 143 -27.83 26.13 -26.04
N ILE KA 144 -26.83 26.00 -25.17
CA ILE KA 144 -26.78 26.81 -23.96
C ILE KA 144 -26.31 28.21 -24.32
N VAL KA 145 -26.87 29.22 -23.65
CA VAL KA 145 -26.57 30.61 -23.91
C VAL KA 145 -25.81 31.16 -22.70
N ILE KA 146 -24.49 31.28 -22.83
CA ILE KA 146 -23.66 31.85 -21.78
C ILE KA 146 -22.27 32.15 -22.32
N ASP KA 147 -21.65 33.21 -21.81
CA ASP KA 147 -20.24 33.48 -22.08
C ASP KA 147 -19.69 34.35 -20.96
N GLY KA 148 -18.40 34.17 -20.67
CA GLY KA 148 -17.73 34.91 -19.63
C GLY KA 148 -17.28 36.28 -20.10
N LEU LA 24 -13.66 46.54 0.06
CA LEU LA 24 -15.04 46.45 -0.48
C LEU LA 24 -15.42 47.76 -1.17
N ASP LA 25 -15.47 48.83 -0.37
CA ASP LA 25 -15.68 50.22 -0.81
C ASP LA 25 -16.81 50.34 -1.84
N LEU LA 26 -17.99 49.89 -1.45
CA LEU LA 26 -19.17 50.19 -2.23
C LEU LA 26 -19.46 51.69 -2.17
N LYS LA 27 -20.12 52.18 -3.21
CA LYS LA 27 -20.32 53.61 -3.41
C LYS LA 27 -21.81 53.94 -3.46
N GLY LA 28 -22.12 55.20 -3.19
CA GLY LA 28 -23.49 55.63 -3.18
C GLY LA 28 -24.05 55.83 -4.57
N SER LA 29 -25.35 56.10 -4.62
CA SER LA 29 -26.07 56.29 -5.87
C SER LA 29 -27.18 57.31 -5.62
N PHE LA 30 -28.02 57.50 -6.62
CA PHE LA 30 -28.95 58.62 -6.68
C PHE LA 30 -30.37 58.09 -6.50
N LEU LA 31 -31.17 58.81 -5.72
CA LEU LA 31 -32.50 58.34 -5.40
C LEU LA 31 -33.40 58.34 -6.62
N PHE LA 32 -34.39 57.45 -6.59
CA PHE LA 32 -35.37 57.34 -7.67
C PHE LA 32 -36.67 56.84 -7.06
N ASP LA 33 -37.65 57.73 -6.93
CA ASP LA 33 -38.92 57.38 -6.31
C ASP LA 33 -39.66 56.43 -7.24
N PHE LA 34 -39.68 55.14 -6.87
CA PHE LA 34 -40.39 54.16 -7.69
C PHE LA 34 -41.88 54.42 -7.71
N GLU LA 35 -42.42 55.06 -6.66
CA GLU LA 35 -43.83 55.43 -6.68
C GLU LA 35 -44.14 56.39 -7.82
N LYS LA 36 -43.34 57.45 -7.94
CA LYS LA 36 -43.53 58.44 -8.99
C LYS LA 36 -42.79 58.10 -10.27
N GLY LA 37 -41.85 57.16 -10.22
CA GLY LA 37 -41.07 56.85 -11.40
C GLY LA 37 -40.22 58.01 -11.88
N GLU LA 38 -39.62 58.76 -10.95
CA GLU LA 38 -38.78 59.88 -11.31
C GLU LA 38 -37.70 60.04 -10.25
N PHE LA 39 -36.61 60.68 -10.65
CA PHE LA 39 -35.53 60.98 -9.72
C PHE LA 39 -35.94 62.13 -8.81
N VAL LA 40 -35.60 62.02 -7.53
CA VAL LA 40 -35.80 63.11 -6.59
C VAL LA 40 -34.64 64.08 -6.72
N LYS LA 41 -34.95 65.36 -6.89
CA LYS LA 41 -33.94 66.40 -7.07
C LYS LA 41 -34.16 67.50 -6.05
N ASN LA 42 -33.05 68.11 -5.62
CA ASN LA 42 -33.12 69.15 -4.61
C ASN LA 42 -33.70 70.43 -5.23
N ALA LA 43 -33.96 71.41 -4.36
CA ALA LA 43 -34.36 72.72 -4.85
C ALA LA 43 -33.28 73.34 -5.71
N ASP LA 44 -32.02 72.98 -5.47
CA ASP LA 44 -30.93 73.39 -6.34
C ASP LA 44 -31.09 72.85 -7.75
N GLY LA 45 -31.85 71.78 -7.94
CA GLY LA 45 -31.99 71.12 -9.21
C GLY LA 45 -31.10 69.91 -9.38
N THR LA 46 -30.05 69.78 -8.58
CA THR LA 46 -29.24 68.58 -8.59
C THR LA 46 -30.05 67.40 -8.07
N LEU LA 47 -29.77 66.23 -8.65
CA LEU LA 47 -30.45 65.02 -8.20
C LEU LA 47 -30.03 64.67 -6.77
N LYS LA 48 -30.99 64.18 -6.00
CA LYS LA 48 -30.77 63.90 -4.59
C LYS LA 48 -29.85 62.69 -4.45
N LYS LA 49 -28.60 62.92 -4.05
CA LYS LA 49 -27.72 61.83 -3.71
C LYS LA 49 -28.23 61.12 -2.47
N CYS LA 50 -27.69 59.93 -2.21
CA CYS LA 50 -28.08 59.19 -1.02
C CYS LA 50 -27.00 58.18 -0.67
N ASP LA 51 -27.19 57.52 0.46
CA ASP LA 51 -26.17 56.70 1.08
C ASP LA 51 -25.92 55.42 0.28
N LYS LA 52 -24.77 54.81 0.57
CA LYS LA 52 -24.48 53.47 0.05
C LYS LA 52 -25.61 52.50 0.35
N VAL LA 53 -26.02 52.45 1.62
CA VAL LA 53 -27.07 51.51 2.01
C VAL LA 53 -28.39 51.88 1.33
N GLN LA 54 -28.68 53.17 1.22
CA GLN LA 54 -29.87 53.59 0.46
C GLN LA 54 -29.73 53.19 -1.00
N ALA LA 55 -28.56 53.39 -1.57
CA ALA LA 55 -28.33 52.99 -2.96
C ALA LA 55 -28.52 51.50 -3.14
N TYR LA 56 -28.03 50.71 -2.19
CA TYR LA 56 -28.19 49.26 -2.26
C TYR LA 56 -29.66 48.88 -2.24
N LYS LA 57 -30.45 49.52 -1.37
CA LYS LA 57 -31.88 49.25 -1.36
C LYS LA 57 -32.53 49.68 -2.67
N GLN LA 58 -32.09 50.81 -3.21
CA GLN LA 58 -32.59 51.23 -4.52
C GLN LA 58 -32.25 50.19 -5.57
N TRP LA 59 -31.02 49.66 -5.53
CA TRP LA 59 -30.61 48.67 -6.50
C TRP LA 59 -31.43 47.40 -6.37
N CYS LA 60 -31.71 46.97 -5.13
CA CYS LA 60 -32.41 45.71 -4.92
C CYS LA 60 -33.80 45.73 -5.54
N GLN LA 61 -34.54 46.80 -5.32
CA GLN LA 61 -35.88 46.89 -5.89
C GLN LA 61 -35.82 46.92 -7.40
N LYS LA 62 -34.84 47.63 -7.96
CA LYS LA 62 -34.71 47.70 -9.41
C LYS LA 62 -34.40 46.33 -9.99
N ALA LA 63 -33.48 45.60 -9.38
CA ALA LA 63 -33.09 44.29 -9.91
C ALA LA 63 -34.26 43.33 -9.86
N ILE LA 64 -35.09 43.42 -8.82
CA ILE LA 64 -36.27 42.55 -8.75
C ILE LA 64 -37.22 42.85 -9.90
N LEU LA 65 -37.40 44.13 -10.20
CA LEU LA 65 -38.34 44.53 -11.24
C LEU LA 65 -37.79 44.36 -12.65
N THR LA 66 -36.50 44.08 -12.81
CA THR LA 66 -35.92 43.92 -14.13
C THR LA 66 -35.99 42.46 -14.55
N PRO LA 67 -36.76 42.08 -15.57
CA PRO LA 67 -36.76 40.68 -15.99
C PRO LA 67 -35.43 40.29 -16.59
N ARG LA 68 -35.06 39.03 -16.37
CA ARG LA 68 -33.75 38.53 -16.77
C ARG LA 68 -33.74 38.15 -18.25
N TYR LA 69 -32.55 38.28 -18.85
CA TYR LA 69 -32.28 37.83 -20.22
C TYR LA 69 -32.97 38.67 -21.30
N LYS LA 70 -33.80 39.64 -20.92
CA LYS LA 70 -34.64 40.35 -21.87
C LYS LA 70 -34.20 41.78 -22.10
N LYS LA 71 -33.74 42.47 -21.07
CA LYS LA 71 -33.28 43.85 -21.21
C LYS LA 71 -31.80 43.77 -21.58
N ALA LA 72 -31.50 44.04 -22.85
CA ALA LA 72 -30.20 43.69 -23.41
C ALA LA 72 -29.03 44.48 -22.84
N ALA LA 73 -29.29 45.56 -22.10
CA ALA LA 73 -28.19 46.33 -21.54
C ALA LA 73 -27.39 45.52 -20.53
N TYR LA 74 -28.05 44.66 -19.77
CA TYR LA 74 -27.43 43.94 -18.67
C TYR LA 74 -27.09 42.52 -19.08
N THR LA 75 -26.15 41.93 -18.35
CA THR LA 75 -25.69 40.58 -18.62
C THR LA 75 -26.68 39.58 -18.04
N ASN LA 76 -26.28 38.31 -17.99
CA ASN LA 76 -27.16 37.28 -17.46
C ASN LA 76 -27.26 37.31 -15.95
N ILE LA 77 -26.28 37.90 -15.28
CA ILE LA 77 -26.30 37.95 -13.82
C ILE LA 77 -27.46 38.79 -13.33
N TYR LA 78 -27.66 39.95 -13.94
CA TYR LA 78 -28.66 40.89 -13.48
C TYR LA 78 -30.07 40.41 -13.83
N GLY LA 79 -31.04 40.87 -13.05
CA GLY LA 79 -32.43 40.63 -13.33
C GLY LA 79 -32.99 39.40 -12.63
N SER LA 80 -34.31 39.27 -12.71
CA SER LA 80 -35.05 38.16 -12.14
C SER LA 80 -35.93 37.55 -13.21
N GLU LA 81 -36.74 36.57 -12.81
CA GLU LA 81 -37.61 35.84 -13.73
C GLU LA 81 -38.99 35.64 -13.12
N ILE LA 82 -39.39 36.51 -12.20
CA ILE LA 82 -40.63 36.31 -11.47
C ILE LA 82 -41.83 36.40 -12.41
N LYS LA 83 -41.76 37.29 -13.41
CA LYS LA 83 -42.88 37.47 -14.32
C LYS LA 83 -43.16 36.19 -15.11
N ASP LA 84 -42.10 35.52 -15.55
CA ASP LA 84 -42.28 34.31 -16.35
C ASP LA 84 -42.94 33.20 -15.54
N LEU LA 85 -42.78 33.23 -14.22
CA LEU LA 85 -43.37 32.19 -13.38
C LEU LA 85 -44.89 32.25 -13.37
N ILE LA 86 -45.48 33.39 -13.73
CA ILE LA 86 -46.94 33.52 -13.67
C ILE LA 86 -47.61 32.53 -14.62
N ALA LA 87 -47.08 32.40 -15.83
CA ALA LA 87 -47.65 31.50 -16.81
C ALA LA 87 -47.35 30.03 -16.52
N SER LA 88 -46.48 29.73 -15.56
CA SER LA 88 -46.10 28.35 -15.30
C SER LA 88 -47.28 27.55 -14.76
N ASN LA 89 -47.24 26.24 -15.02
CA ASN LA 89 -48.28 25.33 -14.59
C ASN LA 89 -47.96 24.64 -13.27
N LEU LA 90 -46.89 25.04 -12.58
CA LEU LA 90 -46.51 24.40 -11.34
C LEU LA 90 -47.57 24.63 -10.26
N SER LA 91 -47.62 23.72 -9.30
CA SER LA 91 -48.58 23.81 -8.22
C SER LA 91 -48.26 25.03 -7.35
N GLN LA 92 -49.13 25.27 -6.36
CA GLN LA 92 -48.92 26.40 -5.45
C GLN LA 92 -47.62 26.26 -4.69
N SER LA 93 -47.40 25.10 -4.07
CA SER LA 93 -46.20 24.91 -3.27
C SER LA 93 -44.94 25.00 -4.12
N ALA LA 94 -44.99 24.42 -5.33
CA ALA LA 94 -43.85 24.52 -6.22
C ALA LA 94 -43.57 25.97 -6.59
N LYS LA 95 -44.62 26.73 -6.86
CA LYS LA 95 -44.43 28.14 -7.19
C LYS LA 95 -43.85 28.91 -6.02
N GLU LA 96 -44.19 28.53 -4.79
CA GLU LA 96 -43.62 29.20 -3.63
C GLU LA 96 -42.11 29.01 -3.58
N LEU LA 97 -41.65 27.77 -3.81
CA LEU LA 97 -40.22 27.51 -3.80
C LEU LA 97 -39.53 28.26 -4.93
N GLU LA 98 -40.15 28.29 -6.11
CA GLU LA 98 -39.55 29.00 -7.23
C GLU LA 98 -39.45 30.49 -6.95
N ILE LA 99 -40.45 31.06 -6.28
CA ILE LA 99 -40.36 32.45 -5.87
C ILE LA 99 -39.19 32.65 -4.94
N THR LA 100 -39.03 31.74 -3.98
CA THR LA 100 -37.91 31.84 -3.05
C THR LA 100 -36.58 31.73 -3.79
N ARG LA 101 -36.48 30.78 -4.71
CA ARG LA 101 -35.24 30.62 -5.46
C ARG LA 101 -34.97 31.84 -6.31
N LEU LA 102 -35.99 32.35 -7.00
CA LEU LA 102 -35.77 33.44 -7.95
C LEU LA 102 -35.40 34.72 -7.23
N ILE LA 103 -36.15 35.09 -6.20
CA ILE LA 103 -35.84 36.31 -5.46
C ILE LA 103 -34.47 36.17 -4.81
N LYS LA 104 -34.21 35.02 -4.20
CA LYS LA 104 -32.94 34.82 -3.51
C LYS LA 104 -31.76 34.88 -4.48
N GLU LA 105 -31.90 34.26 -5.64
CA GLU LA 105 -30.81 34.28 -6.62
C GLU LA 105 -30.56 35.68 -7.14
N THR LA 106 -31.62 36.43 -7.42
CA THR LA 106 -31.45 37.76 -7.99
C THR LA 106 -30.75 38.69 -7.03
N ILE LA 107 -31.16 38.68 -5.76
CA ILE LA 107 -30.60 39.63 -4.80
C ILE LA 107 -29.16 39.30 -4.47
N LEU LA 108 -28.85 38.01 -4.29
CA LEU LA 108 -27.57 37.61 -3.74
C LEU LA 108 -26.38 37.96 -4.62
N VAL LA 109 -26.60 38.33 -5.88
CA VAL LA 109 -25.49 38.69 -6.75
C VAL LA 109 -24.77 39.92 -6.22
N HIS LA 110 -25.49 40.80 -5.53
CA HIS LA 110 -24.88 42.01 -5.01
C HIS LA 110 -23.85 41.65 -3.93
N PRO LA 111 -22.68 42.28 -3.91
CA PRO LA 111 -21.71 41.94 -2.85
C PRO LA 111 -22.23 42.24 -1.44
N TYR LA 112 -23.00 43.31 -1.30
CA TYR LA 112 -23.44 43.75 0.01
C TYR LA 112 -24.37 42.76 0.69
N THR LA 113 -25.08 41.93 -0.07
CA THR LA 113 -25.98 40.96 0.52
C THR LA 113 -25.20 39.95 1.35
N LYS LA 114 -25.71 39.67 2.55
CA LYS LA 114 -25.24 38.57 3.38
C LYS LA 114 -26.12 37.34 3.24
N GLU LA 115 -27.43 37.52 3.37
CA GLU LA 115 -28.36 36.42 3.32
C GLU LA 115 -29.76 36.99 3.13
N VAL LA 116 -30.58 36.25 2.42
CA VAL LA 116 -31.99 36.56 2.24
C VAL LA 116 -32.79 35.30 2.53
N GLY LA 117 -33.88 35.45 3.28
CA GLY LA 117 -34.65 34.30 3.68
C GLY LA 117 -35.85 34.66 4.53
N GLU LA 118 -36.29 33.71 5.35
CA GLU LA 118 -37.49 33.88 6.16
C GLU LA 118 -38.70 34.22 5.29
N PHE LA 119 -38.78 33.56 4.14
CA PHE LA 119 -39.87 33.84 3.21
C PHE LA 119 -41.20 33.42 3.81
N SER LA 120 -42.24 34.18 3.50
CA SER LA 120 -43.59 33.86 3.90
C SER LA 120 -44.52 34.07 2.70
N PHE LA 121 -45.63 33.36 2.71
CA PHE LA 121 -46.60 33.41 1.62
C PHE LA 121 -48.01 33.47 2.20
N ASN LA 122 -48.88 34.17 1.49
CA ASN LA 122 -50.28 34.29 1.89
C ASN LA 122 -51.11 34.38 0.62
N TRP LA 123 -51.79 33.29 0.28
CA TRP LA 123 -52.70 33.25 -0.87
C TRP LA 123 -54.02 33.86 -0.42
N LEU LA 124 -54.05 35.20 -0.41
CA LEU LA 124 -55.16 35.91 0.21
C LEU LA 124 -56.49 35.62 -0.47
N GLU LA 125 -56.45 35.36 -1.77
CA GLU LA 125 -57.61 34.94 -2.54
C GLU LA 125 -57.34 33.54 -3.05
N ASN LA 126 -58.23 33.05 -3.92
CA ASN LA 126 -58.07 31.71 -4.45
C ASN LA 126 -56.74 31.55 -5.20
N SER LA 127 -56.41 32.52 -6.06
CA SER LA 127 -55.21 32.45 -6.87
C SER LA 127 -54.56 33.82 -7.00
N ARG LA 128 -54.44 34.55 -5.90
CA ARG LA 128 -53.79 35.86 -5.91
C ARG LA 128 -53.00 35.99 -4.61
N LEU LA 129 -51.69 36.21 -4.75
CA LEU LA 129 -50.72 35.90 -3.71
C LEU LA 129 -50.05 37.15 -3.16
N VAL LA 130 -49.71 37.10 -1.89
CA VAL LA 130 -48.86 38.09 -1.23
C VAL LA 130 -47.79 37.32 -0.47
N GLU LA 131 -46.54 37.78 -0.58
CA GLU LA 131 -45.40 37.09 0.01
C GLU LA 131 -44.45 38.10 0.62
N TYR LA 132 -43.76 37.68 1.68
CA TYR LA 132 -42.77 38.49 2.37
C TYR LA 132 -41.42 37.78 2.31
N GLU LA 133 -40.36 38.57 2.42
CA GLU LA 133 -39.03 38.00 2.62
C GLU LA 133 -38.18 39.05 3.33
N PHE LA 134 -37.14 38.57 4.01
CA PHE LA 134 -36.27 39.40 4.82
C PHE LA 134 -34.85 39.33 4.28
N ASP LA 135 -34.24 40.50 4.11
CA ASP LA 135 -32.89 40.63 3.58
C ASP LA 135 -31.93 40.95 4.72
N VAL LA 136 -30.70 40.45 4.60
CA VAL LA 136 -29.67 40.63 5.62
C VAL LA 136 -28.42 41.17 4.94
N LEU LA 137 -27.92 42.29 5.44
CA LEU LA 137 -26.76 42.95 4.87
C LEU LA 137 -25.46 42.32 5.38
N THR LA 138 -24.37 42.67 4.71
CA THR LA 138 -23.05 42.29 5.21
C THR LA 138 -22.79 42.92 6.56
N ILE LA 139 -23.23 44.16 6.75
CA ILE LA 139 -23.02 44.85 8.02
C ILE LA 139 -23.85 44.22 9.14
N ASP LA 140 -24.89 43.47 8.82
CA ASP LA 140 -25.69 42.82 9.86
C ASP LA 140 -24.96 41.69 10.57
N ASP LA 141 -23.80 41.27 10.06
CA ASP LA 141 -23.07 40.18 10.68
C ASP LA 141 -22.66 40.54 12.11
N GLU LA 142 -22.48 39.51 12.92
CA GLU LA 142 -22.01 39.63 14.29
C GLU LA 142 -20.54 39.24 14.36
N ASN LA 143 -19.75 40.05 15.05
CA ASN LA 143 -18.31 39.90 15.08
C ASN LA 143 -17.85 39.35 16.42
N ILE LA 144 -16.90 38.42 16.38
CA ILE LA 144 -16.31 37.87 17.58
C ILE LA 144 -15.35 38.89 18.18
N VAL LA 145 -15.31 38.96 19.51
CA VAL LA 145 -14.49 39.92 20.25
C VAL LA 145 -13.41 39.13 20.97
N ILE LA 146 -12.19 39.13 20.42
CA ILE LA 146 -11.05 38.50 21.05
C ILE LA 146 -9.77 38.93 20.36
N ASP LA 147 -8.69 39.02 21.13
CA ASP LA 147 -7.36 39.24 20.57
C ASP LA 147 -6.32 38.74 21.57
N GLY LA 148 -5.22 38.23 21.04
CA GLY LA 148 -4.13 37.71 21.87
C GLY LA 148 -3.22 38.81 22.36
N LEU MA 24 7.42 27.58 39.23
CA LEU MA 24 6.05 28.14 39.48
C LEU MA 24 6.16 29.47 40.20
N ASP MA 25 6.69 29.42 41.42
CA ASP MA 25 7.02 30.57 42.27
C ASP MA 25 5.91 31.63 42.29
N LEU MA 26 4.72 31.18 42.69
CA LEU MA 26 3.67 32.14 42.99
C LEU MA 26 4.06 32.95 44.22
N LYS MA 27 3.52 34.17 44.29
CA LYS MA 27 3.93 35.15 45.29
C LYS MA 27 2.72 35.56 46.12
N GLY MA 28 3.03 36.05 47.32
CA GLY MA 28 1.98 36.47 48.23
C GLY MA 28 1.36 37.78 47.83
N SER MA 29 0.30 38.13 48.56
CA SER MA 29 -0.46 39.35 48.31
C SER MA 29 -0.99 39.85 49.65
N PHE MA 30 -1.83 40.87 49.58
CA PHE MA 30 -2.20 41.67 50.75
C PHE MA 30 -3.66 41.40 51.08
N LEU MA 31 -3.96 41.24 52.38
CA LEU MA 31 -5.30 40.87 52.78
C LEU MA 31 -6.30 41.99 52.49
N PHE MA 32 -7.55 41.59 52.31
CA PHE MA 32 -8.63 42.54 52.06
C PHE MA 32 -9.91 41.92 52.62
N ASP MA 33 -10.38 42.45 53.74
CA ASP MA 33 -11.57 41.90 54.38
C ASP MA 33 -12.78 42.22 53.52
N PHE MA 34 -13.29 41.21 52.82
CA PHE MA 34 -14.46 41.41 51.98
C PHE MA 34 -15.69 41.76 52.80
N GLU MA 35 -15.73 41.31 54.06
CA GLU MA 35 -16.84 41.68 54.93
C GLU MA 35 -16.89 43.18 55.13
N LYS MA 36 -15.74 43.79 55.44
CA LYS MA 36 -15.66 45.22 55.65
C LYS MA 36 -15.34 46.00 54.39
N GLY MA 37 -14.87 45.34 53.34
CA GLY MA 37 -14.48 46.05 52.13
C GLY MA 37 -13.32 46.99 52.34
N GLU MA 38 -12.33 46.57 53.14
CA GLU MA 38 -11.15 47.39 53.39
C GLU MA 38 -9.97 46.47 53.62
N PHE MA 39 -8.78 47.02 53.40
CA PHE MA 39 -7.56 46.28 53.67
C PHE MA 39 -7.29 46.23 55.16
N VAL MA 40 -6.85 45.07 55.63
CA VAL MA 40 -6.42 44.94 57.01
C VAL MA 40 -4.99 45.43 57.13
N LYS MA 41 -4.75 46.33 58.08
CA LYS MA 41 -3.44 46.93 58.30
C LYS MA 41 -3.01 46.74 59.74
N ASN MA 42 -1.71 46.59 59.93
CA ASN MA 42 -1.16 46.36 61.25
C ASN MA 42 -1.24 47.63 62.07
N ALA MA 43 -0.92 47.50 63.36
CA ALA MA 43 -0.80 48.68 64.21
C ALA MA 43 0.29 49.61 63.71
N ASP MA 44 1.31 49.05 63.05
CA ASP MA 44 2.32 49.86 62.39
C ASP MA 44 1.73 50.75 61.30
N GLY MA 45 0.57 50.39 60.76
CA GLY MA 45 -0.03 51.09 59.65
C GLY MA 45 0.23 50.44 58.31
N THR MA 46 1.24 49.59 58.21
CA THR MA 46 1.45 48.83 56.98
C THR MA 46 0.32 47.84 56.78
N LEU MA 47 -0.02 47.62 55.51
CA LEU MA 47 -1.06 46.65 55.18
C LEU MA 47 -0.62 45.25 55.55
N LYS MA 48 -1.56 44.45 56.05
CA LYS MA 48 -1.25 43.10 56.51
C LYS MA 48 -0.94 42.21 55.32
N LYS MA 49 0.33 41.86 55.16
CA LYS MA 49 0.70 40.86 54.17
C LYS MA 49 0.12 39.51 54.56
N CYS MA 50 0.16 38.57 53.62
CA CYS MA 50 -0.33 37.22 53.90
C CYS MA 50 0.28 36.24 52.91
N ASP MA 51 0.00 34.96 53.14
CA ASP MA 51 0.68 33.88 52.47
C ASP MA 51 0.25 33.79 51.01
N LYS MA 52 1.06 33.06 50.23
CA LYS MA 52 0.69 32.71 48.87
C LYS MA 52 -0.69 32.06 48.83
N VAL MA 53 -0.90 31.05 49.66
CA VAL MA 53 -2.18 30.34 49.67
C VAL MA 53 -3.30 31.27 50.12
N GLN MA 54 -3.03 32.12 51.12
CA GLN MA 54 -4.03 33.11 51.51
C GLN MA 54 -4.29 34.08 50.37
N ALA MA 55 -3.24 34.51 49.68
CA ALA MA 55 -3.41 35.40 48.54
C ALA MA 55 -4.25 34.75 47.45
N TYR MA 56 -4.00 33.46 47.20
CA TYR MA 56 -4.78 32.75 46.20
C TYR MA 56 -6.25 32.69 46.57
N LYS MA 57 -6.55 32.42 47.84
CA LYS MA 57 -7.94 32.44 48.27
C LYS MA 57 -8.54 33.83 48.14
N GLN MA 58 -7.77 34.86 48.46
CA GLN MA 58 -8.24 36.22 48.26
C GLN MA 58 -8.53 36.47 46.78
N TRP MA 59 -7.66 35.99 45.90
CA TRP MA 59 -7.86 36.20 44.48
C TRP MA 59 -9.11 35.49 43.99
N CYS MA 60 -9.35 34.27 44.46
CA CYS MA 60 -10.47 33.49 43.95
C CYS MA 60 -11.80 34.17 44.25
N GLN MA 61 -11.98 34.66 45.47
CA GLN MA 61 -13.22 35.34 45.79
C GLN MA 61 -13.38 36.60 44.98
N LYS MA 62 -12.28 37.33 44.76
CA LYS MA 62 -12.35 38.55 43.96
C LYS MA 62 -12.75 38.24 42.53
N ALA MA 63 -12.15 37.21 41.94
CA ALA MA 63 -12.44 36.87 40.55
C ALA MA 63 -13.89 36.46 40.39
N ILE MA 64 -14.43 35.73 41.37
CA ILE MA 64 -15.83 35.32 41.29
C ILE MA 64 -16.73 36.55 41.31
N LEU MA 65 -16.41 37.53 42.14
CA LEU MA 65 -17.24 38.72 42.26
C LEU MA 65 -17.04 39.71 41.12
N THR MA 66 -16.03 39.53 40.28
CA THR MA 66 -15.78 40.45 39.18
C THR MA 66 -16.52 39.98 37.94
N PRO MA 67 -17.51 40.71 37.43
CA PRO MA 67 -18.16 40.27 36.20
C PRO MA 67 -17.22 40.38 35.00
N ARG MA 68 -17.41 39.47 34.05
CA ARG MA 68 -16.52 39.35 32.92
C ARG MA 68 -16.89 40.36 31.83
N TYR MA 69 -15.87 40.77 31.07
CA TYR MA 69 -16.02 41.62 29.89
C TYR MA 69 -16.45 43.05 30.19
N LYS MA 70 -16.73 43.38 31.45
CA LYS MA 70 -17.33 44.66 31.80
C LYS MA 70 -16.37 45.60 32.49
N LYS MA 71 -15.49 45.08 33.35
CA LYS MA 71 -14.51 45.91 34.04
C LYS MA 71 -13.29 45.99 33.16
N ALA MA 72 -13.10 47.15 32.52
CA ALA MA 72 -12.16 47.26 31.41
C ALA MA 72 -10.70 47.08 31.80
N ALA MA 73 -10.38 47.10 33.09
CA ALA MA 73 -8.99 46.93 33.49
C ALA MA 73 -8.45 45.56 33.11
N TYR MA 74 -9.29 44.53 33.20
CA TYR MA 74 -8.87 43.15 33.02
C TYR MA 74 -9.22 42.65 31.63
N THR MA 75 -8.51 41.61 31.21
CA THR MA 75 -8.71 41.02 29.89
C THR MA 75 -9.93 40.11 29.92
N ASN MA 76 -10.10 39.31 28.87
CA ASN MA 76 -11.23 38.41 28.79
C ASN MA 76 -11.08 37.20 29.71
N ILE MA 77 -9.85 36.87 30.10
CA ILE MA 77 -9.63 35.71 30.94
C ILE MA 77 -10.25 35.92 32.32
N TYR MA 78 -10.03 37.10 32.89
CA TYR MA 78 -10.47 37.37 34.24
C TYR MA 78 -11.98 37.55 34.30
N GLY MA 79 -12.53 37.31 35.49
CA GLY MA 79 -13.93 37.58 35.75
C GLY MA 79 -14.83 36.39 35.46
N SER MA 80 -16.07 36.51 35.92
CA SER MA 80 -17.11 35.51 35.75
C SER MA 80 -18.33 36.17 35.11
N GLU MA 81 -19.40 35.39 34.97
CA GLU MA 81 -20.62 35.84 34.32
C GLU MA 81 -21.85 35.39 35.10
N ILE MA 82 -21.70 35.16 36.40
CA ILE MA 82 -22.79 34.59 37.18
C ILE MA 82 -23.95 35.56 37.26
N LYS MA 83 -23.66 36.86 37.33
CA LYS MA 83 -24.73 37.85 37.45
C LYS MA 83 -25.64 37.83 36.23
N ASP MA 84 -25.05 37.70 35.04
CA ASP MA 84 -25.85 37.71 33.82
C ASP MA 84 -26.77 36.51 33.76
N LEU MA 85 -26.42 35.40 34.41
CA LEU MA 85 -27.25 34.22 34.38
C LEU MA 85 -28.58 34.42 35.10
N ILE MA 86 -28.69 35.42 35.97
CA ILE MA 86 -29.91 35.61 36.73
C ILE MA 86 -31.08 35.92 35.80
N ALA MA 87 -30.85 36.78 34.80
CA ALA MA 87 -31.90 37.15 33.88
C ALA MA 87 -32.21 36.06 32.86
N SER MA 88 -31.40 35.01 32.79
CA SER MA 88 -31.61 33.98 31.78
C SER MA 88 -32.91 33.23 32.02
N ASN MA 89 -33.47 32.70 30.93
CA ASN MA 89 -34.72 31.95 30.96
C ASN MA 89 -34.52 30.44 31.05
N LEU MA 90 -33.28 29.99 31.26
CA LEU MA 90 -33.02 28.56 31.32
C LEU MA 90 -33.71 27.94 32.53
N SER MA 91 -33.98 26.64 32.42
CA SER MA 91 -34.63 25.92 33.51
C SER MA 91 -33.70 25.83 34.71
N GLN MA 92 -34.22 25.28 35.80
CA GLN MA 92 -33.42 25.14 37.01
C GLN MA 92 -32.20 24.27 36.77
N SER MA 93 -32.40 23.09 36.20
CA SER MA 93 -31.28 22.18 35.98
C SER MA 93 -30.26 22.78 35.03
N ALA MA 94 -30.73 23.45 33.97
CA ALA MA 94 -29.81 24.11 33.05
C ALA MA 94 -29.01 25.18 33.76
N LYS MA 95 -29.66 25.96 34.63
CA LYS MA 95 -28.94 26.99 35.36
C LYS MA 95 -27.91 26.38 36.30
N GLU MA 96 -28.19 25.21 36.87
CA GLU MA 96 -27.22 24.55 37.74
C GLU MA 96 -25.95 24.22 36.98
N LEU MA 97 -26.10 23.66 35.78
CA LEU MA 97 -24.92 23.33 34.97
C LEU MA 97 -24.17 24.59 34.59
N GLU MA 98 -24.89 25.64 34.22
CA GLU MA 98 -24.22 26.89 33.84
C GLU MA 98 -23.47 27.47 35.02
N ILE MA 99 -24.03 27.38 36.22
CA ILE MA 99 -23.30 27.82 37.41
C ILE MA 99 -22.02 27.02 37.56
N THR MA 100 -22.12 25.70 37.37
CA THR MA 100 -20.93 24.86 37.46
C THR MA 100 -19.91 25.24 36.42
N ARG MA 101 -20.36 25.44 35.18
CA ARG MA 101 -19.44 25.83 34.12
C ARG MA 101 -18.81 27.18 34.40
N LEU MA 102 -19.62 28.15 34.83
CA LEU MA 102 -19.11 29.51 34.99
C LEU MA 102 -18.13 29.60 36.14
N ILE MA 103 -18.48 29.05 37.30
CA ILE MA 103 -17.57 29.08 38.44
C ILE MA 103 -16.31 28.31 38.12
N LYS MA 104 -16.46 27.13 37.52
CA LYS MA 104 -15.30 26.30 37.21
C LYS MA 104 -14.37 26.99 36.22
N GLU MA 105 -14.94 27.61 35.18
CA GLU MA 105 -14.10 28.28 34.19
C GLU MA 105 -13.37 29.46 34.81
N THR MA 106 -14.04 30.24 35.64
CA THR MA 106 -13.42 31.44 36.21
C THR MA 106 -12.25 31.07 37.11
N ILE MA 107 -12.43 30.07 37.97
CA ILE MA 107 -11.39 29.75 38.94
C ILE MA 107 -10.18 29.12 38.25
N LEU MA 108 -10.42 28.22 37.29
CA LEU MA 108 -9.35 27.38 36.76
C LEU MA 108 -8.27 28.16 36.02
N VAL MA 109 -8.51 29.43 35.69
CA VAL MA 109 -7.49 30.20 34.99
C VAL MA 109 -6.25 30.37 35.85
N HIS MA 110 -6.42 30.39 37.18
CA HIS MA 110 -5.28 30.55 38.06
C HIS MA 110 -4.36 29.33 37.96
N PRO MA 111 -3.03 29.53 37.92
CA PRO MA 111 -2.15 28.34 37.85
C PRO MA 111 -2.28 27.43 39.05
N TYR MA 112 -2.50 28.00 40.22
CA TYR MA 112 -2.50 27.22 41.46
C TYR MA 112 -3.66 26.23 41.52
N THR MA 113 -4.74 26.47 40.79
CA THR MA 113 -5.87 25.55 40.81
C THR MA 113 -5.47 24.21 40.21
N LYS MA 114 -5.87 23.13 40.88
CA LYS MA 114 -5.78 21.78 40.33
C LYS MA 114 -7.11 21.32 39.76
N GLU MA 115 -8.18 21.50 40.52
CA GLU MA 115 -9.50 21.02 40.11
C GLU MA 115 -10.52 21.66 41.02
N VAL MA 116 -11.69 21.93 40.45
CA VAL MA 116 -12.85 22.42 41.19
C VAL MA 116 -14.05 21.59 40.79
N GLY MA 117 -14.84 21.20 41.78
CA GLY MA 117 -15.96 20.32 41.51
C GLY MA 117 -16.75 19.97 42.75
N GLU MA 118 -17.42 18.83 42.71
CA GLU MA 118 -18.30 18.39 43.80
C GLU MA 118 -19.37 19.45 44.07
N PHE MA 119 -19.90 20.03 43.00
CA PHE MA 119 -20.91 21.07 43.14
C PHE MA 119 -22.18 20.50 43.74
N SER MA 120 -22.83 21.30 44.57
CA SER MA 120 -24.11 20.96 45.16
C SER MA 120 -25.02 22.17 45.08
N PHE MA 121 -26.33 21.90 45.04
CA PHE MA 121 -27.33 22.95 44.90
C PHE MA 121 -28.48 22.67 45.86
N ASN MA 122 -29.07 23.75 46.36
CA ASN MA 122 -30.21 23.65 47.27
C ASN MA 122 -31.10 24.86 47.00
N TRP MA 123 -32.22 24.61 46.31
CA TRP MA 123 -33.21 25.65 46.04
C TRP MA 123 -34.07 25.78 47.30
N LEU MA 124 -33.53 26.51 48.28
CA LEU MA 124 -34.14 26.52 49.61
C LEU MA 124 -35.55 27.08 49.59
N GLU MA 125 -35.81 28.05 48.73
CA GLU MA 125 -37.14 28.58 48.50
C GLU MA 125 -37.56 28.19 47.08
N ASN MA 126 -38.70 28.72 46.65
CA ASN MA 126 -39.20 28.38 45.32
C ASN MA 126 -38.21 28.75 44.23
N SER MA 127 -37.64 29.96 44.31
CA SER MA 127 -36.71 30.44 43.29
C SER MA 127 -35.58 31.23 43.92
N ARG MA 128 -34.99 30.72 44.99
CA ARG MA 128 -33.86 31.38 45.65
C ARG MA 128 -32.89 30.30 46.11
N LEU MA 129 -31.66 30.38 45.62
CA LEU MA 129 -30.78 29.23 45.55
C LEU MA 129 -29.56 29.41 46.45
N VAL MA 130 -29.09 28.28 46.99
CA VAL MA 130 -27.82 28.19 47.69
C VAL MA 130 -27.06 27.00 47.11
N GLU MA 131 -25.77 27.19 46.83
CA GLU MA 131 -24.96 26.17 46.18
C GLU MA 131 -23.58 26.13 46.80
N TYR MA 132 -22.98 24.94 46.77
CA TYR MA 132 -21.65 24.70 47.31
C TYR MA 132 -20.74 24.19 46.20
N GLU MA 133 -19.44 24.42 46.37
CA GLU MA 133 -18.44 23.81 45.50
C GLU MA 133 -17.18 23.59 46.32
N PHE MA 134 -16.33 22.70 45.83
CA PHE MA 134 -15.07 22.38 46.48
C PHE MA 134 -13.93 22.64 45.51
N ASP MA 135 -12.91 23.35 45.99
CA ASP MA 135 -11.74 23.69 45.20
C ASP MA 135 -10.56 22.84 45.65
N VAL MA 136 -9.69 22.49 44.71
CA VAL MA 136 -8.54 21.64 44.96
C VAL MA 136 -7.30 22.34 44.43
N LEU MA 137 -6.30 22.50 45.28
CA LEU MA 137 -5.08 23.21 44.94
C LEU MA 137 -4.11 22.28 44.21
N THR MA 138 -3.09 22.90 43.62
CA THR MA 138 -1.98 22.12 43.07
C THR MA 138 -1.28 21.32 44.16
N ILE MA 139 -1.13 21.92 45.34
CA ILE MA 139 -0.46 21.21 46.43
C ILE MA 139 -1.29 20.05 46.95
N ASP MA 140 -2.59 20.01 46.67
CA ASP MA 140 -3.41 18.90 47.14
C ASP MA 140 -3.13 17.59 46.40
N ASP MA 141 -2.33 17.62 45.33
CA ASP MA 141 -2.04 16.42 44.58
C ASP MA 141 -1.33 15.39 45.46
N GLU MA 142 -1.47 14.13 45.09
CA GLU MA 142 -0.78 13.02 45.74
C GLU MA 142 0.37 12.57 44.85
N ASN MA 143 1.52 12.37 45.46
CA ASN MA 143 2.76 12.08 44.74
C ASN MA 143 3.15 10.63 44.89
N ILE MA 144 3.62 10.03 43.79
CA ILE MA 144 4.09 8.65 43.82
C ILE MA 144 5.46 8.61 44.46
N VAL MA 145 5.72 7.55 45.23
CA VAL MA 145 6.98 7.38 45.96
C VAL MA 145 7.72 6.21 45.32
N ILE MA 146 8.73 6.53 44.50
CA ILE MA 146 9.57 5.50 43.90
C ILE MA 146 10.81 6.16 43.28
N ASP MA 147 11.93 5.45 43.31
CA ASP MA 147 13.11 5.86 42.57
C ASP MA 147 13.97 4.62 42.31
N GLY MA 148 14.67 4.66 41.18
CA GLY MA 148 15.54 3.57 40.79
C GLY MA 148 16.90 3.63 41.46
N LEU NA 24 24.28 -17.80 38.07
CA LEU NA 24 23.33 -17.52 39.18
C LEU NA 24 24.10 -17.38 40.50
N ASP NA 25 24.74 -18.49 40.90
CA ASP NA 25 25.64 -18.58 42.05
C ASP NA 25 25.09 -17.86 43.28
N LEU NA 26 23.91 -18.28 43.71
CA LEU NA 26 23.41 -17.86 45.00
C LEU NA 26 24.28 -18.47 46.10
N LYS NA 27 24.34 -17.76 47.23
CA LYS NA 27 25.26 -18.08 48.30
C LYS NA 27 24.49 -18.40 49.57
N GLY NA 28 25.16 -19.13 50.47
CA GLY NA 28 24.53 -19.53 51.71
C GLY NA 28 24.47 -18.40 52.72
N SER NA 29 23.78 -18.69 53.81
CA SER NA 29 23.58 -17.72 54.87
C SER NA 29 23.53 -18.48 56.19
N PHE NA 30 23.20 -17.76 57.26
CA PHE NA 30 23.37 -18.24 58.62
C PHE NA 30 22.01 -18.50 59.24
N LEU NA 31 21.89 -19.59 59.99
CA LEU NA 31 20.59 -19.97 60.54
C LEU NA 31 20.14 -18.97 61.60
N PHE NA 32 18.82 -18.90 61.77
CA PHE NA 32 18.21 -18.03 62.78
C PHE NA 32 16.90 -18.67 63.18
N ASP NA 33 16.87 -19.28 64.36
CA ASP NA 33 15.66 -19.96 64.83
C ASP NA 33 14.59 -18.91 65.10
N PHE NA 34 13.60 -18.84 64.21
CA PHE NA 34 12.51 -17.88 64.41
C PHE NA 34 11.69 -18.21 65.64
N GLU NA 35 11.65 -19.49 66.04
CA GLU NA 35 10.95 -19.85 67.26
C GLU NA 35 11.57 -19.18 68.47
N LYS NA 36 12.90 -19.23 68.57
CA LYS NA 36 13.61 -18.62 69.68
C LYS NA 36 14.02 -17.19 69.40
N GLY NA 37 14.01 -16.75 68.15
CA GLY NA 37 14.48 -15.42 67.83
C GLY NA 37 15.94 -15.22 68.12
N GLU NA 38 16.77 -16.21 67.83
CA GLU NA 38 18.21 -16.12 68.04
C GLU NA 38 18.92 -16.97 67.01
N PHE NA 39 20.17 -16.61 66.76
CA PHE NA 39 21.00 -17.38 65.85
C PHE NA 39 21.45 -18.68 66.51
N VAL NA 40 21.41 -19.76 65.76
CA VAL NA 40 21.94 -21.03 66.23
C VAL NA 40 23.45 -21.03 66.04
N LYS NA 41 24.19 -21.32 67.11
CA LYS NA 41 25.65 -21.32 67.10
C LYS NA 41 26.15 -22.66 67.57
N ASN NA 42 27.28 -23.07 67.00
CA ASN NA 42 27.87 -24.36 67.34
C ASN NA 42 28.50 -24.30 68.73
N ALA NA 43 28.92 -25.47 69.21
CA ALA NA 43 29.66 -25.51 70.46
C ALA NA 43 30.96 -24.73 70.36
N ASP NA 44 31.52 -24.64 69.15
CA ASP NA 44 32.67 -23.77 68.91
C ASP NA 44 32.36 -22.31 69.19
N GLY NA 45 31.09 -21.91 69.14
CA GLY NA 45 30.68 -20.54 69.30
C GLY NA 45 30.44 -19.82 67.99
N THR NA 46 30.96 -20.33 66.88
CA THR NA 46 30.65 -19.76 65.59
C THR NA 46 29.19 -20.04 65.23
N LEU NA 47 28.59 -19.07 64.55
CA LEU NA 47 27.19 -19.21 64.15
C LEU NA 47 27.06 -20.35 63.15
N LYS NA 48 25.95 -21.08 63.25
CA LYS NA 48 25.72 -22.26 62.42
C LYS NA 48 25.45 -21.82 60.99
N LYS NA 49 26.39 -22.06 60.10
CA LYS NA 49 26.16 -21.84 58.68
C LYS NA 49 25.13 -22.85 58.17
N CYS NA 50 24.62 -22.59 56.97
CA CYS NA 50 23.66 -23.51 56.38
C CYS NA 50 23.62 -23.31 54.86
N ASP NA 51 22.88 -24.18 54.20
CA ASP NA 51 22.93 -24.30 52.76
C ASP NA 51 22.28 -23.10 52.08
N LYS NA 52 22.57 -22.97 50.79
CA LYS NA 52 21.88 -22.00 49.94
C LYS NA 52 20.37 -22.17 50.05
N VAL NA 53 19.89 -23.40 49.87
CA VAL NA 53 18.45 -23.64 49.92
C VAL NA 53 17.91 -23.35 51.32
N GLN NA 54 18.66 -23.73 52.36
CA GLN NA 54 18.25 -23.38 53.71
C GLN NA 54 18.24 -21.87 53.89
N ALA NA 55 19.25 -21.19 53.36
CA ALA NA 55 19.31 -19.74 53.45
C ALA NA 55 18.11 -19.11 52.75
N TYR NA 56 17.76 -19.65 51.58
CA TYR NA 56 16.61 -19.13 50.85
C TYR NA 56 15.33 -19.30 51.66
N LYS NA 57 15.14 -20.45 52.29
CA LYS NA 57 13.97 -20.63 53.14
C LYS NA 57 14.01 -19.69 54.32
N GLN NA 58 15.20 -19.48 54.91
CA GLN NA 58 15.33 -18.49 55.97
C GLN NA 58 14.93 -17.12 55.47
N TRP NA 59 15.39 -16.76 54.26
CA TRP NA 59 15.07 -15.45 53.71
C TRP NA 59 13.58 -15.28 53.49
N CYS NA 60 12.91 -16.33 52.99
CA CYS NA 60 11.50 -16.21 52.63
C CYS NA 60 10.65 -15.89 53.85
N GLN NA 61 10.89 -16.59 54.96
CA GLN NA 61 10.11 -16.33 56.16
C GLN NA 61 10.37 -14.92 56.68
N LYS NA 62 11.62 -14.47 56.62
CA LYS NA 62 11.94 -13.13 57.07
C LYS NA 62 11.23 -12.08 56.23
N ALA NA 63 11.26 -12.25 54.91
CA ALA NA 63 10.65 -11.26 54.03
C ALA NA 63 9.15 -11.19 54.26
N ILE NA 64 8.51 -12.32 54.51
CA ILE NA 64 7.08 -12.34 54.79
C ILE NA 64 6.79 -11.54 56.06
N LEU NA 65 7.61 -11.72 57.08
CA LEU NA 65 7.39 -11.06 58.36
C LEU NA 65 7.83 -9.59 58.36
N THR NA 66 8.52 -9.13 57.32
CA THR NA 66 8.97 -7.75 57.27
C THR NA 66 7.92 -6.90 56.57
N PRO NA 67 7.27 -5.95 57.25
CA PRO NA 67 6.31 -5.10 56.54
C PRO NA 67 7.01 -4.19 55.55
N ARG NA 68 6.31 -3.89 54.47
CA ARG NA 68 6.88 -3.13 53.36
C ARG NA 68 6.80 -1.64 53.64
N TYR NA 69 7.77 -0.90 53.08
CA TYR NA 69 7.82 0.56 53.10
C TYR NA 69 8.07 1.17 54.47
N LYS NA 70 8.16 0.36 55.52
CA LYS NA 70 8.21 0.86 56.88
C LYS NA 70 9.58 0.71 57.53
N LYS NA 71 10.26 -0.40 57.29
CA LYS NA 71 11.59 -0.63 57.85
C LYS NA 71 12.58 -0.01 56.88
N ALA NA 72 13.14 1.15 57.26
CA ALA NA 72 13.84 2.01 56.32
C ALA NA 72 15.13 1.41 55.78
N ALA NA 73 15.64 0.32 56.36
CA ALA NA 73 16.88 -0.25 55.87
C ALA NA 73 16.72 -0.80 54.44
N TYR NA 74 15.56 -1.34 54.12
CA TYR NA 74 15.33 -2.02 52.86
C TYR NA 74 14.60 -1.11 51.89
N THR NA 75 14.72 -1.44 50.60
CA THR NA 75 14.10 -0.65 49.55
C THR NA 75 12.63 -1.02 49.44
N ASN NA 76 11.98 -0.58 48.36
CA ASN NA 76 10.56 -0.88 48.16
C ASN NA 76 10.34 -2.32 47.73
N ILE NA 77 11.35 -2.98 47.18
CA ILE NA 77 11.19 -4.35 46.70
C ILE NA 77 10.94 -5.28 47.89
N TYR NA 78 11.72 -5.13 48.95
CA TYR NA 78 11.65 -6.04 50.07
C TYR NA 78 10.38 -5.83 50.89
N GLY NA 79 9.97 -6.87 51.60
CA GLY NA 79 8.88 -6.77 52.54
C GLY NA 79 7.53 -7.11 51.92
N SER NA 80 6.53 -7.19 52.79
CA SER NA 80 5.15 -7.49 52.42
C SER NA 80 4.24 -6.46 53.08
N GLU NA 81 2.93 -6.65 52.91
CA GLU NA 81 1.93 -5.72 53.40
C GLU NA 81 0.76 -6.47 54.04
N ILE NA 82 1.01 -7.68 54.52
CA ILE NA 82 -0.08 -8.51 55.03
C ILE NA 82 -0.71 -7.88 56.26
N LYS NA 83 0.11 -7.26 57.11
CA LYS NA 83 -0.41 -6.67 58.34
C LYS NA 83 -1.41 -5.56 58.04
N ASP NA 84 -1.11 -4.73 57.04
CA ASP NA 84 -2.02 -3.63 56.72
C ASP NA 84 -3.37 -4.14 56.22
N LEU NA 85 -3.40 -5.33 55.64
CA LEU NA 85 -4.64 -5.87 55.13
C LEU NA 85 -5.65 -6.18 56.24
N ILE NA 86 -5.18 -6.33 57.48
CA ILE NA 86 -6.09 -6.70 58.56
C ILE NA 86 -7.13 -5.62 58.78
N ALA NA 87 -6.71 -4.36 58.75
CA ALA NA 87 -7.64 -3.26 58.96
C ALA NA 87 -8.53 -2.99 57.76
N SER NA 88 -8.27 -3.62 56.61
CA SER NA 88 -9.04 -3.33 55.42
C SER NA 88 -10.49 -3.79 55.57
N ASN NA 89 -11.38 -3.11 54.85
CA ASN NA 89 -12.81 -3.40 54.88
C ASN NA 89 -13.25 -4.34 53.76
N LEU NA 90 -12.31 -4.91 53.01
CA LEU NA 90 -12.67 -5.78 51.91
C LEU NA 90 -13.35 -7.05 52.42
N SER NA 91 -14.17 -7.65 51.56
CA SER NA 91 -14.88 -8.87 51.92
C SER NA 91 -13.90 -10.01 52.11
N GLN NA 92 -14.43 -11.16 52.53
CA GLN NA 92 -13.59 -12.33 52.75
C GLN NA 92 -12.90 -12.76 51.47
N SER NA 93 -13.67 -12.93 50.39
CA SER NA 93 -13.08 -13.38 49.13
C SER NA 93 -12.07 -12.39 48.61
N ALA NA 94 -12.38 -11.10 48.70
CA ALA NA 94 -11.42 -10.08 48.27
C ALA NA 94 -10.14 -10.16 49.09
N LYS NA 95 -10.26 -10.36 50.40
CA LYS NA 95 -9.08 -10.49 51.24
C LYS NA 95 -8.27 -11.72 50.88
N GLU NA 96 -8.93 -12.80 50.47
CA GLU NA 96 -8.20 -14.00 50.05
C GLU NA 96 -7.33 -13.72 48.85
N LEU NA 97 -7.88 -13.02 47.85
CA LEU NA 97 -7.08 -12.69 46.67
C LEU NA 97 -5.94 -11.75 47.04
N GLU NA 98 -6.20 -10.78 47.90
CA GLU NA 98 -5.14 -9.87 48.32
C GLU NA 98 -4.03 -10.60 49.05
N ILE NA 99 -4.39 -11.58 49.88
CA ILE NA 99 -3.37 -12.39 50.54
C ILE NA 99 -2.53 -13.12 49.51
N THR NA 100 -3.20 -13.69 48.49
CA THR NA 100 -2.47 -14.38 47.44
C THR NA 100 -1.55 -13.43 46.69
N ARG NA 101 -2.07 -12.25 46.35
CA ARG NA 101 -1.25 -11.27 45.64
C ARG NA 101 -0.07 -10.82 46.48
N LEU NA 102 -0.32 -10.54 47.76
CA LEU NA 102 0.73 -9.98 48.61
C LEU NA 102 1.83 -11.00 48.86
N ILE NA 103 1.45 -12.22 49.26
CA ILE NA 103 2.45 -13.25 49.51
C ILE NA 103 3.20 -13.57 48.23
N LYS NA 104 2.47 -13.71 47.13
CA LYS NA 104 3.10 -14.06 45.86
C LYS NA 104 4.08 -12.99 45.41
N GLU NA 105 3.69 -11.73 45.53
CA GLU NA 105 4.57 -10.64 45.11
C GLU NA 105 5.82 -10.58 45.97
N THR NA 106 5.67 -10.75 47.29
CA THR NA 106 6.82 -10.62 48.18
C THR NA 106 7.85 -11.71 47.92
N ILE NA 107 7.41 -12.95 47.75
CA ILE NA 107 8.35 -14.05 47.60
C ILE NA 107 9.04 -13.97 46.25
N LEU NA 108 8.30 -13.66 45.19
CA LEU NA 108 8.82 -13.82 43.83
C LEU NA 108 9.99 -12.90 43.51
N VAL NA 109 10.26 -11.90 44.34
CA VAL NA 109 11.40 -11.01 44.08
C VAL NA 109 12.71 -11.79 44.14
N HIS NA 110 12.76 -12.85 44.94
CA HIS NA 110 13.99 -13.62 45.06
C HIS NA 110 14.29 -14.31 43.72
N PRO NA 111 15.55 -14.34 43.27
CA PRO NA 111 15.83 -15.04 42.01
C PRO NA 111 15.51 -16.53 42.06
N TYR NA 112 15.73 -17.15 43.21
CA TYR NA 112 15.59 -18.60 43.31
C TYR NA 112 14.15 -19.07 43.13
N THR NA 113 13.18 -18.20 43.37
CA THR NA 113 11.78 -18.60 43.21
C THR NA 113 11.48 -18.91 41.76
N LYS NA 114 10.77 -20.00 41.53
CA LYS NA 114 10.20 -20.32 40.23
C LYS NA 114 8.73 -19.95 40.16
N GLU NA 115 7.96 -20.33 41.17
CA GLU NA 115 6.53 -20.10 41.17
C GLU NA 115 6.02 -20.35 42.57
N VAL NA 116 4.99 -19.60 42.96
CA VAL NA 116 4.29 -19.80 44.21
C VAL NA 116 2.80 -19.78 43.91
N GLY NA 117 2.07 -20.71 44.52
CA GLY NA 117 0.66 -20.83 44.23
C GLY NA 117 0.00 -21.95 45.00
N GLU NA 118 -1.10 -22.47 44.45
CA GLU NA 118 -1.89 -23.49 45.12
C GLU NA 118 -2.37 -23.01 46.47
N PHE NA 119 -2.74 -21.73 46.55
CA PHE NA 119 -3.17 -21.15 47.80
C PHE NA 119 -4.45 -21.80 48.28
N SER NA 120 -4.58 -21.96 49.59
CA SER NA 120 -5.78 -22.47 50.22
C SER NA 120 -6.11 -21.61 51.43
N PHE NA 121 -7.39 -21.58 51.79
CA PHE NA 121 -7.87 -20.77 52.90
C PHE NA 121 -8.85 -21.57 53.72
N ASN NA 122 -8.85 -21.30 55.03
CA ASN NA 122 -9.77 -21.97 55.95
C ASN NA 122 -10.11 -20.96 57.04
N TRP NA 123 -11.31 -20.39 56.97
CA TRP NA 123 -11.81 -19.48 58.00
C TRP NA 123 -12.32 -20.34 59.15
N LEU NA 124 -11.38 -20.80 59.98
CA LEU NA 124 -11.70 -21.82 60.97
C LEU NA 124 -12.73 -21.32 61.99
N GLU NA 125 -12.73 -20.02 62.27
CA GLU NA 125 -13.73 -19.39 63.10
C GLU NA 125 -14.49 -18.39 62.23
N ASN NA 126 -15.34 -17.59 62.88
CA ASN NA 126 -16.14 -16.63 62.14
C ASN NA 126 -15.25 -15.64 61.37
N SER NA 127 -14.22 -15.11 62.03
CA SER NA 127 -13.35 -14.12 61.41
C SER NA 127 -11.90 -14.33 61.83
N ARG NA 128 -11.42 -15.58 61.81
CA ARG NA 128 -10.04 -15.89 62.14
C ARG NA 128 -9.57 -16.99 61.21
N LEU NA 129 -8.50 -16.69 60.46
CA LEU NA 129 -8.19 -17.38 59.22
C LEU NA 129 -6.90 -18.18 59.32
N VAL NA 130 -6.87 -19.29 58.59
CA VAL NA 130 -5.67 -20.08 58.36
C VAL NA 130 -5.57 -20.35 56.87
N GLU NA 131 -4.39 -20.18 56.30
CA GLU NA 131 -4.19 -20.30 54.86
C GLU NA 131 -2.88 -21.03 54.58
N TYR NA 132 -2.86 -21.76 53.46
CA TYR NA 132 -1.70 -22.49 53.00
C TYR NA 132 -1.29 -21.96 51.64
N GLU NA 133 -0.01 -22.10 51.32
CA GLU NA 133 0.46 -21.85 49.96
C GLU NA 133 1.72 -22.68 49.74
N PHE NA 134 1.98 -22.99 48.47
CA PHE NA 134 3.08 -23.84 48.07
C PHE NA 134 4.07 -23.06 47.22
N ASP NA 135 5.35 -23.16 47.57
CA ASP NA 135 6.43 -22.49 46.88
C ASP NA 135 7.17 -23.49 46.00
N VAL NA 136 7.66 -23.02 44.86
CA VAL NA 136 8.37 -23.84 43.89
C VAL NA 136 9.70 -23.16 43.57
N LEU NA 137 10.79 -23.90 43.71
CA LEU NA 137 12.13 -23.38 43.50
C LEU NA 137 12.50 -23.42 42.02
N THR NA 138 13.58 -22.72 41.69
CA THR NA 138 14.15 -22.82 40.36
C THR NA 138 14.60 -24.25 40.07
N ILE NA 139 15.18 -24.91 41.07
CA ILE NA 139 15.65 -26.27 40.88
C ILE NA 139 14.50 -27.26 40.68
N ASP NA 140 13.28 -26.91 41.07
CA ASP NA 140 12.16 -27.81 40.88
C ASP NA 140 11.74 -27.96 39.42
N ASP NA 141 12.29 -27.15 38.53
CA ASP NA 141 11.92 -27.23 37.12
C ASP NA 141 12.28 -28.60 36.55
N GLU NA 142 11.56 -28.99 35.50
CA GLU NA 142 11.80 -30.21 34.75
C GLU NA 142 12.51 -29.86 33.45
N ASN NA 143 13.54 -30.63 33.13
CA ASN NA 143 14.43 -30.35 32.01
C ASN NA 143 14.17 -31.34 30.88
N ILE NA 144 14.17 -30.82 29.65
CA ILE NA 144 14.01 -31.67 28.48
C ILE NA 144 15.32 -32.39 28.21
N VAL NA 145 15.23 -33.65 27.76
CA VAL NA 145 16.40 -34.50 27.51
C VAL NA 145 16.48 -34.71 26.00
N ILE NA 146 17.38 -33.98 25.34
CA ILE NA 146 17.61 -34.15 23.91
C ILE NA 146 18.89 -33.44 23.51
N ASP NA 147 19.60 -33.99 22.53
CA ASP NA 147 20.72 -33.30 21.91
C ASP NA 147 20.93 -33.87 20.52
N GLY NA 148 21.41 -33.02 19.61
CA GLY NA 148 21.66 -33.42 18.24
C GLY NA 148 23.00 -34.11 18.07
N LEU OA 24 20.02 -44.12 -2.31
CA LEU OA 24 19.46 -44.76 -1.08
C LEU OA 24 20.42 -45.87 -0.59
N ASP OA 25 20.59 -46.88 -1.43
CA ASP OA 25 21.54 -47.98 -1.26
C ASP OA 25 21.54 -48.54 0.17
N LEU OA 26 20.37 -48.98 0.60
CA LEU OA 26 20.31 -49.76 1.83
C LEU OA 26 21.01 -51.10 1.63
N LYS OA 27 21.50 -51.66 2.73
CA LYS OA 27 22.35 -52.84 2.69
C LYS OA 27 21.72 -53.97 3.49
N GLY OA 28 22.14 -55.19 3.18
CA GLY OA 28 21.61 -56.35 3.85
C GLY OA 28 22.19 -56.54 5.23
N SER OA 29 21.63 -57.52 5.93
CA SER OA 29 22.02 -57.83 7.30
C SER OA 29 21.86 -59.33 7.49
N PHE OA 30 22.04 -59.77 8.73
CA PHE OA 30 22.21 -61.18 9.06
C PHE OA 30 20.98 -61.67 9.82
N LEU OA 31 20.52 -62.86 9.49
CA LEU OA 31 19.29 -63.37 10.07
C LEU OA 31 19.45 -63.63 11.56
N PHE OA 32 18.33 -63.56 12.27
CA PHE OA 32 18.30 -63.84 13.70
C PHE OA 32 16.92 -64.36 14.04
N ASP OA 33 16.83 -65.66 14.29
CA ASP OA 33 15.53 -66.28 14.58
C ASP OA 33 15.05 -65.79 15.94
N PHE OA 34 14.07 -64.89 15.92
CA PHE OA 34 13.52 -64.38 17.18
C PHE OA 34 12.83 -65.48 17.98
N GLU OA 35 12.33 -66.52 17.30
CA GLU OA 35 11.75 -67.64 18.03
C GLU OA 35 12.79 -68.31 18.91
N LYS OA 36 13.94 -68.65 18.33
CA LYS OA 36 15.01 -69.29 19.07
C LYS OA 36 15.94 -68.32 19.76
N GLY OA 37 15.90 -67.04 19.39
CA GLY OA 37 16.81 -66.07 19.98
C GLY OA 37 18.26 -66.37 19.65
N GLU OA 38 18.54 -66.77 18.42
CA GLU OA 38 19.90 -67.06 17.99
C GLU OA 38 20.02 -66.76 16.50
N PHE OA 39 21.26 -66.52 16.08
CA PHE OA 39 21.53 -66.31 14.67
C PHE OA 39 21.48 -67.63 13.92
N VAL OA 40 20.90 -67.60 12.74
CA VAL OA 40 20.91 -68.77 11.86
C VAL OA 40 22.23 -68.80 11.10
N LYS OA 41 22.92 -69.93 11.16
CA LYS OA 41 24.22 -70.10 10.53
C LYS OA 41 24.18 -71.30 9.60
N ASN OA 42 24.94 -71.20 8.52
CA ASN OA 42 24.96 -72.26 7.52
C ASN OA 42 25.77 -73.46 8.04
N ALA OA 43 25.71 -74.56 7.28
CA ALA OA 43 26.56 -75.70 7.61
C ALA OA 43 28.03 -75.34 7.57
N ASP OA 44 28.40 -74.35 6.74
CA ASP OA 44 29.75 -73.82 6.75
C ASP OA 44 30.12 -73.20 8.09
N GLY OA 45 29.13 -72.79 8.88
CA GLY OA 45 29.36 -72.10 10.13
C GLY OA 45 29.25 -70.60 10.03
N THR OA 46 29.34 -70.04 8.83
CA THR OA 46 29.12 -68.62 8.65
C THR OA 46 27.65 -68.29 8.89
N LEU OA 47 27.41 -67.12 9.47
CA LEU OA 47 26.05 -66.69 9.74
C LEU OA 47 25.29 -66.49 8.45
N LYS OA 48 24.01 -66.85 8.46
CA LYS OA 48 23.18 -66.79 7.26
C LYS OA 48 22.91 -65.34 6.90
N LYS OA 49 23.54 -64.86 5.84
CA LYS OA 49 23.19 -63.55 5.31
C LYS OA 49 21.79 -63.57 4.75
N CYS OA 50 21.24 -62.39 4.49
CA CYS OA 50 19.90 -62.30 3.91
C CYS OA 50 19.73 -60.95 3.25
N ASP OA 51 18.59 -60.79 2.58
CA ASP OA 51 18.34 -59.68 1.69
C ASP OA 51 18.16 -58.37 2.46
N LYS OA 52 18.30 -57.27 1.73
CA LYS OA 52 17.95 -55.95 2.26
C LYS OA 52 16.55 -55.95 2.85
N VAL OA 53 15.58 -56.43 2.08
CA VAL OA 53 14.20 -56.41 2.56
C VAL OA 53 14.04 -57.34 3.76
N GLN OA 54 14.71 -58.49 3.73
CA GLN OA 54 14.69 -59.36 4.90
C GLN OA 54 15.35 -58.67 6.09
N ALA OA 55 16.47 -57.99 5.85
CA ALA OA 55 17.12 -57.26 6.92
C ALA OA 55 16.22 -56.17 7.49
N TYR OA 56 15.50 -55.48 6.61
CA TYR OA 56 14.58 -54.44 7.07
C TYR OA 56 13.49 -55.04 7.95
N LYS OA 57 12.93 -56.18 7.56
CA LYS OA 57 11.95 -56.83 8.40
C LYS OA 57 12.56 -57.28 9.72
N GLN OA 58 13.80 -57.78 9.68
CA GLN OA 58 14.50 -58.12 10.91
C GLN OA 58 14.64 -56.88 11.79
N TRP OA 59 15.01 -55.75 11.19
CA TRP OA 59 15.19 -54.54 11.95
C TRP OA 59 13.89 -54.08 12.58
N CYS OA 60 12.78 -54.18 11.82
CA CYS OA 60 11.51 -53.66 12.31
C CYS OA 60 11.06 -54.38 13.58
N GLN OA 61 11.15 -55.71 13.58
CA GLN OA 61 10.76 -56.45 14.77
C GLN OA 61 11.66 -56.11 15.94
N LYS OA 62 12.96 -55.96 15.70
CA LYS OA 62 13.87 -55.62 16.77
C LYS OA 62 13.56 -54.26 17.36
N ALA OA 63 13.31 -53.28 16.50
CA ALA OA 63 13.04 -51.92 16.99
C ALA OA 63 11.76 -51.89 17.82
N ILE OA 64 10.76 -52.68 17.42
CA ILE OA 64 9.52 -52.73 18.20
C ILE OA 64 9.80 -53.29 19.59
N LEU OA 65 10.63 -54.32 19.67
CA LEU OA 65 10.91 -54.97 20.95
C LEU OA 65 11.90 -54.21 21.81
N THR OA 66 12.56 -53.19 21.27
CA THR OA 66 13.54 -52.43 22.04
C THR OA 66 12.85 -51.25 22.73
N PRO OA 67 12.75 -51.22 24.05
CA PRO OA 67 12.15 -50.05 24.69
C PRO OA 67 13.01 -48.81 24.51
N ARG OA 68 12.35 -47.67 24.40
CA ARG OA 68 13.02 -46.42 24.09
C ARG OA 68 13.63 -45.81 25.35
N TYR OA 69 14.72 -45.05 25.16
CA TYR OA 69 15.37 -44.27 26.19
C TYR OA 69 16.08 -45.10 27.27
N LYS OA 70 15.97 -46.41 27.23
CA LYS OA 70 16.44 -47.28 28.30
C LYS OA 70 17.68 -48.07 27.94
N LYS OA 71 17.79 -48.54 26.70
CA LYS OA 71 18.95 -49.29 26.27
C LYS OA 71 19.97 -48.28 25.76
N ALA OA 72 21.01 -48.03 26.55
CA ALA OA 72 21.86 -46.86 26.36
C ALA OA 72 22.68 -46.90 25.08
N ALA OA 73 22.77 -48.04 24.41
CA ALA OA 73 23.56 -48.09 23.18
C ALA OA 73 22.97 -47.20 22.09
N TYR OA 74 21.65 -47.10 22.03
CA TYR OA 74 20.96 -46.40 20.96
C TYR OA 74 20.53 -45.01 21.40
N THR OA 75 20.32 -44.15 20.41
CA THR OA 75 19.92 -42.78 20.66
C THR OA 75 18.43 -42.72 20.96
N ASN OA 76 17.87 -41.51 20.96
CA ASN OA 76 16.44 -41.35 21.25
C ASN OA 76 15.57 -41.76 20.08
N ILE OA 77 16.11 -41.77 18.87
CA ILE OA 77 15.32 -42.13 17.70
C ILE OA 77 14.88 -43.58 17.77
N TYR OA 78 15.81 -44.46 18.13
CA TYR OA 78 15.54 -45.89 18.12
C TYR OA 78 14.63 -46.28 19.28
N GLY OA 79 13.92 -47.39 19.10
CA GLY OA 79 13.13 -47.98 20.15
C GLY OA 79 11.68 -47.51 20.15
N SER OA 80 10.89 -48.18 20.99
CA SER OA 80 9.48 -47.89 21.18
C SER OA 80 9.20 -47.72 22.66
N GLU OA 81 7.92 -47.54 22.99
CA GLU OA 81 7.50 -47.30 24.37
C GLU OA 81 6.24 -48.09 24.70
N ILE OA 82 6.03 -49.21 23.99
CA ILE OA 82 4.79 -49.95 24.14
C ILE OA 82 4.68 -50.53 25.54
N LYS OA 83 5.81 -50.98 26.11
CA LYS OA 83 5.77 -51.59 27.44
C LYS OA 83 5.29 -50.61 28.49
N ASP OA 84 5.74 -49.36 28.40
CA ASP OA 84 5.35 -48.36 29.40
C ASP OA 84 3.86 -48.08 29.35
N LEU OA 85 3.24 -48.28 28.19
CA LEU OA 85 1.81 -48.01 28.07
C LEU OA 85 0.95 -48.97 28.89
N ILE OA 86 1.51 -50.13 29.28
CA ILE OA 86 0.71 -51.11 30.01
C ILE OA 86 0.26 -50.55 31.35
N ALA OA 87 1.16 -49.87 32.06
CA ALA OA 87 0.83 -49.32 33.35
C ALA OA 87 -0.04 -48.07 33.27
N SER OA 88 -0.24 -47.52 32.08
CA SER OA 88 -1.00 -46.28 31.95
C SER OA 88 -2.45 -46.48 32.34
N ASN OA 89 -3.08 -45.40 32.80
CA ASN OA 89 -4.47 -45.40 33.24
C ASN OA 89 -5.43 -44.96 32.13
N LEU OA 90 -4.95 -44.78 30.90
CA LEU OA 90 -5.81 -44.31 29.82
C LEU OA 90 -6.88 -45.36 29.51
N SER OA 91 -7.99 -44.88 28.96
CA SER OA 91 -9.08 -45.76 28.60
C SER OA 91 -8.66 -46.69 27.46
N GLN OA 92 -9.56 -47.61 27.09
CA GLN OA 92 -9.27 -48.55 26.02
C GLN OA 92 -9.03 -47.82 24.71
N SER OA 93 -9.94 -46.93 24.34
CA SER OA 93 -9.81 -46.23 23.07
C SER OA 93 -8.57 -45.36 23.04
N ALA OA 94 -8.27 -44.69 24.15
CA ALA OA 94 -7.05 -43.89 24.21
C ALA OA 94 -5.82 -44.76 24.05
N LYS OA 95 -5.82 -45.93 24.68
CA LYS OA 95 -4.68 -46.83 24.55
C LYS OA 95 -4.53 -47.33 23.12
N GLU OA 96 -5.64 -47.50 22.40
CA GLU OA 96 -5.56 -47.92 21.01
C GLU OA 96 -4.83 -46.87 20.17
N LEU OA 97 -5.18 -45.60 20.36
CA LEU OA 97 -4.52 -44.54 19.62
C LEU OA 97 -3.05 -44.46 19.98
N GLU OA 98 -2.73 -44.61 21.26
CA GLU OA 98 -1.33 -44.56 21.68
C GLU OA 98 -0.54 -45.71 21.08
N ILE OA 99 -1.15 -46.89 20.98
CA ILE OA 99 -0.49 -48.00 20.31
C ILE OA 99 -0.21 -47.65 18.87
N THR OA 100 -1.20 -47.05 18.20
CA THR OA 100 -1.01 -46.66 16.80
C THR OA 100 0.09 -45.62 16.68
N ARG OA 101 0.09 -44.63 17.57
CA ARG OA 101 1.13 -43.61 17.51
C ARG OA 101 2.49 -44.20 17.79
N LEU OA 102 2.59 -45.06 18.80
CA LEU OA 102 3.90 -45.57 19.21
C LEU OA 102 4.48 -46.49 18.16
N ILE OA 103 3.70 -47.44 17.67
CA ILE OA 103 4.19 -48.35 16.64
C ILE OA 103 4.55 -47.56 15.39
N LYS OA 104 3.67 -46.65 15.00
CA LYS OA 104 3.89 -45.88 13.77
C LYS OA 104 5.14 -45.01 13.88
N GLU OA 105 5.33 -44.37 15.03
CA GLU OA 105 6.51 -43.52 15.20
C GLU OA 105 7.79 -44.35 15.18
N THR OA 106 7.79 -45.50 15.84
CA THR OA 106 8.99 -46.31 15.93
C THR OA 106 9.42 -46.81 14.57
N ILE OA 107 8.48 -47.32 13.77
CA ILE OA 107 8.83 -47.92 12.50
C ILE OA 107 9.28 -46.86 11.50
N LEU OA 108 8.59 -45.72 11.46
CA LEU OA 108 8.77 -44.76 10.38
C LEU OA 108 10.16 -44.13 10.35
N VAL OA 109 10.95 -44.28 11.41
CA VAL OA 109 12.29 -43.71 11.41
C VAL OA 109 13.15 -44.34 10.33
N HIS OA 110 12.88 -45.60 9.99
CA HIS OA 110 13.66 -46.27 8.97
C HIS OA 110 13.44 -45.61 7.61
N PRO OA 111 14.48 -45.40 6.81
CA PRO OA 111 14.24 -44.78 5.49
C PRO OA 111 13.35 -45.62 4.58
N TYR OA 112 13.46 -46.94 4.68
CA TYR OA 112 12.74 -47.82 3.77
C TYR OA 112 11.24 -47.76 3.95
N THR OA 113 10.76 -47.38 5.13
CA THR OA 113 9.32 -47.30 5.37
C THR OA 113 8.70 -46.23 4.48
N LYS OA 114 7.58 -46.57 3.86
CA LYS OA 114 6.73 -45.61 3.17
C LYS OA 114 5.56 -45.17 4.03
N GLU OA 115 4.84 -46.12 4.61
CA GLU OA 115 3.68 -45.82 5.41
C GLU OA 115 3.32 -47.06 6.21
N VAL OA 116 2.79 -46.82 7.40
CA VAL OA 116 2.27 -47.87 8.27
C VAL OA 116 0.90 -47.44 8.74
N GLY OA 117 -0.05 -48.37 8.71
CA GLY OA 117 -1.41 -48.03 9.07
C GLY OA 117 -2.36 -49.20 8.97
N GLU OA 118 -3.64 -48.91 8.76
CA GLU OA 118 -4.67 -49.94 8.74
C GLU OA 118 -4.69 -50.73 10.04
N PHE OA 119 -4.48 -50.03 11.15
CA PHE OA 119 -4.43 -50.70 12.44
C PHE OA 119 -5.78 -51.29 12.79
N SER OA 120 -5.75 -52.44 13.46
CA SER OA 120 -6.94 -53.10 13.96
C SER OA 120 -6.68 -53.56 15.39
N PHE OA 121 -7.75 -53.67 16.16
CA PHE OA 121 -7.67 -54.07 17.56
C PHE OA 121 -8.77 -55.08 17.87
N ASN OA 122 -8.46 -56.00 18.77
CA ASN OA 122 -9.41 -57.01 19.21
C ASN OA 122 -9.12 -57.31 20.67
N TRP OA 123 -9.98 -56.80 21.55
CA TRP OA 123 -9.88 -57.07 22.99
C TRP OA 123 -10.53 -58.43 23.23
N LEU OA 124 -9.75 -59.48 22.96
CA LEU OA 124 -10.31 -60.84 22.93
C LEU OA 124 -10.87 -61.25 24.28
N GLU OA 125 -10.28 -60.77 25.36
CA GLU OA 125 -10.77 -60.97 26.70
C GLU OA 125 -11.17 -59.61 27.27
N ASN OA 126 -11.48 -59.59 28.56
CA ASN OA 126 -11.91 -58.34 29.18
C ASN OA 126 -10.82 -57.28 29.08
N SER OA 127 -9.57 -57.64 29.39
CA SER OA 127 -8.47 -56.69 29.37
C SER OA 127 -7.20 -57.33 28.83
N ARG OA 128 -7.31 -58.05 27.72
CA ARG OA 128 -6.15 -58.67 27.09
C ARG OA 128 -6.33 -58.57 25.58
N LEU OA 129 -5.37 -57.93 24.92
CA LEU OA 129 -5.59 -57.33 23.61
C LEU OA 129 -4.75 -58.01 22.53
N VAL OA 130 -5.29 -58.04 21.33
CA VAL OA 130 -4.58 -58.42 20.12
C VAL OA 130 -4.85 -57.36 19.07
N GLU OA 131 -3.79 -56.94 18.37
CA GLU OA 131 -3.88 -55.85 17.41
C GLU OA 131 -3.06 -56.18 16.17
N TYR OA 132 -3.51 -55.67 15.03
CA TYR OA 132 -2.85 -55.85 13.74
C TYR OA 132 -2.45 -54.48 13.20
N GLU OA 133 -1.44 -54.47 12.34
CA GLU OA 133 -1.12 -53.28 11.57
C GLU OA 133 -0.40 -53.73 10.31
N PHE OA 134 -0.47 -52.88 9.28
CA PHE OA 134 0.08 -53.17 7.97
C PHE OA 134 1.16 -52.16 7.62
N ASP OA 135 2.30 -52.66 7.18
CA ASP OA 135 3.45 -51.84 6.83
C ASP OA 135 3.56 -51.75 5.31
N VAL OA 136 4.03 -50.60 4.82
CA VAL OA 136 4.17 -50.34 3.40
C VAL OA 136 5.59 -49.86 3.13
N LEU OA 137 6.28 -50.53 2.21
CA LEU OA 137 7.66 -50.22 1.89
C LEU OA 137 7.74 -49.07 0.89
N THR OA 138 8.95 -48.54 0.74
CA THR OA 138 9.20 -47.56 -0.32
C THR OA 138 8.97 -48.18 -1.68
N ILE OA 139 9.36 -49.44 -1.85
CA ILE OA 139 9.18 -50.11 -3.13
C ILE OA 139 7.71 -50.37 -3.44
N ASP OA 140 6.83 -50.34 -2.44
CA ASP OA 140 5.41 -50.54 -2.69
C ASP OA 140 4.75 -49.38 -3.42
N ASP OA 141 5.45 -48.26 -3.58
CA ASP OA 141 4.88 -47.11 -4.26
C ASP OA 141 4.53 -47.44 -5.70
N GLU OA 142 3.56 -46.71 -6.24
CA GLU OA 142 3.15 -46.81 -7.63
C GLU OA 142 3.72 -45.64 -8.42
N ASN OA 143 4.27 -45.94 -9.58
CA ASN OA 143 5.00 -44.97 -10.38
C ASN OA 143 4.19 -44.55 -11.59
N ILE OA 144 4.20 -43.25 -11.89
CA ILE OA 144 3.53 -42.73 -13.07
C ILE OA 144 4.37 -43.07 -14.30
N VAL OA 145 3.69 -43.38 -15.40
CA VAL OA 145 4.33 -43.79 -16.65
C VAL OA 145 4.07 -42.68 -17.67
N ILE OA 146 5.08 -41.85 -17.90
CA ILE OA 146 5.00 -40.80 -18.92
C ILE OA 146 6.38 -40.22 -19.17
N ASP OA 147 6.63 -39.80 -20.41
CA ASP OA 147 7.84 -39.05 -20.74
C ASP OA 147 7.58 -38.26 -22.02
N GLY OA 148 8.20 -37.09 -22.10
CA GLY OA 148 8.06 -36.22 -23.25
C GLY OA 148 8.97 -36.63 -24.40
N LEU PA 24 -1.04 -25.15 -41.48
CA LEU PA 24 -1.63 -26.45 -41.04
C LEU PA 24 -1.17 -27.57 -41.97
N ASP PA 25 -1.58 -27.47 -43.23
CA ASP PA 25 -1.15 -28.34 -44.35
C ASP PA 25 -1.17 -29.82 -43.96
N LEU PA 26 -2.35 -30.28 -43.53
CA LEU PA 26 -2.55 -31.70 -43.38
C LEU PA 26 -2.53 -32.37 -44.76
N LYS PA 27 -2.15 -33.64 -44.77
CA LYS PA 27 -1.88 -34.37 -46.00
C LYS PA 27 -2.79 -35.59 -46.10
N GLY PA 28 -2.99 -36.04 -47.33
CA GLY PA 28 -3.84 -37.18 -47.57
C GLY PA 28 -3.20 -38.48 -47.18
N SER PA 29 -4.00 -39.54 -47.24
CA SER PA 29 -3.57 -40.89 -46.89
C SER PA 29 -4.32 -41.87 -47.77
N PHE PA 30 -4.15 -43.16 -47.47
CA PHE PA 30 -4.54 -44.24 -48.36
C PHE PA 30 -5.72 -44.97 -47.76
N LEU PA 31 -6.71 -45.30 -48.61
CA LEU PA 31 -7.92 -45.91 -48.11
C LEU PA 31 -7.67 -47.30 -47.55
N PHE PA 32 -8.51 -47.71 -46.62
CA PHE PA 32 -8.44 -49.04 -46.03
C PHE PA 32 -9.85 -49.44 -45.63
N ASP PA 33 -10.44 -50.37 -46.38
CA ASP PA 33 -11.80 -50.81 -46.12
C ASP PA 33 -11.83 -51.59 -44.82
N PHE PA 34 -12.33 -50.96 -43.77
CA PHE PA 34 -12.41 -51.64 -42.48
C PHE PA 34 -13.38 -52.82 -42.53
N GLU PA 35 -14.37 -52.77 -43.42
CA GLU PA 35 -15.28 -53.91 -43.58
C GLU PA 35 -14.51 -55.14 -44.04
N LYS PA 36 -13.66 -54.99 -45.05
CA LYS PA 36 -12.87 -56.08 -45.57
C LYS PA 36 -11.52 -56.23 -44.88
N GLY PA 37 -11.06 -55.21 -44.17
CA GLY PA 37 -9.74 -55.27 -43.57
C GLY PA 37 -8.63 -55.35 -44.59
N GLU PA 38 -8.75 -54.61 -45.69
CA GLU PA 38 -7.72 -54.58 -46.72
C GLU PA 38 -7.72 -53.22 -47.37
N PHE PA 39 -6.58 -52.87 -47.96
CA PHE PA 39 -6.47 -51.63 -48.70
C PHE PA 39 -7.18 -51.74 -50.03
N VAL PA 40 -7.87 -50.68 -50.42
CA VAL PA 40 -8.48 -50.61 -51.74
C VAL PA 40 -7.43 -50.17 -52.73
N LYS PA 41 -7.28 -50.93 -53.81
CA LYS PA 41 -6.30 -50.66 -54.85
C LYS PA 41 -6.97 -50.56 -56.20
N ASN PA 42 -6.41 -49.71 -57.05
CA ASN PA 42 -6.99 -49.49 -58.36
C ASN PA 42 -6.70 -50.67 -59.27
N ALA PA 43 -7.32 -50.66 -60.45
CA ALA PA 43 -7.01 -51.67 -61.46
C ALA PA 43 -5.54 -51.61 -61.86
N ASP PA 44 -4.93 -50.42 -61.77
CA ASP PA 44 -3.49 -50.30 -61.97
C ASP PA 44 -2.70 -51.11 -60.95
N GLY PA 45 -3.28 -51.40 -59.79
CA GLY PA 45 -2.59 -52.07 -58.71
C GLY PA 45 -2.07 -51.14 -57.64
N THR PA 46 -1.94 -49.85 -57.94
CA THR PA 46 -1.57 -48.88 -56.93
C THR PA 46 -2.71 -48.71 -55.94
N LEU PA 47 -2.35 -48.51 -54.67
CA LEU PA 47 -3.35 -48.32 -53.63
C LEU PA 47 -4.14 -47.05 -53.87
N LYS PA 48 -5.43 -47.11 -53.59
CA LYS PA 48 -6.33 -45.99 -53.84
C LYS PA 48 -6.03 -44.86 -52.86
N LYS PA 49 -5.42 -43.79 -53.36
CA LYS PA 49 -5.26 -42.59 -52.56
C LYS PA 49 -6.61 -41.97 -52.26
N CYS PA 50 -6.64 -41.03 -51.33
CA CYS PA 50 -7.87 -40.34 -51.00
C CYS PA 50 -7.56 -39.02 -50.33
N ASP PA 51 -8.62 -38.24 -50.11
CA ASP PA 51 -8.51 -36.85 -49.71
C ASP PA 51 -7.99 -36.73 -48.28
N LYS PA 52 -7.53 -35.53 -47.95
CA LYS PA 52 -7.20 -35.19 -46.56
C LYS PA 52 -8.36 -35.50 -45.63
N VAL PA 53 -9.55 -35.03 -45.97
CA VAL PA 53 -10.71 -35.25 -45.11
C VAL PA 53 -11.04 -36.73 -45.05
N GLN PA 54 -10.95 -37.44 -46.18
CA GLN PA 54 -11.13 -38.88 -46.15
C GLN PA 54 -10.08 -39.55 -45.29
N ALA PA 55 -8.83 -39.10 -45.41
CA ALA PA 55 -7.76 -39.66 -44.59
C ALA PA 55 -8.03 -39.42 -43.11
N TYR PA 56 -8.52 -38.22 -42.77
CA TYR PA 56 -8.83 -37.93 -41.39
C TYR PA 56 -9.92 -38.85 -40.86
N LYS PA 57 -10.96 -39.09 -41.65
CA LYS PA 57 -11.99 -40.02 -41.22
C LYS PA 57 -11.44 -41.43 -41.08
N GLN PA 58 -10.54 -41.83 -41.99
CA GLN PA 58 -9.88 -43.12 -41.85
C GLN PA 58 -9.09 -43.18 -40.55
N TRP PA 59 -8.38 -42.10 -40.23
CA TRP PA 59 -7.58 -42.07 -39.02
C TRP PA 59 -8.45 -42.18 -37.78
N CYS PA 60 -9.59 -41.47 -37.77
CA CYS PA 60 -10.41 -41.44 -36.57
C CYS PA 60 -10.93 -42.82 -36.21
N GLN PA 61 -11.42 -43.56 -37.20
CA GLN PA 61 -11.91 -44.91 -36.91
C GLN PA 61 -10.79 -45.80 -36.43
N LYS PA 62 -9.60 -45.66 -37.03
CA LYS PA 62 -8.46 -46.48 -36.61
C LYS PA 62 -8.08 -46.17 -35.17
N ALA PA 63 -8.02 -44.88 -34.81
CA ALA PA 63 -7.63 -44.51 -33.46
C ALA PA 63 -8.61 -45.02 -32.44
N ILE PA 64 -9.90 -45.00 -32.76
CA ILE PA 64 -10.91 -45.50 -31.84
C ILE PA 64 -10.70 -46.99 -31.60
N LEU PA 65 -10.39 -47.73 -32.66
CA LEU PA 65 -10.23 -49.17 -32.55
C LEU PA 65 -8.89 -49.58 -31.96
N THR PA 66 -7.94 -48.65 -31.80
CA THR PA 66 -6.63 -48.98 -31.26
C THR PA 66 -6.65 -48.80 -29.75
N PRO PA 67 -6.50 -49.85 -28.94
CA PRO PA 67 -6.45 -49.64 -27.49
C PRO PA 67 -5.18 -48.89 -27.08
N ARG PA 68 -5.31 -48.11 -26.03
CA ARG PA 68 -4.23 -47.24 -25.58
C ARG PA 68 -3.24 -48.00 -24.72
N TYR PA 69 -1.98 -47.56 -24.76
CA TYR PA 69 -0.90 -48.05 -23.91
C TYR PA 69 -0.46 -49.49 -24.22
N LYS PA 70 -1.12 -50.17 -25.14
CA LYS PA 70 -0.89 -51.60 -25.36
C LYS PA 70 -0.17 -51.89 -26.65
N LYS PA 71 -0.45 -51.15 -27.72
CA LYS PA 71 0.23 -51.35 -29.00
C LYS PA 71 1.47 -50.49 -28.98
N ALA PA 72 2.63 -51.13 -28.82
CA ALA PA 72 3.86 -50.42 -28.47
C ALA PA 72 4.37 -49.49 -29.56
N ALA PA 73 3.85 -49.58 -30.78
CA ALA PA 73 4.32 -48.71 -31.84
C ALA PA 73 4.02 -47.24 -31.54
N TYR PA 74 2.87 -46.97 -30.92
CA TYR PA 74 2.39 -45.62 -30.73
C TYR PA 74 2.66 -45.15 -29.31
N THR PA 75 2.68 -43.83 -29.15
CA THR PA 75 2.94 -43.21 -27.86
C THR PA 75 1.68 -43.25 -27.00
N ASN PA 76 1.69 -42.51 -25.89
CA ASN PA 76 0.54 -42.48 -25.01
C ASN PA 76 -0.61 -41.65 -25.58
N ILE PA 77 -0.32 -40.74 -26.51
CA ILE PA 77 -1.36 -39.89 -27.06
C ILE PA 77 -2.35 -40.71 -27.87
N TYR PA 78 -1.84 -41.61 -28.69
CA TYR PA 78 -2.68 -42.37 -29.60
C TYR PA 78 -3.48 -43.43 -28.84
N GLY PA 79 -4.59 -43.83 -29.43
CA GLY PA 79 -5.39 -44.93 -28.92
C GLY PA 79 -6.45 -44.49 -27.94
N SER PA 80 -7.35 -45.43 -27.64
CA SER PA 80 -8.45 -45.23 -26.71
C SER PA 80 -8.40 -46.33 -25.66
N GLU PA 81 -9.41 -46.35 -24.79
CA GLU PA 81 -9.48 -47.29 -23.68
C GLU PA 81 -10.89 -47.85 -23.52
N ILE PA 82 -11.67 -47.86 -24.61
CA ILE PA 82 -13.06 -48.24 -24.51
C ILE PA 82 -13.19 -49.70 -24.13
N LYS PA 83 -12.29 -50.55 -24.62
CA LYS PA 83 -12.38 -51.97 -24.34
C LYS PA 83 -12.23 -52.24 -22.84
N ASP PA 84 -11.31 -51.54 -22.19
CA ASP PA 84 -11.08 -51.77 -20.77
C ASP PA 84 -12.30 -51.38 -19.95
N LEU PA 85 -13.12 -50.45 -20.44
CA LEU PA 85 -14.30 -50.03 -19.70
C LEU PA 85 -15.34 -51.14 -19.58
N ILE PA 86 -15.29 -52.16 -20.43
CA ILE PA 86 -16.30 -53.20 -20.39
C ILE PA 86 -16.27 -53.94 -19.06
N ALA PA 87 -15.06 -54.26 -18.58
CA ALA PA 87 -14.93 -54.97 -17.32
C ALA PA 87 -15.19 -54.10 -16.10
N SER PA 88 -15.33 -52.79 -16.27
CA SER PA 88 -15.49 -51.91 -15.13
C SER PA 88 -16.83 -52.16 -14.44
N ASN PA 89 -16.86 -51.86 -13.14
CA ASN PA 89 -18.04 -52.03 -12.31
C ASN PA 89 -18.88 -50.77 -12.18
N LEU PA 90 -18.57 -49.72 -12.94
CA LEU PA 90 -19.30 -48.47 -12.83
C LEU PA 90 -20.75 -48.66 -13.29
N SER PA 91 -21.62 -47.80 -12.77
CA SER PA 91 -23.03 -47.87 -13.13
C SER PA 91 -23.22 -47.50 -14.59
N GLN PA 92 -24.46 -47.60 -15.06
CA GLN PA 92 -24.75 -47.28 -16.45
C GLN PA 92 -24.44 -45.83 -16.77
N SER PA 93 -24.94 -44.92 -15.94
CA SER PA 93 -24.72 -43.49 -16.19
C SER PA 93 -23.25 -43.14 -16.11
N ALA PA 94 -22.53 -43.72 -15.15
CA ALA PA 94 -21.09 -43.48 -15.06
C ALA PA 94 -20.38 -43.98 -16.30
N LYS PA 95 -20.77 -45.16 -16.80
CA LYS PA 95 -20.15 -45.67 -18.01
C LYS PA 95 -20.45 -44.78 -19.21
N GLU PA 96 -21.62 -44.17 -19.26
CA GLU PA 96 -21.94 -43.27 -20.37
C GLU PA 96 -20.99 -42.08 -20.39
N LEU PA 97 -20.74 -41.49 -19.22
CA LEU PA 97 -19.82 -40.36 -19.16
C LEU PA 97 -18.41 -40.80 -19.54
N GLU PA 98 -17.99 -41.96 -19.06
CA GLU PA 98 -16.66 -42.44 -19.39
C GLU PA 98 -16.52 -42.69 -20.89
N ILE PA 99 -17.57 -43.21 -21.52
CA ILE PA 99 -17.55 -43.37 -22.97
C ILE PA 99 -17.37 -42.02 -23.63
N THR PA 100 -18.11 -41.02 -23.16
CA THR PA 100 -18.00 -39.67 -23.72
C THR PA 100 -16.59 -39.13 -23.52
N ARG PA 101 -16.04 -39.30 -22.32
CA ARG PA 101 -14.69 -38.82 -22.06
C ARG PA 101 -13.67 -39.55 -22.92
N LEU PA 102 -13.80 -40.87 -23.02
CA LEU PA 102 -12.79 -41.65 -23.71
C LEU PA 102 -12.80 -41.37 -25.21
N ILE PA 103 -13.98 -41.40 -25.83
CA ILE PA 103 -14.07 -41.13 -27.26
C ILE PA 103 -13.63 -39.71 -27.54
N LYS PA 104 -14.08 -38.76 -26.72
CA LYS PA 104 -13.75 -37.36 -26.94
C LYS PA 104 -12.25 -37.12 -26.81
N GLU PA 105 -11.63 -37.72 -25.79
CA GLU PA 105 -10.19 -37.52 -25.61
C GLU PA 105 -9.40 -38.13 -26.76
N THR PA 106 -9.79 -39.31 -27.22
CA THR PA 106 -9.03 -39.98 -28.27
C THR PA 106 -9.08 -39.19 -29.57
N ILE PA 107 -10.25 -38.70 -29.95
CA ILE PA 107 -10.39 -38.04 -31.24
C ILE PA 107 -9.69 -36.68 -31.22
N LEU PA 108 -9.83 -35.93 -30.14
CA LEU PA 108 -9.42 -34.53 -30.12
C LEU PA 108 -7.93 -34.33 -30.29
N VAL PA 109 -7.12 -35.38 -30.16
CA VAL PA 109 -5.68 -35.21 -30.33
C VAL PA 109 -5.35 -34.78 -31.75
N HIS PA 110 -6.17 -35.18 -32.73
CA HIS PA 110 -5.91 -34.81 -34.11
C HIS PA 110 -6.05 -33.30 -34.28
N PRO PA 111 -5.15 -32.64 -35.03
CA PRO PA 111 -5.31 -31.19 -35.21
C PRO PA 111 -6.61 -30.81 -35.91
N TYR PA 112 -7.05 -31.63 -36.85
CA TYR PA 112 -8.20 -31.29 -37.68
C TYR PA 112 -9.49 -31.23 -36.87
N THR PA 113 -9.56 -31.91 -35.74
CA THR PA 113 -10.78 -31.88 -34.93
C THR PA 113 -11.01 -30.48 -34.38
N LYS PA 114 -12.26 -30.03 -34.47
CA LYS PA 114 -12.71 -28.82 -33.80
C LYS PA 114 -13.44 -29.14 -32.50
N GLU PA 115 -14.37 -30.08 -32.55
CA GLU PA 115 -15.18 -30.42 -31.39
C GLU PA 115 -15.90 -31.72 -31.68
N VAL PA 116 -16.10 -32.51 -30.63
CA VAL PA 116 -16.88 -33.74 -30.69
C VAL PA 116 -17.84 -33.72 -29.52
N GLY PA 117 -19.09 -34.11 -29.79
CA GLY PA 117 -20.10 -34.05 -28.76
C GLY PA 117 -21.46 -34.51 -29.24
N GLU PA 118 -22.51 -34.03 -28.60
CA GLU PA 118 -23.88 -34.45 -28.89
C GLU PA 118 -24.02 -35.97 -28.74
N PHE PA 119 -23.37 -36.50 -27.71
CA PHE PA 119 -23.40 -37.94 -27.48
C PHE PA 119 -24.82 -38.38 -27.13
N SER PA 120 -25.17 -39.57 -27.60
CA SER PA 120 -26.44 -40.20 -27.30
C SER PA 120 -26.19 -41.66 -26.97
N PHE PA 121 -27.09 -42.23 -26.16
CA PHE PA 121 -26.96 -43.61 -25.71
C PHE PA 121 -28.31 -44.29 -25.79
N ASN PA 122 -28.29 -45.58 -26.09
CA ASN PA 122 -29.51 -46.38 -26.16
C ASN PA 122 -29.15 -47.79 -25.70
N TRP PA 123 -29.55 -48.12 -24.48
CA TRP PA 123 -29.35 -49.46 -23.93
C TRP PA 123 -30.47 -50.35 -24.49
N LEU PA 124 -30.27 -50.80 -25.73
CA LEU PA 124 -31.35 -51.45 -26.47
C LEU PA 124 -31.81 -52.72 -25.79
N GLU PA 125 -30.90 -53.44 -25.15
CA GLU PA 125 -31.22 -54.61 -24.34
C GLU PA 125 -30.91 -54.25 -22.88
N ASN PA 126 -31.00 -55.25 -22.01
CA ASN PA 126 -30.76 -55.00 -20.60
C ASN PA 126 -29.36 -54.46 -20.35
N SER PA 127 -28.36 -55.07 -20.98
CA SER PA 127 -26.96 -54.68 -20.79
C SER PA 127 -26.18 -54.74 -22.09
N ARG PA 128 -26.75 -54.22 -23.17
CA ARG PA 128 -26.07 -54.19 -24.46
C ARG PA 128 -26.42 -52.89 -25.15
N LEU PA 129 -25.39 -52.09 -25.46
CA LEU PA 129 -25.54 -50.66 -25.65
C LEU PA 129 -25.24 -50.26 -27.09
N VAL PA 130 -25.93 -49.22 -27.55
CA VAL PA 130 -25.64 -48.53 -28.80
C VAL PA 130 -25.60 -47.04 -28.50
N GLU PA 131 -24.59 -46.36 -29.03
CA GLU PA 131 -24.37 -44.95 -28.74
C GLU PA 131 -23.95 -44.22 -30.00
N TYR PA 132 -24.30 -42.94 -30.07
CA TYR PA 132 -23.98 -42.07 -31.19
C TYR PA 132 -23.14 -40.89 -30.70
N GLU PA 133 -22.35 -40.33 -31.60
CA GLU PA 133 -21.66 -39.07 -31.33
C GLU PA 133 -21.52 -38.32 -32.64
N PHE PA 134 -21.29 -37.02 -32.53
CA PHE PA 134 -21.12 -36.15 -33.69
C PHE PA 134 -19.78 -35.46 -33.61
N ASP PA 135 -19.03 -35.51 -34.70
CA ASP PA 135 -17.70 -34.90 -34.79
C ASP PA 135 -17.80 -33.63 -35.63
N VAL PA 136 -16.98 -32.65 -35.28
CA VAL PA 136 -16.96 -31.35 -35.95
C VAL PA 136 -15.53 -31.04 -36.36
N LEU PA 137 -15.34 -30.74 -37.63
CA LEU PA 137 -14.03 -30.48 -38.19
C LEU PA 137 -13.62 -29.03 -37.95
N THR PA 138 -12.32 -28.77 -38.18
CA THR PA 138 -11.86 -27.39 -38.18
C THR PA 138 -12.54 -26.58 -39.27
N ILE PA 139 -12.75 -27.20 -40.43
CA ILE PA 139 -13.40 -26.49 -41.53
C ILE PA 139 -14.86 -26.19 -41.26
N ASP PA 140 -15.48 -26.88 -40.30
CA ASP PA 140 -16.87 -26.62 -39.97
C ASP PA 140 -17.08 -25.28 -39.26
N ASP PA 141 -16.01 -24.60 -38.85
CA ASP PA 141 -16.15 -23.34 -38.16
C ASP PA 141 -16.84 -22.31 -39.04
N GLU PA 142 -17.48 -21.34 -38.39
CA GLU PA 142 -18.10 -20.21 -39.06
C GLU PA 142 -17.22 -18.99 -38.90
N ASN PA 143 -17.01 -18.26 -39.98
CA ASN PA 143 -16.07 -17.15 -40.04
C ASN PA 143 -16.81 -15.83 -40.06
N ILE PA 144 -16.28 -14.85 -39.32
CA ILE PA 144 -16.85 -13.51 -39.31
C ILE PA 144 -16.45 -12.79 -40.58
N VAL PA 145 -17.36 -11.98 -41.12
CA VAL PA 145 -17.15 -11.26 -42.37
C VAL PA 145 -17.07 -9.77 -42.02
N ILE PA 146 -15.84 -9.24 -41.99
CA ILE PA 146 -15.63 -7.82 -41.76
C ILE PA 146 -14.19 -7.44 -42.09
N ASP PA 147 -13.98 -6.23 -42.58
CA ASP PA 147 -12.65 -5.68 -42.75
C ASP PA 147 -12.74 -4.16 -42.74
N GLY PA 148 -11.69 -3.53 -42.24
CA GLY PA 148 -11.63 -2.08 -42.17
C GLY PA 148 -11.18 -1.46 -43.48
#